data_8QSY
#
_entry.id   8QSY
#
_cell.length_a   1.00
_cell.length_b   1.00
_cell.length_c   1.00
_cell.angle_alpha   90.00
_cell.angle_beta   90.00
_cell.angle_gamma   90.00
#
_symmetry.space_group_name_H-M   'P 1'
#
loop_
_entity.id
_entity.type
_entity.pdbx_description
1 polymer 'HK97 gp5-like major capsid protein'
2 polymer 'Capsid stabilization protein'
3 polymer 'Hypothetical protein gp21'
4 polymer 'Portal protein'
5 polymer 'HK97 gp6-like/SPP1 gp15-like head-tail connector'
6 non-polymer 'MAGNESIUM ION'
7 non-polymer 'POTASSIUM ION'
#
loop_
_entity_poly.entity_id
_entity_poly.type
_entity_poly.pdbx_seq_one_letter_code
_entity_poly.pdbx_strand_id
1 'polypeptide(L)'
;MLMEAALPGSDVSAREVAKVWPGAKKGDYSFLQGNQSRSLEAEMTRTARAEAGTDRHRALKDYAVDADNLPKTLSAGSKH
LTEDGDVIEARLDDAIPRMLFAASDPEYVDTLFREQLLEVVMEGRELRKVAREASNVINANTRVGDVPIASDEEFARPTG
QGAEIRDDGETYTTVAWNATKLTEGSRVTDEMRDQAMVDLIERNIQRVGASLENGINRVFLTELVDNAQNNHDTAGSNQG
YQALNSAVGEVDKDDFRPDTYVTHPDYRTQLFNDTNLAYANRAGTNEVLRNREDAPIVGDIAGLDMHAAMSSATYDDGTD
IGWSGGSETWGFSSDGDKGAVVYDRDNIHTILYAPNGQDVEIKDYEDPIRDITGVNGRLHVDCQYSQGRSSATVQY
;
JA,JB,JC,JD,JE,JF,KA,KB,KC,KD,KE,KF,LA,LB,LC,LD,LE,LF,MA,MB,MC,MD,ME,MF,NA,NB,NC,ND,NE,NF
2 'polypeptide(L)'
;MATETQGEHTFPVEVLISGEELRGYTAGEALSAGEPVYLSGDYEVSASSADGGEFLGVNLYDVASGEPVALAGDDCEVRV
EVSEQVTANDEILPDGLGTFETVATSAASAGVAIVQEGAASGEVCEAYIFAVQGTTA
;
JI,JJ,JK,KI,KJ,KK,LI,LJ,LK,MI,MJ,MK,NI,NJ,NK
3 'polypeptide(L)'
;MQLRRSPGMRPMDRDW(HIP)QERARAREQAYSSDLTSQFSESEIVKYELDTAQIDGSDNPRTYIWNRTIDLFGMNGTDV
RELRNR
;
P5,P6,P7,P8,P9
4 'polypeptide(L)'
;MPKYNLRIGNRRVPIASTDTPLSEAIGKRLASSTPQTNVDSMGGGHSYQFNGQDLTFEDLRDIKDVRDSGGQVAQLMDYK
ALLNFGEGCEIHVEGDDETKQLVDGEPMTLSEWLEDAFPHLDLLVLDLGGDALWYPYAVGEIQETITGEFKEALPAEPWT
LMPESDAQGKVQAWHQRTKTHGGYQTQTLPADDLW(HIP)IVINKASARDEVGISEVLRNKDEIQAFKQNEAAINQAIEL
HGFPQR(HIP)VKVGKEDGAPVRDNDLRRVRTIFDPRTTDANTAYFTGQDVDVETLEA(HIP)NFDYSAIHEMDMRNLTT
ALGLPLEAGNVGADGLGSGKPAELRFALLKLAIKANQRSFSVQFVERVMRPVVRDYSPFDHEADIRLEINDPLEDIGEVA
DLIQQVGDYMTNEQVAEKLDLPAPEDDEVADSYRSPADMEKDEAGVQDEPFGGMFAGRDMGNRCLGEGITDDELQHAPEW
DRPLLEMYQGVTNPESDTSRTLVSFSSSGTPEFVLERIRESIMDGALFSEFDNIPSSRLMELRQTFADELGTDNFTLDSI
TDALMDFEADLTRDAAERIARTESSAVLNHAREISYEERGEGNELFYWTGADLGDSRQTEACAWLIRQTNPFSGGTPVPM
NELRDMVDEAPSHDDSMDNNLARPDSWVVHPNERSSFVKAPPNWEQL
;
PA,PB,PC,PD,PE,PF,PG,PH,PI,PJ,PK,PL
5 'polypeptide(L)'
;MPDPSIDEVSKSDWDALTTQEQDDIISQVENLSSTGWVNTSRERKAEAIRSAIAERDTLYSGNMSRLPTLDGDAEYFTLY
LSAHKIQLFEGGEAQSESGEGGSVSYSTGGGGEKDLQKTRYGRMALEYVWEDNSIAALRTY
;
PM,PN,PO,PP,PQ,PR,PS,PT,PU,PV,PW,PX
#
loop_
_chem_comp.id
_chem_comp.type
_chem_comp.name
_chem_comp.formula
K non-polymer 'POTASSIUM ION' 'K 1'
MG non-polymer 'MAGNESIUM ION' 'Mg 2'
#
# COMPACT_ATOMS: atom_id res chain seq x y z
N PHE A 101 4.29 7.41 -114.09
CA PHE A 101 3.58 8.73 -114.06
C PHE A 101 4.41 9.74 -113.27
N ALA A 102 4.00 11.02 -113.37
CA ALA A 102 4.31 12.01 -112.34
C ALA A 102 3.98 11.46 -110.95
N ALA A 103 4.65 11.93 -109.90
CA ALA A 103 4.27 11.56 -108.53
C ALA A 103 2.88 12.09 -108.21
N SER A 104 1.98 11.20 -107.76
CA SER A 104 0.58 11.51 -107.45
C SER A 104 0.12 10.78 -106.18
N ASP A 105 -0.98 11.26 -105.54
CA ASP A 105 -1.45 10.70 -104.27
C ASP A 105 -1.63 9.18 -104.25
N PRO A 106 -2.42 8.56 -105.17
CA PRO A 106 -2.74 7.14 -105.07
C PRO A 106 -1.53 6.21 -105.22
N GLU A 107 -0.36 6.75 -105.55
CA GLU A 107 0.89 6.00 -105.58
C GLU A 107 1.60 6.01 -104.24
N TYR A 108 1.49 7.11 -103.48
CA TYR A 108 2.32 7.37 -102.31
C TYR A 108 1.53 7.65 -101.03
N VAL A 109 0.23 7.36 -101.04
CA VAL A 109 -0.75 7.49 -99.96
C VAL A 109 -0.33 6.81 -98.64
N ASP A 110 0.63 5.88 -98.69
CA ASP A 110 1.14 5.19 -97.50
C ASP A 110 2.67 5.24 -97.41
N THR A 111 3.34 6.06 -98.23
CA THR A 111 4.80 6.09 -98.29
C THR A 111 5.35 7.51 -98.06
N LEU A 112 4.73 8.55 -98.64
CA LEU A 112 5.21 9.93 -98.44
C LEU A 112 4.35 10.71 -97.46
N PHE A 113 3.17 10.17 -97.13
CA PHE A 113 2.23 10.74 -96.17
C PHE A 113 1.29 9.63 -95.74
N ARG A 114 0.41 9.95 -94.78
CA ARG A 114 -0.56 9.02 -94.24
C ARG A 114 -1.95 9.66 -94.30
N GLU A 115 -3.00 8.89 -94.64
CA GLU A 115 -4.37 9.39 -94.71
C GLU A 115 -4.78 10.07 -93.40
N GLN A 116 -5.49 11.20 -93.46
CA GLN A 116 -6.01 11.82 -92.26
C GLN A 116 -7.03 10.90 -91.57
N LEU A 117 -6.90 10.75 -90.25
CA LEU A 117 -7.94 10.15 -89.44
C LEU A 117 -8.56 11.26 -88.61
N LEU A 118 -9.87 11.49 -88.76
CA LEU A 118 -10.52 12.60 -88.09
C LEU A 118 -10.41 12.43 -86.57
N GLU A 119 -10.16 13.54 -85.88
CA GLU A 119 -9.68 13.53 -84.50
C GLU A 119 -10.81 13.28 -83.48
N VAL A 120 -12.03 13.00 -83.98
CA VAL A 120 -13.24 12.84 -83.16
C VAL A 120 -13.92 11.52 -83.52
N VAL A 121 -14.22 10.68 -82.52
CA VAL A 121 -15.06 9.50 -82.72
C VAL A 121 -16.53 9.91 -82.75
N MET A 122 -17.22 9.61 -83.86
CA MET A 122 -18.65 9.86 -83.96
C MET A 122 -19.41 8.84 -83.11
N GLU A 123 -20.31 9.33 -82.24
CA GLU A 123 -21.04 8.47 -81.31
C GLU A 123 -22.01 7.53 -82.04
N GLY A 124 -22.27 6.38 -81.42
CA GLY A 124 -23.34 5.50 -81.87
C GLY A 124 -24.70 5.98 -81.35
N ARG A 125 -25.71 5.12 -81.52
CA ARG A 125 -27.04 5.32 -80.96
C ARG A 125 -26.97 5.41 -79.43
N GLU A 126 -27.52 6.49 -78.85
CA GLU A 126 -27.60 6.67 -77.40
C GLU A 126 -29.05 6.65 -76.94
N LEU A 127 -29.37 5.80 -75.93
CA LEU A 127 -30.74 5.71 -75.42
C LEU A 127 -31.03 6.81 -74.41
N ARG A 128 -32.32 7.17 -74.28
CA ARG A 128 -32.78 8.15 -73.31
C ARG A 128 -32.76 7.55 -71.91
N LYS A 129 -32.16 8.28 -70.96
CA LYS A 129 -31.98 7.86 -69.58
C LYS A 129 -32.75 8.83 -68.68
N VAL A 130 -33.76 8.35 -67.93
CA VAL A 130 -34.64 9.20 -67.14
C VAL A 130 -35.00 8.64 -65.76
N ALA A 131 -34.80 7.34 -65.50
CA ALA A 131 -35.27 6.67 -64.29
C ALA A 131 -34.90 7.38 -62.99
N ARG A 132 -33.69 7.94 -62.89
CA ARG A 132 -33.21 8.58 -61.65
C ARG A 132 -33.85 9.93 -61.38
N GLU A 133 -34.42 10.55 -62.42
CA GLU A 133 -35.19 11.78 -62.34
C GLU A 133 -36.69 11.46 -62.19
N ALA A 134 -37.15 10.41 -62.88
CA ALA A 134 -38.56 10.06 -63.07
C ALA A 134 -39.11 9.11 -61.99
N SER A 135 -38.32 8.77 -60.96
CA SER A 135 -38.72 7.87 -59.88
C SER A 135 -38.01 8.28 -58.59
N ASN A 136 -38.61 7.98 -57.44
CA ASN A 136 -37.95 8.12 -56.16
C ASN A 136 -36.81 7.10 -56.04
N VAL A 137 -35.55 7.55 -55.93
CA VAL A 137 -34.44 6.60 -55.83
C VAL A 137 -34.02 6.40 -54.37
N ILE A 138 -34.01 5.12 -53.94
CA ILE A 138 -33.70 4.70 -52.59
C ILE A 138 -32.36 3.96 -52.61
N ASN A 139 -31.41 4.40 -51.79
CA ASN A 139 -30.19 3.64 -51.55
C ASN A 139 -30.43 2.68 -50.38
N ALA A 140 -30.64 1.39 -50.68
CA ALA A 140 -30.91 0.38 -49.66
C ALA A 140 -29.63 -0.08 -48.96
N ASN A 141 -29.78 -0.58 -47.73
CA ASN A 141 -28.68 -1.11 -46.94
C ASN A 141 -28.54 -2.63 -47.05
N THR A 142 -29.50 -3.30 -47.70
CA THR A 142 -29.49 -4.75 -47.93
C THR A 142 -30.01 -5.05 -49.33
N ARG A 143 -29.53 -6.15 -49.93
CA ARG A 143 -29.89 -6.54 -51.29
C ARG A 143 -31.35 -6.95 -51.42
N VAL A 144 -31.94 -7.43 -50.32
CA VAL A 144 -33.33 -7.85 -50.22
C VAL A 144 -33.93 -7.16 -49.00
N GLY A 145 -35.23 -6.85 -49.05
CA GLY A 145 -35.92 -6.28 -47.91
C GLY A 145 -37.40 -6.04 -48.19
N ASP A 146 -38.10 -5.58 -47.15
CA ASP A 146 -39.50 -5.20 -47.21
C ASP A 146 -39.65 -3.71 -46.87
N VAL A 147 -40.42 -2.95 -47.65
CA VAL A 147 -40.77 -1.59 -47.25
C VAL A 147 -42.20 -1.60 -46.70
N PRO A 148 -42.48 -1.03 -45.50
CA PRO A 148 -43.84 -0.99 -44.96
C PRO A 148 -44.77 -0.06 -45.74
N ILE A 149 -45.97 -0.58 -46.01
CA ILE A 149 -47.06 0.18 -46.61
C ILE A 149 -48.17 0.32 -45.56
N ALA A 150 -48.59 1.56 -45.30
CA ALA A 150 -49.75 1.82 -44.46
C ALA A 150 -51.05 1.60 -45.23
N SER A 151 -52.07 1.12 -44.54
CA SER A 151 -53.43 1.01 -45.08
C SER A 151 -54.03 2.39 -45.40
N ASP A 152 -55.00 2.39 -46.31
CA ASP A 152 -55.72 3.59 -46.73
C ASP A 152 -56.41 4.31 -45.57
N GLU A 153 -56.66 5.60 -45.76
CA GLU A 153 -57.60 6.34 -44.93
C GLU A 153 -58.99 5.72 -44.98
N GLU A 154 -59.60 5.58 -43.80
CA GLU A 154 -60.99 5.16 -43.65
C GLU A 154 -61.83 6.30 -43.06
N PHE A 155 -62.99 5.96 -42.51
CA PHE A 155 -63.88 6.93 -41.89
C PHE A 155 -64.14 6.59 -40.43
N ALA A 156 -64.31 7.65 -39.63
CA ALA A 156 -64.88 7.52 -38.29
C ALA A 156 -66.30 7.00 -38.40
N ARG A 157 -66.85 6.45 -37.30
CA ARG A 157 -68.23 5.99 -37.27
C ARG A 157 -69.04 6.82 -36.28
N PRO A 158 -70.37 6.99 -36.51
CA PRO A 158 -71.24 7.65 -35.54
C PRO A 158 -71.45 6.81 -34.28
N THR A 159 -71.43 7.51 -33.12
CA THR A 159 -71.28 6.88 -31.80
C THR A 159 -72.25 7.52 -30.80
N GLY A 160 -72.86 6.70 -29.93
CA GLY A 160 -73.71 7.20 -28.86
C GLY A 160 -72.93 7.99 -27.81
N GLN A 161 -73.60 8.87 -27.07
CA GLN A 161 -72.96 9.60 -25.99
C GLN A 161 -72.64 8.66 -24.82
N GLY A 162 -71.41 8.71 -24.28
CA GLY A 162 -71.00 7.82 -23.21
C GLY A 162 -70.64 6.39 -23.65
N ALA A 163 -70.76 6.08 -24.95
CA ALA A 163 -70.48 4.74 -25.48
C ALA A 163 -68.99 4.53 -25.74
N GLU A 164 -68.51 3.27 -25.65
CA GLU A 164 -67.10 2.96 -25.86
C GLU A 164 -66.71 3.13 -27.34
N ILE A 165 -65.63 3.90 -27.58
CA ILE A 165 -65.08 4.15 -28.90
C ILE A 165 -64.37 2.89 -29.40
N ARG A 166 -64.69 2.45 -30.63
CA ARG A 166 -64.18 1.21 -31.19
C ARG A 166 -62.85 1.40 -31.93
N ASP A 167 -62.06 0.33 -32.01
CA ASP A 167 -60.74 0.36 -32.63
C ASP A 167 -60.80 0.17 -34.15
N ASP A 168 -60.28 1.18 -34.88
CA ASP A 168 -59.99 1.16 -36.32
C ASP A 168 -58.53 1.57 -36.54
N GLY A 169 -57.59 0.89 -35.85
CA GLY A 169 -56.18 1.24 -35.88
C GLY A 169 -55.52 1.03 -37.24
N GLU A 170 -54.40 1.72 -37.47
CA GLU A 170 -53.64 1.55 -38.71
C GLU A 170 -53.07 0.14 -38.80
N THR A 171 -53.23 -0.50 -39.97
CA THR A 171 -52.70 -1.82 -40.25
C THR A 171 -51.72 -1.73 -41.42
N TYR A 172 -50.69 -2.60 -41.44
CA TYR A 172 -49.59 -2.50 -42.37
C TYR A 172 -49.39 -3.79 -43.17
N THR A 173 -48.85 -3.64 -44.38
CA THR A 173 -48.33 -4.76 -45.16
C THR A 173 -46.98 -4.34 -45.72
N THR A 174 -46.39 -5.13 -46.63
CA THR A 174 -45.09 -4.75 -47.19
C THR A 174 -45.02 -5.01 -48.70
N VAL A 175 -44.11 -4.25 -49.32
CA VAL A 175 -43.65 -4.51 -50.67
C VAL A 175 -42.22 -5.01 -50.56
N ALA A 176 -41.92 -6.15 -51.18
CA ALA A 176 -40.60 -6.74 -51.08
C ALA A 176 -39.73 -6.30 -52.25
N TRP A 177 -38.54 -5.74 -51.97
CA TRP A 177 -37.52 -5.63 -53.01
C TRP A 177 -36.62 -6.86 -52.99
N ASN A 178 -36.24 -7.31 -54.18
CA ASN A 178 -35.01 -8.03 -54.38
C ASN A 178 -33.99 -7.01 -54.91
N ALA A 179 -32.82 -7.43 -55.39
CA ALA A 179 -31.99 -6.53 -56.20
C ALA A 179 -31.07 -7.38 -57.05
N THR A 180 -31.31 -7.36 -58.37
CA THR A 180 -30.55 -8.15 -59.32
C THR A 180 -29.25 -7.42 -59.63
N LYS A 181 -28.12 -8.13 -59.68
CA LYS A 181 -26.88 -7.53 -60.12
C LYS A 181 -26.91 -7.34 -61.64
N LEU A 182 -26.83 -6.09 -62.11
CA LEU A 182 -26.56 -5.81 -63.51
C LEU A 182 -25.06 -5.60 -63.67
N THR A 183 -24.48 -6.13 -64.76
CA THR A 183 -23.05 -5.96 -65.00
C THR A 183 -22.74 -5.68 -66.46
N GLU A 184 -21.62 -4.99 -66.68
CA GLU A 184 -21.05 -4.75 -68.00
C GLU A 184 -19.55 -4.65 -67.83
N GLY A 185 -18.79 -5.10 -68.84
CA GLY A 185 -17.34 -4.94 -68.78
C GLY A 185 -16.72 -4.84 -70.17
N SER A 186 -15.45 -4.41 -70.19
CA SER A 186 -14.64 -4.42 -71.40
C SER A 186 -13.15 -4.49 -71.04
N ARG A 187 -12.33 -4.88 -72.01
CA ARG A 187 -10.89 -4.97 -71.84
C ARG A 187 -10.18 -4.28 -73.00
N VAL A 188 -9.00 -3.70 -72.73
CA VAL A 188 -8.19 -2.97 -73.71
C VAL A 188 -6.74 -3.34 -73.46
N THR A 189 -5.93 -3.64 -74.51
CA THR A 189 -4.51 -3.88 -74.28
C THR A 189 -3.76 -2.58 -73.99
N ASP A 190 -2.62 -2.67 -73.33
CA ASP A 190 -1.76 -1.50 -73.10
C ASP A 190 -1.38 -0.79 -74.40
N GLU A 191 -1.06 -1.57 -75.43
CA GLU A 191 -0.65 -1.06 -76.73
C GLU A 191 -1.78 -0.27 -77.38
N MET A 192 -3.02 -0.76 -77.26
CA MET A 192 -4.17 -0.11 -77.84
C MET A 192 -4.49 1.18 -77.07
N ARG A 193 -4.41 1.13 -75.74
CA ARG A 193 -4.64 2.28 -74.89
C ARG A 193 -3.67 3.42 -75.24
N ASP A 194 -2.39 3.08 -75.45
CA ASP A 194 -1.38 4.06 -75.81
C ASP A 194 -1.65 4.67 -77.20
N GLN A 195 -1.86 3.85 -78.22
CA GLN A 195 -1.79 4.31 -79.59
C GLN A 195 -3.05 5.02 -80.08
N ALA A 196 -4.22 4.72 -79.50
CA ALA A 196 -5.47 5.36 -79.88
C ALA A 196 -5.38 6.89 -79.80
N MET A 197 -5.96 7.57 -80.79
CA MET A 197 -5.95 9.03 -80.85
C MET A 197 -6.94 9.67 -79.86
N VAL A 198 -7.80 8.83 -79.24
CA VAL A 198 -8.71 9.20 -78.15
C VAL A 198 -8.44 8.34 -76.93
N ASP A 199 -8.78 8.84 -75.74
CA ASP A 199 -8.65 8.06 -74.51
C ASP A 199 -9.70 6.94 -74.45
N LEU A 200 -9.29 5.73 -74.84
CA LEU A 200 -10.15 4.56 -74.84
C LEU A 200 -10.67 4.22 -73.45
N ILE A 201 -9.89 4.47 -72.40
CA ILE A 201 -10.33 4.14 -71.05
C ILE A 201 -11.46 5.06 -70.60
N GLU A 202 -11.38 6.37 -70.91
CA GLU A 202 -12.51 7.27 -70.68
C GLU A 202 -13.74 6.85 -71.48
N ARG A 203 -13.56 6.45 -72.76
CA ARG A 203 -14.68 5.97 -73.58
C ARG A 203 -15.32 4.70 -73.02
N ASN A 204 -14.50 3.75 -72.55
CA ASN A 204 -14.99 2.52 -71.96
C ASN A 204 -15.67 2.74 -70.61
N ILE A 205 -15.17 3.67 -69.78
CA ILE A 205 -15.86 4.10 -68.57
C ILE A 205 -17.23 4.69 -68.92
N GLN A 206 -17.31 5.51 -69.97
CA GLN A 206 -18.55 6.06 -70.48
C GLN A 206 -19.49 4.97 -71.01
N ARG A 207 -19.01 3.97 -71.76
CA ARG A 207 -19.85 2.89 -72.25
C ARG A 207 -20.40 2.04 -71.11
N VAL A 208 -19.56 1.70 -70.13
CA VAL A 208 -19.97 0.91 -68.97
C VAL A 208 -21.00 1.67 -68.14
N GLY A 209 -20.76 2.96 -67.86
CA GLY A 209 -21.71 3.81 -67.16
C GLY A 209 -23.05 3.93 -67.90
N ALA A 210 -23.02 4.16 -69.22
CA ALA A 210 -24.23 4.18 -70.04
C ALA A 210 -24.98 2.86 -69.99
N SER A 211 -24.25 1.74 -70.06
CA SER A 211 -24.82 0.39 -70.10
C SER A 211 -25.52 0.04 -68.79
N LEU A 212 -24.93 0.42 -67.65
CA LEU A 212 -25.58 0.31 -66.35
C LEU A 212 -26.82 1.20 -66.25
N GLU A 213 -26.74 2.47 -66.65
CA GLU A 213 -27.89 3.38 -66.64
C GLU A 213 -29.03 2.86 -67.51
N ASN A 214 -28.73 2.35 -68.70
CA ASN A 214 -29.72 1.72 -69.56
C ASN A 214 -30.39 0.55 -68.84
N GLY A 215 -29.62 -0.26 -68.12
CA GLY A 215 -30.12 -1.34 -67.28
C GLY A 215 -31.10 -0.85 -66.21
N ILE A 216 -30.74 0.20 -65.45
CA ILE A 216 -31.65 0.82 -64.48
C ILE A 216 -32.95 1.22 -65.16
N ASN A 217 -32.86 1.91 -66.29
CA ASN A 217 -34.00 2.39 -67.04
C ASN A 217 -34.91 1.26 -67.52
N ARG A 218 -34.35 0.12 -67.93
CA ARG A 218 -35.12 -1.06 -68.29
C ARG A 218 -35.85 -1.64 -67.09
N VAL A 219 -35.17 -1.82 -65.95
CA VAL A 219 -35.77 -2.34 -64.73
C VAL A 219 -36.91 -1.43 -64.27
N PHE A 220 -36.67 -0.11 -64.24
CA PHE A 220 -37.67 0.90 -63.90
C PHE A 220 -38.89 0.83 -64.83
N LEU A 221 -38.69 0.97 -66.14
CA LEU A 221 -39.82 1.04 -67.07
C LEU A 221 -40.63 -0.26 -67.09
N THR A 222 -39.98 -1.42 -66.95
CA THR A 222 -40.67 -2.70 -66.94
C THR A 222 -41.56 -2.83 -65.70
N GLU A 223 -41.06 -2.49 -64.51
CA GLU A 223 -41.91 -2.44 -63.32
C GLU A 223 -43.09 -1.50 -63.52
N LEU A 224 -42.79 -0.28 -63.96
CA LEU A 224 -43.74 0.81 -64.10
C LEU A 224 -44.90 0.42 -65.01
N VAL A 225 -44.60 -0.11 -66.20
CA VAL A 225 -45.60 -0.52 -67.18
C VAL A 225 -46.37 -1.76 -66.73
N ASP A 226 -45.68 -2.79 -66.21
CA ASP A 226 -46.33 -4.05 -65.90
C ASP A 226 -47.26 -3.97 -64.68
N ASN A 227 -46.90 -3.16 -63.67
CA ASN A 227 -47.53 -3.23 -62.35
C ASN A 227 -48.43 -2.03 -62.04
N ALA A 228 -48.68 -1.14 -63.02
CA ALA A 228 -49.68 -0.09 -62.87
C ALA A 228 -51.07 -0.70 -62.67
N GLN A 229 -51.83 -0.23 -61.67
CA GLN A 229 -53.13 -0.81 -61.35
C GLN A 229 -54.31 -0.17 -62.10
N ASN A 230 -54.07 0.93 -62.82
CA ASN A 230 -55.07 1.59 -63.63
C ASN A 230 -54.69 1.58 -65.11
N ASN A 231 -55.69 1.63 -65.98
CA ASN A 231 -55.47 1.51 -67.42
C ASN A 231 -56.56 2.27 -68.16
N HIS A 232 -56.17 3.29 -68.95
CA HIS A 232 -57.08 3.91 -69.90
C HIS A 232 -56.89 3.27 -71.27
N ASP A 233 -57.86 2.43 -71.66
CA ASP A 233 -57.90 1.84 -72.99
C ASP A 233 -58.50 2.86 -73.97
N THR A 234 -57.68 3.33 -74.92
CA THR A 234 -58.12 4.34 -75.88
C THR A 234 -58.93 3.74 -77.03
N ALA A 235 -58.91 2.41 -77.20
CA ALA A 235 -59.61 1.72 -78.28
C ALA A 235 -59.31 2.33 -79.66
N GLY A 236 -58.06 2.75 -79.91
CA GLY A 236 -57.65 3.34 -81.17
C GLY A 236 -58.25 4.71 -81.48
N SER A 237 -58.74 5.45 -80.47
CA SER A 237 -59.51 6.68 -80.67
C SER A 237 -59.20 7.71 -79.58
N ASN A 238 -59.34 9.02 -79.89
CA ASN A 238 -59.17 10.10 -78.91
C ASN A 238 -57.83 10.04 -78.16
N GLN A 239 -56.78 9.56 -78.85
CA GLN A 239 -55.42 9.54 -78.32
C GLN A 239 -54.84 10.96 -78.26
N GLY A 240 -53.75 11.16 -77.52
CA GLY A 240 -53.26 12.50 -77.22
C GLY A 240 -53.87 13.07 -75.94
N TYR A 241 -54.22 14.36 -75.91
CA TYR A 241 -54.65 15.03 -74.69
C TYR A 241 -55.82 14.33 -73.98
N GLN A 242 -56.87 13.94 -74.71
CA GLN A 242 -58.03 13.32 -74.07
C GLN A 242 -57.68 11.99 -73.38
N ALA A 243 -56.81 11.18 -74.00
CA ALA A 243 -56.34 9.96 -73.37
C ALA A 243 -55.53 10.26 -72.11
N LEU A 244 -54.67 11.28 -72.17
CA LEU A 244 -53.82 11.68 -71.07
C LEU A 244 -54.66 12.19 -69.89
N ASN A 245 -55.62 13.09 -70.14
CA ASN A 245 -56.58 13.52 -69.14
C ASN A 245 -57.40 12.36 -68.56
N SER A 246 -57.83 11.41 -69.40
CA SER A 246 -58.59 10.25 -68.93
C SER A 246 -57.77 9.37 -67.99
N ALA A 247 -56.49 9.13 -68.33
CA ALA A 247 -55.57 8.39 -67.46
C ALA A 247 -55.36 9.11 -66.12
N VAL A 248 -55.18 10.44 -66.12
CA VAL A 248 -55.18 11.21 -64.87
C VAL A 248 -56.48 10.98 -64.09
N GLY A 249 -57.62 10.93 -64.78
CA GLY A 249 -58.91 10.60 -64.20
C GLY A 249 -58.98 9.23 -63.52
N GLU A 250 -58.37 8.19 -64.10
CA GLU A 250 -58.32 6.87 -63.49
C GLU A 250 -57.57 6.89 -62.16
N VAL A 251 -56.42 7.57 -62.10
CA VAL A 251 -55.64 7.71 -60.88
C VAL A 251 -56.39 8.55 -59.86
N ASP A 252 -56.99 9.66 -60.30
CA ASP A 252 -57.80 10.56 -59.48
C ASP A 252 -58.96 9.82 -58.81
N LYS A 253 -59.63 8.93 -59.55
CA LYS A 253 -60.73 8.13 -59.03
C LYS A 253 -60.31 7.18 -57.90
N ASP A 254 -59.04 6.76 -57.88
CA ASP A 254 -58.46 5.99 -56.79
C ASP A 254 -57.77 6.87 -55.72
N ASP A 255 -57.96 8.20 -55.80
CA ASP A 255 -57.52 9.16 -54.79
C ASP A 255 -56.01 9.22 -54.60
N PHE A 256 -55.29 9.12 -55.72
CA PHE A 256 -53.88 9.50 -55.80
C PHE A 256 -53.75 10.66 -56.79
N ARG A 257 -52.66 11.44 -56.66
CA ARG A 257 -52.48 12.64 -57.46
C ARG A 257 -51.24 12.47 -58.35
N PRO A 258 -51.37 12.06 -59.63
CA PRO A 258 -50.20 11.84 -60.49
C PRO A 258 -49.58 13.18 -60.89
N ASP A 259 -48.30 13.16 -61.25
CA ASP A 259 -47.53 14.37 -61.49
C ASP A 259 -46.51 14.21 -62.63
N THR A 260 -46.39 13.01 -63.19
CA THR A 260 -45.34 12.65 -64.13
C THR A 260 -45.90 11.72 -65.20
N TYR A 261 -45.34 11.75 -66.41
CA TYR A 261 -45.65 10.71 -67.39
C TYR A 261 -44.42 10.33 -68.22
N VAL A 262 -44.25 9.02 -68.46
CA VAL A 262 -43.29 8.50 -69.42
C VAL A 262 -44.03 8.19 -70.73
N THR A 263 -43.30 8.23 -71.84
CA THR A 263 -43.89 8.01 -73.16
C THR A 263 -42.94 7.21 -74.06
N HIS A 264 -43.55 6.47 -74.99
CA HIS A 264 -42.89 5.83 -76.13
C HIS A 264 -42.78 6.82 -77.30
N PRO A 265 -41.80 6.69 -78.21
CA PRO A 265 -41.71 7.56 -79.40
C PRO A 265 -42.94 7.62 -80.30
N ASP A 266 -43.66 6.50 -80.49
CA ASP A 266 -44.89 6.50 -81.26
C ASP A 266 -45.99 7.30 -80.58
N TYR A 267 -46.07 7.18 -79.25
CA TYR A 267 -47.05 7.95 -78.49
C TYR A 267 -46.76 9.44 -78.64
N ARG A 268 -45.51 9.87 -78.45
CA ARG A 268 -45.12 11.26 -78.65
C ARG A 268 -45.49 11.76 -80.05
N THR A 269 -45.23 10.94 -81.08
CA THR A 269 -45.53 11.31 -82.44
C THR A 269 -47.02 11.56 -82.63
N GLN A 270 -47.87 10.67 -82.12
CA GLN A 270 -49.32 10.82 -82.13
C GLN A 270 -49.76 12.07 -81.35
N LEU A 271 -49.21 12.29 -80.16
CA LEU A 271 -49.54 13.41 -79.29
C LEU A 271 -49.25 14.76 -79.95
N PHE A 272 -48.16 14.90 -80.68
CA PHE A 272 -47.82 16.15 -81.35
C PHE A 272 -48.57 16.35 -82.67
N ASN A 273 -49.37 15.37 -83.13
CA ASN A 273 -50.36 15.58 -84.18
C ASN A 273 -51.72 16.03 -83.65
N ASP A 274 -51.98 15.86 -82.34
CA ASP A 274 -53.26 16.25 -81.73
C ASP A 274 -53.49 17.75 -81.94
N THR A 275 -54.60 18.10 -82.58
CA THR A 275 -54.90 19.50 -82.89
C THR A 275 -54.98 20.37 -81.64
N ASN A 276 -55.33 19.81 -80.48
CA ASN A 276 -55.37 20.55 -79.23
C ASN A 276 -53.98 21.09 -78.85
N LEU A 277 -52.89 20.47 -79.34
CA LEU A 277 -51.52 20.92 -79.12
C LEU A 277 -50.91 21.51 -80.38
N ALA A 278 -51.14 20.90 -81.54
CA ALA A 278 -50.52 21.27 -82.80
C ALA A 278 -51.00 22.64 -83.31
N TYR A 279 -52.21 23.06 -82.97
CA TYR A 279 -52.74 24.36 -83.36
C TYR A 279 -52.49 25.36 -82.23
N ALA A 280 -51.73 26.43 -82.50
CA ALA A 280 -51.41 27.42 -81.47
C ALA A 280 -52.68 28.01 -80.85
N ASN A 281 -53.66 28.28 -81.71
CA ASN A 281 -55.04 28.60 -81.38
C ASN A 281 -55.57 27.80 -80.18
N ARG A 282 -55.58 26.47 -80.30
CA ARG A 282 -56.12 25.55 -79.31
C ARG A 282 -55.18 25.34 -78.13
N ALA A 283 -53.86 25.45 -78.32
CA ALA A 283 -52.85 25.18 -77.29
C ALA A 283 -52.51 26.40 -76.43
N GLY A 284 -52.78 27.62 -76.92
CA GLY A 284 -52.40 28.85 -76.24
C GLY A 284 -51.00 29.36 -76.56
N THR A 285 -50.15 28.51 -77.17
CA THR A 285 -48.83 28.86 -77.67
C THR A 285 -48.50 28.00 -78.88
N ASN A 286 -47.58 28.46 -79.74
CA ASN A 286 -47.08 27.65 -80.85
C ASN A 286 -45.82 26.84 -80.49
N GLU A 287 -45.49 26.72 -79.20
CA GLU A 287 -44.29 26.03 -78.77
C GLU A 287 -44.26 24.56 -79.21
N VAL A 288 -45.38 23.83 -79.16
CA VAL A 288 -45.38 22.44 -79.61
C VAL A 288 -45.13 22.33 -81.11
N LEU A 289 -45.77 23.20 -81.91
CA LEU A 289 -45.56 23.26 -83.36
C LEU A 289 -44.11 23.59 -83.71
N ARG A 290 -43.47 24.47 -82.95
CA ARG A 290 -42.09 24.89 -83.23
C ARG A 290 -41.05 23.93 -82.67
N ASN A 291 -41.15 23.60 -81.37
CA ASN A 291 -40.08 22.97 -80.61
C ASN A 291 -40.38 21.53 -80.18
N ARG A 292 -41.57 20.99 -80.50
CA ARG A 292 -41.90 19.57 -80.27
C ARG A 292 -41.71 19.20 -78.79
N GLU A 293 -40.89 18.19 -78.47
CA GLU A 293 -40.64 17.72 -77.11
C GLU A 293 -40.17 18.83 -76.16
N ASP A 294 -39.42 19.80 -76.70
CA ASP A 294 -38.75 20.83 -75.91
C ASP A 294 -39.70 21.96 -75.50
N ALA A 295 -40.96 21.93 -75.96
CA ALA A 295 -41.98 22.91 -75.62
C ALA A 295 -42.32 22.83 -74.13
N PRO A 296 -42.39 23.95 -73.36
CA PRO A 296 -42.74 23.91 -71.93
C PRO A 296 -44.08 23.24 -71.63
N ILE A 297 -45.06 23.37 -72.54
CA ILE A 297 -46.38 22.76 -72.41
C ILE A 297 -46.30 21.24 -72.36
N VAL A 298 -45.32 20.60 -73.00
CA VAL A 298 -45.22 19.14 -72.99
C VAL A 298 -44.88 18.63 -71.58
N GLY A 299 -44.08 19.38 -70.81
CA GLY A 299 -43.80 19.10 -69.41
C GLY A 299 -44.75 19.78 -68.43
N ASP A 300 -45.90 20.28 -68.92
CA ASP A 300 -46.91 20.97 -68.13
C ASP A 300 -48.27 20.73 -68.80
N ILE A 301 -48.82 19.51 -68.67
CA ILE A 301 -50.03 19.12 -69.38
C ILE A 301 -50.90 18.26 -68.48
N ALA A 302 -52.23 18.42 -68.54
CA ALA A 302 -53.19 17.61 -67.79
C ALA A 302 -52.87 17.54 -66.29
N GLY A 303 -52.22 18.60 -65.74
CA GLY A 303 -51.86 18.66 -64.33
C GLY A 303 -50.55 17.95 -63.96
N LEU A 304 -49.84 17.43 -64.97
CA LEU A 304 -48.57 16.74 -64.81
C LEU A 304 -47.46 17.77 -65.02
N ASP A 305 -46.48 17.77 -64.11
CA ASP A 305 -45.42 18.77 -64.08
C ASP A 305 -44.04 18.20 -64.47
N MET A 306 -44.00 16.93 -64.93
CA MET A 306 -42.80 16.37 -65.56
C MET A 306 -43.18 15.45 -66.73
N HIS A 307 -42.49 15.61 -67.86
CA HIS A 307 -42.51 14.62 -68.93
C HIS A 307 -41.16 13.91 -69.00
N ALA A 308 -41.19 12.57 -69.03
CA ALA A 308 -39.99 11.76 -69.08
C ALA A 308 -40.01 10.91 -70.36
N ALA A 309 -39.58 11.50 -71.49
CA ALA A 309 -39.52 10.81 -72.77
C ALA A 309 -38.57 9.62 -72.69
N MET A 310 -39.07 8.40 -72.97
CA MET A 310 -38.24 7.20 -72.99
C MET A 310 -38.03 6.68 -74.42
N SER A 311 -37.02 5.81 -74.56
CA SER A 311 -36.64 5.18 -75.83
C SER A 311 -37.55 4.00 -76.16
N SER A 312 -37.53 3.57 -77.44
CA SER A 312 -38.30 2.42 -77.89
C SER A 312 -37.74 1.09 -77.34
N ALA A 313 -36.41 0.97 -77.26
CA ALA A 313 -35.73 -0.26 -76.88
C ALA A 313 -35.70 -0.54 -75.38
N THR A 314 -36.13 0.42 -74.54
CA THR A 314 -35.85 0.36 -73.11
C THR A 314 -36.61 -0.75 -72.40
N TYR A 315 -37.89 -0.96 -72.72
CA TYR A 315 -38.70 -1.96 -72.06
C TYR A 315 -38.17 -3.37 -72.30
N ASP A 316 -38.25 -4.21 -71.27
CA ASP A 316 -37.80 -5.60 -71.34
C ASP A 316 -38.79 -6.47 -72.12
N ASP A 317 -38.60 -6.58 -73.43
CA ASP A 317 -39.37 -7.49 -74.27
C ASP A 317 -38.88 -8.95 -74.21
N GLY A 318 -37.87 -9.25 -73.38
CA GLY A 318 -37.32 -10.59 -73.25
C GLY A 318 -36.43 -11.06 -74.40
N THR A 319 -36.12 -10.19 -75.39
CA THR A 319 -35.37 -10.64 -76.56
C THR A 319 -33.85 -10.61 -76.35
N ASP A 320 -33.37 -9.85 -75.35
CA ASP A 320 -31.96 -9.84 -75.00
C ASP A 320 -31.59 -11.00 -74.06
N ILE A 321 -30.34 -11.47 -74.14
CA ILE A 321 -29.85 -12.54 -73.28
C ILE A 321 -29.84 -12.10 -71.81
N GLY A 322 -30.27 -12.98 -70.91
CA GLY A 322 -30.26 -12.68 -69.48
C GLY A 322 -31.57 -12.04 -69.01
N TRP A 323 -32.22 -11.26 -69.88
CA TRP A 323 -33.46 -10.59 -69.55
C TRP A 323 -34.67 -11.48 -69.81
N SER A 324 -35.46 -11.76 -68.76
CA SER A 324 -36.71 -12.50 -68.85
C SER A 324 -37.87 -11.51 -68.97
N GLY A 325 -38.57 -11.51 -70.12
CA GLY A 325 -39.39 -10.37 -70.53
C GLY A 325 -40.54 -10.00 -69.58
N GLY A 326 -41.00 -8.75 -69.68
CA GLY A 326 -42.17 -8.26 -68.99
C GLY A 326 -43.50 -8.80 -69.56
N SER A 327 -44.62 -8.42 -68.93
CA SER A 327 -45.94 -8.95 -69.24
C SER A 327 -46.66 -8.21 -70.37
N GLU A 328 -46.24 -6.97 -70.68
CA GLU A 328 -46.93 -6.08 -71.62
C GLU A 328 -46.16 -5.92 -72.94
N THR A 329 -46.65 -5.03 -73.83
CA THR A 329 -45.90 -4.57 -74.99
C THR A 329 -45.75 -3.06 -74.93
N TRP A 330 -44.50 -2.57 -74.86
CA TRP A 330 -44.18 -1.15 -74.95
C TRP A 330 -44.22 -0.70 -76.41
N GLY A 331 -45.09 0.26 -76.72
CA GLY A 331 -45.31 0.72 -78.08
C GLY A 331 -46.58 1.56 -78.18
N PHE A 332 -46.89 2.07 -79.36
CA PHE A 332 -48.17 2.73 -79.57
C PHE A 332 -48.60 2.62 -81.04
N SER A 333 -48.69 1.37 -81.50
CA SER A 333 -48.73 1.03 -82.91
C SER A 333 -49.87 0.06 -83.21
N SER A 334 -50.20 -0.77 -82.23
CA SER A 334 -50.96 -2.01 -82.40
C SER A 334 -51.93 -2.17 -81.24
N ASP A 335 -53.06 -2.84 -81.51
CA ASP A 335 -54.08 -3.19 -80.54
C ASP A 335 -53.48 -3.77 -79.26
N GLY A 336 -53.59 -3.03 -78.14
CA GLY A 336 -53.15 -3.47 -76.84
C GLY A 336 -51.75 -3.03 -76.43
N ASP A 337 -50.99 -2.31 -77.29
CA ASP A 337 -49.73 -1.71 -76.86
C ASP A 337 -49.94 -0.71 -75.72
N LYS A 338 -48.97 -0.61 -74.80
CA LYS A 338 -48.95 0.40 -73.76
C LYS A 338 -47.94 1.48 -74.17
N GLY A 339 -48.39 2.74 -74.33
CA GLY A 339 -47.58 3.78 -74.95
C GLY A 339 -47.16 4.93 -74.03
N ALA A 340 -47.84 5.06 -72.88
CA ALA A 340 -47.50 6.05 -71.88
C ALA A 340 -47.94 5.54 -70.51
N VAL A 341 -47.29 6.00 -69.44
CA VAL A 341 -47.78 5.78 -68.09
C VAL A 341 -47.85 7.15 -67.43
N VAL A 342 -49.01 7.46 -66.82
CA VAL A 342 -49.24 8.67 -66.07
C VAL A 342 -49.24 8.28 -64.59
N TYR A 343 -48.41 8.90 -63.75
CA TYR A 343 -48.21 8.37 -62.41
C TYR A 343 -47.69 9.40 -61.40
N ASP A 344 -47.81 9.05 -60.12
CA ASP A 344 -47.18 9.75 -59.02
C ASP A 344 -45.73 9.29 -58.86
N ARG A 345 -44.78 10.18 -59.19
CA ARG A 345 -43.34 9.95 -59.12
C ARG A 345 -42.88 9.44 -57.75
N ASP A 346 -43.58 9.82 -56.69
CA ASP A 346 -43.19 9.47 -55.32
C ASP A 346 -43.61 8.07 -54.92
N ASN A 347 -44.42 7.38 -55.74
CA ASN A 347 -44.99 6.08 -55.40
C ASN A 347 -44.40 4.91 -56.22
N ILE A 348 -43.38 5.19 -57.03
CA ILE A 348 -42.59 4.18 -57.75
C ILE A 348 -41.13 4.36 -57.34
N HIS A 349 -40.54 3.32 -56.76
CA HIS A 349 -39.25 3.40 -56.10
C HIS A 349 -38.20 2.63 -56.89
N THR A 350 -37.09 3.29 -57.21
CA THR A 350 -35.92 2.62 -57.76
C THR A 350 -34.98 2.31 -56.60
N ILE A 351 -34.91 1.04 -56.21
CA ILE A 351 -34.06 0.64 -55.10
C ILE A 351 -32.70 0.23 -55.66
N LEU A 352 -31.65 0.97 -55.27
CA LEU A 352 -30.27 0.68 -55.62
C LEU A 352 -29.55 0.14 -54.40
N TYR A 353 -28.73 -0.89 -54.60
CA TYR A 353 -27.93 -1.48 -53.53
C TYR A 353 -26.48 -1.60 -53.98
N ALA A 354 -25.57 -1.31 -53.04
CA ALA A 354 -24.14 -1.53 -53.21
C ALA A 354 -23.54 -1.97 -51.88
N PRO A 355 -22.75 -3.06 -51.83
CA PRO A 355 -22.02 -3.43 -50.61
C PRO A 355 -21.01 -2.37 -50.16
N ASN A 356 -20.43 -1.63 -51.13
CA ASN A 356 -19.50 -0.53 -50.89
C ASN A 356 -20.05 0.76 -51.53
N GLY A 357 -20.19 1.84 -50.73
CA GLY A 357 -20.78 3.08 -51.22
C GLY A 357 -22.29 2.99 -51.42
N GLN A 358 -22.81 3.66 -52.47
CA GLN A 358 -24.25 3.70 -52.77
C GLN A 358 -24.59 3.55 -54.26
N ASP A 359 -23.85 4.26 -55.14
CA ASP A 359 -24.17 4.35 -56.56
C ASP A 359 -23.62 3.15 -57.35
N VAL A 360 -23.73 3.19 -58.69
CA VAL A 360 -22.98 2.32 -59.60
C VAL A 360 -21.51 2.25 -59.18
N GLU A 361 -20.94 1.05 -59.22
CA GLU A 361 -19.52 0.87 -58.93
C GLU A 361 -18.82 0.53 -60.24
N ILE A 362 -18.03 1.48 -60.77
CA ILE A 362 -17.26 1.30 -61.99
C ILE A 362 -15.78 1.41 -61.65
N LYS A 363 -15.00 0.38 -61.99
CA LYS A 363 -13.58 0.37 -61.70
C LYS A 363 -12.78 -0.10 -62.92
N ASP A 364 -11.68 0.61 -63.17
CA ASP A 364 -10.59 0.10 -64.00
C ASP A 364 -9.62 -0.69 -63.14
N TYR A 365 -9.01 -1.74 -63.71
CA TYR A 365 -7.92 -2.47 -63.08
C TYR A 365 -6.93 -2.92 -64.17
N GLU A 366 -5.69 -3.16 -63.77
CA GLU A 366 -4.65 -3.62 -64.70
C GLU A 366 -4.27 -5.06 -64.39
N ASP A 367 -4.17 -5.86 -65.45
CA ASP A 367 -3.59 -7.19 -65.40
C ASP A 367 -2.14 -7.08 -65.87
N PRO A 368 -1.14 -7.13 -64.95
CA PRO A 368 0.27 -7.04 -65.32
C PRO A 368 0.86 -8.35 -65.87
N ILE A 369 0.10 -9.44 -65.82
CA ILE A 369 0.49 -10.71 -66.44
C ILE A 369 0.16 -10.70 -67.94
N ARG A 370 -0.88 -9.95 -68.34
CA ARG A 370 -1.35 -9.92 -69.73
C ARG A 370 -1.25 -8.54 -70.39
N ASP A 371 -0.94 -7.48 -69.63
CA ASP A 371 -0.91 -6.09 -70.11
C ASP A 371 -2.25 -5.65 -70.69
N ILE A 372 -3.30 -5.80 -69.88
CA ILE A 372 -4.65 -5.43 -70.24
C ILE A 372 -5.23 -4.55 -69.13
N THR A 373 -5.90 -3.45 -69.50
CA THR A 373 -6.77 -2.75 -68.58
C THR A 373 -8.18 -3.31 -68.76
N GLY A 374 -8.80 -3.78 -67.67
CA GLY A 374 -10.21 -4.11 -67.68
C GLY A 374 -11.01 -2.95 -67.06
N VAL A 375 -12.17 -2.63 -67.64
CA VAL A 375 -13.11 -1.68 -67.04
C VAL A 375 -14.40 -2.45 -66.77
N ASN A 376 -14.79 -2.51 -65.50
CA ASN A 376 -15.95 -3.29 -65.09
C ASN A 376 -16.93 -2.40 -64.34
N GLY A 377 -18.21 -2.62 -64.61
CA GLY A 377 -19.28 -1.94 -63.91
C GLY A 377 -20.28 -2.94 -63.33
N ARG A 378 -20.78 -2.59 -62.14
CA ARG A 378 -21.77 -3.40 -61.45
C ARG A 378 -22.71 -2.48 -60.70
N LEU A 379 -23.91 -3.00 -60.47
CA LEU A 379 -24.92 -2.34 -59.67
C LEU A 379 -25.96 -3.38 -59.30
N HIS A 380 -26.57 -3.28 -58.13
CA HIS A 380 -27.74 -4.09 -57.84
C HIS A 380 -28.97 -3.19 -57.83
N VAL A 381 -30.01 -3.57 -58.58
CA VAL A 381 -31.18 -2.71 -58.73
C VAL A 381 -32.46 -3.55 -58.73
N ASP A 382 -33.51 -2.94 -58.18
CA ASP A 382 -34.89 -3.39 -58.35
C ASP A 382 -35.79 -2.17 -58.37
N CYS A 383 -36.98 -2.32 -58.92
CA CYS A 383 -37.93 -1.23 -58.95
C CYS A 383 -39.29 -1.77 -58.47
N GLN A 384 -39.95 -1.02 -57.60
CA GLN A 384 -41.19 -1.47 -56.97
C GLN A 384 -42.14 -0.30 -56.78
N TYR A 385 -43.44 -0.50 -57.06
CA TYR A 385 -44.44 0.47 -56.60
C TYR A 385 -44.67 0.32 -55.10
N SER A 386 -44.85 1.46 -54.40
CA SER A 386 -45.50 1.45 -53.10
C SER A 386 -47.02 1.52 -53.24
N GLN A 387 -47.52 2.21 -54.27
CA GLN A 387 -48.95 2.28 -54.57
C GLN A 387 -49.14 2.23 -56.08
N GLY A 388 -49.37 1.03 -56.63
CA GLY A 388 -49.61 0.85 -58.06
C GLY A 388 -50.90 1.52 -58.53
N ARG A 389 -51.86 1.76 -57.62
CA ARG A 389 -53.04 2.56 -57.89
C ARG A 389 -52.70 3.99 -58.31
N SER A 390 -51.54 4.49 -57.89
CA SER A 390 -51.10 5.85 -58.22
C SER A 390 -50.57 5.99 -59.66
N SER A 391 -50.68 4.95 -60.50
CA SER A 391 -50.31 5.04 -61.90
C SER A 391 -51.38 4.44 -62.80
N ALA A 392 -51.59 5.10 -63.95
CA ALA A 392 -52.46 4.63 -65.01
C ALA A 392 -51.69 4.53 -66.32
N THR A 393 -51.81 3.38 -66.99
CA THR A 393 -51.20 3.21 -68.29
C THR A 393 -52.17 3.71 -69.37
N VAL A 394 -51.64 4.18 -70.51
CA VAL A 394 -52.44 4.52 -71.67
C VAL A 394 -52.22 3.42 -72.71
N GLN A 395 -53.32 2.84 -73.19
CA GLN A 395 -53.27 1.67 -74.05
C GLN A 395 -53.91 1.96 -75.40
N TYR A 396 -53.27 1.47 -76.47
CA TYR A 396 -53.71 1.64 -77.85
C TYR A 396 -54.95 0.76 -78.16
N PHE B 101 -40.01 55.21 -150.08
CA PHE B 101 -40.76 56.04 -149.11
C PHE B 101 -39.79 56.91 -148.31
N ALA B 102 -39.83 58.22 -148.56
CA ALA B 102 -39.23 59.22 -147.68
C ALA B 102 -37.81 58.81 -147.23
N ALA B 103 -37.60 58.75 -145.91
CA ALA B 103 -36.46 58.07 -145.28
C ALA B 103 -36.91 57.63 -143.89
N SER B 104 -36.94 56.31 -143.66
CA SER B 104 -37.66 55.73 -142.52
C SER B 104 -36.75 54.86 -141.65
N ASP B 105 -37.05 54.79 -140.34
CA ASP B 105 -36.27 54.06 -139.36
C ASP B 105 -36.04 52.59 -139.76
N PRO B 106 -37.05 51.82 -140.24
CA PRO B 106 -36.84 50.43 -140.64
C PRO B 106 -35.91 50.21 -141.83
N GLU B 107 -35.70 51.23 -142.68
CA GLU B 107 -34.89 51.10 -143.88
C GLU B 107 -33.39 51.16 -143.57
N TYR B 108 -33.00 52.01 -142.62
CA TYR B 108 -31.60 52.32 -142.35
C TYR B 108 -31.10 51.81 -141.01
N VAL B 109 -31.83 50.83 -140.44
CA VAL B 109 -31.67 50.27 -139.09
C VAL B 109 -30.31 49.62 -138.85
N ASP B 110 -29.53 49.40 -139.92
CA ASP B 110 -28.17 48.88 -139.82
C ASP B 110 -27.25 49.58 -140.83
N THR B 111 -27.56 50.86 -141.13
CA THR B 111 -26.89 51.64 -142.17
C THR B 111 -26.54 53.04 -141.67
N LEU B 112 -27.49 53.75 -141.06
CA LEU B 112 -27.24 55.08 -140.52
C LEU B 112 -27.04 55.08 -138.99
N PHE B 113 -27.36 53.96 -138.35
CA PHE B 113 -27.18 53.74 -136.91
C PHE B 113 -27.17 52.24 -136.62
N ARG B 114 -26.79 51.88 -135.38
CA ARG B 114 -26.87 50.52 -134.87
C ARG B 114 -28.00 50.40 -133.87
N GLU B 115 -28.74 49.28 -133.91
CA GLU B 115 -29.66 48.90 -132.85
C GLU B 115 -28.93 48.91 -131.50
N GLN B 116 -29.53 49.51 -130.47
CA GLN B 116 -28.92 49.54 -129.14
C GLN B 116 -28.78 48.13 -128.54
N LEU B 117 -27.61 47.84 -127.94
CA LEU B 117 -27.49 46.77 -126.95
C LEU B 117 -27.45 47.41 -125.56
N LEU B 118 -28.17 46.82 -124.60
CA LEU B 118 -27.92 47.15 -123.21
C LEU B 118 -26.53 46.63 -122.79
N GLU B 119 -25.83 47.41 -121.96
CA GLU B 119 -24.54 46.99 -121.40
C GLU B 119 -24.71 45.97 -120.27
N VAL B 120 -25.88 45.93 -119.63
CA VAL B 120 -26.22 44.92 -118.63
C VAL B 120 -26.56 43.61 -119.34
N VAL B 121 -25.94 42.50 -118.90
CA VAL B 121 -26.30 41.16 -119.32
C VAL B 121 -27.15 40.48 -118.24
N MET B 122 -28.31 39.96 -118.63
CA MET B 122 -29.28 39.36 -117.72
C MET B 122 -28.85 37.93 -117.35
N GLU B 123 -29.01 37.57 -116.07
CA GLU B 123 -28.62 36.25 -115.57
C GLU B 123 -29.61 35.16 -115.98
N GLY B 124 -29.10 33.91 -116.06
CA GLY B 124 -29.94 32.72 -116.13
C GLY B 124 -30.36 32.24 -114.74
N ARG B 125 -30.80 30.97 -114.65
CA ARG B 125 -31.14 30.34 -113.38
C ARG B 125 -29.96 30.31 -112.42
N GLU B 126 -30.22 30.73 -111.17
CA GLU B 126 -29.29 30.65 -110.07
C GLU B 126 -29.82 29.58 -109.11
N LEU B 127 -29.07 28.48 -108.91
CA LEU B 127 -29.57 27.36 -108.12
C LEU B 127 -29.37 27.62 -106.63
N ARG B 128 -30.27 27.11 -105.78
CA ARG B 128 -30.15 27.29 -104.33
C ARG B 128 -28.93 26.51 -103.81
N LYS B 129 -28.10 27.20 -103.01
CA LYS B 129 -26.85 26.68 -102.47
C LYS B 129 -26.94 26.73 -100.95
N VAL B 130 -27.01 25.54 -100.31
CA VAL B 130 -27.30 25.43 -98.89
C VAL B 130 -26.39 24.43 -98.16
N ALA B 131 -25.64 23.59 -98.89
CA ALA B 131 -24.48 22.92 -98.32
C ALA B 131 -23.54 23.96 -97.69
N ARG B 132 -22.55 23.50 -96.90
CA ARG B 132 -21.73 24.35 -96.04
C ARG B 132 -22.50 24.81 -94.80
N GLU B 133 -23.75 25.27 -94.97
CA GLU B 133 -24.62 25.59 -93.85
C GLU B 133 -25.32 24.33 -93.35
N ALA B 134 -25.92 23.55 -94.26
CA ALA B 134 -26.79 22.41 -93.96
C ALA B 134 -26.04 21.10 -93.65
N SER B 135 -24.71 21.14 -93.47
CA SER B 135 -23.89 19.96 -93.21
C SER B 135 -22.68 20.35 -92.38
N ASN B 136 -22.13 19.42 -91.59
CA ASN B 136 -20.86 19.61 -90.93
C ASN B 136 -19.72 19.60 -91.96
N VAL B 137 -18.91 20.68 -92.05
CA VAL B 137 -17.86 20.74 -93.07
C VAL B 137 -16.50 20.38 -92.46
N ILE B 138 -15.80 19.44 -93.09
CA ILE B 138 -14.43 19.10 -92.76
C ILE B 138 -13.55 19.72 -93.86
N ASN B 139 -12.67 20.63 -93.48
CA ASN B 139 -11.59 21.06 -94.35
C ASN B 139 -10.43 20.08 -94.18
N ALA B 140 -10.36 19.06 -95.03
CA ALA B 140 -9.44 17.94 -94.85
C ALA B 140 -7.99 18.34 -95.13
N ASN B 141 -7.07 17.67 -94.44
CA ASN B 141 -5.63 17.80 -94.69
C ASN B 141 -5.17 16.93 -95.86
N THR B 142 -5.93 15.86 -96.16
CA THR B 142 -5.62 14.92 -97.23
C THR B 142 -6.90 14.56 -97.97
N ARG B 143 -6.82 14.35 -99.29
CA ARG B 143 -8.04 14.10 -100.08
C ARG B 143 -8.67 12.74 -99.81
N VAL B 144 -7.92 11.83 -99.19
CA VAL B 144 -8.44 10.56 -98.71
C VAL B 144 -8.24 10.51 -97.20
N GLY B 145 -9.24 9.95 -96.50
CA GLY B 145 -9.21 9.94 -95.05
C GLY B 145 -10.34 9.09 -94.47
N ASP B 146 -10.41 9.05 -93.14
CA ASP B 146 -11.40 8.27 -92.42
C ASP B 146 -11.92 9.06 -91.23
N VAL B 147 -13.22 8.94 -90.94
CA VAL B 147 -13.77 9.39 -89.68
C VAL B 147 -14.18 8.16 -88.86
N PRO B 148 -13.69 7.98 -87.61
CA PRO B 148 -14.06 6.82 -86.81
C PRO B 148 -15.42 6.94 -86.14
N ILE B 149 -16.07 5.79 -86.00
CA ILE B 149 -17.43 5.66 -85.50
C ILE B 149 -17.46 4.59 -84.41
N ALA B 150 -18.13 4.90 -83.29
CA ALA B 150 -18.33 3.95 -82.20
C ALA B 150 -19.62 3.15 -82.41
N SER B 151 -19.62 1.91 -81.88
CA SER B 151 -20.80 1.06 -81.82
C SER B 151 -21.86 1.65 -80.88
N ASP B 152 -23.12 1.22 -81.06
CA ASP B 152 -24.25 1.67 -80.26
C ASP B 152 -24.11 1.37 -78.77
N GLU B 153 -24.87 2.10 -77.95
CA GLU B 153 -25.11 1.73 -76.56
C GLU B 153 -25.84 0.38 -76.46
N GLU B 154 -25.61 -0.31 -75.33
CA GLU B 154 -26.28 -1.56 -75.01
C GLU B 154 -26.80 -1.51 -73.57
N PHE B 155 -27.26 -2.66 -73.05
CA PHE B 155 -27.75 -2.79 -71.68
C PHE B 155 -26.87 -3.76 -70.90
N ALA B 156 -26.62 -3.43 -69.62
CA ALA B 156 -25.93 -4.33 -68.71
C ALA B 156 -26.70 -5.64 -68.55
N ARG B 157 -25.99 -6.78 -68.40
CA ARG B 157 -26.62 -8.08 -68.23
C ARG B 157 -27.03 -8.30 -66.78
N PRO B 158 -28.27 -8.77 -66.50
CA PRO B 158 -28.58 -9.30 -65.17
C PRO B 158 -27.77 -10.57 -64.93
N THR B 159 -27.20 -10.67 -63.72
CA THR B 159 -26.11 -11.59 -63.42
C THR B 159 -26.36 -12.22 -62.05
N GLY B 160 -26.07 -13.52 -61.87
CA GLY B 160 -26.18 -14.17 -60.57
C GLY B 160 -25.21 -13.62 -59.53
N GLN B 161 -25.49 -13.83 -58.24
CA GLN B 161 -24.56 -13.44 -57.19
C GLN B 161 -23.28 -14.28 -57.31
N GLY B 162 -22.10 -13.63 -57.20
CA GLY B 162 -20.83 -14.33 -57.30
C GLY B 162 -20.37 -14.63 -58.73
N ALA B 163 -21.28 -14.60 -59.72
CA ALA B 163 -20.94 -14.89 -61.11
C ALA B 163 -20.08 -13.78 -61.73
N GLU B 164 -19.15 -14.16 -62.62
CA GLU B 164 -18.20 -13.24 -63.24
C GLU B 164 -18.85 -12.38 -64.34
N ILE B 165 -18.27 -11.20 -64.57
CA ILE B 165 -18.73 -10.24 -65.57
C ILE B 165 -18.29 -10.70 -66.97
N ARG B 166 -19.23 -10.75 -67.92
CA ARG B 166 -18.94 -10.93 -69.34
C ARG B 166 -18.53 -9.59 -69.95
N ASP B 167 -17.63 -9.65 -70.95
CA ASP B 167 -17.19 -8.46 -71.67
C ASP B 167 -18.03 -8.21 -72.91
N ASP B 168 -18.38 -6.93 -73.11
CA ASP B 168 -18.98 -6.43 -74.34
C ASP B 168 -18.47 -5.00 -74.51
N GLY B 169 -17.28 -4.87 -75.10
CA GLY B 169 -16.60 -3.59 -75.23
C GLY B 169 -17.13 -2.75 -76.40
N GLU B 170 -16.76 -1.47 -76.39
CA GLU B 170 -17.09 -0.62 -77.51
C GLU B 170 -16.24 -1.05 -78.72
N THR B 171 -16.90 -1.44 -79.81
CA THR B 171 -16.22 -1.68 -81.07
C THR B 171 -16.29 -0.45 -81.98
N TYR B 172 -15.38 -0.40 -82.95
CA TYR B 172 -15.19 0.78 -83.79
C TYR B 172 -15.10 0.40 -85.26
N THR B 173 -15.39 1.38 -86.12
CA THR B 173 -15.33 1.27 -87.57
C THR B 173 -15.06 2.66 -88.13
N THR B 174 -15.02 2.81 -89.46
CA THR B 174 -14.91 4.14 -90.05
C THR B 174 -15.86 4.28 -91.23
N VAL B 175 -16.13 5.53 -91.62
CA VAL B 175 -16.50 5.82 -93.00
C VAL B 175 -15.34 6.60 -93.62
N ALA B 176 -14.91 6.13 -94.80
CA ALA B 176 -13.86 6.79 -95.55
C ALA B 176 -14.44 7.98 -96.31
N TRP B 177 -13.62 9.02 -96.52
CA TRP B 177 -13.87 9.97 -97.58
C TRP B 177 -12.86 9.79 -98.71
N ASN B 178 -13.31 9.91 -99.95
CA ASN B 178 -12.45 10.01 -101.12
C ASN B 178 -12.88 11.26 -101.87
N ALA B 179 -12.27 12.40 -101.51
CA ALA B 179 -12.62 13.66 -102.11
C ALA B 179 -12.31 13.62 -103.61
N THR B 180 -13.35 13.85 -104.41
CA THR B 180 -13.28 13.76 -105.85
C THR B 180 -13.06 15.16 -106.39
N LYS B 181 -12.09 15.31 -107.30
CA LYS B 181 -11.77 16.59 -107.89
C LYS B 181 -12.89 17.03 -108.84
N LEU B 182 -13.71 17.99 -108.42
CA LEU B 182 -14.64 18.65 -109.33
C LEU B 182 -13.90 19.79 -110.00
N THR B 183 -14.15 19.95 -111.30
CA THR B 183 -13.43 20.91 -112.13
C THR B 183 -14.40 21.62 -113.07
N GLU B 184 -14.03 22.85 -113.42
CA GLU B 184 -14.81 23.64 -114.39
C GLU B 184 -13.86 24.54 -115.16
N GLY B 185 -14.12 24.77 -116.46
CA GLY B 185 -13.20 25.54 -117.28
C GLY B 185 -13.90 26.33 -118.39
N SER B 186 -13.20 27.36 -118.89
CA SER B 186 -13.69 28.21 -119.96
C SER B 186 -12.52 28.80 -120.75
N ARG B 187 -12.72 29.04 -122.07
CA ARG B 187 -11.74 29.69 -122.93
C ARG B 187 -12.39 30.79 -123.75
N VAL B 188 -11.69 31.92 -123.90
CA VAL B 188 -12.15 33.09 -124.63
C VAL B 188 -11.01 33.53 -125.57
N THR B 189 -11.32 33.85 -126.83
CA THR B 189 -10.30 34.40 -127.73
C THR B 189 -10.01 35.85 -127.35
N ASP B 190 -8.77 36.30 -127.56
CA ASP B 190 -8.40 37.67 -127.24
C ASP B 190 -9.15 38.72 -128.07
N GLU B 191 -9.57 38.38 -129.29
CA GLU B 191 -10.46 39.22 -130.07
C GLU B 191 -11.83 39.37 -129.42
N MET B 192 -12.39 38.30 -128.86
CA MET B 192 -13.69 38.37 -128.19
C MET B 192 -13.58 39.15 -126.89
N ARG B 193 -12.50 38.90 -126.12
CA ARG B 193 -12.22 39.57 -124.87
C ARG B 193 -12.08 41.09 -125.04
N ASP B 194 -11.51 41.53 -126.16
CA ASP B 194 -11.43 42.93 -126.54
C ASP B 194 -12.81 43.52 -126.89
N GLN B 195 -13.54 42.89 -127.80
CA GLN B 195 -14.71 43.48 -128.43
C GLN B 195 -15.98 43.46 -127.55
N ALA B 196 -16.08 42.51 -126.61
CA ALA B 196 -17.23 42.41 -125.71
C ALA B 196 -17.41 43.69 -124.88
N MET B 197 -18.67 44.11 -124.68
CA MET B 197 -18.97 45.25 -123.81
C MET B 197 -18.85 44.92 -122.31
N VAL B 198 -18.69 43.63 -121.99
CA VAL B 198 -18.72 43.09 -120.64
C VAL B 198 -17.39 42.37 -120.35
N ASP B 199 -16.96 42.39 -119.08
CA ASP B 199 -15.77 41.68 -118.65
C ASP B 199 -16.00 40.16 -118.69
N LEU B 200 -15.66 39.54 -119.84
CA LEU B 200 -15.87 38.11 -120.05
C LEU B 200 -15.05 37.25 -119.09
N ILE B 201 -13.84 37.70 -118.72
CA ILE B 201 -13.03 36.95 -117.77
C ILE B 201 -13.68 36.98 -116.39
N GLU B 202 -14.14 38.15 -115.92
CA GLU B 202 -14.86 38.20 -114.65
C GLU B 202 -16.11 37.31 -114.68
N ARG B 203 -16.91 37.39 -115.74
CA ARG B 203 -18.10 36.55 -115.86
C ARG B 203 -17.75 35.06 -115.83
N ASN B 204 -16.70 34.64 -116.54
CA ASN B 204 -16.28 33.26 -116.54
C ASN B 204 -15.71 32.82 -115.18
N ILE B 205 -14.97 33.68 -114.47
CA ILE B 205 -14.55 33.41 -113.11
C ILE B 205 -15.78 33.17 -112.22
N GLN B 206 -16.81 34.02 -112.33
CA GLN B 206 -18.06 33.84 -111.61
C GLN B 206 -18.76 32.53 -111.97
N ARG B 207 -18.83 32.16 -113.27
CA ARG B 207 -19.43 30.89 -113.68
C ARG B 207 -18.69 29.70 -113.09
N VAL B 208 -17.36 29.72 -113.12
CA VAL B 208 -16.53 28.67 -112.56
C VAL B 208 -16.83 28.49 -111.07
N GLY B 209 -16.82 29.58 -110.29
CA GLY B 209 -17.16 29.55 -108.87
C GLY B 209 -18.57 29.00 -108.62
N ALA B 210 -19.57 29.51 -109.35
CA ALA B 210 -20.96 29.09 -109.23
C ALA B 210 -21.13 27.59 -109.53
N SER B 211 -20.47 27.12 -110.59
CA SER B 211 -20.51 25.74 -111.04
C SER B 211 -19.90 24.78 -110.02
N LEU B 212 -18.84 25.19 -109.33
CA LEU B 212 -18.25 24.42 -108.25
C LEU B 212 -19.14 24.39 -107.00
N GLU B 213 -19.77 25.51 -106.62
CA GLU B 213 -20.74 25.51 -105.53
C GLU B 213 -21.94 24.61 -105.84
N ASN B 214 -22.45 24.63 -107.08
CA ASN B 214 -23.48 23.71 -107.51
C ASN B 214 -23.03 22.27 -107.40
N GLY B 215 -21.79 21.98 -107.84
CA GLY B 215 -21.15 20.68 -107.66
C GLY B 215 -21.13 20.20 -106.21
N ILE B 216 -20.72 21.06 -105.26
CA ILE B 216 -20.75 20.74 -103.83
C ILE B 216 -22.17 20.35 -103.39
N ASN B 217 -23.17 21.15 -103.79
CA ASN B 217 -24.55 20.95 -103.41
C ASN B 217 -25.14 19.66 -103.99
N ARG B 218 -24.75 19.28 -105.21
CA ARG B 218 -25.17 18.00 -105.80
C ARG B 218 -24.60 16.81 -105.03
N VAL B 219 -23.31 16.86 -104.68
CA VAL B 219 -22.67 15.79 -103.92
C VAL B 219 -23.37 15.61 -102.57
N PHE B 220 -23.60 16.72 -101.86
CA PHE B 220 -24.32 16.72 -100.60
C PHE B 220 -25.74 16.17 -100.72
N LEU B 221 -26.55 16.71 -101.63
CA LEU B 221 -27.95 16.31 -101.73
C LEU B 221 -28.10 14.83 -102.11
N THR B 222 -27.24 14.36 -103.01
CA THR B 222 -27.30 12.98 -103.48
C THR B 222 -26.93 12.01 -102.36
N GLU B 223 -25.90 12.32 -101.55
CA GLU B 223 -25.61 11.51 -100.37
C GLU B 223 -26.78 11.53 -99.39
N LEU B 224 -27.26 12.73 -99.08
CA LEU B 224 -28.28 12.96 -98.07
C LEU B 224 -29.55 12.16 -98.36
N VAL B 225 -30.07 12.28 -99.59
CA VAL B 225 -31.31 11.61 -100.00
C VAL B 225 -31.12 10.10 -100.11
N ASP B 226 -30.02 9.62 -100.70
CA ASP B 226 -29.87 8.21 -101.00
C ASP B 226 -29.55 7.36 -99.76
N ASN B 227 -28.75 7.88 -98.83
CA ASN B 227 -28.22 7.08 -97.72
C ASN B 227 -28.91 7.32 -96.38
N ALA B 228 -29.98 8.15 -96.33
CA ALA B 228 -30.86 8.22 -95.18
C ALA B 228 -31.47 6.84 -94.90
N GLN B 229 -31.39 6.36 -93.65
CA GLN B 229 -31.79 4.98 -93.34
C GLN B 229 -33.28 4.85 -92.96
N ASN B 230 -33.90 5.92 -92.48
CA ASN B 230 -35.33 5.93 -92.15
C ASN B 230 -36.16 6.60 -93.25
N ASN B 231 -37.48 6.39 -93.22
CA ASN B 231 -38.38 6.89 -94.23
C ASN B 231 -39.80 7.02 -93.66
N HIS B 232 -40.40 8.23 -93.72
CA HIS B 232 -41.82 8.37 -93.48
C HIS B 232 -42.57 8.38 -94.81
N ASP B 233 -43.24 7.27 -95.09
CA ASP B 233 -44.11 7.13 -96.25
C ASP B 233 -45.45 7.80 -95.98
N THR B 234 -45.81 8.80 -96.80
CA THR B 234 -47.14 9.41 -96.77
C THR B 234 -47.99 8.76 -97.86
N ALA B 235 -49.12 8.16 -97.48
CA ALA B 235 -49.99 7.55 -98.49
C ALA B 235 -50.85 8.62 -99.19
N GLY B 236 -50.21 9.59 -99.87
CA GLY B 236 -50.84 10.89 -100.09
C GLY B 236 -51.19 11.51 -98.73
N SER B 237 -52.42 12.00 -98.56
CA SER B 237 -52.98 12.31 -97.24
C SER B 237 -52.21 13.40 -96.45
N ASN B 238 -51.78 13.11 -95.21
CA ASN B 238 -51.34 14.09 -94.22
C ASN B 238 -49.88 14.52 -94.44
N GLN B 239 -49.60 15.01 -95.65
CA GLN B 239 -48.34 15.67 -95.98
C GLN B 239 -48.28 17.04 -95.29
N GLY B 240 -47.10 17.68 -95.27
CA GLY B 240 -46.92 18.90 -94.49
C GLY B 240 -46.53 18.60 -93.03
N TYR B 241 -47.02 19.38 -92.07
CA TYR B 241 -46.56 19.32 -90.68
C TYR B 241 -46.67 17.91 -90.09
N GLN B 242 -47.78 17.19 -90.31
CA GLN B 242 -47.91 15.85 -89.77
C GLN B 242 -46.85 14.89 -90.33
N ALA B 243 -46.48 15.03 -91.61
CA ALA B 243 -45.43 14.23 -92.22
C ALA B 243 -44.05 14.63 -91.65
N LEU B 244 -43.83 15.92 -91.42
CA LEU B 244 -42.60 16.43 -90.82
C LEU B 244 -42.44 15.91 -89.39
N ASN B 245 -43.48 16.04 -88.57
CA ASN B 245 -43.54 15.48 -87.22
C ASN B 245 -43.31 13.96 -87.23
N SER B 246 -43.92 13.24 -88.17
CA SER B 246 -43.76 11.79 -88.28
C SER B 246 -42.33 11.40 -88.68
N ALA B 247 -41.68 12.15 -89.59
CA ALA B 247 -40.29 11.91 -89.93
C ALA B 247 -39.36 12.14 -88.73
N VAL B 248 -39.60 13.16 -87.92
CA VAL B 248 -38.88 13.31 -86.65
C VAL B 248 -39.12 12.09 -85.76
N GLY B 249 -40.37 11.60 -85.70
CA GLY B 249 -40.71 10.39 -84.98
C GLY B 249 -39.94 9.15 -85.44
N GLU B 250 -39.75 8.98 -86.76
CA GLU B 250 -38.97 7.88 -87.29
C GLU B 250 -37.51 7.95 -86.86
N VAL B 251 -36.91 9.16 -86.83
CA VAL B 251 -35.55 9.31 -86.35
C VAL B 251 -35.47 9.06 -84.84
N ASP B 252 -36.46 9.54 -84.07
CA ASP B 252 -36.58 9.32 -82.64
C ASP B 252 -36.69 7.83 -82.28
N LYS B 253 -37.36 7.03 -83.12
CA LYS B 253 -37.46 5.58 -82.93
C LYS B 253 -36.12 4.86 -83.08
N ASP B 254 -35.14 5.48 -83.76
CA ASP B 254 -33.76 4.99 -83.78
C ASP B 254 -32.86 5.75 -82.79
N ASP B 255 -33.44 6.47 -81.83
CA ASP B 255 -32.72 7.12 -80.72
C ASP B 255 -31.70 8.18 -81.16
N PHE B 256 -31.89 8.78 -82.35
CA PHE B 256 -31.17 9.99 -82.76
C PHE B 256 -32.08 11.21 -82.67
N ARG B 257 -31.50 12.42 -82.68
CA ARG B 257 -32.28 13.65 -82.67
C ARG B 257 -32.01 14.47 -83.93
N PRO B 258 -32.97 14.61 -84.88
CA PRO B 258 -32.74 15.47 -86.05
C PRO B 258 -32.90 16.94 -85.66
N ASP B 259 -32.32 17.84 -86.47
CA ASP B 259 -32.37 19.26 -86.18
C ASP B 259 -32.51 20.12 -87.44
N THR B 260 -32.53 19.51 -88.63
CA THR B 260 -32.53 20.22 -89.90
C THR B 260 -33.42 19.50 -90.90
N TYR B 261 -34.01 20.22 -91.86
CA TYR B 261 -34.64 19.56 -93.00
C TYR B 261 -34.31 20.23 -94.33
N VAL B 262 -34.10 19.38 -95.33
CA VAL B 262 -33.80 19.74 -96.70
C VAL B 262 -35.04 19.41 -97.54
N THR B 263 -35.40 20.29 -98.49
CA THR B 263 -36.75 20.26 -99.02
C THR B 263 -36.78 20.58 -100.53
N HIS B 264 -37.61 19.83 -101.28
CA HIS B 264 -37.90 20.05 -102.70
C HIS B 264 -38.96 21.15 -102.90
N PRO B 265 -38.98 21.92 -104.03
CA PRO B 265 -40.02 22.91 -104.27
C PRO B 265 -41.47 22.43 -104.18
N ASP B 266 -41.78 21.23 -104.66
CA ASP B 266 -43.13 20.68 -104.55
C ASP B 266 -43.51 20.40 -103.10
N TYR B 267 -42.56 19.90 -102.31
CA TYR B 267 -42.79 19.70 -100.89
C TYR B 267 -43.06 21.03 -100.18
N ARG B 268 -42.25 22.06 -100.44
CA ARG B 268 -42.47 23.39 -99.89
C ARG B 268 -43.85 23.94 -100.27
N THR B 269 -44.28 23.71 -101.50
CA THR B 269 -45.59 24.16 -101.96
C THR B 269 -46.71 23.52 -101.15
N GLN B 270 -46.68 22.19 -100.96
CA GLN B 270 -47.62 21.47 -100.10
C GLN B 270 -47.57 22.02 -98.67
N LEU B 271 -46.36 22.19 -98.12
CA LEU B 271 -46.16 22.63 -96.76
C LEU B 271 -46.78 24.01 -96.49
N PHE B 272 -46.69 24.96 -97.43
CA PHE B 272 -47.29 26.27 -97.22
C PHE B 272 -48.79 26.31 -97.53
N ASN B 273 -49.36 25.28 -98.17
CA ASN B 273 -50.80 25.10 -98.24
C ASN B 273 -51.36 24.50 -96.94
N ASP B 274 -50.51 23.92 -96.08
CA ASP B 274 -50.94 23.26 -94.85
C ASP B 274 -51.67 24.25 -93.95
N THR B 275 -52.94 23.93 -93.65
CA THR B 275 -53.84 24.72 -92.83
C THR B 275 -53.21 25.12 -91.49
N ASN B 276 -52.37 24.26 -90.92
CA ASN B 276 -51.72 24.54 -89.64
C ASN B 276 -50.63 25.63 -89.74
N LEU B 277 -50.10 25.87 -90.94
CA LEU B 277 -49.13 26.94 -91.18
C LEU B 277 -49.78 28.14 -91.87
N ALA B 278 -50.74 27.91 -92.77
CA ALA B 278 -51.41 28.96 -93.52
C ALA B 278 -52.27 29.84 -92.60
N TYR B 279 -53.12 29.24 -91.75
CA TYR B 279 -54.01 30.00 -90.89
C TYR B 279 -53.23 30.59 -89.72
N ALA B 280 -53.23 31.92 -89.60
CA ALA B 280 -52.37 32.64 -88.66
C ALA B 280 -52.60 32.20 -87.21
N ASN B 281 -53.86 32.02 -86.82
CA ASN B 281 -54.24 31.52 -85.50
C ASN B 281 -53.66 30.13 -85.21
N ARG B 282 -53.69 29.21 -86.18
CA ARG B 282 -53.17 27.86 -86.00
C ARG B 282 -51.65 27.86 -85.92
N ALA B 283 -50.97 28.65 -86.76
CA ALA B 283 -49.52 28.82 -86.72
C ALA B 283 -49.03 29.64 -85.53
N GLY B 284 -49.89 30.47 -84.93
CA GLY B 284 -49.50 31.44 -83.92
C GLY B 284 -48.79 32.68 -84.50
N THR B 285 -48.84 32.85 -85.83
CA THR B 285 -48.17 33.93 -86.57
C THR B 285 -48.68 33.94 -88.01
N ASN B 286 -48.82 35.11 -88.63
CA ASN B 286 -49.18 35.18 -90.05
C ASN B 286 -47.97 35.20 -90.99
N GLU B 287 -46.76 34.94 -90.48
CA GLU B 287 -45.54 35.02 -91.27
C GLU B 287 -45.52 34.09 -92.49
N VAL B 288 -46.05 32.86 -92.40
CA VAL B 288 -46.04 31.95 -93.56
C VAL B 288 -46.95 32.49 -94.67
N LEU B 289 -48.17 32.90 -94.29
CA LEU B 289 -49.13 33.49 -95.21
C LEU B 289 -48.52 34.69 -95.95
N ARG B 290 -47.72 35.50 -95.25
CA ARG B 290 -47.13 36.70 -95.83
C ARG B 290 -45.82 36.43 -96.58
N ASN B 291 -44.84 35.80 -95.92
CA ASN B 291 -43.46 35.77 -96.39
C ASN B 291 -42.96 34.38 -96.81
N ARG B 292 -43.81 33.33 -96.79
CA ARG B 292 -43.50 32.04 -97.41
C ARG B 292 -42.19 31.44 -96.88
N GLU B 293 -41.19 31.09 -97.72
CA GLU B 293 -39.96 30.47 -97.20
C GLU B 293 -39.22 31.35 -96.19
N ASP B 294 -39.36 32.67 -96.31
CA ASP B 294 -38.62 33.62 -95.49
C ASP B 294 -39.19 33.76 -94.08
N ALA B 295 -40.36 33.16 -93.82
CA ALA B 295 -41.03 33.17 -92.52
C ALA B 295 -40.19 32.43 -91.46
N PRO B 296 -39.86 33.04 -90.30
CA PRO B 296 -38.95 32.43 -89.33
C PRO B 296 -39.43 31.09 -88.77
N ILE B 297 -40.75 30.88 -88.65
CA ILE B 297 -41.31 29.61 -88.21
C ILE B 297 -40.93 28.43 -89.14
N VAL B 298 -40.67 28.67 -90.43
CA VAL B 298 -40.31 27.61 -91.35
C VAL B 298 -38.96 26.98 -90.99
N GLY B 299 -38.06 27.77 -90.40
CA GLY B 299 -36.80 27.29 -89.84
C GLY B 299 -36.86 26.98 -88.34
N ASP B 300 -38.06 26.81 -87.78
CA ASP B 300 -38.26 26.55 -86.35
C ASP B 300 -39.56 25.76 -86.19
N ILE B 301 -39.57 24.52 -86.71
CA ILE B 301 -40.77 23.69 -86.79
C ILE B 301 -40.43 22.25 -86.40
N ALA B 302 -41.35 21.57 -85.68
CA ALA B 302 -41.20 20.16 -85.33
C ALA B 302 -39.88 19.86 -84.61
N GLY B 303 -39.30 20.83 -83.88
CA GLY B 303 -38.03 20.65 -83.19
C GLY B 303 -36.79 20.84 -84.07
N LEU B 304 -36.99 21.05 -85.38
CA LEU B 304 -35.94 21.36 -86.34
C LEU B 304 -35.69 22.85 -86.32
N ASP B 305 -34.44 23.24 -86.06
CA ASP B 305 -34.04 24.64 -85.92
C ASP B 305 -33.36 25.19 -87.18
N MET B 306 -33.44 24.46 -88.32
CA MET B 306 -32.92 24.95 -89.59
C MET B 306 -33.68 24.35 -90.79
N HIS B 307 -34.05 25.19 -91.75
CA HIS B 307 -34.60 24.76 -93.03
C HIS B 307 -33.61 25.06 -94.15
N ALA B 308 -33.37 24.08 -95.03
CA ALA B 308 -32.43 24.20 -96.13
C ALA B 308 -33.17 23.95 -97.46
N ALA B 309 -33.74 25.02 -98.02
CA ALA B 309 -34.46 24.96 -99.27
C ALA B 309 -33.52 24.60 -100.43
N MET B 310 -33.70 23.41 -101.02
CA MET B 310 -32.91 22.97 -102.15
C MET B 310 -33.63 23.23 -103.48
N SER B 311 -32.86 23.19 -104.59
CA SER B 311 -33.39 23.30 -105.95
C SER B 311 -33.82 21.94 -106.49
N SER B 312 -34.67 21.93 -107.53
CA SER B 312 -35.11 20.71 -108.18
C SER B 312 -33.98 20.02 -108.95
N ALA B 313 -33.14 20.81 -109.65
CA ALA B 313 -32.09 20.30 -110.52
C ALA B 313 -30.84 19.80 -109.79
N THR B 314 -30.71 20.09 -108.48
CA THR B 314 -29.50 19.79 -107.71
C THR B 314 -29.25 18.29 -107.58
N TYR B 315 -30.30 17.50 -107.34
CA TYR B 315 -30.14 16.06 -107.16
C TYR B 315 -29.61 15.40 -108.44
N ASP B 316 -28.74 14.41 -108.29
CA ASP B 316 -28.14 13.72 -109.41
C ASP B 316 -29.11 12.74 -110.06
N ASP B 317 -29.75 13.15 -111.17
CA ASP B 317 -30.58 12.29 -111.99
C ASP B 317 -29.77 11.28 -112.81
N GLY B 318 -28.45 11.50 -112.96
CA GLY B 318 -27.62 10.78 -113.92
C GLY B 318 -27.72 11.33 -115.35
N THR B 319 -28.41 12.47 -115.52
CA THR B 319 -28.65 13.10 -116.82
C THR B 319 -27.43 13.89 -117.32
N ASP B 320 -26.74 14.58 -116.40
CA ASP B 320 -25.59 15.42 -116.75
C ASP B 320 -24.34 14.60 -117.05
N ILE B 321 -23.49 15.11 -117.97
CA ILE B 321 -22.27 14.42 -118.36
C ILE B 321 -21.31 14.33 -117.17
N GLY B 322 -20.77 13.12 -116.93
CA GLY B 322 -19.83 12.91 -115.84
C GLY B 322 -20.48 12.59 -114.49
N TRP B 323 -21.81 12.73 -114.39
CA TRP B 323 -22.56 12.42 -113.18
C TRP B 323 -23.36 11.12 -113.39
N SER B 324 -23.27 10.19 -112.45
CA SER B 324 -23.73 8.81 -112.64
C SER B 324 -25.16 8.54 -112.17
N GLY B 325 -25.74 9.43 -111.34
CA GLY B 325 -27.11 9.31 -110.86
C GLY B 325 -27.23 8.61 -109.51
N GLY B 326 -28.11 9.14 -108.65
CA GLY B 326 -28.46 8.52 -107.38
C GLY B 326 -29.54 7.43 -107.52
N SER B 327 -29.91 6.80 -106.39
CA SER B 327 -30.84 5.68 -106.34
C SER B 327 -32.31 6.10 -106.31
N GLU B 328 -32.60 7.33 -105.84
CA GLU B 328 -33.95 7.82 -105.55
C GLU B 328 -34.51 8.71 -106.67
N THR B 329 -35.75 9.21 -106.46
CA THR B 329 -36.34 10.26 -107.27
C THR B 329 -36.59 11.48 -106.38
N TRP B 330 -35.86 12.58 -106.61
CA TRP B 330 -36.08 13.84 -105.91
C TRP B 330 -37.28 14.54 -106.52
N GLY B 331 -38.29 14.84 -105.70
CA GLY B 331 -39.57 15.38 -106.18
C GLY B 331 -40.65 15.24 -105.12
N PHE B 332 -41.86 15.75 -105.39
CA PHE B 332 -42.98 15.47 -104.50
C PHE B 332 -44.29 15.56 -105.25
N SER B 333 -44.41 14.73 -106.31
CA SER B 333 -45.42 14.87 -107.35
C SER B 333 -46.26 13.61 -107.51
N SER B 334 -45.62 12.45 -107.24
CA SER B 334 -46.11 11.15 -107.69
C SER B 334 -45.64 10.06 -106.72
N ASP B 335 -46.41 8.96 -106.67
CA ASP B 335 -46.25 7.84 -105.75
C ASP B 335 -44.78 7.36 -105.69
N GLY B 336 -44.11 7.59 -104.55
CA GLY B 336 -42.72 7.17 -104.34
C GLY B 336 -41.67 8.28 -104.41
N ASP B 337 -42.01 9.51 -104.84
CA ASP B 337 -41.02 10.60 -104.84
C ASP B 337 -40.52 10.92 -103.43
N LYS B 338 -39.23 11.22 -103.26
CA LYS B 338 -38.68 11.72 -102.00
C LYS B 338 -38.66 13.24 -102.03
N GLY B 339 -39.45 13.89 -101.17
CA GLY B 339 -39.67 15.34 -101.22
C GLY B 339 -38.92 16.14 -100.17
N ALA B 340 -38.50 15.49 -99.08
CA ALA B 340 -37.77 16.15 -98.01
C ALA B 340 -36.88 15.12 -97.30
N VAL B 341 -35.84 15.60 -96.62
CA VAL B 341 -35.05 14.78 -95.71
C VAL B 341 -35.00 15.51 -94.38
N VAL B 342 -35.32 14.82 -93.29
CA VAL B 342 -35.33 15.35 -91.94
C VAL B 342 -34.21 14.65 -91.17
N TYR B 343 -33.21 15.40 -90.67
CA TYR B 343 -31.96 14.78 -90.28
C TYR B 343 -31.16 15.60 -89.26
N ASP B 344 -30.12 14.98 -88.71
CA ASP B 344 -29.16 15.62 -87.82
C ASP B 344 -27.98 16.18 -88.62
N ARG B 345 -27.84 17.51 -88.63
CA ARG B 345 -26.81 18.24 -89.34
C ARG B 345 -25.38 17.86 -88.93
N ASP B 346 -25.19 17.37 -87.70
CA ASP B 346 -23.87 16.99 -87.21
C ASP B 346 -23.45 15.59 -87.66
N ASN B 347 -24.39 14.78 -88.19
CA ASN B 347 -24.14 13.38 -88.55
C ASN B 347 -24.04 13.15 -90.07
N ILE B 348 -24.01 14.24 -90.86
CA ILE B 348 -23.62 14.18 -92.27
C ILE B 348 -22.51 15.19 -92.53
N HIS B 349 -21.43 14.68 -93.11
CA HIS B 349 -20.16 15.38 -93.21
C HIS B 349 -19.89 15.69 -94.67
N THR B 350 -19.61 16.97 -94.97
CA THR B 350 -19.15 17.38 -96.28
C THR B 350 -17.66 17.65 -96.18
N ILE B 351 -16.87 16.94 -96.97
CA ILE B 351 -15.42 17.00 -96.87
C ILE B 351 -14.90 17.77 -98.07
N LEU B 352 -14.21 18.89 -97.81
CA LEU B 352 -13.57 19.69 -98.85
C LEU B 352 -12.05 19.56 -98.71
N TYR B 353 -11.35 19.41 -99.84
CA TYR B 353 -9.89 19.41 -99.89
C TYR B 353 -9.41 20.32 -101.03
N ALA B 354 -8.38 21.13 -100.75
CA ALA B 354 -7.68 21.91 -101.75
C ALA B 354 -6.18 21.84 -101.49
N PRO B 355 -5.30 21.62 -102.51
CA PRO B 355 -3.86 21.55 -102.25
C PRO B 355 -3.25 22.90 -101.87
N ASN B 356 -3.74 23.98 -102.49
CA ASN B 356 -3.08 25.28 -102.48
C ASN B 356 -3.79 26.29 -101.55
N GLY B 357 -4.65 25.81 -100.65
CA GLY B 357 -5.41 26.67 -99.73
C GLY B 357 -6.50 25.90 -98.97
N GLN B 358 -7.61 26.59 -98.65
CA GLN B 358 -8.69 26.03 -97.87
C GLN B 358 -9.92 25.71 -98.72
N ASP B 359 -10.07 26.38 -99.89
CA ASP B 359 -11.31 26.40 -100.67
C ASP B 359 -11.03 26.41 -102.18
N VAL B 360 -12.04 26.71 -103.03
CA VAL B 360 -11.92 26.72 -104.50
C VAL B 360 -10.68 27.50 -104.95
N GLU B 361 -9.92 26.91 -105.89
CA GLU B 361 -8.77 27.59 -106.49
C GLU B 361 -9.05 27.85 -107.96
N ILE B 362 -8.97 29.12 -108.36
CA ILE B 362 -9.13 29.52 -109.75
C ILE B 362 -7.76 29.88 -110.33
N LYS B 363 -7.43 29.24 -111.45
CA LYS B 363 -6.21 29.50 -112.20
C LYS B 363 -6.60 30.05 -113.57
N ASP B 364 -5.82 31.01 -114.06
CA ASP B 364 -5.98 31.56 -115.39
C ASP B 364 -4.67 31.41 -116.17
N TYR B 365 -4.77 31.35 -117.49
CA TYR B 365 -3.59 31.23 -118.33
C TYR B 365 -3.82 31.85 -119.71
N GLU B 366 -2.72 32.28 -120.33
CA GLU B 366 -2.75 32.86 -121.68
C GLU B 366 -2.00 31.93 -122.62
N ASP B 367 -2.59 31.66 -123.79
CA ASP B 367 -1.94 30.92 -124.84
C ASP B 367 -1.41 31.89 -125.90
N PRO B 368 -0.07 32.15 -125.96
CA PRO B 368 0.48 33.08 -126.93
C PRO B 368 0.58 32.51 -128.35
N ILE B 369 0.39 31.19 -128.50
CA ILE B 369 0.41 30.53 -129.81
C ILE B 369 -0.94 30.74 -130.52
N ARG B 370 -2.04 30.76 -129.75
CA ARG B 370 -3.40 30.77 -130.26
C ARG B 370 -4.22 32.00 -129.89
N ASP B 371 -3.67 32.93 -129.09
CA ASP B 371 -4.35 34.14 -128.67
C ASP B 371 -5.66 33.84 -127.93
N ILE B 372 -5.57 32.92 -126.96
CA ILE B 372 -6.69 32.51 -126.14
C ILE B 372 -6.35 32.79 -124.68
N THR B 373 -7.32 33.23 -123.88
CA THR B 373 -7.20 33.21 -122.43
C THR B 373 -8.12 32.12 -121.87
N GLY B 374 -7.55 31.25 -121.04
CA GLY B 374 -8.31 30.23 -120.32
C GLY B 374 -8.45 30.56 -118.85
N VAL B 375 -9.57 30.14 -118.26
CA VAL B 375 -9.82 30.21 -116.83
C VAL B 375 -10.37 28.85 -116.40
N ASN B 376 -9.90 28.33 -115.26
CA ASN B 376 -10.47 27.10 -114.73
C ASN B 376 -10.46 27.12 -113.20
N GLY B 377 -11.36 26.33 -112.60
CA GLY B 377 -11.44 26.17 -111.17
C GLY B 377 -11.38 24.69 -110.79
N ARG B 378 -10.93 24.42 -109.56
CA ARG B 378 -11.00 23.07 -109.00
C ARG B 378 -11.26 23.13 -107.50
N LEU B 379 -11.90 22.07 -107.00
CA LEU B 379 -11.97 21.76 -105.58
C LEU B 379 -12.19 20.26 -105.46
N HIS B 380 -11.68 19.63 -104.41
CA HIS B 380 -12.00 18.23 -104.16
C HIS B 380 -13.10 18.15 -103.13
N VAL B 381 -14.14 17.35 -103.39
CA VAL B 381 -15.27 17.24 -102.48
C VAL B 381 -15.73 15.79 -102.32
N ASP B 382 -16.16 15.44 -101.10
CA ASP B 382 -16.95 14.25 -100.83
C ASP B 382 -18.05 14.58 -99.83
N CYS B 383 -19.08 13.73 -99.73
CA CYS B 383 -20.04 13.84 -98.66
C CYS B 383 -20.41 12.45 -98.16
N GLN B 384 -20.46 12.28 -96.83
CA GLN B 384 -20.73 11.00 -96.20
C GLN B 384 -21.59 11.18 -94.95
N TYR B 385 -22.63 10.35 -94.77
CA TYR B 385 -23.20 10.18 -93.45
C TYR B 385 -22.20 9.46 -92.53
N SER B 386 -22.12 9.91 -91.29
CA SER B 386 -21.48 9.17 -90.20
C SER B 386 -22.51 8.36 -89.39
N GLN B 387 -23.78 8.80 -89.32
CA GLN B 387 -24.89 7.98 -88.87
C GLN B 387 -26.11 8.23 -89.77
N GLY B 388 -26.29 7.39 -90.80
CA GLY B 388 -27.40 7.50 -91.72
C GLY B 388 -28.76 7.26 -91.05
N ARG B 389 -28.78 6.54 -89.92
CA ARG B 389 -29.94 6.37 -89.06
C ARG B 389 -30.44 7.69 -88.46
N SER B 390 -29.59 8.72 -88.38
CA SER B 390 -30.00 10.02 -87.88
C SER B 390 -30.81 10.85 -88.89
N SER B 391 -31.30 10.21 -89.96
CA SER B 391 -31.94 10.86 -91.10
C SER B 391 -33.15 10.06 -91.60
N ALA B 392 -34.24 10.76 -91.94
CA ALA B 392 -35.43 10.18 -92.52
C ALA B 392 -35.85 10.94 -93.78
N THR B 393 -36.04 10.24 -94.90
CA THR B 393 -36.71 10.85 -96.04
C THR B 393 -38.21 10.97 -95.78
N VAL B 394 -38.87 11.95 -96.41
CA VAL B 394 -40.32 11.99 -96.50
C VAL B 394 -40.71 11.61 -97.92
N GLN B 395 -41.66 10.69 -98.06
CA GLN B 395 -41.97 10.08 -99.34
C GLN B 395 -43.45 10.28 -99.66
N TYR B 396 -43.73 10.59 -100.93
CA TYR B 396 -45.07 10.67 -101.51
C TYR B 396 -45.66 9.28 -101.80
N PHE C 101 -104.15 77.64 -118.97
CA PHE C 101 -103.81 77.62 -117.51
C PHE C 101 -103.27 78.98 -117.08
N ALA C 102 -101.95 79.08 -116.84
CA ALA C 102 -101.29 80.26 -116.30
C ALA C 102 -99.78 80.09 -116.48
N ALA C 103 -99.01 81.15 -116.24
CA ALA C 103 -97.56 81.10 -116.28
C ALA C 103 -97.04 79.96 -115.38
N SER C 104 -96.36 78.98 -116.00
CA SER C 104 -95.86 77.79 -115.34
C SER C 104 -94.70 77.22 -116.15
N ASP C 105 -93.70 76.60 -115.49
CA ASP C 105 -92.49 76.14 -116.16
C ASP C 105 -92.78 75.29 -117.40
N PRO C 106 -93.61 74.22 -117.36
CA PRO C 106 -93.75 73.32 -118.50
C PRO C 106 -94.38 73.96 -119.74
N GLU C 107 -94.94 75.16 -119.61
CA GLU C 107 -95.43 75.93 -120.74
C GLU C 107 -94.30 76.72 -121.42
N TYR C 108 -93.28 77.12 -120.65
CA TYR C 108 -92.34 78.17 -121.07
C TYR C 108 -90.86 77.83 -120.87
N VAL C 109 -90.54 76.59 -120.50
CA VAL C 109 -89.24 76.08 -120.08
C VAL C 109 -88.09 76.39 -121.06
N ASP C 110 -88.40 76.61 -122.34
CA ASP C 110 -87.37 76.91 -123.34
C ASP C 110 -87.67 78.21 -124.09
N THR C 111 -88.39 79.16 -123.44
CA THR C 111 -88.86 80.38 -124.08
C THR C 111 -88.65 81.62 -123.20
N LEU C 112 -89.00 81.54 -121.91
CA LEU C 112 -88.79 82.64 -120.95
C LEU C 112 -87.52 82.46 -120.14
N PHE C 113 -86.91 81.26 -120.19
CA PHE C 113 -85.64 80.92 -119.58
C PHE C 113 -85.05 79.71 -120.30
N ARG C 114 -83.78 79.39 -120.01
CA ARG C 114 -83.13 78.16 -120.43
C ARG C 114 -82.93 77.25 -119.21
N GLU C 115 -83.08 75.93 -119.42
CA GLU C 115 -82.72 74.94 -118.40
C GLU C 115 -81.25 75.15 -117.99
N GLN C 116 -80.97 75.11 -116.68
CA GLN C 116 -79.59 75.23 -116.22
C GLN C 116 -78.74 74.08 -116.78
N LEU C 117 -77.57 74.44 -117.31
CA LEU C 117 -76.55 73.46 -117.64
C LEU C 117 -75.42 73.59 -116.62
N LEU C 118 -75.15 72.52 -115.87
CA LEU C 118 -74.09 72.53 -114.86
C LEU C 118 -72.74 72.68 -115.53
N GLU C 119 -71.88 73.55 -114.99
CA GLU C 119 -70.61 73.91 -115.65
C GLU C 119 -69.57 72.78 -115.57
N VAL C 120 -69.56 72.04 -114.46
CA VAL C 120 -68.62 70.93 -114.25
C VAL C 120 -69.07 69.72 -115.06
N VAL C 121 -68.26 69.32 -116.05
CA VAL C 121 -68.47 68.08 -116.77
C VAL C 121 -67.99 66.88 -115.94
N MET C 122 -68.84 65.85 -115.82
CA MET C 122 -68.52 64.65 -115.05
C MET C 122 -67.70 63.68 -115.90
N GLU C 123 -66.71 63.04 -115.27
CA GLU C 123 -65.79 62.14 -115.98
C GLU C 123 -66.42 60.77 -116.27
N GLY C 124 -65.91 60.11 -117.33
CA GLY C 124 -66.12 58.68 -117.52
C GLY C 124 -65.23 57.85 -116.59
N ARG C 125 -65.28 56.52 -116.74
CA ARG C 125 -64.45 55.61 -115.94
C ARG C 125 -62.97 55.82 -116.27
N GLU C 126 -62.08 55.62 -115.28
CA GLU C 126 -60.64 55.69 -115.51
C GLU C 126 -60.00 54.32 -115.25
N LEU C 127 -59.16 53.86 -116.19
CA LEU C 127 -58.52 52.55 -116.10
C LEU C 127 -57.33 52.59 -115.14
N ARG C 128 -57.09 51.48 -114.42
CA ARG C 128 -55.96 51.35 -113.51
C ARG C 128 -54.64 51.31 -114.29
N LYS C 129 -53.63 52.06 -113.81
CA LYS C 129 -52.34 52.21 -114.46
C LYS C 129 -51.22 51.78 -113.52
N VAL C 130 -50.42 50.77 -113.92
CA VAL C 130 -49.41 50.14 -113.07
C VAL C 130 -48.11 49.80 -113.81
N ALA C 131 -48.10 49.76 -115.14
CA ALA C 131 -46.98 49.23 -115.92
C ALA C 131 -45.62 49.86 -115.55
N ARG C 132 -45.58 51.18 -115.36
CA ARG C 132 -44.35 51.94 -115.09
C ARG C 132 -43.78 51.65 -113.69
N GLU C 133 -44.56 51.02 -112.81
CA GLU C 133 -44.16 50.67 -111.45
C GLU C 133 -43.95 49.15 -111.31
N ALA C 134 -44.85 48.36 -111.91
CA ALA C 134 -44.91 46.90 -111.82
C ALA C 134 -43.98 46.17 -112.80
N SER C 135 -43.09 46.90 -113.52
CA SER C 135 -42.11 46.32 -114.43
C SER C 135 -40.85 47.18 -114.43
N ASN C 136 -39.72 46.64 -114.92
CA ASN C 136 -38.54 47.45 -115.14
C ASN C 136 -38.75 48.33 -116.37
N VAL C 137 -38.48 49.64 -116.30
CA VAL C 137 -38.67 50.53 -117.44
C VAL C 137 -37.32 50.91 -118.05
N ILE C 138 -37.20 50.71 -119.37
CA ILE C 138 -36.04 51.13 -120.15
C ILE C 138 -36.44 52.33 -121.01
N ASN C 139 -35.75 53.46 -120.84
CA ASN C 139 -35.84 54.55 -121.80
C ASN C 139 -34.81 54.30 -122.90
N ALA C 140 -35.26 53.73 -124.03
CA ALA C 140 -34.37 53.31 -125.10
C ALA C 140 -33.82 54.50 -125.90
N ASN C 141 -32.59 54.33 -126.44
CA ASN C 141 -31.98 55.27 -127.37
C ASN C 141 -32.44 55.03 -128.81
N THR C 142 -32.80 53.77 -129.13
CA THR C 142 -33.25 53.38 -130.47
C THR C 142 -34.53 52.56 -130.36
N ARG C 143 -35.44 52.76 -131.32
CA ARG C 143 -36.74 52.10 -131.35
C ARG C 143 -36.62 50.57 -131.39
N VAL C 144 -35.54 50.07 -132.03
CA VAL C 144 -35.21 48.66 -132.09
C VAL C 144 -33.92 48.43 -131.30
N GLY C 145 -33.86 47.32 -130.53
CA GLY C 145 -32.68 47.00 -129.75
C GLY C 145 -32.67 45.55 -129.26
N ASP C 146 -31.65 45.21 -128.46
CA ASP C 146 -31.48 43.90 -127.86
C ASP C 146 -30.94 44.02 -126.44
N VAL C 147 -31.24 43.03 -125.59
CA VAL C 147 -30.59 42.88 -124.30
C VAL C 147 -29.96 41.48 -124.21
N PRO C 148 -28.67 41.35 -123.82
CA PRO C 148 -28.04 40.03 -123.67
C PRO C 148 -28.54 39.22 -122.49
N ILE C 149 -28.72 37.92 -122.72
CA ILE C 149 -29.08 36.92 -121.71
C ILE C 149 -27.91 35.94 -121.62
N ALA C 150 -27.41 35.69 -120.40
CA ALA C 150 -26.45 34.62 -120.16
C ALA C 150 -27.16 33.28 -119.94
N SER C 151 -26.49 32.17 -120.25
CA SER C 151 -27.02 30.83 -120.01
C SER C 151 -27.12 30.53 -118.50
N ASP C 152 -27.98 29.55 -118.16
CA ASP C 152 -28.14 29.10 -116.78
C ASP C 152 -26.83 28.61 -116.16
N GLU C 153 -26.78 28.61 -114.82
CA GLU C 153 -25.75 27.88 -114.09
C GLU C 153 -25.74 26.39 -114.43
N GLU C 154 -24.55 25.79 -114.41
CA GLU C 154 -24.37 24.35 -114.60
C GLU C 154 -23.65 23.73 -113.39
N PHE C 155 -23.24 22.47 -113.53
CA PHE C 155 -22.53 21.73 -112.49
C PHE C 155 -21.13 21.36 -112.96
N ALA C 156 -20.13 21.49 -112.08
CA ALA C 156 -18.76 21.09 -112.37
C ALA C 156 -18.67 19.57 -112.64
N ARG C 157 -17.58 19.13 -113.29
CA ARG C 157 -17.39 17.73 -113.67
C ARG C 157 -16.35 17.07 -112.77
N PRO C 158 -16.52 15.79 -112.35
CA PRO C 158 -15.46 15.04 -111.69
C PRO C 158 -14.31 14.81 -112.67
N THR C 159 -13.08 14.70 -112.14
CA THR C 159 -11.87 14.58 -112.96
C THR C 159 -10.80 13.77 -112.21
N GLY C 160 -9.92 13.09 -112.97
CA GLY C 160 -8.80 12.37 -112.38
C GLY C 160 -7.71 13.30 -111.88
N GLN C 161 -6.84 12.81 -110.98
CA GLN C 161 -5.70 13.61 -110.56
C GLN C 161 -4.67 13.72 -111.69
N GLY C 162 -4.20 14.95 -111.98
CA GLY C 162 -3.27 15.21 -113.06
C GLY C 162 -3.89 15.18 -114.46
N ALA C 163 -5.22 14.97 -114.56
CA ALA C 163 -5.94 14.93 -115.83
C ALA C 163 -6.33 16.34 -116.30
N GLU C 164 -6.64 16.49 -117.60
CA GLU C 164 -7.01 17.79 -118.18
C GLU C 164 -8.37 18.27 -117.67
N ILE C 165 -8.44 19.53 -117.21
CA ILE C 165 -9.72 20.16 -116.93
C ILE C 165 -10.40 20.51 -118.26
N ARG C 166 -11.62 19.97 -118.46
CA ARG C 166 -12.44 20.21 -119.64
C ARG C 166 -13.22 21.52 -119.52
N ASP C 167 -13.70 22.05 -120.66
CA ASP C 167 -14.35 23.35 -120.74
C ASP C 167 -15.88 23.25 -120.90
N ASP C 168 -16.58 24.16 -120.21
CA ASP C 168 -18.01 24.40 -120.36
C ASP C 168 -18.27 25.88 -120.03
N GLY C 169 -17.80 26.76 -120.91
CA GLY C 169 -17.86 28.21 -120.70
C GLY C 169 -19.27 28.80 -120.83
N GLU C 170 -19.43 30.04 -120.34
CA GLU C 170 -20.71 30.72 -120.44
C GLU C 170 -21.09 30.98 -121.90
N THR C 171 -22.40 30.89 -122.20
CA THR C 171 -22.95 31.08 -123.53
C THR C 171 -24.02 32.16 -123.47
N TYR C 172 -24.23 32.89 -124.57
CA TYR C 172 -25.10 34.06 -124.57
C TYR C 172 -26.08 34.06 -125.73
N THR C 173 -27.20 34.75 -125.52
CA THR C 173 -28.22 35.03 -126.53
C THR C 173 -28.78 36.43 -126.27
N THR C 174 -29.82 36.85 -126.99
CA THR C 174 -30.50 38.10 -126.69
C THR C 174 -32.02 37.94 -126.78
N VAL C 175 -32.76 38.83 -126.11
CA VAL C 175 -34.14 39.11 -126.53
C VAL C 175 -34.16 40.48 -127.20
N ALA C 176 -34.84 40.55 -128.34
CA ALA C 176 -34.97 41.80 -129.09
C ALA C 176 -36.17 42.60 -128.56
N TRP C 177 -36.11 43.94 -128.72
CA TRP C 177 -37.30 44.78 -128.66
C TRP C 177 -37.46 45.54 -129.98
N ASN C 178 -38.70 45.80 -130.36
CA ASN C 178 -38.99 46.80 -131.38
C ASN C 178 -40.24 47.56 -130.98
N ALA C 179 -40.05 48.75 -130.43
CA ALA C 179 -41.12 49.56 -129.89
C ALA C 179 -42.09 49.99 -131.02
N THR C 180 -43.39 49.90 -130.72
CA THR C 180 -44.45 50.18 -131.68
C THR C 180 -45.07 51.54 -131.36
N LYS C 181 -45.26 52.39 -132.37
CA LYS C 181 -45.85 53.70 -132.20
C LYS C 181 -47.33 53.57 -131.82
N LEU C 182 -47.70 53.99 -130.61
CA LEU C 182 -49.10 54.11 -130.23
C LEU C 182 -49.49 55.57 -130.43
N THR C 183 -50.67 55.80 -131.03
CA THR C 183 -51.10 57.16 -131.35
C THR C 183 -52.58 57.38 -131.04
N GLU C 184 -52.93 58.65 -130.85
CA GLU C 184 -54.30 59.04 -130.55
C GLU C 184 -54.52 60.48 -131.03
N GLY C 185 -55.49 60.68 -131.93
CA GLY C 185 -55.86 62.00 -132.41
C GLY C 185 -57.24 62.46 -131.92
N SER C 186 -57.48 63.77 -132.05
CA SER C 186 -58.78 64.39 -131.83
C SER C 186 -58.88 65.70 -132.62
N ARG C 187 -60.11 66.07 -133.06
CA ARG C 187 -60.35 67.31 -133.78
C ARG C 187 -61.63 68.01 -133.29
N VAL C 188 -61.56 69.35 -133.18
CA VAL C 188 -62.62 70.21 -132.68
C VAL C 188 -62.78 71.38 -133.65
N THR C 189 -64.01 71.75 -134.02
CA THR C 189 -64.21 72.93 -134.86
C THR C 189 -64.07 74.20 -134.04
N ASP C 190 -63.60 75.28 -134.65
CA ASP C 190 -63.36 76.53 -133.93
C ASP C 190 -64.64 77.15 -133.36
N GLU C 191 -65.79 76.89 -133.97
CA GLU C 191 -67.08 77.32 -133.44
C GLU C 191 -67.47 76.51 -132.20
N MET C 192 -67.17 75.21 -132.19
CA MET C 192 -67.44 74.39 -131.01
C MET C 192 -66.52 74.78 -129.86
N ARG C 193 -65.23 75.03 -130.17
CA ARG C 193 -64.23 75.48 -129.21
C ARG C 193 -64.63 76.80 -128.54
N ASP C 194 -65.25 77.71 -129.31
CA ASP C 194 -65.80 78.96 -128.80
C ASP C 194 -66.99 78.73 -127.86
N GLN C 195 -68.00 77.98 -128.33
CA GLN C 195 -69.29 77.89 -127.65
C GLN C 195 -69.29 76.98 -126.42
N ALA C 196 -68.34 76.04 -126.32
CA ALA C 196 -68.25 75.12 -125.19
C ALA C 196 -68.04 75.84 -123.84
N MET C 197 -68.56 75.25 -122.76
CA MET C 197 -68.38 75.74 -121.40
C MET C 197 -66.98 75.44 -120.83
N VAL C 198 -66.27 74.49 -121.47
CA VAL C 198 -65.00 73.94 -120.99
C VAL C 198 -63.95 74.06 -122.10
N ASP C 199 -62.67 74.16 -121.72
CA ASP C 199 -61.58 74.10 -122.69
C ASP C 199 -61.50 72.71 -123.32
N LEU C 200 -62.10 72.57 -124.52
CA LEU C 200 -62.11 71.31 -125.24
C LEU C 200 -60.71 70.89 -125.71
N ILE C 201 -59.79 71.84 -125.95
CA ILE C 201 -58.43 71.45 -126.33
C ILE C 201 -57.72 70.83 -125.13
N GLU C 202 -57.74 71.50 -123.97
CA GLU C 202 -57.11 70.95 -122.77
C GLU C 202 -57.72 69.60 -122.39
N ARG C 203 -59.05 69.50 -122.45
CA ARG C 203 -59.78 68.28 -122.17
C ARG C 203 -59.41 67.15 -123.15
N ASN C 204 -59.22 67.46 -124.43
CA ASN C 204 -58.70 66.48 -125.38
C ASN C 204 -57.22 66.12 -125.16
N ILE C 205 -56.36 67.08 -124.78
CA ILE C 205 -54.97 66.81 -124.43
C ILE C 205 -54.91 65.81 -123.25
N GLN C 206 -55.73 66.03 -122.21
CA GLN C 206 -55.82 65.12 -121.08
C GLN C 206 -56.27 63.72 -121.53
N ARG C 207 -57.31 63.63 -122.37
CA ARG C 207 -57.75 62.36 -122.93
C ARG C 207 -56.64 61.64 -123.68
N VAL C 208 -55.92 62.36 -124.56
CA VAL C 208 -54.84 61.81 -125.35
C VAL C 208 -53.74 61.22 -124.47
N GLY C 209 -53.30 61.95 -123.44
CA GLY C 209 -52.30 61.46 -122.49
C GLY C 209 -52.76 60.19 -121.77
N ALA C 210 -53.99 60.18 -121.27
CA ALA C 210 -54.59 59.02 -120.63
C ALA C 210 -54.66 57.82 -121.58
N SER C 211 -55.04 58.05 -122.84
CA SER C 211 -55.16 57.03 -123.87
C SER C 211 -53.82 56.36 -124.20
N LEU C 212 -52.72 57.12 -124.18
CA LEU C 212 -51.37 56.57 -124.36
C LEU C 212 -50.91 55.78 -123.14
N GLU C 213 -51.17 56.24 -121.92
CA GLU C 213 -50.90 55.48 -120.70
C GLU C 213 -51.68 54.15 -120.66
N ASN C 214 -52.95 54.17 -121.06
CA ASN C 214 -53.71 52.94 -121.22
C ASN C 214 -53.06 52.03 -122.27
N GLY C 215 -52.55 52.61 -123.37
CA GLY C 215 -51.76 51.90 -124.37
C GLY C 215 -50.54 51.19 -123.78
N ILE C 216 -49.72 51.89 -122.98
CA ILE C 216 -48.57 51.28 -122.30
C ILE C 216 -49.04 50.08 -121.47
N ASN C 217 -50.09 50.27 -120.67
CA ASN C 217 -50.58 49.24 -119.77
C ASN C 217 -51.10 48.02 -120.54
N ARG C 218 -51.74 48.21 -121.71
CA ARG C 218 -52.15 47.12 -122.57
C ARG C 218 -50.95 46.32 -123.10
N VAL C 219 -49.90 47.00 -123.59
CA VAL C 219 -48.72 46.33 -124.12
C VAL C 219 -48.03 45.52 -123.02
N PHE C 220 -47.84 46.12 -121.85
CA PHE C 220 -47.30 45.45 -120.68
C PHE C 220 -48.09 44.20 -120.31
N LEU C 221 -49.40 44.33 -120.05
CA LEU C 221 -50.20 43.20 -119.59
C LEU C 221 -50.30 42.08 -120.62
N THR C 222 -50.33 42.42 -121.91
CA THR C 222 -50.43 41.41 -122.95
C THR C 222 -49.15 40.57 -123.06
N GLU C 223 -47.97 41.20 -122.98
CA GLU C 223 -46.72 40.46 -122.86
C GLU C 223 -46.72 39.58 -121.61
N LEU C 224 -47.08 40.19 -120.48
CA LEU C 224 -47.02 39.56 -119.17
C LEU C 224 -47.83 38.27 -119.14
N VAL C 225 -49.08 38.31 -119.62
CA VAL C 225 -49.99 37.18 -119.64
C VAL C 225 -49.63 36.14 -120.71
N ASP C 226 -49.31 36.56 -121.94
CA ASP C 226 -49.11 35.61 -123.02
C ASP C 226 -47.78 34.84 -122.90
N ASN C 227 -46.72 35.47 -122.37
CA ASN C 227 -45.37 34.93 -122.41
C ASN C 227 -44.83 34.45 -121.06
N ALA C 228 -45.65 34.47 -119.99
CA ALA C 228 -45.34 33.72 -118.77
C ALA C 228 -45.19 32.23 -119.12
N GLN C 229 -44.07 31.61 -118.72
CA GLN C 229 -43.78 30.25 -119.14
C GLN C 229 -44.45 29.19 -118.26
N ASN C 230 -44.63 29.50 -116.97
CA ASN C 230 -45.33 28.62 -116.05
C ASN C 230 -46.82 28.95 -115.95
N ASN C 231 -47.60 27.99 -115.45
CA ASN C 231 -49.03 28.17 -115.24
C ASN C 231 -49.47 27.30 -114.06
N HIS C 232 -50.37 27.81 -113.21
CA HIS C 232 -51.07 26.99 -112.23
C HIS C 232 -52.54 26.95 -112.60
N ASP C 233 -53.02 25.75 -112.96
CA ASP C 233 -54.41 25.53 -113.31
C ASP C 233 -55.19 25.14 -112.06
N THR C 234 -56.10 26.00 -111.62
CA THR C 234 -56.88 25.76 -110.42
C THR C 234 -57.99 24.74 -110.66
N ALA C 235 -58.52 24.68 -111.90
CA ALA C 235 -59.69 23.88 -112.26
C ALA C 235 -60.85 24.09 -111.26
N GLY C 236 -61.32 25.34 -111.13
CA GLY C 236 -62.21 25.69 -110.02
C GLY C 236 -61.48 25.57 -108.68
N SER C 237 -62.15 25.07 -107.65
CA SER C 237 -61.51 24.66 -106.40
C SER C 237 -60.80 25.79 -105.62
N ASN C 238 -59.53 25.59 -105.23
CA ASN C 238 -58.84 26.35 -104.20
C ASN C 238 -58.21 27.62 -104.78
N GLN C 239 -59.05 28.58 -105.18
CA GLN C 239 -58.61 29.68 -106.05
C GLN C 239 -58.01 30.87 -105.31
N GLY C 240 -58.11 30.94 -103.97
CA GLY C 240 -57.58 32.05 -103.19
C GLY C 240 -56.07 31.96 -102.95
N TYR C 241 -55.64 32.11 -101.68
CA TYR C 241 -54.23 32.05 -101.32
C TYR C 241 -53.53 30.78 -101.82
N GLN C 242 -54.22 29.63 -101.80
CA GLN C 242 -53.63 28.37 -102.26
C GLN C 242 -53.19 28.42 -103.72
N ALA C 243 -53.98 29.05 -104.59
CA ALA C 243 -53.62 29.23 -105.99
C ALA C 243 -52.39 30.12 -106.14
N LEU C 244 -52.32 31.19 -105.35
CA LEU C 244 -51.22 32.14 -105.37
C LEU C 244 -49.93 31.47 -104.89
N ASN C 245 -49.98 30.75 -103.76
CA ASN C 245 -48.87 29.95 -103.27
C ASN C 245 -48.44 28.88 -104.29
N SER C 246 -49.40 28.23 -104.97
CA SER C 246 -49.09 27.23 -105.98
C SER C 246 -48.36 27.85 -107.17
N ALA C 247 -48.83 29.01 -107.65
CA ALA C 247 -48.20 29.72 -108.75
C ALA C 247 -46.77 30.17 -108.38
N VAL C 248 -46.55 30.67 -107.16
CA VAL C 248 -45.20 30.92 -106.66
C VAL C 248 -44.37 29.64 -106.70
N GLY C 249 -44.96 28.50 -106.28
CA GLY C 249 -44.31 27.20 -106.34
C GLY C 249 -43.91 26.77 -107.76
N GLU C 250 -44.71 27.11 -108.78
CA GLU C 250 -44.34 26.86 -110.16
C GLU C 250 -43.10 27.64 -110.58
N VAL C 251 -43.03 28.93 -110.20
CA VAL C 251 -41.86 29.75 -110.51
C VAL C 251 -40.63 29.24 -109.75
N ASP C 252 -40.79 28.93 -108.46
CA ASP C 252 -39.75 28.41 -107.59
C ASP C 252 -39.18 27.07 -108.09
N LYS C 253 -40.01 26.24 -108.72
CA LYS C 253 -39.57 25.00 -109.35
C LYS C 253 -38.67 25.23 -110.57
N ASP C 254 -38.75 26.41 -111.19
CA ASP C 254 -37.80 26.83 -112.23
C ASP C 254 -36.65 27.66 -111.65
N ASP C 255 -36.45 27.66 -110.32
CA ASP C 255 -35.33 28.30 -109.62
C ASP C 255 -35.33 29.83 -109.63
N PHE C 256 -36.36 30.48 -110.22
CA PHE C 256 -36.53 31.93 -110.10
C PHE C 256 -37.37 32.30 -108.87
N ARG C 257 -37.22 33.55 -108.39
CA ARG C 257 -37.97 34.03 -107.24
C ARG C 257 -38.92 35.15 -107.68
N PRO C 258 -40.27 34.97 -107.66
CA PRO C 258 -41.17 36.07 -108.00
C PRO C 258 -41.29 37.04 -106.82
N ASP C 259 -41.74 38.27 -107.09
CA ASP C 259 -41.90 39.28 -106.05
C ASP C 259 -43.19 40.10 -106.19
N THR C 260 -43.87 39.97 -107.33
CA THR C 260 -44.96 40.87 -107.71
C THR C 260 -46.13 40.05 -108.24
N TYR C 261 -47.37 40.55 -108.06
CA TYR C 261 -48.50 39.97 -108.78
C TYR C 261 -49.46 41.00 -109.34
N VAL C 262 -49.93 40.72 -110.56
CA VAL C 262 -50.88 41.51 -111.33
C VAL C 262 -52.20 40.75 -111.37
N THR C 263 -53.32 41.44 -111.12
CA THR C 263 -54.56 40.76 -110.79
C THR C 263 -55.78 41.34 -111.50
N HIS C 264 -56.67 40.49 -112.04
CA HIS C 264 -57.96 40.85 -112.62
C HIS C 264 -59.01 41.14 -111.54
N PRO C 265 -60.02 42.03 -111.75
CA PRO C 265 -61.05 42.30 -110.74
C PRO C 265 -61.81 41.08 -110.22
N ASP C 266 -62.12 40.09 -111.08
CA ASP C 266 -62.76 38.86 -110.65
C ASP C 266 -61.85 38.06 -109.71
N TYR C 267 -60.55 38.02 -110.02
CA TYR C 267 -59.60 37.35 -109.15
C TYR C 267 -59.51 38.05 -107.78
N ARG C 268 -59.45 39.38 -107.74
CA ARG C 268 -59.50 40.13 -106.49
C ARG C 268 -60.75 39.78 -105.67
N THR C 269 -61.90 39.68 -106.33
CA THR C 269 -63.15 39.35 -105.69
C THR C 269 -63.14 37.95 -105.09
N GLN C 270 -62.60 36.95 -105.82
CA GLN C 270 -62.39 35.62 -105.25
C GLN C 270 -61.45 35.68 -104.05
N LEU C 271 -60.30 36.34 -104.21
CA LEU C 271 -59.26 36.38 -103.19
C LEU C 271 -59.77 36.97 -101.88
N PHE C 272 -60.52 38.07 -101.91
CA PHE C 272 -61.02 38.68 -100.69
C PHE C 272 -62.24 37.98 -100.08
N ASN C 273 -62.83 37.00 -100.78
CA ASN C 273 -63.83 36.10 -100.22
C ASN C 273 -63.20 34.87 -99.54
N ASP C 274 -61.91 34.59 -99.78
CA ASP C 274 -61.19 33.47 -99.19
C ASP C 274 -61.20 33.59 -97.66
N THR C 275 -61.70 32.58 -96.94
CA THR C 275 -61.75 32.65 -95.48
C THR C 275 -60.36 32.86 -94.85
N ASN C 276 -59.29 32.46 -95.53
CA ASN C 276 -57.93 32.66 -95.05
C ASN C 276 -57.56 34.15 -94.98
N LEU C 277 -58.22 35.01 -95.76
CA LEU C 277 -58.02 36.45 -95.75
C LEU C 277 -59.20 37.17 -95.07
N ALA C 278 -60.43 36.70 -95.30
CA ALA C 278 -61.64 37.33 -94.82
C ALA C 278 -61.81 37.22 -93.30
N TYR C 279 -61.31 36.15 -92.69
CA TYR C 279 -61.41 35.98 -91.24
C TYR C 279 -60.14 36.55 -90.59
N ALA C 280 -60.30 37.57 -89.73
CA ALA C 280 -59.17 38.19 -89.04
C ALA C 280 -58.32 37.15 -88.30
N ASN C 281 -59.01 36.21 -87.65
CA ASN C 281 -58.53 34.95 -87.09
C ASN C 281 -57.42 34.29 -87.93
N ARG C 282 -57.69 34.06 -89.23
CA ARG C 282 -56.82 33.30 -90.13
C ARG C 282 -55.80 34.19 -90.83
N ALA C 283 -56.13 35.45 -91.11
CA ALA C 283 -55.22 36.41 -91.72
C ALA C 283 -54.20 36.99 -90.75
N GLY C 284 -54.49 36.98 -89.45
CA GLY C 284 -53.67 37.65 -88.43
C GLY C 284 -53.90 39.16 -88.35
N THR C 285 -54.86 39.68 -89.12
CA THR C 285 -55.27 41.08 -89.15
C THR C 285 -56.69 41.16 -89.71
N ASN C 286 -57.51 42.15 -89.28
CA ASN C 286 -58.81 42.39 -89.89
C ASN C 286 -58.76 43.37 -91.07
N GLU C 287 -57.56 43.74 -91.53
CA GLU C 287 -57.38 44.71 -92.61
C GLU C 287 -58.10 44.35 -93.91
N VAL C 288 -58.10 43.08 -94.37
CA VAL C 288 -58.75 42.74 -95.64
C VAL C 288 -60.27 42.91 -95.54
N LEU C 289 -60.86 42.42 -94.45
CA LEU C 289 -62.27 42.57 -94.15
C LEU C 289 -62.69 44.05 -94.14
N ARG C 290 -61.81 44.92 -93.65
CA ARG C 290 -62.06 46.35 -93.56
C ARG C 290 -61.79 47.11 -94.86
N ASN C 291 -60.56 47.03 -95.38
CA ASN C 291 -60.03 47.92 -96.40
C ASN C 291 -59.85 47.28 -97.78
N ARG C 292 -60.23 46.01 -97.98
CA ARG C 292 -60.16 45.35 -99.29
C ARG C 292 -58.74 45.44 -99.88
N GLU C 293 -58.57 45.86 -101.15
CA GLU C 293 -57.22 45.84 -101.73
C GLU C 293 -56.26 46.90 -101.18
N ASP C 294 -56.75 47.84 -100.35
CA ASP C 294 -55.89 48.81 -99.68
C ASP C 294 -55.24 48.25 -98.41
N ALA C 295 -55.63 47.03 -97.99
CA ALA C 295 -55.06 46.34 -96.84
C ALA C 295 -53.56 46.05 -97.05
N PRO C 296 -52.67 46.36 -96.08
CA PRO C 296 -51.23 46.14 -96.24
C PRO C 296 -50.84 44.69 -96.53
N ILE C 297 -51.57 43.71 -95.97
CA ILE C 297 -51.33 42.30 -96.25
C ILE C 297 -51.55 41.95 -97.73
N VAL C 298 -52.39 42.66 -98.47
CA VAL C 298 -52.65 42.34 -99.87
C VAL C 298 -51.40 42.59 -100.73
N GLY C 299 -50.57 43.55 -100.33
CA GLY C 299 -49.24 43.74 -100.93
C GLY C 299 -48.14 42.89 -100.31
N ASP C 300 -48.48 41.83 -99.56
CA ASP C 300 -47.51 41.05 -98.79
C ASP C 300 -48.02 39.62 -98.59
N ILE C 301 -48.32 38.91 -99.69
CA ILE C 301 -48.81 37.52 -99.65
C ILE C 301 -47.80 36.60 -100.31
N ALA C 302 -47.57 35.41 -99.74
CA ALA C 302 -46.84 34.32 -100.41
C ALA C 302 -45.43 34.74 -100.86
N GLY C 303 -44.76 35.60 -100.07
CA GLY C 303 -43.41 36.04 -100.39
C GLY C 303 -43.34 37.20 -101.40
N LEU C 304 -44.48 37.53 -102.03
CA LEU C 304 -44.61 38.68 -102.90
C LEU C 304 -44.69 39.94 -102.04
N ASP C 305 -44.08 41.03 -102.52
CA ASP C 305 -44.00 42.29 -101.78
C ASP C 305 -44.58 43.47 -102.58
N MET C 306 -45.19 43.19 -103.76
CA MET C 306 -45.96 44.19 -104.50
C MET C 306 -47.22 43.56 -105.10
N HIS C 307 -48.36 44.25 -104.95
CA HIS C 307 -49.58 43.96 -105.68
C HIS C 307 -49.84 45.08 -106.70
N ALA C 308 -50.19 44.70 -107.94
CA ALA C 308 -50.43 45.62 -109.02
C ALA C 308 -51.82 45.35 -109.60
N ALA C 309 -52.85 45.97 -109.01
CA ALA C 309 -54.24 45.76 -109.43
C ALA C 309 -54.47 46.33 -110.84
N MET C 310 -55.03 45.52 -111.76
CA MET C 310 -55.32 45.97 -113.11
C MET C 310 -56.81 45.85 -113.45
N SER C 311 -57.22 46.58 -114.49
CA SER C 311 -58.59 46.62 -114.99
C SER C 311 -58.90 45.43 -115.90
N SER C 312 -60.20 45.19 -116.13
CA SER C 312 -60.67 44.11 -117.00
C SER C 312 -60.35 44.37 -118.47
N ALA C 313 -60.51 45.61 -118.94
CA ALA C 313 -60.40 45.95 -120.35
C ALA C 313 -58.96 46.03 -120.87
N THR C 314 -57.95 46.05 -119.97
CA THR C 314 -56.58 46.38 -120.34
C THR C 314 -55.95 45.34 -121.27
N TYR C 315 -56.09 44.06 -120.96
CA TYR C 315 -55.50 43.00 -121.78
C TYR C 315 -56.08 43.01 -123.17
N ASP C 316 -55.23 42.76 -124.17
CA ASP C 316 -55.63 42.79 -125.56
C ASP C 316 -56.47 41.56 -125.97
N ASP C 317 -57.79 41.66 -125.85
CA ASP C 317 -58.73 40.67 -126.36
C ASP C 317 -58.76 40.59 -127.90
N GLY C 318 -58.21 41.59 -128.60
CA GLY C 318 -58.37 41.74 -130.03
C GLY C 318 -59.71 42.33 -130.46
N THR C 319 -60.51 42.82 -129.49
CA THR C 319 -61.85 43.34 -129.76
C THR C 319 -61.84 44.83 -130.12
N ASP C 320 -60.89 45.60 -129.54
CA ASP C 320 -60.72 47.01 -129.90
C ASP C 320 -60.16 47.17 -131.31
N ILE C 321 -60.66 48.17 -132.05
CA ILE C 321 -60.20 48.42 -133.41
C ILE C 321 -58.71 48.80 -133.40
N GLY C 322 -57.96 48.30 -134.40
CA GLY C 322 -56.54 48.57 -134.47
C GLY C 322 -55.65 47.63 -133.64
N TRP C 323 -56.23 46.87 -132.69
CA TRP C 323 -55.50 45.90 -131.89
C TRP C 323 -55.82 44.47 -132.34
N SER C 324 -54.79 43.63 -132.49
CA SER C 324 -54.93 42.21 -132.83
C SER C 324 -54.56 41.34 -131.62
N GLY C 325 -55.48 40.46 -131.21
CA GLY C 325 -55.51 39.98 -129.83
C GLY C 325 -54.36 39.08 -129.40
N GLY C 326 -54.18 38.98 -128.07
CA GLY C 326 -53.28 38.03 -127.45
C GLY C 326 -53.81 36.59 -127.49
N SER C 327 -53.02 35.64 -126.98
CA SER C 327 -53.30 34.21 -127.05
C SER C 327 -54.24 33.71 -125.95
N GLU C 328 -54.40 34.48 -124.86
CA GLU C 328 -55.14 34.08 -123.67
C GLU C 328 -56.47 34.82 -123.53
N THR C 329 -57.23 34.50 -122.45
CA THR C 329 -58.35 35.32 -122.02
C THR C 329 -58.02 35.90 -120.64
N TRP C 330 -58.02 37.22 -120.51
CA TRP C 330 -57.87 37.87 -119.22
C TRP C 330 -59.23 37.92 -118.52
N GLY C 331 -59.31 37.30 -117.34
CA GLY C 331 -60.57 37.13 -116.63
C GLY C 331 -60.40 36.18 -115.45
N PHE C 332 -61.45 35.98 -114.67
CA PHE C 332 -61.43 34.90 -113.68
C PHE C 332 -62.84 34.44 -113.33
N SER C 333 -63.62 34.13 -114.37
CA SER C 333 -65.03 33.74 -114.19
C SER C 333 -65.51 32.70 -115.21
N SER C 334 -64.63 32.28 -116.14
CA SER C 334 -64.91 31.20 -117.08
C SER C 334 -63.75 30.20 -117.16
N ASP C 335 -64.09 28.96 -117.53
CA ASP C 335 -63.17 27.84 -117.65
C ASP C 335 -61.98 28.18 -118.56
N GLY C 336 -60.79 28.29 -117.99
CA GLY C 336 -59.57 28.57 -118.74
C GLY C 336 -59.11 30.02 -118.77
N ASP C 337 -59.82 30.97 -118.12
CA ASP C 337 -59.32 32.34 -118.02
C ASP C 337 -57.97 32.39 -117.27
N LYS C 338 -57.09 33.34 -117.65
CA LYS C 338 -55.94 33.70 -116.83
C LYS C 338 -56.32 34.93 -116.01
N GLY C 339 -56.24 34.85 -114.68
CA GLY C 339 -56.79 35.88 -113.80
C GLY C 339 -55.78 36.59 -112.89
N ALA C 340 -54.59 36.02 -112.74
CA ALA C 340 -53.49 36.69 -112.06
C ALA C 340 -52.18 36.23 -112.69
N VAL C 341 -51.14 37.06 -112.57
CA VAL C 341 -49.79 36.66 -112.93
C VAL C 341 -48.88 36.93 -111.72
N VAL C 342 -48.11 35.91 -111.34
CA VAL C 342 -47.14 35.97 -110.25
C VAL C 342 -45.77 35.94 -110.91
N TYR C 343 -44.92 36.95 -110.66
CA TYR C 343 -43.71 37.09 -111.44
C TYR C 343 -42.63 37.92 -110.74
N ASP C 344 -41.43 37.87 -111.31
CA ASP C 344 -40.30 38.70 -110.92
C ASP C 344 -40.29 39.99 -111.74
N ARG C 345 -40.58 41.12 -111.09
CA ARG C 345 -40.73 42.44 -111.70
C ARG C 345 -39.43 42.97 -112.34
N ASP C 346 -38.28 42.44 -111.95
CA ASP C 346 -36.99 42.78 -112.56
C ASP C 346 -36.72 42.02 -113.86
N ASN C 347 -37.49 40.96 -114.14
CA ASN C 347 -37.28 40.09 -115.29
C ASN C 347 -38.27 40.35 -116.44
N ILE C 348 -39.09 41.39 -116.33
CA ILE C 348 -39.92 41.87 -117.43
C ILE C 348 -39.71 43.38 -117.63
N HIS C 349 -39.55 43.77 -118.89
CA HIS C 349 -39.12 45.10 -119.27
C HIS C 349 -40.20 45.78 -120.09
N THR C 350 -40.59 46.99 -119.67
CA THR C 350 -41.31 47.91 -120.53
C THR C 350 -40.28 48.81 -121.19
N ILE C 351 -40.23 48.81 -122.52
CA ILE C 351 -39.28 49.61 -123.26
C ILE C 351 -40.04 50.77 -123.87
N LEU C 352 -39.64 52.01 -123.51
CA LEU C 352 -40.25 53.22 -124.02
C LEU C 352 -39.26 53.95 -124.92
N TYR C 353 -39.76 54.45 -126.06
CA TYR C 353 -38.96 55.23 -126.99
C TYR C 353 -39.74 56.46 -127.45
N ALA C 354 -39.04 57.60 -127.53
CA ALA C 354 -39.57 58.80 -128.14
C ALA C 354 -38.45 59.51 -128.91
N PRO C 355 -38.71 60.03 -130.14
CA PRO C 355 -37.66 60.72 -130.90
C PRO C 355 -37.28 62.08 -130.32
N ASN C 356 -38.18 62.72 -129.56
CA ASN C 356 -38.05 64.12 -129.13
C ASN C 356 -38.05 64.29 -127.60
N GLY C 357 -37.71 63.23 -126.87
CA GLY C 357 -37.69 63.24 -125.40
C GLY C 357 -37.61 61.82 -124.85
N GLN C 358 -38.36 61.56 -123.77
CA GLN C 358 -38.39 60.25 -123.11
C GLN C 358 -39.82 59.84 -122.67
N ASP C 359 -40.84 60.62 -123.05
CA ASP C 359 -42.23 60.39 -122.64
C ASP C 359 -43.18 60.79 -123.76
N VAL C 360 -44.51 60.75 -123.54
CA VAL C 360 -45.51 61.09 -124.55
C VAL C 360 -45.22 62.45 -125.19
N GLU C 361 -45.30 62.52 -126.52
CA GLU C 361 -45.20 63.79 -127.23
C GLU C 361 -46.58 64.17 -127.78
N ILE C 362 -47.04 65.36 -127.38
CA ILE C 362 -48.31 65.90 -127.86
C ILE C 362 -48.02 67.07 -128.79
N LYS C 363 -48.70 67.06 -129.94
CA LYS C 363 -48.62 68.09 -130.96
C LYS C 363 -50.04 68.58 -131.26
N ASP C 364 -50.14 69.82 -131.73
CA ASP C 364 -51.41 70.39 -132.14
C ASP C 364 -51.25 71.21 -133.42
N TYR C 365 -52.36 71.44 -134.12
CA TYR C 365 -52.33 72.12 -135.40
C TYR C 365 -53.68 72.75 -135.73
N GLU C 366 -53.64 73.85 -136.48
CA GLU C 366 -54.86 74.48 -137.00
C GLU C 366 -54.96 74.25 -138.51
N ASP C 367 -56.16 73.93 -138.97
CA ASP C 367 -56.51 73.92 -140.38
C ASP C 367 -57.29 75.20 -140.71
N PRO C 368 -56.68 76.21 -141.37
CA PRO C 368 -57.38 77.44 -141.73
C PRO C 368 -58.28 77.33 -142.96
N ILE C 369 -58.26 76.19 -143.67
CA ILE C 369 -59.15 75.93 -144.78
C ILE C 369 -60.51 75.47 -144.25
N ARG C 370 -60.51 74.73 -143.14
CA ARG C 370 -61.69 74.09 -142.57
C ARG C 370 -62.10 74.65 -141.20
N ASP C 371 -61.29 75.54 -140.60
CA ASP C 371 -61.54 76.12 -139.28
C ASP C 371 -61.62 75.05 -138.17
N ILE C 372 -60.67 74.11 -138.21
CA ILE C 372 -60.59 73.01 -137.26
C ILE C 372 -59.26 73.06 -136.53
N THR C 373 -59.27 72.82 -135.22
CA THR C 373 -58.04 72.61 -134.45
C THR C 373 -57.95 71.12 -134.09
N GLY C 374 -56.76 70.53 -134.29
CA GLY C 374 -56.50 69.13 -133.99
C GLY C 374 -55.38 68.95 -132.98
N VAL C 375 -55.41 67.80 -132.27
CA VAL C 375 -54.43 67.42 -131.26
C VAL C 375 -54.06 65.95 -131.50
N ASN C 376 -52.75 65.63 -131.49
CA ASN C 376 -52.24 64.28 -131.69
C ASN C 376 -51.21 63.92 -130.63
N GLY C 377 -51.38 62.76 -129.98
CA GLY C 377 -50.36 62.19 -129.10
C GLY C 377 -49.67 60.98 -129.73
N ARG C 378 -48.41 60.75 -129.32
CA ARG C 378 -47.62 59.62 -129.76
C ARG C 378 -46.64 59.17 -128.66
N LEU C 379 -46.35 57.87 -128.65
CA LEU C 379 -45.24 57.30 -127.89
C LEU C 379 -44.93 55.92 -128.49
N HIS C 380 -43.68 55.45 -128.42
CA HIS C 380 -43.38 54.09 -128.84
C HIS C 380 -43.16 53.22 -127.62
N VAL C 381 -43.75 52.01 -127.64
CA VAL C 381 -43.59 51.09 -126.52
C VAL C 381 -43.46 49.64 -126.99
N ASP C 382 -42.65 48.86 -126.27
CA ASP C 382 -42.62 47.40 -126.34
C ASP C 382 -42.62 46.85 -124.92
N CYS C 383 -42.95 45.56 -124.77
CA CYS C 383 -42.70 44.89 -123.52
C CYS C 383 -42.10 43.49 -123.78
N GLN C 384 -41.08 43.11 -123.01
CA GLN C 384 -40.37 41.85 -123.20
C GLN C 384 -40.00 41.23 -121.86
N TYR C 385 -40.19 39.91 -121.70
CA TYR C 385 -39.52 39.16 -120.65
C TYR C 385 -38.03 38.93 -121.00
N SER C 386 -37.14 39.15 -120.02
CA SER C 386 -35.77 38.62 -120.08
C SER C 386 -35.72 37.14 -119.65
N GLN C 387 -36.59 36.73 -118.71
CA GLN C 387 -36.75 35.34 -118.28
C GLN C 387 -38.24 35.05 -118.05
N GLY C 388 -38.93 34.52 -119.07
CA GLY C 388 -40.34 34.18 -118.96
C GLY C 388 -40.63 33.10 -117.90
N ARG C 389 -39.61 32.29 -117.57
CA ARG C 389 -39.63 31.25 -116.54
C ARG C 389 -39.80 31.85 -115.13
N SER C 390 -39.45 33.12 -114.95
CA SER C 390 -39.65 33.83 -113.70
C SER C 390 -41.10 34.23 -113.44
N SER C 391 -42.06 33.73 -114.26
CA SER C 391 -43.45 34.15 -114.22
C SER C 391 -44.39 32.95 -114.35
N ALA C 392 -45.52 33.00 -113.61
CA ALA C 392 -46.59 32.02 -113.70
C ALA C 392 -47.95 32.71 -113.75
N THR C 393 -48.82 32.30 -114.68
CA THR C 393 -50.22 32.70 -114.64
C THR C 393 -51.01 31.80 -113.69
N VAL C 394 -52.08 32.34 -113.09
CA VAL C 394 -53.08 31.56 -112.39
C VAL C 394 -54.30 31.42 -113.30
N GLN C 395 -54.75 30.18 -113.50
CA GLN C 395 -55.82 29.86 -114.44
C GLN C 395 -57.05 29.32 -113.70
N TYR C 396 -58.23 29.77 -114.14
CA TYR C 396 -59.52 29.35 -113.63
C TYR C 396 -59.90 27.92 -114.10
N PHE D 101 -117.69 55.50 -49.38
CA PHE D 101 -117.55 55.86 -47.93
C PHE D 101 -117.66 57.38 -47.78
N ALA D 102 -116.95 57.97 -46.82
CA ALA D 102 -117.03 59.39 -46.48
C ALA D 102 -116.74 60.31 -47.68
N ALA D 103 -115.56 60.14 -48.30
CA ALA D 103 -115.12 60.88 -49.47
C ALA D 103 -113.91 60.18 -50.10
N SER D 104 -113.96 59.94 -51.42
CA SER D 104 -113.00 59.10 -52.12
C SER D 104 -112.75 59.61 -53.55
N ASP D 105 -111.65 59.17 -54.18
CA ASP D 105 -111.38 59.53 -55.56
C ASP D 105 -112.54 59.15 -56.48
N PRO D 106 -113.04 57.89 -56.50
CA PRO D 106 -114.00 57.48 -57.53
C PRO D 106 -115.35 58.20 -57.47
N GLU D 107 -115.67 58.84 -56.33
CA GLU D 107 -116.84 59.70 -56.25
C GLU D 107 -116.63 61.03 -56.96
N TYR D 108 -115.41 61.60 -56.85
CA TYR D 108 -115.16 63.01 -57.14
C TYR D 108 -114.11 63.25 -58.22
N VAL D 109 -113.67 62.19 -58.90
CA VAL D 109 -112.59 62.11 -59.88
C VAL D 109 -112.64 63.16 -60.98
N ASP D 110 -113.83 63.73 -61.25
CA ASP D 110 -113.99 64.74 -62.29
C ASP D 110 -114.84 65.93 -61.80
N THR D 111 -114.77 66.24 -60.49
CA THR D 111 -115.57 67.26 -59.84
C THR D 111 -114.78 68.12 -58.85
N LEU D 112 -113.85 67.52 -58.08
CA LEU D 112 -112.95 68.25 -57.18
C LEU D 112 -111.55 68.42 -57.75
N PHE D 113 -111.25 67.71 -58.83
CA PHE D 113 -109.99 67.73 -59.55
C PHE D 113 -110.21 67.15 -60.95
N ARG D 114 -109.21 67.29 -61.82
CA ARG D 114 -109.16 66.64 -63.12
C ARG D 114 -108.06 65.58 -63.12
N GLU D 115 -108.25 64.49 -63.87
CA GLU D 115 -107.17 63.55 -64.18
C GLU D 115 -105.99 64.32 -64.79
N GLN D 116 -104.76 64.07 -64.30
CA GLN D 116 -103.58 64.73 -64.84
C GLN D 116 -103.34 64.34 -66.30
N LEU D 117 -103.28 65.34 -67.21
CA LEU D 117 -102.61 65.17 -68.49
C LEU D 117 -101.11 65.36 -68.27
N LEU D 118 -100.32 64.33 -68.61
CA LEU D 118 -98.88 64.47 -68.56
C LEU D 118 -98.45 65.56 -69.54
N GLU D 119 -97.51 66.41 -69.10
CA GLU D 119 -97.30 67.72 -69.71
C GLU D 119 -96.49 67.67 -71.00
N VAL D 120 -95.89 66.50 -71.31
CA VAL D 120 -95.06 66.28 -72.50
C VAL D 120 -95.74 65.27 -73.41
N VAL D 121 -95.96 65.64 -74.68
CA VAL D 121 -96.49 64.73 -75.69
C VAL D 121 -95.40 63.74 -76.14
N MET D 122 -95.70 62.44 -76.06
CA MET D 122 -94.78 61.41 -76.52
C MET D 122 -94.81 61.31 -78.04
N GLU D 123 -93.63 61.14 -78.66
CA GLU D 123 -93.50 61.11 -80.11
C GLU D 123 -93.92 59.76 -80.71
N GLY D 124 -94.30 59.79 -82.00
CA GLY D 124 -94.42 58.58 -82.80
C GLY D 124 -93.04 58.08 -83.28
N ARG D 125 -93.05 57.18 -84.29
CA ARG D 125 -91.82 56.69 -84.89
C ARG D 125 -91.13 57.79 -85.70
N GLU D 126 -89.79 57.72 -85.75
CA GLU D 126 -88.96 58.71 -86.45
C GLU D 126 -88.11 58.00 -87.53
N LEU D 127 -88.34 58.34 -88.80
CA LEU D 127 -87.67 57.67 -89.91
C LEU D 127 -86.22 58.14 -90.05
N ARG D 128 -85.31 57.21 -90.40
CA ARG D 128 -83.89 57.52 -90.59
C ARG D 128 -83.70 58.43 -91.81
N LYS D 129 -82.94 59.53 -91.62
CA LYS D 129 -82.69 60.54 -92.63
C LYS D 129 -81.18 60.62 -92.89
N VAL D 130 -80.76 60.41 -94.15
CA VAL D 130 -79.34 60.31 -94.51
C VAL D 130 -79.00 61.02 -95.83
N ALA D 131 -79.98 61.28 -96.71
CA ALA D 131 -79.74 61.69 -98.09
C ALA D 131 -78.81 62.89 -98.27
N ARG D 132 -78.88 63.88 -97.36
CA ARG D 132 -78.07 65.10 -97.45
C ARG D 132 -76.58 64.84 -97.18
N GLU D 133 -76.24 63.78 -96.44
CA GLU D 133 -74.86 63.38 -96.18
C GLU D 133 -74.41 62.23 -97.10
N ALA D 134 -75.34 61.33 -97.44
CA ALA D 134 -75.12 60.13 -98.23
C ALA D 134 -75.13 60.36 -99.75
N SER D 135 -75.12 61.62 -100.21
CA SER D 135 -75.09 61.95 -101.64
C SER D 135 -74.47 63.33 -101.85
N ASN D 136 -74.08 63.66 -103.09
CA ASN D 136 -73.73 65.04 -103.43
C ASN D 136 -75.01 65.87 -103.58
N VAL D 137 -75.10 67.05 -102.93
CA VAL D 137 -76.31 67.87 -103.00
C VAL D 137 -76.07 69.11 -103.88
N ILE D 138 -76.96 69.32 -104.86
CA ILE D 138 -76.91 70.47 -105.78
C ILE D 138 -78.09 71.40 -105.49
N ASN D 139 -77.82 72.67 -105.22
CA ASN D 139 -78.86 73.69 -105.15
C ASN D 139 -79.05 74.29 -106.55
N ALA D 140 -80.05 73.81 -107.29
CA ALA D 140 -80.30 74.20 -108.66
C ALA D 140 -80.89 75.63 -108.75
N ASN D 141 -80.61 76.30 -109.89
CA ASN D 141 -81.19 77.59 -110.22
C ASN D 141 -82.52 77.46 -110.99
N THR D 142 -82.76 76.29 -111.61
CA THR D 142 -83.98 76.01 -112.36
C THR D 142 -84.51 74.61 -112.03
N ARG D 143 -85.84 74.45 -112.05
CA ARG D 143 -86.49 73.20 -111.68
C ARG D 143 -86.08 72.05 -112.59
N VAL D 144 -85.89 72.35 -113.89
CA VAL D 144 -85.37 71.42 -114.89
C VAL D 144 -83.95 71.84 -115.25
N GLY D 145 -83.03 70.88 -115.38
CA GLY D 145 -81.67 71.14 -115.82
C GLY D 145 -80.95 69.90 -116.33
N ASP D 146 -79.67 70.07 -116.69
CA ASP D 146 -78.80 69.00 -117.18
C ASP D 146 -77.40 69.15 -116.59
N VAL D 147 -76.73 68.00 -116.37
CA VAL D 147 -75.29 67.98 -116.08
C VAL D 147 -74.60 67.18 -117.18
N PRO D 148 -73.53 67.70 -117.83
CA PRO D 148 -72.84 66.98 -118.90
C PRO D 148 -71.87 65.92 -118.40
N ILE D 149 -71.83 64.80 -119.14
CA ILE D 149 -71.01 63.62 -118.88
C ILE D 149 -70.06 63.44 -120.06
N ALA D 150 -68.77 63.17 -119.78
CA ALA D 150 -67.79 62.76 -120.78
C ALA D 150 -67.76 61.24 -120.96
N SER D 151 -67.44 60.79 -122.18
CA SER D 151 -67.21 59.38 -122.49
C SER D 151 -66.03 58.79 -121.69
N ASP D 152 -66.01 57.46 -121.52
CA ASP D 152 -64.88 56.77 -120.90
C ASP D 152 -63.58 56.98 -121.69
N GLU D 153 -62.45 56.91 -120.97
CA GLU D 153 -61.13 56.90 -121.61
C GLU D 153 -60.90 55.57 -122.33
N GLU D 154 -60.20 55.64 -123.48
CA GLU D 154 -59.99 54.47 -124.33
C GLU D 154 -58.49 54.17 -124.47
N PHE D 155 -58.13 53.38 -125.50
CA PHE D 155 -56.75 52.98 -125.80
C PHE D 155 -56.31 53.56 -127.14
N ALA D 156 -55.05 54.03 -127.17
CA ALA D 156 -54.36 54.46 -128.37
C ALA D 156 -54.16 53.30 -129.36
N ARG D 157 -53.94 53.61 -130.66
CA ARG D 157 -53.81 52.58 -131.70
C ARG D 157 -52.34 52.34 -132.03
N PRO D 158 -51.90 51.06 -132.17
CA PRO D 158 -50.59 50.80 -132.79
C PRO D 158 -50.63 51.27 -134.24
N THR D 159 -49.56 51.98 -134.66
CA THR D 159 -49.54 52.78 -135.87
C THR D 159 -48.23 52.55 -136.62
N GLY D 160 -48.29 52.42 -137.96
CA GLY D 160 -47.09 52.33 -138.78
C GLY D 160 -46.31 53.65 -138.79
N GLN D 161 -44.97 53.56 -138.93
CA GLN D 161 -44.15 54.76 -139.03
C GLN D 161 -44.47 55.54 -140.30
N GLY D 162 -44.76 56.84 -140.15
CA GLY D 162 -45.17 57.70 -141.26
C GLY D 162 -46.66 57.70 -141.58
N ALA D 163 -47.48 56.86 -140.92
CA ALA D 163 -48.91 56.77 -141.19
C ALA D 163 -49.70 57.90 -140.52
N GLU D 164 -50.91 58.18 -141.05
CA GLU D 164 -51.83 59.17 -140.48
C GLU D 164 -52.32 58.73 -139.10
N ILE D 165 -52.31 59.65 -138.13
CA ILE D 165 -52.90 59.41 -136.82
C ILE D 165 -54.42 59.56 -136.91
N ARG D 166 -55.16 58.50 -136.57
CA ARG D 166 -56.62 58.47 -136.61
C ARG D 166 -57.22 59.10 -135.36
N ASP D 167 -58.44 59.65 -135.49
CA ASP D 167 -59.12 60.34 -134.40
C ASP D 167 -60.04 59.43 -133.61
N ASP D 168 -60.07 59.63 -132.29
CA ASP D 168 -61.05 59.04 -131.37
C ASP D 168 -61.20 59.97 -130.17
N GLY D 169 -61.65 61.20 -130.45
CA GLY D 169 -61.72 62.27 -129.46
C GLY D 169 -62.83 62.08 -128.41
N GLU D 170 -62.88 63.03 -127.45
CA GLU D 170 -63.94 63.11 -126.46
C GLU D 170 -65.33 63.09 -127.11
N THR D 171 -66.32 62.58 -126.36
CA THR D 171 -67.73 62.62 -126.75
C THR D 171 -68.55 62.85 -125.49
N TYR D 172 -69.74 63.47 -125.65
CA TYR D 172 -70.50 63.96 -124.51
C TYR D 172 -71.99 63.63 -124.62
N THR D 173 -72.62 63.58 -123.44
CA THR D 173 -74.06 63.49 -123.29
C THR D 173 -74.41 64.17 -121.96
N THR D 174 -75.68 64.08 -121.52
CA THR D 174 -76.07 64.66 -120.24
C THR D 174 -76.93 63.67 -119.46
N VAL D 175 -77.03 63.87 -118.14
CA VAL D 175 -78.20 63.41 -117.41
C VAL D 175 -79.06 64.62 -117.06
N ALA D 176 -80.35 64.52 -117.38
CA ALA D 176 -81.33 65.55 -117.07
C ALA D 176 -81.84 65.37 -115.64
N TRP D 177 -82.15 66.49 -114.97
CA TRP D 177 -82.96 66.48 -113.77
C TRP D 177 -84.24 67.26 -114.02
N ASN D 178 -85.32 66.84 -113.36
CA ASN D 178 -86.50 67.69 -113.22
C ASN D 178 -87.06 67.47 -111.83
N ALA D 179 -86.88 68.47 -110.96
CA ALA D 179 -87.31 68.40 -109.58
C ALA D 179 -88.84 68.34 -109.50
N THR D 180 -89.35 67.48 -108.61
CA THR D 180 -90.78 67.29 -108.39
C THR D 180 -91.15 68.02 -107.11
N LYS D 181 -92.22 68.82 -107.14
CA LYS D 181 -92.69 69.56 -105.97
C LYS D 181 -93.26 68.58 -104.94
N LEU D 182 -92.54 68.36 -103.83
CA LEU D 182 -93.13 67.65 -102.70
C LEU D 182 -93.83 68.68 -101.81
N THR D 183 -95.00 68.33 -101.26
CA THR D 183 -95.76 69.26 -100.43
C THR D 183 -96.41 68.54 -99.24
N GLU D 184 -96.70 69.32 -98.19
CA GLU D 184 -97.39 68.81 -97.02
C GLU D 184 -98.21 69.95 -96.42
N GLY D 185 -99.42 69.66 -95.90
CA GLY D 185 -100.29 70.68 -95.32
C GLY D 185 -100.89 70.23 -93.99
N SER D 186 -101.44 71.20 -93.25
CA SER D 186 -102.17 70.95 -92.01
C SER D 186 -103.11 72.12 -91.71
N ARG D 187 -104.23 71.84 -91.00
CA ARG D 187 -105.19 72.86 -90.60
C ARG D 187 -105.70 72.61 -89.18
N VAL D 188 -105.86 73.71 -88.42
CA VAL D 188 -106.22 73.70 -87.01
C VAL D 188 -107.27 74.81 -86.80
N THR D 189 -108.36 74.53 -86.05
CA THR D 189 -109.32 75.59 -85.72
C THR D 189 -108.73 76.51 -84.66
N ASP D 190 -109.15 77.79 -84.66
CA ASP D 190 -108.64 78.76 -83.70
C ASP D 190 -108.94 78.39 -82.24
N GLU D 191 -110.08 77.73 -81.99
CA GLU D 191 -110.44 77.25 -80.65
C GLU D 191 -109.51 76.12 -80.22
N MET D 192 -109.12 75.24 -81.15
CA MET D 192 -108.20 74.17 -80.85
C MET D 192 -106.80 74.72 -80.55
N ARG D 193 -106.34 75.67 -81.37
CA ARG D 193 -105.06 76.35 -81.19
C ARG D 193 -104.97 77.06 -79.83
N ASP D 194 -106.07 77.69 -79.39
CA ASP D 194 -106.13 78.32 -78.08
C ASP D 194 -106.03 77.31 -76.93
N GLN D 195 -106.89 76.29 -76.95
CA GLN D 195 -107.11 75.41 -75.80
C GLN D 195 -106.00 74.39 -75.58
N ALA D 196 -105.24 74.05 -76.64
CA ALA D 196 -104.17 73.05 -76.55
C ALA D 196 -103.10 73.40 -75.52
N MET D 197 -102.57 72.35 -74.87
CA MET D 197 -101.47 72.45 -73.91
C MET D 197 -100.10 72.63 -74.59
N VAL D 198 -100.05 72.60 -75.94
CA VAL D 198 -98.84 72.69 -76.76
C VAL D 198 -99.11 73.60 -77.96
N ASP D 199 -98.05 74.21 -78.54
CA ASP D 199 -98.18 74.99 -79.75
C ASP D 199 -98.49 74.08 -80.95
N LEU D 200 -99.78 73.90 -81.29
CA LEU D 200 -100.17 73.03 -82.41
C LEU D 200 -99.61 73.51 -83.74
N ILE D 201 -99.42 74.83 -83.91
CA ILE D 201 -98.76 75.35 -85.09
C ILE D 201 -97.30 74.90 -85.13
N GLU D 202 -96.56 75.05 -84.03
CA GLU D 202 -95.16 74.66 -83.96
C GLU D 202 -94.98 73.14 -84.11
N ARG D 203 -95.87 72.34 -83.52
CA ARG D 203 -95.96 70.89 -83.75
C ARG D 203 -96.08 70.61 -85.25
N ASN D 204 -97.06 71.23 -85.91
CA ASN D 204 -97.31 71.01 -87.33
C ASN D 204 -96.20 71.55 -88.24
N ILE D 205 -95.55 72.68 -87.91
CA ILE D 205 -94.40 73.15 -88.68
C ILE D 205 -93.27 72.13 -88.63
N GLN D 206 -92.95 71.60 -87.44
CA GLN D 206 -91.95 70.57 -87.29
C GLN D 206 -92.33 69.29 -88.05
N ARG D 207 -93.62 68.91 -88.03
CA ARG D 207 -94.11 67.77 -88.81
C ARG D 207 -93.95 67.99 -90.32
N VAL D 208 -94.32 69.17 -90.83
CA VAL D 208 -94.17 69.51 -92.22
C VAL D 208 -92.69 69.43 -92.63
N GLY D 209 -91.79 70.03 -91.84
CA GLY D 209 -90.36 69.95 -92.07
C GLY D 209 -89.85 68.50 -92.14
N ALA D 210 -90.21 67.68 -91.15
CA ALA D 210 -89.85 66.27 -91.13
C ALA D 210 -90.41 65.51 -92.34
N SER D 211 -91.66 65.79 -92.72
CA SER D 211 -92.34 65.16 -93.84
C SER D 211 -91.62 65.43 -95.17
N LEU D 212 -91.08 66.63 -95.33
CA LEU D 212 -90.28 67.02 -96.49
C LEU D 212 -88.89 66.38 -96.47
N GLU D 213 -88.21 66.32 -95.31
CA GLU D 213 -86.94 65.60 -95.21
C GLU D 213 -87.12 64.10 -95.50
N ASN D 214 -88.20 63.49 -95.02
CA ASN D 214 -88.55 62.12 -95.36
C ASN D 214 -88.78 62.01 -96.87
N GLY D 215 -89.46 62.99 -97.48
CA GLY D 215 -89.65 63.09 -98.92
C GLY D 215 -88.35 63.09 -99.71
N ILE D 216 -87.36 63.91 -99.31
CA ILE D 216 -86.03 63.92 -99.95
C ILE D 216 -85.42 62.52 -99.90
N ASN D 217 -85.48 61.86 -98.74
CA ASN D 217 -84.92 60.53 -98.55
C ASN D 217 -85.60 59.49 -99.44
N ARG D 218 -86.91 59.57 -99.63
CA ARG D 218 -87.62 58.70 -100.56
C ARG D 218 -87.14 58.89 -102.01
N VAL D 219 -87.03 60.14 -102.47
CA VAL D 219 -86.59 60.43 -103.82
C VAL D 219 -85.17 59.93 -104.05
N PHE D 220 -84.26 60.21 -103.11
CA PHE D 220 -82.89 59.72 -103.13
C PHE D 220 -82.84 58.19 -103.21
N LEU D 221 -83.46 57.49 -102.25
CA LEU D 221 -83.37 56.04 -102.20
C LEU D 221 -83.98 55.37 -103.42
N THR D 222 -85.06 55.94 -103.96
CA THR D 222 -85.71 55.36 -105.13
C THR D 222 -84.82 55.46 -106.37
N GLU D 223 -84.16 56.59 -106.61
CA GLU D 223 -83.15 56.68 -107.67
C GLU D 223 -81.99 55.70 -107.41
N LEU D 224 -81.46 55.70 -106.19
CA LEU D 224 -80.28 54.95 -105.83
C LEU D 224 -80.48 53.46 -106.13
N VAL D 225 -81.63 52.90 -105.72
CA VAL D 225 -81.98 51.50 -105.91
C VAL D 225 -82.38 51.20 -107.35
N ASP D 226 -83.20 52.03 -108.00
CA ASP D 226 -83.72 51.71 -109.32
C ASP D 226 -82.64 51.76 -110.42
N ASN D 227 -81.70 52.72 -110.32
CA ASN D 227 -80.83 53.06 -111.44
C ASN D 227 -79.36 52.68 -111.25
N ALA D 228 -79.01 51.93 -110.20
CA ALA D 228 -77.72 51.25 -110.11
C ALA D 228 -77.56 50.29 -111.31
N GLN D 229 -76.41 50.34 -111.99
CA GLN D 229 -76.20 49.57 -113.22
C GLN D 229 -75.65 48.16 -112.99
N ASN D 230 -74.90 47.97 -111.89
CA ASN D 230 -74.44 46.65 -111.50
C ASN D 230 -75.38 46.02 -110.47
N ASN D 231 -75.27 44.69 -110.30
CA ASN D 231 -76.12 43.97 -109.37
C ASN D 231 -75.43 42.67 -108.95
N HIS D 232 -75.30 42.43 -107.63
CA HIS D 232 -74.87 41.15 -107.12
C HIS D 232 -76.09 40.35 -106.65
N ASP D 233 -76.50 39.39 -107.47
CA ASP D 233 -77.55 38.46 -107.10
C ASP D 233 -76.99 37.39 -106.16
N THR D 234 -77.38 37.43 -104.88
CA THR D 234 -76.90 36.46 -103.91
C THR D 234 -77.57 35.10 -104.05
N ALA D 235 -78.74 35.04 -104.71
CA ALA D 235 -79.53 33.82 -104.86
C ALA D 235 -79.74 33.08 -103.54
N GLY D 236 -80.08 33.81 -102.47
CA GLY D 236 -80.42 33.22 -101.18
C GLY D 236 -79.25 32.67 -100.34
N SER D 237 -77.99 32.93 -100.69
CA SER D 237 -76.83 32.38 -99.98
C SER D 237 -75.65 33.35 -99.90
N ASN D 238 -74.75 33.18 -98.91
CA ASN D 238 -73.57 34.02 -98.71
C ASN D 238 -73.91 35.52 -98.65
N GLN D 239 -74.97 35.85 -97.91
CA GLN D 239 -75.62 37.15 -98.01
C GLN D 239 -74.95 38.25 -97.17
N GLY D 240 -74.02 37.90 -96.28
CA GLY D 240 -73.35 38.87 -95.40
C GLY D 240 -72.20 39.60 -96.08
N TYR D 241 -71.02 39.60 -95.45
CA TYR D 241 -69.83 40.27 -95.97
C TYR D 241 -69.50 39.89 -97.42
N GLN D 242 -69.64 38.60 -97.77
CA GLN D 242 -69.35 38.12 -99.12
C GLN D 242 -70.20 38.82 -100.19
N ALA D 243 -71.44 39.17 -99.86
CA ALA D 243 -72.31 39.89 -100.78
C ALA D 243 -71.82 41.33 -100.99
N LEU D 244 -71.45 42.04 -99.92
CA LEU D 244 -70.88 43.38 -100.02
C LEU D 244 -69.58 43.35 -100.81
N ASN D 245 -68.68 42.42 -100.50
CA ASN D 245 -67.43 42.24 -101.22
C ASN D 245 -67.66 41.99 -102.71
N SER D 246 -68.63 41.13 -103.04
CA SER D 246 -68.99 40.83 -104.43
C SER D 246 -69.60 42.03 -105.13
N ALA D 247 -70.46 42.80 -104.45
CA ALA D 247 -71.04 44.03 -104.98
C ALA D 247 -69.95 45.08 -105.24
N VAL D 248 -69.00 45.26 -104.33
CA VAL D 248 -67.83 46.10 -104.57
C VAL D 248 -67.06 45.58 -105.79
N GLY D 249 -66.90 44.26 -105.91
CA GLY D 249 -66.25 43.63 -107.05
C GLY D 249 -66.94 43.90 -108.40
N GLU D 250 -68.26 44.00 -108.42
CA GLU D 250 -69.00 44.35 -109.62
C GLU D 250 -68.76 45.79 -110.04
N VAL D 251 -68.61 46.71 -109.08
CA VAL D 251 -68.26 48.10 -109.36
C VAL D 251 -66.80 48.22 -109.78
N ASP D 252 -65.88 47.55 -109.08
CA ASP D 252 -64.44 47.48 -109.37
C ASP D 252 -64.18 47.02 -110.81
N LYS D 253 -64.99 46.07 -111.29
CA LYS D 253 -64.97 45.55 -112.65
C LYS D 253 -65.41 46.58 -113.71
N ASP D 254 -66.17 47.62 -113.32
CA ASP D 254 -66.46 48.77 -114.16
C ASP D 254 -65.52 49.96 -113.88
N ASP D 255 -64.39 49.75 -113.19
CA ASP D 255 -63.33 50.74 -112.99
C ASP D 255 -63.70 51.94 -112.12
N PHE D 256 -64.94 52.03 -111.64
CA PHE D 256 -65.30 52.96 -110.57
C PHE D 256 -64.90 52.39 -109.21
N ARG D 257 -64.94 53.22 -108.15
CA ARG D 257 -64.54 52.79 -106.82
C ARG D 257 -65.55 53.27 -105.78
N PRO D 258 -66.40 52.38 -105.22
CA PRO D 258 -67.43 52.82 -104.27
C PRO D 258 -66.80 53.14 -102.92
N ASP D 259 -67.53 53.91 -102.12
CA ASP D 259 -67.06 54.36 -100.81
C ASP D 259 -68.16 54.34 -99.74
N THR D 260 -69.40 53.99 -100.13
CA THR D 260 -70.54 54.11 -99.23
C THR D 260 -71.49 52.94 -99.48
N TYR D 261 -72.23 52.54 -98.44
CA TYR D 261 -73.36 51.66 -98.66
C TYR D 261 -74.58 52.07 -97.85
N VAL D 262 -75.74 51.84 -98.46
CA VAL D 262 -77.06 52.11 -97.93
C VAL D 262 -77.76 50.77 -97.72
N THR D 263 -78.47 50.60 -96.60
CA THR D 263 -78.86 49.27 -96.14
C THR D 263 -80.28 49.23 -95.58
N HIS D 264 -81.04 48.17 -95.88
CA HIS D 264 -82.36 47.90 -95.31
C HIS D 264 -82.26 47.23 -93.94
N PRO D 265 -83.23 47.40 -92.99
CA PRO D 265 -83.20 46.71 -91.70
C PRO D 265 -83.06 45.19 -91.73
N ASP D 266 -83.70 44.49 -92.68
CA ASP D 266 -83.53 43.05 -92.84
C ASP D 266 -82.10 42.70 -93.25
N TYR D 267 -81.53 43.50 -94.15
CA TYR D 267 -80.14 43.29 -94.55
C TYR D 267 -79.19 43.47 -93.35
N ARG D 268 -79.37 44.54 -92.56
CA ARG D 268 -78.59 44.75 -91.34
C ARG D 268 -78.70 43.55 -90.39
N THR D 269 -79.92 43.01 -90.24
CA THR D 269 -80.15 41.84 -89.40
C THR D 269 -79.36 40.63 -89.88
N GLN D 270 -79.43 40.32 -91.19
CA GLN D 270 -78.63 39.27 -91.81
C GLN D 270 -77.13 39.52 -91.60
N LEU D 271 -76.67 40.75 -91.86
CA LEU D 271 -75.27 41.13 -91.78
C LEU D 271 -74.70 40.89 -90.37
N PHE D 272 -75.46 41.20 -89.33
CA PHE D 272 -75.01 41.00 -87.96
C PHE D 272 -75.17 39.55 -87.46
N ASN D 273 -75.83 38.66 -88.23
CA ASN D 273 -75.81 37.22 -87.99
C ASN D 273 -74.63 36.54 -88.68
N ASP D 274 -74.02 37.17 -89.68
CA ASP D 274 -72.89 36.58 -90.42
C ASP D 274 -71.74 36.32 -89.46
N THR D 275 -71.27 35.07 -89.39
CA THR D 275 -70.19 34.71 -88.48
C THR D 275 -68.89 35.49 -88.74
N ASN D 276 -68.69 36.00 -89.97
CA ASN D 276 -67.55 36.84 -90.28
C ASN D 276 -67.53 38.13 -89.44
N LEU D 277 -68.70 38.59 -88.95
CA LEU D 277 -68.86 39.81 -88.16
C LEU D 277 -69.34 39.51 -86.74
N ALA D 278 -70.18 38.49 -86.56
CA ALA D 278 -70.78 38.14 -85.28
C ALA D 278 -69.77 37.51 -84.30
N TYR D 279 -68.68 36.93 -84.81
CA TYR D 279 -67.66 36.28 -84.00
C TYR D 279 -66.43 37.20 -83.90
N ALA D 280 -66.01 37.53 -82.68
CA ALA D 280 -64.88 38.40 -82.43
C ALA D 280 -63.62 37.89 -83.12
N ASN D 281 -63.45 36.57 -83.14
CA ASN D 281 -62.42 35.85 -83.87
C ASN D 281 -62.32 36.33 -85.32
N ARG D 282 -63.42 36.17 -86.08
CA ARG D 282 -63.44 36.40 -87.51
C ARG D 282 -63.42 37.89 -87.84
N ALA D 283 -63.98 38.74 -86.98
CA ALA D 283 -64.09 40.19 -87.18
C ALA D 283 -62.87 40.97 -86.68
N GLY D 284 -62.08 40.41 -85.76
CA GLY D 284 -60.96 41.11 -85.15
C GLY D 284 -61.33 41.98 -83.96
N THR D 285 -62.63 42.19 -83.71
CA THR D 285 -63.18 42.87 -82.54
C THR D 285 -64.54 42.24 -82.21
N ASN D 286 -64.95 42.30 -80.94
CA ASN D 286 -66.32 41.91 -80.57
C ASN D 286 -67.34 43.04 -80.79
N GLU D 287 -66.96 44.05 -81.57
CA GLU D 287 -67.65 45.33 -81.56
C GLU D 287 -69.05 45.25 -82.17
N VAL D 288 -69.26 44.40 -83.20
CA VAL D 288 -70.58 44.16 -83.78
C VAL D 288 -71.46 43.38 -82.81
N LEU D 289 -70.91 42.35 -82.15
CA LEU D 289 -71.63 41.56 -81.17
C LEU D 289 -72.14 42.47 -80.04
N ARG D 290 -71.31 43.41 -79.58
CA ARG D 290 -71.68 44.33 -78.52
C ARG D 290 -72.59 45.46 -79.00
N ASN D 291 -72.14 46.27 -79.98
CA ASN D 291 -72.75 47.55 -80.28
C ASN D 291 -73.46 47.59 -81.63
N ARG D 292 -73.61 46.45 -82.32
CA ARG D 292 -74.46 46.31 -83.50
C ARG D 292 -74.05 47.33 -84.58
N GLU D 293 -74.99 48.15 -85.07
CA GLU D 293 -74.74 49.09 -86.15
C GLU D 293 -73.86 50.29 -85.74
N ASP D 294 -73.68 50.52 -84.44
CA ASP D 294 -72.80 51.58 -83.94
C ASP D 294 -71.33 51.16 -83.83
N ALA D 295 -71.03 49.90 -84.18
CA ALA D 295 -69.66 49.41 -84.25
C ALA D 295 -68.91 50.08 -85.41
N PRO D 296 -67.72 50.70 -85.21
CA PRO D 296 -66.96 51.35 -86.27
C PRO D 296 -66.63 50.44 -87.46
N ILE D 297 -66.42 49.14 -87.21
CA ILE D 297 -66.29 48.11 -88.23
C ILE D 297 -67.43 48.14 -89.27
N VAL D 298 -68.68 48.43 -88.86
CA VAL D 298 -69.81 48.47 -89.80
C VAL D 298 -69.69 49.64 -90.77
N GLY D 299 -69.01 50.72 -90.37
CA GLY D 299 -68.68 51.84 -91.24
C GLY D 299 -67.33 51.72 -91.96
N ASP D 300 -66.68 50.54 -91.89
CA ASP D 300 -65.35 50.33 -92.45
C ASP D 300 -65.20 48.87 -92.88
N ILE D 301 -66.05 48.39 -93.81
CA ILE D 301 -65.92 47.07 -94.42
C ILE D 301 -65.84 47.15 -95.94
N ALA D 302 -65.17 46.15 -96.53
CA ALA D 302 -65.08 45.95 -97.98
C ALA D 302 -64.52 47.17 -98.72
N GLY D 303 -63.74 48.01 -98.02
CA GLY D 303 -63.13 49.22 -98.60
C GLY D 303 -64.05 50.44 -98.57
N LEU D 304 -65.26 50.33 -98.00
CA LEU D 304 -66.23 51.40 -97.90
C LEU D 304 -65.95 52.26 -96.66
N ASP D 305 -66.13 53.57 -96.80
CA ASP D 305 -65.85 54.57 -95.77
C ASP D 305 -67.07 54.95 -94.93
N MET D 306 -68.29 54.68 -95.45
CA MET D 306 -69.51 55.18 -94.83
C MET D 306 -70.64 54.16 -94.92
N HIS D 307 -71.37 53.99 -93.81
CA HIS D 307 -72.61 53.25 -93.79
C HIS D 307 -73.77 54.20 -93.53
N ALA D 308 -74.78 54.17 -94.40
CA ALA D 308 -75.96 55.02 -94.33
C ALA D 308 -77.18 54.14 -94.09
N ALA D 309 -77.50 53.88 -92.82
CA ALA D 309 -78.64 53.05 -92.48
C ALA D 309 -79.97 53.71 -92.87
N MET D 310 -80.73 53.07 -93.76
CA MET D 310 -82.05 53.53 -94.18
C MET D 310 -83.17 52.80 -93.42
N SER D 311 -84.38 53.40 -93.45
CA SER D 311 -85.60 52.80 -92.93
C SER D 311 -86.28 51.90 -93.96
N SER D 312 -87.19 51.03 -93.49
CA SER D 312 -87.95 50.13 -94.35
C SER D 312 -88.92 50.88 -95.28
N ALA D 313 -89.62 51.90 -94.75
CA ALA D 313 -90.67 52.60 -95.46
C ALA D 313 -90.18 53.63 -96.49
N THR D 314 -88.87 53.93 -96.52
CA THR D 314 -88.34 55.08 -97.26
C THR D 314 -88.49 54.93 -98.78
N TYR D 315 -88.14 53.77 -99.33
CA TYR D 315 -88.21 53.55 -100.78
C TYR D 315 -89.66 53.63 -101.27
N ASP D 316 -89.85 54.13 -102.49
CA ASP D 316 -91.18 54.21 -103.08
C ASP D 316 -91.67 52.85 -103.60
N ASP D 317 -92.35 52.10 -102.72
CA ASP D 317 -93.06 50.87 -103.08
C ASP D 317 -94.30 51.12 -103.96
N GLY D 318 -94.77 52.37 -104.04
CA GLY D 318 -96.06 52.69 -104.67
C GLY D 318 -97.28 52.38 -103.80
N THR D 319 -97.07 51.96 -102.55
CA THR D 319 -98.16 51.66 -101.61
C THR D 319 -98.63 52.92 -100.87
N ASP D 320 -97.75 53.93 -100.75
CA ASP D 320 -98.05 55.18 -100.06
C ASP D 320 -98.90 56.10 -100.94
N ILE D 321 -99.79 56.89 -100.32
CA ILE D 321 -100.80 57.65 -101.06
C ILE D 321 -100.14 58.76 -101.87
N GLY D 322 -100.43 58.81 -103.18
CA GLY D 322 -99.91 59.86 -104.04
C GLY D 322 -98.55 59.52 -104.68
N TRP D 323 -97.81 58.58 -104.08
CA TRP D 323 -96.58 58.08 -104.70
C TRP D 323 -96.91 56.91 -105.63
N SER D 324 -96.12 56.76 -106.73
CA SER D 324 -96.49 55.90 -107.85
C SER D 324 -95.66 54.62 -107.97
N GLY D 325 -94.54 54.52 -107.24
CA GLY D 325 -93.72 53.32 -107.17
C GLY D 325 -92.52 53.30 -108.12
N GLY D 326 -91.37 52.83 -107.60
CA GLY D 326 -90.18 52.53 -108.38
C GLY D 326 -90.27 51.16 -109.07
N SER D 327 -89.13 50.70 -109.62
CA SER D 327 -89.06 49.46 -110.40
C SER D 327 -88.79 48.22 -109.56
N GLU D 328 -88.19 48.39 -108.36
CA GLU D 328 -87.70 47.30 -107.53
C GLU D 328 -88.59 47.06 -106.30
N THR D 329 -88.21 46.06 -105.49
CA THR D 329 -88.68 45.94 -104.11
C THR D 329 -87.50 46.21 -103.18
N TRP D 330 -87.60 47.25 -102.35
CA TRP D 330 -86.63 47.50 -101.28
C TRP D 330 -86.97 46.61 -100.09
N GLY D 331 -85.98 45.83 -99.66
CA GLY D 331 -86.19 44.80 -98.64
C GLY D 331 -85.10 43.74 -98.71
N PHE D 332 -85.17 42.75 -97.81
CA PHE D 332 -84.23 41.64 -97.89
C PHE D 332 -84.86 40.38 -97.27
N SER D 333 -86.02 40.03 -97.80
CA SER D 333 -86.96 39.09 -97.19
C SER D 333 -87.25 37.90 -98.10
N SER D 334 -87.16 38.14 -99.42
CA SER D 334 -87.78 37.30 -100.42
C SER D 334 -87.08 37.46 -101.77
N ASP D 335 -87.25 36.47 -102.64
CA ASP D 335 -86.56 36.36 -103.92
C ASP D 335 -86.65 37.67 -104.73
N GLY D 336 -85.49 38.29 -105.01
CA GLY D 336 -85.40 39.48 -105.85
C GLY D 336 -85.41 40.81 -105.11
N ASP D 337 -85.62 40.84 -103.78
CA ASP D 337 -85.55 42.09 -103.02
C ASP D 337 -84.15 42.71 -103.11
N LYS D 338 -84.07 44.04 -103.29
CA LYS D 338 -82.82 44.78 -103.23
C LYS D 338 -82.65 45.29 -101.80
N GLY D 339 -81.59 44.83 -101.11
CA GLY D 339 -81.47 45.02 -99.67
C GLY D 339 -80.33 45.95 -99.23
N ALA D 340 -79.34 46.13 -100.10
CA ALA D 340 -78.29 47.11 -99.89
C ALA D 340 -77.86 47.68 -101.24
N VAL D 341 -77.31 48.90 -101.24
CA VAL D 341 -76.65 49.46 -102.41
C VAL D 341 -75.25 49.86 -102.00
N VAL D 342 -74.26 49.42 -102.78
CA VAL D 342 -72.85 49.77 -102.63
C VAL D 342 -72.55 50.77 -103.74
N TYR D 343 -72.01 51.96 -103.40
CA TYR D 343 -71.90 53.03 -104.39
C TYR D 343 -70.81 54.05 -104.07
N ASP D 344 -70.46 54.83 -105.09
CA ASP D 344 -69.64 56.02 -104.96
C ASP D 344 -70.54 57.23 -104.66
N ARG D 345 -70.39 57.78 -103.44
CA ARG D 345 -71.20 58.88 -102.92
C ARG D 345 -71.14 60.16 -103.74
N ASP D 346 -70.05 60.35 -104.49
CA ASP D 346 -69.85 61.54 -105.31
C ASP D 346 -70.50 61.44 -106.70
N ASN D 347 -70.95 60.25 -107.10
CA ASN D 347 -71.53 60.00 -108.41
C ASN D 347 -73.06 59.90 -108.40
N ILE D 348 -73.71 60.25 -107.27
CA ILE D 348 -75.16 60.40 -107.22
C ILE D 348 -75.51 61.76 -106.61
N HIS D 349 -76.41 62.47 -107.29
CA HIS D 349 -76.73 63.85 -107.02
C HIS D 349 -78.17 63.98 -106.55
N THR D 350 -78.37 64.58 -105.39
CA THR D 350 -79.69 65.03 -104.94
C THR D 350 -79.80 66.51 -105.32
N ILE D 351 -80.77 66.83 -106.19
CA ILE D 351 -80.91 68.18 -106.69
C ILE D 351 -82.12 68.82 -106.00
N LEU D 352 -81.88 69.93 -105.30
CA LEU D 352 -82.92 70.67 -104.61
C LEU D 352 -83.18 71.98 -105.35
N TYR D 353 -84.47 72.31 -105.52
CA TYR D 353 -84.87 73.59 -106.10
C TYR D 353 -85.96 74.22 -105.23
N ALA D 354 -85.86 75.54 -105.05
CA ALA D 354 -86.91 76.33 -104.44
C ALA D 354 -87.03 77.66 -105.17
N PRO D 355 -88.26 78.13 -105.51
CA PRO D 355 -88.42 79.44 -106.14
C PRO D 355 -88.05 80.61 -105.23
N ASN D 356 -88.07 80.39 -103.91
CA ASN D 356 -87.68 81.36 -102.89
C ASN D 356 -86.64 80.71 -101.96
N GLY D 357 -85.52 81.40 -101.70
CA GLY D 357 -84.40 80.80 -100.98
C GLY D 357 -83.81 79.60 -101.72
N GLN D 358 -83.33 78.59 -100.97
CA GLN D 358 -82.64 77.43 -101.55
C GLN D 358 -83.09 76.09 -100.92
N ASP D 359 -84.01 76.13 -99.95
CA ASP D 359 -84.45 74.96 -99.18
C ASP D 359 -85.94 75.07 -98.83
N VAL D 360 -86.46 74.21 -97.93
CA VAL D 360 -87.89 74.12 -97.61
C VAL D 360 -88.51 75.49 -97.34
N GLU D 361 -89.69 75.73 -97.92
CA GLU D 361 -90.43 76.96 -97.67
C GLU D 361 -91.73 76.66 -96.95
N ILE D 362 -91.84 77.16 -95.71
CA ILE D 362 -93.08 77.12 -94.94
C ILE D 362 -93.90 78.37 -95.26
N LYS D 363 -95.22 78.19 -95.40
CA LYS D 363 -96.18 79.29 -95.48
C LYS D 363 -97.34 79.01 -94.54
N ASP D 364 -98.01 80.08 -94.12
CA ASP D 364 -99.21 79.98 -93.29
C ASP D 364 -100.30 80.91 -93.82
N TYR D 365 -101.55 80.58 -93.46
CA TYR D 365 -102.72 81.32 -93.91
C TYR D 365 -103.82 81.18 -92.88
N GLU D 366 -104.76 82.13 -92.92
CA GLU D 366 -105.86 82.18 -91.98
C GLU D 366 -107.17 82.35 -92.75
N ASP D 367 -108.17 81.55 -92.39
CA ASP D 367 -109.49 81.62 -92.99
C ASP D 367 -110.44 82.32 -92.01
N PRO D 368 -110.83 83.60 -92.26
CA PRO D 368 -111.74 84.32 -91.37
C PRO D 368 -113.21 83.95 -91.53
N ILE D 369 -113.55 83.17 -92.57
CA ILE D 369 -114.91 82.66 -92.75
C ILE D 369 -115.13 81.45 -91.83
N ARG D 370 -114.08 80.63 -91.63
CA ARG D 370 -114.16 79.36 -90.91
C ARG D 370 -113.40 79.32 -89.58
N ASP D 371 -112.63 80.37 -89.24
CA ASP D 371 -111.79 80.43 -88.05
C ASP D 371 -110.79 79.26 -88.00
N ILE D 372 -110.17 78.98 -89.17
CA ILE D 372 -109.16 77.94 -89.32
C ILE D 372 -107.83 78.59 -89.69
N THR D 373 -106.76 78.19 -88.99
CA THR D 373 -105.40 78.52 -89.39
C THR D 373 -104.81 77.31 -90.11
N GLY D 374 -104.10 77.56 -91.21
CA GLY D 374 -103.44 76.51 -91.98
C GLY D 374 -101.94 76.77 -92.13
N VAL D 375 -101.18 75.67 -92.28
CA VAL D 375 -99.73 75.71 -92.48
C VAL D 375 -99.37 74.71 -93.58
N ASN D 376 -98.56 75.16 -94.54
CA ASN D 376 -98.13 74.34 -95.68
C ASN D 376 -96.60 74.38 -95.79
N GLY D 377 -96.01 73.30 -96.32
CA GLY D 377 -94.61 73.29 -96.72
C GLY D 377 -94.45 72.75 -98.13
N ARG D 378 -93.34 73.14 -98.77
CA ARG D 378 -93.00 72.74 -100.13
C ARG D 378 -91.49 72.71 -100.31
N LEU D 379 -91.03 71.83 -101.21
CA LEU D 379 -89.68 71.84 -101.74
C LEU D 379 -89.68 71.00 -103.01
N HIS D 380 -88.87 71.37 -104.01
CA HIS D 380 -88.75 70.55 -105.20
C HIS D 380 -87.46 69.74 -105.11
N VAL D 381 -87.54 68.45 -105.39
CA VAL D 381 -86.37 67.58 -105.31
C VAL D 381 -86.35 66.58 -106.48
N ASP D 382 -85.13 66.31 -106.97
CA ASP D 382 -84.86 65.19 -107.86
C ASP D 382 -83.61 64.46 -107.37
N CYS D 383 -83.40 63.23 -107.87
CA CYS D 383 -82.13 62.57 -107.65
C CYS D 383 -81.69 61.87 -108.95
N GLN D 384 -80.40 62.02 -109.30
CA GLN D 384 -79.85 61.47 -110.53
C GLN D 384 -78.45 60.92 -110.30
N TYR D 385 -78.16 59.71 -110.81
CA TYR D 385 -76.78 59.28 -110.96
C TYR D 385 -76.11 60.02 -112.12
N SER D 386 -74.86 60.48 -111.91
CA SER D 386 -73.98 60.89 -113.00
C SER D 386 -73.34 59.68 -113.67
N GLN D 387 -72.95 58.67 -112.88
CA GLN D 387 -72.42 57.41 -113.38
C GLN D 387 -73.05 56.24 -112.62
N GLY D 388 -74.14 55.66 -113.17
CA GLY D 388 -74.83 54.54 -112.55
C GLY D 388 -73.99 53.27 -112.44
N ARG D 389 -72.94 53.15 -113.25
CA ARG D 389 -71.95 52.07 -113.17
C ARG D 389 -71.12 52.13 -111.88
N SER D 390 -71.11 53.27 -111.18
CA SER D 390 -70.40 53.40 -109.92
C SER D 390 -71.13 52.78 -108.73
N SER D 391 -72.23 52.04 -108.98
CA SER D 391 -72.99 51.39 -107.91
C SER D 391 -73.51 50.02 -108.30
N ALA D 392 -73.71 49.19 -107.26
CA ALA D 392 -74.30 47.87 -107.36
C ALA D 392 -75.33 47.68 -106.25
N THR D 393 -76.52 47.17 -106.60
CA THR D 393 -77.42 46.65 -105.60
C THR D 393 -76.98 45.25 -105.14
N VAL D 394 -77.30 44.91 -103.89
CA VAL D 394 -77.21 43.54 -103.40
C VAL D 394 -78.62 42.99 -103.40
N GLN D 395 -78.80 41.82 -104.02
CA GLN D 395 -80.11 41.24 -104.26
C GLN D 395 -80.27 39.90 -103.53
N TYR D 396 -81.43 39.68 -102.91
CA TYR D 396 -81.78 38.46 -102.24
C TYR D 396 -82.07 37.30 -103.23
N PHE E 101 -78.21 8.20 -17.43
CA PHE E 101 -77.35 7.07 -16.99
C PHE E 101 -76.19 7.65 -16.18
N ALA E 102 -75.19 8.22 -16.85
CA ALA E 102 -74.42 9.30 -16.28
C ALA E 102 -75.35 10.51 -16.37
N ALA E 103 -74.95 11.69 -15.87
CA ALA E 103 -75.58 12.90 -16.39
C ALA E 103 -75.19 13.00 -17.87
N SER E 104 -76.18 13.04 -18.77
CA SER E 104 -75.95 13.05 -20.21
C SER E 104 -76.86 14.07 -20.87
N ASP E 105 -76.39 14.73 -21.93
CA ASP E 105 -77.10 15.90 -22.47
C ASP E 105 -78.50 15.61 -23.00
N PRO E 106 -78.86 14.42 -23.54
CA PRO E 106 -80.24 14.15 -23.97
C PRO E 106 -81.23 14.04 -22.81
N GLU E 107 -80.72 13.81 -21.59
CA GLU E 107 -81.55 13.70 -20.39
C GLU E 107 -81.92 15.07 -19.82
N TYR E 108 -81.03 16.05 -19.96
CA TYR E 108 -81.13 17.34 -19.30
C TYR E 108 -81.20 18.54 -20.25
N VAL E 109 -81.55 18.29 -21.51
CA VAL E 109 -81.55 19.22 -22.64
C VAL E 109 -82.39 20.49 -22.41
N ASP E 110 -83.39 20.44 -21.53
CA ASP E 110 -84.23 21.58 -21.19
C ASP E 110 -84.30 21.82 -19.68
N THR E 111 -83.42 21.15 -18.92
CA THR E 111 -83.43 21.14 -17.47
C THR E 111 -82.24 21.95 -16.94
N LEU E 112 -81.09 21.82 -17.61
CA LEU E 112 -79.80 22.20 -17.01
C LEU E 112 -78.99 23.07 -17.98
N PHE E 113 -79.50 23.20 -19.21
CA PHE E 113 -79.09 24.14 -20.26
C PHE E 113 -80.25 24.26 -21.25
N ARG E 114 -80.10 25.15 -22.24
CA ARG E 114 -81.08 25.35 -23.31
C ARG E 114 -80.42 25.14 -24.67
N GLU E 115 -81.15 24.53 -25.63
CA GLU E 115 -80.69 24.41 -27.01
C GLU E 115 -80.37 25.79 -27.59
N GLN E 116 -79.24 25.93 -28.29
CA GLN E 116 -78.89 27.18 -28.94
C GLN E 116 -79.92 27.56 -30.01
N LEU E 117 -80.21 28.87 -30.15
CA LEU E 117 -80.71 29.45 -31.40
C LEU E 117 -79.60 30.31 -31.99
N LEU E 118 -79.39 30.24 -33.31
CA LEU E 118 -78.59 31.27 -33.96
C LEU E 118 -79.29 32.63 -33.85
N GLU E 119 -78.51 33.70 -33.63
CA GLU E 119 -79.02 35.06 -33.59
C GLU E 119 -79.33 35.58 -35.00
N VAL E 120 -78.65 35.03 -36.01
CA VAL E 120 -78.97 35.29 -37.42
C VAL E 120 -80.26 34.57 -37.79
N VAL E 121 -81.16 35.26 -38.52
CA VAL E 121 -82.29 34.61 -39.16
C VAL E 121 -82.01 34.46 -40.66
N MET E 122 -82.15 33.24 -41.19
CA MET E 122 -81.91 32.99 -42.60
C MET E 122 -83.08 33.53 -43.42
N GLU E 123 -82.76 34.18 -44.55
CA GLU E 123 -83.78 34.76 -45.42
C GLU E 123 -84.53 33.67 -46.20
N GLY E 124 -85.78 33.96 -46.55
CA GLY E 124 -86.50 33.14 -47.52
C GLY E 124 -86.06 33.43 -48.96
N ARG E 125 -86.83 32.91 -49.93
CA ARG E 125 -86.65 33.23 -51.33
C ARG E 125 -86.93 34.72 -51.57
N GLU E 126 -85.94 35.43 -52.16
CA GLU E 126 -86.11 36.82 -52.59
C GLU E 126 -86.20 36.90 -54.12
N LEU E 127 -87.23 37.61 -54.62
CA LEU E 127 -87.39 37.82 -56.05
C LEU E 127 -86.51 38.97 -56.56
N ARG E 128 -86.18 38.94 -57.86
CA ARG E 128 -85.41 39.98 -58.51
C ARG E 128 -86.27 41.23 -58.74
N LYS E 129 -85.72 42.40 -58.40
CA LYS E 129 -86.42 43.67 -58.46
C LYS E 129 -85.66 44.60 -59.42
N VAL E 130 -86.31 45.07 -60.51
CA VAL E 130 -85.64 45.80 -61.59
C VAL E 130 -86.44 46.98 -62.15
N ALA E 131 -87.77 47.05 -61.95
CA ALA E 131 -88.67 47.94 -62.69
C ALA E 131 -88.30 49.42 -62.63
N ARG E 132 -87.75 49.90 -61.49
CA ARG E 132 -87.38 51.29 -61.30
C ARG E 132 -86.17 51.71 -62.13
N GLU E 133 -85.31 50.75 -62.49
CA GLU E 133 -84.17 50.97 -63.38
C GLU E 133 -84.52 50.62 -64.83
N ALA E 134 -85.33 49.57 -65.02
CA ALA E 134 -85.65 48.98 -66.31
C ALA E 134 -86.75 49.73 -67.08
N SER E 135 -87.34 50.78 -66.50
CA SER E 135 -88.39 51.57 -67.13
C SER E 135 -88.27 53.04 -66.71
N ASN E 136 -88.93 53.94 -67.44
CA ASN E 136 -89.08 55.30 -66.95
C ASN E 136 -90.07 55.33 -65.78
N VAL E 137 -89.76 56.06 -64.70
CA VAL E 137 -90.70 56.19 -63.58
C VAL E 137 -91.34 57.58 -63.59
N ILE E 138 -92.68 57.61 -63.51
CA ILE E 138 -93.46 58.84 -63.43
C ILE E 138 -94.03 58.94 -62.02
N ASN E 139 -93.72 60.03 -61.31
CA ASN E 139 -94.38 60.34 -60.04
C ASN E 139 -95.64 61.16 -60.33
N ALA E 140 -96.79 60.48 -60.47
CA ALA E 140 -98.04 61.13 -60.85
C ALA E 140 -98.59 62.04 -59.75
N ASN E 141 -99.31 63.10 -60.16
CA ASN E 141 -100.01 63.99 -59.24
C ASN E 141 -101.41 63.49 -58.89
N THR E 142 -101.98 62.58 -59.71
CA THR E 142 -103.29 62.00 -59.49
C THR E 142 -103.25 60.50 -59.79
N ARG E 143 -104.09 59.73 -59.08
CA ARG E 143 -104.14 58.28 -59.20
C ARG E 143 -104.54 57.84 -60.62
N VAL E 144 -105.40 58.64 -61.27
CA VAL E 144 -105.82 58.43 -62.65
C VAL E 144 -105.27 59.56 -63.51
N GLY E 145 -104.78 59.25 -64.71
CA GLY E 145 -104.24 60.23 -65.62
C GLY E 145 -104.19 59.75 -67.07
N ASP E 146 -103.66 60.60 -67.95
CA ASP E 146 -103.43 60.29 -69.36
C ASP E 146 -102.09 60.91 -69.79
N VAL E 147 -101.37 60.22 -70.67
CA VAL E 147 -100.22 60.82 -71.37
C VAL E 147 -100.57 60.95 -72.85
N PRO E 148 -100.45 62.17 -73.45
CA PRO E 148 -100.74 62.36 -74.86
C PRO E 148 -99.63 61.83 -75.77
N ILE E 149 -100.04 61.29 -76.91
CA ILE E 149 -99.17 60.66 -77.90
C ILE E 149 -99.48 61.24 -79.27
N ALA E 150 -98.41 61.58 -80.02
CA ALA E 150 -98.52 62.08 -81.39
C ALA E 150 -98.42 60.94 -82.40
N SER E 151 -99.07 61.12 -83.57
CA SER E 151 -98.95 60.21 -84.71
C SER E 151 -97.52 60.12 -85.23
N ASP E 152 -97.21 59.01 -85.91
CA ASP E 152 -95.94 58.82 -86.60
C ASP E 152 -95.67 59.92 -87.64
N GLU E 153 -94.38 60.15 -87.91
CA GLU E 153 -93.94 60.84 -89.11
C GLU E 153 -94.53 60.21 -90.38
N GLU E 154 -94.71 61.03 -91.42
CA GLU E 154 -95.12 60.55 -92.73
C GLU E 154 -94.20 61.14 -93.82
N PHE E 155 -94.59 60.94 -95.09
CA PHE E 155 -93.86 61.47 -96.24
C PHE E 155 -94.71 62.51 -96.96
N ALA E 156 -94.05 63.57 -97.45
CA ALA E 156 -94.72 64.59 -98.24
C ALA E 156 -95.25 64.03 -99.56
N ARG E 157 -96.27 64.71 -100.14
CA ARG E 157 -96.98 64.30 -101.35
C ARG E 157 -96.28 64.89 -102.58
N PRO E 158 -95.97 64.12 -103.66
CA PRO E 158 -95.51 64.72 -104.91
C PRO E 158 -96.68 65.40 -105.61
N THR E 159 -96.44 66.64 -106.09
CA THR E 159 -97.52 67.57 -106.41
C THR E 159 -97.27 68.24 -107.77
N GLY E 160 -98.33 68.39 -108.59
CA GLY E 160 -98.26 69.14 -109.82
C GLY E 160 -98.12 70.65 -109.57
N GLN E 161 -97.43 71.35 -110.47
CA GLN E 161 -97.23 72.78 -110.31
C GLN E 161 -98.55 73.54 -110.41
N GLY E 162 -98.87 74.32 -109.36
CA GLY E 162 -100.15 75.03 -109.29
C GLY E 162 -101.30 74.25 -108.64
N ALA E 163 -101.12 72.96 -108.33
CA ALA E 163 -102.15 72.16 -107.67
C ALA E 163 -102.25 72.49 -106.17
N GLU E 164 -103.42 72.22 -105.57
CA GLU E 164 -103.68 72.45 -104.15
C GLU E 164 -102.80 71.55 -103.26
N ILE E 165 -102.25 72.11 -102.16
CA ILE E 165 -101.54 71.30 -101.16
C ILE E 165 -102.55 70.62 -100.25
N ARG E 166 -102.47 69.28 -100.14
CA ARG E 166 -103.39 68.47 -99.34
C ARG E 166 -102.92 68.37 -97.88
N ASP E 167 -103.88 68.22 -96.97
CA ASP E 167 -103.61 68.13 -95.54
C ASP E 167 -103.24 66.72 -95.09
N ASP E 168 -102.36 66.64 -94.08
CA ASP E 168 -101.98 65.39 -93.43
C ASP E 168 -101.44 65.73 -92.02
N GLY E 169 -102.25 66.48 -91.27
CA GLY E 169 -101.84 67.08 -90.00
C GLY E 169 -101.55 66.07 -88.90
N GLU E 170 -100.79 66.50 -87.88
CA GLU E 170 -100.48 65.65 -86.74
C GLU E 170 -101.77 65.27 -86.01
N THR E 171 -101.91 63.98 -85.67
CA THR E 171 -103.12 63.45 -85.03
C THR E 171 -102.73 62.85 -83.68
N TYR E 172 -103.63 62.92 -82.69
CA TYR E 172 -103.26 62.64 -81.30
C TYR E 172 -104.18 61.61 -80.65
N THR E 173 -103.63 60.92 -79.64
CA THR E 173 -104.36 60.01 -78.77
C THR E 173 -103.73 60.03 -77.38
N THR E 174 -104.25 59.26 -76.42
CA THR E 174 -103.59 59.11 -75.13
C THR E 174 -103.49 57.63 -74.75
N VAL E 175 -102.57 57.31 -73.83
CA VAL E 175 -102.73 56.11 -73.01
C VAL E 175 -103.03 56.55 -71.59
N ALA E 176 -104.10 55.97 -71.02
CA ALA E 176 -104.52 56.24 -69.65
C ALA E 176 -103.65 55.48 -68.66
N TRP E 177 -103.50 56.01 -67.45
CA TRP E 177 -103.10 55.20 -66.31
C TRP E 177 -104.18 55.29 -65.23
N ASN E 178 -104.34 54.21 -64.45
CA ASN E 178 -105.06 54.27 -63.19
C ASN E 178 -104.33 53.39 -62.19
N ALA E 179 -103.59 54.02 -61.29
CA ALA E 179 -102.71 53.35 -60.35
C ALA E 179 -103.54 52.56 -59.33
N THR E 180 -103.36 51.24 -59.28
CA THR E 180 -104.02 50.41 -58.30
C THR E 180 -103.26 50.47 -56.98
N LYS E 181 -103.98 50.69 -55.87
CA LYS E 181 -103.38 50.66 -54.54
C LYS E 181 -102.95 49.22 -54.20
N LEU E 182 -101.65 49.01 -54.03
CA LEU E 182 -101.12 47.77 -53.49
C LEU E 182 -100.82 47.98 -52.01
N THR E 183 -101.14 46.98 -51.18
CA THR E 183 -101.01 47.12 -49.72
C THR E 183 -100.48 45.84 -49.08
N GLU E 184 -99.85 46.01 -47.92
CA GLU E 184 -99.29 44.91 -47.15
C GLU E 184 -99.26 45.32 -45.68
N GLY E 185 -99.42 44.38 -44.75
CA GLY E 185 -99.40 44.74 -43.33
C GLY E 185 -99.02 43.56 -42.42
N SER E 186 -98.77 43.87 -41.14
CA SER E 186 -98.36 42.91 -40.14
C SER E 186 -98.68 43.42 -38.72
N ARG E 187 -98.84 42.50 -37.75
CA ARG E 187 -99.04 42.83 -36.35
C ARG E 187 -98.19 41.94 -35.44
N VAL E 188 -97.67 42.53 -34.34
CA VAL E 188 -96.84 41.84 -33.37
C VAL E 188 -97.32 42.24 -31.96
N THR E 189 -97.44 41.27 -31.04
CA THR E 189 -97.80 41.56 -29.66
C THR E 189 -96.59 42.14 -28.90
N ASP E 190 -96.82 42.97 -27.87
CA ASP E 190 -95.72 43.58 -27.12
C ASP E 190 -94.78 42.55 -26.50
N GLU E 191 -95.33 41.46 -25.97
CA GLU E 191 -94.56 40.38 -25.37
C GLU E 191 -93.64 39.72 -26.40
N MET E 192 -94.13 39.53 -27.62
CA MET E 192 -93.36 38.94 -28.69
C MET E 192 -92.25 39.89 -29.14
N ARG E 193 -92.56 41.18 -29.27
CA ARG E 193 -91.62 42.21 -29.66
C ARG E 193 -90.47 42.31 -28.64
N ASP E 194 -90.78 42.19 -27.35
CA ASP E 194 -89.77 42.13 -26.31
C ASP E 194 -88.92 40.86 -26.37
N GLN E 195 -89.54 39.68 -26.48
CA GLN E 195 -88.84 38.42 -26.29
C GLN E 195 -88.01 37.97 -27.50
N ALA E 196 -88.42 38.29 -28.73
CA ALA E 196 -87.65 37.93 -29.93
C ALA E 196 -86.21 38.44 -29.84
N MET E 197 -85.26 37.66 -30.40
CA MET E 197 -83.87 38.09 -30.49
C MET E 197 -83.68 39.15 -31.57
N VAL E 198 -84.37 39.00 -32.72
CA VAL E 198 -84.38 39.97 -33.80
C VAL E 198 -85.34 41.13 -33.50
N ASP E 199 -85.15 42.28 -34.17
CA ASP E 199 -86.17 43.31 -34.15
C ASP E 199 -87.28 42.94 -35.13
N LEU E 200 -88.42 42.48 -34.61
CA LEU E 200 -89.54 42.04 -35.42
C LEU E 200 -90.20 43.18 -36.20
N ILE E 201 -90.17 44.40 -35.68
CA ILE E 201 -90.75 45.52 -36.41
C ILE E 201 -89.86 45.88 -37.60
N GLU E 202 -88.54 45.88 -37.42
CA GLU E 202 -87.64 46.09 -38.54
C GLU E 202 -87.77 44.97 -39.59
N ARG E 203 -87.88 43.71 -39.16
CA ARG E 203 -88.15 42.58 -40.07
C ARG E 203 -89.41 42.83 -40.90
N ASN E 204 -90.50 43.24 -40.25
CA ASN E 204 -91.78 43.45 -40.91
C ASN E 204 -91.79 44.69 -41.80
N ILE E 205 -91.10 45.77 -41.42
CA ILE E 205 -90.93 46.95 -42.27
C ILE E 205 -90.22 46.55 -43.58
N GLN E 206 -89.13 45.79 -43.48
CA GLN E 206 -88.40 45.33 -44.66
C GLN E 206 -89.24 44.41 -45.54
N ARG E 207 -90.02 43.49 -44.95
CA ARG E 207 -90.96 42.64 -45.68
C ARG E 207 -92.03 43.47 -46.39
N VAL E 208 -92.62 44.45 -45.72
CA VAL E 208 -93.64 45.30 -46.30
C VAL E 208 -93.07 46.03 -47.52
N GLY E 209 -91.90 46.67 -47.39
CA GLY E 209 -91.21 47.30 -48.51
C GLY E 209 -90.96 46.33 -49.68
N ALA E 210 -90.36 45.17 -49.39
CA ALA E 210 -90.04 44.17 -50.39
C ALA E 210 -91.28 43.64 -51.11
N SER E 211 -92.38 43.46 -50.39
CA SER E 211 -93.65 42.99 -50.91
C SER E 211 -94.28 44.00 -51.89
N LEU E 212 -94.11 45.29 -51.62
CA LEU E 212 -94.56 46.35 -52.51
C LEU E 212 -93.68 46.48 -53.75
N GLU E 213 -92.35 46.35 -53.61
CA GLU E 213 -91.45 46.29 -54.76
C GLU E 213 -91.78 45.10 -55.68
N ASN E 214 -92.05 43.92 -55.10
CA ASN E 214 -92.50 42.78 -55.87
C ASN E 214 -93.80 43.11 -56.61
N GLY E 215 -94.73 43.82 -55.97
CA GLY E 215 -95.93 44.33 -56.62
C GLY E 215 -95.64 45.22 -57.82
N ILE E 216 -94.76 46.23 -57.68
CA ILE E 216 -94.35 47.10 -58.77
C ILE E 216 -93.83 46.25 -59.93
N ASN E 217 -92.91 45.33 -59.63
CA ASN E 217 -92.26 44.49 -60.63
C ASN E 217 -93.25 43.58 -61.36
N ARG E 218 -94.29 43.09 -60.67
CA ARG E 218 -95.34 42.29 -61.27
C ARG E 218 -96.17 43.10 -62.25
N VAL E 219 -96.55 44.33 -61.88
CA VAL E 219 -97.31 45.21 -62.74
C VAL E 219 -96.50 45.56 -63.99
N PHE E 220 -95.23 45.93 -63.80
CA PHE E 220 -94.30 46.21 -64.88
C PHE E 220 -94.14 45.03 -65.84
N LEU E 221 -93.71 43.87 -65.36
CA LEU E 221 -93.40 42.75 -66.23
C LEU E 221 -94.64 42.26 -66.99
N THR E 222 -95.81 42.30 -66.35
CA THR E 222 -97.06 41.90 -67.00
C THR E 222 -97.42 42.84 -68.16
N GLU E 223 -97.29 44.16 -67.98
CA GLU E 223 -97.48 45.11 -69.08
C GLU E 223 -96.45 44.87 -70.18
N LEU E 224 -95.18 44.80 -69.79
CA LEU E 224 -94.04 44.72 -70.70
C LEU E 224 -94.16 43.53 -71.65
N VAL E 225 -94.50 42.36 -71.12
CA VAL E 225 -94.64 41.13 -71.88
C VAL E 225 -95.92 41.11 -72.71
N ASP E 226 -97.07 41.55 -72.15
CA ASP E 226 -98.35 41.43 -72.84
C ASP E 226 -98.49 42.40 -74.01
N ASN E 227 -98.06 43.66 -73.85
CA ASN E 227 -98.40 44.73 -74.77
C ASN E 227 -97.28 45.11 -75.75
N ALA E 228 -96.18 44.36 -75.76
CA ALA E 228 -95.17 44.43 -76.82
C ALA E 228 -95.81 44.09 -78.18
N GLN E 229 -95.56 44.93 -79.22
CA GLN E 229 -96.25 44.81 -80.49
C GLN E 229 -95.49 44.00 -81.56
N ASN E 230 -94.16 43.92 -81.45
CA ASN E 230 -93.36 43.07 -82.32
C ASN E 230 -93.04 41.73 -81.65
N ASN E 231 -92.68 40.72 -82.45
CA ASN E 231 -92.41 39.39 -81.91
C ASN E 231 -91.43 38.65 -82.81
N HIS E 232 -90.27 38.25 -82.28
CA HIS E 232 -89.39 37.33 -82.97
C HIS E 232 -89.70 35.90 -82.53
N ASP E 233 -90.35 35.15 -83.42
CA ASP E 233 -90.59 33.73 -83.22
C ASP E 233 -89.34 32.95 -83.60
N THR E 234 -88.69 32.33 -82.60
CA THR E 234 -87.49 31.55 -82.84
C THR E 234 -87.82 30.20 -83.49
N ALA E 235 -89.01 29.65 -83.22
CA ALA E 235 -89.44 28.33 -83.65
C ALA E 235 -88.37 27.27 -83.31
N GLY E 236 -88.01 27.16 -82.01
CA GLY E 236 -86.83 26.41 -81.60
C GLY E 236 -85.56 27.01 -82.21
N SER E 237 -84.64 26.17 -82.68
CA SER E 237 -83.51 26.63 -83.51
C SER E 237 -82.59 27.69 -82.85
N ASN E 238 -82.46 28.88 -83.45
CA ASN E 238 -81.34 29.79 -83.20
C ASN E 238 -81.68 30.78 -82.07
N GLN E 239 -81.76 30.26 -80.83
CA GLN E 239 -82.39 30.99 -79.73
C GLN E 239 -81.47 31.93 -78.95
N GLY E 240 -80.15 31.94 -79.24
CA GLY E 240 -79.18 32.76 -78.52
C GLY E 240 -79.09 34.20 -79.05
N TYR E 241 -77.87 34.69 -79.28
CA TYR E 241 -77.61 36.00 -79.84
C TYR E 241 -78.41 36.27 -81.13
N GLN E 242 -78.60 35.26 -81.98
CA GLN E 242 -79.36 35.43 -83.21
C GLN E 242 -80.78 35.90 -82.96
N ALA E 243 -81.41 35.43 -81.87
CA ALA E 243 -82.74 35.84 -81.49
C ALA E 243 -82.75 37.28 -80.99
N LEU E 244 -81.77 37.72 -80.19
CA LEU E 244 -81.63 39.11 -79.77
C LEU E 244 -81.39 40.03 -80.97
N ASN E 245 -80.45 39.69 -81.85
CA ASN E 245 -80.21 40.42 -83.08
C ASN E 245 -81.48 40.55 -83.92
N SER E 246 -82.25 39.47 -84.05
CA SER E 246 -83.51 39.46 -84.80
C SER E 246 -84.59 40.30 -84.11
N ALA E 247 -84.71 40.21 -82.77
CA ALA E 247 -85.66 40.99 -82.02
C ALA E 247 -85.37 42.50 -82.15
N VAL E 248 -84.11 42.91 -82.08
CA VAL E 248 -83.72 44.28 -82.37
C VAL E 248 -84.10 44.65 -83.80
N GLY E 249 -83.84 43.78 -84.77
CA GLY E 249 -84.25 44.00 -86.16
C GLY E 249 -85.75 44.21 -86.34
N GLU E 250 -86.60 43.48 -85.60
CA GLU E 250 -88.04 43.64 -85.64
C GLU E 250 -88.48 45.00 -85.09
N VAL E 251 -87.82 45.52 -84.05
CA VAL E 251 -88.10 46.86 -83.54
C VAL E 251 -87.60 47.92 -84.52
N ASP E 252 -86.42 47.70 -85.12
CA ASP E 252 -85.80 48.58 -86.11
C ASP E 252 -86.66 48.72 -87.38
N LYS E 253 -87.41 47.67 -87.76
CA LYS E 253 -88.36 47.71 -88.86
C LYS E 253 -89.59 48.58 -88.58
N ASP E 254 -89.86 48.91 -87.31
CA ASP E 254 -90.88 49.88 -86.93
C ASP E 254 -90.25 51.23 -86.56
N ASP E 255 -88.98 51.47 -86.90
CA ASP E 255 -88.29 52.75 -86.77
C ASP E 255 -88.12 53.24 -85.33
N PHE E 256 -87.97 52.31 -84.38
CA PHE E 256 -87.54 52.62 -83.02
C PHE E 256 -86.21 51.92 -82.73
N ARG E 257 -85.41 52.47 -81.80
CA ARG E 257 -84.21 51.79 -81.31
C ARG E 257 -84.44 51.26 -79.90
N PRO E 258 -84.38 49.93 -79.65
CA PRO E 258 -84.38 49.41 -78.28
C PRO E 258 -82.99 49.54 -77.68
N ASP E 259 -82.92 49.54 -76.35
CA ASP E 259 -81.65 49.71 -75.63
C ASP E 259 -81.56 48.82 -74.38
N THR E 260 -82.58 47.99 -74.14
CA THR E 260 -82.74 47.25 -72.90
C THR E 260 -83.37 45.90 -73.21
N TYR E 261 -83.08 44.89 -72.38
CA TYR E 261 -83.86 43.65 -72.43
C TYR E 261 -84.13 43.07 -71.06
N VAL E 262 -85.32 42.47 -70.94
CA VAL E 262 -85.81 41.78 -69.75
C VAL E 262 -85.92 40.30 -70.10
N THR E 263 -85.50 39.42 -69.19
CA THR E 263 -85.21 38.04 -69.56
C THR E 263 -85.66 37.04 -68.49
N HIS E 264 -86.29 35.94 -68.90
CA HIS E 264 -86.68 34.81 -68.05
C HIS E 264 -85.48 33.90 -67.73
N PRO E 265 -85.43 33.17 -66.58
CA PRO E 265 -84.33 32.26 -66.27
C PRO E 265 -84.01 31.19 -67.32
N ASP E 266 -85.02 30.63 -67.99
CA ASP E 266 -84.79 29.66 -69.05
C ASP E 266 -84.16 30.31 -70.28
N TYR E 267 -84.63 31.52 -70.63
CA TYR E 267 -84.00 32.24 -71.72
C TYR E 267 -82.53 32.53 -71.41
N ARG E 268 -82.21 33.05 -70.22
CA ARG E 268 -80.84 33.27 -69.79
C ARG E 268 -80.00 31.99 -69.93
N THR E 269 -80.57 30.85 -69.53
CA THR E 269 -79.88 29.58 -69.58
C THR E 269 -79.52 29.19 -71.02
N GLN E 270 -80.47 29.33 -71.96
CA GLN E 270 -80.22 29.12 -73.37
C GLN E 270 -79.18 30.10 -73.93
N LEU E 271 -79.30 31.40 -73.60
CA LEU E 271 -78.37 32.41 -74.07
C LEU E 271 -76.92 32.10 -73.64
N PHE E 272 -76.70 31.64 -72.41
CA PHE E 272 -75.35 31.32 -71.97
C PHE E 272 -74.84 29.96 -72.44
N ASN E 273 -75.70 29.13 -73.06
CA ASN E 273 -75.27 27.96 -73.82
C ASN E 273 -74.81 28.34 -75.24
N ASP E 274 -75.17 29.54 -75.72
CA ASP E 274 -74.85 29.95 -77.09
C ASP E 274 -73.35 29.99 -77.30
N THR E 275 -72.89 29.20 -78.28
CA THR E 275 -71.52 29.15 -78.76
C THR E 275 -70.90 30.54 -78.92
N ASN E 276 -71.66 31.52 -79.44
CA ASN E 276 -71.15 32.86 -79.70
C ASN E 276 -70.79 33.62 -78.41
N LEU E 277 -71.42 33.29 -77.28
CA LEU E 277 -71.13 33.90 -75.99
C LEU E 277 -70.24 33.01 -75.14
N ALA E 278 -70.47 31.69 -75.17
CA ALA E 278 -69.76 30.71 -74.35
C ALA E 278 -68.28 30.62 -74.73
N TYR E 279 -67.96 30.54 -76.02
CA TYR E 279 -66.57 30.43 -76.44
C TYR E 279 -65.89 31.80 -76.36
N ALA E 280 -64.77 31.87 -75.65
CA ALA E 280 -64.08 33.13 -75.38
C ALA E 280 -63.71 33.87 -76.67
N ASN E 281 -63.09 33.18 -77.64
CA ASN E 281 -62.71 33.75 -78.92
C ASN E 281 -63.90 34.16 -79.81
N ARG E 282 -65.10 33.58 -79.60
CA ARG E 282 -66.30 34.04 -80.29
C ARG E 282 -66.78 35.36 -79.69
N ALA E 283 -66.87 35.44 -78.36
CA ALA E 283 -67.35 36.62 -77.64
C ALA E 283 -66.32 37.75 -77.56
N GLY E 284 -65.03 37.45 -77.77
CA GLY E 284 -63.93 38.38 -77.56
C GLY E 284 -63.49 38.52 -76.10
N THR E 285 -64.07 37.71 -75.21
CA THR E 285 -63.71 37.64 -73.79
C THR E 285 -64.26 36.34 -73.21
N ASN E 286 -63.61 35.80 -72.17
CA ASN E 286 -64.13 34.65 -71.45
C ASN E 286 -65.10 35.03 -70.32
N GLU E 287 -65.46 36.32 -70.19
CA GLU E 287 -66.30 36.80 -69.11
C GLU E 287 -67.64 36.06 -68.99
N VAL E 288 -68.32 35.73 -70.10
CA VAL E 288 -69.59 35.02 -70.00
C VAL E 288 -69.38 33.58 -69.51
N LEU E 289 -68.32 32.91 -69.97
CA LEU E 289 -67.96 31.57 -69.51
C LEU E 289 -67.70 31.58 -68.00
N ARG E 290 -66.93 32.57 -67.52
CA ARG E 290 -66.54 32.65 -66.12
C ARG E 290 -67.67 33.14 -65.22
N ASN E 291 -68.30 34.27 -65.56
CA ASN E 291 -69.13 35.04 -64.67
C ASN E 291 -70.62 35.08 -65.07
N ARG E 292 -71.02 34.42 -66.16
CA ARG E 292 -72.43 34.24 -66.52
C ARG E 292 -73.14 35.59 -66.67
N GLU E 293 -74.29 35.79 -66.00
CA GLU E 293 -75.08 37.02 -66.09
C GLU E 293 -74.33 38.26 -65.60
N ASP E 294 -73.28 38.08 -64.81
CA ASP E 294 -72.52 39.15 -64.18
C ASP E 294 -71.42 39.70 -65.09
N ALA E 295 -71.24 39.11 -66.27
CA ALA E 295 -70.28 39.53 -67.29
C ALA E 295 -70.70 40.86 -67.92
N PRO E 296 -69.80 41.85 -68.10
CA PRO E 296 -70.12 43.13 -68.76
C PRO E 296 -70.78 43.00 -70.14
N ILE E 297 -70.42 41.95 -70.90
CA ILE E 297 -70.96 41.70 -72.23
C ILE E 297 -72.47 41.46 -72.21
N VAL E 298 -73.00 40.82 -71.16
CA VAL E 298 -74.42 40.48 -71.09
C VAL E 298 -75.27 41.75 -70.99
N GLY E 299 -74.78 42.74 -70.26
CA GLY E 299 -75.38 44.07 -70.23
C GLY E 299 -75.07 44.94 -71.45
N ASP E 300 -74.61 44.34 -72.56
CA ASP E 300 -74.04 45.08 -73.69
C ASP E 300 -74.12 44.27 -74.99
N ILE E 301 -75.17 43.46 -75.19
CA ILE E 301 -75.37 42.66 -76.41
C ILE E 301 -76.13 43.49 -77.46
N ALA E 302 -75.78 43.36 -78.75
CA ALA E 302 -76.62 43.76 -79.89
C ALA E 302 -77.10 45.22 -79.84
N GLY E 303 -76.29 46.14 -79.29
CA GLY E 303 -76.65 47.55 -79.24
C GLY E 303 -77.53 47.92 -78.05
N LEU E 304 -78.00 46.92 -77.29
CA LEU E 304 -78.61 47.13 -75.99
C LEU E 304 -77.51 47.47 -74.99
N ASP E 305 -77.82 48.32 -74.01
CA ASP E 305 -76.86 48.73 -72.99
C ASP E 305 -77.36 48.47 -71.56
N MET E 306 -78.45 47.70 -71.42
CA MET E 306 -78.91 47.22 -70.12
C MET E 306 -79.55 45.83 -70.23
N HIS E 307 -79.20 44.95 -69.28
CA HIS E 307 -79.91 43.68 -69.08
C HIS E 307 -80.61 43.71 -67.73
N ALA E 308 -81.93 43.50 -67.73
CA ALA E 308 -82.74 43.46 -66.53
C ALA E 308 -83.24 42.02 -66.31
N ALA E 309 -82.42 41.20 -65.65
CA ALA E 309 -82.78 39.82 -65.34
C ALA E 309 -83.98 39.79 -64.39
N MET E 310 -85.03 39.03 -64.75
CA MET E 310 -86.20 38.90 -63.88
C MET E 310 -86.45 37.45 -63.46
N SER E 311 -87.13 37.31 -62.33
CA SER E 311 -87.52 36.04 -61.73
C SER E 311 -88.77 35.47 -62.43
N SER E 312 -88.92 34.14 -62.39
CA SER E 312 -90.02 33.44 -63.02
C SER E 312 -91.38 33.78 -62.37
N ALA E 313 -91.39 33.92 -61.05
CA ALA E 313 -92.60 34.15 -60.26
C ALA E 313 -93.25 35.51 -60.53
N THR E 314 -92.51 36.46 -61.13
CA THR E 314 -92.90 37.86 -61.15
C THR E 314 -94.01 38.15 -62.15
N TYR E 315 -94.12 37.40 -63.26
CA TYR E 315 -95.21 37.63 -64.19
C TYR E 315 -96.54 37.21 -63.58
N ASP E 316 -97.60 37.94 -63.89
CA ASP E 316 -98.90 37.64 -63.34
C ASP E 316 -99.62 36.50 -64.07
N ASP E 317 -99.52 35.28 -63.52
CA ASP E 317 -100.31 34.13 -63.99
C ASP E 317 -101.80 34.24 -63.63
N GLY E 318 -102.19 35.18 -62.76
CA GLY E 318 -103.57 35.31 -62.30
C GLY E 318 -103.98 34.31 -61.22
N THR E 319 -102.99 33.66 -60.58
CA THR E 319 -103.25 32.63 -59.56
C THR E 319 -103.58 33.22 -58.19
N ASP E 320 -103.34 34.53 -58.00
CA ASP E 320 -103.30 35.15 -56.68
C ASP E 320 -104.46 36.14 -56.52
N ILE E 321 -104.95 36.31 -55.28
CA ILE E 321 -106.18 37.06 -55.04
C ILE E 321 -106.01 38.52 -55.47
N GLY E 322 -106.97 39.02 -56.26
CA GLY E 322 -106.94 40.40 -56.74
C GLY E 322 -106.10 40.63 -57.99
N TRP E 323 -105.27 39.65 -58.38
CA TRP E 323 -104.47 39.71 -59.60
C TRP E 323 -105.17 38.92 -60.72
N SER E 324 -105.40 39.58 -61.87
CA SER E 324 -106.02 38.95 -63.05
C SER E 324 -104.95 38.72 -64.12
N GLY E 325 -104.78 37.47 -64.55
CA GLY E 325 -103.56 37.07 -65.25
C GLY E 325 -103.36 37.77 -66.60
N GLY E 326 -102.09 37.89 -67.01
CA GLY E 326 -101.73 38.42 -68.32
C GLY E 326 -102.10 37.47 -69.47
N SER E 327 -101.93 37.95 -70.70
CA SER E 327 -102.32 37.26 -71.93
C SER E 327 -101.32 36.19 -72.37
N GLU E 328 -100.04 36.34 -72.03
CA GLU E 328 -98.95 35.48 -72.49
C GLU E 328 -98.59 34.39 -71.49
N THR E 329 -97.60 33.55 -71.84
CA THR E 329 -96.92 32.69 -70.89
C THR E 329 -95.47 33.18 -70.75
N TRP E 330 -95.10 33.66 -69.55
CA TRP E 330 -93.72 34.03 -69.26
C TRP E 330 -92.93 32.76 -69.00
N GLY E 331 -91.99 32.46 -69.89
CA GLY E 331 -91.25 31.20 -69.87
C GLY E 331 -90.42 31.04 -71.12
N PHE E 332 -89.60 29.99 -71.19
CA PHE E 332 -88.87 29.71 -72.42
C PHE E 332 -88.58 28.21 -72.52
N SER E 333 -89.64 27.41 -72.36
CA SER E 333 -89.54 25.99 -72.05
C SER E 333 -90.32 25.16 -73.07
N SER E 334 -91.32 25.77 -73.72
CA SER E 334 -92.29 25.08 -74.56
C SER E 334 -92.80 25.99 -75.67
N ASP E 335 -93.28 25.37 -76.76
CA ASP E 335 -93.77 26.01 -77.98
C ASP E 335 -94.72 27.18 -77.68
N GLY E 336 -94.29 28.41 -77.98
CA GLY E 336 -95.10 29.61 -77.82
C GLY E 336 -94.84 30.44 -76.55
N ASP E 337 -93.99 29.99 -75.62
CA ASP E 337 -93.63 30.80 -74.46
C ASP E 337 -92.91 32.10 -74.87
N LYS E 338 -93.08 33.17 -74.07
CA LYS E 338 -92.35 34.43 -74.26
C LYS E 338 -91.24 34.51 -73.20
N GLY E 339 -89.99 34.48 -73.66
CA GLY E 339 -88.84 34.31 -72.76
C GLY E 339 -88.01 35.56 -72.53
N ALA E 340 -88.17 36.56 -73.39
CA ALA E 340 -87.48 37.84 -73.23
C ALA E 340 -88.29 38.94 -73.91
N VAL E 341 -88.08 40.18 -73.48
CA VAL E 341 -88.56 41.36 -74.20
C VAL E 341 -87.35 42.24 -74.46
N VAL E 342 -87.18 42.65 -75.72
CA VAL E 342 -86.16 43.60 -76.14
C VAL E 342 -86.87 44.90 -76.43
N TYR E 343 -86.45 46.02 -75.82
CA TYR E 343 -87.27 47.24 -75.83
C TYR E 343 -86.46 48.50 -75.52
N ASP E 344 -87.12 49.64 -75.76
CA ASP E 344 -86.65 50.95 -75.37
C ASP E 344 -87.12 51.32 -73.95
N ARG E 345 -86.17 51.49 -73.03
CA ARG E 345 -86.38 51.84 -71.63
C ARG E 345 -87.25 53.07 -71.43
N ASP E 346 -87.26 54.00 -72.39
CA ASP E 346 -87.93 55.30 -72.28
C ASP E 346 -89.35 55.29 -72.82
N ASN E 347 -89.80 54.18 -73.42
CA ASN E 347 -91.10 54.06 -74.04
C ASN E 347 -92.11 53.22 -73.23
N ILE E 348 -91.70 52.77 -72.04
CA ILE E 348 -92.60 52.14 -71.09
C ILE E 348 -92.44 52.82 -69.73
N HIS E 349 -93.57 53.16 -69.11
CA HIS E 349 -93.60 53.96 -67.90
C HIS E 349 -94.16 53.16 -66.74
N THR E 350 -93.45 53.16 -65.62
CA THR E 350 -94.02 52.76 -64.35
C THR E 350 -94.55 54.03 -63.69
N ILE E 351 -95.87 54.12 -63.53
CA ILE E 351 -96.48 55.28 -62.93
C ILE E 351 -96.76 54.97 -61.46
N LEU E 352 -96.16 55.76 -60.58
CA LEU E 352 -96.33 55.64 -59.14
C LEU E 352 -97.12 56.83 -58.61
N TYR E 353 -98.07 56.55 -57.72
CA TYR E 353 -98.82 57.60 -57.03
C TYR E 353 -98.83 57.32 -55.52
N ALA E 354 -98.62 58.39 -54.74
CA ALA E 354 -98.69 58.32 -53.28
C ALA E 354 -99.31 59.61 -52.75
N PRO E 355 -100.34 59.56 -51.88
CA PRO E 355 -101.01 60.77 -51.41
C PRO E 355 -100.18 61.66 -50.49
N ASN E 356 -99.18 61.11 -49.79
CA ASN E 356 -98.40 61.82 -48.77
C ASN E 356 -96.90 61.89 -49.10
N GLY E 357 -96.55 61.79 -50.39
CA GLY E 357 -95.17 61.84 -50.83
C GLY E 357 -95.07 61.54 -52.32
N GLN E 358 -94.06 60.75 -52.71
CA GLN E 358 -93.87 60.32 -54.09
C GLN E 358 -93.60 58.81 -54.21
N ASP E 359 -93.49 58.11 -53.08
CA ASP E 359 -93.06 56.72 -53.04
C ASP E 359 -93.75 55.98 -51.90
N VAL E 360 -93.43 54.68 -51.72
CA VAL E 360 -94.00 53.80 -50.69
C VAL E 360 -94.09 54.49 -49.33
N GLU E 361 -95.28 54.47 -48.74
CA GLU E 361 -95.51 55.05 -47.42
C GLU E 361 -95.76 53.93 -46.41
N ILE E 362 -94.94 53.91 -45.34
CA ILE E 362 -95.09 52.97 -44.26
C ILE E 362 -95.64 53.69 -43.03
N LYS E 363 -96.72 53.14 -42.46
CA LYS E 363 -97.34 53.59 -41.22
C LYS E 363 -97.17 52.52 -40.15
N ASP E 364 -97.16 52.98 -38.89
CA ASP E 364 -97.24 52.08 -37.75
C ASP E 364 -98.28 52.59 -36.75
N TYR E 365 -98.80 51.69 -35.92
CA TYR E 365 -99.79 52.05 -34.92
C TYR E 365 -99.68 51.13 -33.71
N GLU E 366 -100.08 51.65 -32.55
CA GLU E 366 -100.08 50.90 -31.30
C GLU E 366 -101.52 50.78 -30.79
N ASP E 367 -101.87 49.60 -30.29
CA ASP E 367 -103.13 49.34 -29.65
C ASP E 367 -102.90 49.16 -28.15
N PRO E 368 -103.30 50.13 -27.29
CA PRO E 368 -103.12 50.00 -25.84
C PRO E 368 -104.20 49.18 -25.13
N ILE E 369 -105.26 48.77 -25.84
CA ILE E 369 -106.31 47.91 -25.30
C ILE E 369 -105.90 46.44 -25.42
N ARG E 370 -105.09 46.09 -26.46
CA ARG E 370 -104.68 44.72 -26.74
C ARG E 370 -103.17 44.52 -26.68
N ASP E 371 -102.38 45.59 -26.53
CA ASP E 371 -100.91 45.55 -26.52
C ASP E 371 -100.33 44.95 -27.81
N ILE E 372 -100.78 45.50 -28.95
CA ILE E 372 -100.31 45.07 -30.26
C ILE E 372 -99.77 46.27 -31.02
N THR E 373 -98.64 46.08 -31.73
CA THR E 373 -98.13 47.08 -32.67
C THR E 373 -98.33 46.55 -34.08
N GLY E 374 -98.89 47.39 -34.97
CA GLY E 374 -99.04 47.05 -36.37
C GLY E 374 -98.12 47.89 -37.27
N VAL E 375 -97.82 47.36 -38.46
CA VAL E 375 -97.11 48.07 -39.52
C VAL E 375 -97.87 47.83 -40.83
N ASN E 376 -98.10 48.90 -41.60
CA ASN E 376 -98.81 48.85 -42.88
C ASN E 376 -98.00 49.61 -43.93
N GLY E 377 -97.84 49.04 -45.14
CA GLY E 377 -97.31 49.78 -46.26
C GLY E 377 -98.34 49.89 -47.39
N ARG E 378 -98.23 50.97 -48.17
CA ARG E 378 -99.09 51.20 -49.33
C ARG E 378 -98.31 51.93 -50.42
N LEU E 379 -98.72 51.68 -51.67
CA LEU E 379 -98.29 52.46 -52.82
C LEU E 379 -99.31 52.24 -53.92
N HIS E 380 -99.54 53.23 -54.81
CA HIS E 380 -100.38 52.99 -55.98
C HIS E 380 -99.47 52.87 -57.20
N VAL E 381 -99.70 51.86 -58.04
CA VAL E 381 -98.87 51.65 -59.22
C VAL E 381 -99.69 51.26 -60.45
N ASP E 382 -99.26 51.74 -61.62
CA ASP E 382 -99.67 51.27 -62.93
C ASP E 382 -98.43 51.20 -63.83
N CYS E 383 -98.52 50.45 -64.94
CA CYS E 383 -97.47 50.46 -65.93
C CYS E 383 -98.07 50.50 -67.33
N GLN E 384 -97.51 51.35 -68.21
CA GLN E 384 -98.06 51.58 -69.54
C GLN E 384 -96.96 51.80 -70.57
N TYR E 385 -97.04 51.11 -71.72
CA TYR E 385 -96.27 51.53 -72.89
C TYR E 385 -96.84 52.81 -73.50
N SER E 386 -95.96 53.76 -73.88
CA SER E 386 -96.29 54.83 -74.82
C SER E 386 -96.30 54.32 -76.27
N GLN E 387 -95.29 53.51 -76.61
CA GLN E 387 -95.12 52.96 -77.95
C GLN E 387 -94.77 51.47 -77.82
N GLY E 388 -95.79 50.61 -77.86
CA GLY E 388 -95.59 49.16 -77.80
C GLY E 388 -94.79 48.59 -78.98
N ARG E 389 -94.70 49.35 -80.09
CA ARG E 389 -93.85 49.00 -81.22
C ARG E 389 -92.36 49.14 -80.91
N SER E 390 -92.04 49.91 -79.86
CA SER E 390 -90.68 50.07 -79.36
C SER E 390 -90.20 48.86 -78.56
N SER E 391 -90.90 47.71 -78.67
CA SER E 391 -90.46 46.46 -78.06
C SER E 391 -90.84 45.25 -78.92
N ALA E 392 -90.06 44.18 -78.75
CA ALA E 392 -90.33 42.87 -79.34
C ALA E 392 -90.16 41.79 -78.28
N THR E 393 -91.13 40.88 -78.17
CA THR E 393 -90.91 39.66 -77.40
C THR E 393 -90.06 38.67 -78.21
N VAL E 394 -89.30 37.82 -77.51
CA VAL E 394 -88.69 36.66 -78.11
C VAL E 394 -89.52 35.45 -77.71
N GLN E 395 -89.92 34.66 -78.71
CA GLN E 395 -90.85 33.54 -78.54
C GLN E 395 -90.15 32.21 -78.84
N TYR E 396 -90.44 31.20 -78.01
CA TYR E 396 -89.93 29.84 -78.15
C TYR E 396 -90.60 29.07 -79.31
N GLU F 115 -25.76 -2.58 -37.98
CA GLU F 115 -27.24 -2.58 -38.20
C GLU F 115 -27.67 -1.24 -38.85
N GLN F 116 -28.29 -1.33 -40.03
CA GLN F 116 -28.89 -0.18 -40.72
C GLN F 116 -30.21 -0.59 -41.41
N LEU F 117 -31.17 0.34 -41.45
CA LEU F 117 -32.58 0.02 -41.72
C LEU F 117 -33.31 1.25 -42.27
N LEU F 118 -34.34 1.05 -43.13
CA LEU F 118 -35.15 2.14 -43.65
C LEU F 118 -36.20 2.58 -42.62
N GLU F 119 -36.04 3.81 -42.11
CA GLU F 119 -36.95 4.40 -41.12
C GLU F 119 -38.19 5.01 -41.80
N VAL F 120 -38.84 4.30 -42.75
CA VAL F 120 -39.91 4.87 -43.55
C VAL F 120 -41.18 4.01 -43.55
N VAL F 121 -42.32 4.66 -43.78
CA VAL F 121 -43.59 4.01 -44.09
C VAL F 121 -44.21 4.73 -45.27
N MET F 122 -44.65 3.97 -46.28
CA MET F 122 -45.33 4.56 -47.42
C MET F 122 -46.81 4.74 -47.09
N GLU F 123 -47.36 5.92 -47.40
CA GLU F 123 -48.73 6.27 -47.07
C GLU F 123 -49.76 5.46 -47.87
N GLY F 124 -50.96 5.33 -47.31
CA GLY F 124 -52.10 4.82 -48.06
C GLY F 124 -52.75 5.90 -48.93
N ARG F 125 -53.91 5.56 -49.51
CA ARG F 125 -54.78 6.50 -50.21
C ARG F 125 -55.28 7.58 -49.24
N GLU F 126 -55.23 8.85 -49.67
CA GLU F 126 -55.72 9.98 -48.89
C GLU F 126 -56.89 10.66 -49.59
N LEU F 127 -58.02 10.84 -48.88
CA LEU F 127 -59.21 11.44 -49.47
C LEU F 127 -59.13 12.98 -49.46
N ARG F 128 -59.85 13.61 -50.40
CA ARG F 128 -59.93 15.07 -50.51
C ARG F 128 -60.86 15.63 -49.44
N LYS F 129 -60.40 16.67 -48.72
CA LYS F 129 -61.15 17.26 -47.61
C LYS F 129 -61.49 18.73 -47.92
N VAL F 130 -62.80 19.05 -47.95
CA VAL F 130 -63.26 20.33 -48.49
C VAL F 130 -64.41 20.99 -47.72
N ALA F 131 -65.17 20.27 -46.87
CA ALA F 131 -66.43 20.76 -46.32
C ALA F 131 -66.29 22.03 -45.47
N ARG F 132 -65.15 22.23 -44.79
CA ARG F 132 -64.93 23.41 -43.97
C ARG F 132 -64.85 24.69 -44.81
N GLU F 133 -64.37 24.57 -46.05
CA GLU F 133 -64.27 25.67 -47.01
C GLU F 133 -65.55 25.78 -47.84
N ALA F 134 -66.08 24.64 -48.29
CA ALA F 134 -67.16 24.52 -49.27
C ALA F 134 -68.58 24.65 -48.69
N SER F 135 -68.71 25.01 -47.39
CA SER F 135 -70.01 25.20 -46.74
C SER F 135 -69.88 26.29 -45.68
N ASN F 136 -71.01 26.82 -45.20
CA ASN F 136 -70.97 27.70 -44.04
C ASN F 136 -70.77 26.88 -42.77
N VAL F 137 -69.75 27.19 -41.96
CA VAL F 137 -69.47 26.41 -40.75
C VAL F 137 -70.00 27.12 -39.52
N ILE F 138 -70.81 26.42 -38.73
CA ILE F 138 -71.28 26.87 -37.43
C ILE F 138 -70.51 26.12 -36.36
N ASN F 139 -69.75 26.85 -35.52
CA ASN F 139 -69.19 26.25 -34.31
C ASN F 139 -70.23 26.38 -33.20
N ALA F 140 -71.06 25.35 -33.04
CA ALA F 140 -72.18 25.38 -32.12
C ALA F 140 -71.73 25.38 -30.65
N ASN F 141 -72.49 26.07 -29.81
CA ASN F 141 -72.33 26.04 -28.37
C ASN F 141 -72.98 24.80 -27.76
N THR F 142 -73.95 24.18 -28.46
CA THR F 142 -74.66 23.01 -27.97
C THR F 142 -74.79 21.95 -29.07
N ARG F 143 -74.79 20.67 -28.66
CA ARG F 143 -74.89 19.53 -29.55
C ARG F 143 -76.17 19.55 -30.40
N VAL F 144 -77.23 20.13 -29.83
CA VAL F 144 -78.54 20.28 -30.45
C VAL F 144 -78.89 21.76 -30.45
N GLY F 145 -79.57 22.23 -31.50
CA GLY F 145 -79.89 23.63 -31.63
C GLY F 145 -80.79 23.89 -32.83
N ASP F 146 -81.06 25.16 -33.12
CA ASP F 146 -81.93 25.57 -34.20
C ASP F 146 -81.39 26.79 -34.94
N VAL F 147 -81.57 26.80 -36.28
CA VAL F 147 -81.38 27.99 -37.08
C VAL F 147 -82.76 28.47 -37.50
N PRO F 148 -83.18 29.72 -37.18
CA PRO F 148 -84.48 30.22 -37.62
C PRO F 148 -84.47 30.66 -39.08
N ILE F 149 -85.53 30.29 -39.80
CA ILE F 149 -85.73 30.56 -41.21
C ILE F 149 -86.97 31.45 -41.35
N ALA F 150 -86.83 32.57 -42.06
CA ALA F 150 -87.96 33.44 -42.37
C ALA F 150 -88.69 32.96 -43.62
N SER F 151 -90.01 33.22 -43.70
CA SER F 151 -90.83 32.89 -44.86
C SER F 151 -90.38 33.63 -46.13
N ASP F 152 -90.75 33.10 -47.30
CA ASP F 152 -90.46 33.73 -48.59
C ASP F 152 -91.12 35.09 -48.75
N GLU F 153 -90.54 35.91 -49.65
CA GLU F 153 -91.18 37.13 -50.11
C GLU F 153 -92.51 36.83 -50.82
N GLU F 154 -93.49 37.73 -50.63
CA GLU F 154 -94.78 37.67 -51.31
C GLU F 154 -95.00 38.95 -52.12
N PHE F 155 -96.23 39.10 -52.65
CA PHE F 155 -96.66 40.30 -53.37
C PHE F 155 -97.74 41.02 -52.56
N ALA F 156 -97.63 42.36 -52.52
CA ALA F 156 -98.65 43.20 -51.91
C ALA F 156 -100.01 42.99 -52.60
N ARG F 157 -101.11 43.00 -51.82
CA ARG F 157 -102.46 42.80 -52.37
C ARG F 157 -102.95 44.08 -53.03
N PRO F 158 -103.55 44.02 -54.25
CA PRO F 158 -104.33 45.15 -54.75
C PRO F 158 -105.63 45.27 -53.95
N THR F 159 -105.92 46.48 -53.45
CA THR F 159 -107.06 46.72 -52.56
C THR F 159 -107.78 48.02 -52.90
N GLY F 160 -109.09 48.05 -52.62
CA GLY F 160 -109.92 49.24 -52.84
C GLY F 160 -109.54 50.40 -51.91
N GLN F 161 -109.85 51.63 -52.35
CA GLN F 161 -109.65 52.81 -51.53
C GLN F 161 -110.58 52.78 -50.31
N GLY F 162 -110.04 53.12 -49.13
CA GLY F 162 -110.81 53.12 -47.88
C GLY F 162 -110.98 51.73 -47.23
N ALA F 163 -110.48 50.66 -47.85
CA ALA F 163 -110.57 49.31 -47.29
C ALA F 163 -109.52 49.08 -46.19
N GLU F 164 -109.79 48.13 -45.28
CA GLU F 164 -108.81 47.73 -44.26
C GLU F 164 -107.60 47.04 -44.91
N ILE F 165 -106.39 47.36 -44.43
CA ILE F 165 -105.19 46.61 -44.78
C ILE F 165 -105.24 45.26 -44.05
N ARG F 166 -105.08 44.15 -44.79
CA ARG F 166 -105.03 42.81 -44.20
C ARG F 166 -103.60 42.44 -43.80
N ASP F 167 -103.48 41.56 -42.79
CA ASP F 167 -102.17 41.11 -42.31
C ASP F 167 -101.64 39.92 -43.11
N ASP F 168 -100.32 39.93 -43.35
CA ASP F 168 -99.57 38.83 -43.93
C ASP F 168 -98.10 38.95 -43.53
N GLY F 169 -97.85 39.01 -42.20
CA GLY F 169 -96.51 39.20 -41.65
C GLY F 169 -95.56 38.03 -41.89
N GLU F 170 -94.26 38.23 -41.60
CA GLU F 170 -93.31 37.13 -41.60
C GLU F 170 -93.77 36.05 -40.62
N THR F 171 -94.00 34.85 -41.13
CA THR F 171 -93.95 33.65 -40.31
C THR F 171 -92.54 33.09 -40.31
N TYR F 172 -92.26 32.21 -39.34
CA TYR F 172 -90.94 31.66 -39.13
C TYR F 172 -91.00 30.17 -38.84
N THR F 173 -89.90 29.47 -39.12
CA THR F 173 -89.69 28.09 -38.73
C THR F 173 -88.22 27.92 -38.37
N THR F 174 -87.77 26.69 -38.08
CA THR F 174 -86.34 26.45 -37.91
C THR F 174 -85.91 25.21 -38.70
N VAL F 175 -84.61 25.13 -39.01
CA VAL F 175 -83.99 23.83 -39.22
C VAL F 175 -83.23 23.49 -37.94
N ALA F 176 -83.53 22.31 -37.40
CA ALA F 176 -82.81 21.84 -36.22
C ALA F 176 -81.46 21.24 -36.63
N TRP F 177 -80.42 21.45 -35.82
CA TRP F 177 -79.26 20.58 -35.88
C TRP F 177 -79.26 19.63 -34.70
N ASN F 178 -78.72 18.44 -34.93
CA ASN F 178 -78.69 17.36 -33.97
C ASN F 178 -77.37 16.63 -34.17
N ALA F 179 -76.28 17.23 -33.70
CA ALA F 179 -74.93 16.80 -34.01
C ALA F 179 -74.63 15.40 -33.48
N THR F 180 -74.07 14.58 -34.36
CA THR F 180 -73.82 13.17 -34.13
C THR F 180 -72.34 13.00 -33.81
N LYS F 181 -71.99 12.33 -32.70
CA LYS F 181 -70.59 12.11 -32.42
C LYS F 181 -70.01 11.10 -33.40
N LEU F 182 -68.95 11.51 -34.11
CA LEU F 182 -68.14 10.60 -34.91
C LEU F 182 -66.87 10.33 -34.12
N THR F 183 -66.45 9.07 -34.07
CA THR F 183 -65.26 8.70 -33.32
C THR F 183 -64.40 7.72 -34.10
N GLU F 184 -63.09 7.76 -33.85
CA GLU F 184 -62.16 6.75 -34.32
C GLU F 184 -61.17 6.47 -33.20
N GLY F 185 -60.86 5.20 -32.93
CA GLY F 185 -59.92 4.86 -31.87
C GLY F 185 -58.85 3.87 -32.33
N SER F 186 -57.78 3.80 -31.54
CA SER F 186 -56.71 2.82 -31.74
C SER F 186 -56.11 2.45 -30.38
N ARG F 187 -55.73 1.18 -30.19
CA ARG F 187 -55.03 0.73 -28.99
C ARG F 187 -53.90 -0.22 -29.38
N VAL F 188 -52.71 0.01 -28.79
CA VAL F 188 -51.53 -0.82 -29.00
C VAL F 188 -50.88 -1.16 -27.65
N THR F 189 -50.27 -2.35 -27.54
CA THR F 189 -49.47 -2.68 -26.37
C THR F 189 -48.22 -1.80 -26.32
N ASP F 190 -47.76 -1.43 -25.13
CA ASP F 190 -46.55 -0.63 -24.95
C ASP F 190 -45.29 -1.27 -25.56
N GLU F 191 -45.21 -2.60 -25.57
CA GLU F 191 -44.14 -3.32 -26.25
C GLU F 191 -44.05 -2.95 -27.73
N MET F 192 -45.20 -2.74 -28.39
CA MET F 192 -45.24 -2.35 -29.79
C MET F 192 -44.82 -0.89 -29.97
N ARG F 193 -45.20 0.04 -29.08
CA ARG F 193 -44.70 1.41 -29.13
C ARG F 193 -43.17 1.46 -29.07
N ASP F 194 -42.57 0.68 -28.17
CA ASP F 194 -41.14 0.70 -27.92
C ASP F 194 -40.36 0.16 -29.12
N GLN F 195 -40.89 -0.87 -29.79
CA GLN F 195 -40.21 -1.59 -30.85
C GLN F 195 -40.57 -1.09 -32.26
N ALA F 196 -41.36 -0.02 -32.38
CA ALA F 196 -41.82 0.45 -33.68
C ALA F 196 -40.71 1.09 -34.52
N MET F 197 -40.80 0.89 -35.84
CA MET F 197 -39.94 1.46 -36.88
C MET F 197 -40.04 2.99 -36.94
N VAL F 198 -41.24 3.53 -36.63
CA VAL F 198 -41.55 4.95 -36.63
C VAL F 198 -42.48 5.24 -35.45
N ASP F 199 -42.69 6.52 -35.12
CA ASP F 199 -43.58 6.87 -34.02
C ASP F 199 -45.03 6.42 -34.28
N LEU F 200 -45.44 5.33 -33.62
CA LEU F 200 -46.79 4.78 -33.77
C LEU F 200 -47.86 5.70 -33.20
N ILE F 201 -47.53 6.52 -32.20
CA ILE F 201 -48.49 7.47 -31.66
C ILE F 201 -48.74 8.57 -32.69
N GLU F 202 -47.70 9.14 -33.29
CA GLU F 202 -47.87 10.15 -34.34
C GLU F 202 -48.62 9.60 -35.56
N ARG F 203 -48.35 8.35 -35.95
CA ARG F 203 -49.08 7.72 -37.05
C ARG F 203 -50.55 7.49 -36.70
N ASN F 204 -50.87 7.02 -35.50
CA ASN F 204 -52.26 6.84 -35.11
C ASN F 204 -52.99 8.16 -34.88
N ILE F 205 -52.32 9.20 -34.36
CA ILE F 205 -52.89 10.53 -34.23
C ILE F 205 -53.29 11.07 -35.61
N GLN F 206 -52.39 10.96 -36.60
CA GLN F 206 -52.67 11.45 -37.94
C GLN F 206 -53.75 10.62 -38.63
N ARG F 207 -53.78 9.29 -38.46
CA ARG F 207 -54.88 8.46 -38.97
C ARG F 207 -56.23 8.86 -38.36
N VAL F 208 -56.28 9.02 -37.04
CA VAL F 208 -57.50 9.36 -36.33
C VAL F 208 -58.00 10.74 -36.77
N GLY F 209 -57.11 11.74 -36.84
CA GLY F 209 -57.46 13.07 -37.33
C GLY F 209 -58.02 13.03 -38.74
N ALA F 210 -57.34 12.35 -39.67
CA ALA F 210 -57.80 12.17 -41.04
C ALA F 210 -59.17 11.48 -41.10
N SER F 211 -59.35 10.43 -40.30
CA SER F 211 -60.58 9.65 -40.24
C SER F 211 -61.77 10.50 -39.78
N LEU F 212 -61.56 11.44 -38.86
CA LEU F 212 -62.57 12.41 -38.46
C LEU F 212 -62.87 13.41 -39.57
N GLU F 213 -61.86 13.97 -40.26
CA GLU F 213 -62.10 14.88 -41.38
C GLU F 213 -62.91 14.20 -42.48
N ASN F 214 -62.56 12.97 -42.84
CA ASN F 214 -63.31 12.17 -43.79
C ASN F 214 -64.76 12.00 -43.31
N GLY F 215 -64.97 11.81 -42.00
CA GLY F 215 -66.28 11.80 -41.39
C GLY F 215 -67.07 13.09 -41.61
N ILE F 216 -66.46 14.27 -41.40
CA ILE F 216 -67.10 15.55 -41.68
C ILE F 216 -67.54 15.61 -43.15
N ASN F 217 -66.65 15.25 -44.09
CA ASN F 217 -66.93 15.35 -45.51
C ASN F 217 -68.05 14.39 -45.94
N ARG F 218 -68.12 13.19 -45.37
CA ARG F 218 -69.21 12.25 -45.65
C ARG F 218 -70.56 12.83 -45.22
N VAL F 219 -70.63 13.40 -44.02
CA VAL F 219 -71.86 14.00 -43.52
C VAL F 219 -72.31 15.14 -44.42
N PHE F 220 -71.40 16.07 -44.74
CA PHE F 220 -71.65 17.18 -45.64
C PHE F 220 -72.14 16.73 -47.02
N LEU F 221 -71.39 15.86 -47.70
CA LEU F 221 -71.69 15.46 -49.06
C LEU F 221 -73.00 14.67 -49.15
N THR F 222 -73.32 13.87 -48.13
CA THR F 222 -74.55 13.08 -48.13
C THR F 222 -75.78 13.98 -47.94
N GLU F 223 -75.71 14.99 -47.07
CA GLU F 223 -76.76 16.00 -46.99
C GLU F 223 -76.89 16.74 -48.32
N LEU F 224 -75.75 17.19 -48.86
CA LEU F 224 -75.69 18.03 -50.04
C LEU F 224 -76.33 17.36 -51.25
N VAL F 225 -75.96 16.11 -51.54
CA VAL F 225 -76.46 15.35 -52.68
C VAL F 225 -77.92 14.94 -52.48
N ASP F 226 -78.30 14.45 -51.29
CA ASP F 226 -79.64 13.90 -51.09
C ASP F 226 -80.72 14.99 -51.05
N ASN F 227 -80.44 16.12 -50.40
CA ASN F 227 -81.45 17.11 -50.06
C ASN F 227 -81.47 18.33 -50.99
N ALA F 228 -80.63 18.37 -52.03
CA ALA F 228 -80.78 19.34 -53.11
C ALA F 228 -82.17 19.20 -53.73
N GLN F 229 -82.92 20.31 -53.86
CA GLN F 229 -84.30 20.27 -54.32
C GLN F 229 -84.43 20.27 -55.85
N ASN F 230 -83.38 20.64 -56.57
CA ASN F 230 -83.39 20.71 -58.03
C ASN F 230 -82.45 19.68 -58.66
N ASN F 231 -82.73 19.35 -59.93
CA ASN F 231 -81.95 18.36 -60.68
C ASN F 231 -81.85 18.81 -62.14
N HIS F 232 -80.65 18.69 -62.73
CA HIS F 232 -80.49 18.76 -64.17
C HIS F 232 -80.09 17.38 -64.69
N ASP F 233 -80.98 16.76 -65.46
CA ASP F 233 -80.73 15.45 -66.05
C ASP F 233 -80.07 15.63 -67.42
N THR F 234 -78.81 15.22 -67.54
CA THR F 234 -78.07 15.37 -68.79
C THR F 234 -78.51 14.35 -69.84
N ALA F 235 -78.99 13.17 -69.41
CA ALA F 235 -79.34 12.06 -70.28
C ALA F 235 -78.21 11.72 -71.27
N GLY F 236 -76.98 11.51 -70.75
CA GLY F 236 -75.79 11.50 -71.59
C GLY F 236 -75.56 12.87 -72.22
N SER F 237 -75.28 12.93 -73.52
CA SER F 237 -75.31 14.18 -74.28
C SER F 237 -74.40 15.29 -73.74
N ASN F 238 -74.95 16.51 -73.50
CA ASN F 238 -74.19 17.74 -73.33
C ASN F 238 -73.75 17.93 -71.87
N GLN F 239 -72.93 16.98 -71.39
CA GLN F 239 -72.27 17.08 -70.10
C GLN F 239 -71.15 18.12 -70.18
N GLY F 240 -70.51 18.48 -69.05
CA GLY F 240 -69.51 19.54 -69.07
C GLY F 240 -70.09 20.93 -68.84
N TYR F 241 -69.61 21.97 -69.53
CA TYR F 241 -70.04 23.34 -69.28
C TYR F 241 -71.55 23.52 -69.41
N GLN F 242 -72.17 22.98 -70.46
CA GLN F 242 -73.60 23.15 -70.68
C GLN F 242 -74.45 22.56 -69.54
N ALA F 243 -74.05 21.41 -68.99
CA ALA F 243 -74.70 20.80 -67.84
C ALA F 243 -74.58 21.70 -66.60
N LEU F 244 -73.40 22.29 -66.41
CA LEU F 244 -73.13 23.17 -65.28
C LEU F 244 -73.96 24.45 -65.37
N ASN F 245 -73.94 25.11 -66.52
CA ASN F 245 -74.79 26.27 -66.80
C ASN F 245 -76.28 25.94 -66.61
N SER F 246 -76.72 24.76 -67.06
CA SER F 246 -78.11 24.33 -66.93
C SER F 246 -78.50 24.12 -65.47
N ALA F 247 -77.62 23.52 -64.66
CA ALA F 247 -77.83 23.38 -63.23
C ALA F 247 -77.91 24.73 -62.54
N VAL F 248 -77.07 25.71 -62.91
CA VAL F 248 -77.23 27.07 -62.43
C VAL F 248 -78.61 27.61 -62.80
N GLY F 249 -79.06 27.37 -64.04
CA GLY F 249 -80.39 27.74 -64.51
C GLY F 249 -81.52 27.15 -63.68
N GLU F 250 -81.37 25.90 -63.22
CA GLU F 250 -82.33 25.25 -62.34
C GLU F 250 -82.44 25.95 -60.99
N VAL F 251 -81.31 26.35 -60.38
CA VAL F 251 -81.33 27.06 -59.11
C VAL F 251 -81.87 28.48 -59.30
N ASP F 252 -81.43 29.16 -60.36
CA ASP F 252 -81.89 30.49 -60.74
C ASP F 252 -83.40 30.53 -60.96
N LYS F 253 -83.98 29.45 -61.49
CA LYS F 253 -85.42 29.32 -61.71
C LYS F 253 -86.21 29.14 -60.41
N ASP F 254 -85.57 28.73 -59.31
CA ASP F 254 -86.15 28.81 -57.97
C ASP F 254 -85.84 30.14 -57.25
N ASP F 255 -85.19 31.08 -57.95
CA ASP F 255 -84.89 32.44 -57.47
C ASP F 255 -83.88 32.46 -56.30
N PHE F 256 -82.91 31.53 -56.34
CA PHE F 256 -81.68 31.57 -55.55
C PHE F 256 -80.48 31.65 -56.49
N ARG F 257 -79.34 32.18 -56.04
CA ARG F 257 -78.15 32.26 -56.88
C ARG F 257 -77.05 31.37 -56.31
N PRO F 258 -76.64 30.27 -56.99
CA PRO F 258 -75.56 29.42 -56.49
C PRO F 258 -74.21 30.09 -56.75
N ASP F 259 -73.19 29.68 -55.98
CA ASP F 259 -71.87 30.27 -56.05
C ASP F 259 -70.74 29.24 -55.98
N THR F 260 -71.07 27.95 -55.81
CA THR F 260 -70.10 26.90 -55.56
C THR F 260 -70.55 25.64 -56.28
N TYR F 261 -69.60 24.77 -56.64
CA TYR F 261 -69.96 23.41 -57.04
C TYR F 261 -69.02 22.36 -56.47
N VAL F 262 -69.61 21.20 -56.22
CA VAL F 262 -68.96 20.02 -55.67
C VAL F 262 -69.01 18.94 -56.74
N THR F 263 -67.89 18.24 -56.97
CA THR F 263 -67.75 17.44 -58.18
C THR F 263 -67.08 16.08 -57.92
N HIS F 264 -67.64 15.01 -58.52
CA HIS F 264 -67.08 13.67 -58.52
C HIS F 264 -65.88 13.55 -59.49
N PRO F 265 -64.87 12.67 -59.25
CA PRO F 265 -63.73 12.52 -60.16
C PRO F 265 -64.07 12.22 -61.63
N ASP F 266 -65.12 11.44 -61.89
CA ASP F 266 -65.52 11.14 -63.26
C ASP F 266 -66.12 12.36 -63.95
N TYR F 267 -66.90 13.15 -63.19
CA TYR F 267 -67.42 14.41 -63.73
C TYR F 267 -66.27 15.36 -64.07
N ARG F 268 -65.31 15.55 -63.16
CA ARG F 268 -64.13 16.37 -63.44
C ARG F 268 -63.41 15.91 -64.70
N THR F 269 -63.18 14.60 -64.81
CA THR F 269 -62.48 14.01 -65.94
C THR F 269 -63.20 14.32 -67.25
N GLN F 270 -64.52 14.15 -67.26
CA GLN F 270 -65.34 14.48 -68.41
C GLN F 270 -65.32 15.98 -68.73
N LEU F 271 -65.44 16.84 -67.71
CA LEU F 271 -65.43 18.29 -67.83
C LEU F 271 -64.15 18.80 -68.49
N PHE F 272 -62.99 18.27 -68.15
CA PHE F 272 -61.73 18.71 -68.76
C PHE F 272 -61.51 18.16 -70.17
N ASN F 273 -62.35 17.25 -70.67
CA ASN F 273 -62.38 16.90 -72.09
C ASN F 273 -63.25 17.85 -72.92
N ASP F 274 -64.09 18.68 -72.27
CA ASP F 274 -64.97 19.60 -72.96
C ASP F 274 -64.13 20.61 -73.75
N THR F 275 -64.33 20.68 -75.08
CA THR F 275 -63.55 21.58 -75.93
C THR F 275 -63.68 23.04 -75.50
N ASN F 276 -64.80 23.42 -74.88
CA ASN F 276 -65.00 24.78 -74.39
C ASN F 276 -63.98 25.16 -73.31
N LEU F 277 -63.48 24.18 -72.57
CA LEU F 277 -62.45 24.36 -71.54
C LEU F 277 -61.07 23.93 -72.04
N ALA F 278 -61.01 22.88 -72.87
CA ALA F 278 -59.76 22.26 -73.28
C ALA F 278 -59.04 23.02 -74.39
N TYR F 279 -59.75 23.79 -75.22
CA TYR F 279 -59.11 24.61 -76.23
C TYR F 279 -58.87 26.00 -75.67
N ALA F 280 -57.62 26.47 -75.71
CA ALA F 280 -57.21 27.74 -75.12
C ALA F 280 -58.02 28.91 -75.65
N ASN F 281 -58.25 28.97 -76.97
CA ASN F 281 -59.07 30.00 -77.59
C ASN F 281 -60.54 29.96 -77.13
N ARG F 282 -61.10 28.77 -76.83
CA ARG F 282 -62.48 28.69 -76.36
C ARG F 282 -62.59 29.05 -74.88
N ALA F 283 -61.59 28.71 -74.06
CA ALA F 283 -61.58 29.02 -72.64
C ALA F 283 -61.09 30.45 -72.35
N GLY F 284 -60.32 31.05 -73.26
CA GLY F 284 -59.66 32.32 -73.03
C GLY F 284 -58.32 32.21 -72.29
N THR F 285 -57.92 30.99 -71.92
CA THR F 285 -56.64 30.70 -71.29
C THR F 285 -56.32 29.23 -71.52
N ASN F 286 -55.02 28.85 -71.53
CA ASN F 286 -54.64 27.45 -71.66
C ASN F 286 -54.53 26.71 -70.31
N GLU F 287 -54.87 27.37 -69.20
CA GLU F 287 -54.66 26.83 -67.86
C GLU F 287 -55.32 25.47 -67.64
N VAL F 288 -56.52 25.19 -68.19
CA VAL F 288 -57.14 23.89 -68.01
C VAL F 288 -56.36 22.79 -68.74
N LEU F 289 -55.90 23.07 -69.96
CA LEU F 289 -55.08 22.15 -70.74
C LEU F 289 -53.79 21.79 -69.98
N ARG F 290 -53.16 22.77 -69.31
CA ARG F 290 -51.88 22.54 -68.65
C ARG F 290 -51.98 22.10 -67.18
N ASN F 291 -52.75 22.82 -66.35
CA ASN F 291 -52.83 22.56 -64.92
C ASN F 291 -54.12 21.88 -64.45
N ARG F 292 -55.03 21.52 -65.37
CA ARG F 292 -56.22 20.74 -65.06
C ARG F 292 -57.06 21.39 -63.96
N GLU F 293 -57.39 20.66 -62.88
CA GLU F 293 -58.23 21.17 -61.80
C GLU F 293 -57.60 22.31 -60.99
N ASP F 294 -56.28 22.55 -61.09
CA ASP F 294 -55.63 23.66 -60.44
C ASP F 294 -55.76 24.98 -61.21
N ALA F 295 -56.34 24.95 -62.42
CA ALA F 295 -56.59 26.12 -63.24
C ALA F 295 -57.56 27.08 -62.55
N PRO F 296 -57.30 28.41 -62.52
CA PRO F 296 -58.23 29.36 -61.92
C PRO F 296 -59.61 29.39 -62.56
N ILE F 297 -59.74 29.09 -63.86
CA ILE F 297 -61.05 29.00 -64.53
C ILE F 297 -61.95 27.94 -63.88
N VAL F 298 -61.38 26.84 -63.40
CA VAL F 298 -62.18 25.76 -62.84
C VAL F 298 -62.89 26.22 -61.55
N GLY F 299 -62.28 27.14 -60.81
CA GLY F 299 -62.91 27.80 -59.66
C GLY F 299 -63.60 29.12 -59.97
N ASP F 300 -63.88 29.41 -61.25
CA ASP F 300 -64.46 30.67 -61.72
C ASP F 300 -65.22 30.41 -63.03
N ILE F 301 -66.30 29.63 -62.95
CA ILE F 301 -67.02 29.13 -64.13
C ILE F 301 -68.54 29.21 -63.90
N ALA F 302 -69.29 29.59 -64.93
CA ALA F 302 -70.76 29.66 -64.89
C ALA F 302 -71.27 30.52 -63.71
N GLY F 303 -70.50 31.53 -63.30
CA GLY F 303 -70.87 32.41 -62.19
C GLY F 303 -70.55 31.86 -60.80
N LEU F 304 -70.08 30.61 -60.73
CA LEU F 304 -69.61 29.97 -59.50
C LEU F 304 -68.19 30.43 -59.23
N ASP F 305 -67.90 30.83 -57.99
CA ASP F 305 -66.60 31.34 -57.59
C ASP F 305 -65.84 30.39 -56.64
N MET F 306 -66.30 29.14 -56.51
CA MET F 306 -65.54 28.10 -55.84
C MET F 306 -65.83 26.72 -56.44
N HIS F 307 -64.77 25.90 -56.55
CA HIS F 307 -64.88 24.49 -56.89
C HIS F 307 -64.33 23.64 -55.74
N ALA F 308 -65.10 22.62 -55.35
CA ALA F 308 -64.73 21.72 -54.27
C ALA F 308 -64.68 20.28 -54.80
N ALA F 309 -63.48 19.82 -55.17
CA ALA F 309 -63.27 18.49 -55.70
C ALA F 309 -63.41 17.42 -54.61
N MET F 310 -64.39 16.51 -54.74
CA MET F 310 -64.58 15.42 -53.81
C MET F 310 -63.87 14.13 -54.26
N SER F 311 -63.62 13.25 -53.28
CA SER F 311 -63.22 11.87 -53.52
C SER F 311 -64.45 10.97 -53.73
N SER F 312 -64.30 9.94 -54.56
CA SER F 312 -65.37 9.01 -54.93
C SER F 312 -65.98 8.28 -53.71
N ALA F 313 -65.14 7.86 -52.75
CA ALA F 313 -65.56 7.10 -51.58
C ALA F 313 -66.32 7.92 -50.53
N THR F 314 -66.41 9.25 -50.69
CA THR F 314 -66.84 10.14 -49.62
C THR F 314 -68.34 10.03 -49.35
N TYR F 315 -69.16 9.92 -50.40
CA TYR F 315 -70.61 9.83 -50.22
C TYR F 315 -70.97 8.54 -49.50
N ASP F 316 -71.96 8.62 -48.62
CA ASP F 316 -72.44 7.48 -47.86
C ASP F 316 -73.35 6.57 -48.70
N ASP F 317 -72.79 5.51 -49.26
CA ASP F 317 -73.55 4.50 -49.99
C ASP F 317 -74.09 3.39 -49.08
N GLY F 318 -73.88 3.48 -47.76
CA GLY F 318 -74.34 2.49 -46.80
C GLY F 318 -73.52 1.20 -46.76
N THR F 319 -72.43 1.09 -47.53
CA THR F 319 -71.59 -0.10 -47.51
C THR F 319 -70.58 -0.08 -46.36
N ASP F 320 -70.28 1.10 -45.82
CA ASP F 320 -69.34 1.24 -44.71
C ASP F 320 -70.00 0.91 -43.37
N ILE F 321 -69.19 0.44 -42.41
CA ILE F 321 -69.71 -0.07 -41.14
C ILE F 321 -70.13 1.10 -40.23
N GLY F 322 -71.35 1.01 -39.66
CA GLY F 322 -71.85 2.05 -38.77
C GLY F 322 -72.58 3.19 -39.51
N TRP F 323 -72.46 3.25 -40.83
CA TRP F 323 -73.12 4.23 -41.68
C TRP F 323 -74.32 3.60 -42.38
N SER F 324 -75.45 4.32 -42.41
CA SER F 324 -76.64 3.91 -43.17
C SER F 324 -76.85 4.86 -44.36
N GLY F 325 -76.91 4.31 -45.57
CA GLY F 325 -76.66 5.08 -46.79
C GLY F 325 -77.64 6.22 -47.08
N GLY F 326 -77.17 7.19 -47.86
CA GLY F 326 -78.01 8.17 -48.52
C GLY F 326 -78.86 7.56 -49.62
N SER F 327 -79.76 8.35 -50.20
CA SER F 327 -80.79 7.88 -51.13
C SER F 327 -80.37 7.92 -52.61
N GLU F 328 -79.18 8.47 -52.93
CA GLU F 328 -78.69 8.64 -54.29
C GLU F 328 -77.47 7.76 -54.60
N THR F 329 -77.03 7.73 -55.87
CA THR F 329 -75.71 7.20 -56.22
C THR F 329 -74.78 8.34 -56.62
N TRP F 330 -73.67 8.47 -55.89
CA TRP F 330 -72.63 9.45 -56.22
C TRP F 330 -71.69 8.86 -57.26
N GLY F 331 -71.63 9.48 -58.43
CA GLY F 331 -70.84 8.97 -59.54
C GLY F 331 -71.12 9.75 -60.82
N PHE F 332 -70.36 9.45 -61.88
CA PHE F 332 -70.68 10.03 -63.18
C PHE F 332 -70.26 9.11 -64.31
N SER F 333 -70.75 7.86 -64.24
CA SER F 333 -70.33 6.81 -65.15
C SER F 333 -71.48 5.91 -65.58
N SER F 334 -72.64 5.98 -64.91
CA SER F 334 -73.78 5.15 -65.26
C SER F 334 -75.09 5.94 -65.17
N ASP F 335 -76.07 5.51 -65.97
CA ASP F 335 -77.39 6.09 -66.10
C ASP F 335 -78.05 6.34 -64.73
N GLY F 336 -78.24 7.61 -64.37
CA GLY F 336 -78.91 7.99 -63.13
C GLY F 336 -77.99 8.45 -61.99
N ASP F 337 -76.66 8.32 -62.11
CA ASP F 337 -75.75 8.80 -61.08
C ASP F 337 -75.76 10.33 -60.96
N LYS F 338 -75.70 10.83 -59.72
CA LYS F 338 -75.47 12.24 -59.45
C LYS F 338 -73.96 12.48 -59.41
N GLY F 339 -73.44 13.35 -60.28
CA GLY F 339 -72.01 13.55 -60.44
C GLY F 339 -71.49 14.91 -59.95
N ALA F 340 -72.38 15.88 -59.77
CA ALA F 340 -72.02 17.18 -59.23
C ALA F 340 -73.22 17.80 -58.51
N VAL F 341 -72.95 18.78 -57.64
CA VAL F 341 -73.98 19.62 -57.08
C VAL F 341 -73.54 21.07 -57.22
N VAL F 342 -74.46 21.92 -57.67
CA VAL F 342 -74.26 23.34 -57.87
C VAL F 342 -75.17 24.05 -56.88
N TYR F 343 -74.60 24.91 -56.02
CA TYR F 343 -75.34 25.35 -54.84
C TYR F 343 -74.81 26.67 -54.28
N ASP F 344 -75.60 27.27 -53.39
CA ASP F 344 -75.20 28.42 -52.61
C ASP F 344 -74.54 27.98 -51.30
N ARG F 345 -73.23 28.26 -51.18
CA ARG F 345 -72.40 27.92 -50.03
C ARG F 345 -72.89 28.52 -48.72
N ASP F 346 -73.67 29.61 -48.77
CA ASP F 346 -74.23 30.25 -47.58
C ASP F 346 -75.54 29.60 -47.12
N ASN F 347 -76.08 28.65 -47.88
CA ASN F 347 -77.35 28.00 -47.58
C ASN F 347 -77.24 26.51 -47.24
N ILE F 348 -76.02 25.98 -47.18
CA ILE F 348 -75.74 24.66 -46.63
C ILE F 348 -74.82 24.87 -45.42
N HIS F 349 -75.26 24.39 -44.25
CA HIS F 349 -74.57 24.64 -43.00
C HIS F 349 -73.97 23.35 -42.44
N THR F 350 -72.67 23.38 -42.13
CA THR F 350 -72.01 22.29 -41.43
C THR F 350 -71.85 22.72 -39.99
N ILE F 351 -72.44 21.95 -39.06
CA ILE F 351 -72.46 22.34 -37.67
C ILE F 351 -71.48 21.43 -36.93
N LEU F 352 -70.45 22.04 -36.33
CA LEU F 352 -69.45 21.34 -35.54
C LEU F 352 -69.65 21.68 -34.07
N TYR F 353 -69.66 20.64 -33.22
CA TYR F 353 -69.74 20.80 -31.78
C TYR F 353 -68.62 19.99 -31.12
N ALA F 354 -67.95 20.60 -30.13
CA ALA F 354 -66.95 19.92 -29.33
C ALA F 354 -67.10 20.32 -27.87
N PRO F 355 -67.06 19.38 -26.89
CA PRO F 355 -67.08 19.75 -25.47
C PRO F 355 -65.86 20.57 -25.05
N ASN F 356 -64.66 20.24 -25.56
CA ASN F 356 -63.45 21.00 -25.28
C ASN F 356 -62.99 21.72 -26.56
N GLY F 357 -62.76 23.03 -26.48
CA GLY F 357 -62.50 23.83 -27.67
C GLY F 357 -63.71 23.89 -28.59
N GLN F 358 -63.47 23.88 -29.92
CA GLN F 358 -64.54 24.02 -30.91
C GLN F 358 -64.27 23.25 -32.21
N ASP F 359 -63.35 22.27 -32.15
CA ASP F 359 -62.92 21.45 -33.29
C ASP F 359 -62.62 20.02 -32.82
N VAL F 360 -62.03 19.17 -33.68
CA VAL F 360 -61.65 17.80 -33.32
C VAL F 360 -60.80 17.80 -32.04
N GLU F 361 -60.97 16.78 -31.21
CA GLU F 361 -60.06 16.58 -30.10
C GLU F 361 -59.61 15.13 -30.04
N ILE F 362 -58.30 14.96 -29.81
CA ILE F 362 -57.66 13.67 -29.76
C ILE F 362 -57.07 13.48 -28.37
N LYS F 363 -57.46 12.39 -27.71
CA LYS F 363 -56.95 12.03 -26.39
C LYS F 363 -56.01 10.85 -26.58
N ASP F 364 -54.77 10.99 -26.09
CA ASP F 364 -53.84 9.89 -26.00
C ASP F 364 -53.70 9.48 -24.52
N TYR F 365 -53.75 8.19 -24.25
CA TYR F 365 -53.91 7.70 -22.89
C TYR F 365 -53.20 6.36 -22.69
N GLU F 366 -52.83 6.10 -21.42
CA GLU F 366 -52.37 4.79 -21.01
C GLU F 366 -53.47 4.11 -20.21
N ASP F 367 -53.70 2.83 -20.49
CA ASP F 367 -54.57 1.99 -19.68
C ASP F 367 -54.03 1.92 -18.24
N PRO F 368 -54.88 2.04 -17.19
CA PRO F 368 -54.41 2.05 -15.80
C PRO F 368 -53.61 0.83 -15.35
N ILE F 369 -53.88 -0.37 -15.93
CA ILE F 369 -53.35 -1.63 -15.40
C ILE F 369 -52.90 -2.69 -16.44
N ARG F 370 -53.06 -2.45 -17.76
CA ARG F 370 -52.81 -3.47 -18.79
C ARG F 370 -51.62 -3.22 -19.74
N ASP F 371 -50.85 -2.13 -19.58
CA ASP F 371 -49.73 -1.83 -20.48
C ASP F 371 -50.16 -1.65 -21.96
N ILE F 372 -51.34 -1.03 -22.14
CA ILE F 372 -51.84 -0.57 -23.43
C ILE F 372 -51.74 0.96 -23.44
N THR F 373 -51.30 1.51 -24.58
CA THR F 373 -51.52 2.92 -24.92
C THR F 373 -52.58 2.99 -26.01
N GLY F 374 -53.44 4.01 -25.99
CA GLY F 374 -54.37 4.22 -27.09
C GLY F 374 -54.49 5.70 -27.46
N VAL F 375 -55.02 5.97 -28.65
CA VAL F 375 -55.40 7.32 -29.05
C VAL F 375 -56.82 7.29 -29.62
N ASN F 376 -57.66 8.26 -29.22
CA ASN F 376 -59.06 8.30 -29.59
C ASN F 376 -59.40 9.71 -30.07
N GLY F 377 -60.03 9.81 -31.25
CA GLY F 377 -60.51 11.08 -31.76
C GLY F 377 -62.04 11.15 -31.71
N ARG F 378 -62.56 12.37 -31.53
CA ARG F 378 -63.98 12.64 -31.54
C ARG F 378 -64.26 14.01 -32.16
N LEU F 379 -65.45 14.12 -32.77
CA LEU F 379 -66.07 15.39 -33.08
C LEU F 379 -67.57 15.15 -33.22
N HIS F 380 -68.40 16.14 -32.90
CA HIS F 380 -69.81 16.03 -33.24
C HIS F 380 -70.04 16.87 -34.49
N VAL F 381 -70.78 16.30 -35.45
CA VAL F 381 -71.07 17.00 -36.69
C VAL F 381 -72.52 16.77 -37.11
N ASP F 382 -73.11 17.79 -37.73
CA ASP F 382 -74.34 17.69 -38.48
C ASP F 382 -74.21 18.54 -39.74
N CYS F 383 -75.04 18.28 -40.74
CA CYS F 383 -75.10 19.15 -41.90
C CYS F 383 -76.55 19.33 -42.32
N GLN F 384 -76.97 20.59 -42.54
CA GLN F 384 -78.35 20.92 -42.85
C GLN F 384 -78.40 21.99 -43.94
N TYR F 385 -79.25 21.80 -44.95
CA TYR F 385 -79.63 22.94 -45.78
C TYR F 385 -80.50 23.91 -44.98
N SER F 386 -80.15 25.20 -45.06
CA SER F 386 -81.05 26.31 -44.76
C SER F 386 -82.14 26.42 -45.83
N GLN F 387 -81.74 26.37 -47.10
CA GLN F 387 -82.66 26.45 -48.24
C GLN F 387 -82.24 25.43 -49.29
N GLY F 388 -82.92 24.27 -49.34
CA GLY F 388 -82.59 23.22 -50.30
C GLY F 388 -82.83 23.61 -51.76
N ARG F 389 -83.71 24.58 -51.98
CA ARG F 389 -84.00 25.20 -53.27
C ARG F 389 -82.78 25.93 -53.86
N SER F 390 -81.83 26.32 -53.01
CA SER F 390 -80.60 26.97 -53.45
C SER F 390 -79.58 26.01 -54.09
N SER F 391 -79.98 24.78 -54.40
CA SER F 391 -79.08 23.72 -54.83
C SER F 391 -79.70 22.87 -55.93
N ALA F 392 -78.88 22.51 -56.93
CA ALA F 392 -79.24 21.63 -58.01
C ALA F 392 -78.17 20.57 -58.19
N THR F 393 -78.57 19.31 -58.33
CA THR F 393 -77.63 18.24 -58.66
C THR F 393 -77.58 18.00 -60.16
N VAL F 394 -76.44 17.51 -60.67
CA VAL F 394 -76.25 17.17 -62.08
C VAL F 394 -76.25 15.64 -62.19
N GLN F 395 -77.08 15.12 -63.09
CA GLN F 395 -77.32 13.69 -63.25
C GLN F 395 -76.84 13.20 -64.62
N TYR F 396 -76.19 12.02 -64.63
CA TYR F 396 -75.73 11.32 -65.82
C TYR F 396 -76.89 10.68 -66.62
N ALA G 2 -15.35 -12.35 -88.80
CA ALA G 2 -16.71 -12.27 -88.20
C ALA G 2 -17.08 -10.80 -87.97
N THR G 3 -18.33 -10.43 -88.32
CA THR G 3 -18.75 -9.02 -88.32
C THR G 3 -20.21 -8.84 -87.88
N GLU G 4 -20.51 -7.67 -87.30
CA GLU G 4 -21.83 -7.28 -86.78
C GLU G 4 -22.32 -6.02 -87.51
N THR G 5 -23.60 -5.95 -87.87
CA THR G 5 -24.15 -4.78 -88.57
C THR G 5 -25.00 -3.92 -87.64
N GLN G 6 -24.76 -2.60 -87.65
CA GLN G 6 -25.61 -1.61 -86.96
C GLN G 6 -25.87 -0.44 -87.92
N GLY G 7 -27.09 -0.32 -88.45
CA GLY G 7 -27.38 0.64 -89.51
C GLY G 7 -26.58 0.37 -90.78
N GLU G 8 -25.93 1.41 -91.33
CA GLU G 8 -25.07 1.25 -92.50
C GLU G 8 -23.78 0.48 -92.19
N HIS G 9 -23.39 0.43 -90.91
CA HIS G 9 -22.03 0.13 -90.52
C HIS G 9 -21.84 -1.34 -90.19
N THR G 10 -20.69 -1.88 -90.61
CA THR G 10 -20.22 -3.18 -90.13
C THR G 10 -19.06 -3.00 -89.16
N PHE G 11 -19.11 -3.74 -88.05
CA PHE G 11 -18.14 -3.68 -86.96
C PHE G 11 -17.44 -5.03 -86.81
N PRO G 12 -16.17 -5.08 -86.35
CA PRO G 12 -15.54 -6.34 -86.03
C PRO G 12 -16.21 -6.92 -84.77
N VAL G 13 -16.35 -8.26 -84.73
CA VAL G 13 -16.83 -8.93 -83.53
C VAL G 13 -15.68 -9.14 -82.56
N GLU G 14 -15.85 -8.75 -81.30
CA GLU G 14 -14.90 -9.09 -80.25
C GLU G 14 -14.95 -10.61 -79.98
N VAL G 15 -13.85 -11.32 -80.31
CA VAL G 15 -13.80 -12.78 -80.14
C VAL G 15 -14.01 -13.21 -78.68
N LEU G 16 -13.35 -12.55 -77.72
CA LEU G 16 -13.36 -12.99 -76.32
C LEU G 16 -14.52 -12.35 -75.55
N ILE G 17 -15.43 -13.19 -75.01
CA ILE G 17 -16.53 -12.77 -74.15
C ILE G 17 -16.08 -12.77 -72.69
N SER G 18 -15.39 -13.84 -72.25
CA SER G 18 -14.90 -13.95 -70.89
C SER G 18 -13.74 -14.94 -70.81
N GLY G 19 -13.00 -14.90 -69.71
CA GLY G 19 -11.85 -15.78 -69.51
C GLY G 19 -10.52 -15.02 -69.56
N GLU G 20 -9.51 -15.63 -68.93
CA GLU G 20 -8.19 -15.01 -68.81
C GLU G 20 -7.08 -15.94 -69.33
N GLU G 21 -7.46 -17.12 -69.84
CA GLU G 21 -6.51 -18.11 -70.34
C GLU G 21 -6.09 -17.76 -71.77
N LEU G 22 -5.33 -16.66 -71.91
CA LEU G 22 -4.89 -16.11 -73.19
C LEU G 22 -3.39 -16.33 -73.30
N ARG G 23 -2.91 -16.99 -74.38
CA ARG G 23 -1.53 -17.44 -74.46
C ARG G 23 -0.89 -17.14 -75.82
N GLY G 24 0.45 -17.01 -75.81
CA GLY G 24 1.19 -16.51 -76.96
C GLY G 24 1.94 -17.61 -77.70
N TYR G 25 1.87 -17.58 -79.04
CA TYR G 25 2.50 -18.53 -79.96
C TYR G 25 3.06 -17.76 -81.16
N THR G 26 3.82 -18.42 -82.03
CA THR G 26 4.15 -17.84 -83.34
C THR G 26 3.14 -18.36 -84.36
N ALA G 27 2.66 -17.48 -85.25
CA ALA G 27 1.81 -17.92 -86.35
C ALA G 27 2.64 -18.66 -87.40
N GLY G 28 2.27 -19.90 -87.74
CA GLY G 28 2.91 -20.68 -88.79
C GLY G 28 2.47 -20.33 -90.22
N GLU G 29 1.45 -19.45 -90.34
CA GLU G 29 0.84 -18.99 -91.57
C GLU G 29 0.03 -17.72 -91.27
N ALA G 30 -0.51 -17.03 -92.29
CA ALA G 30 -1.46 -15.95 -92.03
C ALA G 30 -2.75 -16.49 -91.40
N LEU G 31 -3.24 -15.81 -90.34
CA LEU G 31 -4.42 -16.21 -89.58
C LEU G 31 -5.33 -15.02 -89.33
N SER G 32 -6.62 -15.31 -89.05
CA SER G 32 -7.68 -14.31 -88.94
C SER G 32 -8.45 -14.46 -87.63
N ALA G 33 -8.95 -13.35 -87.08
CA ALA G 33 -9.64 -13.37 -85.78
C ALA G 33 -10.82 -14.36 -85.75
N GLY G 34 -10.87 -15.17 -84.67
CA GLY G 34 -11.88 -16.19 -84.46
C GLY G 34 -11.55 -17.54 -85.10
N GLU G 35 -10.45 -17.64 -85.85
CA GLU G 35 -10.03 -18.87 -86.52
C GLU G 35 -9.48 -19.89 -85.52
N PRO G 36 -9.91 -21.18 -85.56
CA PRO G 36 -9.31 -22.22 -84.74
C PRO G 36 -7.93 -22.62 -85.25
N VAL G 37 -7.02 -22.89 -84.30
CA VAL G 37 -5.62 -23.20 -84.60
C VAL G 37 -5.11 -24.36 -83.74
N TYR G 38 -4.02 -24.99 -84.18
CA TYR G 38 -3.38 -26.12 -83.51
C TYR G 38 -1.86 -25.99 -83.63
N LEU G 39 -1.09 -26.75 -82.83
CA LEU G 39 0.37 -26.68 -82.84
C LEU G 39 0.95 -27.33 -84.10
N SER G 40 1.56 -26.51 -84.97
CA SER G 40 2.24 -26.94 -86.18
C SER G 40 3.76 -27.08 -85.99
N GLY G 41 4.30 -26.57 -84.87
CA GLY G 41 5.72 -26.67 -84.53
C GLY G 41 5.97 -26.17 -83.11
N ASP G 42 7.25 -26.09 -82.70
CA ASP G 42 7.60 -25.67 -81.35
C ASP G 42 7.10 -24.24 -81.08
N TYR G 43 6.13 -24.10 -80.16
CA TYR G 43 5.39 -22.87 -79.88
C TYR G 43 4.86 -22.18 -81.15
N GLU G 44 4.57 -22.94 -82.21
CA GLU G 44 4.04 -22.40 -83.46
C GLU G 44 2.66 -23.01 -83.74
N VAL G 45 1.69 -22.18 -84.14
CA VAL G 45 0.32 -22.61 -84.41
C VAL G 45 -0.12 -22.26 -85.83
N SER G 46 -0.96 -23.12 -86.42
CA SER G 46 -1.50 -22.99 -87.77
C SER G 46 -2.99 -23.34 -87.76
N ALA G 47 -3.73 -23.02 -88.83
CA ALA G 47 -5.17 -23.25 -88.87
C ALA G 47 -5.53 -24.74 -88.81
N SER G 48 -6.48 -25.08 -87.92
CA SER G 48 -6.93 -26.45 -87.69
C SER G 48 -7.54 -27.08 -88.95
N SER G 49 -7.20 -28.35 -89.24
CA SER G 49 -7.96 -29.15 -90.21
C SER G 49 -9.23 -29.73 -89.57
N ALA G 50 -10.04 -30.44 -90.39
CA ALA G 50 -11.29 -31.06 -89.96
C ALA G 50 -11.09 -32.28 -89.03
N ASP G 51 -12.16 -32.66 -88.31
CA ASP G 51 -12.31 -33.98 -87.69
C ASP G 51 -11.30 -34.30 -86.59
N GLY G 52 -10.92 -33.29 -85.80
CA GLY G 52 -10.29 -33.52 -84.50
C GLY G 52 -8.77 -33.69 -84.51
N GLY G 53 -8.20 -33.78 -83.31
CA GLY G 53 -6.76 -33.99 -83.10
C GLY G 53 -5.90 -32.74 -83.37
N GLU G 54 -6.55 -31.64 -83.77
CA GLU G 54 -5.87 -30.40 -84.15
C GLU G 54 -6.63 -29.19 -83.61
N PHE G 55 -6.53 -28.95 -82.30
CA PHE G 55 -7.08 -27.72 -81.73
C PHE G 55 -6.38 -27.37 -80.42
N LEU G 56 -5.83 -26.15 -80.34
CA LEU G 56 -5.31 -25.61 -79.11
C LEU G 56 -6.15 -24.42 -78.61
N GLY G 57 -6.69 -23.62 -79.53
CA GLY G 57 -7.52 -22.47 -79.17
C GLY G 57 -7.96 -21.69 -80.41
N VAL G 58 -8.50 -20.48 -80.21
CA VAL G 58 -8.89 -19.61 -81.31
C VAL G 58 -8.01 -18.37 -81.35
N ASN G 59 -7.61 -17.97 -82.56
CA ASN G 59 -6.78 -16.81 -82.81
C ASN G 59 -7.56 -15.52 -82.48
N LEU G 60 -6.99 -14.63 -81.65
CA LEU G 60 -7.73 -13.48 -81.14
C LEU G 60 -7.72 -12.24 -82.04
N TYR G 61 -6.73 -12.11 -82.95
CA TYR G 61 -6.63 -10.99 -83.87
C TYR G 61 -5.86 -11.41 -85.13
N ASP G 62 -6.08 -10.71 -86.25
CA ASP G 62 -5.47 -11.07 -87.53
C ASP G 62 -3.93 -10.91 -87.47
N VAL G 63 -3.20 -11.88 -88.07
CA VAL G 63 -1.74 -11.87 -88.09
C VAL G 63 -1.22 -12.39 -89.42
N ALA G 64 -0.04 -11.91 -89.82
CA ALA G 64 0.73 -12.47 -90.92
C ALA G 64 1.56 -13.66 -90.45
N SER G 65 2.06 -14.46 -91.40
CA SER G 65 2.96 -15.57 -91.11
C SER G 65 4.19 -15.10 -90.33
N GLY G 66 4.57 -15.85 -89.29
CA GLY G 66 5.75 -15.58 -88.48
C GLY G 66 5.55 -14.50 -87.40
N GLU G 67 4.41 -13.82 -87.38
CA GLU G 67 4.12 -12.86 -86.31
C GLU G 67 3.74 -13.59 -85.02
N PRO G 68 4.02 -13.01 -83.84
CA PRO G 68 3.50 -13.55 -82.58
C PRO G 68 1.98 -13.34 -82.52
N VAL G 69 1.29 -14.34 -81.98
CA VAL G 69 -0.17 -14.42 -82.01
C VAL G 69 -0.70 -14.74 -80.61
N ALA G 70 -1.78 -14.06 -80.20
CA ALA G 70 -2.48 -14.39 -78.97
C ALA G 70 -3.68 -15.31 -79.28
N LEU G 71 -3.91 -16.26 -78.37
CA LEU G 71 -4.83 -17.36 -78.57
C LEU G 71 -5.68 -17.51 -77.30
N ALA G 72 -7.00 -17.70 -77.45
CA ALA G 72 -7.88 -18.00 -76.33
C ALA G 72 -7.94 -19.52 -76.11
N GLY G 73 -7.56 -19.95 -74.90
CA GLY G 73 -7.52 -21.36 -74.54
C GLY G 73 -8.81 -21.89 -73.91
N ASP G 74 -8.73 -23.14 -73.45
CA ASP G 74 -9.87 -23.96 -73.04
C ASP G 74 -10.40 -23.66 -71.63
N ASP G 75 -10.38 -22.39 -71.22
CA ASP G 75 -11.27 -21.88 -70.17
C ASP G 75 -12.07 -20.66 -70.64
N CYS G 76 -11.88 -20.23 -71.89
CA CYS G 76 -12.47 -19.00 -72.41
C CYS G 76 -13.85 -19.20 -73.04
N GLU G 77 -14.61 -18.10 -73.04
CA GLU G 77 -15.95 -18.00 -73.59
C GLU G 77 -15.87 -17.03 -74.78
N VAL G 78 -16.29 -17.47 -75.97
CA VAL G 78 -15.90 -16.81 -77.23
C VAL G 78 -17.07 -16.68 -78.21
N ARG G 79 -16.98 -15.67 -79.10
CA ARG G 79 -17.89 -15.46 -80.23
C ARG G 79 -17.21 -16.01 -81.48
N VAL G 80 -17.78 -17.05 -82.12
CA VAL G 80 -17.14 -17.74 -83.24
C VAL G 80 -18.12 -18.07 -84.36
N GLU G 81 -17.63 -18.06 -85.61
CA GLU G 81 -18.46 -18.33 -86.78
C GLU G 81 -18.60 -19.84 -87.04
N VAL G 82 -19.82 -20.26 -87.38
CA VAL G 82 -20.16 -21.66 -87.59
C VAL G 82 -20.51 -21.93 -89.06
N SER G 83 -20.14 -23.11 -89.59
CA SER G 83 -20.45 -23.47 -90.97
C SER G 83 -21.86 -24.04 -91.15
N GLU G 84 -22.54 -24.40 -90.05
CA GLU G 84 -23.87 -25.01 -90.07
C GLU G 84 -24.71 -24.42 -88.94
N GLN G 85 -26.03 -24.67 -88.92
CA GLN G 85 -26.83 -24.26 -87.77
C GLN G 85 -26.41 -24.99 -86.50
N VAL G 86 -26.25 -24.24 -85.40
CA VAL G 86 -25.95 -24.78 -84.08
C VAL G 86 -26.95 -24.25 -83.06
N THR G 87 -27.10 -25.00 -81.97
CA THR G 87 -28.08 -24.73 -80.92
C THR G 87 -27.39 -24.89 -79.57
N ALA G 88 -28.00 -24.35 -78.51
CA ALA G 88 -27.45 -24.50 -77.16
C ALA G 88 -27.24 -25.98 -76.83
N ASN G 89 -26.13 -26.28 -76.12
CA ASN G 89 -25.70 -27.62 -75.76
C ASN G 89 -25.12 -28.45 -76.93
N ASP G 90 -24.98 -27.90 -78.14
CA ASP G 90 -24.23 -28.63 -79.18
C ASP G 90 -22.74 -28.57 -78.88
N GLU G 91 -22.05 -29.72 -79.00
CA GLU G 91 -20.59 -29.70 -79.03
C GLU G 91 -20.11 -29.41 -80.46
N ILE G 92 -19.06 -28.58 -80.55
CA ILE G 92 -18.51 -28.12 -81.81
C ILE G 92 -16.99 -28.25 -81.82
N LEU G 93 -16.43 -28.30 -83.03
CA LEU G 93 -14.98 -28.36 -83.25
C LEU G 93 -14.65 -27.85 -84.65
N PRO G 94 -13.36 -27.61 -84.98
CA PRO G 94 -12.97 -26.98 -86.24
C PRO G 94 -13.43 -27.70 -87.51
N ASP G 95 -13.74 -26.89 -88.52
CA ASP G 95 -14.18 -27.34 -89.85
C ASP G 95 -13.06 -27.72 -90.82
N GLY G 96 -11.85 -27.18 -90.64
CA GLY G 96 -10.89 -27.07 -91.73
C GLY G 96 -11.09 -25.84 -92.63
N LEU G 97 -12.22 -25.14 -92.46
CA LEU G 97 -12.61 -23.97 -93.26
C LEU G 97 -12.43 -22.65 -92.50
N GLY G 98 -11.78 -22.67 -91.32
CA GLY G 98 -11.64 -21.49 -90.47
C GLY G 98 -12.85 -21.25 -89.55
N THR G 99 -13.89 -22.09 -89.67
CA THR G 99 -15.12 -22.04 -88.86
C THR G 99 -15.21 -23.27 -87.96
N PHE G 100 -16.33 -23.38 -87.23
CA PHE G 100 -16.67 -24.55 -86.45
C PHE G 100 -17.94 -25.25 -86.96
N GLU G 101 -17.98 -26.57 -86.78
CA GLU G 101 -19.16 -27.39 -87.01
C GLU G 101 -19.40 -28.31 -85.81
N THR G 102 -20.53 -29.01 -85.80
CA THR G 102 -20.84 -29.88 -84.69
C THR G 102 -20.05 -31.18 -84.74
N VAL G 103 -19.87 -31.77 -83.56
CA VAL G 103 -19.45 -33.15 -83.45
C VAL G 103 -20.42 -34.07 -84.19
N ALA G 104 -21.70 -33.69 -84.24
CA ALA G 104 -22.73 -34.47 -84.93
C ALA G 104 -22.48 -34.58 -86.43
N THR G 105 -22.01 -33.51 -87.10
CA THR G 105 -21.72 -33.57 -88.53
C THR G 105 -20.30 -34.04 -88.83
N SER G 106 -19.32 -33.72 -87.95
CA SER G 106 -17.94 -34.15 -88.07
C SER G 106 -17.79 -35.68 -87.99
N ALA G 107 -16.68 -36.20 -88.53
CA ALA G 107 -16.26 -37.60 -88.35
C ALA G 107 -15.67 -37.86 -86.95
N ALA G 108 -15.34 -36.81 -86.19
CA ALA G 108 -14.89 -36.91 -84.81
C ALA G 108 -16.02 -37.32 -83.86
N SER G 109 -15.67 -37.68 -82.61
CA SER G 109 -16.62 -38.15 -81.60
C SER G 109 -16.69 -37.27 -80.34
N ALA G 110 -15.78 -36.28 -80.22
CA ALA G 110 -15.76 -35.36 -79.09
C ALA G 110 -15.39 -33.94 -79.54
N GLY G 111 -16.03 -32.93 -78.93
CA GLY G 111 -15.81 -31.54 -79.33
C GLY G 111 -14.74 -30.84 -78.50
N VAL G 112 -14.57 -29.55 -78.76
CA VAL G 112 -13.65 -28.69 -78.01
C VAL G 112 -14.38 -27.52 -77.36
N ALA G 113 -15.56 -27.17 -77.88
CA ALA G 113 -16.37 -26.10 -77.31
C ALA G 113 -17.84 -26.49 -77.28
N ILE G 114 -18.58 -25.93 -76.33
CA ILE G 114 -20.01 -26.14 -76.13
C ILE G 114 -20.74 -24.87 -76.53
N VAL G 115 -21.76 -24.97 -77.38
CA VAL G 115 -22.51 -23.81 -77.83
C VAL G 115 -23.45 -23.34 -76.72
N GLN G 116 -23.34 -22.06 -76.34
CA GLN G 116 -24.15 -21.44 -75.31
C GLN G 116 -25.31 -20.63 -75.89
N GLU G 117 -25.14 -20.10 -77.11
CA GLU G 117 -26.19 -19.42 -77.84
C GLU G 117 -26.21 -19.92 -79.29
N GLY G 118 -27.39 -20.34 -79.77
CA GLY G 118 -27.53 -20.87 -81.12
C GLY G 118 -27.33 -19.82 -82.21
N ALA G 119 -27.01 -20.29 -83.42
CA ALA G 119 -26.74 -19.45 -84.58
C ALA G 119 -27.03 -20.24 -85.88
N ALA G 120 -27.37 -19.55 -86.96
CA ALA G 120 -27.54 -20.16 -88.28
C ALA G 120 -26.19 -20.35 -88.98
N SER G 121 -26.16 -21.10 -90.09
CA SER G 121 -24.96 -21.24 -90.91
C SER G 121 -24.42 -19.87 -91.34
N GLY G 122 -23.12 -19.65 -91.11
CA GLY G 122 -22.45 -18.40 -91.46
C GLY G 122 -22.62 -17.27 -90.43
N GLU G 123 -23.42 -17.49 -89.39
CA GLU G 123 -23.57 -16.53 -88.29
C GLU G 123 -22.56 -16.81 -87.17
N VAL G 124 -22.52 -15.89 -86.19
CA VAL G 124 -21.65 -15.98 -85.03
C VAL G 124 -22.44 -16.57 -83.86
N CYS G 125 -22.00 -17.74 -83.37
CA CYS G 125 -22.51 -18.30 -82.12
C CYS G 125 -21.68 -17.80 -80.95
N GLU G 126 -22.16 -18.06 -79.72
CA GLU G 126 -21.35 -17.91 -78.53
C GLU G 126 -21.10 -19.30 -77.94
N ALA G 127 -19.83 -19.60 -77.64
CA ALA G 127 -19.43 -20.94 -77.23
C ALA G 127 -18.38 -20.87 -76.11
N TYR G 128 -18.32 -21.90 -75.27
CA TYR G 128 -17.32 -22.00 -74.23
C TYR G 128 -16.34 -23.10 -74.60
N ILE G 129 -15.04 -22.74 -74.72
CA ILE G 129 -13.99 -23.68 -75.06
C ILE G 129 -13.63 -24.44 -73.78
N PHE G 130 -13.65 -25.78 -73.86
CA PHE G 130 -13.49 -26.60 -72.67
C PHE G 130 -12.42 -27.69 -72.81
N ALA G 131 -11.95 -27.95 -74.03
CA ALA G 131 -10.91 -28.93 -74.25
C ALA G 131 -9.94 -28.49 -75.35
N VAL G 132 -8.77 -29.16 -75.38
CA VAL G 132 -7.83 -29.08 -76.49
C VAL G 132 -7.64 -30.49 -77.04
N GLN G 133 -7.25 -30.60 -78.32
CA GLN G 133 -7.03 -31.90 -78.94
C GLN G 133 -5.69 -31.89 -79.68
N GLY G 134 -4.86 -32.90 -79.37
CA GLY G 134 -3.59 -33.11 -80.04
C GLY G 134 -3.51 -34.48 -80.72
N THR G 135 -2.29 -34.82 -81.15
CA THR G 135 -1.97 -36.08 -81.78
C THR G 135 -2.00 -37.20 -80.75
N THR G 136 -2.98 -38.11 -80.85
CA THR G 136 -3.03 -39.32 -80.03
C THR G 136 -2.46 -40.54 -80.75
N ALA G 137 -2.32 -40.45 -82.08
CA ALA G 137 -2.33 -41.59 -83.00
C ALA G 137 -3.59 -42.48 -82.80
N GLY H 7 -39.46 -37.13 -44.91
CA GLY H 7 -38.13 -37.21 -44.23
C GLY H 7 -37.42 -35.86 -44.26
N GLU H 8 -36.56 -35.62 -43.25
CA GLU H 8 -35.83 -34.37 -43.09
C GLU H 8 -34.79 -34.16 -44.21
N HIS H 9 -34.59 -32.89 -44.61
CA HIS H 9 -33.46 -32.53 -45.44
C HIS H 9 -32.22 -32.39 -44.55
N THR H 10 -31.42 -33.46 -44.51
CA THR H 10 -30.30 -33.60 -43.59
C THR H 10 -29.02 -32.88 -44.07
N PHE H 11 -29.07 -32.18 -45.23
CA PHE H 11 -27.87 -31.63 -45.85
C PHE H 11 -28.01 -30.18 -46.32
N PRO H 12 -28.20 -29.20 -45.41
CA PRO H 12 -27.90 -27.81 -45.73
C PRO H 12 -26.37 -27.66 -45.80
N VAL H 13 -25.83 -27.71 -47.04
CA VAL H 13 -24.37 -27.72 -47.27
C VAL H 13 -23.94 -26.54 -48.16
N GLU H 14 -22.75 -26.00 -47.85
CA GLU H 14 -22.12 -24.98 -48.67
C GLU H 14 -21.36 -25.65 -49.82
N VAL H 15 -21.84 -25.42 -51.05
CA VAL H 15 -21.42 -26.12 -52.26
C VAL H 15 -19.98 -25.81 -52.63
N LEU H 16 -19.58 -24.54 -52.62
CA LEU H 16 -18.28 -24.14 -53.15
C LEU H 16 -17.16 -24.34 -52.12
N ILE H 17 -16.18 -25.18 -52.46
CA ILE H 17 -14.97 -25.38 -51.66
C ILE H 17 -13.94 -24.32 -52.05
N SER H 18 -13.59 -24.31 -53.35
CA SER H 18 -12.67 -23.35 -53.94
C SER H 18 -12.97 -23.20 -55.44
N GLY H 19 -12.57 -22.06 -56.03
CA GLY H 19 -12.67 -21.89 -57.47
C GLY H 19 -13.13 -20.49 -57.88
N GLU H 20 -12.49 -19.96 -58.93
CA GLU H 20 -12.80 -18.65 -59.50
C GLU H 20 -13.88 -18.76 -60.59
N GLU H 21 -14.21 -19.98 -61.05
CA GLU H 21 -15.07 -20.14 -62.22
C GLU H 21 -16.55 -20.26 -61.83
N LEU H 22 -17.17 -19.12 -61.47
CA LEU H 22 -18.61 -19.00 -61.39
C LEU H 22 -19.09 -18.18 -62.60
N ARG H 23 -20.02 -18.73 -63.39
CA ARG H 23 -20.54 -18.04 -64.58
C ARG H 23 -22.06 -17.90 -64.51
N GLY H 24 -22.60 -16.85 -65.14
CA GLY H 24 -24.01 -16.49 -65.01
C GLY H 24 -24.89 -17.06 -66.12
N TYR H 25 -26.07 -17.60 -65.73
CA TYR H 25 -27.04 -18.20 -66.63
C TYR H 25 -28.45 -17.86 -66.15
N THR H 26 -29.46 -18.21 -66.94
CA THR H 26 -30.86 -18.12 -66.51
C THR H 26 -31.37 -19.53 -66.21
N ALA H 27 -32.06 -19.71 -65.08
CA ALA H 27 -32.66 -20.99 -64.74
C ALA H 27 -33.85 -21.29 -65.67
N GLY H 28 -33.84 -22.45 -66.35
CA GLY H 28 -34.95 -22.88 -67.21
C GLY H 28 -36.09 -23.58 -66.45
N GLU H 29 -35.89 -23.78 -65.13
CA GLU H 29 -36.79 -24.46 -64.20
C GLU H 29 -36.33 -24.10 -62.78
N ALA H 30 -37.09 -24.43 -61.74
CA ALA H 30 -36.57 -24.29 -60.38
C ALA H 30 -35.37 -25.24 -60.16
N LEU H 31 -34.31 -24.74 -59.49
CA LEU H 31 -33.09 -25.51 -59.24
C LEU H 31 -32.66 -25.33 -57.78
N SER H 32 -31.85 -26.28 -57.31
CA SER H 32 -31.43 -26.36 -55.91
C SER H 32 -29.91 -26.40 -55.77
N ALA H 33 -29.41 -25.88 -54.65
CA ALA H 33 -27.98 -25.82 -54.37
C ALA H 33 -27.30 -27.18 -54.55
N GLY H 34 -26.25 -27.22 -55.40
CA GLY H 34 -25.46 -28.41 -55.67
C GLY H 34 -25.98 -29.27 -56.82
N GLU H 35 -27.13 -28.93 -57.40
CA GLU H 35 -27.74 -29.70 -58.48
C GLU H 35 -26.93 -29.55 -59.77
N PRO H 36 -26.57 -30.65 -60.47
CA PRO H 36 -25.89 -30.56 -61.76
C PRO H 36 -26.85 -30.09 -62.84
N VAL H 37 -26.32 -29.27 -63.78
CA VAL H 37 -27.13 -28.68 -64.84
C VAL H 37 -26.43 -28.74 -66.20
N TYR H 38 -27.24 -28.56 -67.25
CA TYR H 38 -26.81 -28.48 -68.65
C TYR H 38 -27.59 -27.36 -69.36
N LEU H 39 -27.13 -26.93 -70.55
CA LEU H 39 -27.83 -25.91 -71.32
C LEU H 39 -29.12 -26.44 -71.95
N SER H 40 -30.27 -25.87 -71.57
CA SER H 40 -31.57 -26.17 -72.17
C SER H 40 -32.03 -25.08 -73.14
N GLY H 41 -31.32 -23.94 -73.22
CA GLY H 41 -31.59 -22.88 -74.18
C GLY H 41 -30.45 -21.86 -74.22
N ASP H 42 -30.61 -20.77 -74.98
CA ASP H 42 -29.56 -19.75 -75.08
C ASP H 42 -29.26 -19.14 -73.71
N TYR H 43 -28.10 -19.50 -73.14
CA TYR H 43 -27.72 -19.21 -71.76
C TYR H 43 -28.77 -19.64 -70.72
N GLU H 44 -29.64 -20.60 -71.05
CA GLU H 44 -30.59 -21.17 -70.10
C GLU H 44 -30.14 -22.55 -69.69
N VAL H 45 -30.24 -22.85 -68.39
CA VAL H 45 -29.75 -24.10 -67.82
C VAL H 45 -30.83 -24.85 -67.05
N SER H 46 -30.76 -26.19 -67.09
CA SER H 46 -31.77 -27.11 -66.57
C SER H 46 -31.08 -28.27 -65.87
N ALA H 47 -31.81 -29.02 -65.04
CA ALA H 47 -31.25 -30.16 -64.32
C ALA H 47 -30.82 -31.27 -65.28
N SER H 48 -29.57 -31.74 -65.16
CA SER H 48 -28.99 -32.76 -66.03
C SER H 48 -29.73 -34.09 -65.96
N SER H 49 -29.99 -34.73 -67.10
CA SER H 49 -30.41 -36.14 -67.13
C SER H 49 -29.19 -37.08 -67.05
N ALA H 50 -29.45 -38.38 -66.85
CA ALA H 50 -28.43 -39.40 -66.66
C ALA H 50 -27.64 -39.73 -67.94
N ASP H 51 -26.52 -40.47 -67.78
CA ASP H 51 -25.74 -41.11 -68.85
C ASP H 51 -25.06 -40.12 -69.81
N GLY H 52 -24.64 -38.96 -69.29
CA GLY H 52 -23.73 -38.07 -70.00
C GLY H 52 -24.37 -37.19 -71.08
N GLY H 53 -23.54 -36.33 -71.69
CA GLY H 53 -23.96 -35.42 -72.75
C GLY H 53 -24.75 -34.20 -72.26
N GLU H 54 -24.88 -34.05 -70.94
CA GLU H 54 -25.68 -32.98 -70.33
C GLU H 54 -25.02 -32.52 -69.02
N PHE H 55 -23.91 -31.80 -69.11
CA PHE H 55 -23.33 -31.20 -67.93
C PHE H 55 -22.52 -29.96 -68.28
N LEU H 56 -22.73 -28.88 -67.52
CA LEU H 56 -22.00 -27.63 -67.66
C LEU H 56 -21.39 -27.17 -66.33
N GLY H 57 -22.09 -27.44 -65.22
CA GLY H 57 -21.63 -27.06 -63.89
C GLY H 57 -22.69 -27.45 -62.86
N VAL H 58 -22.51 -26.99 -61.61
CA VAL H 58 -23.50 -27.21 -60.56
C VAL H 58 -24.10 -25.87 -60.12
N ASN H 59 -25.40 -25.84 -59.85
CA ASN H 59 -26.10 -24.66 -59.37
C ASN H 59 -25.58 -24.28 -57.97
N LEU H 60 -25.14 -23.03 -57.76
CA LEU H 60 -24.54 -22.63 -56.49
C LEU H 60 -25.56 -22.47 -55.35
N TYR H 61 -26.76 -21.92 -55.63
CA TYR H 61 -27.76 -21.61 -54.62
C TYR H 61 -29.18 -21.79 -55.21
N ASP H 62 -30.19 -22.03 -54.36
CA ASP H 62 -31.54 -22.32 -54.82
C ASP H 62 -32.14 -21.16 -55.63
N VAL H 63 -32.82 -21.47 -56.76
CA VAL H 63 -33.44 -20.47 -57.62
C VAL H 63 -34.79 -20.96 -58.13
N ALA H 64 -35.70 -20.00 -58.39
CA ALA H 64 -36.93 -20.27 -59.14
C ALA H 64 -36.66 -20.21 -60.64
N SER H 65 -37.62 -20.71 -61.45
CA SER H 65 -37.54 -20.62 -62.90
C SER H 65 -37.46 -19.15 -63.36
N GLY H 66 -36.63 -18.88 -64.38
CA GLY H 66 -36.50 -17.56 -64.99
C GLY H 66 -35.58 -16.59 -64.23
N GLU H 67 -35.07 -16.99 -63.07
CA GLU H 67 -34.15 -16.18 -62.28
C GLU H 67 -32.71 -16.35 -62.74
N PRO H 68 -31.83 -15.34 -62.52
CA PRO H 68 -30.41 -15.48 -62.81
C PRO H 68 -29.73 -16.40 -61.79
N VAL H 69 -28.83 -17.25 -62.27
CA VAL H 69 -28.19 -18.31 -61.49
C VAL H 69 -26.67 -18.30 -61.71
N ALA H 70 -25.90 -18.58 -60.65
CA ALA H 70 -24.47 -18.79 -60.73
C ALA H 70 -24.15 -20.29 -60.82
N LEU H 71 -23.38 -20.71 -61.84
CA LEU H 71 -22.88 -22.07 -61.92
C LEU H 71 -21.42 -22.15 -61.50
N ALA H 72 -21.11 -23.05 -60.56
CA ALA H 72 -19.74 -23.48 -60.34
C ALA H 72 -19.39 -24.43 -61.49
N GLY H 73 -18.42 -24.01 -62.32
CA GLY H 73 -18.10 -24.73 -63.53
C GLY H 73 -16.82 -25.55 -63.44
N ASP H 74 -16.29 -25.90 -64.61
CA ASP H 74 -14.94 -26.42 -64.78
C ASP H 74 -13.91 -25.65 -63.93
N ASP H 75 -12.89 -26.35 -63.42
CA ASP H 75 -11.87 -25.82 -62.52
C ASP H 75 -12.35 -25.56 -61.07
N CYS H 76 -13.64 -25.72 -60.73
CA CYS H 76 -14.09 -25.55 -59.35
C CYS H 76 -14.02 -26.83 -58.51
N GLU H 77 -13.88 -26.66 -57.20
CA GLU H 77 -14.01 -27.72 -56.22
C GLU H 77 -15.30 -27.54 -55.45
N VAL H 78 -16.07 -28.63 -55.35
CA VAL H 78 -17.45 -28.56 -54.88
C VAL H 78 -17.78 -29.73 -53.96
N ARG H 79 -18.70 -29.49 -53.02
CA ARG H 79 -19.33 -30.51 -52.19
C ARG H 79 -20.62 -30.93 -52.89
N VAL H 80 -20.65 -32.17 -53.40
CA VAL H 80 -21.81 -32.67 -54.16
C VAL H 80 -22.29 -34.00 -53.61
N GLU H 81 -23.62 -34.17 -53.61
CA GLU H 81 -24.23 -35.42 -53.17
C GLU H 81 -24.04 -36.51 -54.23
N VAL H 82 -23.80 -37.74 -53.76
CA VAL H 82 -23.62 -38.91 -54.61
C VAL H 82 -24.70 -39.95 -54.29
N SER H 83 -25.16 -40.69 -55.31
CA SER H 83 -26.22 -41.68 -55.14
C SER H 83 -25.68 -43.06 -54.74
N GLU H 84 -24.36 -43.22 -54.78
CA GLU H 84 -23.69 -44.50 -54.50
C GLU H 84 -22.38 -44.21 -53.77
N GLN H 85 -21.77 -45.25 -53.19
CA GLN H 85 -20.51 -45.10 -52.49
C GLN H 85 -19.39 -44.79 -53.50
N VAL H 86 -18.63 -43.72 -53.22
CA VAL H 86 -17.52 -43.26 -54.05
C VAL H 86 -16.28 -43.08 -53.20
N THR H 87 -15.12 -43.15 -53.86
CA THR H 87 -13.80 -43.16 -53.23
C THR H 87 -12.91 -42.15 -53.97
N ALA H 88 -11.82 -41.72 -53.33
CA ALA H 88 -10.88 -40.83 -54.01
C ALA H 88 -10.41 -41.44 -55.33
N ASN H 89 -10.25 -40.58 -56.35
CA ASN H 89 -9.93 -40.93 -57.73
C ASN H 89 -11.10 -41.46 -58.57
N ASP H 90 -12.30 -41.69 -58.00
CA ASP H 90 -13.42 -42.06 -58.86
C ASP H 90 -13.85 -40.90 -59.76
N GLU H 91 -14.10 -41.18 -61.04
CA GLU H 91 -14.77 -40.19 -61.89
C GLU H 91 -16.29 -40.31 -61.73
N ILE H 92 -16.94 -39.15 -61.65
CA ILE H 92 -18.38 -39.05 -61.44
C ILE H 92 -19.02 -38.15 -62.48
N LEU H 93 -20.34 -38.32 -62.68
CA LEU H 93 -21.14 -37.50 -63.57
C LEU H 93 -22.62 -37.54 -63.14
N PRO H 94 -23.50 -36.68 -63.70
CA PRO H 94 -24.88 -36.59 -63.23
C PRO H 94 -25.66 -37.89 -63.39
N ASP H 95 -26.42 -38.21 -62.34
CA ASP H 95 -27.20 -39.43 -62.21
C ASP H 95 -28.65 -39.26 -62.70
N GLY H 96 -29.05 -38.03 -63.10
CA GLY H 96 -30.42 -37.76 -63.50
C GLY H 96 -31.42 -37.57 -62.35
N LEU H 97 -30.95 -37.70 -61.10
CA LEU H 97 -31.76 -37.54 -59.89
C LEU H 97 -31.37 -36.29 -59.09
N GLY H 98 -30.70 -35.32 -59.71
CA GLY H 98 -30.18 -34.13 -59.03
C GLY H 98 -28.93 -34.39 -58.20
N THR H 99 -28.21 -35.47 -58.54
CA THR H 99 -27.18 -36.12 -57.72
C THR H 99 -26.14 -36.72 -58.67
N PHE H 100 -24.94 -37.04 -58.20
CA PHE H 100 -23.92 -37.66 -59.05
C PHE H 100 -23.81 -39.17 -58.83
N GLU H 101 -23.32 -39.89 -59.85
CA GLU H 101 -22.92 -41.29 -59.74
C GLU H 101 -21.58 -41.50 -60.44
N THR H 102 -20.98 -42.69 -60.29
CA THR H 102 -19.72 -42.94 -60.96
C THR H 102 -19.90 -43.24 -62.45
N VAL H 103 -18.86 -42.93 -63.20
CA VAL H 103 -18.76 -43.32 -64.60
C VAL H 103 -18.93 -44.83 -64.74
N ALA H 104 -18.29 -45.60 -63.86
CA ALA H 104 -18.37 -47.05 -63.83
C ALA H 104 -19.82 -47.56 -63.75
N THR H 105 -20.68 -46.90 -62.96
CA THR H 105 -22.08 -47.29 -62.81
C THR H 105 -22.92 -46.86 -64.02
N SER H 106 -22.65 -45.66 -64.54
CA SER H 106 -23.41 -45.07 -65.63
C SER H 106 -23.19 -45.81 -66.96
N ALA H 107 -23.98 -45.47 -67.99
CA ALA H 107 -23.75 -45.95 -69.35
C ALA H 107 -22.64 -45.17 -70.08
N ALA H 108 -22.22 -44.02 -69.53
CA ALA H 108 -21.17 -43.19 -70.11
C ALA H 108 -19.78 -43.78 -69.90
N SER H 109 -18.80 -43.30 -70.68
CA SER H 109 -17.41 -43.76 -70.62
C SER H 109 -16.45 -42.73 -70.01
N ALA H 110 -16.92 -41.49 -69.76
CA ALA H 110 -16.10 -40.42 -69.22
C ALA H 110 -16.89 -39.57 -68.23
N GLY H 111 -16.21 -39.07 -67.20
CA GLY H 111 -16.84 -38.26 -66.16
C GLY H 111 -16.66 -36.77 -66.36
N VAL H 112 -17.13 -36.00 -65.37
CA VAL H 112 -17.03 -34.54 -65.38
C VAL H 112 -16.30 -34.02 -64.16
N ALA H 113 -16.26 -34.81 -63.08
CA ALA H 113 -15.56 -34.43 -61.86
C ALA H 113 -14.82 -35.64 -61.27
N ILE H 114 -13.75 -35.36 -60.53
CA ILE H 114 -12.90 -36.36 -59.90
C ILE H 114 -13.13 -36.29 -58.39
N VAL H 115 -13.42 -37.42 -57.75
CA VAL H 115 -13.67 -37.45 -56.31
C VAL H 115 -12.34 -37.28 -55.58
N GLN H 116 -12.30 -36.35 -54.63
CA GLN H 116 -11.12 -36.07 -53.81
C GLN H 116 -11.29 -36.54 -52.36
N GLU H 117 -12.55 -36.63 -51.91
CA GLU H 117 -12.91 -37.14 -50.59
C GLU H 117 -14.05 -38.15 -50.79
N GLY H 118 -13.87 -39.40 -50.33
CA GLY H 118 -14.87 -40.45 -50.47
C GLY H 118 -16.13 -40.21 -49.62
N ALA H 119 -17.25 -40.83 -50.04
CA ALA H 119 -18.55 -40.70 -49.39
C ALA H 119 -19.41 -41.94 -49.64
N ALA H 120 -20.36 -42.23 -48.74
CA ALA H 120 -21.34 -43.31 -48.92
C ALA H 120 -22.50 -42.85 -49.80
N SER H 121 -23.40 -43.79 -50.17
CA SER H 121 -24.63 -43.46 -50.88
C SER H 121 -25.44 -42.41 -50.10
N GLY H 122 -25.89 -41.35 -50.79
CA GLY H 122 -26.68 -40.30 -50.19
C GLY H 122 -25.89 -39.30 -49.34
N GLU H 123 -24.58 -39.50 -49.18
CA GLU H 123 -23.72 -38.52 -48.53
C GLU H 123 -23.16 -37.52 -49.54
N VAL H 124 -22.40 -36.55 -49.03
CA VAL H 124 -21.78 -35.50 -49.83
C VAL H 124 -20.27 -35.75 -49.92
N CYS H 125 -19.78 -35.98 -51.14
CA CYS H 125 -18.36 -36.07 -51.41
C CYS H 125 -17.78 -34.69 -51.73
N GLU H 126 -16.45 -34.58 -51.74
CA GLU H 126 -15.78 -33.39 -52.23
C GLU H 126 -15.09 -33.75 -53.54
N ALA H 127 -15.33 -32.95 -54.59
CA ALA H 127 -14.92 -33.28 -55.95
C ALA H 127 -14.38 -32.05 -56.69
N TYR H 128 -13.54 -32.27 -57.69
CA TYR H 128 -13.01 -31.22 -58.56
C TYR H 128 -13.61 -31.40 -59.96
N ILE H 129 -14.28 -30.36 -60.47
CA ILE H 129 -14.91 -30.42 -61.80
C ILE H 129 -13.84 -30.11 -62.84
N PHE H 130 -13.73 -30.96 -63.87
CA PHE H 130 -12.64 -30.86 -64.85
C PHE H 130 -13.11 -30.94 -66.31
N ALA H 131 -14.40 -31.16 -66.55
CA ALA H 131 -14.91 -31.28 -67.92
C ALA H 131 -16.37 -30.81 -68.02
N VAL H 132 -16.82 -30.57 -69.26
CA VAL H 132 -18.23 -30.35 -69.57
C VAL H 132 -18.62 -31.33 -70.67
N GLN H 133 -19.92 -31.65 -70.76
CA GLN H 133 -20.42 -32.55 -71.78
C GLN H 133 -21.67 -31.97 -72.42
N GLY H 134 -21.76 -32.10 -73.75
CA GLY H 134 -22.92 -31.67 -74.50
C GLY H 134 -23.33 -32.68 -75.56
N THR H 135 -24.18 -32.23 -76.47
CA THR H 135 -24.72 -33.05 -77.54
C THR H 135 -23.62 -33.35 -78.55
N THR H 136 -23.14 -34.60 -78.56
CA THR H 136 -22.26 -35.09 -79.62
C THR H 136 -23.04 -35.71 -80.77
N ALA H 137 -24.31 -36.09 -80.54
CA ALA H 137 -25.00 -37.17 -81.24
C ALA H 137 -24.10 -38.43 -81.33
N ALA I 2 14.19 -32.73 -62.88
CA ALA I 2 14.97 -32.52 -64.14
C ALA I 2 15.94 -31.34 -63.97
N THR I 3 17.06 -31.37 -64.71
CA THR I 3 18.19 -30.48 -64.44
C THR I 3 18.90 -30.02 -65.72
N GLU I 4 19.44 -28.79 -65.67
CA GLU I 4 20.15 -28.10 -66.74
C GLU I 4 21.60 -27.90 -66.33
N THR I 5 22.55 -28.04 -67.27
CA THR I 5 23.98 -27.89 -66.98
C THR I 5 24.51 -26.56 -67.50
N GLN I 6 25.24 -25.82 -66.64
CA GLN I 6 25.89 -24.57 -66.99
C GLN I 6 27.31 -24.59 -66.42
N GLY I 7 28.29 -25.03 -67.23
CA GLY I 7 29.66 -25.21 -66.74
C GLY I 7 29.77 -26.37 -65.75
N GLU I 8 30.39 -26.14 -64.59
CA GLU I 8 30.43 -27.12 -63.51
C GLU I 8 29.02 -27.40 -62.96
N HIS I 9 28.14 -26.40 -63.05
CA HIS I 9 26.94 -26.34 -62.25
C HIS I 9 25.78 -27.11 -62.87
N THR I 10 25.01 -27.78 -62.02
CA THR I 10 23.69 -28.27 -62.37
C THR I 10 22.63 -27.48 -61.64
N PHE I 11 21.67 -26.96 -62.40
CA PHE I 11 20.57 -26.17 -61.88
C PHE I 11 19.29 -26.97 -62.00
N PRO I 12 18.44 -27.04 -60.95
CA PRO I 12 17.08 -27.56 -61.11
C PRO I 12 16.28 -26.62 -62.01
N VAL I 13 15.46 -27.18 -62.91
CA VAL I 13 14.57 -26.39 -63.75
C VAL I 13 13.36 -25.93 -62.95
N GLU I 14 12.88 -24.70 -63.22
CA GLU I 14 11.60 -24.23 -62.70
C GLU I 14 10.49 -25.02 -63.40
N VAL I 15 9.74 -25.84 -62.65
CA VAL I 15 8.74 -26.75 -63.22
C VAL I 15 7.60 -25.97 -63.88
N LEU I 16 7.02 -25.00 -63.16
CA LEU I 16 5.81 -24.33 -63.60
C LEU I 16 6.15 -23.09 -64.44
N ILE I 17 5.89 -23.15 -65.76
CA ILE I 17 6.13 -22.08 -66.73
C ILE I 17 5.08 -20.98 -66.56
N SER I 18 3.81 -21.37 -66.66
CA SER I 18 2.69 -20.45 -66.46
C SER I 18 1.55 -21.27 -65.87
N GLY I 19 0.63 -20.60 -65.17
CA GLY I 19 -0.48 -21.34 -64.62
C GLY I 19 -1.03 -20.69 -63.36
N GLU I 20 -2.35 -20.62 -63.34
CA GLU I 20 -3.10 -20.06 -62.23
C GLU I 20 -3.55 -21.15 -61.24
N GLU I 21 -3.38 -22.45 -61.59
CA GLU I 21 -4.06 -23.57 -60.93
C GLU I 21 -3.15 -24.33 -59.96
N LEU I 22 -3.00 -23.79 -58.74
CA LEU I 22 -2.20 -24.37 -57.67
C LEU I 22 -3.10 -24.87 -56.53
N ARG I 23 -2.89 -26.11 -56.06
CA ARG I 23 -3.66 -26.70 -54.96
C ARG I 23 -2.77 -27.57 -54.09
N GLY I 24 -3.07 -27.62 -52.78
CA GLY I 24 -2.26 -28.36 -51.82
C GLY I 24 -2.90 -29.68 -51.39
N TYR I 25 -2.12 -30.79 -51.46
CA TYR I 25 -2.55 -32.12 -51.08
C TYR I 25 -1.58 -32.71 -50.05
N THR I 26 -1.79 -33.96 -49.61
CA THR I 26 -0.82 -34.65 -48.75
C THR I 26 -0.11 -35.73 -49.55
N ALA I 27 1.22 -35.83 -49.42
CA ALA I 27 1.99 -36.87 -50.09
C ALA I 27 1.67 -38.25 -49.51
N GLY I 28 1.22 -39.20 -50.34
CA GLY I 28 1.01 -40.58 -49.93
C GLY I 28 2.29 -41.41 -49.87
N GLU I 29 3.39 -40.85 -50.40
CA GLU I 29 4.72 -41.44 -50.48
C GLU I 29 5.72 -40.33 -50.72
N ALA I 30 7.03 -40.60 -50.66
CA ALA I 30 8.01 -39.61 -51.10
C ALA I 30 7.87 -39.33 -52.60
N LEU I 31 7.95 -38.05 -52.99
CA LEU I 31 7.79 -37.59 -54.36
C LEU I 31 8.83 -36.51 -54.66
N SER I 32 9.16 -36.34 -55.94
CA SER I 32 10.15 -35.37 -56.39
C SER I 32 9.57 -34.41 -57.42
N ALA I 33 10.18 -33.22 -57.51
CA ALA I 33 9.72 -32.13 -58.36
C ALA I 33 9.59 -32.57 -59.83
N GLY I 34 8.42 -32.28 -60.42
CA GLY I 34 8.09 -32.62 -61.80
C GLY I 34 7.47 -34.00 -61.99
N GLU I 35 7.27 -34.79 -60.93
CA GLU I 35 6.61 -36.08 -61.09
C GLU I 35 5.10 -35.93 -61.35
N PRO I 36 4.52 -36.69 -62.29
CA PRO I 36 3.07 -36.80 -62.41
C PRO I 36 2.51 -37.66 -61.27
N VAL I 37 1.34 -37.22 -60.77
CA VAL I 37 0.75 -37.80 -59.57
C VAL I 37 -0.77 -37.90 -59.71
N TYR I 38 -1.39 -38.71 -58.85
CA TYR I 38 -2.82 -39.01 -58.88
C TYR I 38 -3.39 -39.15 -57.46
N LEU I 39 -4.72 -39.13 -57.31
CA LEU I 39 -5.36 -39.31 -56.02
C LEU I 39 -5.30 -40.76 -55.58
N SER I 40 -4.80 -40.97 -54.35
CA SER I 40 -4.52 -42.29 -53.79
C SER I 40 -5.22 -42.50 -52.44
N GLY I 41 -5.94 -41.47 -51.97
CA GLY I 41 -6.72 -41.45 -50.74
C GLY I 41 -7.36 -40.08 -50.58
N ASP I 42 -8.12 -39.86 -49.51
CA ASP I 42 -8.79 -38.57 -49.31
C ASP I 42 -7.78 -37.43 -49.20
N TYR I 43 -7.76 -36.55 -50.22
CA TYR I 43 -6.77 -35.50 -50.44
C TYR I 43 -5.31 -35.99 -50.41
N GLU I 44 -5.08 -37.28 -50.68
CA GLU I 44 -3.76 -37.88 -50.64
C GLU I 44 -3.28 -38.20 -52.06
N VAL I 45 -2.04 -37.86 -52.37
CA VAL I 45 -1.55 -37.88 -53.73
C VAL I 45 -0.26 -38.71 -53.83
N SER I 46 -0.16 -39.57 -54.86
CA SER I 46 0.92 -40.54 -55.05
C SER I 46 1.35 -40.56 -56.52
N ALA I 47 2.49 -41.18 -56.85
CA ALA I 47 3.01 -41.20 -58.22
C ALA I 47 2.09 -41.97 -59.17
N SER I 48 1.83 -41.40 -60.36
CA SER I 48 1.01 -42.03 -61.38
C SER I 48 1.64 -43.34 -61.88
N SER I 49 0.82 -44.40 -62.10
CA SER I 49 1.28 -45.60 -62.79
C SER I 49 1.28 -45.41 -64.30
N ALA I 50 1.57 -46.50 -65.05
CA ALA I 50 2.10 -46.44 -66.41
C ALA I 50 1.10 -46.04 -67.50
N ASP I 51 -0.22 -46.24 -67.28
CA ASP I 51 -1.23 -45.97 -68.31
C ASP I 51 -2.31 -45.00 -67.80
N GLY I 52 -3.48 -44.98 -68.45
CA GLY I 52 -4.53 -44.01 -68.15
C GLY I 52 -5.16 -44.16 -66.76
N GLY I 53 -5.96 -43.16 -66.36
CA GLY I 53 -6.82 -43.24 -65.20
C GLY I 53 -6.17 -42.79 -63.89
N GLU I 54 -4.94 -42.28 -63.96
CA GLU I 54 -4.21 -41.86 -62.78
C GLU I 54 -3.43 -40.57 -63.04
N PHE I 55 -4.13 -39.42 -63.08
CA PHE I 55 -3.42 -38.16 -63.17
C PHE I 55 -4.26 -37.01 -62.65
N LEU I 56 -3.73 -36.24 -61.67
CA LEU I 56 -4.36 -35.05 -61.16
C LEU I 56 -3.53 -33.79 -61.47
N GLY I 57 -2.21 -33.93 -61.59
CA GLY I 57 -1.30 -32.82 -61.80
C GLY I 57 0.14 -33.25 -61.65
N VAL I 58 1.06 -32.28 -61.59
CA VAL I 58 2.48 -32.56 -61.36
C VAL I 58 2.92 -31.94 -60.03
N ASN I 59 3.75 -32.68 -59.28
CA ASN I 59 4.32 -32.24 -58.03
C ASN I 59 5.34 -31.10 -58.28
N LEU I 60 5.31 -30.04 -57.47
CA LEU I 60 6.20 -28.90 -57.67
C LEU I 60 7.47 -28.90 -56.82
N TYR I 61 7.56 -29.73 -55.76
CA TYR I 61 8.76 -29.77 -54.95
C TYR I 61 8.95 -31.12 -54.25
N ASP I 62 10.21 -31.45 -53.93
CA ASP I 62 10.56 -32.71 -53.29
C ASP I 62 9.97 -32.80 -51.88
N VAL I 63 9.31 -33.93 -51.60
CA VAL I 63 8.64 -34.18 -50.33
C VAL I 63 8.97 -35.58 -49.81
N ALA I 64 9.07 -35.68 -48.48
CA ALA I 64 8.96 -36.95 -47.78
C ALA I 64 7.49 -37.39 -47.77
N SER I 65 7.23 -38.65 -47.42
CA SER I 65 5.86 -39.12 -47.23
C SER I 65 5.16 -38.31 -46.14
N GLY I 66 3.85 -38.01 -46.31
CA GLY I 66 3.06 -37.33 -45.30
C GLY I 66 3.21 -35.80 -45.26
N GLU I 67 4.04 -35.21 -46.13
CA GLU I 67 4.20 -33.77 -46.18
C GLU I 67 3.13 -33.11 -47.08
N PRO I 68 2.83 -31.81 -46.89
CA PRO I 68 1.96 -31.09 -47.83
C PRO I 68 2.66 -30.86 -49.16
N VAL I 69 1.90 -31.04 -50.25
CA VAL I 69 2.37 -31.04 -51.63
C VAL I 69 1.64 -29.94 -52.41
N ALA I 70 2.39 -29.07 -53.10
CA ALA I 70 1.79 -28.19 -54.08
C ALA I 70 1.73 -28.90 -55.44
N LEU I 71 0.54 -28.97 -56.06
CA LEU I 71 0.40 -29.43 -57.43
C LEU I 71 0.19 -28.26 -58.39
N ALA I 72 0.77 -28.37 -59.58
CA ALA I 72 0.27 -27.65 -60.75
C ALA I 72 -0.78 -28.53 -61.43
N GLY I 73 -2.00 -28.01 -61.56
CA GLY I 73 -3.11 -28.73 -62.18
C GLY I 73 -3.21 -28.52 -63.68
N ASP I 74 -4.32 -28.98 -64.28
CA ASP I 74 -4.67 -28.53 -65.62
C ASP I 74 -4.85 -27.01 -65.67
N ASP I 75 -4.73 -26.42 -66.87
CA ASP I 75 -4.55 -25.00 -67.11
C ASP I 75 -3.11 -24.51 -66.85
N CYS I 76 -2.16 -25.41 -66.51
CA CYS I 76 -0.76 -25.03 -66.32
C CYS I 76 0.13 -25.46 -67.49
N GLU I 77 1.14 -24.64 -67.78
CA GLU I 77 2.24 -25.00 -68.68
C GLU I 77 3.44 -25.40 -67.83
N VAL I 78 4.02 -26.57 -68.13
CA VAL I 78 5.04 -27.18 -67.28
C VAL I 78 6.24 -27.68 -68.08
N ARG I 79 7.44 -27.58 -67.49
CA ARG I 79 8.66 -28.20 -67.99
C ARG I 79 8.73 -29.60 -67.40
N VAL I 80 8.57 -30.64 -68.23
CA VAL I 80 8.54 -32.02 -67.74
C VAL I 80 9.47 -32.93 -68.56
N GLU I 81 10.11 -33.89 -67.88
CA GLU I 81 10.94 -34.84 -68.57
C GLU I 81 10.09 -35.91 -69.26
N VAL I 82 10.44 -36.23 -70.51
CA VAL I 82 9.81 -37.31 -71.25
C VAL I 82 10.79 -38.48 -71.38
N SER I 83 10.28 -39.71 -71.26
CA SER I 83 11.07 -40.93 -71.47
C SER I 83 11.17 -41.33 -72.95
N GLU I 84 10.62 -40.52 -73.86
CA GLU I 84 10.45 -40.83 -75.27
C GLU I 84 10.71 -39.56 -76.05
N GLN I 85 11.19 -39.65 -77.30
CA GLN I 85 11.27 -38.47 -78.15
C GLN I 85 9.85 -37.99 -78.53
N VAL I 86 9.58 -36.68 -78.38
CA VAL I 86 8.26 -36.09 -78.58
C VAL I 86 8.37 -34.81 -79.40
N THR I 87 7.24 -34.44 -80.02
CA THR I 87 7.11 -33.33 -80.96
C THR I 87 5.91 -32.47 -80.58
N ALA I 88 5.89 -31.22 -81.04
CA ALA I 88 4.74 -30.34 -80.81
C ALA I 88 3.44 -30.98 -81.33
N ASN I 89 2.34 -30.74 -80.60
CA ASN I 89 1.04 -31.36 -80.81
C ASN I 89 0.95 -32.82 -80.34
N ASP I 90 2.02 -33.47 -79.87
CA ASP I 90 1.84 -34.80 -79.27
C ASP I 90 1.07 -34.70 -77.96
N GLU I 91 0.06 -35.54 -77.79
CA GLU I 91 -0.50 -35.75 -76.46
C GLU I 91 0.40 -36.70 -75.68
N ILE I 92 0.61 -36.36 -74.41
CA ILE I 92 1.46 -37.10 -73.50
C ILE I 92 0.69 -37.45 -72.24
N LEU I 93 1.25 -38.44 -71.52
CA LEU I 93 0.59 -39.17 -70.47
C LEU I 93 1.65 -39.56 -69.45
N PRO I 94 1.33 -39.72 -68.14
CA PRO I 94 2.32 -40.22 -67.18
C PRO I 94 2.84 -41.58 -67.61
N ASP I 95 4.16 -41.78 -67.46
CA ASP I 95 4.82 -42.96 -67.96
C ASP I 95 4.90 -44.11 -66.93
N GLY I 96 4.65 -43.82 -65.65
CA GLY I 96 4.89 -44.77 -64.57
C GLY I 96 6.31 -44.77 -64.02
N LEU I 97 7.22 -44.03 -64.68
CA LEU I 97 8.64 -43.95 -64.32
C LEU I 97 9.03 -42.56 -63.81
N GLY I 98 8.05 -41.71 -63.44
CA GLY I 98 8.30 -40.33 -63.04
C GLY I 98 8.41 -39.35 -64.22
N THR I 99 8.54 -39.87 -65.45
CA THR I 99 8.48 -39.09 -66.68
C THR I 99 7.07 -39.13 -67.28
N PHE I 100 6.88 -38.40 -68.37
CA PHE I 100 5.78 -38.62 -69.29
C PHE I 100 6.24 -39.42 -70.51
N GLU I 101 5.27 -39.94 -71.27
CA GLU I 101 5.48 -40.52 -72.60
C GLU I 101 4.29 -40.15 -73.49
N THR I 102 4.35 -40.41 -74.80
CA THR I 102 3.19 -40.10 -75.62
C THR I 102 2.04 -41.07 -75.40
N VAL I 103 0.85 -40.57 -75.67
CA VAL I 103 -0.36 -41.38 -75.77
C VAL I 103 -0.17 -42.48 -76.80
N ALA I 104 0.42 -42.14 -77.95
CA ALA I 104 0.71 -43.09 -79.02
C ALA I 104 1.55 -44.29 -78.55
N THR I 105 2.49 -44.07 -77.61
CA THR I 105 3.30 -45.15 -77.04
C THR I 105 2.55 -45.94 -75.97
N SER I 106 1.71 -45.25 -75.19
CA SER I 106 0.97 -45.85 -74.07
C SER I 106 -0.10 -46.84 -74.55
N ALA I 107 -0.74 -47.54 -73.61
CA ALA I 107 -1.92 -48.35 -73.91
C ALA I 107 -3.21 -47.50 -73.99
N ALA I 108 -3.18 -46.28 -73.47
CA ALA I 108 -4.33 -45.38 -73.41
C ALA I 108 -4.64 -44.75 -74.77
N SER I 109 -5.84 -44.13 -74.86
CA SER I 109 -6.34 -43.48 -76.07
C SER I 109 -6.32 -41.94 -75.98
N ALA I 110 -6.12 -41.38 -74.78
CA ALA I 110 -6.23 -39.94 -74.54
C ALA I 110 -5.18 -39.45 -73.54
N GLY I 111 -4.67 -38.23 -73.76
CA GLY I 111 -3.61 -37.69 -72.93
C GLY I 111 -4.10 -36.74 -71.85
N VAL I 112 -3.15 -36.20 -71.09
CA VAL I 112 -3.41 -35.22 -70.05
C VAL I 112 -2.74 -33.88 -70.35
N ALA I 113 -1.68 -33.90 -71.16
CA ALA I 113 -0.96 -32.69 -71.53
C ALA I 113 -0.57 -32.77 -73.00
N ILE I 114 -0.42 -31.61 -73.63
CA ILE I 114 -0.05 -31.51 -75.04
C ILE I 114 1.32 -30.84 -75.12
N VAL I 115 2.23 -31.42 -75.92
CA VAL I 115 3.59 -30.91 -76.06
C VAL I 115 3.55 -29.64 -76.90
N GLN I 116 4.11 -28.57 -76.35
CA GLN I 116 4.27 -27.30 -77.07
C GLN I 116 5.68 -27.18 -77.66
N GLU I 117 6.66 -27.87 -77.06
CA GLU I 117 8.07 -27.75 -77.42
C GLU I 117 8.70 -29.14 -77.30
N GLY I 118 9.10 -29.73 -78.44
CA GLY I 118 9.58 -31.11 -78.50
C GLY I 118 10.88 -31.35 -77.73
N ALA I 119 11.15 -32.63 -77.42
CA ALA I 119 12.34 -33.03 -76.69
C ALA I 119 12.75 -34.45 -77.06
N ALA I 120 14.04 -34.78 -76.92
CA ALA I 120 14.54 -36.15 -77.07
C ALA I 120 14.13 -37.02 -75.87
N SER I 121 14.35 -38.34 -75.95
CA SER I 121 14.17 -39.21 -74.79
C SER I 121 15.10 -38.79 -73.65
N GLY I 122 14.58 -38.73 -72.42
CA GLY I 122 15.35 -38.38 -71.23
C GLY I 122 15.61 -36.88 -71.12
N GLU I 123 14.75 -36.04 -71.70
CA GLU I 123 14.99 -34.62 -71.87
C GLU I 123 13.73 -33.82 -71.55
N VAL I 124 13.89 -32.52 -71.27
CA VAL I 124 12.79 -31.67 -70.81
C VAL I 124 12.04 -31.08 -72.00
N CYS I 125 10.77 -31.47 -72.16
CA CYS I 125 9.84 -30.80 -73.06
C CYS I 125 9.09 -29.69 -72.30
N GLU I 126 8.40 -28.80 -73.03
CA GLU I 126 7.41 -27.91 -72.42
C GLU I 126 6.03 -28.31 -72.91
N ALA I 127 5.08 -28.46 -71.97
CA ALA I 127 3.76 -29.01 -72.27
C ALA I 127 2.67 -28.26 -71.49
N TYR I 128 1.45 -28.25 -72.04
CA TYR I 128 0.29 -27.66 -71.38
C TYR I 128 -0.63 -28.78 -70.87
N ILE I 129 -0.88 -28.79 -69.55
CA ILE I 129 -1.78 -29.76 -68.92
C ILE I 129 -3.21 -29.28 -69.16
N PHE I 130 -4.06 -30.14 -69.72
CA PHE I 130 -5.40 -29.76 -70.11
C PHE I 130 -6.50 -30.68 -69.54
N ALA I 131 -6.12 -31.81 -68.93
CA ALA I 131 -7.08 -32.77 -68.40
C ALA I 131 -6.54 -33.48 -67.17
N VAL I 132 -7.45 -34.06 -66.40
CA VAL I 132 -7.15 -35.01 -65.34
C VAL I 132 -7.83 -36.34 -65.67
N GLN I 133 -7.30 -37.45 -65.15
CA GLN I 133 -7.87 -38.76 -65.39
C GLN I 133 -8.03 -39.51 -64.07
N GLY I 134 -9.21 -40.12 -63.90
CA GLY I 134 -9.50 -40.92 -62.73
C GLY I 134 -9.98 -42.32 -63.10
N THR I 135 -10.46 -43.02 -62.07
CA THR I 135 -11.04 -44.34 -62.23
C THR I 135 -12.40 -44.23 -62.93
N THR I 136 -12.44 -44.67 -64.19
CA THR I 136 -13.70 -44.80 -64.94
C THR I 136 -14.25 -46.23 -64.92
N ALA I 137 -13.44 -47.19 -64.42
CA ALA I 137 -13.49 -48.59 -64.82
C ALA I 137 -13.59 -48.75 -66.36
N PHE J 101 106.71 -24.97 -33.41
CA PHE J 101 106.91 -23.80 -34.32
C PHE J 101 106.22 -22.56 -33.76
N ALA J 102 107.02 -21.57 -33.36
CA ALA J 102 106.56 -20.20 -33.17
C ALA J 102 105.22 -20.14 -32.41
N ALA J 103 104.28 -19.34 -32.93
CA ALA J 103 102.88 -19.33 -32.54
C ALA J 103 102.09 -18.86 -33.75
N SER J 104 101.28 -19.76 -34.30
CA SER J 104 100.53 -19.52 -35.53
C SER J 104 99.06 -19.84 -35.31
N ASP J 105 98.17 -19.14 -36.02
CA ASP J 105 96.76 -19.23 -35.70
C ASP J 105 96.13 -20.62 -35.89
N PRO J 106 96.56 -21.54 -36.79
CA PRO J 106 95.99 -22.89 -36.81
C PRO J 106 96.33 -23.75 -35.60
N GLU J 107 97.24 -23.30 -34.72
CA GLU J 107 97.56 -24.02 -33.49
C GLU J 107 96.63 -23.62 -32.34
N TYR J 108 96.17 -22.36 -32.34
CA TYR J 108 95.51 -21.74 -31.19
C TYR J 108 94.10 -21.24 -31.51
N VAL J 109 93.52 -21.73 -32.61
CA VAL J 109 92.21 -21.36 -33.15
C VAL J 109 91.04 -21.64 -32.21
N ASP J 110 91.25 -22.42 -31.13
CA ASP J 110 90.25 -22.61 -30.08
C ASP J 110 90.82 -22.38 -28.67
N THR J 111 91.97 -21.68 -28.56
CA THR J 111 92.65 -21.50 -27.28
C THR J 111 93.10 -20.06 -27.03
N LEU J 112 93.18 -19.20 -28.07
CA LEU J 112 93.53 -17.80 -27.89
C LEU J 112 92.55 -16.85 -28.58
N PHE J 113 91.66 -17.41 -29.42
CA PHE J 113 90.57 -16.70 -30.06
C PHE J 113 89.55 -17.73 -30.54
N ARG J 114 88.35 -17.29 -30.93
CA ARG J 114 87.36 -18.11 -31.61
C ARG J 114 87.26 -17.66 -33.07
N GLU J 115 87.20 -18.61 -34.01
CA GLU J 115 87.02 -18.28 -35.41
C GLU J 115 85.68 -17.55 -35.60
N GLN J 116 85.62 -16.57 -36.51
CA GLN J 116 84.45 -15.72 -36.65
C GLN J 116 83.23 -16.50 -37.13
N LEU J 117 82.06 -16.20 -36.55
CA LEU J 117 80.79 -16.63 -37.10
C LEU J 117 80.04 -15.40 -37.60
N LEU J 118 79.70 -15.38 -38.89
CA LEU J 118 79.09 -14.20 -39.50
C LEU J 118 77.71 -13.95 -38.88
N GLU J 119 77.39 -12.67 -38.65
CA GLU J 119 76.26 -12.27 -37.82
C GLU J 119 74.90 -12.46 -38.51
N VAL J 120 74.90 -12.70 -39.83
CA VAL J 120 73.70 -12.79 -40.66
C VAL J 120 73.49 -14.23 -41.13
N VAL J 121 72.30 -14.80 -40.87
CA VAL J 121 71.90 -16.08 -41.42
C VAL J 121 71.50 -15.90 -42.89
N MET J 122 72.17 -16.63 -43.79
CA MET J 122 71.79 -16.64 -45.20
C MET J 122 70.52 -17.49 -45.39
N GLU J 123 69.53 -16.93 -46.09
CA GLU J 123 68.23 -17.58 -46.23
C GLU J 123 68.29 -18.81 -47.14
N GLY J 124 67.34 -19.73 -46.94
CA GLY J 124 67.11 -20.83 -47.86
C GLY J 124 66.26 -20.41 -49.07
N ARG J 125 65.84 -21.40 -49.85
CA ARG J 125 64.86 -21.23 -50.93
C ARG J 125 63.58 -20.60 -50.39
N GLU J 126 63.10 -19.54 -51.06
CA GLU J 126 61.86 -18.83 -50.71
C GLU J 126 60.85 -18.93 -51.85
N LEU J 127 59.68 -19.55 -51.59
CA LEU J 127 58.65 -19.74 -52.60
C LEU J 127 57.78 -18.50 -52.77
N ARG J 128 57.34 -18.24 -54.01
CA ARG J 128 56.48 -17.12 -54.35
C ARG J 128 55.09 -17.30 -53.74
N LYS J 129 54.56 -16.22 -53.16
CA LYS J 129 53.28 -16.21 -52.46
C LYS J 129 52.37 -15.16 -53.11
N VAL J 130 51.21 -15.59 -53.65
CA VAL J 130 50.34 -14.72 -54.45
C VAL J 130 48.85 -14.88 -54.14
N ALA J 131 48.41 -16.01 -53.58
CA ALA J 131 47.00 -16.40 -53.51
C ALA J 131 46.07 -15.32 -52.92
N ARG J 132 46.53 -14.56 -51.92
CA ARG J 132 45.73 -13.56 -51.23
C ARG J 132 45.55 -12.28 -52.04
N GLU J 133 46.42 -12.05 -53.03
CA GLU J 133 46.32 -10.97 -54.01
C GLU J 133 45.63 -11.46 -55.30
N ALA J 134 45.93 -12.70 -55.72
CA ALA J 134 45.52 -13.28 -57.00
C ALA J 134 44.17 -13.99 -56.96
N SER J 135 43.42 -13.89 -55.85
CA SER J 135 42.07 -14.46 -55.72
C SER J 135 41.22 -13.62 -54.77
N ASN J 136 39.91 -13.80 -54.81
CA ASN J 136 39.02 -13.22 -53.81
C ASN J 136 39.21 -13.98 -52.48
N VAL J 137 39.41 -13.27 -51.36
CA VAL J 137 39.52 -13.94 -50.07
C VAL J 137 38.22 -13.74 -49.28
N ILE J 138 37.63 -14.85 -48.85
CA ILE J 138 36.41 -14.86 -48.05
C ILE J 138 36.77 -15.35 -46.65
N ASN J 139 36.43 -14.54 -45.62
CA ASN J 139 36.52 -15.00 -44.25
C ASN J 139 35.19 -15.64 -43.84
N ALA J 140 35.11 -16.98 -43.90
CA ALA J 140 33.90 -17.72 -43.59
C ALA J 140 33.67 -17.78 -42.07
N ASN J 141 32.39 -17.82 -41.67
CA ASN J 141 31.99 -17.99 -40.28
C ASN J 141 31.82 -19.45 -39.86
N THR J 142 31.90 -20.38 -40.82
CA THR J 142 31.77 -21.82 -40.58
C THR J 142 32.79 -22.59 -41.41
N ARG J 143 33.30 -23.71 -40.87
CA ARG J 143 34.32 -24.53 -41.51
C ARG J 143 33.80 -25.22 -42.78
N VAL J 144 32.48 -25.47 -42.83
CA VAL J 144 31.79 -26.05 -43.97
C VAL J 144 30.64 -25.11 -44.36
N GLY J 145 30.30 -25.07 -45.65
CA GLY J 145 29.18 -24.24 -46.13
C GLY J 145 28.95 -24.39 -47.62
N ASP J 146 28.06 -23.54 -48.17
CA ASP J 146 27.51 -23.67 -49.52
C ASP J 146 27.28 -22.28 -50.13
N VAL J 147 28.25 -21.71 -50.87
CA VAL J 147 28.03 -20.39 -51.45
C VAL J 147 26.96 -20.45 -52.55
N PRO J 148 25.87 -19.63 -52.49
CA PRO J 148 24.83 -19.64 -53.53
C PRO J 148 25.29 -19.05 -54.86
N ILE J 149 24.91 -19.72 -55.94
CA ILE J 149 25.30 -19.33 -57.30
C ILE J 149 24.05 -19.17 -58.15
N ALA J 150 23.94 -18.03 -58.84
CA ALA J 150 22.81 -17.75 -59.71
C ALA J 150 23.02 -18.36 -61.10
N SER J 151 21.92 -18.73 -61.74
CA SER J 151 21.91 -19.16 -63.14
C SER J 151 22.31 -18.03 -64.08
N ASP J 152 22.82 -18.41 -65.25
CA ASP J 152 23.22 -17.48 -66.31
C ASP J 152 22.07 -16.57 -66.78
N GLU J 153 22.46 -15.41 -67.34
CA GLU J 153 21.55 -14.60 -68.14
C GLU J 153 20.96 -15.43 -69.30
N GLU J 154 19.64 -15.26 -69.51
CA GLU J 154 18.94 -15.83 -70.65
C GLU J 154 18.37 -14.69 -71.51
N PHE J 155 17.45 -15.07 -72.42
CA PHE J 155 16.77 -14.14 -73.32
C PHE J 155 15.26 -14.16 -73.06
N ALA J 156 14.65 -12.97 -73.13
CA ALA J 156 13.20 -12.84 -73.23
C ALA J 156 12.68 -13.56 -74.47
N ARG J 157 11.35 -13.77 -74.56
CA ARG J 157 10.75 -14.41 -75.73
C ARG J 157 9.74 -13.48 -76.38
N PRO J 158 9.53 -13.57 -77.72
CA PRO J 158 8.47 -12.80 -78.38
C PRO J 158 7.09 -13.31 -77.99
N THR J 159 6.18 -12.37 -77.72
CA THR J 159 4.90 -12.61 -77.04
C THR J 159 3.77 -11.90 -77.78
N GLY J 160 2.62 -12.57 -77.93
CA GLY J 160 1.42 -11.98 -78.52
C GLY J 160 0.83 -10.87 -77.64
N GLN J 161 0.07 -9.96 -78.26
CA GLN J 161 -0.54 -8.86 -77.51
C GLN J 161 -1.69 -9.37 -76.64
N GLY J 162 -1.67 -9.05 -75.35
CA GLY J 162 -2.67 -9.53 -74.40
C GLY J 162 -2.43 -10.96 -73.90
N ALA J 163 -1.34 -11.61 -74.32
CA ALA J 163 -1.02 -12.97 -73.89
C ALA J 163 -0.29 -12.99 -72.54
N GLU J 164 -0.45 -14.10 -71.79
CA GLU J 164 0.23 -14.31 -70.52
C GLU J 164 1.75 -14.27 -70.68
N ILE J 165 2.42 -13.41 -69.89
CA ILE J 165 3.88 -13.42 -69.76
C ILE J 165 4.29 -14.66 -68.96
N ARG J 166 5.20 -15.48 -69.54
CA ARG J 166 5.61 -16.75 -68.94
C ARG J 166 6.77 -16.58 -67.96
N ASP J 167 6.82 -17.46 -66.95
CA ASP J 167 7.83 -17.42 -65.90
C ASP J 167 9.13 -18.10 -66.34
N ASP J 168 10.25 -17.38 -66.16
CA ASP J 168 11.59 -17.93 -66.31
C ASP J 168 12.50 -17.27 -65.27
N GLY J 169 12.16 -17.49 -63.99
CA GLY J 169 12.81 -16.85 -62.86
C GLY J 169 14.24 -17.33 -62.62
N GLU J 170 14.98 -16.57 -61.81
CA GLU J 170 16.34 -16.95 -61.44
C GLU J 170 16.29 -18.23 -60.60
N THR J 171 17.09 -19.23 -61.02
CA THR J 171 17.25 -20.49 -60.30
C THR J 171 18.68 -20.56 -59.75
N TYR J 172 18.85 -21.22 -58.59
CA TYR J 172 20.11 -21.19 -57.86
C TYR J 172 20.65 -22.60 -57.63
N THR J 173 21.96 -22.67 -57.42
CA THR J 173 22.66 -23.86 -56.97
C THR J 173 23.71 -23.42 -55.95
N THR J 174 24.57 -24.33 -55.49
CA THR J 174 25.65 -23.92 -54.60
C THR J 174 26.98 -24.58 -54.97
N VAL J 175 28.06 -23.94 -54.55
CA VAL J 175 29.34 -24.61 -54.43
C VAL J 175 29.63 -24.80 -52.96
N ALA J 176 29.87 -26.05 -52.56
CA ALA J 176 30.23 -26.35 -51.18
C ALA J 176 31.68 -25.95 -50.93
N TRP J 177 31.97 -25.38 -49.74
CA TRP J 177 33.32 -25.33 -49.22
C TRP J 177 33.45 -26.31 -48.06
N ASN J 178 34.59 -26.99 -48.00
CA ASN J 178 35.10 -27.50 -46.74
C ASN J 178 36.13 -26.49 -46.25
N ALA J 179 36.93 -26.81 -45.22
CA ALA J 179 38.11 -26.02 -44.91
C ALA J 179 39.07 -26.93 -44.16
N THR J 180 40.14 -27.35 -44.84
CA THR J 180 41.10 -28.27 -44.25
C THR J 180 42.02 -27.49 -43.31
N LYS J 181 42.30 -28.06 -42.13
CA LYS J 181 43.25 -27.47 -41.21
C LYS J 181 44.68 -27.72 -41.69
N LEU J 182 45.39 -26.67 -42.13
CA LEU J 182 46.82 -26.76 -42.36
C LEU J 182 47.52 -26.39 -41.06
N THR J 183 48.55 -27.17 -40.68
CA THR J 183 49.30 -26.89 -39.46
C THR J 183 50.81 -27.01 -39.70
N GLU J 184 51.56 -26.25 -38.92
CA GLU J 184 53.02 -26.31 -38.94
C GLU J 184 53.49 -26.01 -37.53
N GLY J 185 54.56 -26.66 -37.08
CA GLY J 185 55.09 -26.40 -35.75
C GLY J 185 56.60 -26.53 -35.69
N SER J 186 57.19 -25.96 -34.64
CA SER J 186 58.60 -26.14 -34.34
C SER J 186 58.85 -25.90 -32.85
N ARG J 187 59.96 -26.46 -32.33
CA ARG J 187 60.32 -26.29 -30.93
C ARG J 187 61.79 -25.89 -30.81
N VAL J 188 62.08 -25.02 -29.84
CA VAL J 188 63.41 -24.50 -29.59
C VAL J 188 63.69 -24.62 -28.09
N THR J 189 64.88 -25.12 -27.73
CA THR J 189 65.23 -25.27 -26.33
C THR J 189 65.63 -23.92 -25.74
N ASP J 190 65.25 -23.64 -24.48
CA ASP J 190 65.45 -22.34 -23.85
C ASP J 190 66.93 -21.94 -23.79
N GLU J 191 67.81 -22.92 -23.57
CA GLU J 191 69.25 -22.73 -23.64
C GLU J 191 69.70 -22.17 -24.98
N MET J 192 69.11 -22.62 -26.10
CA MET J 192 69.55 -22.12 -27.39
C MET J 192 68.83 -20.84 -27.81
N ARG J 193 67.60 -20.62 -27.36
CA ARG J 193 66.94 -19.34 -27.50
C ARG J 193 67.84 -18.22 -26.97
N ASP J 194 68.53 -18.46 -25.85
CA ASP J 194 69.53 -17.55 -25.31
C ASP J 194 70.79 -17.48 -26.17
N GLN J 195 71.45 -18.62 -26.43
CA GLN J 195 72.83 -18.62 -26.91
C GLN J 195 73.01 -18.18 -28.36
N ALA J 196 72.03 -18.41 -29.23
CA ALA J 196 72.16 -18.09 -30.65
C ALA J 196 72.38 -16.58 -30.90
N MET J 197 73.15 -16.25 -31.95
CA MET J 197 73.42 -14.87 -32.35
C MET J 197 72.25 -14.22 -33.11
N VAL J 198 71.08 -14.87 -33.12
CA VAL J 198 69.91 -14.47 -33.88
C VAL J 198 68.65 -14.89 -33.11
N ASP J 199 67.54 -14.15 -33.26
CA ASP J 199 66.32 -14.52 -32.54
C ASP J 199 65.66 -15.74 -33.20
N LEU J 200 65.86 -16.92 -32.58
CA LEU J 200 65.32 -18.16 -33.10
C LEU J 200 63.80 -18.23 -33.01
N ILE J 201 63.19 -17.52 -32.06
CA ILE J 201 61.74 -17.54 -31.97
C ILE J 201 61.15 -16.66 -33.08
N GLU J 202 61.73 -15.47 -33.32
CA GLU J 202 61.36 -14.68 -34.49
C GLU J 202 61.55 -15.47 -35.78
N ARG J 203 62.70 -16.14 -35.96
CA ARG J 203 62.95 -16.92 -37.16
C ARG J 203 61.96 -18.08 -37.33
N ASN J 204 61.64 -18.79 -36.25
CA ASN J 204 60.69 -19.88 -36.30
C ASN J 204 59.27 -19.40 -36.54
N ILE J 205 58.88 -18.27 -35.96
CA ILE J 205 57.63 -17.58 -36.28
C ILE J 205 57.56 -17.27 -37.77
N GLN J 206 58.63 -16.70 -38.34
CA GLN J 206 58.70 -16.37 -39.75
C GLN J 206 58.59 -17.64 -40.61
N ARG J 207 59.26 -18.74 -40.23
CA ARG J 207 59.14 -20.02 -40.92
C ARG J 207 57.71 -20.56 -40.88
N VAL J 208 57.09 -20.57 -39.70
CA VAL J 208 55.74 -21.09 -39.52
C VAL J 208 54.74 -20.28 -40.34
N GLY J 209 54.84 -18.95 -40.31
CA GLY J 209 53.99 -18.08 -41.12
C GLY J 209 54.16 -18.34 -42.62
N ALA J 210 55.41 -18.37 -43.09
CA ALA J 210 55.68 -18.63 -44.49
C ALA J 210 55.19 -20.01 -44.93
N SER J 211 55.28 -21.01 -44.04
CA SER J 211 54.83 -22.37 -44.28
C SER J 211 53.30 -22.46 -44.40
N LEU J 212 52.55 -21.76 -43.55
CA LEU J 212 51.10 -21.60 -43.71
C LEU J 212 50.76 -20.92 -45.04
N GLU J 213 51.48 -19.85 -45.42
CA GLU J 213 51.27 -19.18 -46.69
C GLU J 213 51.52 -20.11 -47.87
N ASN J 214 52.62 -20.87 -47.88
CA ASN J 214 52.84 -21.86 -48.93
C ASN J 214 51.67 -22.83 -48.99
N GLY J 215 51.14 -23.24 -47.83
CA GLY J 215 49.94 -24.04 -47.70
C GLY J 215 48.73 -23.44 -48.44
N ILE J 216 48.38 -22.18 -48.13
CA ILE J 216 47.30 -21.47 -48.83
C ILE J 216 47.54 -21.47 -50.34
N ASN J 217 48.77 -21.15 -50.77
CA ASN J 217 49.13 -21.06 -52.17
C ASN J 217 49.01 -22.40 -52.89
N ARG J 218 49.33 -23.52 -52.23
CA ARG J 218 49.10 -24.85 -52.78
C ARG J 218 47.62 -25.14 -52.94
N VAL J 219 46.80 -24.86 -51.92
CA VAL J 219 45.36 -25.07 -51.98
C VAL J 219 44.74 -24.26 -53.11
N PHE J 220 45.07 -22.97 -53.19
CA PHE J 220 44.66 -22.07 -54.26
C PHE J 220 45.06 -22.62 -55.64
N LEU J 221 46.35 -22.86 -55.88
CA LEU J 221 46.81 -23.25 -57.20
C LEU J 221 46.26 -24.60 -57.64
N THR J 222 46.07 -25.54 -56.71
CA THR J 222 45.55 -26.86 -57.05
C THR J 222 44.08 -26.78 -57.47
N GLU J 223 43.26 -25.97 -56.80
CA GLU J 223 41.91 -25.69 -57.27
C GLU J 223 41.95 -25.00 -58.63
N LEU J 224 42.76 -23.95 -58.74
CA LEU J 224 42.80 -23.08 -59.91
C LEU J 224 43.10 -23.88 -61.17
N VAL J 225 44.13 -24.73 -61.12
CA VAL J 225 44.57 -25.55 -62.23
C VAL J 225 43.62 -26.71 -62.51
N ASP J 226 43.13 -27.41 -61.48
CA ASP J 226 42.34 -28.62 -61.70
C ASP J 226 40.91 -28.32 -62.19
N ASN J 227 40.27 -27.26 -61.68
CA ASN J 227 38.85 -27.02 -61.85
C ASN J 227 38.51 -25.87 -62.81
N ALA J 228 39.50 -25.37 -63.57
CA ALA J 228 39.23 -24.52 -64.72
C ALA J 228 38.41 -25.29 -65.76
N GLN J 229 37.33 -24.70 -66.31
CA GLN J 229 36.47 -25.40 -67.25
C GLN J 229 36.93 -25.27 -68.71
N ASN J 230 37.57 -24.16 -69.08
CA ASN J 230 38.13 -24.01 -70.41
C ASN J 230 39.60 -24.42 -70.45
N ASN J 231 40.12 -24.62 -71.66
CA ASN J 231 41.50 -25.02 -71.86
C ASN J 231 41.92 -24.67 -73.29
N HIS J 232 43.11 -24.07 -73.45
CA HIS J 232 43.74 -23.93 -74.76
C HIS J 232 44.90 -24.90 -74.83
N ASP J 233 44.80 -25.86 -75.76
CA ASP J 233 45.87 -26.80 -76.02
C ASP J 233 46.78 -26.24 -77.11
N THR J 234 48.03 -25.93 -76.74
CA THR J 234 48.99 -25.32 -77.64
C THR J 234 49.63 -26.34 -78.60
N ALA J 235 49.50 -27.64 -78.31
CA ALA J 235 50.06 -28.73 -79.12
C ALA J 235 51.54 -28.49 -79.47
N GLY J 236 52.34 -28.03 -78.50
CA GLY J 236 53.76 -27.75 -78.70
C GLY J 236 54.09 -26.61 -79.68
N SER J 237 53.15 -25.68 -79.94
CA SER J 237 53.32 -24.62 -80.93
C SER J 237 52.73 -23.28 -80.47
N ASN J 238 53.24 -22.16 -80.99
CA ASN J 238 52.68 -20.82 -80.74
C ASN J 238 52.42 -20.55 -79.24
N GLN J 239 53.39 -20.89 -78.39
CA GLN J 239 53.14 -21.02 -76.96
C GLN J 239 53.22 -19.69 -76.19
N GLY J 240 53.69 -18.61 -76.83
CA GLY J 240 53.84 -17.31 -76.16
C GLY J 240 52.55 -16.50 -76.11
N TYR J 241 52.60 -15.23 -76.55
CA TYR J 241 51.43 -14.34 -76.61
C TYR J 241 50.21 -15.00 -77.27
N GLN J 242 50.41 -15.76 -78.36
CA GLN J 242 49.29 -16.37 -79.05
C GLN J 242 48.51 -17.35 -78.18
N ALA J 243 49.18 -18.12 -77.31
CA ALA J 243 48.51 -18.99 -76.35
C ALA J 243 47.74 -18.18 -75.31
N LEU J 244 48.32 -17.08 -74.82
CA LEU J 244 47.68 -16.19 -73.87
C LEU J 244 46.42 -15.56 -74.47
N ASN J 245 46.50 -15.03 -75.69
CA ASN J 245 45.35 -14.49 -76.41
C ASN J 245 44.29 -15.56 -76.68
N SER J 246 44.70 -16.76 -77.09
CA SER J 246 43.79 -17.86 -77.35
C SER J 246 43.06 -18.30 -76.08
N ALA J 247 43.75 -18.34 -74.93
CA ALA J 247 43.16 -18.66 -73.65
C ALA J 247 42.15 -17.60 -73.23
N VAL J 248 42.46 -16.31 -73.39
CA VAL J 248 41.47 -15.24 -73.21
C VAL J 248 40.26 -15.50 -74.12
N GLY J 249 40.50 -15.89 -75.39
CA GLY J 249 39.45 -16.23 -76.32
C GLY J 249 38.52 -17.34 -75.84
N GLU J 250 39.04 -18.39 -75.22
CA GLU J 250 38.22 -19.45 -74.64
C GLU J 250 37.31 -18.92 -73.52
N VAL J 251 37.85 -18.09 -72.62
CA VAL J 251 37.06 -17.53 -71.53
C VAL J 251 36.01 -16.56 -72.07
N ASP J 252 36.41 -15.71 -73.02
CA ASP J 252 35.54 -14.76 -73.71
C ASP J 252 34.39 -15.45 -74.45
N LYS J 253 34.67 -16.62 -75.04
CA LYS J 253 33.65 -17.41 -75.73
C LYS J 253 32.59 -17.96 -74.78
N ASP J 254 32.92 -18.15 -73.49
CA ASP J 254 31.92 -18.46 -72.46
C ASP J 254 31.36 -17.21 -71.77
N ASP J 255 31.65 -16.01 -72.30
CA ASP J 255 31.09 -14.73 -71.85
C ASP J 255 31.45 -14.36 -70.41
N PHE J 256 32.70 -14.62 -70.03
CA PHE J 256 33.35 -14.02 -68.87
C PHE J 256 34.57 -13.22 -69.34
N ARG J 257 34.96 -12.18 -68.59
CA ARG J 257 36.17 -11.43 -68.91
C ARG J 257 37.27 -11.78 -67.91
N PRO J 258 38.38 -12.44 -68.33
CA PRO J 258 39.51 -12.68 -67.43
C PRO J 258 40.33 -11.39 -67.27
N ASP J 259 41.08 -11.30 -66.18
CA ASP J 259 41.85 -10.11 -65.83
C ASP J 259 43.19 -10.43 -65.17
N THR J 260 43.50 -11.73 -65.00
CA THR J 260 44.66 -12.19 -64.25
C THR J 260 45.25 -13.41 -64.94
N TYR J 261 46.57 -13.61 -64.81
CA TYR J 261 47.13 -14.93 -65.12
C TYR J 261 48.18 -15.37 -64.11
N VAL J 262 48.14 -16.67 -63.82
CA VAL J 262 49.06 -17.38 -62.93
C VAL J 262 49.95 -18.24 -63.81
N THR J 263 51.26 -18.30 -63.52
CA THR J 263 52.23 -18.81 -64.48
C THR J 263 53.32 -19.65 -63.83
N HIS J 264 53.73 -20.76 -64.47
CA HIS J 264 54.85 -21.62 -64.09
C HIS J 264 56.18 -21.08 -64.63
N PRO J 265 57.34 -21.29 -63.96
CA PRO J 265 58.65 -20.84 -64.46
C PRO J 265 59.03 -21.22 -65.89
N ASP J 266 58.68 -22.42 -66.35
CA ASP J 266 58.96 -22.84 -67.71
C ASP J 266 58.13 -22.06 -68.73
N TYR J 267 56.85 -21.80 -68.40
CA TYR J 267 56.01 -20.96 -69.24
C TYR J 267 56.58 -19.55 -69.34
N ARG J 268 56.94 -18.93 -68.20
CA ARG J 268 57.58 -17.61 -68.19
C ARG J 268 58.83 -17.60 -69.07
N THR J 269 59.69 -18.62 -68.93
CA THR J 269 60.91 -18.72 -69.72
C THR J 269 60.63 -18.67 -71.22
N GLN J 270 59.64 -19.44 -71.71
CA GLN J 270 59.29 -19.41 -73.13
C GLN J 270 58.56 -18.14 -73.53
N LEU J 271 57.71 -17.57 -72.66
CA LEU J 271 57.04 -16.31 -72.93
C LEU J 271 58.07 -15.20 -73.21
N PHE J 272 59.18 -15.15 -72.47
CA PHE J 272 60.22 -14.16 -72.69
C PHE J 272 61.18 -14.51 -73.85
N ASN J 273 61.06 -15.70 -74.45
CA ASN J 273 61.68 -16.02 -75.73
C ASN J 273 60.81 -15.61 -76.93
N ASP J 274 59.50 -15.37 -76.74
CA ASP J 274 58.60 -15.02 -77.82
C ASP J 274 59.07 -13.71 -78.48
N THR J 275 59.35 -13.73 -79.78
CA THR J 275 59.82 -12.52 -80.47
C THR J 275 58.84 -11.35 -80.35
N ASN J 276 57.55 -11.63 -80.19
CA ASN J 276 56.54 -10.60 -80.01
C ASN J 276 56.77 -9.78 -78.73
N LEU J 277 57.52 -10.33 -77.74
CA LEU J 277 57.89 -9.67 -76.49
C LEU J 277 59.38 -9.37 -76.41
N ALA J 278 60.22 -10.28 -76.93
CA ALA J 278 61.67 -10.19 -76.86
C ALA J 278 62.23 -9.09 -77.78
N TYR J 279 61.61 -8.86 -78.94
CA TYR J 279 62.06 -7.82 -79.86
C TYR J 279 61.34 -6.52 -79.50
N ALA J 280 62.10 -5.47 -79.17
CA ALA J 280 61.54 -4.18 -78.76
C ALA J 280 60.62 -3.61 -79.84
N ASN J 281 61.06 -3.73 -81.10
CA ASN J 281 60.30 -3.54 -82.32
C ASN J 281 58.86 -4.05 -82.23
N ARG J 282 58.69 -5.35 -81.91
CA ARG J 282 57.39 -6.01 -81.89
C ARG J 282 56.62 -5.74 -80.61
N ALA J 283 57.29 -5.55 -79.47
CA ALA J 283 56.65 -5.35 -78.17
C ALA J 283 56.26 -3.89 -77.90
N GLY J 284 56.89 -2.93 -78.61
CA GLY J 284 56.71 -1.51 -78.37
C GLY J 284 57.63 -0.91 -77.30
N THR J 285 58.33 -1.75 -76.52
CA THR J 285 59.39 -1.34 -75.59
C THR J 285 60.41 -2.47 -75.47
N ASN J 286 61.63 -2.15 -75.01
CA ASN J 286 62.63 -3.17 -74.70
C ASN J 286 62.55 -3.67 -73.24
N GLU J 287 61.46 -3.35 -72.52
CA GLU J 287 61.31 -3.68 -71.11
C GLU J 287 61.43 -5.18 -70.83
N VAL J 288 60.87 -6.05 -71.68
CA VAL J 288 60.97 -7.49 -71.46
C VAL J 288 62.40 -7.97 -71.65
N LEU J 289 63.08 -7.51 -72.71
CA LEU J 289 64.49 -7.82 -72.95
C LEU J 289 65.38 -7.38 -71.77
N ARG J 290 65.11 -6.21 -71.19
CA ARG J 290 65.92 -5.67 -70.11
C ARG J 290 65.55 -6.28 -68.75
N ASN J 291 64.28 -6.19 -68.36
CA ASN J 291 63.82 -6.41 -67.00
C ASN J 291 63.06 -7.73 -66.80
N ARG J 292 62.88 -8.53 -67.87
CA ARG J 292 62.26 -9.86 -67.78
C ARG J 292 60.88 -9.77 -67.12
N GLU J 293 60.63 -10.51 -66.02
CA GLU J 293 59.34 -10.53 -65.36
C GLU J 293 58.94 -9.20 -64.71
N ASP J 294 59.90 -8.32 -64.41
CA ASP J 294 59.63 -7.03 -63.78
C ASP J 294 59.16 -5.95 -64.76
N ALA J 295 59.16 -6.26 -66.06
CA ALA J 295 58.67 -5.38 -67.12
C ALA J 295 57.18 -5.06 -66.95
N PRO J 296 56.73 -3.78 -67.07
CA PRO J 296 55.32 -3.45 -66.93
C PRO J 296 54.42 -4.12 -67.97
N ILE J 297 54.96 -4.49 -69.15
CA ILE J 297 54.21 -5.18 -70.19
C ILE J 297 53.74 -6.56 -69.72
N VAL J 298 54.52 -7.26 -68.89
CA VAL J 298 54.22 -8.62 -68.47
C VAL J 298 52.98 -8.66 -67.56
N GLY J 299 52.74 -7.59 -66.79
CA GLY J 299 51.51 -7.44 -66.02
C GLY J 299 50.36 -6.75 -66.75
N ASP J 300 50.48 -6.53 -68.08
CA ASP J 300 49.54 -5.74 -68.86
C ASP J 300 49.54 -6.26 -70.30
N ILE J 301 49.07 -7.51 -70.49
CA ILE J 301 49.16 -8.24 -71.74
C ILE J 301 47.83 -8.93 -72.04
N ALA J 302 47.40 -8.93 -73.31
CA ALA J 302 46.19 -9.62 -73.75
C ALA J 302 44.94 -9.19 -72.98
N GLY J 303 44.91 -7.96 -72.45
CA GLY J 303 43.77 -7.46 -71.69
C GLY J 303 43.78 -7.82 -70.20
N LEU J 304 44.72 -8.67 -69.79
CA LEU J 304 44.95 -9.03 -68.39
C LEU J 304 45.74 -7.91 -67.72
N ASP J 305 45.37 -7.57 -66.47
CA ASP J 305 45.98 -6.45 -65.75
C ASP J 305 46.71 -6.89 -64.47
N MET J 306 46.84 -8.20 -64.24
CA MET J 306 47.70 -8.74 -63.19
C MET J 306 48.40 -10.01 -63.67
N HIS J 307 49.71 -10.09 -63.40
CA HIS J 307 50.45 -11.34 -63.49
C HIS J 307 50.81 -11.81 -62.08
N ALA J 308 50.53 -13.07 -61.80
CA ALA J 308 50.80 -13.68 -60.51
C ALA J 308 51.76 -14.85 -60.73
N ALA J 309 53.05 -14.54 -60.79
CA ALA J 309 54.09 -15.53 -61.00
C ALA J 309 54.15 -16.51 -59.81
N MET J 310 54.08 -17.82 -60.08
CA MET J 310 54.13 -18.82 -59.03
C MET J 310 55.34 -19.73 -59.16
N SER J 311 55.69 -20.40 -58.06
CA SER J 311 56.83 -21.31 -57.95
C SER J 311 56.48 -22.71 -58.44
N SER J 312 57.48 -23.45 -58.93
CA SER J 312 57.34 -24.80 -59.46
C SER J 312 56.80 -25.81 -58.43
N ALA J 313 57.27 -25.71 -57.19
CA ALA J 313 56.91 -26.64 -56.11
C ALA J 313 55.48 -26.50 -55.58
N THR J 314 54.75 -25.45 -55.98
CA THR J 314 53.56 -25.02 -55.25
C THR J 314 52.37 -25.95 -55.48
N TYR J 315 52.18 -26.40 -56.72
CA TYR J 315 51.07 -27.28 -57.05
C TYR J 315 51.19 -28.62 -56.31
N ASP J 316 50.05 -29.15 -55.88
CA ASP J 316 50.01 -30.41 -55.17
C ASP J 316 50.14 -31.61 -56.11
N ASP J 317 51.38 -32.05 -56.33
CA ASP J 317 51.65 -33.27 -57.09
C ASP J 317 51.46 -34.55 -56.27
N GLY J 318 51.03 -34.44 -55.00
CA GLY J 318 50.82 -35.58 -54.13
C GLY J 318 52.10 -36.23 -53.57
N THR J 319 53.28 -35.63 -53.78
CA THR J 319 54.54 -36.21 -53.31
C THR J 319 54.87 -35.80 -51.87
N ASP J 320 54.45 -34.60 -51.45
CA ASP J 320 54.63 -34.19 -50.05
C ASP J 320 53.69 -34.98 -49.14
N ILE J 321 54.14 -35.27 -47.92
CA ILE J 321 53.40 -36.15 -47.03
C ILE J 321 52.11 -35.48 -46.51
N GLY J 322 51.02 -36.26 -46.39
CA GLY J 322 49.74 -35.72 -45.93
C GLY J 322 48.91 -35.10 -47.06
N TRP J 323 49.56 -34.41 -48.00
CA TRP J 323 48.94 -33.91 -49.22
C TRP J 323 48.62 -35.06 -50.18
N SER J 324 47.38 -35.11 -50.69
CA SER J 324 46.97 -36.06 -51.71
C SER J 324 46.71 -35.32 -53.03
N GLY J 325 47.39 -35.74 -54.11
CA GLY J 325 47.64 -34.85 -55.24
C GLY J 325 46.41 -34.40 -56.04
N GLY J 326 46.57 -33.30 -56.79
CA GLY J 326 45.63 -32.86 -57.82
C GLY J 326 45.64 -33.76 -59.06
N SER J 327 44.79 -33.45 -60.05
CA SER J 327 44.57 -34.28 -61.23
C SER J 327 45.49 -33.96 -62.42
N GLU J 328 46.16 -32.80 -62.41
CA GLU J 328 46.93 -32.29 -63.54
C GLU J 328 48.44 -32.36 -63.29
N THR J 329 49.23 -31.91 -64.28
CA THR J 329 50.65 -31.64 -64.06
C THR J 329 50.90 -30.14 -64.22
N TRP J 330 51.31 -29.47 -63.12
CA TRP J 330 51.81 -28.11 -63.19
C TRP J 330 53.24 -28.12 -63.73
N GLY J 331 53.47 -27.39 -64.82
CA GLY J 331 54.75 -27.42 -65.53
C GLY J 331 54.57 -26.87 -66.94
N PHE J 332 55.65 -26.81 -67.73
CA PHE J 332 55.51 -26.47 -69.14
C PHE J 332 56.68 -27.04 -69.94
N SER J 333 56.81 -28.37 -69.89
CA SER J 333 57.99 -29.10 -70.34
C SER J 333 57.61 -30.17 -71.36
N SER J 334 56.41 -30.71 -71.22
CA SER J 334 56.05 -32.00 -71.79
C SER J 334 54.54 -32.08 -72.04
N ASP J 335 54.16 -32.97 -72.95
CA ASP J 335 52.80 -33.14 -73.46
C ASP J 335 51.78 -33.21 -72.32
N GLY J 336 50.86 -32.23 -72.27
CA GLY J 336 49.78 -32.21 -71.29
C GLY J 336 50.06 -31.38 -70.03
N ASP J 337 51.28 -30.85 -69.84
CA ASP J 337 51.54 -29.95 -68.73
C ASP J 337 50.67 -28.69 -68.82
N LYS J 338 50.13 -28.23 -67.67
CA LYS J 338 49.41 -26.96 -67.58
C LYS J 338 50.39 -25.90 -67.08
N GLY J 339 50.76 -24.95 -67.94
CA GLY J 339 51.83 -23.99 -67.64
C GLY J 339 51.35 -22.62 -67.17
N ALA J 340 50.11 -22.26 -67.50
CA ALA J 340 49.53 -21.00 -67.07
C ALA J 340 48.02 -21.16 -66.91
N VAL J 341 47.40 -20.33 -66.06
CA VAL J 341 45.96 -20.22 -66.00
C VAL J 341 45.61 -18.76 -66.24
N VAL J 342 44.70 -18.51 -67.18
CA VAL J 342 44.17 -17.19 -67.50
C VAL J 342 42.75 -17.14 -66.97
N TYR J 343 42.42 -16.17 -66.12
CA TYR J 343 41.17 -16.25 -65.35
C TYR J 343 40.71 -14.90 -64.82
N ASP J 344 39.49 -14.90 -64.31
CA ASP J 344 38.89 -13.78 -63.58
C ASP J 344 39.16 -13.91 -62.08
N ARG J 345 39.92 -12.95 -61.52
CA ARG J 345 40.30 -12.88 -60.12
C ARG J 345 39.12 -12.97 -59.16
N ASP J 346 37.93 -12.51 -59.59
CA ASP J 346 36.75 -12.40 -58.74
C ASP J 346 35.92 -13.68 -58.67
N ASN J 347 36.23 -14.67 -59.51
CA ASN J 347 35.44 -15.90 -59.61
C ASN J 347 36.15 -17.12 -59.02
N ILE J 348 37.30 -16.93 -58.39
CA ILE J 348 38.03 -17.94 -57.64
C ILE J 348 38.17 -17.43 -56.21
N HIS J 349 37.71 -18.23 -55.24
CA HIS J 349 37.58 -17.81 -53.85
C HIS J 349 38.51 -18.63 -52.97
N THR J 350 39.37 -17.95 -52.22
CA THR J 350 40.11 -18.56 -51.12
C THR J 350 39.28 -18.36 -49.85
N ILE J 351 38.68 -19.45 -49.37
CA ILE J 351 37.85 -19.40 -48.17
C ILE J 351 38.73 -19.73 -46.97
N LEU J 352 38.88 -18.76 -46.07
CA LEU J 352 39.61 -18.92 -44.82
C LEU J 352 38.63 -18.99 -43.67
N TYR J 353 38.86 -19.93 -42.75
CA TYR J 353 38.06 -20.07 -41.55
C TYR J 353 38.95 -19.96 -40.30
N ALA J 354 38.38 -19.36 -39.25
CA ALA J 354 39.06 -19.13 -37.99
C ALA J 354 38.04 -19.27 -36.86
N PRO J 355 38.18 -20.28 -35.95
CA PRO J 355 37.21 -20.47 -34.88
C PRO J 355 37.16 -19.28 -33.92
N ASN J 356 35.95 -18.93 -33.47
CA ASN J 356 35.79 -17.90 -32.46
C ASN J 356 36.57 -18.24 -31.19
N GLY J 357 37.21 -17.21 -30.58
CA GLY J 357 38.07 -17.39 -29.42
C GLY J 357 39.44 -18.02 -29.70
N GLN J 358 39.68 -18.46 -30.95
CA GLN J 358 40.93 -19.11 -31.37
C GLN J 358 41.42 -18.60 -32.74
N ASP J 359 41.01 -17.37 -33.10
CA ASP J 359 41.27 -16.74 -34.39
C ASP J 359 42.63 -16.04 -34.47
N VAL J 360 43.66 -16.58 -33.79
CA VAL J 360 45.06 -16.21 -33.96
C VAL J 360 45.81 -17.38 -34.61
N GLU J 361 46.47 -17.11 -35.75
CA GLU J 361 47.02 -18.15 -36.61
C GLU J 361 48.29 -18.76 -36.02
N ILE J 362 49.19 -17.91 -35.48
CA ILE J 362 50.48 -18.35 -34.96
C ILE J 362 50.60 -18.00 -33.48
N LYS J 363 50.91 -19.00 -32.64
CA LYS J 363 51.17 -18.79 -31.22
C LYS J 363 52.52 -19.39 -30.85
N ASP J 364 53.25 -18.68 -29.98
CA ASP J 364 54.43 -19.22 -29.31
C ASP J 364 54.11 -19.42 -27.83
N TYR J 365 54.43 -20.61 -27.30
CA TYR J 365 54.15 -20.96 -25.91
C TYR J 365 55.43 -21.50 -25.26
N GLU J 366 55.52 -21.36 -23.93
CA GLU J 366 56.62 -21.95 -23.18
C GLU J 366 56.14 -23.16 -22.38
N ASP J 367 56.99 -24.20 -22.36
CA ASP J 367 56.80 -25.38 -21.53
C ASP J 367 57.79 -25.30 -20.36
N PRO J 368 57.34 -24.89 -19.15
CA PRO J 368 58.23 -24.77 -17.99
C PRO J 368 58.61 -26.09 -17.33
N ILE J 369 58.03 -27.23 -17.76
CA ILE J 369 58.47 -28.55 -17.32
C ILE J 369 59.71 -28.97 -18.13
N ARG J 370 59.81 -28.56 -19.41
CA ARG J 370 60.86 -29.04 -20.30
C ARG J 370 61.86 -27.96 -20.73
N ASP J 371 61.56 -26.67 -20.46
CA ASP J 371 62.35 -25.54 -20.93
C ASP J 371 62.45 -25.51 -22.46
N ILE J 372 61.28 -25.53 -23.10
CA ILE J 372 61.18 -25.47 -24.55
C ILE J 372 60.15 -24.40 -24.90
N THR J 373 60.43 -23.63 -25.95
CA THR J 373 59.43 -22.76 -26.56
C THR J 373 58.92 -23.46 -27.82
N GLY J 374 57.61 -23.67 -27.91
CA GLY J 374 56.99 -24.19 -29.12
C GLY J 374 56.38 -23.03 -29.91
N VAL J 375 56.53 -23.06 -31.24
CA VAL J 375 55.85 -22.15 -32.13
C VAL J 375 54.92 -22.98 -32.99
N ASN J 376 53.61 -22.70 -32.92
CA ASN J 376 52.60 -23.48 -33.62
C ASN J 376 51.77 -22.56 -34.51
N GLY J 377 51.58 -22.98 -35.77
CA GLY J 377 50.72 -22.30 -36.70
C GLY J 377 49.56 -23.21 -37.10
N ARG J 378 48.37 -22.62 -37.25
CA ARG J 378 47.21 -23.33 -37.77
C ARG J 378 46.39 -22.39 -38.66
N LEU J 379 45.70 -22.97 -39.64
CA LEU J 379 44.77 -22.20 -40.46
C LEU J 379 43.83 -23.16 -41.16
N HIS J 380 42.54 -22.84 -41.23
CA HIS J 380 41.60 -23.63 -42.01
C HIS J 380 41.38 -22.95 -43.35
N VAL J 381 41.56 -23.69 -44.45
CA VAL J 381 41.46 -23.10 -45.78
C VAL J 381 40.86 -24.10 -46.79
N ASP J 382 40.11 -23.54 -47.74
CA ASP J 382 39.70 -24.23 -48.96
C ASP J 382 39.65 -23.21 -50.09
N CYS J 383 39.71 -23.70 -51.34
CA CYS J 383 39.61 -22.82 -52.48
C CYS J 383 38.58 -23.38 -53.44
N GLN J 384 37.70 -22.51 -53.96
CA GLN J 384 36.62 -22.92 -54.83
C GLN J 384 36.42 -21.88 -55.93
N TYR J 385 36.25 -22.34 -57.19
CA TYR J 385 35.64 -21.48 -58.19
C TYR J 385 34.15 -21.29 -57.92
N SER J 386 33.65 -20.07 -58.14
CA SER J 386 32.22 -19.84 -58.33
C SER J 386 31.82 -19.99 -59.80
N GLN J 387 32.74 -19.74 -60.74
CA GLN J 387 32.50 -19.97 -62.15
C GLN J 387 33.81 -20.48 -62.77
N GLY J 388 33.95 -21.80 -62.87
CA GLY J 388 35.11 -22.42 -63.51
C GLY J 388 35.21 -22.09 -65.00
N ARG J 389 34.09 -21.72 -65.64
CA ARG J 389 34.08 -21.17 -66.99
C ARG J 389 34.84 -19.85 -67.11
N SER J 390 35.01 -19.11 -66.02
CA SER J 390 35.74 -17.84 -66.03
C SER J 390 37.26 -18.01 -66.09
N SER J 391 37.77 -19.24 -66.29
CA SER J 391 39.19 -19.51 -66.41
C SER J 391 39.50 -20.52 -67.51
N ALA J 392 40.73 -20.43 -68.04
CA ALA J 392 41.26 -21.35 -69.01
C ALA J 392 42.70 -21.69 -68.64
N THR J 393 43.06 -22.97 -68.63
CA THR J 393 44.47 -23.35 -68.56
C THR J 393 45.11 -23.27 -69.95
N VAL J 394 46.40 -22.92 -69.99
CA VAL J 394 47.22 -23.10 -71.19
C VAL J 394 47.96 -24.43 -71.03
N GLN J 395 47.84 -25.30 -72.04
CA GLN J 395 48.37 -26.65 -71.99
C GLN J 395 49.44 -26.85 -73.06
N TYR J 396 50.54 -27.52 -72.69
CA TYR J 396 51.66 -27.84 -73.55
C TYR J 396 51.31 -28.95 -74.58
N PHE K 101 132.44 4.19 -95.23
CA PHE K 101 132.91 4.86 -96.47
C PHE K 101 133.38 6.25 -96.08
N ALA K 102 132.51 7.26 -96.24
CA ALA K 102 132.56 8.45 -95.41
C ALA K 102 132.15 8.05 -94.00
N ALA K 103 132.16 9.00 -93.05
CA ALA K 103 131.50 8.77 -91.76
C ALA K 103 130.01 8.54 -91.99
N SER K 104 129.43 7.52 -91.32
CA SER K 104 128.07 7.08 -91.59
C SER K 104 127.37 6.61 -90.32
N ASP K 105 126.06 6.88 -90.19
CA ASP K 105 125.24 6.50 -89.05
C ASP K 105 125.41 5.03 -88.66
N PRO K 106 125.13 4.03 -89.55
CA PRO K 106 125.31 2.61 -89.22
C PRO K 106 126.74 2.15 -88.96
N GLU K 107 127.73 3.01 -89.17
CA GLU K 107 129.14 2.67 -88.97
C GLU K 107 129.64 3.02 -87.55
N TYR K 108 128.93 3.90 -86.82
CA TYR K 108 129.36 4.43 -85.52
C TYR K 108 128.29 4.36 -84.43
N VAL K 109 127.34 3.41 -84.55
CA VAL K 109 126.09 3.33 -83.78
C VAL K 109 126.29 3.31 -82.26
N ASP K 110 127.39 2.73 -81.76
CA ASP K 110 127.73 2.69 -80.34
C ASP K 110 129.12 3.30 -80.08
N THR K 111 129.58 4.20 -80.96
CA THR K 111 130.92 4.77 -80.93
C THR K 111 130.86 6.29 -80.77
N LEU K 112 129.98 6.96 -81.53
CA LEU K 112 129.87 8.43 -81.49
C LEU K 112 128.54 8.92 -80.91
N PHE K 113 127.61 7.98 -80.66
CA PHE K 113 126.31 8.18 -80.04
C PHE K 113 125.84 6.83 -79.50
N ARG K 114 124.75 6.79 -78.73
CA ARG K 114 124.05 5.55 -78.39
C ARG K 114 122.66 5.57 -79.04
N GLU K 115 122.15 4.40 -79.44
CA GLU K 115 120.76 4.24 -79.84
C GLU K 115 119.84 4.80 -78.74
N GLN K 116 118.83 5.60 -79.11
CA GLN K 116 117.89 6.14 -78.14
C GLN K 116 117.05 5.03 -77.50
N LEU K 117 116.94 5.05 -76.16
CA LEU K 117 115.85 4.36 -75.47
C LEU K 117 114.71 5.35 -75.25
N LEU K 118 113.49 4.92 -75.57
CA LEU K 118 112.31 5.66 -75.15
C LEU K 118 112.16 5.59 -73.63
N GLU K 119 111.76 6.71 -73.00
CA GLU K 119 111.63 6.78 -71.53
C GLU K 119 110.38 6.05 -71.02
N VAL K 120 109.35 5.93 -71.87
CA VAL K 120 108.12 5.23 -71.53
C VAL K 120 108.33 3.72 -71.70
N VAL K 121 108.23 2.96 -70.61
CA VAL K 121 108.08 1.51 -70.69
C VAL K 121 106.62 1.16 -70.97
N MET K 122 106.41 0.34 -72.01
CA MET K 122 105.08 -0.08 -72.44
C MET K 122 104.60 -1.27 -71.60
N GLU K 123 103.29 -1.28 -71.28
CA GLU K 123 102.70 -2.30 -70.43
C GLU K 123 102.45 -3.61 -71.17
N GLY K 124 102.38 -4.73 -70.42
CA GLY K 124 101.92 -6.01 -70.94
C GLY K 124 100.40 -6.15 -70.93
N ARG K 125 99.90 -7.37 -71.15
CA ARG K 125 98.45 -7.64 -71.08
C ARG K 125 97.96 -7.40 -69.64
N GLU K 126 96.76 -6.83 -69.52
CA GLU K 126 96.23 -6.39 -68.22
C GLU K 126 94.85 -7.03 -68.02
N LEU K 127 94.73 -7.93 -67.03
CA LEU K 127 93.53 -8.75 -66.90
C LEU K 127 92.37 -7.96 -66.30
N ARG K 128 91.15 -8.37 -66.65
CA ARG K 128 89.93 -7.80 -66.09
C ARG K 128 89.79 -8.17 -64.62
N LYS K 129 89.38 -7.18 -63.81
CA LYS K 129 89.35 -7.28 -62.35
C LYS K 129 87.97 -6.83 -61.89
N VAL K 130 87.06 -7.81 -61.67
CA VAL K 130 85.64 -7.55 -61.46
C VAL K 130 85.07 -8.14 -60.17
N ALA K 131 85.80 -9.06 -59.51
CA ALA K 131 85.55 -9.35 -58.10
C ALA K 131 85.64 -8.04 -57.29
N ARG K 132 85.15 -8.06 -56.04
CA ARG K 132 84.92 -6.85 -55.23
C ARG K 132 83.64 -6.13 -55.65
N GLU K 133 83.36 -6.07 -56.97
CA GLU K 133 82.08 -5.57 -57.48
C GLU K 133 81.10 -6.73 -57.66
N ALA K 134 81.52 -7.80 -58.35
CA ALA K 134 80.67 -8.90 -58.80
C ALA K 134 80.36 -9.92 -57.69
N SER K 135 80.55 -9.55 -56.41
CA SER K 135 80.46 -10.46 -55.27
C SER K 135 80.03 -9.71 -54.02
N ASN K 136 79.41 -10.39 -53.05
CA ASN K 136 79.40 -9.92 -51.68
C ASN K 136 80.82 -9.98 -51.13
N VAL K 137 81.30 -8.94 -50.41
CA VAL K 137 82.65 -8.95 -49.84
C VAL K 137 82.60 -8.91 -48.32
N ILE K 138 83.30 -9.87 -47.69
CA ILE K 138 83.43 -9.93 -46.24
C ILE K 138 84.88 -9.52 -45.91
N ASN K 139 85.04 -8.45 -45.13
CA ASN K 139 86.31 -8.14 -44.51
C ASN K 139 86.39 -8.87 -43.17
N ALA K 140 86.91 -10.10 -43.19
CA ALA K 140 86.85 -10.99 -42.04
C ALA K 140 87.73 -10.50 -40.89
N ASN K 141 87.28 -10.79 -39.66
CA ASN K 141 88.08 -10.57 -38.46
C ASN K 141 89.06 -11.71 -38.20
N THR K 142 88.83 -12.89 -38.80
CA THR K 142 89.70 -14.05 -38.64
C THR K 142 89.90 -14.79 -39.96
N ARG K 143 91.07 -15.41 -40.12
CA ARG K 143 91.49 -16.11 -41.32
C ARG K 143 90.57 -17.27 -41.68
N VAL K 144 90.01 -17.91 -40.64
CA VAL K 144 89.02 -18.99 -40.76
C VAL K 144 87.72 -18.50 -40.13
N GLY K 145 86.58 -18.95 -40.66
CA GLY K 145 85.29 -18.61 -40.10
C GLY K 145 84.14 -19.37 -40.77
N ASP K 146 82.92 -19.02 -40.39
CA ASP K 146 81.72 -19.68 -40.88
C ASP K 146 80.62 -18.64 -41.11
N VAL K 147 79.80 -18.86 -42.14
CA VAL K 147 78.55 -18.11 -42.31
C VAL K 147 77.37 -19.08 -42.20
N PRO K 148 76.39 -18.84 -41.30
CA PRO K 148 75.26 -19.74 -41.15
C PRO K 148 74.23 -19.67 -42.26
N ILE K 149 73.74 -20.83 -42.67
CA ILE K 149 72.74 -21.02 -43.72
C ILE K 149 71.49 -21.64 -43.08
N ALA K 150 70.31 -21.10 -43.40
CA ALA K 150 69.04 -21.70 -43.00
C ALA K 150 68.54 -22.70 -44.06
N SER K 151 67.78 -23.71 -43.61
CA SER K 151 67.07 -24.65 -44.47
C SER K 151 66.01 -23.94 -45.32
N ASP K 152 65.74 -24.50 -46.51
CA ASP K 152 64.63 -24.08 -47.36
C ASP K 152 63.30 -24.09 -46.59
N GLU K 153 62.36 -23.23 -47.02
CA GLU K 153 61.02 -23.24 -46.45
C GLU K 153 60.18 -24.41 -47.00
N GLU K 154 59.16 -24.82 -46.22
CA GLU K 154 58.34 -25.98 -46.51
C GLU K 154 56.85 -25.62 -46.53
N PHE K 155 55.98 -26.63 -46.69
CA PHE K 155 54.54 -26.42 -46.73
C PHE K 155 53.89 -26.91 -45.43
N ALA K 156 52.94 -26.13 -44.91
CA ALA K 156 52.11 -26.57 -43.80
C ALA K 156 51.38 -27.87 -44.18
N ARG K 157 51.04 -28.69 -43.18
CA ARG K 157 50.57 -30.04 -43.41
C ARG K 157 49.06 -30.11 -43.21
N PRO K 158 48.26 -30.66 -44.17
CA PRO K 158 46.83 -30.83 -43.96
C PRO K 158 46.58 -31.85 -42.85
N THR K 159 45.69 -31.49 -41.92
CA THR K 159 45.57 -32.13 -40.61
C THR K 159 44.08 -32.38 -40.33
N GLY K 160 43.75 -33.55 -39.76
CA GLY K 160 42.39 -33.86 -39.32
C GLY K 160 41.95 -32.97 -38.16
N GLN K 161 40.64 -32.78 -38.00
CA GLN K 161 40.10 -32.02 -36.88
C GLN K 161 40.49 -32.66 -35.54
N GLY K 162 40.96 -31.85 -34.59
CA GLY K 162 41.32 -32.36 -33.26
C GLY K 162 42.71 -32.99 -33.15
N ALA K 163 43.37 -33.27 -34.29
CA ALA K 163 44.70 -33.89 -34.28
C ALA K 163 45.80 -32.89 -33.90
N GLU K 164 46.85 -33.38 -33.25
CA GLU K 164 47.96 -32.54 -32.78
C GLU K 164 48.90 -32.11 -33.92
N ILE K 165 49.53 -30.94 -33.75
CA ILE K 165 50.49 -30.39 -34.71
C ILE K 165 51.83 -31.11 -34.57
N ARG K 166 52.45 -31.49 -35.70
CA ARG K 166 53.79 -32.05 -35.74
C ARG K 166 54.85 -30.98 -36.01
N ASP K 167 56.11 -31.30 -35.65
CA ASP K 167 57.23 -30.39 -35.80
C ASP K 167 58.05 -30.64 -37.07
N ASP K 168 58.37 -29.54 -37.76
CA ASP K 168 59.37 -29.50 -38.81
C ASP K 168 60.07 -28.15 -38.68
N GLY K 169 61.04 -28.07 -37.76
CA GLY K 169 61.61 -26.79 -37.36
C GLY K 169 62.64 -26.26 -38.34
N GLU K 170 62.91 -24.95 -38.24
CA GLU K 170 64.02 -24.40 -39.00
C GLU K 170 65.33 -25.06 -38.54
N THR K 171 66.15 -25.41 -39.51
CA THR K 171 67.33 -26.24 -39.33
C THR K 171 68.49 -25.55 -40.03
N TYR K 172 69.70 -25.66 -39.46
CA TYR K 172 70.81 -24.80 -39.83
C TYR K 172 72.06 -25.58 -40.17
N THR K 173 72.97 -24.90 -40.89
CA THR K 173 74.28 -25.41 -41.25
C THR K 173 75.19 -24.21 -41.49
N THR K 174 76.46 -24.42 -41.89
CA THR K 174 77.31 -23.32 -42.28
C THR K 174 78.06 -23.66 -43.57
N VAL K 175 78.51 -22.63 -44.28
CA VAL K 175 79.66 -22.78 -45.17
C VAL K 175 80.85 -22.12 -44.52
N ALA K 176 81.98 -22.81 -44.56
CA ALA K 176 83.20 -22.41 -43.86
C ALA K 176 84.14 -21.69 -44.82
N TRP K 177 84.62 -20.49 -44.45
CA TRP K 177 85.74 -19.88 -45.17
C TRP K 177 87.05 -20.25 -44.51
N ASN K 178 88.08 -20.42 -45.33
CA ASN K 178 89.44 -20.63 -44.87
C ASN K 178 90.36 -19.89 -45.82
N ALA K 179 90.62 -18.61 -45.51
CA ALA K 179 91.33 -17.71 -46.41
C ALA K 179 92.78 -18.17 -46.59
N THR K 180 93.15 -18.53 -47.83
CA THR K 180 94.51 -18.90 -48.19
C THR K 180 95.34 -17.64 -48.39
N LYS K 181 96.57 -17.61 -47.85
CA LYS K 181 97.48 -16.50 -48.03
C LYS K 181 98.04 -16.49 -49.46
N LEU K 182 97.53 -15.59 -50.30
CA LEU K 182 98.14 -15.34 -51.60
C LEU K 182 99.28 -14.34 -51.42
N THR K 183 100.39 -14.59 -52.14
CA THR K 183 101.61 -13.81 -51.97
C THR K 183 102.29 -13.55 -53.31
N GLU K 184 103.06 -12.47 -53.38
CA GLU K 184 103.88 -12.14 -54.53
C GLU K 184 105.09 -11.35 -54.04
N GLY K 185 106.27 -11.59 -54.63
CA GLY K 185 107.46 -10.86 -54.24
C GLY K 185 108.38 -10.60 -55.43
N SER K 186 109.25 -9.59 -55.27
CA SER K 186 110.24 -9.23 -56.27
C SER K 186 111.44 -8.57 -55.58
N ARG K 187 112.64 -8.70 -56.16
CA ARG K 187 113.79 -7.99 -55.63
C ARG K 187 114.80 -7.59 -56.71
N VAL K 188 115.52 -6.51 -56.42
CA VAL K 188 116.33 -5.76 -57.37
C VAL K 188 117.65 -5.43 -56.69
N THR K 189 118.77 -5.56 -57.41
CA THR K 189 120.07 -5.14 -56.89
C THR K 189 120.15 -3.61 -56.87
N ASP K 190 120.89 -3.05 -55.91
CA ASP K 190 121.00 -1.61 -55.78
C ASP K 190 121.66 -0.93 -57.00
N GLU K 191 122.53 -1.64 -57.72
CA GLU K 191 123.09 -1.16 -58.98
C GLU K 191 122.03 -1.07 -60.10
N MET K 192 121.12 -2.03 -60.16
CA MET K 192 120.05 -2.01 -61.16
C MET K 192 119.04 -0.91 -60.83
N ARG K 193 118.68 -0.79 -59.54
CA ARG K 193 117.80 0.23 -59.00
C ARG K 193 118.32 1.65 -59.28
N ASP K 194 119.64 1.83 -59.23
CA ASP K 194 120.30 3.08 -59.60
C ASP K 194 120.22 3.36 -61.10
N GLN K 195 120.66 2.40 -61.93
CA GLN K 195 120.93 2.63 -63.34
C GLN K 195 119.66 2.70 -64.21
N ALA K 196 118.54 2.08 -63.76
CA ALA K 196 117.30 2.10 -64.51
C ALA K 196 116.79 3.54 -64.75
N MET K 197 116.22 3.79 -65.93
CA MET K 197 115.60 5.07 -66.24
C MET K 197 114.23 5.24 -65.54
N VAL K 198 113.66 4.14 -65.06
CA VAL K 198 112.31 4.06 -64.49
C VAL K 198 112.41 3.52 -63.06
N ASP K 199 111.51 3.98 -62.17
CA ASP K 199 111.50 3.52 -60.79
C ASP K 199 111.06 2.06 -60.71
N LEU K 200 112.04 1.15 -60.58
CA LEU K 200 111.80 -0.28 -60.54
C LEU K 200 111.04 -0.71 -59.28
N ILE K 201 111.26 -0.02 -58.16
CA ILE K 201 110.52 -0.36 -56.95
C ILE K 201 109.06 0.05 -57.09
N GLU K 202 108.80 1.25 -57.63
CA GLU K 202 107.42 1.63 -57.93
C GLU K 202 106.77 0.63 -58.89
N ARG K 203 107.45 0.24 -59.98
CA ARG K 203 106.90 -0.73 -60.91
C ARG K 203 106.61 -2.08 -60.24
N ASN K 204 107.54 -2.59 -59.43
CA ASN K 204 107.33 -3.86 -58.74
C ASN K 204 106.22 -3.77 -57.69
N ILE K 205 106.06 -2.64 -57.00
CA ILE K 205 104.91 -2.42 -56.10
C ILE K 205 103.60 -2.52 -56.90
N GLN K 206 103.51 -1.86 -58.06
CA GLN K 206 102.35 -1.99 -58.93
C GLN K 206 102.14 -3.44 -59.41
N ARG K 207 103.21 -4.16 -59.78
CA ARG K 207 103.10 -5.55 -60.20
C ARG K 207 102.54 -6.45 -59.10
N VAL K 208 103.07 -6.29 -57.89
CA VAL K 208 102.63 -7.02 -56.70
C VAL K 208 101.14 -6.76 -56.45
N GLY K 209 100.70 -5.49 -56.44
CA GLY K 209 99.29 -5.15 -56.28
C GLY K 209 98.40 -5.80 -57.35
N ALA K 210 98.77 -5.65 -58.62
CA ALA K 210 98.05 -6.27 -59.74
C ALA K 210 97.97 -7.79 -59.62
N SER K 211 99.08 -8.42 -59.21
CA SER K 211 99.18 -9.86 -59.06
C SER K 211 98.24 -10.40 -57.98
N LEU K 212 98.09 -9.67 -56.88
CA LEU K 212 97.14 -10.02 -55.84
C LEU K 212 95.70 -9.84 -56.30
N GLU K 213 95.36 -8.74 -56.99
CA GLU K 213 94.02 -8.57 -57.56
C GLU K 213 93.66 -9.69 -58.54
N ASN K 214 94.62 -10.10 -59.39
CA ASN K 214 94.42 -11.24 -60.28
C ASN K 214 94.18 -12.51 -59.48
N GLY K 215 94.89 -12.71 -58.37
CA GLY K 215 94.66 -13.81 -57.45
C GLY K 215 93.24 -13.83 -56.89
N ILE K 216 92.74 -12.70 -56.38
CA ILE K 216 91.37 -12.58 -55.89
C ILE K 216 90.37 -12.99 -56.97
N ASN K 217 90.55 -12.46 -58.18
CA ASN K 217 89.68 -12.74 -59.31
C ASN K 217 89.71 -14.21 -59.72
N ARG K 218 90.86 -14.87 -59.65
CA ARG K 218 90.97 -16.30 -59.92
C ARG K 218 90.21 -17.13 -58.89
N VAL K 219 90.39 -16.83 -57.60
CA VAL K 219 89.71 -17.52 -56.52
C VAL K 219 88.19 -17.38 -56.69
N PHE K 220 87.71 -16.15 -56.92
CA PHE K 220 86.33 -15.86 -57.20
C PHE K 220 85.80 -16.63 -58.42
N LEU K 221 86.46 -16.53 -59.58
CA LEU K 221 85.91 -17.11 -60.80
C LEU K 221 85.86 -18.64 -60.74
N THR K 222 86.89 -19.26 -60.16
CA THR K 222 86.94 -20.71 -60.04
C THR K 222 85.82 -21.22 -59.14
N GLU K 223 85.57 -20.58 -58.00
CA GLU K 223 84.44 -20.90 -57.15
C GLU K 223 83.12 -20.71 -57.91
N LEU K 224 82.95 -19.56 -58.55
CA LEU K 224 81.72 -19.19 -59.24
C LEU K 224 81.33 -20.23 -60.29
N VAL K 225 82.28 -20.62 -61.14
CA VAL K 225 82.07 -21.55 -62.24
C VAL K 225 81.88 -22.98 -61.75
N ASP K 226 82.74 -23.47 -60.83
CA ASP K 226 82.71 -24.87 -60.45
C ASP K 226 81.51 -25.23 -59.56
N ASN K 227 81.07 -24.31 -58.68
CA ASN K 227 80.10 -24.62 -57.64
C ASN K 227 78.68 -24.09 -57.91
N ALA K 228 78.39 -23.58 -59.11
CA ALA K 228 77.02 -23.30 -59.53
C ALA K 228 76.26 -24.63 -59.63
N GLN K 229 75.05 -24.71 -59.04
CA GLN K 229 74.29 -25.95 -58.98
C GLN K 229 73.33 -26.16 -60.16
N ASN K 230 72.99 -25.10 -60.90
CA ASN K 230 72.19 -25.20 -62.12
C ASN K 230 73.05 -25.05 -63.37
N ASN K 231 72.53 -25.49 -64.52
CA ASN K 231 73.25 -25.43 -65.78
C ASN K 231 72.25 -25.35 -66.94
N HIS K 232 72.38 -24.32 -67.79
CA HIS K 232 71.67 -24.28 -69.06
C HIS K 232 72.60 -24.76 -70.17
N ASP K 233 72.39 -26.01 -70.62
CA ASP K 233 73.09 -26.55 -71.76
C ASP K 233 72.44 -26.01 -73.04
N THR K 234 73.17 -25.19 -73.80
CA THR K 234 72.65 -24.60 -75.02
C THR K 234 72.60 -25.61 -76.18
N ALA K 235 73.46 -26.64 -76.14
CA ALA K 235 73.64 -27.62 -77.21
C ALA K 235 73.88 -26.94 -78.57
N GLY K 236 74.86 -26.03 -78.63
CA GLY K 236 75.00 -25.14 -79.79
C GLY K 236 73.77 -24.23 -79.91
N SER K 237 73.30 -23.98 -81.14
CA SER K 237 71.99 -23.35 -81.36
C SER K 237 71.83 -21.93 -80.75
N ASN K 238 70.85 -21.75 -79.84
CA ASN K 238 70.33 -20.44 -79.47
C ASN K 238 71.15 -19.80 -78.34
N GLN K 239 72.41 -19.45 -78.63
CA GLN K 239 73.38 -19.17 -77.58
C GLN K 239 73.36 -17.73 -77.06
N GLY K 240 72.59 -16.82 -77.69
CA GLY K 240 72.56 -15.40 -77.31
C GLY K 240 71.67 -15.11 -76.09
N TYR K 241 70.81 -14.08 -76.20
CA TYR K 241 69.85 -13.69 -75.19
C TYR K 241 69.00 -14.89 -74.71
N GLN K 242 68.61 -15.79 -75.62
CA GLN K 242 67.81 -16.95 -75.24
C GLN K 242 68.50 -17.85 -74.21
N ALA K 243 69.82 -18.02 -74.31
CA ALA K 243 70.58 -18.78 -73.32
C ALA K 243 70.61 -18.07 -71.97
N LEU K 244 70.71 -16.73 -71.97
CA LEU K 244 70.69 -15.92 -70.77
C LEU K 244 69.32 -16.00 -70.09
N ASN K 245 68.25 -15.80 -70.85
CA ASN K 245 66.88 -15.98 -70.39
C ASN K 245 66.65 -17.39 -69.82
N SER K 246 67.16 -18.42 -70.50
CA SER K 246 67.02 -19.80 -70.07
C SER K 246 67.79 -20.06 -68.77
N ALA K 247 69.01 -19.54 -68.64
CA ALA K 247 69.78 -19.64 -67.40
C ALA K 247 69.06 -18.97 -66.24
N VAL K 248 68.47 -17.79 -66.44
CA VAL K 248 67.63 -17.17 -65.42
C VAL K 248 66.44 -18.08 -65.07
N GLY K 249 65.83 -18.73 -66.06
CA GLY K 249 64.79 -19.73 -65.85
C GLY K 249 65.23 -20.89 -64.97
N GLU K 250 66.44 -21.43 -65.20
CA GLU K 250 66.98 -22.51 -64.41
C GLU K 250 67.13 -22.11 -62.93
N VAL K 251 67.61 -20.90 -62.65
CA VAL K 251 67.72 -20.41 -61.28
C VAL K 251 66.32 -20.21 -60.68
N ASP K 252 65.38 -19.65 -61.45
CA ASP K 252 64.01 -19.39 -61.05
C ASP K 252 63.25 -20.68 -60.71
N LYS K 253 63.58 -21.79 -61.37
CA LYS K 253 63.01 -23.10 -61.06
C LYS K 253 63.47 -23.66 -59.70
N ASP K 254 64.57 -23.15 -59.14
CA ASP K 254 64.93 -23.44 -57.76
C ASP K 254 64.50 -22.32 -56.81
N ASP K 255 63.70 -21.35 -57.29
CA ASP K 255 63.12 -20.25 -56.51
C ASP K 255 64.15 -19.29 -55.90
N PHE K 256 65.27 -19.08 -56.60
CA PHE K 256 66.14 -17.93 -56.36
C PHE K 256 66.01 -16.92 -57.50
N ARG K 257 66.40 -15.66 -57.25
CA ARG K 257 66.37 -14.62 -58.28
C ARG K 257 67.81 -14.15 -58.57
N PRO K 258 68.40 -14.46 -59.75
CA PRO K 258 69.75 -13.97 -60.06
C PRO K 258 69.70 -12.49 -60.45
N ASP K 259 70.85 -11.82 -60.40
CA ASP K 259 70.92 -10.39 -60.70
C ASP K 259 72.21 -9.99 -61.44
N THR K 260 73.12 -10.94 -61.68
CA THR K 260 74.45 -10.62 -62.22
C THR K 260 74.86 -11.72 -63.19
N TYR K 261 75.66 -11.36 -64.20
CA TYR K 261 76.33 -12.40 -65.00
C TYR K 261 77.79 -12.07 -65.27
N VAL K 262 78.59 -13.13 -65.26
CA VAL K 262 80.03 -13.12 -65.45
C VAL K 262 80.31 -13.88 -66.74
N THR K 263 81.18 -13.36 -67.61
CA THR K 263 81.16 -13.78 -69.00
C THR K 263 82.57 -13.94 -69.60
N HIS K 264 82.81 -15.01 -70.37
CA HIS K 264 84.03 -15.25 -71.13
C HIS K 264 84.08 -14.39 -72.40
N PRO K 265 85.27 -14.00 -72.94
CA PRO K 265 85.37 -13.27 -74.21
C PRO K 265 84.61 -13.87 -75.40
N ASP K 266 84.61 -15.20 -75.55
CA ASP K 266 83.90 -15.87 -76.63
C ASP K 266 82.39 -15.74 -76.47
N TYR K 267 81.90 -15.86 -75.23
CA TYR K 267 80.48 -15.68 -74.97
C TYR K 267 80.05 -14.25 -75.30
N ARG K 268 80.82 -13.23 -74.88
CA ARG K 268 80.55 -11.84 -75.25
C ARG K 268 80.49 -11.68 -76.77
N THR K 269 81.42 -12.29 -77.50
CA THR K 269 81.48 -12.20 -78.95
C THR K 269 80.20 -12.77 -79.59
N GLN K 270 79.78 -13.98 -79.18
CA GLN K 270 78.53 -14.57 -79.62
C GLN K 270 77.34 -13.66 -79.29
N LEU K 271 77.27 -13.18 -78.05
CA LEU K 271 76.16 -12.36 -77.57
C LEU K 271 75.97 -11.10 -78.39
N PHE K 272 77.05 -10.41 -78.77
CA PHE K 272 76.95 -9.20 -79.58
C PHE K 272 76.74 -9.46 -81.07
N ASN K 273 76.85 -10.72 -81.53
CA ASN K 273 76.32 -11.13 -82.84
C ASN K 273 74.83 -11.49 -82.78
N ASP K 274 74.23 -11.62 -81.58
CA ASP K 274 72.81 -11.94 -81.49
C ASP K 274 71.98 -10.82 -82.11
N THR K 275 71.20 -11.19 -83.12
CA THR K 275 70.30 -10.31 -83.84
C THR K 275 69.41 -9.47 -82.91
N ASN K 276 69.01 -10.02 -81.77
CA ASN K 276 68.17 -9.30 -80.82
C ASN K 276 68.89 -8.13 -80.14
N LEU K 277 70.22 -8.15 -80.10
CA LEU K 277 71.04 -7.07 -79.57
C LEU K 277 71.70 -6.24 -80.68
N ALA K 278 72.10 -6.89 -81.79
CA ALA K 278 72.81 -6.26 -82.87
C ALA K 278 71.92 -5.31 -83.69
N TYR K 279 70.64 -5.63 -83.87
CA TYR K 279 69.72 -4.79 -84.61
C TYR K 279 69.05 -3.80 -83.67
N ALA K 280 69.20 -2.49 -83.95
CA ALA K 280 68.79 -1.43 -83.04
C ALA K 280 67.29 -1.48 -82.71
N ASN K 281 66.46 -1.73 -83.71
CA ASN K 281 65.02 -1.90 -83.53
C ASN K 281 64.68 -3.09 -82.62
N ARG K 282 65.39 -4.21 -82.75
CA ARG K 282 65.14 -5.38 -81.89
C ARG K 282 65.59 -5.12 -80.46
N ALA K 283 66.74 -4.47 -80.27
CA ALA K 283 67.28 -4.11 -78.97
C ALA K 283 66.55 -2.93 -78.31
N GLY K 284 65.88 -2.08 -79.11
CA GLY K 284 65.35 -0.81 -78.64
C GLY K 284 66.39 0.32 -78.54
N THR K 285 67.65 0.04 -78.91
CA THR K 285 68.77 0.99 -78.90
C THR K 285 69.88 0.48 -79.83
N ASN K 286 70.65 1.39 -80.46
CA ASN K 286 71.81 1.00 -81.24
C ASN K 286 73.11 0.90 -80.42
N GLU K 287 73.05 1.03 -79.09
CA GLU K 287 74.23 1.02 -78.23
C GLU K 287 75.13 -0.21 -78.39
N VAL K 288 74.57 -1.42 -78.55
CA VAL K 288 75.41 -2.62 -78.69
C VAL K 288 76.19 -2.60 -80.00
N LEU K 289 75.53 -2.19 -81.10
CA LEU K 289 76.18 -2.01 -82.39
C LEU K 289 77.32 -0.99 -82.32
N ARG K 290 77.13 0.09 -81.54
CA ARG K 290 78.10 1.19 -81.47
C ARG K 290 79.20 0.95 -80.44
N ASN K 291 78.83 0.74 -79.17
CA ASN K 291 79.74 0.73 -78.04
C ASN K 291 79.94 -0.65 -77.43
N ARG K 292 79.32 -1.70 -78.00
CA ARG K 292 79.61 -3.10 -77.69
C ARG K 292 79.42 -3.40 -76.20
N GLU K 293 80.50 -3.77 -75.50
CA GLU K 293 80.50 -4.10 -74.09
C GLU K 293 80.04 -2.94 -73.20
N ASP K 294 80.34 -1.68 -73.60
CA ASP K 294 80.02 -0.50 -72.81
C ASP K 294 78.56 -0.07 -72.93
N ALA K 295 77.78 -0.72 -73.81
CA ALA K 295 76.36 -0.43 -74.01
C ALA K 295 75.59 -0.66 -72.70
N PRO K 296 74.79 0.30 -72.19
CA PRO K 296 74.09 0.15 -70.92
C PRO K 296 73.14 -1.05 -70.90
N ILE K 297 72.56 -1.44 -72.04
CA ILE K 297 71.71 -2.62 -72.14
C ILE K 297 72.45 -3.93 -71.80
N VAL K 298 73.77 -4.00 -72.01
CA VAL K 298 74.54 -5.21 -71.70
C VAL K 298 74.58 -5.44 -70.18
N GLY K 299 74.57 -4.37 -69.40
CA GLY K 299 74.43 -4.43 -67.95
C GLY K 299 72.99 -4.36 -67.45
N ASP K 300 71.98 -4.53 -68.32
CA ASP K 300 70.57 -4.45 -67.96
C ASP K 300 69.77 -5.35 -68.89
N ILE K 301 69.99 -6.66 -68.78
CA ILE K 301 69.46 -7.67 -69.70
C ILE K 301 68.91 -8.86 -68.91
N ALA K 302 67.78 -9.43 -69.36
CA ALA K 302 67.17 -10.62 -68.76
C ALA K 302 66.94 -10.48 -67.25
N GLY K 303 66.66 -9.25 -66.77
CA GLY K 303 66.39 -8.97 -65.36
C GLY K 303 67.65 -8.83 -64.50
N LEU K 304 68.84 -8.89 -65.12
CA LEU K 304 70.12 -8.79 -64.44
C LEU K 304 70.57 -7.33 -64.40
N ASP K 305 71.12 -6.91 -63.26
CA ASP K 305 71.52 -5.54 -62.95
C ASP K 305 73.00 -5.27 -63.25
N MET K 306 73.79 -6.32 -63.47
CA MET K 306 75.23 -6.17 -63.65
C MET K 306 75.78 -7.19 -64.63
N HIS K 307 76.66 -6.70 -65.52
CA HIS K 307 77.52 -7.55 -66.32
C HIS K 307 78.96 -7.38 -65.82
N ALA K 308 79.63 -8.48 -65.53
CA ALA K 308 80.99 -8.51 -65.04
C ALA K 308 81.86 -9.24 -66.06
N ALA K 309 82.37 -8.49 -67.04
CA ALA K 309 83.20 -9.05 -68.09
C ALA K 309 84.50 -9.63 -67.51
N MET K 310 84.75 -10.92 -67.74
CA MET K 310 85.93 -11.60 -67.22
C MET K 310 86.96 -11.88 -68.32
N SER K 311 88.22 -12.07 -67.91
CA SER K 311 89.30 -12.48 -68.80
C SER K 311 89.28 -13.99 -69.05
N SER K 312 89.95 -14.43 -70.13
CA SER K 312 90.10 -15.84 -70.45
C SER K 312 91.01 -16.56 -69.44
N ALA K 313 92.12 -15.91 -69.04
CA ALA K 313 93.16 -16.51 -68.21
C ALA K 313 92.80 -16.62 -66.72
N THR K 314 91.75 -15.93 -66.27
CA THR K 314 91.45 -15.79 -64.85
C THR K 314 91.06 -17.11 -64.20
N TYR K 315 90.29 -17.95 -64.91
CA TYR K 315 89.86 -19.23 -64.38
C TYR K 315 91.07 -20.12 -64.10
N ASP K 316 91.06 -20.81 -62.95
CA ASP K 316 92.12 -21.73 -62.62
C ASP K 316 92.00 -23.03 -63.42
N ASP K 317 92.59 -23.08 -64.63
CA ASP K 317 93.07 -24.35 -65.15
C ASP K 317 94.45 -24.61 -64.54
N GLY K 318 94.76 -25.86 -64.20
CA GLY K 318 95.82 -26.18 -63.26
C GLY K 318 97.26 -26.03 -63.77
N THR K 319 97.51 -25.16 -64.77
CA THR K 319 98.79 -25.04 -65.45
C THR K 319 99.74 -24.08 -64.74
N ASP K 320 99.21 -23.07 -64.04
CA ASP K 320 100.05 -22.13 -63.29
C ASP K 320 100.64 -22.76 -62.02
N ILE K 321 101.88 -22.37 -61.66
CA ILE K 321 102.57 -22.97 -60.53
C ILE K 321 101.86 -22.60 -59.22
N GLY K 322 101.61 -23.61 -58.37
CA GLY K 322 100.96 -23.39 -57.08
C GLY K 322 99.43 -23.41 -57.15
N TRP K 323 98.85 -23.42 -58.36
CA TRP K 323 97.41 -23.49 -58.54
C TRP K 323 97.02 -24.90 -58.99
N SER K 324 95.99 -25.49 -58.35
CA SER K 324 95.67 -26.91 -58.52
C SER K 324 94.69 -27.20 -59.67
N GLY K 325 93.92 -26.21 -60.12
CA GLY K 325 92.95 -26.37 -61.20
C GLY K 325 91.53 -26.69 -60.72
N GLY K 326 90.54 -26.00 -61.30
CA GLY K 326 89.12 -26.29 -61.12
C GLY K 326 88.63 -27.45 -62.00
N SER K 327 87.34 -27.78 -61.87
CA SER K 327 86.72 -28.96 -62.48
C SER K 327 86.26 -28.71 -63.93
N GLU K 328 85.92 -27.47 -64.28
CA GLU K 328 85.30 -27.12 -65.55
C GLU K 328 86.31 -26.64 -66.59
N THR K 329 85.82 -26.43 -67.82
CA THR K 329 86.56 -25.66 -68.83
C THR K 329 85.88 -24.31 -68.99
N TRP K 330 86.60 -23.23 -68.67
CA TRP K 330 86.15 -21.88 -68.93
C TRP K 330 86.42 -21.53 -70.39
N GLY K 331 85.36 -21.25 -71.15
CA GLY K 331 85.46 -21.04 -72.58
C GLY K 331 84.07 -21.02 -73.22
N PHE K 332 84.00 -20.75 -74.52
CA PHE K 332 82.72 -20.86 -75.22
C PHE K 332 82.94 -21.16 -76.70
N SER K 333 83.68 -22.24 -76.95
CA SER K 333 84.25 -22.57 -78.26
C SER K 333 83.76 -23.92 -78.77
N SER K 334 83.48 -24.83 -77.83
CA SER K 334 83.42 -26.26 -78.11
C SER K 334 82.52 -26.95 -77.09
N ASP K 335 82.00 -28.11 -77.49
CA ASP K 335 81.01 -28.90 -76.76
C ASP K 335 81.39 -29.07 -75.28
N GLY K 336 80.58 -28.51 -74.37
CA GLY K 336 80.77 -28.65 -72.94
C GLY K 336 81.49 -27.48 -72.24
N ASP K 337 82.02 -26.48 -72.96
CA ASP K 337 82.64 -25.31 -72.33
C ASP K 337 81.63 -24.49 -71.53
N LYS K 338 82.00 -24.01 -70.32
CA LYS K 338 81.20 -23.08 -69.54
C LYS K 338 81.59 -21.65 -69.91
N GLY K 339 80.67 -20.88 -70.51
CA GLY K 339 80.99 -19.59 -71.10
C GLY K 339 80.50 -18.38 -70.31
N ALA K 340 79.47 -18.58 -69.49
CA ALA K 340 78.92 -17.51 -68.66
C ALA K 340 78.33 -18.11 -67.39
N VAL K 341 78.21 -17.31 -66.33
CA VAL K 341 77.49 -17.71 -65.13
C VAL K 341 76.46 -16.62 -64.84
N VAL K 342 75.21 -17.02 -64.58
CA VAL K 342 74.11 -16.12 -64.27
C VAL K 342 73.70 -16.42 -62.84
N TYR K 343 73.76 -15.43 -61.93
CA TYR K 343 73.74 -15.76 -60.50
C TYR K 343 73.30 -14.58 -59.63
N ASP K 344 72.99 -14.87 -58.37
CA ASP K 344 72.71 -13.87 -57.36
C ASP K 344 74.01 -13.42 -56.67
N ARG K 345 74.40 -12.16 -56.90
CA ARG K 345 75.61 -11.54 -56.39
C ARG K 345 75.68 -11.51 -54.86
N ASP K 346 74.54 -11.56 -54.18
CA ASP K 346 74.49 -11.56 -52.72
C ASP K 346 74.60 -12.97 -52.12
N ASN K 347 74.62 -14.02 -52.95
CA ASN K 347 74.74 -15.40 -52.51
C ASN K 347 76.09 -16.04 -52.88
N ILE K 348 77.07 -15.21 -53.26
CA ILE K 348 78.47 -15.62 -53.32
C ILE K 348 79.33 -14.59 -52.59
N HIS K 349 80.21 -15.12 -51.75
CA HIS K 349 80.93 -14.34 -50.76
C HIS K 349 82.42 -14.45 -51.07
N THR K 350 83.08 -13.31 -51.26
CA THR K 350 84.53 -13.25 -51.34
C THR K 350 85.02 -12.73 -50.00
N ILE K 351 85.88 -13.51 -49.35
CA ILE K 351 86.29 -13.22 -47.99
C ILE K 351 87.75 -12.80 -48.02
N LEU K 352 88.03 -11.59 -47.54
CA LEU K 352 89.38 -11.03 -47.49
C LEU K 352 89.78 -10.84 -46.03
N TYR K 353 90.98 -11.32 -45.69
CA TYR K 353 91.55 -11.18 -44.36
C TYR K 353 92.98 -10.63 -44.45
N ALA K 354 93.29 -9.64 -43.61
CA ALA K 354 94.63 -9.09 -43.47
C ALA K 354 94.94 -8.86 -41.99
N PRO K 355 96.11 -9.25 -41.46
CA PRO K 355 96.41 -9.01 -40.04
C PRO K 355 96.62 -7.53 -39.71
N ASN K 356 97.25 -6.78 -40.62
CA ASN K 356 97.84 -5.48 -40.33
C ASN K 356 97.00 -4.31 -40.87
N GLY K 357 95.78 -4.59 -41.34
CA GLY K 357 94.90 -3.59 -41.93
C GLY K 357 93.63 -4.21 -42.52
N GLN K 358 93.12 -3.62 -43.61
CA GLN K 358 91.84 -4.00 -44.18
C GLN K 358 92.01 -4.77 -45.50
N ASP K 359 93.15 -4.57 -46.19
CA ASP K 359 93.36 -5.02 -47.57
C ASP K 359 94.82 -5.43 -47.81
N VAL K 360 95.27 -5.52 -49.08
CA VAL K 360 96.64 -5.93 -49.42
C VAL K 360 97.68 -5.15 -48.61
N GLU K 361 98.62 -5.87 -47.99
CA GLU K 361 99.74 -5.24 -47.32
C GLU K 361 101.00 -5.46 -48.14
N ILE K 362 101.67 -4.36 -48.49
CA ILE K 362 102.97 -4.42 -49.13
C ILE K 362 104.03 -4.07 -48.10
N LYS K 363 105.05 -4.92 -48.00
CA LYS K 363 106.22 -4.75 -47.17
C LYS K 363 107.43 -4.64 -48.08
N ASP K 364 108.48 -3.96 -47.59
CA ASP K 364 109.75 -3.89 -48.30
C ASP K 364 110.92 -4.05 -47.33
N TYR K 365 112.08 -4.43 -47.87
CA TYR K 365 113.25 -4.70 -47.06
C TYR K 365 114.54 -4.44 -47.83
N GLU K 366 115.60 -4.12 -47.08
CA GLU K 366 116.92 -3.89 -47.63
C GLU K 366 117.87 -4.93 -47.07
N ASP K 367 118.65 -5.55 -47.94
CA ASP K 367 119.68 -6.51 -47.58
C ASP K 367 121.05 -5.85 -47.73
N PRO K 368 121.69 -5.38 -46.61
CA PRO K 368 122.98 -4.71 -46.69
C PRO K 368 124.15 -5.68 -46.91
N ILE K 369 123.91 -7.00 -46.81
CA ILE K 369 124.93 -8.02 -47.01
C ILE K 369 125.10 -8.30 -48.50
N ARG K 370 124.01 -8.20 -49.27
CA ARG K 370 123.97 -8.52 -50.69
C ARG K 370 123.66 -7.32 -51.59
N ASP K 371 123.37 -6.15 -51.00
CA ASP K 371 123.01 -4.92 -51.70
C ASP K 371 121.80 -5.13 -52.61
N ILE K 372 120.74 -5.71 -52.03
CA ILE K 372 119.48 -5.97 -52.70
C ILE K 372 118.35 -5.27 -51.94
N THR K 373 117.39 -4.72 -52.68
CA THR K 373 116.14 -4.25 -52.08
C THR K 373 115.00 -5.14 -52.58
N GLY K 374 114.16 -5.63 -51.66
CA GLY K 374 113.02 -6.48 -51.99
C GLY K 374 111.68 -5.85 -51.60
N VAL K 375 110.64 -6.19 -52.39
CA VAL K 375 109.25 -5.79 -52.17
C VAL K 375 108.42 -7.07 -52.17
N ASN K 376 107.44 -7.17 -51.26
CA ASN K 376 106.48 -8.27 -51.35
C ASN K 376 105.10 -7.84 -50.86
N GLY K 377 104.07 -8.53 -51.37
CA GLY K 377 102.70 -8.28 -50.97
C GLY K 377 102.04 -9.58 -50.51
N ARG K 378 101.02 -9.43 -49.66
CA ARG K 378 100.18 -10.55 -49.25
C ARG K 378 98.74 -10.10 -49.03
N LEU K 379 97.81 -11.03 -49.22
CA LEU K 379 96.46 -10.95 -48.69
C LEU K 379 95.97 -12.38 -48.49
N HIS K 380 95.05 -12.60 -47.53
CA HIS K 380 94.41 -13.91 -47.43
C HIS K 380 93.04 -13.80 -48.08
N VAL K 381 92.71 -14.75 -48.97
CA VAL K 381 91.43 -14.72 -49.68
C VAL K 381 90.81 -16.11 -49.77
N ASP K 382 89.47 -16.14 -49.68
CA ASP K 382 88.66 -17.30 -50.02
C ASP K 382 87.42 -16.83 -50.80
N CYS K 383 86.78 -17.74 -51.52
CA CYS K 383 85.47 -17.46 -52.08
C CYS K 383 84.56 -18.68 -51.91
N GLN K 384 83.32 -18.42 -51.47
CA GLN K 384 82.34 -19.49 -51.22
C GLN K 384 80.95 -19.03 -51.64
N TYR K 385 80.19 -19.89 -52.34
CA TYR K 385 78.75 -19.66 -52.42
C TYR K 385 78.09 -19.87 -51.06
N SER K 386 77.13 -19.01 -50.71
CA SER K 386 76.18 -19.29 -49.63
C SER K 386 74.95 -20.05 -50.13
N GLN K 387 74.60 -19.92 -51.42
CA GLN K 387 73.56 -20.74 -52.05
C GLN K 387 73.95 -20.99 -53.52
N GLY K 388 74.59 -22.13 -53.81
CA GLY K 388 75.01 -22.48 -55.15
C GLY K 388 73.84 -22.68 -56.14
N ARG K 389 72.64 -22.96 -55.62
CA ARG K 389 71.40 -23.02 -56.39
C ARG K 389 70.96 -21.66 -56.93
N SER K 390 71.43 -20.57 -56.32
CA SER K 390 71.15 -19.22 -56.82
C SER K 390 71.95 -18.87 -58.08
N SER K 391 72.56 -19.86 -58.73
CA SER K 391 73.49 -19.66 -59.84
C SER K 391 73.31 -20.73 -60.91
N ALA K 392 73.51 -20.34 -62.17
CA ALA K 392 73.48 -21.25 -63.31
C ALA K 392 74.62 -20.94 -64.27
N THR K 393 75.38 -21.96 -64.69
CA THR K 393 76.32 -21.80 -65.80
C THR K 393 75.58 -21.91 -67.13
N VAL K 394 76.08 -21.19 -68.15
CA VAL K 394 75.65 -21.36 -69.52
C VAL K 394 76.72 -22.18 -70.23
N GLN K 395 76.31 -23.27 -70.88
CA GLN K 395 77.23 -24.25 -71.42
C GLN K 395 77.01 -24.38 -72.93
N TYR K 396 78.13 -24.48 -73.66
CA TYR K 396 78.14 -24.74 -75.10
C TYR K 396 77.68 -26.18 -75.43
N PHE L 101 87.41 24.81 -150.69
CA PHE L 101 86.20 25.32 -149.98
C PHE L 101 86.57 26.51 -149.12
N ALA L 102 86.18 27.72 -149.55
CA ALA L 102 86.11 28.91 -148.70
C ALA L 102 87.34 29.06 -147.78
N ALA L 103 87.08 29.24 -146.47
CA ALA L 103 88.10 29.21 -145.41
C ALA L 103 87.39 28.82 -144.11
N SER L 104 87.78 27.67 -143.55
CA SER L 104 87.14 27.07 -142.39
C SER L 104 88.19 26.67 -141.36
N ASP L 105 87.84 26.65 -140.08
CA ASP L 105 88.84 26.43 -139.04
C ASP L 105 89.57 25.09 -139.18
N PRO L 106 88.95 23.97 -139.58
CA PRO L 106 89.65 22.69 -139.79
C PRO L 106 90.82 22.73 -140.78
N GLU L 107 90.86 23.74 -141.66
CA GLU L 107 91.94 23.86 -142.65
C GLU L 107 93.18 24.55 -142.07
N TYR L 108 93.00 25.34 -140.99
CA TYR L 108 93.97 26.35 -140.59
C TYR L 108 94.33 26.33 -139.10
N VAL L 109 94.02 25.22 -138.41
CA VAL L 109 94.10 25.06 -136.95
C VAL L 109 95.46 25.45 -136.36
N ASP L 110 96.56 25.23 -137.09
CA ASP L 110 97.91 25.57 -136.65
C ASP L 110 98.60 26.53 -137.63
N THR L 111 97.83 27.44 -138.26
CA THR L 111 98.37 28.37 -139.25
C THR L 111 97.88 29.81 -139.04
N LEU L 112 96.59 29.99 -138.72
CA LEU L 112 96.01 31.32 -138.46
C LEU L 112 95.71 31.55 -136.98
N PHE L 113 95.70 30.47 -136.19
CA PHE L 113 95.49 30.49 -134.74
C PHE L 113 96.18 29.26 -134.14
N ARG L 114 96.01 29.06 -132.82
CA ARG L 114 96.43 27.85 -132.11
C ARG L 114 95.23 27.27 -131.36
N GLU L 115 95.17 25.93 -131.25
CA GLU L 115 94.24 25.30 -130.33
C GLU L 115 94.43 25.89 -128.93
N GLN L 116 93.34 26.26 -128.24
CA GLN L 116 93.46 26.73 -126.87
C GLN L 116 94.06 25.63 -125.99
N LEU L 117 95.03 25.99 -125.15
CA LEU L 117 95.49 25.12 -124.09
C LEU L 117 94.98 25.68 -122.77
N LEU L 118 94.16 24.89 -122.06
CA LEU L 118 93.51 25.39 -120.86
C LEU L 118 94.55 25.72 -119.79
N GLU L 119 94.34 26.82 -119.07
CA GLU L 119 95.36 27.46 -118.25
C GLU L 119 95.65 26.72 -116.93
N VAL L 120 94.78 25.79 -116.55
CA VAL L 120 94.87 25.06 -115.28
C VAL L 120 95.12 23.57 -115.55
N VAL L 121 96.21 23.04 -114.99
CA VAL L 121 96.49 21.61 -115.02
C VAL L 121 95.64 20.87 -113.98
N MET L 122 95.13 19.69 -114.35
CA MET L 122 94.19 18.95 -113.51
C MET L 122 94.86 17.69 -112.93
N GLU L 123 94.63 17.45 -111.63
CA GLU L 123 95.39 16.48 -110.85
C GLU L 123 95.01 15.03 -111.19
N GLY L 124 95.96 14.10 -110.88
CA GLY L 124 95.68 12.67 -110.89
C GLY L 124 95.04 12.21 -109.57
N ARG L 125 95.20 10.91 -109.27
CA ARG L 125 94.72 10.33 -108.02
C ARG L 125 95.35 11.00 -106.80
N GLU L 126 94.59 11.03 -105.70
CA GLU L 126 95.07 11.45 -104.39
C GLU L 126 94.96 10.26 -103.43
N LEU L 127 96.07 9.69 -102.96
CA LEU L 127 96.02 8.56 -102.05
C LEU L 127 95.59 9.02 -100.65
N ARG L 128 94.80 8.18 -99.96
CA ARG L 128 94.34 8.49 -98.61
C ARG L 128 95.49 8.41 -97.61
N LYS L 129 95.60 9.44 -96.75
CA LYS L 129 96.70 9.61 -95.80
C LYS L 129 96.13 9.63 -94.38
N VAL L 130 96.56 8.69 -93.51
CA VAL L 130 95.99 8.52 -92.18
C VAL L 130 97.01 8.17 -91.09
N ALA L 131 98.20 7.66 -91.44
CA ALA L 131 99.15 7.08 -90.48
C ALA L 131 99.50 7.99 -89.29
N ARG L 132 99.56 9.30 -89.52
CA ARG L 132 99.95 10.28 -88.49
C ARG L 132 98.86 10.51 -87.45
N GLU L 133 97.60 10.18 -87.79
CA GLU L 133 96.45 10.31 -86.90
C GLU L 133 96.04 8.95 -86.33
N ALA L 134 96.22 7.89 -87.13
CA ALA L 134 95.81 6.51 -86.82
C ALA L 134 96.88 5.70 -86.08
N SER L 135 97.96 6.33 -85.57
CA SER L 135 99.01 5.64 -84.81
C SER L 135 99.71 6.61 -83.85
N ASN L 136 100.41 6.08 -82.85
CA ASN L 136 101.21 6.93 -81.96
C ASN L 136 102.49 7.39 -82.67
N VAL L 137 102.58 8.66 -83.08
CA VAL L 137 103.78 9.16 -83.77
C VAL L 137 104.88 9.49 -82.76
N ILE L 138 106.09 8.98 -83.01
CA ILE L 138 107.29 9.32 -82.24
C ILE L 138 108.23 10.11 -83.16
N ASN L 139 108.64 11.30 -82.73
CA ASN L 139 109.73 12.02 -83.40
C ASN L 139 111.05 11.60 -82.74
N ALA L 140 111.77 10.65 -83.35
CA ALA L 140 112.98 10.09 -82.76
C ALA L 140 114.15 11.07 -82.80
N ASN L 141 115.03 10.97 -81.80
CA ASN L 141 116.29 11.70 -81.76
C ASN L 141 117.41 10.98 -82.51
N THR L 142 117.31 9.65 -82.65
CA THR L 142 118.26 8.84 -83.40
C THR L 142 117.52 7.93 -84.39
N ARG L 143 118.14 7.67 -85.55
CA ARG L 143 117.56 6.85 -86.60
C ARG L 143 117.27 5.43 -86.13
N VAL L 144 118.09 4.93 -85.19
CA VAL L 144 117.94 3.60 -84.61
C VAL L 144 117.72 3.76 -83.11
N GLY L 145 116.83 2.92 -82.54
CA GLY L 145 116.47 3.02 -81.14
C GLY L 145 115.67 1.81 -80.65
N ASP L 146 115.19 1.89 -79.41
CA ASP L 146 114.44 0.84 -78.75
C ASP L 146 113.38 1.44 -77.82
N VAL L 147 112.26 0.72 -77.64
CA VAL L 147 111.29 1.05 -76.60
C VAL L 147 111.12 -0.15 -75.66
N PRO L 148 111.21 0.02 -74.32
CA PRO L 148 111.04 -1.09 -73.39
C PRO L 148 109.59 -1.58 -73.26
N ILE L 149 109.43 -2.91 -73.27
CA ILE L 149 108.17 -3.61 -73.01
C ILE L 149 108.31 -4.34 -71.67
N ALA L 150 107.34 -4.15 -70.76
CA ALA L 150 107.25 -4.95 -69.55
C ALA L 150 106.43 -6.23 -69.79
N SER L 151 106.76 -7.30 -69.06
CA SER L 151 106.01 -8.56 -69.15
C SER L 151 104.58 -8.43 -68.66
N ASP L 152 103.74 -9.40 -69.06
CA ASP L 152 102.34 -9.47 -68.65
C ASP L 152 102.18 -9.60 -67.13
N GLU L 153 100.97 -9.28 -66.65
CA GLU L 153 100.55 -9.61 -65.29
C GLU L 153 100.59 -11.12 -65.04
N GLU L 154 100.81 -11.49 -63.77
CA GLU L 154 100.81 -12.90 -63.34
C GLU L 154 100.02 -13.03 -62.04
N PHE L 155 99.51 -14.24 -61.75
CA PHE L 155 98.75 -14.48 -60.54
C PHE L 155 99.66 -14.70 -59.34
N ALA L 156 99.24 -14.20 -58.18
CA ALA L 156 99.89 -14.49 -56.90
C ALA L 156 99.90 -16.00 -56.61
N ARG L 157 100.82 -16.45 -55.72
CA ARG L 157 100.91 -17.84 -55.32
C ARG L 157 100.31 -18.04 -53.93
N PRO L 158 99.62 -19.17 -53.66
CA PRO L 158 99.28 -19.52 -52.28
C PRO L 158 100.55 -19.80 -51.47
N THR L 159 100.49 -19.62 -50.15
CA THR L 159 101.65 -19.77 -49.28
C THR L 159 101.22 -20.22 -47.88
N GLY L 160 102.07 -21.02 -47.21
CA GLY L 160 101.83 -21.43 -45.83
C GLY L 160 102.01 -20.26 -44.86
N GLN L 161 101.37 -20.36 -43.69
CA GLN L 161 101.55 -19.33 -42.67
C GLN L 161 102.94 -19.42 -42.05
N GLY L 162 103.65 -18.29 -42.01
CA GLY L 162 105.05 -18.24 -41.59
C GLY L 162 106.03 -18.79 -42.63
N ALA L 163 105.56 -19.14 -43.83
CA ALA L 163 106.42 -19.62 -44.91
C ALA L 163 106.96 -18.45 -45.75
N GLU L 164 108.07 -18.67 -46.47
CA GLU L 164 108.75 -17.63 -47.24
C GLU L 164 107.91 -17.20 -48.45
N ILE L 165 107.75 -15.89 -48.64
CA ILE L 165 107.15 -15.38 -49.86
C ILE L 165 108.15 -15.53 -51.01
N ARG L 166 107.82 -16.39 -51.99
CA ARG L 166 108.67 -16.65 -53.16
C ARG L 166 108.65 -15.47 -54.14
N ASP L 167 109.74 -15.31 -54.89
CA ASP L 167 109.87 -14.25 -55.89
C ASP L 167 109.26 -14.62 -57.24
N ASP L 168 108.68 -13.61 -57.92
CA ASP L 168 108.34 -13.64 -59.35
C ASP L 168 108.28 -12.20 -59.86
N GLY L 169 109.45 -11.57 -60.05
CA GLY L 169 109.52 -10.16 -60.39
C GLY L 169 109.14 -9.82 -61.84
N GLU L 170 108.88 -8.53 -62.10
CA GLU L 170 108.65 -8.05 -63.46
C GLU L 170 109.90 -8.27 -64.33
N THR L 171 109.70 -8.56 -65.61
CA THR L 171 110.76 -8.82 -66.58
C THR L 171 110.55 -7.92 -67.80
N TYR L 172 111.65 -7.52 -68.47
CA TYR L 172 111.60 -6.51 -69.50
C TYR L 172 112.31 -6.98 -70.78
N THR L 173 111.88 -6.42 -71.91
CA THR L 173 112.49 -6.62 -73.22
C THR L 173 112.33 -5.32 -74.01
N THR L 174 112.76 -5.29 -75.28
CA THR L 174 112.50 -4.12 -76.12
C THR L 174 112.01 -4.53 -77.52
N VAL L 175 111.32 -3.60 -78.19
CA VAL L 175 111.22 -3.64 -79.64
C VAL L 175 112.09 -2.54 -80.22
N ALA L 176 112.91 -2.90 -81.21
CA ALA L 176 113.80 -1.97 -81.89
C ALA L 176 113.05 -1.19 -82.96
N TRP L 177 113.51 0.04 -83.24
CA TRP L 177 113.23 0.69 -84.51
C TRP L 177 114.52 0.96 -85.24
N ASN L 178 114.48 0.89 -86.57
CA ASN L 178 115.52 1.45 -87.41
C ASN L 178 114.85 2.11 -88.61
N ALA L 179 114.77 3.45 -88.56
CA ALA L 179 114.08 4.21 -89.57
C ALA L 179 114.85 4.16 -90.90
N THR L 180 114.11 3.87 -91.98
CA THR L 180 114.65 3.72 -93.31
C THR L 180 114.42 5.02 -94.08
N LYS L 181 115.44 5.51 -94.79
CA LYS L 181 115.36 6.73 -95.58
C LYS L 181 114.47 6.52 -96.80
N LEU L 182 113.24 7.08 -96.79
CA LEU L 182 112.45 7.19 -98.00
C LEU L 182 112.87 8.43 -98.77
N THR L 183 112.98 8.32 -100.11
CA THR L 183 113.39 9.45 -100.94
C THR L 183 112.63 9.49 -102.26
N GLU L 184 112.55 10.69 -102.84
CA GLU L 184 111.93 10.92 -104.14
C GLU L 184 112.63 12.13 -104.77
N GLY L 185 112.71 12.17 -106.11
CA GLY L 185 113.36 13.30 -106.80
C GLY L 185 112.72 13.61 -108.15
N SER L 186 113.09 14.77 -108.70
CA SER L 186 112.65 15.21 -110.02
C SER L 186 113.67 16.16 -110.63
N ARG L 187 113.75 16.22 -111.98
CA ARG L 187 114.63 17.13 -112.69
C ARG L 187 113.90 17.75 -113.88
N VAL L 188 114.13 19.06 -114.11
CA VAL L 188 113.50 19.83 -115.18
C VAL L 188 114.57 20.70 -115.86
N THR L 189 114.58 20.77 -117.20
CA THR L 189 115.51 21.65 -117.90
C THR L 189 115.06 23.11 -117.78
N ASP L 190 116.00 24.06 -117.95
CA ASP L 190 115.66 25.47 -117.89
C ASP L 190 114.69 25.91 -118.99
N GLU L 191 114.80 25.33 -120.20
CA GLU L 191 113.92 25.67 -121.32
C GLU L 191 112.49 25.20 -121.05
N MET L 192 112.35 24.02 -120.44
CA MET L 192 111.05 23.51 -120.04
C MET L 192 110.47 24.36 -118.91
N ARG L 193 111.29 24.68 -117.90
CA ARG L 193 110.89 25.50 -116.75
C ARG L 193 110.41 26.89 -117.17
N ASP L 194 111.03 27.47 -118.21
CA ASP L 194 110.60 28.74 -118.79
C ASP L 194 109.25 28.65 -119.51
N GLN L 195 109.10 27.67 -120.41
CA GLN L 195 108.00 27.60 -121.35
C GLN L 195 106.69 27.05 -120.76
N ALA L 196 106.74 26.36 -119.62
CA ALA L 196 105.55 25.82 -118.97
C ALA L 196 104.54 26.92 -118.60
N MET L 197 103.23 26.59 -118.66
CA MET L 197 102.16 27.47 -118.20
C MET L 197 102.12 27.59 -116.67
N VAL L 198 102.64 26.56 -115.97
CA VAL L 198 102.56 26.37 -114.52
C VAL L 198 103.96 26.18 -113.96
N ASP L 199 104.20 26.63 -112.72
CA ASP L 199 105.50 26.47 -112.06
C ASP L 199 105.81 24.99 -111.81
N LEU L 200 106.65 24.40 -112.68
CA LEU L 200 107.00 22.99 -112.60
C LEU L 200 107.81 22.65 -111.35
N ILE L 201 108.59 23.60 -110.82
CA ILE L 201 109.35 23.32 -109.60
C ILE L 201 108.41 23.29 -108.40
N GLU L 202 107.54 24.28 -108.26
CA GLU L 202 106.57 24.30 -107.15
C GLU L 202 105.70 23.04 -107.18
N ARG L 203 105.28 22.65 -108.39
CA ARG L 203 104.49 21.46 -108.66
C ARG L 203 105.24 20.17 -108.33
N ASN L 204 106.52 20.04 -108.70
CA ASN L 204 107.32 18.88 -108.34
C ASN L 204 107.64 18.84 -106.85
N ILE L 205 107.86 19.98 -106.19
CA ILE L 205 107.97 20.05 -104.74
C ILE L 205 106.70 19.47 -104.09
N GLN L 206 105.53 19.87 -104.59
CA GLN L 206 104.25 19.38 -104.07
C GLN L 206 104.10 17.87 -104.27
N ARG L 207 104.50 17.34 -105.42
CA ARG L 207 104.55 15.90 -105.67
C ARG L 207 105.46 15.18 -104.68
N VAL L 208 106.67 15.69 -104.48
CA VAL L 208 107.67 15.09 -103.62
C VAL L 208 107.15 15.00 -102.18
N GLY L 209 106.55 16.08 -101.65
CA GLY L 209 105.94 16.05 -100.33
C GLY L 209 104.83 15.00 -100.20
N ALA L 210 103.91 14.95 -101.18
CA ALA L 210 102.82 13.98 -101.20
C ALA L 210 103.35 12.53 -101.29
N SER L 211 104.40 12.32 -102.09
CA SER L 211 105.02 11.03 -102.31
C SER L 211 105.69 10.48 -101.03
N LEU L 212 106.30 11.36 -100.23
CA LEU L 212 106.84 10.98 -98.92
C LEU L 212 105.73 10.63 -97.93
N GLU L 213 104.64 11.41 -97.89
CA GLU L 213 103.48 11.07 -97.07
C GLU L 213 102.87 9.72 -97.46
N ASN L 214 102.74 9.45 -98.76
CA ASN L 214 102.32 8.13 -99.24
C ASN L 214 103.27 7.04 -98.75
N GLY L 215 104.59 7.29 -98.80
CA GLY L 215 105.62 6.42 -98.24
C GLY L 215 105.41 6.10 -96.77
N ILE L 216 105.14 7.11 -95.91
CA ILE L 216 104.85 6.89 -94.50
C ILE L 216 103.67 5.93 -94.35
N ASN L 217 102.59 6.19 -95.09
CA ASN L 217 101.38 5.38 -95.06
C ASN L 217 101.64 3.95 -95.50
N ARG L 218 102.51 3.71 -96.50
CA ARG L 218 102.90 2.37 -96.89
C ARG L 218 103.61 1.64 -95.75
N VAL L 219 104.60 2.28 -95.13
CA VAL L 219 105.36 1.67 -94.04
C VAL L 219 104.45 1.33 -92.87
N PHE L 220 103.58 2.27 -92.48
CA PHE L 220 102.59 2.06 -91.43
C PHE L 220 101.67 0.88 -91.74
N LEU L 221 101.00 0.90 -92.90
CA LEU L 221 100.03 -0.12 -93.24
C LEU L 221 100.67 -1.50 -93.40
N THR L 222 101.90 -1.57 -93.92
CA THR L 222 102.60 -2.84 -94.07
C THR L 222 102.99 -3.45 -92.73
N GLU L 223 103.45 -2.65 -91.76
CA GLU L 223 103.63 -3.15 -90.39
C GLU L 223 102.30 -3.63 -89.82
N LEU L 224 101.28 -2.76 -89.90
CA LEU L 224 99.99 -2.97 -89.27
C LEU L 224 99.35 -4.29 -89.73
N VAL L 225 99.31 -4.52 -91.04
CA VAL L 225 98.72 -5.72 -91.64
C VAL L 225 99.59 -6.97 -91.42
N ASP L 226 100.91 -6.88 -91.58
CA ASP L 226 101.75 -8.08 -91.52
C ASP L 226 101.94 -8.62 -90.11
N ASN L 227 102.01 -7.74 -89.08
CA ASN L 227 102.47 -8.12 -87.75
C ASN L 227 101.36 -8.17 -86.69
N ALA L 228 100.09 -7.94 -87.05
CA ALA L 228 98.97 -8.21 -86.17
C ALA L 228 98.97 -9.69 -85.76
N GLN L 229 98.88 -9.97 -84.44
CA GLN L 229 99.04 -11.33 -83.93
C GLN L 229 97.74 -12.13 -83.85
N ASN L 230 96.63 -11.55 -84.32
CA ASN L 230 95.33 -12.21 -84.37
C ASN L 230 94.67 -12.03 -85.74
N ASN L 231 93.70 -12.88 -86.04
CA ASN L 231 93.07 -12.89 -87.36
C ASN L 231 91.68 -13.51 -87.26
N HIS L 232 90.63 -12.77 -87.67
CA HIS L 232 89.31 -13.34 -87.85
C HIS L 232 89.13 -13.74 -89.31
N ASP L 233 89.18 -15.04 -89.58
CA ASP L 233 88.89 -15.57 -90.90
C ASP L 233 87.37 -15.65 -91.11
N THR L 234 86.84 -14.83 -92.03
CA THR L 234 85.41 -14.84 -92.31
C THR L 234 84.99 -16.06 -93.13
N ALA L 235 85.91 -16.60 -93.95
CA ALA L 235 85.64 -17.68 -94.90
C ALA L 235 84.39 -17.39 -95.75
N GLY L 236 84.37 -16.24 -96.45
CA GLY L 236 83.13 -15.74 -97.05
C GLY L 236 82.14 -15.35 -95.97
N SER L 237 80.86 -15.72 -96.13
CA SER L 237 79.85 -15.62 -95.07
C SER L 237 79.62 -14.21 -94.50
N ASN L 238 79.75 -14.04 -93.16
CA ASN L 238 79.25 -12.90 -92.40
C ASN L 238 80.28 -11.77 -92.32
N GLN L 239 80.55 -11.11 -93.45
CA GLN L 239 81.74 -10.27 -93.57
C GLN L 239 81.57 -8.84 -93.03
N GLY L 240 80.34 -8.42 -92.73
CA GLY L 240 80.06 -7.06 -92.28
C GLY L 240 80.34 -6.85 -90.79
N TYR L 241 79.39 -6.23 -90.06
CA TYR L 241 79.50 -5.99 -88.63
C TYR L 241 79.95 -7.24 -87.85
N GLN L 242 79.46 -8.43 -88.20
CA GLN L 242 79.82 -9.64 -87.48
C GLN L 242 81.33 -9.93 -87.52
N ALA L 243 81.97 -9.68 -88.66
CA ALA L 243 83.41 -9.85 -88.79
C ALA L 243 84.16 -8.85 -87.92
N LEU L 244 83.69 -7.59 -87.91
CA LEU L 244 84.27 -6.52 -87.12
C LEU L 244 84.16 -6.83 -85.63
N ASN L 245 82.98 -7.22 -85.16
CA ASN L 245 82.74 -7.66 -83.79
C ASN L 245 83.59 -8.88 -83.42
N SER L 246 83.73 -9.85 -84.32
CA SER L 246 84.55 -11.04 -84.09
C SER L 246 86.03 -10.70 -83.98
N ALA L 247 86.52 -9.80 -84.84
CA ALA L 247 87.89 -9.31 -84.77
C ALA L 247 88.17 -8.60 -83.43
N VAL L 248 87.24 -7.76 -82.96
CA VAL L 248 87.35 -7.20 -81.62
C VAL L 248 87.42 -8.32 -80.57
N GLY L 249 86.57 -9.34 -80.72
CA GLY L 249 86.58 -10.52 -79.87
C GLY L 249 87.94 -11.22 -79.81
N GLU L 250 88.65 -11.34 -80.94
CA GLU L 250 90.00 -11.91 -80.95
C GLU L 250 90.98 -11.10 -80.09
N VAL L 251 90.91 -9.77 -80.16
CA VAL L 251 91.78 -8.90 -79.37
C VAL L 251 91.38 -8.95 -77.89
N ASP L 252 90.08 -8.93 -77.60
CA ASP L 252 89.53 -9.03 -76.25
C ASP L 252 89.95 -10.35 -75.57
N LYS L 253 89.99 -11.44 -76.33
CA LYS L 253 90.45 -12.74 -75.86
C LYS L 253 91.95 -12.78 -75.52
N ASP L 254 92.75 -11.85 -76.06
CA ASP L 254 94.13 -11.66 -75.64
C ASP L 254 94.29 -10.60 -74.52
N ASP L 255 93.18 -10.09 -73.95
CA ASP L 255 93.17 -9.14 -72.85
C ASP L 255 93.74 -7.75 -73.21
N PHE L 256 93.53 -7.34 -74.47
CA PHE L 256 93.75 -5.98 -74.92
C PHE L 256 92.43 -5.36 -75.39
N ARG L 257 92.35 -4.02 -75.39
CA ARG L 257 91.15 -3.32 -75.84
C ARG L 257 91.48 -2.53 -77.11
N PRO L 258 90.97 -2.92 -78.31
CA PRO L 258 91.19 -2.13 -79.52
C PRO L 258 90.24 -0.93 -79.54
N ASP L 259 90.55 0.06 -80.37
CA ASP L 259 89.74 1.27 -80.43
C ASP L 259 89.65 1.88 -81.84
N THR L 260 90.40 1.33 -82.79
CA THR L 260 90.58 1.90 -84.12
C THR L 260 90.45 0.79 -85.16
N TYR L 261 89.96 1.10 -86.36
CA TYR L 261 90.13 0.20 -87.48
C TYR L 261 90.53 0.90 -88.77
N VAL L 262 91.32 0.17 -89.58
CA VAL L 262 91.89 0.59 -90.84
C VAL L 262 91.35 -0.34 -91.92
N THR L 263 90.94 0.19 -93.08
CA THR L 263 89.99 -0.51 -93.93
C THR L 263 90.29 -0.32 -95.42
N HIS L 264 90.20 -1.41 -96.20
CA HIS L 264 90.33 -1.41 -97.66
C HIS L 264 89.02 -0.97 -98.35
N PRO L 265 89.03 -0.36 -99.55
CA PRO L 265 87.80 0.01 -100.26
C PRO L 265 86.79 -1.12 -100.49
N ASP L 266 87.24 -2.35 -100.79
CA ASP L 266 86.32 -3.46 -100.95
C ASP L 266 85.66 -3.85 -99.63
N TYR L 267 86.42 -3.78 -98.52
CA TYR L 267 85.84 -4.01 -97.21
C TYR L 267 84.76 -2.95 -96.90
N ARG L 268 85.07 -1.66 -97.11
CA ARG L 268 84.09 -0.60 -96.93
C ARG L 268 82.81 -0.85 -97.75
N THR L 269 82.98 -1.29 -99.00
CA THR L 269 81.84 -1.58 -99.86
C THR L 269 80.95 -2.67 -99.27
N GLN L 270 81.55 -3.81 -98.85
CA GLN L 270 80.83 -4.88 -98.16
C GLN L 270 80.13 -4.36 -96.90
N LEU L 271 80.86 -3.63 -96.05
CA LEU L 271 80.36 -3.10 -94.80
C LEU L 271 79.11 -2.23 -95.00
N PHE L 272 79.07 -1.42 -96.05
CA PHE L 272 77.92 -0.55 -96.31
C PHE L 272 76.77 -1.23 -97.05
N ASN L 273 76.97 -2.47 -97.55
CA ASN L 273 75.90 -3.32 -98.03
C ASN L 273 75.26 -4.15 -96.90
N ASP L 274 75.92 -4.27 -95.75
CA ASP L 274 75.40 -5.01 -94.60
C ASP L 274 74.06 -4.41 -94.15
N THR L 275 73.00 -5.22 -94.14
CA THR L 275 71.67 -4.76 -93.74
C THR L 275 71.65 -4.17 -92.33
N ASN L 276 72.55 -4.58 -91.44
CA ASN L 276 72.63 -4.02 -90.09
C ASN L 276 73.05 -2.54 -90.11
N LEU L 277 73.77 -2.10 -91.17
CA LEU L 277 74.17 -0.72 -91.36
C LEU L 277 73.24 -0.02 -92.36
N ALA L 278 72.87 -0.70 -93.45
CA ALA L 278 72.13 -0.13 -94.57
C ALA L 278 70.66 0.15 -94.23
N TYR L 279 70.05 -0.62 -93.32
CA TYR L 279 68.66 -0.40 -92.94
C TYR L 279 68.63 0.53 -91.72
N ALA L 280 68.00 1.70 -91.85
CA ALA L 280 67.91 2.67 -90.77
C ALA L 280 67.33 2.04 -89.50
N ASN L 281 66.31 1.20 -89.70
CA ASN L 281 65.71 0.30 -88.74
C ASN L 281 66.73 -0.41 -87.83
N ARG L 282 67.74 -1.04 -88.43
CA ARG L 282 68.72 -1.89 -87.75
C ARG L 282 69.92 -1.09 -87.25
N ALA L 283 70.35 -0.06 -87.98
CA ALA L 283 71.45 0.79 -87.57
C ALA L 283 71.05 1.79 -86.47
N GLY L 284 69.75 2.07 -86.32
CA GLY L 284 69.26 3.14 -85.45
C GLY L 284 69.44 4.55 -86.02
N THR L 285 69.94 4.64 -87.26
CA THR L 285 70.16 5.89 -87.99
C THR L 285 70.17 5.59 -89.49
N ASN L 286 69.71 6.54 -90.33
CA ASN L 286 69.85 6.40 -91.78
C ASN L 286 71.15 7.03 -92.31
N GLU L 287 72.07 7.43 -91.44
CA GLU L 287 73.31 8.10 -91.84
C GLU L 287 74.16 7.29 -92.83
N VAL L 288 74.28 5.97 -92.65
CA VAL L 288 75.12 5.17 -93.56
C VAL L 288 74.50 5.14 -94.95
N LEU L 289 73.20 4.86 -95.02
CA LEU L 289 72.43 4.87 -96.26
C LEU L 289 72.60 6.20 -97.00
N ARG L 290 72.61 7.31 -96.26
CA ARG L 290 72.72 8.65 -96.83
C ARG L 290 74.17 9.05 -97.17
N ASN L 291 75.02 9.17 -96.13
CA ASN L 291 76.33 9.79 -96.24
C ASN L 291 77.49 8.79 -96.28
N ARG L 292 77.20 7.48 -96.23
CA ARG L 292 78.17 6.40 -96.44
C ARG L 292 79.35 6.50 -95.47
N GLU L 293 80.58 6.65 -95.98
CA GLU L 293 81.80 6.74 -95.19
C GLU L 293 81.77 7.88 -94.17
N ASP L 294 81.09 8.98 -94.49
CA ASP L 294 81.01 10.18 -93.65
C ASP L 294 80.01 10.04 -92.50
N ALA L 295 79.26 8.94 -92.44
CA ALA L 295 78.27 8.70 -91.39
C ALA L 295 78.96 8.58 -90.02
N PRO L 296 78.50 9.30 -88.97
CA PRO L 296 79.16 9.30 -87.66
C PRO L 296 79.24 7.93 -87.01
N ILE L 297 78.29 7.03 -87.29
CA ILE L 297 78.31 5.66 -86.81
C ILE L 297 79.50 4.85 -87.33
N VAL L 298 80.06 5.17 -88.50
CA VAL L 298 81.15 4.38 -89.07
C VAL L 298 82.42 4.52 -88.23
N GLY L 299 82.64 5.67 -87.59
CA GLY L 299 83.69 5.86 -86.60
C GLY L 299 83.28 5.49 -85.18
N ASP L 300 82.25 4.65 -85.02
CA ASP L 300 81.65 4.32 -83.73
C ASP L 300 80.96 2.96 -83.82
N ILE L 301 81.65 1.92 -84.32
CA ILE L 301 81.13 0.56 -84.43
C ILE L 301 81.90 -0.36 -83.48
N ALA L 302 81.22 -1.30 -82.81
CA ALA L 302 81.85 -2.41 -82.09
C ALA L 302 82.83 -1.92 -81.00
N GLY L 303 82.57 -0.75 -80.41
CA GLY L 303 83.43 -0.16 -79.39
C GLY L 303 84.63 0.60 -79.93
N LEU L 304 84.86 0.55 -81.26
CA LEU L 304 85.93 1.26 -81.93
C LEU L 304 85.46 2.71 -82.15
N ASP L 305 86.20 3.66 -81.58
CA ASP L 305 85.87 5.08 -81.66
C ASP L 305 86.67 5.82 -82.74
N MET L 306 87.40 5.11 -83.62
CA MET L 306 88.01 5.72 -84.81
C MET L 306 88.00 4.79 -86.03
N HIS L 307 87.63 5.33 -87.19
CA HIS L 307 87.79 4.67 -88.48
C HIS L 307 88.79 5.42 -89.36
N ALA L 308 89.76 4.70 -89.91
CA ALA L 308 90.81 5.24 -90.75
C ALA L 308 90.77 4.57 -92.13
N ALA L 309 89.98 5.13 -93.05
CA ALA L 309 89.88 4.62 -94.41
C ALA L 309 91.22 4.75 -95.14
N MET L 310 91.64 3.67 -95.84
CA MET L 310 92.87 3.66 -96.61
C MET L 310 92.62 3.21 -98.05
N SER L 311 93.62 3.45 -98.92
CA SER L 311 93.55 3.17 -100.35
C SER L 311 94.00 1.74 -100.66
N SER L 312 93.68 1.26 -101.87
CA SER L 312 94.04 -0.09 -102.33
C SER L 312 95.55 -0.22 -102.54
N ALA L 313 96.19 0.81 -103.12
CA ALA L 313 97.59 0.75 -103.51
C ALA L 313 98.59 1.01 -102.37
N THR L 314 98.13 1.40 -101.18
CA THR L 314 99.02 1.82 -100.10
C THR L 314 99.86 0.66 -99.57
N TYR L 315 99.24 -0.50 -99.34
CA TYR L 315 99.95 -1.66 -98.82
C TYR L 315 101.05 -2.11 -99.79
N ASP L 316 102.16 -2.58 -99.24
CA ASP L 316 103.29 -3.02 -100.03
C ASP L 316 103.10 -4.41 -100.63
N ASP L 317 102.55 -4.47 -101.84
CA ASP L 317 102.44 -5.68 -102.63
C ASP L 317 103.81 -6.23 -103.09
N GLY L 318 104.89 -5.43 -103.01
CA GLY L 318 106.17 -5.77 -103.61
C GLY L 318 106.22 -5.60 -105.13
N THR L 319 105.13 -5.13 -105.74
CA THR L 319 105.04 -4.91 -107.18
C THR L 319 105.61 -3.55 -107.60
N ASP L 320 105.71 -2.61 -106.65
CA ASP L 320 106.26 -1.28 -106.90
C ASP L 320 107.79 -1.31 -106.94
N ILE L 321 108.41 -0.46 -107.76
CA ILE L 321 109.86 -0.46 -107.93
C ILE L 321 110.56 0.00 -106.64
N GLY L 322 111.62 -0.72 -106.25
CA GLY L 322 112.39 -0.37 -105.06
C GLY L 322 111.81 -0.90 -103.74
N TRP L 323 110.56 -1.38 -103.75
CA TRP L 323 109.91 -1.96 -102.57
C TRP L 323 109.90 -3.49 -102.66
N SER L 324 110.24 -4.18 -101.56
CA SER L 324 110.11 -5.63 -101.45
C SER L 324 108.92 -5.99 -100.55
N GLY L 325 108.00 -6.82 -101.05
CA GLY L 325 106.64 -6.87 -100.53
C GLY L 325 106.49 -7.34 -99.08
N GLY L 326 105.34 -6.98 -98.48
CA GLY L 326 104.87 -7.56 -97.23
C GLY L 326 104.44 -9.03 -97.38
N SER L 327 104.04 -9.67 -96.27
CA SER L 327 103.71 -11.08 -96.21
C SER L 327 102.28 -11.40 -96.70
N GLU L 328 101.38 -10.39 -96.69
CA GLU L 328 99.96 -10.57 -96.92
C GLU L 328 99.52 -10.09 -98.31
N THR L 329 98.21 -10.16 -98.58
CA THR L 329 97.55 -9.43 -99.65
C THR L 329 96.53 -8.48 -99.03
N TRP L 330 96.69 -7.18 -99.25
CA TRP L 330 95.69 -6.19 -98.85
C TRP L 330 94.61 -6.14 -99.92
N GLY L 331 93.37 -6.40 -99.49
CA GLY L 331 92.24 -6.49 -100.40
C GLY L 331 91.03 -7.08 -99.69
N PHE L 332 89.90 -7.20 -100.40
CA PHE L 332 88.78 -7.94 -99.85
C PHE L 332 87.94 -8.54 -100.97
N SER L 333 88.64 -9.11 -101.95
CA SER L 333 88.10 -9.44 -103.26
C SER L 333 88.12 -10.95 -103.50
N SER L 334 89.02 -11.65 -102.78
CA SER L 334 89.34 -13.05 -103.04
C SER L 334 89.85 -13.77 -101.79
N ASP L 335 89.76 -15.10 -101.81
CA ASP L 335 90.10 -16.01 -100.73
C ASP L 335 91.48 -15.70 -100.12
N GLY L 336 91.50 -15.29 -98.85
CA GLY L 336 92.72 -15.03 -98.10
C GLY L 336 93.16 -13.57 -98.00
N ASP L 337 92.52 -12.63 -98.72
CA ASP L 337 92.86 -11.21 -98.61
C ASP L 337 92.61 -10.69 -97.18
N LYS L 338 93.48 -9.80 -96.68
CA LYS L 338 93.24 -9.07 -95.45
C LYS L 338 92.62 -7.72 -95.81
N GLY L 339 91.39 -7.46 -95.36
CA GLY L 339 90.62 -6.30 -95.79
C GLY L 339 90.44 -5.21 -94.73
N ALA L 340 90.68 -5.54 -93.46
CA ALA L 340 90.61 -4.59 -92.36
C ALA L 340 91.56 -5.02 -91.25
N VAL L 341 92.03 -4.04 -90.46
CA VAL L 341 92.72 -4.32 -89.21
C VAL L 341 92.00 -3.59 -88.10
N VAL L 342 91.66 -4.33 -87.03
CA VAL L 342 91.04 -3.80 -85.83
C VAL L 342 92.13 -3.80 -84.76
N TYR L 343 92.40 -2.66 -84.12
CA TYR L 343 93.60 -2.55 -83.28
C TYR L 343 93.51 -1.44 -82.24
N ASP L 344 94.45 -1.47 -81.30
CA ASP L 344 94.68 -0.38 -80.36
C ASP L 344 95.67 0.63 -80.95
N ARG L 345 95.20 1.86 -81.20
CA ARG L 345 95.98 2.97 -81.75
C ARG L 345 97.26 3.26 -80.97
N ASP L 346 97.24 3.04 -79.65
CA ASP L 346 98.33 3.39 -78.77
C ASP L 346 99.44 2.34 -78.74
N ASN L 347 99.20 1.16 -79.33
CA ASN L 347 100.14 0.05 -79.31
C ASN L 347 100.84 -0.20 -80.66
N ILE L 348 100.70 0.73 -81.61
CA ILE L 348 101.52 0.77 -82.81
C ILE L 348 102.09 2.18 -83.00
N HIS L 349 103.39 2.23 -83.29
CA HIS L 349 104.16 3.46 -83.32
C HIS L 349 104.66 3.73 -84.73
N THR L 350 104.43 4.95 -85.22
CA THR L 350 105.11 5.41 -86.42
C THR L 350 106.29 6.26 -85.95
N ILE L 351 107.52 5.84 -86.27
CA ILE L 351 108.70 6.54 -85.82
C ILE L 351 109.26 7.33 -86.98
N LEU L 352 109.32 8.66 -86.83
CA LEU L 352 109.86 9.55 -87.84
C LEU L 352 111.18 10.14 -87.35
N TYR L 353 112.19 10.13 -88.24
CA TYR L 353 113.48 10.74 -87.97
C TYR L 353 113.89 11.62 -89.15
N ALA L 354 114.45 12.79 -88.83
CA ALA L 354 115.15 13.61 -89.81
C ALA L 354 116.33 14.28 -89.16
N PRO L 355 117.50 14.41 -89.83
CA PRO L 355 118.68 15.02 -89.22
C PRO L 355 118.57 16.53 -89.03
N ASN L 356 117.74 17.21 -89.84
CA ASN L 356 117.71 18.67 -89.93
C ASN L 356 116.35 19.27 -89.55
N GLY L 357 115.54 18.53 -88.77
CA GLY L 357 114.23 18.98 -88.33
C GLY L 357 113.39 17.83 -87.75
N GLN L 358 112.06 18.01 -87.70
CA GLN L 358 111.14 16.98 -87.23
C GLN L 358 110.54 16.17 -88.39
N ASP L 359 110.58 16.71 -89.63
CA ASP L 359 109.72 16.27 -90.73
C ASP L 359 110.48 16.18 -92.06
N VAL L 360 109.76 16.17 -93.21
CA VAL L 360 110.39 16.06 -94.53
C VAL L 360 111.38 17.19 -94.77
N GLU L 361 112.52 16.86 -95.42
CA GLU L 361 113.44 17.89 -95.88
C GLU L 361 113.45 17.89 -97.41
N ILE L 362 113.15 19.05 -97.99
CA ILE L 362 113.21 19.24 -99.44
C ILE L 362 114.41 20.12 -99.75
N LYS L 363 115.22 19.64 -100.71
CA LYS L 363 116.40 20.33 -101.20
C LYS L 363 116.25 20.53 -102.71
N ASP L 364 116.95 21.55 -103.23
CA ASP L 364 117.05 21.76 -104.66
C ASP L 364 118.48 22.09 -105.04
N TYR L 365 118.78 21.91 -106.32
CA TYR L 365 120.10 22.13 -106.87
C TYR L 365 119.97 22.47 -108.34
N GLU L 366 121.00 23.11 -108.90
CA GLU L 366 121.03 23.45 -110.31
C GLU L 366 122.38 23.05 -110.90
N ASP L 367 122.33 22.58 -112.14
CA ASP L 367 123.47 22.09 -112.87
C ASP L 367 123.79 23.06 -114.01
N PRO L 368 124.88 23.86 -113.91
CA PRO L 368 125.24 24.81 -114.96
C PRO L 368 125.94 24.18 -116.17
N ILE L 369 126.31 22.89 -116.09
CA ILE L 369 126.90 22.17 -117.21
C ILE L 369 125.80 21.68 -118.14
N ARG L 370 124.60 21.37 -117.59
CA ARG L 370 123.50 20.75 -118.33
C ARG L 370 122.22 21.59 -118.37
N ASP L 371 122.17 22.72 -117.65
CA ASP L 371 121.00 23.60 -117.60
C ASP L 371 119.76 22.88 -117.07
N ILE L 372 119.95 22.12 -115.97
CA ILE L 372 118.89 21.35 -115.33
C ILE L 372 118.77 21.80 -113.87
N THR L 373 117.52 21.97 -113.40
CA THR L 373 117.25 22.17 -111.99
C THR L 373 116.60 20.91 -111.43
N GLY L 374 117.05 20.46 -110.25
CA GLY L 374 116.50 19.28 -109.60
C GLY L 374 115.94 19.58 -108.21
N VAL L 375 115.00 18.74 -107.78
CA VAL L 375 114.34 18.81 -106.49
C VAL L 375 114.36 17.42 -105.86
N ASN L 376 114.75 17.30 -104.60
CA ASN L 376 114.88 16.04 -103.89
C ASN L 376 114.21 16.12 -102.52
N GLY L 377 113.41 15.12 -102.16
CA GLY L 377 112.85 14.99 -100.81
C GLY L 377 113.39 13.77 -100.09
N ARG L 378 113.41 13.86 -98.75
CA ARG L 378 113.82 12.77 -97.88
C ARG L 378 113.05 12.81 -96.55
N LEU L 379 112.88 11.63 -95.97
CA LEU L 379 112.45 11.46 -94.58
C LEU L 379 112.83 10.04 -94.15
N HIS L 380 113.11 9.82 -92.86
CA HIS L 380 113.33 8.46 -92.40
C HIS L 380 112.11 8.01 -91.60
N VAL L 381 111.61 6.80 -91.86
CA VAL L 381 110.46 6.28 -91.15
C VAL L 381 110.62 4.78 -90.84
N ASP L 382 110.14 4.38 -89.66
CA ASP L 382 109.86 2.99 -89.32
C ASP L 382 108.47 2.89 -88.71
N CYS L 383 107.91 1.68 -88.65
CA CYS L 383 106.69 1.46 -87.91
C CYS L 383 106.78 0.14 -87.13
N GLN L 384 106.36 0.17 -85.85
CA GLN L 384 106.51 -0.97 -84.95
C GLN L 384 105.30 -1.10 -84.02
N TYR L 385 104.76 -2.32 -83.89
CA TYR L 385 103.90 -2.63 -82.76
C TYR L 385 104.73 -2.72 -81.47
N SER L 386 104.23 -2.12 -80.38
CA SER L 386 104.67 -2.44 -79.03
C SER L 386 103.96 -3.70 -78.51
N GLN L 387 102.70 -3.93 -78.91
CA GLN L 387 101.96 -5.15 -78.59
C GLN L 387 101.15 -5.58 -79.82
N GLY L 388 101.69 -6.50 -80.63
CA GLY L 388 101.00 -7.00 -81.82
C GLY L 388 99.71 -7.77 -81.50
N ARG L 389 99.59 -8.29 -80.28
CA ARG L 389 98.41 -8.96 -79.74
C ARG L 389 97.22 -8.01 -79.62
N SER L 390 97.46 -6.70 -79.52
CA SER L 390 96.41 -5.68 -79.46
C SER L 390 95.71 -5.45 -80.81
N SER L 391 96.00 -6.29 -81.82
CA SER L 391 95.56 -6.09 -83.20
C SER L 391 95.08 -7.40 -83.84
N ALA L 392 93.99 -7.33 -84.63
CA ALA L 392 93.48 -8.45 -85.39
C ALA L 392 93.15 -8.02 -86.82
N THR L 393 93.58 -8.82 -87.82
CA THR L 393 93.12 -8.62 -89.19
C THR L 393 91.76 -9.29 -89.42
N VAL L 394 90.98 -8.79 -90.39
CA VAL L 394 89.83 -9.48 -90.93
C VAL L 394 90.23 -10.07 -92.27
N GLN L 395 89.96 -11.37 -92.46
CA GLN L 395 90.35 -12.11 -93.66
C GLN L 395 89.12 -12.57 -94.45
N TYR L 396 89.18 -12.44 -95.78
CA TYR L 396 88.15 -12.88 -96.71
C TYR L 396 88.13 -14.41 -96.88
N PHE M 101 14.76 22.31 -139.17
CA PHE M 101 14.16 22.59 -137.83
C PHE M 101 13.80 24.08 -137.75
N ALA M 102 13.52 24.58 -136.54
CA ALA M 102 13.29 25.99 -136.29
C ALA M 102 14.57 26.78 -136.57
N ALA M 103 15.52 26.69 -135.63
CA ALA M 103 16.90 27.16 -135.75
C ALA M 103 17.71 26.55 -134.62
N SER M 104 18.81 25.86 -134.96
CA SER M 104 19.56 25.07 -133.99
C SER M 104 21.06 25.11 -134.25
N ASP M 105 21.83 24.79 -133.19
CA ASP M 105 23.27 24.83 -133.18
C ASP M 105 23.88 24.00 -134.33
N PRO M 106 23.40 22.76 -134.64
CA PRO M 106 23.97 21.97 -135.73
C PRO M 106 23.64 22.46 -137.15
N GLU M 107 22.56 23.21 -137.36
CA GLU M 107 22.20 23.71 -138.69
C GLU M 107 23.18 24.80 -139.13
N TYR M 108 23.47 25.74 -138.23
CA TYR M 108 24.19 26.96 -138.55
C TYR M 108 25.62 27.00 -138.01
N VAL M 109 26.13 25.84 -137.60
CA VAL M 109 27.38 25.58 -136.88
C VAL M 109 28.62 26.26 -137.46
N ASP M 110 28.57 26.64 -138.73
CA ASP M 110 29.70 27.25 -139.43
C ASP M 110 29.25 28.41 -140.33
N THR M 111 28.15 29.09 -139.96
CA THR M 111 27.50 30.12 -140.76
C THR M 111 27.02 31.31 -139.92
N LEU M 112 26.51 31.08 -138.70
CA LEU M 112 26.17 32.15 -137.77
C LEU M 112 27.20 32.30 -136.63
N PHE M 113 28.16 31.36 -136.55
CA PHE M 113 29.27 31.38 -135.62
C PHE M 113 30.35 30.42 -136.11
N ARG M 114 31.55 30.53 -135.52
CA ARG M 114 32.63 29.57 -135.69
C ARG M 114 32.80 28.73 -134.43
N GLU M 115 33.26 27.47 -134.59
CA GLU M 115 33.69 26.67 -133.44
C GLU M 115 34.82 27.40 -132.71
N GLN M 116 34.78 27.45 -131.37
CA GLN M 116 35.85 28.06 -130.59
C GLN M 116 37.17 27.30 -130.77
N LEU M 117 38.24 28.02 -131.17
CA LEU M 117 39.60 27.57 -130.91
C LEU M 117 39.98 28.02 -129.51
N LEU M 118 40.36 27.08 -128.65
CA LEU M 118 40.89 27.44 -127.34
C LEU M 118 42.16 28.26 -127.52
N GLU M 119 42.28 29.34 -126.75
CA GLU M 119 43.19 30.43 -127.07
C GLU M 119 44.65 30.12 -126.72
N VAL M 120 44.89 29.06 -125.93
CA VAL M 120 46.20 28.64 -125.46
C VAL M 120 46.58 27.30 -126.10
N VAL M 121 47.73 27.25 -126.79
CA VAL M 121 48.25 26.01 -127.35
C VAL M 121 48.82 25.12 -126.25
N MET M 122 48.36 23.85 -126.20
CA MET M 122 48.87 22.88 -125.24
C MET M 122 50.24 22.37 -125.68
N GLU M 123 51.16 22.20 -124.72
CA GLU M 123 52.54 21.82 -125.04
C GLU M 123 52.69 20.32 -125.30
N GLY M 124 53.73 19.96 -126.07
CA GLY M 124 54.16 18.57 -126.17
C GLY M 124 54.96 18.14 -124.94
N ARG M 125 55.65 16.99 -125.03
CA ARG M 125 56.53 16.54 -123.96
C ARG M 125 57.77 17.43 -123.88
N GLU M 126 58.25 17.70 -122.65
CA GLU M 126 59.50 18.41 -122.42
C GLU M 126 60.54 17.45 -121.81
N LEU M 127 61.74 17.41 -122.39
CA LEU M 127 62.80 16.55 -121.89
C LEU M 127 63.52 17.19 -120.70
N ARG M 128 64.04 16.35 -119.79
CA ARG M 128 64.80 16.77 -118.62
C ARG M 128 66.09 17.49 -119.04
N LYS M 129 66.35 18.68 -118.47
CA LYS M 129 67.55 19.47 -118.72
C LYS M 129 68.43 19.45 -117.46
N VAL M 130 69.70 19.00 -117.54
CA VAL M 130 70.58 18.92 -116.38
C VAL M 130 72.04 19.30 -116.64
N ALA M 131 72.56 19.19 -117.86
CA ALA M 131 74.00 19.22 -118.14
C ALA M 131 74.73 20.45 -117.57
N ARG M 132 74.11 21.64 -117.61
CA ARG M 132 74.73 22.89 -117.15
C ARG M 132 74.91 22.93 -115.63
N GLU M 133 74.12 22.15 -114.90
CA GLU M 133 74.21 22.00 -113.44
C GLU M 133 75.02 20.75 -113.06
N ALA M 134 74.85 19.66 -113.81
CA ALA M 134 75.39 18.34 -113.53
C ALA M 134 76.82 18.13 -114.07
N SER M 135 77.45 19.16 -114.64
CA SER M 135 78.84 19.10 -115.10
C SER M 135 79.50 20.47 -114.95
N ASN M 136 80.84 20.51 -114.98
CA ASN M 136 81.54 21.78 -115.04
C ASN M 136 81.43 22.36 -116.46
N VAL M 137 81.05 23.65 -116.61
CA VAL M 137 80.89 24.24 -117.94
C VAL M 137 82.07 25.17 -118.26
N ILE M 138 82.71 24.93 -119.42
CA ILE M 138 83.79 25.76 -119.94
C ILE M 138 83.27 26.52 -121.15
N ASN M 139 83.39 27.85 -121.16
CA ASN M 139 83.23 28.63 -122.38
C ASN M 139 84.57 28.71 -123.10
N ALA M 140 84.79 27.86 -124.10
CA ALA M 140 86.06 27.80 -124.81
C ALA M 140 86.27 29.03 -125.69
N ASN M 141 87.54 29.43 -125.83
CA ASN M 141 87.96 30.50 -126.71
C ASN M 141 88.08 30.03 -128.17
N THR M 142 88.34 28.73 -128.37
CA THR M 142 88.45 28.11 -129.70
C THR M 142 87.69 26.78 -129.74
N ARG M 143 87.12 26.47 -130.90
CA ARG M 143 86.34 25.25 -131.15
C ARG M 143 87.10 23.98 -130.79
N VAL M 144 88.41 23.97 -131.06
CA VAL M 144 89.30 22.87 -130.71
C VAL M 144 90.29 23.36 -129.66
N GLY M 145 90.53 22.54 -128.63
CA GLY M 145 91.46 22.86 -127.56
C GLY M 145 91.82 21.63 -126.73
N ASP M 146 92.81 21.78 -125.84
CA ASP M 146 93.28 20.71 -124.98
C ASP M 146 93.34 21.19 -123.52
N VAL M 147 93.09 20.30 -122.56
CA VAL M 147 93.30 20.60 -121.13
C VAL M 147 94.35 19.64 -120.59
N PRO M 148 95.41 20.12 -119.90
CA PRO M 148 96.46 19.24 -119.40
C PRO M 148 96.12 18.51 -118.10
N ILE M 149 96.43 17.22 -118.07
CA ILE M 149 96.25 16.32 -116.94
C ILE M 149 97.64 15.94 -116.41
N ALA M 150 97.82 16.07 -115.09
CA ALA M 150 99.00 15.57 -114.40
C ALA M 150 98.82 14.08 -114.03
N SER M 151 99.91 13.30 -114.11
CA SER M 151 99.93 11.90 -113.69
C SER M 151 99.68 11.74 -112.18
N ASP M 152 99.24 10.54 -111.77
CA ASP M 152 98.97 10.22 -110.37
C ASP M 152 100.21 10.39 -109.49
N GLU M 153 99.97 10.75 -108.23
CA GLU M 153 101.02 10.67 -107.23
C GLU M 153 101.41 9.21 -106.97
N GLU M 154 102.70 9.00 -106.68
CA GLU M 154 103.25 7.66 -106.46
C GLU M 154 103.83 7.57 -105.04
N PHE M 155 104.82 6.69 -104.87
CA PHE M 155 105.51 6.50 -103.60
C PHE M 155 107.00 6.79 -103.73
N ALA M 156 107.58 7.30 -102.65
CA ALA M 156 109.02 7.39 -102.48
C ALA M 156 109.63 5.99 -102.35
N ARG M 157 110.97 5.91 -102.49
CA ARG M 157 111.71 4.65 -102.46
C ARG M 157 112.50 4.54 -101.16
N PRO M 158 112.55 3.35 -100.50
CA PRO M 158 113.53 3.12 -99.44
C PRO M 158 114.95 3.19 -100.05
N THR M 159 115.86 3.85 -99.33
CA THR M 159 117.16 4.27 -99.85
C THR M 159 118.24 4.06 -98.79
N GLY M 160 119.45 3.67 -99.21
CA GLY M 160 120.58 3.53 -98.30
C GLY M 160 121.15 4.89 -97.86
N GLN M 161 121.79 4.93 -96.69
CA GLN M 161 122.48 6.14 -96.26
C GLN M 161 123.65 6.47 -97.19
N GLY M 162 123.66 7.71 -97.74
CA GLY M 162 124.67 8.15 -98.69
C GLY M 162 124.39 7.80 -100.15
N ALA M 163 123.31 7.06 -100.44
CA ALA M 163 122.98 6.62 -101.80
C ALA M 163 122.34 7.74 -102.63
N GLU M 164 122.53 7.71 -103.96
CA GLU M 164 121.90 8.65 -104.89
C GLU M 164 120.37 8.55 -104.83
N ILE M 165 119.68 9.71 -104.80
CA ILE M 165 118.22 9.76 -104.91
C ILE M 165 117.83 9.66 -106.38
N ARG M 166 116.88 8.76 -106.70
CA ARG M 166 116.43 8.49 -108.07
C ARG M 166 115.22 9.35 -108.43
N ASP M 167 115.09 9.68 -109.73
CA ASP M 167 114.04 10.55 -110.24
C ASP M 167 112.72 9.80 -110.49
N ASP M 168 111.58 10.49 -110.24
CA ASP M 168 110.24 9.96 -110.38
C ASP M 168 109.23 11.12 -110.45
N GLY M 169 109.53 12.14 -111.29
CA GLY M 169 108.79 13.40 -111.35
C GLY M 169 107.44 13.33 -112.08
N GLU M 170 106.65 14.43 -112.03
CA GLU M 170 105.36 14.50 -112.72
C GLU M 170 105.55 14.33 -114.23
N THR M 171 104.86 13.35 -114.80
CA THR M 171 104.61 13.28 -116.24
C THR M 171 103.24 13.90 -116.54
N TYR M 172 103.04 14.39 -117.78
CA TYR M 172 101.82 15.08 -118.19
C TYR M 172 101.25 14.51 -119.49
N THR M 173 99.94 14.72 -119.67
CA THR M 173 99.22 14.42 -120.91
C THR M 173 98.07 15.42 -121.04
N THR M 174 97.23 15.27 -122.08
CA THR M 174 96.06 16.14 -122.27
C THR M 174 94.83 15.31 -122.65
N VAL M 175 93.63 15.87 -122.38
CA VAL M 175 92.43 15.46 -123.09
C VAL M 175 92.02 16.58 -124.02
N ALA M 176 91.69 16.22 -125.27
CA ALA M 176 91.29 17.18 -126.29
C ALA M 176 89.78 17.39 -126.26
N TRP M 177 89.33 18.60 -126.60
CA TRP M 177 87.97 18.86 -127.02
C TRP M 177 87.96 19.32 -128.47
N ASN M 178 86.93 18.94 -129.21
CA ASN M 178 86.63 19.54 -130.50
C ASN M 178 85.11 19.66 -130.60
N ALA M 179 84.61 20.86 -130.32
CA ALA M 179 83.18 21.12 -130.25
C ALA M 179 82.53 20.91 -131.62
N THR M 180 81.36 20.26 -131.62
CA THR M 180 80.60 19.95 -132.82
C THR M 180 79.45 20.94 -132.94
N LYS M 181 79.23 21.51 -134.13
CA LYS M 181 78.16 22.46 -134.37
C LYS M 181 76.80 21.76 -134.34
N LEU M 182 76.02 21.97 -133.29
CA LEU M 182 74.62 21.54 -133.28
C LEU M 182 73.78 22.67 -133.85
N THR M 183 72.81 22.34 -134.72
CA THR M 183 71.97 23.35 -135.36
C THR M 183 70.50 22.92 -135.43
N GLU M 184 69.61 23.90 -135.62
CA GLU M 184 68.18 23.64 -135.72
C GLU M 184 67.52 24.79 -136.46
N GLY M 185 66.81 24.50 -137.56
CA GLY M 185 66.11 25.51 -138.34
C GLY M 185 64.58 25.36 -138.31
N SER M 186 63.90 26.39 -138.83
CA SER M 186 62.46 26.35 -139.11
C SER M 186 62.11 27.43 -140.13
N ARG M 187 60.98 27.24 -140.86
CA ARG M 187 60.50 28.21 -141.84
C ARG M 187 58.97 28.34 -141.79
N VAL M 188 58.47 29.57 -141.99
CA VAL M 188 57.05 29.92 -141.93
C VAL M 188 56.72 30.85 -143.09
N THR M 189 55.62 30.60 -143.80
CA THR M 189 55.16 31.50 -144.85
C THR M 189 54.51 32.76 -144.26
N ASP M 190 54.60 33.89 -144.96
CA ASP M 190 54.07 35.17 -144.46
C ASP M 190 52.56 35.13 -144.27
N GLU M 191 51.83 34.46 -145.19
CA GLU M 191 50.41 34.14 -145.06
C GLU M 191 50.08 33.42 -143.74
N MET M 192 50.95 32.52 -143.27
CA MET M 192 50.71 31.78 -142.04
C MET M 192 51.11 32.60 -140.82
N ARG M 193 52.25 33.30 -140.88
CA ARG M 193 52.77 34.17 -139.84
C ARG M 193 51.74 35.24 -139.44
N ASP M 194 51.01 35.78 -140.43
CA ASP M 194 49.94 36.74 -140.22
C ASP M 194 48.74 36.13 -139.46
N GLN M 195 48.26 34.96 -139.92
CA GLN M 195 46.95 34.46 -139.57
C GLN M 195 46.89 33.66 -138.26
N ALA M 196 48.02 33.19 -137.74
CA ALA M 196 48.08 32.44 -136.49
C ALA M 196 47.58 33.23 -135.28
N MET M 197 47.02 32.52 -134.29
CA MET M 197 46.65 33.10 -133.00
C MET M 197 47.88 33.47 -132.16
N VAL M 198 48.99 32.76 -132.39
CA VAL M 198 50.22 32.85 -131.61
C VAL M 198 51.38 33.29 -132.52
N ASP M 199 52.39 33.96 -131.95
CA ASP M 199 53.58 34.33 -132.70
C ASP M 199 54.37 33.08 -133.09
N LEU M 200 54.21 32.60 -134.33
CA LEU M 200 54.90 31.40 -134.80
C LEU M 200 56.42 31.57 -134.79
N ILE M 201 56.92 32.79 -135.00
CA ILE M 201 58.33 33.06 -134.89
C ILE M 201 58.80 32.89 -133.45
N GLU M 202 58.07 33.46 -132.48
CA GLU M 202 58.40 33.29 -131.07
C GLU M 202 58.34 31.82 -130.65
N ARG M 203 57.28 31.10 -131.03
CA ARG M 203 57.13 29.67 -130.80
C ARG M 203 58.35 28.90 -131.34
N ASN M 204 58.78 29.21 -132.58
CA ASN M 204 59.90 28.53 -133.17
C ASN M 204 61.24 28.93 -132.56
N ILE M 205 61.44 30.19 -132.15
CA ILE M 205 62.64 30.58 -131.40
C ILE M 205 62.74 29.78 -130.10
N GLN M 206 61.63 29.64 -129.36
CA GLN M 206 61.58 28.79 -128.18
C GLN M 206 61.90 27.33 -128.51
N ARG M 207 61.32 26.77 -129.59
CA ARG M 207 61.61 25.41 -130.03
C ARG M 207 63.11 25.22 -130.33
N VAL M 208 63.68 26.15 -131.10
CA VAL M 208 65.08 26.11 -131.49
C VAL M 208 65.98 26.17 -130.25
N GLY M 209 65.73 27.10 -129.32
CA GLY M 209 66.46 27.17 -128.07
C GLY M 209 66.41 25.86 -127.28
N ALA M 210 65.21 25.33 -127.05
CA ALA M 210 65.01 24.08 -126.33
C ALA M 210 65.70 22.90 -127.02
N SER M 211 65.66 22.88 -128.36
CA SER M 211 66.29 21.85 -129.18
C SER M 211 67.82 21.85 -129.05
N LEU M 212 68.43 23.03 -128.90
CA LEU M 212 69.87 23.15 -128.62
C LEU M 212 70.20 22.71 -127.19
N GLU M 213 69.38 23.06 -126.18
CA GLU M 213 69.57 22.57 -124.83
C GLU M 213 69.48 21.04 -124.78
N ASN M 214 68.53 20.44 -125.50
CA ASN M 214 68.43 19.00 -125.64
C ASN M 214 69.68 18.42 -126.31
N GLY M 215 70.23 19.11 -127.32
CA GLY M 215 71.51 18.78 -127.93
C GLY M 215 72.67 18.76 -126.92
N ILE M 216 72.82 19.80 -126.10
CA ILE M 216 73.85 19.86 -125.05
C ILE M 216 73.72 18.64 -124.13
N ASN M 217 72.50 18.38 -123.66
CA ASN M 217 72.22 17.28 -122.76
C ASN M 217 72.53 15.91 -123.40
N ARG M 218 72.30 15.74 -124.71
CA ARG M 218 72.70 14.54 -125.42
C ARG M 218 74.21 14.37 -125.45
N VAL M 219 74.95 15.42 -125.78
CA VAL M 219 76.40 15.34 -125.85
C VAL M 219 77.00 15.01 -124.49
N PHE M 220 76.54 15.70 -123.44
CA PHE M 220 76.91 15.43 -122.06
C PHE M 220 76.64 13.96 -121.68
N LEU M 221 75.39 13.49 -121.78
CA LEU M 221 75.04 12.16 -121.33
C LEU M 221 75.76 11.06 -122.13
N THR M 222 76.02 11.29 -123.41
CA THR M 222 76.73 10.32 -124.25
C THR M 222 78.20 10.19 -123.83
N GLU M 223 78.90 11.29 -123.55
CA GLU M 223 80.24 11.22 -122.98
C GLU M 223 80.23 10.52 -121.61
N LEU M 224 79.33 10.98 -120.75
CA LEU M 224 79.21 10.50 -119.38
C LEU M 224 79.04 8.98 -119.32
N VAL M 225 78.14 8.42 -120.13
CA VAL M 225 77.84 7.00 -120.18
C VAL M 225 78.92 6.21 -120.92
N ASP M 226 79.43 6.69 -122.07
CA ASP M 226 80.38 5.92 -122.86
C ASP M 226 81.76 5.82 -122.20
N ASN M 227 82.26 6.91 -121.59
CA ASN M 227 83.67 7.03 -121.26
C ASN M 227 83.99 6.93 -119.76
N ALA M 228 83.01 6.57 -118.92
CA ALA M 228 83.25 6.17 -117.55
C ALA M 228 84.18 4.93 -117.53
N GLN M 229 85.28 4.98 -116.77
CA GLN M 229 86.30 3.95 -116.79
C GLN M 229 86.05 2.79 -115.81
N ASN M 230 85.03 2.93 -114.96
CA ASN M 230 84.59 1.89 -114.05
C ASN M 230 83.15 1.48 -114.34
N ASN M 231 82.81 0.24 -113.97
CA ASN M 231 81.47 -0.28 -114.18
C ASN M 231 81.11 -1.21 -113.01
N HIS M 232 79.90 -1.08 -112.46
CA HIS M 232 79.35 -2.10 -111.58
C HIS M 232 78.34 -2.93 -112.36
N ASP M 233 78.67 -4.19 -112.57
CA ASP M 233 77.82 -5.12 -113.30
C ASP M 233 76.83 -5.77 -112.34
N THR M 234 75.57 -5.33 -112.35
CA THR M 234 74.58 -5.86 -111.41
C THR M 234 74.16 -7.28 -111.75
N ALA M 235 74.34 -7.71 -113.01
CA ALA M 235 73.98 -9.04 -113.48
C ALA M 235 72.53 -9.42 -113.10
N GLY M 236 71.59 -8.49 -113.32
CA GLY M 236 70.18 -8.71 -113.02
C GLY M 236 69.82 -8.85 -111.53
N SER M 237 70.69 -8.39 -110.60
CA SER M 237 70.51 -8.65 -109.16
C SER M 237 70.94 -7.47 -108.28
N ASN M 238 70.33 -7.31 -107.08
CA ASN M 238 70.68 -6.28 -106.11
C ASN M 238 70.81 -4.89 -106.73
N GLN M 239 69.84 -4.50 -107.56
CA GLN M 239 69.98 -3.39 -108.50
C GLN M 239 69.71 -2.01 -107.88
N GLY M 240 69.17 -1.95 -106.66
CA GLY M 240 68.81 -0.69 -106.01
C GLY M 240 69.98 0.01 -105.32
N TYR M 241 69.82 0.38 -104.04
CA TYR M 241 70.85 1.03 -103.24
C TYR M 241 72.19 0.28 -103.29
N GLN M 242 72.17 -1.05 -103.22
CA GLN M 242 73.39 -1.84 -103.25
C GLN M 242 74.22 -1.60 -104.51
N ALA M 243 73.56 -1.36 -105.66
CA ALA M 243 74.26 -1.07 -106.91
C ALA M 243 74.91 0.31 -106.88
N LEU M 244 74.23 1.34 -106.35
CA LEU M 244 74.82 2.66 -106.18
C LEU M 244 76.01 2.59 -105.23
N ASN M 245 75.85 1.95 -104.06
CA ASN M 245 76.94 1.76 -103.11
C ASN M 245 78.13 1.02 -103.73
N SER M 246 77.87 -0.02 -104.54
CA SER M 246 78.92 -0.76 -105.22
C SER M 246 79.62 0.08 -106.29
N ALA M 247 78.88 0.90 -107.03
CA ALA M 247 79.45 1.82 -108.01
C ALA M 247 80.33 2.88 -107.33
N VAL M 248 79.86 3.47 -106.22
CA VAL M 248 80.68 4.36 -105.40
C VAL M 248 81.96 3.62 -104.96
N GLY M 249 81.84 2.35 -104.56
CA GLY M 249 82.98 1.50 -104.21
C GLY M 249 84.00 1.35 -105.33
N GLU M 250 83.55 1.13 -106.57
CA GLU M 250 84.44 1.03 -107.73
C GLU M 250 85.22 2.33 -107.96
N VAL M 251 84.59 3.49 -107.79
CA VAL M 251 85.25 4.78 -107.95
C VAL M 251 86.20 5.05 -106.76
N ASP M 252 85.76 4.76 -105.53
CA ASP M 252 86.56 4.91 -104.32
C ASP M 252 87.82 4.03 -104.35
N LYS M 253 87.74 2.85 -104.97
CA LYS M 253 88.88 1.97 -105.20
C LYS M 253 89.92 2.55 -106.17
N ASP M 254 89.52 3.52 -107.00
CA ASP M 254 90.42 4.33 -107.81
C ASP M 254 90.71 5.71 -107.20
N ASP M 255 90.40 5.93 -105.91
CA ASP M 255 90.78 7.13 -105.15
C ASP M 255 90.16 8.45 -105.65
N PHE M 256 88.95 8.41 -106.26
CA PHE M 256 88.30 9.61 -106.78
C PHE M 256 86.87 9.79 -106.22
N ARG M 257 86.73 10.05 -104.91
CA ARG M 257 85.44 10.15 -104.22
C ARG M 257 84.36 10.87 -105.05
N PRO M 258 83.31 10.17 -105.58
CA PRO M 258 82.28 10.81 -106.41
C PRO M 258 81.24 11.56 -105.56
N ASP M 259 80.36 12.34 -106.21
CA ASP M 259 79.41 13.18 -105.49
C ASP M 259 78.04 13.31 -106.15
N THR M 260 77.87 12.77 -107.36
CA THR M 260 76.68 13.00 -108.18
C THR M 260 76.26 11.71 -108.88
N TYR M 261 74.96 11.57 -109.18
CA TYR M 261 74.53 10.52 -110.11
C TYR M 261 73.45 10.98 -111.08
N VAL M 262 73.53 10.43 -112.29
CA VAL M 262 72.61 10.65 -113.40
C VAL M 262 71.91 9.33 -113.71
N THR M 263 70.58 9.37 -113.91
CA THR M 263 69.78 8.14 -113.83
C THR M 263 68.71 8.05 -114.92
N HIS M 264 68.54 6.86 -115.52
CA HIS M 264 67.49 6.53 -116.47
C HIS M 264 66.15 6.30 -115.78
N PRO M 265 64.97 6.59 -116.40
CA PRO M 265 63.66 6.31 -115.78
C PRO M 265 63.42 4.88 -115.29
N ASP M 266 63.86 3.86 -116.02
CA ASP M 266 63.73 2.49 -115.57
C ASP M 266 64.55 2.25 -114.30
N TYR M 267 65.76 2.80 -114.25
CA TYR M 267 66.58 2.71 -113.04
C TYR M 267 65.87 3.39 -111.87
N ARG M 268 65.32 4.59 -112.06
CA ARG M 268 64.56 5.27 -111.02
C ARG M 268 63.38 4.41 -110.54
N THR M 269 62.66 3.77 -111.46
CA THR M 269 61.53 2.91 -111.12
C THR M 269 61.97 1.74 -110.23
N GLN M 270 63.09 1.08 -110.57
CA GLN M 270 63.68 0.02 -109.75
C GLN M 270 64.11 0.54 -108.38
N LEU M 271 64.82 1.68 -108.34
CA LEU M 271 65.34 2.27 -107.13
C LEU M 271 64.22 2.56 -106.12
N PHE M 272 63.07 3.04 -106.59
CA PHE M 272 61.94 3.32 -105.70
C PHE M 272 61.10 2.08 -105.35
N ASN M 273 61.36 0.91 -105.96
CA ASN M 273 60.84 -0.37 -105.52
C ASN M 273 61.71 -1.03 -104.44
N ASP M 274 63.00 -0.64 -104.35
CA ASP M 274 63.94 -1.26 -103.42
C ASP M 274 63.43 -1.08 -101.98
N THR M 275 63.25 -2.18 -101.24
CA THR M 275 62.70 -2.09 -99.90
C THR M 275 63.57 -1.25 -98.97
N ASN M 276 64.87 -1.10 -99.25
CA ASN M 276 65.75 -0.23 -98.49
C ASN M 276 65.30 1.24 -98.54
N LEU M 277 64.59 1.66 -99.60
CA LEU M 277 64.10 3.02 -99.80
C LEU M 277 62.58 3.10 -99.73
N ALA M 278 61.88 2.09 -100.27
CA ALA M 278 60.42 2.05 -100.29
C ALA M 278 59.81 1.90 -98.90
N TYR M 279 60.42 1.10 -98.02
CA TYR M 279 59.92 0.94 -96.67
C TYR M 279 60.46 2.06 -95.78
N ALA M 280 59.56 2.87 -95.20
CA ALA M 280 59.93 3.96 -94.31
C ALA M 280 60.83 3.46 -93.17
N ASN M 281 60.48 2.28 -92.66
CA ASN M 281 61.26 1.45 -91.75
C ASN M 281 62.76 1.45 -92.10
N ARG M 282 63.10 1.01 -93.31
CA ARG M 282 64.46 0.80 -93.76
C ARG M 282 65.15 2.11 -94.18
N ALA M 283 64.40 3.07 -94.73
CA ALA M 283 64.93 4.33 -95.21
C ALA M 283 65.11 5.40 -94.12
N GLY M 284 64.41 5.25 -92.99
CA GLY M 284 64.44 6.23 -91.91
C GLY M 284 63.37 7.31 -92.03
N THR M 285 62.79 7.50 -93.23
CA THR M 285 61.65 8.39 -93.48
C THR M 285 60.81 7.80 -94.62
N ASN M 286 59.51 8.14 -94.67
CA ASN M 286 58.62 7.67 -95.72
C ASN M 286 58.65 8.52 -97.00
N GLU M 287 59.62 9.44 -97.13
CA GLU M 287 59.67 10.41 -98.22
C GLU M 287 59.69 9.75 -99.60
N VAL M 288 60.45 8.67 -99.79
CA VAL M 288 60.50 8.02 -101.11
C VAL M 288 59.15 7.39 -101.45
N LEU M 289 58.49 6.76 -100.46
CA LEU M 289 57.16 6.17 -100.63
C LEU M 289 56.15 7.22 -101.08
N ARG M 290 56.17 8.40 -100.42
CA ARG M 290 55.15 9.42 -100.63
C ARG M 290 55.50 10.41 -101.75
N ASN M 291 56.72 10.95 -101.77
CA ASN M 291 57.12 11.97 -102.74
C ASN M 291 58.06 11.49 -103.86
N ARG M 292 58.41 10.18 -103.92
CA ARG M 292 59.14 9.59 -105.05
C ARG M 292 60.48 10.29 -105.29
N GLU M 293 60.78 10.69 -106.54
CA GLU M 293 62.05 11.32 -106.90
C GLU M 293 62.26 12.70 -106.25
N ASP M 294 61.18 13.31 -105.77
CA ASP M 294 61.20 14.63 -105.15
C ASP M 294 61.62 14.56 -103.67
N ALA M 295 61.79 13.34 -103.14
CA ALA M 295 62.23 13.09 -101.78
C ALA M 295 63.66 13.57 -101.56
N PRO M 296 63.98 14.25 -100.42
CA PRO M 296 65.34 14.70 -100.15
C PRO M 296 66.36 13.57 -100.02
N ILE M 297 65.92 12.36 -99.63
CA ILE M 297 66.78 11.18 -99.56
C ILE M 297 67.39 10.84 -100.93
N VAL M 298 66.63 10.99 -102.02
CA VAL M 298 67.09 10.59 -103.35
C VAL M 298 68.27 11.44 -103.81
N GLY M 299 68.33 12.70 -103.39
CA GLY M 299 69.48 13.56 -103.62
C GLY M 299 70.61 13.43 -102.60
N ASP M 300 70.59 12.39 -101.76
CA ASP M 300 71.48 12.28 -100.60
C ASP M 300 71.68 10.81 -100.19
N ILE M 301 72.11 9.92 -101.12
CA ILE M 301 72.39 8.52 -100.80
C ILE M 301 73.79 8.11 -101.23
N ALA M 302 74.34 7.11 -100.52
CA ALA M 302 75.65 6.52 -100.79
C ALA M 302 76.76 7.58 -100.83
N GLY M 303 76.63 8.65 -100.04
CA GLY M 303 77.62 9.72 -99.97
C GLY M 303 77.54 10.72 -101.12
N LEU M 304 76.66 10.48 -102.10
CA LEU M 304 76.38 11.43 -103.16
C LEU M 304 75.45 12.52 -102.63
N ASP M 305 75.58 13.74 -103.18
CA ASP M 305 74.82 14.90 -102.72
C ASP M 305 74.08 15.62 -103.87
N MET M 306 74.08 15.04 -105.08
CA MET M 306 73.21 15.51 -106.16
C MET M 306 72.67 14.33 -106.99
N HIS M 307 71.36 14.35 -107.25
CA HIS M 307 70.74 13.49 -108.25
C HIS M 307 70.30 14.33 -109.44
N ALA M 308 70.69 13.90 -110.65
CA ALA M 308 70.34 14.55 -111.89
C ALA M 308 69.50 13.59 -112.73
N ALA M 309 68.18 13.62 -112.54
CA ALA M 309 67.26 12.78 -113.28
C ALA M 309 67.27 13.15 -114.77
N MET M 310 67.35 12.13 -115.65
CA MET M 310 67.41 12.36 -117.09
C MET M 310 66.33 11.58 -117.85
N SER M 311 66.06 12.00 -119.08
CA SER M 311 65.06 11.39 -119.96
C SER M 311 65.60 10.13 -120.63
N SER M 312 64.69 9.28 -121.12
CA SER M 312 65.04 8.07 -121.85
C SER M 312 65.68 8.39 -123.22
N ALA M 313 65.16 9.42 -123.89
CA ALA M 313 65.55 9.77 -125.26
C ALA M 313 66.92 10.45 -125.39
N THR M 314 67.49 10.94 -124.27
CA THR M 314 68.59 11.89 -124.31
C THR M 314 69.90 11.29 -124.82
N TYR M 315 70.23 10.05 -124.41
CA TYR M 315 71.47 9.42 -124.82
C TYR M 315 71.50 9.21 -126.34
N ASP M 316 72.68 9.33 -126.95
CA ASP M 316 72.82 9.10 -128.38
C ASP M 316 72.77 7.61 -128.73
N ASP M 317 71.56 7.08 -128.82
CA ASP M 317 71.27 5.71 -129.20
C ASP M 317 71.64 5.42 -130.66
N GLY M 318 71.87 6.46 -131.48
CA GLY M 318 72.12 6.31 -132.91
C GLY M 318 70.87 6.09 -133.76
N THR M 319 69.69 6.07 -133.12
CA THR M 319 68.40 5.88 -133.79
C THR M 319 67.80 7.21 -134.28
N ASP M 320 68.21 8.33 -133.66
CA ASP M 320 67.71 9.66 -134.02
C ASP M 320 68.37 10.17 -135.30
N ILE M 321 67.65 11.02 -136.05
CA ILE M 321 68.06 11.41 -137.39
C ILE M 321 69.30 12.32 -137.34
N GLY M 322 70.34 11.94 -138.09
CA GLY M 322 71.56 12.74 -138.18
C GLY M 322 72.58 12.50 -137.07
N TRP M 323 72.21 11.71 -136.05
CA TRP M 323 73.14 11.31 -134.99
C TRP M 323 73.59 9.86 -135.21
N SER M 324 74.90 9.59 -135.04
CA SER M 324 75.46 8.24 -135.08
C SER M 324 75.92 7.82 -133.68
N GLY M 325 75.45 6.67 -133.20
CA GLY M 325 75.31 6.40 -131.77
C GLY M 325 76.61 6.22 -130.97
N GLY M 326 76.46 6.32 -129.64
CA GLY M 326 77.50 5.96 -128.68
C GLY M 326 77.73 4.44 -128.56
N SER M 327 78.68 4.04 -127.70
CA SER M 327 79.10 2.66 -127.54
C SER M 327 78.11 1.82 -126.74
N GLU M 328 77.29 2.44 -125.88
CA GLU M 328 76.43 1.76 -124.91
C GLU M 328 74.95 1.73 -125.32
N THR M 329 74.11 1.15 -124.45
CA THR M 329 72.67 1.35 -124.49
C THR M 329 72.25 2.01 -123.18
N TRP M 330 71.64 3.21 -123.26
CA TRP M 330 71.08 3.87 -122.09
C TRP M 330 69.71 3.27 -121.78
N GLY M 331 69.54 2.72 -120.58
CA GLY M 331 68.34 1.98 -120.22
C GLY M 331 68.51 1.19 -118.93
N PHE M 332 67.46 0.50 -118.51
CA PHE M 332 67.61 -0.45 -117.41
C PHE M 332 66.57 -1.56 -117.51
N SER M 333 66.56 -2.22 -118.68
CA SER M 333 65.50 -3.13 -119.11
C SER M 333 66.04 -4.53 -119.36
N SER M 334 67.30 -4.60 -119.81
CA SER M 334 67.83 -5.76 -120.51
C SER M 334 69.35 -5.83 -120.33
N ASP M 335 69.90 -7.05 -120.45
CA ASP M 335 71.30 -7.37 -120.21
C ASP M 335 72.25 -6.40 -120.94
N GLY M 336 73.08 -5.68 -120.17
CA GLY M 336 74.06 -4.75 -120.71
C GLY M 336 73.60 -3.30 -120.81
N ASP M 337 72.33 -2.97 -120.52
CA ASP M 337 71.91 -1.57 -120.43
C ASP M 337 72.68 -0.84 -119.31
N LYS M 338 73.16 0.38 -119.59
CA LYS M 338 73.69 1.27 -118.56
C LYS M 338 72.53 2.15 -118.08
N GLY M 339 72.20 2.10 -116.78
CA GLY M 339 71.01 2.74 -116.25
C GLY M 339 71.28 3.92 -115.31
N ALA M 340 72.52 4.03 -114.81
CA ALA M 340 72.92 5.15 -113.97
C ALA M 340 74.42 5.37 -114.14
N VAL M 341 74.88 6.61 -113.90
CA VAL M 341 76.30 6.89 -113.77
C VAL M 341 76.51 7.61 -112.46
N VAL M 342 77.45 7.11 -111.67
CA VAL M 342 77.90 7.72 -110.42
C VAL M 342 79.24 8.39 -110.71
N TYR M 343 79.42 9.66 -110.34
CA TYR M 343 80.60 10.39 -110.77
C TYR M 343 80.93 11.61 -109.89
N ASP M 344 82.15 12.13 -110.07
CA ASP M 344 82.56 13.42 -109.55
C ASP M 344 82.20 14.53 -110.53
N ARG M 345 81.28 15.41 -110.12
CA ARG M 345 80.75 16.48 -110.96
C ARG M 345 81.80 17.44 -111.51
N ASP M 346 82.94 17.58 -110.83
CA ASP M 346 84.01 18.50 -111.21
C ASP M 346 85.02 17.88 -112.20
N ASN M 347 84.90 16.57 -112.49
CA ASN M 347 85.82 15.87 -113.37
C ASN M 347 85.23 15.54 -114.75
N ILE M 348 84.06 16.07 -115.07
CA ILE M 348 83.53 16.04 -116.43
C ILE M 348 83.14 17.46 -116.85
N HIS M 349 83.56 17.81 -118.07
CA HIS M 349 83.49 19.17 -118.60
C HIS M 349 82.55 19.20 -119.79
N THR M 350 81.57 20.11 -119.77
CA THR M 350 80.82 20.48 -120.96
C THR M 350 81.49 21.73 -121.53
N ILE M 351 82.00 21.63 -122.75
CA ILE M 351 82.69 22.73 -123.39
C ILE M 351 81.75 23.34 -124.43
N LEU M 352 81.47 24.64 -124.29
CA LEU M 352 80.62 25.37 -125.23
C LEU M 352 81.48 26.39 -125.99
N TYR M 353 81.22 26.50 -127.29
CA TYR M 353 81.89 27.46 -128.15
C TYR M 353 80.88 28.15 -129.07
N ALA M 354 81.05 29.47 -129.25
CA ALA M 354 80.31 30.22 -130.25
C ALA M 354 81.23 31.25 -130.89
N PRO M 355 81.15 31.48 -132.22
CA PRO M 355 81.96 32.50 -132.88
C PRO M 355 81.55 33.92 -132.49
N ASN M 356 80.27 34.11 -132.10
CA ASN M 356 79.73 35.38 -131.62
C ASN M 356 79.14 35.20 -130.21
N GLY M 357 79.66 35.93 -129.22
CA GLY M 357 79.23 35.76 -127.83
C GLY M 357 79.71 34.44 -127.20
N GLN M 358 79.02 34.00 -126.12
CA GLN M 358 79.43 32.88 -125.28
C GLN M 358 78.58 31.61 -125.46
N ASP M 359 77.32 31.77 -125.92
CA ASP M 359 76.27 30.76 -125.85
C ASP M 359 75.44 30.69 -127.14
N VAL M 360 74.22 30.10 -127.13
CA VAL M 360 73.40 29.90 -128.34
C VAL M 360 73.25 31.19 -129.17
N GLU M 361 73.36 31.05 -130.49
CA GLU M 361 73.15 32.16 -131.41
C GLU M 361 71.94 31.88 -132.31
N ILE M 362 70.95 32.78 -132.26
CA ILE M 362 69.76 32.73 -133.10
C ILE M 362 69.90 33.76 -134.21
N LYS M 363 69.64 33.34 -135.45
CA LYS M 363 69.58 34.21 -136.61
C LYS M 363 68.22 34.04 -137.28
N ASP M 364 67.81 35.07 -138.03
CA ASP M 364 66.62 34.98 -138.86
C ASP M 364 66.89 35.55 -140.25
N TYR M 365 66.04 35.18 -141.20
CA TYR M 365 66.20 35.59 -142.59
C TYR M 365 64.84 35.59 -143.28
N GLU M 366 64.75 36.36 -144.37
CA GLU M 366 63.54 36.46 -145.16
C GLU M 366 63.87 36.08 -146.61
N ASP M 367 62.95 35.35 -147.24
CA ASP M 367 63.03 35.05 -148.66
C ASP M 367 61.97 35.88 -149.40
N PRO M 368 62.35 37.00 -150.06
CA PRO M 368 61.39 37.83 -150.79
C PRO M 368 60.87 37.21 -152.09
N ILE M 369 61.50 36.13 -152.57
CA ILE M 369 61.04 35.42 -153.77
C ILE M 369 59.88 34.50 -153.40
N ARG M 370 59.91 33.90 -152.20
CA ARG M 370 58.98 32.85 -151.80
C ARG M 370 58.05 33.25 -150.65
N ASP M 371 58.22 34.45 -150.06
CA ASP M 371 57.41 34.94 -148.95
C ASP M 371 57.50 34.05 -147.71
N ILE M 372 58.73 33.67 -147.36
CA ILE M 372 59.02 32.80 -146.22
C ILE M 372 59.97 33.53 -145.26
N THR M 373 59.71 33.42 -143.95
CA THR M 373 60.67 33.81 -142.92
C THR M 373 61.23 32.55 -142.27
N GLY M 374 62.55 32.52 -142.07
CA GLY M 374 63.21 31.40 -141.41
C GLY M 374 63.95 31.82 -140.14
N VAL M 375 64.08 30.89 -139.19
CA VAL M 375 64.79 31.08 -137.93
C VAL M 375 65.76 29.91 -137.74
N ASN M 376 67.06 30.21 -137.54
CA ASN M 376 68.11 29.21 -137.40
C ASN M 376 68.89 29.41 -136.10
N GLY M 377 68.96 28.36 -135.27
CA GLY M 377 69.83 28.33 -134.10
C GLY M 377 71.07 27.48 -134.31
N ARG M 378 72.14 27.82 -133.56
CA ARG M 378 73.41 27.10 -133.56
C ARG M 378 74.08 27.22 -132.20
N LEU M 379 74.91 26.22 -131.87
CA LEU M 379 75.90 26.28 -130.81
C LEU M 379 76.92 25.18 -131.07
N HIS M 380 78.19 25.34 -130.66
CA HIS M 380 79.12 24.24 -130.73
C HIS M 380 79.33 23.68 -129.32
N VAL M 381 79.28 22.35 -129.19
CA VAL M 381 79.43 21.71 -127.88
C VAL M 381 80.30 20.46 -127.96
N ASP M 382 81.11 20.24 -126.91
CA ASP M 382 81.78 18.98 -126.66
C ASP M 382 81.61 18.61 -125.19
N CYS M 383 81.85 17.34 -124.85
CA CYS M 383 81.93 16.95 -123.46
C CYS M 383 83.10 15.98 -123.26
N GLN M 384 83.90 16.21 -122.20
CA GLN M 384 85.09 15.42 -121.94
C GLN M 384 85.26 15.15 -120.45
N TYR M 385 85.59 13.91 -120.08
CA TYR M 385 86.14 13.65 -118.75
C TYR M 385 87.59 14.11 -118.66
N SER M 386 87.94 14.82 -117.57
CA SER M 386 89.34 15.03 -117.20
C SER M 386 89.93 13.82 -116.49
N GLN M 387 89.10 13.08 -115.72
CA GLN M 387 89.49 11.83 -115.10
C GLN M 387 88.31 10.84 -115.24
N GLY M 388 88.34 10.00 -116.29
CA GLY M 388 87.30 9.02 -116.52
C GLY M 388 87.19 7.98 -115.40
N ARG M 389 88.26 7.77 -114.64
CA ARG M 389 88.28 6.94 -113.43
C ARG M 389 87.38 7.48 -112.31
N SER M 390 87.05 8.78 -112.33
CA SER M 390 86.20 9.40 -111.31
C SER M 390 84.71 9.06 -111.46
N SER M 391 84.36 8.12 -112.36
CA SER M 391 82.97 7.74 -112.56
C SER M 391 82.83 6.23 -112.80
N ALA M 392 81.65 5.71 -112.43
CA ALA M 392 81.26 4.34 -112.67
C ALA M 392 79.83 4.30 -113.22
N THR M 393 79.61 3.53 -114.29
CA THR M 393 78.26 3.18 -114.71
C THR M 393 77.71 2.04 -113.85
N VAL M 394 76.38 1.99 -113.73
CA VAL M 394 75.67 0.84 -113.19
C VAL M 394 75.03 0.10 -114.37
N GLN M 395 75.34 -1.19 -114.50
CA GLN M 395 74.93 -1.98 -115.66
C GLN M 395 73.91 -3.04 -115.24
N TYR M 396 72.84 -3.18 -116.03
CA TYR M 396 71.83 -4.22 -115.89
C TYR M 396 72.40 -5.62 -116.23
N PHE N 101 -10.00 -8.90 -80.41
CA PHE N 101 -10.53 -9.29 -79.07
C PHE N 101 -10.30 -8.13 -78.11
N ALA N 102 -11.02 -8.06 -76.99
CA ALA N 102 -10.84 -6.96 -76.06
C ALA N 102 -10.81 -5.67 -76.91
N ALA N 103 -9.72 -4.90 -76.84
CA ALA N 103 -9.38 -4.03 -77.95
C ALA N 103 -7.86 -4.09 -78.10
N SER N 104 -7.40 -4.53 -79.27
CA SER N 104 -5.99 -4.77 -79.52
C SER N 104 -5.55 -3.99 -80.75
N ASP N 105 -4.31 -3.50 -80.76
CA ASP N 105 -3.85 -2.61 -81.83
C ASP N 105 -3.89 -3.20 -83.23
N PRO N 106 -3.80 -4.53 -83.50
CA PRO N 106 -3.93 -5.05 -84.86
C PRO N 106 -5.33 -4.94 -85.45
N GLU N 107 -6.35 -4.75 -84.61
CA GLU N 107 -7.73 -4.60 -85.06
C GLU N 107 -8.03 -3.17 -85.54
N TYR N 108 -7.51 -2.17 -84.82
CA TYR N 108 -7.91 -0.78 -84.99
C TYR N 108 -6.80 0.10 -85.57
N VAL N 109 -5.79 -0.50 -86.21
CA VAL N 109 -4.61 0.12 -86.80
C VAL N 109 -4.92 1.16 -87.89
N ASP N 110 -6.14 1.14 -88.44
CA ASP N 110 -6.59 2.10 -89.42
C ASP N 110 -7.95 2.71 -89.07
N THR N 111 -8.30 2.65 -87.77
CA THR N 111 -9.60 3.07 -87.25
C THR N 111 -9.41 4.02 -86.06
N LEU N 112 -8.55 3.68 -85.09
CA LEU N 112 -8.36 4.52 -83.92
C LEU N 112 -7.03 5.27 -83.93
N PHE N 113 -6.13 4.88 -84.84
CA PHE N 113 -4.84 5.52 -85.03
C PHE N 113 -4.35 5.22 -86.44
N ARG N 114 -3.18 5.77 -86.78
CA ARG N 114 -2.50 5.58 -88.06
C ARG N 114 -1.07 5.12 -87.77
N GLU N 115 -0.53 4.19 -88.58
CA GLU N 115 0.88 3.80 -88.48
C GLU N 115 1.80 5.02 -88.68
N GLN N 116 2.84 5.14 -87.86
CA GLN N 116 3.83 6.19 -88.02
C GLN N 116 4.55 6.10 -89.38
N LEU N 117 4.85 7.27 -89.97
CA LEU N 117 5.92 7.41 -90.97
C LEU N 117 7.02 8.25 -90.33
N LEU N 118 8.29 7.85 -90.49
CA LEU N 118 9.38 8.79 -90.24
C LEU N 118 9.31 9.95 -91.23
N GLU N 119 9.63 11.16 -90.75
CA GLU N 119 9.69 12.32 -91.62
C GLU N 119 10.98 12.37 -92.44
N VAL N 120 12.05 11.74 -91.93
CA VAL N 120 13.31 11.59 -92.66
C VAL N 120 13.14 10.49 -93.72
N VAL N 121 13.24 10.87 -95.00
CA VAL N 121 13.39 9.91 -96.08
C VAL N 121 14.84 9.44 -96.16
N MET N 122 15.06 8.11 -96.17
CA MET N 122 16.41 7.56 -96.30
C MET N 122 16.85 7.63 -97.76
N GLU N 123 18.14 7.92 -97.98
CA GLU N 123 18.67 8.04 -99.33
C GLU N 123 18.88 6.69 -100.02
N GLY N 124 18.79 6.71 -101.36
CA GLY N 124 19.28 5.59 -102.16
C GLY N 124 20.80 5.59 -102.26
N ARG N 125 21.33 4.66 -103.06
CA ARG N 125 22.75 4.59 -103.38
C ARG N 125 23.19 5.87 -104.10
N GLU N 126 24.16 6.58 -103.52
CA GLU N 126 24.79 7.75 -104.14
C GLU N 126 26.17 7.38 -104.68
N LEU N 127 26.43 7.71 -105.95
CA LEU N 127 27.72 7.46 -106.58
C LEU N 127 28.74 8.54 -106.23
N ARG N 128 30.04 8.19 -106.32
CA ARG N 128 31.14 9.12 -106.07
C ARG N 128 31.29 10.11 -107.23
N LYS N 129 31.67 11.35 -106.89
CA LYS N 129 31.67 12.49 -107.80
C LYS N 129 32.99 13.25 -107.65
N VAL N 130 33.87 13.18 -108.67
CA VAL N 130 35.24 13.70 -108.57
C VAL N 130 35.70 14.52 -109.78
N ALA N 131 35.03 14.40 -110.94
CA ALA N 131 35.53 14.92 -112.23
C ALA N 131 35.93 16.39 -112.21
N ARG N 132 35.20 17.24 -111.46
CA ARG N 132 35.44 18.67 -111.39
C ARG N 132 36.76 19.02 -110.70
N GLU N 133 37.22 18.17 -109.77
CA GLU N 133 38.51 18.33 -109.12
C GLU N 133 39.60 17.51 -109.80
N ALA N 134 39.25 16.32 -110.28
CA ALA N 134 40.16 15.33 -110.86
C ALA N 134 40.59 15.68 -112.30
N SER N 135 40.16 16.81 -112.86
CA SER N 135 40.51 17.23 -114.22
C SER N 135 40.49 18.75 -114.33
N ASN N 136 41.11 19.30 -115.38
CA ASN N 136 40.88 20.69 -115.74
C ASN N 136 39.44 20.86 -116.23
N VAL N 137 38.75 21.94 -115.84
CA VAL N 137 37.41 22.21 -116.35
C VAL N 137 37.44 23.44 -117.25
N ILE N 138 36.96 23.28 -118.50
CA ILE N 138 36.87 24.36 -119.48
C ILE N 138 35.40 24.77 -119.61
N ASN N 139 35.10 26.05 -119.39
CA ASN N 139 33.80 26.60 -119.70
C ASN N 139 33.80 27.08 -121.15
N ALA N 140 33.31 26.25 -122.07
CA ALA N 140 33.34 26.57 -123.49
C ALA N 140 32.36 27.70 -123.84
N ASN N 141 32.72 28.49 -124.86
CA ASN N 141 31.81 29.49 -125.40
C ASN N 141 30.90 28.92 -126.49
N THR N 142 31.26 27.76 -127.05
CA THR N 142 30.48 27.08 -128.10
C THR N 142 30.40 25.58 -127.80
N ARG N 143 29.27 24.97 -128.20
CA ARG N 143 29.00 23.56 -127.97
C ARG N 143 30.05 22.65 -128.61
N VAL N 144 30.63 23.10 -129.72
CA VAL N 144 31.68 22.39 -130.45
C VAL N 144 32.89 23.31 -130.58
N GLY N 145 34.09 22.73 -130.43
CA GLY N 145 35.32 23.50 -130.43
C GLY N 145 36.55 22.62 -130.64
N ASP N 146 37.71 23.26 -130.65
CA ASP N 146 39.00 22.61 -130.79
C ASP N 146 40.00 23.25 -129.81
N VAL N 147 40.88 22.43 -129.23
CA VAL N 147 42.03 22.94 -128.51
C VAL N 147 43.30 22.61 -129.30
N PRO N 148 44.15 23.61 -129.65
CA PRO N 148 45.37 23.37 -130.41
C PRO N 148 46.49 22.79 -129.55
N ILE N 149 47.28 21.91 -130.16
CA ILE N 149 48.32 21.13 -129.52
C ILE N 149 49.60 21.24 -130.36
N ALA N 150 50.74 21.48 -129.69
CA ALA N 150 52.04 21.54 -130.34
C ALA N 150 52.75 20.18 -130.30
N SER N 151 53.64 19.94 -131.26
CA SER N 151 54.50 18.75 -131.28
C SER N 151 55.55 18.78 -130.15
N ASP N 152 56.13 17.60 -129.88
CA ASP N 152 57.15 17.43 -128.84
C ASP N 152 58.42 18.25 -129.09
N GLU N 153 59.17 18.51 -128.00
CA GLU N 153 60.58 18.87 -128.10
C GLU N 153 61.35 17.81 -128.88
N GLU N 154 62.37 18.27 -129.63
CA GLU N 154 63.28 17.38 -130.34
C GLU N 154 64.74 17.76 -130.03
N PHE N 155 65.68 17.14 -130.77
CA PHE N 155 67.10 17.40 -130.64
C PHE N 155 67.67 18.08 -131.89
N ALA N 156 68.58 19.03 -131.66
CA ALA N 156 69.35 19.69 -132.71
C ALA N 156 70.24 18.70 -133.46
N ARG N 157 70.69 19.09 -134.67
CA ARG N 157 71.40 18.24 -135.63
C ARG N 157 72.90 18.52 -135.55
N PRO N 158 73.80 17.52 -135.35
CA PRO N 158 75.23 17.76 -135.51
C PRO N 158 75.54 18.03 -136.97
N THR N 159 76.27 19.14 -137.22
CA THR N 159 76.34 19.77 -138.53
C THR N 159 77.80 20.07 -138.88
N GLY N 160 78.19 19.82 -140.14
CA GLY N 160 79.52 20.20 -140.60
C GLY N 160 79.68 21.72 -140.70
N GLN N 161 80.91 22.22 -140.60
CA GLN N 161 81.15 23.65 -140.74
C GLN N 161 80.85 24.11 -142.17
N GLY N 162 79.97 25.12 -142.30
CA GLY N 162 79.55 25.63 -143.61
C GLY N 162 78.43 24.84 -144.29
N ALA N 163 77.89 23.78 -143.66
CA ALA N 163 76.76 23.02 -144.20
C ALA N 163 75.44 23.74 -143.95
N GLU N 164 74.41 23.45 -144.78
CA GLU N 164 73.07 24.02 -144.64
C GLU N 164 72.40 23.57 -143.34
N ILE N 165 71.79 24.50 -142.60
CA ILE N 165 70.96 24.16 -141.45
C ILE N 165 69.60 23.65 -141.95
N ARG N 166 69.18 22.47 -141.47
CA ARG N 166 67.94 21.82 -141.89
C ARG N 166 66.77 22.19 -140.97
N ASP N 167 65.55 22.12 -141.52
CA ASP N 167 64.34 22.50 -140.78
C ASP N 167 63.73 21.35 -139.99
N ASP N 168 63.22 21.67 -138.79
CA ASP N 168 62.36 20.79 -138.01
C ASP N 168 61.43 21.62 -137.13
N GLY N 169 60.64 22.49 -137.79
CA GLY N 169 59.79 23.47 -137.14
C GLY N 169 58.63 22.86 -136.36
N GLU N 170 58.08 23.65 -135.42
CA GLU N 170 56.95 23.21 -134.61
C GLU N 170 55.75 22.87 -135.49
N THR N 171 55.07 21.76 -135.16
CA THR N 171 53.96 21.23 -135.94
C THR N 171 52.74 21.09 -135.04
N TYR N 172 51.54 21.25 -135.60
CA TYR N 172 50.33 21.44 -134.79
C TYR N 172 49.18 20.52 -135.18
N THR N 173 48.31 20.26 -134.20
CA THR N 173 47.07 19.52 -134.39
C THR N 173 46.04 20.02 -133.37
N THR N 174 44.85 19.42 -133.36
CA THR N 174 43.87 19.73 -132.32
C THR N 174 43.26 18.45 -131.78
N VAL N 175 42.64 18.53 -130.59
CA VAL N 175 41.55 17.62 -130.27
C VAL N 175 40.26 18.42 -130.27
N ALA N 176 39.24 17.87 -130.94
CA ALA N 176 37.91 18.47 -130.95
C ALA N 176 37.19 18.19 -129.63
N TRP N 177 36.26 19.08 -129.24
CA TRP N 177 35.20 18.72 -128.33
C TRP N 177 33.85 18.91 -129.02
N ASN N 178 32.88 18.05 -128.71
CA ASN N 178 31.50 18.30 -129.04
C ASN N 178 30.65 17.90 -127.84
N ALA N 179 30.29 18.91 -127.04
CA ALA N 179 29.57 18.70 -125.80
C ALA N 179 28.18 18.14 -126.11
N THR N 180 27.79 17.07 -125.38
CA THR N 180 26.52 16.40 -125.57
C THR N 180 25.58 16.83 -124.46
N LYS N 181 24.33 17.19 -124.81
CA LYS N 181 23.33 17.63 -123.86
C LYS N 181 22.86 16.46 -122.98
N LEU N 182 23.33 16.42 -121.73
CA LEU N 182 22.76 15.50 -120.75
C LEU N 182 21.54 16.18 -120.12
N THR N 183 20.49 15.39 -119.83
CA THR N 183 19.23 15.94 -119.35
C THR N 183 18.55 15.01 -118.35
N GLU N 184 17.74 15.61 -117.48
CA GLU N 184 16.95 14.89 -116.48
C GLU N 184 15.70 15.70 -116.19
N GLY N 185 14.59 15.04 -115.84
CA GLY N 185 13.35 15.76 -115.54
C GLY N 185 12.41 14.96 -114.63
N SER N 186 11.39 15.65 -114.08
CA SER N 186 10.45 15.07 -113.15
C SER N 186 9.14 15.87 -113.09
N ARG N 187 8.02 15.25 -112.68
CA ARG N 187 6.73 15.91 -112.53
C ARG N 187 6.00 15.45 -111.27
N VAL N 188 5.28 16.39 -110.61
CA VAL N 188 4.54 16.13 -109.38
C VAL N 188 3.18 16.84 -109.49
N THR N 189 2.09 16.18 -109.06
CA THR N 189 0.77 16.81 -109.03
C THR N 189 0.68 17.84 -107.89
N ASP N 190 -0.21 18.85 -108.01
CA ASP N 190 -0.44 19.80 -106.93
C ASP N 190 -0.84 19.09 -105.63
N GLU N 191 -1.72 18.08 -105.75
CA GLU N 191 -2.21 17.31 -104.62
C GLU N 191 -1.08 16.57 -103.91
N MET N 192 -0.18 15.92 -104.67
CA MET N 192 0.95 15.21 -104.10
C MET N 192 1.94 16.17 -103.45
N ARG N 193 2.24 17.29 -104.12
CA ARG N 193 3.11 18.33 -103.61
C ARG N 193 2.60 18.87 -102.27
N ASP N 194 1.29 19.07 -102.14
CA ASP N 194 0.68 19.46 -100.88
C ASP N 194 0.79 18.38 -99.80
N GLN N 195 0.43 17.14 -100.10
CA GLN N 195 0.24 16.12 -99.08
C GLN N 195 1.53 15.48 -98.57
N ALA N 196 2.60 15.41 -99.39
CA ALA N 196 3.88 14.85 -98.97
C ALA N 196 4.44 15.53 -97.71
N MET N 197 5.08 14.76 -96.82
CA MET N 197 5.75 15.36 -95.66
C MET N 197 7.10 15.99 -96.02
N VAL N 198 7.77 15.47 -97.06
CA VAL N 198 8.99 16.05 -97.63
C VAL N 198 8.63 17.09 -98.70
N ASP N 199 9.57 18.01 -98.99
CA ASP N 199 9.45 18.89 -100.14
C ASP N 199 9.85 18.13 -101.41
N LEU N 200 8.85 17.69 -102.20
CA LEU N 200 9.11 16.89 -103.39
C LEU N 200 9.79 17.66 -104.50
N ILE N 201 9.59 18.99 -104.60
CA ILE N 201 10.29 19.76 -105.61
C ILE N 201 11.78 19.84 -105.24
N GLU N 202 12.10 20.09 -103.97
CA GLU N 202 13.49 20.10 -103.52
C GLU N 202 14.15 18.73 -103.72
N ARG N 203 13.46 17.63 -103.35
CA ARG N 203 13.92 16.27 -103.62
C ARG N 203 14.26 16.08 -105.10
N ASN N 204 13.38 16.52 -106.00
CA ASN N 204 13.57 16.33 -107.43
C ASN N 204 14.64 17.26 -108.03
N ILE N 205 14.77 18.50 -107.55
CA ILE N 205 15.87 19.38 -107.95
C ILE N 205 17.22 18.74 -107.58
N GLN N 206 17.32 18.18 -106.36
CA GLN N 206 18.51 17.45 -105.94
C GLN N 206 18.76 16.22 -106.82
N ARG N 207 17.73 15.41 -107.13
CA ARG N 207 17.89 14.28 -108.02
C ARG N 207 18.41 14.71 -109.39
N VAL N 208 17.89 15.80 -109.94
CA VAL N 208 18.28 16.33 -111.24
C VAL N 208 19.75 16.75 -111.22
N GLY N 209 20.17 17.56 -110.23
CA GLY N 209 21.56 17.98 -110.09
C GLY N 209 22.52 16.79 -109.93
N ALA N 210 22.16 15.84 -109.07
CA ALA N 210 22.95 14.62 -108.86
C ALA N 210 23.08 13.78 -110.12
N SER N 211 21.99 13.64 -110.88
CA SER N 211 21.93 12.86 -112.11
C SER N 211 22.82 13.46 -113.19
N LEU N 212 22.88 14.80 -113.28
CA LEU N 212 23.79 15.50 -114.16
C LEU N 212 25.25 15.33 -113.72
N GLU N 213 25.58 15.46 -112.43
CA GLU N 213 26.93 15.21 -111.95
C GLU N 213 27.38 13.78 -112.24
N ASN N 214 26.52 12.78 -112.05
CA ASN N 214 26.82 11.40 -112.42
C ASN N 214 27.15 11.30 -113.91
N GLY N 215 26.39 12.00 -114.76
CA GLY N 215 26.64 12.11 -116.19
C GLY N 215 28.02 12.67 -116.52
N ILE N 216 28.41 13.79 -115.90
CA ILE N 216 29.73 14.39 -116.08
C ILE N 216 30.81 13.37 -115.73
N ASN N 217 30.66 12.68 -114.60
CA ASN N 217 31.62 11.70 -114.11
C ASN N 217 31.73 10.48 -115.02
N ARG N 218 30.63 10.02 -115.63
CA ARG N 218 30.68 8.96 -116.63
C ARG N 218 31.49 9.40 -117.85
N VAL N 219 31.24 10.60 -118.36
CA VAL N 219 31.96 11.12 -119.53
C VAL N 219 33.46 11.22 -119.23
N PHE N 220 33.82 11.85 -118.10
CA PHE N 220 35.19 11.97 -117.63
C PHE N 220 35.88 10.61 -117.50
N LEU N 221 35.34 9.69 -116.70
CA LEU N 221 35.99 8.42 -116.43
C LEU N 221 36.13 7.58 -117.69
N THR N 222 35.13 7.61 -118.59
CA THR N 222 35.19 6.86 -119.83
C THR N 222 36.29 7.39 -120.74
N GLU N 223 36.48 8.72 -120.83
CA GLU N 223 37.62 9.28 -121.56
C GLU N 223 38.94 8.86 -120.91
N LEU N 224 39.05 9.09 -119.60
CA LEU N 224 40.27 8.87 -118.85
C LEU N 224 40.80 7.45 -119.03
N VAL N 225 39.93 6.44 -118.89
CA VAL N 225 40.30 5.03 -118.96
C VAL N 225 40.55 4.57 -120.39
N ASP N 226 39.72 4.97 -121.36
CA ASP N 226 39.85 4.47 -122.73
C ASP N 226 41.08 5.01 -123.45
N ASN N 227 41.41 6.30 -123.23
CA ASN N 227 42.33 7.02 -124.11
C ASN N 227 43.70 7.33 -123.48
N ALA N 228 44.02 6.74 -122.32
CA ALA N 228 45.37 6.72 -121.78
C ALA N 228 46.32 5.94 -122.71
N GLN N 229 47.54 6.44 -122.93
CA GLN N 229 48.45 5.91 -123.95
C GLN N 229 49.57 5.03 -123.40
N ASN N 230 49.68 4.94 -122.07
CA ASN N 230 50.62 4.05 -121.39
C ASN N 230 49.87 3.05 -120.51
N ASN N 231 50.51 1.91 -120.17
CA ASN N 231 49.84 0.85 -119.46
C ASN N 231 50.85 0.03 -118.66
N HIS N 232 50.66 -0.07 -117.34
CA HIS N 232 51.39 -1.01 -116.53
C HIS N 232 50.55 -2.28 -116.32
N ASP N 233 50.85 -3.30 -117.13
CA ASP N 233 50.28 -4.62 -116.95
C ASP N 233 50.95 -5.31 -115.75
N THR N 234 50.19 -5.51 -114.66
CA THR N 234 50.70 -6.15 -113.46
C THR N 234 50.89 -7.66 -113.61
N ALA N 235 50.09 -8.30 -114.49
CA ALA N 235 50.06 -9.75 -114.65
C ALA N 235 49.89 -10.48 -113.30
N GLY N 236 48.88 -10.08 -112.50
CA GLY N 236 48.81 -10.47 -111.10
C GLY N 236 49.96 -9.86 -110.30
N SER N 237 50.65 -10.67 -109.49
CA SER N 237 51.90 -10.28 -108.85
C SER N 237 51.82 -9.02 -107.95
N ASN N 238 52.62 -7.98 -108.24
CA ASN N 238 52.90 -6.89 -107.31
C ASN N 238 51.95 -5.71 -107.54
N GLN N 239 50.68 -5.90 -107.20
CA GLN N 239 49.60 -5.01 -107.66
C GLN N 239 49.43 -3.73 -106.83
N GLY N 240 50.10 -3.60 -105.69
CA GLY N 240 49.94 -2.44 -104.81
C GLY N 240 50.81 -1.24 -105.21
N TYR N 241 51.56 -0.69 -104.25
CA TYR N 241 52.49 0.42 -104.47
C TYR N 241 53.44 0.17 -105.64
N GLN N 242 53.93 -1.06 -105.83
CA GLN N 242 54.84 -1.36 -106.93
C GLN N 242 54.20 -1.09 -108.29
N ALA N 243 52.91 -1.40 -108.44
CA ALA N 243 52.18 -1.12 -109.67
C ALA N 243 52.04 0.39 -109.87
N LEU N 244 51.71 1.13 -108.81
CA LEU N 244 51.54 2.57 -108.87
C LEU N 244 52.86 3.27 -109.21
N ASN N 245 53.96 2.89 -108.53
CA ASN N 245 55.32 3.30 -108.87
C ASN N 245 55.64 3.01 -110.34
N SER N 246 55.36 1.78 -110.81
CA SER N 246 55.64 1.39 -112.18
C SER N 246 54.81 2.19 -113.20
N ALA N 247 53.55 2.49 -112.88
CA ALA N 247 52.70 3.31 -113.74
C ALA N 247 53.23 4.74 -113.84
N VAL N 248 53.70 5.34 -112.73
CA VAL N 248 54.40 6.62 -112.79
C VAL N 248 55.63 6.51 -113.69
N GLY N 249 56.42 5.44 -113.53
CA GLY N 249 57.57 5.16 -114.37
C GLY N 249 57.23 5.10 -115.87
N GLU N 250 56.10 4.49 -116.23
CA GLU N 250 55.65 4.42 -117.62
C GLU N 250 55.34 5.81 -118.19
N VAL N 251 54.72 6.70 -117.40
CA VAL N 251 54.47 8.07 -117.84
C VAL N 251 55.77 8.85 -117.95
N ASP N 252 56.68 8.68 -116.98
CA ASP N 252 57.98 9.32 -116.89
C ASP N 252 58.87 8.98 -118.09
N LYS N 253 58.76 7.76 -118.64
CA LYS N 253 59.45 7.33 -119.85
C LYS N 253 58.98 8.09 -121.10
N ASP N 254 57.77 8.68 -121.07
CA ASP N 254 57.28 9.57 -122.11
C ASP N 254 57.40 11.05 -121.70
N ASP N 255 58.20 11.37 -120.69
CA ASP N 255 58.60 12.73 -120.32
C ASP N 255 57.49 13.63 -119.76
N PHE N 256 56.28 13.10 -119.54
CA PHE N 256 55.30 13.76 -118.70
C PHE N 256 55.52 13.42 -117.22
N ARG N 257 54.79 14.07 -116.30
CA ARG N 257 55.00 13.88 -114.88
C ARG N 257 53.65 13.91 -114.16
N PRO N 258 53.04 12.74 -113.85
CA PRO N 258 51.66 12.69 -113.36
C PRO N 258 51.56 13.14 -111.91
N ASP N 259 50.34 13.46 -111.47
CA ASP N 259 50.12 14.03 -110.14
C ASP N 259 48.84 13.53 -109.47
N THR N 260 48.05 12.70 -110.16
CA THR N 260 46.71 12.32 -109.73
C THR N 260 46.47 10.85 -110.07
N TYR N 261 45.66 10.15 -109.26
CA TYR N 261 45.19 8.83 -109.67
C TYR N 261 43.72 8.61 -109.35
N VAL N 262 43.04 7.98 -110.32
CA VAL N 262 41.63 7.61 -110.26
C VAL N 262 41.56 6.09 -110.14
N THR N 263 40.71 5.59 -109.25
CA THR N 263 40.84 4.22 -108.76
C THR N 263 39.50 3.52 -108.62
N HIS N 264 39.42 2.25 -109.05
CA HIS N 264 38.28 1.35 -108.88
C HIS N 264 38.25 0.74 -107.47
N PRO N 265 37.07 0.41 -106.87
CA PRO N 265 36.99 -0.23 -105.56
C PRO N 265 37.81 -1.51 -105.37
N ASP N 266 37.94 -2.34 -106.41
CA ASP N 266 38.76 -3.53 -106.35
C ASP N 266 40.24 -3.17 -106.23
N TYR N 267 40.70 -2.17 -106.99
CA TYR N 267 42.07 -1.70 -106.89
C TYR N 267 42.35 -1.14 -105.48
N ARG N 268 41.46 -0.28 -104.95
CA ARG N 268 41.60 0.25 -103.60
C ARG N 268 41.77 -0.88 -102.58
N THR N 269 40.98 -1.94 -102.72
CA THR N 269 41.05 -3.09 -101.82
C THR N 269 42.43 -3.74 -101.87
N GLN N 270 42.97 -4.01 -103.06
CA GLN N 270 44.31 -4.55 -103.22
C GLN N 270 45.37 -3.60 -102.64
N LEU N 271 45.25 -2.29 -102.88
CA LEU N 271 46.21 -1.30 -102.43
C LEU N 271 46.32 -1.28 -100.90
N PHE N 272 45.20 -1.35 -100.19
CA PHE N 272 45.22 -1.34 -98.73
C PHE N 272 45.55 -2.69 -98.09
N ASN N 273 45.60 -3.77 -98.89
CA ASN N 273 46.17 -5.05 -98.49
C ASN N 273 47.70 -5.07 -98.63
N ASP N 274 48.30 -4.11 -99.36
CA ASP N 274 49.73 -4.09 -99.58
C ASP N 274 50.47 -3.88 -98.26
N THR N 275 51.34 -4.83 -97.91
CA THR N 275 52.24 -4.75 -96.75
C THR N 275 52.92 -3.39 -96.60
N ASN N 276 53.33 -2.76 -97.70
CA ASN N 276 54.02 -1.48 -97.66
C ASN N 276 53.15 -0.33 -97.13
N LEU N 277 51.84 -0.41 -97.31
CA LEU N 277 50.89 0.55 -96.78
C LEU N 277 50.29 0.07 -95.47
N ALA N 278 49.98 -1.24 -95.36
CA ALA N 278 49.25 -1.82 -94.25
C ALA N 278 50.09 -1.82 -92.96
N TYR N 279 51.37 -2.20 -93.04
CA TYR N 279 52.22 -2.25 -91.85
C TYR N 279 52.73 -0.84 -91.54
N ALA N 280 52.44 -0.35 -90.32
CA ALA N 280 52.71 1.02 -89.94
C ALA N 280 54.18 1.41 -90.11
N ASN N 281 55.11 0.53 -89.72
CA ASN N 281 56.54 0.76 -89.89
C ASN N 281 56.95 0.89 -91.36
N ARG N 282 56.38 0.07 -92.24
CA ARG N 282 56.67 0.13 -93.67
C ARG N 282 56.21 1.49 -94.23
N ALA N 283 55.02 1.95 -93.83
CA ALA N 283 54.41 3.18 -94.32
C ALA N 283 54.93 4.44 -93.62
N GLY N 284 55.58 4.31 -92.44
CA GLY N 284 55.94 5.43 -91.60
C GLY N 284 54.78 6.03 -90.81
N THR N 285 53.59 5.41 -90.88
CA THR N 285 52.38 5.81 -90.18
C THR N 285 51.37 4.66 -90.17
N ASN N 286 50.53 4.57 -89.12
CA ASN N 286 49.47 3.57 -89.07
C ASN N 286 48.16 4.03 -89.70
N GLU N 287 48.09 5.25 -90.25
CA GLU N 287 46.79 5.81 -90.63
C GLU N 287 46.12 5.16 -91.83
N VAL N 288 46.85 4.41 -92.69
CA VAL N 288 46.19 3.58 -93.70
C VAL N 288 45.50 2.38 -93.07
N LEU N 289 46.15 1.73 -92.09
CA LEU N 289 45.56 0.65 -91.30
C LEU N 289 44.31 1.16 -90.57
N ARG N 290 44.38 2.37 -89.99
CA ARG N 290 43.27 2.94 -89.23
C ARG N 290 42.15 3.47 -90.12
N ASN N 291 42.44 4.41 -91.02
CA ASN N 291 41.43 5.19 -91.72
C ASN N 291 41.27 4.87 -93.21
N ARG N 292 42.01 3.88 -93.73
CA ARG N 292 41.82 3.37 -95.09
C ARG N 292 41.98 4.49 -96.14
N GLU N 293 40.99 4.72 -97.01
CA GLU N 293 41.09 5.70 -98.09
C GLU N 293 41.19 7.14 -97.58
N ASP N 294 40.77 7.39 -96.35
CA ASP N 294 40.74 8.72 -95.73
C ASP N 294 42.10 9.12 -95.14
N ALA N 295 43.07 8.20 -95.15
CA ALA N 295 44.43 8.43 -94.67
C ALA N 295 45.18 9.42 -95.57
N PRO N 296 45.87 10.46 -95.03
CA PRO N 296 46.65 11.40 -95.83
C PRO N 296 47.62 10.79 -96.82
N ILE N 297 48.30 9.69 -96.45
CA ILE N 297 49.28 9.03 -97.31
C ILE N 297 48.63 8.51 -98.61
N VAL N 298 47.36 8.12 -98.59
CA VAL N 298 46.67 7.63 -99.78
C VAL N 298 46.53 8.74 -100.82
N GLY N 299 46.34 9.98 -100.39
CA GLY N 299 46.36 11.14 -101.28
C GLY N 299 47.76 11.64 -101.64
N ASP N 300 48.82 10.90 -101.28
CA ASP N 300 50.20 11.35 -101.36
C ASP N 300 51.13 10.17 -101.70
N ILE N 301 50.69 9.18 -102.49
CA ILE N 301 51.56 8.04 -102.85
C ILE N 301 52.42 8.40 -104.07
N ALA N 302 53.70 7.97 -104.09
CA ALA N 302 54.51 7.89 -105.31
C ALA N 302 54.61 9.20 -106.10
N GLY N 303 54.66 10.34 -105.42
CA GLY N 303 54.82 11.64 -106.07
C GLY N 303 53.52 12.22 -106.63
N LEU N 304 52.43 11.45 -106.53
CA LEU N 304 51.08 11.96 -106.77
C LEU N 304 50.63 12.73 -105.54
N ASP N 305 49.80 13.76 -105.73
CA ASP N 305 49.32 14.61 -104.65
C ASP N 305 47.78 14.71 -104.62
N MET N 306 47.09 13.84 -105.37
CA MET N 306 45.64 13.72 -105.32
C MET N 306 45.17 12.31 -105.64
N HIS N 307 44.37 11.72 -104.75
CA HIS N 307 43.63 10.51 -105.03
C HIS N 307 42.18 10.87 -105.31
N ALA N 308 41.62 10.33 -106.40
CA ALA N 308 40.26 10.58 -106.83
C ALA N 308 39.51 9.24 -106.88
N ALA N 309 39.02 8.79 -105.71
CA ALA N 309 38.33 7.51 -105.62
C ALA N 309 37.02 7.54 -106.42
N MET N 310 36.80 6.55 -107.30
CA MET N 310 35.58 6.49 -108.10
C MET N 310 34.78 5.22 -107.86
N SER N 311 33.49 5.30 -108.17
CA SER N 311 32.53 4.20 -108.06
C SER N 311 32.63 3.25 -109.25
N SER N 312 32.14 2.01 -109.05
CA SER N 312 32.18 0.97 -110.09
C SER N 312 31.19 1.27 -111.23
N ALA N 313 30.00 1.75 -110.88
CA ALA N 313 28.89 1.99 -111.82
C ALA N 313 29.15 3.11 -112.83
N THR N 314 30.17 3.95 -112.60
CA THR N 314 30.34 5.22 -113.29
C THR N 314 30.79 5.03 -114.74
N TYR N 315 31.71 4.10 -115.00
CA TYR N 315 32.24 3.87 -116.34
C TYR N 315 31.14 3.43 -117.31
N ASP N 316 31.23 3.88 -118.55
CA ASP N 316 30.24 3.55 -119.56
C ASP N 316 30.40 2.11 -120.06
N ASP N 317 29.52 1.21 -119.58
CA ASP N 317 29.43 -0.16 -120.08
C ASP N 317 28.69 -0.28 -121.41
N GLY N 318 27.98 0.78 -121.83
CA GLY N 318 27.12 0.73 -123.02
C GLY N 318 25.77 0.04 -122.77
N THR N 319 25.43 -0.25 -121.51
CA THR N 319 24.18 -0.88 -121.15
C THR N 319 23.00 0.09 -121.11
N ASP N 320 23.30 1.40 -121.02
CA ASP N 320 22.29 2.43 -120.73
C ASP N 320 21.90 3.18 -122.01
N ILE N 321 20.62 3.58 -122.11
CA ILE N 321 20.10 4.19 -123.32
C ILE N 321 20.82 5.51 -123.62
N GLY N 322 21.29 5.65 -124.88
CA GLY N 322 22.00 6.85 -125.30
C GLY N 322 23.51 6.80 -125.08
N TRP N 323 24.00 5.82 -124.31
CA TRP N 323 25.43 5.64 -124.05
C TRP N 323 25.97 4.47 -124.89
N SER N 324 27.11 4.70 -125.56
CA SER N 324 27.66 3.76 -126.53
C SER N 324 28.64 2.74 -125.94
N GLY N 325 29.12 2.96 -124.71
CA GLY N 325 30.09 2.08 -124.06
C GLY N 325 31.54 2.39 -124.42
N GLY N 326 32.43 2.26 -123.43
CA GLY N 326 33.87 2.39 -123.63
C GLY N 326 34.54 1.11 -124.14
N SER N 327 35.86 1.20 -124.44
CA SER N 327 36.64 0.14 -125.04
C SER N 327 37.22 -0.87 -124.03
N GLU N 328 37.30 -0.48 -122.74
CA GLU N 328 37.97 -1.24 -121.69
C GLU N 328 36.98 -1.96 -120.76
N THR N 329 37.52 -2.67 -119.76
CA THR N 329 36.74 -3.08 -118.60
C THR N 329 37.25 -2.31 -117.39
N TRP N 330 36.39 -1.48 -116.79
CA TRP N 330 36.69 -0.81 -115.54
C TRP N 330 36.43 -1.78 -114.40
N GLY N 331 37.50 -2.23 -113.74
CA GLY N 331 37.46 -3.26 -112.72
C GLY N 331 38.88 -3.63 -112.30
N PHE N 332 39.02 -4.54 -111.34
CA PHE N 332 40.37 -5.02 -111.02
C PHE N 332 40.32 -6.40 -110.38
N SER N 333 39.72 -7.37 -111.09
CA SER N 333 39.52 -8.69 -110.51
C SER N 333 39.55 -9.83 -111.53
N SER N 334 39.86 -9.52 -112.79
CA SER N 334 40.06 -10.54 -113.83
C SER N 334 41.09 -10.06 -114.85
N ASP N 335 41.75 -11.01 -115.51
CA ASP N 335 42.83 -10.79 -116.47
C ASP N 335 42.45 -9.72 -117.50
N GLY N 336 43.15 -8.58 -117.51
CA GLY N 336 42.96 -7.53 -118.49
C GLY N 336 42.11 -6.34 -118.02
N ASP N 337 41.49 -6.39 -116.83
CA ASP N 337 40.76 -5.23 -116.30
C ASP N 337 41.68 -4.05 -116.04
N LYS N 338 41.20 -2.82 -116.29
CA LYS N 338 41.90 -1.60 -115.94
C LYS N 338 41.29 -1.08 -114.64
N GLY N 339 42.11 -0.96 -113.58
CA GLY N 339 41.62 -0.69 -112.24
C GLY N 339 42.05 0.64 -111.63
N ALA N 340 43.07 1.26 -112.20
CA ALA N 340 43.47 2.60 -111.82
C ALA N 340 44.02 3.33 -113.05
N VAL N 341 43.95 4.67 -113.02
CA VAL N 341 44.65 5.50 -113.99
C VAL N 341 45.52 6.47 -113.19
N VAL N 342 46.82 6.52 -113.52
CA VAL N 342 47.77 7.45 -112.94
C VAL N 342 48.06 8.50 -114.03
N TYR N 343 47.87 9.79 -113.73
CA TYR N 343 47.84 10.79 -114.80
C TYR N 343 48.14 12.21 -114.31
N ASP N 344 48.42 13.09 -115.28
CA ASP N 344 48.55 14.52 -115.06
C ASP N 344 47.18 15.20 -115.20
N ARG N 345 46.70 15.79 -114.10
CA ARG N 345 45.39 16.43 -113.95
C ARG N 345 45.14 17.56 -114.96
N ASP N 346 46.19 18.23 -115.43
CA ASP N 346 46.08 19.38 -116.31
C ASP N 346 46.00 19.00 -117.79
N ASN N 347 46.24 17.71 -118.10
CA ASN N 347 46.32 17.22 -119.47
C ASN N 347 45.05 16.48 -119.91
N ILE N 348 44.01 16.45 -119.05
CA ILE N 348 42.67 16.00 -119.41
C ILE N 348 41.65 17.07 -119.00
N HIS N 349 40.73 17.36 -119.91
CA HIS N 349 39.81 18.48 -119.79
C HIS N 349 38.37 17.99 -119.80
N THR N 350 37.60 18.36 -118.78
CA THR N 350 36.15 18.27 -118.84
C THR N 350 35.64 19.57 -119.43
N ILE N 351 35.01 19.51 -120.61
CA ILE N 351 34.51 20.69 -121.28
C ILE N 351 33.02 20.80 -121.01
N LEU N 352 32.62 21.89 -120.36
CA LEU N 352 31.23 22.16 -120.02
C LEU N 352 30.72 23.34 -120.85
N TYR N 353 29.52 23.18 -121.44
CA TYR N 353 28.85 24.25 -122.17
C TYR N 353 27.42 24.40 -121.65
N ALA N 354 27.00 25.66 -121.46
CA ALA N 354 25.60 25.97 -121.17
C ALA N 354 25.22 27.27 -121.86
N PRO N 355 24.03 27.39 -122.50
CA PRO N 355 23.67 28.59 -123.23
C PRO N 355 23.36 29.79 -122.32
N ASN N 356 22.77 29.54 -121.13
CA ASN N 356 22.20 30.60 -120.31
C ASN N 356 23.02 30.91 -119.05
N GLY N 357 24.24 30.37 -118.97
CA GLY N 357 25.11 30.59 -117.82
C GLY N 357 26.45 29.86 -117.95
N GLN N 358 27.05 29.51 -116.81
CA GLN N 358 28.37 28.88 -116.76
C GLN N 358 28.28 27.36 -116.59
N ASP N 359 27.15 26.86 -116.06
CA ASP N 359 27.06 25.53 -115.47
C ASP N 359 25.63 24.95 -115.60
N VAL N 360 25.31 23.88 -114.85
CA VAL N 360 24.00 23.22 -114.81
C VAL N 360 22.87 24.24 -114.72
N GLU N 361 21.92 24.13 -115.65
CA GLU N 361 20.72 24.97 -115.62
C GLU N 361 19.50 24.12 -115.29
N ILE N 362 18.81 24.53 -114.21
CA ILE N 362 17.57 23.91 -113.80
C ILE N 362 16.41 24.88 -114.05
N LYS N 363 15.34 24.35 -114.67
CA LYS N 363 14.13 25.09 -114.99
C LYS N 363 12.93 24.38 -114.37
N ASP N 364 11.89 25.16 -114.08
CA ASP N 364 10.63 24.62 -113.61
C ASP N 364 9.47 25.25 -114.38
N TYR N 365 8.33 24.55 -114.38
CA TYR N 365 7.13 25.01 -115.03
C TYR N 365 5.90 24.46 -114.32
N GLU N 366 4.76 25.14 -114.51
CA GLU N 366 3.51 24.71 -113.90
C GLU N 366 2.43 24.64 -114.98
N ASP N 367 1.63 23.58 -114.91
CA ASP N 367 0.59 23.31 -115.88
C ASP N 367 -0.76 23.66 -115.26
N PRO N 368 -1.41 24.78 -115.66
CA PRO N 368 -2.68 25.19 -115.07
C PRO N 368 -3.89 24.38 -115.56
N ILE N 369 -3.73 23.59 -116.63
CA ILE N 369 -4.78 22.74 -117.18
C ILE N 369 -4.85 21.39 -116.45
N ARG N 370 -3.72 20.94 -115.89
CA ARG N 370 -3.60 19.61 -115.29
C ARG N 370 -3.20 19.65 -113.80
N ASP N 371 -2.78 20.82 -113.30
CA ASP N 371 -2.28 20.99 -111.93
C ASP N 371 -1.06 20.12 -111.65
N ILE N 372 -0.03 20.28 -112.50
CA ILE N 372 1.23 19.58 -112.37
C ILE N 372 2.38 20.59 -112.35
N THR N 373 3.37 20.40 -111.46
CA THR N 373 4.62 21.13 -111.52
C THR N 373 5.69 20.20 -112.08
N GLY N 374 6.47 20.69 -113.05
CA GLY N 374 7.61 19.94 -113.59
C GLY N 374 8.93 20.64 -113.30
N VAL N 375 10.02 19.85 -113.24
CA VAL N 375 11.38 20.34 -113.05
C VAL N 375 12.28 19.63 -114.05
N ASN N 376 13.14 20.38 -114.74
CA ASN N 376 14.06 19.86 -115.74
C ASN N 376 15.47 20.38 -115.45
N GLY N 377 16.50 19.57 -115.72
CA GLY N 377 17.88 20.04 -115.72
C GLY N 377 18.60 19.67 -117.01
N ARG N 378 19.60 20.48 -117.37
CA ARG N 378 20.41 20.25 -118.57
C ARG N 378 21.84 20.74 -118.32
N LEU N 379 22.78 20.13 -119.03
CA LEU N 379 24.13 20.63 -119.21
C LEU N 379 24.69 19.98 -120.47
N HIS N 380 25.60 20.63 -121.18
CA HIS N 380 26.33 19.96 -122.24
C HIS N 380 27.74 19.64 -121.74
N VAL N 381 28.21 18.41 -121.98
CA VAL N 381 29.52 17.99 -121.50
C VAL N 381 30.26 17.13 -122.52
N ASP N 382 31.59 17.30 -122.57
CA ASP N 382 32.53 16.39 -123.20
C ASP N 382 33.77 16.26 -122.31
N CYS N 383 34.59 15.22 -122.52
CA CYS N 383 35.88 15.15 -121.86
C CYS N 383 36.94 14.67 -122.86
N GLN N 384 38.12 15.34 -122.86
CA GLN N 384 39.18 15.06 -123.82
C GLN N 384 40.55 15.16 -123.16
N TYR N 385 41.45 14.21 -123.47
CA TYR N 385 42.88 14.41 -123.22
C TYR N 385 43.49 15.36 -124.24
N SER N 386 44.40 16.25 -123.78
CA SER N 386 45.37 16.91 -124.65
C SER N 386 46.53 15.97 -125.00
N GLN N 387 47.10 15.36 -123.95
CA GLN N 387 48.23 14.45 -124.07
C GLN N 387 47.92 13.15 -123.33
N GLY N 388 47.38 12.16 -124.05
CA GLY N 388 47.09 10.86 -123.46
C GLY N 388 48.34 10.10 -123.00
N ARG N 389 49.53 10.52 -123.45
CA ARG N 389 50.81 10.01 -122.96
C ARG N 389 51.09 10.43 -121.52
N SER N 390 50.45 11.49 -121.03
CA SER N 390 50.60 11.92 -119.64
C SER N 390 49.85 11.03 -118.63
N SER N 391 49.30 9.89 -119.08
CA SER N 391 48.55 8.98 -118.23
C SER N 391 48.88 7.51 -118.54
N ALA N 392 48.77 6.68 -117.50
CA ALA N 392 48.92 5.24 -117.61
C ALA N 392 47.81 4.52 -116.86
N THR N 393 47.20 3.49 -117.48
CA THR N 393 46.32 2.58 -116.75
C THR N 393 47.15 1.53 -116.01
N VAL N 394 46.62 1.06 -114.88
CA VAL N 394 47.13 -0.12 -114.20
C VAL N 394 46.21 -1.28 -114.56
N GLN N 395 46.79 -2.38 -115.06
CA GLN N 395 46.04 -3.51 -115.59
C GLN N 395 46.27 -4.76 -114.76
N TYR N 396 45.19 -5.53 -114.51
CA TYR N 396 45.21 -6.79 -113.78
C TYR N 396 45.79 -7.94 -114.63
N GLU O 115 27.45 -15.99 -35.13
CA GLU O 115 27.46 -16.65 -36.49
C GLU O 115 26.42 -16.00 -37.41
N GLN O 116 26.83 -15.75 -38.67
CA GLN O 116 25.95 -15.26 -39.73
C GLN O 116 26.37 -15.91 -41.07
N LEU O 117 25.40 -16.13 -41.99
CA LEU O 117 25.69 -16.73 -43.30
C LEU O 117 26.58 -15.81 -44.15
N LEU O 118 27.20 -16.40 -45.20
CA LEU O 118 27.64 -15.62 -46.34
C LEU O 118 26.40 -15.12 -47.11
N GLU O 119 25.97 -13.90 -46.78
CA GLU O 119 24.84 -13.26 -47.43
C GLU O 119 25.25 -12.67 -48.79
N VAL O 120 25.71 -13.55 -49.69
CA VAL O 120 26.18 -13.18 -51.03
C VAL O 120 25.64 -14.17 -52.07
N VAL O 121 25.55 -13.72 -53.32
CA VAL O 121 25.20 -14.58 -54.44
C VAL O 121 26.20 -14.33 -55.56
N MET O 122 26.80 -15.39 -56.08
CA MET O 122 27.72 -15.24 -57.20
C MET O 122 26.94 -15.15 -58.51
N GLU O 123 27.33 -14.20 -59.38
CA GLU O 123 26.66 -14.00 -60.65
C GLU O 123 26.91 -15.14 -61.63
N GLY O 124 25.95 -15.37 -62.53
CA GLY O 124 26.18 -16.21 -63.70
C GLY O 124 26.89 -15.45 -64.82
N ARG O 125 26.96 -16.10 -66.00
CA ARG O 125 27.43 -15.50 -67.24
C ARG O 125 26.58 -14.27 -67.60
N GLU O 126 27.25 -13.19 -68.02
CA GLU O 126 26.58 -11.99 -68.50
C GLU O 126 26.95 -11.69 -69.96
N LEU O 127 25.93 -11.57 -70.83
CA LEU O 127 26.15 -11.39 -72.26
C LEU O 127 26.45 -9.92 -72.59
N ARG O 128 27.12 -9.71 -73.73
CA ARG O 128 27.50 -8.39 -74.22
C ARG O 128 26.31 -7.70 -74.88
N LYS O 129 26.07 -6.45 -74.47
CA LYS O 129 24.91 -5.66 -74.88
C LYS O 129 25.41 -4.42 -75.62
N VAL O 130 25.12 -4.31 -76.93
CA VAL O 130 25.73 -3.29 -77.79
C VAL O 130 24.78 -2.70 -78.84
N ALA O 131 23.67 -3.38 -79.18
CA ALA O 131 22.76 -3.00 -80.28
C ALA O 131 22.31 -1.54 -80.23
N ARG O 132 22.03 -1.06 -79.01
CA ARG O 132 21.53 0.27 -78.70
C ARG O 132 22.55 1.38 -79.02
N GLU O 133 23.85 1.03 -79.08
CA GLU O 133 24.94 1.92 -79.50
C GLU O 133 25.34 1.65 -80.95
N ALA O 134 25.27 0.39 -81.39
CA ALA O 134 25.80 -0.10 -82.66
C ALA O 134 24.80 -0.02 -83.83
N SER O 135 23.70 0.74 -83.69
CA SER O 135 22.70 0.92 -84.73
C SER O 135 21.96 2.24 -84.54
N ASN O 136 21.20 2.68 -85.55
CA ASN O 136 20.32 3.82 -85.37
C ASN O 136 19.09 3.42 -84.56
N VAL O 137 18.90 3.98 -83.35
CA VAL O 137 17.72 3.64 -82.55
C VAL O 137 16.58 4.63 -82.81
N ILE O 138 15.41 4.10 -83.21
CA ILE O 138 14.18 4.85 -83.35
C ILE O 138 13.28 4.55 -82.16
N ASN O 139 12.89 5.57 -81.40
CA ASN O 139 11.83 5.42 -80.41
C ASN O 139 10.49 5.68 -81.09
N ALA O 140 9.84 4.62 -81.58
CA ALA O 140 8.61 4.74 -82.36
C ALA O 140 7.42 5.17 -81.50
N ASN O 141 6.51 5.94 -82.13
CA ASN O 141 5.23 6.30 -81.53
C ASN O 141 4.20 5.17 -81.68
N THR O 142 4.40 4.27 -82.66
CA THR O 142 3.49 3.16 -82.90
C THR O 142 4.25 1.84 -83.09
N ARG O 143 3.63 0.75 -82.63
CA ARG O 143 4.17 -0.61 -82.68
C ARG O 143 4.47 -1.05 -84.10
N VAL O 144 3.74 -0.49 -85.07
CA VAL O 144 3.88 -0.75 -86.49
C VAL O 144 4.05 0.58 -87.21
N GLY O 145 4.86 0.59 -88.28
CA GLY O 145 5.21 1.83 -88.93
C GLY O 145 6.05 1.64 -90.19
N ASP O 146 6.47 2.75 -90.79
CA ASP O 146 7.23 2.74 -92.04
C ASP O 146 8.33 3.79 -92.05
N VAL O 147 9.48 3.43 -92.63
CA VAL O 147 10.53 4.36 -92.99
C VAL O 147 10.47 4.57 -94.50
N PRO O 148 10.28 5.80 -95.01
CA PRO O 148 10.34 6.05 -96.45
C PRO O 148 11.77 5.98 -96.98
N ILE O 149 11.93 5.30 -98.12
CA ILE O 149 13.20 5.11 -98.81
C ILE O 149 13.08 5.75 -100.20
N ALA O 150 14.07 6.57 -100.58
CA ALA O 150 14.18 7.09 -101.94
C ALA O 150 14.93 6.12 -102.85
N SER O 151 14.59 6.13 -104.15
CA SER O 151 15.28 5.34 -105.17
C SER O 151 16.73 5.80 -105.36
N ASP O 152 17.60 4.91 -105.86
CA ASP O 152 19.00 5.21 -106.14
C ASP O 152 19.19 6.36 -107.13
N GLU O 153 20.39 6.96 -107.12
CA GLU O 153 20.81 7.90 -108.14
C GLU O 153 20.93 7.23 -109.51
N GLU O 154 20.61 8.00 -110.56
CA GLU O 154 20.74 7.59 -111.95
C GLU O 154 21.69 8.53 -112.71
N PHE O 155 21.79 8.32 -114.03
CA PHE O 155 22.59 9.15 -114.93
C PHE O 155 21.69 9.91 -115.91
N ALA O 156 21.96 11.21 -116.07
CA ALA O 156 21.22 12.06 -116.99
C ALA O 156 21.35 11.54 -118.44
N ARG O 157 20.24 11.51 -119.21
CA ARG O 157 20.24 10.99 -120.57
C ARG O 157 20.90 11.97 -121.54
N PRO O 158 21.78 11.50 -122.47
CA PRO O 158 22.18 12.32 -123.61
C PRO O 158 21.01 12.46 -124.58
N THR O 159 20.80 13.69 -125.09
CA THR O 159 19.68 13.99 -125.98
C THR O 159 20.03 15.11 -126.98
N GLY O 160 19.25 15.21 -128.07
CA GLY O 160 19.48 16.22 -129.11
C GLY O 160 18.88 17.59 -128.76
N GLN O 161 19.29 18.62 -129.52
CA GLN O 161 18.69 19.95 -129.40
C GLN O 161 17.20 19.92 -129.77
N GLY O 162 16.38 20.64 -128.99
CA GLY O 162 14.95 20.78 -129.30
C GLY O 162 14.10 19.58 -128.89
N ALA O 163 14.71 18.44 -128.54
CA ALA O 163 13.98 17.26 -128.10
C ALA O 163 13.36 17.49 -126.72
N GLU O 164 12.22 16.83 -126.46
CA GLU O 164 11.57 16.86 -125.15
C GLU O 164 12.46 16.22 -124.08
N ILE O 165 12.54 16.87 -122.90
CA ILE O 165 13.19 16.27 -121.74
C ILE O 165 12.29 15.15 -121.20
N ARG O 166 12.73 13.89 -121.33
CA ARG O 166 11.96 12.78 -120.77
C ARG O 166 12.12 12.77 -119.26
N ASP O 167 11.00 12.54 -118.55
CA ASP O 167 10.96 12.52 -117.10
C ASP O 167 11.26 11.14 -116.53
N ASP O 168 12.05 11.14 -115.44
CA ASP O 168 12.49 9.95 -114.73
C ASP O 168 12.74 10.37 -113.28
N GLY O 169 11.66 10.79 -112.63
CA GLY O 169 11.72 11.41 -111.31
C GLY O 169 12.06 10.45 -110.17
N GLU O 170 12.20 11.02 -108.96
CA GLU O 170 12.25 10.26 -107.72
C GLU O 170 11.08 9.28 -107.67
N THR O 171 11.35 8.06 -107.18
CA THR O 171 10.32 7.14 -106.75
C THR O 171 10.65 6.63 -105.36
N TYR O 172 9.63 6.13 -104.65
CA TYR O 172 9.73 5.84 -103.22
C TYR O 172 9.14 4.48 -102.88
N THR O 173 9.62 3.92 -101.76
CA THR O 173 9.15 2.67 -101.18
C THR O 173 9.33 2.77 -99.67
N THR O 174 8.84 1.79 -98.87
CA THR O 174 9.07 1.85 -97.44
C THR O 174 9.71 0.57 -96.91
N VAL O 175 10.51 0.73 -95.85
CA VAL O 175 10.85 -0.36 -94.96
C VAL O 175 9.86 -0.33 -93.81
N ALA O 176 9.02 -1.37 -93.70
CA ALA O 176 8.04 -1.46 -92.62
C ALA O 176 8.70 -2.01 -91.35
N TRP O 177 8.25 -1.55 -90.17
CA TRP O 177 8.56 -2.23 -88.92
C TRP O 177 7.30 -2.78 -88.26
N ASN O 178 7.43 -3.97 -87.66
CA ASN O 178 6.42 -4.58 -86.81
C ASN O 178 7.11 -4.98 -85.52
N ALA O 179 7.14 -4.08 -84.53
CA ALA O 179 7.83 -4.35 -83.27
C ALA O 179 7.09 -5.45 -82.51
N THR O 180 7.82 -6.49 -82.09
CA THR O 180 7.23 -7.63 -81.40
C THR O 180 7.55 -7.51 -79.91
N LYS O 181 6.54 -7.73 -79.05
CA LYS O 181 6.77 -7.67 -77.62
C LYS O 181 7.67 -8.82 -77.17
N LEU O 182 8.86 -8.48 -76.68
CA LEU O 182 9.66 -9.41 -75.91
C LEU O 182 9.21 -9.31 -74.45
N THR O 183 9.07 -10.45 -73.76
CA THR O 183 8.68 -10.42 -72.36
C THR O 183 9.47 -11.45 -71.57
N GLU O 184 9.66 -11.16 -70.28
CA GLU O 184 10.24 -12.09 -69.33
C GLU O 184 9.56 -11.82 -67.98
N GLY O 185 9.37 -12.85 -67.15
CA GLY O 185 8.80 -12.62 -65.84
C GLY O 185 9.14 -13.72 -64.85
N SER O 186 8.78 -13.49 -63.59
CA SER O 186 8.88 -14.50 -62.55
C SER O 186 7.84 -14.26 -61.46
N ARG O 187 7.48 -15.34 -60.75
CA ARG O 187 6.56 -15.29 -59.62
C ARG O 187 7.13 -16.12 -58.48
N VAL O 188 7.02 -15.59 -57.26
CA VAL O 188 7.50 -16.23 -56.03
C VAL O 188 6.39 -16.13 -54.97
N THR O 189 6.34 -17.09 -54.04
CA THR O 189 5.43 -16.95 -52.91
C THR O 189 5.97 -15.93 -51.92
N ASP O 190 5.09 -15.30 -51.14
CA ASP O 190 5.51 -14.31 -50.16
C ASP O 190 6.39 -14.89 -49.05
N GLU O 191 6.20 -16.17 -48.70
CA GLU O 191 7.10 -16.85 -47.79
C GLU O 191 8.55 -16.83 -48.28
N MET O 192 8.75 -17.06 -49.59
CA MET O 192 10.09 -17.05 -50.17
C MET O 192 10.70 -15.64 -50.15
N ARG O 193 9.92 -14.59 -50.43
CA ARG O 193 10.43 -13.22 -50.33
C ARG O 193 10.95 -12.91 -48.92
N ASP O 194 10.18 -13.29 -47.90
CA ASP O 194 10.47 -12.92 -46.52
C ASP O 194 11.71 -13.63 -45.98
N GLN O 195 11.97 -14.86 -46.44
CA GLN O 195 13.03 -15.73 -45.92
C GLN O 195 14.29 -15.76 -46.79
N ALA O 196 14.34 -14.98 -47.88
CA ALA O 196 15.48 -14.95 -48.79
C ALA O 196 16.75 -14.35 -48.15
N MET O 197 17.90 -14.89 -48.53
CA MET O 197 19.23 -14.44 -48.13
C MET O 197 19.55 -13.03 -48.65
N VAL O 198 19.00 -12.67 -49.82
CA VAL O 198 19.14 -11.38 -50.47
C VAL O 198 17.80 -10.96 -51.06
N ASP O 199 17.66 -9.69 -51.45
CA ASP O 199 16.42 -9.20 -52.04
C ASP O 199 16.10 -9.90 -53.37
N LEU O 200 15.14 -10.85 -53.33
CA LEU O 200 14.72 -11.61 -54.50
C LEU O 200 14.05 -10.74 -55.56
N ILE O 201 13.35 -9.69 -55.15
CA ILE O 201 12.69 -8.82 -56.11
C ILE O 201 13.74 -8.02 -56.86
N GLU O 202 14.72 -7.44 -56.17
CA GLU O 202 15.82 -6.75 -56.82
C GLU O 202 16.55 -7.68 -57.80
N ARG O 203 16.90 -8.89 -57.38
CA ARG O 203 17.57 -9.85 -58.24
C ARG O 203 16.76 -10.23 -59.48
N ASN O 204 15.45 -10.44 -59.32
CA ASN O 204 14.58 -10.73 -60.45
C ASN O 204 14.38 -9.52 -61.37
N ILE O 205 14.30 -8.30 -60.84
CA ILE O 205 14.26 -7.08 -61.63
C ILE O 205 15.49 -7.00 -62.52
N GLN O 206 16.69 -7.24 -61.96
CA GLN O 206 17.92 -7.24 -62.73
C GLN O 206 17.92 -8.30 -63.82
N ARG O 207 17.48 -9.52 -63.52
CA ARG O 207 17.39 -10.61 -64.49
C ARG O 207 16.42 -10.30 -65.63
N VAL O 208 15.26 -9.71 -65.31
CA VAL O 208 14.25 -9.34 -66.28
C VAL O 208 14.78 -8.26 -67.22
N GLY O 209 15.37 -7.19 -66.68
CA GLY O 209 16.02 -6.15 -67.47
C GLY O 209 17.11 -6.69 -68.38
N ALA O 210 17.98 -7.55 -67.85
CA ALA O 210 19.04 -8.20 -68.63
C ALA O 210 18.47 -9.06 -69.76
N SER O 211 17.39 -9.81 -69.51
CA SER O 211 16.79 -10.72 -70.47
C SER O 211 16.11 -9.98 -71.63
N LEU O 212 15.57 -8.78 -71.36
CA LEU O 212 15.04 -7.90 -72.41
C LEU O 212 16.18 -7.30 -73.23
N GLU O 213 17.23 -6.76 -72.59
CA GLU O 213 18.38 -6.23 -73.32
C GLU O 213 19.04 -7.30 -74.18
N ASN O 214 19.20 -8.52 -73.67
CA ASN O 214 19.68 -9.65 -74.46
C ASN O 214 18.77 -9.92 -75.65
N GLY O 215 17.45 -9.88 -75.44
CA GLY O 215 16.45 -10.01 -76.49
C GLY O 215 16.60 -8.97 -77.60
N ILE O 216 16.80 -7.68 -77.25
CA ILE O 216 17.06 -6.62 -78.21
C ILE O 216 18.29 -6.97 -79.05
N ASN O 217 19.36 -7.41 -78.41
CA ASN O 217 20.60 -7.75 -79.08
C ASN O 217 20.45 -8.96 -80.01
N ARG O 218 19.58 -9.92 -79.68
CA ARG O 218 19.25 -11.03 -80.57
C ARG O 218 18.46 -10.57 -81.79
N VAL O 219 17.46 -9.71 -81.62
CA VAL O 219 16.67 -9.18 -82.72
C VAL O 219 17.58 -8.40 -83.67
N PHE O 220 18.42 -7.52 -83.11
CA PHE O 220 19.39 -6.74 -83.87
C PHE O 220 20.36 -7.64 -84.63
N LEU O 221 21.07 -8.54 -83.93
CA LEU O 221 22.11 -9.33 -84.57
C LEU O 221 21.56 -10.26 -85.65
N THR O 222 20.36 -10.79 -85.46
CA THR O 222 19.77 -11.70 -86.43
C THR O 222 19.38 -10.96 -87.71
N GLU O 223 18.81 -9.75 -87.62
CA GLU O 223 18.60 -8.92 -88.80
C GLU O 223 19.94 -8.59 -89.46
N LEU O 224 20.90 -8.14 -88.65
CA LEU O 224 22.19 -7.68 -89.15
C LEU O 224 22.92 -8.76 -89.95
N VAL O 225 22.99 -9.98 -89.40
CA VAL O 225 23.69 -11.10 -90.01
C VAL O 225 22.92 -11.70 -91.19
N ASP O 226 21.60 -11.88 -91.08
CA ASP O 226 20.83 -12.56 -92.11
C ASP O 226 20.66 -11.71 -93.38
N ASN O 227 20.45 -10.39 -93.22
CA ASN O 227 19.98 -9.55 -94.32
C ASN O 227 21.03 -8.60 -94.90
N ALA O 228 22.30 -8.72 -94.50
CA ALA O 228 23.41 -8.10 -95.21
C ALA O 228 23.46 -8.63 -96.66
N GLN O 229 23.61 -7.73 -97.65
CA GLN O 229 23.48 -8.09 -99.06
C GLN O 229 24.82 -8.44 -99.73
N ASN O 230 25.94 -8.33 -99.00
CA ASN O 230 27.28 -8.64 -99.51
C ASN O 230 27.98 -9.61 -98.57
N ASN O 231 29.00 -10.31 -99.08
CA ASN O 231 29.73 -11.29 -98.30
C ASN O 231 31.18 -11.35 -98.76
N HIS O 232 32.13 -11.43 -97.81
CA HIS O 232 33.50 -11.79 -98.11
C HIS O 232 33.79 -13.18 -97.56
N ASP O 233 33.94 -14.14 -98.47
CA ASP O 233 34.32 -15.49 -98.12
C ASP O 233 35.85 -15.57 -97.99
N THR O 234 36.35 -15.69 -96.76
CA THR O 234 37.78 -15.77 -96.53
C THR O 234 38.36 -17.09 -97.02
N ALA O 235 37.54 -18.16 -97.06
CA ALA O 235 37.94 -19.52 -97.43
C ALA O 235 39.14 -20.00 -96.60
N GLY O 236 39.02 -19.95 -95.25
CA GLY O 236 40.17 -20.09 -94.37
C GLY O 236 41.13 -18.92 -94.57
N SER O 237 42.44 -19.17 -94.64
CA SER O 237 43.38 -18.20 -95.21
C SER O 237 43.45 -16.85 -94.44
N ASN O 238 43.37 -15.72 -95.16
CA ASN O 238 43.68 -14.38 -94.66
C ASN O 238 42.51 -13.77 -93.87
N GLN O 239 42.33 -14.23 -92.62
CA GLN O 239 41.11 -13.91 -91.86
C GLN O 239 41.20 -12.67 -90.99
N GLY O 240 42.40 -12.08 -90.86
CA GLY O 240 42.63 -10.93 -89.98
C GLY O 240 42.22 -9.59 -90.60
N TYR O 241 43.11 -8.59 -90.52
CA TYR O 241 42.89 -7.27 -91.12
C TYR O 241 42.48 -7.35 -92.61
N GLN O 242 43.09 -8.25 -93.38
CA GLN O 242 42.79 -8.39 -94.80
C GLN O 242 41.31 -8.72 -95.05
N ALA O 243 40.68 -9.50 -94.17
CA ALA O 243 39.26 -9.81 -94.28
C ALA O 243 38.40 -8.58 -94.02
N LEU O 244 38.70 -7.78 -92.99
CA LEU O 244 37.99 -6.54 -92.73
C LEU O 244 38.14 -5.58 -93.92
N ASN O 245 39.37 -5.37 -94.40
CA ASN O 245 39.60 -4.54 -95.57
C ASN O 245 38.83 -5.06 -96.79
N SER O 246 38.82 -6.37 -97.03
CA SER O 246 38.08 -6.98 -98.13
C SER O 246 36.58 -6.75 -98.01
N ALA O 247 36.02 -6.91 -96.80
CA ALA O 247 34.60 -6.70 -96.55
C ALA O 247 34.21 -5.23 -96.73
N VAL O 248 35.06 -4.28 -96.32
CA VAL O 248 34.85 -2.88 -96.65
C VAL O 248 34.82 -2.71 -98.17
N GLY O 249 35.74 -3.36 -98.90
CA GLY O 249 35.75 -3.38 -100.34
C GLY O 249 34.46 -3.92 -100.97
N GLU O 250 33.85 -4.96 -100.38
CA GLU O 250 32.57 -5.48 -100.85
C GLU O 250 31.45 -4.45 -100.71
N VAL O 251 31.38 -3.73 -99.58
CA VAL O 251 30.40 -2.66 -99.40
C VAL O 251 30.68 -1.51 -100.37
N ASP O 252 31.96 -1.14 -100.53
CA ASP O 252 32.41 -0.05 -101.38
C ASP O 252 32.06 -0.30 -102.86
N LYS O 253 32.06 -1.56 -103.32
CA LYS O 253 31.61 -1.91 -104.66
C LYS O 253 30.12 -1.64 -104.89
N ASP O 254 29.31 -1.57 -103.83
CA ASP O 254 27.92 -1.16 -103.92
C ASP O 254 27.73 0.34 -103.63
N ASP O 255 28.83 1.10 -103.50
CA ASP O 255 28.83 2.57 -103.45
C ASP O 255 28.28 3.18 -102.16
N PHE O 256 27.97 2.34 -101.16
CA PHE O 256 27.87 2.77 -99.77
C PHE O 256 29.24 2.76 -99.12
N ARG O 257 29.37 3.29 -97.88
CA ARG O 257 30.56 3.01 -97.08
C ARG O 257 30.22 2.63 -95.64
N PRO O 258 30.86 1.58 -95.07
CA PRO O 258 30.59 1.18 -93.70
C PRO O 258 31.35 2.07 -92.73
N ASP O 259 31.00 1.98 -91.45
CA ASP O 259 31.68 2.72 -90.40
C ASP O 259 31.82 1.91 -89.10
N THR O 260 31.24 0.70 -89.06
CA THR O 260 31.15 -0.10 -87.84
C THR O 260 31.35 -1.57 -88.18
N TYR O 261 31.84 -2.35 -87.22
CA TYR O 261 31.79 -3.80 -87.34
C TYR O 261 31.37 -4.47 -86.05
N VAL O 262 30.62 -5.56 -86.23
CA VAL O 262 30.11 -6.43 -85.19
C VAL O 262 30.88 -7.74 -85.29
N THR O 263 31.29 -8.31 -84.14
CA THR O 263 32.30 -9.37 -84.16
C THR O 263 31.99 -10.50 -83.19
N HIS O 264 32.17 -11.77 -83.63
CA HIS O 264 32.09 -12.96 -82.80
C HIS O 264 33.36 -13.18 -81.98
N PRO O 265 33.34 -13.84 -80.79
CA PRO O 265 34.55 -14.13 -80.01
C PRO O 265 35.67 -14.87 -80.75
N ASP O 266 35.34 -15.81 -81.64
CA ASP O 266 36.33 -16.53 -82.41
C ASP O 266 36.99 -15.63 -83.46
N TYR O 267 36.20 -14.74 -84.07
CA TYR O 267 36.76 -13.76 -85.00
C TYR O 267 37.71 -12.83 -84.24
N ARG O 268 37.30 -12.28 -83.09
CA ARG O 268 38.16 -11.43 -82.27
C ARG O 268 39.49 -12.13 -81.96
N THR O 269 39.43 -13.40 -81.58
CA THR O 269 40.62 -14.17 -81.24
C THR O 269 41.58 -14.29 -82.44
N GLN O 270 41.07 -14.63 -83.64
CA GLN O 270 41.84 -14.63 -84.88
C GLN O 270 42.46 -13.24 -85.14
N LEU O 271 41.64 -12.18 -85.09
CA LEU O 271 42.07 -10.83 -85.40
C LEU O 271 43.23 -10.39 -84.50
N PHE O 272 43.17 -10.65 -83.19
CA PHE O 272 44.23 -10.27 -82.27
C PHE O 272 45.47 -11.17 -82.33
N ASN O 273 45.43 -12.29 -83.06
CA ASN O 273 46.63 -13.04 -83.42
C ASN O 273 47.31 -12.51 -84.68
N ASP O 274 46.65 -11.64 -85.46
CA ASP O 274 47.20 -11.12 -86.72
C ASP O 274 48.46 -10.29 -86.42
N THR O 275 49.60 -10.66 -87.01
CA THR O 275 50.84 -9.93 -86.75
C THR O 275 50.76 -8.45 -87.10
N ASN O 276 49.87 -8.07 -88.02
CA ASN O 276 49.65 -6.67 -88.36
C ASN O 276 49.15 -5.86 -87.16
N LEU O 277 48.39 -6.50 -86.25
CA LEU O 277 47.88 -5.88 -85.03
C LEU O 277 48.74 -6.24 -83.82
N ALA O 278 49.24 -7.48 -83.74
CA ALA O 278 49.94 -7.98 -82.58
C ALA O 278 51.38 -7.46 -82.47
N TYR O 279 52.02 -7.11 -83.59
CA TYR O 279 53.37 -6.54 -83.55
C TYR O 279 53.25 -5.03 -83.51
N ALA O 280 53.80 -4.40 -82.47
CA ALA O 280 53.62 -2.98 -82.21
C ALA O 280 54.10 -2.09 -83.36
N ASN O 281 55.19 -2.47 -84.02
CA ASN O 281 55.71 -1.74 -85.18
C ASN O 281 54.79 -1.86 -86.40
N ARG O 282 54.11 -3.00 -86.59
CA ARG O 282 53.17 -3.15 -87.69
C ARG O 282 51.86 -2.41 -87.41
N ALA O 283 51.41 -2.35 -86.16
CA ALA O 283 50.20 -1.64 -85.76
C ALA O 283 50.41 -0.14 -85.50
N GLY O 284 51.66 0.29 -85.28
CA GLY O 284 51.96 1.66 -84.86
C GLY O 284 51.84 1.91 -83.36
N THR O 285 51.22 0.98 -82.61
CA THR O 285 51.13 1.02 -81.15
C THR O 285 51.13 -0.42 -80.61
N ASN O 286 51.50 -0.60 -79.34
CA ASN O 286 51.39 -1.91 -78.69
C ASN O 286 50.04 -2.14 -78.01
N GLU O 287 49.04 -1.30 -78.29
CA GLU O 287 47.77 -1.34 -77.56
C GLU O 287 47.08 -2.70 -77.66
N VAL O 288 47.05 -3.35 -78.84
CA VAL O 288 46.37 -4.64 -78.97
C VAL O 288 47.08 -5.71 -78.14
N LEU O 289 48.41 -5.73 -78.18
CA LEU O 289 49.21 -6.65 -77.38
C LEU O 289 48.96 -6.45 -75.88
N ARG O 290 48.77 -5.20 -75.42
CA ARG O 290 48.54 -4.91 -74.01
C ARG O 290 47.08 -5.11 -73.59
N ASN O 291 46.16 -4.36 -74.21
CA ASN O 291 44.78 -4.23 -73.75
C ASN O 291 43.76 -4.93 -74.66
N ARG O 292 44.20 -5.70 -75.66
CA ARG O 292 43.34 -6.56 -76.49
C ARG O 292 42.18 -5.78 -77.11
N GLU O 293 40.93 -6.17 -76.84
CA GLU O 293 39.76 -5.51 -77.43
C GLU O 293 39.55 -4.08 -76.93
N ASP O 294 40.11 -3.71 -75.78
CA ASP O 294 40.00 -2.36 -75.22
C ASP O 294 41.00 -1.37 -75.85
N ALA O 295 41.89 -1.85 -76.72
CA ALA O 295 42.81 -1.02 -77.48
C ALA O 295 42.06 -0.06 -78.41
N PRO O 296 42.39 1.25 -78.45
CA PRO O 296 41.68 2.22 -79.28
C PRO O 296 41.69 1.91 -80.78
N ILE O 297 42.78 1.31 -81.30
CA ILE O 297 42.87 0.91 -82.70
C ILE O 297 41.83 -0.14 -83.08
N VAL O 298 41.35 -0.97 -82.14
CA VAL O 298 40.36 -2.00 -82.47
C VAL O 298 39.03 -1.34 -82.88
N GLY O 299 38.75 -0.15 -82.35
CA GLY O 299 37.62 0.67 -82.78
C GLY O 299 37.97 1.74 -83.82
N ASP O 300 39.15 1.64 -84.48
CA ASP O 300 39.62 2.61 -85.46
C ASP O 300 40.49 1.89 -86.48
N ILE O 301 39.85 1.03 -87.29
CA ILE O 301 40.54 0.10 -88.20
C ILE O 301 39.79 0.01 -89.52
N ALA O 302 40.53 -0.02 -90.65
CA ALA O 302 39.97 -0.18 -91.99
C ALA O 302 38.90 0.88 -92.31
N GLY O 303 39.02 2.08 -91.73
CA GLY O 303 38.07 3.17 -91.96
C GLY O 303 36.81 3.09 -91.10
N LEU O 304 36.65 1.99 -90.35
CA LEU O 304 35.59 1.81 -89.38
C LEU O 304 35.98 2.55 -88.09
N ASP O 305 35.00 3.26 -87.51
CA ASP O 305 35.20 4.08 -86.32
C ASP O 305 34.41 3.54 -85.11
N MET O 306 33.86 2.32 -85.20
CA MET O 306 33.28 1.65 -84.04
C MET O 306 33.43 0.12 -84.14
N HIS O 307 33.80 -0.50 -83.01
CA HIS O 307 33.76 -1.94 -82.84
C HIS O 307 32.68 -2.31 -81.83
N ALA O 308 31.82 -3.26 -82.20
CA ALA O 308 30.74 -3.74 -81.36
C ALA O 308 30.94 -5.25 -81.09
N ALA O 309 31.60 -5.56 -79.98
CA ALA O 309 31.88 -6.95 -79.61
C ALA O 309 30.60 -7.66 -79.18
N MET O 310 30.20 -8.72 -79.89
CA MET O 310 29.03 -9.51 -79.56
C MET O 310 29.39 -10.78 -78.77
N SER O 311 28.42 -11.35 -78.06
CA SER O 311 28.50 -12.66 -77.42
C SER O 311 28.09 -13.77 -78.39
N SER O 312 28.58 -15.00 -78.16
CA SER O 312 28.32 -16.15 -79.03
C SER O 312 26.85 -16.58 -79.06
N ALA O 313 26.18 -16.57 -77.89
CA ALA O 313 24.79 -17.03 -77.75
C ALA O 313 23.77 -16.07 -78.35
N THR O 314 24.19 -14.86 -78.75
CA THR O 314 23.27 -13.77 -79.09
C THR O 314 22.44 -14.09 -80.33
N TYR O 315 23.07 -14.62 -81.38
CA TYR O 315 22.38 -14.90 -82.63
C TYR O 315 21.32 -15.99 -82.45
N ASP O 316 20.22 -15.85 -83.18
CA ASP O 316 19.11 -16.77 -83.10
C ASP O 316 19.33 -18.06 -83.90
N ASP O 317 19.89 -19.08 -83.25
CA ASP O 317 20.01 -20.43 -83.80
C ASP O 317 18.66 -21.15 -83.92
N GLY O 318 17.59 -20.63 -83.31
CA GLY O 318 16.30 -21.32 -83.24
C GLY O 318 16.25 -22.46 -82.21
N THR O 319 17.33 -22.65 -81.45
CA THR O 319 17.41 -23.68 -80.41
C THR O 319 16.79 -23.20 -79.09
N ASP O 320 16.77 -21.88 -78.87
CA ASP O 320 16.18 -21.29 -77.66
C ASP O 320 14.65 -21.26 -77.76
N ILE O 321 13.97 -21.46 -76.63
CA ILE O 321 12.53 -21.64 -76.63
C ILE O 321 11.79 -20.34 -76.94
N GLY O 322 10.83 -20.40 -77.87
CA GLY O 322 10.03 -19.24 -78.26
C GLY O 322 10.59 -18.49 -79.47
N TRP O 323 11.81 -18.84 -79.90
CA TRP O 323 12.49 -18.22 -81.04
C TRP O 323 12.59 -19.20 -82.21
N SER O 324 12.37 -18.72 -83.43
CA SER O 324 12.58 -19.49 -84.66
C SER O 324 13.80 -18.94 -85.41
N GLY O 325 14.76 -19.82 -85.74
CA GLY O 325 16.12 -19.39 -86.07
C GLY O 325 16.27 -18.55 -87.34
N GLY O 326 17.38 -17.79 -87.38
CA GLY O 326 17.82 -17.11 -88.59
C GLY O 326 18.42 -18.08 -89.63
N SER O 327 18.80 -17.55 -90.79
CA SER O 327 19.25 -18.33 -91.93
C SER O 327 20.72 -18.78 -91.84
N GLU O 328 21.55 -18.07 -91.07
CA GLU O 328 23.00 -18.23 -91.04
C GLU O 328 23.49 -19.03 -89.83
N THR O 329 24.81 -19.26 -89.75
CA THR O 329 25.46 -19.66 -88.50
C THR O 329 26.40 -18.55 -88.03
N TRP O 330 26.15 -18.01 -86.84
CA TRP O 330 27.05 -17.05 -86.21
C TRP O 330 28.18 -17.78 -85.50
N GLY O 331 29.42 -17.52 -85.92
CA GLY O 331 30.58 -18.21 -85.40
C GLY O 331 31.82 -17.92 -86.25
N PHE O 332 32.97 -18.50 -85.88
CA PHE O 332 34.14 -18.36 -86.73
C PHE O 332 35.13 -19.50 -86.52
N SER O 333 34.63 -20.74 -86.54
CA SER O 333 35.43 -21.93 -86.26
C SER O 333 35.27 -23.02 -87.33
N SER O 334 34.29 -22.89 -88.23
CA SER O 334 34.02 -23.92 -89.20
C SER O 334 33.57 -23.34 -90.54
N ASP O 335 33.89 -24.07 -91.62
CA ASP O 335 33.63 -23.71 -93.00
C ASP O 335 32.18 -23.27 -93.19
N GLY O 336 31.98 -21.96 -93.47
CA GLY O 336 30.66 -21.39 -93.73
C GLY O 336 30.10 -20.52 -92.59
N ASP O 337 30.75 -20.47 -91.43
CA ASP O 337 30.30 -19.57 -90.35
C ASP O 337 30.47 -18.10 -90.74
N LYS O 338 29.55 -17.24 -90.27
CA LYS O 338 29.69 -15.80 -90.40
C LYS O 338 30.19 -15.27 -89.06
N GLY O 339 31.37 -14.62 -89.06
CA GLY O 339 32.06 -14.28 -87.81
C GLY O 339 32.16 -12.78 -87.53
N ALA O 340 31.93 -11.96 -88.56
CA ALA O 340 31.88 -10.52 -88.40
C ALA O 340 30.94 -9.93 -89.44
N VAL O 341 30.38 -8.75 -89.15
CA VAL O 341 29.62 -7.98 -90.12
C VAL O 341 30.21 -6.57 -90.14
N VAL O 342 30.50 -6.05 -91.33
CA VAL O 342 31.04 -4.72 -91.54
C VAL O 342 29.94 -3.91 -92.21
N TYR O 343 29.53 -2.78 -91.63
CA TYR O 343 28.30 -2.14 -92.07
C TYR O 343 28.25 -0.65 -91.74
N ASP O 344 27.31 0.04 -92.37
CA ASP O 344 26.97 1.42 -92.08
C ASP O 344 25.95 1.48 -90.93
N ARG O 345 26.37 2.01 -89.78
CA ARG O 345 25.56 2.10 -88.58
C ARG O 345 24.29 2.95 -88.77
N ASP O 346 24.29 3.88 -89.74
CA ASP O 346 23.13 4.72 -90.02
C ASP O 346 22.09 4.02 -90.89
N ASN O 347 22.42 2.87 -91.50
CA ASN O 347 21.55 2.15 -92.41
C ASN O 347 20.95 0.86 -91.83
N ILE O 348 21.21 0.56 -90.55
CA ILE O 348 20.53 -0.48 -89.80
C ILE O 348 19.78 0.18 -88.65
N HIS O 349 18.47 -0.04 -88.58
CA HIS O 349 17.60 0.56 -87.57
C HIS O 349 17.19 -0.46 -86.53
N THR O 350 17.30 -0.08 -85.25
CA THR O 350 16.63 -0.78 -84.18
C THR O 350 15.45 0.08 -83.75
N ILE O 351 14.24 -0.46 -83.82
CA ILE O 351 13.04 0.29 -83.52
C ILE O 351 12.51 -0.22 -82.18
N LEU O 352 12.41 0.69 -81.20
CA LEU O 352 11.86 0.35 -79.88
C LEU O 352 10.52 1.04 -79.71
N TYR O 353 9.53 0.28 -79.20
CA TYR O 353 8.21 0.80 -78.89
C TYR O 353 7.79 0.34 -77.49
N ALA O 354 7.23 1.26 -76.69
CA ALA O 354 6.69 0.97 -75.38
C ALA O 354 5.39 1.72 -75.15
N PRO O 355 4.29 1.11 -74.66
CA PRO O 355 3.04 1.85 -74.45
C PRO O 355 3.11 2.91 -73.34
N ASN O 356 3.90 2.69 -72.28
CA ASN O 356 3.88 3.52 -71.09
C ASN O 356 5.12 4.40 -70.92
N GLY O 357 5.93 4.54 -71.98
CA GLY O 357 7.12 5.37 -71.93
C GLY O 357 7.93 5.28 -73.21
N GLN O 358 9.26 5.13 -73.05
CA GLN O 358 10.23 5.20 -74.13
C GLN O 358 11.03 3.89 -74.27
N ASP O 359 11.03 3.06 -73.22
CA ASP O 359 12.01 1.98 -73.02
C ASP O 359 11.42 0.84 -72.18
N VAL O 360 12.26 -0.15 -71.78
CA VAL O 360 11.86 -1.32 -70.99
C VAL O 360 10.97 -0.92 -69.80
N GLU O 361 9.86 -1.64 -69.64
CA GLU O 361 8.95 -1.40 -68.53
C GLU O 361 8.87 -2.64 -67.64
N ILE O 362 9.15 -2.45 -66.34
CA ILE O 362 9.05 -3.52 -65.35
C ILE O 362 7.89 -3.21 -64.40
N LYS O 363 6.98 -4.19 -64.24
CA LYS O 363 5.86 -4.13 -63.32
C LYS O 363 6.18 -5.01 -62.12
N ASP O 364 5.98 -4.48 -60.91
CA ASP O 364 6.05 -5.25 -59.67
C ASP O 364 4.62 -5.40 -59.15
N TYR O 365 4.17 -6.64 -58.96
CA TYR O 365 2.76 -6.90 -58.66
C TYR O 365 2.56 -8.05 -57.67
N GLU O 366 1.44 -7.96 -56.93
CA GLU O 366 0.96 -9.05 -56.12
C GLU O 366 -0.24 -9.69 -56.81
N ASP O 367 -0.28 -11.02 -56.79
CA ASP O 367 -1.49 -11.77 -57.10
C ASP O 367 -2.61 -11.33 -56.14
N PRO O 368 -3.85 -11.04 -56.62
CA PRO O 368 -4.89 -10.53 -55.74
C PRO O 368 -5.37 -11.47 -54.64
N ILE O 369 -5.06 -12.79 -54.74
CA ILE O 369 -5.72 -13.81 -53.92
C ILE O 369 -4.80 -14.93 -53.40
N ARG O 370 -3.57 -15.09 -53.92
CA ARG O 370 -2.76 -16.30 -53.67
C ARG O 370 -1.43 -16.08 -52.92
N ASP O 371 -1.19 -14.91 -52.29
CA ASP O 371 0.06 -14.66 -51.58
C ASP O 371 1.31 -14.90 -52.46
N ILE O 372 1.18 -14.52 -53.74
CA ILE O 372 2.25 -14.59 -54.72
C ILE O 372 2.60 -13.16 -55.14
N THR O 373 3.90 -12.90 -55.29
CA THR O 373 4.42 -11.66 -55.82
C THR O 373 5.20 -11.99 -57.10
N GLY O 374 5.21 -11.09 -58.09
CA GLY O 374 6.02 -11.31 -59.28
C GLY O 374 6.58 -10.02 -59.85
N VAL O 375 7.53 -10.16 -60.78
CA VAL O 375 8.01 -9.05 -61.59
C VAL O 375 8.00 -9.46 -63.05
N ASN O 376 7.49 -8.58 -63.92
CA ASN O 376 7.34 -8.87 -65.34
C ASN O 376 7.92 -7.69 -66.12
N GLY O 377 8.75 -7.98 -67.12
CA GLY O 377 9.31 -6.98 -68.01
C GLY O 377 8.81 -7.15 -69.43
N ARG O 378 8.78 -6.03 -70.18
CA ARG O 378 8.35 -6.00 -71.56
C ARG O 378 9.09 -4.90 -72.33
N LEU O 379 9.27 -5.11 -73.63
CA LEU O 379 9.53 -4.05 -74.60
C LEU O 379 9.16 -4.58 -75.97
N HIS O 380 8.67 -3.72 -76.88
CA HIS O 380 8.50 -4.15 -78.25
C HIS O 380 9.69 -3.70 -79.06
N VAL O 381 10.25 -4.60 -79.86
CA VAL O 381 11.41 -4.26 -80.68
C VAL O 381 11.29 -4.88 -82.08
N ASP O 382 11.75 -4.13 -83.08
CA ASP O 382 12.04 -4.64 -84.41
C ASP O 382 13.42 -4.16 -84.82
N CYS O 383 14.02 -4.83 -85.81
CA CYS O 383 15.26 -4.35 -86.40
C CYS O 383 15.19 -4.53 -87.91
N GLN O 384 15.57 -3.48 -88.67
CA GLN O 384 15.40 -3.46 -90.11
C GLN O 384 16.54 -2.70 -90.79
N TYR O 385 17.12 -3.27 -91.86
CA TYR O 385 17.98 -2.49 -92.74
C TYR O 385 17.17 -1.47 -93.55
N SER O 386 17.65 -0.22 -93.57
CA SER O 386 17.29 0.79 -94.56
C SER O 386 17.89 0.43 -95.93
N GLN O 387 19.19 0.11 -95.96
CA GLN O 387 19.92 -0.29 -97.15
C GLN O 387 20.81 -1.49 -96.83
N GLY O 388 20.37 -2.71 -97.17
CA GLY O 388 21.12 -3.92 -96.88
C GLY O 388 22.45 -4.02 -97.66
N ARG O 389 22.56 -3.30 -98.78
CA ARG O 389 23.77 -3.17 -99.58
C ARG O 389 24.90 -2.47 -98.81
N SER O 390 24.57 -1.68 -97.79
CA SER O 390 25.55 -0.99 -96.96
C SER O 390 26.25 -1.90 -95.95
N SER O 391 26.13 -3.22 -96.09
CA SER O 391 26.59 -4.19 -95.10
C SER O 391 27.18 -5.44 -95.78
N ALA O 392 28.25 -5.98 -95.20
CA ALA O 392 28.89 -7.21 -95.66
C ALA O 392 29.24 -8.12 -94.49
N THR O 393 28.91 -9.42 -94.60
CA THR O 393 29.40 -10.41 -93.65
C THR O 393 30.81 -10.88 -94.04
N VAL O 394 31.59 -11.30 -93.03
CA VAL O 394 32.85 -12.00 -93.22
C VAL O 394 32.60 -13.47 -92.89
N GLN O 395 33.04 -14.36 -93.79
CA GLN O 395 32.75 -15.78 -93.68
C GLN O 395 34.05 -16.59 -93.56
N TYR O 396 34.03 -17.62 -92.70
CA TYR O 396 35.11 -18.59 -92.53
C TYR O 396 35.20 -19.60 -93.69
N ALA P 2 72.58 -38.24 -38.55
CA ALA P 2 71.66 -38.43 -39.71
C ALA P 2 71.36 -37.08 -40.36
N THR P 3 71.23 -37.07 -41.69
CA THR P 3 71.38 -35.86 -42.50
C THR P 3 70.35 -35.78 -43.64
N GLU P 4 69.95 -34.54 -44.01
CA GLU P 4 69.23 -34.26 -45.25
C GLU P 4 70.03 -33.28 -46.11
N THR P 5 69.87 -33.38 -47.45
CA THR P 5 70.62 -32.58 -48.41
C THR P 5 69.70 -31.58 -49.12
N GLN P 6 70.12 -30.31 -49.19
CA GLN P 6 69.43 -29.30 -49.98
C GLN P 6 70.46 -28.53 -50.80
N GLY P 7 70.44 -28.69 -52.14
CA GLY P 7 71.54 -28.20 -52.96
C GLY P 7 72.87 -28.82 -52.54
N GLU P 8 73.90 -27.98 -52.33
CA GLU P 8 75.20 -28.42 -51.89
C GLU P 8 75.26 -28.69 -50.38
N HIS P 9 74.26 -28.24 -49.62
CA HIS P 9 74.31 -28.25 -48.17
C HIS P 9 73.84 -29.57 -47.57
N THR P 10 74.47 -29.95 -46.45
CA THR P 10 73.94 -30.98 -45.54
C THR P 10 73.42 -30.31 -44.27
N PHE P 11 72.21 -30.71 -43.85
CA PHE P 11 71.59 -30.26 -42.61
C PHE P 11 71.38 -31.46 -41.68
N PRO P 12 71.51 -31.29 -40.35
CA PRO P 12 71.17 -32.38 -39.42
C PRO P 12 69.65 -32.56 -39.41
N VAL P 13 69.15 -33.80 -39.31
CA VAL P 13 67.71 -33.98 -39.16
C VAL P 13 67.28 -33.72 -37.71
N GLU P 14 66.07 -33.15 -37.53
CA GLU P 14 65.48 -33.09 -36.21
C GLU P 14 64.96 -34.48 -35.84
N VAL P 15 65.57 -35.13 -34.84
CA VAL P 15 65.19 -36.49 -34.43
C VAL P 15 63.73 -36.57 -33.97
N LEU P 16 63.15 -35.49 -33.43
CA LEU P 16 61.80 -35.51 -32.89
C LEU P 16 60.80 -34.84 -33.85
N ILE P 17 59.73 -35.56 -34.20
CA ILE P 17 58.62 -35.08 -35.01
C ILE P 17 57.49 -34.59 -34.09
N SER P 18 57.13 -35.39 -33.08
CA SER P 18 56.06 -35.06 -32.15
C SER P 18 56.22 -35.85 -30.86
N GLY P 19 55.50 -35.42 -29.81
CA GLY P 19 55.56 -36.07 -28.52
C GLY P 19 56.18 -35.19 -27.45
N GLU P 20 55.81 -35.47 -26.19
CA GLU P 20 56.26 -34.74 -25.01
C GLU P 20 57.12 -35.61 -24.09
N GLU P 21 57.27 -36.91 -24.41
CA GLU P 21 57.92 -37.88 -23.54
C GLU P 21 59.44 -37.83 -23.72
N LEU P 22 60.01 -36.70 -23.28
CA LEU P 22 61.43 -36.40 -23.31
C LEU P 22 61.95 -36.51 -21.88
N ARG P 23 62.94 -37.39 -21.63
CA ARG P 23 63.39 -37.72 -20.28
C ARG P 23 64.92 -37.71 -20.19
N GLY P 24 65.46 -37.45 -18.98
CA GLY P 24 66.88 -37.17 -18.82
C GLY P 24 67.63 -38.28 -18.10
N TYR P 25 68.83 -38.63 -18.60
CA TYR P 25 69.70 -39.67 -18.08
C TYR P 25 71.17 -39.22 -18.15
N THR P 26 72.07 -39.91 -17.45
CA THR P 26 73.50 -39.74 -17.70
C THR P 26 73.92 -40.66 -18.83
N ALA P 27 74.81 -40.20 -19.73
CA ALA P 27 75.34 -41.06 -20.78
C ALA P 27 76.47 -41.94 -20.22
N GLY P 28 76.38 -43.27 -20.40
CA GLY P 28 77.43 -44.19 -19.97
C GLY P 28 78.60 -44.31 -20.95
N GLU P 29 78.50 -43.62 -22.11
CA GLU P 29 79.49 -43.60 -23.19
C GLU P 29 79.16 -42.41 -24.11
N ALA P 30 80.02 -42.08 -25.08
CA ALA P 30 79.65 -41.08 -26.09
C ALA P 30 78.53 -41.60 -27.00
N LEU P 31 77.49 -40.77 -27.23
CA LEU P 31 76.32 -41.14 -28.03
C LEU P 31 76.04 -40.08 -29.10
N SER P 32 75.49 -40.54 -30.25
CA SER P 32 75.12 -39.70 -31.38
C SER P 32 73.60 -39.60 -31.52
N ALA P 33 73.11 -38.41 -31.87
CA ALA P 33 71.68 -38.15 -32.04
C ALA P 33 71.03 -39.20 -32.95
N GLY P 34 69.89 -39.74 -32.51
CA GLY P 34 69.15 -40.77 -33.20
C GLY P 34 69.54 -42.20 -32.81
N GLU P 35 70.60 -42.40 -32.03
CA GLU P 35 70.95 -43.76 -31.57
C GLU P 35 69.91 -44.30 -30.59
N PRO P 36 69.48 -45.57 -30.72
CA PRO P 36 68.72 -46.24 -29.67
C PRO P 36 69.62 -46.55 -28.48
N VAL P 37 69.06 -46.35 -27.28
CA VAL P 37 69.78 -46.54 -26.02
C VAL P 37 68.92 -47.28 -25.00
N TYR P 38 69.59 -47.84 -23.98
CA TYR P 38 68.95 -48.61 -22.92
C TYR P 38 69.63 -48.33 -21.57
N LEU P 39 68.98 -48.70 -20.45
CA LEU P 39 69.54 -48.52 -19.12
C LEU P 39 70.70 -49.49 -18.89
N SER P 40 71.85 -48.93 -18.46
CA SER P 40 73.06 -49.70 -18.19
C SER P 40 73.59 -49.47 -16.76
N GLY P 41 72.96 -48.55 -16.01
CA GLY P 41 73.20 -48.29 -14.61
C GLY P 41 72.12 -47.35 -14.07
N ASP P 42 72.19 -46.97 -12.79
CA ASP P 42 71.16 -46.14 -12.19
C ASP P 42 71.03 -44.79 -12.93
N TYR P 43 69.87 -44.57 -13.57
CA TYR P 43 69.62 -43.43 -14.46
C TYR P 43 70.73 -43.21 -15.50
N GLU P 44 71.39 -44.29 -15.96
CA GLU P 44 72.48 -44.20 -16.92
C GLU P 44 72.13 -44.99 -18.18
N VAL P 45 72.35 -44.39 -19.36
CA VAL P 45 71.97 -45.00 -20.63
C VAL P 45 73.18 -45.22 -21.54
N SER P 46 73.11 -46.27 -22.36
CA SER P 46 74.19 -46.75 -23.22
C SER P 46 73.56 -47.23 -24.53
N ALA P 47 74.35 -47.33 -25.61
CA ALA P 47 73.84 -47.73 -26.92
C ALA P 47 73.32 -49.16 -26.90
N SER P 48 72.10 -49.37 -27.42
CA SER P 48 71.43 -50.66 -27.48
C SER P 48 72.19 -51.67 -28.34
N SER P 49 72.36 -52.90 -27.83
CA SER P 49 72.78 -54.03 -28.65
C SER P 49 71.59 -54.63 -29.42
N ALA P 50 71.88 -55.58 -30.32
CA ALA P 50 70.87 -56.20 -31.19
C ALA P 50 69.94 -57.17 -30.45
N ASP P 51 68.83 -57.56 -31.10
CA ASP P 51 67.95 -58.67 -30.72
C ASP P 51 67.19 -58.48 -29.41
N GLY P 52 66.91 -57.23 -29.03
CA GLY P 52 65.90 -56.94 -28.00
C GLY P 52 66.40 -57.00 -26.55
N GLY P 53 65.49 -56.64 -25.63
CA GLY P 53 65.76 -56.55 -24.20
C GLY P 53 66.53 -55.30 -23.78
N GLU P 54 66.81 -54.40 -24.73
CA GLU P 54 67.67 -53.24 -24.51
C GLU P 54 67.14 -52.04 -25.30
N PHE P 55 66.04 -51.42 -24.85
CA PHE P 55 65.61 -50.18 -25.45
C PHE P 55 64.75 -49.38 -24.47
N LEU P 56 65.21 -48.16 -24.15
CA LEU P 56 64.43 -47.20 -23.39
C LEU P 56 63.94 -46.05 -24.27
N GLY P 57 64.74 -45.67 -25.28
CA GLY P 57 64.41 -44.56 -26.16
C GLY P 57 65.55 -44.24 -27.13
N VAL P 58 65.42 -43.11 -27.84
CA VAL P 58 66.47 -42.62 -28.74
C VAL P 58 67.11 -41.36 -28.17
N ASN P 59 68.44 -41.30 -28.24
CA ASN P 59 69.23 -40.14 -27.87
C ASN P 59 68.89 -38.96 -28.80
N LEU P 60 68.69 -37.75 -28.25
CA LEU P 60 68.15 -36.63 -29.01
C LEU P 60 69.19 -35.62 -29.54
N TYR P 61 70.39 -35.59 -28.94
CA TYR P 61 71.49 -34.74 -29.36
C TYR P 61 72.81 -35.43 -29.00
N ASP P 62 73.91 -35.09 -29.70
CA ASP P 62 75.20 -35.72 -29.46
C ASP P 62 75.74 -35.39 -28.06
N VAL P 63 76.27 -36.41 -27.36
CA VAL P 63 76.81 -36.26 -26.02
C VAL P 63 78.14 -37.00 -25.89
N ALA P 64 79.05 -36.44 -25.07
CA ALA P 64 80.21 -37.16 -24.57
C ALA P 64 79.81 -38.02 -23.36
N SER P 65 80.68 -38.99 -23.00
CA SER P 65 80.45 -39.84 -21.84
C SER P 65 80.28 -39.00 -20.56
N GLY P 66 79.36 -39.42 -19.68
CA GLY P 66 79.10 -38.76 -18.41
C GLY P 66 78.23 -37.49 -18.50
N GLU P 67 77.95 -36.99 -19.71
CA GLU P 67 77.09 -35.82 -19.86
C GLU P 67 75.62 -36.20 -19.67
N PRO P 68 74.74 -35.26 -19.25
CA PRO P 68 73.30 -35.51 -19.28
C PRO P 68 72.73 -35.51 -20.69
N VAL P 69 71.98 -36.56 -21.00
CA VAL P 69 71.35 -36.83 -22.29
C VAL P 69 69.84 -36.73 -22.17
N ALA P 70 69.21 -35.97 -23.08
CA ALA P 70 67.77 -36.05 -23.32
C ALA P 70 67.46 -37.21 -24.27
N LEU P 71 66.35 -37.88 -24.01
CA LEU P 71 65.97 -39.13 -24.67
C LEU P 71 64.47 -39.10 -24.96
N ALA P 72 64.04 -39.55 -26.15
CA ALA P 72 62.63 -39.68 -26.49
C ALA P 72 62.16 -41.13 -26.39
N GLY P 73 61.01 -41.36 -25.73
CA GLY P 73 60.48 -42.71 -25.47
C GLY P 73 59.08 -42.97 -26.01
N ASP P 74 58.33 -43.86 -25.35
CA ASP P 74 56.93 -44.19 -25.61
C ASP P 74 56.09 -42.94 -25.90
N ASP P 75 55.21 -42.98 -26.91
CA ASP P 75 54.40 -41.86 -27.41
C ASP P 75 55.15 -40.84 -28.28
N CYS P 76 56.48 -40.92 -28.45
CA CYS P 76 57.17 -40.02 -29.36
C CYS P 76 57.19 -40.53 -30.81
N GLU P 77 57.24 -39.56 -31.73
CA GLU P 77 57.26 -39.77 -33.16
C GLU P 77 58.57 -39.17 -33.65
N VAL P 78 59.40 -39.95 -34.37
CA VAL P 78 60.83 -39.65 -34.52
C VAL P 78 61.34 -39.92 -35.94
N ARG P 79 62.43 -39.24 -36.33
CA ARG P 79 63.17 -39.50 -37.56
C ARG P 79 64.42 -40.30 -37.20
N VAL P 80 64.53 -41.55 -37.70
CA VAL P 80 65.62 -42.45 -37.30
C VAL P 80 66.19 -43.20 -38.51
N GLU P 81 67.50 -43.43 -38.51
CA GLU P 81 68.16 -44.11 -39.61
C GLU P 81 68.00 -45.63 -39.52
N VAL P 82 67.54 -46.24 -40.62
CA VAL P 82 67.38 -47.69 -40.70
C VAL P 82 68.57 -48.34 -41.41
N SER P 83 68.90 -49.54 -40.96
CA SER P 83 69.99 -50.38 -41.42
C SER P 83 69.69 -51.07 -42.77
N GLU P 84 68.41 -51.16 -43.10
CA GLU P 84 67.87 -51.92 -44.23
C GLU P 84 66.64 -51.21 -44.76
N GLN P 85 66.13 -51.60 -45.93
CA GLN P 85 64.86 -51.05 -46.41
C GLN P 85 63.72 -51.37 -45.44
N VAL P 86 62.87 -50.38 -45.18
CA VAL P 86 61.64 -50.53 -44.39
C VAL P 86 60.47 -49.87 -45.10
N THR P 87 59.26 -50.31 -44.74
CA THR P 87 58.01 -49.87 -45.34
C THR P 87 57.05 -49.49 -44.21
N ALA P 88 56.02 -48.70 -44.51
CA ALA P 88 55.00 -48.41 -43.51
C ALA P 88 54.43 -49.70 -42.90
N ASN P 89 54.13 -49.67 -41.59
CA ASN P 89 53.67 -50.79 -40.80
C ASN P 89 54.74 -51.82 -40.44
N ASP P 90 56.00 -51.67 -40.85
CA ASP P 90 57.05 -52.54 -40.30
C ASP P 90 57.28 -52.22 -38.82
N GLU P 91 57.41 -53.26 -37.98
CA GLU P 91 57.96 -53.05 -36.66
C GLU P 91 59.49 -53.08 -36.74
N ILE P 92 60.12 -52.15 -36.01
CA ILE P 92 61.57 -52.00 -35.99
C ILE P 92 62.07 -51.99 -34.55
N LEU P 93 63.35 -52.34 -34.38
CA LEU P 93 64.03 -52.36 -33.10
C LEU P 93 65.54 -52.12 -33.29
N PRO P 94 66.31 -51.88 -32.21
CA PRO P 94 67.72 -51.55 -32.33
C PRO P 94 68.54 -52.63 -33.04
N ASP P 95 69.45 -52.17 -33.89
CA ASP P 95 70.23 -53.01 -34.79
C ASP P 95 71.57 -53.44 -34.17
N GLY P 96 71.99 -52.80 -33.07
CA GLY P 96 73.33 -52.99 -32.52
C GLY P 96 74.42 -52.13 -33.20
N LEU P 97 74.07 -51.42 -34.28
CA LEU P 97 74.99 -50.59 -35.06
C LEU P 97 74.67 -49.09 -34.94
N GLY P 98 73.85 -48.68 -33.96
CA GLY P 98 73.39 -47.30 -33.87
C GLY P 98 72.15 -46.99 -34.73
N THR P 99 71.83 -47.90 -35.67
CA THR P 99 70.63 -47.86 -36.50
C THR P 99 69.51 -48.71 -35.90
N PHE P 100 68.34 -48.67 -36.54
CA PHE P 100 67.29 -49.65 -36.36
C PHE P 100 67.27 -50.68 -37.48
N GLU P 101 66.60 -51.82 -37.27
CA GLU P 101 66.28 -52.79 -38.30
C GLU P 101 64.90 -53.38 -38.02
N THR P 102 64.33 -54.12 -38.97
CA THR P 102 63.02 -54.72 -38.74
C THR P 102 63.11 -55.89 -37.77
N VAL P 103 62.00 -56.09 -37.04
CA VAL P 103 61.80 -57.28 -36.23
C VAL P 103 61.99 -58.53 -37.09
N ALA P 104 61.40 -58.52 -38.30
CA ALA P 104 61.49 -59.60 -39.27
C ALA P 104 62.94 -60.03 -39.55
N THR P 105 63.88 -59.07 -39.61
CA THR P 105 65.28 -59.37 -39.87
C THR P 105 66.01 -59.86 -38.62
N SER P 106 65.66 -59.30 -37.46
CA SER P 106 66.32 -59.62 -36.19
C SER P 106 65.98 -61.03 -35.69
N ALA P 107 66.64 -61.47 -34.61
CA ALA P 107 66.27 -62.69 -33.91
C ALA P 107 65.09 -62.50 -32.96
N ALA P 108 64.71 -61.24 -32.67
CA ALA P 108 63.59 -60.91 -31.78
C ALA P 108 62.23 -61.10 -32.47
N SER P 109 61.16 -61.12 -31.66
CA SER P 109 59.79 -61.34 -32.13
C SER P 109 58.87 -60.12 -31.92
N ALA P 110 59.33 -59.09 -31.21
CA ALA P 110 58.56 -57.87 -30.96
C ALA P 110 59.43 -56.61 -31.09
N GLY P 111 58.86 -55.55 -31.69
CA GLY P 111 59.60 -54.32 -31.92
C GLY P 111 59.42 -53.29 -30.82
N VAL P 112 59.90 -52.06 -31.09
CA VAL P 112 59.77 -50.93 -30.18
C VAL P 112 59.16 -49.71 -30.87
N ALA P 113 59.28 -49.64 -32.20
CA ALA P 113 58.69 -48.56 -32.98
C ALA P 113 58.05 -49.11 -34.26
N ILE P 114 57.03 -48.40 -34.75
CA ILE P 114 56.31 -48.74 -35.96
C ILE P 114 56.71 -47.73 -37.03
N VAL P 115 57.09 -48.20 -38.22
CA VAL P 115 57.45 -47.32 -39.33
C VAL P 115 56.19 -46.69 -39.90
N GLN P 116 56.15 -45.36 -39.92
CA GLN P 116 55.04 -44.59 -40.48
C GLN P 116 55.32 -44.15 -41.91
N GLU P 117 56.60 -43.93 -42.24
CA GLU P 117 57.02 -43.61 -43.60
C GLU P 117 58.23 -44.47 -43.96
N GLY P 118 58.16 -45.19 -45.08
CA GLY P 118 59.23 -46.08 -45.52
C GLY P 118 60.52 -45.37 -45.91
N ALA P 119 61.61 -46.13 -45.94
CA ALA P 119 62.95 -45.63 -46.28
C ALA P 119 63.81 -46.77 -46.83
N ALA P 120 64.80 -46.44 -47.66
CA ALA P 120 65.82 -47.38 -48.11
C ALA P 120 66.85 -47.64 -47.00
N SER P 121 67.78 -48.58 -47.22
CA SER P 121 68.91 -48.80 -46.30
C SER P 121 69.75 -47.54 -46.16
N GLY P 122 70.17 -47.23 -44.91
CA GLY P 122 71.13 -46.17 -44.63
C GLY P 122 70.56 -44.75 -44.69
N GLU P 123 69.23 -44.62 -44.61
CA GLU P 123 68.55 -43.32 -44.63
C GLU P 123 67.41 -43.26 -43.60
N VAL P 124 66.82 -42.08 -43.41
CA VAL P 124 65.89 -41.87 -42.31
C VAL P 124 64.46 -42.28 -42.68
N CYS P 125 63.88 -43.17 -41.87
CA CYS P 125 62.44 -43.37 -41.84
C CYS P 125 61.81 -42.46 -40.81
N GLU P 126 60.48 -42.35 -40.83
CA GLU P 126 59.73 -41.73 -39.74
C GLU P 126 58.97 -42.84 -39.02
N ALA P 127 59.11 -42.88 -37.69
CA ALA P 127 58.61 -43.99 -36.88
C ALA P 127 57.99 -43.48 -35.57
N TYR P 128 57.05 -44.26 -35.01
CA TYR P 128 56.42 -43.94 -33.74
C TYR P 128 56.85 -44.97 -32.69
N ILE P 129 57.40 -44.50 -31.56
CA ILE P 129 57.90 -45.36 -30.51
C ILE P 129 56.73 -45.73 -29.60
N PHE P 130 56.50 -47.04 -29.45
CA PHE P 130 55.32 -47.55 -28.75
C PHE P 130 55.65 -48.46 -27.57
N ALA P 131 56.91 -48.87 -27.40
CA ALA P 131 57.28 -49.79 -26.33
C ALA P 131 58.72 -49.58 -25.85
N VAL P 132 59.01 -50.11 -24.65
CA VAL P 132 60.38 -50.22 -24.13
C VAL P 132 60.66 -51.68 -23.83
N GLN P 133 61.94 -52.09 -23.89
CA GLN P 133 62.34 -53.45 -23.61
C GLN P 133 63.46 -53.46 -22.57
N GLY P 134 63.24 -54.21 -21.48
CA GLY P 134 64.24 -54.40 -20.44
C GLY P 134 64.62 -55.87 -20.29
N THR P 135 65.41 -56.15 -19.25
CA THR P 135 65.83 -57.50 -18.91
C THR P 135 64.65 -58.26 -18.30
N THR P 136 64.11 -59.23 -19.06
CA THR P 136 63.10 -60.14 -18.54
C THR P 136 63.72 -61.38 -17.89
N ALA P 137 65.02 -61.62 -18.14
CA ALA P 137 65.64 -62.94 -18.13
C ALA P 137 64.80 -63.97 -18.91
N GLY Q 7 18.88 -52.70 -41.39
CA GLY Q 7 19.13 -52.51 -39.93
C GLY Q 7 19.25 -51.03 -39.58
N GLU Q 8 19.06 -50.71 -38.29
CA GLU Q 8 19.06 -49.35 -37.76
C GLU Q 8 20.47 -48.76 -37.67
N HIS Q 9 21.50 -49.63 -37.57
CA HIS Q 9 22.91 -49.26 -37.43
C HIS Q 9 23.13 -48.15 -36.40
N THR Q 10 22.44 -48.27 -35.25
CA THR Q 10 22.34 -47.20 -34.27
C THR Q 10 23.71 -46.87 -33.68
N PHE Q 11 24.08 -45.58 -33.78
CA PHE Q 11 25.40 -45.12 -33.35
C PHE Q 11 25.37 -43.65 -32.94
N PRO Q 12 24.58 -43.26 -31.90
CA PRO Q 12 24.67 -41.92 -31.30
C PRO Q 12 25.89 -41.83 -30.38
N VAL Q 13 27.04 -42.34 -30.85
CA VAL Q 13 28.17 -42.70 -30.00
C VAL Q 13 29.32 -41.72 -30.20
N GLU Q 14 29.68 -41.05 -29.11
CA GLU Q 14 30.91 -40.27 -29.01
C GLU Q 14 32.07 -41.25 -28.86
N VAL Q 15 32.95 -41.35 -29.87
CA VAL Q 15 34.06 -42.30 -29.85
C VAL Q 15 35.06 -41.97 -28.74
N LEU Q 16 35.43 -40.69 -28.58
CA LEU Q 16 36.39 -40.29 -27.57
C LEU Q 16 35.74 -40.18 -26.19
N ILE Q 17 36.32 -40.87 -25.20
CA ILE Q 17 35.95 -40.72 -23.80
C ILE Q 17 36.84 -39.66 -23.16
N SER Q 18 38.17 -39.89 -23.23
CA SER Q 18 39.17 -38.99 -22.68
C SER Q 18 40.52 -39.20 -23.36
N GLY Q 19 41.41 -38.21 -23.25
CA GLY Q 19 42.77 -38.32 -23.76
C GLY Q 19 43.11 -37.22 -24.76
N GLU Q 20 44.39 -36.81 -24.75
CA GLU Q 20 44.91 -35.78 -25.63
C GLU Q 20 45.45 -36.36 -26.95
N GLU Q 21 45.72 -37.68 -26.97
CA GLU Q 21 46.61 -38.30 -27.95
C GLU Q 21 45.91 -38.60 -29.27
N LEU Q 22 45.53 -37.55 -30.01
CA LEU Q 22 45.01 -37.64 -31.37
C LEU Q 22 46.07 -37.21 -32.38
N ARG Q 23 46.19 -37.98 -33.47
CA ARG Q 23 47.19 -37.74 -34.51
C ARG Q 23 46.59 -37.75 -35.91
N GLY Q 24 47.24 -37.06 -36.84
CA GLY Q 24 46.74 -36.93 -38.20
C GLY Q 24 47.34 -37.96 -39.15
N TYR Q 25 46.49 -38.55 -40.00
CA TYR Q 25 46.88 -39.47 -41.07
C TYR Q 25 46.03 -39.18 -42.29
N THR Q 26 46.31 -39.85 -43.43
CA THR Q 26 45.45 -39.79 -44.61
C THR Q 26 44.66 -41.10 -44.70
N ALA Q 27 43.36 -41.01 -44.97
CA ALA Q 27 42.55 -42.21 -45.16
C ALA Q 27 42.93 -42.91 -46.47
N GLY Q 28 43.32 -44.18 -46.41
CA GLY Q 28 43.63 -44.97 -47.61
C GLY Q 28 42.41 -45.61 -48.28
N GLU Q 29 41.23 -45.42 -47.67
CA GLU Q 29 39.92 -45.93 -48.09
C GLU Q 29 38.87 -45.17 -47.28
N ALA Q 30 37.57 -45.32 -47.60
CA ALA Q 30 36.53 -44.77 -46.73
C ALA Q 30 36.50 -45.47 -45.36
N LEU Q 31 36.50 -44.68 -44.27
CA LEU Q 31 36.51 -45.18 -42.88
C LEU Q 31 35.37 -44.57 -42.07
N SER Q 32 35.02 -45.25 -40.98
CA SER Q 32 33.90 -44.88 -40.12
C SER Q 32 34.32 -44.70 -38.66
N ALA Q 33 33.59 -43.83 -37.95
CA ALA Q 33 33.85 -43.53 -36.54
C ALA Q 33 33.94 -44.82 -35.70
N GLY Q 34 35.03 -44.94 -34.91
CA GLY Q 34 35.28 -46.07 -34.03
C GLY Q 34 35.91 -47.29 -34.71
N GLU Q 35 36.20 -47.20 -36.01
CA GLU Q 35 36.81 -48.30 -36.76
C GLU Q 35 38.30 -48.40 -36.43
N PRO Q 36 38.84 -49.61 -36.12
CA PRO Q 36 40.28 -49.77 -35.91
C PRO Q 36 41.03 -49.74 -37.24
N VAL Q 37 42.20 -49.09 -37.23
CA VAL Q 37 42.98 -48.91 -38.45
C VAL Q 37 44.46 -49.20 -38.22
N TYR Q 38 45.17 -49.40 -39.34
CA TYR Q 38 46.60 -49.69 -39.36
C TYR Q 38 47.24 -48.95 -40.54
N LEU Q 39 48.57 -48.84 -40.57
CA LEU Q 39 49.28 -48.17 -41.65
C LEU Q 39 49.29 -49.02 -42.92
N SER Q 40 48.65 -48.51 -43.99
CA SER Q 40 48.63 -49.15 -45.30
C SER Q 40 49.56 -48.47 -46.32
N GLY Q 41 50.11 -47.30 -45.96
CA GLY Q 41 51.09 -46.58 -46.75
C GLY Q 41 51.72 -45.48 -45.90
N ASP Q 42 52.59 -44.65 -46.49
CA ASP Q 42 53.29 -43.60 -45.74
C ASP Q 42 52.30 -42.59 -45.16
N TYR Q 43 52.14 -42.62 -43.82
CA TYR Q 43 51.08 -41.93 -43.08
C TYR Q 43 49.66 -42.13 -43.65
N GLU Q 44 49.42 -43.27 -44.33
CA GLU Q 44 48.10 -43.63 -44.83
C GLU Q 44 47.56 -44.79 -44.00
N VAL Q 45 46.28 -44.74 -43.64
CA VAL Q 45 45.67 -45.74 -42.77
C VAL Q 45 44.46 -46.40 -43.44
N SER Q 46 44.27 -47.69 -43.13
CA SER Q 46 43.20 -48.54 -43.65
C SER Q 46 42.62 -49.39 -42.52
N ALA Q 47 41.44 -49.96 -42.73
CA ALA Q 47 40.76 -50.78 -41.72
C ALA Q 47 41.58 -52.03 -41.39
N SER Q 48 41.81 -52.28 -40.10
CA SER Q 48 42.58 -53.42 -39.61
C SER Q 48 41.97 -54.76 -40.01
N SER Q 49 42.79 -55.70 -40.48
CA SER Q 49 42.41 -57.11 -40.57
C SER Q 49 42.56 -57.82 -39.21
N ALA Q 50 42.11 -59.08 -39.14
CA ALA Q 50 42.12 -59.87 -37.91
C ALA Q 50 43.53 -60.36 -37.52
N ASP Q 51 43.64 -60.89 -36.28
CA ASP Q 51 44.80 -61.64 -35.78
C ASP Q 51 46.10 -60.84 -35.60
N GLY Q 52 45.99 -59.52 -35.37
CA GLY Q 52 46.97 -58.76 -34.60
C GLY Q 52 48.27 -58.34 -35.29
N GLY Q 53 48.30 -58.23 -36.62
CA GLY Q 53 49.45 -57.62 -37.29
C GLY Q 53 49.30 -56.13 -37.60
N GLU Q 54 48.16 -55.54 -37.22
CA GLU Q 54 47.64 -54.37 -37.91
C GLU Q 54 46.80 -53.50 -36.99
N PHE Q 55 47.44 -52.69 -36.13
CA PHE Q 55 46.68 -51.71 -35.37
C PHE Q 55 47.53 -50.50 -35.00
N LEU Q 56 46.97 -49.30 -35.17
CA LEU Q 56 47.60 -48.05 -34.79
C LEU Q 56 46.71 -47.22 -33.87
N GLY Q 57 45.39 -47.33 -34.06
CA GLY Q 57 44.40 -46.62 -33.25
C GLY Q 57 43.03 -46.73 -33.89
N VAL Q 58 42.07 -45.89 -33.45
CA VAL Q 58 40.74 -45.90 -34.02
C VAL Q 58 40.42 -44.53 -34.65
N ASN Q 59 39.68 -44.56 -35.75
CA ASN Q 59 39.26 -43.37 -36.47
C ASN Q 59 38.18 -42.62 -35.68
N LEU Q 60 38.30 -41.31 -35.42
CA LEU Q 60 37.28 -40.57 -34.67
C LEU Q 60 35.95 -40.36 -35.42
N TYR Q 61 36.00 -40.03 -36.71
CA TYR Q 61 34.82 -39.59 -37.45
C TYR Q 61 34.88 -40.08 -38.90
N ASP Q 62 33.73 -40.13 -39.58
CA ASP Q 62 33.66 -40.72 -40.91
C ASP Q 62 34.46 -39.91 -41.93
N VAL Q 63 35.25 -40.60 -42.78
CA VAL Q 63 36.07 -39.96 -43.79
C VAL Q 63 35.98 -40.74 -45.12
N ALA Q 64 36.00 -40.01 -46.23
CA ALA Q 64 36.17 -40.60 -47.55
C ALA Q 64 37.64 -40.93 -47.79
N SER Q 65 37.93 -41.74 -48.82
CA SER Q 65 39.31 -42.01 -49.23
C SER Q 65 40.06 -40.71 -49.56
N GLY Q 66 41.33 -40.62 -49.14
CA GLY Q 66 42.23 -39.51 -49.44
C GLY Q 66 42.07 -38.29 -48.53
N GLU Q 67 41.05 -38.29 -47.66
CA GLU Q 67 40.81 -37.18 -46.73
C GLU Q 67 41.72 -37.29 -45.51
N PRO Q 68 42.01 -36.16 -44.81
CA PRO Q 68 42.75 -36.21 -43.55
C PRO Q 68 41.87 -36.80 -42.44
N VAL Q 69 42.48 -37.61 -41.57
CA VAL Q 69 41.78 -38.36 -40.53
C VAL Q 69 42.47 -38.18 -39.18
N ALA Q 70 41.66 -38.06 -38.11
CA ALA Q 70 42.14 -38.06 -36.73
C ALA Q 70 42.08 -39.47 -36.13
N LEU Q 71 43.23 -39.96 -35.67
CA LEU Q 71 43.41 -41.24 -34.99
C LEU Q 71 43.42 -41.00 -33.50
N ALA Q 72 42.60 -41.71 -32.73
CA ALA Q 72 42.84 -41.89 -31.31
C ALA Q 72 43.90 -42.98 -31.14
N GLY Q 73 45.10 -42.60 -30.71
CA GLY Q 73 46.21 -43.54 -30.55
C GLY Q 73 46.14 -44.31 -29.24
N ASP Q 74 47.21 -45.01 -28.87
CA ASP Q 74 47.32 -45.50 -27.50
C ASP Q 74 47.49 -44.34 -26.52
N ASP Q 75 47.47 -44.62 -25.21
CA ASP Q 75 47.48 -43.61 -24.16
C ASP Q 75 46.20 -42.74 -24.26
N CYS Q 76 45.05 -43.39 -24.55
CA CYS Q 76 43.78 -42.76 -24.89
C CYS Q 76 42.57 -43.66 -24.59
N GLU Q 77 41.36 -43.10 -24.43
CA GLU Q 77 40.18 -43.86 -24.01
C GLU Q 77 39.00 -43.66 -24.96
N VAL Q 78 38.39 -44.78 -25.35
CA VAL Q 78 37.47 -44.80 -26.48
C VAL Q 78 36.28 -45.73 -26.25
N ARG Q 79 35.22 -45.46 -27.01
CA ARG Q 79 34.08 -46.34 -27.15
C ARG Q 79 34.20 -47.12 -28.45
N VAL Q 80 34.25 -48.45 -28.34
CA VAL Q 80 34.42 -49.30 -29.52
C VAL Q 80 33.41 -50.45 -29.47
N GLU Q 81 32.91 -50.81 -30.65
CA GLU Q 81 32.01 -51.93 -30.80
C GLU Q 81 32.77 -53.26 -30.74
N VAL Q 82 32.22 -54.22 -29.98
CA VAL Q 82 32.79 -55.56 -29.86
C VAL Q 82 31.91 -56.58 -30.57
N SER Q 83 32.54 -57.51 -31.29
CA SER Q 83 31.84 -58.58 -31.99
C SER Q 83 31.66 -59.84 -31.14
N GLU Q 84 31.81 -59.71 -29.81
CA GLU Q 84 31.53 -60.75 -28.83
C GLU Q 84 31.33 -60.11 -27.46
N GLN Q 85 30.83 -60.86 -26.47
CA GLN Q 85 30.71 -60.36 -25.11
C GLN Q 85 32.10 -60.17 -24.47
N VAL Q 86 32.30 -59.04 -23.77
CA VAL Q 86 33.56 -58.67 -23.11
C VAL Q 86 33.28 -58.11 -21.71
N THR Q 87 34.31 -58.18 -20.86
CA THR Q 87 34.23 -57.86 -19.43
C THR Q 87 35.43 -57.00 -19.06
N ALA Q 88 35.34 -56.27 -17.94
CA ALA Q 88 36.47 -55.48 -17.47
C ALA Q 88 37.73 -56.34 -17.32
N ASN Q 89 38.89 -55.77 -17.66
CA ASN Q 89 40.18 -56.44 -17.70
C ASN Q 89 40.41 -57.34 -18.94
N ASP Q 90 39.41 -57.58 -19.81
CA ASP Q 90 39.69 -58.30 -21.04
C ASP Q 90 40.61 -57.48 -21.95
N GLU Q 91 41.66 -58.12 -22.48
CA GLU Q 91 42.40 -57.52 -23.59
C GLU Q 91 41.68 -57.80 -24.91
N ILE Q 92 41.66 -56.78 -25.77
CA ILE Q 92 40.97 -56.82 -27.04
C ILE Q 92 41.86 -56.28 -28.15
N LEU Q 93 41.51 -56.64 -29.40
CA LEU Q 93 42.21 -56.20 -30.60
C LEU Q 93 41.27 -56.28 -31.80
N PRO Q 94 41.66 -55.74 -32.98
CA PRO Q 94 40.76 -55.70 -34.12
C PRO Q 94 40.34 -57.08 -34.60
N ASP Q 95 39.06 -57.15 -34.98
CA ASP Q 95 38.40 -58.37 -35.38
C ASP Q 95 38.44 -58.62 -36.90
N GLY Q 96 38.83 -57.61 -37.70
CA GLY Q 96 38.75 -57.68 -39.15
C GLY Q 96 37.40 -57.26 -39.74
N LEU Q 97 36.36 -57.21 -38.90
CA LEU Q 97 34.99 -56.85 -39.30
C LEU Q 97 34.65 -55.40 -38.94
N GLY Q 98 35.67 -54.54 -38.70
CA GLY Q 98 35.47 -53.17 -38.25
C GLY Q 98 35.16 -53.04 -36.75
N THR Q 99 35.17 -54.18 -36.03
CA THR Q 99 34.94 -54.25 -34.58
C THR Q 99 36.22 -54.72 -33.87
N PHE Q 100 36.14 -54.82 -32.55
CA PHE Q 100 37.14 -55.52 -31.75
C PHE Q 100 36.61 -56.87 -31.30
N GLU Q 101 37.55 -57.78 -30.95
CA GLU Q 101 37.26 -59.02 -30.26
C GLU Q 101 38.34 -59.26 -29.19
N THR Q 102 38.15 -60.25 -28.32
CA THR Q 102 39.16 -60.53 -27.30
C THR Q 102 40.38 -61.22 -27.89
N VAL Q 103 41.51 -61.01 -27.21
CA VAL Q 103 42.72 -61.76 -27.46
C VAL Q 103 42.42 -63.25 -27.34
N ALA Q 104 41.65 -63.64 -26.33
CA ALA Q 104 41.22 -65.01 -26.07
C ALA Q 104 40.52 -65.66 -27.28
N THR Q 105 39.71 -64.90 -28.03
CA THR Q 105 39.04 -65.41 -29.22
C THR Q 105 39.96 -65.43 -30.44
N SER Q 106 40.83 -64.43 -30.57
CA SER Q 106 41.72 -64.28 -31.72
C SER Q 106 42.81 -65.36 -31.74
N ALA Q 107 43.56 -65.45 -32.86
CA ALA Q 107 44.77 -66.25 -32.93
C ALA Q 107 45.99 -65.56 -32.30
N ALA Q 108 45.88 -64.25 -31.99
CA ALA Q 108 46.96 -63.46 -31.42
C ALA Q 108 47.16 -63.74 -29.93
N SER Q 109 48.38 -63.46 -29.43
CA SER Q 109 48.77 -63.69 -28.05
C SER Q 109 48.58 -62.46 -27.13
N ALA Q 110 48.47 -61.25 -27.71
CA ALA Q 110 48.43 -60.01 -26.94
C ALA Q 110 47.51 -58.97 -27.59
N GLY Q 111 46.94 -58.08 -26.77
CA GLY Q 111 45.96 -57.12 -27.24
C GLY Q 111 46.53 -55.73 -27.46
N VAL Q 112 45.64 -54.77 -27.72
CA VAL Q 112 46.01 -53.38 -27.97
C VAL Q 112 45.20 -52.41 -27.11
N ALA Q 113 44.05 -52.87 -26.60
CA ALA Q 113 43.24 -52.10 -25.67
C ALA Q 113 42.74 -53.02 -24.56
N ILE Q 114 42.42 -52.41 -23.41
CA ILE Q 114 41.95 -53.10 -22.22
C ILE Q 114 40.54 -52.62 -21.94
N VAL Q 115 39.60 -53.57 -21.80
CA VAL Q 115 38.20 -53.23 -21.55
C VAL Q 115 38.06 -52.73 -20.12
N GLN Q 116 37.44 -51.56 -19.96
CA GLN Q 116 37.22 -50.93 -18.66
C GLN Q 116 35.75 -51.04 -18.23
N GLU Q 117 34.83 -51.09 -19.20
CA GLU Q 117 33.43 -51.40 -18.93
C GLU Q 117 32.98 -52.49 -19.90
N GLY Q 118 32.43 -53.60 -19.37
CA GLY Q 118 32.00 -54.73 -20.19
C GLY Q 118 30.82 -54.41 -21.10
N ALA Q 119 30.62 -55.24 -22.14
CA ALA Q 119 29.56 -55.07 -23.12
C ALA Q 119 29.17 -56.42 -23.73
N ALA Q 120 27.90 -56.58 -24.15
CA ALA Q 120 27.46 -57.76 -24.89
C ALA Q 120 27.89 -57.69 -26.36
N SER Q 121 27.74 -58.80 -27.10
CA SER Q 121 28.08 -58.83 -28.52
C SER Q 121 27.28 -57.77 -29.29
N GLY Q 122 27.96 -56.97 -30.12
CA GLY Q 122 27.35 -55.91 -30.91
C GLY Q 122 27.09 -54.61 -30.15
N GLU Q 123 27.33 -54.60 -28.83
CA GLU Q 123 27.29 -53.36 -28.05
C GLU Q 123 28.63 -52.62 -28.13
N VAL Q 124 28.64 -51.42 -27.51
CA VAL Q 124 29.84 -50.59 -27.40
C VAL Q 124 30.39 -50.72 -25.99
N CYS Q 125 31.66 -51.14 -25.87
CA CYS Q 125 32.36 -51.16 -24.60
C CYS Q 125 33.15 -49.85 -24.42
N GLU Q 126 33.64 -49.60 -23.20
CA GLU Q 126 34.56 -48.50 -22.95
C GLU Q 126 35.94 -49.10 -22.69
N ALA Q 127 36.95 -48.66 -23.45
CA ALA Q 127 38.28 -49.29 -23.45
C ALA Q 127 39.41 -48.26 -23.44
N TYR Q 128 40.55 -48.64 -22.85
CA TYR Q 128 41.77 -47.83 -22.84
C TYR Q 128 42.77 -48.45 -23.80
N ILE Q 129 43.22 -47.69 -24.81
CA ILE Q 129 44.16 -48.18 -25.81
C ILE Q 129 45.57 -48.03 -25.24
N PHE Q 130 46.38 -49.10 -25.30
CA PHE Q 130 47.66 -49.11 -24.63
C PHE Q 130 48.83 -49.56 -25.51
N ALA Q 131 48.57 -50.12 -26.70
CA ALA Q 131 49.63 -50.63 -27.55
C ALA Q 131 49.29 -50.49 -29.03
N VAL Q 132 50.30 -50.64 -29.91
CA VAL Q 132 50.12 -50.72 -31.35
C VAL Q 132 50.76 -52.01 -31.85
N GLN Q 133 50.29 -52.51 -33.00
CA GLN Q 133 50.81 -53.74 -33.58
C GLN Q 133 51.12 -53.53 -35.06
N GLY Q 134 52.29 -54.02 -35.49
CA GLY Q 134 52.69 -53.95 -36.88
C GLY Q 134 53.22 -55.27 -37.41
N THR Q 135 53.82 -55.19 -38.60
CA THR Q 135 54.37 -56.33 -39.30
C THR Q 135 55.65 -56.78 -38.58
N THR Q 136 55.58 -57.94 -37.91
CA THR Q 136 56.75 -58.59 -37.34
C THR Q 136 57.36 -59.63 -38.27
N ALA Q 137 56.59 -60.08 -39.28
CA ALA Q 137 56.75 -61.38 -39.93
C ALA Q 137 56.97 -62.49 -38.87
N ALA R 2 55.12 -46.88 1.48
CA ALA R 2 56.57 -46.68 1.17
C ALA R 2 57.10 -45.46 1.92
N THR R 3 58.17 -45.66 2.70
CA THR R 3 58.59 -44.71 3.72
C THR R 3 60.09 -44.40 3.64
N GLU R 4 60.43 -43.14 3.92
CA GLU R 4 61.79 -42.65 4.11
C GLU R 4 61.99 -42.27 5.58
N THR R 5 63.15 -42.59 6.18
CA THR R 5 63.45 -42.22 7.56
C THR R 5 64.43 -41.04 7.61
N GLN R 6 64.12 -40.03 8.44
CA GLN R 6 64.99 -38.88 8.67
C GLN R 6 65.02 -38.55 10.16
N GLY R 7 66.05 -39.03 10.88
CA GLY R 7 66.11 -38.91 12.33
C GLY R 7 65.01 -39.72 13.02
N GLU R 8 64.23 -39.09 13.91
CA GLU R 8 63.06 -39.71 14.51
C GLU R 8 61.98 -40.02 13.47
N HIS R 9 61.95 -39.21 12.40
CA HIS R 9 60.76 -39.06 11.58
C HIS R 9 60.68 -40.11 10.49
N THR R 10 59.44 -40.53 10.20
CA THR R 10 59.12 -41.26 8.98
C THR R 10 58.29 -40.37 8.06
N PHE R 11 58.73 -40.26 6.81
CA PHE R 11 58.06 -39.50 5.77
C PHE R 11 57.54 -40.46 4.70
N PRO R 12 56.26 -40.35 4.29
CA PRO R 12 55.80 -41.04 3.08
C PRO R 12 56.51 -40.44 1.87
N VAL R 13 57.01 -41.32 0.98
CA VAL R 13 57.57 -40.86 -0.29
C VAL R 13 56.43 -40.45 -1.22
N GLU R 14 56.60 -39.37 -2.02
CA GLU R 14 55.60 -39.11 -3.05
C GLU R 14 55.75 -40.17 -4.15
N VAL R 15 54.65 -40.84 -4.51
CA VAL R 15 54.69 -42.00 -5.38
C VAL R 15 55.06 -41.60 -6.81
N LEU R 16 54.51 -40.48 -7.29
CA LEU R 16 54.61 -40.10 -8.70
C LEU R 16 55.76 -39.11 -8.91
N ILE R 17 56.80 -39.55 -9.65
CA ILE R 17 57.99 -38.76 -9.95
C ILE R 17 57.73 -37.84 -11.14
N SER R 18 57.13 -38.38 -12.20
CA SER R 18 56.91 -37.66 -13.44
C SER R 18 55.76 -38.30 -14.21
N GLY R 19 55.21 -37.55 -15.17
CA GLY R 19 54.06 -38.01 -15.94
C GLY R 19 52.78 -37.27 -15.54
N GLU R 20 51.79 -37.36 -16.43
CA GLU R 20 50.50 -36.71 -16.24
C GLU R 20 49.33 -37.67 -16.51
N GLU R 21 49.62 -38.97 -16.57
CA GLU R 21 48.60 -40.00 -16.84
C GLU R 21 47.84 -40.37 -15.57
N LEU R 22 47.38 -39.34 -14.84
CA LEU R 22 46.50 -39.53 -13.68
C LEU R 22 45.08 -39.79 -14.16
N ARG R 23 44.46 -40.84 -13.63
CA ARG R 23 43.17 -41.32 -14.11
C ARG R 23 42.38 -41.94 -12.96
N GLY R 24 41.05 -41.72 -12.92
CA GLY R 24 40.26 -41.98 -11.71
C GLY R 24 39.35 -43.21 -11.80
N TYR R 25 39.37 -44.07 -10.77
CA TYR R 25 38.62 -45.33 -10.75
C TYR R 25 37.94 -45.54 -9.39
N THR R 26 36.96 -46.45 -9.30
CA THR R 26 36.37 -46.83 -8.02
C THR R 26 37.24 -47.88 -7.34
N ALA R 27 37.51 -47.72 -6.03
CA ALA R 27 38.18 -48.76 -5.26
C ALA R 27 37.26 -49.96 -5.04
N GLY R 28 37.68 -51.15 -5.49
CA GLY R 28 36.94 -52.39 -5.22
C GLY R 28 37.14 -52.93 -3.80
N GLU R 29 38.10 -52.36 -3.06
CA GLU R 29 38.50 -52.77 -1.71
C GLU R 29 39.29 -51.63 -1.08
N ALA R 30 39.66 -51.72 0.20
CA ALA R 30 40.58 -50.76 0.80
C ALA R 30 41.99 -50.93 0.19
N LEU R 31 42.62 -49.80 -0.19
CA LEU R 31 43.94 -49.79 -0.85
C LEU R 31 44.81 -48.69 -0.23
N SER R 32 46.13 -48.88 -0.31
CA SER R 32 47.11 -47.94 0.25
C SER R 32 48.08 -47.44 -0.82
N ALA R 33 48.61 -46.24 -0.60
CA ALA R 33 49.47 -45.53 -1.55
C ALA R 33 50.65 -46.39 -2.01
N GLY R 34 50.85 -46.44 -3.34
CA GLY R 34 51.92 -47.20 -3.96
C GLY R 34 51.54 -48.64 -4.35
N GLU R 35 50.34 -49.14 -3.97
CA GLU R 35 49.95 -50.48 -4.36
C GLU R 35 49.69 -50.58 -5.86
N PRO R 36 50.16 -51.64 -6.55
CA PRO R 36 49.73 -51.94 -7.92
C PRO R 36 48.30 -52.47 -7.90
N VAL R 37 47.52 -52.07 -8.90
CA VAL R 37 46.10 -52.44 -9.01
C VAL R 37 45.76 -52.87 -10.43
N TYR R 38 44.60 -53.52 -10.59
CA TYR R 38 44.09 -53.99 -11.87
C TYR R 38 42.57 -53.78 -11.95
N LEU R 39 42.00 -53.85 -13.16
CA LEU R 39 40.55 -53.77 -13.32
C LEU R 39 39.88 -55.05 -12.82
N SER R 40 38.93 -54.87 -11.90
CA SER R 40 38.25 -55.94 -11.21
C SER R 40 36.72 -55.89 -11.43
N GLY R 41 36.23 -54.79 -12.00
CA GLY R 41 34.86 -54.60 -12.43
C GLY R 41 34.76 -53.33 -13.27
N ASP R 42 33.56 -52.95 -13.70
CA ASP R 42 33.39 -51.79 -14.57
C ASP R 42 33.87 -50.51 -13.89
N TYR R 43 35.00 -49.94 -14.38
CA TYR R 43 35.74 -48.85 -13.76
C TYR R 43 36.13 -49.08 -12.30
N GLU R 44 36.26 -50.34 -11.87
CA GLU R 44 36.58 -50.68 -10.49
C GLU R 44 37.95 -51.36 -10.42
N VAL R 45 38.83 -50.92 -9.51
CA VAL R 45 40.18 -51.45 -9.41
C VAL R 45 40.44 -52.06 -8.03
N SER R 46 41.26 -53.13 -8.03
CA SER R 46 41.59 -53.92 -6.85
C SER R 46 43.09 -54.24 -6.88
N ALA R 47 43.67 -54.68 -5.76
CA ALA R 47 45.10 -54.97 -5.69
C ALA R 47 45.48 -56.13 -6.61
N SER R 48 46.56 -55.96 -7.38
CA SER R 48 47.04 -56.95 -8.34
C SER R 48 47.46 -58.27 -7.68
N SER R 49 47.11 -59.41 -8.33
CA SER R 49 47.63 -60.73 -8.00
C SER R 49 49.08 -60.91 -8.45
N ALA R 50 49.66 -62.08 -8.19
CA ALA R 50 51.10 -62.31 -8.11
C ALA R 50 51.83 -62.51 -9.46
N ASP R 51 51.14 -62.84 -10.57
CA ASP R 51 51.79 -63.03 -11.87
C ASP R 51 51.24 -62.09 -12.94
N GLY R 52 51.21 -62.50 -14.21
CA GLY R 52 50.77 -61.63 -15.30
C GLY R 52 49.26 -61.31 -15.29
N GLY R 53 48.86 -60.35 -16.15
CA GLY R 53 47.48 -60.18 -16.53
C GLY R 53 46.63 -59.34 -15.57
N GLU R 54 47.27 -58.76 -14.55
CA GLU R 54 46.56 -57.93 -13.56
C GLU R 54 47.33 -56.66 -13.25
N PHE R 55 47.33 -55.68 -14.17
CA PHE R 55 47.89 -54.39 -13.85
C PHE R 55 47.32 -53.27 -14.73
N LEU R 56 46.90 -52.17 -14.08
CA LEU R 56 46.45 -50.95 -14.75
C LEU R 56 47.28 -49.73 -14.33
N GLY R 57 47.80 -49.73 -13.09
CA GLY R 57 48.58 -48.61 -12.58
C GLY R 57 48.88 -48.79 -11.09
N VAL R 58 49.42 -47.74 -10.45
CA VAL R 58 49.64 -47.73 -9.02
C VAL R 58 48.71 -46.71 -8.35
N ASN R 59 48.10 -47.11 -7.24
CA ASN R 59 47.26 -46.25 -6.43
C ASN R 59 48.09 -45.11 -5.82
N LEU R 60 47.61 -43.87 -5.88
CA LEU R 60 48.35 -42.71 -5.40
C LEU R 60 48.06 -42.30 -3.95
N TYR R 61 46.91 -42.70 -3.39
CA TYR R 61 46.58 -42.35 -2.02
C TYR R 61 45.69 -43.40 -1.34
N ASP R 62 45.78 -43.47 0.00
CA ASP R 62 45.03 -44.43 0.79
C ASP R 62 43.52 -44.18 0.67
N VAL R 63 42.77 -45.28 0.46
CA VAL R 63 41.32 -45.23 0.27
C VAL R 63 40.62 -46.33 1.05
N ALA R 64 39.43 -45.99 1.56
CA ALA R 64 38.47 -46.97 2.00
C ALA R 64 37.83 -47.66 0.78
N SER R 65 37.21 -48.83 0.98
CA SER R 65 36.47 -49.52 -0.07
C SER R 65 35.40 -48.60 -0.66
N GLY R 66 35.24 -48.61 -2.00
CA GLY R 66 34.23 -47.82 -2.69
C GLY R 66 34.60 -46.37 -2.98
N GLU R 67 35.66 -45.83 -2.38
CA GLU R 67 36.09 -44.45 -2.66
C GLU R 67 36.70 -44.30 -4.06
N PRO R 68 36.69 -43.09 -4.65
CA PRO R 68 37.43 -42.84 -5.89
C PRO R 68 38.94 -42.75 -5.67
N VAL R 69 39.68 -43.45 -6.55
CA VAL R 69 41.11 -43.67 -6.54
C VAL R 69 41.75 -42.91 -7.70
N ALA R 70 42.85 -42.19 -7.43
CA ALA R 70 43.73 -41.71 -8.48
C ALA R 70 44.80 -42.77 -8.78
N LEU R 71 44.95 -43.17 -10.05
CA LEU R 71 46.09 -44.01 -10.48
C LEU R 71 47.11 -43.18 -11.24
N ALA R 72 48.39 -43.50 -11.03
CA ALA R 72 49.40 -43.28 -12.06
C ALA R 72 49.37 -44.48 -13.01
N GLY R 73 49.05 -44.24 -14.28
CA GLY R 73 49.08 -45.29 -15.29
C GLY R 73 50.48 -45.51 -15.88
N ASP R 74 50.53 -46.22 -17.02
CA ASP R 74 51.74 -46.20 -17.84
C ASP R 74 52.03 -44.79 -18.35
N ASP R 75 53.24 -44.59 -18.91
CA ASP R 75 53.77 -43.27 -19.24
C ASP R 75 54.06 -42.41 -17.99
N CYS R 76 54.22 -43.04 -16.80
CA CYS R 76 54.62 -42.37 -15.56
C CYS R 76 55.89 -42.99 -14.97
N GLU R 77 56.71 -42.17 -14.28
CA GLU R 77 57.80 -42.66 -13.44
C GLU R 77 57.36 -42.63 -11.98
N VAL R 78 57.59 -43.73 -11.24
CA VAL R 78 57.06 -43.91 -9.90
C VAL R 78 58.11 -44.43 -8.91
N ARG R 79 57.91 -44.12 -7.62
CA ARG R 79 58.66 -44.66 -6.51
C ARG R 79 57.86 -45.81 -5.91
N VAL R 80 58.41 -47.05 -5.95
CA VAL R 80 57.66 -48.25 -5.56
C VAL R 80 58.53 -49.17 -4.71
N GLU R 81 57.92 -49.86 -3.74
CA GLU R 81 58.64 -50.84 -2.94
C GLU R 81 58.76 -52.16 -3.70
N VAL R 82 59.98 -52.74 -3.71
CA VAL R 82 60.25 -54.00 -4.36
C VAL R 82 60.50 -55.08 -3.29
N SER R 83 59.99 -56.28 -3.49
CA SER R 83 60.14 -57.38 -2.53
C SER R 83 61.47 -58.12 -2.67
N GLU R 84 62.27 -57.80 -3.68
CA GLU R 84 63.56 -58.45 -3.93
C GLU R 84 64.58 -57.44 -4.48
N GLN R 85 65.86 -57.84 -4.54
CA GLN R 85 66.91 -57.02 -5.12
C GLN R 85 66.65 -56.78 -6.60
N VAL R 86 66.74 -55.52 -7.06
CA VAL R 86 66.54 -55.13 -8.46
C VAL R 86 67.65 -54.18 -8.91
N THR R 87 67.86 -54.16 -10.23
CA THR R 87 68.93 -53.40 -10.87
C THR R 87 68.37 -52.66 -12.07
N ALA R 88 69.07 -51.63 -12.55
CA ALA R 88 68.66 -50.89 -13.73
C ALA R 88 68.48 -51.84 -14.92
N ASN R 89 67.45 -51.56 -15.76
CA ASN R 89 67.01 -52.38 -16.87
C ASN R 89 66.16 -53.60 -16.49
N ASP R 90 66.07 -54.00 -15.21
CA ASP R 90 65.18 -55.11 -14.87
C ASP R 90 63.72 -54.74 -15.17
N GLU R 91 63.00 -55.63 -15.86
CA GLU R 91 61.56 -55.51 -15.92
C GLU R 91 60.95 -56.06 -14.62
N ILE R 92 59.93 -55.36 -14.13
CA ILE R 92 59.27 -55.68 -12.88
C ILE R 92 57.75 -55.74 -13.09
N LEU R 93 57.10 -56.40 -12.13
CA LEU R 93 55.75 -56.91 -12.25
C LEU R 93 55.11 -56.86 -10.86
N PRO R 94 53.77 -56.69 -10.72
CA PRO R 94 53.14 -56.74 -9.41
C PRO R 94 53.39 -58.08 -8.74
N ASP R 95 53.60 -58.04 -7.43
CA ASP R 95 54.12 -59.18 -6.69
C ASP R 95 53.02 -60.00 -5.99
N GLY R 96 51.81 -59.44 -5.88
CA GLY R 96 50.74 -60.03 -5.08
C GLY R 96 50.77 -59.63 -3.60
N LEU R 97 51.87 -59.02 -3.15
CA LEU R 97 52.09 -58.63 -1.76
C LEU R 97 52.01 -57.10 -1.55
N GLY R 98 51.51 -56.35 -2.55
CA GLY R 98 51.52 -54.89 -2.54
C GLY R 98 52.82 -54.27 -3.08
N THR R 99 53.88 -55.08 -3.21
CA THR R 99 55.16 -54.73 -3.82
C THR R 99 55.18 -55.09 -5.30
N PHE R 100 56.30 -54.77 -5.95
CA PHE R 100 56.68 -55.37 -7.22
C PHE R 100 57.79 -56.39 -7.01
N GLU R 101 57.99 -57.26 -8.02
CA GLU R 101 59.15 -58.14 -8.11
C GLU R 101 59.61 -58.22 -9.57
N THR R 102 60.77 -58.81 -9.84
CA THR R 102 61.22 -58.91 -11.23
C THR R 102 60.40 -59.91 -12.03
N VAL R 103 60.36 -59.67 -13.34
CA VAL R 103 59.84 -60.64 -14.29
C VAL R 103 60.63 -61.95 -14.19
N ALA R 104 61.95 -61.85 -14.03
CA ALA R 104 62.84 -63.00 -13.89
C ALA R 104 62.41 -63.95 -12.76
N THR R 105 61.93 -63.39 -11.65
CA THR R 105 61.47 -64.16 -10.49
C THR R 105 60.05 -64.69 -10.71
N SER R 106 59.17 -63.89 -11.32
CA SER R 106 57.77 -64.23 -11.53
C SER R 106 57.60 -65.40 -12.51
N ALA R 107 56.38 -65.97 -12.58
CA ALA R 107 56.06 -66.98 -13.59
C ALA R 107 55.83 -66.37 -14.97
N ALA R 108 55.61 -65.04 -15.05
CA ALA R 108 55.35 -64.31 -16.29
C ALA R 108 56.63 -64.12 -17.14
N SER R 109 56.44 -63.56 -18.35
CA SER R 109 57.52 -63.37 -19.32
C SER R 109 57.64 -61.91 -19.80
N ALA R 110 56.79 -61.00 -19.30
CA ALA R 110 56.83 -59.58 -19.64
C ALA R 110 56.42 -58.73 -18.44
N GLY R 111 57.05 -57.56 -18.28
CA GLY R 111 56.78 -56.68 -17.14
C GLY R 111 55.76 -55.59 -17.46
N VAL R 112 55.57 -54.70 -16.47
CA VAL R 112 54.70 -53.53 -16.60
C VAL R 112 55.51 -52.24 -16.38
N ALA R 113 56.65 -52.37 -15.72
CA ALA R 113 57.54 -51.25 -15.46
C ALA R 113 58.99 -51.72 -15.57
N ILE R 114 59.88 -50.77 -15.86
CA ILE R 114 61.32 -51.01 -15.98
C ILE R 114 62.05 -50.23 -14.88
N VAL R 115 62.97 -50.90 -14.18
CA VAL R 115 63.72 -50.28 -13.10
C VAL R 115 64.72 -49.28 -13.67
N GLN R 116 64.67 -48.04 -13.18
CA GLN R 116 65.61 -47.00 -13.56
C GLN R 116 66.71 -46.82 -12.50
N GLU R 117 66.35 -47.01 -11.22
CA GLU R 117 67.32 -46.99 -10.13
C GLU R 117 67.17 -48.26 -9.29
N GLY R 118 68.27 -49.00 -9.12
CA GLY R 118 68.28 -50.26 -8.38
C GLY R 118 68.01 -50.09 -6.88
N ALA R 119 67.55 -51.18 -6.24
CA ALA R 119 67.13 -51.18 -4.85
C ALA R 119 67.25 -52.58 -4.26
N ALA R 120 67.47 -52.69 -2.93
CA ALA R 120 67.47 -53.97 -2.23
C ALA R 120 66.05 -54.40 -1.85
N SER R 121 65.87 -55.66 -1.41
CA SER R 121 64.59 -56.17 -0.93
C SER R 121 64.03 -55.25 0.17
N GLY R 122 62.79 -54.76 -0.04
CA GLY R 122 62.09 -53.89 0.91
C GLY R 122 62.42 -52.41 0.77
N GLU R 123 63.36 -52.03 -0.10
CA GLU R 123 63.67 -50.62 -0.37
C GLU R 123 62.75 -50.05 -1.46
N VAL R 124 62.80 -48.71 -1.59
CA VAL R 124 62.07 -48.00 -2.63
C VAL R 124 62.95 -47.88 -3.89
N CYS R 125 62.44 -48.44 -4.97
CA CYS R 125 62.97 -48.34 -6.31
C CYS R 125 62.36 -47.14 -7.05
N GLU R 126 63.06 -46.57 -8.05
CA GLU R 126 62.44 -45.69 -9.04
C GLU R 126 62.31 -46.43 -10.38
N ALA R 127 61.09 -46.45 -10.94
CA ALA R 127 60.76 -47.26 -12.10
C ALA R 127 59.85 -46.51 -13.06
N TYR R 128 59.87 -46.88 -14.35
CA TYR R 128 59.00 -46.28 -15.36
C TYR R 128 57.94 -47.29 -15.78
N ILE R 129 56.66 -46.93 -15.63
CA ILE R 129 55.55 -47.80 -15.99
C ILE R 129 55.32 -47.62 -17.50
N PHE R 130 55.40 -48.71 -18.26
CA PHE R 130 55.35 -48.64 -19.71
C PHE R 130 54.22 -49.47 -20.32
N ALA R 131 53.56 -50.34 -19.54
CA ALA R 131 52.53 -51.21 -20.08
C ALA R 131 51.44 -51.51 -19.03
N VAL R 132 50.24 -51.86 -19.52
CA VAL R 132 49.21 -52.47 -18.70
C VAL R 132 49.14 -53.96 -19.05
N GLN R 133 48.50 -54.77 -18.20
CA GLN R 133 48.27 -56.16 -18.52
C GLN R 133 46.85 -56.57 -18.11
N GLY R 134 46.18 -57.30 -19.02
CA GLY R 134 44.84 -57.80 -18.78
C GLY R 134 44.69 -59.30 -19.07
N THR R 135 43.44 -59.74 -19.08
CA THR R 135 43.08 -61.11 -19.40
C THR R 135 43.27 -61.35 -20.89
N THR R 136 44.30 -62.13 -21.23
CA THR R 136 44.48 -62.64 -22.58
C THR R 136 43.84 -64.01 -22.77
N ALA R 137 43.55 -64.71 -21.66
CA ALA R 137 43.48 -66.17 -21.60
C ALA R 137 44.71 -66.84 -22.27
N PHE S 101 -102.58 34.49 -36.59
CA PHE S 101 -102.72 35.65 -35.66
C PHE S 101 -101.36 36.30 -35.44
N ALA S 102 -101.20 37.51 -36.00
CA ALA S 102 -100.18 38.45 -35.55
C ALA S 102 -98.81 37.76 -35.36
N ALA S 103 -98.22 37.92 -34.16
CA ALA S 103 -97.06 37.17 -33.71
C ALA S 103 -97.03 37.22 -32.17
N SER S 104 -96.82 36.06 -31.55
CA SER S 104 -97.00 35.88 -30.11
C SER S 104 -96.02 34.86 -29.52
N ASP S 105 -95.79 34.90 -28.20
CA ASP S 105 -94.89 33.95 -27.55
C ASP S 105 -95.28 32.50 -27.83
N PRO S 106 -96.53 32.05 -27.56
CA PRO S 106 -96.85 30.62 -27.63
C PRO S 106 -96.72 30.02 -29.02
N GLU S 107 -96.51 30.89 -30.00
CA GLU S 107 -96.39 30.59 -31.41
C GLU S 107 -94.93 30.56 -31.87
N TYR S 108 -94.02 31.28 -31.19
CA TYR S 108 -92.60 31.38 -31.59
C TYR S 108 -91.59 31.11 -30.47
N VAL S 109 -92.04 30.55 -29.33
CA VAL S 109 -91.27 30.26 -28.12
C VAL S 109 -90.02 29.38 -28.32
N ASP S 110 -89.90 28.70 -29.47
CA ASP S 110 -88.73 27.89 -29.78
C ASP S 110 -88.15 28.20 -31.18
N THR S 111 -88.49 29.37 -31.75
CA THR S 111 -87.98 29.76 -33.06
C THR S 111 -87.39 31.16 -33.07
N LEU S 112 -88.00 32.13 -32.37
CA LEU S 112 -87.49 33.50 -32.36
C LEU S 112 -86.70 33.84 -31.08
N PHE S 113 -86.87 33.00 -30.06
CA PHE S 113 -86.20 33.13 -28.77
C PHE S 113 -86.28 31.79 -28.06
N ARG S 114 -85.63 31.70 -26.89
CA ARG S 114 -85.63 30.48 -26.08
C ARG S 114 -86.04 30.82 -24.65
N GLU S 115 -86.82 29.94 -24.00
CA GLU S 115 -87.25 30.14 -22.61
C GLU S 115 -86.04 30.34 -21.68
N GLN S 116 -86.16 31.25 -20.71
CA GLN S 116 -85.12 31.43 -19.71
C GLN S 116 -84.96 30.20 -18.80
N LEU S 117 -83.71 29.82 -18.51
CA LEU S 117 -83.38 29.01 -17.34
C LEU S 117 -82.78 29.93 -16.28
N LEU S 118 -83.28 29.83 -15.05
CA LEU S 118 -82.66 30.52 -13.93
C LEU S 118 -81.28 29.89 -13.67
N GLU S 119 -80.23 30.71 -13.48
CA GLU S 119 -78.87 30.20 -13.38
C GLU S 119 -78.62 29.46 -12.05
N VAL S 120 -79.39 29.78 -11.01
CA VAL S 120 -79.28 29.15 -9.70
C VAL S 120 -80.01 27.81 -9.72
N VAL S 121 -79.29 26.71 -9.49
CA VAL S 121 -79.90 25.43 -9.18
C VAL S 121 -80.30 25.37 -7.70
N MET S 122 -81.59 25.10 -7.44
CA MET S 122 -82.11 25.03 -6.08
C MET S 122 -81.69 23.70 -5.43
N GLU S 123 -81.27 23.75 -4.15
CA GLU S 123 -80.42 22.72 -3.56
C GLU S 123 -81.13 21.44 -3.12
N GLY S 124 -82.44 21.51 -2.80
CA GLY S 124 -83.10 20.36 -2.18
C GLY S 124 -82.57 20.01 -0.77
N ARG S 125 -82.91 18.81 -0.29
CA ARG S 125 -82.78 18.47 1.12
C ARG S 125 -81.32 18.23 1.53
N GLU S 126 -80.85 18.97 2.55
CA GLU S 126 -79.53 18.77 3.15
C GLU S 126 -79.66 18.32 4.61
N LEU S 127 -78.95 17.25 4.99
CA LEU S 127 -78.96 16.76 6.37
C LEU S 127 -77.96 17.51 7.24
N ARG S 128 -78.27 17.62 8.54
CA ARG S 128 -77.42 18.28 9.53
C ARG S 128 -76.20 17.41 9.86
N LYS S 129 -74.99 17.93 9.61
CA LYS S 129 -73.75 17.18 9.79
C LYS S 129 -73.02 17.67 11.05
N VAL S 130 -72.81 16.78 12.04
CA VAL S 130 -72.28 17.18 13.35
C VAL S 130 -71.23 16.24 13.95
N ALA S 131 -71.10 14.99 13.46
CA ALA S 131 -70.29 13.97 14.12
C ALA S 131 -68.84 14.39 14.41
N ARG S 132 -68.22 15.16 13.51
CA ARG S 132 -66.82 15.55 13.62
C ARG S 132 -66.59 16.60 14.70
N GLU S 133 -67.63 17.39 15.01
CA GLU S 133 -67.63 18.36 16.09
C GLU S 133 -68.05 17.73 17.42
N ALA S 134 -69.05 16.84 17.37
CA ALA S 134 -69.75 16.30 18.53
C ALA S 134 -69.15 14.99 19.07
N SER S 135 -67.98 14.56 18.57
CA SER S 135 -67.27 13.38 19.07
C SER S 135 -65.76 13.60 19.00
N ASN S 136 -64.98 12.79 19.71
CA ASN S 136 -63.55 12.76 19.49
C ASN S 136 -63.25 12.13 18.13
N VAL S 137 -62.35 12.72 17.31
CA VAL S 137 -61.98 12.14 16.02
C VAL S 137 -60.56 11.59 16.09
N ILE S 138 -60.41 10.30 15.77
CA ILE S 138 -59.14 9.59 15.76
C ILE S 138 -58.79 9.25 14.30
N ASN S 139 -57.61 9.68 13.84
CA ASN S 139 -57.09 9.22 12.55
C ASN S 139 -56.26 7.95 12.78
N ALA S 140 -56.86 6.79 12.46
CA ALA S 140 -56.21 5.49 12.67
C ALA S 140 -55.21 5.19 11.54
N ASN S 141 -54.14 4.47 11.89
CA ASN S 141 -53.17 3.98 10.92
C ASN S 141 -53.51 2.58 10.36
N THR S 142 -54.60 1.97 10.85
CA THR S 142 -55.05 0.62 10.45
C THR S 142 -56.58 0.57 10.43
N ARG S 143 -57.19 -0.25 9.55
CA ARG S 143 -58.65 -0.43 9.56
C ARG S 143 -59.13 -1.00 10.89
N VAL S 144 -58.31 -1.88 11.47
CA VAL S 144 -58.69 -2.65 12.65
C VAL S 144 -57.67 -2.34 13.75
N GLY S 145 -58.16 -2.25 15.00
CA GLY S 145 -57.30 -1.98 16.13
C GLY S 145 -58.06 -2.13 17.44
N ASP S 146 -57.36 -1.84 18.55
CA ASP S 146 -57.84 -2.00 19.91
C ASP S 146 -57.40 -0.81 20.75
N VAL S 147 -58.30 0.12 21.09
CA VAL S 147 -57.89 1.19 21.99
C VAL S 147 -57.81 0.68 23.43
N PRO S 148 -56.67 0.87 24.17
CA PRO S 148 -56.59 0.49 25.58
C PRO S 148 -57.43 1.36 26.50
N ILE S 149 -58.16 0.69 27.40
CA ILE S 149 -59.01 1.33 28.39
C ILE S 149 -58.54 0.90 29.77
N ALA S 150 -58.26 1.87 30.64
CA ALA S 150 -57.87 1.62 32.01
C ALA S 150 -59.09 1.34 32.90
N SER S 151 -58.91 0.46 33.88
CA SER S 151 -59.91 0.18 34.91
C SER S 151 -60.26 1.41 35.74
N ASP S 152 -61.47 1.39 36.29
CA ASP S 152 -61.96 2.43 37.18
C ASP S 152 -61.06 2.67 38.38
N GLU S 153 -61.12 3.90 38.86
CA GLU S 153 -60.51 4.36 40.10
C GLU S 153 -61.14 3.63 41.30
N GLU S 154 -60.30 3.10 42.21
CA GLU S 154 -60.75 2.32 43.37
C GLU S 154 -60.40 3.02 44.68
N PHE S 155 -60.33 2.25 45.77
CA PHE S 155 -60.00 2.76 47.10
C PHE S 155 -58.79 2.04 47.69
N ALA S 156 -57.98 2.82 48.41
CA ALA S 156 -56.96 2.30 49.30
C ALA S 156 -57.64 1.56 50.46
N ARG S 157 -56.90 0.73 51.20
CA ARG S 157 -57.48 -0.06 52.29
C ARG S 157 -56.82 0.22 53.64
N PRO S 158 -57.57 0.15 54.77
CA PRO S 158 -56.99 0.18 56.12
C PRO S 158 -55.90 -0.88 56.29
N THR S 159 -54.80 -0.48 56.95
CA THR S 159 -53.58 -1.28 57.02
C THR S 159 -52.91 -1.11 58.39
N GLY S 160 -52.28 -2.17 58.92
CA GLY S 160 -51.54 -2.07 60.19
C GLY S 160 -50.15 -1.46 60.01
N GLN S 161 -49.45 -1.14 61.12
CA GLN S 161 -48.05 -0.75 61.02
C GLN S 161 -47.18 -1.98 60.70
N GLY S 162 -46.19 -1.83 59.81
CA GLY S 162 -45.31 -2.92 59.44
C GLY S 162 -45.94 -3.98 58.52
N ALA S 163 -47.26 -3.91 58.30
CA ALA S 163 -47.96 -4.88 57.47
C ALA S 163 -47.60 -4.69 55.99
N GLU S 164 -47.48 -5.81 55.25
CA GLU S 164 -47.30 -5.81 53.81
C GLU S 164 -48.42 -5.02 53.12
N ILE S 165 -48.06 -3.99 52.36
CA ILE S 165 -48.97 -3.34 51.42
C ILE S 165 -49.37 -4.32 50.30
N ARG S 166 -50.61 -4.20 49.81
CA ARG S 166 -51.16 -5.15 48.85
C ARG S 166 -51.35 -4.50 47.48
N ASP S 167 -51.21 -5.32 46.44
CA ASP S 167 -51.24 -4.85 45.06
C ASP S 167 -52.67 -4.67 44.55
N ASP S 168 -53.01 -3.42 44.22
CA ASP S 168 -54.19 -3.03 43.46
C ASP S 168 -53.76 -2.31 42.18
N GLY S 169 -52.89 -2.94 41.38
CA GLY S 169 -52.34 -2.32 40.19
C GLY S 169 -53.40 -2.04 39.13
N GLU S 170 -53.14 -1.02 38.28
CA GLU S 170 -54.05 -0.69 37.19
C GLU S 170 -54.13 -1.87 36.20
N THR S 171 -55.36 -2.26 35.84
CA THR S 171 -55.60 -3.33 34.89
C THR S 171 -56.31 -2.74 33.67
N TYR S 172 -56.10 -3.35 32.49
CA TYR S 172 -56.54 -2.79 31.23
C TYR S 172 -57.37 -3.79 30.43
N THR S 173 -58.22 -3.23 29.56
CA THR S 173 -58.95 -3.97 28.55
C THR S 173 -58.92 -3.14 27.26
N THR S 174 -59.63 -3.55 26.20
CA THR S 174 -59.67 -2.75 24.99
C THR S 174 -61.08 -2.67 24.43
N VAL S 175 -61.30 -1.64 23.62
CA VAL S 175 -62.42 -1.61 22.70
C VAL S 175 -61.85 -1.74 21.30
N ALA S 176 -62.33 -2.74 20.56
CA ALA S 176 -61.91 -2.95 19.19
C ALA S 176 -62.61 -1.97 18.26
N TRP S 177 -61.94 -1.59 17.16
CA TRP S 177 -62.57 -0.89 16.06
C TRP S 177 -62.39 -1.67 14.77
N ASN S 178 -63.30 -1.48 13.82
CA ASN S 178 -63.26 -2.10 12.51
C ASN S 178 -63.85 -1.13 11.50
N ALA S 179 -62.99 -0.32 10.86
CA ALA S 179 -63.42 0.74 9.97
C ALA S 179 -64.02 0.16 8.68
N THR S 180 -65.31 0.44 8.45
CA THR S 180 -66.03 -0.02 7.26
C THR S 180 -65.86 0.98 6.13
N LYS S 181 -65.64 0.47 4.91
CA LYS S 181 -65.49 1.26 3.69
C LYS S 181 -66.85 1.80 3.23
N LEU S 182 -67.10 3.10 3.47
CA LEU S 182 -68.24 3.79 2.89
C LEU S 182 -67.84 4.38 1.55
N THR S 183 -68.71 4.27 0.54
CA THR S 183 -68.41 4.77 -0.80
C THR S 183 -69.62 5.42 -1.45
N GLU S 184 -69.32 6.32 -2.40
CA GLU S 184 -70.32 7.01 -3.19
C GLU S 184 -69.67 7.32 -4.53
N GLY S 185 -70.47 7.37 -5.61
CA GLY S 185 -69.91 7.70 -6.92
C GLY S 185 -70.96 8.33 -7.83
N SER S 186 -70.48 9.02 -8.88
CA SER S 186 -71.33 9.52 -9.94
C SER S 186 -70.54 9.67 -11.23
N ARG S 187 -71.24 9.75 -12.37
CA ARG S 187 -70.62 9.90 -13.68
C ARG S 187 -71.33 10.99 -14.48
N VAL S 188 -70.57 11.77 -15.27
CA VAL S 188 -71.13 12.75 -16.21
C VAL S 188 -70.42 12.59 -17.56
N THR S 189 -71.13 12.75 -18.68
CA THR S 189 -70.48 12.74 -19.98
C THR S 189 -69.78 14.07 -20.23
N ASP S 190 -68.76 14.08 -21.09
CA ASP S 190 -68.05 15.32 -21.43
C ASP S 190 -68.99 16.36 -22.05
N GLU S 191 -69.92 15.91 -22.90
CA GLU S 191 -70.92 16.75 -23.53
C GLU S 191 -71.81 17.44 -22.49
N MET S 192 -72.24 16.69 -21.46
CA MET S 192 -73.09 17.24 -20.41
C MET S 192 -72.31 18.22 -19.53
N ARG S 193 -71.08 17.85 -19.16
CA ARG S 193 -70.15 18.69 -18.41
C ARG S 193 -69.97 20.04 -19.10
N ASP S 194 -69.79 20.03 -20.42
CA ASP S 194 -69.62 21.25 -21.20
C ASP S 194 -70.88 22.11 -21.23
N GLN S 195 -72.05 21.53 -21.50
CA GLN S 195 -73.23 22.31 -21.83
C GLN S 195 -73.99 22.86 -20.62
N ALA S 196 -73.90 22.22 -19.45
CA ALA S 196 -74.59 22.69 -18.25
C ALA S 196 -74.20 24.14 -17.89
N MET S 197 -75.14 24.89 -17.32
CA MET S 197 -74.89 26.26 -16.86
C MET S 197 -73.99 26.29 -15.62
N VAL S 198 -74.04 25.22 -14.82
CA VAL S 198 -73.35 25.10 -13.54
C VAL S 198 -72.32 23.97 -13.66
N ASP S 199 -71.17 24.09 -13.00
CA ASP S 199 -70.14 23.08 -13.05
C ASP S 199 -70.62 21.77 -12.40
N LEU S 200 -70.93 20.76 -13.21
CA LEU S 200 -71.47 19.51 -12.70
C LEU S 200 -70.42 18.67 -11.98
N ILE S 201 -69.13 18.87 -12.24
CA ILE S 201 -68.12 18.20 -11.45
C ILE S 201 -68.05 18.84 -10.06
N GLU S 202 -68.20 20.16 -9.96
CA GLU S 202 -68.34 20.84 -8.67
C GLU S 202 -69.57 20.29 -7.94
N ARG S 203 -70.76 20.31 -8.57
CA ARG S 203 -71.99 19.75 -8.01
C ARG S 203 -71.78 18.34 -7.47
N ASN S 204 -71.09 17.49 -8.23
CA ASN S 204 -70.90 16.09 -7.87
C ASN S 204 -69.83 15.88 -6.80
N ILE S 205 -68.75 16.66 -6.80
CA ILE S 205 -67.82 16.66 -5.68
C ILE S 205 -68.54 17.06 -4.39
N GLN S 206 -69.43 18.07 -4.45
CA GLN S 206 -70.25 18.44 -3.31
C GLN S 206 -71.16 17.29 -2.87
N ARG S 207 -71.87 16.63 -3.80
CA ARG S 207 -72.75 15.52 -3.47
C ARG S 207 -71.98 14.38 -2.81
N VAL S 208 -70.85 14.00 -3.39
CA VAL S 208 -70.04 12.90 -2.92
C VAL S 208 -69.50 13.20 -1.53
N GLY S 209 -68.98 14.42 -1.29
CA GLY S 209 -68.57 14.84 0.05
C GLY S 209 -69.71 14.80 1.06
N ALA S 210 -70.88 15.36 0.69
CA ALA S 210 -72.05 15.39 1.55
C ALA S 210 -72.51 13.98 1.91
N SER S 211 -72.49 13.05 0.94
CA SER S 211 -72.92 11.67 1.10
C SER S 211 -71.98 10.89 2.03
N LEU S 212 -70.67 11.11 1.92
CA LEU S 212 -69.70 10.51 2.82
C LEU S 212 -69.83 11.08 4.23
N GLU S 213 -69.99 12.40 4.37
CA GLU S 213 -70.23 13.02 5.67
C GLU S 213 -71.52 12.51 6.30
N ASN S 214 -72.61 12.39 5.55
CA ASN S 214 -73.85 11.78 6.02
C ASN S 214 -73.61 10.35 6.51
N GLY S 215 -72.73 9.60 5.83
CA GLY S 215 -72.29 8.27 6.26
C GLY S 215 -71.57 8.27 7.60
N ILE S 216 -70.61 9.19 7.83
CA ILE S 216 -69.96 9.34 9.13
C ILE S 216 -71.00 9.63 10.20
N ASN S 217 -71.90 10.56 9.90
CA ASN S 217 -72.99 10.98 10.75
C ASN S 217 -73.86 9.79 11.18
N ARG S 218 -74.17 8.88 10.25
CA ARG S 218 -74.95 7.68 10.52
C ARG S 218 -74.19 6.69 11.40
N VAL S 219 -72.91 6.45 11.10
CA VAL S 219 -72.09 5.53 11.88
C VAL S 219 -71.94 6.03 13.31
N PHE S 220 -71.64 7.32 13.49
CA PHE S 220 -71.61 7.99 14.78
C PHE S 220 -72.93 7.86 15.53
N LEU S 221 -74.05 8.32 14.94
CA LEU S 221 -75.30 8.37 15.66
C LEU S 221 -75.80 6.97 16.05
N THR S 222 -75.60 5.97 15.19
CA THR S 222 -76.03 4.62 15.48
C THR S 222 -75.22 4.00 16.63
N GLU S 223 -73.91 4.22 16.70
CA GLU S 223 -73.12 3.80 17.85
C GLU S 223 -73.59 4.51 19.12
N LEU S 224 -73.72 5.84 19.04
CA LEU S 224 -74.08 6.71 20.14
C LEU S 224 -75.42 6.31 20.77
N VAL S 225 -76.45 6.08 19.95
CA VAL S 225 -77.77 5.72 20.42
C VAL S 225 -77.81 4.27 20.92
N ASP S 226 -77.19 3.32 20.22
CA ASP S 226 -77.29 1.91 20.58
C ASP S 226 -76.48 1.53 21.82
N ASN S 227 -75.27 2.07 21.98
CA ASN S 227 -74.32 1.60 22.98
C ASN S 227 -74.15 2.52 24.20
N ALA S 228 -75.03 3.52 24.38
CA ALA S 228 -75.10 4.23 25.65
C ALA S 228 -75.50 3.27 26.78
N GLN S 229 -74.77 3.26 27.90
CA GLN S 229 -75.03 2.31 28.98
C GLN S 229 -76.13 2.77 29.94
N ASN S 230 -76.33 4.09 30.09
CA ASN S 230 -77.41 4.61 30.90
C ASN S 230 -78.61 5.01 30.04
N ASN S 231 -79.76 5.20 30.70
CA ASN S 231 -80.99 5.53 30.01
C ASN S 231 -81.95 6.18 31.02
N HIS S 232 -82.52 7.32 30.67
CA HIS S 232 -83.60 7.91 31.43
C HIS S 232 -84.91 7.67 30.68
N ASP S 233 -85.81 6.89 31.28
CA ASP S 233 -87.10 6.60 30.70
C ASP S 233 -88.13 7.63 31.18
N THR S 234 -88.63 8.46 30.27
CA THR S 234 -89.59 9.51 30.60
C THR S 234 -91.01 8.98 30.80
N ALA S 235 -91.29 7.78 30.27
CA ALA S 235 -92.62 7.17 30.30
C ALA S 235 -93.72 8.16 29.84
N GLY S 236 -93.47 8.89 28.74
CA GLY S 236 -94.44 9.83 28.18
C GLY S 236 -94.77 11.06 29.04
N SER S 237 -93.90 11.46 29.98
CA SER S 237 -94.17 12.57 30.89
C SER S 237 -92.90 13.37 31.23
N ASN S 238 -93.05 14.66 31.62
CA ASN S 238 -91.95 15.52 32.06
C ASN S 238 -90.75 15.48 31.09
N GLN S 239 -91.03 15.59 29.78
CA GLN S 239 -90.06 15.24 28.75
C GLN S 239 -89.07 16.36 28.40
N GLY S 240 -89.30 17.59 28.88
CA GLY S 240 -88.44 18.75 28.57
C GLY S 240 -87.18 18.79 29.43
N TYR S 241 -86.88 19.95 30.04
CA TYR S 241 -85.72 20.15 30.89
C TYR S 241 -85.56 19.05 31.94
N GLN S 242 -86.65 18.60 32.57
CA GLN S 242 -86.57 17.61 33.63
C GLN S 242 -85.98 16.29 33.14
N ALA S 243 -86.34 15.85 31.93
CA ALA S 243 -85.74 14.66 31.33
C ALA S 243 -84.25 14.86 31.09
N LEU S 244 -83.88 16.03 30.56
CA LEU S 244 -82.51 16.37 30.23
C LEU S 244 -81.65 16.40 31.49
N ASN S 245 -82.13 17.03 32.58
CA ASN S 245 -81.49 16.99 33.89
C ASN S 245 -81.41 15.56 34.44
N SER S 246 -82.49 14.78 34.31
CA SER S 246 -82.50 13.41 34.82
C SER S 246 -81.49 12.52 34.10
N ALA S 247 -81.34 12.68 32.79
CA ALA S 247 -80.32 12.00 32.00
C ALA S 247 -78.92 12.40 32.45
N VAL S 248 -78.66 13.68 32.69
CA VAL S 248 -77.40 14.09 33.31
C VAL S 248 -77.20 13.38 34.65
N GLY S 249 -78.27 13.28 35.46
CA GLY S 249 -78.27 12.56 36.72
C GLY S 249 -77.86 11.09 36.61
N GLU S 250 -78.34 10.37 35.59
CA GLU S 250 -77.93 9.00 35.36
C GLU S 250 -76.42 8.88 35.09
N VAL S 251 -75.86 9.77 34.26
CA VAL S 251 -74.44 9.76 33.96
C VAL S 251 -73.61 10.13 35.19
N ASP S 252 -74.07 11.15 35.94
CA ASP S 252 -73.47 11.61 37.18
C ASP S 252 -73.42 10.49 38.23
N LYS S 253 -74.48 9.66 38.31
CA LYS S 253 -74.53 8.54 39.23
C LYS S 253 -73.47 7.47 38.93
N ASP S 254 -73.01 7.37 37.67
CA ASP S 254 -71.88 6.52 37.29
C ASP S 254 -70.54 7.26 37.33
N ASP S 255 -70.51 8.48 37.88
CA ASP S 255 -69.30 9.27 38.12
C ASP S 255 -68.54 9.68 36.84
N PHE S 256 -69.28 9.82 35.73
CA PHE S 256 -68.81 10.58 34.57
C PHE S 256 -69.48 11.95 34.53
N ARG S 257 -68.97 12.88 33.72
CA ARG S 257 -69.55 14.21 33.60
C ARG S 257 -69.87 14.51 32.13
N PRO S 258 -71.16 14.51 31.71
CA PRO S 258 -71.50 14.78 30.32
C PRO S 258 -71.41 16.27 30.05
N ASP S 259 -71.23 16.64 28.77
CA ASP S 259 -71.07 18.03 28.38
C ASP S 259 -71.75 18.35 27.04
N THR S 260 -72.40 17.36 26.42
CA THR S 260 -72.92 17.47 25.06
C THR S 260 -74.25 16.74 24.99
N TYR S 261 -75.15 17.19 24.11
CA TYR S 261 -76.31 16.37 23.78
C TYR S 261 -76.67 16.42 22.30
N VAL S 262 -77.09 15.26 21.80
CA VAL S 262 -77.51 15.03 20.43
C VAL S 262 -79.02 14.82 20.45
N THR S 263 -79.75 15.44 19.52
CA THR S 263 -81.20 15.57 19.67
C THR S 263 -81.96 15.32 18.36
N HIS S 264 -83.08 14.58 18.43
CA HIS S 264 -84.00 14.35 17.31
C HIS S 264 -84.95 15.53 17.12
N PRO S 265 -85.42 15.87 15.89
CA PRO S 265 -86.34 16.98 15.66
C PRO S 265 -87.63 16.99 16.48
N ASP S 266 -88.20 15.82 16.79
CA ASP S 266 -89.37 15.74 17.64
C ASP S 266 -89.04 16.12 19.09
N TYR S 267 -87.90 15.63 19.61
CA TYR S 267 -87.46 16.04 20.94
C TYR S 267 -87.26 17.55 21.01
N ARG S 268 -86.58 18.15 20.03
CA ARG S 268 -86.43 19.60 19.95
C ARG S 268 -87.77 20.31 20.00
N THR S 269 -88.75 19.83 19.23
CA THR S 269 -90.08 20.41 19.19
C THR S 269 -90.73 20.40 20.58
N GLN S 270 -90.68 19.26 21.29
CA GLN S 270 -91.17 19.15 22.66
C GLN S 270 -90.43 20.11 23.60
N LEU S 271 -89.09 20.11 23.54
CA LEU S 271 -88.27 20.91 24.43
C LEU S 271 -88.59 22.40 24.32
N PHE S 272 -88.87 22.90 23.11
CA PHE S 272 -89.22 24.31 22.93
C PHE S 272 -90.69 24.63 23.24
N ASN S 273 -91.53 23.61 23.48
CA ASN S 273 -92.85 23.77 24.07
C ASN S 273 -92.82 23.73 25.60
N ASP S 274 -91.70 23.31 26.21
CA ASP S 274 -91.57 23.25 27.67
C ASP S 274 -91.71 24.66 28.26
N THR S 275 -92.65 24.85 29.18
CA THR S 275 -92.87 26.15 29.80
C THR S 275 -91.63 26.67 30.54
N ASN S 276 -90.74 25.78 30.98
CA ASN S 276 -89.50 26.18 31.64
C ASN S 276 -88.56 26.92 30.68
N LEU S 277 -88.72 26.74 29.36
CA LEU S 277 -87.89 27.37 28.34
C LEU S 277 -88.69 28.38 27.51
N ALA S 278 -89.95 28.07 27.22
CA ALA S 278 -90.84 28.90 26.41
C ALA S 278 -91.25 30.18 27.13
N TYR S 279 -91.51 30.12 28.45
CA TYR S 279 -91.86 31.31 29.20
C TYR S 279 -90.58 32.05 29.59
N ALA S 280 -90.39 33.27 29.07
CA ALA S 280 -89.19 34.06 29.33
C ALA S 280 -88.95 34.25 30.83
N ASN S 281 -90.04 34.45 31.56
CA ASN S 281 -90.16 34.39 33.00
C ASN S 281 -89.35 33.24 33.62
N ARG S 282 -89.68 31.98 33.26
CA ARG S 282 -89.08 30.78 33.83
C ARG S 282 -87.68 30.51 33.27
N ALA S 283 -87.41 30.89 32.02
CA ALA S 283 -86.13 30.63 31.36
C ALA S 283 -85.05 31.67 31.69
N GLY S 284 -85.45 32.88 32.10
CA GLY S 284 -84.53 33.98 32.36
C GLY S 284 -84.24 34.86 31.15
N THR S 285 -84.60 34.41 29.94
CA THR S 285 -84.57 35.20 28.71
C THR S 285 -85.69 34.73 27.78
N ASN S 286 -86.11 35.57 26.83
CA ASN S 286 -87.05 35.16 25.80
C ASN S 286 -86.38 34.57 24.56
N GLU S 287 -85.09 34.23 24.65
CA GLU S 287 -84.31 33.75 23.51
C GLU S 287 -84.90 32.50 22.87
N VAL S 288 -85.42 31.54 23.66
CA VAL S 288 -85.98 30.32 23.09
C VAL S 288 -87.29 30.63 22.38
N LEU S 289 -88.15 31.47 22.96
CA LEU S 289 -89.39 31.92 22.33
C LEU S 289 -89.12 32.63 21.00
N ARG S 290 -88.06 33.45 20.93
CA ARG S 290 -87.74 34.20 19.72
C ARG S 290 -86.97 33.37 18.70
N ASN S 291 -85.82 32.81 19.09
CA ASN S 291 -84.84 32.25 18.18
C ASN S 291 -84.76 30.72 18.21
N ARG S 292 -85.62 30.04 18.98
CA ARG S 292 -85.76 28.58 18.95
C ARG S 292 -84.42 27.87 19.20
N GLU S 293 -83.94 27.04 18.27
CA GLU S 293 -82.70 26.29 18.45
C GLU S 293 -81.44 27.18 18.43
N ASP S 294 -81.53 28.38 17.85
CA ASP S 294 -80.42 29.31 17.76
C ASP S 294 -80.25 30.15 19.04
N ALA S 295 -81.17 30.02 19.99
CA ALA S 295 -81.06 30.61 21.32
C ALA S 295 -79.81 30.13 22.04
N PRO S 296 -78.98 31.02 22.65
CA PRO S 296 -77.76 30.60 23.34
C PRO S 296 -78.02 29.66 24.51
N ILE S 297 -79.22 29.71 25.12
CA ILE S 297 -79.63 28.82 26.21
C ILE S 297 -79.62 27.35 25.78
N VAL S 298 -79.94 27.06 24.52
CA VAL S 298 -80.10 25.69 24.04
C VAL S 298 -78.75 24.95 24.00
N GLY S 299 -77.66 25.69 23.78
CA GLY S 299 -76.30 25.16 23.88
C GLY S 299 -75.68 25.28 25.27
N ASP S 300 -76.46 25.66 26.30
CA ASP S 300 -75.97 25.92 27.65
C ASP S 300 -77.07 25.58 28.66
N ILE S 301 -77.43 24.30 28.74
CA ILE S 301 -78.55 23.81 29.53
C ILE S 301 -78.15 22.57 30.33
N ALA S 302 -78.62 22.48 31.59
CA ALA S 302 -78.41 21.31 32.45
C ALA S 302 -76.92 20.99 32.64
N GLY S 303 -76.04 22.00 32.53
CA GLY S 303 -74.60 21.80 32.68
C GLY S 303 -73.89 21.41 31.37
N LEU S 304 -74.65 21.08 30.32
CA LEU S 304 -74.11 20.76 29.01
C LEU S 304 -73.71 22.06 28.31
N ASP S 305 -72.64 22.01 27.51
CA ASP S 305 -72.07 23.19 26.86
C ASP S 305 -71.99 23.02 25.33
N MET S 306 -72.65 21.99 24.78
CA MET S 306 -72.84 21.87 23.33
C MET S 306 -74.16 21.14 23.03
N HIS S 307 -74.92 21.69 22.07
CA HIS S 307 -76.06 21.00 21.48
C HIS S 307 -75.71 20.63 20.04
N ALA S 308 -75.83 19.33 19.72
CA ALA S 308 -75.59 18.82 18.39
C ALA S 308 -76.92 18.36 17.78
N ALA S 309 -77.64 19.31 17.19
CA ALA S 309 -78.93 19.04 16.57
C ALA S 309 -78.76 18.10 15.36
N MET S 310 -79.46 16.96 15.36
CA MET S 310 -79.34 16.00 14.26
C MET S 310 -80.66 15.84 13.49
N SER S 311 -80.54 15.33 12.25
CA SER S 311 -81.65 15.05 11.35
C SER S 311 -82.36 13.75 11.72
N SER S 312 -83.61 13.60 11.26
CA SER S 312 -84.42 12.41 11.50
C SER S 312 -83.86 11.19 10.76
N ALA S 313 -83.39 11.38 9.53
CA ALA S 313 -82.95 10.31 8.63
C ALA S 313 -81.58 9.71 8.98
N THR S 314 -80.80 10.32 9.89
CA THR S 314 -79.40 9.97 10.08
C THR S 314 -79.24 8.59 10.71
N TYR S 315 -80.05 8.25 11.72
CA TYR S 315 -79.91 6.96 12.38
C TYR S 315 -80.20 5.81 11.42
N ASP S 316 -79.41 4.75 11.54
CA ASP S 316 -79.56 3.57 10.71
C ASP S 316 -80.76 2.72 11.11
N ASP S 317 -81.92 2.99 10.50
CA ASP S 317 -83.13 2.19 10.67
C ASP S 317 -83.09 0.87 9.90
N GLY S 318 -82.02 0.61 9.12
CA GLY S 318 -81.90 -0.60 8.32
C GLY S 318 -82.69 -0.62 7.01
N THR S 319 -83.36 0.48 6.63
CA THR S 319 -84.19 0.49 5.43
C THR S 319 -83.39 0.79 4.16
N ASP S 320 -82.30 1.57 4.28
CA ASP S 320 -81.41 1.82 3.15
C ASP S 320 -80.61 0.56 2.82
N ILE S 321 -80.38 0.33 1.52
CA ILE S 321 -79.66 -0.86 1.06
C ILE S 321 -78.18 -0.81 1.49
N GLY S 322 -77.62 -1.96 1.85
CA GLY S 322 -76.24 -2.03 2.30
C GLY S 322 -76.10 -1.80 3.81
N TRP S 323 -76.85 -0.82 4.33
CA TRP S 323 -76.95 -0.58 5.76
C TRP S 323 -77.82 -1.64 6.45
N SER S 324 -77.40 -2.11 7.63
CA SER S 324 -78.19 -3.03 8.46
C SER S 324 -78.47 -2.40 9.82
N GLY S 325 -79.73 -2.32 10.23
CA GLY S 325 -80.17 -1.35 11.22
C GLY S 325 -79.55 -1.49 12.61
N GLY S 326 -79.59 -0.40 13.38
CA GLY S 326 -79.27 -0.43 14.81
C GLY S 326 -80.34 -1.12 15.65
N SER S 327 -80.12 -1.23 16.96
CA SER S 327 -81.01 -1.94 17.88
C SER S 327 -82.20 -1.09 18.37
N GLU S 328 -82.11 0.24 18.26
CA GLU S 328 -83.07 1.18 18.83
C GLU S 328 -83.98 1.80 17.76
N THR S 329 -84.92 2.67 18.17
CA THR S 329 -85.61 3.56 17.24
C THR S 329 -85.25 5.01 17.58
N TRP S 330 -84.63 5.71 16.63
CA TRP S 330 -84.40 7.15 16.75
C TRP S 330 -85.69 7.90 16.42
N GLY S 331 -86.14 8.74 17.36
CA GLY S 331 -87.43 9.41 17.24
C GLY S 331 -87.85 10.00 18.58
N PHE S 332 -88.99 10.68 18.63
CA PHE S 332 -89.57 11.03 19.92
C PHE S 332 -91.08 11.14 19.82
N SER S 333 -91.68 10.07 19.27
CA SER S 333 -93.06 10.04 18.79
C SER S 333 -93.90 9.07 19.61
N SER S 334 -93.25 8.00 20.10
CA SER S 334 -93.94 6.77 20.49
C SER S 334 -93.12 6.00 21.51
N ASP S 335 -93.81 5.16 22.29
CA ASP S 335 -93.25 4.36 23.37
C ASP S 335 -91.96 3.64 22.96
N GLY S 336 -90.84 3.98 23.63
CA GLY S 336 -89.56 3.34 23.41
C GLY S 336 -88.62 4.05 22.44
N ASP S 337 -89.06 5.12 21.77
CA ASP S 337 -88.16 5.92 20.95
C ASP S 337 -87.05 6.54 21.80
N LYS S 338 -85.81 6.55 21.30
CA LYS S 338 -84.71 7.32 21.89
C LYS S 338 -84.62 8.65 21.16
N GLY S 339 -84.90 9.77 21.85
CA GLY S 339 -85.02 11.06 21.20
C GLY S 339 -83.85 12.02 21.43
N ALA S 340 -83.04 11.75 22.45
CA ALA S 340 -81.85 12.54 22.72
C ALA S 340 -80.80 11.65 23.39
N VAL S 341 -79.53 12.00 23.25
CA VAL S 341 -78.47 11.37 24.01
C VAL S 341 -77.69 12.47 24.71
N VAL S 342 -77.50 12.32 26.02
CA VAL S 342 -76.70 13.21 26.83
C VAL S 342 -75.38 12.49 27.11
N TYR S 343 -74.23 13.10 26.82
CA TYR S 343 -72.98 12.34 26.87
C TYR S 343 -71.74 13.23 27.03
N ASP S 344 -70.64 12.59 27.38
CA ASP S 344 -69.32 13.20 27.39
C ASP S 344 -68.71 13.08 25.99
N ARG S 345 -68.49 14.22 25.33
CA ARG S 345 -67.95 14.32 23.98
C ARG S 345 -66.65 13.54 23.79
N ASP S 346 -65.82 13.45 24.83
CA ASP S 346 -64.48 12.89 24.76
C ASP S 346 -64.46 11.37 24.93
N ASN S 347 -65.60 10.74 25.27
CA ASN S 347 -65.69 9.31 25.50
C ASN S 347 -66.36 8.53 24.37
N ILE S 348 -66.71 9.21 23.27
CA ILE S 348 -67.22 8.61 22.04
C ILE S 348 -66.27 9.00 20.91
N HIS S 349 -65.77 7.99 20.17
CA HIS S 349 -64.70 8.17 19.20
C HIS S 349 -65.17 7.84 17.80
N THR S 350 -65.11 8.81 16.89
CA THR S 350 -65.21 8.57 15.46
C THR S 350 -63.83 8.25 14.94
N ILE S 351 -63.66 7.06 14.37
CA ILE S 351 -62.34 6.56 13.99
C ILE S 351 -62.31 6.49 12.47
N LEU S 352 -61.43 7.29 11.85
CA LEU S 352 -61.30 7.36 10.40
C LEU S 352 -59.99 6.73 10.00
N TYR S 353 -60.03 5.77 9.07
CA TYR S 353 -58.83 5.16 8.54
C TYR S 353 -58.55 5.70 7.14
N ALA S 354 -57.31 6.13 6.94
CA ALA S 354 -56.86 6.74 5.71
C ALA S 354 -55.65 5.95 5.19
N PRO S 355 -55.84 4.96 4.28
CA PRO S 355 -54.73 4.19 3.73
C PRO S 355 -53.70 5.04 2.98
N ASN S 356 -54.13 6.21 2.47
CA ASN S 356 -53.29 7.19 1.79
C ASN S 356 -53.14 8.50 2.58
N GLY S 357 -53.38 8.47 3.90
CA GLY S 357 -53.15 9.60 4.81
C GLY S 357 -54.21 10.70 4.79
N GLN S 358 -54.75 11.02 3.60
CA GLN S 358 -55.84 11.97 3.41
C GLN S 358 -57.12 11.47 4.08
N ASP S 359 -57.81 12.35 4.85
CA ASP S 359 -58.88 11.95 5.76
C ASP S 359 -60.06 11.30 5.01
N VAL S 360 -60.50 11.92 3.90
CA VAL S 360 -61.55 11.42 3.02
C VAL S 360 -61.06 11.61 1.58
N GLU S 361 -61.23 10.60 0.73
CA GLU S 361 -60.65 10.68 -0.61
C GLU S 361 -61.76 10.80 -1.65
N ILE S 362 -61.82 11.97 -2.31
CA ILE S 362 -62.68 12.20 -3.45
C ILE S 362 -61.79 12.37 -4.68
N LYS S 363 -61.98 11.51 -5.68
CA LYS S 363 -61.23 11.51 -6.93
C LYS S 363 -62.17 11.86 -8.07
N ASP S 364 -61.73 12.78 -8.95
CA ASP S 364 -62.30 12.88 -10.28
C ASP S 364 -61.30 12.33 -11.30
N TYR S 365 -61.78 11.49 -12.22
CA TYR S 365 -60.96 10.87 -13.26
C TYR S 365 -61.75 10.83 -14.56
N GLU S 366 -61.05 10.84 -15.71
CA GLU S 366 -61.73 10.68 -16.99
C GLU S 366 -61.54 9.26 -17.54
N ASP S 367 -62.60 8.75 -18.16
CA ASP S 367 -62.55 7.61 -19.05
C ASP S 367 -62.41 8.14 -20.48
N PRO S 368 -61.22 8.07 -21.12
CA PRO S 368 -61.03 8.56 -22.49
C PRO S 368 -61.59 7.61 -23.55
N ILE S 369 -61.97 6.39 -23.16
CA ILE S 369 -62.58 5.40 -24.05
C ILE S 369 -64.09 5.68 -24.22
N ARG S 370 -64.74 6.26 -23.19
CA ARG S 370 -66.17 6.52 -23.18
C ARG S 370 -66.54 8.01 -23.11
N ASP S 371 -65.57 8.91 -22.88
CA ASP S 371 -65.80 10.35 -22.69
C ASP S 371 -66.74 10.64 -21.51
N ILE S 372 -66.39 10.04 -20.37
CA ILE S 372 -67.11 10.21 -19.12
C ILE S 372 -66.12 10.68 -18.06
N THR S 373 -66.52 11.62 -17.21
CA THR S 373 -65.80 11.89 -15.98
C THR S 373 -66.54 11.19 -14.84
N GLY S 374 -65.81 10.39 -14.06
CA GLY S 374 -66.34 9.81 -12.83
C GLY S 374 -65.88 10.65 -11.64
N VAL S 375 -66.75 10.81 -10.64
CA VAL S 375 -66.38 11.36 -9.34
C VAL S 375 -66.65 10.28 -8.30
N ASN S 376 -65.60 9.78 -7.64
CA ASN S 376 -65.72 8.67 -6.70
C ASN S 376 -65.23 9.11 -5.32
N GLY S 377 -66.05 8.86 -4.30
CA GLY S 377 -65.68 9.12 -2.92
C GLY S 377 -65.58 7.83 -2.12
N ARG S 378 -64.60 7.78 -1.22
CA ARG S 378 -64.39 6.63 -0.34
C ARG S 378 -63.91 7.12 1.02
N LEU S 379 -64.21 6.32 2.04
CA LEU S 379 -63.80 6.57 3.40
C LEU S 379 -63.86 5.26 4.17
N HIS S 380 -62.98 5.04 5.14
CA HIS S 380 -63.19 3.95 6.09
C HIS S 380 -63.50 4.55 7.45
N VAL S 381 -64.64 4.19 8.05
CA VAL S 381 -65.05 4.78 9.32
C VAL S 381 -65.63 3.72 10.27
N ASP S 382 -65.34 3.90 11.57
CA ASP S 382 -66.02 3.21 12.64
C ASP S 382 -66.33 4.23 13.75
N CYS S 383 -67.25 3.89 14.64
CA CYS S 383 -67.45 4.69 15.83
C CYS S 383 -67.56 3.79 17.06
N GLN S 384 -66.87 4.16 18.15
CA GLN S 384 -66.81 3.36 19.35
C GLN S 384 -66.82 4.24 20.60
N TYR S 385 -67.61 3.89 21.62
CA TYR S 385 -67.38 4.43 22.95
C TYR S 385 -66.11 3.86 23.58
N SER S 386 -65.35 4.69 24.30
CA SER S 386 -64.40 4.22 25.30
C SER S 386 -65.08 3.98 26.66
N GLN S 387 -66.12 4.75 26.97
CA GLN S 387 -66.91 4.56 28.17
C GLN S 387 -68.38 4.84 27.85
N GLY S 388 -69.15 3.78 27.58
CA GLY S 388 -70.57 3.88 27.30
C GLY S 388 -71.38 4.40 28.50
N ARG S 389 -70.86 4.18 29.72
CA ARG S 389 -71.39 4.74 30.96
C ARG S 389 -71.36 6.27 30.99
N SER S 390 -70.50 6.91 30.19
CA SER S 390 -70.43 8.36 30.13
C SER S 390 -71.60 9.01 29.37
N SER S 391 -72.64 8.22 29.04
CA SER S 391 -73.76 8.70 28.22
C SER S 391 -75.07 8.06 28.65
N ALA S 392 -76.18 8.80 28.43
CA ALA S 392 -77.53 8.35 28.71
C ALA S 392 -78.47 8.74 27.57
N THR S 393 -79.28 7.79 27.07
CA THR S 393 -80.36 8.13 26.16
C THR S 393 -81.57 8.64 26.93
N VAL S 394 -82.25 9.67 26.40
CA VAL S 394 -83.59 10.03 26.85
C VAL S 394 -84.58 9.20 26.05
N GLN S 395 -85.47 8.49 26.74
CA GLN S 395 -86.41 7.59 26.11
C GLN S 395 -87.86 8.06 26.31
N TYR S 396 -88.66 7.97 25.25
CA TYR S 396 -90.08 8.30 25.26
C TYR S 396 -90.91 7.24 25.99
N PHE T 101 -143.25 77.64 5.59
CA PHE T 101 -142.87 78.34 6.87
C PHE T 101 -142.68 79.83 6.59
N ALA T 102 -141.87 80.52 7.40
CA ALA T 102 -141.41 81.87 7.11
C ALA T 102 -140.50 81.81 5.88
N ALA T 103 -139.30 81.26 6.06
CA ALA T 103 -138.41 80.79 5.01
C ALA T 103 -137.37 79.87 5.65
N SER T 104 -137.58 78.55 5.55
CA SER T 104 -136.75 77.57 6.25
C SER T 104 -135.57 77.09 5.41
N ASP T 105 -134.50 76.63 6.09
CA ASP T 105 -133.40 75.93 5.45
C ASP T 105 -133.88 74.71 4.66
N PRO T 106 -134.63 73.73 5.24
CA PRO T 106 -135.15 72.58 4.49
C PRO T 106 -136.16 72.91 3.39
N GLU T 107 -136.69 74.13 3.39
CA GLU T 107 -137.71 74.57 2.45
C GLU T 107 -137.09 75.03 1.12
N TYR T 108 -135.81 75.43 1.14
CA TYR T 108 -135.09 75.97 -0.02
C TYR T 108 -133.73 75.31 -0.23
N VAL T 109 -133.55 74.09 0.29
CA VAL T 109 -132.28 73.38 0.46
C VAL T 109 -131.58 73.04 -0.86
N ASP T 110 -132.30 73.17 -1.99
CA ASP T 110 -131.73 72.93 -3.31
C ASP T 110 -132.13 74.03 -4.30
N THR T 111 -132.48 75.22 -3.77
CA THR T 111 -133.03 76.35 -4.51
C THR T 111 -132.19 77.61 -4.28
N LEU T 112 -132.00 78.00 -3.02
CA LEU T 112 -131.21 79.19 -2.69
C LEU T 112 -129.73 78.87 -2.46
N PHE T 113 -129.39 77.59 -2.31
CA PHE T 113 -128.04 77.07 -2.14
C PHE T 113 -128.03 75.58 -2.52
N ARG T 114 -126.83 74.99 -2.69
CA ARG T 114 -126.68 73.55 -2.83
C ARG T 114 -126.13 72.96 -1.52
N GLU T 115 -126.52 71.73 -1.19
CA GLU T 115 -125.91 70.98 -0.10
C GLU T 115 -124.38 70.92 -0.30
N GLN T 116 -123.60 71.14 0.76
CA GLN T 116 -122.15 71.01 0.67
C GLN T 116 -121.75 69.59 0.29
N LEU T 117 -120.88 69.45 -0.72
CA LEU T 117 -120.20 68.20 -0.99
C LEU T 117 -118.74 68.35 -0.56
N LEU T 118 -118.32 67.55 0.41
CA LEU T 118 -116.98 67.64 0.96
C LEU T 118 -115.95 67.09 -0.04
N GLU T 119 -114.84 67.82 -0.27
CA GLU T 119 -113.94 67.55 -1.40
C GLU T 119 -113.11 66.27 -1.22
N VAL T 120 -112.89 65.83 0.02
CA VAL T 120 -112.14 64.61 0.30
C VAL T 120 -113.04 63.40 0.04
N VAL T 121 -112.83 62.75 -1.12
CA VAL T 121 -113.34 61.40 -1.33
C VAL T 121 -112.59 60.43 -0.41
N MET T 122 -113.33 59.52 0.24
CA MET T 122 -112.76 58.64 1.24
C MET T 122 -112.73 57.18 0.79
N GLU T 123 -111.63 56.50 1.13
CA GLU T 123 -111.28 55.20 0.60
C GLU T 123 -112.16 54.06 1.12
N GLY T 124 -112.34 53.03 0.28
CA GLY T 124 -112.85 51.74 0.71
C GLY T 124 -111.77 50.88 1.37
N ARG T 125 -112.09 49.60 1.64
CA ARG T 125 -111.13 48.69 2.28
C ARG T 125 -109.91 48.50 1.38
N GLU T 126 -108.72 48.53 1.98
CA GLU T 126 -107.46 48.31 1.27
C GLU T 126 -106.80 47.05 1.80
N LEU T 127 -106.49 46.10 0.91
CA LEU T 127 -105.95 44.81 1.34
C LEU T 127 -104.46 44.91 1.66
N ARG T 128 -103.98 44.02 2.53
CA ARG T 128 -102.56 43.93 2.86
C ARG T 128 -101.77 43.39 1.67
N LYS T 129 -100.58 43.95 1.45
CA LYS T 129 -99.74 43.70 0.29
C LYS T 129 -98.34 43.33 0.77
N VAL T 130 -98.03 42.03 0.81
CA VAL T 130 -96.84 41.52 1.49
C VAL T 130 -95.97 40.59 0.62
N ALA T 131 -96.48 40.11 -0.53
CA ALA T 131 -95.61 39.64 -1.59
C ALA T 131 -94.60 40.74 -1.98
N ARG T 132 -93.55 40.38 -2.74
CA ARG T 132 -92.38 41.24 -2.96
C ARG T 132 -91.44 41.24 -1.76
N GLU T 133 -91.98 41.31 -0.54
CA GLU T 133 -91.19 41.18 0.68
C GLU T 133 -91.14 39.72 1.13
N ALA T 134 -92.30 39.06 1.21
CA ALA T 134 -92.48 37.73 1.79
C ALA T 134 -92.11 36.58 0.83
N SER T 135 -91.44 36.85 -0.30
CA SER T 135 -91.10 35.85 -1.32
C SER T 135 -89.87 36.29 -2.10
N ASN T 136 -89.14 35.34 -2.69
CA ASN T 136 -88.07 35.62 -3.62
C ASN T 136 -88.65 36.12 -4.96
N VAL T 137 -88.41 37.39 -5.34
CA VAL T 137 -88.92 37.90 -6.61
C VAL T 137 -87.90 37.68 -7.74
N ILE T 138 -88.37 37.06 -8.83
CA ILE T 138 -87.64 36.91 -10.07
C ILE T 138 -88.23 37.92 -11.06
N ASN T 139 -87.40 38.83 -11.57
CA ASN T 139 -87.74 39.65 -12.72
C ASN T 139 -87.31 38.90 -13.97
N ALA T 140 -88.25 38.17 -14.60
CA ALA T 140 -87.93 37.25 -15.69
C ALA T 140 -87.62 37.99 -16.98
N ASN T 141 -86.71 37.41 -17.80
CA ASN T 141 -86.43 37.88 -19.15
C ASN T 141 -87.46 37.35 -20.16
N THR T 142 -88.14 36.25 -19.82
CA THR T 142 -89.16 35.65 -20.67
C THR T 142 -90.38 35.27 -19.84
N ARG T 143 -91.56 35.38 -20.44
CA ARG T 143 -92.83 35.12 -19.78
C ARG T 143 -92.95 33.66 -19.31
N VAL T 144 -92.26 32.76 -20.00
CA VAL T 144 -92.21 31.33 -19.67
C VAL T 144 -90.76 30.97 -19.39
N GLY T 145 -90.52 30.11 -18.40
CA GLY T 145 -89.17 29.71 -18.03
C GLY T 145 -89.12 28.55 -17.05
N ASP T 146 -87.92 28.20 -16.61
CA ASP T 146 -87.69 27.10 -15.69
C ASP T 146 -86.66 27.46 -14.62
N VAL T 147 -86.90 26.96 -13.40
CA VAL T 147 -85.91 26.95 -12.34
C VAL T 147 -85.40 25.51 -12.19
N PRO T 148 -84.08 25.24 -12.27
CA PRO T 148 -83.56 23.89 -12.05
C PRO T 148 -83.50 23.52 -10.57
N ILE T 149 -83.98 22.31 -10.24
CA ILE T 149 -83.99 21.75 -8.89
C ILE T 149 -83.05 20.54 -8.87
N ALA T 150 -82.17 20.47 -7.86
CA ALA T 150 -81.33 19.30 -7.61
C ALA T 150 -82.05 18.28 -6.70
N SER T 151 -81.72 17.00 -6.91
CA SER T 151 -82.12 15.90 -6.04
C SER T 151 -81.52 16.04 -4.64
N ASP T 152 -82.23 15.50 -3.64
CA ASP T 152 -81.82 15.49 -2.23
C ASP T 152 -80.47 14.81 -1.98
N GLU T 153 -79.86 15.12 -0.83
CA GLU T 153 -78.70 14.37 -0.32
C GLU T 153 -79.06 12.91 0.00
N GLU T 154 -78.08 12.02 -0.18
CA GLU T 154 -78.19 10.62 0.20
C GLU T 154 -77.05 10.22 1.16
N PHE T 155 -76.93 8.92 1.43
CA PHE T 155 -75.86 8.39 2.28
C PHE T 155 -74.97 7.45 1.46
N ALA T 156 -73.67 7.47 1.78
CA ALA T 156 -72.73 6.54 1.17
C ALA T 156 -73.10 5.08 1.47
N ARG T 157 -72.79 4.17 0.53
CA ARG T 157 -72.98 2.74 0.72
C ARG T 157 -71.83 2.18 1.55
N PRO T 158 -72.07 1.40 2.63
CA PRO T 158 -71.02 0.55 3.18
C PRO T 158 -70.75 -0.60 2.21
N THR T 159 -69.46 -0.92 2.00
CA THR T 159 -69.01 -1.82 0.96
C THR T 159 -67.84 -2.69 1.42
N GLY T 160 -67.70 -3.89 0.82
CA GLY T 160 -66.61 -4.79 1.16
C GLY T 160 -65.26 -4.28 0.66
N GLN T 161 -64.18 -4.77 1.29
CA GLN T 161 -62.83 -4.47 0.81
C GLN T 161 -62.65 -5.00 -0.62
N GLY T 162 -62.11 -4.18 -1.53
CA GLY T 162 -61.92 -4.59 -2.92
C GLY T 162 -63.15 -4.44 -3.82
N ALA T 163 -64.36 -4.27 -3.26
CA ALA T 163 -65.60 -4.19 -4.04
C ALA T 163 -65.70 -2.85 -4.79
N GLU T 164 -66.25 -2.87 -6.03
CA GLU T 164 -66.37 -1.65 -6.83
C GLU T 164 -67.43 -0.71 -6.27
N ILE T 165 -67.24 0.60 -6.51
CA ILE T 165 -68.17 1.64 -6.10
C ILE T 165 -69.36 1.71 -7.06
N ARG T 166 -70.57 1.42 -6.53
CA ARG T 166 -71.83 1.71 -7.21
C ARG T 166 -72.01 3.23 -7.28
N ASP T 167 -72.73 3.67 -8.31
CA ASP T 167 -72.95 5.10 -8.51
C ASP T 167 -74.43 5.50 -8.43
N ASP T 168 -74.61 6.75 -7.99
CA ASP T 168 -75.88 7.35 -7.63
C ASP T 168 -75.68 8.87 -7.70
N GLY T 169 -75.78 9.39 -8.92
CA GLY T 169 -75.41 10.76 -9.23
C GLY T 169 -76.49 11.78 -8.86
N GLU T 170 -76.05 13.05 -8.76
CA GLU T 170 -77.01 14.13 -8.65
C GLU T 170 -77.92 14.10 -9.88
N THR T 171 -79.21 14.29 -9.64
CA THR T 171 -80.25 14.14 -10.65
C THR T 171 -81.12 15.39 -10.61
N TYR T 172 -81.62 15.85 -11.75
CA TYR T 172 -82.20 17.18 -11.83
C TYR T 172 -83.63 17.15 -12.39
N THR T 173 -84.37 18.22 -12.08
CA THR T 173 -85.72 18.45 -12.58
C THR T 173 -85.93 19.96 -12.65
N THR T 174 -87.11 20.43 -13.06
CA THR T 174 -87.40 21.86 -12.99
C THR T 174 -88.78 22.11 -12.42
N VAL T 175 -88.96 23.32 -11.88
CA VAL T 175 -90.29 23.89 -11.79
C VAL T 175 -90.40 24.94 -12.89
N ALA T 176 -91.44 24.83 -13.70
CA ALA T 176 -91.69 25.78 -14.76
C ALA T 176 -92.47 26.97 -14.21
N TRP T 177 -92.14 28.20 -14.66
CA TRP T 177 -93.07 29.30 -14.56
C TRP T 177 -93.72 29.57 -15.90
N ASN T 178 -94.98 29.97 -15.87
CA ASN T 178 -95.73 30.37 -17.04
C ASN T 178 -96.55 31.58 -16.62
N ALA T 179 -95.98 32.78 -16.78
CA ALA T 179 -96.56 33.98 -16.18
C ALA T 179 -97.85 34.38 -16.90
N THR T 180 -98.88 34.64 -16.09
CA THR T 180 -100.21 34.99 -16.55
C THR T 180 -100.36 36.51 -16.57
N LYS T 181 -100.84 37.06 -17.69
CA LYS T 181 -101.07 38.49 -17.80
C LYS T 181 -102.27 38.91 -16.95
N LEU T 182 -102.02 39.45 -15.75
CA LEU T 182 -103.07 40.12 -15.00
C LEU T 182 -103.28 41.52 -15.57
N THR T 183 -104.56 41.93 -15.67
CA THR T 183 -104.91 43.19 -16.30
C THR T 183 -106.03 43.88 -15.54
N GLU T 184 -106.08 45.21 -15.66
CA GLU T 184 -107.14 46.01 -15.09
C GLU T 184 -107.37 47.24 -15.99
N GLY T 185 -108.63 47.68 -16.12
CA GLY T 185 -108.94 48.83 -16.97
C GLY T 185 -110.11 49.66 -16.44
N SER T 186 -110.20 50.89 -16.94
CA SER T 186 -111.25 51.84 -16.59
C SER T 186 -111.46 52.86 -17.70
N ARG T 187 -112.70 53.37 -17.85
CA ARG T 187 -113.04 54.40 -18.81
C ARG T 187 -113.90 55.50 -18.17
N VAL T 188 -113.62 56.75 -18.55
CA VAL T 188 -114.30 57.93 -18.02
C VAL T 188 -114.67 58.84 -19.20
N THR T 189 -115.90 59.38 -19.23
CA THR T 189 -116.26 60.36 -20.25
C THR T 189 -115.59 61.71 -19.97
N ASP T 190 -115.28 62.48 -21.02
CA ASP T 190 -114.62 63.76 -20.85
C ASP T 190 -115.46 64.79 -20.08
N GLU T 191 -116.80 64.65 -20.13
CA GLU T 191 -117.71 65.45 -19.33
C GLU T 191 -117.63 65.11 -17.83
N MET T 192 -117.52 63.82 -17.50
CA MET T 192 -117.37 63.41 -16.10
C MET T 192 -115.99 63.82 -15.58
N ARG T 193 -114.95 63.65 -16.41
CA ARG T 193 -113.58 64.06 -16.12
C ARG T 193 -113.48 65.56 -15.85
N ASP T 194 -114.24 66.39 -16.58
CA ASP T 194 -114.34 67.82 -16.35
C ASP T 194 -115.04 68.14 -15.02
N GLN T 195 -116.24 67.60 -14.81
CA GLN T 195 -117.13 68.07 -13.76
C GLN T 195 -116.78 67.58 -12.36
N ALA T 196 -116.15 66.41 -12.24
CA ALA T 196 -115.78 65.83 -10.94
C ALA T 196 -114.83 66.76 -10.16
N MET T 197 -114.98 66.82 -8.84
CA MET T 197 -114.15 67.67 -7.97
C MET T 197 -112.73 67.13 -7.82
N VAL T 198 -112.54 65.83 -8.08
CA VAL T 198 -111.29 65.11 -7.84
C VAL T 198 -110.80 64.52 -9.16
N ASP T 199 -109.49 64.42 -9.34
CA ASP T 199 -108.90 63.89 -10.57
C ASP T 199 -109.23 62.39 -10.72
N LEU T 200 -110.24 62.09 -11.57
CA LEU T 200 -110.67 60.73 -11.80
C LEU T 200 -109.62 59.89 -12.51
N ILE T 201 -108.80 60.50 -13.37
CA ILE T 201 -107.76 59.73 -14.04
C ILE T 201 -106.67 59.35 -13.05
N GLU T 202 -106.26 60.28 -12.17
CA GLU T 202 -105.35 59.93 -11.09
C GLU T 202 -105.93 58.81 -10.23
N ARG T 203 -107.20 58.94 -9.81
CA ARG T 203 -107.84 57.91 -8.98
C ARG T 203 -107.90 56.55 -9.68
N ASN T 204 -108.21 56.52 -10.96
CA ASN T 204 -108.24 55.28 -11.72
C ASN T 204 -106.85 54.69 -11.95
N ILE T 205 -105.82 55.52 -12.15
CA ILE T 205 -104.43 55.07 -12.17
C ILE T 205 -104.07 54.40 -10.83
N GLN T 206 -104.47 55.00 -9.70
CA GLN T 206 -104.28 54.39 -8.38
C GLN T 206 -105.03 53.07 -8.26
N ARG T 207 -106.31 53.00 -8.65
CA ARG T 207 -107.08 51.76 -8.60
C ARG T 207 -106.42 50.66 -9.45
N VAL T 208 -105.98 50.98 -10.66
CA VAL T 208 -105.34 50.03 -11.55
C VAL T 208 -104.08 49.47 -10.90
N GLY T 209 -103.21 50.33 -10.35
CA GLY T 209 -102.03 49.89 -9.62
C GLY T 209 -102.36 48.99 -8.43
N ALA T 210 -103.30 49.41 -7.57
CA ALA T 210 -103.72 48.65 -6.40
C ALA T 210 -104.32 47.29 -6.76
N SER T 211 -105.11 47.23 -7.84
CA SER T 211 -105.75 46.02 -8.33
C SER T 211 -104.72 44.99 -8.79
N LEU T 212 -103.67 45.45 -9.48
CA LEU T 212 -102.57 44.58 -9.89
C LEU T 212 -101.77 44.06 -8.68
N GLU T 213 -101.46 44.92 -7.69
CA GLU T 213 -100.80 44.49 -6.47
C GLU T 213 -101.60 43.44 -5.71
N ASN T 214 -102.92 43.63 -5.56
CA ASN T 214 -103.79 42.61 -4.99
C ASN T 214 -103.72 41.32 -5.79
N GLY T 215 -103.68 41.41 -7.12
CA GLY T 215 -103.47 40.28 -8.02
C GLY T 215 -102.19 39.49 -7.69
N ILE T 216 -101.03 40.16 -7.61
CA ILE T 216 -99.77 39.52 -7.25
C ILE T 216 -99.91 38.78 -5.91
N ASN T 217 -100.53 39.42 -4.92
CA ASN T 217 -100.71 38.85 -3.60
C ASN T 217 -101.64 37.63 -3.62
N ARG T 218 -102.68 37.62 -4.45
CA ARG T 218 -103.55 36.47 -4.62
C ARG T 218 -102.82 35.28 -5.26
N VAL T 219 -102.04 35.52 -6.32
CA VAL T 219 -101.25 34.48 -6.96
C VAL T 219 -100.27 33.87 -5.96
N PHE T 220 -99.53 34.71 -5.25
CA PHE T 220 -98.61 34.29 -4.20
C PHE T 220 -99.30 33.48 -3.11
N LEU T 221 -100.35 34.02 -2.47
CA LEU T 221 -100.97 33.35 -1.34
C LEU T 221 -101.60 32.01 -1.72
N THR T 222 -102.20 31.93 -2.91
CA THR T 222 -102.85 30.71 -3.36
C THR T 222 -101.81 29.61 -3.62
N GLU T 223 -100.66 29.95 -4.24
CA GLU T 223 -99.57 28.99 -4.37
C GLU T 223 -99.08 28.55 -2.99
N LEU T 224 -98.80 29.53 -2.12
CA LEU T 224 -98.24 29.30 -0.80
C LEU T 224 -99.10 28.34 0.03
N VAL T 225 -100.40 28.58 0.11
CA VAL T 225 -101.33 27.79 0.92
C VAL T 225 -101.62 26.42 0.30
N ASP T 226 -101.83 26.34 -1.02
CA ASP T 226 -102.22 25.07 -1.63
C ASP T 226 -101.06 24.08 -1.75
N ASN T 227 -99.83 24.56 -2.02
CA ASN T 227 -98.72 23.71 -2.41
C ASN T 227 -97.65 23.51 -1.32
N ALA T 228 -97.90 23.98 -0.10
CA ALA T 228 -97.11 23.56 1.07
C ALA T 228 -97.26 22.03 1.25
N GLN T 229 -96.14 21.32 1.45
CA GLN T 229 -96.17 19.87 1.54
C GLN T 229 -96.35 19.34 2.98
N ASN T 230 -95.88 20.08 3.98
CA ASN T 230 -96.09 19.72 5.37
C ASN T 230 -97.36 20.36 5.93
N ASN T 231 -97.85 19.82 7.05
CA ASN T 231 -99.04 20.35 7.70
C ASN T 231 -98.96 20.08 9.20
N HIS T 232 -99.43 21.03 10.03
CA HIS T 232 -99.62 20.82 11.45
C HIS T 232 -101.10 20.99 11.80
N ASP T 233 -101.79 19.85 11.94
CA ASP T 233 -103.16 19.83 12.39
C ASP T 233 -103.21 20.09 13.90
N THR T 234 -103.72 21.26 14.30
CA THR T 234 -103.82 21.61 15.71
C THR T 234 -104.93 20.84 16.43
N ALA T 235 -105.96 20.41 15.68
CA ALA T 235 -107.17 19.77 16.23
C ALA T 235 -107.79 20.59 17.37
N GLY T 236 -107.98 21.90 17.17
CA GLY T 236 -108.32 22.81 18.26
C GLY T 236 -107.13 22.98 19.21
N SER T 237 -107.37 23.04 20.52
CA SER T 237 -106.30 22.94 21.52
C SER T 237 -105.22 24.04 21.46
N ASN T 238 -103.94 23.67 21.30
CA ASN T 238 -102.79 24.54 21.55
C ASN T 238 -102.43 25.37 20.31
N GLN T 239 -103.31 26.32 19.95
CA GLN T 239 -103.25 26.93 18.62
C GLN T 239 -102.29 28.12 18.50
N GLY T 240 -101.76 28.64 19.61
CA GLY T 240 -100.87 29.80 19.61
C GLY T 240 -99.41 29.46 19.26
N TYR T 241 -98.45 29.92 20.07
CA TYR T 241 -97.03 29.68 19.87
C TYR T 241 -96.71 28.19 19.67
N GLN T 242 -97.40 27.29 20.38
CA GLN T 242 -97.16 25.85 20.23
C GLN T 242 -97.41 25.35 18.81
N ALA T 243 -98.46 25.84 18.14
CA ALA T 243 -98.74 25.50 16.76
C ALA T 243 -97.64 26.00 15.83
N LEU T 244 -97.12 27.22 16.07
CA LEU T 244 -96.03 27.80 15.32
C LEU T 244 -94.75 26.99 15.50
N ASN T 245 -94.37 26.66 16.74
CA ASN T 245 -93.22 25.81 17.03
C ASN T 245 -93.37 24.41 16.41
N SER T 246 -94.58 23.84 16.46
CA SER T 246 -94.86 22.53 15.88
C SER T 246 -94.76 22.55 14.36
N ALA T 247 -95.29 23.59 13.70
CA ALA T 247 -95.14 23.77 12.27
C ALA T 247 -93.66 23.87 11.87
N VAL T 248 -92.85 24.63 12.62
CA VAL T 248 -91.41 24.67 12.37
C VAL T 248 -90.80 23.27 12.50
N GLY T 249 -91.21 22.50 13.52
CA GLY T 249 -90.81 21.12 13.68
C GLY T 249 -91.15 20.23 12.48
N GLU T 250 -92.35 20.37 11.91
CA GLU T 250 -92.76 19.61 10.73
C GLU T 250 -91.89 19.91 9.51
N VAL T 251 -91.42 21.14 9.35
CA VAL T 251 -90.50 21.50 8.28
C VAL T 251 -89.10 20.96 8.58
N ASP T 252 -88.66 21.06 9.83
CA ASP T 252 -87.36 20.57 10.31
C ASP T 252 -87.21 19.05 10.13
N LYS T 253 -88.31 18.31 10.24
CA LYS T 253 -88.33 16.87 9.99
C LYS T 253 -88.12 16.48 8.54
N ASP T 254 -88.35 17.42 7.60
CA ASP T 254 -87.94 17.27 6.21
C ASP T 254 -86.61 17.97 5.92
N ASP T 255 -85.84 18.35 6.95
CA ASP T 255 -84.48 18.88 6.84
C ASP T 255 -84.39 20.22 6.10
N PHE T 256 -85.45 21.03 6.12
CA PHE T 256 -85.40 22.42 5.70
C PHE T 256 -85.50 23.34 6.92
N ARG T 257 -85.06 24.60 6.80
CA ARG T 257 -85.17 25.58 7.87
C ARG T 257 -86.11 26.71 7.42
N PRO T 258 -87.35 26.83 7.96
CA PRO T 258 -88.23 27.95 7.58
C PRO T 258 -87.76 29.23 8.27
N ASP T 259 -88.18 30.38 7.74
CA ASP T 259 -87.78 31.67 8.31
C ASP T 259 -88.89 32.72 8.29
N THR T 260 -90.07 32.38 7.78
CA THR T 260 -91.14 33.36 7.59
C THR T 260 -92.49 32.72 7.90
N TYR T 261 -93.47 33.53 8.32
CA TYR T 261 -94.84 33.06 8.36
C TYR T 261 -95.83 34.09 7.86
N VAL T 262 -96.83 33.57 7.13
CA VAL T 262 -97.95 34.29 6.55
C VAL T 262 -99.20 33.88 7.34
N THR T 263 -100.07 34.85 7.66
CA THR T 263 -101.07 34.63 8.69
C THR T 263 -102.44 35.22 8.31
N HIS T 264 -103.53 34.51 8.63
CA HIS T 264 -104.91 34.97 8.50
C HIS T 264 -105.32 35.88 9.67
N PRO T 265 -106.27 36.84 9.51
CA PRO T 265 -106.76 37.65 10.63
C PRO T 265 -107.27 36.87 11.86
N ASP T 266 -107.91 35.72 11.67
CA ASP T 266 -108.37 34.91 12.79
C ASP T 266 -107.21 34.29 13.54
N TYR T 267 -106.20 33.79 12.81
CA TYR T 267 -105.01 33.24 13.42
C TYR T 267 -104.26 34.34 14.20
N ARG T 268 -104.11 35.55 13.66
CA ARG T 268 -103.53 36.67 14.39
C ARG T 268 -104.29 36.93 15.69
N THR T 269 -105.63 37.00 15.63
CA THR T 269 -106.45 37.28 16.79
C THR T 269 -106.23 36.25 17.89
N GLN T 270 -106.28 34.96 17.51
CA GLN T 270 -106.06 33.86 18.42
C GLN T 270 -104.64 33.86 19.00
N LEU T 271 -103.63 34.11 18.17
CA LEU T 271 -102.23 34.15 18.60
C LEU T 271 -101.98 35.25 19.64
N PHE T 272 -102.58 36.43 19.49
CA PHE T 272 -102.36 37.49 20.48
C PHE T 272 -103.15 37.30 21.78
N ASN T 273 -104.08 36.34 21.82
CA ASN T 273 -104.69 35.88 23.06
C ASN T 273 -103.86 34.78 23.76
N ASP T 274 -102.80 34.28 23.12
CA ASP T 274 -101.94 33.27 23.71
C ASP T 274 -101.26 33.86 24.96
N THR T 275 -101.48 33.20 26.09
CA THR T 275 -100.93 33.58 27.38
C THR T 275 -99.42 33.78 27.34
N ASN T 276 -98.70 33.04 26.49
CA ASN T 276 -97.27 33.14 26.38
C ASN T 276 -96.81 34.45 25.70
N LEU T 277 -97.69 35.09 24.92
CA LEU T 277 -97.41 36.37 24.27
C LEU T 277 -98.12 37.53 24.96
N ALA T 278 -99.32 37.30 25.48
CA ALA T 278 -100.13 38.31 26.15
C ALA T 278 -99.50 38.74 27.48
N TYR T 279 -99.05 37.79 28.31
CA TYR T 279 -98.45 38.12 29.59
C TYR T 279 -97.00 38.58 29.39
N ALA T 280 -96.70 39.82 29.81
CA ALA T 280 -95.42 40.47 29.55
C ALA T 280 -94.23 39.68 30.09
N ASN T 281 -94.35 39.12 31.30
CA ASN T 281 -93.31 38.27 31.87
C ASN T 281 -93.06 37.02 31.03
N ARG T 282 -94.12 36.36 30.53
CA ARG T 282 -93.96 35.16 29.73
C ARG T 282 -93.34 35.45 28.37
N ALA T 283 -93.69 36.58 27.75
CA ALA T 283 -93.12 37.03 26.48
C ALA T 283 -91.74 37.67 26.61
N GLY T 284 -91.39 38.18 27.81
CA GLY T 284 -90.18 38.98 27.99
C GLY T 284 -90.32 40.44 27.56
N THR T 285 -91.52 40.86 27.16
CA THR T 285 -91.87 42.24 26.82
C THR T 285 -93.40 42.41 26.80
N ASN T 286 -93.91 43.62 27.07
CA ASN T 286 -95.32 43.92 26.93
C ASN T 286 -95.72 44.41 25.53
N GLU T 287 -94.80 44.38 24.57
CA GLU T 287 -95.05 44.88 23.21
C GLU T 287 -96.28 44.26 22.55
N VAL T 288 -96.54 42.96 22.70
CA VAL T 288 -97.71 42.33 22.09
C VAL T 288 -99.01 42.87 22.70
N LEU T 289 -99.07 42.95 24.03
CA LEU T 289 -100.20 43.52 24.77
C LEU T 289 -100.48 44.96 24.33
N ARG T 290 -99.44 45.75 24.09
CA ARG T 290 -99.60 47.16 23.73
C ARG T 290 -99.88 47.37 22.24
N ASN T 291 -99.11 46.70 21.36
CA ASN T 291 -98.97 47.10 19.96
C ASN T 291 -99.42 46.03 18.95
N ARG T 292 -99.86 44.85 19.41
CA ARG T 292 -100.50 43.84 18.55
C ARG T 292 -99.58 43.42 17.39
N GLU T 293 -99.99 43.53 16.11
CA GLU T 293 -99.13 43.13 15.00
C GLU T 293 -97.78 43.87 14.97
N ASP T 294 -97.74 45.11 15.47
CA ASP T 294 -96.57 45.98 15.34
C ASP T 294 -95.46 45.64 16.33
N ALA T 295 -95.71 44.72 17.27
CA ALA T 295 -94.75 44.27 18.27
C ALA T 295 -93.58 43.54 17.61
N PRO T 296 -92.30 43.87 17.93
CA PRO T 296 -91.15 43.22 17.30
C PRO T 296 -91.06 41.72 17.55
N ILE T 297 -91.57 41.19 18.68
CA ILE T 297 -91.67 39.75 18.89
C ILE T 297 -92.47 39.05 17.78
N VAL T 298 -93.53 39.68 17.26
CA VAL T 298 -94.37 39.02 16.27
C VAL T 298 -93.59 38.71 15.00
N GLY T 299 -92.59 39.54 14.67
CA GLY T 299 -91.69 39.29 13.57
C GLY T 299 -90.41 38.53 13.94
N ASP T 300 -90.30 37.99 15.17
CA ASP T 300 -89.10 37.35 15.66
C ASP T 300 -89.48 36.26 16.67
N ILE T 301 -90.18 35.22 16.18
CA ILE T 301 -90.80 34.20 17.02
C ILE T 301 -90.50 32.81 16.43
N ALA T 302 -90.26 31.82 17.30
CA ALA T 302 -90.06 30.42 16.90
C ALA T 302 -88.96 30.24 15.85
N GLY T 303 -87.96 31.13 15.85
CA GLY T 303 -86.84 31.08 14.91
C GLY T 303 -87.09 31.77 13.57
N LEU T 304 -88.30 32.32 13.39
CA LEU T 304 -88.69 33.01 12.16
C LEU T 304 -88.20 34.46 12.19
N ASP T 305 -87.72 34.93 11.05
CA ASP T 305 -87.16 36.27 10.85
C ASP T 305 -88.23 37.30 10.46
N MET T 306 -89.42 36.84 10.06
CA MET T 306 -90.38 37.72 9.39
C MET T 306 -91.82 37.24 9.55
N HIS T 307 -92.71 38.18 9.89
CA HIS T 307 -94.14 37.96 9.84
C HIS T 307 -94.74 38.76 8.69
N ALA T 308 -95.59 38.11 7.89
CA ALA T 308 -96.25 38.71 6.74
C ALA T 308 -97.77 38.61 6.93
N ALA T 309 -98.36 39.61 7.60
CA ALA T 309 -99.80 39.64 7.84
C ALA T 309 -100.58 39.72 6.53
N MET T 310 -101.46 38.74 6.27
CA MET T 310 -102.29 38.70 5.07
C MET T 310 -103.75 39.03 5.39
N SER T 311 -104.47 39.48 4.35
CA SER T 311 -105.91 39.75 4.43
C SER T 311 -106.73 38.48 4.25
N SER T 312 -108.02 38.53 4.65
CA SER T 312 -108.94 37.41 4.47
C SER T 312 -109.26 37.17 2.99
N ALA T 313 -109.50 38.25 2.23
CA ALA T 313 -109.97 38.19 0.85
C ALA T 313 -108.90 37.79 -0.18
N THR T 314 -107.61 37.80 0.20
CA THR T 314 -106.50 37.64 -0.73
C THR T 314 -106.46 36.24 -1.35
N TYR T 315 -106.77 35.20 -0.55
CA TYR T 315 -106.76 33.84 -1.06
C TYR T 315 -107.85 33.64 -2.10
N ASP T 316 -107.53 32.89 -3.15
CA ASP T 316 -108.48 32.61 -4.21
C ASP T 316 -109.48 31.53 -3.80
N ASP T 317 -110.68 31.95 -3.37
CA ASP T 317 -111.79 31.04 -3.07
C ASP T 317 -112.61 30.67 -4.32
N GLY T 318 -112.23 31.18 -5.51
CA GLY T 318 -112.92 30.91 -6.76
C GLY T 318 -114.20 31.73 -6.98
N THR T 319 -114.49 32.72 -6.11
CA THR T 319 -115.75 33.46 -6.21
C THR T 319 -115.66 34.71 -7.10
N ASP T 320 -114.45 35.24 -7.31
CA ASP T 320 -114.24 36.36 -8.23
C ASP T 320 -114.20 35.90 -9.70
N ILE T 321 -114.62 36.80 -10.61
CA ILE T 321 -114.68 36.48 -12.03
C ILE T 321 -113.26 36.33 -12.58
N GLY T 322 -113.02 35.25 -13.34
CA GLY T 322 -111.71 35.01 -13.96
C GLY T 322 -110.74 34.23 -13.07
N TRP T 323 -111.06 34.06 -11.78
CA TRP T 323 -110.25 33.29 -10.83
C TRP T 323 -110.91 31.94 -10.55
N SER T 324 -110.13 30.84 -10.62
CA SER T 324 -110.66 29.48 -10.62
C SER T 324 -110.81 28.86 -9.22
N GLY T 325 -110.10 29.40 -8.21
CA GLY T 325 -110.16 28.91 -6.85
C GLY T 325 -109.07 27.88 -6.51
N GLY T 326 -108.52 28.01 -5.29
CA GLY T 326 -107.58 27.05 -4.72
C GLY T 326 -108.26 25.88 -4.04
N SER T 327 -107.44 24.92 -3.57
CA SER T 327 -107.88 23.64 -3.02
C SER T 327 -108.28 23.72 -1.54
N GLU T 328 -107.74 24.69 -0.79
CA GLU T 328 -107.88 24.79 0.66
C GLU T 328 -109.00 25.77 1.07
N THR T 329 -109.21 25.92 2.39
CA THR T 329 -109.96 27.04 2.93
C THR T 329 -109.02 27.91 3.76
N TRP T 330 -108.84 29.18 3.34
CA TRP T 330 -108.06 30.16 4.08
C TRP T 330 -108.93 30.75 5.19
N GLY T 331 -108.60 30.42 6.45
CA GLY T 331 -109.39 30.83 7.60
C GLY T 331 -108.79 30.27 8.89
N PHE T 332 -109.39 30.58 10.04
CA PHE T 332 -109.00 29.90 11.28
C PHE T 332 -110.17 29.88 12.26
N SER T 333 -111.29 29.33 11.78
CA SER T 333 -112.60 29.51 12.38
C SER T 333 -113.26 28.17 12.71
N SER T 334 -112.91 27.15 11.91
CA SER T 334 -113.70 25.94 11.79
C SER T 334 -112.79 24.78 11.38
N ASP T 335 -113.20 23.56 11.73
CA ASP T 335 -112.43 22.33 11.55
C ASP T 335 -111.86 22.20 10.13
N GLY T 336 -110.52 22.19 10.00
CA GLY T 336 -109.85 22.02 8.73
C GLY T 336 -109.38 23.32 8.03
N ASP T 337 -109.71 24.51 8.56
CA ASP T 337 -109.23 25.76 7.97
C ASP T 337 -107.70 25.88 8.05
N LYS T 338 -107.05 26.34 6.96
CA LYS T 338 -105.63 26.69 7.00
C LYS T 338 -105.50 28.16 7.39
N GLY T 339 -104.87 28.45 8.53
CA GLY T 339 -104.84 29.79 9.09
C GLY T 339 -103.47 30.48 9.06
N ALA T 340 -102.41 29.71 8.83
CA ALA T 340 -101.08 30.27 8.65
C ALA T 340 -100.24 29.34 7.78
N VAL T 341 -99.17 29.89 7.18
CA VAL T 341 -98.15 29.07 6.54
C VAL T 341 -96.81 29.50 7.11
N VAL T 342 -96.02 28.52 7.56
CA VAL T 342 -94.68 28.73 8.08
C VAL T 342 -93.72 28.11 7.07
N TYR T 343 -92.76 28.89 6.54
CA TYR T 343 -92.03 28.46 5.35
C TYR T 343 -90.68 29.17 5.20
N ASP T 344 -89.86 28.66 4.29
CA ASP T 344 -88.63 29.32 3.88
C ASP T 344 -88.89 30.28 2.73
N ARG T 345 -88.69 31.58 2.99
CA ARG T 345 -88.92 32.68 2.06
C ARG T 345 -88.12 32.56 0.76
N ASP T 346 -86.98 31.86 0.78
CA ASP T 346 -86.12 31.70 -0.37
C ASP T 346 -86.52 30.51 -1.26
N ASN T 347 -87.45 29.67 -0.80
CA ASN T 347 -87.91 28.49 -1.52
C ASN T 347 -89.29 28.67 -2.16
N ILE T 348 -89.84 29.89 -2.13
CA ILE T 348 -91.02 30.24 -2.91
C ILE T 348 -90.75 31.50 -3.73
N HIS T 349 -91.02 31.38 -5.02
CA HIS T 349 -90.56 32.31 -6.03
C HIS T 349 -91.79 33.00 -6.62
N THR T 350 -91.80 34.33 -6.60
CA THR T 350 -92.80 35.10 -7.31
C THR T 350 -92.13 35.64 -8.56
N ILE T 351 -92.67 35.29 -9.73
CA ILE T 351 -92.05 35.64 -10.99
C ILE T 351 -92.88 36.75 -11.62
N LEU T 352 -92.21 37.85 -11.98
CA LEU T 352 -92.83 38.98 -12.65
C LEU T 352 -92.19 39.17 -14.02
N TYR T 353 -93.03 39.38 -15.05
CA TYR T 353 -92.58 39.68 -16.40
C TYR T 353 -93.31 40.91 -16.93
N ALA T 354 -92.55 41.80 -17.58
CA ALA T 354 -93.10 42.95 -18.27
C ALA T 354 -92.31 43.19 -19.56
N PRO T 355 -92.96 43.38 -20.74
CA PRO T 355 -92.22 43.62 -21.98
C PRO T 355 -91.43 44.93 -22.01
N ASN T 356 -91.96 46.02 -21.41
CA ASN T 356 -91.46 47.36 -21.63
C ASN T 356 -90.76 47.95 -20.40
N GLY T 357 -90.35 47.09 -19.45
CA GLY T 357 -89.72 47.51 -18.21
C GLY T 357 -89.58 46.35 -17.22
N GLN T 358 -89.63 46.68 -15.92
CA GLN T 358 -89.37 45.72 -14.86
C GLN T 358 -90.64 45.39 -14.07
N ASP T 359 -91.66 46.28 -14.11
CA ASP T 359 -92.78 46.30 -13.18
C ASP T 359 -94.11 46.57 -13.89
N VAL T 360 -95.19 46.89 -13.14
CA VAL T 360 -96.49 47.27 -13.69
C VAL T 360 -96.35 48.34 -14.78
N GLU T 361 -97.15 48.20 -15.85
CA GLU T 361 -97.12 49.11 -16.98
C GLU T 361 -98.53 49.67 -17.19
N ILE T 362 -98.66 51.01 -17.05
CA ILE T 362 -99.93 51.70 -17.22
C ILE T 362 -99.90 52.47 -18.54
N LYS T 363 -100.97 52.29 -19.32
CA LYS T 363 -101.20 52.93 -20.59
C LYS T 363 -102.53 53.67 -20.51
N ASP T 364 -102.65 54.75 -21.30
CA ASP T 364 -103.88 55.51 -21.40
C ASP T 364 -104.19 55.83 -22.87
N TYR T 365 -105.44 56.20 -23.14
CA TYR T 365 -105.85 56.53 -24.49
C TYR T 365 -107.05 57.46 -24.46
N GLU T 366 -107.13 58.36 -25.45
CA GLU T 366 -108.32 59.15 -25.69
C GLU T 366 -109.02 58.61 -26.93
N ASP T 367 -110.34 58.43 -26.84
CA ASP T 367 -111.17 58.07 -27.97
C ASP T 367 -111.87 59.32 -28.51
N PRO T 368 -111.39 59.95 -29.60
CA PRO T 368 -112.01 61.16 -30.13
C PRO T 368 -113.35 60.92 -30.81
N ILE T 369 -113.70 59.64 -31.09
CA ILE T 369 -114.98 59.29 -31.69
C ILE T 369 -116.10 59.34 -30.63
N ARG T 370 -115.74 59.14 -29.35
CA ARG T 370 -116.70 58.97 -28.26
C ARG T 370 -116.49 59.92 -27.08
N ASP T 371 -115.41 60.69 -27.08
CA ASP T 371 -115.06 61.62 -26.00
C ASP T 371 -114.92 60.89 -24.66
N ILE T 372 -114.26 59.73 -24.71
CA ILE T 372 -113.95 58.91 -23.54
C ILE T 372 -112.43 58.85 -23.40
N THR T 373 -111.92 58.98 -22.18
CA THR T 373 -110.52 58.67 -21.89
C THR T 373 -110.44 57.38 -21.10
N GLY T 374 -109.59 56.45 -21.55
CA GLY T 374 -109.39 55.17 -20.89
C GLY T 374 -108.00 55.05 -20.26
N VAL T 375 -107.91 54.25 -19.19
CA VAL T 375 -106.68 53.92 -18.51
C VAL T 375 -106.66 52.41 -18.29
N ASN T 376 -105.51 51.76 -18.49
CA ASN T 376 -105.39 50.34 -18.17
C ASN T 376 -103.99 49.99 -17.70
N GLY T 377 -103.87 48.87 -16.99
CA GLY T 377 -102.59 48.36 -16.53
C GLY T 377 -102.45 46.87 -16.85
N ARG T 378 -101.20 46.41 -16.93
CA ARG T 378 -100.92 44.98 -17.03
C ARG T 378 -99.62 44.63 -16.30
N LEU T 379 -99.55 43.37 -15.85
CA LEU T 379 -98.30 42.75 -15.42
C LEU T 379 -98.45 41.24 -15.55
N HIS T 380 -97.42 40.55 -16.04
CA HIS T 380 -97.45 39.10 -16.07
C HIS T 380 -96.89 38.57 -14.76
N VAL T 381 -97.62 37.68 -14.08
CA VAL T 381 -97.17 37.13 -12.80
C VAL T 381 -97.41 35.63 -12.70
N ASP T 382 -96.47 34.93 -12.05
CA ASP T 382 -96.63 33.56 -11.59
C ASP T 382 -96.05 33.41 -10.20
N CYS T 383 -96.45 32.35 -9.48
CA CYS T 383 -95.77 32.00 -8.25
C CYS T 383 -95.58 30.49 -8.17
N GLN T 384 -94.38 30.05 -7.80
CA GLN T 384 -94.06 28.64 -7.68
C GLN T 384 -93.20 28.40 -6.43
N TYR T 385 -93.52 27.35 -5.65
CA TYR T 385 -92.49 26.79 -4.79
C TYR T 385 -91.39 26.15 -5.64
N SER T 386 -90.15 26.24 -5.15
CA SER T 386 -89.07 25.40 -5.62
C SER T 386 -88.83 24.21 -4.68
N GLN T 387 -89.19 24.33 -3.40
CA GLN T 387 -89.25 23.22 -2.45
C GLN T 387 -90.46 23.40 -1.52
N GLY T 388 -91.61 22.81 -1.89
CA GLY T 388 -92.82 22.86 -1.08
C GLY T 388 -92.67 22.17 0.29
N ARG T 389 -91.69 21.28 0.43
CA ARG T 389 -91.31 20.65 1.69
C ARG T 389 -90.76 21.66 2.70
N SER T 390 -90.20 22.78 2.23
CA SER T 390 -89.72 23.84 3.11
C SER T 390 -90.86 24.63 3.77
N SER T 391 -92.11 24.20 3.60
CA SER T 391 -93.30 24.92 4.02
C SER T 391 -94.31 24.01 4.72
N ALA T 392 -94.91 24.51 5.81
CA ALA T 392 -95.96 23.83 6.55
C ALA T 392 -97.15 24.78 6.77
N THR T 393 -98.37 24.33 6.43
CA THR T 393 -99.57 25.02 6.87
C THR T 393 -99.86 24.70 8.34
N VAL T 394 -100.47 25.65 9.06
CA VAL T 394 -101.08 25.42 10.35
C VAL T 394 -102.58 25.29 10.12
N GLN T 395 -103.17 24.22 10.66
CA GLN T 395 -104.56 23.88 10.40
C GLN T 395 -105.35 23.88 11.71
N TYR T 396 -106.58 24.40 11.65
CA TYR T 396 -107.54 24.41 12.75
C TYR T 396 -108.11 23.01 13.04
N PHE U 101 -135.93 79.06 80.29
CA PHE U 101 -134.45 78.81 80.27
C PHE U 101 -133.70 80.13 80.06
N ALA U 102 -132.39 80.11 80.34
CA ALA U 102 -131.46 81.13 79.86
C ALA U 102 -131.50 81.17 78.33
N ALA U 103 -131.02 82.26 77.72
CA ALA U 103 -130.96 82.34 76.26
C ALA U 103 -129.99 81.32 75.67
N SER U 104 -130.40 80.64 74.58
CA SER U 104 -129.58 79.67 73.87
C SER U 104 -129.87 79.72 72.37
N ASP U 105 -128.95 79.20 71.53
CA ASP U 105 -129.15 79.21 70.08
C ASP U 105 -130.51 78.66 69.66
N PRO U 106 -130.93 77.43 70.08
CA PRO U 106 -132.08 76.76 69.50
C PRO U 106 -133.41 77.51 69.65
N GLU U 107 -133.47 78.44 70.60
CA GLU U 107 -134.64 79.29 70.82
C GLU U 107 -134.72 80.43 69.81
N TYR U 108 -133.57 80.85 69.24
CA TYR U 108 -133.45 82.14 68.57
C TYR U 108 -132.77 82.10 67.20
N VAL U 109 -132.48 80.91 66.65
CA VAL U 109 -131.74 80.64 65.41
C VAL U 109 -132.20 81.43 64.18
N ASP U 110 -133.40 82.03 64.20
CA ASP U 110 -133.94 82.79 63.07
C ASP U 110 -134.56 84.12 63.52
N THR U 111 -134.13 84.63 64.68
CA THR U 111 -134.71 85.81 65.31
C THR U 111 -133.63 86.80 65.77
N LEU U 112 -132.62 86.34 66.52
CA LEU U 112 -131.51 87.18 66.94
C LEU U 112 -130.33 87.16 65.96
N PHE U 113 -130.31 86.15 65.07
CA PHE U 113 -129.31 85.97 64.02
C PHE U 113 -129.91 85.05 62.95
N ARG U 114 -129.24 84.95 61.80
CA ARG U 114 -129.57 84.01 60.73
C ARG U 114 -128.48 82.94 60.64
N GLU U 115 -128.89 81.70 60.34
CA GLU U 115 -127.95 80.63 60.01
C GLU U 115 -127.04 81.06 58.85
N GLN U 116 -125.73 80.78 58.96
CA GLN U 116 -124.78 81.09 57.89
C GLN U 116 -125.14 80.32 56.62
N LEU U 117 -125.15 81.02 55.47
CA LEU U 117 -125.23 80.38 54.18
C LEU U 117 -123.89 80.57 53.47
N LEU U 118 -123.20 79.46 53.18
CA LEU U 118 -121.88 79.49 52.56
C LEU U 118 -121.97 80.06 51.15
N GLU U 119 -121.10 81.01 50.77
CA GLU U 119 -121.18 81.67 49.46
C GLU U 119 -120.78 80.75 48.30
N VAL U 120 -119.91 79.76 48.57
CA VAL U 120 -119.47 78.80 47.57
C VAL U 120 -120.61 77.83 47.26
N VAL U 121 -121.19 77.95 46.05
CA VAL U 121 -122.14 76.96 45.57
C VAL U 121 -121.40 75.74 45.05
N MET U 122 -121.73 74.57 45.62
CA MET U 122 -121.09 73.31 45.28
C MET U 122 -121.65 72.77 43.95
N GLU U 123 -120.76 72.34 43.05
CA GLU U 123 -121.19 71.85 41.73
C GLU U 123 -121.83 70.47 41.79
N GLY U 124 -122.73 70.18 40.84
CA GLY U 124 -123.27 68.84 40.67
C GLY U 124 -122.32 67.92 39.90
N ARG U 125 -122.84 66.74 39.52
CA ARG U 125 -122.16 65.80 38.64
C ARG U 125 -121.81 66.46 37.30
N GLU U 126 -120.57 66.25 36.82
CA GLU U 126 -120.17 66.64 35.48
C GLU U 126 -119.86 65.41 34.62
N LEU U 127 -120.42 65.36 33.40
CA LEU U 127 -120.21 64.24 32.50
C LEU U 127 -118.91 64.39 31.71
N ARG U 128 -118.32 63.25 31.32
CA ARG U 128 -117.09 63.19 30.54
C ARG U 128 -117.35 63.63 29.10
N LYS U 129 -116.44 64.43 28.55
CA LYS U 129 -116.57 65.04 27.22
C LYS U 129 -115.37 64.67 26.37
N VAL U 130 -115.58 63.96 25.24
CA VAL U 130 -114.50 63.38 24.44
C VAL U 130 -114.73 63.47 22.93
N ALA U 131 -115.97 63.65 22.45
CA ALA U 131 -116.32 63.55 21.04
C ALA U 131 -115.42 64.38 20.11
N ARG U 132 -115.03 65.58 20.54
CA ARG U 132 -114.24 66.52 19.75
C ARG U 132 -112.79 66.08 19.56
N GLU U 133 -112.30 65.17 20.41
CA GLU U 133 -110.97 64.57 20.32
C GLU U 133 -111.03 63.15 19.74
N ALA U 134 -112.09 62.39 20.09
CA ALA U 134 -112.30 60.99 19.74
C ALA U 134 -112.90 60.76 18.35
N SER U 135 -113.06 61.82 17.52
CA SER U 135 -113.60 61.71 16.16
C SER U 135 -113.07 62.83 15.26
N ASN U 136 -113.21 62.68 13.95
CA ASN U 136 -112.85 63.73 13.01
C ASN U 136 -113.94 64.81 12.99
N VAL U 137 -113.67 66.02 13.53
CA VAL U 137 -114.66 67.11 13.51
C VAL U 137 -114.65 67.82 12.15
N ILE U 138 -115.84 67.99 11.56
CA ILE U 138 -116.05 68.79 10.35
C ILE U 138 -116.86 70.02 10.73
N ASN U 139 -116.35 71.22 10.42
CA ASN U 139 -117.12 72.45 10.49
C ASN U 139 -117.81 72.66 9.15
N ALA U 140 -119.09 72.24 9.05
CA ALA U 140 -119.84 72.33 7.80
C ALA U 140 -120.20 73.78 7.47
N ASN U 141 -120.31 74.06 6.16
CA ASN U 141 -120.83 75.32 5.65
C ASN U 141 -122.35 75.31 5.52
N THR U 142 -122.95 74.12 5.43
CA THR U 142 -124.39 73.94 5.30
C THR U 142 -124.87 72.86 6.26
N ARG U 143 -126.07 73.05 6.82
CA ARG U 143 -126.65 72.13 7.78
C ARG U 143 -126.80 70.72 7.19
N VAL U 144 -127.12 70.63 5.89
CA VAL U 144 -127.23 69.37 5.17
C VAL U 144 -126.07 69.26 4.17
N GLY U 145 -125.47 68.06 4.05
CA GLY U 145 -124.36 67.84 3.14
C GLY U 145 -124.10 66.36 2.87
N ASP U 146 -123.02 66.09 2.12
CA ASP U 146 -122.61 64.75 1.74
C ASP U 146 -121.08 64.68 1.65
N VAL U 147 -120.54 63.46 1.79
CA VAL U 147 -119.13 63.21 1.49
C VAL U 147 -118.97 61.96 0.63
N PRO U 148 -118.11 61.94 -0.42
CA PRO U 148 -117.97 60.78 -1.29
C PRO U 148 -117.18 59.63 -0.68
N ILE U 149 -117.69 58.42 -0.90
CA ILE U 149 -116.99 57.17 -0.58
C ILE U 149 -116.65 56.49 -1.91
N ALA U 150 -115.39 56.09 -2.08
CA ALA U 150 -114.99 55.22 -3.19
C ALA U 150 -115.19 53.75 -2.82
N SER U 151 -115.47 52.90 -3.83
CA SER U 151 -115.59 51.46 -3.62
C SER U 151 -114.29 50.82 -3.15
N ASP U 152 -114.40 49.63 -2.58
CA ASP U 152 -113.24 48.85 -2.11
C ASP U 152 -112.26 48.54 -3.25
N GLU U 153 -111.02 48.21 -2.87
CA GLU U 153 -110.06 47.60 -3.79
C GLU U 153 -110.60 46.28 -4.35
N GLU U 154 -110.18 45.95 -5.59
CA GLU U 154 -110.52 44.68 -6.23
C GLU U 154 -109.24 43.96 -6.71
N PHE U 155 -109.41 42.91 -7.52
CA PHE U 155 -108.31 42.13 -8.06
C PHE U 155 -108.31 42.19 -9.59
N ALA U 156 -107.11 42.31 -10.17
CA ALA U 156 -106.91 42.26 -11.61
C ALA U 156 -107.38 40.91 -12.17
N ARG U 157 -107.74 40.88 -13.47
CA ARG U 157 -108.22 39.67 -14.13
C ARG U 157 -107.13 39.06 -15.02
N PRO U 158 -107.00 37.72 -15.09
CA PRO U 158 -106.09 37.10 -16.05
C PRO U 158 -106.58 37.34 -17.49
N THR U 159 -105.65 37.34 -18.46
CA THR U 159 -105.97 37.71 -19.84
C THR U 159 -105.06 36.97 -20.83
N GLY U 160 -105.59 36.65 -22.02
CA GLY U 160 -104.80 36.05 -23.09
C GLY U 160 -103.86 37.06 -23.75
N GLN U 161 -102.72 36.59 -24.28
CA GLN U 161 -101.80 37.48 -24.96
C GLN U 161 -102.43 38.05 -26.24
N GLY U 162 -102.47 39.39 -26.36
CA GLY U 162 -103.13 40.04 -27.49
C GLY U 162 -104.65 40.20 -27.35
N ALA U 163 -105.25 39.78 -26.23
CA ALA U 163 -106.68 39.95 -25.98
C ALA U 163 -106.99 41.31 -25.35
N GLU U 164 -108.25 41.75 -25.44
CA GLU U 164 -108.69 43.04 -24.90
C GLU U 164 -108.63 43.06 -23.37
N ILE U 165 -108.07 44.13 -22.79
CA ILE U 165 -108.21 44.37 -21.35
C ILE U 165 -109.64 44.80 -21.05
N ARG U 166 -110.34 44.06 -20.17
CA ARG U 166 -111.69 44.35 -19.74
C ARG U 166 -111.69 45.41 -18.63
N ASP U 167 -112.79 46.17 -18.52
CA ASP U 167 -112.90 47.26 -17.55
C ASP U 167 -113.55 46.83 -16.23
N ASP U 168 -113.08 47.43 -15.13
CA ASP U 168 -113.68 47.38 -13.81
C ASP U 168 -113.27 48.64 -13.04
N GLY U 169 -113.77 49.80 -13.49
CA GLY U 169 -113.37 51.09 -12.95
C GLY U 169 -113.91 51.35 -11.53
N GLU U 170 -113.40 52.42 -10.91
CA GLU U 170 -113.85 52.82 -9.58
C GLU U 170 -115.32 53.28 -9.60
N THR U 171 -116.05 53.00 -8.50
CA THR U 171 -117.46 53.35 -8.35
C THR U 171 -117.63 54.13 -7.06
N TYR U 172 -118.60 55.06 -7.04
CA TYR U 172 -118.73 56.02 -5.95
C TYR U 172 -120.15 56.06 -5.38
N THR U 173 -120.23 56.45 -4.10
CA THR U 173 -121.47 56.70 -3.38
C THR U 173 -121.21 57.84 -2.39
N THR U 174 -122.22 58.28 -1.64
CA THR U 174 -122.00 59.29 -0.60
C THR U 174 -122.65 58.86 0.72
N VAL U 175 -122.12 59.38 1.84
CA VAL U 175 -122.84 59.37 3.10
C VAL U 175 -123.30 60.79 3.39
N ALA U 176 -124.60 60.95 3.67
CA ALA U 176 -125.19 62.24 3.95
C ALA U 176 -124.98 62.64 5.40
N TRP U 177 -124.96 63.95 5.68
CA TRP U 177 -125.23 64.47 7.01
C TRP U 177 -126.42 65.42 6.96
N ASN U 178 -127.18 65.47 8.05
CA ASN U 178 -128.08 66.58 8.30
C ASN U 178 -128.02 66.92 9.78
N ALA U 179 -127.37 68.03 10.08
CA ALA U 179 -127.14 68.45 11.45
C ALA U 179 -128.45 68.87 12.10
N THR U 180 -128.69 68.37 13.32
CA THR U 180 -129.90 68.61 14.07
C THR U 180 -129.63 69.71 15.08
N LYS U 181 -130.52 70.70 15.15
CA LYS U 181 -130.38 71.81 16.08
C LYS U 181 -130.62 71.34 17.52
N LEU U 182 -129.55 71.19 18.30
CA LEU U 182 -129.66 71.03 19.74
C LEU U 182 -129.86 72.39 20.39
N THR U 183 -130.74 72.47 21.39
CA THR U 183 -131.00 73.73 22.08
C THR U 183 -131.20 73.53 23.57
N GLU U 184 -130.95 74.59 24.34
CA GLU U 184 -131.14 74.61 25.78
C GLU U 184 -131.48 76.04 26.20
N GLY U 185 -132.40 76.21 27.16
CA GLY U 185 -132.76 77.53 27.66
C GLY U 185 -132.90 77.57 29.19
N SER U 186 -132.95 78.78 29.73
CA SER U 186 -133.19 79.03 31.13
C SER U 186 -133.75 80.43 31.35
N ARG U 187 -134.58 80.61 32.40
CA ARG U 187 -135.16 81.91 32.76
C ARG U 187 -135.05 82.17 34.26
N VAL U 188 -134.77 83.43 34.61
CA VAL U 188 -134.58 83.89 35.99
C VAL U 188 -135.35 85.20 36.14
N THR U 189 -136.11 85.39 37.24
CA THR U 189 -136.77 86.67 37.46
C THR U 189 -135.77 87.69 37.99
N ASP U 190 -136.02 88.98 37.73
CA ASP U 190 -135.07 90.02 38.13
C ASP U 190 -134.90 90.13 39.65
N GLU U 191 -135.94 89.81 40.42
CA GLU U 191 -135.87 89.78 41.89
C GLU U 191 -134.96 88.65 42.37
N MET U 192 -135.04 87.48 41.71
CA MET U 192 -134.17 86.35 42.04
C MET U 192 -132.72 86.67 41.68
N ARG U 193 -132.52 87.27 40.50
CA ARG U 193 -131.22 87.69 40.02
C ARG U 193 -130.55 88.70 40.97
N ASP U 194 -131.34 89.63 41.53
CA ASP U 194 -130.86 90.56 42.53
C ASP U 194 -130.43 89.87 43.83
N GLN U 195 -131.32 89.06 44.42
CA GLN U 195 -131.14 88.54 45.77
C GLN U 195 -130.14 87.39 45.89
N ALA U 196 -129.85 86.68 44.78
CA ALA U 196 -128.90 85.58 44.78
C ALA U 196 -127.49 86.02 45.24
N MET U 197 -126.79 85.13 45.94
CA MET U 197 -125.40 85.33 46.34
C MET U 197 -124.42 85.15 45.16
N VAL U 198 -124.89 84.56 44.05
CA VAL U 198 -124.09 84.15 42.90
C VAL U 198 -124.73 84.69 41.61
N ASP U 199 -123.91 84.97 40.59
CA ASP U 199 -124.41 85.42 39.30
C ASP U 199 -125.18 84.30 38.59
N LEU U 200 -126.52 84.32 38.70
CA LEU U 200 -127.36 83.29 38.12
C LEU U 200 -127.36 83.32 36.60
N ILE U 201 -127.09 84.47 35.97
CA ILE U 201 -127.03 84.50 34.51
C ILE U 201 -125.74 83.86 34.02
N GLU U 202 -124.59 84.23 34.61
CA GLU U 202 -123.33 83.60 34.24
C GLU U 202 -123.38 82.09 34.51
N ARG U 203 -123.94 81.70 35.66
CA ARG U 203 -124.10 80.31 36.04
C ARG U 203 -125.02 79.55 35.09
N ASN U 204 -126.11 80.15 34.61
CA ASN U 204 -126.97 79.54 33.59
C ASN U 204 -126.30 79.50 32.22
N ILE U 205 -125.53 80.52 31.82
CA ILE U 205 -124.73 80.49 30.59
C ILE U 205 -123.76 79.31 30.62
N GLN U 206 -123.10 79.11 31.76
CA GLN U 206 -122.16 78.01 31.98
C GLN U 206 -122.85 76.64 31.85
N ARG U 207 -124.03 76.48 32.46
CA ARG U 207 -124.85 75.29 32.31
C ARG U 207 -125.25 75.04 30.85
N VAL U 208 -125.75 76.08 30.16
CA VAL U 208 -126.19 75.99 28.78
C VAL U 208 -125.05 75.49 27.89
N GLY U 209 -123.83 76.03 28.03
CA GLY U 209 -122.66 75.58 27.30
C GLY U 209 -122.34 74.10 27.56
N ALA U 210 -122.34 73.67 28.83
CA ALA U 210 -122.12 72.28 29.20
C ALA U 210 -123.18 71.35 28.63
N SER U 211 -124.44 71.79 28.61
CA SER U 211 -125.58 71.02 28.11
C SER U 211 -125.49 70.77 26.61
N LEU U 212 -124.98 71.75 25.85
CA LEU U 212 -124.71 71.58 24.42
C LEU U 212 -123.53 70.63 24.18
N GLU U 213 -122.45 70.72 24.95
CA GLU U 213 -121.33 69.78 24.85
C GLU U 213 -121.76 68.35 25.17
N ASN U 214 -122.54 68.15 26.22
CA ASN U 214 -123.13 66.86 26.52
C ASN U 214 -123.99 66.36 25.36
N GLY U 215 -124.75 67.26 24.73
CA GLY U 215 -125.50 66.99 23.50
C GLY U 215 -124.63 66.47 22.36
N ILE U 216 -123.50 67.11 22.05
CA ILE U 216 -122.57 66.64 21.02
C ILE U 216 -122.12 65.21 21.35
N ASN U 217 -121.75 64.97 22.60
CA ASN U 217 -121.24 63.69 23.05
C ASN U 217 -122.32 62.60 22.96
N ARG U 218 -123.60 62.92 23.22
CA ARG U 218 -124.69 61.98 23.01
C ARG U 218 -124.81 61.60 21.54
N VAL U 219 -124.83 62.58 20.63
CA VAL U 219 -124.96 62.31 19.20
C VAL U 219 -123.81 61.44 18.70
N PHE U 220 -122.58 61.78 19.08
CA PHE U 220 -121.39 61.01 18.76
C PHE U 220 -121.49 59.56 19.24
N LEU U 221 -121.70 59.34 20.54
CA LEU U 221 -121.71 58.00 21.10
C LEU U 221 -122.87 57.16 20.54
N THR U 222 -124.03 57.77 20.31
CA THR U 222 -125.18 57.05 19.76
C THR U 222 -124.91 56.58 18.34
N GLU U 223 -124.30 57.41 17.49
CA GLU U 223 -123.87 56.97 16.17
C GLU U 223 -122.84 55.84 16.27
N LEU U 224 -121.80 56.09 17.07
CA LEU U 224 -120.66 55.20 17.23
C LEU U 224 -121.11 53.79 17.62
N VAL U 225 -122.00 53.68 18.61
CA VAL U 225 -122.52 52.42 19.13
C VAL U 225 -123.51 51.77 18.18
N ASP U 226 -124.49 52.50 17.65
CA ASP U 226 -125.57 51.88 16.86
C ASP U 226 -125.10 51.38 15.49
N ASN U 227 -124.17 52.09 14.84
CA ASN U 227 -123.85 51.89 13.43
C ASN U 227 -122.48 51.24 13.16
N ALA U 228 -121.76 50.80 14.20
CA ALA U 228 -120.62 49.91 14.01
C ALA U 228 -121.09 48.61 13.34
N GLN U 229 -120.36 48.16 12.29
CA GLN U 229 -120.79 47.02 11.50
C GLN U 229 -120.32 45.67 12.04
N ASN U 230 -119.33 45.68 12.95
CA ASN U 230 -118.83 44.47 13.58
C ASN U 230 -119.21 44.43 15.07
N ASN U 231 -119.15 43.22 15.65
CA ASN U 231 -119.44 43.02 17.06
C ASN U 231 -118.64 41.83 17.58
N HIS U 232 -118.14 41.93 18.83
CA HIS U 232 -117.54 40.82 19.53
C HIS U 232 -118.39 40.50 20.75
N ASP U 233 -119.23 39.48 20.63
CA ASP U 233 -120.01 38.96 21.74
C ASP U 233 -119.11 38.17 22.69
N THR U 234 -118.90 38.68 23.91
CA THR U 234 -118.06 38.02 24.90
C THR U 234 -118.78 36.84 25.56
N ALA U 235 -120.12 36.88 25.63
CA ALA U 235 -120.94 35.88 26.31
C ALA U 235 -120.44 35.60 27.74
N GLY U 236 -120.36 36.65 28.57
CA GLY U 236 -119.63 36.54 29.84
C GLY U 236 -118.14 36.31 29.57
N SER U 237 -117.52 35.36 30.30
CA SER U 237 -116.18 34.87 29.96
C SER U 237 -115.04 35.93 29.94
N ASN U 238 -114.26 36.03 28.85
CA ASN U 238 -112.95 36.65 28.80
C ASN U 238 -113.05 38.15 28.46
N GLN U 239 -113.67 38.94 29.34
CA GLN U 239 -114.14 40.27 28.98
C GLN U 239 -113.06 41.37 28.99
N GLY U 240 -111.86 41.07 29.50
CA GLY U 240 -110.77 42.04 29.60
C GLY U 240 -110.02 42.24 28.28
N TYR U 241 -108.68 42.20 28.33
CA TYR U 241 -107.84 42.35 27.16
C TYR U 241 -108.25 41.45 26.00
N GLN U 242 -108.63 40.19 26.28
CA GLN U 242 -109.02 39.25 25.22
C GLN U 242 -110.22 39.73 24.40
N ALA U 243 -111.21 40.37 25.04
CA ALA U 243 -112.35 40.95 24.34
C ALA U 243 -111.88 42.11 23.44
N LEU U 244 -110.99 42.95 23.95
CA LEU U 244 -110.46 44.09 23.23
C LEU U 244 -109.66 43.64 22.01
N ASN U 245 -108.74 42.68 22.16
CA ASN U 245 -108.02 42.07 21.07
C ASN U 245 -108.95 41.38 20.06
N SER U 246 -110.01 40.73 20.54
CA SER U 246 -110.99 40.08 19.66
C SER U 246 -111.77 41.11 18.86
N ALA U 247 -112.18 42.23 19.47
CA ALA U 247 -112.85 43.31 18.78
C ALA U 247 -111.97 43.93 17.69
N VAL U 248 -110.68 44.17 18.00
CA VAL U 248 -109.71 44.57 16.98
C VAL U 248 -109.68 43.52 15.87
N GLY U 249 -109.67 42.23 16.23
CA GLY U 249 -109.70 41.13 15.28
C GLY U 249 -110.86 41.16 14.29
N GLU U 250 -112.06 41.61 14.72
CA GLU U 250 -113.19 41.76 13.82
C GLU U 250 -112.94 42.87 12.79
N VAL U 251 -112.35 43.99 13.21
CA VAL U 251 -112.04 45.10 12.31
C VAL U 251 -110.91 44.71 11.36
N ASP U 252 -109.87 44.04 11.88
CA ASP U 252 -108.74 43.50 11.13
C ASP U 252 -109.22 42.54 10.03
N LYS U 253 -110.25 41.74 10.32
CA LYS U 253 -110.86 40.82 9.38
C LYS U 253 -111.63 41.51 8.25
N ASP U 254 -112.10 42.75 8.46
CA ASP U 254 -112.67 43.57 7.40
C ASP U 254 -111.63 44.44 6.67
N ASP U 255 -110.33 44.32 7.01
CA ASP U 255 -109.24 45.07 6.41
C ASP U 255 -109.30 46.59 6.68
N PHE U 256 -109.70 46.95 7.90
CA PHE U 256 -109.51 48.29 8.44
C PHE U 256 -108.61 48.23 9.69
N ARG U 257 -107.91 49.32 10.02
CA ARG U 257 -107.05 49.37 11.19
C ARG U 257 -107.65 50.30 12.23
N PRO U 258 -108.18 49.79 13.38
CA PRO U 258 -108.69 50.66 14.43
C PRO U 258 -107.53 51.29 15.21
N ASP U 259 -107.80 52.42 15.86
CA ASP U 259 -106.78 53.17 16.58
C ASP U 259 -107.30 53.78 17.90
N THR U 260 -108.57 53.56 18.24
CA THR U 260 -109.21 54.23 19.36
C THR U 260 -110.23 53.28 19.99
N TYR U 261 -110.48 53.44 21.30
CA TYR U 261 -111.65 52.81 21.89
C TYR U 261 -112.37 53.73 22.87
N VAL U 262 -113.69 53.61 22.87
CA VAL U 262 -114.62 54.34 23.72
C VAL U 262 -115.24 53.35 24.70
N THR U 263 -115.37 53.74 25.97
CA THR U 263 -115.55 52.76 27.04
C THR U 263 -116.56 53.21 28.11
N HIS U 264 -117.45 52.29 28.52
CA HIS U 264 -118.40 52.47 29.63
C HIS U 264 -117.73 52.28 31.00
N PRO U 265 -118.18 52.92 32.11
CA PRO U 265 -117.61 52.70 33.44
C PRO U 265 -117.56 51.26 33.93
N ASP U 266 -118.57 50.44 33.62
CA ASP U 266 -118.57 49.03 33.96
C ASP U 266 -117.46 48.28 33.22
N TYR U 267 -117.26 48.62 31.94
CA TYR U 267 -116.22 47.99 31.14
C TYR U 267 -114.83 48.35 31.70
N ARG U 268 -114.59 49.63 32.01
CA ARG U 268 -113.35 50.05 32.66
C ARG U 268 -113.10 49.26 33.94
N THR U 269 -114.13 49.08 34.77
CA THR U 269 -114.01 48.35 36.02
C THR U 269 -113.56 46.91 35.78
N GLN U 270 -114.23 46.19 34.86
CA GLN U 270 -113.83 44.85 34.46
C GLN U 270 -112.39 44.81 33.94
N LEU U 271 -112.04 45.73 33.03
CA LEU U 271 -110.75 45.76 32.38
C LEU U 271 -109.60 45.94 33.40
N PHE U 272 -109.79 46.77 34.42
CA PHE U 272 -108.78 46.98 35.45
C PHE U 272 -108.74 45.87 36.51
N ASN U 273 -109.73 44.96 36.53
CA ASN U 273 -109.66 43.72 37.30
C ASN U 273 -108.96 42.58 36.54
N ASP U 274 -108.77 42.69 35.22
CA ASP U 274 -108.11 41.65 34.43
C ASP U 274 -106.69 41.44 34.95
N THR U 275 -106.33 40.20 35.32
CA THR U 275 -105.01 39.91 35.86
C THR U 275 -103.89 40.28 34.88
N ASN U 276 -104.17 40.30 33.58
CA ASN U 276 -103.19 40.73 32.59
C ASN U 276 -102.85 42.22 32.68
N LEU U 277 -103.72 43.03 33.32
CA LEU U 277 -103.47 44.45 33.58
C LEU U 277 -103.18 44.71 35.06
N ALA U 278 -103.88 44.03 35.97
CA ALA U 278 -103.79 44.23 37.41
C ALA U 278 -102.47 43.72 38.01
N TYR U 279 -101.84 42.71 37.41
CA TYR U 279 -100.58 42.20 37.91
C TYR U 279 -99.43 42.85 37.13
N ALA U 280 -98.54 43.57 37.81
CA ALA U 280 -97.43 44.26 37.17
C ALA U 280 -96.60 43.31 36.31
N ASN U 281 -96.33 42.13 36.86
CA ASN U 281 -95.81 40.93 36.22
C ASN U 281 -96.32 40.73 34.78
N ARG U 282 -97.65 40.73 34.58
CA ARG U 282 -98.30 40.40 33.33
C ARG U 282 -98.48 41.62 32.43
N ALA U 283 -98.73 42.80 33.01
CA ALA U 283 -98.87 44.05 32.28
C ALA U 283 -97.53 44.62 31.80
N GLY U 284 -96.41 44.21 32.41
CA GLY U 284 -95.10 44.81 32.18
C GLY U 284 -94.87 46.12 32.95
N THR U 285 -95.90 46.60 33.67
CA THR U 285 -95.87 47.83 34.47
C THR U 285 -96.91 47.74 35.58
N ASN U 286 -96.66 48.40 36.74
CA ASN U 286 -97.66 48.49 37.79
C ASN U 286 -98.58 49.72 37.65
N GLU U 287 -98.50 50.46 36.53
CA GLU U 287 -99.25 51.70 36.38
C GLU U 287 -100.77 51.53 36.49
N VAL U 288 -101.38 50.45 35.99
CA VAL U 288 -102.82 50.25 36.13
C VAL U 288 -103.19 50.00 37.59
N LEU U 289 -102.43 49.13 38.27
CA LEU U 289 -102.65 48.84 39.68
C LEU U 289 -102.62 50.11 40.52
N ARG U 290 -101.70 51.04 40.23
CA ARG U 290 -101.60 52.30 40.94
C ARG U 290 -102.47 53.42 40.35
N ASN U 291 -102.14 53.96 39.17
CA ASN U 291 -102.86 55.13 38.62
C ASN U 291 -104.14 54.82 37.83
N ARG U 292 -104.58 53.54 37.77
CA ARG U 292 -105.86 53.10 37.20
C ARG U 292 -106.11 53.65 35.79
N GLU U 293 -107.17 54.44 35.60
CA GLU U 293 -107.59 54.98 34.31
C GLU U 293 -106.50 55.87 33.67
N ASP U 294 -105.68 56.51 34.51
CA ASP U 294 -104.68 57.49 34.07
C ASP U 294 -103.32 56.84 33.74
N ALA U 295 -103.24 55.51 33.85
CA ALA U 295 -102.06 54.74 33.46
C ALA U 295 -101.79 54.86 31.96
N PRO U 296 -100.53 55.10 31.51
CA PRO U 296 -100.22 55.27 30.09
C PRO U 296 -100.53 54.04 29.24
N ILE U 297 -100.46 52.83 29.82
CA ILE U 297 -100.81 51.61 29.10
C ILE U 297 -102.29 51.55 28.69
N VAL U 298 -103.19 52.22 29.40
CA VAL U 298 -104.62 52.16 29.07
C VAL U 298 -104.92 52.85 27.74
N GLY U 299 -104.13 53.87 27.39
CA GLY U 299 -104.17 54.48 26.06
C GLY U 299 -103.30 53.78 25.02
N ASP U 300 -102.81 52.56 25.30
CA ASP U 300 -101.85 51.86 24.46
C ASP U 300 -102.05 50.35 24.59
N ILE U 301 -103.29 49.85 24.36
CA ILE U 301 -103.62 48.43 24.39
C ILE U 301 -104.00 47.96 22.98
N ALA U 302 -103.55 46.76 22.59
CA ALA U 302 -104.07 46.05 21.42
C ALA U 302 -103.90 46.83 20.10
N GLY U 303 -102.84 47.67 20.01
CA GLY U 303 -102.58 48.47 18.83
C GLY U 303 -103.37 49.78 18.75
N LEU U 304 -104.17 50.09 19.78
CA LEU U 304 -104.95 51.31 19.85
C LEU U 304 -104.10 52.43 20.44
N ASP U 305 -104.25 53.65 19.89
CA ASP U 305 -103.46 54.83 20.25
C ASP U 305 -104.15 55.70 21.30
N MET U 306 -105.46 55.52 21.48
CA MET U 306 -106.25 56.46 22.26
C MET U 306 -107.38 55.74 23.01
N HIS U 307 -107.54 56.09 24.29
CA HIS U 307 -108.68 55.68 25.08
C HIS U 307 -109.56 56.90 25.35
N ALA U 308 -110.85 56.79 25.01
CA ALA U 308 -111.84 57.83 25.23
C ALA U 308 -112.85 57.35 26.27
N ALA U 309 -112.56 57.63 27.54
CA ALA U 309 -113.44 57.22 28.63
C ALA U 309 -114.74 58.04 28.59
N MET U 310 -115.90 57.36 28.59
CA MET U 310 -117.19 58.03 28.52
C MET U 310 -118.08 57.70 29.71
N SER U 311 -119.12 58.51 29.91
CA SER U 311 -120.08 58.40 31.01
C SER U 311 -121.18 57.39 30.69
N SER U 312 -121.92 56.97 31.73
CA SER U 312 -123.01 56.01 31.59
C SER U 312 -124.24 56.66 30.93
N ALA U 313 -124.53 57.92 31.26
CA ALA U 313 -125.74 58.63 30.83
C ALA U 313 -125.70 59.12 29.39
N THR U 314 -124.53 59.13 28.75
CA THR U 314 -124.30 59.83 27.49
C THR U 314 -125.08 59.20 26.32
N TYR U 315 -125.06 57.87 26.21
CA TYR U 315 -125.76 57.18 25.13
C TYR U 315 -127.26 57.47 25.18
N ASP U 316 -127.89 57.62 24.02
CA ASP U 316 -129.33 57.88 23.97
C ASP U 316 -130.15 56.63 24.27
N ASP U 317 -130.56 56.46 25.54
CA ASP U 317 -131.50 55.41 25.95
C ASP U 317 -132.93 55.67 25.46
N GLY U 318 -133.26 56.92 25.10
CA GLY U 318 -134.64 57.35 24.84
C GLY U 318 -135.43 57.63 26.11
N THR U 319 -134.76 57.64 27.28
CA THR U 319 -135.40 57.90 28.58
C THR U 319 -135.47 59.39 28.91
N ASP U 320 -134.56 60.21 28.35
CA ASP U 320 -134.61 61.66 28.50
C ASP U 320 -135.72 62.26 27.64
N ILE U 321 -136.32 63.36 28.10
CA ILE U 321 -137.33 64.07 27.32
C ILE U 321 -136.71 64.63 26.03
N GLY U 322 -137.44 64.50 24.91
CA GLY U 322 -136.98 65.04 23.64
C GLY U 322 -136.06 64.13 22.82
N TRP U 323 -135.43 63.13 23.46
CA TRP U 323 -134.54 62.20 22.78
C TRP U 323 -135.27 60.89 22.48
N SER U 324 -135.05 60.34 21.27
CA SER U 324 -135.86 59.23 20.75
C SER U 324 -135.33 57.83 21.07
N GLY U 325 -134.05 57.72 21.45
CA GLY U 325 -133.41 56.45 21.79
C GLY U 325 -132.74 55.77 20.60
N GLY U 326 -131.52 55.25 20.83
CA GLY U 326 -130.81 54.41 19.88
C GLY U 326 -131.22 52.94 19.94
N SER U 327 -130.59 52.10 19.11
CA SER U 327 -130.96 50.70 18.91
C SER U 327 -130.40 49.76 19.98
N GLU U 328 -129.29 50.13 20.65
CA GLU U 328 -128.53 49.29 21.56
C GLU U 328 -128.83 49.62 23.04
N THR U 329 -128.13 48.92 23.95
CA THR U 329 -128.02 49.33 25.35
C THR U 329 -126.55 49.58 25.67
N TRP U 330 -126.21 50.82 26.04
CA TRP U 330 -124.88 51.17 26.52
C TRP U 330 -124.76 50.76 27.99
N GLY U 331 -123.80 49.87 28.28
CA GLY U 331 -123.60 49.30 29.60
C GLY U 331 -122.62 48.13 29.53
N PHE U 332 -122.30 47.54 30.68
CA PHE U 332 -121.50 46.31 30.66
C PHE U 332 -121.75 45.47 31.91
N SER U 333 -123.03 45.23 32.21
CA SER U 333 -123.42 44.57 33.43
C SER U 333 -124.65 43.65 33.26
N SER U 334 -125.17 43.53 32.03
CA SER U 334 -126.23 42.59 31.72
C SER U 334 -126.12 42.06 30.28
N ASP U 335 -126.71 40.89 30.04
CA ASP U 335 -126.65 40.14 28.79
C ASP U 335 -127.06 41.00 27.59
N GLY U 336 -126.12 41.25 26.66
CA GLY U 336 -126.39 42.01 25.45
C GLY U 336 -125.95 43.48 25.47
N ASP U 337 -125.55 44.03 26.62
CA ASP U 337 -125.06 45.42 26.66
C ASP U 337 -123.80 45.61 25.83
N LYS U 338 -123.73 46.72 25.09
CA LYS U 338 -122.51 47.15 24.41
C LYS U 338 -121.70 48.02 25.37
N GLY U 339 -120.50 47.56 25.78
CA GLY U 339 -119.72 48.22 26.81
C GLY U 339 -118.48 48.97 26.32
N ALA U 340 -118.06 48.71 25.09
CA ALA U 340 -116.97 49.42 24.46
C ALA U 340 -117.15 49.43 22.95
N VAL U 341 -116.56 50.42 22.28
CA VAL U 341 -116.44 50.41 20.84
C VAL U 341 -114.96 50.57 20.50
N VAL U 342 -114.44 49.69 19.62
CA VAL U 342 -113.07 49.70 19.13
C VAL U 342 -113.13 50.11 17.67
N TYR U 343 -112.43 51.17 17.26
CA TYR U 343 -112.68 51.78 15.96
C TYR U 343 -111.52 52.63 15.44
N ASP U 344 -111.59 53.03 14.17
CA ASP U 344 -110.69 53.99 13.56
C ASP U 344 -111.30 55.39 13.65
N ARG U 345 -110.71 56.31 14.43
CA ARG U 345 -111.31 57.63 14.64
C ARG U 345 -111.37 58.50 13.38
N ASP U 346 -110.53 58.23 12.39
CA ASP U 346 -110.56 58.95 11.12
C ASP U 346 -111.75 58.54 10.24
N ASN U 347 -112.48 57.47 10.60
CA ASN U 347 -113.59 56.95 9.82
C ASN U 347 -114.96 57.20 10.46
N ILE U 348 -115.01 58.01 11.52
CA ILE U 348 -116.27 58.54 12.05
C ILE U 348 -116.15 60.06 12.19
N HIS U 349 -117.17 60.76 11.69
CA HIS U 349 -117.16 62.21 11.56
C HIS U 349 -118.21 62.82 12.48
N THR U 350 -117.81 63.81 13.28
CA THR U 350 -118.74 64.66 13.99
C THR U 350 -118.87 65.95 13.18
N ILE U 351 -120.08 66.26 12.72
CA ILE U 351 -120.28 67.42 11.88
C ILE U 351 -120.98 68.49 12.72
N LEU U 352 -120.32 69.65 12.86
CA LEU U 352 -120.86 70.79 13.57
C LEU U 352 -121.24 71.89 12.56
N TYR U 353 -122.41 72.50 12.78
CA TYR U 353 -122.88 73.63 11.98
C TYR U 353 -123.43 74.71 12.90
N ALA U 354 -123.12 75.98 12.58
CA ALA U 354 -123.80 77.13 13.19
C ALA U 354 -123.98 78.22 12.14
N PRO U 355 -125.14 78.92 12.11
CA PRO U 355 -125.36 79.99 11.13
C PRO U 355 -124.46 81.21 11.38
N ASN U 356 -124.20 81.51 12.66
CA ASN U 356 -123.32 82.59 13.07
C ASN U 356 -122.07 82.01 13.72
N GLY U 357 -120.88 82.36 13.20
CA GLY U 357 -119.62 81.84 13.73
C GLY U 357 -119.41 80.34 13.49
N GLN U 358 -118.63 79.70 14.37
CA GLN U 358 -118.09 78.36 14.15
C GLN U 358 -118.62 77.33 15.16
N ASP U 359 -118.93 77.78 16.39
CA ASP U 359 -119.22 76.90 17.53
C ASP U 359 -120.59 77.22 18.16
N VAL U 360 -120.78 77.00 19.48
CA VAL U 360 -122.05 77.28 20.14
C VAL U 360 -122.39 78.77 20.08
N GLU U 361 -123.69 79.08 19.93
CA GLU U 361 -124.18 80.45 19.98
C GLU U 361 -125.11 80.61 21.18
N ILE U 362 -124.77 81.57 22.05
CA ILE U 362 -125.57 81.89 23.21
C ILE U 362 -126.16 83.29 23.05
N LYS U 363 -127.47 83.40 23.32
CA LYS U 363 -128.24 84.63 23.25
C LYS U 363 -128.94 84.84 24.58
N ASP U 364 -129.25 86.11 24.87
CA ASP U 364 -130.01 86.48 26.05
C ASP U 364 -131.04 87.54 25.71
N TYR U 365 -132.04 87.69 26.58
CA TYR U 365 -133.12 88.64 26.36
C TYR U 365 -133.76 89.01 27.69
N GLU U 366 -134.37 90.21 27.74
CA GLU U 366 -135.20 90.62 28.85
C GLU U 366 -136.65 90.72 28.40
N ASP U 367 -137.55 90.25 29.26
CA ASP U 367 -138.97 90.51 29.14
C ASP U 367 -139.35 91.66 30.07
N PRO U 368 -139.65 92.87 29.54
CA PRO U 368 -140.03 94.01 30.39
C PRO U 368 -141.47 93.99 30.88
N ILE U 369 -142.30 93.07 30.37
CA ILE U 369 -143.68 92.90 30.82
C ILE U 369 -143.73 92.02 32.07
N ARG U 370 -142.80 91.05 32.18
CA ARG U 370 -142.79 90.04 33.23
C ARG U 370 -141.59 90.15 34.18
N ASP U 371 -140.62 91.03 33.88
CA ASP U 371 -139.41 91.20 34.68
C ASP U 371 -138.60 89.90 34.80
N ILE U 372 -138.41 89.25 33.65
CA ILE U 372 -137.68 87.99 33.55
C ILE U 372 -136.55 88.14 32.54
N THR U 373 -135.37 87.65 32.91
CA THR U 373 -134.23 87.59 31.99
C THR U 373 -134.02 86.14 31.58
N GLY U 374 -133.87 85.90 30.27
CA GLY U 374 -133.70 84.56 29.72
C GLY U 374 -132.38 84.41 28.97
N VAL U 375 -131.91 83.16 28.90
CA VAL U 375 -130.67 82.79 28.23
C VAL U 375 -130.96 81.53 27.40
N ASN U 376 -130.53 81.50 26.14
CA ASN U 376 -130.74 80.39 25.22
C ASN U 376 -129.43 80.04 24.49
N GLY U 377 -129.07 78.74 24.45
CA GLY U 377 -127.95 78.25 23.66
C GLY U 377 -128.40 77.34 22.52
N ARG U 378 -127.61 77.30 21.44
CA ARG U 378 -127.94 76.49 20.28
C ARG U 378 -126.66 76.02 19.57
N LEU U 379 -126.77 74.86 18.91
CA LEU U 379 -125.74 74.34 18.01
C LEU U 379 -126.39 73.29 17.11
N HIS U 380 -125.92 73.13 15.87
CA HIS U 380 -126.39 72.02 15.05
C HIS U 380 -125.30 70.96 14.99
N VAL U 381 -125.66 69.70 15.17
CA VAL U 381 -124.69 68.61 15.11
C VAL U 381 -125.28 67.36 14.45
N ASP U 382 -124.41 66.62 13.75
CA ASP U 382 -124.66 65.27 13.28
C ASP U 382 -123.43 64.42 13.55
N CYS U 383 -123.58 63.09 13.54
CA CYS U 383 -122.42 62.22 13.50
C CYS U 383 -122.66 61.07 12.53
N GLN U 384 -121.65 60.75 11.71
CA GLN U 384 -121.77 59.78 10.64
C GLN U 384 -120.49 58.96 10.50
N TYR U 385 -120.60 57.63 10.42
CA TYR U 385 -119.50 56.83 9.93
C TYR U 385 -119.30 57.04 8.42
N SER U 386 -118.03 57.15 7.99
CA SER U 386 -117.66 56.99 6.57
C SER U 386 -117.48 55.52 6.22
N GLN U 387 -116.88 54.73 7.13
CA GLN U 387 -116.77 53.28 6.99
C GLN U 387 -117.11 52.62 8.33
N GLY U 388 -118.37 52.19 8.50
CA GLY U 388 -118.81 51.55 9.74
C GLY U 388 -118.11 50.20 10.01
N ARG U 389 -117.53 49.60 8.97
CA ARG U 389 -116.72 48.38 9.05
C ARG U 389 -115.40 48.60 9.78
N SER U 390 -114.94 49.85 9.89
CA SER U 390 -113.75 50.21 10.65
C SER U 390 -113.99 50.19 12.18
N SER U 391 -115.12 49.66 12.64
CA SER U 391 -115.57 49.73 14.02
C SER U 391 -116.21 48.42 14.48
N ALA U 392 -115.97 48.05 15.74
CA ALA U 392 -116.57 46.88 16.39
C ALA U 392 -117.02 47.24 17.80
N THR U 393 -118.23 46.83 18.20
CA THR U 393 -118.62 46.90 19.61
C THR U 393 -118.14 45.67 20.37
N VAL U 394 -117.91 45.83 21.69
CA VAL U 394 -117.75 44.71 22.60
C VAL U 394 -119.08 44.53 23.32
N GLN U 395 -119.59 43.29 23.32
CA GLN U 395 -120.89 42.97 23.91
C GLN U 395 -120.71 42.03 25.10
N TYR U 396 -121.47 42.29 26.18
CA TYR U 396 -121.54 41.46 27.36
C TYR U 396 -122.31 40.15 27.13
N PHE V 101 -80.46 39.38 109.66
CA PHE V 101 -78.98 39.15 109.60
C PHE V 101 -78.31 40.39 109.00
N ALA V 102 -77.08 40.69 109.44
CA ALA V 102 -76.26 41.74 108.84
C ALA V 102 -77.09 43.00 108.53
N ALA V 103 -77.17 43.37 107.23
CA ALA V 103 -78.18 44.28 106.70
C ALA V 103 -78.44 43.95 105.23
N SER V 104 -79.73 43.95 104.83
CA SER V 104 -80.14 43.54 103.48
C SER V 104 -81.39 44.29 103.02
N ASP V 105 -81.63 44.38 101.70
CA ASP V 105 -82.78 45.12 101.16
C ASP V 105 -84.10 44.67 101.78
N PRO V 106 -84.43 43.36 101.89
CA PRO V 106 -85.75 42.94 102.35
C PRO V 106 -86.09 43.35 103.77
N GLU V 107 -85.10 43.75 104.55
CA GLU V 107 -85.31 44.29 105.90
C GLU V 107 -85.65 45.78 105.86
N TYR V 108 -85.08 46.52 104.90
CA TYR V 108 -84.99 47.98 104.99
C TYR V 108 -85.57 48.76 103.80
N VAL V 109 -86.23 48.07 102.87
CA VAL V 109 -86.75 48.58 101.60
C VAL V 109 -87.67 49.79 101.71
N ASP V 110 -88.24 50.07 102.89
CA ASP V 110 -89.05 51.25 103.12
C ASP V 110 -88.65 51.99 104.40
N THR V 111 -87.35 51.96 104.75
CA THR V 111 -86.84 52.55 105.98
C THR V 111 -85.52 53.30 105.76
N LEU V 112 -84.59 52.73 104.96
CA LEU V 112 -83.32 53.37 104.63
C LEU V 112 -83.30 53.94 103.21
N PHE V 113 -84.28 53.56 102.39
CA PHE V 113 -84.47 54.03 101.03
C PHE V 113 -85.93 53.80 100.64
N ARG V 114 -86.33 54.32 99.46
CA ARG V 114 -87.62 54.04 98.85
C ARG V 114 -87.40 53.29 97.53
N GLU V 115 -88.35 52.41 97.18
CA GLU V 115 -88.40 51.84 95.84
C GLU V 115 -88.41 52.97 94.80
N GLN V 116 -87.55 52.89 93.77
CA GLN V 116 -87.55 53.87 92.70
C GLN V 116 -88.90 53.92 92.00
N LEU V 117 -89.42 55.14 91.75
CA LEU V 117 -90.44 55.37 90.74
C LEU V 117 -89.72 55.86 89.48
N LEU V 118 -89.93 55.16 88.36
CA LEU V 118 -89.35 55.61 87.11
C LEU V 118 -89.95 56.97 86.74
N GLU V 119 -89.06 57.89 86.35
CA GLU V 119 -89.35 59.32 86.38
C GLU V 119 -90.26 59.75 85.22
N VAL V 120 -90.42 58.89 84.20
CA VAL V 120 -91.20 59.15 82.99
C VAL V 120 -92.39 58.18 82.94
N VAL V 121 -93.61 58.73 82.88
CA VAL V 121 -94.84 57.94 82.77
C VAL V 121 -95.00 57.36 81.36
N MET V 122 -95.28 56.05 81.28
CA MET V 122 -95.54 55.38 80.00
C MET V 122 -96.97 55.67 79.54
N GLU V 123 -97.15 55.87 78.23
CA GLU V 123 -98.44 56.25 77.68
C GLU V 123 -99.36 55.04 77.45
N GLY V 124 -100.68 55.32 77.39
CA GLY V 124 -101.65 54.35 76.91
C GLY V 124 -101.69 54.27 75.39
N ARG V 125 -102.75 53.66 74.84
CA ARG V 125 -102.94 53.56 73.39
C ARG V 125 -103.27 54.93 72.80
N GLU V 126 -102.79 55.17 71.57
CA GLU V 126 -102.93 56.46 70.90
C GLU V 126 -103.74 56.27 69.61
N LEU V 127 -104.94 56.88 69.53
CA LEU V 127 -105.84 56.66 68.40
C LEU V 127 -105.39 57.42 67.17
N ARG V 128 -105.53 56.83 65.98
CA ARG V 128 -105.15 57.47 64.72
C ARG V 128 -106.07 58.66 64.43
N LYS V 129 -105.45 59.83 64.15
CA LYS V 129 -106.16 61.08 63.91
C LYS V 129 -105.85 61.57 62.50
N VAL V 130 -106.89 61.70 61.65
CA VAL V 130 -106.72 61.99 60.22
C VAL V 130 -107.75 62.97 59.66
N ALA V 131 -108.86 63.24 60.36
CA ALA V 131 -110.01 63.96 59.82
C ALA V 131 -109.70 65.35 59.26
N ARG V 132 -108.76 66.09 59.88
CA ARG V 132 -108.38 67.44 59.44
C ARG V 132 -107.61 67.42 58.12
N GLU V 133 -106.92 66.32 57.82
CA GLU V 133 -106.16 66.13 56.59
C GLU V 133 -107.00 65.43 55.51
N ALA V 134 -107.84 64.48 55.93
CA ALA V 134 -108.63 63.60 55.08
C ALA V 134 -110.02 64.15 54.71
N SER V 135 -110.32 65.41 55.06
CA SER V 135 -111.56 66.08 54.67
C SER V 135 -111.32 67.58 54.51
N ASN V 136 -112.22 68.28 53.82
CA ASN V 136 -112.15 69.74 53.75
C ASN V 136 -112.65 70.34 55.07
N VAL V 137 -111.89 71.25 55.71
CA VAL V 137 -112.30 71.81 57.00
C VAL V 137 -112.84 73.23 56.83
N ILE V 138 -114.06 73.46 57.32
CA ILE V 138 -114.73 74.75 57.33
C ILE V 138 -114.77 75.27 58.76
N ASN V 139 -114.29 76.50 58.97
CA ASN V 139 -114.51 77.21 60.22
C ASN V 139 -115.80 78.03 60.09
N ALA V 140 -116.89 77.57 60.73
CA ALA V 140 -118.19 78.22 60.63
C ALA V 140 -118.28 79.48 61.50
N ASN V 141 -119.10 80.45 61.06
CA ASN V 141 -119.45 81.63 61.83
C ASN V 141 -120.63 81.36 62.79
N THR V 142 -121.45 80.35 62.50
CA THR V 142 -122.62 79.98 63.30
C THR V 142 -122.68 78.47 63.49
N ARG V 143 -123.19 78.04 64.65
CA ARG V 143 -123.27 76.62 64.99
C ARG V 143 -124.13 75.84 63.99
N VAL V 144 -125.15 76.50 63.43
CA VAL V 144 -126.04 75.94 62.42
C VAL V 144 -125.87 76.74 61.12
N GLY V 145 -125.87 76.03 59.98
CA GLY V 145 -125.73 76.68 58.69
C GLY V 145 -126.16 75.79 57.53
N ASP V 146 -125.96 76.29 56.31
CA ASP V 146 -126.25 75.60 55.07
C ASP V 146 -125.17 75.91 54.03
N VAL V 147 -124.94 74.97 53.10
CA VAL V 147 -124.15 75.22 51.90
C VAL V 147 -124.99 74.83 50.68
N PRO V 148 -125.12 75.70 49.65
CA PRO V 148 -125.95 75.39 48.49
C PRO V 148 -125.28 74.48 47.46
N ILE V 149 -126.06 73.53 46.96
CA ILE V 149 -125.69 72.55 45.95
C ILE V 149 -126.46 72.88 44.66
N ALA V 150 -125.72 72.99 43.56
CA ALA V 150 -126.31 73.08 42.23
C ALA V 150 -126.70 71.69 41.71
N SER V 151 -127.82 71.61 41.00
CA SER V 151 -128.26 70.38 40.33
C SER V 151 -127.26 69.90 39.27
N ASP V 152 -127.29 68.60 38.96
CA ASP V 152 -126.43 68.00 37.94
C ASP V 152 -126.65 68.61 36.56
N GLU V 153 -125.59 68.62 35.74
CA GLU V 153 -125.68 69.04 34.35
C GLU V 153 -126.44 67.99 33.52
N GLU V 154 -127.13 68.46 32.47
CA GLU V 154 -128.02 67.62 31.66
C GLU V 154 -127.63 67.66 30.18
N PHE V 155 -128.60 67.33 29.31
CA PHE V 155 -128.43 67.33 27.85
C PHE V 155 -129.42 68.30 27.20
N ALA V 156 -128.93 69.00 26.18
CA ALA V 156 -129.76 69.83 25.31
C ALA V 156 -130.78 68.99 24.53
N ARG V 157 -131.84 69.61 23.98
CA ARG V 157 -132.88 68.90 23.25
C ARG V 157 -132.67 69.07 21.74
N PRO V 158 -132.86 68.01 20.91
CA PRO V 158 -133.02 68.22 19.47
C PRO V 158 -134.31 69.02 19.24
N THR V 159 -134.24 69.96 18.27
CA THR V 159 -135.24 71.00 18.08
C THR V 159 -135.47 71.25 16.59
N GLY V 160 -136.72 71.49 16.18
CA GLY V 160 -137.04 71.85 14.80
C GLY V 160 -136.62 73.29 14.47
N GLN V 161 -136.28 73.55 13.20
CA GLN V 161 -135.94 74.90 12.78
C GLN V 161 -137.12 75.85 12.96
N GLY V 162 -136.88 77.01 13.62
CA GLY V 162 -137.92 77.99 13.89
C GLY V 162 -138.78 77.71 15.13
N ALA V 163 -138.58 76.58 15.82
CA ALA V 163 -139.37 76.20 16.99
C ALA V 163 -138.85 76.89 18.27
N GLU V 164 -139.74 77.04 19.27
CA GLU V 164 -139.41 77.62 20.57
C GLU V 164 -138.38 76.77 21.32
N ILE V 165 -137.36 77.43 21.91
CA ILE V 165 -136.41 76.75 22.79
C ILE V 165 -137.03 76.58 24.18
N ARG V 166 -137.01 75.35 24.70
CA ARG V 166 -137.59 75.01 26.00
C ARG V 166 -136.56 75.15 27.13
N ASP V 167 -137.06 75.42 28.35
CA ASP V 167 -136.22 75.74 29.49
C ASP V 167 -135.91 74.51 30.36
N ASP V 168 -134.67 74.48 30.91
CA ASP V 168 -134.22 73.51 31.89
C ASP V 168 -133.01 74.08 32.65
N GLY V 169 -133.25 75.17 33.42
CA GLY V 169 -132.19 75.87 34.14
C GLY V 169 -131.69 75.13 35.39
N GLU V 170 -130.63 75.67 36.02
CA GLU V 170 -130.14 75.13 37.29
C GLU V 170 -131.23 75.25 38.37
N THR V 171 -131.63 74.11 38.91
CA THR V 171 -132.32 74.02 40.20
C THR V 171 -131.28 73.93 41.32
N TYR V 172 -131.65 74.31 42.56
CA TYR V 172 -130.75 74.36 43.70
C TYR V 172 -131.35 73.73 44.96
N THR V 173 -130.47 73.28 45.85
CA THR V 173 -130.81 72.75 47.17
C THR V 173 -129.68 73.09 48.14
N THR V 174 -129.76 72.67 49.41
CA THR V 174 -128.65 72.83 50.35
C THR V 174 -128.41 71.53 51.13
N VAL V 175 -127.20 71.42 51.69
CA VAL V 175 -127.00 70.51 52.82
C VAL V 175 -126.78 71.36 54.08
N ALA V 176 -127.52 71.02 55.15
CA ALA V 176 -127.43 71.73 56.42
C ALA V 176 -126.30 71.17 57.28
N TRP V 177 -125.66 72.03 58.09
CA TRP V 177 -124.84 71.58 59.20
C TRP V 177 -125.44 72.07 60.51
N ASN V 178 -125.30 71.27 61.57
CA ASN V 178 -125.52 71.75 62.93
C ASN V 178 -124.47 71.10 63.83
N ALA V 179 -123.47 71.89 64.20
CA ALA V 179 -122.34 71.41 64.99
C ALA V 179 -122.81 71.02 66.39
N THR V 180 -122.33 69.87 66.87
CA THR V 180 -122.66 69.32 68.18
C THR V 180 -121.51 69.61 69.13
N LYS V 181 -121.81 70.11 70.33
CA LYS V 181 -120.80 70.41 71.33
C LYS V 181 -120.19 69.13 71.89
N LEU V 182 -118.95 68.83 71.52
CA LEU V 182 -118.19 67.76 72.16
C LEU V 182 -117.44 68.35 73.35
N THR V 183 -117.44 67.64 74.49
CA THR V 183 -116.82 68.15 75.72
C THR V 183 -116.08 67.06 76.48
N GLU V 184 -115.15 67.48 77.36
CA GLU V 184 -114.40 66.54 78.21
C GLU V 184 -113.92 67.29 79.45
N GLY V 185 -114.26 66.79 80.64
CA GLY V 185 -113.83 67.38 81.90
C GLY V 185 -112.80 66.53 82.64
N SER V 186 -112.15 67.15 83.65
CA SER V 186 -111.28 66.46 84.60
C SER V 186 -111.18 67.27 85.89
N ARG V 187 -110.88 66.59 87.02
CA ARG V 187 -110.69 67.24 88.31
C ARG V 187 -109.53 66.60 89.08
N VAL V 188 -108.79 67.43 89.83
CA VAL V 188 -107.65 67.01 90.63
C VAL V 188 -107.69 67.77 91.95
N THR V 189 -107.45 67.10 93.08
CA THR V 189 -107.35 67.76 94.37
C THR V 189 -106.02 68.52 94.48
N ASP V 190 -106.00 69.61 95.23
CA ASP V 190 -104.78 70.41 95.38
C ASP V 190 -103.63 69.63 96.02
N GLU V 191 -103.93 68.69 96.93
CA GLU V 191 -102.92 67.81 97.50
C GLU V 191 -102.30 66.88 96.45
N MET V 192 -103.11 66.35 95.53
CA MET V 192 -102.60 65.47 94.49
C MET V 192 -101.79 66.27 93.47
N ARG V 193 -102.27 67.48 93.11
CA ARG V 193 -101.58 68.40 92.22
C ARG V 193 -100.20 68.78 92.74
N ASP V 194 -100.07 68.98 94.06
CA ASP V 194 -98.80 69.27 94.71
C ASP V 194 -97.85 68.07 94.67
N GLN V 195 -98.32 66.90 95.08
CA GLN V 195 -97.47 65.75 95.38
C GLN V 195 -97.02 64.95 94.15
N ALA V 196 -97.74 65.06 93.02
CA ALA V 196 -97.41 64.32 91.81
C ALA V 196 -96.00 64.62 91.28
N MET V 197 -95.40 63.62 90.61
CA MET V 197 -94.11 63.74 89.91
C MET V 197 -94.22 64.60 88.64
N VAL V 198 -95.45 64.81 88.14
CA VAL V 198 -95.74 65.41 86.84
C VAL V 198 -96.81 66.49 87.01
N ASP V 199 -96.86 67.45 86.07
CA ASP V 199 -97.94 68.42 86.06
C ASP V 199 -99.25 67.74 85.67
N LEU V 200 -100.08 67.36 86.67
CA LEU V 200 -101.35 66.69 86.41
C LEU V 200 -102.32 67.59 85.64
N ILE V 201 -102.25 68.92 85.86
CA ILE V 201 -103.03 69.85 85.04
C ILE V 201 -102.63 69.71 83.58
N GLU V 202 -101.33 69.79 83.28
CA GLU V 202 -100.85 69.68 81.91
C GLU V 202 -101.20 68.32 81.29
N ARG V 203 -100.99 67.21 82.03
CA ARG V 203 -101.41 65.88 81.61
C ARG V 203 -102.88 65.87 81.18
N ASN V 204 -103.77 66.48 82.00
CA ASN V 204 -105.19 66.52 81.70
C ASN V 204 -105.54 67.49 80.57
N ILE V 205 -104.85 68.63 80.44
CA ILE V 205 -105.03 69.50 79.28
C ILE V 205 -104.70 68.75 78.00
N GLN V 206 -103.56 68.04 77.96
CA GLN V 206 -103.16 67.21 76.82
C GLN V 206 -104.18 66.12 76.52
N ARG V 207 -104.65 65.40 77.55
CA ARG V 207 -105.69 64.39 77.43
C ARG V 207 -107.00 64.97 76.87
N VAL V 208 -107.44 66.11 77.39
CA VAL V 208 -108.67 66.78 76.98
C VAL V 208 -108.59 67.18 75.50
N GLY V 209 -107.48 67.80 75.09
CA GLY V 209 -107.24 68.13 73.68
C GLY V 209 -107.28 66.89 72.78
N ALA V 210 -106.55 65.82 73.16
CA ALA V 210 -106.58 64.56 72.43
C ALA V 210 -107.98 63.96 72.35
N SER V 211 -108.75 64.02 73.45
CA SER V 211 -110.11 63.52 73.52
C SER V 211 -111.05 64.25 72.56
N LEU V 212 -110.86 65.57 72.39
CA LEU V 212 -111.58 66.36 71.40
C LEU V 212 -111.14 66.04 69.98
N GLU V 213 -109.84 65.85 69.71
CA GLU V 213 -109.39 65.42 68.38
C GLU V 213 -109.94 64.04 68.01
N ASN V 214 -109.98 63.11 68.97
CA ASN V 214 -110.61 61.82 68.78
C ASN V 214 -112.11 62.00 68.49
N GLY V 215 -112.77 62.91 69.19
CA GLY V 215 -114.15 63.31 68.93
C GLY V 215 -114.38 63.81 67.49
N ILE V 216 -113.54 64.72 66.99
CA ILE V 216 -113.62 65.21 65.61
C ILE V 216 -113.56 64.02 64.65
N ASN V 217 -112.61 63.11 64.87
CA ASN V 217 -112.43 61.94 64.03
C ASN V 217 -113.64 61.01 64.06
N ARG V 218 -114.29 60.83 65.22
CA ARG V 218 -115.52 60.05 65.28
C ARG V 218 -116.64 60.66 64.44
N VAL V 219 -116.85 61.98 64.55
CA VAL V 219 -117.90 62.65 63.81
C VAL V 219 -117.65 62.55 62.30
N PHE V 220 -116.42 62.81 61.86
CA PHE V 220 -116.04 62.62 60.47
C PHE V 220 -116.29 61.19 59.97
N LEU V 221 -115.72 60.18 60.63
CA LEU V 221 -115.82 58.82 60.14
C LEU V 221 -117.26 58.30 60.15
N THR V 222 -118.05 58.71 61.14
CA THR V 222 -119.44 58.27 61.23
C THR V 222 -120.28 58.86 60.10
N GLU V 223 -120.06 60.13 59.75
CA GLU V 223 -120.70 60.70 58.57
C GLU V 223 -120.25 59.97 57.30
N LEU V 224 -118.93 59.88 57.12
CA LEU V 224 -118.34 59.34 55.90
C LEU V 224 -118.85 57.93 55.61
N VAL V 225 -118.90 57.06 56.62
CA VAL V 225 -119.38 55.69 56.53
C VAL V 225 -120.90 55.61 56.36
N ASP V 226 -121.70 56.39 57.12
CA ASP V 226 -123.15 56.27 57.06
C ASP V 226 -123.74 56.81 55.76
N ASN V 227 -123.20 57.92 55.22
CA ASN V 227 -123.86 58.69 54.18
C ASN V 227 -123.23 58.59 52.78
N ALA V 228 -122.22 57.72 52.59
CA ALA V 228 -121.79 57.34 51.26
C ALA V 228 -122.97 56.76 50.47
N GLN V 229 -123.20 57.25 49.25
CA GLN V 229 -124.39 56.86 48.48
C GLN V 229 -124.15 55.61 47.62
N ASN V 230 -122.91 55.35 47.23
CA ASN V 230 -122.55 54.12 46.53
C ASN V 230 -121.99 53.07 47.50
N ASN V 231 -121.96 51.81 47.05
CA ASN V 231 -121.53 50.71 47.89
C ASN V 231 -121.05 49.54 47.02
N HIS V 232 -119.87 48.98 47.32
CA HIS V 232 -119.44 47.74 46.71
C HIS V 232 -119.54 46.62 47.74
N ASP V 233 -120.47 45.69 47.51
CA ASP V 233 -120.63 44.53 48.37
C ASP V 233 -119.69 43.42 47.89
N THR V 234 -118.66 43.11 48.69
CA THR V 234 -117.71 42.07 48.30
C THR V 234 -118.30 40.66 48.41
N ALA V 235 -119.42 40.49 49.14
CA ALA V 235 -120.03 39.19 49.39
C ALA V 235 -118.99 38.15 49.86
N GLY V 236 -118.09 38.56 50.77
CA GLY V 236 -117.07 37.70 51.32
C GLY V 236 -115.96 37.24 50.36
N SER V 237 -115.80 37.89 49.19
CA SER V 237 -114.91 37.42 48.14
C SER V 237 -114.21 38.57 47.40
N ASN V 238 -113.02 38.31 46.81
CA ASN V 238 -112.25 39.30 46.04
C ASN V 238 -112.05 40.63 46.80
N GLN V 239 -111.71 40.54 48.09
CA GLN V 239 -111.82 41.68 49.01
C GLN V 239 -110.66 42.67 48.95
N GLY V 240 -109.55 42.32 48.26
CA GLY V 240 -108.36 43.18 48.19
C GLY V 240 -108.47 44.29 47.15
N TYR V 241 -107.46 44.43 46.28
CA TYR V 241 -107.41 45.45 45.24
C TYR V 241 -108.68 45.49 44.40
N GLN V 242 -109.26 44.33 44.07
CA GLN V 242 -110.48 44.26 43.26
C GLN V 242 -111.66 45.00 43.91
N ALA V 243 -111.77 44.96 45.23
CA ALA V 243 -112.81 45.68 45.96
C ALA V 243 -112.60 47.19 45.87
N LEU V 244 -111.35 47.66 45.99
CA LEU V 244 -111.04 49.07 45.82
C LEU V 244 -111.34 49.53 44.39
N ASN V 245 -110.88 48.78 43.39
CA ASN V 245 -111.16 49.09 41.99
C ASN V 245 -112.67 49.11 41.71
N SER V 246 -113.43 48.18 42.30
CA SER V 246 -114.87 48.13 42.11
C SER V 246 -115.57 49.29 42.82
N ALA V 247 -115.13 49.67 44.01
CA ALA V 247 -115.64 50.84 44.71
C ALA V 247 -115.35 52.13 43.93
N VAL V 248 -114.13 52.30 43.40
CA VAL V 248 -113.83 53.40 42.49
C VAL V 248 -114.76 53.37 41.29
N GLY V 249 -114.97 52.19 40.70
CA GLY V 249 -115.89 51.98 39.59
C GLY V 249 -117.32 52.42 39.86
N GLU V 250 -117.84 52.20 41.09
CA GLU V 250 -119.17 52.65 41.48
C GLU V 250 -119.25 54.18 41.54
N VAL V 251 -118.20 54.86 42.03
CA VAL V 251 -118.15 56.31 42.07
C VAL V 251 -118.02 56.89 40.66
N ASP V 252 -117.15 56.32 39.83
CA ASP V 252 -116.93 56.70 38.45
C ASP V 252 -118.21 56.55 37.60
N LYS V 253 -119.03 55.55 37.91
CA LYS V 253 -120.33 55.34 37.27
C LYS V 253 -121.34 56.44 37.60
N ASP V 254 -121.17 57.16 38.72
CA ASP V 254 -121.93 58.37 39.01
C ASP V 254 -121.19 59.65 38.54
N ASP V 255 -120.09 59.52 37.79
CA ASP V 255 -119.35 60.64 37.19
C ASP V 255 -118.68 61.60 38.19
N PHE V 256 -118.51 61.16 39.45
CA PHE V 256 -117.55 61.77 40.36
C PHE V 256 -116.23 61.03 40.25
N ARG V 257 -115.16 61.54 40.90
CA ARG V 257 -113.83 60.96 40.76
C ARG V 257 -113.12 60.98 42.12
N PRO V 258 -113.03 59.82 42.83
CA PRO V 258 -112.48 59.79 44.17
C PRO V 258 -110.96 59.85 44.13
N ASP V 259 -110.35 60.26 45.24
CA ASP V 259 -108.90 60.44 45.32
C ASP V 259 -108.33 59.91 46.63
N THR V 260 -109.18 59.49 47.57
CA THR V 260 -108.79 59.17 48.93
C THR V 260 -109.53 57.93 49.41
N TYR V 261 -108.96 57.22 50.39
CA TYR V 261 -109.73 56.21 51.11
C TYR V 261 -109.34 56.12 52.58
N VAL V 262 -110.33 55.77 53.42
CA VAL V 262 -110.11 55.43 54.82
C VAL V 262 -110.34 53.93 54.98
N THR V 263 -109.64 53.33 55.96
CA THR V 263 -109.58 51.89 56.04
C THR V 263 -109.58 51.42 57.49
N HIS V 264 -110.35 50.38 57.81
CA HIS V 264 -110.34 49.70 59.10
C HIS V 264 -109.12 48.77 59.22
N PRO V 265 -108.55 48.53 60.44
CA PRO V 265 -107.43 47.59 60.60
C PRO V 265 -107.63 46.18 60.03
N ASP V 266 -108.84 45.62 60.11
CA ASP V 266 -109.14 44.33 59.51
C ASP V 266 -109.04 44.40 57.99
N TYR V 267 -109.57 45.47 57.38
CA TYR V 267 -109.46 45.64 55.95
C TYR V 267 -107.99 45.77 55.52
N ARG V 268 -107.18 46.58 56.23
CA ARG V 268 -105.75 46.68 55.96
C ARG V 268 -105.07 45.30 56.01
N THR V 269 -105.44 44.47 56.99
CA THR V 269 -104.90 43.14 57.13
C THR V 269 -105.23 42.25 55.93
N GLN V 270 -106.47 42.29 55.42
CA GLN V 270 -106.84 41.61 54.17
C GLN V 270 -106.07 42.17 52.97
N LEU V 271 -106.01 43.49 52.84
CA LEU V 271 -105.40 44.16 51.70
C LEU V 271 -103.90 43.79 51.59
N PHE V 272 -103.20 43.69 52.72
CA PHE V 272 -101.79 43.28 52.70
C PHE V 272 -101.58 41.76 52.62
N ASN V 273 -102.65 40.95 52.68
CA ASN V 273 -102.61 39.53 52.35
C ASN V 273 -102.88 39.28 50.87
N ASP V 274 -103.56 40.21 50.18
CA ASP V 274 -103.92 40.06 48.77
C ASP V 274 -102.66 39.82 47.94
N THR V 275 -102.62 38.71 47.19
CA THR V 275 -101.44 38.37 46.39
C THR V 275 -101.08 39.47 45.40
N ASN V 276 -102.05 40.26 44.93
CA ASN V 276 -101.80 41.36 44.01
C ASN V 276 -100.85 42.41 44.59
N LEU V 277 -100.81 42.54 45.94
CA LEU V 277 -99.96 43.47 46.64
C LEU V 277 -98.83 42.77 47.40
N ALA V 278 -99.14 41.62 48.00
CA ALA V 278 -98.22 40.86 48.83
C ALA V 278 -97.09 40.23 48.03
N TYR V 279 -97.30 39.87 46.76
CA TYR V 279 -96.22 39.34 45.94
C TYR V 279 -95.56 40.49 45.17
N ALA V 280 -94.24 40.65 45.31
CA ALA V 280 -93.50 41.70 44.65
C ALA V 280 -93.68 41.66 43.13
N ASN V 281 -93.77 40.45 42.58
CA ASN V 281 -94.08 40.15 41.19
C ASN V 281 -95.33 40.92 40.73
N ARG V 282 -96.43 40.76 41.48
CA ARG V 282 -97.74 41.25 41.12
C ARG V 282 -97.82 42.76 41.35
N ALA V 283 -97.13 43.29 42.37
CA ALA V 283 -97.18 44.70 42.75
C ALA V 283 -96.19 45.58 41.97
N GLY V 284 -95.14 44.99 41.37
CA GLY V 284 -94.04 45.74 40.78
C GLY V 284 -93.02 46.27 41.79
N THR V 285 -93.21 45.96 43.08
CA THR V 285 -92.36 46.37 44.19
C THR V 285 -92.59 45.43 45.38
N ASN V 286 -91.56 45.18 46.21
CA ASN V 286 -91.74 44.44 47.45
C ASN V 286 -92.11 45.32 48.65
N GLU V 287 -92.37 46.61 48.43
CA GLU V 287 -92.67 47.57 49.48
C GLU V 287 -93.82 47.15 50.40
N VAL V 288 -94.92 46.56 49.90
CA VAL V 288 -96.02 46.18 50.78
C VAL V 288 -95.63 45.03 51.71
N LEU V 289 -94.99 43.98 51.18
CA LEU V 289 -94.53 42.86 51.98
C LEU V 289 -93.53 43.31 53.05
N ARG V 290 -92.76 44.33 52.72
CA ARG V 290 -91.61 44.78 53.48
C ARG V 290 -92.01 45.85 54.50
N ASN V 291 -92.59 46.96 54.04
CA ASN V 291 -92.94 48.10 54.88
C ASN V 291 -94.44 48.25 55.19
N ARG V 292 -95.30 47.32 54.71
CA ARG V 292 -96.72 47.27 55.06
C ARG V 292 -97.44 48.59 54.69
N GLU V 293 -98.10 49.24 55.66
CA GLU V 293 -98.89 50.44 55.38
C GLU V 293 -98.05 51.66 55.02
N ASP V 294 -96.74 51.63 55.36
CA ASP V 294 -95.81 52.71 55.03
C ASP V 294 -95.31 52.66 53.58
N ALA V 295 -95.66 51.60 52.83
CA ALA V 295 -95.32 51.43 51.43
C ALA V 295 -95.95 52.54 50.57
N PRO V 296 -95.22 53.19 49.64
CA PRO V 296 -95.77 54.25 48.81
C PRO V 296 -96.98 53.83 47.98
N ILE V 297 -96.98 52.58 47.46
CA ILE V 297 -98.10 52.05 46.69
C ILE V 297 -99.42 51.97 47.48
N VAL V 298 -99.39 51.84 48.81
CA VAL V 298 -100.61 51.82 49.61
C VAL V 298 -101.32 53.18 49.57
N GLY V 299 -100.55 54.26 49.42
CA GLY V 299 -101.08 55.59 49.17
C GLY V 299 -101.26 55.94 47.70
N ASP V 300 -101.32 54.95 46.80
CA ASP V 300 -101.33 55.17 45.36
C ASP V 300 -102.17 54.14 44.57
N ILE V 301 -102.82 53.16 45.22
CA ILE V 301 -103.62 52.16 44.49
C ILE V 301 -104.86 52.77 43.81
N ALA V 302 -105.31 52.15 42.71
CA ALA V 302 -106.63 52.36 42.10
C ALA V 302 -106.96 53.83 41.79
N GLY V 303 -105.95 54.68 41.54
CA GLY V 303 -106.15 56.09 41.22
C GLY V 303 -106.34 57.00 42.44
N LEU V 304 -106.26 56.43 43.65
CA LEU V 304 -106.38 57.16 44.90
C LEU V 304 -104.99 57.56 45.36
N ASP V 305 -104.74 58.86 45.46
CA ASP V 305 -103.43 59.40 45.80
C ASP V 305 -103.27 59.68 47.31
N MET V 306 -104.25 59.30 48.14
CA MET V 306 -104.13 59.40 49.60
C MET V 306 -104.79 58.22 50.32
N HIS V 307 -104.08 57.65 51.30
CA HIS V 307 -104.65 56.68 52.23
C HIS V 307 -104.70 57.26 53.65
N ALA V 308 -105.88 57.23 54.28
CA ALA V 308 -106.09 57.74 55.61
C ALA V 308 -106.39 56.57 56.56
N ALA V 309 -105.34 55.97 57.15
CA ALA V 309 -105.49 54.82 58.03
C ALA V 309 -106.24 55.21 59.32
N MET V 310 -107.40 54.59 59.56
CA MET V 310 -108.24 54.85 60.71
C MET V 310 -108.09 53.77 61.79
N SER V 311 -108.50 54.11 63.02
CA SER V 311 -108.57 53.17 64.15
C SER V 311 -109.89 52.39 64.16
N SER V 312 -109.94 51.30 64.93
CA SER V 312 -111.12 50.45 65.08
C SER V 312 -112.24 51.14 65.88
N ALA V 313 -111.87 51.84 66.96
CA ALA V 313 -112.82 52.44 67.89
C ALA V 313 -113.46 53.74 67.37
N THR V 314 -112.92 54.35 66.30
CA THR V 314 -113.27 55.70 65.90
C THR V 314 -114.74 55.83 65.51
N TYR V 315 -115.26 54.93 64.68
CA TYR V 315 -116.65 54.99 64.24
C TYR V 315 -117.60 54.81 65.41
N ASP V 316 -118.72 55.53 65.39
CA ASP V 316 -119.71 55.46 66.44
C ASP V 316 -120.56 54.18 66.38
N ASP V 317 -120.14 53.14 67.10
CA ASP V 317 -120.93 51.92 67.28
C ASP V 317 -122.15 52.12 68.21
N GLY V 318 -122.23 53.25 68.94
CA GLY V 318 -123.23 53.46 69.98
C GLY V 318 -122.98 52.67 71.27
N THR V 319 -121.85 51.94 71.33
CA THR V 319 -121.43 51.19 72.52
C THR V 319 -120.71 52.09 73.53
N ASP V 320 -120.17 53.21 73.07
CA ASP V 320 -119.45 54.17 73.91
C ASP V 320 -120.44 55.03 74.71
N ILE V 321 -120.00 55.54 75.87
CA ILE V 321 -120.89 56.26 76.78
C ILE V 321 -121.23 57.64 76.20
N GLY V 322 -122.53 57.93 76.08
CA GLY V 322 -122.98 59.23 75.63
C GLY V 322 -123.18 59.34 74.10
N TRP V 323 -122.69 58.36 73.33
CA TRP V 323 -122.82 58.34 71.89
C TRP V 323 -123.93 57.39 71.46
N SER V 324 -124.76 57.82 70.48
CA SER V 324 -126.01 57.13 70.14
C SER V 324 -125.88 56.08 69.03
N GLY V 325 -124.80 56.10 68.25
CA GLY V 325 -124.53 55.10 67.21
C GLY V 325 -124.96 55.51 65.79
N GLY V 326 -124.08 55.23 64.80
CA GLY V 326 -124.42 55.35 63.39
C GLY V 326 -125.27 54.19 62.87
N SER V 327 -125.58 54.19 61.57
CA SER V 327 -126.43 53.18 60.93
C SER V 327 -125.68 51.89 60.60
N GLU V 328 -124.34 51.94 60.47
CA GLU V 328 -123.52 50.85 59.97
C GLU V 328 -122.77 50.10 61.09
N THR V 329 -121.94 49.12 60.68
CA THR V 329 -120.89 48.58 61.52
C THR V 329 -119.55 48.81 60.83
N TRP V 330 -118.65 49.57 61.47
CA TRP V 330 -117.29 49.73 60.99
C TRP V 330 -116.47 48.51 61.39
N GLY V 331 -115.86 47.85 60.39
CA GLY V 331 -115.18 46.59 60.61
C GLY V 331 -114.95 45.87 59.28
N PHE V 332 -114.28 44.72 59.33
CA PHE V 332 -114.18 43.90 58.13
C PHE V 332 -114.04 42.44 58.55
N SER V 333 -115.01 41.99 59.35
CA SER V 333 -114.93 40.79 60.17
C SER V 333 -116.04 39.81 59.81
N SER V 334 -117.18 40.36 59.39
CA SER V 334 -118.45 39.65 59.36
C SER V 334 -119.39 40.29 58.34
N ASP V 335 -120.37 39.51 57.88
CA ASP V 335 -121.34 39.87 56.85
C ASP V 335 -121.96 41.25 57.11
N GLY V 336 -121.77 42.17 56.16
CA GLY V 336 -122.38 43.50 56.21
C GLY V 336 -121.52 44.59 56.82
N ASP V 337 -120.36 44.27 57.42
CA ASP V 337 -119.45 45.29 57.92
C ASP V 337 -118.98 46.22 56.79
N LYS V 338 -118.85 47.53 57.07
CA LYS V 338 -118.20 48.46 56.17
C LYS V 338 -116.74 48.61 56.61
N GLY V 339 -115.78 48.25 55.73
CA GLY V 339 -114.38 48.15 56.10
C GLY V 339 -113.48 49.24 55.51
N ALA V 340 -113.96 49.91 54.46
CA ALA V 340 -113.23 51.02 53.84
C ALA V 340 -114.24 51.97 53.20
N VAL V 341 -113.84 53.23 52.99
CA VAL V 341 -114.61 54.15 52.17
C VAL V 341 -113.66 54.76 51.15
N VAL V 342 -114.04 54.70 49.87
CA VAL V 342 -113.34 55.32 48.76
C VAL V 342 -114.12 56.59 48.42
N TYR V 343 -113.46 57.76 48.38
CA TYR V 343 -114.18 59.02 48.27
C TYR V 343 -113.35 60.16 47.69
N ASP V 344 -114.04 61.22 47.30
CA ASP V 344 -113.43 62.49 46.91
C ASP V 344 -113.27 63.38 48.14
N ARG V 345 -112.01 63.63 48.53
CA ARG V 345 -111.65 64.38 49.74
C ARG V 345 -112.21 65.80 49.79
N ASP V 346 -112.48 66.40 48.64
CA ASP V 346 -113.00 67.76 48.56
C ASP V 346 -114.53 67.83 48.71
N ASN V 347 -115.23 66.69 48.59
CA ASN V 347 -116.69 66.62 48.64
C ASN V 347 -117.26 66.22 50.00
N ILE V 348 -116.41 66.12 51.04
CA ILE V 348 -116.88 65.96 52.40
C ILE V 348 -116.24 67.03 53.30
N HIS V 349 -117.11 67.67 54.09
CA HIS V 349 -116.79 68.86 54.86
C HIS V 349 -116.87 68.55 56.35
N THR V 350 -115.81 68.87 57.08
CA THR V 350 -115.84 68.89 58.53
C THR V 350 -116.00 70.33 58.96
N ILE V 351 -117.08 70.61 59.70
CA ILE V 351 -117.44 71.96 60.05
C ILE V 351 -117.17 72.15 61.54
N LEU V 352 -116.25 73.06 61.88
CA LEU V 352 -115.90 73.37 63.25
C LEU V 352 -116.47 74.73 63.64
N TYR V 353 -117.03 74.81 64.84
CA TYR V 353 -117.54 76.06 65.40
C TYR V 353 -117.05 76.22 66.84
N ALA V 354 -116.63 77.44 67.18
CA ALA V 354 -116.31 77.81 68.55
C ALA V 354 -116.81 79.25 68.80
N PRO V 355 -117.43 79.55 69.96
CA PRO V 355 -117.91 80.91 70.24
C PRO V 355 -116.79 81.91 70.51
N ASN V 356 -115.63 81.43 70.99
CA ASN V 356 -114.54 82.28 71.47
C ASN V 356 -113.24 82.12 70.66
N GLY V 357 -113.35 81.65 69.41
CA GLY V 357 -112.21 81.46 68.53
C GLY V 357 -112.59 80.66 67.29
N GLN V 358 -111.71 79.73 66.87
CA GLN V 358 -111.96 78.88 65.71
C GLN V 358 -111.71 77.39 65.99
N ASP V 359 -111.17 77.06 67.18
CA ASP V 359 -110.77 75.70 67.53
C ASP V 359 -110.97 75.44 69.03
N VAL V 360 -110.50 74.28 69.54
CA VAL V 360 -110.76 73.82 70.92
C VAL V 360 -110.54 74.92 71.95
N GLU V 361 -111.50 75.07 72.89
CA GLU V 361 -111.34 75.99 74.01
C GLU V 361 -111.17 75.21 75.31
N ILE V 362 -110.04 75.46 75.99
CA ILE V 362 -109.78 74.92 77.32
C ILE V 362 -110.09 76.02 78.34
N LYS V 363 -110.85 75.65 79.39
CA LYS V 363 -111.11 76.50 80.55
C LYS V 363 -110.71 75.74 81.80
N ASP V 364 -110.34 76.49 82.85
CA ASP V 364 -110.03 75.90 84.15
C ASP V 364 -110.69 76.68 85.27
N TYR V 365 -110.86 76.02 86.41
CA TYR V 365 -111.55 76.60 87.55
C TYR V 365 -111.04 75.97 88.84
N GLU V 366 -111.29 76.67 89.95
CA GLU V 366 -110.88 76.21 91.27
C GLU V 366 -112.07 76.29 92.22
N ASP V 367 -112.21 75.26 93.04
CA ASP V 367 -113.22 75.20 94.07
C ASP V 367 -112.56 75.41 95.43
N PRO V 368 -112.71 76.59 96.07
CA PRO V 368 -112.09 76.85 97.37
C PRO V 368 -112.81 76.19 98.55
N ILE V 369 -114.01 75.61 98.32
CA ILE V 369 -114.73 74.87 99.35
C ILE V 369 -114.15 73.46 99.48
N ARG V 370 -113.78 72.84 98.34
CA ARG V 370 -113.33 71.46 98.25
C ARG V 370 -111.83 71.31 97.93
N ASP V 371 -111.12 72.41 97.68
CA ASP V 371 -109.69 72.41 97.33
C ASP V 371 -109.41 71.58 96.07
N ILE V 372 -110.26 71.76 95.04
CA ILE V 372 -110.16 71.03 93.78
C ILE V 372 -109.86 72.01 92.65
N THR V 373 -108.96 71.63 91.74
CA THR V 373 -108.78 72.30 90.46
C THR V 373 -109.44 71.44 89.38
N GLY V 374 -110.23 72.06 88.49
CA GLY V 374 -110.84 71.37 87.36
C GLY V 374 -110.44 71.97 86.02
N VAL V 375 -110.47 71.15 84.96
CA VAL V 375 -110.11 71.56 83.61
C VAL V 375 -111.14 70.99 82.63
N ASN V 376 -111.73 71.85 81.77
CA ASN V 376 -112.80 71.48 80.86
C ASN V 376 -112.49 71.91 79.43
N GLY V 377 -112.58 70.98 78.48
CA GLY V 377 -112.46 71.28 77.06
C GLY V 377 -113.80 71.19 76.33
N ARG V 378 -113.92 71.97 75.24
CA ARG V 378 -115.10 72.01 74.38
C ARG V 378 -114.71 72.34 72.93
N LEU V 379 -115.52 71.86 71.99
CA LEU V 379 -115.55 72.32 70.60
C LEU V 379 -116.88 71.90 70.01
N HIS V 380 -117.40 72.61 68.99
CA HIS V 380 -118.55 72.13 68.27
C HIS V 380 -118.10 71.60 66.91
N VAL V 381 -118.61 70.43 66.51
CA VAL V 381 -118.25 69.84 65.23
C VAL V 381 -119.45 69.19 64.55
N ASP V 382 -119.50 69.30 63.22
CA ASP V 382 -120.36 68.49 62.36
C ASP V 382 -119.55 67.99 61.17
N CYS V 383 -120.07 66.98 60.47
CA CYS V 383 -119.50 66.56 59.21
C CYS V 383 -120.62 66.29 58.21
N GLN V 384 -120.45 66.76 56.96
CA GLN V 384 -121.48 66.66 55.93
C GLN V 384 -120.85 66.42 54.55
N TYR V 385 -121.44 65.52 53.74
CA TYR V 385 -121.08 65.46 52.33
C TYR V 385 -121.78 66.59 51.57
N SER V 386 -121.04 67.27 50.68
CA SER V 386 -121.64 68.09 49.64
C SER V 386 -122.24 67.21 48.53
N GLN V 387 -121.55 66.12 48.17
CA GLN V 387 -122.01 65.16 47.18
C GLN V 387 -121.75 63.73 47.68
N GLY V 388 -122.76 63.09 48.29
CA GLY V 388 -122.63 61.74 48.81
C GLY V 388 -122.37 60.66 47.75
N ARG V 389 -122.70 60.94 46.49
CA ARG V 389 -122.38 60.07 45.35
C ARG V 389 -120.88 60.03 45.05
N SER V 390 -120.11 61.01 45.54
CA SER V 390 -118.67 61.04 45.34
C SER V 390 -117.91 59.99 46.18
N SER V 391 -118.62 59.10 46.88
CA SER V 391 -118.00 58.06 47.70
C SER V 391 -118.73 56.73 47.61
N ALA V 392 -117.97 55.66 47.86
CA ALA V 392 -118.48 54.30 47.98
C ALA V 392 -117.84 53.62 49.19
N THR V 393 -118.66 52.96 50.00
CA THR V 393 -118.16 52.05 51.02
C THR V 393 -117.81 50.70 50.41
N VAL V 394 -116.81 50.02 50.99
CA VAL V 394 -116.52 48.63 50.70
C VAL V 394 -117.13 47.79 51.82
N GLN V 395 -117.95 46.80 51.45
CA GLN V 395 -118.71 46.01 52.41
C GLN V 395 -118.25 44.54 52.38
N TYR V 396 -118.13 43.94 53.57
CA TYR V 396 -117.80 42.53 53.75
C TYR V 396 -118.98 41.61 53.34
N PHE W 101 -43.25 -5.13 68.19
CA PHE W 101 -42.54 -6.10 67.32
C PHE W 101 -41.22 -5.46 66.93
N ALA W 102 -41.13 -4.88 65.73
CA ALA W 102 -40.25 -3.74 65.51
C ALA W 102 -40.71 -2.64 66.48
N ALA W 103 -39.92 -1.58 66.67
CA ALA W 103 -40.47 -0.44 67.39
C ALA W 103 -41.62 0.20 66.60
N SER W 104 -42.77 0.43 67.27
CA SER W 104 -44.03 0.85 66.65
C SER W 104 -44.85 1.68 67.64
N ASP W 105 -45.70 2.62 67.15
CA ASP W 105 -46.42 3.55 68.02
C ASP W 105 -47.14 2.87 69.20
N PRO W 106 -47.97 1.82 69.00
CA PRO W 106 -48.82 1.33 70.08
C PRO W 106 -48.06 0.68 71.24
N GLU W 107 -46.77 0.42 71.06
CA GLU W 107 -45.90 -0.09 72.11
C GLU W 107 -45.33 1.03 72.98
N TYR W 108 -45.16 2.24 72.42
CA TYR W 108 -44.36 3.29 73.05
C TYR W 108 -45.04 4.65 73.10
N VAL W 109 -46.37 4.68 72.92
CA VAL W 109 -47.23 5.86 72.86
C VAL W 109 -47.16 6.75 74.12
N ASP W 110 -46.70 6.21 75.25
CA ASP W 110 -46.46 6.97 76.47
C ASP W 110 -45.06 6.72 77.06
N THR W 111 -44.12 6.35 76.19
CA THR W 111 -42.74 6.01 76.57
C THR W 111 -41.75 6.84 75.75
N LEU W 112 -41.90 6.85 74.42
CA LEU W 112 -40.97 7.57 73.56
C LEU W 112 -41.53 8.90 73.10
N PHE W 113 -42.85 9.09 73.24
CA PHE W 113 -43.53 10.32 72.89
C PHE W 113 -44.83 10.44 73.70
N ARG W 114 -45.51 11.56 73.54
CA ARG W 114 -46.82 11.83 74.11
C ARG W 114 -47.77 12.16 72.96
N GLU W 115 -49.02 11.68 73.04
CA GLU W 115 -50.05 12.01 72.06
C GLU W 115 -50.23 13.53 71.96
N GLN W 116 -50.62 14.04 70.79
CA GLN W 116 -50.91 15.46 70.65
C GLN W 116 -52.21 15.85 71.38
N LEU W 117 -52.22 17.07 71.95
CA LEU W 117 -53.44 17.82 72.22
C LEU W 117 -53.43 19.05 71.31
N LEU W 118 -54.59 19.41 70.74
CA LEU W 118 -54.70 20.72 70.12
C LEU W 118 -54.62 21.82 71.19
N GLU W 119 -54.00 22.96 70.82
CA GLU W 119 -53.94 24.14 71.67
C GLU W 119 -55.28 24.90 71.70
N VAL W 120 -56.20 24.58 70.78
CA VAL W 120 -57.51 25.19 70.67
C VAL W 120 -58.56 24.25 71.27
N VAL W 121 -59.30 24.74 72.27
CA VAL W 121 -60.46 24.03 72.81
C VAL W 121 -61.70 24.36 71.98
N MET W 122 -62.44 23.32 71.53
CA MET W 122 -63.67 23.51 70.78
C MET W 122 -64.79 23.91 71.74
N GLU W 123 -65.65 24.82 71.31
CA GLU W 123 -66.74 25.30 72.15
C GLU W 123 -67.87 24.27 72.28
N GLY W 124 -68.60 24.36 73.40
CA GLY W 124 -69.88 23.68 73.51
C GLY W 124 -70.99 24.43 72.77
N ARG W 125 -72.24 24.00 73.00
CA ARG W 125 -73.40 24.69 72.45
C ARG W 125 -73.52 26.08 73.06
N GLU W 126 -73.65 27.10 72.19
CA GLU W 126 -73.82 28.49 72.59
C GLU W 126 -75.22 28.98 72.17
N LEU W 127 -76.00 29.47 73.14
CA LEU W 127 -77.37 29.94 72.89
C LEU W 127 -77.39 31.34 72.28
N ARG W 128 -78.52 31.69 71.63
CA ARG W 128 -78.69 33.01 71.01
C ARG W 128 -79.01 34.06 72.08
N LYS W 129 -78.34 35.22 71.96
CA LYS W 129 -78.41 36.30 72.94
C LYS W 129 -78.86 37.59 72.24
N VAL W 130 -80.05 38.11 72.60
CA VAL W 130 -80.70 39.21 71.87
C VAL W 130 -81.39 40.23 72.77
N ALA W 131 -81.69 39.91 74.03
CA ALA W 131 -82.54 40.71 74.91
C ALA W 131 -82.15 42.20 75.01
N ARG W 132 -80.84 42.50 75.04
CA ARG W 132 -80.33 43.86 75.18
C ARG W 132 -80.62 44.73 73.96
N GLU W 133 -80.69 44.12 72.78
CA GLU W 133 -81.03 44.80 71.54
C GLU W 133 -82.55 44.80 71.31
N ALA W 134 -83.22 43.73 71.74
CA ALA W 134 -84.61 43.41 71.44
C ALA W 134 -85.61 43.98 72.47
N SER W 135 -85.14 44.79 73.43
CA SER W 135 -86.01 45.42 74.43
C SER W 135 -85.39 46.73 74.90
N ASN W 136 -86.21 47.60 75.49
CA ASN W 136 -85.70 48.77 76.19
C ASN W 136 -84.95 48.31 77.44
N VAL W 137 -83.68 48.72 77.63
CA VAL W 137 -82.95 48.35 78.84
C VAL W 137 -82.96 49.52 79.83
N ILE W 138 -83.38 49.25 81.07
CA ILE W 138 -83.38 50.22 82.16
C ILE W 138 -82.28 49.85 83.17
N ASN W 139 -81.37 50.77 83.44
CA ASN W 139 -80.44 50.64 84.55
C ASN W 139 -81.11 51.21 85.81
N ALA W 140 -81.71 50.33 86.64
CA ALA W 140 -82.43 50.76 87.82
C ALA W 140 -81.48 51.29 88.90
N ASN W 141 -81.95 52.25 89.70
CA ASN W 141 -81.22 52.72 90.87
C ASN W 141 -81.43 51.83 92.10
N THR W 142 -82.57 51.12 92.14
CA THR W 142 -82.92 50.21 93.23
C THR W 142 -83.39 48.88 92.66
N ARG W 143 -83.11 47.79 93.39
CA ARG W 143 -83.45 46.44 92.99
C ARG W 143 -84.95 46.23 92.83
N VAL W 144 -85.75 46.94 93.65
CA VAL W 144 -87.20 46.95 93.54
C VAL W 144 -87.65 48.36 93.14
N GLY W 145 -88.62 48.45 92.22
CA GLY W 145 -89.15 49.72 91.77
C GLY W 145 -90.50 49.58 91.07
N ASP W 146 -91.01 50.71 90.56
CA ASP W 146 -92.25 50.78 89.81
C ASP W 146 -92.07 51.75 88.62
N VAL W 147 -92.71 51.45 87.49
CA VAL W 147 -92.82 52.40 86.38
C VAL W 147 -94.29 52.77 86.20
N PRO W 148 -94.67 54.08 86.25
CA PRO W 148 -96.06 54.49 86.17
C PRO W 148 -96.57 54.53 84.74
N ILE W 149 -97.87 54.24 84.59
CA ILE W 149 -98.54 54.07 83.31
C ILE W 149 -99.84 54.87 83.32
N ALA W 150 -100.09 55.61 82.23
CA ALA W 150 -101.33 56.36 82.05
C ALA W 150 -102.41 55.49 81.39
N SER W 151 -103.67 55.77 81.73
CA SER W 151 -104.83 55.21 81.03
C SER W 151 -104.86 55.65 79.55
N ASP W 152 -105.58 54.88 78.72
CA ASP W 152 -105.73 55.16 77.29
C ASP W 152 -106.39 56.50 77.01
N GLU W 153 -106.12 57.04 75.81
CA GLU W 153 -106.95 58.04 75.19
C GLU W 153 -108.42 57.57 75.12
N GLU W 154 -109.34 58.53 75.28
CA GLU W 154 -110.77 58.27 75.13
C GLU W 154 -111.38 59.27 74.13
N PHE W 155 -112.71 59.23 74.00
CA PHE W 155 -113.46 60.14 73.13
C PHE W 155 -114.31 61.10 73.97
N ALA W 156 -114.35 62.37 73.53
CA ALA W 156 -115.17 63.41 74.15
C ALA W 156 -116.67 63.11 74.04
N ARG W 157 -117.49 63.85 74.81
CA ARG W 157 -118.91 63.57 75.02
C ARG W 157 -119.76 64.55 74.21
N PRO W 158 -120.71 64.12 73.32
CA PRO W 158 -121.68 65.06 72.75
C PRO W 158 -122.63 65.56 73.83
N THR W 159 -122.76 66.90 73.91
CA THR W 159 -123.28 67.59 75.09
C THR W 159 -124.33 68.62 74.69
N GLY W 160 -125.40 68.75 75.50
CA GLY W 160 -126.41 69.77 75.27
C GLY W 160 -125.88 71.18 75.52
N GLN W 161 -126.45 72.19 74.83
CA GLN W 161 -126.05 73.56 75.06
C GLN W 161 -126.47 74.02 76.46
N GLY W 162 -125.49 74.42 77.29
CA GLY W 162 -125.73 74.79 78.67
C GLY W 162 -125.75 73.62 79.66
N ALA W 163 -125.52 72.38 79.21
CA ALA W 163 -125.44 71.21 80.09
C ALA W 163 -124.08 71.13 80.78
N GLU W 164 -124.03 70.46 81.94
CA GLU W 164 -122.79 70.26 82.70
C GLU W 164 -121.79 69.39 81.92
N ILE W 165 -120.52 69.80 81.91
CA ILE W 165 -119.46 68.96 81.34
C ILE W 165 -119.10 67.88 82.37
N ARG W 166 -119.19 66.60 81.96
CA ARG W 166 -118.87 65.47 82.82
C ARG W 166 -117.38 65.14 82.75
N ASP W 167 -116.84 64.56 83.83
CA ASP W 167 -115.42 64.28 83.98
C ASP W 167 -115.02 62.87 83.57
N ASP W 168 -113.86 62.76 82.92
CA ASP W 168 -113.20 61.50 82.61
C ASP W 168 -111.69 61.71 82.60
N GLY W 169 -111.18 62.10 83.78
CA GLY W 169 -109.78 62.49 83.96
C GLY W 169 -108.80 61.31 83.82
N GLU W 170 -107.53 61.63 83.58
CA GLU W 170 -106.50 60.62 83.43
C GLU W 170 -106.33 59.80 84.71
N THR W 171 -106.62 58.50 84.63
CA THR W 171 -106.34 57.54 85.70
C THR W 171 -104.98 56.88 85.45
N TYR W 172 -104.35 56.34 86.52
CA TYR W 172 -102.98 55.83 86.47
C TYR W 172 -102.81 54.50 87.20
N THR W 173 -101.71 53.80 86.87
CA THR W 173 -101.29 52.55 87.51
C THR W 173 -99.77 52.41 87.41
N THR W 174 -99.20 51.30 87.93
CA THR W 174 -97.78 51.01 87.73
C THR W 174 -97.59 49.53 87.35
N VAL W 175 -96.46 49.19 86.74
CA VAL W 175 -95.94 47.83 86.83
C VAL W 175 -94.69 47.85 87.70
N ALA W 176 -94.67 46.95 88.68
CA ALA W 176 -93.52 46.78 89.57
C ALA W 176 -92.41 46.00 88.88
N TRP W 177 -91.16 46.27 89.25
CA TRP W 177 -90.06 45.34 89.02
C TRP W 177 -89.45 44.93 90.35
N ASN W 178 -89.00 43.67 90.43
CA ASN W 178 -88.09 43.26 91.49
C ASN W 178 -87.02 42.37 90.89
N ALA W 179 -85.85 42.96 90.66
CA ALA W 179 -84.74 42.29 90.02
C ALA W 179 -84.23 41.16 90.92
N THR W 180 -84.02 39.98 90.32
CA THR W 180 -83.59 38.78 91.02
C THR W 180 -82.10 38.57 90.77
N LYS W 181 -81.32 38.28 91.83
CA LYS W 181 -79.89 38.04 91.70
C LYS W 181 -79.64 36.73 90.96
N LEU W 182 -79.07 36.81 89.75
CA LEU W 182 -78.57 35.64 89.07
C LEU W 182 -77.08 35.55 89.34
N THR W 183 -76.58 34.34 89.64
CA THR W 183 -75.15 34.18 89.91
C THR W 183 -74.57 32.95 89.22
N GLU W 184 -73.25 32.98 89.02
CA GLU W 184 -72.50 31.87 88.46
C GLU W 184 -71.08 31.93 89.03
N GLY W 185 -70.44 30.78 89.26
CA GLY W 185 -69.10 30.78 89.84
C GLY W 185 -68.31 29.52 89.49
N SER W 186 -66.99 29.60 89.73
CA SER W 186 -66.06 28.53 89.39
C SER W 186 -64.79 28.62 90.25
N ARG W 187 -64.08 27.48 90.41
CA ARG W 187 -62.83 27.41 91.14
C ARG W 187 -61.82 26.52 90.41
N VAL W 188 -60.53 26.91 90.46
CA VAL W 188 -59.42 26.21 89.83
C VAL W 188 -58.24 26.19 90.81
N THR W 189 -57.49 25.08 90.91
CA THR W 189 -56.32 25.05 91.79
C THR W 189 -55.08 25.65 91.09
N ASP W 190 -54.09 26.13 91.84
CA ASP W 190 -52.88 26.71 91.27
C ASP W 190 -52.19 25.78 90.27
N GLU W 191 -52.10 24.49 90.61
CA GLU W 191 -51.44 23.48 89.80
C GLU W 191 -52.14 23.31 88.44
N MET W 192 -53.47 23.32 88.45
CA MET W 192 -54.26 23.19 87.23
C MET W 192 -54.21 24.48 86.41
N ARG W 193 -54.29 25.65 87.06
CA ARG W 193 -54.12 26.94 86.41
C ARG W 193 -52.76 27.02 85.70
N ASP W 194 -51.72 26.50 86.33
CA ASP W 194 -50.39 26.43 85.76
C ASP W 194 -50.30 25.43 84.61
N GLN W 195 -50.71 24.17 84.81
CA GLN W 195 -50.44 23.12 83.84
C GLN W 195 -51.31 23.17 82.58
N ALA W 196 -52.55 23.70 82.66
CA ALA W 196 -53.42 23.81 81.49
C ALA W 196 -52.77 24.61 80.36
N MET W 197 -53.02 24.21 79.10
CA MET W 197 -52.54 24.94 77.93
C MET W 197 -53.40 26.17 77.63
N VAL W 198 -54.70 26.11 77.94
CA VAL W 198 -55.61 27.26 77.86
C VAL W 198 -55.53 28.11 79.13
N ASP W 199 -55.91 29.39 79.04
CA ASP W 199 -56.09 30.21 80.23
C ASP W 199 -57.42 29.84 80.90
N LEU W 200 -57.36 28.99 81.94
CA LEU W 200 -58.57 28.51 82.60
C LEU W 200 -59.36 29.61 83.30
N ILE W 201 -58.70 30.68 83.75
CA ILE W 201 -59.44 31.76 84.39
C ILE W 201 -60.16 32.61 83.35
N GLU W 202 -59.52 32.90 82.21
CA GLU W 202 -60.20 33.59 81.13
C GLU W 202 -61.37 32.75 80.59
N ARG W 203 -61.18 31.43 80.42
CA ARG W 203 -62.25 30.50 80.06
C ARG W 203 -63.43 30.61 81.04
N ASN W 204 -63.16 30.59 82.34
CA ASN W 204 -64.21 30.64 83.35
C ASN W 204 -64.86 32.02 83.47
N ILE W 205 -64.11 33.11 83.29
CA ILE W 205 -64.68 34.46 83.25
C ILE W 205 -65.66 34.59 82.09
N GLN W 206 -65.28 34.10 80.90
CA GLN W 206 -66.17 34.08 79.75
C GLN W 206 -67.41 33.23 80.00
N ARG W 207 -67.27 32.04 80.60
CA ARG W 207 -68.41 31.21 80.98
C ARG W 207 -69.35 31.94 81.94
N VAL W 208 -68.80 32.58 82.98
CA VAL W 208 -69.58 33.34 83.95
C VAL W 208 -70.38 34.44 83.25
N GLY W 209 -69.73 35.24 82.39
CA GLY W 209 -70.41 36.27 81.62
C GLY W 209 -71.51 35.72 80.71
N ALA W 210 -71.21 34.68 79.93
CA ALA W 210 -72.16 34.06 79.02
C ALA W 210 -73.36 33.46 79.76
N SER W 211 -73.12 32.85 80.92
CA SER W 211 -74.17 32.27 81.76
C SER W 211 -75.15 33.32 82.28
N LEU W 212 -74.66 34.51 82.64
CA LEU W 212 -75.50 35.62 83.02
C LEU W 212 -76.29 36.19 81.84
N GLU W 213 -75.67 36.32 80.66
CA GLU W 213 -76.39 36.73 79.46
C GLU W 213 -77.51 35.74 79.12
N ASN W 214 -77.28 34.42 79.22
CA ASN W 214 -78.33 33.43 79.04
C ASN W 214 -79.46 33.66 80.05
N GLY W 215 -79.12 33.97 81.31
CA GLY W 215 -80.07 34.34 82.34
C GLY W 215 -80.95 35.54 81.96
N ILE W 216 -80.35 36.64 81.52
CA ILE W 216 -81.10 37.82 81.04
C ILE W 216 -82.09 37.41 79.96
N ASN W 217 -81.63 36.64 78.96
CA ASN W 217 -82.43 36.23 77.82
C ASN W 217 -83.59 35.33 78.23
N ARG W 218 -83.41 34.45 79.22
CA ARG W 218 -84.49 33.63 79.76
C ARG W 218 -85.58 34.50 80.41
N VAL W 219 -85.18 35.46 81.25
CA VAL W 219 -86.11 36.35 81.92
C VAL W 219 -86.91 37.14 80.89
N PHE W 220 -86.22 37.75 79.92
CA PHE W 220 -86.84 38.49 78.83
C PHE W 220 -87.83 37.65 78.05
N LEU W 221 -87.40 36.52 77.48
CA LEU W 221 -88.25 35.72 76.62
C LEU W 221 -89.48 35.18 77.36
N THR W 222 -89.32 34.81 78.64
CA THR W 222 -90.42 34.28 79.43
C THR W 222 -91.48 35.35 79.70
N GLU W 223 -91.07 36.60 80.00
CA GLU W 223 -92.02 37.71 80.11
C GLU W 223 -92.72 37.97 78.77
N LEU W 224 -91.91 38.12 77.71
CA LEU W 224 -92.37 38.47 76.38
C LEU W 224 -93.47 37.52 75.89
N VAL W 225 -93.27 36.21 76.02
CA VAL W 225 -94.18 35.18 75.56
C VAL W 225 -95.41 35.05 76.47
N ASP W 226 -95.26 35.06 77.80
CA ASP W 226 -96.37 34.80 78.70
C ASP W 226 -97.36 35.96 78.77
N ASN W 227 -96.87 37.21 78.68
CA ASN W 227 -97.65 38.40 79.01
C ASN W 227 -98.05 39.26 77.81
N ALA W 228 -97.80 38.78 76.58
CA ALA W 228 -98.39 39.37 75.38
C ALA W 228 -99.92 39.25 75.46
N GLN W 229 -100.65 40.34 75.17
CA GLN W 229 -102.09 40.38 75.36
C GLN W 229 -102.90 39.96 74.14
N ASN W 230 -102.39 40.21 72.93
CA ASN W 230 -103.04 39.76 71.71
C ASN W 230 -102.48 38.41 71.23
N ASN W 231 -103.22 37.72 70.35
CA ASN W 231 -102.81 36.41 69.87
C ASN W 231 -103.41 36.12 68.51
N HIS W 232 -102.57 35.82 67.51
CA HIS W 232 -103.03 35.28 66.24
C HIS W 232 -102.91 33.76 66.26
N ASP W 233 -104.06 33.09 66.41
CA ASP W 233 -104.13 31.64 66.28
C ASP W 233 -104.16 31.26 64.80
N THR W 234 -103.11 30.59 64.31
CA THR W 234 -103.04 30.17 62.92
C THR W 234 -103.93 28.96 62.63
N ALA W 235 -104.17 28.11 63.64
CA ALA W 235 -104.88 26.85 63.50
C ALA W 235 -104.35 26.03 62.31
N GLY W 236 -103.03 25.74 62.28
CA GLY W 236 -102.39 25.26 61.08
C GLY W 236 -102.39 26.33 59.97
N SER W 237 -102.77 25.96 58.75
CA SER W 237 -103.00 26.93 57.67
C SER W 237 -101.79 27.83 57.34
N ASN W 238 -101.99 29.15 57.25
CA ASN W 238 -101.10 30.06 56.53
C ASN W 238 -100.05 30.65 57.48
N GLN W 239 -99.12 29.82 57.94
CA GLN W 239 -98.27 30.12 59.10
C GLN W 239 -97.09 31.05 58.80
N GLY W 240 -96.82 31.38 57.53
CA GLY W 240 -95.68 32.22 57.17
C GLY W 240 -95.97 33.73 57.26
N TYR W 241 -95.69 34.48 56.20
CA TYR W 241 -95.93 35.92 56.12
C TYR W 241 -97.37 36.29 56.54
N GLN W 242 -98.39 35.51 56.14
CA GLN W 242 -99.76 35.84 56.46
C GLN W 242 -100.02 35.87 57.97
N ALA W 243 -99.39 34.97 58.73
CA ALA W 243 -99.49 34.95 60.18
C ALA W 243 -98.83 36.18 60.78
N LEU W 244 -97.68 36.60 60.25
CA LEU W 244 -96.96 37.77 60.70
C LEU W 244 -97.76 39.04 60.42
N ASN W 245 -98.25 39.21 59.19
CA ASN W 245 -99.18 40.27 58.82
C ASN W 245 -100.38 40.30 59.78
N SER W 246 -101.01 39.14 60.02
CA SER W 246 -102.18 39.05 60.90
C SER W 246 -101.85 39.41 62.35
N ALA W 247 -100.67 39.05 62.85
CA ALA W 247 -100.24 39.40 64.19
C ALA W 247 -99.98 40.90 64.32
N VAL W 248 -99.38 41.54 63.31
CA VAL W 248 -99.31 43.00 63.26
C VAL W 248 -100.73 43.59 63.27
N GLY W 249 -101.65 43.02 62.49
CA GLY W 249 -103.05 43.43 62.48
C GLY W 249 -103.71 43.36 63.85
N GLU W 250 -103.43 42.32 64.63
CA GLU W 250 -103.96 42.19 65.99
C GLU W 250 -103.45 43.31 66.91
N VAL W 251 -102.17 43.71 66.78
CA VAL W 251 -101.64 44.82 67.58
C VAL W 251 -102.23 46.15 67.11
N ASP W 252 -102.33 46.34 65.79
CA ASP W 252 -102.90 47.52 65.14
C ASP W 252 -104.35 47.78 65.57
N LYS W 253 -105.14 46.72 65.78
CA LYS W 253 -106.50 46.80 66.30
C LYS W 253 -106.58 47.35 67.72
N ASP W 254 -105.48 47.26 68.49
CA ASP W 254 -105.38 47.89 69.81
C ASP W 254 -104.62 49.22 69.75
N ASP W 255 -104.42 49.80 68.56
CA ASP W 255 -103.85 51.15 68.37
C ASP W 255 -102.39 51.29 68.79
N PHE W 256 -101.69 50.19 69.09
CA PHE W 256 -100.24 50.18 69.19
C PHE W 256 -99.61 49.87 67.82
N ARG W 257 -98.28 50.03 67.69
CA ARG W 257 -97.60 49.79 66.42
C ARG W 257 -96.33 48.99 66.67
N PRO W 258 -96.28 47.67 66.34
CA PRO W 258 -95.10 46.86 66.62
C PRO W 258 -93.99 47.18 65.63
N ASP W 259 -92.75 46.79 65.98
CA ASP W 259 -91.59 47.07 65.16
C ASP W 259 -90.56 45.93 65.19
N THR W 260 -90.81 44.87 65.95
CA THR W 260 -89.82 43.83 66.18
C THR W 260 -90.55 42.48 66.27
N TYR W 261 -89.85 41.39 65.92
CA TYR W 261 -90.39 40.07 66.21
C TYR W 261 -89.32 39.12 66.72
N VAL W 262 -89.72 38.32 67.71
CA VAL W 262 -88.90 37.32 68.37
C VAL W 262 -89.44 35.94 67.96
N THR W 263 -88.55 35.01 67.60
CA THR W 263 -88.98 33.84 66.82
C THR W 263 -88.30 32.55 67.28
N HIS W 264 -89.07 31.45 67.35
CA HIS W 264 -88.59 30.10 67.63
C HIS W 264 -88.00 29.42 66.40
N PRO W 265 -86.98 28.52 66.51
CA PRO W 265 -86.44 27.78 65.37
C PRO W 265 -87.46 27.10 64.45
N ASP W 266 -88.54 26.50 64.98
CA ASP W 266 -89.55 25.89 64.14
C ASP W 266 -90.36 26.93 63.37
N TYR W 267 -90.67 28.07 64.00
CA TYR W 267 -91.32 29.16 63.31
C TYR W 267 -90.44 29.67 62.17
N ARG W 268 -89.13 29.90 62.41
CA ARG W 268 -88.22 30.29 61.35
C ARG W 268 -88.26 29.31 60.18
N THR W 269 -88.28 28.01 60.47
CA THR W 269 -88.32 26.98 59.46
C THR W 269 -89.57 27.10 58.60
N GLN W 270 -90.75 27.24 59.23
CA GLN W 270 -92.01 27.45 58.52
C GLN W 270 -92.00 28.74 57.71
N LEU W 271 -91.54 29.84 58.28
CA LEU W 271 -91.44 31.14 57.61
C LEU W 271 -90.60 31.04 56.33
N PHE W 272 -89.45 30.36 56.36
CA PHE W 272 -88.60 30.26 55.19
C PHE W 272 -89.04 29.20 54.18
N ASN W 273 -90.00 28.33 54.52
CA ASN W 273 -90.70 27.49 53.56
C ASN W 273 -91.82 28.22 52.82
N ASP W 274 -92.22 29.42 53.30
CA ASP W 274 -93.30 30.18 52.68
C ASP W 274 -92.92 30.61 51.27
N THR W 275 -93.72 30.19 50.30
CA THR W 275 -93.65 30.60 48.89
C THR W 275 -93.41 32.10 48.71
N ASN W 276 -94.05 32.96 49.53
CA ASN W 276 -93.94 34.40 49.40
C ASN W 276 -92.53 34.92 49.69
N LEU W 277 -91.75 34.20 50.51
CA LEU W 277 -90.36 34.53 50.83
C LEU W 277 -89.39 33.69 50.01
N ALA W 278 -89.72 32.40 49.81
CA ALA W 278 -88.84 31.43 49.16
C ALA W 278 -88.66 31.72 47.67
N TYR W 279 -89.74 32.08 46.95
CA TYR W 279 -89.63 32.36 45.53
C TYR W 279 -89.14 33.80 45.33
N ALA W 280 -88.05 33.97 44.58
CA ALA W 280 -87.39 35.25 44.42
C ALA W 280 -88.32 36.35 43.90
N ASN W 281 -89.10 36.06 42.85
CA ASN W 281 -90.03 37.03 42.29
C ASN W 281 -91.17 37.40 43.24
N ARG W 282 -91.64 36.47 44.09
CA ARG W 282 -92.64 36.79 45.10
C ARG W 282 -92.05 37.75 46.14
N ALA W 283 -90.82 37.49 46.58
CA ALA W 283 -90.14 38.25 47.63
C ALA W 283 -89.52 39.57 47.13
N GLY W 284 -89.30 39.70 45.81
CA GLY W 284 -88.58 40.82 45.23
C GLY W 284 -87.06 40.71 45.29
N THR W 285 -86.55 39.63 45.91
CA THR W 285 -85.13 39.29 45.96
C THR W 285 -84.98 37.80 46.25
N ASN W 286 -83.85 37.19 45.83
CA ASN W 286 -83.52 35.83 46.18
C ASN W 286 -82.75 35.70 47.51
N GLU W 287 -82.57 36.80 48.25
CA GLU W 287 -81.81 36.81 49.49
C GLU W 287 -82.27 35.75 50.50
N VAL W 288 -83.58 35.53 50.66
CA VAL W 288 -84.07 34.55 51.62
C VAL W 288 -83.74 33.12 51.18
N LEU W 289 -83.89 32.81 49.89
CA LEU W 289 -83.49 31.52 49.33
C LEU W 289 -81.99 31.26 49.52
N ARG W 290 -81.16 32.29 49.32
CA ARG W 290 -79.72 32.16 49.41
C ARG W 290 -79.24 32.13 50.86
N ASN W 291 -79.56 33.17 51.63
CA ASN W 291 -78.93 33.46 52.91
C ASN W 291 -79.86 33.27 54.12
N ARG W 292 -81.10 32.80 53.91
CA ARG W 292 -82.01 32.41 54.99
C ARG W 292 -82.21 33.56 55.98
N GLU W 293 -81.93 33.36 57.27
CA GLU W 293 -82.17 34.37 58.29
C GLU W 293 -81.25 35.59 58.19
N ASP W 294 -80.14 35.48 57.46
CA ASP W 294 -79.23 36.60 57.24
C ASP W 294 -79.66 37.52 56.09
N ALA W 295 -80.75 37.17 55.39
CA ALA W 295 -81.34 37.99 54.34
C ALA W 295 -81.87 39.31 54.91
N PRO W 296 -81.56 40.50 54.33
CA PRO W 296 -82.08 41.77 54.84
C PRO W 296 -83.59 41.82 54.99
N ILE W 297 -84.33 41.18 54.07
CA ILE W 297 -85.79 41.11 54.09
C ILE W 297 -86.34 40.52 55.39
N VAL W 298 -85.65 39.54 55.99
CA VAL W 298 -86.13 38.87 57.19
C VAL W 298 -86.15 39.84 58.39
N GLY W 299 -85.24 40.81 58.42
CA GLY W 299 -85.26 41.90 59.37
C GLY W 299 -86.14 43.08 58.95
N ASP W 300 -87.00 42.91 57.93
CA ASP W 300 -87.76 43.99 57.32
C ASP W 300 -89.13 43.50 56.81
N ILE W 301 -89.75 42.50 57.47
CA ILE W 301 -91.07 41.99 57.07
C ILE W 301 -92.18 42.85 57.70
N ALA W 302 -93.28 43.10 56.96
CA ALA W 302 -94.56 43.55 57.52
C ALA W 302 -94.45 44.84 58.35
N GLY W 303 -93.50 45.74 58.03
CA GLY W 303 -93.34 47.00 58.75
C GLY W 303 -92.44 46.91 59.99
N LEU W 304 -91.95 45.70 60.32
CA LEU W 304 -91.04 45.49 61.42
C LEU W 304 -89.61 45.86 60.98
N ASP W 305 -88.85 46.45 61.91
CA ASP W 305 -87.49 46.93 61.68
C ASP W 305 -86.41 45.94 62.15
N MET W 306 -86.81 44.90 62.90
CA MET W 306 -85.85 44.03 63.55
C MET W 306 -86.40 42.61 63.73
N HIS W 307 -85.53 41.63 63.48
CA HIS W 307 -85.79 40.24 63.83
C HIS W 307 -84.82 39.80 64.93
N ALA W 308 -85.35 39.32 66.04
CA ALA W 308 -84.57 38.83 67.17
C ALA W 308 -84.73 37.31 67.26
N ALA W 309 -83.87 36.58 66.55
CA ALA W 309 -83.91 35.13 66.54
C ALA W 309 -83.53 34.55 67.90
N MET W 310 -84.41 33.74 68.49
CA MET W 310 -84.15 33.09 69.77
C MET W 310 -83.77 31.61 69.60
N SER W 311 -83.13 31.06 70.64
CA SER W 311 -82.92 29.62 70.78
C SER W 311 -84.10 28.97 71.51
N SER W 312 -84.26 27.64 71.38
CA SER W 312 -85.39 26.92 71.94
C SER W 312 -85.30 26.83 73.47
N ALA W 313 -84.11 26.54 74.00
CA ALA W 313 -83.87 26.31 75.42
C ALA W 313 -84.01 27.57 76.29
N THR W 314 -84.08 28.75 75.66
CA THR W 314 -84.05 30.03 76.35
C THR W 314 -85.29 30.21 77.23
N TYR W 315 -86.47 29.81 76.75
CA TYR W 315 -87.71 29.96 77.50
C TYR W 315 -87.70 29.09 78.75
N ASP W 316 -88.30 29.60 79.83
CA ASP W 316 -88.32 28.92 81.11
C ASP W 316 -89.35 27.79 81.17
N ASP W 317 -88.89 26.53 81.06
CA ASP W 317 -89.72 25.35 81.24
C ASP W 317 -90.09 25.10 82.71
N GLY W 318 -89.37 25.70 83.66
CA GLY W 318 -89.52 25.40 85.08
C GLY W 318 -88.79 24.12 85.53
N THR W 319 -87.95 23.56 84.66
CA THR W 319 -87.24 22.31 84.93
C THR W 319 -85.89 22.56 85.62
N ASP W 320 -85.31 23.75 85.44
CA ASP W 320 -84.08 24.16 86.12
C ASP W 320 -84.34 24.65 87.55
N ILE W 321 -83.36 24.49 88.44
CA ILE W 321 -83.50 24.85 89.85
C ILE W 321 -83.54 26.37 90.03
N GLY W 322 -84.46 26.85 90.88
CA GLY W 322 -84.63 28.28 91.14
C GLY W 322 -85.53 28.99 90.13
N TRP W 323 -85.83 28.34 88.99
CA TRP W 323 -86.71 28.86 87.96
C TRP W 323 -88.08 28.20 88.06
N SER W 324 -89.16 29.01 88.09
CA SER W 324 -90.53 28.53 88.08
C SER W 324 -91.15 28.77 86.70
N GLY W 325 -91.62 27.72 86.04
CA GLY W 325 -91.85 27.75 84.60
C GLY W 325 -92.89 28.76 84.12
N GLY W 326 -92.70 29.23 82.89
CA GLY W 326 -93.68 30.07 82.22
C GLY W 326 -94.99 29.33 81.89
N SER W 327 -96.03 30.08 81.54
CA SER W 327 -97.39 29.58 81.33
C SER W 327 -97.60 28.90 79.96
N GLU W 328 -96.80 29.28 78.96
CA GLU W 328 -96.97 28.84 77.58
C GLU W 328 -96.06 27.66 77.22
N THR W 329 -96.20 27.16 76.00
CA THR W 329 -95.19 26.29 75.40
C THR W 329 -94.48 27.06 74.29
N TRP W 330 -93.21 27.39 74.50
CA TRP W 330 -92.39 28.01 73.47
C TRP W 330 -91.99 26.94 72.45
N GLY W 331 -92.51 27.08 71.23
CA GLY W 331 -92.39 26.05 70.22
C GLY W 331 -93.22 26.41 68.99
N PHE W 332 -93.15 25.59 67.93
CA PHE W 332 -94.04 25.76 66.80
C PHE W 332 -94.23 24.44 66.06
N SER W 333 -94.60 23.40 66.83
CA SER W 333 -94.53 22.02 66.39
C SER W 333 -95.88 21.31 66.55
N SER W 334 -96.74 21.84 67.44
CA SER W 334 -97.97 21.16 67.87
C SER W 334 -99.04 22.17 68.28
N ASP W 335 -100.30 21.74 68.23
CA ASP W 335 -101.49 22.53 68.49
C ASP W 335 -101.37 23.33 69.79
N GLY W 336 -101.35 24.67 69.69
CA GLY W 336 -101.30 25.57 70.84
C GLY W 336 -99.92 26.12 71.21
N ASP W 337 -98.84 25.66 70.56
CA ASP W 337 -97.51 26.23 70.81
C ASP W 337 -97.45 27.71 70.39
N LYS W 338 -96.71 28.54 71.16
CA LYS W 338 -96.46 29.93 70.79
C LYS W 338 -95.08 29.99 70.16
N GLY W 339 -95.00 30.40 68.88
CA GLY W 339 -93.77 30.28 68.11
C GLY W 339 -93.10 31.59 67.72
N ALA W 340 -93.84 32.71 67.79
CA ALA W 340 -93.26 34.02 67.55
C ALA W 340 -94.02 35.05 68.38
N VAL W 341 -93.35 36.15 68.74
CA VAL W 341 -94.00 37.31 69.30
C VAL W 341 -93.70 38.50 68.40
N VAL W 342 -94.75 39.18 67.93
CA VAL W 342 -94.63 40.41 67.16
C VAL W 342 -94.96 41.55 68.11
N TYR W 343 -94.09 42.55 68.25
CA TYR W 343 -94.23 43.50 69.35
C TYR W 343 -93.53 44.83 69.12
N ASP W 344 -93.86 45.80 69.96
CA ASP W 344 -93.14 47.08 70.07
C ASP W 344 -91.99 46.96 71.05
N ARG W 345 -90.76 47.08 70.54
CA ARG W 345 -89.50 46.99 71.28
C ARG W 345 -89.43 47.97 72.45
N ASP W 346 -90.10 49.12 72.34
CA ASP W 346 -90.07 50.17 73.35
C ASP W 346 -91.06 49.93 74.49
N ASN W 347 -91.99 48.97 74.35
CA ASN W 347 -93.04 48.73 75.33
C ASN W 347 -92.80 47.50 76.21
N ILE W 348 -91.63 46.85 76.08
CA ILE W 348 -91.16 45.86 77.04
C ILE W 348 -89.79 46.29 77.56
N HIS W 349 -89.57 46.13 78.86
CA HIS W 349 -88.37 46.64 79.50
C HIS W 349 -87.60 45.52 80.20
N THR W 350 -86.31 45.41 79.88
CA THR W 350 -85.38 44.60 80.67
C THR W 350 -84.78 45.52 81.72
N ILE W 351 -84.99 45.19 82.99
CA ILE W 351 -84.53 46.04 84.07
C ILE W 351 -83.34 45.36 84.73
N LEU W 352 -82.19 46.05 84.75
CA LEU W 352 -80.95 45.55 85.31
C LEU W 352 -80.58 46.38 86.54
N TYR W 353 -80.11 45.70 87.59
CA TYR W 353 -79.61 46.37 88.77
C TYR W 353 -78.28 45.76 89.19
N ALA W 354 -77.31 46.62 89.53
CA ALA W 354 -76.02 46.20 90.06
C ALA W 354 -75.61 47.15 91.17
N PRO W 355 -75.12 46.67 92.33
CA PRO W 355 -74.71 47.55 93.43
C PRO W 355 -73.48 48.42 93.07
N ASN W 356 -72.48 47.84 92.40
CA ASN W 356 -71.16 48.44 92.28
C ASN W 356 -70.87 48.91 90.85
N GLY W 357 -71.91 49.16 90.04
CA GLY W 357 -71.76 49.61 88.67
C GLY W 357 -73.09 49.65 87.93
N GLN W 358 -73.03 49.46 86.60
CA GLN W 358 -74.20 49.58 85.74
C GLN W 358 -74.73 48.20 85.32
N ASP W 359 -73.84 47.18 85.30
CA ASP W 359 -74.04 45.93 84.55
C ASP W 359 -73.34 44.76 85.26
N VAL W 360 -73.17 43.60 84.57
CA VAL W 360 -72.53 42.39 85.09
C VAL W 360 -71.25 42.72 85.85
N GLU W 361 -71.14 42.20 87.09
CA GLU W 361 -69.96 42.38 87.93
C GLU W 361 -69.27 41.05 88.16
N ILE W 362 -67.98 40.98 87.84
CA ILE W 362 -67.17 39.78 88.05
C ILE W 362 -66.13 40.06 89.12
N LYS W 363 -66.03 39.15 90.11
CA LYS W 363 -65.08 39.19 91.19
C LYS W 363 -64.23 37.92 91.17
N ASP W 364 -63.01 38.03 91.71
CA ASP W 364 -62.15 36.87 91.89
C ASP W 364 -61.51 36.88 93.27
N TYR W 365 -61.02 35.72 93.70
CA TYR W 365 -60.40 35.58 95.01
C TYR W 365 -59.35 34.47 94.99
N GLU W 366 -58.33 34.64 95.84
CA GLU W 366 -57.27 33.66 96.02
C GLU W 366 -57.35 33.12 97.44
N ASP W 367 -57.23 31.80 97.57
CA ASP W 367 -57.19 31.13 98.86
C ASP W 367 -55.76 30.66 99.13
N PRO W 368 -55.02 31.28 100.08
CA PRO W 368 -53.65 30.89 100.38
C PRO W 368 -53.52 29.65 101.27
N ILE W 369 -54.62 29.19 101.89
CA ILE W 369 -54.64 27.99 102.71
C ILE W 369 -54.78 26.73 101.85
N ARG W 370 -55.44 26.85 100.68
CA ARG W 370 -55.78 25.72 99.83
C ARG W 370 -55.21 25.83 98.40
N ASP W 371 -54.63 26.97 98.03
CA ASP W 371 -54.09 27.24 96.69
C ASP W 371 -55.18 27.12 95.61
N ILE W 372 -56.36 27.68 95.90
CA ILE W 372 -57.46 27.73 94.96
C ILE W 372 -57.72 29.18 94.56
N THR W 373 -57.93 29.41 93.26
CA THR W 373 -58.44 30.69 92.77
C THR W 373 -59.90 30.49 92.36
N GLY W 374 -60.77 31.40 92.81
CA GLY W 374 -62.18 31.35 92.43
C GLY W 374 -62.60 32.61 91.66
N VAL W 375 -63.63 32.47 90.83
CA VAL W 375 -64.21 33.54 90.03
C VAL W 375 -65.73 33.46 90.17
N ASN W 376 -66.38 34.58 90.47
CA ASN W 376 -67.82 34.66 90.64
C ASN W 376 -68.36 35.81 89.78
N GLY W 377 -69.58 35.67 89.27
CA GLY W 377 -70.29 36.77 88.64
C GLY W 377 -71.71 36.90 89.20
N ARG W 378 -72.23 38.12 89.16
CA ARG W 378 -73.61 38.40 89.57
C ARG W 378 -74.19 39.53 88.72
N LEU W 379 -75.53 39.52 88.62
CA LEU W 379 -76.31 40.65 88.15
C LEU W 379 -77.72 40.46 88.65
N HIS W 380 -78.46 41.56 88.89
CA HIS W 380 -79.88 41.43 89.18
C HIS W 380 -80.67 41.81 87.94
N VAL W 381 -81.67 40.98 87.56
CA VAL W 381 -82.46 41.26 86.38
C VAL W 381 -83.95 40.98 86.64
N ASP W 382 -84.80 41.79 85.99
CA ASP W 382 -86.23 41.54 85.82
C ASP W 382 -86.65 41.94 84.41
N CYS W 383 -87.83 41.51 83.94
CA CYS W 383 -88.37 42.02 82.70
C CYS W 383 -89.88 42.23 82.82
N GLN W 384 -90.37 43.36 82.30
CA GLN W 384 -91.77 43.74 82.42
C GLN W 384 -92.28 44.39 81.13
N TYR W 385 -93.48 44.00 80.66
CA TYR W 385 -94.19 44.83 79.70
C TYR W 385 -94.74 46.09 80.39
N SER W 386 -94.56 47.24 79.73
CA SER W 386 -95.26 48.48 80.07
C SER W 386 -96.65 48.54 79.45
N GLN W 387 -96.81 48.01 78.24
CA GLN W 387 -98.10 47.87 77.57
C GLN W 387 -98.15 46.52 76.85
N GLY W 388 -98.72 45.49 77.50
CA GLY W 388 -98.77 44.15 76.94
C GLY W 388 -99.63 44.03 75.67
N ARG W 389 -100.52 44.99 75.43
CA ARG W 389 -101.29 45.11 74.19
C ARG W 389 -100.42 45.46 72.99
N SER W 390 -99.20 45.95 73.22
CA SER W 390 -98.25 46.27 72.15
C SER W 390 -97.69 45.01 71.48
N SER W 391 -98.15 43.82 71.83
CA SER W 391 -97.60 42.58 71.30
C SER W 391 -98.68 41.53 71.05
N ALA W 392 -98.38 40.66 70.08
CA ALA W 392 -99.19 39.52 69.74
C ALA W 392 -98.30 38.29 69.64
N THR W 393 -98.69 37.19 70.31
CA THR W 393 -98.10 35.90 70.00
C THR W 393 -98.69 35.33 68.72
N VAL W 394 -97.90 34.50 68.02
CA VAL W 394 -98.37 33.69 66.91
C VAL W 394 -98.47 32.25 67.42
N GLN W 395 -99.64 31.63 67.22
CA GLN W 395 -99.94 30.32 67.79
C GLN W 395 -100.15 29.28 66.68
N TYR W 396 -99.63 28.07 66.89
CA TYR W 396 -99.77 26.92 66.00
C TYR W 396 -101.16 26.29 66.07
N ARG X 114 -44.74 0.71 7.75
CA ARG X 114 -44.43 1.61 8.90
C ARG X 114 -45.58 1.57 9.92
N GLU X 115 -45.42 0.77 10.98
CA GLU X 115 -46.50 0.47 11.93
C GLU X 115 -46.48 1.41 13.15
N GLN X 116 -46.97 2.66 12.95
CA GLN X 116 -47.18 3.62 14.02
C GLN X 116 -48.43 3.23 14.84
N LEU X 117 -48.25 2.99 16.15
CA LEU X 117 -49.36 2.62 17.02
C LEU X 117 -50.17 3.84 17.47
N LEU X 118 -51.42 3.59 17.89
CA LEU X 118 -52.23 4.58 18.60
C LEU X 118 -51.83 4.60 20.08
N GLU X 119 -51.12 5.66 20.50
CA GLU X 119 -50.45 5.71 21.81
C GLU X 119 -51.40 5.89 23.01
N VAL X 120 -52.62 6.37 22.79
CA VAL X 120 -53.48 6.89 23.87
C VAL X 120 -54.12 5.77 24.71
N VAL X 121 -54.28 6.05 26.02
CA VAL X 121 -55.01 5.19 26.97
C VAL X 121 -56.23 5.96 27.48
N MET X 122 -57.40 5.32 27.40
CA MET X 122 -58.64 5.93 27.85
C MET X 122 -58.84 5.70 29.34
N GLU X 123 -59.25 6.75 30.06
CA GLU X 123 -59.41 6.71 31.51
C GLU X 123 -60.65 5.93 31.96
N GLY X 124 -60.61 5.44 33.21
CA GLY X 124 -61.79 4.89 33.86
C GLY X 124 -62.64 5.97 34.55
N ARG X 125 -63.68 5.52 35.28
CA ARG X 125 -64.48 6.36 36.13
C ARG X 125 -63.61 7.04 37.20
N GLU X 126 -63.78 8.36 37.39
CA GLU X 126 -63.10 9.11 38.45
C GLU X 126 -64.10 9.66 39.46
N LEU X 127 -63.88 9.37 40.76
CA LEU X 127 -64.79 9.83 41.81
C LEU X 127 -64.52 11.28 42.20
N ARG X 128 -65.55 11.96 42.71
CA ARG X 128 -65.47 13.33 43.21
C ARG X 128 -64.76 13.34 44.57
N LYS X 129 -63.79 14.26 44.74
CA LYS X 129 -62.98 14.38 45.95
C LYS X 129 -63.17 15.77 46.57
N VAL X 130 -63.65 15.83 47.83
CA VAL X 130 -64.07 17.09 48.45
C VAL X 130 -63.67 17.23 49.92
N ALA X 131 -63.30 16.16 50.62
CA ALA X 131 -63.09 16.15 52.07
C ALA X 131 -62.11 17.21 52.58
N ARG X 132 -61.06 17.52 51.82
CA ARG X 132 -60.05 18.51 52.21
C ARG X 132 -60.62 19.93 52.26
N GLU X 133 -61.59 20.23 51.39
CA GLU X 133 -62.27 21.51 51.33
C GLU X 133 -63.49 21.53 52.26
N ALA X 134 -64.23 20.42 52.33
CA ALA X 134 -65.53 20.29 52.98
C ALA X 134 -65.47 19.99 54.48
N SER X 135 -64.28 20.02 55.11
CA SER X 135 -64.11 19.75 56.54
C SER X 135 -62.90 20.52 57.06
N ASN X 136 -62.79 20.65 58.39
CA ASN X 136 -61.59 21.22 58.97
C ASN X 136 -60.46 20.19 58.92
N VAL X 137 -59.40 20.43 58.13
CA VAL X 137 -58.26 19.51 58.11
C VAL X 137 -57.29 19.86 59.23
N ILE X 138 -56.91 18.84 60.03
CA ILE X 138 -55.83 18.93 60.99
C ILE X 138 -54.64 18.14 60.43
N ASN X 139 -53.49 18.79 60.25
CA ASN X 139 -52.26 18.06 60.00
C ASN X 139 -51.61 17.71 61.33
N ALA X 140 -51.87 16.50 61.82
CA ALA X 140 -51.46 16.06 63.15
C ALA X 140 -49.95 15.83 63.23
N ASN X 141 -49.40 16.03 64.44
CA ASN X 141 -48.02 15.68 64.75
C ASN X 141 -47.89 14.23 65.22
N THR X 142 -48.99 13.61 65.66
CA THR X 142 -49.02 12.22 66.12
C THR X 142 -50.22 11.48 65.53
N ARG X 143 -50.01 10.20 65.25
CA ARG X 143 -50.95 9.28 64.62
C ARG X 143 -52.19 9.07 65.50
N VAL X 144 -52.03 9.23 66.83
CA VAL X 144 -53.13 9.27 67.79
C VAL X 144 -53.05 10.58 68.58
N GLY X 145 -54.20 11.12 68.99
CA GLY X 145 -54.24 12.40 69.67
C GLY X 145 -55.65 12.76 70.12
N ASP X 146 -55.79 13.93 70.74
CA ASP X 146 -57.05 14.37 71.31
C ASP X 146 -57.35 15.83 70.99
N VAL X 147 -58.63 16.13 70.73
CA VAL X 147 -59.13 17.49 70.62
C VAL X 147 -59.93 17.78 71.89
N PRO X 148 -59.57 18.79 72.71
CA PRO X 148 -60.35 19.15 73.89
C PRO X 148 -61.66 19.87 73.53
N ILE X 149 -62.75 19.44 74.19
CA ILE X 149 -64.10 19.95 74.00
C ILE X 149 -64.56 20.57 75.32
N ALA X 150 -65.06 21.81 75.27
CA ALA X 150 -65.66 22.46 76.43
C ALA X 150 -67.14 22.09 76.57
N SER X 151 -67.65 22.07 77.81
CA SER X 151 -69.07 21.84 78.08
C SER X 151 -69.96 22.94 77.50
N ASP X 152 -71.25 22.64 77.28
CA ASP X 152 -72.24 23.63 76.82
C ASP X 152 -72.42 24.80 77.81
N GLU X 153 -72.88 25.95 77.27
CA GLU X 153 -73.27 27.08 78.09
C GLU X 153 -74.53 26.75 78.91
N GLU X 154 -74.59 27.30 80.13
CA GLU X 154 -75.71 27.08 81.05
C GLU X 154 -76.38 28.41 81.40
N PHE X 155 -77.38 28.37 82.29
CA PHE X 155 -78.08 29.56 82.77
C PHE X 155 -77.66 29.86 84.20
N ALA X 156 -77.36 31.14 84.47
CA ALA X 156 -77.04 31.58 85.83
C ALA X 156 -78.19 31.30 86.79
N ARG X 157 -77.87 31.15 88.09
CA ARG X 157 -78.81 30.62 89.07
C ARG X 157 -79.45 31.74 89.90
N PRO X 158 -80.81 31.81 90.03
CA PRO X 158 -81.46 32.71 90.98
C PRO X 158 -80.97 32.45 92.40
N THR X 159 -80.57 33.53 93.08
CA THR X 159 -79.82 33.47 94.34
C THR X 159 -80.42 34.44 95.35
N GLY X 160 -80.51 34.04 96.64
CA GLY X 160 -80.91 34.94 97.71
C GLY X 160 -79.82 35.95 98.07
N GLN X 161 -80.21 37.13 98.54
CA GLN X 161 -79.24 38.16 98.89
C GLN X 161 -78.39 37.72 100.09
N GLY X 162 -77.05 37.80 99.96
CA GLY X 162 -76.13 37.37 101.00
C GLY X 162 -75.84 35.87 101.05
N ALA X 163 -76.48 35.05 100.20
CA ALA X 163 -76.21 33.62 100.11
C ALA X 163 -74.88 33.32 99.40
N GLU X 164 -74.30 32.14 99.66
CA GLU X 164 -73.10 31.68 98.96
C GLU X 164 -73.38 31.43 97.48
N ILE X 165 -72.47 31.89 96.60
CA ILE X 165 -72.54 31.57 95.18
C ILE X 165 -71.95 30.18 94.95
N ARG X 166 -72.81 29.25 94.49
CA ARG X 166 -72.41 27.88 94.22
C ARG X 166 -71.61 27.79 92.92
N ASP X 167 -70.70 26.82 92.84
CA ASP X 167 -69.90 26.60 91.64
C ASP X 167 -70.65 25.76 90.59
N ASP X 168 -70.41 26.11 89.31
CA ASP X 168 -70.76 25.30 88.15
C ASP X 168 -69.81 25.69 87.02
N GLY X 169 -68.52 25.42 87.24
CA GLY X 169 -67.45 25.86 86.35
C GLY X 169 -67.41 25.13 85.01
N GLU X 170 -66.51 25.56 84.11
CA GLU X 170 -66.23 24.83 82.88
C GLU X 170 -65.83 23.39 83.23
N THR X 171 -66.37 22.43 82.47
CA THR X 171 -65.85 21.07 82.45
C THR X 171 -65.51 20.67 81.03
N TYR X 172 -64.61 19.70 80.91
CA TYR X 172 -63.97 19.40 79.64
C TYR X 172 -63.94 17.90 79.37
N THR X 173 -63.90 17.55 78.08
CA THR X 173 -63.70 16.19 77.61
C THR X 173 -62.83 16.25 76.35
N THR X 174 -62.65 15.13 75.66
CA THR X 174 -61.98 15.17 74.36
C THR X 174 -62.73 14.29 73.37
N VAL X 175 -62.51 14.56 72.08
CA VAL X 175 -62.67 13.52 71.06
C VAL X 175 -61.28 13.08 70.64
N ALA X 176 -61.05 11.76 70.66
CA ALA X 176 -59.77 11.19 70.27
C ALA X 176 -59.74 10.96 68.75
N TRP X 177 -58.57 11.13 68.13
CA TRP X 177 -58.34 10.60 66.79
C TRP X 177 -57.40 9.40 66.86
N ASN X 178 -57.68 8.39 66.03
CA ASN X 178 -56.73 7.33 65.74
C ASN X 178 -56.64 7.25 64.21
N ALA X 179 -55.65 7.92 63.62
CA ALA X 179 -55.53 7.98 62.17
C ALA X 179 -55.21 6.59 61.62
N THR X 180 -56.17 5.99 60.90
CA THR X 180 -56.01 4.69 60.27
C THR X 180 -55.08 4.83 59.06
N LYS X 181 -54.07 3.96 58.96
CA LYS X 181 -53.24 3.94 57.78
C LYS X 181 -54.02 3.41 56.57
N LEU X 182 -54.11 4.21 55.51
CA LEU X 182 -54.65 3.75 54.25
C LEU X 182 -53.49 3.52 53.29
N THR X 183 -53.52 2.41 52.55
CA THR X 183 -52.44 2.09 51.62
C THR X 183 -52.97 1.57 50.29
N GLU X 184 -52.15 1.75 49.24
CA GLU X 184 -52.42 1.21 47.91
C GLU X 184 -51.07 0.97 47.24
N GLY X 185 -50.83 -0.26 46.78
CA GLY X 185 -49.57 -0.59 46.14
C GLY X 185 -49.76 -1.14 44.73
N SER X 186 -48.66 -1.19 43.99
CA SER X 186 -48.60 -1.84 42.68
C SER X 186 -47.18 -2.36 42.43
N ARG X 187 -47.06 -3.50 41.73
CA ARG X 187 -45.77 -4.07 41.36
C ARG X 187 -45.84 -4.62 39.94
N VAL X 188 -44.80 -4.34 39.14
CA VAL X 188 -44.70 -4.78 37.76
C VAL X 188 -43.31 -5.33 37.49
N THR X 189 -43.24 -6.34 36.61
CA THR X 189 -41.97 -6.86 36.12
C THR X 189 -41.23 -5.74 35.39
N ASP X 190 -39.92 -5.61 35.62
CA ASP X 190 -39.11 -4.54 35.04
C ASP X 190 -39.16 -4.57 33.51
N GLU X 191 -39.17 -5.78 32.93
CA GLU X 191 -39.26 -6.01 31.50
C GLU X 191 -40.48 -5.30 30.88
N MET X 192 -41.59 -5.23 31.61
CA MET X 192 -42.79 -4.58 31.12
C MET X 192 -42.70 -3.04 31.12
N ARG X 193 -41.97 -2.43 32.06
CA ARG X 193 -41.74 -0.99 32.05
C ARG X 193 -41.15 -0.53 30.72
N ASP X 194 -40.28 -1.37 30.14
CA ASP X 194 -39.64 -1.09 28.86
C ASP X 194 -40.63 -1.21 27.70
N GLN X 195 -41.52 -2.22 27.70
CA GLN X 195 -42.42 -2.48 26.58
C GLN X 195 -43.74 -1.70 26.62
N ALA X 196 -44.03 -0.98 27.71
CA ALA X 196 -45.30 -0.27 27.85
C ALA X 196 -45.47 0.84 26.82
N MET X 197 -46.70 1.03 26.36
CA MET X 197 -47.07 2.06 25.39
C MET X 197 -47.00 3.48 25.98
N VAL X 198 -47.07 3.58 27.32
CA VAL X 198 -47.09 4.85 28.07
C VAL X 198 -46.17 4.73 29.28
N ASP X 199 -45.91 5.85 29.99
CA ASP X 199 -45.20 5.76 31.26
C ASP X 199 -46.06 5.02 32.28
N LEU X 200 -45.75 3.73 32.46
CA LEU X 200 -46.53 2.81 33.25
C LEU X 200 -46.36 3.06 34.76
N ILE X 201 -45.21 3.63 35.15
CA ILE X 201 -44.97 4.06 36.52
C ILE X 201 -45.72 5.36 36.80
N GLU X 202 -45.75 6.33 35.86
CA GLU X 202 -46.57 7.52 36.06
C GLU X 202 -48.05 7.14 36.22
N ARG X 203 -48.57 6.24 35.39
CA ARG X 203 -49.96 5.80 35.50
C ARG X 203 -50.25 5.15 36.86
N ASN X 204 -49.34 4.32 37.37
CA ASN X 204 -49.52 3.72 38.68
C ASN X 204 -49.39 4.73 39.82
N ILE X 205 -48.51 5.75 39.70
CA ILE X 205 -48.45 6.85 40.66
C ILE X 205 -49.78 7.59 40.71
N GLN X 206 -50.37 7.90 39.55
CA GLN X 206 -51.66 8.56 39.48
C GLN X 206 -52.76 7.71 40.13
N ARG X 207 -52.82 6.40 39.83
CA ARG X 207 -53.80 5.51 40.42
C ARG X 207 -53.65 5.43 41.95
N VAL X 208 -52.41 5.29 42.43
CA VAL X 208 -52.11 5.17 43.84
C VAL X 208 -52.52 6.44 44.59
N GLY X 209 -52.17 7.62 44.07
CA GLY X 209 -52.60 8.89 44.64
C GLY X 209 -54.13 9.03 44.66
N ALA X 210 -54.78 8.66 43.56
CA ALA X 210 -56.24 8.69 43.45
C ALA X 210 -56.92 7.77 44.47
N SER X 211 -56.44 6.53 44.64
CA SER X 211 -56.95 5.58 45.62
C SER X 211 -56.85 6.12 47.05
N LEU X 212 -55.82 6.91 47.36
CA LEU X 212 -55.69 7.53 48.66
C LEU X 212 -56.68 8.68 48.85
N GLU X 213 -56.82 9.58 47.86
CA GLU X 213 -57.83 10.64 47.93
C GLU X 213 -59.23 10.04 48.09
N ASN X 214 -59.56 8.98 47.37
CA ASN X 214 -60.82 8.28 47.53
C ASN X 214 -60.97 7.71 48.94
N GLY X 215 -59.88 7.15 49.49
CA GLY X 215 -59.80 6.68 50.86
C GLY X 215 -60.16 7.76 51.88
N ILE X 216 -59.53 8.95 51.82
CA ILE X 216 -59.87 10.09 52.67
C ILE X 216 -61.36 10.39 52.59
N ASN X 217 -61.92 10.48 51.37
CA ASN X 217 -63.31 10.84 51.16
C ASN X 217 -64.27 9.80 51.73
N ARG X 218 -63.92 8.51 51.68
CA ARG X 218 -64.70 7.45 52.32
C ARG X 218 -64.71 7.60 53.84
N VAL X 219 -63.55 7.85 54.46
CA VAL X 219 -63.46 8.03 55.91
C VAL X 219 -64.29 9.23 56.34
N PHE X 220 -64.11 10.36 55.66
CA PHE X 220 -64.88 11.57 55.90
C PHE X 220 -66.38 11.34 55.77
N LEU X 221 -66.84 10.86 54.61
CA LEU X 221 -68.27 10.74 54.35
C LEU X 221 -68.95 9.73 55.29
N THR X 222 -68.26 8.64 55.64
CA THR X 222 -68.84 7.66 56.54
C THR X 222 -68.97 8.20 57.96
N GLU X 223 -67.98 8.93 58.47
CA GLU X 223 -68.14 9.65 59.74
C GLU X 223 -69.29 10.66 59.66
N LEU X 224 -69.28 11.47 58.59
CA LEU X 224 -70.24 12.54 58.41
C LEU X 224 -71.69 12.04 58.45
N VAL X 225 -71.99 11.00 57.67
CA VAL X 225 -73.33 10.43 57.57
C VAL X 225 -73.73 9.66 58.83
N ASP X 226 -72.85 8.81 59.37
CA ASP X 226 -73.22 7.94 60.47
C ASP X 226 -73.40 8.68 61.79
N ASN X 227 -72.54 9.69 62.08
CA ASN X 227 -72.48 10.30 63.40
C ASN X 227 -73.17 11.68 63.49
N ALA X 228 -73.84 12.14 62.42
CA ALA X 228 -74.73 13.30 62.51
C ALA X 228 -75.86 13.02 63.52
N GLN X 229 -76.08 13.93 64.48
CA GLN X 229 -77.00 13.67 65.58
C GLN X 229 -78.46 14.03 65.29
N ASN X 230 -78.71 14.72 64.18
CA ASN X 230 -80.05 15.13 63.77
C ASN X 230 -80.43 14.52 62.41
N ASN X 231 -81.73 14.45 62.14
CA ASN X 231 -82.22 13.89 60.89
C ASN X 231 -83.51 14.60 60.47
N HIS X 232 -83.66 14.85 59.16
CA HIS X 232 -84.92 15.28 58.59
C HIS X 232 -85.45 14.19 57.66
N ASP X 233 -86.58 13.60 58.04
CA ASP X 233 -87.24 12.58 57.23
C ASP X 233 -88.22 13.28 56.28
N THR X 234 -87.90 13.26 54.98
CA THR X 234 -88.75 13.89 53.98
C THR X 234 -90.02 13.08 53.69
N ALA X 235 -90.06 11.81 54.12
CA ALA X 235 -91.19 10.90 53.87
C ALA X 235 -91.62 10.90 52.40
N GLY X 236 -90.66 10.86 51.47
CA GLY X 236 -90.93 10.82 50.03
C GLY X 236 -91.59 12.07 49.45
N SER X 237 -91.43 13.25 50.09
CA SER X 237 -92.15 14.46 49.69
C SER X 237 -91.32 15.73 49.95
N ASN X 238 -91.58 16.82 49.19
CA ASN X 238 -90.94 18.13 49.40
C ASN X 238 -89.40 18.04 49.52
N GLN X 239 -88.79 17.24 48.65
CA GLN X 239 -87.42 16.79 48.86
C GLN X 239 -86.35 17.80 48.44
N GLY X 240 -86.71 18.86 47.69
CA GLY X 240 -85.76 19.88 47.23
C GLY X 240 -85.41 20.92 48.29
N TYR X 241 -85.63 22.21 48.00
CA TYR X 241 -85.27 23.30 48.90
C TYR X 241 -85.88 23.14 50.30
N GLN X 242 -87.13 22.69 50.42
CA GLN X 242 -87.77 22.54 51.72
C GLN X 242 -87.04 21.55 52.63
N ALA X 243 -86.42 20.50 52.06
CA ALA X 243 -85.64 19.55 52.84
C ALA X 243 -84.34 20.19 53.35
N LEU X 244 -83.63 20.97 52.53
CA LEU X 244 -82.46 21.71 53.00
C LEU X 244 -82.85 22.70 54.10
N ASN X 245 -83.89 23.50 53.90
CA ASN X 245 -84.36 24.43 54.91
C ASN X 245 -84.77 23.70 56.21
N SER X 246 -85.46 22.56 56.10
CA SER X 246 -85.86 21.78 57.27
C SER X 246 -84.64 21.22 58.01
N ALA X 247 -83.65 20.70 57.28
CA ALA X 247 -82.43 20.17 57.87
C ALA X 247 -81.62 21.27 58.56
N VAL X 248 -81.57 22.49 58.00
CA VAL X 248 -81.01 23.63 58.71
C VAL X 248 -81.81 23.89 59.99
N GLY X 249 -83.15 23.86 59.94
CA GLY X 249 -84.00 23.99 61.11
C GLY X 249 -83.73 22.95 62.20
N GLU X 250 -83.45 21.70 61.82
CA GLU X 250 -83.09 20.65 62.76
C GLU X 250 -81.77 20.97 63.48
N VAL X 251 -80.74 21.44 62.77
CA VAL X 251 -79.48 21.85 63.38
C VAL X 251 -79.67 23.09 64.26
N ASP X 252 -80.50 24.04 63.81
CA ASP X 252 -80.82 25.26 64.51
C ASP X 252 -81.53 25.00 65.85
N LYS X 253 -82.38 23.97 65.93
CA LYS X 253 -82.97 23.54 67.19
C LYS X 253 -81.97 23.03 68.23
N ASP X 254 -80.76 22.63 67.79
CA ASP X 254 -79.67 22.30 68.70
C ASP X 254 -78.70 23.48 68.88
N ASP X 255 -79.06 24.67 68.38
CA ASP X 255 -78.35 25.93 68.61
C ASP X 255 -76.95 26.00 67.98
N PHE X 256 -76.67 25.12 67.02
CA PHE X 256 -75.53 25.25 66.11
C PHE X 256 -75.98 25.89 64.80
N ARG X 257 -75.02 26.37 63.99
CA ARG X 257 -75.32 26.95 62.68
C ARG X 257 -74.57 26.18 61.59
N PRO X 258 -75.26 25.48 60.66
CA PRO X 258 -74.56 24.81 59.58
C PRO X 258 -74.13 25.83 58.53
N ASP X 259 -73.17 25.44 57.67
CA ASP X 259 -72.71 26.31 56.60
C ASP X 259 -72.41 25.54 55.30
N THR X 260 -72.52 24.21 55.32
CA THR X 260 -72.12 23.36 54.21
C THR X 260 -73.13 22.24 54.05
N TYR X 261 -73.29 21.75 52.81
CA TYR X 261 -73.99 20.50 52.59
C TYR X 261 -73.27 19.58 51.62
N VAL X 262 -73.32 18.29 51.94
CA VAL X 262 -72.73 17.20 51.19
C VAL X 262 -73.88 16.41 50.56
N THR X 263 -73.77 16.06 49.28
CA THR X 263 -74.94 15.63 48.53
C THR X 263 -74.65 14.42 47.62
N HIS X 264 -75.57 13.43 47.62
CA HIS X 264 -75.56 12.28 46.72
C HIS X 264 -76.01 12.64 45.31
N PRO X 265 -75.56 11.97 44.22
CA PRO X 265 -76.04 12.25 42.86
C PRO X 265 -77.55 12.24 42.64
N ASP X 266 -78.29 11.33 43.29
CA ASP X 266 -79.74 11.29 43.16
C ASP X 266 -80.41 12.46 43.87
N TYR X 267 -79.86 12.87 45.02
CA TYR X 267 -80.33 14.08 45.68
C TYR X 267 -80.10 15.30 44.78
N ARG X 268 -78.89 15.47 44.22
CA ARG X 268 -78.62 16.59 43.30
C ARG X 268 -79.60 16.60 42.13
N THR X 269 -79.81 15.44 41.51
CA THR X 269 -80.68 15.31 40.36
C THR X 269 -82.09 15.79 40.70
N GLN X 270 -82.63 15.29 41.81
CA GLN X 270 -83.95 15.63 42.30
C GLN X 270 -84.03 17.13 42.64
N LEU X 271 -83.04 17.68 43.36
CA LEU X 271 -83.00 19.09 43.74
C LEU X 271 -83.05 20.03 42.53
N PHE X 272 -82.33 19.72 41.44
CA PHE X 272 -82.37 20.56 40.25
C PHE X 272 -83.63 20.41 39.40
N ASN X 273 -84.55 19.50 39.75
CA ASN X 273 -85.90 19.49 39.21
C ASN X 273 -86.85 20.40 39.98
N ASP X 274 -86.48 20.85 41.19
CA ASP X 274 -87.33 21.68 42.03
C ASP X 274 -87.61 23.02 41.32
N THR X 275 -88.89 23.35 41.09
CA THR X 275 -89.23 24.58 40.39
C THR X 275 -88.70 25.84 41.08
N ASN X 276 -88.45 25.77 42.40
CA ASN X 276 -87.89 26.91 43.11
C ASN X 276 -86.46 27.24 42.66
N LEU X 277 -85.72 26.23 42.16
CA LEU X 277 -84.38 26.41 41.61
C LEU X 277 -84.40 26.43 40.08
N ALA X 278 -85.27 25.64 39.45
CA ALA X 278 -85.30 25.43 38.01
C ALA X 278 -85.97 26.58 37.25
N TYR X 279 -86.92 27.31 37.86
CA TYR X 279 -87.51 28.48 37.21
C TYR X 279 -86.68 29.71 37.58
N ALA X 280 -86.18 30.43 36.57
CA ALA X 280 -85.32 31.59 36.75
C ALA X 280 -85.94 32.67 37.64
N ASN X 281 -87.25 32.92 37.49
CA ASN X 281 -87.97 33.90 38.30
C ASN X 281 -88.13 33.45 39.75
N ARG X 282 -88.18 32.13 40.02
CA ARG X 282 -88.26 31.64 41.39
C ARG X 282 -86.88 31.61 42.07
N ALA X 283 -85.82 31.28 41.32
CA ALA X 283 -84.45 31.35 41.83
C ALA X 283 -83.86 32.76 41.85
N GLY X 284 -84.45 33.69 41.09
CA GLY X 284 -83.89 35.02 40.83
C GLY X 284 -82.65 34.99 39.95
N THR X 285 -82.46 33.93 39.16
CA THR X 285 -81.24 33.62 38.39
C THR X 285 -81.49 32.36 37.56
N ASN X 286 -81.02 32.31 36.29
CA ASN X 286 -81.15 31.10 35.46
C ASN X 286 -79.94 30.15 35.51
N GLU X 287 -78.95 30.41 36.35
CA GLU X 287 -77.72 29.61 36.44
C GLU X 287 -77.99 28.12 36.70
N VAL X 288 -78.99 27.76 37.52
CA VAL X 288 -79.24 26.34 37.80
C VAL X 288 -79.72 25.63 36.54
N LEU X 289 -80.64 26.25 35.80
CA LEU X 289 -81.10 25.74 34.52
C LEU X 289 -79.96 25.63 33.51
N ARG X 290 -79.03 26.60 33.49
CA ARG X 290 -77.93 26.58 32.53
C ARG X 290 -76.79 25.65 32.94
N ASN X 291 -76.16 25.91 34.09
CA ASN X 291 -74.89 25.31 34.49
C ASN X 291 -75.01 24.26 35.61
N ARG X 292 -76.23 23.94 36.05
CA ARG X 292 -76.49 22.84 36.99
C ARG X 292 -75.67 22.96 38.28
N GLU X 293 -74.89 21.94 38.68
CA GLU X 293 -74.18 22.01 39.96
C GLU X 293 -73.06 23.06 40.00
N ASP X 294 -72.64 23.58 38.84
CA ASP X 294 -71.65 24.66 38.77
C ASP X 294 -72.25 26.06 38.88
N ALA X 295 -73.57 26.17 39.13
CA ALA X 295 -74.25 27.43 39.38
C ALA X 295 -73.84 28.01 40.74
N PRO X 296 -73.60 29.34 40.89
CA PRO X 296 -73.24 29.92 42.18
C PRO X 296 -74.29 29.76 43.28
N ILE X 297 -75.59 29.72 42.94
CA ILE X 297 -76.66 29.53 43.92
C ILE X 297 -76.62 28.15 44.56
N VAL X 298 -76.16 27.11 43.84
CA VAL X 298 -76.06 25.78 44.43
C VAL X 298 -75.10 25.77 45.62
N GLY X 299 -74.04 26.57 45.58
CA GLY X 299 -73.15 26.77 46.70
C GLY X 299 -73.50 27.94 47.63
N ASP X 300 -74.75 28.46 47.55
CA ASP X 300 -75.18 29.64 48.29
C ASP X 300 -76.69 29.56 48.51
N ILE X 301 -77.14 28.61 49.34
CA ILE X 301 -78.55 28.28 49.49
C ILE X 301 -78.87 27.94 50.96
N ALA X 302 -80.04 28.38 51.44
CA ALA X 302 -80.53 28.12 52.80
C ALA X 302 -79.51 28.55 53.88
N GLY X 303 -78.71 29.59 53.60
CA GLY X 303 -77.71 30.08 54.54
C GLY X 303 -76.38 29.34 54.47
N LEU X 304 -76.34 28.22 53.74
CA LEU X 304 -75.13 27.43 53.50
C LEU X 304 -74.32 28.12 52.40
N ASP X 305 -73.01 28.29 52.64
CA ASP X 305 -72.11 28.97 51.71
C ASP X 305 -71.12 28.01 51.03
N MET X 306 -71.35 26.68 51.16
CA MET X 306 -70.59 25.70 50.39
C MET X 306 -71.45 24.48 50.05
N HIS X 307 -71.30 23.99 48.81
CA HIS X 307 -71.83 22.70 48.40
C HIS X 307 -70.67 21.76 48.08
N ALA X 308 -70.72 20.52 48.61
CA ALA X 308 -69.73 19.50 48.37
C ALA X 308 -70.38 18.29 47.69
N ALA X 309 -70.29 18.23 46.36
CA ALA X 309 -70.87 17.15 45.58
C ALA X 309 -70.08 15.86 45.74
N MET X 310 -70.68 14.81 46.31
CA MET X 310 -70.05 13.51 46.50
C MET X 310 -70.41 12.53 45.39
N SER X 311 -69.56 11.49 45.22
CA SER X 311 -69.84 10.32 44.39
C SER X 311 -70.60 9.25 45.17
N SER X 312 -71.38 8.43 44.45
CA SER X 312 -72.20 7.37 45.04
C SER X 312 -71.36 6.28 45.73
N ALA X 313 -70.26 5.84 45.10
CA ALA X 313 -69.40 4.78 45.63
C ALA X 313 -68.62 5.17 46.89
N THR X 314 -68.65 6.45 47.29
CA THR X 314 -67.74 6.97 48.31
C THR X 314 -68.03 6.40 49.70
N TYR X 315 -69.32 6.35 50.08
CA TYR X 315 -69.70 5.90 51.40
C TYR X 315 -69.33 4.43 51.60
N ASP X 316 -68.94 4.06 52.82
CA ASP X 316 -68.57 2.69 53.14
C ASP X 316 -69.78 1.76 53.32
N ASP X 317 -70.23 1.14 52.23
CA ASP X 317 -71.24 0.09 52.26
C ASP X 317 -70.77 -1.20 52.95
N GLY X 318 -69.46 -1.35 53.18
CA GLY X 318 -68.87 -2.59 53.69
C GLY X 318 -68.70 -3.69 52.64
N THR X 319 -69.08 -3.43 51.38
CA THR X 319 -68.97 -4.39 50.29
C THR X 319 -67.56 -4.41 49.67
N ASP X 320 -66.80 -3.32 49.87
CA ASP X 320 -65.44 -3.19 49.36
C ASP X 320 -64.44 -3.92 50.29
N ILE X 321 -63.36 -4.43 49.72
CA ILE X 321 -62.45 -5.32 50.44
C ILE X 321 -61.55 -4.53 51.40
N GLY X 322 -61.43 -5.04 52.64
CA GLY X 322 -60.63 -4.39 53.67
C GLY X 322 -61.38 -3.34 54.49
N TRP X 323 -62.60 -2.98 54.06
CA TRP X 323 -63.47 -2.01 54.73
C TRP X 323 -64.63 -2.74 55.42
N SER X 324 -64.98 -2.32 56.65
CA SER X 324 -66.16 -2.80 57.35
C SER X 324 -67.21 -1.68 57.45
N GLY X 325 -68.42 -1.94 56.95
CA GLY X 325 -69.34 -0.87 56.55
C GLY X 325 -69.84 0.05 57.67
N GLY X 326 -70.34 1.23 57.26
CA GLY X 326 -71.07 2.14 58.13
C GLY X 326 -72.51 1.68 58.43
N SER X 327 -73.23 2.46 59.25
CA SER X 327 -74.54 2.13 59.80
C SER X 327 -75.70 2.45 58.86
N GLU X 328 -75.52 3.42 57.94
CA GLU X 328 -76.58 3.98 57.12
C GLU X 328 -76.57 3.43 55.69
N THR X 329 -77.55 3.84 54.88
CA THR X 329 -77.48 3.69 53.43
C THR X 329 -77.30 5.07 52.81
N TRP X 330 -76.28 5.23 51.97
CA TRP X 330 -76.03 6.47 51.24
C TRP X 330 -76.67 6.37 49.86
N GLY X 331 -77.59 7.30 49.56
CA GLY X 331 -78.38 7.23 48.35
C GLY X 331 -79.59 8.15 48.46
N PHE X 332 -80.40 8.24 47.40
CA PHE X 332 -81.65 8.99 47.50
C PHE X 332 -82.67 8.45 46.51
N SER X 333 -82.94 7.15 46.62
CA SER X 333 -83.63 6.39 45.59
C SER X 333 -84.77 5.55 46.20
N SER X 334 -84.70 5.30 47.51
CA SER X 334 -85.60 4.37 48.19
C SER X 334 -85.80 4.75 49.66
N ASP X 335 -86.94 4.33 50.20
CA ASP X 335 -87.40 4.60 51.56
C ASP X 335 -86.31 4.36 52.61
N GLY X 336 -85.82 5.46 53.23
CA GLY X 336 -84.82 5.38 54.30
C GLY X 336 -83.39 5.74 53.90
N ASP X 337 -83.09 5.93 52.61
CA ASP X 337 -81.75 6.36 52.19
C ASP X 337 -81.40 7.75 52.74
N LYS X 338 -80.14 7.96 53.18
CA LYS X 338 -79.63 9.27 53.53
C LYS X 338 -78.98 9.88 52.29
N GLY X 339 -79.53 10.99 51.78
CA GLY X 339 -79.10 11.55 50.49
C GLY X 339 -78.29 12.83 50.58
N ALA X 340 -78.36 13.52 51.72
CA ALA X 340 -77.59 14.74 51.93
C ALA X 340 -77.31 14.90 53.41
N VAL X 341 -76.23 15.63 53.74
CA VAL X 341 -75.95 16.05 55.10
C VAL X 341 -75.76 17.56 55.09
N VAL X 342 -76.44 18.25 56.01
CA VAL X 342 -76.31 19.68 56.20
C VAL X 342 -75.60 19.89 57.53
N TYR X 343 -74.47 20.61 57.55
CA TYR X 343 -73.61 20.59 58.73
C TYR X 343 -72.72 21.84 58.82
N ASP X 344 -72.12 22.01 59.99
CA ASP X 344 -71.10 23.02 60.24
C ASP X 344 -69.71 22.45 59.90
N ARG X 345 -69.07 23.01 58.87
CA ARG X 345 -67.78 22.60 58.37
C ARG X 345 -66.66 22.70 59.41
N ASP X 346 -66.80 23.60 60.38
CA ASP X 346 -65.80 23.81 61.43
C ASP X 346 -65.93 22.80 62.57
N ASN X 347 -67.04 22.04 62.62
CA ASN X 347 -67.30 21.08 63.69
C ASN X 347 -67.13 19.62 63.25
N ILE X 348 -66.61 19.38 62.04
CA ILE X 348 -66.19 18.06 61.58
C ILE X 348 -64.71 18.15 61.19
N HIS X 349 -63.87 17.28 61.78
CA HIS X 349 -62.43 17.30 61.58
C HIS X 349 -61.97 16.10 60.76
N THR X 350 -61.18 16.34 59.72
CA THR X 350 -60.42 15.29 59.06
C THR X 350 -58.98 15.43 59.52
N ILE X 351 -58.44 14.37 60.16
CA ILE X 351 -57.14 14.45 60.75
C ILE X 351 -56.19 13.62 59.89
N LEU X 352 -55.18 14.28 59.33
CA LEU X 352 -54.19 13.62 58.48
C LEU X 352 -52.85 13.56 59.20
N TYR X 353 -52.25 12.37 59.23
CA TYR X 353 -50.91 12.17 59.77
C TYR X 353 -50.04 11.52 58.71
N ALA X 354 -48.81 12.00 58.57
CA ALA X 354 -47.81 11.34 57.74
C ALA X 354 -46.44 11.39 58.43
N PRO X 355 -45.72 10.26 58.56
CA PRO X 355 -44.41 10.29 59.21
C PRO X 355 -43.35 11.06 58.43
N ASN X 356 -43.38 11.03 57.08
CA ASN X 356 -42.29 11.57 56.27
C ASN X 356 -42.57 12.97 55.70
N GLY X 357 -43.71 13.58 56.07
CA GLY X 357 -44.08 14.91 55.60
C GLY X 357 -45.43 15.37 56.14
N GLN X 358 -46.17 16.13 55.33
CA GLN X 358 -47.43 16.75 55.74
C GLN X 358 -48.66 15.96 55.28
N ASP X 359 -48.48 15.12 54.24
CA ASP X 359 -49.56 14.64 53.38
C ASP X 359 -49.24 13.25 52.79
N VAL X 360 -49.91 12.84 51.70
CA VAL X 360 -49.67 11.58 51.00
C VAL X 360 -48.17 11.40 50.68
N GLU X 361 -47.64 10.21 50.97
CA GLU X 361 -46.28 9.82 50.59
C GLU X 361 -46.33 8.68 49.58
N ILE X 362 -45.74 8.89 48.39
CA ILE X 362 -45.63 7.87 47.36
C ILE X 362 -44.14 7.50 47.21
N LYS X 363 -43.84 6.19 47.30
CA LYS X 363 -42.48 5.67 47.22
C LYS X 363 -42.35 4.69 46.06
N ASP X 364 -41.34 4.92 45.21
CA ASP X 364 -40.92 3.98 44.19
C ASP X 364 -39.91 2.99 44.79
N TYR X 365 -39.83 1.78 44.22
CA TYR X 365 -38.79 0.84 44.64
C TYR X 365 -38.50 -0.19 43.55
N GLU X 366 -37.25 -0.68 43.57
CA GLU X 366 -36.92 -1.95 42.93
C GLU X 366 -36.82 -3.02 44.02
N ASP X 367 -37.41 -4.18 43.73
CA ASP X 367 -37.08 -5.40 44.45
C ASP X 367 -35.58 -5.66 44.33
N PRO X 368 -34.82 -5.85 45.44
CA PRO X 368 -33.36 -6.03 45.36
C PRO X 368 -32.89 -7.29 44.65
N ILE X 369 -33.81 -8.23 44.38
CA ILE X 369 -33.50 -9.57 43.90
C ILE X 369 -34.14 -9.85 42.54
N ARG X 370 -35.40 -9.46 42.32
CA ARG X 370 -36.30 -10.14 41.39
C ARG X 370 -36.67 -9.37 40.12
N ASP X 371 -36.00 -8.25 39.79
CA ASP X 371 -36.34 -7.48 38.59
C ASP X 371 -37.81 -7.05 38.56
N ILE X 372 -38.29 -6.59 39.72
CA ILE X 372 -39.64 -6.07 39.88
C ILE X 372 -39.50 -4.62 40.35
N THR X 373 -40.34 -3.74 39.80
CA THR X 373 -40.43 -2.35 40.26
C THR X 373 -41.84 -2.13 40.80
N GLY X 374 -41.97 -1.31 41.84
CA GLY X 374 -43.30 -0.98 42.36
C GLY X 374 -43.42 0.48 42.77
N VAL X 375 -44.67 0.90 43.01
CA VAL X 375 -44.99 2.18 43.63
C VAL X 375 -46.04 1.95 44.71
N ASN X 376 -45.83 2.56 45.88
CA ASN X 376 -46.66 2.35 47.05
C ASN X 376 -47.05 3.70 47.64
N GLY X 377 -48.34 3.90 47.90
CA GLY X 377 -48.83 5.10 48.56
C GLY X 377 -49.32 4.79 49.97
N ARG X 378 -49.22 5.80 50.85
CA ARG X 378 -49.71 5.74 52.22
C ARG X 378 -50.19 7.13 52.67
N LEU X 379 -51.14 7.11 53.61
CA LEU X 379 -51.53 8.27 54.40
C LEU X 379 -52.30 7.77 55.62
N HIS X 380 -52.11 8.39 56.79
CA HIS X 380 -52.96 8.05 57.92
C HIS X 380 -54.07 9.09 58.01
N VAL X 381 -55.32 8.63 58.15
CA VAL X 381 -56.46 9.53 58.22
C VAL X 381 -57.45 9.07 59.29
N ASP X 382 -58.04 10.04 60.01
CA ASP X 382 -59.23 9.82 60.82
C ASP X 382 -60.23 10.93 60.53
N CYS X 383 -61.50 10.71 60.88
CA CYS X 383 -62.49 11.77 60.84
C CYS X 383 -63.35 11.72 62.10
N GLN X 384 -63.58 12.89 62.71
CA GLN X 384 -64.29 12.99 63.98
C GLN X 384 -65.15 14.25 64.04
N TYR X 385 -66.43 14.12 64.43
CA TYR X 385 -67.20 15.29 64.82
C TYR X 385 -66.68 15.86 66.14
N SER X 386 -66.36 17.17 66.14
CA SER X 386 -66.24 17.98 67.34
C SER X 386 -67.61 18.10 68.05
N GLN X 387 -68.65 18.43 67.28
CA GLN X 387 -70.02 18.52 67.77
C GLN X 387 -70.97 17.90 66.75
N GLY X 388 -71.42 16.65 66.98
CA GLY X 388 -72.31 15.97 66.05
C GLY X 388 -73.71 16.60 65.94
N ARG X 389 -74.13 17.35 66.96
CA ARG X 389 -75.36 18.15 66.96
C ARG X 389 -75.35 19.23 65.88
N SER X 390 -74.16 19.65 65.42
CA SER X 390 -74.04 20.65 64.36
C SER X 390 -74.37 20.10 62.96
N SER X 391 -74.94 18.90 62.86
CA SER X 391 -75.11 18.19 61.60
C SER X 391 -76.46 17.48 61.54
N ALA X 392 -77.14 17.53 60.38
CA ALA X 392 -78.39 16.83 60.13
C ALA X 392 -78.36 16.09 58.78
N THR X 393 -78.75 14.81 58.76
CA THR X 393 -78.96 14.09 57.52
C THR X 393 -80.34 14.38 56.95
N VAL X 394 -80.46 14.32 55.62
CA VAL X 394 -81.74 14.36 54.92
C VAL X 394 -82.05 12.95 54.44
N GLN X 395 -83.28 12.50 54.72
CA GLN X 395 -83.68 11.11 54.47
C GLN X 395 -84.84 11.06 53.47
N TYR X 396 -84.76 10.10 52.53
CA TYR X 396 -85.79 9.79 51.57
C TYR X 396 -87.03 9.13 52.21
N ALA Y 2 -89.10 5.84 -16.54
CA ALA Y 2 -88.93 5.51 -15.09
C ALA Y 2 -88.59 6.78 -14.30
N THR Y 3 -89.33 7.04 -13.21
CA THR Y 3 -89.22 8.29 -12.47
C THR Y 3 -89.26 8.08 -10.95
N GLU Y 4 -88.50 8.90 -10.21
CA GLU Y 4 -88.40 8.88 -8.75
C GLU Y 4 -89.10 10.12 -8.19
N THR Y 5 -89.86 9.97 -7.08
CA THR Y 5 -90.56 11.10 -6.47
C THR Y 5 -89.86 11.56 -5.19
N GLN Y 6 -89.68 12.88 -5.03
CA GLN Y 6 -89.17 13.48 -3.81
C GLN Y 6 -90.13 14.58 -3.35
N GLY Y 7 -91.19 14.17 -2.64
CA GLY Y 7 -92.28 15.04 -2.25
C GLY Y 7 -93.01 15.65 -3.46
N GLU Y 8 -92.78 16.95 -3.67
CA GLU Y 8 -93.37 17.73 -4.74
C GLU Y 8 -92.88 17.27 -6.12
N HIS Y 9 -91.61 16.89 -6.20
CA HIS Y 9 -90.88 16.75 -7.45
C HIS Y 9 -90.86 15.32 -7.98
N THR Y 10 -90.76 15.20 -9.31
CA THR Y 10 -90.37 13.95 -9.96
C THR Y 10 -89.06 14.14 -10.73
N PHE Y 11 -88.20 13.13 -10.64
CA PHE Y 11 -86.86 13.14 -11.21
C PHE Y 11 -86.71 11.97 -12.18
N PRO Y 12 -85.87 12.08 -13.23
CA PRO Y 12 -85.61 10.94 -14.11
C PRO Y 12 -84.79 9.91 -13.33
N VAL Y 13 -85.15 8.62 -13.43
CA VAL Y 13 -84.32 7.58 -12.84
C VAL Y 13 -83.03 7.42 -13.65
N GLU Y 14 -81.91 7.36 -12.93
CA GLU Y 14 -80.61 7.16 -13.52
C GLU Y 14 -80.42 5.67 -13.82
N VAL Y 15 -80.48 5.27 -15.10
CA VAL Y 15 -80.56 3.86 -15.54
C VAL Y 15 -79.38 2.99 -15.12
N LEU Y 16 -78.16 3.55 -15.00
CA LEU Y 16 -76.95 2.77 -14.78
C LEU Y 16 -76.46 2.95 -13.34
N ILE Y 17 -76.12 1.84 -12.66
CA ILE Y 17 -75.64 1.82 -11.27
C ILE Y 17 -74.14 1.52 -11.23
N SER Y 18 -73.69 0.60 -12.10
CA SER Y 18 -72.33 0.08 -12.12
C SER Y 18 -72.08 -0.57 -13.46
N GLY Y 19 -70.81 -0.69 -13.86
CA GLY Y 19 -70.46 -1.29 -15.14
C GLY Y 19 -69.95 -0.27 -16.14
N GLU Y 20 -69.15 -0.77 -17.10
CA GLU Y 20 -68.50 0.04 -18.11
C GLU Y 20 -68.74 -0.52 -19.52
N GLU Y 21 -69.59 -1.54 -19.64
CA GLU Y 21 -69.88 -2.20 -20.91
C GLU Y 21 -70.99 -1.44 -21.65
N LEU Y 22 -70.71 -0.16 -21.96
CA LEU Y 22 -71.62 0.76 -22.62
C LEU Y 22 -71.22 0.85 -24.11
N ARG Y 23 -72.15 0.49 -25.02
CA ARG Y 23 -71.84 0.36 -26.44
C ARG Y 23 -72.79 1.18 -27.32
N GLY Y 24 -72.30 1.63 -28.49
CA GLY Y 24 -73.06 2.52 -29.36
C GLY Y 24 -73.66 1.83 -30.57
N TYR Y 25 -74.88 2.26 -30.96
CA TYR Y 25 -75.70 1.70 -32.04
C TYR Y 25 -76.50 2.80 -32.71
N THR Y 26 -77.17 2.51 -33.83
CA THR Y 26 -78.16 3.42 -34.39
C THR Y 26 -79.55 2.97 -33.92
N ALA Y 27 -80.39 3.92 -33.49
CA ALA Y 27 -81.75 3.61 -33.13
C ALA Y 27 -82.57 3.30 -34.40
N GLY Y 28 -83.23 2.14 -34.45
CA GLY Y 28 -84.11 1.75 -35.55
C GLY Y 28 -85.52 2.36 -35.46
N GLU Y 29 -85.82 3.01 -34.33
CA GLU Y 29 -87.12 3.63 -34.00
C GLU Y 29 -86.91 4.57 -32.82
N ALA Y 30 -87.94 5.33 -32.42
CA ALA Y 30 -87.86 6.08 -31.17
C ALA Y 30 -87.80 5.15 -29.95
N LEU Y 31 -86.89 5.45 -28.99
CA LEU Y 31 -86.64 4.65 -27.80
C LEU Y 31 -86.53 5.55 -26.57
N SER Y 32 -86.79 4.96 -25.40
CA SER Y 32 -86.85 5.64 -24.10
C SER Y 32 -85.82 5.05 -23.15
N ALA Y 33 -85.26 5.89 -22.26
CA ALA Y 33 -84.33 5.45 -21.22
C ALA Y 33 -84.91 4.26 -20.43
N GLY Y 34 -84.12 3.19 -20.33
CA GLY Y 34 -84.52 1.97 -19.64
C GLY Y 34 -85.19 0.92 -20.52
N GLU Y 35 -85.54 1.22 -21.78
CA GLU Y 35 -86.13 0.20 -22.64
C GLU Y 35 -85.13 -0.90 -23.02
N PRO Y 36 -85.53 -2.18 -22.97
CA PRO Y 36 -84.73 -3.26 -23.56
C PRO Y 36 -84.80 -3.22 -25.08
N VAL Y 37 -83.65 -3.49 -25.73
CA VAL Y 37 -83.51 -3.42 -27.18
C VAL Y 37 -82.73 -4.62 -27.74
N TYR Y 38 -82.88 -4.88 -29.04
CA TYR Y 38 -82.22 -5.98 -29.74
C TYR Y 38 -81.78 -5.51 -31.14
N LEU Y 39 -80.91 -6.28 -31.81
CA LEU Y 39 -80.42 -5.91 -33.14
C LEU Y 39 -81.49 -6.10 -34.23
N SER Y 40 -81.93 -4.99 -34.83
CA SER Y 40 -82.91 -4.97 -35.92
C SER Y 40 -82.24 -4.81 -37.29
N GLY Y 41 -80.95 -4.44 -37.33
CA GLY Y 41 -80.18 -4.28 -38.56
C GLY Y 41 -78.70 -4.13 -38.25
N ASP Y 42 -77.87 -3.88 -39.26
CA ASP Y 42 -76.43 -3.76 -39.04
C ASP Y 42 -76.12 -2.57 -38.14
N TYR Y 43 -75.59 -2.86 -36.93
CA TYR Y 43 -75.42 -1.91 -35.83
C TYR Y 43 -76.68 -1.10 -35.49
N GLU Y 44 -77.87 -1.59 -35.85
CA GLU Y 44 -79.12 -0.90 -35.57
C GLU Y 44 -79.91 -1.69 -34.52
N VAL Y 45 -80.44 -0.99 -33.50
CA VAL Y 45 -81.21 -1.61 -32.43
C VAL Y 45 -82.64 -1.05 -32.36
N SER Y 46 -83.59 -1.92 -31.99
CA SER Y 46 -85.00 -1.60 -31.84
C SER Y 46 -85.54 -2.25 -30.56
N ALA Y 47 -86.73 -1.85 -30.10
CA ALA Y 47 -87.29 -2.34 -28.85
C ALA Y 47 -87.58 -3.85 -28.93
N SER Y 48 -87.16 -4.58 -27.89
CA SER Y 48 -87.35 -6.02 -27.79
C SER Y 48 -88.84 -6.40 -27.76
N SER Y 49 -89.21 -7.46 -28.49
CA SER Y 49 -90.49 -8.14 -28.28
C SER Y 49 -90.41 -9.10 -27.10
N ALA Y 50 -91.55 -9.71 -26.73
CA ALA Y 50 -91.65 -10.65 -25.62
C ALA Y 50 -91.01 -12.01 -25.93
N ASP Y 51 -90.78 -12.83 -24.89
CA ASP Y 51 -90.44 -14.25 -24.97
C ASP Y 51 -89.05 -14.55 -25.57
N GLY Y 52 -88.10 -13.63 -25.43
CA GLY Y 52 -86.69 -13.96 -25.67
C GLY Y 52 -86.23 -13.94 -27.13
N GLY Y 53 -84.95 -14.27 -27.34
CA GLY Y 53 -84.32 -14.23 -28.65
C GLY Y 53 -84.03 -12.81 -29.18
N GLU Y 54 -84.36 -11.80 -28.36
CA GLU Y 54 -84.25 -10.40 -28.77
C GLU Y 54 -83.82 -9.55 -27.57
N PHE Y 55 -82.52 -9.58 -27.22
CA PHE Y 55 -82.03 -8.67 -26.20
C PHE Y 55 -80.52 -8.49 -26.32
N LEU Y 56 -80.06 -7.25 -26.51
CA LEU Y 56 -78.66 -6.89 -26.50
C LEU Y 56 -78.29 -6.05 -25.28
N GLY Y 57 -79.22 -5.22 -24.80
CA GLY Y 57 -79.00 -4.36 -23.64
C GLY Y 57 -80.19 -3.44 -23.38
N VAL Y 58 -80.02 -2.50 -22.44
CA VAL Y 58 -81.01 -1.46 -22.20
C VAL Y 58 -80.52 -0.12 -22.72
N ASN Y 59 -81.41 0.61 -23.37
CA ASN Y 59 -81.18 1.96 -23.87
C ASN Y 59 -80.94 2.92 -22.70
N LEU Y 60 -79.87 3.71 -22.71
CA LEU Y 60 -79.48 4.55 -21.58
C LEU Y 60 -80.14 5.94 -21.53
N TYR Y 61 -80.57 6.48 -22.67
CA TYR Y 61 -81.20 7.80 -22.76
C TYR Y 61 -82.17 7.86 -23.95
N ASP Y 62 -83.15 8.77 -23.91
CA ASP Y 62 -84.18 8.87 -24.96
C ASP Y 62 -83.59 9.27 -26.31
N VAL Y 63 -84.05 8.62 -27.40
CA VAL Y 63 -83.60 8.90 -28.76
C VAL Y 63 -84.78 8.83 -29.73
N ALA Y 64 -84.73 9.65 -30.79
CA ALA Y 64 -85.59 9.50 -31.96
C ALA Y 64 -85.00 8.47 -32.94
N SER Y 65 -85.82 8.03 -33.90
CA SER Y 65 -85.40 7.10 -34.95
C SER Y 65 -84.19 7.65 -35.72
N GLY Y 66 -83.18 6.79 -35.97
CA GLY Y 66 -82.00 7.13 -36.73
C GLY Y 66 -80.89 7.84 -35.94
N GLU Y 67 -81.15 8.22 -34.68
CA GLU Y 67 -80.12 8.83 -33.84
C GLU Y 67 -79.13 7.78 -33.33
N PRO Y 68 -77.87 8.17 -33.00
CA PRO Y 68 -76.97 7.26 -32.31
C PRO Y 68 -77.43 7.08 -30.86
N VAL Y 69 -77.34 5.85 -30.37
CA VAL Y 69 -77.86 5.48 -29.06
C VAL Y 69 -76.78 4.74 -28.25
N ALA Y 70 -76.73 4.99 -26.94
CA ALA Y 70 -75.88 4.26 -26.02
C ALA Y 70 -76.70 3.22 -25.25
N LEU Y 71 -76.07 2.05 -25.05
CA LEU Y 71 -76.74 0.86 -24.56
C LEU Y 71 -75.85 0.24 -23.47
N ALA Y 72 -76.44 -0.16 -22.33
CA ALA Y 72 -75.73 -0.95 -21.33
C ALA Y 72 -75.94 -2.44 -21.64
N GLY Y 73 -74.83 -3.16 -21.84
CA GLY Y 73 -74.86 -4.59 -22.09
C GLY Y 73 -74.69 -5.41 -20.81
N ASP Y 74 -74.46 -6.72 -20.98
CA ASP Y 74 -74.11 -7.57 -19.85
C ASP Y 74 -72.85 -7.08 -19.14
N ASP Y 75 -72.71 -7.45 -17.86
CA ASP Y 75 -71.75 -6.91 -16.90
C ASP Y 75 -72.21 -5.57 -16.29
N CYS Y 76 -73.27 -4.92 -16.84
CA CYS Y 76 -73.81 -3.72 -16.23
C CYS Y 76 -74.88 -4.03 -15.18
N GLU Y 77 -74.98 -3.11 -14.21
CA GLU Y 77 -75.94 -3.15 -13.12
C GLU Y 77 -76.87 -1.95 -13.30
N VAL Y 78 -78.19 -2.17 -13.36
CA VAL Y 78 -79.14 -1.19 -13.90
C VAL Y 78 -80.39 -1.03 -13.04
N ARG Y 79 -81.03 0.15 -13.16
CA ARG Y 79 -82.34 0.44 -12.59
C ARG Y 79 -83.36 0.34 -13.73
N VAL Y 80 -84.33 -0.60 -13.62
CA VAL Y 80 -85.26 -0.87 -14.71
C VAL Y 80 -86.68 -1.08 -14.19
N GLU Y 81 -87.67 -0.63 -14.96
CA GLU Y 81 -89.07 -0.81 -14.62
C GLU Y 81 -89.57 -2.21 -15.01
N VAL Y 82 -90.37 -2.82 -14.12
CA VAL Y 82 -90.91 -4.17 -14.30
C VAL Y 82 -92.44 -4.15 -14.45
N SER Y 83 -92.96 -5.12 -15.20
CA SER Y 83 -94.39 -5.28 -15.48
C SER Y 83 -95.16 -5.91 -14.32
N GLU Y 84 -94.45 -6.52 -13.37
CA GLU Y 84 -95.02 -7.37 -12.33
C GLU Y 84 -94.11 -7.36 -11.10
N GLN Y 85 -94.60 -7.86 -9.96
CA GLN Y 85 -93.75 -7.97 -8.78
C GLN Y 85 -92.55 -8.87 -9.03
N VAL Y 86 -91.35 -8.38 -8.68
CA VAL Y 86 -90.11 -9.14 -8.75
C VAL Y 86 -89.42 -9.12 -7.38
N THR Y 87 -88.65 -10.19 -7.12
CA THR Y 87 -87.96 -10.41 -5.86
C THR Y 87 -86.49 -10.67 -6.14
N ALA Y 88 -85.63 -10.49 -5.13
CA ALA Y 88 -84.22 -10.83 -5.28
C ALA Y 88 -84.06 -12.29 -5.75
N ASN Y 89 -83.10 -12.51 -6.67
CA ASN Y 89 -82.84 -13.78 -7.35
C ASN Y 89 -83.84 -14.15 -8.46
N ASP Y 90 -84.83 -13.31 -8.80
CA ASP Y 90 -85.62 -13.60 -9.99
C ASP Y 90 -84.84 -13.30 -11.27
N GLU Y 91 -84.85 -14.23 -12.23
CA GLU Y 91 -84.42 -13.87 -13.57
C GLU Y 91 -85.55 -13.13 -14.31
N ILE Y 92 -85.15 -12.12 -15.08
CA ILE Y 92 -86.07 -11.29 -15.85
C ILE Y 92 -85.59 -11.15 -17.29
N LEU Y 93 -86.53 -10.79 -18.17
CA LEU Y 93 -86.27 -10.54 -19.58
C LEU Y 93 -87.37 -9.63 -20.15
N PRO Y 94 -87.20 -9.08 -21.38
CA PRO Y 94 -88.15 -8.14 -21.94
C PRO Y 94 -89.57 -8.68 -22.08
N ASP Y 95 -90.54 -7.85 -21.71
CA ASP Y 95 -91.96 -8.17 -21.72
C ASP Y 95 -92.64 -7.80 -23.06
N GLY Y 96 -91.90 -7.17 -23.99
CA GLY Y 96 -92.48 -6.65 -25.22
C GLY Y 96 -93.26 -5.33 -25.05
N LEU Y 97 -93.25 -4.77 -23.83
CA LEU Y 97 -93.96 -3.54 -23.47
C LEU Y 97 -92.99 -2.49 -22.92
N GLY Y 98 -91.77 -2.43 -23.47
CA GLY Y 98 -90.74 -1.48 -23.06
C GLY Y 98 -90.23 -1.66 -21.62
N THR Y 99 -90.55 -2.81 -21.01
CA THR Y 99 -90.32 -3.11 -19.59
C THR Y 99 -90.01 -4.60 -19.43
N PHE Y 100 -89.52 -5.01 -18.25
CA PHE Y 100 -89.15 -6.39 -18.00
C PHE Y 100 -90.24 -7.18 -17.28
N GLU Y 101 -90.24 -8.52 -17.47
CA GLU Y 101 -91.04 -9.45 -16.67
C GLU Y 101 -90.18 -10.64 -16.26
N THR Y 102 -90.66 -11.48 -15.33
CA THR Y 102 -89.89 -12.64 -14.93
C THR Y 102 -89.90 -13.73 -16.01
N VAL Y 103 -88.80 -14.47 -16.06
CA VAL Y 103 -88.69 -15.66 -16.89
C VAL Y 103 -89.83 -16.61 -16.56
N ALA Y 104 -90.11 -16.78 -15.26
CA ALA Y 104 -91.20 -17.61 -14.75
C ALA Y 104 -92.56 -17.26 -15.36
N THR Y 105 -92.84 -15.97 -15.61
CA THR Y 105 -94.09 -15.54 -16.22
C THR Y 105 -94.09 -15.72 -17.74
N SER Y 106 -92.95 -15.47 -18.39
CA SER Y 106 -92.79 -15.50 -19.83
C SER Y 106 -92.86 -16.92 -20.42
N ALA Y 107 -92.89 -17.03 -21.76
CA ALA Y 107 -92.81 -18.32 -22.45
C ALA Y 107 -91.37 -18.85 -22.57
N ALA Y 108 -90.37 -18.00 -22.28
CA ALA Y 108 -88.95 -18.37 -22.36
C ALA Y 108 -88.52 -19.20 -21.14
N SER Y 109 -87.34 -19.84 -21.26
CA SER Y 109 -86.78 -20.71 -20.23
C SER Y 109 -85.60 -20.09 -19.48
N ALA Y 110 -85.01 -19.01 -20.02
CA ALA Y 110 -83.84 -18.35 -19.44
C ALA Y 110 -83.90 -16.83 -19.64
N GLY Y 111 -83.38 -16.08 -18.67
CA GLY Y 111 -83.44 -14.62 -18.67
C GLY Y 111 -82.14 -13.96 -19.08
N VAL Y 112 -82.12 -12.62 -18.97
CA VAL Y 112 -80.98 -11.82 -19.37
C VAL Y 112 -80.43 -10.99 -18.21
N ALA Y 113 -81.25 -10.77 -17.19
CA ALA Y 113 -80.82 -10.07 -15.99
C ALA Y 113 -81.36 -10.76 -14.74
N ILE Y 114 -80.64 -10.59 -13.63
CA ILE Y 114 -80.98 -11.13 -12.33
C ILE Y 114 -81.38 -9.96 -11.43
N VAL Y 115 -82.55 -10.06 -10.78
CA VAL Y 115 -83.02 -9.01 -9.88
C VAL Y 115 -82.25 -9.05 -8.57
N GLN Y 116 -81.71 -7.89 -8.16
CA GLN Y 116 -80.93 -7.74 -6.94
C GLN Y 116 -81.72 -7.05 -5.83
N GLU Y 117 -82.58 -6.09 -6.20
CA GLU Y 117 -83.53 -5.47 -5.28
C GLU Y 117 -84.93 -5.59 -5.89
N GLY Y 118 -85.87 -6.15 -5.11
CA GLY Y 118 -87.25 -6.37 -5.57
C GLY Y 118 -88.06 -5.09 -5.80
N ALA Y 119 -89.22 -5.25 -6.46
CA ALA Y 119 -90.12 -4.14 -6.78
C ALA Y 119 -91.55 -4.67 -6.97
N ALA Y 120 -92.54 -3.78 -6.85
CA ALA Y 120 -93.92 -4.04 -7.24
C ALA Y 120 -94.11 -3.93 -8.76
N SER Y 121 -95.31 -4.25 -9.26
CA SER Y 121 -95.67 -4.00 -10.66
C SER Y 121 -95.59 -2.50 -10.99
N GLY Y 122 -95.05 -2.14 -12.15
CA GLY Y 122 -94.98 -0.76 -12.64
C GLY Y 122 -93.96 0.10 -11.89
N GLU Y 123 -92.96 -0.55 -11.29
CA GLU Y 123 -92.04 0.08 -10.34
C GLU Y 123 -90.60 -0.30 -10.70
N VAL Y 124 -89.61 0.40 -10.13
CA VAL Y 124 -88.22 0.23 -10.54
C VAL Y 124 -87.52 -0.78 -9.63
N CYS Y 125 -87.02 -1.87 -10.23
CA CYS Y 125 -86.12 -2.80 -9.56
C CYS Y 125 -84.66 -2.45 -9.89
N GLU Y 126 -83.72 -3.10 -9.18
CA GLU Y 126 -82.31 -3.04 -9.57
C GLU Y 126 -81.88 -4.45 -9.98
N ALA Y 127 -81.21 -4.55 -11.13
CA ALA Y 127 -80.91 -5.84 -11.74
C ALA Y 127 -79.51 -5.83 -12.38
N TYR Y 128 -78.85 -7.00 -12.40
CA TYR Y 128 -77.55 -7.15 -13.06
C TYR Y 128 -77.76 -7.90 -14.38
N ILE Y 129 -77.30 -7.31 -15.49
CA ILE Y 129 -77.46 -7.91 -16.81
C ILE Y 129 -76.30 -8.90 -17.00
N PHE Y 130 -76.63 -10.13 -17.41
CA PHE Y 130 -75.62 -11.19 -17.48
C PHE Y 130 -75.59 -11.91 -18.83
N ALA Y 131 -76.61 -11.73 -19.69
CA ALA Y 131 -76.66 -12.43 -20.97
C ALA Y 131 -77.28 -11.56 -22.08
N VAL Y 132 -76.97 -11.92 -23.34
CA VAL Y 132 -77.64 -11.40 -24.52
C VAL Y 132 -78.34 -12.57 -25.22
N GLN Y 133 -79.44 -12.29 -25.94
CA GLN Y 133 -80.16 -13.30 -26.68
C GLN Y 133 -80.35 -12.83 -28.12
N GLY Y 134 -79.96 -13.68 -29.06
CA GLY Y 134 -80.19 -13.45 -30.48
C GLY Y 134 -81.00 -14.56 -31.14
N THR Y 135 -81.13 -14.46 -32.47
CA THR Y 135 -81.80 -15.46 -33.28
C THR Y 135 -80.96 -16.73 -33.33
N THR Y 136 -81.47 -17.80 -32.71
CA THR Y 136 -80.87 -19.12 -32.80
C THR Y 136 -81.49 -19.98 -33.90
N ALA Y 137 -82.70 -19.61 -34.35
CA ALA Y 137 -83.70 -20.53 -34.91
C ALA Y 137 -83.87 -21.78 -34.02
N HIS Z 9 -62.22 -29.50 9.42
CA HIS Z 9 -62.24 -28.28 8.54
C HIS Z 9 -61.16 -28.38 7.45
N THR Z 10 -61.29 -27.52 6.43
CA THR Z 10 -60.34 -27.39 5.33
C THR Z 10 -60.25 -25.93 4.84
N PHE Z 11 -59.25 -25.60 4.00
CA PHE Z 11 -58.97 -24.22 3.61
C PHE Z 11 -58.54 -24.06 2.15
N PRO Z 12 -59.49 -23.91 1.19
CA PRO Z 12 -59.16 -23.23 -0.08
C PRO Z 12 -58.95 -21.75 0.22
N VAL Z 13 -57.85 -21.18 -0.31
CA VAL Z 13 -57.40 -19.84 0.07
C VAL Z 13 -56.79 -19.11 -1.12
N GLU Z 14 -56.61 -17.78 -0.99
CA GLU Z 14 -56.08 -16.92 -2.05
C GLU Z 14 -56.94 -17.08 -3.31
N VAL Z 15 -58.26 -16.91 -3.15
CA VAL Z 15 -59.23 -17.41 -4.12
C VAL Z 15 -59.26 -16.60 -5.42
N LEU Z 16 -58.89 -15.31 -5.39
CA LEU Z 16 -58.86 -14.51 -6.61
C LEU Z 16 -57.55 -14.73 -7.38
N ILE Z 17 -57.64 -15.23 -8.63
CA ILE Z 17 -56.50 -15.34 -9.53
C ILE Z 17 -56.34 -14.04 -10.30
N SER Z 18 -57.42 -13.61 -10.97
CA SER Z 18 -57.45 -12.39 -11.74
C SER Z 18 -58.89 -11.89 -11.89
N GLY Z 19 -59.04 -10.59 -12.22
CA GLY Z 19 -60.33 -10.06 -12.61
C GLY Z 19 -60.71 -8.79 -11.84
N GLU Z 20 -61.45 -7.91 -12.53
CA GLU Z 20 -61.86 -6.62 -11.99
C GLU Z 20 -63.26 -6.71 -11.36
N GLU Z 21 -64.01 -7.78 -11.63
CA GLU Z 21 -65.45 -7.82 -11.34
C GLU Z 21 -65.76 -8.25 -9.90
N LEU Z 22 -65.37 -7.41 -8.92
CA LEU Z 22 -65.77 -7.59 -7.52
C LEU Z 22 -66.88 -6.60 -7.19
N ARG Z 23 -67.99 -7.11 -6.62
CA ARG Z 23 -69.14 -6.29 -6.24
C ARG Z 23 -69.47 -6.50 -4.77
N GLY Z 24 -70.13 -5.51 -4.14
CA GLY Z 24 -70.42 -5.55 -2.71
C GLY Z 24 -71.85 -5.99 -2.41
N TYR Z 25 -72.01 -6.85 -1.40
CA TYR Z 25 -73.30 -7.35 -0.94
C TYR Z 25 -73.30 -7.42 0.58
N THR Z 26 -74.47 -7.68 1.20
CA THR Z 26 -74.54 -7.99 2.62
C THR Z 26 -74.59 -9.51 2.77
N ALA Z 27 -73.77 -10.06 3.67
CA ALA Z 27 -73.81 -11.50 3.94
C ALA Z 27 -75.09 -11.85 4.69
N GLY Z 28 -75.91 -12.77 4.14
CA GLY Z 28 -77.14 -13.22 4.78
C GLY Z 28 -76.94 -14.32 5.84
N GLU Z 29 -75.70 -14.82 5.96
CA GLU Z 29 -75.25 -15.83 6.91
C GLU Z 29 -73.72 -15.75 7.00
N ALA Z 30 -73.09 -16.45 7.94
CA ALA Z 30 -71.63 -16.54 7.93
C ALA Z 30 -71.15 -17.31 6.69
N LEU Z 31 -70.15 -16.76 5.99
CA LEU Z 31 -69.63 -17.29 4.74
C LEU Z 31 -68.11 -17.33 4.76
N SER Z 32 -67.53 -18.18 3.90
CA SER Z 32 -66.11 -18.47 3.88
C SER Z 32 -65.50 -18.21 2.50
N ALA Z 33 -64.20 -17.91 2.47
CA ALA Z 33 -63.48 -17.67 1.21
C ALA Z 33 -63.71 -18.80 0.19
N GLY Z 34 -64.06 -18.43 -1.05
CA GLY Z 34 -64.27 -19.37 -2.15
C GLY Z 34 -65.64 -20.04 -2.17
N GLU Z 35 -66.50 -19.74 -1.19
CA GLU Z 35 -67.84 -20.31 -1.12
C GLU Z 35 -68.74 -19.69 -2.19
N PRO Z 36 -69.48 -20.49 -3.01
CA PRO Z 36 -70.43 -19.96 -3.98
C PRO Z 36 -71.69 -19.46 -3.28
N VAL Z 37 -72.20 -18.33 -3.77
CA VAL Z 37 -73.32 -17.65 -3.15
C VAL Z 37 -74.33 -17.16 -4.21
N TYR Z 38 -75.55 -16.88 -3.74
CA TYR Z 38 -76.68 -16.43 -4.55
C TYR Z 38 -77.50 -15.38 -3.77
N LEU Z 39 -78.39 -14.65 -4.47
CA LEU Z 39 -79.23 -13.64 -3.81
C LEU Z 39 -80.34 -14.28 -2.98
N SER Z 40 -80.50 -13.76 -1.75
CA SER Z 40 -81.35 -14.34 -0.72
C SER Z 40 -82.21 -13.27 -0.03
N GLY Z 41 -82.10 -12.03 -0.51
CA GLY Z 41 -82.80 -10.83 -0.06
C GLY Z 41 -82.23 -9.65 -0.84
N ASP Z 42 -82.79 -8.43 -0.70
CA ASP Z 42 -82.30 -7.29 -1.47
C ASP Z 42 -80.82 -7.00 -1.18
N TYR Z 43 -79.96 -7.21 -2.18
CA TYR Z 43 -78.50 -7.19 -2.07
C TYR Z 43 -77.93 -8.10 -0.97
N GLU Z 44 -78.65 -9.13 -0.53
CA GLU Z 44 -78.14 -10.07 0.47
C GLU Z 44 -77.77 -11.40 -0.19
N VAL Z 45 -76.56 -11.91 0.09
CA VAL Z 45 -76.11 -13.16 -0.50
C VAL Z 45 -75.96 -14.25 0.55
N SER Z 46 -76.32 -15.49 0.17
CA SER Z 46 -76.26 -16.68 1.01
C SER Z 46 -75.67 -17.84 0.21
N ALA Z 47 -75.27 -18.94 0.86
CA ALA Z 47 -74.60 -20.04 0.16
C ALA Z 47 -75.54 -20.79 -0.78
N SER Z 48 -75.07 -21.06 -2.00
CA SER Z 48 -75.83 -21.69 -3.07
C SER Z 48 -76.26 -23.13 -2.73
N SER Z 49 -77.49 -23.51 -3.14
CA SER Z 49 -77.93 -24.91 -3.19
C SER Z 49 -77.45 -25.61 -4.47
N ALA Z 50 -77.86 -26.88 -4.68
CA ALA Z 50 -77.12 -27.84 -5.49
C ALA Z 50 -77.42 -27.87 -7.00
N ASP Z 51 -78.63 -27.46 -7.46
CA ASP Z 51 -79.07 -27.76 -8.82
C ASP Z 51 -79.45 -26.53 -9.67
N GLY Z 52 -78.67 -25.45 -9.56
CA GLY Z 52 -78.51 -24.49 -10.64
C GLY Z 52 -79.53 -23.35 -10.73
N GLY Z 53 -80.30 -23.09 -9.68
CA GLY Z 53 -81.14 -21.89 -9.65
C GLY Z 53 -80.52 -20.71 -8.89
N GLU Z 54 -79.26 -20.86 -8.47
CA GLU Z 54 -78.74 -20.11 -7.34
C GLU Z 54 -77.23 -19.88 -7.45
N PHE Z 55 -76.80 -18.90 -8.26
CA PHE Z 55 -75.41 -18.51 -8.26
C PHE Z 55 -75.24 -17.07 -8.74
N LEU Z 56 -74.39 -16.30 -8.04
CA LEU Z 56 -74.03 -14.95 -8.45
C LEU Z 56 -72.52 -14.74 -8.51
N GLY Z 57 -71.77 -15.45 -7.66
CA GLY Z 57 -70.32 -15.37 -7.61
C GLY Z 57 -69.78 -16.15 -6.42
N VAL Z 58 -68.51 -15.93 -6.08
CA VAL Z 58 -67.90 -16.55 -4.90
C VAL Z 58 -67.42 -15.46 -3.93
N ASN Z 59 -67.53 -15.73 -2.64
CA ASN Z 59 -67.10 -14.84 -1.57
C ASN Z 59 -65.57 -14.78 -1.51
N LEU Z 60 -64.94 -13.59 -1.47
CA LEU Z 60 -63.47 -13.49 -1.40
C LEU Z 60 -62.88 -13.96 -0.07
N TYR Z 61 -63.43 -13.49 1.06
CA TYR Z 61 -62.81 -13.62 2.36
C TYR Z 61 -63.85 -13.95 3.42
N ASP Z 62 -63.44 -14.55 4.54
CA ASP Z 62 -64.38 -15.01 5.55
C ASP Z 62 -65.17 -13.84 6.16
N VAL Z 63 -66.50 -13.99 6.28
CA VAL Z 63 -67.37 -12.96 6.86
C VAL Z 63 -68.37 -13.57 7.83
N ALA Z 64 -68.71 -12.81 8.88
CA ALA Z 64 -69.84 -13.12 9.74
C ALA Z 64 -71.16 -12.69 9.10
N SER Z 65 -72.27 -13.23 9.62
CA SER Z 65 -73.61 -12.82 9.19
C SER Z 65 -73.82 -11.31 9.36
N GLY Z 66 -74.43 -10.66 8.36
CA GLY Z 66 -74.74 -9.24 8.38
C GLY Z 66 -73.58 -8.32 7.96
N GLU Z 67 -72.36 -8.85 7.79
CA GLU Z 67 -71.23 -8.04 7.36
C GLU Z 67 -71.28 -7.73 5.86
N PRO Z 68 -70.67 -6.61 5.41
CA PRO Z 68 -70.48 -6.38 3.97
C PRO Z 68 -69.48 -7.38 3.41
N VAL Z 69 -69.76 -7.90 2.21
CA VAL Z 69 -68.97 -8.97 1.60
C VAL Z 69 -68.57 -8.61 0.17
N ALA Z 70 -67.32 -8.90 -0.21
CA ALA Z 70 -66.84 -8.75 -1.58
C ALA Z 70 -67.04 -10.07 -2.34
N LEU Z 71 -67.76 -9.99 -3.45
CA LEU Z 71 -68.14 -11.15 -4.25
C LEU Z 71 -67.45 -11.05 -5.61
N ALA Z 72 -66.71 -12.10 -5.99
CA ALA Z 72 -66.11 -12.21 -7.32
C ALA Z 72 -67.15 -12.76 -8.29
N GLY Z 73 -67.53 -11.95 -9.28
CA GLY Z 73 -68.60 -12.26 -10.22
C GLY Z 73 -68.11 -13.02 -11.46
N ASP Z 74 -68.90 -13.00 -12.53
CA ASP Z 74 -68.43 -13.47 -13.82
C ASP Z 74 -67.39 -12.51 -14.42
N ASP Z 75 -66.72 -12.96 -15.49
CA ASP Z 75 -65.50 -12.35 -16.02
C ASP Z 75 -64.30 -12.49 -15.08
N CYS Z 76 -64.39 -13.33 -14.03
CA CYS Z 76 -63.41 -13.37 -12.97
C CYS Z 76 -62.81 -14.77 -12.84
N GLU Z 77 -61.53 -14.86 -12.47
CA GLU Z 77 -60.82 -16.14 -12.39
C GLU Z 77 -60.50 -16.49 -10.95
N VAL Z 78 -60.86 -17.70 -10.54
CA VAL Z 78 -60.88 -18.06 -9.13
C VAL Z 78 -60.33 -19.47 -8.89
N ARG Z 79 -59.77 -19.67 -7.69
CA ARG Z 79 -59.44 -20.98 -7.16
C ARG Z 79 -60.64 -21.44 -6.33
N VAL Z 80 -61.21 -22.62 -6.66
CA VAL Z 80 -62.39 -23.14 -5.96
C VAL Z 80 -62.25 -24.63 -5.71
N GLU Z 81 -62.82 -25.12 -4.61
CA GLU Z 81 -62.81 -26.54 -4.31
C GLU Z 81 -63.92 -27.26 -5.07
N VAL Z 82 -63.55 -28.37 -5.74
CA VAL Z 82 -64.50 -29.23 -6.44
C VAL Z 82 -64.71 -30.51 -5.66
N SER Z 83 -65.97 -30.95 -5.54
CA SER Z 83 -66.31 -32.18 -4.83
C SER Z 83 -66.00 -33.45 -5.63
N GLU Z 84 -65.67 -33.31 -6.92
CA GLU Z 84 -65.41 -34.44 -7.81
C GLU Z 84 -64.23 -34.12 -8.71
N GLN Z 85 -63.73 -35.13 -9.43
CA GLN Z 85 -62.67 -34.91 -10.40
C GLN Z 85 -63.17 -34.05 -11.56
N VAL Z 86 -62.37 -33.06 -11.96
CA VAL Z 86 -62.65 -32.15 -13.07
C VAL Z 86 -61.39 -31.98 -13.91
N THR Z 87 -61.59 -31.57 -15.17
CA THR Z 87 -60.55 -31.42 -16.17
C THR Z 87 -60.76 -30.13 -16.92
N ALA Z 88 -59.74 -29.65 -17.65
CA ALA Z 88 -59.89 -28.46 -18.48
C ALA Z 88 -61.08 -28.61 -19.42
N ASN Z 89 -61.82 -27.50 -19.64
CA ASN Z 89 -63.05 -27.43 -20.43
C ASN Z 89 -64.29 -27.97 -19.71
N ASP Z 90 -64.21 -28.58 -18.52
CA ASP Z 90 -65.44 -28.98 -17.83
C ASP Z 90 -66.21 -27.76 -17.34
N GLU Z 91 -67.53 -27.75 -17.55
CA GLU Z 91 -68.37 -26.76 -16.91
C GLU Z 91 -68.77 -27.22 -15.51
N ILE Z 92 -68.73 -26.29 -14.56
CA ILE Z 92 -69.04 -26.56 -13.16
C ILE Z 92 -70.08 -25.56 -12.65
N LEU Z 93 -70.75 -25.93 -11.55
CA LEU Z 93 -71.69 -25.07 -10.85
C LEU Z 93 -71.75 -25.44 -9.37
N PRO Z 94 -72.39 -24.64 -8.50
CA PRO Z 94 -72.40 -24.91 -7.07
C PRO Z 94 -73.00 -26.27 -6.74
N ASP Z 95 -72.44 -26.87 -5.69
CA ASP Z 95 -72.70 -28.25 -5.35
C ASP Z 95 -73.68 -28.42 -4.18
N GLY Z 96 -74.08 -27.31 -3.53
CA GLY Z 96 -74.90 -27.36 -2.31
C GLY Z 96 -74.12 -27.69 -1.03
N LEU Z 97 -72.81 -27.90 -1.15
CA LEU Z 97 -71.94 -28.31 -0.04
C LEU Z 97 -70.75 -27.35 0.15
N GLY Z 98 -70.84 -26.12 -0.38
CA GLY Z 98 -69.74 -25.17 -0.36
C GLY Z 98 -68.71 -25.40 -1.47
N THR Z 99 -68.75 -26.57 -2.12
CA THR Z 99 -67.95 -26.95 -3.27
C THR Z 99 -68.67 -26.61 -4.58
N PHE Z 100 -67.95 -26.81 -5.68
CA PHE Z 100 -68.54 -26.92 -7.01
C PHE Z 100 -68.54 -28.39 -7.45
N GLU Z 101 -69.41 -28.71 -8.41
CA GLU Z 101 -69.41 -29.99 -9.11
C GLU Z 101 -69.64 -29.77 -10.60
N THR Z 102 -69.46 -30.81 -11.41
CA THR Z 102 -69.67 -30.63 -12.85
C THR Z 102 -71.15 -30.57 -13.20
N VAL Z 103 -71.43 -29.88 -14.30
CA VAL Z 103 -72.73 -29.88 -14.92
C VAL Z 103 -73.15 -31.32 -15.22
N ALA Z 104 -72.22 -32.12 -15.74
CA ALA Z 104 -72.43 -33.53 -16.05
C ALA Z 104 -73.00 -34.32 -14.87
N THR Z 105 -72.51 -34.07 -13.65
CA THR Z 105 -72.98 -34.77 -12.46
C THR Z 105 -74.32 -34.22 -11.96
N SER Z 106 -74.51 -32.89 -12.02
CA SER Z 106 -75.67 -32.21 -11.47
C SER Z 106 -76.96 -32.53 -12.26
N ALA Z 107 -78.11 -32.11 -11.73
CA ALA Z 107 -79.36 -32.17 -12.49
C ALA Z 107 -79.46 -31.07 -13.56
N ALA Z 108 -78.61 -30.04 -13.48
CA ALA Z 108 -78.61 -28.89 -14.39
C ALA Z 108 -77.99 -29.23 -15.74
N SER Z 109 -78.19 -28.34 -16.73
CA SER Z 109 -77.67 -28.50 -18.08
C SER Z 109 -76.69 -27.39 -18.50
N ALA Z 110 -76.44 -26.40 -17.63
CA ALA Z 110 -75.54 -25.30 -17.91
C ALA Z 110 -74.73 -24.91 -16.67
N GLY Z 111 -73.45 -24.58 -16.86
CA GLY Z 111 -72.57 -24.22 -15.76
C GLY Z 111 -72.51 -22.72 -15.50
N VAL Z 112 -71.63 -22.33 -14.56
CA VAL Z 112 -71.39 -20.92 -14.26
C VAL Z 112 -69.91 -20.59 -14.36
N ALA Z 113 -69.04 -21.62 -14.33
CA ALA Z 113 -67.61 -21.44 -14.52
C ALA Z 113 -67.05 -22.57 -15.39
N ILE Z 114 -65.98 -22.27 -16.13
CA ILE Z 114 -65.28 -23.21 -17.00
C ILE Z 114 -63.95 -23.54 -16.34
N VAL Z 115 -63.65 -24.84 -16.18
CA VAL Z 115 -62.43 -25.28 -15.52
C VAL Z 115 -61.23 -25.08 -16.45
N GLN Z 116 -60.17 -24.42 -15.94
CA GLN Z 116 -58.97 -24.11 -16.69
C GLN Z 116 -57.77 -24.95 -16.24
N GLU Z 117 -57.76 -25.36 -14.96
CA GLU Z 117 -56.81 -26.30 -14.39
C GLU Z 117 -57.59 -27.47 -13.80
N GLY Z 118 -57.33 -28.70 -14.26
CA GLY Z 118 -57.97 -29.90 -13.72
C GLY Z 118 -57.62 -30.15 -12.25
N ALA Z 119 -58.49 -30.88 -11.54
CA ALA Z 119 -58.29 -31.21 -10.14
C ALA Z 119 -58.97 -32.53 -9.76
N ALA Z 120 -58.44 -33.21 -8.74
CA ALA Z 120 -59.07 -34.40 -8.17
C ALA Z 120 -60.22 -34.03 -7.22
N SER Z 121 -61.08 -35.00 -6.87
CA SER Z 121 -62.15 -34.80 -5.90
C SER Z 121 -61.59 -34.23 -4.59
N GLY Z 122 -62.24 -33.17 -4.08
CA GLY Z 122 -61.86 -32.53 -2.83
C GLY Z 122 -60.68 -31.56 -2.94
N GLU Z 123 -60.12 -31.39 -4.14
CA GLU Z 123 -59.00 -30.46 -4.35
C GLU Z 123 -59.48 -29.13 -4.96
N VAL Z 124 -58.54 -28.19 -5.03
CA VAL Z 124 -58.77 -26.86 -5.60
C VAL Z 124 -58.43 -26.87 -7.10
N CYS Z 125 -59.41 -26.48 -7.93
CA CYS Z 125 -59.19 -26.22 -9.35
C CYS Z 125 -59.10 -24.71 -9.60
N GLU Z 126 -58.71 -24.33 -10.83
CA GLU Z 126 -58.76 -22.94 -11.25
C GLU Z 126 -59.83 -22.82 -12.33
N ALA Z 127 -60.75 -21.85 -12.18
CA ALA Z 127 -61.90 -21.72 -13.08
C ALA Z 127 -62.17 -20.26 -13.47
N TYR Z 128 -62.74 -20.05 -14.65
CA TYR Z 128 -63.18 -18.73 -15.11
C TYR Z 128 -64.71 -18.67 -15.00
N ILE Z 129 -65.23 -17.78 -14.14
CA ILE Z 129 -66.66 -17.60 -13.97
C ILE Z 129 -67.18 -16.81 -15.17
N PHE Z 130 -68.25 -17.31 -15.80
CA PHE Z 130 -68.73 -16.72 -17.05
C PHE Z 130 -70.25 -16.48 -17.06
N ALA Z 131 -70.99 -17.00 -16.07
CA ALA Z 131 -72.44 -16.85 -16.04
C ALA Z 131 -72.95 -16.75 -14.60
N VAL Z 132 -74.22 -16.33 -14.45
CA VAL Z 132 -74.94 -16.33 -13.18
C VAL Z 132 -76.27 -17.06 -13.38
N GLN Z 133 -76.88 -17.53 -12.29
CA GLN Z 133 -78.12 -18.29 -12.36
C GLN Z 133 -79.08 -17.81 -11.28
N GLY Z 134 -80.34 -17.62 -11.66
CA GLY Z 134 -81.40 -17.28 -10.73
C GLY Z 134 -82.64 -18.14 -10.92
N THR Z 135 -83.73 -17.66 -10.31
CA THR Z 135 -85.01 -18.33 -10.34
C THR Z 135 -85.64 -18.17 -11.72
N THR Z 136 -85.68 -19.27 -12.49
CA THR Z 136 -86.40 -19.32 -13.75
C THR Z 136 -87.82 -19.85 -13.58
N ALA Z 137 -88.12 -20.43 -12.39
CA ALA Z 137 -89.15 -21.45 -12.22
C ALA Z 137 -88.99 -22.58 -13.26
N ALA AA 2 -57.98 -13.47 -42.60
CA ALA AA 2 -59.03 -12.44 -42.85
C ALA AA 2 -58.37 -11.17 -43.35
N THR AA 3 -58.79 -10.69 -44.54
CA THR AA 3 -58.00 -9.75 -45.34
C THR AA 3 -58.86 -8.68 -46.03
N GLU AA 4 -58.46 -7.40 -45.90
CA GLU AA 4 -58.88 -6.33 -46.81
C GLU AA 4 -57.98 -6.36 -48.05
N THR AA 5 -58.54 -6.02 -49.23
CA THR AA 5 -57.73 -5.77 -50.42
C THR AA 5 -57.78 -4.29 -50.77
N GLN AA 6 -56.60 -3.70 -51.04
CA GLN AA 6 -56.47 -2.27 -51.37
C GLN AA 6 -55.45 -2.13 -52.50
N GLY AA 7 -55.91 -2.20 -53.75
CA GLY AA 7 -55.01 -2.21 -54.91
C GLY AA 7 -54.26 -3.53 -55.02
N GLU AA 8 -52.92 -3.47 -55.13
CA GLU AA 8 -52.08 -4.66 -55.12
C GLU AA 8 -52.11 -5.37 -53.77
N HIS AA 9 -52.39 -4.59 -52.71
CA HIS AA 9 -52.05 -4.95 -51.34
C HIS AA 9 -53.18 -5.76 -50.68
N THR AA 10 -52.75 -6.77 -49.91
CA THR AA 10 -53.61 -7.43 -48.94
C THR AA 10 -53.20 -6.99 -47.54
N PHE AA 11 -54.17 -6.50 -46.77
CA PHE AA 11 -53.95 -6.09 -45.38
C PHE AA 11 -54.70 -7.03 -44.45
N PRO AA 12 -54.05 -7.61 -43.41
CA PRO AA 12 -54.77 -8.36 -42.39
C PRO AA 12 -55.71 -7.44 -41.62
N VAL AA 13 -56.92 -7.93 -41.31
CA VAL AA 13 -57.87 -7.16 -40.50
C VAL AA 13 -57.46 -7.19 -39.03
N GLU AA 14 -57.66 -6.07 -38.33
CA GLU AA 14 -57.47 -6.01 -36.88
C GLU AA 14 -58.61 -6.79 -36.22
N VAL AA 15 -58.31 -7.96 -35.64
CA VAL AA 15 -59.32 -8.89 -35.15
C VAL AA 15 -60.18 -8.27 -34.04
N LEU AA 16 -59.55 -7.62 -33.07
CA LEU AA 16 -60.24 -7.14 -31.88
C LEU AA 16 -60.74 -5.71 -32.09
N ILE AA 17 -62.07 -5.53 -32.19
CA ILE AA 17 -62.72 -4.23 -32.36
C ILE AA 17 -62.75 -3.46 -31.03
N SER AA 18 -63.20 -4.12 -29.96
CA SER AA 18 -63.34 -3.48 -28.65
C SER AA 18 -63.31 -4.55 -27.56
N GLY AA 19 -63.07 -4.11 -26.32
CA GLY AA 19 -63.04 -5.00 -25.16
C GLY AA 19 -61.69 -5.02 -24.46
N GLU AA 20 -61.75 -5.27 -23.14
CA GLU AA 20 -60.58 -5.34 -22.28
C GLU AA 20 -60.28 -6.80 -21.87
N GLU AA 21 -61.11 -7.76 -22.27
CA GLU AA 21 -61.02 -9.16 -21.82
C GLU AA 21 -59.97 -9.94 -22.61
N LEU AA 22 -58.70 -9.50 -22.52
CA LEU AA 22 -57.57 -10.22 -23.08
C LEU AA 22 -56.91 -11.08 -22.00
N ARG AA 23 -56.63 -12.35 -22.34
CA ARG AA 23 -55.98 -13.30 -21.45
C ARG AA 23 -55.01 -14.19 -22.23
N GLY AA 24 -53.94 -14.67 -21.58
CA GLY AA 24 -52.90 -15.45 -22.25
C GLY AA 24 -52.95 -16.95 -21.92
N TYR AA 25 -52.73 -17.81 -22.93
CA TYR AA 25 -52.78 -19.27 -22.79
C TYR AA 25 -51.66 -19.92 -23.59
N THR AA 26 -51.35 -21.21 -23.36
CA THR AA 26 -50.40 -21.92 -24.21
C THR AA 26 -51.10 -22.46 -25.45
N ALA AA 27 -50.45 -22.38 -26.62
CA ALA AA 27 -50.92 -23.01 -27.84
C ALA AA 27 -50.77 -24.54 -27.74
N GLY AA 28 -51.88 -25.28 -27.85
CA GLY AA 28 -51.86 -26.74 -27.91
C GLY AA 28 -51.50 -27.30 -29.29
N GLU AA 29 -51.50 -26.41 -30.30
CA GLU AA 29 -51.20 -26.71 -31.70
C GLU AA 29 -50.91 -25.38 -32.41
N ALA AA 30 -50.41 -25.41 -33.64
CA ALA AA 30 -50.28 -24.18 -34.42
C ALA AA 30 -51.66 -23.58 -34.73
N LEU AA 31 -51.82 -22.27 -34.49
CA LEU AA 31 -53.06 -21.53 -34.65
C LEU AA 31 -52.80 -20.23 -35.38
N SER AA 32 -53.83 -19.68 -36.02
CA SER AA 32 -53.74 -18.44 -36.79
C SER AA 32 -54.76 -17.40 -36.33
N ALA AA 33 -54.44 -16.12 -36.56
CA ALA AA 33 -55.23 -14.99 -36.09
C ALA AA 33 -56.70 -15.11 -36.52
N GLY AA 34 -57.61 -14.95 -35.55
CA GLY AA 34 -59.05 -14.97 -35.77
C GLY AA 34 -59.68 -16.36 -35.65
N GLU AA 35 -58.91 -17.42 -35.40
CA GLU AA 35 -59.51 -18.73 -35.18
C GLU AA 35 -60.20 -18.80 -33.82
N PRO AA 36 -61.40 -19.41 -33.71
CA PRO AA 36 -61.99 -19.74 -32.42
C PRO AA 36 -61.26 -20.94 -31.79
N VAL AA 37 -61.10 -20.88 -30.46
CA VAL AA 37 -60.37 -21.90 -29.71
C VAL AA 37 -61.12 -22.28 -28.44
N TYR AA 38 -60.73 -23.41 -27.85
CA TYR AA 38 -61.28 -23.94 -26.61
C TYR AA 38 -60.14 -24.51 -25.75
N LEU AA 39 -60.41 -24.79 -24.46
CA LEU AA 39 -59.40 -25.38 -23.58
C LEU AA 39 -59.17 -26.85 -23.94
N SER AA 40 -58.02 -27.12 -24.57
CA SER AA 40 -57.58 -28.47 -24.89
C SER AA 40 -56.81 -29.13 -23.74
N GLY AA 41 -56.33 -28.32 -22.78
CA GLY AA 41 -55.62 -28.80 -21.61
C GLY AA 41 -55.45 -27.71 -20.56
N ASP AA 42 -54.69 -28.00 -19.51
CA ASP AA 42 -54.50 -27.06 -18.40
C ASP AA 42 -53.83 -25.77 -18.88
N TYR AA 43 -54.58 -24.65 -18.90
CA TYR AA 43 -54.21 -23.38 -19.52
C TYR AA 43 -53.69 -23.52 -20.95
N GLU AA 44 -54.24 -24.47 -21.71
CA GLU AA 44 -53.79 -24.74 -23.08
C GLU AA 44 -55.00 -24.74 -24.00
N VAL AA 45 -54.87 -24.09 -25.17
CA VAL AA 45 -55.99 -23.94 -26.09
C VAL AA 45 -55.65 -24.48 -27.47
N SER AA 46 -56.68 -25.01 -28.16
CA SER AA 46 -56.60 -25.56 -29.50
C SER AA 46 -57.85 -25.15 -30.29
N ALA AA 47 -57.82 -25.31 -31.62
CA ALA AA 47 -58.92 -24.87 -32.48
C ALA AA 47 -60.23 -25.60 -32.15
N SER AA 48 -61.32 -24.85 -32.02
CA SER AA 48 -62.64 -25.38 -31.74
C SER AA 48 -63.13 -26.31 -32.84
N SER AA 49 -63.73 -27.45 -32.47
CA SER AA 49 -64.52 -28.25 -33.40
C SER AA 49 -65.95 -27.70 -33.56
N ALA AA 50 -66.72 -28.28 -34.48
CA ALA AA 50 -68.10 -27.88 -34.74
C ALA AA 50 -69.07 -28.30 -33.63
N ASP AA 51 -70.31 -27.77 -33.68
CA ASP AA 51 -71.46 -28.20 -32.88
C ASP AA 51 -71.31 -27.97 -31.37
N GLY AA 52 -70.53 -26.96 -30.97
CA GLY AA 52 -70.58 -26.43 -29.61
C GLY AA 52 -69.81 -27.23 -28.55
N GLY AA 53 -69.91 -26.77 -27.30
CA GLY AA 53 -69.19 -27.34 -26.16
C GLY AA 53 -67.69 -27.03 -26.14
N GLU AA 54 -67.22 -26.21 -27.10
CA GLU AA 54 -65.81 -25.94 -27.29
C GLU AA 54 -65.60 -24.50 -27.75
N PHE AA 55 -65.62 -23.55 -26.81
CA PHE AA 55 -65.26 -22.19 -27.15
C PHE AA 55 -64.87 -21.39 -25.90
N LEU AA 56 -63.73 -20.70 -25.97
CA LEU AA 56 -63.25 -19.83 -24.89
C LEU AA 56 -63.03 -18.40 -25.38
N GLY AA 57 -62.69 -18.24 -26.66
CA GLY AA 57 -62.35 -16.96 -27.26
C GLY AA 57 -61.77 -17.14 -28.66
N VAL AA 58 -61.31 -16.05 -29.28
CA VAL AA 58 -60.62 -16.10 -30.55
C VAL AA 58 -59.14 -15.75 -30.37
N ASN AA 59 -58.27 -16.48 -31.06
CA ASN AA 59 -56.84 -16.22 -31.11
C ASN AA 59 -56.56 -14.87 -31.79
N LEU AA 60 -55.64 -14.06 -31.24
CA LEU AA 60 -55.34 -12.74 -31.80
C LEU AA 60 -54.11 -12.70 -32.71
N TYR AA 61 -53.23 -13.71 -32.67
CA TYR AA 61 -52.05 -13.73 -33.52
C TYR AA 61 -51.57 -15.16 -33.84
N ASP AA 62 -50.87 -15.31 -34.98
CA ASP AA 62 -50.36 -16.59 -35.44
C ASP AA 62 -49.28 -17.14 -34.50
N VAL AA 63 -49.37 -18.44 -34.21
CA VAL AA 63 -48.46 -19.12 -33.30
C VAL AA 63 -48.11 -20.52 -33.80
N ALA AA 64 -46.91 -20.97 -33.44
CA ALA AA 64 -46.55 -22.38 -33.46
C ALA AA 64 -47.06 -23.06 -32.17
N SER AA 65 -47.13 -24.40 -32.17
CA SER AA 65 -47.45 -25.18 -30.98
C SER AA 65 -46.50 -24.85 -29.82
N GLY AA 66 -47.04 -24.72 -28.60
CA GLY AA 66 -46.26 -24.47 -27.39
C GLY AA 66 -45.90 -23.00 -27.14
N GLU AA 67 -46.29 -22.09 -28.03
CA GLU AA 67 -46.11 -20.65 -27.83
C GLU AA 67 -47.22 -20.04 -26.96
N PRO AA 68 -46.99 -18.87 -26.32
CA PRO AA 68 -48.08 -18.13 -25.69
C PRO AA 68 -48.99 -17.45 -26.69
N VAL AA 69 -50.31 -17.57 -26.43
CA VAL AA 69 -51.42 -17.08 -27.24
C VAL AA 69 -52.16 -16.00 -26.47
N ALA AA 70 -52.50 -14.88 -27.13
CA ALA AA 70 -53.45 -13.92 -26.58
C ALA AA 70 -54.85 -14.22 -27.14
N LEU AA 71 -55.87 -14.32 -26.26
CA LEU AA 71 -57.27 -14.47 -26.69
C LEU AA 71 -58.06 -13.20 -26.44
N ALA AA 72 -58.99 -12.89 -27.34
CA ALA AA 72 -60.14 -12.08 -27.00
C ALA AA 72 -61.23 -13.01 -26.45
N GLY AA 73 -61.64 -12.80 -25.19
CA GLY AA 73 -62.72 -13.57 -24.59
C GLY AA 73 -64.09 -12.94 -24.80
N ASP AA 74 -65.11 -13.45 -24.08
CA ASP AA 74 -66.39 -12.77 -24.02
C ASP AA 74 -66.26 -11.37 -23.43
N ASP AA 75 -67.25 -10.51 -23.70
CA ASP AA 75 -67.20 -9.06 -23.52
C ASP AA 75 -66.41 -8.33 -24.64
N CYS AA 76 -65.77 -9.06 -25.58
CA CYS AA 76 -65.11 -8.44 -26.73
C CYS AA 76 -66.02 -8.35 -27.96
N GLU AA 77 -65.77 -7.33 -28.79
CA GLU AA 77 -66.29 -7.27 -30.16
C GLU AA 77 -65.16 -7.62 -31.14
N VAL AA 78 -65.46 -8.46 -32.14
CA VAL AA 78 -64.44 -9.04 -33.01
C VAL AA 78 -64.86 -9.05 -34.48
N ARG AA 79 -63.87 -8.92 -35.37
CA ARG AA 79 -63.96 -9.18 -36.79
C ARG AA 79 -63.59 -10.65 -37.05
N VAL AA 80 -64.55 -11.45 -37.55
CA VAL AA 80 -64.36 -12.89 -37.72
C VAL AA 80 -64.91 -13.35 -39.07
N GLU AA 81 -64.27 -14.34 -39.69
CA GLU AA 81 -64.76 -14.89 -40.94
C GLU AA 81 -65.91 -15.88 -40.69
N VAL AA 82 -66.95 -15.79 -41.52
CA VAL AA 82 -68.08 -16.69 -41.47
C VAL AA 82 -68.09 -17.60 -42.70
N SER AA 83 -68.51 -18.86 -42.53
CA SER AA 83 -68.58 -19.83 -43.62
C SER AA 83 -69.89 -19.75 -44.42
N GLU AA 84 -70.89 -19.02 -43.92
CA GLU AA 84 -72.20 -18.90 -44.55
C GLU AA 84 -72.70 -17.48 -44.41
N GLN AA 85 -73.77 -17.11 -45.13
CA GLN AA 85 -74.41 -15.82 -44.92
C GLN AA 85 -74.94 -15.69 -43.49
N VAL AA 86 -74.59 -14.57 -42.85
CA VAL AA 86 -75.08 -14.18 -41.53
C VAL AA 86 -75.68 -12.78 -41.59
N THR AA 87 -76.61 -12.51 -40.67
CA THR AA 87 -77.36 -11.26 -40.60
C THR AA 87 -77.35 -10.75 -39.17
N ALA AA 88 -77.64 -9.47 -38.94
CA ALA AA 88 -77.67 -8.94 -37.59
C ALA AA 88 -78.66 -9.72 -36.71
N ASN AA 89 -78.31 -9.87 -35.41
CA ASN AA 89 -79.02 -10.66 -34.42
C ASN AA 89 -78.81 -12.18 -34.54
N ASP AA 90 -78.21 -12.71 -35.61
CA ASP AA 90 -77.91 -14.14 -35.64
C ASP AA 90 -76.91 -14.50 -34.53
N GLU AA 91 -77.22 -15.56 -33.78
CA GLU AA 91 -76.20 -16.18 -32.94
C GLU AA 91 -75.30 -17.07 -33.79
N ILE AA 92 -74.00 -17.00 -33.52
CA ILE AA 92 -73.00 -17.75 -34.26
C ILE AA 92 -72.12 -18.56 -33.29
N LEU AA 93 -71.43 -19.53 -33.89
CA LEU AA 93 -70.79 -20.62 -33.18
C LEU AA 93 -69.55 -21.04 -33.96
N PRO AA 94 -68.48 -21.58 -33.33
CA PRO AA 94 -67.36 -22.12 -34.08
C PRO AA 94 -67.80 -23.23 -35.02
N ASP AA 95 -67.16 -23.27 -36.17
CA ASP AA 95 -67.60 -24.06 -37.31
C ASP AA 95 -66.80 -25.35 -37.51
N GLY AA 96 -65.70 -25.52 -36.75
CA GLY AA 96 -64.76 -26.63 -36.95
C GLY AA 96 -63.76 -26.43 -38.09
N LEU AA 97 -63.85 -25.29 -38.80
CA LEU AA 97 -63.09 -25.00 -40.02
C LEU AA 97 -62.25 -23.71 -39.90
N GLY AA 98 -62.11 -23.16 -38.68
CA GLY AA 98 -61.49 -21.84 -38.49
C GLY AA 98 -62.50 -20.69 -38.57
N THR AA 99 -63.61 -20.90 -39.29
CA THR AA 99 -64.72 -19.95 -39.40
C THR AA 99 -65.68 -20.05 -38.22
N PHE AA 100 -66.64 -19.12 -38.18
CA PHE AA 100 -67.90 -19.30 -37.48
C PHE AA 100 -69.02 -19.65 -38.45
N GLU AA 101 -70.11 -20.23 -37.91
CA GLU AA 101 -71.37 -20.44 -38.63
C GLU AA 101 -72.53 -20.09 -37.69
N THR AA 102 -73.77 -20.05 -38.21
CA THR AA 102 -74.89 -19.76 -37.32
C THR AA 102 -75.25 -20.96 -36.45
N VAL AA 103 -75.81 -20.66 -35.29
CA VAL AA 103 -76.45 -21.66 -34.45
C VAL AA 103 -77.51 -22.41 -35.25
N ALA AA 104 -78.27 -21.69 -36.08
CA ALA AA 104 -79.32 -22.24 -36.93
C ALA AA 104 -78.80 -23.35 -37.85
N THR AA 105 -77.57 -23.22 -38.38
CA THR AA 105 -76.96 -24.22 -39.23
C THR AA 105 -76.36 -25.38 -38.44
N SER AA 106 -75.78 -25.07 -37.27
CA SER AA 106 -75.15 -26.07 -36.40
C SER AA 106 -76.17 -27.03 -35.79
N ALA AA 107 -75.68 -28.13 -35.19
CA ALA AA 107 -76.52 -29.03 -34.40
C ALA AA 107 -76.82 -28.49 -32.99
N ALA AA 108 -76.09 -27.45 -32.55
CA ALA AA 108 -76.24 -26.84 -31.24
C ALA AA 108 -77.49 -25.95 -31.14
N SER AA 109 -77.86 -25.61 -29.90
CA SER AA 109 -79.06 -24.80 -29.61
C SER AA 109 -78.73 -23.37 -29.13
N ALA AA 110 -77.45 -23.07 -28.86
CA ALA AA 110 -77.03 -21.78 -28.32
C ALA AA 110 -75.68 -21.35 -28.91
N GLY AA 111 -75.48 -20.03 -29.06
CA GLY AA 111 -74.27 -19.49 -29.66
C GLY AA 111 -73.28 -18.97 -28.63
N VAL AA 112 -72.19 -18.36 -29.14
CA VAL AA 112 -71.15 -17.75 -28.32
C VAL AA 112 -70.95 -16.28 -28.68
N ALA AA 113 -71.31 -15.90 -29.90
CA ALA AA 113 -71.26 -14.51 -30.32
C ALA AA 113 -72.53 -14.18 -31.09
N ILE AA 114 -72.89 -12.90 -31.09
CA ILE AA 114 -74.05 -12.40 -31.81
C ILE AA 114 -73.57 -11.45 -32.91
N VAL AA 115 -74.13 -11.61 -34.10
CA VAL AA 115 -73.72 -10.83 -35.27
C VAL AA 115 -74.29 -9.43 -35.16
N GLN AA 116 -73.40 -8.43 -35.21
CA GLN AA 116 -73.80 -7.03 -35.24
C GLN AA 116 -73.86 -6.49 -36.67
N GLU AA 117 -73.16 -7.15 -37.59
CA GLU AA 117 -72.95 -6.68 -38.95
C GLU AA 117 -72.94 -7.89 -39.88
N GLY AA 118 -73.98 -8.01 -40.71
CA GLY AA 118 -74.17 -9.15 -41.59
C GLY AA 118 -73.06 -9.27 -42.64
N ALA AA 119 -72.85 -10.49 -43.14
CA ALA AA 119 -71.76 -10.81 -44.05
C ALA AA 119 -72.14 -12.04 -44.89
N ALA AA 120 -71.61 -12.14 -46.12
CA ALA AA 120 -71.79 -13.32 -46.95
C ALA AA 120 -70.75 -14.41 -46.60
N SER AA 121 -70.95 -15.62 -47.14
CA SER AA 121 -69.99 -16.71 -47.00
C SER AA 121 -68.58 -16.28 -47.40
N GLY AA 122 -67.61 -16.50 -46.49
CA GLY AA 122 -66.21 -16.17 -46.70
C GLY AA 122 -65.82 -14.72 -46.36
N GLU AA 123 -66.79 -13.87 -45.99
CA GLU AA 123 -66.54 -12.48 -45.66
C GLU AA 123 -66.29 -12.28 -44.16
N VAL AA 124 -65.77 -11.09 -43.80
CA VAL AA 124 -65.54 -10.70 -42.41
C VAL AA 124 -66.81 -10.07 -41.84
N CYS AA 125 -67.37 -10.73 -40.84
CA CYS AA 125 -68.46 -10.27 -40.00
C CYS AA 125 -67.91 -9.42 -38.83
N GLU AA 126 -68.73 -8.52 -38.25
CA GLU AA 126 -68.46 -7.96 -36.93
C GLU AA 126 -69.46 -8.53 -35.91
N ALA AA 127 -68.95 -9.08 -34.80
CA ALA AA 127 -69.76 -9.80 -33.82
C ALA AA 127 -69.32 -9.52 -32.38
N TYR AA 128 -70.24 -9.66 -31.41
CA TYR AA 128 -69.93 -9.51 -30.00
C TYR AA 128 -69.93 -10.87 -29.32
N ILE AA 129 -68.81 -11.24 -28.66
CA ILE AA 129 -68.69 -12.50 -27.95
C ILE AA 129 -69.31 -12.33 -26.57
N PHE AA 130 -70.33 -13.14 -26.27
CA PHE AA 130 -71.10 -12.98 -25.05
C PHE AA 130 -71.04 -14.19 -24.11
N ALA AA 131 -70.49 -15.31 -24.56
CA ALA AA 131 -70.49 -16.55 -23.79
C ALA AA 131 -69.30 -17.44 -24.14
N VAL AA 132 -69.02 -18.41 -23.26
CA VAL AA 132 -68.09 -19.50 -23.50
C VAL AA 132 -68.84 -20.82 -23.41
N GLN AA 133 -68.33 -21.88 -24.05
CA GLN AA 133 -68.95 -23.18 -23.98
C GLN AA 133 -67.90 -24.24 -23.63
N GLY AA 134 -68.25 -25.10 -22.68
CA GLY AA 134 -67.41 -26.21 -22.27
C GLY AA 134 -68.17 -27.54 -22.29
N THR AA 135 -67.49 -28.57 -21.78
CA THR AA 135 -68.04 -29.89 -21.62
C THR AA 135 -69.14 -29.88 -20.55
N THR AA 136 -70.40 -29.96 -21.00
CA THR AA 136 -71.52 -30.16 -20.08
C THR AA 136 -71.87 -31.64 -19.90
N ALA AA 137 -71.38 -32.50 -20.82
CA ALA AA 137 -72.01 -33.78 -21.17
C ALA AA 137 -73.53 -33.61 -21.38
N PHE BA 101 -65.53 18.62 92.03
CA PHE BA 101 -64.59 19.54 92.75
C PHE BA 101 -63.84 20.41 91.74
N ALA BA 102 -64.14 21.71 91.75
CA ALA BA 102 -63.28 22.74 91.17
C ALA BA 102 -62.71 22.33 89.81
N ALA BA 103 -61.38 22.47 89.63
CA ALA BA 103 -60.62 21.94 88.51
C ALA BA 103 -59.19 21.73 88.99
N SER BA 104 -58.70 20.49 88.85
CA SER BA 104 -57.44 20.04 89.43
C SER BA 104 -56.77 19.04 88.49
N ASP BA 105 -55.44 18.85 88.61
CA ASP BA 105 -54.67 18.01 87.70
C ASP BA 105 -55.28 16.62 87.50
N PRO BA 106 -55.60 15.84 88.55
CA PRO BA 106 -56.01 14.44 88.38
C PRO BA 106 -57.26 14.25 87.53
N GLU BA 107 -58.03 15.32 87.29
CA GLU BA 107 -59.21 15.28 86.45
C GLU BA 107 -58.89 15.46 84.97
N TYR BA 108 -57.87 16.29 84.67
CA TYR BA 108 -57.64 16.81 83.33
C TYR BA 108 -56.23 16.54 82.80
N VAL BA 109 -55.53 15.54 83.37
CA VAL BA 109 -54.20 15.07 82.99
C VAL BA 109 -54.05 14.82 81.49
N ASP BA 110 -55.17 14.51 80.82
CA ASP BA 110 -55.18 14.10 79.42
C ASP BA 110 -56.21 14.88 78.59
N THR BA 111 -56.74 16.00 79.11
CA THR BA 111 -57.71 16.81 78.39
C THR BA 111 -57.22 18.25 78.24
N LEU BA 112 -56.74 18.89 79.32
CA LEU BA 112 -56.32 20.29 79.27
C LEU BA 112 -54.81 20.44 79.17
N PHE BA 113 -54.10 19.38 79.49
CA PHE BA 113 -52.65 19.29 79.36
C PHE BA 113 -52.29 17.83 79.16
N ARG BA 114 -51.00 17.57 78.99
CA ARG BA 114 -50.46 16.26 78.65
C ARG BA 114 -49.17 16.10 79.49
N GLU BA 115 -49.02 14.97 80.21
CA GLU BA 115 -47.90 14.75 81.14
C GLU BA 115 -46.54 15.00 80.46
N GLN BA 116 -45.60 15.62 81.20
CA GLN BA 116 -44.25 15.80 80.68
C GLN BA 116 -43.57 14.45 80.44
N LEU BA 117 -42.89 14.34 79.29
CA LEU BA 117 -41.95 13.26 79.05
C LEU BA 117 -40.56 13.89 78.95
N LEU BA 118 -39.61 13.42 79.77
CA LEU BA 118 -38.26 13.97 79.75
C LEU BA 118 -37.58 13.66 78.41
N GLU BA 119 -36.99 14.67 77.76
CA GLU BA 119 -36.42 14.52 76.42
C GLU BA 119 -35.09 13.77 76.41
N VAL BA 120 -34.59 13.36 77.58
CA VAL BA 120 -33.36 12.56 77.73
C VAL BA 120 -33.77 11.13 78.07
N VAL BA 121 -33.25 10.15 77.30
CA VAL BA 121 -33.48 8.74 77.60
C VAL BA 121 -32.26 8.16 78.34
N MET BA 122 -32.53 7.48 79.46
CA MET BA 122 -31.49 6.99 80.36
C MET BA 122 -30.93 5.67 79.81
N GLU BA 123 -29.60 5.56 79.74
CA GLU BA 123 -28.92 4.64 78.82
C GLU BA 123 -29.01 3.16 79.19
N GLY BA 124 -29.13 2.85 80.49
CA GLY BA 124 -29.00 1.45 80.93
C GLY BA 124 -27.56 0.93 80.88
N ARG BA 125 -27.40 -0.38 81.08
CA ARG BA 125 -26.10 -1.01 81.31
C ARG BA 125 -25.23 -0.98 80.05
N GLU BA 126 -23.99 -0.46 80.17
CA GLU BA 126 -22.99 -0.50 79.10
C GLU BA 126 -21.76 -1.30 79.53
N LEU BA 127 -21.35 -2.29 78.72
CA LEU BA 127 -20.17 -3.09 79.02
C LEU BA 127 -18.90 -2.37 78.57
N ARG BA 128 -17.79 -2.69 79.25
CA ARG BA 128 -16.47 -2.15 78.93
C ARG BA 128 -15.94 -2.77 77.63
N LYS BA 129 -15.33 -1.93 76.78
CA LYS BA 129 -14.86 -2.29 75.46
C LYS BA 129 -13.37 -1.95 75.34
N VAL BA 130 -12.51 -2.98 75.18
CA VAL BA 130 -11.06 -2.82 75.24
C VAL BA 130 -10.31 -3.52 74.12
N ALA BA 131 -10.88 -4.56 73.50
CA ALA BA 131 -10.17 -5.49 72.63
C ALA BA 131 -9.35 -4.84 71.50
N ARG BA 132 -9.83 -3.73 70.92
CA ARG BA 132 -9.16 -3.04 69.82
C ARG BA 132 -7.88 -2.33 70.28
N GLU BA 133 -7.87 -1.88 71.53
CA GLU BA 133 -6.72 -1.24 72.17
C GLU BA 133 -5.82 -2.29 72.83
N ALA BA 134 -6.40 -3.35 73.38
CA ALA BA 134 -5.75 -4.35 74.23
C ALA BA 134 -5.20 -5.55 73.45
N SER BA 135 -5.29 -5.57 72.11
CA SER BA 135 -4.75 -6.63 71.27
C SER BA 135 -4.27 -6.07 69.93
N ASN BA 136 -3.44 -6.83 69.21
CA ASN BA 136 -3.07 -6.45 67.86
C ASN BA 136 -4.24 -6.70 66.90
N VAL BA 137 -4.72 -5.68 66.17
CA VAL BA 137 -5.80 -5.89 65.22
C VAL BA 137 -5.23 -6.13 63.82
N ILE BA 138 -5.59 -7.26 63.21
CA ILE BA 138 -5.24 -7.60 61.84
C ILE BA 138 -6.49 -7.48 60.97
N ASN BA 139 -6.44 -6.65 59.93
CA ASN BA 139 -7.50 -6.64 58.93
C ASN BA 139 -7.16 -7.64 57.83
N ALA BA 140 -7.69 -8.87 57.96
CA ALA BA 140 -7.43 -9.96 57.02
C ALA BA 140 -8.26 -9.81 55.75
N ASN BA 141 -7.71 -10.32 54.63
CA ASN BA 141 -8.39 -10.31 53.34
C ASN BA 141 -9.05 -11.64 52.99
N THR BA 142 -8.97 -12.63 53.88
CA THR BA 142 -9.69 -13.90 53.74
C THR BA 142 -10.29 -14.30 55.09
N ARG BA 143 -11.51 -14.84 55.06
CA ARG BA 143 -12.22 -15.25 56.26
C ARG BA 143 -11.48 -16.37 57.00
N VAL BA 144 -10.71 -17.18 56.27
CA VAL BA 144 -9.90 -18.25 56.81
C VAL BA 144 -8.46 -18.05 56.34
N GLY BA 145 -7.48 -18.45 57.15
CA GLY BA 145 -6.07 -18.29 56.82
C GLY BA 145 -5.15 -18.90 57.88
N ASP BA 146 -3.83 -18.70 57.71
CA ASP BA 146 -2.78 -19.34 58.47
C ASP BA 146 -1.62 -18.34 58.70
N VAL BA 147 -1.57 -17.66 59.85
CA VAL BA 147 -0.44 -16.76 60.08
C VAL BA 147 0.85 -17.56 60.32
N PRO BA 148 1.96 -17.32 59.57
CA PRO BA 148 3.23 -18.03 59.81
C PRO BA 148 3.92 -17.63 61.11
N ILE BA 149 4.43 -18.64 61.81
CA ILE BA 149 5.15 -18.46 63.07
C ILE BA 149 6.52 -19.10 62.97
N ALA BA 150 7.57 -18.31 63.31
CA ALA BA 150 8.94 -18.80 63.35
C ALA BA 150 9.24 -19.53 64.66
N SER BA 151 10.13 -20.52 64.55
CA SER BA 151 10.71 -21.22 65.70
C SER BA 151 11.52 -20.29 66.61
N ASP BA 152 11.64 -20.70 67.87
CA ASP BA 152 12.39 -19.99 68.90
C ASP BA 152 13.87 -19.81 68.54
N GLU BA 153 14.50 -18.80 69.15
CA GLU BA 153 15.95 -18.69 69.17
C GLU BA 153 16.59 -19.92 69.83
N GLU BA 154 17.68 -20.39 69.21
CA GLU BA 154 18.52 -21.46 69.74
C GLU BA 154 19.94 -20.95 70.02
N PHE BA 155 20.86 -21.89 70.23
CA PHE BA 155 22.27 -21.62 70.47
C PHE BA 155 23.14 -22.23 69.37
N ALA BA 156 24.18 -21.48 68.96
CA ALA BA 156 25.27 -21.99 68.15
C ALA BA 156 25.99 -23.13 68.88
N ARG BA 157 26.84 -23.91 68.19
CA ARG BA 157 27.53 -25.04 68.82
C ARG BA 157 29.06 -24.90 68.73
N PRO BA 158 29.83 -25.43 69.72
CA PRO BA 158 31.28 -25.57 69.62
C PRO BA 158 31.66 -26.38 68.37
N THR BA 159 32.66 -25.88 67.63
CA THR BA 159 32.99 -26.40 66.31
C THR BA 159 34.50 -26.54 66.18
N GLY BA 160 34.97 -27.66 65.60
CA GLY BA 160 36.37 -27.85 65.29
C GLY BA 160 36.84 -26.91 64.18
N GLN BA 161 38.13 -26.57 64.18
CA GLN BA 161 38.69 -25.70 63.15
C GLN BA 161 38.78 -26.44 61.81
N GLY BA 162 38.21 -25.87 60.74
CA GLY BA 162 38.12 -26.54 59.46
C GLY BA 162 36.95 -27.54 59.34
N ALA BA 163 36.15 -27.71 60.40
CA ALA BA 163 35.02 -28.63 60.36
C ALA BA 163 33.83 -28.04 59.60
N GLU BA 164 33.04 -28.91 58.97
CA GLU BA 164 31.77 -28.53 58.34
C GLU BA 164 30.82 -27.91 59.37
N ILE BA 165 30.42 -26.65 59.11
CA ILE BA 165 29.32 -26.02 59.82
C ILE BA 165 28.02 -26.79 59.54
N ARG BA 166 27.15 -26.90 60.57
CA ARG BA 166 25.94 -27.71 60.49
C ARG BA 166 24.69 -26.84 60.40
N ASP BA 167 23.73 -27.29 59.59
CA ASP BA 167 22.48 -26.58 59.36
C ASP BA 167 21.54 -26.70 60.57
N ASP BA 168 21.09 -25.53 61.05
CA ASP BA 168 19.98 -25.44 61.99
C ASP BA 168 19.17 -24.20 61.61
N GLY BA 169 18.63 -24.23 60.38
CA GLY BA 169 17.92 -23.10 59.79
C GLY BA 169 16.57 -22.84 60.48
N GLU BA 170 16.01 -21.66 60.21
CA GLU BA 170 14.71 -21.31 60.77
C GLU BA 170 13.63 -22.23 60.19
N THR BA 171 12.80 -22.79 61.07
CA THR BA 171 11.68 -23.64 60.70
C THR BA 171 10.38 -22.97 61.15
N TYR BA 172 9.29 -23.21 60.41
CA TYR BA 172 8.04 -22.48 60.58
C TYR BA 172 6.86 -23.40 60.85
N THR BA 173 5.82 -22.81 61.43
CA THR BA 173 4.53 -23.44 61.63
C THR BA 173 3.47 -22.36 61.35
N THR BA 174 2.18 -22.66 61.59
CA THR BA 174 1.16 -21.63 61.46
C THR BA 174 0.15 -21.68 62.60
N VAL BA 175 -0.54 -20.57 62.79
CA VAL BA 175 -1.77 -20.51 63.57
C VAL BA 175 -2.90 -20.19 62.61
N ALA BA 176 -3.88 -21.07 62.53
CA ALA BA 176 -5.01 -20.86 61.64
C ALA BA 176 -6.02 -19.88 62.26
N TRP BA 177 -6.70 -19.09 61.42
CA TRP BA 177 -7.86 -18.33 61.86
C TRP BA 177 -9.10 -18.73 61.08
N ASN BA 178 -10.27 -18.53 61.68
CA ASN BA 178 -11.55 -18.79 61.06
C ASN BA 178 -12.54 -17.72 61.54
N ALA BA 179 -12.56 -16.58 60.85
CA ALA BA 179 -13.35 -15.43 61.23
C ALA BA 179 -14.85 -15.78 61.21
N THR BA 180 -15.45 -15.76 62.40
CA THR BA 180 -16.84 -16.16 62.58
C THR BA 180 -17.72 -14.92 62.50
N LYS BA 181 -18.86 -15.02 61.82
CA LYS BA 181 -19.75 -13.91 61.61
C LYS BA 181 -20.57 -13.61 62.87
N LEU BA 182 -20.42 -12.41 63.41
CA LEU BA 182 -21.26 -11.91 64.49
C LEU BA 182 -22.27 -10.94 63.88
N THR BA 183 -23.54 -11.12 64.22
CA THR BA 183 -24.59 -10.27 63.67
C THR BA 183 -25.51 -9.73 64.76
N GLU BA 184 -26.07 -8.56 64.50
CA GLU BA 184 -27.09 -7.95 65.35
C GLU BA 184 -28.01 -7.14 64.45
N GLY BA 185 -29.30 -7.09 64.75
CA GLY BA 185 -30.23 -6.29 63.95
C GLY BA 185 -31.38 -5.73 64.79
N SER BA 186 -32.04 -4.72 64.22
CA SER BA 186 -33.29 -4.20 64.77
C SER BA 186 -34.12 -3.55 63.68
N ARG BA 187 -35.44 -3.42 63.93
CA ARG BA 187 -36.36 -2.85 62.98
C ARG BA 187 -37.23 -1.79 63.66
N VAL BA 188 -37.51 -0.70 62.95
CA VAL BA 188 -38.29 0.43 63.46
C VAL BA 188 -39.28 0.84 62.36
N THR BA 189 -40.56 1.04 62.71
CA THR BA 189 -41.53 1.50 61.72
C THR BA 189 -41.35 2.99 61.42
N ASP BA 190 -41.75 3.45 60.21
CA ASP BA 190 -41.68 4.86 59.83
C ASP BA 190 -42.45 5.74 60.81
N GLU BA 191 -43.61 5.28 61.25
CA GLU BA 191 -44.47 5.97 62.20
C GLU BA 191 -43.78 6.14 63.53
N MET BA 192 -43.05 5.12 64.00
CA MET BA 192 -42.29 5.25 65.23
C MET BA 192 -41.07 6.18 65.05
N ARG BA 193 -40.36 6.03 63.94
CA ARG BA 193 -39.17 6.81 63.62
C ARG BA 193 -39.47 8.32 63.62
N ASP BA 194 -40.60 8.71 63.02
CA ASP BA 194 -41.02 10.11 62.99
C ASP BA 194 -41.38 10.62 64.38
N GLN BA 195 -42.06 9.79 65.17
CA GLN BA 195 -42.96 10.28 66.20
C GLN BA 195 -42.32 10.31 67.59
N ALA BA 196 -41.22 9.57 67.79
CA ALA BA 196 -40.44 9.61 69.03
C ALA BA 196 -39.78 10.97 69.26
N MET BA 197 -39.51 11.30 70.54
CA MET BA 197 -38.74 12.48 70.93
C MET BA 197 -37.28 12.38 70.50
N VAL BA 198 -36.67 11.20 70.71
CA VAL BA 198 -35.26 10.95 70.37
C VAL BA 198 -35.10 10.36 68.98
N ASP BA 199 -33.85 10.35 68.46
CA ASP BA 199 -33.56 9.75 67.17
C ASP BA 199 -33.44 8.23 67.32
N LEU BA 200 -34.52 7.52 66.98
CA LEU BA 200 -34.60 6.08 67.09
C LEU BA 200 -33.60 5.35 66.18
N ILE BA 201 -33.23 5.96 65.05
CA ILE BA 201 -32.28 5.32 64.15
C ILE BA 201 -30.86 5.51 64.65
N GLU BA 202 -30.52 6.69 65.17
CA GLU BA 202 -29.24 6.88 65.85
C GLU BA 202 -29.11 5.90 67.02
N ARG BA 203 -30.14 5.81 67.87
CA ARG BA 203 -30.11 4.91 69.03
C ARG BA 203 -29.93 3.44 68.61
N ASN BA 204 -30.60 3.02 67.54
CA ASN BA 204 -30.46 1.65 67.06
C ASN BA 204 -29.10 1.38 66.40
N ILE BA 205 -28.56 2.34 65.64
CA ILE BA 205 -27.19 2.24 65.12
C ILE BA 205 -26.22 2.10 66.28
N GLN BA 206 -26.36 2.94 67.31
CA GLN BA 206 -25.52 2.89 68.48
C GLN BA 206 -25.64 1.54 69.21
N ARG BA 207 -26.86 0.99 69.38
CA ARG BA 207 -27.03 -0.34 70.00
C ARG BA 207 -26.36 -1.44 69.16
N VAL BA 208 -26.55 -1.41 67.85
CA VAL BA 208 -25.97 -2.40 66.95
C VAL BA 208 -24.44 -2.34 67.01
N GLY BA 209 -23.85 -1.15 66.97
CA GLY BA 209 -22.41 -0.98 67.11
C GLY BA 209 -21.90 -1.46 68.48
N ALA BA 210 -22.58 -1.09 69.56
CA ALA BA 210 -22.24 -1.56 70.90
C ALA BA 210 -22.28 -3.09 70.98
N SER BA 211 -23.31 -3.70 70.38
CA SER BA 211 -23.51 -5.14 70.37
C SER BA 211 -22.40 -5.87 69.59
N LEU BA 212 -22.00 -5.35 68.43
CA LEU BA 212 -20.85 -5.87 67.69
C LEU BA 212 -19.56 -5.74 68.49
N GLU BA 213 -19.28 -4.57 69.08
CA GLU BA 213 -18.10 -4.39 69.92
C GLU BA 213 -18.09 -5.35 71.10
N ASN BA 214 -19.21 -5.52 71.79
CA ASN BA 214 -19.32 -6.48 72.88
C ASN BA 214 -19.00 -7.90 72.40
N GLY BA 215 -19.46 -8.26 71.19
CA GLY BA 215 -19.11 -9.51 70.54
C GLY BA 215 -17.62 -9.68 70.29
N ILE BA 216 -16.94 -8.68 69.69
CA ILE BA 216 -15.49 -8.69 69.51
C ILE BA 216 -14.79 -8.91 70.85
N ASN BA 217 -15.25 -8.22 71.91
CA ASN BA 217 -14.66 -8.31 73.23
C ASN BA 217 -14.86 -9.68 73.84
N ARG BA 218 -16.00 -10.34 73.62
CA ARG BA 218 -16.22 -11.71 74.03
C ARG BA 218 -15.27 -12.68 73.33
N VAL BA 219 -15.10 -12.54 72.01
CA VAL BA 219 -14.22 -13.39 71.24
C VAL BA 219 -12.77 -13.23 71.73
N PHE BA 220 -12.31 -11.98 71.85
CA PHE BA 220 -11.00 -11.66 72.38
C PHE BA 220 -10.76 -12.26 73.77
N LEU BA 221 -11.64 -11.97 74.73
CA LEU BA 221 -11.41 -12.40 76.11
C LEU BA 221 -11.45 -13.91 76.26
N THR BA 222 -12.32 -14.59 75.51
CA THR BA 222 -12.43 -16.04 75.56
C THR BA 222 -11.17 -16.71 75.00
N GLU BA 223 -10.62 -16.21 73.90
CA GLU BA 223 -9.32 -16.68 73.41
C GLU BA 223 -8.23 -16.45 74.45
N LEU BA 224 -8.17 -15.22 74.96
CA LEU BA 224 -7.14 -14.74 75.85
C LEU BA 224 -7.03 -15.61 77.10
N VAL BA 225 -8.16 -15.88 77.75
CA VAL BA 225 -8.23 -16.65 78.99
C VAL BA 225 -7.98 -18.13 78.73
N ASP BA 226 -8.59 -18.71 77.68
CA ASP BA 226 -8.55 -20.15 77.48
C ASP BA 226 -7.19 -20.64 76.97
N ASN BA 227 -6.47 -19.82 76.19
CA ASN BA 227 -5.29 -20.26 75.45
C ASN BA 227 -3.97 -19.67 75.98
N ALA BA 228 -3.99 -18.97 77.13
CA ALA BA 228 -2.76 -18.60 77.81
C ALA BA 228 -2.02 -19.87 78.24
N GLN BA 229 -0.72 -19.97 77.94
CA GLN BA 229 0.03 -21.18 78.26
C GLN BA 229 0.57 -21.21 79.69
N ASN BA 230 0.92 -20.05 80.25
CA ASN BA 230 1.33 -19.97 81.64
C ASN BA 230 0.15 -19.67 82.56
N ASN BA 231 0.35 -19.88 83.86
CA ASN BA 231 -0.68 -19.70 84.86
C ASN BA 231 -0.02 -19.54 86.23
N HIS BA 232 -0.43 -18.51 86.98
CA HIS BA 232 -0.06 -18.38 88.38
C HIS BA 232 -1.28 -18.70 89.23
N ASP BA 233 -1.17 -19.78 90.01
CA ASP BA 233 -2.23 -20.19 90.92
C ASP BA 233 -1.95 -19.58 92.30
N THR BA 234 -2.85 -18.69 92.74
CA THR BA 234 -2.70 -17.98 93.99
C THR BA 234 -3.08 -18.83 95.21
N ALA BA 235 -3.80 -19.94 94.98
CA ALA BA 235 -4.30 -20.82 96.04
C ALA BA 235 -4.98 -20.04 97.17
N GLY BA 236 -5.85 -19.06 96.83
CA GLY BA 236 -6.57 -18.27 97.81
C GLY BA 236 -5.73 -17.37 98.73
N SER BA 237 -4.50 -16.98 98.30
CA SER BA 237 -3.57 -16.22 99.13
C SER BA 237 -2.75 -15.24 98.30
N ASN BA 238 -2.27 -14.13 98.90
CA ASN BA 238 -1.37 -13.18 98.25
C ASN BA 238 -1.86 -12.69 96.87
N GLN BA 239 -3.16 -12.43 96.76
CA GLN BA 239 -3.84 -12.30 95.47
C GLN BA 239 -3.66 -10.93 94.81
N GLY BA 240 -3.09 -9.94 95.51
CA GLY BA 240 -2.91 -8.58 94.99
C GLY BA 240 -1.68 -8.44 94.10
N TYR BA 241 -0.82 -7.44 94.40
CA TYR BA 241 0.40 -7.18 93.65
C TYR BA 241 1.27 -8.43 93.48
N GLN BA 242 1.41 -9.26 94.52
CA GLN BA 242 2.27 -10.43 94.45
C GLN BA 242 1.82 -11.43 93.39
N ALA BA 243 0.51 -11.64 93.24
CA ALA BA 243 -0.01 -12.52 92.19
C ALA BA 243 0.33 -11.97 90.81
N LEU BA 244 0.15 -10.66 90.63
CA LEU BA 244 0.40 -9.97 89.38
C LEU BA 244 1.88 -10.03 89.01
N ASN BA 245 2.77 -9.75 89.95
CA ASN BA 245 4.21 -9.89 89.81
C ASN BA 245 4.63 -11.34 89.52
N SER BA 246 4.02 -12.31 90.21
CA SER BA 246 4.32 -13.73 89.98
C SER BA 246 3.88 -14.16 88.58
N ALA BA 247 2.75 -13.66 88.09
CA ALA BA 247 2.29 -13.92 86.73
C ALA BA 247 3.23 -13.29 85.69
N VAL BA 248 3.75 -12.09 85.93
CA VAL BA 248 4.83 -11.56 85.09
C VAL BA 248 6.02 -12.51 85.13
N GLY BA 249 6.39 -13.01 86.32
CA GLY BA 249 7.45 -13.99 86.50
C GLY BA 249 7.26 -15.25 85.64
N GLU BA 250 6.05 -15.80 85.56
CA GLU BA 250 5.77 -16.96 84.73
C GLU BA 250 6.03 -16.68 83.25
N VAL BA 251 5.63 -15.52 82.75
CA VAL BA 251 5.84 -15.16 81.36
C VAL BA 251 7.33 -14.92 81.09
N ASP BA 252 8.01 -14.21 81.99
CA ASP BA 252 9.44 -13.92 81.89
C ASP BA 252 10.28 -15.20 81.89
N LYS BA 253 9.85 -16.22 82.64
CA LYS BA 253 10.48 -17.54 82.67
C LYS BA 253 10.40 -18.26 81.32
N ASP BA 254 9.47 -17.90 80.44
CA ASP BA 254 9.41 -18.39 79.07
C ASP BA 254 10.00 -17.37 78.07
N ASP BA 255 10.70 -16.34 78.54
CA ASP BA 255 11.46 -15.37 77.73
C ASP BA 255 10.60 -14.54 76.77
N PHE BA 256 9.41 -14.16 77.22
CA PHE BA 256 8.65 -13.05 76.67
C PHE BA 256 8.49 -11.97 77.74
N ARG BA 257 8.33 -10.70 77.33
CA ARG BA 257 7.99 -9.63 78.26
C ARG BA 257 6.53 -9.26 78.09
N PRO BA 258 5.65 -9.44 79.11
CA PRO BA 258 4.29 -8.95 79.02
C PRO BA 258 4.27 -7.45 79.29
N ASP BA 259 3.24 -6.77 78.78
CA ASP BA 259 3.13 -5.32 78.90
C ASP BA 259 1.71 -4.84 79.24
N THR BA 260 0.76 -5.77 79.32
CA THR BA 260 -0.66 -5.46 79.44
C THR BA 260 -1.29 -6.42 80.43
N TYR BA 261 -2.35 -5.98 81.14
CA TYR BA 261 -3.20 -6.93 81.85
C TYR BA 261 -4.69 -6.60 81.72
N VAL BA 262 -5.47 -7.67 81.62
CA VAL BA 262 -6.92 -7.67 81.50
C VAL BA 262 -7.48 -8.21 82.80
N THR BA 263 -8.53 -7.56 83.34
CA THR BA 263 -8.91 -7.81 84.73
C THR BA 263 -10.43 -7.91 84.91
N HIS BA 264 -10.87 -8.84 85.77
CA HIS BA 264 -12.25 -9.01 86.23
C HIS BA 264 -12.58 -8.04 87.38
N PRO BA 265 -13.85 -7.57 87.56
CA PRO BA 265 -14.24 -6.73 88.70
C PRO BA 265 -13.88 -7.24 90.10
N ASP BA 266 -14.01 -8.55 90.36
CA ASP BA 266 -13.64 -9.11 91.64
C ASP BA 266 -12.14 -9.05 91.87
N TYR BA 267 -11.35 -9.30 90.82
CA TYR BA 267 -9.90 -9.15 90.92
C TYR BA 267 -9.53 -7.69 91.21
N ARG BA 268 -10.14 -6.73 90.50
CA ARG BA 268 -9.91 -5.31 90.77
C ARG BA 268 -10.22 -4.95 92.22
N THR BA 269 -11.33 -5.45 92.76
CA THR BA 269 -11.70 -5.19 94.14
C THR BA 269 -10.64 -5.69 95.13
N GLN BA 270 -10.18 -6.94 94.94
CA GLN BA 270 -9.06 -7.51 95.67
C GLN BA 270 -7.81 -6.64 95.54
N LEU BA 271 -7.45 -6.25 94.31
CA LEU BA 271 -6.24 -5.49 94.02
C LEU BA 271 -6.24 -4.16 94.78
N PHE BA 272 -7.37 -3.45 94.83
CA PHE BA 272 -7.45 -2.16 95.50
C PHE BA 272 -7.58 -2.27 97.03
N ASN BA 273 -7.83 -3.47 97.58
CA ASN BA 273 -7.75 -3.72 99.01
C ASN BA 273 -6.33 -4.06 99.48
N ASP BA 274 -5.44 -4.46 98.56
CA ASP BA 274 -4.07 -4.83 98.89
C ASP BA 274 -3.35 -3.64 99.53
N THR BA 275 -2.83 -3.80 100.75
CA THR BA 275 -2.19 -2.70 101.45
C THR BA 275 -0.98 -2.14 100.68
N ASN BA 276 -0.34 -2.94 99.82
CA ASN BA 276 0.74 -2.46 98.96
C ASN BA 276 0.28 -1.36 97.99
N LEU BA 277 -1.04 -1.25 97.73
CA LEU BA 277 -1.64 -0.22 96.89
C LEU BA 277 -2.56 0.71 97.69
N ALA BA 278 -3.32 0.17 98.65
CA ALA BA 278 -4.30 0.91 99.42
C ALA BA 278 -3.67 1.93 100.37
N TYR BA 279 -2.44 1.68 100.85
CA TYR BA 279 -1.75 2.58 101.76
C TYR BA 279 -0.79 3.46 100.96
N ALA BA 280 -0.95 4.78 101.05
CA ALA BA 280 -0.12 5.71 100.30
C ALA BA 280 1.37 5.51 100.62
N ASN BA 281 1.66 5.30 101.91
CA ASN BA 281 2.92 4.84 102.47
C ASN BA 281 3.63 3.77 101.62
N ARG BA 282 2.89 2.70 101.25
CA ARG BA 282 3.45 1.56 100.55
C ARG BA 282 3.44 1.77 99.03
N ALA BA 283 2.41 2.42 98.49
CA ALA BA 283 2.25 2.60 97.05
C ALA BA 283 3.10 3.75 96.48
N GLY BA 284 3.51 4.70 97.33
CA GLY BA 284 4.28 5.87 96.90
C GLY BA 284 3.42 7.08 96.50
N THR BA 285 2.10 6.88 96.34
CA THR BA 285 1.10 7.94 96.18
C THR BA 285 -0.22 7.47 96.79
N ASN BA 286 -1.12 8.41 97.12
CA ASN BA 286 -2.47 8.04 97.56
C ASN BA 286 -3.47 7.90 96.41
N GLU BA 287 -2.98 7.79 95.16
CA GLU BA 287 -3.84 7.78 93.98
C GLU BA 287 -4.82 6.60 93.96
N VAL BA 288 -4.42 5.40 94.40
CA VAL BA 288 -5.34 4.26 94.39
C VAL BA 288 -6.45 4.45 95.43
N LEU BA 289 -6.09 4.89 96.64
CA LEU BA 289 -7.04 5.21 97.69
C LEU BA 289 -8.06 6.27 97.25
N ARG BA 290 -7.62 7.28 96.48
CA ARG BA 290 -8.50 8.35 96.05
C ARG BA 290 -9.29 8.00 94.79
N ASN BA 291 -8.62 7.51 93.74
CA ASN BA 291 -9.16 7.43 92.39
C ASN BA 291 -9.41 6.00 91.89
N ARG BA 292 -9.12 4.97 92.69
CA ARG BA 292 -9.41 3.58 92.35
C ARG BA 292 -8.76 3.19 91.01
N GLU BA 293 -9.53 2.64 90.05
CA GLU BA 293 -8.98 2.18 88.77
C GLU BA 293 -8.43 3.31 87.89
N ASP BA 294 -8.85 4.55 88.13
CA ASP BA 294 -8.41 5.71 87.34
C ASP BA 294 -7.04 6.24 87.77
N ALA BA 295 -6.49 5.71 88.88
CA ALA BA 295 -5.16 6.03 89.39
C ALA BA 295 -4.08 5.63 88.37
N PRO BA 296 -3.08 6.50 88.05
CA PRO BA 296 -2.06 6.16 87.08
C PRO BA 296 -1.19 4.95 87.46
N ILE BA 297 -1.09 4.64 88.76
CA ILE BA 297 -0.37 3.46 89.25
C ILE BA 297 -1.00 2.17 88.71
N VAL BA 298 -2.32 2.12 88.54
CA VAL BA 298 -3.02 0.91 88.11
C VAL BA 298 -2.68 0.57 86.66
N GLY BA 299 -2.40 1.59 85.84
CA GLY BA 299 -1.89 1.40 84.49
C GLY BA 299 -0.37 1.28 84.38
N ASP BA 300 0.36 1.17 85.49
CA ASP BA 300 1.82 1.20 85.52
C ASP BA 300 2.32 0.41 86.73
N ILE BA 301 2.09 -0.92 86.70
CA ILE BA 301 2.38 -1.80 87.83
C ILE BA 301 3.09 -3.05 87.34
N ALA BA 302 4.08 -3.54 88.11
CA ALA BA 302 4.80 -4.78 87.79
C ALA BA 302 5.38 -4.79 86.37
N GLY BA 303 5.76 -3.60 85.85
CA GLY BA 303 6.34 -3.49 84.51
C GLY BA 303 5.30 -3.39 83.38
N LEU BA 304 4.03 -3.68 83.67
CA LEU BA 304 2.93 -3.59 82.73
C LEU BA 304 2.55 -2.12 82.56
N ASP BA 305 2.41 -1.66 81.31
CA ASP BA 305 2.15 -0.27 81.00
C ASP BA 305 0.74 -0.04 80.42
N MET BA 306 -0.12 -1.06 80.40
CA MET BA 306 -1.54 -0.90 80.11
C MET BA 306 -2.41 -1.78 81.02
N HIS BA 307 -3.47 -1.19 81.58
CA HIS BA 307 -4.52 -1.94 82.26
C HIS BA 307 -5.81 -1.85 81.44
N ALA BA 308 -6.35 -3.01 81.06
CA ALA BA 308 -7.57 -3.11 80.27
C ALA BA 308 -8.67 -3.74 81.14
N ALA BA 309 -9.39 -2.90 81.88
CA ALA BA 309 -10.47 -3.35 82.74
C ALA BA 309 -11.62 -3.91 81.90
N MET BA 310 -12.09 -5.13 82.24
CA MET BA 310 -13.19 -5.75 81.51
C MET BA 310 -14.38 -6.03 82.43
N SER BA 311 -15.54 -6.25 81.79
CA SER BA 311 -16.82 -6.50 82.45
C SER BA 311 -16.98 -7.98 82.76
N SER BA 312 -17.75 -8.31 83.82
CA SER BA 312 -17.99 -9.68 84.25
C SER BA 312 -18.69 -10.53 83.16
N ALA BA 313 -19.61 -9.92 82.40
CA ALA BA 313 -20.42 -10.60 81.40
C ALA BA 313 -19.68 -10.97 80.11
N THR BA 314 -18.47 -10.44 79.86
CA THR BA 314 -17.86 -10.51 78.53
C THR BA 314 -17.34 -11.89 78.18
N TYR BA 315 -16.77 -12.64 79.14
CA TYR BA 315 -16.27 -13.97 78.83
C TYR BA 315 -17.41 -14.91 78.43
N ASP BA 316 -17.17 -15.77 77.43
CA ASP BA 316 -18.19 -16.68 76.94
C ASP BA 316 -18.38 -17.89 77.87
N ASP BA 317 -19.25 -17.75 78.89
CA ASP BA 317 -19.64 -18.87 79.73
C ASP BA 317 -20.59 -19.86 79.05
N GLY BA 318 -20.98 -19.61 77.79
CA GLY BA 318 -21.87 -20.47 77.04
C GLY BA 318 -23.36 -20.41 77.44
N THR BA 319 -23.76 -19.47 78.32
CA THR BA 319 -25.16 -19.38 78.73
C THR BA 319 -26.01 -18.58 77.74
N ASP BA 320 -25.39 -17.68 76.97
CA ASP BA 320 -26.09 -16.96 75.90
C ASP BA 320 -26.36 -17.87 74.70
N ILE BA 321 -27.53 -17.72 74.06
CA ILE BA 321 -27.87 -18.51 72.88
C ILE BA 321 -26.94 -18.18 71.72
N GLY BA 322 -26.49 -19.21 70.98
CA GLY BA 322 -25.62 -19.03 69.83
C GLY BA 322 -24.13 -19.07 70.17
N TRP BA 323 -23.79 -18.83 71.46
CA TRP BA 323 -22.42 -18.90 71.93
C TRP BA 323 -22.19 -20.23 72.65
N SER BA 324 -21.18 -21.00 72.21
CA SER BA 324 -20.81 -22.27 72.84
C SER BA 324 -19.56 -22.05 73.67
N GLY BA 325 -19.65 -22.28 74.98
CA GLY BA 325 -18.78 -21.62 75.95
C GLY BA 325 -17.29 -22.00 75.89
N GLY BA 326 -16.46 -21.11 76.45
CA GLY BA 326 -15.04 -21.36 76.69
C GLY BA 326 -14.78 -22.42 77.76
N SER BA 327 -13.52 -22.83 77.93
CA SER BA 327 -13.12 -23.95 78.77
C SER BA 327 -12.95 -23.59 80.25
N GLU BA 328 -12.85 -22.29 80.57
CA GLU BA 328 -12.51 -21.79 81.90
C GLU BA 328 -13.70 -21.11 82.59
N THR BA 329 -13.48 -20.56 83.79
CA THR BA 329 -14.41 -19.65 84.44
C THR BA 329 -13.75 -18.30 84.64
N TRP BA 330 -14.30 -17.24 84.04
CA TRP BA 330 -13.90 -15.87 84.29
C TRP BA 330 -14.54 -15.38 85.59
N GLY BA 331 -13.71 -14.87 86.51
CA GLY BA 331 -14.17 -14.48 87.83
C GLY BA 331 -13.02 -14.40 88.83
N PHE BA 332 -13.31 -13.98 90.06
CA PHE BA 332 -12.30 -14.06 91.11
C PHE BA 332 -12.98 -14.24 92.48
N SER BA 333 -13.82 -15.26 92.54
CA SER BA 333 -14.78 -15.47 93.62
C SER BA 333 -14.52 -16.77 94.36
N SER BA 334 -13.99 -17.77 93.64
CA SER BA 334 -14.07 -19.17 94.03
C SER BA 334 -12.95 -19.98 93.38
N ASP BA 335 -12.63 -21.11 94.01
CA ASP BA 335 -11.56 -22.04 93.65
C ASP BA 335 -11.50 -22.30 92.14
N GLY BA 336 -10.42 -21.84 91.49
CA GLY BA 336 -10.18 -22.11 90.08
C GLY BA 336 -10.65 -21.03 89.11
N ASP BA 337 -11.32 -19.96 89.57
CA ASP BA 337 -11.66 -18.84 88.69
C ASP BA 337 -10.39 -18.17 88.14
N LYS BA 338 -10.40 -17.76 86.86
CA LYS BA 338 -9.33 -16.95 86.27
C LYS BA 338 -9.78 -15.49 86.33
N GLY BA 339 -9.07 -14.64 87.09
CA GLY BA 339 -9.53 -13.28 87.38
C GLY BA 339 -8.74 -12.17 86.71
N ALA BA 340 -7.54 -12.49 86.21
CA ALA BA 340 -6.76 -11.54 85.43
C ALA BA 340 -5.89 -12.30 84.43
N VAL BA 341 -5.53 -11.65 83.32
CA VAL BA 341 -4.53 -12.20 82.42
C VAL BA 341 -3.45 -11.15 82.24
N VAL BA 342 -2.19 -11.55 82.42
CA VAL BA 342 -1.01 -10.74 82.21
C VAL BA 342 -0.37 -11.21 80.90
N TYR BA 343 -0.11 -10.31 79.95
CA TYR BA 343 0.25 -10.75 78.61
C TYR BA 343 0.96 -9.67 77.80
N ASP BA 344 1.54 -10.09 76.67
CA ASP BA 344 2.11 -9.19 75.68
C ASP BA 344 1.05 -8.81 74.64
N ARG BA 345 0.69 -7.52 74.56
CA ARG BA 345 -0.32 -6.98 73.66
C ARG BA 345 -0.11 -7.40 72.21
N ASP BA 346 1.16 -7.56 71.80
CA ASP BA 346 1.54 -7.79 70.41
C ASP BA 346 1.41 -9.26 69.99
N ASN BA 347 1.24 -10.18 70.94
CA ASN BA 347 1.23 -11.61 70.68
C ASN BA 347 -0.18 -12.24 70.72
N ILE BA 348 -1.21 -11.41 70.91
CA ILE BA 348 -2.62 -11.81 70.79
C ILE BA 348 -3.22 -10.97 69.66
N HIS BA 349 -3.79 -11.65 68.67
CA HIS BA 349 -4.27 -11.00 67.44
C HIS BA 349 -5.77 -11.13 67.36
N THR BA 350 -6.45 -9.99 67.20
CA THR BA 350 -7.84 -9.97 66.79
C THR BA 350 -7.88 -9.80 65.27
N ILE BA 351 -8.39 -10.82 64.58
CA ILE BA 351 -8.42 -10.82 63.14
C ILE BA 351 -9.83 -10.44 62.69
N LEU BA 352 -9.96 -9.33 61.97
CA LEU BA 352 -11.24 -8.86 61.44
C LEU BA 352 -11.24 -9.06 59.92
N TYR BA 353 -12.33 -9.62 59.40
CA TYR BA 353 -12.48 -9.80 57.96
C TYR BA 353 -13.65 -8.96 57.45
N ALA BA 354 -13.37 -8.06 56.51
CA ALA BA 354 -14.39 -7.28 55.83
C ALA BA 354 -14.93 -8.11 54.66
N PRO BA 355 -16.25 -8.45 54.61
CA PRO BA 355 -16.76 -9.51 53.74
C PRO BA 355 -16.32 -9.48 52.29
N ASN BA 356 -16.17 -8.27 51.72
CA ASN BA 356 -15.57 -8.04 50.41
C ASN BA 356 -15.07 -6.58 50.34
N GLY BA 357 -14.46 -6.20 49.20
CA GLY BA 357 -13.89 -4.88 48.99
C GLY BA 357 -14.88 -3.71 48.97
N GLN BA 358 -16.20 -3.99 49.06
CA GLN BA 358 -17.28 -3.00 49.06
C GLN BA 358 -18.33 -3.37 50.13
N ASP BA 359 -17.90 -3.35 51.41
CA ASP BA 359 -18.79 -3.66 52.54
C ASP BA 359 -18.42 -2.86 53.80
N VAL BA 360 -19.38 -2.71 54.73
CA VAL BA 360 -19.23 -1.93 55.96
C VAL BA 360 -20.05 -2.57 57.10
N GLU BA 361 -19.62 -2.38 58.36
CA GLU BA 361 -20.17 -3.13 59.49
C GLU BA 361 -21.66 -2.88 59.67
N ILE BA 362 -22.08 -1.60 59.77
CA ILE BA 362 -23.46 -1.25 60.08
C ILE BA 362 -24.14 -0.64 58.84
N LYS BA 363 -25.34 -1.14 58.53
CA LYS BA 363 -26.13 -0.71 57.40
C LYS BA 363 -27.53 -0.39 57.91
N ASP BA 364 -28.13 0.67 57.37
CA ASP BA 364 -29.56 0.90 57.53
C ASP BA 364 -30.23 0.86 56.15
N TYR BA 365 -31.45 0.34 56.09
CA TYR BA 365 -32.19 0.23 54.85
C TYR BA 365 -33.68 0.41 55.15
N GLU BA 366 -34.45 0.86 54.14
CA GLU BA 366 -35.89 0.87 54.30
C GLU BA 366 -36.55 -0.23 53.47
N ASP BA 367 -37.56 -0.86 54.08
CA ASP BA 367 -38.50 -1.73 53.41
C ASP BA 367 -39.71 -0.87 53.02
N PRO BA 368 -39.86 -0.50 51.73
CA PRO BA 368 -40.98 0.35 51.29
C PRO BA 368 -42.30 -0.40 51.12
N ILE BA 369 -42.29 -1.74 51.22
CA ILE BA 369 -43.51 -2.57 51.20
C ILE BA 369 -44.18 -2.56 52.58
N ARG BA 370 -43.40 -2.35 53.65
CA ARG BA 370 -43.85 -2.47 55.03
C ARG BA 370 -43.68 -1.19 55.84
N ASP BA 371 -42.91 -0.22 55.32
CA ASP BA 371 -42.52 1.01 55.99
C ASP BA 371 -41.77 0.74 57.30
N ILE BA 372 -40.68 0.00 57.16
CA ILE BA 372 -39.80 -0.31 58.28
C ILE BA 372 -38.38 0.04 57.88
N THR BA 373 -37.66 0.78 58.73
CA THR BA 373 -36.22 0.88 58.64
C THR BA 373 -35.61 -0.29 59.40
N GLY BA 374 -34.84 -1.14 58.71
CA GLY BA 374 -33.97 -2.08 59.38
C GLY BA 374 -32.60 -1.45 59.62
N VAL BA 375 -32.01 -1.71 60.79
CA VAL BA 375 -30.61 -1.41 61.06
C VAL BA 375 -29.92 -2.74 61.39
N ASN BA 376 -28.91 -3.11 60.60
CA ASN BA 376 -28.24 -4.38 60.72
C ASN BA 376 -26.74 -4.18 60.86
N GLY BA 377 -26.12 -4.95 61.74
CA GLY BA 377 -24.68 -5.00 61.87
C GLY BA 377 -24.16 -6.40 61.57
N ARG BA 378 -23.02 -6.47 60.88
CA ARG BA 378 -22.31 -7.71 60.62
C ARG BA 378 -20.81 -7.48 60.79
N LEU BA 379 -20.10 -8.52 61.20
CA LEU BA 379 -18.65 -8.46 61.27
C LEU BA 379 -18.12 -9.89 61.40
N HIS BA 380 -17.05 -10.22 60.67
CA HIS BA 380 -16.41 -11.52 60.87
C HIS BA 380 -15.18 -11.30 61.73
N VAL BA 381 -15.06 -12.06 62.81
CA VAL BA 381 -13.95 -11.89 63.75
C VAL BA 381 -13.42 -13.24 64.22
N ASP BA 382 -12.11 -13.31 64.41
CA ASP BA 382 -11.48 -14.37 65.15
C ASP BA 382 -10.44 -13.77 66.08
N CYS BA 383 -10.03 -14.52 67.09
CA CYS BA 383 -8.92 -14.11 67.92
C CYS BA 383 -7.99 -15.29 68.16
N GLN BA 384 -6.68 -15.06 68.01
CA GLN BA 384 -5.69 -16.12 68.15
C GLN BA 384 -4.41 -15.55 68.78
N TYR BA 385 -3.79 -16.30 69.70
CA TYR BA 385 -2.41 -15.99 70.06
C TYR BA 385 -1.45 -16.42 68.96
N SER BA 386 -0.40 -15.64 68.72
CA SER BA 386 0.77 -16.13 67.99
C SER BA 386 1.76 -16.85 68.92
N GLN BA 387 1.84 -16.43 70.19
CA GLN BA 387 2.66 -17.07 71.19
C GLN BA 387 1.90 -17.05 72.52
N GLY BA 388 1.17 -18.15 72.80
CA GLY BA 388 0.42 -18.30 74.03
C GLY BA 388 1.32 -18.35 75.28
N ARG BA 389 2.61 -18.67 75.12
CA ARG BA 389 3.62 -18.53 76.17
C ARG BA 389 3.78 -17.08 76.65
N SER BA 390 3.44 -16.10 75.80
CA SER BA 390 3.60 -14.69 76.16
C SER BA 390 2.53 -14.18 77.14
N SER BA 391 1.69 -15.06 77.70
CA SER BA 391 0.67 -14.68 78.66
C SER BA 391 0.55 -15.68 79.80
N ALA BA 392 0.05 -15.19 80.94
CA ALA BA 392 -0.23 -15.98 82.12
C ALA BA 392 -1.56 -15.52 82.71
N THR BA 393 -2.43 -16.48 83.08
CA THR BA 393 -3.63 -16.17 83.84
C THR BA 393 -3.33 -16.15 85.34
N VAL BA 394 -3.98 -15.26 86.10
CA VAL BA 394 -3.96 -15.31 87.55
C VAL BA 394 -5.19 -16.08 88.00
N GLN BA 395 -4.99 -17.12 88.80
CA GLN BA 395 -6.03 -18.06 89.18
C GLN BA 395 -6.28 -17.99 90.69
N TYR BA 396 -7.56 -17.98 91.08
CA TYR BA 396 -8.01 -17.96 92.47
C TYR BA 396 -7.78 -19.31 93.18
N PHE CA 101 -34.86 41.05 154.22
CA PHE CA 101 -34.18 41.65 155.41
C PHE CA 101 -34.08 43.17 155.17
N ALA CA 102 -32.87 43.66 154.92
CA ALA CA 102 -32.70 44.88 154.13
C ALA CA 102 -33.24 44.62 152.71
N ALA CA 103 -33.34 45.67 151.87
CA ALA CA 103 -33.71 45.48 150.47
C ALA CA 103 -32.69 44.57 149.77
N SER CA 104 -33.18 43.62 148.97
CA SER CA 104 -32.36 42.55 148.42
C SER CA 104 -32.84 42.12 147.02
N ASP CA 105 -31.89 41.69 146.18
CA ASP CA 105 -32.14 41.27 144.81
C ASP CA 105 -33.20 40.17 144.71
N PRO CA 106 -33.06 38.98 145.36
CA PRO CA 106 -34.08 37.93 145.32
C PRO CA 106 -35.44 38.30 145.94
N GLU CA 107 -35.53 39.43 146.65
CA GLU CA 107 -36.78 39.84 147.30
C GLU CA 107 -37.71 40.61 146.35
N TYR CA 108 -37.18 41.22 145.27
CA TYR CA 108 -37.89 42.20 144.46
C TYR CA 108 -37.84 41.97 142.95
N VAL CA 109 -37.46 40.76 142.50
CA VAL CA 109 -37.19 40.35 141.13
C VAL CA 109 -38.28 40.64 140.09
N ASP CA 110 -39.53 40.91 140.51
CA ASP CA 110 -40.61 41.29 139.62
C ASP CA 110 -41.42 42.45 140.19
N THR CA 111 -40.74 43.40 140.87
CA THR CA 111 -41.39 44.55 141.48
C THR CA 111 -40.58 45.84 141.30
N LEU CA 112 -39.24 45.76 141.40
CA LEU CA 112 -38.36 46.91 141.22
C LEU CA 112 -37.58 46.87 139.90
N PHE CA 113 -37.53 45.68 139.29
CA PHE CA 113 -36.89 45.40 138.01
C PHE CA 113 -37.51 44.11 137.45
N ARG CA 114 -37.27 43.80 136.17
CA ARG CA 114 -37.61 42.51 135.59
C ARG CA 114 -36.32 41.75 135.28
N GLU CA 115 -36.34 40.42 135.42
CA GLU CA 115 -35.25 39.56 134.96
C GLU CA 115 -34.94 39.86 133.48
N GLN CA 116 -33.64 40.00 133.15
CA GLN CA 116 -33.24 40.23 131.76
C GLN CA 116 -33.65 39.06 130.87
N LEU CA 117 -34.17 39.37 129.68
CA LEU CA 117 -34.40 38.39 128.63
C LEU CA 117 -33.47 38.72 127.46
N LEU CA 118 -32.60 37.78 127.06
CA LEU CA 118 -31.69 38.01 125.96
C LEU CA 118 -32.43 38.12 124.63
N GLU CA 119 -32.06 39.11 123.80
CA GLU CA 119 -32.71 39.34 122.51
C GLU CA 119 -32.38 38.24 121.48
N VAL CA 120 -31.23 37.57 121.66
CA VAL CA 120 -30.81 36.46 120.82
C VAL CA 120 -31.61 35.22 121.20
N VAL CA 121 -32.63 34.86 120.41
CA VAL CA 121 -33.17 33.52 120.43
C VAL CA 121 -32.18 32.56 119.78
N MET CA 122 -32.02 31.36 120.38
CA MET CA 122 -31.04 30.38 119.93
C MET CA 122 -31.69 29.14 119.32
N GLU CA 123 -31.06 28.65 118.25
CA GLU CA 123 -31.63 27.63 117.37
C GLU CA 123 -31.66 26.24 118.01
N GLY CA 124 -32.61 25.41 117.57
CA GLY CA 124 -32.61 23.99 117.86
C GLY CA 124 -31.69 23.22 116.92
N ARG CA 125 -31.80 21.88 116.91
CA ARG CA 125 -30.99 21.05 116.02
C ARG CA 125 -31.34 21.35 114.55
N GLU CA 126 -30.30 21.44 113.71
CA GLU CA 126 -30.43 21.79 112.30
C GLU CA 126 -29.90 20.63 111.46
N LEU CA 127 -30.76 20.01 110.62
CA LEU CA 127 -30.38 18.80 109.91
C LEU CA 127 -29.51 19.12 108.69
N ARG CA 128 -28.65 18.17 108.30
CA ARG CA 128 -27.88 18.29 107.07
C ARG CA 128 -28.81 18.22 105.85
N LYS CA 129 -28.55 19.08 104.85
CA LYS CA 129 -29.39 19.25 103.68
C LYS CA 129 -28.50 19.13 102.44
N VAL CA 130 -28.53 17.96 101.79
CA VAL CA 130 -27.57 17.60 100.74
C VAL CA 130 -28.21 17.07 99.46
N ALA CA 131 -29.52 16.79 99.45
CA ALA CA 131 -30.29 16.77 98.20
C ALA CA 131 -30.10 18.09 97.45
N ARG CA 132 -30.47 18.13 96.15
CA ARG CA 132 -30.13 19.21 95.24
C ARG CA 132 -28.66 19.14 94.78
N GLU CA 133 -27.76 18.80 95.71
CA GLU CA 133 -26.34 18.62 95.38
C GLU CA 133 -26.05 17.15 95.05
N ALA CA 134 -26.53 16.23 95.89
CA ALA CA 134 -26.23 14.79 95.83
C ALA CA 134 -27.12 14.02 94.84
N SER CA 135 -27.95 14.72 94.03
CA SER CA 135 -28.89 14.12 93.10
C SER CA 135 -29.09 15.03 91.89
N ASN CA 136 -29.43 14.45 90.74
CA ASN CA 136 -29.83 15.20 89.56
C ASN CA 136 -31.21 15.84 89.80
N VAL CA 137 -31.34 17.17 89.63
CA VAL CA 137 -32.62 17.83 89.86
C VAL CA 137 -33.33 18.14 88.54
N ILE CA 138 -34.58 17.66 88.43
CA ILE CA 138 -35.49 18.04 87.36
C ILE CA 138 -36.42 19.11 87.93
N ASN CA 139 -36.42 20.30 87.31
CA ASN CA 139 -37.46 21.29 87.52
C ASN CA 139 -38.60 20.98 86.55
N ALA CA 140 -39.58 20.18 86.99
CA ALA CA 140 -40.62 19.66 86.10
C ALA CA 140 -41.60 20.75 85.65
N ASN CA 141 -42.14 20.58 84.43
CA ASN CA 141 -43.24 21.39 83.92
C ASN CA 141 -44.60 20.89 84.39
N THR CA 142 -44.71 19.59 84.74
CA THR CA 142 -45.93 18.98 85.23
C THR CA 142 -45.61 18.10 86.43
N ARG CA 143 -46.47 18.10 87.46
CA ARG CA 143 -46.19 17.31 88.66
C ARG CA 143 -46.31 15.81 88.47
N VAL CA 144 -46.98 15.37 87.39
CA VAL CA 144 -46.91 13.99 86.97
C VAL CA 144 -46.19 13.94 85.63
N GLY CA 145 -45.26 12.99 85.47
CA GLY CA 145 -44.49 12.86 84.26
C GLY CA 145 -43.74 11.53 84.20
N ASP CA 146 -42.91 11.36 83.17
CA ASP CA 146 -42.12 10.16 82.97
C ASP CA 146 -40.74 10.51 82.43
N VAL CA 147 -39.73 9.71 82.83
CA VAL CA 147 -38.44 9.70 82.16
C VAL CA 147 -38.25 8.33 81.52
N PRO CA 148 -37.92 8.26 80.20
CA PRO CA 148 -37.73 6.97 79.53
C PRO CA 148 -36.38 6.34 79.81
N ILE CA 149 -36.40 5.02 79.95
CA ILE CA 149 -35.24 4.17 80.21
C ILE CA 149 -35.07 3.22 79.02
N ALA CA 150 -33.84 3.11 78.50
CA ALA CA 150 -33.52 2.14 77.46
C ALA CA 150 -33.03 0.81 78.05
N SER CA 151 -33.32 -0.29 77.33
CA SER CA 151 -32.86 -1.63 77.64
C SER CA 151 -31.33 -1.75 77.58
N ASP CA 152 -30.77 -2.63 78.41
CA ASP CA 152 -29.33 -2.88 78.51
C ASP CA 152 -28.67 -3.27 77.18
N GLU CA 153 -27.34 -3.08 77.11
CA GLU CA 153 -26.53 -3.65 76.04
C GLU CA 153 -26.58 -5.19 76.04
N GLU CA 154 -26.42 -5.76 74.85
CA GLU CA 154 -26.32 -7.21 74.66
C GLU CA 154 -25.09 -7.55 73.79
N PHE CA 155 -24.98 -8.81 73.36
CA PHE CA 155 -23.89 -9.27 72.50
C PHE CA 155 -24.41 -9.69 71.13
N ALA CA 156 -23.64 -9.39 70.09
CA ALA CA 156 -23.92 -9.87 68.76
C ALA CA 156 -23.89 -11.41 68.74
N ARG CA 157 -24.61 -12.01 67.79
CA ARG CA 157 -24.86 -13.45 67.80
C ARG CA 157 -24.00 -14.14 66.74
N PRO CA 158 -23.25 -15.22 67.07
CA PRO CA 158 -22.52 -16.00 66.06
C PRO CA 158 -23.49 -16.61 65.05
N THR CA 159 -23.15 -16.48 63.77
CA THR CA 159 -24.07 -16.71 62.68
C THR CA 159 -23.35 -17.50 61.59
N GLY CA 160 -24.00 -18.54 61.04
CA GLY CA 160 -23.45 -19.30 59.92
C GLY CA 160 -23.37 -18.45 58.66
N GLN CA 161 -22.45 -18.78 57.74
CA GLN CA 161 -22.32 -18.05 56.49
C GLN CA 161 -23.63 -18.13 55.68
N GLY CA 162 -24.14 -16.97 55.21
CA GLY CA 162 -25.36 -16.94 54.42
C GLY CA 162 -26.66 -16.85 55.25
N ALA CA 163 -26.62 -17.08 56.57
CA ALA CA 163 -27.82 -17.07 57.40
C ALA CA 163 -28.34 -15.65 57.67
N GLU CA 164 -29.68 -15.50 57.77
CA GLU CA 164 -30.32 -14.20 58.02
C GLU CA 164 -30.05 -13.71 59.44
N ILE CA 165 -29.96 -12.38 59.59
CA ILE CA 165 -29.78 -11.70 60.87
C ILE CA 165 -31.09 -11.71 61.67
N ARG CA 166 -31.04 -12.14 62.96
CA ARG CA 166 -32.14 -11.99 63.90
C ARG CA 166 -32.19 -10.57 64.48
N ASP CA 167 -33.39 -10.17 64.93
CA ASP CA 167 -33.62 -8.88 65.55
C ASP CA 167 -33.63 -8.96 67.08
N ASP CA 168 -32.90 -8.02 67.69
CA ASP CA 168 -32.97 -7.72 69.11
C ASP CA 168 -32.71 -6.22 69.27
N GLY CA 169 -33.78 -5.42 69.14
CA GLY CA 169 -33.70 -3.97 69.15
C GLY CA 169 -33.54 -3.37 70.54
N GLU CA 170 -33.35 -2.05 70.59
CA GLU CA 170 -33.60 -1.36 71.85
C GLU CA 170 -35.09 -1.48 72.17
N THR CA 171 -35.34 -1.72 73.45
CA THR CA 171 -36.67 -1.81 74.03
C THR CA 171 -36.73 -0.75 75.12
N TYR CA 172 -37.92 -0.17 75.36
CA TYR CA 172 -38.00 1.00 76.23
C TYR CA 172 -39.06 0.82 77.31
N THR CA 173 -38.88 1.56 78.41
CA THR CA 173 -39.82 1.64 79.51
C THR CA 173 -39.70 3.02 80.14
N THR CA 174 -40.42 3.31 81.23
CA THR CA 174 -40.23 4.58 81.93
C THR CA 174 -40.19 4.35 83.43
N VAL CA 175 -39.62 5.31 84.16
CA VAL CA 175 -40.05 5.52 85.53
C VAL CA 175 -40.91 6.78 85.55
N ALA CA 176 -42.08 6.65 86.17
CA ALA CA 176 -42.98 7.77 86.37
C ALA CA 176 -42.53 8.59 87.58
N TRP CA 177 -42.76 9.91 87.54
CA TRP CA 177 -42.77 10.71 88.75
C TRP CA 177 -44.18 11.18 89.03
N ASN CA 178 -44.50 11.26 90.32
CA ASN CA 178 -45.79 11.75 90.78
C ASN CA 178 -45.50 12.61 92.01
N ALA CA 179 -45.16 13.87 91.77
CA ALA CA 179 -44.64 14.77 92.80
C ALA CA 179 -45.73 15.06 93.84
N THR CA 180 -45.43 14.70 95.09
CA THR CA 180 -46.32 14.92 96.22
C THR CA 180 -46.14 16.34 96.73
N LYS CA 181 -47.24 17.03 97.01
CA LYS CA 181 -47.20 18.38 97.56
C LYS CA 181 -46.83 18.34 99.05
N LEU CA 182 -45.56 18.64 99.36
CA LEU CA 182 -45.17 18.86 100.74
C LEU CA 182 -45.52 20.29 101.14
N THR CA 183 -45.96 20.44 102.40
CA THR CA 183 -46.56 21.68 102.87
C THR CA 183 -46.20 21.91 104.33
N GLU CA 184 -46.13 23.19 104.73
CA GLU CA 184 -45.88 23.56 106.12
C GLU CA 184 -46.59 24.89 106.41
N GLY CA 185 -47.14 25.06 107.62
CA GLY CA 185 -47.86 26.29 107.96
C GLY CA 185 -47.64 26.71 109.41
N SER CA 186 -47.93 27.99 109.69
CA SER CA 186 -47.82 28.56 111.02
C SER CA 186 -48.78 29.74 111.17
N ARG CA 187 -49.30 29.95 112.39
CA ARG CA 187 -50.18 31.08 112.71
C ARG CA 187 -49.75 31.77 114.00
N VAL CA 188 -49.85 33.11 114.00
CA VAL CA 188 -49.46 33.97 115.11
C VAL CA 188 -50.58 34.98 115.32
N THR CA 189 -51.00 35.22 116.58
CA THR CA 189 -51.94 36.31 116.84
C THR CA 189 -51.23 37.66 116.72
N ASP CA 190 -51.97 38.70 116.33
CA ASP CA 190 -51.39 40.03 116.18
C ASP CA 190 -50.87 40.61 117.51
N GLU CA 191 -51.45 40.20 118.65
CA GLU CA 191 -50.93 40.56 119.97
C GLU CA 191 -49.56 39.92 120.24
N MET CA 192 -49.34 38.69 119.80
CA MET CA 192 -48.05 38.03 119.98
C MET CA 192 -47.01 38.63 119.03
N ARG CA 193 -47.41 38.87 117.77
CA ARG CA 193 -46.58 39.48 116.74
C ARG CA 193 -46.05 40.85 117.16
N ASP CA 194 -46.89 41.63 117.87
CA ASP CA 194 -46.51 42.92 118.43
C ASP CA 194 -45.49 42.77 119.57
N GLN CA 195 -45.78 41.93 120.55
CA GLN CA 195 -45.07 41.92 121.83
C GLN CA 195 -43.72 41.20 121.80
N ALA CA 196 -43.53 40.25 120.88
CA ALA CA 196 -42.28 39.50 120.76
C ALA CA 196 -41.09 40.42 120.46
N MET CA 197 -39.93 40.12 121.06
CA MET CA 197 -38.69 40.86 120.82
C MET CA 197 -38.10 40.59 119.42
N VAL CA 198 -38.54 39.49 118.79
CA VAL CA 198 -38.01 38.98 117.53
C VAL CA 198 -39.14 38.93 116.50
N ASP CA 199 -38.81 39.12 115.21
CA ASP CA 199 -39.80 39.05 114.14
C ASP CA 199 -40.28 37.61 113.96
N LEU CA 200 -41.44 37.31 114.53
CA LEU CA 200 -42.01 35.96 114.47
C LEU CA 200 -42.38 35.56 113.04
N ILE CA 201 -42.77 36.51 112.19
CA ILE CA 201 -43.08 36.18 110.81
C ILE CA 201 -41.80 35.79 110.07
N GLU CA 202 -40.71 36.55 110.25
CA GLU CA 202 -39.43 36.17 109.69
C GLU CA 202 -39.00 34.78 110.18
N ARG CA 203 -39.06 34.52 111.49
CA ARG CA 203 -38.69 33.22 112.03
C ARG CA 203 -39.52 32.08 111.45
N ASN CA 204 -40.84 32.27 111.34
CA ASN CA 204 -41.71 31.25 110.78
C ASN CA 204 -41.48 31.06 109.28
N ILE CA 205 -41.17 32.13 108.53
CA ILE CA 205 -40.76 32.01 107.13
C ILE CA 205 -39.51 31.13 107.02
N GLN CA 206 -38.51 31.34 107.89
CA GLN CA 206 -37.34 30.48 107.93
C GLN CA 206 -37.69 29.04 108.29
N ARG CA 207 -38.57 28.81 109.29
CA ARG CA 207 -39.00 27.46 109.64
C ARG CA 207 -39.68 26.76 108.46
N VAL CA 208 -40.54 27.47 107.74
CA VAL CA 208 -41.24 26.92 106.58
C VAL CA 208 -40.24 26.50 105.50
N GLY CA 209 -39.28 27.35 105.14
CA GLY CA 209 -38.25 27.00 104.18
C GLY CA 209 -37.40 25.81 104.63
N ALA CA 210 -36.98 25.80 105.89
CA ALA CA 210 -36.20 24.74 106.50
C ALA CA 210 -36.94 23.40 106.47
N SER CA 211 -38.22 23.41 106.85
CA SER CA 211 -39.08 22.24 106.92
C SER CA 211 -39.32 21.62 105.54
N LEU CA 212 -39.44 22.44 104.51
CA LEU CA 212 -39.56 21.97 103.14
C LEU CA 212 -38.24 21.39 102.63
N GLU CA 213 -37.09 22.00 102.94
CA GLU CA 213 -35.79 21.44 102.61
C GLU CA 213 -35.58 20.07 103.28
N ASN CA 214 -35.94 19.97 104.56
CA ASN CA 214 -35.88 18.69 105.27
C ASN CA 214 -36.80 17.66 104.60
N GLY CA 215 -37.99 18.09 104.14
CA GLY CA 215 -38.89 17.27 103.34
C GLY CA 215 -38.23 16.71 102.08
N ILE CA 216 -37.62 17.57 101.25
CA ILE CA 216 -36.90 17.15 100.05
C ILE CA 216 -35.86 16.09 100.40
N ASN CA 217 -35.08 16.33 101.47
CA ASN CA 217 -34.02 15.44 101.90
C ASN CA 217 -34.56 14.09 102.37
N ARG CA 218 -35.72 14.05 103.05
CA ARG CA 218 -36.36 12.81 103.45
C ARG CA 218 -36.83 11.98 102.25
N VAL CA 219 -37.45 12.62 101.25
CA VAL CA 219 -37.90 11.95 100.04
C VAL CA 219 -36.70 11.36 99.29
N PHE CA 220 -35.64 12.16 99.11
CA PHE CA 220 -34.39 11.71 98.50
C PHE CA 220 -33.77 10.54 99.25
N LEU CA 221 -33.49 10.68 100.55
CA LEU CA 221 -32.79 9.63 101.29
C LEU CA 221 -33.57 8.33 101.33
N THR CA 222 -34.89 8.40 101.51
CA THR CA 222 -35.71 7.21 101.59
C THR CA 222 -35.74 6.46 100.25
N GLU CA 223 -35.87 7.17 99.13
CA GLU CA 223 -35.74 6.54 97.81
C GLU CA 223 -34.36 5.91 97.64
N LEU CA 224 -33.31 6.69 97.92
CA LEU CA 224 -31.93 6.29 97.71
C LEU CA 224 -31.60 5.00 98.45
N VAL CA 225 -31.94 4.93 99.74
CA VAL CA 225 -31.63 3.80 100.59
C VAL CA 225 -32.47 2.58 100.21
N ASP CA 226 -33.79 2.73 100.02
CA ASP CA 226 -34.66 1.58 99.83
C ASP CA 226 -34.48 0.92 98.46
N ASN CA 227 -34.33 1.72 97.39
CA ASN CA 227 -34.39 1.24 96.03
C ASN CA 227 -33.03 0.97 95.38
N ALA CA 228 -31.92 1.10 96.12
CA ALA CA 228 -30.61 0.62 95.69
C ALA CA 228 -30.66 -0.90 95.48
N GLN CA 229 -30.23 -1.39 94.30
CA GLN CA 229 -30.39 -2.80 93.97
C GLN CA 229 -29.24 -3.69 94.47
N ASN CA 230 -28.04 -3.13 94.62
CA ASN CA 230 -26.89 -3.87 95.15
C ASN CA 230 -26.71 -3.63 96.65
N ASN CA 231 -25.95 -4.51 97.31
CA ASN CA 231 -25.70 -4.41 98.74
C ASN CA 231 -24.35 -5.05 99.06
N HIS CA 232 -23.42 -4.29 99.63
CA HIS CA 232 -22.24 -4.87 100.25
C HIS CA 232 -22.52 -5.10 101.74
N ASP CA 233 -22.79 -6.36 102.10
CA ASP CA 233 -22.87 -6.78 103.49
C ASP CA 233 -21.45 -6.90 104.06
N THR CA 234 -21.15 -6.11 105.09
CA THR CA 234 -19.84 -6.11 105.74
C THR CA 234 -19.70 -7.25 106.74
N ALA CA 235 -20.82 -7.73 107.30
CA ALA CA 235 -20.86 -8.73 108.36
C ALA CA 235 -19.91 -8.36 109.52
N GLY CA 236 -20.02 -7.13 110.05
CA GLY CA 236 -19.01 -6.59 110.95
C GLY CA 236 -17.68 -6.38 110.20
N SER CA 237 -16.55 -6.79 110.78
CA SER CA 237 -15.28 -6.89 110.07
C SER CA 237 -14.77 -5.56 109.45
N ASN CA 238 -14.50 -5.53 108.13
CA ASN CA 238 -13.68 -4.51 107.49
C ASN CA 238 -14.56 -3.35 106.99
N GLN CA 239 -15.07 -2.54 107.92
CA GLN CA 239 -16.17 -1.61 107.63
C GLN CA 239 -15.74 -0.25 107.06
N GLY CA 240 -14.44 0.06 107.02
CA GLY CA 240 -13.94 1.36 106.55
C GLY CA 240 -13.83 1.46 105.03
N TYR CA 241 -12.68 1.93 104.53
CA TYR CA 241 -12.38 2.02 103.11
C TYR CA 241 -12.69 0.71 102.36
N GLN CA 242 -12.44 -0.45 102.97
CA GLN CA 242 -12.69 -1.72 102.30
C GLN CA 242 -14.17 -1.92 101.96
N ALA CA 243 -15.08 -1.44 102.80
CA ALA CA 243 -16.50 -1.49 102.51
C ALA CA 243 -16.87 -0.56 101.35
N LEU CA 244 -16.28 0.64 101.28
CA LEU CA 244 -16.47 1.54 100.15
C LEU CA 244 -15.94 0.91 98.86
N ASN CA 245 -14.71 0.40 98.86
CA ASN CA 245 -14.13 -0.27 97.72
C ASN CA 245 -14.96 -1.48 97.26
N SER CA 246 -15.47 -2.26 98.21
CA SER CA 246 -16.33 -3.41 97.91
C SER CA 246 -17.68 -2.98 97.35
N ALA CA 247 -18.31 -1.95 97.91
CA ALA CA 247 -19.58 -1.42 97.41
C ALA CA 247 -19.42 -0.89 95.99
N VAL CA 248 -18.34 -0.17 95.69
CA VAL CA 248 -18.03 0.21 94.32
C VAL CA 248 -17.92 -1.04 93.44
N GLY CA 249 -17.22 -2.07 93.92
CA GLY CA 249 -17.10 -3.35 93.24
C GLY CA 249 -18.45 -4.00 92.90
N GLU CA 250 -19.43 -3.96 93.81
CA GLU CA 250 -20.77 -4.47 93.53
C GLU CA 250 -21.43 -3.71 92.38
N VAL CA 251 -21.34 -2.37 92.38
CA VAL CA 251 -21.92 -1.57 91.31
C VAL CA 251 -21.21 -1.82 89.98
N ASP CA 252 -19.89 -1.99 90.03
CA ASP CA 252 -19.04 -2.28 88.88
C ASP CA 252 -19.37 -3.64 88.24
N LYS CA 253 -19.76 -4.63 89.05
CA LYS CA 253 -20.20 -5.93 88.57
C LYS CA 253 -21.51 -5.86 87.79
N ASP CA 254 -22.37 -4.87 88.07
CA ASP CA 254 -23.54 -4.56 87.26
C ASP CA 254 -23.23 -3.53 86.16
N ASP CA 255 -21.95 -3.21 85.90
CA ASP CA 255 -21.51 -2.37 84.80
C ASP CA 255 -22.04 -0.93 84.85
N PHE CA 256 -22.06 -0.34 86.05
CA PHE CA 256 -22.25 1.10 86.23
C PHE CA 256 -21.07 1.68 87.02
N ARG CA 257 -20.75 2.97 86.82
CA ARG CA 257 -19.73 3.67 87.61
C ARG CA 257 -20.41 4.51 88.69
N PRO CA 258 -20.29 4.18 90.00
CA PRO CA 258 -20.73 5.10 91.03
C PRO CA 258 -19.75 6.27 91.13
N ASP CA 259 -20.21 7.38 91.70
CA ASP CA 259 -19.39 8.58 91.82
C ASP CA 259 -19.65 9.37 93.11
N THR CA 260 -20.59 8.93 93.96
CA THR CA 260 -21.02 9.68 95.13
C THR CA 260 -21.32 8.71 96.27
N TYR CA 261 -21.18 9.17 97.52
CA TYR CA 261 -21.71 8.39 98.64
C TYR CA 261 -22.39 9.25 99.69
N VAL CA 262 -23.48 8.70 100.21
CA VAL CA 262 -24.34 9.28 101.24
C VAL CA 262 -24.15 8.45 102.51
N THR CA 263 -23.99 9.13 103.67
CA THR CA 263 -23.43 8.46 104.84
C THR CA 263 -24.18 8.82 106.13
N HIS CA 264 -24.41 7.82 106.98
CA HIS CA 264 -24.96 7.96 108.34
C HIS CA 264 -23.89 8.39 109.35
N PRO CA 265 -24.20 9.13 110.45
CA PRO CA 265 -23.19 9.51 111.44
C PRO CA 265 -22.38 8.37 112.04
N ASP CA 266 -22.99 7.21 112.30
CA ASP CA 266 -22.28 6.05 112.82
C ASP CA 266 -21.29 5.50 111.79
N TYR CA 267 -21.69 5.48 110.51
CA TYR CA 267 -20.76 5.09 109.45
C TYR CA 267 -19.59 6.07 109.37
N ARG CA 268 -19.84 7.39 109.39
CA ARG CA 268 -18.78 8.39 109.40
C ARG CA 268 -17.79 8.16 110.55
N THR CA 269 -18.31 7.82 111.72
CA THR CA 269 -17.50 7.56 112.90
C THR CA 269 -16.57 6.37 112.67
N GLN CA 270 -17.10 5.24 112.19
CA GLN CA 270 -16.32 4.07 111.80
C GLN CA 270 -15.27 4.41 110.76
N LEU CA 271 -15.64 5.16 109.72
CA LEU CA 271 -14.77 5.48 108.61
C LEU CA 271 -13.54 6.29 109.06
N PHE CA 272 -13.72 7.26 109.97
CA PHE CA 272 -12.59 8.07 110.41
C PHE CA 272 -11.73 7.39 111.49
N ASN CA 273 -12.20 6.29 112.08
CA ASN CA 273 -11.37 5.39 112.89
C ASN CA 273 -10.53 4.44 112.02
N ASP CA 274 -10.83 4.30 110.72
CA ASP CA 274 -10.10 3.41 109.84
C ASP CA 274 -8.63 3.83 109.78
N THR CA 275 -7.75 2.88 110.11
CA THR CA 275 -6.31 3.06 110.10
C THR CA 275 -5.80 3.60 108.76
N ASN CA 276 -6.45 3.25 107.65
CA ASN CA 276 -6.04 3.72 106.33
C ASN CA 276 -6.32 5.21 106.11
N LEU CA 277 -7.22 5.82 106.89
CA LEU CA 277 -7.54 7.25 106.83
C LEU CA 277 -6.95 8.02 108.02
N ALA CA 278 -6.96 7.40 109.20
CA ALA CA 278 -6.46 8.00 110.43
C ALA CA 278 -4.94 8.23 110.36
N TYR CA 279 -4.16 7.24 109.91
CA TYR CA 279 -2.71 7.38 109.88
C TYR CA 279 -2.30 8.18 108.65
N ALA CA 280 -1.62 9.32 108.87
CA ALA CA 280 -1.33 10.29 107.82
C ALA CA 280 -0.51 9.70 106.67
N ASN CA 281 0.47 8.84 106.99
CA ASN CA 281 1.25 8.14 105.99
C ASN CA 281 0.40 7.19 105.14
N ARG CA 282 -0.59 6.50 105.73
CA ARG CA 282 -1.45 5.59 105.00
C ARG CA 282 -2.42 6.34 104.09
N ALA CA 283 -2.98 7.46 104.55
CA ALA CA 283 -3.84 8.33 103.76
C ALA CA 283 -3.07 9.18 102.75
N GLY CA 284 -1.77 9.40 102.96
CA GLY CA 284 -0.98 10.34 102.19
C GLY CA 284 -1.15 11.81 102.62
N THR CA 285 -1.97 12.07 103.65
CA THR CA 285 -2.20 13.38 104.24
C THR CA 285 -2.77 13.23 105.66
N ASN CA 286 -2.54 14.20 106.55
CA ASN CA 286 -3.13 14.19 107.89
C ASN CA 286 -4.50 14.88 107.95
N GLU CA 287 -5.08 15.27 106.81
CA GLU CA 287 -6.33 16.01 106.76
C GLU CA 287 -7.48 15.34 107.50
N VAL CA 288 -7.64 14.00 107.41
CA VAL CA 288 -8.74 13.33 108.11
C VAL CA 288 -8.57 13.40 109.63
N LEU CA 289 -7.35 13.14 110.11
CA LEU CA 289 -6.99 13.25 111.52
C LEU CA 289 -7.29 14.65 112.07
N ARG CA 290 -7.01 15.69 111.28
CA ARG CA 290 -7.19 17.07 111.71
C ARG CA 290 -8.62 17.58 111.55
N ASN CA 291 -9.24 17.34 110.38
CA ASN CA 291 -10.43 18.07 109.95
C ASN CA 291 -11.68 17.19 109.74
N ARG CA 292 -11.58 15.86 109.89
CA ARG CA 292 -12.73 14.96 109.91
C ARG CA 292 -13.53 15.06 108.59
N GLU CA 293 -14.86 15.33 108.62
CA GLU CA 293 -15.64 15.37 107.37
C GLU CA 293 -15.11 16.40 106.36
N ASP CA 294 -14.47 17.48 106.83
CA ASP CA 294 -14.06 18.59 105.99
C ASP CA 294 -12.76 18.33 105.22
N ALA CA 295 -12.10 17.19 105.49
CA ALA CA 295 -10.89 16.75 104.79
C ALA CA 295 -11.19 16.47 103.31
N PRO CA 296 -10.38 16.99 102.35
CA PRO CA 296 -10.64 16.78 100.93
C PRO CA 296 -10.58 15.32 100.47
N ILE CA 297 -9.88 14.42 101.18
CA ILE CA 297 -9.93 12.98 100.90
C ILE CA 297 -11.34 12.42 101.05
N VAL CA 298 -12.14 12.93 102.00
CA VAL CA 298 -13.44 12.34 102.29
C VAL CA 298 -14.39 12.48 101.10
N GLY CA 299 -14.24 13.55 100.31
CA GLY CA 299 -14.95 13.73 99.06
C GLY CA 299 -14.19 13.27 97.81
N ASP CA 300 -13.10 12.49 97.97
CA ASP CA 300 -12.27 12.01 96.86
C ASP CA 300 -11.66 10.66 97.24
N ILE CA 301 -12.52 9.68 97.59
CA ILE CA 301 -12.10 8.36 98.06
C ILE CA 301 -12.71 7.27 97.18
N ALA CA 302 -11.97 6.19 96.91
CA ALA CA 302 -12.44 5.00 96.20
C ALA CA 302 -13.06 5.32 94.83
N GLY CA 303 -12.61 6.40 94.17
CA GLY CA 303 -13.10 6.80 92.86
C GLY CA 303 -14.41 7.58 92.89
N LEU CA 304 -14.82 8.04 94.09
CA LEU CA 304 -16.03 8.82 94.28
C LEU CA 304 -15.66 10.30 94.35
N ASP CA 305 -16.39 11.12 93.58
CA ASP CA 305 -16.14 12.55 93.46
C ASP CA 305 -16.86 13.39 94.53
N MET CA 306 -17.73 12.78 95.34
CA MET CA 306 -18.55 13.56 96.27
C MET CA 306 -18.96 12.76 97.51
N HIS CA 307 -18.91 13.43 98.67
CA HIS CA 307 -19.47 12.91 99.91
C HIS CA 307 -20.64 13.79 100.37
N ALA CA 308 -21.78 13.14 100.62
CA ALA CA 308 -23.01 13.79 101.04
C ALA CA 308 -23.36 13.33 102.46
N ALA CA 309 -22.81 14.01 103.46
CA ALA CA 309 -23.07 13.70 104.85
C ALA CA 309 -24.56 13.92 105.18
N MET CA 310 -25.23 12.86 105.67
CA MET CA 310 -26.65 12.91 106.00
C MET CA 310 -26.87 12.82 107.52
N SER CA 311 -28.04 13.32 107.96
CA SER CA 311 -28.48 13.23 109.35
C SER CA 311 -29.13 11.88 109.65
N SER CA 312 -29.15 11.48 110.93
CA SER CA 312 -29.81 10.25 111.36
C SER CA 312 -31.33 10.33 111.24
N ALA CA 313 -31.90 11.52 111.47
CA ALA CA 313 -33.34 11.74 111.49
C ALA CA 313 -33.97 11.88 110.09
N THR CA 314 -33.18 12.04 109.03
CA THR CA 314 -33.69 12.35 107.70
C THR CA 314 -34.49 11.19 107.11
N TYR CA 315 -34.01 9.95 107.30
CA TYR CA 315 -34.66 8.79 106.73
C TYR CA 315 -36.05 8.59 107.33
N ASP CA 316 -37.00 8.17 106.50
CA ASP CA 316 -38.36 7.96 106.92
C ASP CA 316 -38.54 6.65 107.71
N ASP CA 317 -38.43 6.76 109.04
CA ASP CA 317 -38.71 5.65 109.96
C ASP CA 317 -40.21 5.31 110.03
N GLY CA 318 -41.09 6.14 109.46
CA GLY CA 318 -42.53 6.00 109.60
C GLY CA 318 -43.10 6.50 110.93
N THR CA 319 -42.26 7.19 111.73
CA THR CA 319 -42.65 7.68 113.06
C THR CA 319 -43.48 8.95 113.00
N ASP CA 320 -43.30 9.75 111.94
CA ASP CA 320 -43.81 11.11 111.88
C ASP CA 320 -45.17 11.15 111.17
N ILE CA 321 -46.05 12.03 111.63
CA ILE CA 321 -47.39 12.15 111.07
C ILE CA 321 -47.31 12.53 109.59
N GLY CA 322 -48.06 11.82 108.74
CA GLY CA 322 -48.05 12.07 107.31
C GLY CA 322 -47.02 11.24 106.54
N TRP CA 323 -46.03 10.66 107.24
CA TRP CA 323 -44.96 9.89 106.61
C TRP CA 323 -45.12 8.39 106.92
N SER CA 324 -45.07 7.54 105.88
CA SER CA 324 -45.17 6.09 106.00
C SER CA 324 -43.83 5.43 105.67
N GLY CA 325 -43.27 4.68 106.63
CA GLY CA 325 -41.82 4.44 106.66
C GLY CA 325 -41.26 3.66 105.47
N GLY CA 326 -39.95 3.84 105.24
CA GLY CA 326 -39.20 3.05 104.27
C GLY CA 326 -39.01 1.60 104.71
N SER CA 327 -38.43 0.77 103.81
CA SER CA 327 -38.28 -0.66 104.00
C SER CA 327 -37.07 -1.05 104.86
N GLU CA 328 -36.08 -0.16 104.98
CA GLU CA 328 -34.79 -0.45 105.60
C GLU CA 328 -34.67 0.13 107.02
N THR CA 329 -33.54 -0.13 107.68
CA THR CA 329 -33.12 0.64 108.85
C THR CA 329 -31.91 1.48 108.46
N TRP CA 330 -32.04 2.81 108.54
CA TRP CA 330 -30.93 3.74 108.38
C TRP CA 330 -30.14 3.78 109.69
N GLY CA 331 -28.86 3.39 109.62
CA GLY CA 331 -28.01 3.30 110.80
C GLY CA 331 -26.71 2.56 110.52
N PHE CA 332 -25.83 2.48 111.51
CA PHE CA 332 -24.65 1.61 111.39
C PHE CA 332 -24.22 1.13 112.77
N SER CA 333 -25.17 0.55 113.49
CA SER CA 333 -25.06 0.25 114.92
C SER CA 333 -25.11 -1.26 115.19
N SER CA 334 -25.82 -1.99 114.33
CA SER CA 334 -26.31 -3.32 114.64
C SER CA 334 -26.58 -4.10 113.36
N ASP CA 335 -26.59 -5.44 113.50
CA ASP CA 335 -26.70 -6.41 112.43
C ASP CA 335 -27.83 -6.06 111.44
N GLY CA 336 -27.45 -5.70 110.20
CA GLY CA 336 -28.41 -5.42 109.15
C GLY CA 336 -28.71 -3.94 108.86
N ASP CA 337 -28.25 -2.99 109.70
CA ASP CA 337 -28.45 -1.57 109.41
C ASP CA 337 -27.77 -1.16 108.09
N LYS CA 338 -28.44 -0.35 107.26
CA LYS CA 338 -27.84 0.27 106.09
C LYS CA 338 -27.22 1.61 106.50
N GLY CA 339 -25.89 1.72 106.42
CA GLY CA 339 -25.17 2.88 106.94
C GLY CA 339 -24.67 3.87 105.90
N ALA CA 340 -24.55 3.41 104.64
CA ALA CA 340 -24.12 4.27 103.55
C ALA CA 340 -24.73 3.78 102.25
N VAL CA 341 -24.84 4.68 101.27
CA VAL CA 341 -25.16 4.31 99.90
C VAL CA 341 -24.07 4.88 99.01
N VAL CA 342 -23.48 4.02 98.17
CA VAL CA 342 -22.48 4.38 97.18
C VAL CA 342 -23.16 4.23 95.82
N TYR CA 343 -23.16 5.29 94.99
CA TYR CA 343 -24.06 5.31 93.84
C TYR CA 343 -23.63 6.32 92.78
N ASP CA 344 -24.27 6.22 91.61
CA ASP CA 344 -24.13 7.15 90.50
C ASP CA 344 -25.14 8.30 90.62
N ARG CA 345 -24.64 9.51 90.89
CA ARG CA 345 -25.44 10.70 91.14
C ARG CA 345 -26.33 11.10 89.97
N ASP CA 346 -25.99 10.69 88.75
CA ASP CA 346 -26.76 11.01 87.56
C ASP CA 346 -27.94 10.05 87.34
N ASN CA 347 -27.98 8.93 88.08
CA ASN CA 347 -29.00 7.89 87.94
C ASN CA 347 -30.06 7.92 89.05
N ILE CA 348 -30.07 8.96 89.88
CA ILE CA 348 -31.18 9.21 90.79
C ILE CA 348 -31.61 10.67 90.70
N HIS CA 349 -32.90 10.85 90.47
CA HIS CA 349 -33.52 12.14 90.16
C HIS CA 349 -34.36 12.61 91.33
N THR CA 350 -34.19 13.89 91.69
CA THR CA 350 -35.15 14.59 92.52
C THR CA 350 -35.96 15.48 91.60
N ILE CA 351 -37.29 15.33 91.63
CA ILE CA 351 -38.14 16.06 90.72
C ILE CA 351 -38.91 17.09 91.53
N LEU CA 352 -38.74 18.37 91.19
CA LEU CA 352 -39.39 19.47 91.87
C LEU CA 352 -40.35 20.18 90.92
N TYR CA 353 -41.59 20.40 91.39
CA TYR CA 353 -42.59 21.14 90.63
C TYR CA 353 -43.17 22.25 91.52
N ALA CA 354 -43.36 23.43 90.94
CA ALA CA 354 -44.05 24.53 91.60
C ALA CA 354 -44.91 25.27 90.58
N PRO CA 355 -46.21 25.55 90.85
CA PRO CA 355 -47.07 26.20 89.86
C PRO CA 355 -46.67 27.65 89.55
N ASN CA 356 -46.20 28.38 90.57
CA ASN CA 356 -46.08 29.82 90.52
C ASN CA 356 -44.62 30.28 90.42
N GLY CA 357 -43.71 29.37 90.02
CA GLY CA 357 -42.28 29.65 89.93
C GLY CA 357 -41.46 28.39 89.68
N GLN CA 358 -40.33 28.26 90.38
CA GLN CA 358 -39.34 27.21 90.17
C GLN CA 358 -39.06 26.41 91.46
N ASP CA 359 -39.41 26.98 92.63
CA ASP CA 359 -38.94 26.51 93.93
C ASP CA 359 -40.04 26.68 95.00
N VAL CA 360 -39.70 26.53 96.30
CA VAL CA 360 -40.63 26.74 97.41
C VAL CA 360 -41.37 28.08 97.27
N GLU CA 361 -42.71 28.03 97.36
CA GLU CA 361 -43.52 29.24 97.37
C GLU CA 361 -44.10 29.45 98.76
N ILE CA 362 -43.81 30.63 99.33
CA ILE CA 362 -44.36 31.02 100.62
C ILE CA 362 -45.44 32.07 100.39
N LYS CA 363 -46.62 31.80 100.95
CA LYS CA 363 -47.77 32.69 100.93
C LYS CA 363 -48.09 33.07 102.38
N ASP CA 364 -48.64 34.27 102.57
CA ASP CA 364 -49.06 34.73 103.88
C ASP CA 364 -50.39 35.47 103.80
N TYR CA 365 -51.06 35.61 104.94
CA TYR CA 365 -52.40 36.18 104.98
C TYR CA 365 -52.71 36.73 106.37
N GLU CA 366 -53.60 37.73 106.41
CA GLU CA 366 -54.15 38.23 107.65
C GLU CA 366 -55.63 37.83 107.72
N ASP CA 367 -56.05 37.32 108.89
CA ASP CA 367 -57.44 37.10 109.20
C ASP CA 367 -57.95 38.29 110.02
N PRO CA 368 -58.74 39.22 109.44
CA PRO CA 368 -59.24 40.38 110.19
C PRO CA 368 -60.40 40.05 111.12
N ILE CA 369 -60.98 38.84 111.00
CA ILE CA 369 -62.06 38.40 111.86
C ILE CA 369 -61.49 37.92 113.20
N ARG CA 370 -60.27 37.32 113.17
CA ARG CA 370 -59.65 36.68 114.32
C ARG CA 370 -58.36 37.36 114.79
N ASP CA 371 -57.89 38.41 114.11
CA ASP CA 371 -56.66 39.12 114.44
C ASP CA 371 -55.44 38.17 114.43
N ILE CA 372 -55.37 37.31 113.41
CA ILE CA 372 -54.29 36.33 113.25
C ILE CA 372 -53.57 36.61 111.93
N THR CA 373 -52.25 36.46 111.94
CA THR CA 373 -51.47 36.38 110.70
C THR CA 373 -50.99 34.94 110.50
N GLY CA 374 -51.17 34.41 109.29
CA GLY CA 374 -50.70 33.08 108.92
C GLY CA 374 -49.62 33.13 107.84
N VAL CA 375 -48.70 32.16 107.87
CA VAL CA 375 -47.66 31.97 106.87
C VAL CA 375 -47.67 30.49 106.49
N ASN CA 376 -47.57 30.17 105.19
CA ASN CA 376 -47.44 28.77 104.80
C ASN CA 376 -46.58 28.62 103.54
N GLY CA 377 -45.96 27.44 103.39
CA GLY CA 377 -45.14 27.12 102.23
C GLY CA 377 -45.59 25.84 101.56
N ARG CA 378 -45.27 25.71 100.26
CA ARG CA 378 -45.50 24.47 99.53
C ARG CA 378 -44.41 24.25 98.48
N LEU CA 379 -44.16 22.96 98.20
CA LEU CA 379 -43.41 22.51 97.05
C LEU CA 379 -43.91 21.12 96.67
N HIS CA 380 -43.81 20.73 95.40
CA HIS CA 380 -44.12 19.37 95.03
C HIS CA 380 -42.82 18.64 94.74
N VAL CA 381 -42.61 17.49 95.37
CA VAL CA 381 -41.35 16.75 95.23
C VAL CA 381 -41.61 15.25 95.03
N ASP CA 382 -40.78 14.63 94.18
CA ASP CA 382 -40.64 13.19 94.09
C ASP CA 382 -39.15 12.85 93.99
N CYS CA 383 -38.80 11.59 94.27
CA CYS CA 383 -37.48 11.10 93.96
C CYS CA 383 -37.56 9.68 93.39
N GLN CA 384 -36.80 9.42 92.32
CA GLN CA 384 -36.82 8.14 91.63
C GLN CA 384 -35.42 7.79 91.11
N TYR CA 385 -34.99 6.52 91.23
CA TYR CA 385 -33.87 6.05 90.42
C TYR CA 385 -34.30 5.85 88.97
N SER CA 386 -33.39 6.15 88.03
CA SER CA 386 -33.48 5.62 86.67
C SER CA 386 -32.79 4.26 86.53
N GLN CA 387 -31.74 4.00 87.33
CA GLN CA 387 -31.08 2.70 87.38
C GLN CA 387 -30.67 2.41 88.82
N GLY CA 388 -31.51 1.70 89.58
CA GLY CA 388 -31.20 1.33 90.95
C GLY CA 388 -29.97 0.42 91.07
N ARG CA 389 -29.62 -0.30 89.99
CA ARG CA 389 -28.40 -1.08 89.87
C ARG CA 389 -27.13 -0.23 89.91
N SER CA 390 -27.22 1.07 89.57
CA SER CA 390 -26.08 1.97 89.67
C SER CA 390 -25.76 2.38 91.12
N SER CA 391 -26.39 1.70 92.10
CA SER CA 391 -26.33 2.05 93.52
C SER CA 391 -26.16 0.81 94.37
N ALA CA 392 -25.37 0.92 95.45
CA ALA CA 392 -25.18 -0.13 96.44
C ALA CA 392 -25.29 0.45 97.86
N THR CA 393 -26.06 -0.20 98.75
CA THR CA 393 -25.96 0.07 100.17
C THR CA 393 -24.74 -0.61 100.77
N VAL CA 394 -24.19 -0.03 101.84
CA VAL CA 394 -23.24 -0.71 102.72
C VAL CA 394 -24.03 -1.12 103.95
N GLN CA 395 -23.91 -2.39 104.36
CA GLN CA 395 -24.73 -2.94 105.43
C GLN CA 395 -23.84 -3.50 106.55
N TYR CA 396 -24.22 -3.21 107.79
CA TYR CA 396 -23.59 -3.74 108.98
C TYR CA 396 -23.81 -5.26 109.13
N PHE DA 101 35.05 26.09 169.59
CA PHE DA 101 36.55 26.01 169.54
C PHE DA 101 37.07 27.45 169.42
N ALA DA 102 37.85 27.75 168.38
CA ALA DA 102 37.92 29.10 167.85
C ALA DA 102 36.53 29.49 167.34
N ALA DA 103 36.29 30.80 167.15
CA ALA DA 103 35.00 31.27 166.63
C ALA DA 103 34.73 30.77 165.22
N SER DA 104 33.53 30.21 165.00
CA SER DA 104 33.07 29.69 163.72
C SER DA 104 31.60 30.06 163.51
N ASP DA 105 31.15 30.14 162.26
CA ASP DA 105 29.81 30.66 162.01
C ASP DA 105 28.68 29.80 162.58
N PRO DA 106 28.76 28.45 162.64
CA PRO DA 106 27.73 27.63 163.28
C PRO DA 106 27.46 27.94 164.75
N GLU DA 107 28.43 28.55 165.46
CA GLU DA 107 28.26 28.91 166.87
C GLU DA 107 27.46 30.20 167.05
N TYR DA 108 27.53 31.10 166.06
CA TYR DA 108 27.10 32.49 166.22
C TYR DA 108 26.05 32.93 165.20
N VAL DA 109 25.49 31.98 164.44
CA VAL DA 109 24.58 32.14 163.30
C VAL DA 109 23.34 32.99 163.56
N ASP DA 110 22.99 33.21 164.84
CA ASP DA 110 21.86 34.07 165.18
C ASP DA 110 22.22 35.08 166.29
N THR DA 111 23.50 35.50 166.34
CA THR DA 111 24.03 36.35 167.41
C THR DA 111 25.03 37.41 166.91
N LEU DA 112 25.91 37.05 165.95
CA LEU DA 112 26.83 38.00 165.34
C LEU DA 112 26.37 38.45 163.95
N PHE DA 113 25.39 37.73 163.38
CA PHE DA 113 24.74 38.01 162.10
C PHE DA 113 23.42 37.25 162.08
N ARG DA 114 22.54 37.53 161.10
CA ARG DA 114 21.33 36.73 160.88
C ARG DA 114 21.47 35.96 159.56
N GLU DA 115 20.87 34.76 159.50
CA GLU DA 115 20.73 34.02 158.25
C GLU DA 115 20.08 34.92 157.18
N GLN DA 116 20.63 34.94 155.96
CA GLN DA 116 20.05 35.72 154.87
C GLN DA 116 18.64 35.21 154.53
N LEU DA 117 17.69 36.14 154.39
CA LEU DA 117 16.38 35.82 153.87
C LEU DA 117 16.26 36.41 152.47
N LEU DA 118 16.06 35.56 151.46
CA LEU DA 118 16.02 35.99 150.08
C LEU DA 118 14.75 36.80 149.83
N GLU DA 119 14.87 38.03 149.31
CA GLU DA 119 13.76 38.98 149.31
C GLU DA 119 12.63 38.61 148.34
N VAL DA 120 12.94 37.85 147.28
CA VAL DA 120 11.94 37.42 146.30
C VAL DA 120 11.20 36.19 146.84
N VAL DA 121 9.90 36.37 147.16
CA VAL DA 121 9.04 35.25 147.53
C VAL DA 121 8.70 34.38 146.30
N MET DA 122 8.93 33.08 146.41
CA MET DA 122 8.67 32.12 145.34
C MET DA 122 7.16 31.81 145.28
N GLU DA 123 6.60 31.81 144.06
CA GLU DA 123 5.17 31.58 143.86
C GLU DA 123 4.75 30.14 144.16
N GLY DA 124 3.47 29.98 144.52
CA GLY DA 124 2.86 28.66 144.62
C GLY DA 124 2.47 28.11 143.27
N ARG DA 125 1.67 27.04 143.30
CA ARG DA 125 0.99 26.48 142.14
C ARG DA 125 0.04 27.51 141.53
N GLU DA 126 -0.11 27.48 140.19
CA GLU DA 126 -1.13 28.27 139.49
C GLU DA 126 -1.97 27.36 138.59
N LEU DA 127 -3.31 27.53 138.65
CA LEU DA 127 -4.22 26.71 137.88
C LEU DA 127 -4.46 27.30 136.49
N ARG DA 128 -4.75 26.42 135.52
CA ARG DA 128 -5.05 26.84 134.14
C ARG DA 128 -6.40 27.56 134.08
N LYS DA 129 -6.45 28.69 133.37
CA LYS DA 129 -7.62 29.55 133.27
C LYS DA 129 -8.05 29.66 131.81
N VAL DA 130 -9.26 29.19 131.48
CA VAL DA 130 -9.69 29.04 130.08
C VAL DA 130 -11.14 29.45 129.83
N ALA DA 131 -12.01 29.48 130.85
CA ALA DA 131 -13.46 29.65 130.69
C ALA DA 131 -13.85 30.87 129.84
N ARG DA 132 -13.12 31.99 129.98
CA ARG DA 132 -13.44 33.24 129.31
C ARG DA 132 -13.19 33.19 127.80
N GLU DA 133 -12.39 32.21 127.33
CA GLU DA 133 -12.13 31.98 125.92
C GLU DA 133 -12.85 30.72 125.40
N ALA DA 134 -12.97 29.69 126.25
CA ALA DA 134 -13.55 28.39 125.93
C ALA DA 134 -15.08 28.38 125.89
N SER DA 135 -15.75 29.52 126.14
CA SER DA 135 -17.21 29.62 126.20
C SER DA 135 -17.69 30.98 125.71
N ASN DA 136 -19.00 31.11 125.41
CA ASN DA 136 -19.58 32.40 125.07
C ASN DA 136 -19.85 33.20 126.35
N VAL DA 137 -19.06 34.27 126.62
CA VAL DA 137 -19.28 35.08 127.82
C VAL DA 137 -20.42 36.09 127.60
N ILE DA 138 -21.38 36.11 128.53
CA ILE DA 138 -22.44 37.12 128.60
C ILE DA 138 -22.16 38.01 129.81
N ASN DA 139 -22.01 39.32 129.59
CA ASN DA 139 -22.03 40.30 130.67
C ASN DA 139 -23.49 40.69 130.94
N ALA DA 140 -24.12 40.04 131.93
CA ALA DA 140 -25.53 40.24 132.20
C ALA DA 140 -25.83 41.61 132.83
N ASN DA 141 -27.01 42.15 132.53
CA ASN DA 141 -27.51 43.38 133.15
C ASN DA 141 -28.19 43.11 134.49
N THR DA 142 -28.68 41.88 134.70
CA THR DA 142 -29.33 41.45 135.93
C THR DA 142 -28.77 40.10 136.37
N ARG DA 143 -28.71 39.88 137.69
CA ARG DA 143 -28.13 38.69 138.28
C ARG DA 143 -28.90 37.42 137.89
N VAL DA 144 -30.23 37.56 137.73
CA VAL DA 144 -31.09 36.49 137.23
C VAL DA 144 -31.60 36.87 135.84
N GLY DA 145 -31.69 35.90 134.93
CA GLY DA 145 -32.23 36.14 133.61
C GLY DA 145 -32.60 34.86 132.87
N ASP DA 146 -32.98 35.03 131.60
CA ASP DA 146 -33.39 33.95 130.72
C ASP DA 146 -32.88 34.21 129.30
N VAL DA 147 -32.67 33.14 128.54
CA VAL DA 147 -32.41 33.25 127.11
C VAL DA 147 -33.32 32.31 126.32
N PRO DA 148 -33.98 32.75 125.22
CA PRO DA 148 -34.90 31.90 124.48
C PRO DA 148 -34.25 30.83 123.61
N ILE DA 149 -34.79 29.62 123.68
CA ILE DA 149 -34.44 28.52 122.81
C ILE DA 149 -35.64 28.24 121.91
N ALA DA 150 -35.41 28.18 120.60
CA ALA DA 150 -36.42 27.72 119.63
C ALA DA 150 -36.40 26.19 119.51
N SER DA 151 -37.56 25.62 119.16
CA SER DA 151 -37.70 24.19 118.87
C SER DA 151 -36.81 23.75 117.70
N ASP DA 152 -36.49 22.46 117.66
CA ASP DA 152 -35.77 21.86 116.54
C ASP DA 152 -36.50 22.05 115.20
N GLU DA 153 -35.73 21.86 114.11
CA GLU DA 153 -36.32 21.70 112.78
C GLU DA 153 -37.22 20.45 112.69
N GLU DA 154 -38.23 20.53 111.83
CA GLU DA 154 -39.12 19.42 111.54
C GLU DA 154 -39.18 19.15 110.03
N PHE DA 155 -40.17 18.35 109.60
CA PHE DA 155 -40.37 17.97 108.21
C PHE DA 155 -41.75 18.40 107.74
N ALA DA 156 -41.82 18.89 106.51
CA ALA DA 156 -43.09 19.24 105.88
C ALA DA 156 -44.01 18.02 105.77
N ARG DA 157 -45.33 18.24 105.73
CA ARG DA 157 -46.30 17.15 105.59
C ARG DA 157 -46.80 17.07 104.16
N PRO DA 158 -47.02 15.85 103.61
CA PRO DA 158 -47.71 15.70 102.32
C PRO DA 158 -49.18 16.05 102.44
N THR DA 159 -49.71 16.72 101.41
CA THR DA 159 -51.07 17.25 101.38
C THR DA 159 -51.69 17.03 100.00
N GLY DA 160 -53.01 16.76 99.95
CA GLY DA 160 -53.72 16.60 98.68
C GLY DA 160 -53.84 17.91 97.90
N GLN DA 161 -53.98 17.83 96.56
CA GLN DA 161 -54.16 19.02 95.75
C GLN DA 161 -55.48 19.72 96.07
N GLY DA 162 -55.41 21.01 96.45
CA GLY DA 162 -56.58 21.78 96.86
C GLY DA 162 -56.99 21.59 98.32
N ALA DA 163 -56.26 20.77 99.10
CA ALA DA 163 -56.56 20.54 100.51
C ALA DA 163 -55.90 21.61 101.40
N GLU DA 164 -56.40 21.75 102.64
CA GLU DA 164 -55.91 22.75 103.59
C GLU DA 164 -54.48 22.44 104.04
N ILE DA 165 -53.57 23.42 103.98
CA ILE DA 165 -52.26 23.28 104.61
C ILE DA 165 -52.42 23.32 106.13
N ARG DA 166 -51.95 22.27 106.82
CA ARG DA 166 -52.01 22.16 108.27
C ARG DA 166 -50.84 22.91 108.93
N ASP DA 167 -51.03 23.34 110.18
CA ASP DA 167 -50.02 24.09 110.92
C ASP DA 167 -49.09 23.20 111.74
N ASP DA 168 -47.81 23.61 111.80
CA ASP DA 168 -46.82 23.11 112.74
C ASP DA 168 -45.78 24.23 112.95
N GLY DA 169 -46.20 25.28 113.66
CA GLY DA 169 -45.38 26.48 113.85
C GLY DA 169 -44.21 26.26 114.80
N GLU DA 170 -43.29 27.25 114.85
CA GLU DA 170 -42.17 27.20 115.80
C GLU DA 170 -42.69 27.33 117.24
N THR DA 171 -41.98 26.68 118.18
CA THR DA 171 -42.30 26.71 119.60
C THR DA 171 -41.06 27.15 120.39
N TYR DA 172 -41.25 27.77 121.55
CA TYR DA 172 -40.16 28.40 122.29
C TYR DA 172 -40.16 28.00 123.76
N THR DA 173 -38.96 28.02 124.35
CA THR DA 173 -38.72 27.82 125.77
C THR DA 173 -37.54 28.70 126.18
N THR DA 174 -37.10 28.62 127.45
CA THR DA 174 -35.89 29.33 127.86
C THR DA 174 -34.97 28.44 128.68
N VAL DA 175 -33.69 28.80 128.74
CA VAL DA 175 -32.83 28.37 129.83
C VAL DA 175 -32.59 29.59 130.73
N ALA DA 176 -32.80 29.41 132.03
CA ALA DA 176 -32.56 30.45 133.01
C ALA DA 176 -31.09 30.50 133.42
N TRP DA 177 -30.61 31.69 133.83
CA TRP DA 177 -29.40 31.81 134.63
C TRP DA 177 -29.73 32.51 135.94
N ASN DA 178 -29.01 32.16 137.00
CA ASN DA 178 -28.99 32.96 138.21
C ASN DA 178 -27.57 32.94 138.75
N ALA DA 179 -26.87 34.05 138.55
CA ALA DA 179 -25.46 34.18 138.89
C ALA DA 179 -25.27 34.12 140.41
N THR DA 180 -24.27 33.37 140.85
CA THR DA 180 -23.98 33.12 142.26
C THR DA 180 -22.77 33.96 142.66
N LYS DA 181 -22.86 34.66 143.81
CA LYS DA 181 -21.80 35.52 144.30
C LYS DA 181 -20.62 34.68 144.79
N LEU DA 182 -19.54 34.59 144.01
CA LEU DA 182 -18.28 34.05 144.49
C LEU DA 182 -17.51 35.15 145.21
N THR DA 183 -16.90 34.82 146.36
CA THR DA 183 -16.16 35.79 147.16
C THR DA 183 -14.93 35.17 147.80
N GLU DA 184 -13.94 36.01 148.12
CA GLU DA 184 -12.83 35.64 148.99
C GLU DA 184 -12.27 36.90 149.63
N GLY DA 185 -11.81 36.80 150.89
CA GLY DA 185 -11.16 37.89 151.57
C GLY DA 185 -9.85 37.48 152.25
N SER DA 186 -9.18 38.49 152.84
CA SER DA 186 -7.94 38.32 153.58
C SER DA 186 -7.78 39.47 154.58
N ARG DA 187 -7.13 39.22 155.73
CA ARG DA 187 -6.86 40.25 156.73
C ARG DA 187 -5.41 40.15 157.23
N VAL DA 188 -4.77 41.31 157.39
CA VAL DA 188 -3.38 41.45 157.78
C VAL DA 188 -3.27 42.52 158.88
N THR DA 189 -2.49 42.27 159.93
CA THR DA 189 -2.29 43.30 160.96
C THR DA 189 -1.32 44.37 160.47
N ASP DA 190 -1.43 45.59 160.98
CA ASP DA 190 -0.55 46.68 160.59
C ASP DA 190 0.91 46.42 160.95
N GLU DA 191 1.19 45.69 162.05
CA GLU DA 191 2.54 45.32 162.43
C GLU DA 191 3.15 44.33 161.42
N MET DA 192 2.33 43.39 160.92
CA MET DA 192 2.80 42.44 159.92
C MET DA 192 3.03 43.15 158.59
N ARG DA 193 2.10 44.02 158.19
CA ARG DA 193 2.18 44.81 156.98
C ARG DA 193 3.43 45.70 156.94
N ASP DA 194 3.79 46.28 158.09
CA ASP DA 194 5.01 47.05 158.25
C ASP DA 194 6.28 46.19 158.07
N GLN DA 195 6.38 45.09 158.81
CA GLN DA 195 7.62 44.32 158.95
C GLN DA 195 7.94 43.43 157.76
N ALA DA 196 6.95 43.05 156.94
CA ALA DA 196 7.16 42.18 155.79
C ALA DA 196 8.09 42.81 154.75
N MET DA 197 8.92 41.98 154.08
CA MET DA 197 9.77 42.41 152.98
C MET DA 197 8.99 42.62 151.66
N VAL DA 198 7.69 42.31 151.66
CA VAL DA 198 6.82 42.27 150.48
C VAL DA 198 5.54 43.05 150.78
N ASP DA 199 4.95 43.68 149.76
CA ASP DA 199 3.66 44.33 149.90
C ASP DA 199 2.56 43.28 150.05
N LEU DA 200 2.20 42.97 151.31
CA LEU DA 200 1.22 41.95 151.63
C LEU DA 200 -0.18 42.29 151.12
N ILE DA 201 -0.53 43.59 151.04
CA ILE DA 201 -1.84 43.97 150.51
C ILE DA 201 -1.88 43.71 149.00
N GLU DA 202 -0.87 44.17 148.25
CA GLU DA 202 -0.84 43.95 146.81
C GLU DA 202 -0.82 42.45 146.50
N ARG DA 203 -0.03 41.68 147.26
CA ARG DA 203 0.09 40.24 147.14
C ARG DA 203 -1.25 39.52 147.44
N ASN DA 204 -1.96 39.95 148.48
CA ASN DA 204 -3.31 39.44 148.75
C ASN DA 204 -4.32 39.84 147.67
N ILE DA 205 -4.22 41.05 147.11
CA ILE DA 205 -5.06 41.46 145.98
C ILE DA 205 -4.86 40.55 144.77
N GLN DA 206 -3.61 40.16 144.46
CA GLN DA 206 -3.33 39.20 143.40
C GLN DA 206 -4.01 37.86 143.68
N ARG DA 207 -3.88 37.35 144.91
CA ARG DA 207 -4.49 36.09 145.32
C ARG DA 207 -6.02 36.16 145.16
N VAL DA 208 -6.65 37.22 145.66
CA VAL DA 208 -8.09 37.42 145.56
C VAL DA 208 -8.55 37.37 144.09
N GLY DA 209 -7.89 38.11 143.20
CA GLY DA 209 -8.20 38.09 141.77
C GLY DA 209 -8.08 36.70 141.16
N ALA DA 210 -6.96 36.03 141.41
CA ALA DA 210 -6.71 34.67 140.92
C ALA DA 210 -7.72 33.66 141.46
N SER DA 211 -8.12 33.81 142.72
CA SER DA 211 -9.09 32.95 143.36
C SER DA 211 -10.48 33.08 142.73
N LEU DA 212 -10.87 34.30 142.35
CA LEU DA 212 -12.12 34.53 141.63
C LEU DA 212 -12.06 33.97 140.20
N GLU DA 213 -10.94 34.11 139.49
CA GLU DA 213 -10.75 33.48 138.19
C GLU DA 213 -10.87 31.95 138.28
N ASN DA 214 -10.23 31.34 139.29
CA ASN DA 214 -10.38 29.93 139.55
C ASN DA 214 -11.83 29.56 139.82
N GLY DA 215 -12.54 30.40 140.58
CA GLY DA 215 -13.99 30.29 140.80
C GLY DA 215 -14.80 30.25 139.51
N ILE DA 216 -14.59 31.19 138.58
CA ILE DA 216 -15.24 31.17 137.27
C ILE DA 216 -14.99 29.83 136.58
N ASN DA 217 -13.71 29.42 136.52
CA ASN DA 217 -13.31 28.20 135.84
C ASN DA 217 -13.96 26.95 136.46
N ARG DA 218 -14.13 26.91 137.79
CA ARG DA 218 -14.86 25.83 138.46
C ARG DA 218 -16.32 25.80 138.06
N VAL DA 219 -17.01 26.94 138.07
CA VAL DA 219 -18.42 27.00 137.69
C VAL DA 219 -18.62 26.56 136.25
N PHE DA 220 -17.79 27.07 135.33
CA PHE DA 220 -17.77 26.67 133.93
C PHE DA 220 -17.59 25.16 133.77
N LEU DA 221 -16.49 24.61 134.30
CA LEU DA 221 -16.15 23.21 134.08
C LEU DA 221 -17.19 22.27 134.71
N THR DA 222 -17.77 22.65 135.84
CA THR DA 222 -18.77 21.83 136.50
C THR DA 222 -20.07 21.75 135.69
N GLU DA 223 -20.55 22.85 135.12
CA GLU DA 223 -21.66 22.82 134.17
C GLU DA 223 -21.30 21.96 132.95
N LEU DA 224 -20.14 22.25 132.34
CA LEU DA 224 -19.70 21.63 131.11
C LEU DA 224 -19.69 20.10 131.23
N VAL DA 225 -19.08 19.57 132.30
CA VAL DA 225 -18.95 18.15 132.54
C VAL DA 225 -20.28 17.51 132.96
N ASP DA 226 -21.06 18.14 133.85
CA ASP DA 226 -22.25 17.50 134.40
C ASP DA 226 -23.41 17.43 133.41
N ASN DA 227 -23.62 18.49 132.61
CA ASN DA 227 -24.83 18.66 131.82
C ASN DA 227 -24.65 18.40 130.32
N ALA DA 228 -23.46 17.94 129.90
CA ALA DA 228 -23.27 17.37 128.56
C ALA DA 228 -24.23 16.18 128.38
N GLN DA 229 -25.06 16.22 127.33
CA GLN DA 229 -26.12 15.24 127.16
C GLN DA 229 -25.65 13.92 126.53
N ASN DA 230 -24.54 13.96 125.79
CA ASN DA 230 -23.93 12.77 125.20
C ASN DA 230 -22.71 12.30 125.99
N ASN DA 231 -22.33 11.03 125.77
CA ASN DA 231 -21.14 10.46 126.39
C ASN DA 231 -20.55 9.40 125.46
N HIS DA 232 -19.22 9.33 125.37
CA HIS DA 232 -18.53 8.21 124.77
C HIS DA 232 -17.79 7.44 125.86
N ASP DA 233 -18.24 6.22 126.12
CA ASP DA 233 -17.64 5.36 127.12
C ASP DA 233 -16.51 4.53 126.48
N THR DA 234 -15.26 4.83 126.83
CA THR DA 234 -14.13 4.15 126.21
C THR DA 234 -13.95 2.72 126.73
N ALA DA 235 -14.32 2.47 128.00
CA ALA DA 235 -14.15 1.17 128.66
C ALA DA 235 -12.70 0.68 128.55
N GLY DA 236 -11.74 1.49 129.03
CA GLY DA 236 -10.33 1.25 128.73
C GLY DA 236 -10.05 1.38 127.23
N SER DA 237 -9.24 0.49 126.66
CA SER DA 237 -9.12 0.34 125.20
C SER DA 237 -8.63 1.61 124.46
N ASN DA 238 -9.38 2.09 123.45
CA ASN DA 238 -8.89 2.99 122.42
C ASN DA 238 -9.06 4.46 122.85
N GLN DA 239 -8.32 4.87 123.88
CA GLN DA 239 -8.67 6.10 124.60
C GLN DA 239 -8.13 7.39 123.98
N GLY DA 240 -7.21 7.31 122.99
CA GLY DA 240 -6.64 8.50 122.36
C GLY DA 240 -7.55 9.11 121.29
N TYR DA 241 -7.01 9.33 120.08
CA TYR DA 241 -7.75 9.95 118.99
C TYR DA 241 -9.11 9.28 118.71
N GLN DA 242 -9.20 7.95 118.81
CA GLN DA 242 -10.46 7.25 118.56
C GLN DA 242 -11.58 7.69 119.51
N ALA DA 243 -11.27 7.94 120.78
CA ALA DA 243 -12.26 8.42 121.74
C ALA DA 243 -12.75 9.82 121.36
N LEU DA 244 -11.84 10.69 120.90
CA LEU DA 244 -12.16 12.02 120.42
C LEU DA 244 -13.06 11.94 119.19
N ASN DA 245 -12.67 11.18 118.16
CA ASN DA 245 -13.47 10.97 116.97
C ASN DA 245 -14.85 10.39 117.30
N SER DA 246 -14.93 9.49 118.29
CA SER DA 246 -16.19 8.89 118.72
C SER DA 246 -17.07 9.89 119.46
N ALA DA 247 -16.48 10.73 120.33
CA ALA DA 247 -17.21 11.78 121.01
C ALA DA 247 -17.77 12.80 120.02
N VAL DA 248 -16.98 13.21 119.01
CA VAL DA 248 -17.49 14.03 117.91
C VAL DA 248 -18.64 13.30 117.22
N GLY DA 249 -18.51 12.00 116.98
CA GLY DA 249 -19.58 11.19 116.41
C GLY DA 249 -20.88 11.19 117.22
N GLU DA 250 -20.80 11.16 118.54
CA GLU DA 250 -21.97 11.22 119.41
C GLU DA 250 -22.69 12.58 119.30
N VAL DA 251 -21.94 13.67 119.12
CA VAL DA 251 -22.53 14.99 118.93
C VAL DA 251 -23.09 15.14 117.51
N ASP DA 252 -22.34 14.67 116.50
CA ASP DA 252 -22.73 14.65 115.09
C ASP DA 252 -24.06 13.89 114.91
N LYS DA 253 -24.24 12.79 115.65
CA LYS DA 253 -25.45 11.98 115.68
C LYS DA 253 -26.68 12.70 116.27
N ASP DA 254 -26.48 13.78 117.04
CA ASP DA 254 -27.57 14.66 117.47
C ASP DA 254 -27.72 15.91 116.58
N ASP DA 255 -26.95 16.00 115.48
CA ASP DA 255 -27.00 17.10 114.51
C ASP DA 255 -26.57 18.45 115.08
N PHE DA 256 -25.50 18.44 115.88
CA PHE DA 256 -24.72 19.62 116.24
C PHE DA 256 -23.26 19.42 115.81
N ARG DA 257 -22.55 20.51 115.51
CA ARG DA 257 -21.13 20.43 115.14
C ARG DA 257 -20.29 20.90 116.33
N PRO DA 258 -19.52 20.03 117.03
CA PRO DA 258 -18.62 20.51 118.07
C PRO DA 258 -17.40 21.18 117.45
N ASP DA 259 -16.72 22.04 118.22
CA ASP DA 259 -15.56 22.77 117.73
C ASP DA 259 -14.46 22.93 118.78
N THR DA 260 -14.68 22.47 120.02
CA THR DA 260 -13.77 22.74 121.12
C THR DA 260 -13.68 21.49 122.00
N TYR DA 261 -12.53 21.28 122.65
CA TYR DA 261 -12.45 20.26 123.70
C TYR DA 261 -11.67 20.72 124.92
N VAL DA 262 -12.19 20.32 126.08
CA VAL DA 262 -11.65 20.61 127.39
C VAL DA 262 -11.13 19.30 127.99
N THR DA 263 -9.94 19.33 128.62
CA THR DA 263 -9.18 18.11 128.83
C THR DA 263 -8.50 18.07 130.21
N HIS DA 264 -8.57 16.91 130.90
CA HIS DA 264 -7.87 16.63 132.15
C HIS DA 264 -6.40 16.27 131.91
N PRO DA 265 -5.44 16.53 132.84
CA PRO DA 265 -4.04 16.14 132.66
C PRO DA 265 -3.77 14.67 132.36
N ASP DA 266 -4.53 13.74 132.97
CA ASP DA 266 -4.42 12.32 132.66
C ASP DA 266 -4.83 12.05 131.21
N TYR DA 267 -5.92 12.68 130.75
CA TYR DA 267 -6.35 12.51 129.37
C TYR DA 267 -5.29 13.03 128.40
N ARG DA 268 -4.73 14.23 128.65
CA ARG DA 268 -3.63 14.76 127.85
C ARG DA 268 -2.47 13.77 127.79
N THR DA 269 -2.10 13.17 128.92
CA THR DA 269 -0.99 12.23 128.97
C THR DA 269 -1.26 11.00 128.12
N GLN DA 270 -2.46 10.40 128.22
CA GLN DA 270 -2.88 9.31 127.34
C GLN DA 270 -2.82 9.72 125.86
N LEU DA 271 -3.39 10.89 125.53
CA LEU DA 271 -3.49 11.36 124.16
C LEU DA 271 -2.12 11.50 123.51
N PHE DA 272 -1.12 12.00 124.24
CA PHE DA 272 0.23 12.16 123.70
C PHE DA 272 1.07 10.87 123.71
N ASN DA 273 0.58 9.79 124.34
CA ASN DA 273 1.14 8.45 124.18
C ASN DA 273 0.57 7.71 122.97
N ASP DA 274 -0.58 8.17 122.43
CA ASP DA 274 -1.23 7.52 121.29
C ASP DA 274 -0.30 7.54 120.08
N THR DA 275 0.03 6.36 119.53
CA THR DA 275 0.95 6.27 118.39
C THR DA 275 0.48 7.09 117.19
N ASN DA 276 -0.82 7.34 117.04
CA ASN DA 276 -1.32 8.14 115.93
C ASN DA 276 -0.89 9.62 116.03
N LEU DA 277 -0.52 10.07 117.25
CA LEU DA 277 0.02 11.40 117.50
C LEU DA 277 1.53 11.35 117.77
N ALA DA 278 1.99 10.35 118.54
CA ALA DA 278 3.39 10.23 118.97
C ALA DA 278 4.36 9.89 117.84
N TYR DA 279 3.88 9.22 116.78
CA TYR DA 279 4.72 8.88 115.65
C TYR DA 279 4.53 9.93 114.55
N ALA DA 280 5.60 10.62 114.16
CA ALA DA 280 5.55 11.65 113.11
C ALA DA 280 4.95 11.10 111.82
N ASN DA 281 5.33 9.86 111.50
CA ASN DA 281 4.80 9.01 110.45
C ASN DA 281 3.26 9.07 110.37
N ARG DA 282 2.59 8.86 111.51
CA ARG DA 282 1.14 8.72 111.59
C ARG DA 282 0.44 10.06 111.79
N ALA DA 283 1.05 11.00 112.51
CA ALA DA 283 0.50 12.34 112.71
C ALA DA 283 0.69 13.26 111.49
N GLY DA 284 1.65 12.96 110.61
CA GLY DA 284 2.02 13.86 109.52
C GLY DA 284 2.85 15.07 109.95
N THR DA 285 3.29 15.09 111.23
CA THR DA 285 4.14 16.11 111.82
C THR DA 285 4.79 15.50 113.07
N ASN DA 286 6.01 15.94 113.45
CA ASN DA 286 6.62 15.55 114.72
C ASN DA 286 6.36 16.55 115.85
N GLU DA 287 5.46 17.53 115.66
CA GLU DA 287 5.20 18.56 116.65
C GLU DA 287 4.73 17.99 118.00
N VAL DA 288 3.88 16.96 118.04
CA VAL DA 288 3.42 16.42 119.32
C VAL DA 288 4.57 15.77 120.09
N LEU DA 289 5.40 14.99 119.40
CA LEU DA 289 6.60 14.35 119.96
C LEU DA 289 7.55 15.39 120.57
N ARG DA 290 7.70 16.55 119.91
CA ARG DA 290 8.62 17.59 120.35
C ARG DA 290 8.02 18.54 121.38
N ASN DA 291 6.85 19.13 121.10
CA ASN DA 291 6.31 20.26 121.84
C ASN DA 291 5.05 19.93 122.66
N ARG DA 292 4.56 18.67 122.62
CA ARG DA 292 3.48 18.21 123.48
C ARG DA 292 2.22 19.08 123.33
N GLU DA 293 1.75 19.73 124.42
CA GLU DA 293 0.55 20.58 124.39
C GLU DA 293 0.64 21.70 123.36
N ASP DA 294 1.84 22.22 123.10
CA ASP DA 294 2.04 23.43 122.31
C ASP DA 294 2.08 23.14 120.80
N ALA DA 295 2.02 21.86 120.42
CA ALA DA 295 1.95 21.40 119.03
C ALA DA 295 0.66 21.90 118.37
N PRO DA 296 0.70 22.58 117.20
CA PRO DA 296 -0.48 23.17 116.58
C PRO DA 296 -1.57 22.15 116.24
N ILE DA 297 -1.19 20.92 115.89
CA ILE DA 297 -2.13 19.83 115.64
C ILE DA 297 -3.04 19.55 116.85
N VAL DA 298 -2.58 19.79 118.09
CA VAL DA 298 -3.40 19.52 119.27
C VAL DA 298 -4.62 20.44 119.33
N GLY DA 299 -4.52 21.65 118.76
CA GLY DA 299 -5.66 22.53 118.57
C GLY DA 299 -6.45 22.30 117.28
N ASP DA 300 -6.25 21.15 116.61
CA ASP DA 300 -6.79 20.88 115.28
C ASP DA 300 -6.93 19.36 115.09
N ILE DA 301 -7.67 18.69 115.97
CA ILE DA 301 -7.94 17.25 115.87
C ILE DA 301 -9.44 17.04 115.65
N ALA DA 302 -9.82 16.07 114.80
CA ALA DA 302 -11.19 15.59 114.70
C ALA DA 302 -12.19 16.71 114.31
N GLY DA 303 -11.72 17.74 113.58
CA GLY DA 303 -12.56 18.85 113.15
C GLY DA 303 -12.80 19.91 114.21
N LEU DA 304 -12.13 19.80 115.38
CA LEU DA 304 -12.20 20.80 116.44
C LEU DA 304 -11.22 21.94 116.14
N ASP DA 305 -11.63 23.17 116.45
CA ASP DA 305 -10.86 24.39 116.21
C ASP DA 305 -9.99 24.79 117.42
N MET DA 306 -10.30 24.29 118.62
CA MET DA 306 -9.68 24.78 119.84
C MET DA 306 -9.50 23.68 120.89
N HIS DA 307 -8.34 23.66 121.54
CA HIS DA 307 -8.09 22.87 122.73
C HIS DA 307 -7.99 23.80 123.94
N ALA DA 308 -8.72 23.48 125.01
CA ALA DA 308 -8.74 24.26 126.24
C ALA DA 308 -8.28 23.36 127.39
N ALA DA 309 -6.96 23.33 127.62
CA ALA DA 309 -6.39 22.51 128.68
C ALA DA 309 -6.81 23.02 130.06
N MET DA 310 -7.27 22.12 130.94
CA MET DA 310 -7.69 22.48 132.30
C MET DA 310 -6.94 21.67 133.36
N SER DA 311 -6.97 22.19 134.60
CA SER DA 311 -6.30 21.62 135.76
C SER DA 311 -7.10 20.48 136.38
N SER DA 312 -6.45 19.68 137.23
CA SER DA 312 -7.09 18.55 137.91
C SER DA 312 -8.07 19.01 138.98
N ALA DA 313 -7.73 20.07 139.73
CA ALA DA 313 -8.49 20.52 140.89
C ALA DA 313 -9.73 21.37 140.53
N THR DA 314 -9.87 21.79 139.26
CA THR DA 314 -10.85 22.81 138.89
C THR DA 314 -12.29 22.34 139.06
N TYR DA 315 -12.62 21.10 138.62
CA TYR DA 315 -13.96 20.58 138.72
C TYR DA 315 -14.41 20.48 140.18
N ASP DA 316 -15.67 20.80 140.44
CA ASP DA 316 -16.22 20.74 141.78
C ASP DA 316 -16.46 19.30 142.25
N ASP DA 317 -15.46 18.72 142.93
CA ASP DA 317 -15.59 17.44 143.61
C ASP DA 317 -16.48 17.50 144.87
N GLY DA 318 -16.80 18.70 145.38
CA GLY DA 318 -17.45 18.86 146.67
C GLY DA 318 -16.52 18.66 147.87
N THR DA 319 -15.20 18.59 147.62
CA THR DA 319 -14.20 18.38 148.67
C THR DA 319 -13.74 19.70 149.29
N ASP DA 320 -13.71 20.80 148.51
CA ASP DA 320 -13.39 22.13 149.02
C ASP DA 320 -14.52 22.69 149.90
N ILE DA 321 -14.16 23.42 150.95
CA ILE DA 321 -15.15 24.01 151.85
C ILE DA 321 -16.02 25.03 151.10
N GLY DA 322 -17.33 25.00 151.36
CA GLY DA 322 -18.26 25.93 150.72
C GLY DA 322 -18.77 25.49 149.34
N TRP DA 323 -18.14 24.48 148.71
CA TRP DA 323 -18.60 23.95 147.43
C TRP DA 323 -19.33 22.62 147.64
N SER DA 324 -20.48 22.44 146.96
CA SER DA 324 -21.40 21.34 147.20
C SER DA 324 -21.16 20.09 146.33
N GLY DA 325 -20.38 20.22 145.24
CA GLY DA 325 -20.00 19.09 144.38
C GLY DA 325 -20.94 18.86 143.20
N GLY DA 326 -20.34 18.49 142.05
CA GLY DA 326 -21.05 18.05 140.85
C GLY DA 326 -21.41 16.56 140.86
N SER DA 327 -22.01 16.09 139.76
CA SER DA 327 -22.51 14.73 139.61
C SER DA 327 -21.43 13.71 139.22
N GLU DA 328 -20.37 14.16 138.53
CA GLU DA 328 -19.35 13.30 137.93
C GLU DA 328 -18.08 13.21 138.78
N THR DA 329 -17.10 12.41 138.30
CA THR DA 329 -15.71 12.52 138.71
C THR DA 329 -14.90 13.05 137.53
N TRP DA 330 -14.11 14.12 137.74
CA TRP DA 330 -13.22 14.65 136.72
C TRP DA 330 -11.84 14.04 136.89
N GLY DA 331 -11.38 13.32 135.85
CA GLY DA 331 -10.17 12.52 135.91
C GLY DA 331 -10.07 11.62 134.69
N PHE DA 332 -8.98 10.86 134.57
CA PHE DA 332 -8.92 9.87 133.50
C PHE DA 332 -8.00 8.72 133.87
N SER DA 333 -8.26 8.09 135.02
CA SER DA 333 -7.37 7.06 135.54
C SER DA 333 -8.09 5.97 136.34
N SER DA 334 -9.43 6.04 136.44
CA SER DA 334 -10.22 4.98 137.05
C SER DA 334 -11.57 4.84 136.36
N ASP DA 335 -12.15 3.63 136.46
CA ASP DA 335 -13.39 3.23 135.83
C ASP DA 335 -14.52 4.24 136.09
N GLY DA 336 -14.98 4.92 135.02
CA GLY DA 336 -16.08 5.86 135.09
C GLY DA 336 -15.69 7.33 135.24
N ASP DA 337 -14.40 7.68 135.29
CA ASP DA 337 -14.00 9.09 135.26
C ASP DA 337 -14.37 9.76 133.93
N LYS DA 338 -14.75 11.05 133.97
CA LYS DA 338 -14.87 11.87 132.77
C LYS DA 338 -13.57 12.66 132.60
N GLY DA 339 -12.86 12.41 131.49
CA GLY DA 339 -11.52 12.97 131.28
C GLY DA 339 -11.42 14.08 130.24
N ALA DA 340 -12.45 14.21 129.40
CA ALA DA 340 -12.52 15.26 128.41
C ALA DA 340 -13.98 15.58 128.08
N VAL DA 341 -14.24 16.78 127.55
CA VAL DA 341 -15.52 17.12 126.97
C VAL DA 341 -15.29 17.69 125.58
N VAL DA 342 -16.03 17.19 124.59
CA VAL DA 342 -15.98 17.64 123.21
C VAL DA 342 -17.30 18.34 122.92
N TYR DA 343 -17.27 19.60 122.51
CA TYR DA 343 -18.49 20.41 122.53
C TYR DA 343 -18.43 21.60 121.56
N ASP DA 344 -19.58 22.23 121.36
CA ASP DA 344 -19.71 23.47 120.60
C ASP DA 344 -19.59 24.67 121.55
N ARG DA 345 -18.51 25.44 121.42
CA ARG DA 345 -18.20 26.59 122.27
C ARG DA 345 -19.22 27.72 122.18
N ASP DA 346 -20.01 27.80 121.11
CA ASP DA 346 -21.07 28.78 120.97
C ASP DA 346 -22.36 28.40 121.71
N ASN DA 347 -22.42 27.17 122.29
CA ASN DA 347 -23.62 26.63 122.89
C ASN DA 347 -23.53 26.39 124.41
N ILE DA 348 -22.46 26.87 125.04
CA ILE DA 348 -22.39 26.98 126.48
C ILE DA 348 -21.98 28.41 126.87
N HIS DA 349 -22.75 28.99 127.78
CA HIS DA 349 -22.66 30.38 128.16
C HIS DA 349 -22.07 30.50 129.56
N THR DA 350 -21.07 31.36 129.71
CA THR DA 350 -20.63 31.80 131.03
C THR DA 350 -21.23 33.18 131.26
N ILE DA 351 -22.03 33.33 132.32
CA ILE DA 351 -22.73 34.57 132.56
C ILE DA 351 -22.07 35.24 133.74
N LEU DA 352 -21.58 36.46 133.54
CA LEU DA 352 -20.94 37.25 134.59
C LEU DA 352 -21.83 38.45 134.91
N TYR DA 353 -21.99 38.71 136.21
CA TYR DA 353 -22.71 39.87 136.71
C TYR DA 353 -21.90 40.59 137.80
N ALA DA 354 -21.89 41.92 137.74
CA ALA DA 354 -21.41 42.75 138.83
C ALA DA 354 -22.24 44.03 138.91
N PRO DA 355 -22.62 44.53 140.11
CA PRO DA 355 -23.41 45.74 140.22
C PRO DA 355 -22.66 47.02 139.87
N ASN DA 356 -21.31 47.00 139.97
CA ASN DA 356 -20.46 48.18 139.90
C ASN DA 356 -19.47 48.15 138.73
N GLY DA 357 -19.71 47.29 137.73
CA GLY DA 357 -18.86 47.16 136.56
C GLY DA 357 -19.27 45.98 135.69
N GLN DA 358 -18.28 45.28 135.12
CA GLN DA 358 -18.50 44.04 134.36
C GLN DA 358 -17.55 42.91 134.78
N ASP DA 359 -16.71 43.14 135.81
CA ASP DA 359 -15.67 42.20 136.22
C ASP DA 359 -15.50 42.19 137.74
N VAL DA 360 -14.44 41.55 138.27
CA VAL DA 360 -14.21 41.44 139.71
C VAL DA 360 -14.16 42.83 140.36
N GLU DA 361 -14.84 42.97 141.51
CA GLU DA 361 -14.70 44.18 142.32
C GLU DA 361 -13.91 43.84 143.58
N ILE DA 362 -12.83 44.60 143.80
CA ILE DA 362 -12.00 44.44 144.99
C ILE DA 362 -12.16 45.69 145.85
N LYS DA 363 -12.47 45.45 147.13
CA LYS DA 363 -12.68 46.48 148.14
C LYS DA 363 -11.73 46.21 149.31
N ASP DA 364 -11.36 47.29 150.02
CA ASP DA 364 -10.49 47.19 151.19
C ASP DA 364 -11.01 48.07 152.32
N TYR DA 365 -10.55 47.76 153.55
CA TYR DA 365 -11.00 48.47 154.74
C TYR DA 365 -9.94 48.39 155.83
N GLU DA 366 -9.98 49.36 156.75
CA GLU DA 366 -9.12 49.37 157.92
C GLU DA 366 -9.97 49.32 159.18
N ASP DA 367 -9.50 48.55 160.16
CA ASP DA 367 -10.13 48.45 161.47
C ASP DA 367 -9.27 49.21 162.48
N PRO DA 368 -9.68 50.42 162.92
CA PRO DA 368 -8.91 51.20 163.90
C PRO DA 368 -9.04 50.71 165.34
N ILE DA 369 -9.91 49.73 165.60
CA ILE DA 369 -10.09 49.12 166.92
C ILE DA 369 -9.11 47.96 167.11
N ARG DA 370 -8.74 47.28 166.01
CA ARG DA 370 -7.89 46.09 166.04
C ARG DA 370 -6.57 46.24 165.28
N ASP DA 371 -6.38 47.35 164.55
CA ASP DA 371 -5.19 47.63 163.75
C ASP DA 371 -4.99 46.58 162.65
N ILE DA 372 -6.10 46.21 161.99
CA ILE DA 372 -6.11 45.21 160.94
C ILE DA 372 -6.61 45.85 159.65
N THR DA 373 -5.91 45.57 158.54
CA THR DA 373 -6.36 45.96 157.21
C THR DA 373 -6.87 44.72 156.48
N GLY DA 374 -8.05 44.85 155.85
CA GLY DA 374 -8.70 43.74 155.16
C GLY DA 374 -8.96 44.04 153.69
N VAL DA 375 -9.04 42.97 152.88
CA VAL DA 375 -9.28 43.02 151.44
C VAL DA 375 -10.33 41.96 151.09
N ASN DA 376 -11.30 42.32 150.24
CA ASN DA 376 -12.39 41.45 149.83
C ASN DA 376 -12.61 41.54 148.32
N GLY DA 377 -12.68 40.39 147.64
CA GLY DA 377 -13.07 40.32 146.24
C GLY DA 377 -14.45 39.68 146.08
N ARG DA 378 -15.16 40.08 145.00
CA ARG DA 378 -16.47 39.53 144.68
C ARG DA 378 -16.69 39.53 143.16
N LEU DA 379 -17.51 38.57 142.71
CA LEU DA 379 -18.06 38.54 141.36
C LEU DA 379 -19.24 37.58 141.37
N HIS DA 380 -20.26 37.81 140.53
CA HIS DA 380 -21.33 36.83 140.38
C HIS DA 380 -21.15 36.10 139.05
N VAL DA 381 -21.29 34.76 139.07
CA VAL DA 381 -21.11 33.96 137.88
C VAL DA 381 -22.14 32.82 137.82
N ASP DA 382 -22.58 32.49 136.60
CA ASP DA 382 -23.30 31.25 136.32
C ASP DA 382 -22.74 30.64 135.04
N CYS DA 383 -23.02 29.36 134.82
CA CYS DA 383 -22.75 28.76 133.52
C CYS DA 383 -23.93 27.87 133.11
N GLN DA 384 -24.35 27.99 131.85
CA GLN DA 384 -25.54 27.30 131.35
C GLN DA 384 -25.31 26.84 129.90
N TYR DA 385 -25.63 25.58 129.60
CA TYR DA 385 -25.78 25.17 128.21
C TYR DA 385 -27.05 25.76 127.60
N SER DA 386 -26.95 26.36 126.40
CA SER DA 386 -28.11 26.60 125.55
C SER DA 386 -28.56 25.30 124.87
N GLN DA 387 -27.61 24.46 124.47
CA GLN DA 387 -27.87 23.15 123.88
C GLN DA 387 -26.92 22.09 124.43
N GLY DA 388 -27.32 21.37 125.49
CA GLY DA 388 -26.50 20.32 126.08
C GLY DA 388 -26.19 19.16 125.14
N ARG DA 389 -27.06 18.95 124.12
CA ARG DA 389 -26.89 17.96 123.06
C ARG DA 389 -25.69 18.27 122.15
N SER DA 390 -25.23 19.52 122.13
CA SER DA 390 -24.04 19.92 121.38
C SER DA 390 -22.73 19.51 122.05
N SER DA 391 -22.79 18.66 123.08
CA SER DA 391 -21.65 18.33 123.93
C SER DA 391 -21.63 16.85 124.30
N ALA DA 392 -20.42 16.26 124.35
CA ALA DA 392 -20.20 14.88 124.76
C ALA DA 392 -19.00 14.79 125.71
N THR DA 393 -19.14 14.08 126.83
CA THR DA 393 -17.97 13.71 127.63
C THR DA 393 -17.30 12.47 127.05
N VAL DA 394 -15.99 12.34 127.31
CA VAL DA 394 -15.24 11.11 127.10
C VAL DA 394 -15.04 10.46 128.47
N GLN DA 395 -15.37 9.18 128.59
CA GLN DA 395 -15.33 8.46 129.86
C GLN DA 395 -14.31 7.31 129.83
N TYR DA 396 -13.62 7.09 130.94
CA TYR DA 396 -12.65 6.01 131.14
C TYR DA 396 -13.34 4.65 131.40
N PHE EA 101 77.23 -5.53 118.88
CA PHE EA 101 77.99 -6.01 117.69
C PHE EA 101 78.64 -4.83 116.97
N ALA EA 102 77.85 -3.88 116.47
CA ALA EA 102 78.34 -2.79 115.65
C ALA EA 102 77.55 -1.51 115.93
N ALA EA 103 77.35 -1.20 117.22
CA ALA EA 103 76.64 -0.02 117.68
C ALA EA 103 75.20 0.05 117.15
N SER EA 104 74.44 -1.04 117.30
CA SER EA 104 73.00 -1.03 117.14
C SER EA 104 72.34 -0.35 118.35
N ASP EA 105 71.15 0.23 118.15
CA ASP EA 105 70.50 1.01 119.21
C ASP EA 105 70.15 0.22 120.48
N PRO EA 106 69.78 -1.09 120.45
CA PRO EA 106 69.50 -1.84 121.69
C PRO EA 106 70.70 -1.96 122.63
N GLU EA 107 71.91 -1.72 122.12
CA GLU EA 107 73.12 -1.75 122.93
C GLU EA 107 73.25 -0.49 123.81
N TYR EA 108 72.64 0.62 123.40
CA TYR EA 108 73.01 1.95 123.88
C TYR EA 108 71.83 2.86 124.25
N VAL EA 109 70.64 2.28 124.50
CA VAL EA 109 69.35 2.96 124.72
C VAL EA 109 69.39 4.00 125.83
N ASP EA 110 70.31 3.88 126.80
CA ASP EA 110 70.47 4.84 127.89
C ASP EA 110 71.93 5.27 128.06
N THR EA 111 72.69 5.35 126.95
CA THR EA 111 74.10 5.74 127.00
C THR EA 111 74.46 6.75 125.92
N LEU EA 112 73.82 6.70 124.74
CA LEU EA 112 74.05 7.66 123.67
C LEU EA 112 72.83 8.54 123.39
N PHE EA 113 71.67 8.18 123.95
CA PHE EA 113 70.41 8.88 123.82
C PHE EA 113 69.51 8.47 124.99
N ARG EA 114 68.35 9.15 125.11
CA ARG EA 114 67.29 8.75 126.04
C ARG EA 114 66.04 8.40 125.23
N GLU EA 115 65.24 7.46 125.76
CA GLU EA 115 63.90 7.22 125.22
C GLU EA 115 63.11 8.54 125.21
N GLN EA 116 62.40 8.84 124.11
CA GLN EA 116 61.57 10.03 124.06
C GLN EA 116 60.42 9.95 125.07
N LEU EA 117 60.25 10.99 125.90
CA LEU EA 117 58.97 11.24 126.55
C LEU EA 117 58.15 12.15 125.64
N LEU EA 118 56.94 11.71 125.29
CA LEU EA 118 56.06 12.56 124.50
C LEU EA 118 55.73 13.84 125.28
N GLU EA 119 55.68 14.96 124.57
CA GLU EA 119 55.78 16.29 125.16
C GLU EA 119 54.46 16.75 125.81
N VAL EA 120 53.33 16.13 125.42
CA VAL EA 120 52.00 16.45 125.90
C VAL EA 120 51.46 15.28 126.73
N VAL EA 121 51.05 15.56 127.98
CA VAL EA 121 50.43 14.56 128.85
C VAL EA 121 48.98 14.31 128.43
N MET EA 122 48.62 13.03 128.28
CA MET EA 122 47.26 12.64 127.91
C MET EA 122 46.32 12.73 129.12
N GLU EA 123 45.09 13.19 128.89
CA GLU EA 123 44.11 13.36 129.97
C GLU EA 123 43.43 12.04 130.34
N GLY EA 124 42.93 11.97 131.59
CA GLY EA 124 41.99 10.93 131.99
C GLY EA 124 40.55 11.27 131.59
N ARG EA 125 39.58 10.58 132.20
CA ARG EA 125 38.17 10.83 131.93
C ARG EA 125 37.74 12.19 132.52
N GLU EA 126 36.85 12.89 131.80
CA GLU EA 126 36.27 14.15 132.26
C GLU EA 126 34.76 14.00 132.45
N LEU EA 127 34.28 14.33 133.66
CA LEU EA 127 32.87 14.21 133.99
C LEU EA 127 32.08 15.38 133.42
N ARG EA 128 30.81 15.14 133.04
CA ARG EA 128 29.98 16.17 132.42
C ARG EA 128 29.56 17.23 133.44
N LYS EA 129 29.78 18.52 133.10
CA LYS EA 129 29.45 19.67 133.94
C LYS EA 129 28.18 20.32 133.40
N VAL EA 130 27.11 20.46 134.22
CA VAL EA 130 25.85 21.04 133.76
C VAL EA 130 25.13 21.91 134.80
N ALA EA 131 25.42 21.76 136.10
CA ALA EA 131 24.64 22.36 137.19
C ALA EA 131 24.47 23.88 137.09
N ARG EA 132 25.50 24.61 136.64
CA ARG EA 132 25.46 26.06 136.53
C ARG EA 132 24.53 26.53 135.42
N GLU EA 133 24.29 25.69 134.41
CA GLU EA 133 23.42 25.99 133.27
C GLU EA 133 22.01 25.42 133.48
N ALA EA 134 21.91 24.25 134.11
CA ALA EA 134 20.69 23.46 134.27
C ALA EA 134 19.94 23.76 135.58
N SER EA 135 20.28 24.84 136.31
CA SER EA 135 19.57 25.26 137.51
C SER EA 135 19.66 26.77 137.69
N ASN EA 136 18.80 27.35 138.53
CA ASN EA 136 18.98 28.74 138.93
C ASN EA 136 20.16 28.83 139.91
N VAL EA 137 21.13 29.73 139.68
CA VAL EA 137 22.29 29.85 140.58
C VAL EA 137 22.17 31.13 141.42
N ILE EA 138 22.30 30.97 142.75
CA ILE EA 138 22.25 32.05 143.73
C ILE EA 138 23.64 32.23 144.34
N ASN EA 139 24.14 33.47 144.35
CA ASN EA 139 25.29 33.84 145.17
C ASN EA 139 24.81 34.35 146.52
N ALA EA 140 24.93 33.52 147.57
CA ALA EA 140 24.45 33.87 148.90
C ALA EA 140 25.44 34.79 149.63
N ASN EA 141 24.91 35.62 150.55
CA ASN EA 141 25.71 36.44 151.46
C ASN EA 141 26.05 35.71 152.76
N THR EA 142 25.31 34.64 153.08
CA THR EA 142 25.57 33.82 154.26
C THR EA 142 25.53 32.34 153.90
N ARG EA 143 26.37 31.55 154.59
CA ARG EA 143 26.46 30.12 154.40
C ARG EA 143 25.10 29.44 154.65
N VAL EA 144 24.37 29.90 155.68
CA VAL EA 144 23.02 29.44 155.97
C VAL EA 144 22.03 30.56 155.64
N GLY EA 145 20.93 30.23 154.95
CA GLY EA 145 19.89 31.17 154.62
C GLY EA 145 18.54 30.49 154.40
N ASP EA 146 17.53 31.28 154.02
CA ASP EA 146 16.22 30.75 153.63
C ASP EA 146 15.61 31.60 152.51
N VAL EA 147 14.70 31.00 151.74
CA VAL EA 147 13.89 31.70 150.75
C VAL EA 147 12.40 31.45 151.05
N PRO EA 148 11.54 32.50 151.09
CA PRO EA 148 10.12 32.30 151.38
C PRO EA 148 9.32 31.82 150.17
N ILE EA 149 8.41 30.88 150.44
CA ILE EA 149 7.50 30.28 149.48
C ILE EA 149 6.07 30.72 149.84
N ALA EA 150 5.33 31.19 148.84
CA ALA EA 150 3.90 31.46 148.98
C ALA EA 150 3.08 30.18 148.81
N SER EA 151 2.00 30.06 149.58
CA SER EA 151 1.02 28.97 149.43
C SER EA 151 0.32 29.01 148.06
N ASP EA 152 -0.22 27.86 147.65
CA ASP EA 152 -0.92 27.72 146.38
C ASP EA 152 -2.17 28.60 146.31
N GLU EA 153 -2.50 29.08 145.10
CA GLU EA 153 -3.77 29.74 144.87
C GLU EA 153 -4.92 28.77 145.05
N GLU EA 154 -6.05 29.26 145.61
CA GLU EA 154 -7.21 28.42 145.90
C GLU EA 154 -8.42 28.86 145.06
N PHE EA 155 -9.63 28.54 145.55
CA PHE EA 155 -10.89 28.91 144.92
C PHE EA 155 -11.74 29.75 145.89
N ALA EA 156 -12.43 30.74 145.33
CA ALA EA 156 -13.41 31.55 146.04
C ALA EA 156 -14.61 30.72 146.51
N ARG EA 157 -15.43 31.26 147.43
CA ARG EA 157 -16.61 30.55 147.95
C ARG EA 157 -17.87 31.12 147.34
N PRO EA 158 -18.87 30.30 146.95
CA PRO EA 158 -20.22 30.82 146.70
C PRO EA 158 -20.80 31.36 148.01
N THR EA 159 -21.51 32.50 147.92
CA THR EA 159 -21.87 33.33 149.06
C THR EA 159 -23.29 33.86 148.90
N GLY EA 160 -24.06 33.94 149.99
CA GLY EA 160 -25.39 34.52 149.96
C GLY EA 160 -25.35 36.04 149.80
N GLN EA 161 -26.42 36.62 149.24
CA GLN EA 161 -26.51 38.08 149.16
C GLN EA 161 -26.61 38.71 150.56
N GLY EA 162 -25.72 39.67 150.86
CA GLY EA 162 -25.65 40.30 152.17
C GLY EA 162 -24.88 39.51 153.23
N ALA EA 163 -24.37 38.31 152.91
CA ALA EA 163 -23.62 37.50 153.86
C ALA EA 163 -22.18 38.01 154.04
N GLU EA 164 -21.57 37.68 155.19
CA GLU EA 164 -20.18 38.03 155.49
C GLU EA 164 -19.22 37.30 154.52
N ILE EA 165 -18.25 38.02 153.97
CA ILE EA 165 -17.17 37.40 153.19
C ILE EA 165 -16.14 36.79 154.15
N ARG EA 166 -15.82 35.50 153.96
CA ARG EA 166 -14.88 34.76 154.79
C ARG EA 166 -13.44 34.90 154.28
N ASP EA 167 -12.47 34.79 155.21
CA ASP EA 167 -11.06 34.99 154.90
C ASP EA 167 -10.34 33.68 154.53
N ASP EA 168 -9.40 33.79 153.57
CA ASP EA 168 -8.49 32.70 153.20
C ASP EA 168 -7.26 33.29 152.50
N GLY EA 169 -6.49 34.12 153.22
CA GLY EA 169 -5.31 34.80 152.68
C GLY EA 169 -4.10 33.89 152.48
N GLU EA 170 -3.03 34.43 151.86
CA GLU EA 170 -1.79 33.68 151.69
C GLU EA 170 -1.16 33.31 153.03
N THR EA 171 -0.97 32.01 153.25
CA THR EA 171 -0.01 31.50 154.21
C THR EA 171 1.37 31.42 153.56
N TYR EA 172 2.45 31.46 154.37
CA TYR EA 172 3.83 31.41 153.90
C TYR EA 172 4.65 30.37 154.66
N THR EA 173 5.73 29.91 154.03
CA THR EA 173 6.73 29.05 154.64
C THR EA 173 8.09 29.36 154.00
N THR EA 174 9.16 28.66 154.39
CA THR EA 174 10.46 28.85 153.77
C THR EA 174 11.12 27.50 153.43
N VAL EA 175 12.03 27.50 152.44
CA VAL EA 175 13.01 26.44 152.33
C VAL EA 175 14.38 26.99 152.72
N ALA EA 176 15.06 26.26 153.61
CA ALA EA 176 16.37 26.65 154.13
C ALA EA 176 17.48 26.12 153.22
N TRP EA 177 18.60 26.86 153.16
CA TRP EA 177 19.85 26.34 152.62
C TRP EA 177 20.93 26.38 153.70
N ASN EA 178 21.84 25.39 153.68
CA ASN EA 178 23.07 25.47 154.46
C ASN EA 178 24.20 24.87 153.65
N ALA EA 179 25.00 25.75 153.03
CA ALA EA 179 26.05 25.35 152.12
C ALA EA 179 27.16 24.59 152.86
N THR EA 180 27.62 23.49 152.25
CA THR EA 180 28.64 22.61 152.79
C THR EA 180 29.97 22.92 152.12
N LYS EA 181 31.04 23.04 152.92
CA LYS EA 181 32.37 23.36 152.40
C LYS EA 181 32.98 22.17 151.67
N LEU EA 182 32.97 22.19 150.33
CA LEU EA 182 33.69 21.22 149.51
C LEU EA 182 35.14 21.69 149.32
N THR EA 183 36.11 20.77 149.38
CA THR EA 183 37.52 21.11 149.31
C THR EA 183 38.35 20.01 148.62
N GLU EA 184 39.50 20.38 148.03
CA GLU EA 184 40.48 19.39 147.62
C GLU EA 184 41.88 20.00 147.73
N GLY EA 185 42.84 19.22 148.25
CA GLY EA 185 44.23 19.62 148.35
C GLY EA 185 45.14 18.83 147.40
N SER EA 186 46.37 19.34 147.25
CA SER EA 186 47.46 18.64 146.55
C SER EA 186 48.81 19.14 147.08
N ARG EA 187 49.84 18.28 147.03
CA ARG EA 187 51.18 18.64 147.47
C ARG EA 187 52.24 18.05 146.54
N VAL EA 188 53.28 18.85 146.25
CA VAL EA 188 54.36 18.52 145.33
C VAL EA 188 55.67 18.88 146.02
N THR EA 189 56.68 17.99 145.97
CA THR EA 189 57.98 18.35 146.52
C THR EA 189 58.69 19.33 145.59
N ASP EA 190 59.54 20.19 146.15
CA ASP EA 190 60.30 21.11 145.32
C ASP EA 190 61.32 20.40 144.43
N GLU EA 191 61.74 19.17 144.80
CA GLU EA 191 62.49 18.28 143.91
C GLU EA 191 61.72 18.06 142.60
N MET EA 192 60.43 17.74 142.73
CA MET EA 192 59.59 17.28 141.64
C MET EA 192 59.08 18.47 140.82
N ARG EA 193 58.70 19.56 141.50
CA ARG EA 193 58.22 20.79 140.88
C ARG EA 193 59.21 21.35 139.87
N ASP EA 194 60.51 21.24 140.16
CA ASP EA 194 61.57 21.66 139.26
C ASP EA 194 61.71 20.78 138.01
N GLN EA 195 61.78 19.46 138.21
CA GLN EA 195 62.25 18.52 137.21
C GLN EA 195 61.20 18.16 136.14
N ALA EA 196 59.90 18.29 136.45
CA ALA EA 196 58.83 17.86 135.55
C ALA EA 196 58.81 18.64 134.22
N MET EA 197 58.34 17.98 133.15
CA MET EA 197 58.15 18.61 131.84
C MET EA 197 57.07 19.70 131.87
N VAL EA 198 56.12 19.58 132.81
CA VAL EA 198 54.90 20.38 132.89
C VAL EA 198 54.84 21.12 134.23
N ASP EA 199 54.12 22.25 134.26
CA ASP EA 199 53.86 22.98 135.50
C ASP EA 199 52.95 22.15 136.41
N LEU EA 200 53.53 21.40 137.37
CA LEU EA 200 52.73 20.55 138.25
C LEU EA 200 51.79 21.35 139.15
N ILE EA 201 52.15 22.60 139.47
CA ILE EA 201 51.24 23.49 140.18
C ILE EA 201 50.04 23.83 139.30
N GLU EA 202 50.28 24.21 138.03
CA GLU EA 202 49.21 24.56 137.13
C GLU EA 202 48.30 23.36 136.84
N ARG EA 203 48.88 22.16 136.63
CA ARG EA 203 48.16 20.90 136.54
C ARG EA 203 47.24 20.70 137.75
N ASN EA 204 47.78 20.84 138.96
CA ASN EA 204 47.00 20.63 140.17
C ASN EA 204 45.97 21.73 140.42
N ILE EA 205 46.22 22.98 140.03
CA ILE EA 205 45.21 24.04 140.09
C ILE EA 205 44.03 23.68 139.19
N GLN EA 206 44.29 23.28 137.93
CA GLN EA 206 43.25 22.79 137.04
C GLN EA 206 42.47 21.62 137.64
N ARG EA 207 43.17 20.64 138.23
CA ARG EA 207 42.52 19.48 138.86
C ARG EA 207 41.64 19.90 140.04
N VAL EA 208 42.15 20.73 140.94
CA VAL EA 208 41.39 21.23 142.08
C VAL EA 208 40.14 21.97 141.60
N GLY EA 209 40.26 22.86 140.60
CA GLY EA 209 39.13 23.56 140.02
C GLY EA 209 38.08 22.62 139.43
N ALA EA 210 38.52 21.63 138.64
CA ALA EA 210 37.65 20.61 138.07
C ALA EA 210 36.94 19.79 139.16
N SER EA 211 37.68 19.43 140.23
CA SER EA 211 37.16 18.66 141.34
C SER EA 211 36.03 19.39 142.09
N LEU EA 212 36.15 20.71 142.24
CA LEU EA 212 35.10 21.54 142.82
C LEU EA 212 33.90 21.70 141.90
N GLU EA 213 34.10 21.85 140.58
CA GLU EA 213 32.97 21.83 139.64
C GLU EA 213 32.24 20.49 139.67
N ASN EA 214 32.96 19.37 139.77
CA ASN EA 214 32.35 18.06 139.97
C ASN EA 214 31.59 17.99 141.29
N GLY EA 215 32.14 18.58 142.36
CA GLY EA 215 31.46 18.73 143.64
C GLY EA 215 30.11 19.44 143.52
N ILE EA 216 30.06 20.58 142.83
CA ILE EA 216 28.82 21.31 142.56
C ILE EA 216 27.82 20.40 141.83
N ASN EA 217 28.27 19.71 140.77
CA ASN EA 217 27.42 18.83 140.00
C ASN EA 217 26.87 17.67 140.84
N ARG EA 218 27.66 17.11 141.77
CA ARG EA 218 27.17 16.08 142.69
C ARG EA 218 26.09 16.62 143.62
N VAL EA 219 26.30 17.80 144.24
CA VAL EA 219 25.34 18.36 145.18
C VAL EA 219 24.03 18.69 144.47
N PHE EA 220 24.12 19.28 143.27
CA PHE EA 220 22.96 19.54 142.43
C PHE EA 220 22.19 18.26 142.10
N LEU EA 221 22.86 17.25 141.52
CA LEU EA 221 22.18 16.05 141.08
C LEU EA 221 21.56 15.27 142.25
N THR EA 222 22.24 15.26 143.40
CA THR EA 222 21.74 14.54 144.57
C THR EA 222 20.47 15.19 145.10
N GLU EA 223 20.39 16.52 145.18
CA GLU EA 223 19.15 17.21 145.50
C GLU EA 223 18.06 16.91 144.46
N LEU EA 224 18.41 17.09 143.18
CA LEU EA 224 17.47 16.98 142.07
C LEU EA 224 16.78 15.62 142.07
N VAL EA 225 17.55 14.55 142.26
CA VAL EA 225 17.07 13.17 142.28
C VAL EA 225 16.34 12.86 143.60
N ASP EA 226 16.88 13.22 144.77
CA ASP EA 226 16.30 12.79 146.03
C ASP EA 226 14.97 13.50 146.34
N ASN EA 227 14.83 14.78 145.99
CA ASN EA 227 13.76 15.63 146.51
C ASN EA 227 12.69 16.00 145.47
N ALA EA 228 12.75 15.43 144.27
CA ALA EA 228 11.62 15.49 143.34
C ALA EA 228 10.38 14.86 143.99
N GLN EA 229 9.22 15.53 143.93
CA GLN EA 229 8.03 15.09 144.63
C GLN EA 229 7.15 14.14 143.81
N ASN EA 230 7.18 14.26 142.49
CA ASN EA 230 6.49 13.33 141.61
C ASN EA 230 7.42 12.22 141.12
N ASN EA 231 6.84 11.14 140.58
CA ASN EA 231 7.59 10.01 140.08
C ASN EA 231 6.77 9.29 139.00
N HIS EA 232 7.46 8.74 137.98
CA HIS EA 232 6.85 7.83 137.02
C HIS EA 232 7.58 6.49 137.07
N ASP EA 233 6.98 5.53 137.77
CA ASP EA 233 7.47 4.16 137.81
C ASP EA 233 7.16 3.46 136.48
N THR EA 234 8.19 3.20 135.67
CA THR EA 234 8.00 2.55 134.38
C THR EA 234 7.70 1.06 134.52
N ALA EA 235 7.97 0.47 135.69
CA ALA EA 235 7.83 -0.97 135.93
C ALA EA 235 8.50 -1.81 134.82
N GLY EA 236 9.72 -1.42 134.42
CA GLY EA 236 10.48 -2.15 133.40
C GLY EA 236 9.94 -2.09 131.97
N SER EA 237 9.00 -1.19 131.65
CA SER EA 237 8.33 -1.18 130.35
C SER EA 237 8.04 0.23 129.83
N ASN EA 238 7.95 0.41 128.50
CA ASN EA 238 7.65 1.69 127.87
C ASN EA 238 8.59 2.81 128.36
N GLN EA 239 9.90 2.51 128.44
CA GLN EA 239 10.87 3.35 129.13
C GLN EA 239 11.38 4.53 128.29
N GLY EA 240 11.03 4.60 127.00
CA GLY EA 240 11.52 5.64 126.08
C GLY EA 240 10.75 6.96 126.20
N TYR EA 241 10.33 7.52 125.05
CA TYR EA 241 9.54 8.74 124.98
C TYR EA 241 8.32 8.70 125.90
N GLN EA 242 7.62 7.55 125.95
CA GLN EA 242 6.43 7.40 126.76
C GLN EA 242 6.69 7.67 128.24
N ALA EA 243 7.88 7.31 128.74
CA ALA EA 243 8.26 7.59 130.12
C ALA EA 243 8.45 9.09 130.36
N LEU EA 244 9.11 9.81 129.43
CA LEU EA 244 9.27 11.26 129.53
C LEU EA 244 7.91 11.96 129.47
N ASN EA 245 7.06 11.62 128.50
CA ASN EA 245 5.73 12.17 128.40
C ASN EA 245 4.91 11.92 129.68
N SER EA 246 5.02 10.72 130.24
CA SER EA 246 4.32 10.37 131.48
C SER EA 246 4.86 11.14 132.69
N ALA EA 247 6.18 11.33 132.77
CA ALA EA 247 6.79 12.16 133.80
C ALA EA 247 6.36 13.62 133.69
N VAL EA 248 6.32 14.18 132.46
CA VAL EA 248 5.75 15.50 132.24
C VAL EA 248 4.29 15.52 132.70
N GLY EA 249 3.51 14.48 132.39
CA GLY EA 249 2.13 14.33 132.83
C GLY EA 249 1.96 14.39 134.34
N GLU EA 250 2.89 13.79 135.11
CA GLU EA 250 2.85 13.84 136.56
C GLU EA 250 3.13 15.24 137.11
N VAL EA 251 4.06 15.99 136.49
CA VAL EA 251 4.31 17.38 136.84
C VAL EA 251 3.09 18.25 136.48
N ASP EA 252 2.53 18.05 135.29
CA ASP EA 252 1.37 18.77 134.78
C ASP EA 252 0.13 18.55 135.65
N LYS EA 253 -0.03 17.34 136.21
CA LYS EA 253 -1.10 17.03 137.13
C LYS EA 253 -1.00 17.80 138.46
N ASP EA 254 0.20 18.31 138.79
CA ASP EA 254 0.39 19.24 139.90
C ASP EA 254 0.48 20.70 139.41
N ASP EA 255 0.02 20.98 138.19
CA ASP EA 255 -0.12 22.33 137.63
C ASP EA 255 1.19 23.12 137.47
N PHE EA 256 2.35 22.45 137.50
CA PHE EA 256 3.61 23.06 137.05
C PHE EA 256 3.91 22.67 135.60
N ARG EA 257 4.73 23.47 134.90
CA ARG EA 257 5.22 23.11 133.57
C ARG EA 257 6.73 22.87 133.67
N PRO EA 258 7.24 21.64 133.44
CA PRO EA 258 8.69 21.41 133.38
C PRO EA 258 9.21 21.92 132.03
N ASP EA 259 10.53 22.12 131.92
CA ASP EA 259 11.14 22.62 130.70
C ASP EA 259 12.49 21.96 130.39
N THR EA 260 13.00 21.14 131.32
CA THR EA 260 14.35 20.61 131.27
C THR EA 260 14.33 19.14 131.70
N TYR EA 261 15.29 18.35 131.22
CA TYR EA 261 15.52 17.04 131.82
C TYR EA 261 17.00 16.70 131.93
N VAL EA 262 17.29 15.91 132.95
CA VAL EA 262 18.62 15.45 133.33
C VAL EA 262 18.63 13.93 133.24
N THR EA 263 19.68 13.34 132.65
CA THR EA 263 19.60 11.95 132.20
C THR EA 263 20.88 11.16 132.51
N HIS EA 264 20.73 9.89 132.93
CA HIS EA 264 21.82 8.94 133.14
C HIS EA 264 22.28 8.29 131.84
N PRO EA 265 23.55 7.86 131.66
CA PRO EA 265 24.01 7.13 130.47
C PRO EA 265 23.19 5.92 130.05
N ASP EA 266 22.73 5.08 130.99
CA ASP EA 266 21.88 3.94 130.68
C ASP EA 266 20.52 4.40 130.15
N TYR EA 267 19.96 5.46 130.76
CA TYR EA 267 18.71 6.00 130.27
C TYR EA 267 18.88 6.53 128.84
N ARG EA 268 19.93 7.31 128.57
CA ARG EA 268 20.24 7.77 127.21
C ARG EA 268 20.33 6.60 126.23
N THR EA 269 21.01 5.51 126.63
CA THR EA 269 21.15 4.33 125.80
C THR EA 269 19.79 3.72 125.45
N GLN EA 270 18.90 3.52 126.43
CA GLN EA 270 17.54 3.03 126.20
C GLN EA 270 16.75 3.98 125.29
N LEU EA 271 16.79 5.29 125.60
CA LEU EA 271 16.06 6.30 124.87
C LEU EA 271 16.41 6.31 123.38
N PHE EA 272 17.69 6.12 123.03
CA PHE EA 272 18.11 6.09 121.63
C PHE EA 272 17.89 4.73 120.95
N ASN EA 273 17.50 3.68 121.69
CA ASN EA 273 16.97 2.45 121.14
C ASN EA 273 15.47 2.52 120.86
N ASP EA 274 14.72 3.42 121.53
CA ASP EA 274 13.28 3.54 121.36
C ASP EA 274 12.93 3.78 119.89
N THR EA 275 12.09 2.92 119.30
CA THR EA 275 11.72 3.05 117.89
C THR EA 275 10.98 4.35 117.58
N ASN EA 276 10.41 5.02 118.57
CA ASN EA 276 9.82 6.34 118.39
C ASN EA 276 10.86 7.41 118.02
N LEU EA 277 12.13 7.21 118.41
CA LEU EA 277 13.24 8.13 118.12
C LEU EA 277 14.24 7.55 117.13
N ALA EA 278 14.52 6.25 117.22
CA ALA EA 278 15.50 5.57 116.38
C ALA EA 278 15.03 5.49 114.92
N TYR EA 279 13.74 5.22 114.69
CA TYR EA 279 13.22 5.14 113.33
C TYR EA 279 12.95 6.56 112.82
N ALA EA 280 13.68 6.99 111.78
CA ALA EA 280 13.56 8.31 111.20
C ALA EA 280 12.11 8.63 110.86
N ASN EA 281 11.45 7.64 110.26
CA ASN EA 281 10.02 7.54 110.04
C ASN EA 281 9.18 8.11 111.18
N ARG EA 282 9.39 7.61 112.41
CA ARG EA 282 8.57 7.87 113.60
C ARG EA 282 9.02 9.14 114.32
N ALA EA 283 10.30 9.47 114.26
CA ALA EA 283 10.88 10.67 114.86
C ALA EA 283 10.65 11.94 114.02
N GLY EA 284 10.45 11.79 112.71
CA GLY EA 284 10.32 12.92 111.78
C GLY EA 284 11.64 13.37 111.15
N THR EA 285 12.78 12.90 111.69
CA THR EA 285 14.12 13.10 111.17
C THR EA 285 14.99 11.88 111.53
N ASN EA 286 16.05 11.60 110.75
CA ASN EA 286 16.99 10.54 111.09
C ASN EA 286 18.06 10.99 112.09
N GLU EA 287 17.77 12.04 112.85
CA GLU EA 287 18.78 12.80 113.53
C GLU EA 287 19.36 12.06 114.74
N VAL EA 288 18.53 11.32 115.48
CA VAL EA 288 18.99 10.48 116.59
C VAL EA 288 19.80 9.30 116.07
N LEU EA 289 19.32 8.66 115.00
CA LEU EA 289 20.04 7.56 114.36
C LEU EA 289 21.45 7.99 113.93
N ARG EA 290 21.59 9.21 113.40
CA ARG EA 290 22.89 9.72 112.96
C ARG EA 290 23.73 10.26 114.12
N ASN EA 291 23.22 11.26 114.86
CA ASN EA 291 24.01 12.10 115.73
C ASN EA 291 23.79 11.84 117.23
N ARG EA 292 22.93 10.87 117.61
CA ARG EA 292 22.72 10.44 118.99
C ARG EA 292 22.39 11.63 119.90
N GLU EA 293 23.22 11.90 120.93
CA GLU EA 293 23.01 12.97 121.90
C GLU EA 293 22.95 14.37 121.26
N ASP EA 294 23.70 14.59 120.18
CA ASP EA 294 23.86 15.90 119.58
C ASP EA 294 22.71 16.25 118.62
N ALA EA 295 21.73 15.35 118.46
CA ALA EA 295 20.55 15.58 117.65
C ALA EA 295 19.67 16.67 118.29
N PRO EA 296 19.27 17.75 117.56
CA PRO EA 296 18.38 18.78 118.10
C PRO EA 296 17.07 18.29 118.71
N ILE EA 297 16.51 17.18 118.20
CA ILE EA 297 15.30 16.60 118.79
C ILE EA 297 15.50 16.15 120.24
N VAL EA 298 16.69 15.70 120.64
CA VAL EA 298 16.93 15.27 122.01
C VAL EA 298 16.83 16.42 123.00
N GLY EA 299 17.13 17.65 122.56
CA GLY EA 299 16.92 18.86 123.34
C GLY EA 299 15.51 19.47 123.19
N ASP EA 300 14.56 18.71 122.61
CA ASP EA 300 13.24 19.21 122.24
C ASP EA 300 12.22 18.06 122.25
N ILE EA 301 12.01 17.42 123.41
CA ILE EA 301 11.10 16.29 123.57
C ILE EA 301 10.00 16.64 124.58
N ALA EA 302 8.74 16.27 124.31
CA ALA EA 302 7.66 16.31 125.29
C ALA EA 302 7.46 17.71 125.89
N GLY EA 303 7.73 18.77 125.10
CA GLY EA 303 7.59 20.15 125.55
C GLY EA 303 8.79 20.68 126.35
N LEU EA 304 9.75 19.80 126.69
CA LEU EA 304 11.01 20.19 127.29
C LEU EA 304 11.91 20.77 126.21
N ASP EA 305 12.59 21.88 126.52
CA ASP EA 305 13.44 22.58 125.57
C ASP EA 305 14.92 22.61 125.99
N MET EA 306 15.30 21.87 127.05
CA MET EA 306 16.70 21.67 127.40
C MET EA 306 16.95 20.22 127.87
N HIS EA 307 18.05 19.63 127.39
CA HIS EA 307 18.55 18.36 127.89
C HIS EA 307 19.93 18.57 128.51
N ALA EA 308 20.11 18.06 129.73
CA ALA EA 308 21.37 18.13 130.45
C ALA EA 308 21.88 16.70 130.72
N ALA EA 309 22.74 16.20 129.82
CA ALA EA 309 23.31 14.88 129.95
C ALA EA 309 24.29 14.84 131.13
N MET EA 310 24.00 14.02 132.14
CA MET EA 310 24.86 13.81 133.30
C MET EA 310 25.76 12.58 133.11
N SER EA 311 26.83 12.52 133.92
CA SER EA 311 27.69 11.34 134.06
C SER EA 311 27.09 10.32 135.04
N SER EA 312 27.58 9.06 134.99
CA SER EA 312 27.15 8.01 135.90
C SER EA 312 27.58 8.28 137.35
N ALA EA 313 28.84 8.69 137.53
CA ALA EA 313 29.45 8.84 138.85
C ALA EA 313 28.97 10.06 139.65
N THR EA 314 28.23 10.98 139.02
CA THR EA 314 27.93 12.28 139.60
C THR EA 314 27.07 12.18 140.86
N TYR EA 315 25.99 11.40 140.84
CA TYR EA 315 25.08 11.30 141.98
C TYR EA 315 25.80 10.68 143.18
N ASP EA 316 25.43 11.13 144.37
CA ASP EA 316 26.05 10.63 145.59
C ASP EA 316 25.49 9.26 146.01
N ASP EA 317 26.10 8.19 145.49
CA ASP EA 317 25.83 6.81 145.91
C ASP EA 317 26.26 6.52 147.36
N GLY EA 318 27.07 7.38 147.99
CA GLY EA 318 27.69 7.10 149.27
C GLY EA 318 28.88 6.14 149.21
N THR EA 319 29.28 5.75 147.99
CA THR EA 319 30.42 4.87 147.77
C THR EA 319 31.75 5.64 147.72
N ASP EA 320 31.70 6.92 147.34
CA ASP EA 320 32.88 7.77 147.25
C ASP EA 320 33.39 8.17 148.63
N ILE EA 321 34.71 8.41 148.76
CA ILE EA 321 35.32 8.65 150.05
C ILE EA 321 34.91 10.01 150.61
N GLY EA 322 34.41 10.03 151.85
CA GLY EA 322 34.04 11.27 152.52
C GLY EA 322 32.61 11.75 152.25
N TRP EA 323 31.90 11.10 151.31
CA TRP EA 323 30.51 11.42 151.01
C TRP EA 323 29.58 10.35 151.61
N SER EA 324 28.47 10.76 152.24
CA SER EA 324 27.43 9.86 152.73
C SER EA 324 26.18 9.98 151.85
N GLY EA 325 25.70 8.85 151.31
CA GLY EA 325 24.88 8.85 150.10
C GLY EA 325 23.50 9.51 150.21
N GLY EA 326 22.93 9.86 149.04
CA GLY EA 326 21.52 10.20 148.92
C GLY EA 326 20.59 9.00 149.13
N SER EA 327 19.28 9.23 149.05
CA SER EA 327 18.25 8.23 149.36
C SER EA 327 18.02 7.24 148.21
N GLU EA 328 18.30 7.64 146.96
CA GLU EA 328 17.97 6.89 145.76
C GLU EA 328 19.17 6.10 145.19
N THR EA 329 18.94 5.37 144.10
CA THR EA 329 20.02 4.90 143.24
C THR EA 329 19.89 5.58 141.88
N TRP EA 330 20.90 6.35 141.47
CA TRP EA 330 20.97 6.95 140.16
C TRP EA 330 21.49 5.93 139.16
N GLY EA 331 20.71 5.64 138.13
CA GLY EA 331 21.00 4.56 137.20
C GLY EA 331 19.78 4.21 136.36
N PHE EA 332 19.91 3.24 135.46
CA PHE EA 332 18.75 2.76 134.74
C PHE EA 332 18.96 1.30 134.31
N SER EA 333 19.28 0.47 135.31
CA SER EA 333 19.80 -0.87 135.12
C SER EA 333 18.88 -1.93 135.74
N SER EA 334 18.18 -1.53 136.80
CA SER EA 334 17.61 -2.47 137.76
C SER EA 334 16.46 -1.84 138.53
N ASP EA 335 15.60 -2.69 139.09
CA ASP EA 335 14.37 -2.33 139.78
C ASP EA 335 14.56 -1.17 140.77
N GLY EA 336 13.90 -0.03 140.51
CA GLY EA 336 13.91 1.11 141.39
C GLY EA 336 14.97 2.18 141.10
N ASP EA 337 15.89 1.94 140.15
CA ASP EA 337 16.85 2.98 139.74
C ASP EA 337 16.12 4.21 139.19
N LYS EA 338 16.56 5.42 139.59
CA LYS EA 338 16.08 6.67 139.02
C LYS EA 338 17.02 7.07 137.87
N GLY EA 339 16.51 7.08 136.62
CA GLY EA 339 17.37 7.22 135.44
C GLY EA 339 17.31 8.58 134.74
N ALA EA 340 16.26 9.34 135.02
CA ALA EA 340 16.11 10.69 134.49
C ALA EA 340 15.26 11.53 135.44
N VAL EA 341 15.45 12.85 135.42
CA VAL EA 341 14.57 13.76 136.12
C VAL EA 341 14.06 14.79 135.11
N VAL EA 342 12.74 14.97 135.08
CA VAL EA 342 12.05 15.95 134.25
C VAL EA 342 11.60 17.07 135.18
N TYR EA 343 11.95 18.32 134.89
CA TYR EA 343 11.77 19.39 135.88
C TYR EA 343 11.70 20.79 135.28
N ASP EA 344 11.22 21.73 136.11
CA ASP EA 344 11.26 23.15 135.84
C ASP EA 344 12.59 23.74 136.33
N ARG EA 345 13.43 24.20 135.41
CA ARG EA 345 14.78 24.67 135.66
C ARG EA 345 14.84 25.86 136.63
N ASP EA 346 13.77 26.63 136.74
CA ASP EA 346 13.73 27.82 137.57
C ASP EA 346 13.36 27.52 139.03
N ASN EA 347 12.87 26.31 139.33
CA ASN EA 347 12.38 25.93 140.65
C ASN EA 347 13.37 25.06 141.45
N ILE EA 348 14.60 24.91 140.95
CA ILE EA 348 15.69 24.32 141.73
C ILE EA 348 16.88 25.26 141.72
N HIS EA 349 17.40 25.51 142.93
CA HIS EA 349 18.42 26.52 143.18
C HIS EA 349 19.72 25.84 143.58
N THR EA 350 20.79 26.13 142.84
CA THR EA 350 22.14 25.91 143.33
C THR EA 350 22.55 27.16 144.09
N ILE EA 351 22.97 27.02 145.35
CA ILE EA 351 23.37 28.15 146.18
C ILE EA 351 24.87 28.04 146.44
N LEU EA 352 25.63 29.06 146.01
CA LEU EA 352 27.07 29.11 146.21
C LEU EA 352 27.41 30.18 147.23
N TYR EA 353 28.32 29.86 148.14
CA TYR EA 353 28.84 30.81 149.11
C TYR EA 353 30.36 30.71 149.19
N ALA EA 354 31.01 31.89 149.24
CA ALA EA 354 32.44 31.98 149.51
C ALA EA 354 32.68 33.14 150.47
N PRO EA 355 33.52 32.98 151.53
CA PRO EA 355 33.80 34.07 152.45
C PRO EA 355 34.62 35.19 151.82
N ASN EA 356 35.45 34.85 150.82
CA ASN EA 356 36.24 35.80 150.05
C ASN EA 356 35.82 35.74 148.58
N GLY EA 357 35.46 36.89 148.00
CA GLY EA 357 34.92 36.92 146.64
C GLY EA 357 33.57 36.23 146.51
N GLN EA 358 33.32 35.60 145.36
CA GLN EA 358 31.99 35.17 144.94
C GLN EA 358 31.94 33.68 144.57
N ASP EA 359 33.09 33.07 144.25
CA ASP EA 359 33.21 31.73 143.67
C ASP EA 359 34.41 30.98 144.26
N VAL EA 360 34.91 29.91 143.60
CA VAL EA 360 36.01 29.08 144.12
C VAL EA 360 37.21 29.90 144.57
N GLU EA 361 37.79 29.53 145.72
CA GLU EA 361 39.01 30.18 146.22
C GLU EA 361 40.14 29.17 146.27
N ILE EA 362 41.23 29.47 145.55
CA ILE EA 362 42.45 28.68 145.54
C ILE EA 362 43.49 29.37 146.42
N LYS EA 363 44.16 28.59 147.28
CA LYS EA 363 45.28 29.07 148.09
C LYS EA 363 46.48 28.15 147.90
N ASP EA 364 47.67 28.74 147.89
CA ASP EA 364 48.93 28.00 147.77
C ASP EA 364 49.87 28.38 148.90
N TYR EA 365 50.75 27.44 149.27
CA TYR EA 365 51.64 27.61 150.41
C TYR EA 365 52.89 26.76 150.27
N GLU EA 366 53.96 27.17 150.96
CA GLU EA 366 55.22 26.43 150.99
C GLU EA 366 55.52 25.99 152.42
N ASP EA 367 56.09 24.79 152.54
CA ASP EA 367 56.61 24.25 153.77
C ASP EA 367 58.14 24.28 153.70
N PRO EA 368 58.82 25.20 154.44
CA PRO EA 368 60.28 25.30 154.39
C PRO EA 368 61.01 24.26 155.23
N ILE EA 369 60.27 23.49 156.06
CA ILE EA 369 60.86 22.42 156.85
C ILE EA 369 61.03 21.17 155.98
N ARG EA 370 60.06 20.92 155.08
CA ARG EA 370 59.97 19.70 154.29
C ARG EA 370 60.24 19.90 152.80
N ASP EA 371 60.32 21.16 152.34
CA ASP EA 371 60.51 21.51 150.93
C ASP EA 371 59.36 21.01 150.06
N ILE EA 372 58.13 21.29 150.52
CA ILE EA 372 56.91 20.91 149.81
C ILE EA 372 56.11 22.16 149.50
N THR EA 373 55.60 22.26 148.27
CA THR EA 373 54.64 23.27 147.90
C THR EA 373 53.26 22.62 147.81
N GLY EA 374 52.25 23.23 148.44
CA GLY EA 374 50.88 22.73 148.43
C GLY EA 374 49.90 23.70 147.80
N VAL EA 375 48.78 23.18 147.29
CA VAL EA 375 47.69 23.97 146.71
C VAL EA 375 46.35 23.36 147.13
N ASN EA 376 45.46 24.21 147.67
CA ASN EA 376 44.16 23.80 148.19
C ASN EA 376 43.04 24.69 147.63
N GLY EA 377 41.96 24.08 147.15
CA GLY EA 377 40.76 24.80 146.74
C GLY EA 377 39.58 24.57 147.69
N ARG EA 378 38.64 25.52 147.71
CA ARG EA 378 37.43 25.44 148.52
C ARG EA 378 36.28 26.19 147.85
N LEU EA 379 35.05 25.75 148.15
CA LEU EA 379 33.82 26.49 147.90
C LEU EA 379 32.74 25.94 148.83
N HIS EA 380 31.72 26.73 149.18
CA HIS EA 380 30.56 26.18 149.87
C HIS EA 380 29.40 26.11 148.89
N VAL EA 381 28.69 24.97 148.87
CA VAL EA 381 27.56 24.80 147.97
C VAL EA 381 26.41 24.06 148.67
N ASP EA 382 25.19 24.45 148.29
CA ASP EA 382 23.96 23.71 148.59
C ASP EA 382 23.09 23.66 147.34
N CYS EA 383 22.11 22.76 147.34
CA CYS EA 383 21.07 22.80 146.31
C CYS EA 383 19.70 22.53 146.95
N GLN EA 384 18.68 23.32 146.56
CA GLN EA 384 17.34 23.22 147.13
C GLN EA 384 16.27 23.42 146.04
N TYR EA 385 15.23 22.57 146.03
CA TYR EA 385 14.01 22.93 145.31
C TYR EA 385 13.22 24.01 146.07
N SER EA 386 12.69 25.01 145.34
CA SER EA 386 11.65 25.90 145.84
C SER EA 386 10.24 25.28 145.71
N GLN EA 387 10.03 24.50 144.64
CA GLN EA 387 8.79 23.76 144.42
C GLN EA 387 9.14 22.37 143.89
N GLY EA 388 9.30 21.39 144.78
CA GLY EA 388 9.65 20.02 144.40
C GLY EA 388 8.57 19.30 143.58
N ARG EA 389 7.33 19.80 143.61
CA ARG EA 389 6.25 19.34 142.74
C ARG EA 389 6.50 19.67 141.26
N SER EA 390 7.38 20.64 140.98
CA SER EA 390 7.72 21.01 139.61
C SER EA 390 8.65 20.01 138.92
N SER EA 391 8.95 18.86 139.56
CA SER EA 391 9.79 17.82 138.97
C SER EA 391 9.26 16.42 139.24
N ALA EA 392 9.67 15.50 138.35
CA ALA EA 392 9.38 14.08 138.46
C ALA EA 392 10.61 13.28 138.09
N THR EA 393 10.95 12.27 138.88
CA THR EA 393 11.91 11.26 138.45
C THR EA 393 11.24 10.25 137.52
N VAL EA 394 12.03 9.66 136.62
CA VAL EA 394 11.64 8.47 135.88
C VAL EA 394 12.34 7.29 136.54
N GLN EA 395 11.57 6.22 136.82
CA GLN EA 395 12.06 5.09 137.61
C GLN EA 395 11.99 3.81 136.79
N TYR EA 396 13.02 2.97 136.89
CA TYR EA 396 13.09 1.65 136.27
C TYR EA 396 12.19 0.62 136.97
N PHE FA 101 46.66 -30.82 59.93
CA PHE FA 101 46.12 -30.93 58.54
C PHE FA 101 46.16 -29.56 57.89
N ALA FA 102 46.10 -29.49 56.55
CA ALA FA 102 46.01 -28.20 55.88
C ALA FA 102 47.03 -27.25 56.51
N ALA FA 103 46.61 -26.04 56.92
CA ALA FA 103 47.33 -25.33 57.96
C ALA FA 103 46.32 -24.83 58.99
N SER FA 104 46.54 -25.19 60.26
CA SER FA 104 45.59 -24.90 61.32
C SER FA 104 46.34 -24.29 62.50
N ASP FA 105 45.70 -23.34 63.20
CA ASP FA 105 46.35 -22.63 64.30
C ASP FA 105 46.88 -23.54 65.41
N PRO FA 106 46.35 -24.76 65.73
CA PRO FA 106 46.90 -25.59 66.80
C PRO FA 106 48.21 -26.28 66.44
N GLU FA 107 48.55 -26.33 65.16
CA GLU FA 107 49.75 -26.97 64.66
C GLU FA 107 50.94 -26.01 64.69
N TYR FA 108 50.71 -24.76 64.28
CA TYR FA 108 51.76 -23.76 64.16
C TYR FA 108 51.72 -22.70 65.26
N VAL FA 109 51.06 -23.00 66.38
CA VAL FA 109 50.80 -22.14 67.54
C VAL FA 109 52.07 -21.53 68.15
N ASP FA 110 53.22 -22.14 67.86
CA ASP FA 110 54.50 -21.74 68.42
C ASP FA 110 55.58 -21.75 67.33
N THR FA 111 55.17 -21.55 66.07
CA THR FA 111 55.99 -21.71 64.87
C THR FA 111 55.76 -20.56 63.88
N LEU FA 112 54.49 -20.21 63.60
CA LEU FA 112 54.17 -19.12 62.69
C LEU FA 112 53.63 -17.88 63.42
N PHE FA 113 53.35 -18.02 64.72
CA PHE FA 113 52.89 -16.95 65.58
C PHE FA 113 53.16 -17.35 67.03
N ARG FA 114 52.95 -16.41 67.95
CA ARG FA 114 53.08 -16.59 69.38
C ARG FA 114 51.73 -16.28 70.03
N GLU FA 115 51.33 -17.05 71.04
CA GLU FA 115 50.13 -16.75 71.83
C GLU FA 115 50.22 -15.35 72.44
N GLN FA 116 49.14 -14.57 72.35
CA GLN FA 116 49.07 -13.26 73.00
C GLN FA 116 49.26 -13.37 74.52
N LEU FA 117 50.00 -12.41 75.11
CA LEU FA 117 49.85 -12.05 76.51
C LEU FA 117 49.18 -10.69 76.56
N LEU FA 118 48.20 -10.50 77.46
CA LEU FA 118 47.80 -9.14 77.81
C LEU FA 118 48.99 -8.39 78.41
N GLU FA 119 49.11 -7.09 78.08
CA GLU FA 119 50.14 -6.24 78.67
C GLU FA 119 49.76 -5.78 80.09
N VAL FA 120 48.45 -5.76 80.39
CA VAL FA 120 47.95 -5.52 81.74
C VAL FA 120 48.15 -6.79 82.58
N VAL FA 121 48.71 -6.64 83.79
CA VAL FA 121 48.73 -7.70 84.78
C VAL FA 121 47.61 -7.49 85.80
N MET FA 122 46.80 -8.53 86.03
CA MET FA 122 45.70 -8.46 86.98
C MET FA 122 46.24 -8.54 88.41
N GLU FA 123 45.66 -7.74 89.30
CA GLU FA 123 46.09 -7.74 90.70
C GLU FA 123 45.63 -9.00 91.44
N GLY FA 124 46.39 -9.35 92.48
CA GLY FA 124 45.91 -10.30 93.47
C GLY FA 124 44.95 -9.64 94.45
N ARG FA 125 44.63 -10.36 95.53
CA ARG FA 125 43.84 -9.84 96.62
C ARG FA 125 44.58 -8.67 97.30
N GLU FA 126 43.88 -7.54 97.46
CA GLU FA 126 44.39 -6.39 98.18
C GLU FA 126 43.61 -6.20 99.49
N LEU FA 127 44.33 -6.10 100.62
CA LEU FA 127 43.69 -5.87 101.90
C LEU FA 127 43.31 -4.40 102.10
N ARG FA 128 42.29 -4.16 102.94
CA ARG FA 128 41.85 -2.80 103.27
C ARG FA 128 42.85 -2.12 104.20
N LYS FA 129 43.18 -0.86 103.89
CA LYS FA 129 44.20 -0.10 104.59
C LYS FA 129 43.55 1.17 105.16
N VAL FA 130 43.53 1.31 106.51
CA VAL FA 130 42.79 2.37 107.18
C VAL FA 130 43.53 3.02 108.35
N ALA FA 131 44.55 2.37 108.93
CA ALA FA 131 45.13 2.73 110.22
C ALA FA 131 45.57 4.20 110.34
N ARG FA 132 46.16 4.77 109.28
CA ARG FA 132 46.65 6.14 109.28
C ARG FA 132 45.55 7.18 109.41
N GLU FA 133 44.33 6.86 108.96
CA GLU FA 133 43.16 7.71 109.13
C GLU FA 133 42.42 7.35 110.43
N ALA FA 134 42.29 6.05 110.71
CA ALA FA 134 41.51 5.50 111.80
C ALA FA 134 42.16 5.69 113.18
N SER FA 135 43.38 6.25 113.27
CA SER FA 135 44.08 6.47 114.54
C SER FA 135 44.92 7.74 114.47
N ASN FA 136 45.35 8.25 115.64
CA ASN FA 136 46.34 9.31 115.67
C ASN FA 136 47.72 8.75 115.28
N VAL FA 137 48.48 9.46 114.42
CA VAL FA 137 49.82 9.00 114.04
C VAL FA 137 50.89 9.86 114.70
N ILE FA 138 51.80 9.22 115.45
CA ILE FA 138 52.92 9.87 116.09
C ILE FA 138 54.18 9.54 115.30
N ASN FA 139 54.89 10.56 114.80
CA ASN FA 139 56.21 10.38 114.22
C ASN FA 139 57.25 10.48 115.34
N ALA FA 140 57.64 9.33 115.90
CA ALA FA 140 58.57 9.29 117.02
C ALA FA 140 59.98 9.72 116.61
N ASN FA 141 60.70 10.34 117.56
CA ASN FA 141 62.12 10.65 117.40
C ASN FA 141 63.01 9.46 117.76
N THR FA 142 62.50 8.53 118.58
CA THR FA 142 63.23 7.34 119.01
C THR FA 142 62.35 6.09 118.87
N ARG FA 143 62.98 4.98 118.49
CA ARG FA 143 62.33 3.70 118.29
C ARG FA 143 61.59 3.22 119.56
N VAL FA 144 62.12 3.55 120.73
CA VAL FA 144 61.51 3.25 122.02
C VAL FA 144 61.20 4.55 122.75
N GLY FA 145 60.04 4.64 123.42
CA GLY FA 145 59.61 5.84 124.09
C GLY FA 145 58.47 5.62 125.07
N ASP FA 146 58.00 6.70 125.69
CA ASP FA 146 56.87 6.70 126.61
C ASP FA 146 55.97 7.92 126.36
N VAL FA 147 54.65 7.74 126.44
CA VAL FA 147 53.72 8.86 126.50
C VAL FA 147 53.10 8.91 127.90
N PRO FA 148 53.16 10.06 128.62
CA PRO FA 148 52.60 10.15 129.97
C PRO FA 148 51.10 10.41 129.99
N ILE FA 149 50.46 9.90 131.04
CA ILE FA 149 49.02 9.87 131.21
C ILE FA 149 48.69 10.36 132.62
N ALA FA 150 47.71 11.27 132.71
CA ALA FA 150 47.21 11.76 133.99
C ALA FA 150 46.05 10.90 134.49
N SER FA 151 45.90 10.85 135.82
CA SER FA 151 44.73 10.26 136.47
C SER FA 151 43.44 11.02 136.15
N ASP FA 152 42.30 10.35 136.34
CA ASP FA 152 40.96 10.90 136.09
C ASP FA 152 40.62 12.10 136.98
N GLU FA 153 39.66 12.91 136.51
CA GLU FA 153 38.92 13.84 137.37
C GLU FA 153 38.28 13.10 138.55
N GLU FA 154 38.24 13.77 139.72
CA GLU FA 154 37.55 13.25 140.90
C GLU FA 154 36.55 14.29 141.44
N PHE FA 155 36.01 14.03 142.63
CA PHE FA 155 35.07 14.93 143.30
C PHE FA 155 35.70 15.48 144.59
N ALA FA 156 35.45 16.76 144.87
CA ALA FA 156 35.93 17.41 146.08
C ALA FA 156 35.31 16.81 147.34
N ARG FA 157 36.03 16.91 148.47
CA ARG FA 157 35.65 16.35 149.77
C ARG FA 157 34.74 17.34 150.53
N PRO FA 158 33.54 16.97 151.03
CA PRO FA 158 32.81 17.81 151.97
C PRO FA 158 33.48 17.80 153.35
N THR FA 159 33.59 18.99 153.98
CA THR FA 159 34.37 19.17 155.20
C THR FA 159 33.64 20.06 156.20
N GLY FA 160 33.97 19.86 157.49
CA GLY FA 160 33.55 20.76 158.55
C GLY FA 160 34.36 22.05 158.55
N GLN FA 161 33.80 23.12 159.11
CA GLN FA 161 34.48 24.41 159.18
C GLN FA 161 35.71 24.33 160.09
N GLY FA 162 36.87 24.79 159.59
CA GLY FA 162 38.12 24.76 160.35
C GLY FA 162 38.86 23.42 160.31
N ALA FA 163 38.33 22.40 159.61
CA ALA FA 163 38.99 21.10 159.47
C ALA FA 163 40.13 21.16 158.43
N GLU FA 164 41.12 20.26 158.56
CA GLU FA 164 42.23 20.15 157.61
C GLU FA 164 41.70 19.73 156.23
N ILE FA 165 42.15 20.41 155.16
CA ILE FA 165 41.87 19.95 153.80
C ILE FA 165 42.79 18.77 153.48
N ARG FA 166 42.18 17.66 153.00
CA ARG FA 166 42.91 16.44 152.65
C ARG FA 166 43.38 16.50 151.19
N ASP FA 167 44.52 15.84 150.92
CA ASP FA 167 45.09 15.80 149.58
C ASP FA 167 44.50 14.68 148.72
N ASP FA 168 44.38 14.95 147.40
CA ASP FA 168 43.97 13.99 146.39
C ASP FA 168 44.54 14.41 145.04
N GLY FA 169 45.85 14.71 145.02
CA GLY FA 169 46.55 15.33 143.91
C GLY FA 169 46.65 14.46 142.65
N GLU FA 170 47.06 15.08 141.54
CA GLU FA 170 47.15 14.38 140.26
C GLU FA 170 48.27 13.34 140.27
N THR FA 171 47.91 12.05 140.21
CA THR FA 171 48.82 10.94 139.97
C THR FA 171 49.04 10.75 138.46
N TYR FA 172 50.20 10.21 138.06
CA TYR FA 172 50.54 9.97 136.65
C TYR FA 172 51.13 8.58 136.40
N THR FA 173 51.09 8.15 135.12
CA THR FA 173 51.73 6.93 134.65
C THR FA 173 52.13 7.12 133.17
N THR FA 174 52.65 6.07 132.50
CA THR FA 174 52.92 6.15 131.07
C THR FA 174 52.44 4.88 130.35
N VAL FA 175 52.28 4.95 129.02
CA VAL FA 175 52.34 3.76 128.20
C VAL FA 175 53.60 3.82 127.33
N ALA FA 176 54.35 2.72 127.30
CA ALA FA 176 55.55 2.61 126.49
C ALA FA 176 55.19 2.36 125.03
N TRP FA 177 56.08 2.77 124.10
CA TRP FA 177 56.13 2.19 122.78
C TRP FA 177 57.51 1.61 122.52
N ASN FA 178 57.56 0.51 121.75
CA ASN FA 178 58.79 0.06 121.10
C ASN FA 178 58.46 -0.38 119.69
N ALA FA 179 58.76 0.50 118.74
CA ALA FA 179 58.46 0.28 117.34
C ALA FA 179 59.30 -0.89 116.82
N THR FA 180 58.64 -1.90 116.24
CA THR FA 180 59.32 -3.07 115.68
C THR FA 180 59.57 -2.83 114.20
N LYS FA 181 60.77 -3.15 113.71
CA LYS FA 181 61.11 -3.04 112.31
C LYS FA 181 60.37 -4.09 111.49
N LEU FA 182 59.51 -3.63 110.56
CA LEU FA 182 58.90 -4.48 109.55
C LEU FA 182 59.66 -4.27 108.25
N THR FA 183 59.88 -5.35 107.49
CA THR FA 183 60.63 -5.27 106.25
C THR FA 183 60.06 -6.15 105.15
N GLU FA 184 60.40 -5.82 103.90
CA GLU FA 184 60.01 -6.60 102.73
C GLU FA 184 61.12 -6.43 101.68
N GLY FA 185 61.38 -7.44 100.86
CA GLY FA 185 62.46 -7.36 99.87
C GLY FA 185 62.21 -8.20 98.62
N SER FA 186 63.02 -7.95 97.58
CA SER FA 186 62.90 -8.62 96.29
C SER FA 186 64.19 -8.51 95.46
N ARG FA 187 64.43 -9.46 94.54
CA ARG FA 187 65.47 -9.39 93.53
C ARG FA 187 64.92 -9.73 92.14
N VAL FA 188 65.47 -9.10 91.10
CA VAL FA 188 65.15 -9.38 89.70
C VAL FA 188 66.48 -9.42 88.92
N THR FA 189 66.62 -10.36 87.96
CA THR FA 189 67.79 -10.38 87.08
C THR FA 189 67.69 -9.29 86.01
N ASP FA 190 68.83 -8.80 85.50
CA ASP FA 190 68.84 -7.81 84.43
C ASP FA 190 68.13 -8.30 83.17
N GLU FA 191 68.25 -9.59 82.86
CA GLU FA 191 67.57 -10.19 81.72
C GLU FA 191 66.06 -10.22 81.90
N MET FA 192 65.58 -10.53 83.11
CA MET FA 192 64.15 -10.53 83.39
C MET FA 192 63.61 -9.10 83.35
N ARG FA 193 64.33 -8.16 83.96
CA ARG FA 193 63.98 -6.75 84.00
C ARG FA 193 63.89 -6.17 82.58
N ASP FA 194 64.79 -6.58 81.68
CA ASP FA 194 64.71 -6.21 80.28
C ASP FA 194 63.50 -6.81 79.58
N GLN FA 195 63.28 -8.13 79.72
CA GLN FA 195 62.36 -8.88 78.88
C GLN FA 195 60.89 -8.74 79.29
N ALA FA 196 60.58 -8.58 80.59
CA ALA FA 196 59.22 -8.42 81.08
C ALA FA 196 58.50 -7.27 80.37
N MET FA 197 57.19 -7.44 80.10
CA MET FA 197 56.41 -6.37 79.49
C MET FA 197 56.03 -5.27 80.49
N VAL FA 198 55.89 -5.64 81.78
CA VAL FA 198 55.69 -4.70 82.88
C VAL FA 198 57.03 -4.23 83.46
N ASP FA 199 57.02 -3.09 84.17
CA ASP FA 199 58.18 -2.68 84.96
C ASP FA 199 58.20 -3.45 86.28
N LEU FA 200 59.06 -4.48 86.37
CA LEU FA 200 59.14 -5.32 87.55
C LEU FA 200 59.66 -4.58 88.78
N ILE FA 201 60.48 -3.54 88.62
CA ILE FA 201 60.94 -2.78 89.77
C ILE FA 201 59.81 -1.92 90.34
N GLU FA 202 59.00 -1.31 89.48
CA GLU FA 202 57.81 -0.60 89.92
C GLU FA 202 56.83 -1.55 90.61
N ARG FA 203 56.54 -2.72 90.01
CA ARG FA 203 55.70 -3.75 90.62
C ARG FA 203 56.19 -4.11 92.04
N ASN FA 204 57.49 -4.35 92.19
CA ASN FA 204 58.08 -4.73 93.47
C ASN FA 204 58.09 -3.57 94.48
N ILE FA 205 58.32 -2.33 94.04
CA ILE FA 205 58.23 -1.18 94.93
C ILE FA 205 56.81 -1.03 95.48
N GLN FA 206 55.79 -1.16 94.62
CA GLN FA 206 54.40 -1.13 95.03
C GLN FA 206 54.07 -2.26 96.00
N ARG FA 207 54.56 -3.49 95.74
CA ARG FA 207 54.39 -4.62 96.65
C ARG FA 207 55.04 -4.35 98.01
N VAL FA 208 56.27 -3.85 98.05
CA VAL FA 208 56.96 -3.51 99.28
C VAL FA 208 56.17 -2.48 100.07
N GLY FA 209 55.74 -1.39 99.42
CA GLY FA 209 54.88 -0.38 100.03
C GLY FA 209 53.60 -0.98 100.62
N ALA FA 210 52.83 -1.70 99.81
CA ALA FA 210 51.59 -2.35 100.24
C ALA FA 210 51.82 -3.32 101.41
N SER FA 211 52.91 -4.09 101.38
CA SER FA 211 53.25 -5.06 102.39
C SER FA 211 53.55 -4.39 103.74
N LEU FA 212 54.24 -3.24 103.71
CA LEU FA 212 54.47 -2.43 104.91
C LEU FA 212 53.18 -1.78 105.41
N GLU FA 213 52.32 -1.25 104.52
CA GLU FA 213 51.01 -0.76 104.94
C GLU FA 213 50.16 -1.84 105.59
N ASN FA 214 50.17 -3.06 105.05
CA ASN FA 214 49.46 -4.17 105.67
C ASN FA 214 50.04 -4.47 107.05
N GLY FA 215 51.37 -4.44 107.19
CA GLY FA 215 52.05 -4.53 108.48
C GLY FA 215 51.57 -3.49 109.51
N ILE FA 216 51.48 -2.21 109.12
CA ILE FA 216 50.95 -1.16 109.99
C ILE FA 216 49.53 -1.52 110.43
N ASN FA 217 48.67 -1.90 109.48
CA ASN FA 217 47.28 -2.19 109.74
C ASN FA 217 47.10 -3.40 110.67
N ARG FA 218 47.94 -4.43 110.56
CA ARG FA 218 47.93 -5.56 111.48
C ARG FA 218 48.27 -5.12 112.91
N VAL FA 219 49.32 -4.31 113.07
CA VAL FA 219 49.73 -3.82 114.37
C VAL FA 219 48.63 -2.98 115.00
N PHE FA 220 48.03 -2.06 114.24
CA PHE FA 220 46.92 -1.23 114.68
C PHE FA 220 45.72 -2.07 115.12
N LEU FA 221 45.19 -2.93 114.24
CA LEU FA 221 43.97 -3.68 114.52
C LEU FA 221 44.15 -4.65 115.69
N THR FA 222 45.34 -5.22 115.85
CA THR FA 222 45.61 -6.13 116.96
C THR FA 222 45.62 -5.40 118.29
N GLU FA 223 46.23 -4.21 118.38
CA GLU FA 223 46.12 -3.37 119.58
C GLU FA 223 44.67 -3.00 119.84
N LEU FA 224 44.00 -2.46 118.81
CA LEU FA 224 42.66 -1.90 118.92
C LEU FA 224 41.67 -2.91 119.50
N VAL FA 225 41.66 -4.14 118.97
CA VAL FA 225 40.73 -5.18 119.38
C VAL FA 225 41.10 -5.78 120.74
N ASP FA 226 42.38 -6.04 121.01
CA ASP FA 226 42.79 -6.73 122.23
C ASP FA 226 42.68 -5.85 123.48
N ASN FA 227 42.95 -4.54 123.36
CA ASN FA 227 43.19 -3.68 124.51
C ASN FA 227 42.06 -2.66 124.78
N ALA FA 228 40.95 -2.73 124.02
CA ALA FA 228 39.71 -2.05 124.38
C ALA FA 228 39.23 -2.55 125.75
N GLN FA 229 38.83 -1.63 126.64
CA GLN FA 229 38.49 -1.99 128.02
C GLN FA 229 37.00 -2.24 128.25
N ASN FA 230 36.12 -1.62 127.44
CA ASN FA 230 34.70 -1.92 127.50
C ASN FA 230 34.31 -3.02 126.51
N ASN FA 231 33.15 -3.64 126.74
CA ASN FA 231 32.62 -4.65 125.84
C ASN FA 231 31.10 -4.60 125.88
N HIS FA 232 30.44 -4.61 124.71
CA HIS FA 232 29.02 -4.90 124.63
C HIS FA 232 28.84 -6.31 124.10
N ASP FA 233 28.41 -7.22 124.98
CA ASP FA 233 28.06 -8.58 124.58
C ASP FA 233 26.64 -8.58 124.01
N THR FA 234 26.51 -8.87 122.71
CA THR FA 234 25.20 -8.90 122.07
C THR FA 234 24.42 -10.17 122.43
N ALA FA 235 25.13 -11.28 122.73
CA ALA FA 235 24.54 -12.60 122.95
C ALA FA 235 23.56 -12.97 121.84
N GLY FA 236 24.04 -13.04 120.59
CA GLY FA 236 23.16 -13.07 119.43
C GLY FA 236 22.27 -11.83 119.38
N SER FA 237 20.96 -12.00 119.21
CA SER FA 237 19.98 -10.93 119.39
C SER FA 237 20.21 -9.68 118.51
N ASN FA 238 20.23 -8.47 119.10
CA ASN FA 238 20.05 -7.20 118.40
C ASN FA 238 21.39 -6.62 117.96
N GLN FA 239 22.00 -7.23 116.94
CA GLN FA 239 23.40 -7.00 116.59
C GLN FA 239 23.65 -5.80 115.68
N GLY FA 240 22.59 -5.11 115.22
CA GLY FA 240 22.70 -4.01 114.27
C GLY FA 240 23.01 -2.66 114.92
N TYR FA 241 22.24 -1.61 114.57
CA TYR FA 241 22.34 -0.29 115.16
C TYR FA 241 22.29 -0.35 116.69
N GLN FA 242 21.41 -1.21 117.24
CA GLN FA 242 21.26 -1.36 118.68
C GLN FA 242 22.58 -1.72 119.38
N ALA FA 243 23.42 -2.54 118.73
CA ALA FA 243 24.72 -2.91 119.27
C ALA FA 243 25.69 -1.73 119.24
N LEU FA 244 25.73 -0.94 118.15
CA LEU FA 244 26.53 0.27 118.07
C LEU FA 244 26.12 1.28 119.14
N ASN FA 245 24.81 1.57 119.26
CA ASN FA 245 24.31 2.47 120.29
C ASN FA 245 24.69 2.00 121.70
N SER FA 246 24.59 0.69 121.97
CA SER FA 246 24.96 0.12 123.25
C SER FA 246 26.47 0.23 123.50
N ALA FA 247 27.29 0.00 122.48
CA ALA FA 247 28.74 0.12 122.60
C ALA FA 247 29.15 1.57 122.89
N VAL FA 248 28.51 2.56 122.23
CA VAL FA 248 28.70 3.96 122.58
C VAL FA 248 28.31 4.20 124.04
N GLY FA 249 27.17 3.65 124.48
CA GLY FA 249 26.72 3.75 125.86
C GLY FA 249 27.72 3.20 126.87
N GLU FA 250 28.39 2.09 126.55
CA GLU FA 250 29.43 1.53 127.40
C GLU FA 250 30.63 2.46 127.55
N VAL FA 251 31.06 3.12 126.46
CA VAL FA 251 32.15 4.10 126.52
C VAL FA 251 31.70 5.34 127.32
N ASP FA 252 30.47 5.79 127.09
CA ASP FA 252 29.86 6.93 127.77
C ASP FA 252 29.74 6.73 129.29
N LYS FA 253 29.54 5.49 129.75
CA LYS FA 253 29.54 5.15 131.16
C LYS FA 253 30.92 5.26 131.82
N ASP FA 254 31.99 5.35 131.02
CA ASP FA 254 33.33 5.66 131.49
C ASP FA 254 33.73 7.10 131.15
N ASP FA 255 32.77 7.96 130.80
CA ASP FA 255 32.95 9.41 130.64
C ASP FA 255 33.86 9.81 129.46
N PHE FA 256 34.08 8.91 128.49
CA PHE FA 256 34.68 9.27 127.21
C PHE FA 256 33.62 9.39 126.11
N ARG FA 257 33.98 9.99 124.96
CA ARG FA 257 33.13 9.99 123.77
C ARG FA 257 33.82 9.33 122.59
N PRO FA 258 33.32 8.20 122.05
CA PRO FA 258 33.88 7.63 120.83
C PRO FA 258 33.39 8.43 119.62
N ASP FA 259 34.14 8.34 118.52
CA ASP FA 259 33.83 9.07 117.30
C ASP FA 259 34.12 8.23 116.03
N THR FA 260 34.52 6.96 116.20
CA THR FA 260 34.97 6.12 115.10
C THR FA 260 34.56 4.68 115.39
N TYR FA 261 34.38 3.88 114.33
CA TYR FA 261 34.27 2.44 114.51
C TYR FA 261 34.98 1.66 113.42
N VAL FA 262 35.57 0.53 113.81
CA VAL FA 262 36.25 -0.42 112.95
C VAL FA 262 35.42 -1.71 112.92
N THR FA 263 35.26 -2.33 111.75
CA THR FA 263 34.36 -3.48 111.60
C THR FA 263 35.00 -4.63 110.83
N HIS FA 264 34.57 -5.85 111.17
CA HIS FA 264 34.81 -7.07 110.40
C HIS FA 264 33.79 -7.21 109.27
N PRO FA 265 34.08 -7.91 108.14
CA PRO FA 265 33.11 -8.15 107.07
C PRO FA 265 31.79 -8.79 107.51
N ASP FA 266 31.82 -9.74 108.45
CA ASP FA 266 30.60 -10.35 108.94
C ASP FA 266 29.79 -9.38 109.80
N TYR FA 267 30.47 -8.52 110.56
CA TYR FA 267 29.78 -7.47 111.29
C TYR FA 267 29.03 -6.53 110.33
N ARG FA 268 29.71 -6.03 109.29
CA ARG FA 268 29.08 -5.21 108.27
C ARG FA 268 27.86 -5.89 107.65
N THR FA 269 27.97 -7.19 107.36
CA THR FA 269 26.90 -7.95 106.76
C THR FA 269 25.66 -7.98 107.65
N GLN FA 270 25.83 -8.23 108.95
CA GLN FA 270 24.75 -8.13 109.92
C GLN FA 270 24.18 -6.71 110.00
N LEU FA 271 25.05 -5.69 110.07
CA LEU FA 271 24.61 -4.30 110.18
C LEU FA 271 23.72 -3.88 109.02
N PHE FA 272 24.06 -4.25 107.78
CA PHE FA 272 23.26 -3.88 106.63
C PHE FA 272 22.01 -4.75 106.42
N ASN FA 273 21.86 -5.85 107.16
CA ASN FA 273 20.59 -6.57 107.26
C ASN FA 273 19.61 -5.89 108.22
N ASP FA 274 20.09 -5.00 109.10
CA ASP FA 274 19.23 -4.38 110.11
C ASP FA 274 18.14 -3.53 109.46
N THR FA 275 16.88 -3.88 109.75
CA THR FA 275 15.69 -3.14 109.37
C THR FA 275 15.85 -1.62 109.54
N ASN FA 276 16.49 -1.18 110.63
CA ASN FA 276 16.66 0.23 110.97
C ASN FA 276 17.47 0.99 109.91
N LEU FA 277 18.42 0.30 109.27
CA LEU FA 277 19.26 0.86 108.21
C LEU FA 277 18.77 0.46 106.81
N ALA FA 278 18.21 -0.75 106.67
CA ALA FA 278 17.83 -1.31 105.38
C ALA FA 278 16.56 -0.66 104.82
N TYR FA 279 15.54 -0.42 105.67
CA TYR FA 279 14.31 0.20 105.21
C TYR FA 279 14.50 1.71 105.12
N ALA FA 280 14.26 2.28 103.92
CA ALA FA 280 14.51 3.68 103.62
C ALA FA 280 13.86 4.63 104.64
N ASN FA 281 12.58 4.43 104.96
CA ASN FA 281 11.88 5.27 105.93
C ASN FA 281 12.47 5.15 107.34
N ARG FA 282 12.86 3.95 107.78
CA ARG FA 282 13.49 3.76 109.09
C ARG FA 282 14.78 4.58 109.17
N ALA FA 283 15.57 4.60 108.10
CA ALA FA 283 16.87 5.27 108.02
C ALA FA 283 16.79 6.75 107.63
N GLY FA 284 15.66 7.21 107.06
CA GLY FA 284 15.55 8.54 106.47
C GLY FA 284 16.13 8.67 105.06
N THR FA 285 16.76 7.61 104.52
CA THR FA 285 17.29 7.55 103.16
C THR FA 285 17.42 6.09 102.72
N ASN FA 286 17.30 5.83 101.41
CA ASN FA 286 17.56 4.50 100.86
C ASN FA 286 19.05 4.26 100.55
N GLU FA 287 19.93 5.17 100.93
CA GLU FA 287 21.34 5.10 100.55
C GLU FA 287 22.05 3.83 101.04
N VAL FA 288 21.69 3.28 102.21
CA VAL FA 288 22.29 2.03 102.68
C VAL FA 288 21.78 0.83 101.87
N LEU FA 289 20.48 0.81 101.54
CA LEU FA 289 19.90 -0.21 100.68
C LEU FA 289 20.60 -0.21 99.31
N ARG FA 290 20.81 0.99 98.74
CA ARG FA 290 21.42 1.16 97.42
C ARG FA 290 22.93 0.92 97.44
N ASN FA 291 23.67 1.68 98.24
CA ASN FA 291 25.12 1.78 98.14
C ASN FA 291 25.88 1.13 99.29
N ARG FA 292 25.19 0.50 100.25
CA ARG FA 292 25.81 -0.33 101.27
C ARG FA 292 26.84 0.47 102.09
N GLU FA 293 28.09 0.02 102.17
CA GLU FA 293 29.12 0.68 102.98
C GLU FA 293 29.49 2.09 102.50
N ASP FA 294 29.18 2.42 101.24
CA ASP FA 294 29.50 3.70 100.63
C ASP FA 294 28.42 4.76 100.87
N ALA FA 295 27.33 4.39 101.57
CA ALA FA 295 26.29 5.33 101.99
C ALA FA 295 26.84 6.34 102.99
N PRO FA 296 26.54 7.66 102.90
CA PRO FA 296 26.99 8.63 103.90
C PRO FA 296 26.58 8.28 105.34
N ILE FA 297 25.39 7.69 105.52
CA ILE FA 297 24.86 7.31 106.81
C ILE FA 297 25.78 6.33 107.54
N VAL FA 298 26.42 5.39 106.83
CA VAL FA 298 27.28 4.39 107.45
C VAL FA 298 28.48 5.03 108.14
N GLY FA 299 28.99 6.14 107.59
CA GLY FA 299 30.03 6.94 108.23
C GLY FA 299 29.52 7.95 109.26
N ASP FA 300 28.28 7.78 109.74
CA ASP FA 300 27.57 8.80 110.52
C ASP FA 300 26.46 8.16 111.38
N ILE FA 301 26.66 6.96 111.93
CA ILE FA 301 25.72 6.30 112.84
C ILE FA 301 26.05 6.68 114.28
N ALA FA 302 25.03 6.85 115.15
CA ALA FA 302 25.15 6.83 116.61
C ALA FA 302 26.16 7.85 117.18
N GLY FA 303 26.33 9.00 116.52
CA GLY FA 303 27.24 10.05 116.97
C GLY FA 303 28.70 9.85 116.55
N LEU FA 304 28.99 8.77 115.81
CA LEU FA 304 30.31 8.50 115.29
C LEU FA 304 30.50 9.28 113.98
N ASP FA 305 31.73 9.75 113.75
CA ASP FA 305 32.09 10.60 112.62
C ASP FA 305 32.76 9.81 111.48
N MET FA 306 33.08 8.53 111.70
CA MET FA 306 33.91 7.77 110.79
C MET FA 306 33.70 6.26 110.91
N HIS FA 307 33.52 5.60 109.77
CA HIS FA 307 33.58 4.15 109.68
C HIS FA 307 34.87 3.75 108.97
N ALA FA 308 35.67 2.90 109.64
CA ALA FA 308 36.90 2.36 109.08
C ALA FA 308 36.71 0.86 108.83
N ALA FA 309 36.19 0.50 107.65
CA ALA FA 309 35.98 -0.89 107.28
C ALA FA 309 37.32 -1.64 107.16
N MET FA 310 37.45 -2.80 107.84
CA MET FA 310 38.66 -3.59 107.77
C MET FA 310 38.39 -5.02 107.26
N SER FA 311 39.47 -5.66 106.80
CA SER FA 311 39.50 -7.01 106.25
C SER FA 311 39.69 -8.06 107.35
N SER FA 312 39.37 -9.32 107.04
CA SER FA 312 39.43 -10.42 108.00
C SER FA 312 40.87 -10.84 108.29
N ALA FA 313 41.73 -10.87 107.27
CA ALA FA 313 43.11 -11.34 107.35
C ALA FA 313 44.05 -10.40 108.12
N THR FA 314 43.60 -9.16 108.39
CA THR FA 314 44.44 -8.11 108.93
C THR FA 314 44.80 -8.36 110.39
N TYR FA 315 43.87 -8.89 111.20
CA TYR FA 315 44.14 -9.18 112.60
C TYR FA 315 45.18 -10.29 112.73
N ASP FA 316 45.95 -10.24 113.82
CA ASP FA 316 47.06 -11.15 114.04
C ASP FA 316 46.61 -12.46 114.69
N ASP FA 317 46.48 -13.53 113.89
CA ASP FA 317 46.18 -14.87 114.38
C ASP FA 317 47.39 -15.55 115.03
N GLY FA 318 48.61 -15.03 114.83
CA GLY FA 318 49.84 -15.68 115.28
C GLY FA 318 50.28 -16.85 114.39
N THR FA 319 49.67 -16.99 113.20
CA THR FA 319 49.99 -18.06 112.25
C THR FA 319 51.24 -17.78 111.43
N ASP FA 320 51.70 -16.52 111.44
CA ASP FA 320 52.71 -16.03 110.50
C ASP FA 320 54.04 -15.78 111.22
N ILE FA 321 55.16 -16.03 110.52
CA ILE FA 321 56.48 -15.96 111.15
C ILE FA 321 56.78 -14.55 111.64
N GLY FA 322 57.27 -14.45 112.88
CA GLY FA 322 57.60 -13.16 113.49
C GLY FA 322 56.43 -12.52 114.26
N TRP FA 323 55.20 -12.99 114.01
CA TRP FA 323 54.00 -12.47 114.65
C TRP FA 323 53.53 -13.42 115.76
N SER FA 324 53.21 -12.87 116.94
CA SER FA 324 52.59 -13.62 118.03
C SER FA 324 51.14 -13.16 118.21
N GLY FA 325 50.19 -14.10 118.17
CA GLY FA 325 48.79 -13.76 117.96
C GLY FA 325 48.16 -12.90 119.05
N GLY FA 326 47.12 -12.15 118.67
CA GLY FA 326 46.30 -11.39 119.60
C GLY FA 326 45.48 -12.29 120.54
N SER FA 327 44.86 -11.68 121.56
CA SER FA 327 44.14 -12.39 122.60
C SER FA 327 42.73 -12.82 122.19
N GLU FA 328 42.12 -12.12 121.21
CA GLU FA 328 40.72 -12.28 120.83
C GLU FA 328 40.54 -13.11 119.56
N THR FA 329 39.28 -13.35 119.17
CA THR FA 329 38.94 -13.80 117.83
C THR FA 329 38.31 -12.63 117.07
N TRP FA 330 38.98 -12.17 116.00
CA TRP FA 330 38.42 -11.16 115.10
C TRP FA 330 37.41 -11.84 114.17
N GLY FA 331 36.13 -11.50 114.32
CA GLY FA 331 35.08 -12.17 113.57
C GLY FA 331 33.69 -11.80 114.07
N PHE FA 332 32.67 -12.32 113.42
CA PHE FA 332 31.31 -12.12 113.90
C PHE FA 332 30.40 -13.28 113.48
N SER FA 333 30.88 -14.51 113.71
CA SER FA 333 30.26 -15.73 113.20
C SER FA 333 29.74 -16.61 114.34
N SER FA 334 30.34 -16.49 115.53
CA SER FA 334 30.19 -17.48 116.58
C SER FA 334 30.31 -16.85 117.96
N ASP FA 335 29.73 -17.53 118.96
CA ASP FA 335 29.68 -17.12 120.36
C ASP FA 335 31.04 -16.61 120.85
N GLY FA 336 31.13 -15.30 121.17
CA GLY FA 336 32.33 -14.70 121.75
C GLY FA 336 33.27 -14.01 120.76
N ASP FA 337 33.00 -14.04 119.43
CA ASP FA 337 33.81 -13.28 118.48
C ASP FA 337 33.68 -11.78 118.71
N LYS FA 338 34.77 -11.02 118.52
CA LYS FA 338 34.74 -9.55 118.53
C LYS FA 338 34.63 -9.06 117.09
N GLY FA 339 33.49 -8.43 116.74
CA GLY FA 339 33.20 -8.09 115.35
C GLY FA 339 33.40 -6.62 114.98
N ALA FA 340 33.41 -5.74 115.99
CA ALA FA 340 33.58 -4.31 115.76
C ALA FA 340 34.18 -3.67 117.00
N VAL FA 341 34.88 -2.55 116.82
CA VAL FA 341 35.35 -1.73 117.93
C VAL FA 341 34.81 -0.32 117.72
N VAL FA 342 34.13 0.22 118.73
CA VAL FA 342 33.66 1.60 118.76
C VAL FA 342 34.58 2.37 119.69
N TYR FA 343 35.16 3.48 119.23
CA TYR FA 343 36.27 4.09 119.97
C TYR FA 343 36.49 5.55 119.60
N ASP FA 344 37.34 6.22 120.38
CA ASP FA 344 37.81 7.56 120.12
C ASP FA 344 39.14 7.53 119.36
N ARG FA 345 39.14 8.04 118.13
CA ARG FA 345 40.26 8.06 117.20
C ARG FA 345 41.52 8.70 117.78
N ASP FA 346 41.34 9.68 118.67
CA ASP FA 346 42.44 10.46 119.24
C ASP FA 346 43.09 9.78 120.45
N ASN FA 347 42.46 8.73 121.00
CA ASN FA 347 42.91 8.05 122.20
C ASN FA 347 43.68 6.74 121.90
N ILE FA 348 43.88 6.41 120.62
CA ILE FA 348 44.77 5.33 120.20
C ILE FA 348 45.79 5.87 119.18
N HIS FA 349 47.05 5.49 119.37
CA HIS FA 349 48.15 6.01 118.58
C HIS FA 349 48.82 4.89 117.77
N THR FA 350 49.03 5.16 116.49
CA THR FA 350 50.01 4.42 115.71
C THR FA 350 51.31 5.21 115.81
N ILE FA 351 52.36 4.58 116.34
CA ILE FA 351 53.66 5.23 116.49
C ILE FA 351 54.58 4.70 115.40
N LEU FA 352 55.10 5.60 114.57
CA LEU FA 352 56.00 5.26 113.47
C LEU FA 352 57.38 5.84 113.74
N TYR FA 353 58.42 5.04 113.47
CA TYR FA 353 59.79 5.49 113.56
C TYR FA 353 60.56 5.13 112.28
N ALA FA 354 61.37 6.08 111.79
CA ALA FA 354 62.28 5.85 110.70
C ALA FA 354 63.58 6.62 110.94
N PRO FA 355 64.78 6.04 110.73
CA PRO FA 355 66.03 6.75 110.98
C PRO FA 355 66.37 7.83 109.95
N ASN FA 356 65.82 7.73 108.72
CA ASN FA 356 66.20 8.59 107.60
C ASN FA 356 65.03 9.40 107.04
N GLY FA 357 64.00 9.64 107.87
CA GLY FA 357 62.81 10.38 107.48
C GLY FA 357 61.73 10.28 108.55
N GLN FA 358 60.46 10.12 108.13
CA GLN FA 358 59.33 9.97 109.05
C GLN FA 358 58.41 8.80 108.67
N ASP FA 359 58.66 8.14 107.53
CA ASP FA 359 57.75 7.14 106.97
C ASP FA 359 58.54 6.04 106.24
N VAL FA 360 57.83 5.14 105.52
CA VAL FA 360 58.40 4.03 104.76
C VAL FA 360 59.63 4.48 103.96
N GLU FA 361 60.74 3.78 104.14
CA GLU FA 361 61.96 4.03 103.39
C GLU FA 361 62.25 2.87 102.45
N ILE FA 362 62.42 3.16 101.16
CA ILE FA 362 62.73 2.16 100.15
C ILE FA 362 64.16 2.38 99.65
N LYS FA 363 64.93 1.28 99.54
CA LYS FA 363 66.27 1.26 98.99
C LYS FA 363 66.35 0.27 97.84
N ASP FA 364 67.29 0.52 96.92
CA ASP FA 364 67.60 -0.40 95.84
C ASP FA 364 69.11 -0.51 95.65
N TYR FA 365 69.55 -1.59 95.00
CA TYR FA 365 70.96 -1.86 94.77
C TYR FA 365 71.14 -2.72 93.53
N GLU FA 366 72.24 -2.50 92.81
CA GLU FA 366 72.65 -3.37 91.71
C GLU FA 366 73.85 -4.20 92.16
N ASP FA 367 73.81 -5.49 91.84
CA ASP FA 367 74.95 -6.38 92.01
C ASP FA 367 75.62 -6.57 90.64
N PRO FA 368 76.85 -6.04 90.42
CA PRO FA 368 77.53 -6.20 89.12
C PRO FA 368 78.27 -7.53 88.94
N ILE FA 369 78.36 -8.35 89.99
CA ILE FA 369 78.95 -9.68 89.92
C ILE FA 369 77.92 -10.70 89.44
N ARG FA 370 76.64 -10.50 89.76
CA ARG FA 370 75.54 -11.43 89.48
C ARG FA 370 74.49 -10.87 88.53
N ASP FA 371 74.53 -9.56 88.23
CA ASP FA 371 73.55 -8.88 87.37
C ASP FA 371 72.12 -9.01 87.91
N ILE FA 372 71.97 -8.88 89.24
CA ILE FA 372 70.67 -8.83 89.90
C ILE FA 372 70.48 -7.46 90.53
N THR FA 373 69.27 -6.91 90.41
CA THR FA 373 68.88 -5.68 91.07
C THR FA 373 67.92 -6.02 92.21
N GLY FA 374 68.20 -5.51 93.41
CA GLY FA 374 67.33 -5.70 94.55
C GLY FA 374 66.55 -4.44 94.94
N VAL FA 375 65.40 -4.64 95.60
CA VAL FA 375 64.61 -3.59 96.23
C VAL FA 375 64.23 -4.04 97.63
N ASN FA 376 64.41 -3.17 98.63
CA ASN FA 376 64.10 -3.44 100.02
C ASN FA 376 63.25 -2.28 100.57
N GLY FA 377 62.34 -2.57 101.52
CA GLY FA 377 61.64 -1.53 102.27
C GLY FA 377 61.64 -1.82 103.76
N ARG FA 378 61.51 -0.76 104.56
CA ARG FA 378 61.53 -0.83 106.02
C ARG FA 378 60.66 0.27 106.64
N LEU FA 379 60.11 -0.04 107.82
CA LEU FA 379 59.50 0.95 108.69
C LEU FA 379 59.42 0.35 110.10
N HIS FA 380 59.56 1.17 111.14
CA HIS FA 380 59.33 0.68 112.49
C HIS FA 380 57.96 1.15 112.95
N VAL FA 381 57.17 0.25 113.55
CA VAL FA 381 55.81 0.58 113.95
C VAL FA 381 55.43 -0.05 115.29
N ASP FA 382 54.61 0.67 116.06
CA ASP FA 382 53.91 0.18 117.24
C ASP FA 382 52.53 0.82 117.30
N CYS FA 383 51.61 0.25 118.09
CA CYS FA 383 50.32 0.88 118.31
C CYS FA 383 49.93 0.76 119.78
N GLN FA 384 49.45 1.86 120.38
CA GLN FA 384 49.15 1.91 121.81
C GLN FA 384 47.90 2.75 122.07
N TYR FA 385 46.99 2.26 122.93
CA TYR FA 385 45.98 3.12 123.53
C TYR FA 385 46.58 4.01 124.62
N SER FA 386 46.18 5.29 124.67
CA SER FA 386 46.34 6.12 125.86
C SER FA 386 45.29 5.79 126.91
N GLN FA 387 44.04 5.61 126.44
CA GLN FA 387 42.89 5.32 127.28
C GLN FA 387 42.09 4.21 126.62
N GLY FA 388 42.31 2.96 127.07
CA GLY FA 388 41.57 1.83 126.56
C GLY FA 388 40.08 1.85 126.94
N ARG FA 389 39.71 2.59 128.01
CA ARG FA 389 38.32 2.83 128.37
C ARG FA 389 37.58 3.67 127.33
N SER FA 390 38.31 4.38 126.48
CA SER FA 390 37.74 5.17 125.40
C SER FA 390 37.25 4.32 124.22
N SER FA 391 37.23 2.97 124.38
CA SER FA 391 36.76 2.06 123.35
C SER FA 391 36.00 0.87 123.94
N ALA FA 392 35.11 0.32 123.11
CA ALA FA 392 34.31 -0.86 123.40
C ALA FA 392 34.35 -1.81 122.21
N THR FA 393 34.60 -3.11 122.45
CA THR FA 393 34.32 -4.11 121.44
C THR FA 393 32.83 -4.45 121.42
N VAL FA 394 32.31 -4.79 120.24
CA VAL FA 394 31.00 -5.42 120.09
C VAL FA 394 31.26 -6.91 119.92
N GLN FA 395 30.58 -7.73 120.72
CA GLN FA 395 30.82 -9.17 120.79
C GLN FA 395 29.57 -9.95 120.39
N TYR FA 396 29.76 -11.04 119.64
CA TYR FA 396 28.71 -11.94 119.20
C TYR FA 396 28.16 -12.84 120.33
N SER GA 104 15.05 -13.59 39.31
CA SER GA 104 13.78 -13.89 40.05
C SER GA 104 12.61 -13.97 39.06
N ASP GA 105 11.60 -14.78 39.42
CA ASP GA 105 10.35 -14.95 38.68
C ASP GA 105 9.22 -15.37 39.61
N PRO GA 106 8.56 -14.42 40.32
CA PRO GA 106 7.48 -14.75 41.25
C PRO GA 106 6.25 -15.34 40.55
N GLU GA 107 5.74 -16.45 41.09
CA GLU GA 107 4.56 -17.12 40.53
C GLU GA 107 3.25 -16.34 40.71
N TYR GA 108 3.20 -15.46 41.73
CA TYR GA 108 2.02 -14.64 42.02
C TYR GA 108 2.39 -13.16 42.09
N VAL GA 109 1.54 -12.33 41.46
CA VAL GA 109 1.63 -10.87 41.51
C VAL GA 109 0.91 -10.33 42.75
N ASP GA 110 1.34 -9.15 43.21
CA ASP GA 110 0.71 -8.45 44.32
C ASP GA 110 -0.13 -7.27 43.80
N THR GA 111 -1.43 -7.26 44.13
CA THR GA 111 -2.33 -6.18 43.74
C THR GA 111 -2.29 -5.02 44.77
N LEU GA 112 -2.80 -3.85 44.37
CA LEU GA 112 -2.78 -2.65 45.20
C LEU GA 112 -3.93 -2.62 46.22
N PHE GA 113 -3.94 -1.57 47.06
CA PHE GA 113 -4.93 -1.31 48.10
C PHE GA 113 -4.94 -2.39 49.19
N ARG GA 114 -3.81 -3.09 49.35
CA ARG GA 114 -3.57 -4.13 50.37
C ARG GA 114 -4.67 -5.21 50.36
N GLU GA 115 -5.25 -5.45 49.19
CA GLU GA 115 -6.10 -6.63 48.91
C GLU GA 115 -5.28 -7.92 48.83
N GLN GA 116 -3.95 -7.75 48.85
CA GLN GA 116 -2.89 -8.76 48.86
C GLN GA 116 -3.03 -9.77 50.02
N LEU GA 117 -2.31 -10.90 49.89
CA LEU GA 117 -2.09 -11.90 50.93
C LEU GA 117 -1.50 -11.30 52.22
N LEU GA 118 -1.82 -11.88 53.40
CA LEU GA 118 -1.28 -11.42 54.68
C LEU GA 118 0.20 -11.80 54.80
N GLU GA 119 1.09 -10.80 54.85
CA GLU GA 119 2.50 -11.01 54.55
C GLU GA 119 3.40 -10.62 55.72
N VAL GA 120 3.32 -11.42 56.80
CA VAL GA 120 4.06 -11.21 58.04
C VAL GA 120 4.54 -12.56 58.59
N VAL GA 121 5.54 -12.50 59.49
CA VAL GA 121 5.96 -13.66 60.27
C VAL GA 121 5.97 -13.26 61.74
N MET GA 122 5.37 -14.09 62.59
CA MET GA 122 5.41 -13.85 64.03
C MET GA 122 6.69 -14.47 64.61
N GLU GA 123 7.35 -13.71 65.49
CA GLU GA 123 8.64 -14.11 66.06
C GLU GA 123 8.50 -15.24 67.08
N GLY GA 124 9.59 -16.01 67.24
CA GLY GA 124 9.71 -16.95 68.36
C GLY GA 124 10.17 -16.26 69.64
N ARG GA 125 10.39 -17.07 70.68
CA ARG GA 125 11.01 -16.64 71.92
C ARG GA 125 12.40 -16.04 71.66
N GLU GA 126 12.71 -14.89 72.29
CA GLU GA 126 14.02 -14.26 72.19
C GLU GA 126 14.72 -14.21 73.56
N LEU GA 127 15.93 -14.78 73.62
CA LEU GA 127 16.67 -14.88 74.88
C LEU GA 127 17.39 -13.58 75.22
N ARG GA 128 17.58 -13.33 76.53
CA ARG GA 128 18.24 -12.12 77.04
C ARG GA 128 19.76 -12.19 76.82
N LYS GA 129 20.33 -11.10 76.29
CA LYS GA 129 21.72 -11.01 75.88
C LYS GA 129 22.40 -9.90 76.68
N VAL GA 130 23.44 -10.24 77.47
CA VAL GA 130 24.03 -9.31 78.45
C VAL GA 130 25.56 -9.43 78.60
N ALA GA 131 26.18 -10.53 78.18
CA ALA GA 131 27.58 -10.85 78.48
C ALA GA 131 28.59 -9.77 78.07
N ARG GA 132 28.32 -9.04 76.97
CA ARG GA 132 29.21 -7.97 76.49
C ARG GA 132 29.23 -6.77 77.44
N GLU GA 133 28.13 -6.54 78.16
CA GLU GA 133 27.97 -5.45 79.10
C GLU GA 133 28.35 -5.91 80.52
N ALA GA 134 27.99 -7.14 80.89
CA ALA GA 134 28.12 -7.70 82.23
C ALA GA 134 29.49 -8.31 82.54
N SER GA 135 30.47 -8.22 81.62
CA SER GA 135 31.81 -8.75 81.84
C SER GA 135 32.85 -7.85 81.15
N ASN GA 136 34.12 -8.02 81.51
CA ASN GA 136 35.20 -7.35 80.79
C ASN GA 136 35.44 -8.05 79.45
N VAL GA 137 35.25 -7.36 78.31
CA VAL GA 137 35.46 -8.00 77.01
C VAL GA 137 36.88 -7.75 76.50
N ILE GA 138 37.59 -8.84 76.15
CA ILE GA 138 38.90 -8.79 75.52
C ILE GA 138 38.70 -9.14 74.04
N ASN GA 139 39.05 -8.22 73.14
CA ASN GA 139 39.10 -8.53 71.71
C ASN GA 139 40.50 -9.05 71.39
N ALA GA 140 40.67 -10.37 71.41
CA ALA GA 140 41.98 -10.99 71.32
C ALA GA 140 42.57 -10.95 69.91
N ASN GA 141 43.91 -10.84 69.85
CA ASN GA 141 44.67 -10.96 68.61
C ASN GA 141 44.88 -12.42 68.22
N THR GA 142 44.86 -13.33 69.20
CA THR GA 142 45.03 -14.76 68.96
C THR GA 142 43.96 -15.57 69.68
N ARG GA 143 43.58 -16.67 69.04
CA ARG GA 143 42.51 -17.58 69.43
C ARG GA 143 42.82 -18.31 70.75
N VAL GA 144 44.12 -18.43 71.05
CA VAL GA 144 44.65 -18.87 72.33
C VAL GA 144 45.55 -17.76 72.90
N GLY GA 145 45.62 -17.65 74.23
CA GLY GA 145 46.43 -16.63 74.86
C GLY GA 145 46.43 -16.71 76.37
N ASP GA 146 47.07 -15.73 77.03
CA ASP GA 146 47.24 -15.72 78.47
C ASP GA 146 46.99 -14.33 79.06
N VAL GA 147 46.29 -14.29 80.21
CA VAL GA 147 46.22 -13.11 81.06
C VAL GA 147 47.12 -13.34 82.26
N PRO GA 148 48.14 -12.50 82.51
CA PRO GA 148 48.99 -12.66 83.70
C PRO GA 148 48.33 -12.13 84.96
N ILE GA 149 48.47 -12.90 86.05
CA ILE GA 149 47.90 -12.64 87.35
C ILE GA 149 49.07 -12.50 88.34
N ALA GA 150 49.12 -11.38 89.08
CA ALA GA 150 50.10 -11.22 90.15
C ALA GA 150 49.59 -11.90 91.44
N SER GA 151 50.52 -12.38 92.28
CA SER GA 151 50.15 -12.98 93.57
C SER GA 151 49.58 -11.97 94.56
N ASP GA 152 48.88 -12.48 95.59
CA ASP GA 152 48.24 -11.66 96.62
C ASP GA 152 49.23 -10.82 97.42
N GLU GA 153 48.72 -9.72 97.99
CA GLU GA 153 49.44 -8.95 99.00
C GLU GA 153 49.78 -9.80 100.23
N GLU GA 154 50.92 -9.49 100.87
CA GLU GA 154 51.34 -10.12 102.12
C GLU GA 154 51.57 -9.06 103.21
N PHE GA 155 52.06 -9.50 104.37
CA PHE GA 155 52.45 -8.62 105.47
C PHE GA 155 53.97 -8.58 105.58
N ALA GA 156 54.51 -7.36 105.74
CA ALA GA 156 55.93 -7.17 105.97
C ALA GA 156 56.37 -7.93 107.23
N ARG GA 157 57.62 -8.42 107.22
CA ARG GA 157 58.10 -9.34 108.24
C ARG GA 157 58.79 -8.60 109.38
N PRO GA 158 58.43 -8.85 110.67
CA PRO GA 158 59.18 -8.33 111.81
C PRO GA 158 60.61 -8.87 111.80
N THR GA 159 61.58 -7.98 112.01
CA THR GA 159 62.99 -8.37 111.89
C THR GA 159 63.87 -7.64 112.91
N GLY GA 160 64.95 -8.32 113.34
CA GLY GA 160 65.95 -7.73 114.22
C GLY GA 160 66.72 -6.60 113.54
N GLN GA 161 67.29 -5.72 114.37
CA GLN GA 161 68.10 -4.61 113.89
C GLN GA 161 69.44 -5.12 113.32
N GLY GA 162 69.78 -4.65 112.10
CA GLY GA 162 71.01 -5.05 111.42
C GLY GA 162 70.99 -6.45 110.80
N ALA GA 163 69.84 -7.15 110.84
CA ALA GA 163 69.67 -8.46 110.21
C ALA GA 163 69.45 -8.33 108.70
N GLU GA 164 69.76 -9.40 107.92
CA GLU GA 164 69.48 -9.43 106.48
C GLU GA 164 67.96 -9.42 106.23
N ILE GA 165 67.50 -8.57 105.31
CA ILE GA 165 66.11 -8.57 104.88
C ILE GA 165 65.88 -9.73 103.91
N ARG GA 166 64.87 -10.58 104.20
CA ARG GA 166 64.53 -11.72 103.35
C ARG GA 166 63.82 -11.24 102.08
N ASP GA 167 63.99 -12.00 100.99
CA ASP GA 167 63.16 -11.81 99.81
C ASP GA 167 61.78 -12.44 99.97
N ASP GA 168 60.76 -11.75 99.45
CA ASP GA 168 59.43 -12.29 99.21
C ASP GA 168 58.80 -11.50 98.05
N GLY GA 169 59.50 -11.52 96.91
CA GLY GA 169 59.14 -10.74 95.73
C GLY GA 169 57.80 -11.14 95.13
N GLU GA 170 57.26 -10.27 94.28
CA GLU GA 170 56.02 -10.57 93.59
C GLU GA 170 56.23 -11.79 92.67
N THR GA 171 55.21 -12.65 92.60
CA THR GA 171 55.24 -13.84 91.76
C THR GA 171 54.01 -13.85 90.87
N TYR GA 172 54.08 -14.63 89.77
CA TYR GA 172 53.12 -14.50 88.69
C TYR GA 172 52.67 -15.87 88.17
N THR GA 173 51.42 -15.90 87.71
CA THR GA 173 50.85 -17.02 86.98
C THR GA 173 50.03 -16.46 85.83
N THR GA 174 49.43 -17.32 85.01
CA THR GA 174 48.46 -16.83 84.02
C THR GA 174 47.16 -17.62 84.13
N VAL GA 175 46.05 -17.01 83.70
CA VAL GA 175 44.91 -17.79 83.24
C VAL GA 175 44.94 -17.82 81.72
N ALA GA 176 44.85 -19.02 81.14
CA ALA GA 176 44.86 -19.17 79.70
C ALA GA 176 43.44 -18.98 79.15
N TRP GA 177 43.30 -18.25 78.04
CA TRP GA 177 42.11 -18.40 77.23
C TRP GA 177 42.38 -19.33 76.07
N ASN GA 178 41.36 -20.11 75.71
CA ASN GA 178 41.41 -21.05 74.60
C ASN GA 178 40.05 -21.00 73.93
N ALA GA 179 39.86 -19.99 73.07
CA ALA GA 179 38.55 -19.70 72.50
C ALA GA 179 38.07 -20.82 71.58
N THR GA 180 36.79 -21.19 71.68
CA THR GA 180 36.19 -22.22 70.85
C THR GA 180 35.31 -21.57 69.80
N LYS GA 181 35.40 -22.04 68.55
CA LYS GA 181 34.57 -21.54 67.47
C LYS GA 181 33.11 -21.94 67.71
N LEU GA 182 32.24 -20.99 68.04
CA LEU GA 182 30.81 -21.22 67.95
C LEU GA 182 30.36 -20.97 66.52
N THR GA 183 29.55 -21.88 65.98
CA THR GA 183 29.03 -21.71 64.63
C THR GA 183 27.54 -22.05 64.55
N GLU GA 184 26.86 -21.37 63.63
CA GLU GA 184 25.48 -21.67 63.26
C GLU GA 184 25.35 -21.43 61.76
N GLY GA 185 24.64 -22.32 61.05
CA GLY GA 185 24.46 -22.16 59.61
C GLY GA 185 23.07 -22.56 59.13
N SER GA 186 22.76 -22.17 57.91
CA SER GA 186 21.49 -22.45 57.26
C SER GA 186 21.71 -22.56 55.76
N ARG GA 187 20.97 -23.47 55.09
CA ARG GA 187 21.03 -23.61 53.63
C ARG GA 187 19.61 -23.82 53.09
N VAL GA 188 19.27 -23.07 52.03
CA VAL GA 188 17.98 -23.14 51.36
C VAL GA 188 18.20 -23.24 49.85
N THR GA 189 17.31 -23.95 49.15
CA THR GA 189 17.36 -23.93 47.69
C THR GA 189 16.90 -22.57 47.15
N ASP GA 190 17.41 -22.17 45.98
CA ASP GA 190 17.07 -20.90 45.37
C ASP GA 190 15.59 -20.73 45.03
N GLU GA 191 14.86 -21.83 44.76
CA GLU GA 191 13.42 -21.79 44.62
C GLU GA 191 12.72 -21.26 45.89
N MET GA 192 13.21 -21.61 47.09
CA MET GA 192 12.65 -21.05 48.31
C MET GA 192 12.89 -19.54 48.38
N ARG GA 193 14.12 -19.07 48.10
CA ARG GA 193 14.43 -17.65 48.13
C ARG GA 193 13.50 -16.84 47.24
N ASP GA 194 13.25 -17.34 46.03
CA ASP GA 194 12.42 -16.66 45.05
C ASP GA 194 10.95 -16.60 45.47
N GLN GA 195 10.44 -17.68 46.09
CA GLN GA 195 9.01 -17.88 46.35
C GLN GA 195 8.58 -17.54 47.77
N ALA GA 196 9.50 -17.13 48.64
CA ALA GA 196 9.22 -16.86 50.05
C ALA GA 196 8.28 -15.67 50.26
N MET GA 197 7.50 -15.73 51.36
CA MET GA 197 6.62 -14.67 51.83
C MET GA 197 7.40 -13.43 52.28
N VAL GA 198 8.60 -13.64 52.85
CA VAL GA 198 9.50 -12.59 53.34
C VAL GA 198 10.93 -12.96 52.95
N ASP GA 199 11.88 -12.02 53.10
CA ASP GA 199 13.28 -12.29 52.76
C ASP GA 199 13.88 -13.36 53.68
N LEU GA 200 14.09 -14.58 53.15
CA LEU GA 200 14.70 -15.68 53.88
C LEU GA 200 16.15 -15.40 54.27
N ILE GA 201 16.90 -14.67 53.43
CA ILE GA 201 18.29 -14.37 53.77
C ILE GA 201 18.33 -13.43 54.98
N GLU GA 202 17.51 -12.39 54.98
CA GLU GA 202 17.40 -11.49 56.13
C GLU GA 202 17.05 -12.25 57.41
N ARG GA 203 16.03 -13.13 57.35
CA ARG GA 203 15.60 -13.90 58.51
C ARG GA 203 16.68 -14.86 59.02
N ASN GA 204 17.37 -15.56 58.11
CA ASN GA 204 18.44 -16.46 58.50
C ASN GA 204 19.66 -15.71 59.02
N ILE GA 205 19.97 -14.51 58.49
CA ILE GA 205 21.03 -13.67 59.03
C ILE GA 205 20.72 -13.28 60.48
N GLN GA 206 19.51 -12.81 60.76
CA GLN GA 206 19.09 -12.45 62.10
C GLN GA 206 19.13 -13.64 63.05
N ARG GA 207 18.67 -14.81 62.61
CA ARG GA 207 18.72 -16.04 63.39
C ARG GA 207 20.15 -16.48 63.72
N VAL GA 208 21.07 -16.39 62.76
CA VAL GA 208 22.46 -16.77 62.95
C VAL GA 208 23.15 -15.79 63.91
N GLY GA 209 22.95 -14.48 63.74
CA GLY GA 209 23.45 -13.48 64.66
C GLY GA 209 22.96 -13.72 66.10
N ALA GA 210 21.66 -13.94 66.27
CA ALA GA 210 21.07 -14.24 67.57
C ALA GA 210 21.65 -15.52 68.17
N SER GA 211 21.86 -16.57 67.37
CA SER GA 211 22.40 -17.84 67.83
C SER GA 211 23.83 -17.74 68.32
N LEU GA 212 24.63 -16.86 67.70
CA LEU GA 212 25.98 -16.58 68.19
C LEU GA 212 25.94 -15.76 69.48
N GLU GA 213 25.09 -14.73 69.59
CA GLU GA 213 24.96 -13.98 70.84
C GLU GA 213 24.51 -14.88 72.00
N ASN GA 214 23.51 -15.73 71.77
CA ASN GA 214 23.09 -16.72 72.76
C ASN GA 214 24.25 -17.63 73.15
N GLY GA 215 25.07 -18.02 72.19
CA GLY GA 215 26.30 -18.78 72.42
C GLY GA 215 27.28 -18.07 73.36
N ILE GA 216 27.62 -16.80 73.11
CA ILE GA 216 28.45 -16.00 74.01
C ILE GA 216 27.89 -16.05 75.42
N ASN GA 217 26.58 -15.81 75.57
CA ASN GA 217 25.93 -15.72 76.85
C ASN GA 217 25.94 -17.06 77.60
N ARG GA 218 25.82 -18.19 76.89
CA ARG GA 218 25.95 -19.51 77.49
C ARG GA 218 27.37 -19.73 78.04
N VAL GA 219 28.39 -19.39 77.25
CA VAL GA 219 29.78 -19.55 77.67
C VAL GA 219 30.06 -18.69 78.91
N PHE GA 220 29.65 -17.42 78.87
CA PHE GA 220 29.77 -16.50 79.99
C PHE GA 220 29.06 -17.00 81.24
N LEU GA 221 27.76 -17.31 81.16
CA LEU GA 221 27.01 -17.69 82.35
C LEU GA 221 27.52 -19.01 82.95
N THR GA 222 27.91 -19.97 82.12
CA THR GA 222 28.38 -21.26 82.62
C THR GA 222 29.70 -21.11 83.37
N GLU GA 223 30.66 -20.34 82.84
CA GLU GA 223 31.87 -20.01 83.57
C GLU GA 223 31.55 -19.27 84.88
N LEU GA 224 30.71 -18.24 84.78
CA LEU GA 224 30.37 -17.38 85.90
C LEU GA 224 29.79 -18.18 87.07
N VAL GA 225 28.81 -19.04 86.80
CA VAL GA 225 28.13 -19.86 87.80
C VAL GA 225 29.04 -20.96 88.34
N ASP GA 226 29.74 -21.71 87.48
CA ASP GA 226 30.48 -22.88 87.91
C ASP GA 226 31.74 -22.54 88.72
N ASN GA 227 32.44 -21.45 88.34
CA ASN GA 227 33.77 -21.16 88.86
C ASN GA 227 33.83 -20.03 89.90
N ALA GA 228 32.67 -19.45 90.28
CA ALA GA 228 32.60 -18.59 91.45
C ALA GA 228 33.08 -19.36 92.70
N GLN GA 229 34.00 -18.77 93.48
CA GLN GA 229 34.61 -19.50 94.58
C GLN GA 229 33.83 -19.43 95.90
N ASN GA 230 32.92 -18.45 96.03
CA ASN GA 230 32.10 -18.30 97.23
C ASN GA 230 30.64 -18.67 96.97
N ASN GA 231 29.89 -18.93 98.05
CA ASN GA 231 28.48 -19.26 97.95
C ASN GA 231 27.76 -18.75 99.19
N HIS GA 232 26.52 -18.25 99.01
CA HIS GA 232 25.61 -18.01 100.10
C HIS GA 232 24.41 -18.95 99.95
N ASP GA 233 24.25 -19.86 100.93
CA ASP GA 233 23.13 -20.79 100.94
C ASP GA 233 21.98 -20.18 101.74
N THR GA 234 20.90 -19.82 101.05
CA THR GA 234 19.76 -19.19 101.69
C THR GA 234 18.97 -20.17 102.55
N ALA GA 235 18.98 -21.46 102.17
CA ALA GA 235 18.22 -22.53 102.81
C ALA GA 235 16.73 -22.16 102.92
N GLY GA 236 16.10 -21.73 101.81
CA GLY GA 236 14.80 -21.08 101.87
C GLY GA 236 14.92 -19.71 102.55
N SER GA 237 14.00 -19.40 103.48
CA SER GA 237 14.21 -18.25 104.38
C SER GA 237 14.37 -16.89 103.65
N ASN GA 238 15.37 -16.08 104.04
CA ASN GA 238 15.52 -14.69 103.64
C ASN GA 238 16.17 -14.55 102.26
N GLN GA 239 15.41 -14.83 101.19
CA GLN GA 239 15.99 -14.96 99.85
C GLN GA 239 16.12 -13.64 99.07
N GLY GA 240 15.53 -12.54 99.57
CA GLY GA 240 15.51 -11.27 98.84
C GLY GA 240 16.79 -10.44 98.99
N TYR GA 241 16.64 -9.15 99.33
CA TYR GA 241 17.76 -8.23 99.57
C TYR GA 241 18.78 -8.81 100.55
N GLN GA 242 18.33 -9.49 101.62
CA GLN GA 242 19.24 -10.08 102.59
C GLN GA 242 20.21 -11.10 101.99
N ALA GA 243 19.76 -11.85 100.98
CA ALA GA 243 20.62 -12.78 100.26
C ALA GA 243 21.66 -12.04 99.42
N LEU GA 244 21.27 -10.98 98.70
CA LEU GA 244 22.21 -10.15 97.96
C LEU GA 244 23.25 -9.53 98.91
N ASN GA 245 22.81 -8.91 100.01
CA ASN GA 245 23.71 -8.38 101.02
C ASN GA 245 24.66 -9.46 101.55
N SER GA 246 24.14 -10.65 101.86
CA SER GA 246 24.96 -11.76 102.37
C SER GA 246 25.99 -12.24 101.35
N ALA GA 247 25.59 -12.35 100.08
CA ALA GA 247 26.49 -12.73 99.00
C ALA GA 247 27.59 -11.67 98.81
N VAL GA 248 27.26 -10.37 98.90
CA VAL GA 248 28.27 -9.32 98.92
C VAL GA 248 29.21 -9.51 100.11
N GLY GA 249 28.67 -9.86 101.28
CA GLY GA 249 29.45 -10.16 102.47
C GLY GA 249 30.44 -11.31 102.24
N GLU GA 250 30.02 -12.38 101.56
CA GLU GA 250 30.88 -13.51 101.24
C GLU GA 250 32.05 -13.10 100.33
N VAL GA 251 31.83 -12.22 99.35
CA VAL GA 251 32.91 -11.72 98.51
C VAL GA 251 33.81 -10.75 99.29
N ASP GA 252 33.23 -9.87 100.10
CA ASP GA 252 33.97 -8.92 100.92
C ASP GA 252 34.88 -9.62 101.93
N LYS GA 253 34.46 -10.77 102.45
CA LYS GA 253 35.22 -11.60 103.36
C LYS GA 253 36.43 -12.27 102.71
N ASP GA 254 36.50 -12.30 101.37
CA ASP GA 254 37.71 -12.66 100.62
C ASP GA 254 38.49 -11.43 100.14
N ASP GA 255 38.12 -10.23 100.59
CA ASP GA 255 38.84 -8.98 100.33
C ASP GA 255 38.76 -8.52 98.88
N PHE GA 256 37.67 -8.89 98.17
CA PHE GA 256 37.32 -8.32 96.87
C PHE GA 256 36.00 -7.56 97.00
N ARG GA 257 35.72 -6.60 96.10
CA ARG GA 257 34.44 -5.90 96.12
C ARG GA 257 33.65 -6.19 94.85
N PRO GA 258 32.46 -6.84 94.92
CA PRO GA 258 31.66 -7.06 93.73
C PRO GA 258 30.91 -5.78 93.37
N ASP GA 259 30.48 -5.69 92.10
CA ASP GA 259 29.81 -4.50 91.61
C ASP GA 259 28.64 -4.84 90.68
N THR GA 260 28.40 -6.12 90.42
CA THR GA 260 27.42 -6.58 89.44
C THR GA 260 26.72 -7.82 89.96
N TYR GA 261 25.47 -8.03 89.53
CA TYR GA 261 24.84 -9.32 89.74
C TYR GA 261 24.08 -9.79 88.51
N VAL GA 262 24.13 -11.11 88.31
CA VAL GA 262 23.48 -11.82 87.23
C VAL GA 262 22.37 -12.68 87.86
N THR GA 263 21.18 -12.68 87.26
CA THR GA 263 19.98 -13.15 87.97
C THR GA 263 19.09 -14.04 87.10
N HIS GA 264 18.55 -15.13 87.68
CA HIS GA 264 17.56 -16.02 87.07
C HIS GA 264 16.15 -15.42 87.14
N PRO GA 265 15.20 -15.72 86.21
CA PRO GA 265 13.80 -15.28 86.31
C PRO GA 265 13.09 -15.59 87.62
N ASP GA 266 13.35 -16.76 88.22
CA ASP GA 266 12.78 -17.15 89.50
C ASP GA 266 13.31 -16.25 90.63
N TYR GA 267 14.60 -15.93 90.58
CA TYR GA 267 15.21 -15.06 91.58
C TYR GA 267 14.63 -13.65 91.45
N ARG GA 268 14.53 -13.10 90.24
CA ARG GA 268 13.89 -11.81 90.01
C ARG GA 268 12.50 -11.77 90.63
N THR GA 269 11.70 -12.82 90.42
CA THR GA 269 10.35 -12.90 90.96
C THR GA 269 10.33 -12.83 92.49
N GLN GA 270 11.18 -13.62 93.17
CA GLN GA 270 11.34 -13.55 94.62
C GLN GA 270 11.73 -12.14 95.07
N LEU GA 271 12.75 -11.57 94.43
CA LEU GA 271 13.32 -10.29 94.79
C LEU GA 271 12.27 -9.17 94.72
N PHE GA 272 11.47 -9.11 93.65
CA PHE GA 272 10.45 -8.07 93.51
C PHE GA 272 9.19 -8.30 94.37
N ASN GA 273 9.07 -9.46 95.04
CA ASN GA 273 8.11 -9.67 96.11
C ASN GA 273 8.64 -9.23 97.48
N ASP GA 274 9.97 -9.01 97.61
CA ASP GA 274 10.58 -8.60 98.87
C ASP GA 274 9.98 -7.26 99.31
N THR GA 275 9.50 -7.25 100.56
CA THR GA 275 8.91 -6.10 101.21
C THR GA 275 9.84 -4.87 101.21
N ASN GA 276 11.16 -5.07 101.21
CA ASN GA 276 12.14 -3.99 101.07
C ASN GA 276 11.95 -3.19 99.78
N LEU GA 277 11.57 -3.87 98.70
CA LEU GA 277 11.53 -3.29 97.36
C LEU GA 277 10.08 -3.01 96.92
N ALA GA 278 9.14 -3.86 97.32
CA ALA GA 278 7.74 -3.75 96.95
C ALA GA 278 7.04 -2.58 97.65
N TYR GA 279 7.49 -2.19 98.86
CA TYR GA 279 6.89 -1.08 99.57
C TYR GA 279 7.72 0.18 99.37
N ALA GA 280 7.10 1.26 98.84
CA ALA GA 280 7.77 2.52 98.59
C ALA GA 280 8.38 3.13 99.87
N ASN GA 281 7.71 2.97 101.02
CA ASN GA 281 8.23 3.30 102.35
C ASN GA 281 9.63 2.69 102.58
N ARG GA 282 9.81 1.41 102.24
CA ARG GA 282 11.01 0.66 102.54
C ARG GA 282 12.08 0.81 101.45
N ALA GA 283 11.67 0.98 100.19
CA ALA GA 283 12.58 1.17 99.08
C ALA GA 283 13.05 2.62 98.91
N GLY GA 284 12.29 3.60 99.41
CA GLY GA 284 12.54 5.01 99.16
C GLY GA 284 12.10 5.50 97.78
N THR GA 285 11.47 4.61 96.98
CA THR GA 285 10.93 4.88 95.66
C THR GA 285 9.86 3.83 95.36
N ASN GA 286 8.85 4.16 94.53
CA ASN GA 286 7.91 3.15 94.05
C ASN GA 286 8.30 2.55 92.69
N GLU GA 287 9.53 2.79 92.22
CA GLU GA 287 9.98 2.31 90.92
C GLU GA 287 9.89 0.80 90.74
N VAL GA 288 10.15 -0.03 91.77
CA VAL GA 288 10.05 -1.48 91.63
C VAL GA 288 8.59 -1.92 91.54
N LEU GA 289 7.71 -1.35 92.36
CA LEU GA 289 6.28 -1.59 92.30
C LEU GA 289 5.72 -1.24 90.91
N ARG GA 290 6.16 -0.11 90.32
CA ARG GA 290 5.68 0.32 89.01
C ARG GA 290 6.36 -0.42 87.87
N ASN GA 291 7.69 -0.32 87.77
CA ASN GA 291 8.44 -0.70 86.58
C ASN GA 291 9.26 -1.99 86.74
N ARG GA 292 9.13 -2.71 87.88
CA ARG GA 292 9.73 -4.02 88.09
C ARG GA 292 11.23 -4.01 87.81
N GLU GA 293 11.73 -4.81 86.85
CA GLU GA 293 13.17 -4.90 86.58
C GLU GA 293 13.76 -3.63 85.94
N ASP GA 294 12.92 -2.78 85.35
CA ASP GA 294 13.37 -1.54 84.72
C ASP GA 294 13.56 -0.38 85.71
N ALA GA 295 13.27 -0.62 87.00
CA ALA GA 295 13.49 0.33 88.08
C ALA GA 295 14.98 0.62 88.25
N PRO GA 296 15.43 1.89 88.36
CA PRO GA 296 16.84 2.21 88.55
C PRO GA 296 17.47 1.62 89.81
N ILE GA 297 16.70 1.43 90.89
CA ILE GA 297 17.20 0.81 92.11
C ILE GA 297 17.60 -0.66 91.91
N VAL GA 298 17.00 -1.39 90.96
CA VAL GA 298 17.34 -2.79 90.73
C VAL GA 298 18.77 -2.92 90.20
N GLY GA 299 19.24 -1.91 89.47
CA GLY GA 299 20.64 -1.79 89.07
C GLY GA 299 21.53 -0.99 90.03
N ASP GA 300 21.07 -0.74 91.26
CA ASP GA 300 21.78 0.06 92.26
C ASP GA 300 21.39 -0.42 93.65
N ILE GA 301 21.77 -1.65 94.01
CA ILE GA 301 21.33 -2.32 95.24
C ILE GA 301 22.50 -3.05 95.90
N ALA GA 302 22.58 -2.98 97.24
CA ALA GA 302 23.61 -3.66 98.02
C ALA GA 302 25.03 -3.30 97.56
N GLY GA 303 25.21 -2.06 97.05
CA GLY GA 303 26.53 -1.60 96.60
C GLY GA 303 26.84 -1.96 95.14
N LEU GA 304 26.05 -2.87 94.55
CA LEU GA 304 26.19 -3.27 93.16
C LEU GA 304 25.63 -2.15 92.28
N ASP GA 305 26.32 -1.87 91.17
CA ASP GA 305 25.97 -0.78 90.26
C ASP GA 305 25.58 -1.28 88.86
N MET GA 306 25.41 -2.60 88.69
CA MET GA 306 24.80 -3.17 87.48
C MET GA 306 24.00 -4.44 87.77
N HIS GA 307 22.81 -4.56 87.16
CA HIS GA 307 22.04 -5.78 87.15
C HIS GA 307 21.97 -6.33 85.73
N ALA GA 308 22.35 -7.61 85.55
CA ALA GA 308 22.27 -8.28 84.26
C ALA GA 308 21.25 -9.42 84.34
N ALA GA 309 20.09 -9.23 83.71
CA ALA GA 309 19.01 -10.18 83.80
C ALA GA 309 19.21 -11.30 82.76
N MET GA 310 19.34 -12.55 83.21
CA MET GA 310 19.50 -13.69 82.29
C MET GA 310 18.17 -14.38 82.00
N SER GA 311 18.19 -15.18 80.92
CA SER GA 311 17.15 -16.17 80.62
C SER GA 311 17.39 -17.47 81.40
N SER GA 312 16.38 -18.35 81.44
CA SER GA 312 16.53 -19.66 82.08
C SER GA 312 17.37 -20.63 81.24
N ALA GA 313 17.17 -20.66 79.91
CA ALA GA 313 17.82 -21.60 79.01
C ALA GA 313 19.31 -21.35 78.77
N THR GA 314 19.84 -20.19 79.16
CA THR GA 314 21.19 -19.76 78.84
C THR GA 314 22.25 -20.68 79.44
N TYR GA 315 22.10 -21.08 80.72
CA TYR GA 315 23.09 -21.92 81.37
C TYR GA 315 23.14 -23.30 80.72
N ASP GA 316 24.35 -23.84 80.57
CA ASP GA 316 24.58 -25.09 79.89
C ASP GA 316 24.20 -26.31 80.74
N ASP GA 317 22.95 -26.78 80.61
CA ASP GA 317 22.49 -28.04 81.20
C ASP GA 317 23.16 -29.27 80.57
N GLY GA 318 23.77 -29.16 79.39
CA GLY GA 318 24.28 -30.30 78.64
C GLY GA 318 23.19 -31.08 77.88
N THR GA 319 21.94 -30.61 77.93
CA THR GA 319 20.83 -31.20 77.19
C THR GA 319 20.78 -30.73 75.73
N ASP GA 320 21.48 -29.64 75.42
CA ASP GA 320 21.54 -29.09 74.06
C ASP GA 320 22.63 -29.80 73.24
N ILE GA 321 22.40 -29.92 71.93
CA ILE GA 321 23.26 -30.72 71.07
C ILE GA 321 24.59 -30.01 70.80
N GLY GA 322 25.71 -30.72 71.01
CA GLY GA 322 27.05 -30.17 70.83
C GLY GA 322 27.64 -29.56 72.10
N TRP GA 323 26.81 -29.36 73.14
CA TRP GA 323 27.23 -28.79 74.41
C TRP GA 323 27.30 -29.87 75.49
N SER GA 324 28.38 -29.86 76.29
CA SER GA 324 28.52 -30.72 77.46
C SER GA 324 28.41 -29.88 78.73
N GLY GA 325 27.51 -30.28 79.64
CA GLY GA 325 26.96 -29.37 80.64
C GLY GA 325 27.94 -28.89 81.72
N GLY GA 326 27.54 -27.79 82.39
CA GLY GA 326 28.20 -27.29 83.59
C GLY GA 326 27.90 -28.13 84.83
N SER GA 327 28.53 -27.77 85.97
CA SER GA 327 28.49 -28.56 87.20
C SER GA 327 27.29 -28.26 88.11
N GLU GA 328 26.60 -27.13 87.90
CA GLU GA 328 25.55 -26.65 88.78
C GLU GA 328 24.15 -26.79 88.17
N THR GA 329 23.10 -26.43 88.94
CA THR GA 329 21.78 -26.19 88.37
C THR GA 329 21.46 -24.70 88.44
N TRP GA 330 21.25 -24.08 87.28
CA TRP GA 330 20.82 -22.69 87.19
C TRP GA 330 19.31 -22.60 87.37
N GLY GA 331 18.86 -21.88 88.39
CA GLY GA 331 17.45 -21.84 88.74
C GLY GA 331 17.24 -21.22 90.12
N PHE GA 332 15.98 -21.01 90.51
CA PHE GA 332 15.69 -20.64 91.88
C PHE GA 332 14.33 -21.16 92.33
N SER GA 333 14.05 -22.42 91.96
CA SER GA 333 12.77 -23.10 92.22
C SER GA 333 12.89 -24.16 93.30
N SER GA 334 14.08 -24.76 93.48
CA SER GA 334 14.21 -25.99 94.24
C SER GA 334 15.54 -26.10 95.00
N ASP GA 335 15.53 -26.92 96.04
CA ASP GA 335 16.62 -27.11 96.99
C ASP GA 335 17.98 -27.32 96.28
N GLY GA 336 18.90 -26.36 96.44
CA GLY GA 336 20.24 -26.45 95.87
C GLY GA 336 20.43 -25.76 94.52
N ASP GA 337 19.37 -25.22 93.88
CA ASP GA 337 19.53 -24.41 92.67
C ASP GA 337 20.33 -23.14 92.97
N LYS GA 338 21.16 -22.70 92.01
CA LYS GA 338 21.86 -21.43 92.11
C LYS GA 338 21.21 -20.45 91.15
N GLY GA 339 20.71 -19.32 91.69
CA GLY GA 339 19.80 -18.45 90.97
C GLY GA 339 20.27 -17.01 90.79
N ALA GA 340 21.39 -16.66 91.42
CA ALA GA 340 22.05 -15.38 91.18
C ALA GA 340 23.55 -15.53 91.37
N VAL GA 341 24.35 -14.69 90.70
CA VAL GA 341 25.77 -14.59 90.99
C VAL GA 341 26.08 -13.11 91.23
N VAL GA 342 26.80 -12.83 92.32
CA VAL GA 342 27.18 -11.49 92.71
C VAL GA 342 28.70 -11.41 92.60
N TYR GA 343 29.23 -10.46 91.80
CA TYR GA 343 30.62 -10.57 91.38
C TYR GA 343 31.21 -9.22 90.94
N ASP GA 344 32.54 -9.19 90.80
CA ASP GA 344 33.27 -8.07 90.25
C ASP GA 344 33.39 -8.20 88.72
N ARG GA 345 32.72 -7.29 88.00
CA ARG GA 345 32.67 -7.28 86.54
C ARG GA 345 34.06 -7.18 85.88
N ASP GA 346 35.02 -6.55 86.56
CA ASP GA 346 36.36 -6.38 86.03
C ASP GA 346 37.24 -7.64 86.19
N ASN GA 347 36.74 -8.67 86.90
CA ASN GA 347 37.51 -9.88 87.20
C ASN GA 347 36.99 -11.14 86.50
N ILE GA 348 35.98 -11.00 85.64
CA ILE GA 348 35.50 -12.07 84.76
C ILE GA 348 35.65 -11.57 83.32
N HIS GA 349 36.42 -12.32 82.51
CA HIS GA 349 36.76 -11.89 81.17
C HIS GA 349 36.03 -12.74 80.13
N THR GA 350 35.33 -12.07 79.22
CA THR GA 350 34.84 -12.72 78.00
C THR GA 350 35.83 -12.40 76.90
N ILE GA 351 36.45 -13.43 76.33
CA ILE GA 351 37.45 -13.22 75.31
C ILE GA 351 36.81 -13.53 73.96
N LEU GA 352 36.75 -12.55 73.07
CA LEU GA 352 36.22 -12.73 71.73
C LEU GA 352 37.36 -12.68 70.73
N TYR GA 353 37.40 -13.68 69.84
CA TYR GA 353 38.35 -13.73 68.75
C TYR GA 353 37.60 -13.97 67.44
N ALA GA 354 37.96 -13.21 66.40
CA ALA GA 354 37.48 -13.46 65.05
C ALA GA 354 38.63 -13.26 64.07
N PRO GA 355 38.85 -14.17 63.09
CA PRO GA 355 39.95 -14.00 62.14
C PRO GA 355 39.78 -12.79 61.21
N ASN GA 356 38.54 -12.30 61.02
CA ASN GA 356 38.26 -11.12 60.21
C ASN GA 356 37.41 -10.12 61.00
N GLY GA 357 37.91 -8.89 61.20
CA GLY GA 357 37.25 -7.90 62.04
C GLY GA 357 37.32 -8.24 63.54
N GLN GA 358 36.54 -7.53 64.36
CA GLN GA 358 36.60 -7.64 65.83
C GLN GA 358 35.58 -8.63 66.41
N ASP GA 359 34.57 -9.03 65.61
CA ASP GA 359 33.31 -9.54 66.16
C ASP GA 359 32.69 -10.62 65.27
N VAL GA 360 31.42 -11.00 65.54
CA VAL GA 360 30.66 -11.99 64.76
C VAL GA 360 30.83 -11.77 63.26
N GLU GA 361 31.12 -12.85 62.54
CA GLU GA 361 31.22 -12.78 61.09
C GLU GA 361 30.13 -13.63 60.47
N ILE GA 362 29.27 -12.97 59.70
CA ILE GA 362 28.20 -13.65 58.97
C ILE GA 362 28.55 -13.63 57.48
N LYS GA 363 28.48 -14.80 56.84
CA LYS GA 363 28.80 -14.97 55.44
C LYS GA 363 27.56 -15.55 54.74
N ASP GA 364 26.96 -14.79 53.82
CA ASP GA 364 26.04 -15.37 52.86
C ASP GA 364 26.84 -15.87 51.66
N TYR GA 365 26.41 -16.99 51.08
CA TYR GA 365 27.12 -17.63 49.97
C TYR GA 365 26.15 -18.42 49.10
N GLU GA 366 26.51 -18.57 47.82
CA GLU GA 366 25.82 -19.48 46.92
C GLU GA 366 26.71 -20.69 46.63
N ASP GA 367 26.11 -21.89 46.66
CA ASP GA 367 26.75 -23.13 46.30
C ASP GA 367 27.14 -23.10 44.82
N PRO GA 368 28.40 -23.41 44.44
CA PRO GA 368 28.86 -23.26 43.07
C PRO GA 368 28.27 -24.26 42.07
N ILE GA 369 27.57 -25.29 42.57
CA ILE GA 369 27.11 -26.43 41.78
C ILE GA 369 25.57 -26.55 41.81
N ARG GA 370 24.91 -26.35 42.97
CA ARG GA 370 23.62 -27.01 43.25
C ARG GA 370 22.40 -26.10 43.44
N ASP GA 371 22.46 -24.78 43.13
CA ASP GA 371 21.34 -23.88 43.36
C ASP GA 371 20.83 -23.87 44.83
N ILE GA 372 21.80 -23.97 45.75
CA ILE GA 372 21.62 -23.72 47.17
C ILE GA 372 22.25 -22.36 47.49
N THR GA 373 21.57 -21.57 48.32
CA THR GA 373 22.17 -20.43 48.99
C THR GA 373 22.21 -20.75 50.49
N GLY GA 374 23.24 -20.29 51.19
CA GLY GA 374 23.23 -20.42 52.65
C GLY GA 374 23.75 -19.16 53.33
N VAL GA 375 23.59 -19.11 54.66
CA VAL GA 375 24.24 -18.11 55.48
C VAL GA 375 24.85 -18.83 56.69
N ASN GA 376 26.09 -18.47 57.02
CA ASN GA 376 26.84 -19.08 58.10
C ASN GA 376 27.30 -17.97 59.03
N GLY GA 377 27.41 -18.27 60.33
CA GLY GA 377 28.01 -17.36 61.29
C GLY GA 377 29.12 -18.04 62.06
N ARG GA 378 30.23 -17.31 62.29
CA ARG GA 378 31.31 -17.74 63.16
C ARG GA 378 31.55 -16.70 64.24
N LEU GA 379 31.94 -17.17 65.43
CA LEU GA 379 32.70 -16.36 66.38
C LEU GA 379 33.49 -17.31 67.26
N HIS GA 380 34.66 -16.90 67.76
CA HIS GA 380 35.30 -17.68 68.82
C HIS GA 380 35.15 -16.94 70.14
N VAL GA 381 34.81 -17.69 71.19
CA VAL GA 381 34.66 -17.13 72.52
C VAL GA 381 35.28 -18.06 73.56
N ASP GA 382 35.85 -17.45 74.60
CA ASP GA 382 36.14 -18.10 75.87
C ASP GA 382 35.67 -17.21 77.01
N CYS GA 383 35.49 -17.79 78.20
CA CYS GA 383 35.24 -16.98 79.38
C CYS GA 383 36.03 -17.51 80.57
N GLN GA 384 36.70 -16.59 81.30
CA GLN GA 384 37.65 -16.95 82.34
C GLN GA 384 37.59 -15.95 83.50
N TYR GA 385 37.46 -16.44 84.74
CA TYR GA 385 37.75 -15.61 85.89
C TYR GA 385 39.26 -15.31 85.99
N SER GA 386 39.60 -14.03 86.13
CA SER GA 386 40.89 -13.60 86.65
C SER GA 386 41.02 -13.95 88.13
N GLN GA 387 39.98 -13.61 88.92
CA GLN GA 387 39.91 -13.90 90.34
C GLN GA 387 38.52 -14.45 90.68
N GLY GA 388 38.40 -15.77 90.82
CA GLY GA 388 37.12 -16.41 91.13
C GLY GA 388 36.60 -16.10 92.54
N ARG GA 389 37.50 -15.71 93.45
CA ARG GA 389 37.19 -15.24 94.80
C ARG GA 389 36.37 -13.95 94.78
N SER GA 390 36.42 -13.18 93.69
CA SER GA 390 35.64 -11.95 93.54
C SER GA 390 34.15 -12.20 93.27
N SER GA 391 33.68 -13.45 93.43
CA SER GA 391 32.34 -13.86 92.99
C SER GA 391 31.70 -14.83 93.99
N ALA GA 392 30.38 -14.69 94.20
CA ALA GA 392 29.57 -15.55 95.05
C ALA GA 392 28.25 -15.92 94.36
N THR GA 393 27.86 -17.20 94.40
CA THR GA 393 26.53 -17.62 93.99
C THR GA 393 25.54 -17.49 95.14
N VAL GA 394 24.24 -17.31 94.82
CA VAL GA 394 23.17 -17.41 95.80
C VAL GA 394 22.42 -18.71 95.53
N GLN GA 395 22.33 -19.55 96.57
CA GLN GA 395 21.75 -20.89 96.47
C GLN GA 395 20.40 -20.93 97.20
N TYR GA 396 19.41 -21.58 96.57
CA TYR GA 396 18.07 -21.82 97.10
C TYR GA 396 18.06 -22.88 98.21
N ALA HA 2 -46.58 -10.18 78.22
CA ALA HA 2 -45.21 -10.77 77.98
C ALA HA 2 -44.14 -9.71 78.24
N THR HA 3 -43.30 -9.94 79.27
CA THR HA 3 -42.39 -8.92 79.78
C THR HA 3 -41.05 -9.51 80.24
N GLU HA 4 -40.00 -8.69 80.16
CA GLU HA 4 -38.62 -9.03 80.51
C GLU HA 4 -38.17 -8.12 81.65
N THR HA 5 -37.47 -8.66 82.67
CA THR HA 5 -36.95 -7.82 83.75
C THR HA 5 -35.45 -7.55 83.61
N GLN HA 6 -35.05 -6.32 83.92
CA GLN HA 6 -33.65 -5.91 84.01
C GLN HA 6 -33.51 -4.97 85.21
N GLY HA 7 -32.89 -5.45 86.30
CA GLY HA 7 -32.93 -4.74 87.57
C GLY HA 7 -34.36 -4.55 88.08
N GLU HA 8 -34.70 -3.32 88.47
CA GLU HA 8 -36.04 -2.98 88.93
C GLU HA 8 -37.06 -2.87 87.78
N HIS HA 9 -36.61 -2.82 86.52
CA HIS HA 9 -37.48 -2.46 85.40
C HIS HA 9 -38.12 -3.68 84.72
N THR HA 10 -39.34 -3.47 84.22
CA THR HA 10 -40.01 -4.37 83.28
C THR HA 10 -40.06 -3.73 81.89
N PHE HA 11 -39.60 -4.47 80.87
CA PHE HA 11 -39.66 -4.07 79.47
C PHE HA 11 -40.63 -4.97 78.71
N PRO HA 12 -41.32 -4.47 77.66
CA PRO HA 12 -42.16 -5.34 76.83
C PRO HA 12 -41.24 -6.21 75.96
N VAL HA 13 -41.56 -7.49 75.74
CA VAL HA 13 -40.78 -8.26 74.77
C VAL HA 13 -41.14 -7.84 73.35
N GLU HA 14 -40.14 -7.80 72.45
CA GLU HA 14 -40.40 -7.67 71.04
C GLU HA 14 -40.88 -9.02 70.50
N VAL HA 15 -42.12 -9.09 70.00
CA VAL HA 15 -42.74 -10.34 69.54
C VAL HA 15 -42.00 -10.95 68.34
N LEU HA 16 -41.37 -10.15 67.48
CA LEU HA 16 -40.79 -10.64 66.24
C LEU HA 16 -39.28 -10.75 66.34
N ILE HA 17 -38.74 -11.95 66.08
CA ILE HA 17 -37.31 -12.23 66.08
C ILE HA 17 -36.76 -12.13 64.66
N SER HA 18 -37.45 -12.76 63.69
CA SER HA 18 -37.07 -12.68 62.28
C SER HA 18 -38.27 -12.95 61.40
N GLY HA 19 -38.15 -12.58 60.11
CA GLY HA 19 -39.20 -12.82 59.13
C GLY HA 19 -39.76 -11.52 58.58
N GLU HA 20 -40.20 -11.58 57.32
CA GLU HA 20 -40.84 -10.47 56.63
C GLU HA 20 -42.35 -10.73 56.41
N GLU HA 21 -42.87 -11.87 56.88
CA GLU HA 21 -44.26 -12.27 56.57
C GLU HA 21 -45.25 -11.61 57.54
N LEU HA 22 -45.29 -10.28 57.49
CA LEU HA 22 -46.14 -9.45 58.33
C LEU HA 22 -47.32 -8.96 57.49
N ARG HA 23 -48.57 -9.17 57.96
CA ARG HA 23 -49.76 -8.89 57.16
C ARG HA 23 -50.80 -8.12 57.99
N GLY HA 24 -51.69 -7.39 57.30
CA GLY HA 24 -52.64 -6.50 57.94
C GLY HA 24 -54.08 -7.01 57.86
N TYR HA 25 -54.81 -6.88 58.98
CA TYR HA 25 -56.18 -7.33 59.15
C TYR HA 25 -56.95 -6.30 60.00
N THR HA 26 -58.25 -6.49 60.18
CA THR HA 26 -59.02 -5.71 61.13
C THR HA 26 -59.23 -6.53 62.40
N ALA HA 27 -59.07 -5.93 63.58
CA ALA HA 27 -59.30 -6.62 64.84
C ALA HA 27 -60.81 -6.81 65.07
N GLY HA 28 -61.27 -8.06 65.27
CA GLY HA 28 -62.66 -8.35 65.59
C GLY HA 28 -63.04 -8.14 67.06
N GLU HA 29 -62.02 -7.87 67.91
CA GLU HA 29 -62.11 -7.66 69.36
C GLU HA 29 -60.82 -7.00 69.82
N ALA HA 30 -60.71 -6.59 71.10
CA ALA HA 30 -59.43 -6.13 71.62
C ALA HA 30 -58.40 -7.27 71.68
N LEU HA 31 -57.15 -6.99 71.25
CA LEU HA 31 -56.06 -7.96 71.19
C LEU HA 31 -54.79 -7.38 71.81
N SER HA 32 -53.91 -8.27 72.28
CA SER HA 32 -52.67 -7.92 72.97
C SER HA 32 -51.45 -8.53 72.28
N ALA HA 33 -50.29 -7.86 72.33
CA ALA HA 33 -49.10 -8.32 71.63
C ALA HA 33 -48.72 -9.76 72.04
N GLY HA 34 -48.48 -10.63 71.04
CA GLY HA 34 -48.11 -12.02 71.24
C GLY HA 34 -49.31 -12.99 71.32
N GLU HA 35 -50.53 -12.49 71.18
CA GLU HA 35 -51.75 -13.30 71.23
C GLU HA 35 -52.01 -13.99 69.89
N PRO HA 36 -52.30 -15.32 69.86
CA PRO HA 36 -52.66 -16.00 68.62
C PRO HA 36 -54.06 -15.63 68.15
N VAL HA 37 -54.23 -15.49 66.82
CA VAL HA 37 -55.49 -15.07 66.23
C VAL HA 37 -55.84 -15.89 64.99
N TYR HA 38 -57.13 -15.85 64.59
CA TYR HA 38 -57.67 -16.57 63.44
C TYR HA 38 -58.70 -15.68 62.74
N LEU HA 39 -59.08 -16.03 61.49
CA LEU HA 39 -60.07 -15.26 60.74
C LEU HA 39 -61.47 -15.44 61.29
N SER HA 40 -62.04 -14.37 61.87
CA SER HA 40 -63.42 -14.34 62.35
C SER HA 40 -64.39 -13.77 61.31
N GLY HA 41 -63.88 -13.10 60.27
CA GLY HA 41 -64.70 -12.54 59.20
C GLY HA 41 -63.83 -12.07 58.04
N ASP HA 42 -64.43 -11.42 57.03
CA ASP HA 42 -63.68 -10.98 55.86
C ASP HA 42 -62.55 -10.01 56.25
N TYR HA 43 -61.29 -10.44 56.07
CA TYR HA 43 -60.08 -9.77 56.55
C TYR HA 43 -60.12 -9.35 58.03
N GLU HA 44 -60.99 -9.98 58.84
CA GLU HA 44 -61.12 -9.68 60.26
C GLU HA 44 -60.59 -10.86 61.08
N VAL HA 45 -59.78 -10.57 62.12
CA VAL HA 45 -59.17 -11.60 62.96
C VAL HA 45 -59.54 -11.41 64.43
N SER HA 46 -59.68 -12.53 65.16
CA SER HA 46 -60.06 -12.59 66.57
C SER HA 46 -59.17 -13.59 67.31
N ALA HA 47 -59.15 -13.55 68.65
CA ALA HA 47 -58.30 -14.44 69.42
C ALA HA 47 -58.70 -15.91 69.24
N SER HA 48 -57.71 -16.76 68.92
CA SER HA 48 -57.89 -18.19 68.67
C SER HA 48 -58.45 -18.93 69.87
N SER HA 49 -59.44 -19.81 69.66
CA SER HA 49 -59.84 -20.81 70.66
C SER HA 49 -58.90 -22.02 70.63
N ALA HA 50 -59.06 -22.93 71.59
CA ALA HA 50 -58.20 -24.10 71.77
C ALA HA 50 -58.45 -25.20 70.72
N ASP HA 51 -57.53 -26.20 70.66
CA ASP HA 51 -57.68 -27.45 69.92
C ASP HA 51 -57.74 -27.29 68.39
N GLY HA 52 -57.03 -26.31 67.83
CA GLY HA 52 -56.78 -26.24 66.40
C GLY HA 52 -57.93 -25.71 65.55
N GLY HA 53 -57.69 -25.63 64.23
CA GLY HA 53 -58.64 -25.12 63.26
C GLY HA 53 -58.80 -23.60 63.23
N GLU HA 54 -58.03 -22.90 64.09
CA GLU HA 54 -58.18 -21.46 64.30
C GLU HA 54 -56.81 -20.82 64.54
N PHE HA 55 -56.01 -20.63 63.48
CA PHE HA 55 -54.77 -19.90 63.62
C PHE HA 55 -54.29 -19.34 62.29
N LEU HA 56 -54.14 -18.01 62.20
CA LEU HA 56 -53.55 -17.35 61.04
C LEU HA 56 -52.18 -16.74 61.37
N GLY HA 57 -51.95 -16.35 62.62
CA GLY HA 57 -50.70 -15.74 63.05
C GLY HA 57 -50.79 -15.19 64.47
N VAL HA 58 -49.77 -14.44 64.90
CA VAL HA 58 -49.77 -13.79 66.20
C VAL HA 58 -49.86 -12.27 66.04
N ASN HA 59 -50.67 -11.64 66.89
CA ASN HA 59 -50.85 -10.20 66.94
C ASN HA 59 -49.53 -9.52 67.36
N LEU HA 60 -49.07 -8.52 66.60
CA LEU HA 60 -47.77 -7.90 66.83
C LEU HA 60 -47.74 -6.75 67.84
N TYR HA 61 -48.88 -6.09 68.07
CA TYR HA 61 -49.01 -4.99 69.03
C TYR HA 61 -50.45 -4.87 69.51
N ASP HA 62 -50.66 -4.25 70.70
CA ASP HA 62 -51.98 -4.15 71.31
C ASP HA 62 -52.94 -3.28 70.47
N VAL HA 63 -54.20 -3.72 70.35
CA VAL HA 63 -55.22 -3.00 69.58
C VAL HA 63 -56.59 -3.09 70.26
N ALA HA 64 -57.40 -2.03 70.08
CA ALA HA 64 -58.83 -2.05 70.39
C ALA HA 64 -59.62 -2.70 69.24
N SER HA 65 -60.87 -3.07 69.50
CA SER HA 65 -61.76 -3.62 68.49
C SER HA 65 -61.93 -2.66 67.30
N GLY HA 66 -61.90 -3.21 66.09
CA GLY HA 66 -62.06 -2.46 64.84
C GLY HA 66 -60.79 -1.75 64.35
N GLU HA 67 -59.72 -1.69 65.15
CA GLU HA 67 -58.47 -1.10 64.68
C GLU HA 67 -57.80 -2.03 63.65
N PRO HA 68 -57.00 -1.49 62.71
CA PRO HA 68 -56.16 -2.34 61.87
C PRO HA 68 -55.03 -2.94 62.71
N VAL HA 69 -54.89 -4.27 62.58
CA VAL HA 69 -53.93 -5.05 63.36
C VAL HA 69 -52.88 -5.65 62.42
N ALA HA 70 -51.60 -5.55 62.80
CA ALA HA 70 -50.54 -6.27 62.11
C ALA HA 70 -50.29 -7.63 62.79
N LEU HA 71 -49.93 -8.62 61.97
CA LEU HA 71 -49.89 -10.01 62.33
C LEU HA 71 -48.63 -10.65 61.74
N ALA HA 72 -47.88 -11.44 62.53
CA ALA HA 72 -46.81 -12.27 61.98
C ALA HA 72 -47.39 -13.63 61.61
N GLY HA 73 -47.24 -14.01 60.33
CA GLY HA 73 -47.66 -15.31 59.85
C GLY HA 73 -46.56 -16.35 59.92
N ASP HA 74 -46.78 -17.48 59.23
CA ASP HA 74 -45.74 -18.49 59.05
C ASP HA 74 -44.52 -17.89 58.33
N ASP HA 75 -43.37 -18.56 58.47
CA ASP HA 75 -42.05 -18.06 58.11
C ASP HA 75 -41.47 -17.04 59.11
N CYS HA 76 -42.23 -16.59 60.13
CA CYS HA 76 -41.67 -15.75 61.18
C CYS HA 76 -41.15 -16.55 62.38
N GLU HA 77 -40.05 -16.07 62.97
CA GLU HA 77 -39.60 -16.48 64.30
C GLU HA 77 -40.10 -15.46 65.31
N VAL HA 78 -40.73 -15.94 66.41
CA VAL HA 78 -41.47 -15.08 67.34
C VAL HA 78 -41.21 -15.45 68.80
N ARG HA 79 -41.41 -14.48 69.70
CA ARG HA 79 -41.35 -14.68 71.15
C ARG HA 79 -42.78 -14.69 71.70
N VAL HA 80 -43.19 -15.78 72.37
CA VAL HA 80 -44.58 -15.96 72.78
C VAL HA 80 -44.69 -16.64 74.15
N GLU HA 81 -45.76 -16.32 74.90
CA GLU HA 81 -46.02 -16.96 76.18
C GLU HA 81 -46.60 -18.36 76.02
N VAL HA 82 -46.21 -19.27 76.92
CA VAL HA 82 -46.70 -20.65 76.94
C VAL HA 82 -47.40 -20.96 78.26
N SER HA 83 -48.46 -21.78 78.22
CA SER HA 83 -49.24 -22.16 79.39
C SER HA 83 -48.58 -23.24 80.24
N GLU HA 84 -47.55 -23.90 79.70
CA GLU HA 84 -46.93 -25.08 80.29
C GLU HA 84 -45.45 -25.10 79.91
N GLN HA 85 -44.65 -25.97 80.55
CA GLN HA 85 -43.26 -26.13 80.16
C GLN HA 85 -43.16 -26.66 78.72
N VAL HA 86 -42.34 -25.98 77.91
CA VAL HA 86 -42.02 -26.40 76.54
C VAL HA 86 -40.51 -26.53 76.37
N THR HA 87 -40.11 -27.38 75.42
CA THR HA 87 -38.72 -27.70 75.14
C THR HA 87 -38.47 -27.61 73.64
N ALA HA 88 -37.21 -27.52 73.24
CA ALA HA 88 -36.87 -27.48 71.82
C ALA HA 88 -37.46 -28.68 71.08
N ASN HA 89 -37.94 -28.45 69.84
CA ASN HA 89 -38.64 -29.41 69.00
C ASN HA 89 -40.07 -29.74 69.46
N ASP HA 90 -40.63 -29.14 70.51
CA ASP HA 90 -42.06 -29.29 70.76
C ASP HA 90 -42.87 -28.52 69.73
N GLU HA 91 -43.89 -29.16 69.15
CA GLU HA 91 -44.89 -28.40 68.39
C GLU HA 91 -45.92 -27.80 69.34
N ILE HA 92 -46.30 -26.55 69.05
CA ILE HA 92 -47.20 -25.77 69.88
C ILE HA 92 -48.29 -25.13 69.03
N LEU HA 93 -49.42 -24.81 69.68
CA LEU HA 93 -50.57 -24.18 69.05
C LEU HA 93 -51.39 -23.40 70.08
N PRO HA 94 -52.37 -22.57 69.64
CA PRO HA 94 -53.14 -21.73 70.56
C PRO HA 94 -53.88 -22.53 71.63
N ASP HA 95 -53.88 -21.98 72.83
CA ASP HA 95 -54.41 -22.60 74.03
C ASP HA 95 -55.84 -22.13 74.36
N GLY HA 96 -56.38 -21.16 73.60
CA GLY HA 96 -57.64 -20.50 73.95
C GLY HA 96 -57.50 -19.42 75.04
N LEU HA 97 -56.36 -19.39 75.75
CA LEU HA 97 -56.10 -18.48 76.87
C LEU HA 97 -55.22 -17.29 76.46
N GLY HA 98 -55.08 -17.02 75.14
CA GLY HA 98 -54.20 -15.96 74.65
C GLY HA 98 -52.72 -16.32 74.69
N THR HA 99 -52.42 -17.61 74.82
CA THR HA 99 -51.09 -18.21 74.96
C THR HA 99 -51.02 -19.46 74.09
N PHE HA 100 -49.83 -20.04 73.97
CA PHE HA 100 -49.67 -21.34 73.33
C PHE HA 100 -49.61 -22.48 74.34
N GLU HA 101 -49.87 -23.70 73.87
CA GLU HA 101 -49.60 -24.94 74.59
C GLU HA 101 -49.06 -25.98 73.60
N THR HA 102 -48.56 -27.12 74.10
CA THR HA 102 -48.09 -28.15 73.18
C THR HA 102 -49.24 -28.90 72.51
N VAL HA 103 -48.96 -29.38 71.30
CA VAL HA 103 -49.82 -30.31 70.61
C VAL HA 103 -50.09 -31.53 71.49
N ALA HA 104 -49.05 -32.04 72.16
CA ALA HA 104 -49.13 -33.16 73.08
C ALA HA 104 -50.20 -32.97 74.17
N THR HA 105 -50.34 -31.75 74.70
CA THR HA 105 -51.33 -31.45 75.73
C THR HA 105 -52.73 -31.25 75.15
N SER HA 106 -52.81 -30.62 73.97
CA SER HA 106 -54.06 -30.29 73.31
C SER HA 106 -54.81 -31.53 72.81
N ALA HA 107 -56.07 -31.36 72.38
CA ALA HA 107 -56.81 -32.42 71.69
C ALA HA 107 -56.41 -32.53 70.21
N ALA HA 108 -55.68 -31.53 69.67
CA ALA HA 108 -55.20 -31.53 68.30
C ALA HA 108 -54.07 -32.54 68.08
N SER HA 109 -53.71 -32.75 66.80
CA SER HA 109 -52.65 -33.67 66.39
C SER HA 109 -51.53 -33.00 65.58
N ALA HA 110 -51.70 -31.71 65.22
CA ALA HA 110 -50.72 -30.94 64.46
C ALA HA 110 -50.59 -29.52 65.03
N GLY HA 111 -49.36 -29.01 65.09
CA GLY HA 111 -49.10 -27.67 65.62
C GLY HA 111 -49.00 -26.61 64.53
N VAL HA 112 -48.67 -25.38 64.96
CA VAL HA 112 -48.54 -24.25 64.03
C VAL HA 112 -47.17 -23.57 64.18
N ALA HA 113 -46.52 -23.76 65.33
CA ALA HA 113 -45.18 -23.26 65.56
C ALA HA 113 -44.33 -24.34 66.24
N ILE HA 114 -43.02 -24.31 65.99
CA ILE HA 114 -42.04 -25.23 66.55
C ILE HA 114 -41.21 -24.46 67.58
N VAL HA 115 -41.07 -24.99 68.79
CA VAL HA 115 -40.28 -24.33 69.84
C VAL HA 115 -38.79 -24.47 69.51
N GLN HA 116 -38.10 -23.33 69.46
CA GLN HA 116 -36.66 -23.25 69.22
C GLN HA 116 -35.87 -23.04 70.51
N GLU HA 117 -36.46 -22.36 71.50
CA GLU HA 117 -35.88 -22.20 72.84
C GLU HA 117 -36.94 -22.54 73.88
N GLY HA 118 -36.62 -23.47 74.79
CA GLY HA 118 -37.55 -23.91 75.82
C GLY HA 118 -37.87 -22.83 76.86
N ALA HA 119 -39.00 -22.99 77.55
CA ALA HA 119 -39.47 -22.08 78.60
C ALA HA 119 -40.38 -22.80 79.58
N ALA HA 120 -40.46 -22.31 80.84
CA ALA HA 120 -41.38 -22.85 81.83
C ALA HA 120 -42.80 -22.29 81.66
N SER HA 121 -43.78 -22.83 82.38
CA SER HA 121 -45.15 -22.32 82.37
C SER HA 121 -45.17 -20.82 82.69
N GLY HA 122 -45.86 -20.03 81.85
CA GLY HA 122 -46.01 -18.59 82.03
C GLY HA 122 -44.84 -17.74 81.51
N GLU HA 123 -43.74 -18.39 81.10
CA GLU HA 123 -42.59 -17.71 80.54
C GLU HA 123 -42.70 -17.56 79.02
N VAL HA 124 -41.72 -16.86 78.42
CA VAL HA 124 -41.68 -16.58 77.00
C VAL HA 124 -40.73 -17.57 76.31
N CYS HA 125 -41.26 -18.39 75.39
CA CYS HA 125 -40.43 -19.23 74.54
C CYS HA 125 -40.10 -18.49 73.23
N GLU HA 126 -39.13 -19.01 72.47
CA GLU HA 126 -38.89 -18.56 71.11
C GLU HA 126 -39.28 -19.67 70.14
N ALA HA 127 -40.09 -19.35 69.13
CA ALA HA 127 -40.72 -20.34 68.27
C ALA HA 127 -40.75 -19.89 66.81
N TYR HA 128 -40.72 -20.84 65.86
CA TYR HA 128 -40.85 -20.52 64.45
C TYR HA 128 -42.24 -20.95 63.99
N ILE HA 129 -43.00 -20.02 63.41
CA ILE HA 129 -44.33 -20.30 62.91
C ILE HA 129 -44.19 -20.95 61.53
N PHE HA 130 -44.81 -22.12 61.34
CA PHE HA 130 -44.63 -22.89 60.11
C PHE HA 130 -45.95 -23.25 59.42
N ALA HA 131 -47.10 -23.07 60.08
CA ALA HA 131 -48.39 -23.43 59.47
C ALA HA 131 -49.52 -22.50 59.93
N VAL HA 132 -50.61 -22.50 59.14
CA VAL HA 132 -51.87 -21.88 59.53
C VAL HA 132 -52.94 -22.97 59.56
N GLN HA 133 -53.98 -22.80 60.39
CA GLN HA 133 -55.08 -23.74 60.45
C GLN HA 133 -56.39 -23.00 60.26
N GLY HA 134 -57.21 -23.50 59.33
CA GLY HA 134 -58.55 -23.00 59.09
C GLY HA 134 -59.62 -24.06 59.31
N THR HA 135 -60.86 -23.74 58.92
CA THR HA 135 -61.97 -24.66 58.99
C THR HA 135 -61.85 -25.69 57.86
N THR HA 136 -61.72 -26.97 58.24
CA THR HA 136 -61.73 -28.07 57.28
C THR HA 136 -63.07 -28.79 57.24
N ALA HA 137 -63.94 -28.55 58.24
CA ALA HA 137 -64.96 -29.48 58.71
C ALA HA 137 -64.38 -30.90 58.86
N GLU IA 8 -16.38 -45.55 45.87
CA GLU IA 8 -16.20 -45.08 47.29
C GLU IA 8 -16.71 -43.65 47.46
N HIS IA 9 -16.03 -42.65 46.88
CA HIS IA 9 -16.32 -41.23 47.11
C HIS IA 9 -16.91 -40.55 45.86
N THR IA 10 -18.14 -40.03 45.99
CA THR IA 10 -18.82 -39.29 44.92
C THR IA 10 -18.40 -37.82 44.98
N PHE IA 11 -18.41 -37.11 43.84
CA PHE IA 11 -18.12 -35.68 43.85
C PHE IA 11 -19.26 -34.91 44.51
N PRO IA 12 -19.02 -33.98 45.47
CA PRO IA 12 -20.09 -33.31 46.20
C PRO IA 12 -20.86 -32.30 45.34
N VAL IA 13 -21.81 -31.57 45.95
CA VAL IA 13 -22.71 -30.72 45.18
C VAL IA 13 -23.11 -29.47 45.97
N GLU IA 14 -23.48 -28.39 45.25
CA GLU IA 14 -24.16 -27.26 45.87
C GLU IA 14 -25.54 -27.72 46.35
N VAL IA 15 -25.77 -27.73 47.68
CA VAL IA 15 -27.07 -28.11 48.20
C VAL IA 15 -28.13 -27.04 47.91
N LEU IA 16 -27.81 -25.75 48.06
CA LEU IA 16 -28.79 -24.69 47.80
C LEU IA 16 -28.97 -24.44 46.30
N ILE IA 17 -30.23 -24.51 45.83
CA ILE IA 17 -30.59 -24.14 44.47
C ILE IA 17 -31.00 -22.67 44.45
N SER IA 18 -32.01 -22.33 45.26
CA SER IA 18 -32.62 -21.00 45.33
C SER IA 18 -33.42 -20.84 46.62
N GLY IA 19 -33.70 -19.58 46.99
CA GLY IA 19 -34.54 -19.30 48.16
C GLY IA 19 -33.77 -18.58 49.27
N GLU IA 20 -34.49 -17.80 50.07
CA GLU IA 20 -33.87 -16.88 51.02
C GLU IA 20 -33.83 -17.44 52.45
N GLU IA 21 -34.55 -18.52 52.74
CA GLU IA 21 -34.88 -18.89 54.12
C GLU IA 21 -33.77 -19.70 54.80
N LEU IA 22 -32.58 -19.10 54.90
CA LEU IA 22 -31.43 -19.65 55.61
C LEU IA 22 -31.36 -19.04 57.02
N ARG IA 23 -31.22 -19.89 58.05
CA ARG IA 23 -31.18 -19.46 59.44
C ARG IA 23 -30.01 -20.08 60.20
N GLY IA 24 -29.55 -19.39 61.25
CA GLY IA 24 -28.39 -19.82 62.00
C GLY IA 24 -28.76 -20.65 63.22
N TYR IA 25 -28.05 -21.77 63.42
CA TYR IA 25 -28.18 -22.64 64.57
C TYR IA 25 -26.80 -23.03 65.06
N THR IA 26 -26.71 -23.74 66.19
CA THR IA 26 -25.47 -24.37 66.61
C THR IA 26 -25.54 -25.85 66.26
N ALA IA 27 -24.47 -26.41 65.69
CA ALA IA 27 -24.41 -27.85 65.43
C ALA IA 27 -24.32 -28.61 66.75
N GLY IA 28 -25.26 -29.55 66.99
CA GLY IA 28 -25.24 -30.41 68.17
C GLY IA 28 -24.34 -31.65 68.04
N GLU IA 29 -23.79 -31.86 66.82
CA GLU IA 29 -22.90 -32.96 66.45
C GLU IA 29 -22.20 -32.57 65.13
N ALA IA 30 -21.21 -33.34 64.67
CA ALA IA 30 -20.67 -33.11 63.34
C ALA IA 30 -21.73 -33.38 62.25
N LEU IA 31 -21.93 -32.43 61.33
CA LEU IA 31 -22.96 -32.49 60.30
C LEU IA 31 -22.35 -32.18 58.93
N SER IA 32 -23.03 -32.64 57.87
CA SER IA 32 -22.52 -32.57 56.51
C SER IA 32 -23.51 -31.91 55.55
N ALA IA 33 -22.98 -31.32 54.46
CA ALA IA 33 -23.79 -30.62 53.47
C ALA IA 33 -24.92 -31.53 52.95
N GLY IA 34 -26.15 -30.98 52.95
CA GLY IA 34 -27.34 -31.67 52.50
C GLY IA 34 -28.00 -32.57 53.55
N GLU IA 35 -27.40 -32.72 54.73
CA GLU IA 35 -27.95 -33.58 55.79
C GLU IA 35 -29.20 -32.94 56.41
N PRO IA 36 -30.33 -33.67 56.54
CA PRO IA 36 -31.52 -33.15 57.23
C PRO IA 36 -31.30 -33.12 58.73
N VAL IA 37 -31.82 -32.07 59.37
CA VAL IA 37 -31.61 -31.84 60.79
C VAL IA 37 -32.90 -31.40 61.49
N TYR IA 38 -32.91 -31.54 62.82
CA TYR IA 38 -34.02 -31.17 63.70
C TYR IA 38 -33.45 -30.53 64.98
N LEU IA 39 -34.30 -29.89 65.80
CA LEU IA 39 -33.84 -29.27 67.04
C LEU IA 39 -33.58 -30.30 68.15
N SER IA 40 -32.32 -30.39 68.59
CA SER IA 40 -31.92 -31.24 69.71
C SER IA 40 -31.73 -30.45 71.01
N GLY IA 41 -31.73 -29.11 70.94
CA GLY IA 41 -31.63 -28.22 72.10
C GLY IA 41 -31.96 -26.78 71.71
N ASP IA 42 -31.79 -25.83 72.65
CA ASP IA 42 -32.13 -24.43 72.37
C ASP IA 42 -31.27 -23.88 71.23
N TYR IA 43 -31.88 -23.67 70.06
CA TYR IA 43 -31.22 -23.35 68.80
C TYR IA 43 -30.07 -24.31 68.43
N GLU IA 44 -30.10 -25.56 68.91
CA GLU IA 44 -29.12 -26.58 68.54
C GLU IA 44 -29.77 -27.60 67.62
N VAL IA 45 -29.08 -27.99 66.55
CA VAL IA 45 -29.62 -28.93 65.57
C VAL IA 45 -28.76 -30.18 65.44
N SER IA 46 -29.42 -31.33 65.21
CA SER IA 46 -28.80 -32.65 65.08
C SER IA 46 -29.42 -33.39 63.90
N ALA IA 47 -28.77 -34.46 63.43
CA ALA IA 47 -29.28 -35.23 62.29
C ALA IA 47 -30.61 -35.92 62.61
N SER IA 48 -31.61 -35.74 61.73
CA SER IA 48 -32.95 -36.28 61.87
C SER IA 48 -32.99 -37.81 61.96
N SER IA 49 -33.88 -38.34 62.82
CA SER IA 49 -34.30 -39.73 62.80
C SER IA 49 -35.28 -40.00 61.65
N ALA IA 50 -35.56 -41.28 61.38
CA ALA IA 50 -36.58 -41.72 60.43
C ALA IA 50 -38.00 -41.46 60.95
N ASP IA 51 -39.01 -41.60 60.06
CA ASP IA 51 -40.43 -41.68 60.38
C ASP IA 51 -41.03 -40.40 61.00
N GLY IA 52 -40.49 -39.23 60.64
CA GLY IA 52 -41.14 -37.95 60.95
C GLY IA 52 -40.93 -37.43 62.38
N GLY IA 53 -41.49 -36.24 62.64
CA GLY IA 53 -41.40 -35.56 63.93
C GLY IA 53 -40.04 -34.92 64.21
N GLU IA 54 -39.11 -34.99 63.25
CA GLU IA 54 -37.75 -34.50 63.41
C GLU IA 54 -37.24 -33.89 62.11
N PHE IA 55 -37.76 -32.71 61.74
CA PHE IA 55 -37.18 -31.98 60.63
C PHE IA 55 -37.40 -30.48 60.80
N LEU IA 56 -36.33 -29.71 60.54
CA LEU IA 56 -36.39 -28.26 60.51
C LEU IA 56 -35.83 -27.70 59.20
N GLY IA 57 -34.82 -28.37 58.63
CA GLY IA 57 -34.21 -27.98 57.37
C GLY IA 57 -33.02 -28.87 57.04
N VAL IA 58 -32.19 -28.44 56.07
CA VAL IA 58 -30.98 -29.16 55.71
C VAL IA 58 -29.76 -28.28 55.94
N ASN IA 59 -28.64 -28.87 56.37
CA ASN IA 59 -27.39 -28.19 56.62
C ASN IA 59 -26.72 -27.77 55.30
N LEU IA 60 -26.29 -26.50 55.13
CA LEU IA 60 -25.66 -26.05 53.88
C LEU IA 60 -24.25 -26.59 53.63
N TYR IA 61 -23.40 -26.66 54.67
CA TYR IA 61 -21.99 -26.98 54.51
C TYR IA 61 -21.49 -27.79 55.70
N ASP IA 62 -20.36 -28.50 55.55
CA ASP IA 62 -19.88 -29.37 56.60
C ASP IA 62 -19.44 -28.57 57.84
N VAL IA 63 -19.84 -29.04 59.03
CA VAL IA 63 -19.52 -28.38 60.30
C VAL IA 63 -19.13 -29.41 61.36
N ALA IA 64 -18.23 -29.00 62.27
CA ALA IA 64 -17.94 -29.78 63.47
C ALA IA 64 -18.98 -29.50 64.55
N SER IA 65 -19.05 -30.37 65.58
CA SER IA 65 -19.91 -30.14 66.73
C SER IA 65 -19.61 -28.78 67.39
N GLY IA 66 -20.65 -28.06 67.82
CA GLY IA 66 -20.54 -26.80 68.54
C GLY IA 66 -20.31 -25.57 67.66
N GLU IA 67 -20.13 -25.74 66.35
CA GLU IA 67 -19.91 -24.63 65.43
C GLU IA 67 -21.23 -24.00 64.98
N PRO IA 68 -21.24 -22.72 64.54
CA PRO IA 68 -22.44 -22.11 63.94
C PRO IA 68 -22.73 -22.75 62.57
N VAL IA 69 -24.00 -23.04 62.30
CA VAL IA 69 -24.43 -23.74 61.09
C VAL IA 69 -25.55 -22.98 60.39
N ALA IA 70 -25.46 -22.88 59.06
CA ALA IA 70 -26.52 -22.34 58.22
C ALA IA 70 -27.46 -23.46 57.77
N LEU IA 71 -28.75 -23.32 58.10
CA LEU IA 71 -29.78 -24.30 57.82
C LEU IA 71 -30.73 -23.71 56.77
N ALA IA 72 -30.96 -24.44 55.66
CA ALA IA 72 -31.97 -24.08 54.67
C ALA IA 72 -33.31 -24.65 55.10
N GLY IA 73 -34.27 -23.77 55.39
CA GLY IA 73 -35.60 -24.16 55.88
C GLY IA 73 -36.62 -24.24 54.76
N ASP IA 74 -37.91 -24.38 55.14
CA ASP IA 74 -38.99 -24.31 54.17
C ASP IA 74 -39.00 -22.97 53.45
N ASP IA 75 -39.52 -22.99 52.21
CA ASP IA 75 -39.38 -21.96 51.19
C ASP IA 75 -38.06 -22.09 50.38
N CYS IA 76 -37.04 -22.86 50.84
CA CYS IA 76 -35.86 -23.10 50.03
C CYS IA 76 -36.02 -24.25 49.03
N GLU IA 77 -35.31 -24.13 47.91
CA GLU IA 77 -35.12 -25.22 46.97
C GLU IA 77 -33.70 -25.75 47.10
N VAL IA 78 -33.60 -27.06 47.28
CA VAL IA 78 -32.36 -27.72 47.64
C VAL IA 78 -32.20 -28.97 46.80
N ARG IA 79 -30.97 -29.43 46.66
CA ARG IA 79 -30.73 -30.75 46.08
C ARG IA 79 -30.12 -31.66 47.14
N VAL IA 80 -30.74 -32.84 47.31
CA VAL IA 80 -30.54 -33.71 48.46
C VAL IA 80 -30.48 -35.17 48.03
N GLU IA 81 -29.72 -35.98 48.76
CA GLU IA 81 -29.59 -37.39 48.42
C GLU IA 81 -30.79 -38.20 48.88
N VAL IA 82 -31.28 -39.11 48.02
CA VAL IA 82 -32.42 -39.96 48.32
C VAL IA 82 -31.98 -41.41 48.43
N SER IA 83 -32.55 -42.17 49.37
CA SER IA 83 -32.20 -43.57 49.55
C SER IA 83 -32.98 -44.53 48.64
N GLU IA 84 -33.92 -43.99 47.86
CA GLU IA 84 -34.74 -44.76 46.92
C GLU IA 84 -34.99 -43.89 45.69
N GLN IA 85 -35.53 -44.46 44.62
CA GLN IA 85 -35.92 -43.65 43.47
C GLN IA 85 -37.09 -42.73 43.85
N VAL IA 86 -37.03 -41.49 43.34
CA VAL IA 86 -38.08 -40.50 43.50
C VAL IA 86 -38.34 -39.84 42.14
N THR IA 87 -39.54 -39.29 42.00
CA THR IA 87 -40.05 -38.68 40.77
C THR IA 87 -40.68 -37.34 41.12
N ALA IA 88 -40.91 -36.48 40.11
CA ALA IA 88 -41.58 -35.21 40.35
C ALA IA 88 -42.93 -35.42 41.07
N ASN IA 89 -43.26 -34.52 42.00
CA ASN IA 89 -44.46 -34.57 42.84
C ASN IA 89 -44.42 -35.63 43.94
N ASP IA 90 -43.31 -36.35 44.17
CA ASP IA 90 -43.22 -37.19 45.36
C ASP IA 90 -42.99 -36.33 46.60
N GLU IA 91 -43.73 -36.60 47.68
CA GLU IA 91 -43.36 -36.05 48.97
C GLU IA 91 -42.29 -36.92 49.63
N ILE IA 92 -41.30 -36.25 50.23
CA ILE IA 92 -40.16 -36.88 50.89
C ILE IA 92 -39.96 -36.30 52.28
N LEU IA 93 -39.25 -37.07 53.13
CA LEU IA 93 -38.87 -36.67 54.47
C LEU IA 93 -37.63 -37.41 54.93
N PRO IA 94 -37.00 -37.02 56.07
CA PRO IA 94 -35.75 -37.64 56.52
C PRO IA 94 -35.86 -39.14 56.71
N ASP IA 95 -34.78 -39.81 56.34
CA ASP IA 95 -34.70 -41.25 56.25
C ASP IA 95 -34.06 -41.88 57.49
N GLY IA 96 -33.45 -41.07 58.37
CA GLY IA 96 -32.67 -41.56 59.52
C GLY IA 96 -31.20 -41.88 59.19
N LEU IA 97 -30.81 -41.80 57.90
CA LEU IA 97 -29.51 -42.24 57.43
C LEU IA 97 -28.74 -41.09 56.74
N GLY IA 98 -29.11 -39.83 57.01
CA GLY IA 98 -28.52 -38.67 56.33
C GLY IA 98 -29.14 -38.37 54.96
N THR IA 99 -29.99 -39.28 54.47
CA THR IA 99 -30.73 -39.17 53.21
C THR IA 99 -32.19 -38.78 53.49
N PHE IA 100 -32.94 -38.59 52.40
CA PHE IA 100 -34.39 -38.57 52.41
C PHE IA 100 -34.95 -39.85 51.80
N GLU IA 101 -36.22 -40.15 52.14
CA GLU IA 101 -37.01 -41.18 51.49
C GLU IA 101 -38.42 -40.66 51.26
N THR IA 102 -39.24 -41.38 50.49
CA THR IA 102 -40.61 -40.94 50.27
C THR IA 102 -41.49 -41.18 51.49
N VAL IA 103 -42.53 -40.36 51.59
CA VAL IA 103 -43.61 -40.58 52.55
C VAL IA 103 -44.20 -41.96 52.36
N ALA IA 104 -44.36 -42.39 51.10
CA ALA IA 104 -44.90 -43.70 50.72
C ALA IA 104 -44.11 -44.86 51.33
N THR IA 105 -42.78 -44.76 51.40
CA THR IA 105 -41.92 -45.77 51.99
C THR IA 105 -41.93 -45.70 53.52
N SER IA 106 -41.91 -44.48 54.08
CA SER IA 106 -41.82 -44.26 55.53
C SER IA 106 -43.09 -44.69 56.28
N ALA IA 107 -43.02 -44.68 57.63
CA ALA IA 107 -44.18 -44.90 58.48
C ALA IA 107 -45.04 -43.63 58.65
N ALA IA 108 -44.50 -42.45 58.27
CA ALA IA 108 -45.20 -41.17 58.36
C ALA IA 108 -46.27 -41.01 57.26
N SER IA 109 -47.20 -40.07 57.49
CA SER IA 109 -48.31 -39.79 56.58
C SER IA 109 -48.16 -38.47 55.81
N ALA IA 110 -47.17 -37.64 56.18
CA ALA IA 110 -46.94 -36.33 55.57
C ALA IA 110 -45.46 -36.05 55.37
N GLY IA 111 -45.11 -35.36 54.28
CA GLY IA 111 -43.72 -35.04 53.97
C GLY IA 111 -43.30 -33.65 54.42
N VAL IA 112 -42.06 -33.29 54.07
CA VAL IA 112 -41.49 -31.98 54.38
C VAL IA 112 -40.94 -31.28 53.14
N ALA IA 113 -40.67 -32.04 52.08
CA ALA IA 113 -40.24 -31.49 50.81
C ALA IA 113 -40.93 -32.22 49.67
N ILE IA 114 -41.07 -31.53 48.53
CA ILE IA 114 -41.71 -32.04 47.33
C ILE IA 114 -40.64 -32.15 46.24
N VAL IA 115 -40.54 -33.30 45.59
CA VAL IA 115 -39.53 -33.50 44.56
C VAL IA 115 -39.92 -32.77 43.28
N GLN IA 116 -38.98 -31.97 42.76
CA GLN IA 116 -39.16 -31.19 41.55
C GLN IA 116 -38.39 -31.80 40.37
N GLU IA 117 -37.29 -32.51 40.66
CA GLU IA 117 -36.58 -33.31 39.67
C GLU IA 117 -36.29 -34.69 40.25
N GLY IA 118 -36.66 -35.74 39.52
CA GLY IA 118 -36.48 -37.12 39.97
C GLY IA 118 -35.02 -37.58 39.97
N ALA IA 119 -34.75 -38.62 40.77
CA ALA IA 119 -33.43 -39.21 40.92
C ALA IA 119 -33.55 -40.68 41.32
N ALA IA 120 -32.54 -41.51 41.01
CA ALA IA 120 -32.51 -42.90 41.47
C ALA IA 120 -31.94 -43.01 42.90
N SER IA 121 -31.96 -44.22 43.48
CA SER IA 121 -31.39 -44.45 44.80
C SER IA 121 -29.91 -44.04 44.86
N GLY IA 122 -29.54 -43.30 45.92
CA GLY IA 122 -28.18 -42.84 46.14
C GLY IA 122 -27.77 -41.64 45.27
N GLU IA 123 -28.64 -41.22 44.35
CA GLU IA 123 -28.43 -40.00 43.58
C GLU IA 123 -29.01 -38.79 44.31
N VAL IA 124 -28.78 -37.60 43.73
CA VAL IA 124 -29.26 -36.34 44.30
C VAL IA 124 -30.48 -35.89 43.50
N CYS IA 125 -31.63 -35.75 44.19
CA CYS IA 125 -32.83 -35.16 43.61
C CYS IA 125 -32.85 -33.64 43.85
N GLU IA 126 -33.74 -32.91 43.15
CA GLU IA 126 -33.98 -31.51 43.47
C GLU IA 126 -35.37 -31.37 44.05
N ALA IA 127 -35.50 -30.68 45.19
CA ALA IA 127 -36.71 -30.65 45.98
C ALA IA 127 -36.97 -29.25 46.55
N TYR IA 128 -38.25 -28.95 46.81
CA TYR IA 128 -38.66 -27.72 47.46
C TYR IA 128 -39.13 -28.05 48.87
N ILE IA 129 -38.48 -27.44 49.89
CA ILE IA 129 -38.84 -27.68 51.28
C ILE IA 129 -40.06 -26.82 51.60
N PHE IA 130 -41.09 -27.41 52.20
CA PHE IA 130 -42.35 -26.72 52.39
C PHE IA 130 -42.93 -26.83 53.79
N ALA IA 131 -42.41 -27.74 54.63
CA ALA IA 131 -42.93 -27.94 55.98
C ALA IA 131 -41.82 -28.33 56.95
N VAL IA 132 -42.12 -28.22 58.26
CA VAL IA 132 -41.24 -28.68 59.33
C VAL IA 132 -42.03 -29.62 60.23
N GLN IA 133 -41.34 -30.52 60.94
CA GLN IA 133 -42.01 -31.45 61.84
C GLN IA 133 -41.27 -31.51 63.18
N GLY IA 134 -42.04 -31.42 64.26
CA GLY IA 134 -41.52 -31.58 65.61
C GLY IA 134 -42.30 -32.63 66.40
N THR IA 135 -42.04 -32.63 67.71
CA THR IA 135 -42.69 -33.51 68.65
C THR IA 135 -44.16 -33.13 68.80
N THR IA 136 -45.05 -33.97 68.27
CA THR IA 136 -46.48 -33.87 68.56
C THR IA 136 -46.89 -34.70 69.77
N ALA IA 137 -46.02 -35.64 70.19
CA ALA IA 137 -46.39 -36.84 70.92
C ALA IA 137 -47.64 -37.51 70.31
N ALA JA 2 -60.63 -14.98 35.49
CA ALA JA 2 -61.65 -14.38 36.41
C ALA JA 2 -61.71 -12.86 36.18
N THR JA 3 -62.89 -12.27 36.44
CA THR JA 3 -63.28 -11.01 35.80
C THR JA 3 -63.98 -10.01 36.75
N GLU JA 4 -63.61 -8.72 36.66
CA GLU JA 4 -64.46 -7.60 37.07
C GLU JA 4 -65.32 -7.15 35.88
N THR JA 5 -66.57 -6.76 36.13
CA THR JA 5 -67.37 -6.05 35.12
C THR JA 5 -67.45 -4.57 35.49
N GLN JA 6 -67.24 -3.68 34.51
CA GLN JA 6 -67.32 -2.23 34.71
C GLN JA 6 -68.01 -1.59 33.49
N GLY JA 7 -69.34 -1.46 33.51
CA GLY JA 7 -70.09 -1.00 32.34
C GLY JA 7 -70.07 -2.02 31.20
N GLU JA 8 -69.72 -1.58 29.99
CA GLU JA 8 -69.53 -2.49 28.85
C GLU JA 8 -68.38 -3.49 29.10
N HIS JA 9 -67.42 -3.08 29.93
CA HIS JA 9 -66.10 -3.68 29.94
C HIS JA 9 -66.01 -4.88 30.89
N THR JA 10 -65.26 -5.89 30.46
CA THR JA 10 -64.75 -6.92 31.35
C THR JA 10 -63.25 -6.75 31.51
N PHE JA 11 -62.79 -6.66 32.76
CA PHE JA 11 -61.39 -6.55 33.10
C PHE JA 11 -60.94 -7.85 33.75
N PRO JA 12 -59.78 -8.43 33.36
CA PRO JA 12 -59.20 -9.54 34.11
C PRO JA 12 -58.77 -9.05 35.50
N VAL JA 13 -59.01 -9.87 36.53
CA VAL JA 13 -58.50 -9.56 37.86
C VAL JA 13 -56.98 -9.79 37.93
N GLU JA 14 -56.28 -8.93 38.68
CA GLU JA 14 -54.87 -9.18 39.01
C GLU JA 14 -54.82 -10.36 39.99
N VAL JA 15 -54.21 -11.48 39.58
CA VAL JA 15 -54.27 -12.71 40.37
C VAL JA 15 -53.50 -12.57 41.69
N LEU JA 16 -52.26 -12.07 41.65
CA LEU JA 16 -51.41 -12.01 42.82
C LEU JA 16 -51.63 -10.72 43.61
N ILE JA 17 -52.15 -10.83 44.84
CA ILE JA 17 -52.42 -9.70 45.74
C ILE JA 17 -51.13 -9.29 46.45
N SER JA 18 -50.45 -10.26 47.07
CA SER JA 18 -49.22 -10.02 47.81
C SER JA 18 -48.41 -11.30 47.82
N GLY JA 19 -47.12 -11.17 48.16
CA GLY JA 19 -46.21 -12.30 48.13
C GLY JA 19 -45.03 -12.01 47.24
N GLU JA 20 -43.86 -12.51 47.67
CA GLU JA 20 -42.61 -12.29 46.95
C GLU JA 20 -42.10 -13.60 46.34
N GLU JA 21 -42.68 -14.75 46.73
CA GLU JA 21 -42.15 -16.05 46.28
C GLU JA 21 -42.80 -16.53 44.98
N LEU JA 22 -42.38 -15.91 43.88
CA LEU JA 22 -42.69 -16.37 42.53
C LEU JA 22 -41.57 -17.27 42.02
N ARG JA 23 -41.93 -18.34 41.27
CA ARG JA 23 -40.97 -19.27 40.67
C ARG JA 23 -41.42 -19.66 39.26
N GLY JA 24 -40.45 -19.93 38.38
CA GLY JA 24 -40.71 -20.25 36.99
C GLY JA 24 -40.65 -21.76 36.69
N TYR JA 25 -41.63 -22.27 35.92
CA TYR JA 25 -41.78 -23.69 35.58
C TYR JA 25 -42.07 -23.83 34.09
N THR JA 26 -42.08 -25.06 33.56
CA THR JA 26 -42.51 -25.28 32.18
C THR JA 26 -43.94 -25.81 32.17
N ALA JA 27 -44.79 -25.31 31.25
CA ALA JA 27 -46.15 -25.81 31.09
C ALA JA 27 -46.14 -27.21 30.49
N GLY JA 28 -46.81 -28.19 31.15
CA GLY JA 28 -46.99 -29.52 30.61
C GLY JA 28 -48.19 -29.62 29.65
N GLU JA 29 -49.05 -28.59 29.67
CA GLU JA 29 -50.27 -28.48 28.89
C GLU JA 29 -50.63 -26.99 28.79
N ALA JA 30 -51.63 -26.62 27.98
CA ALA JA 30 -52.15 -25.26 28.00
C ALA JA 30 -52.85 -24.95 29.33
N LEU JA 31 -52.56 -23.78 29.92
CA LEU JA 31 -53.07 -23.35 31.23
C LEU JA 31 -53.53 -21.89 31.15
N SER JA 32 -54.45 -21.51 32.04
CA SER JA 32 -54.99 -20.14 32.09
C SER JA 32 -54.82 -19.53 33.48
N ALA JA 33 -54.69 -18.20 33.52
CA ALA JA 33 -54.37 -17.44 34.72
C ALA JA 33 -55.36 -17.75 35.86
N GLY JA 34 -54.80 -18.04 37.05
CA GLY JA 34 -55.58 -18.39 38.23
C GLY JA 34 -55.83 -19.89 38.40
N GLU JA 35 -55.43 -20.74 37.43
CA GLU JA 35 -55.57 -22.19 37.61
C GLU JA 35 -54.59 -22.73 38.64
N PRO JA 36 -55.02 -23.61 39.57
CA PRO JA 36 -54.10 -24.37 40.41
C PRO JA 36 -53.37 -25.42 39.57
N VAL JA 37 -52.09 -25.62 39.87
CA VAL JA 37 -51.24 -26.55 39.13
C VAL JA 37 -50.38 -27.37 40.09
N TYR JA 38 -49.86 -28.50 39.58
CA TYR JA 38 -49.04 -29.44 40.33
C TYR JA 38 -47.87 -29.91 39.46
N LEU JA 39 -46.83 -30.48 40.09
CA LEU JA 39 -45.71 -31.05 39.34
C LEU JA 39 -46.11 -32.33 38.61
N SER JA 40 -45.76 -32.41 37.33
CA SER JA 40 -46.16 -33.49 36.44
C SER JA 40 -44.97 -34.10 35.68
N GLY JA 41 -43.81 -33.43 35.77
CA GLY JA 41 -42.52 -33.87 35.24
C GLY JA 41 -41.42 -33.01 35.86
N ASP JA 42 -40.16 -33.24 35.49
CA ASP JA 42 -39.08 -32.48 36.10
C ASP JA 42 -39.17 -30.99 35.75
N TYR JA 43 -39.50 -30.16 36.75
CA TYR JA 43 -39.85 -28.75 36.61
C TYR JA 43 -40.99 -28.46 35.63
N GLU JA 44 -41.89 -29.44 35.44
CA GLU JA 44 -43.03 -29.27 34.55
C GLU JA 44 -44.34 -29.30 35.34
N VAL JA 45 -45.20 -28.30 35.12
CA VAL JA 45 -46.45 -28.17 35.87
C VAL JA 45 -47.66 -28.34 34.96
N SER JA 46 -48.71 -28.95 35.52
CA SER JA 46 -49.96 -29.25 34.83
C SER JA 46 -51.12 -28.92 35.74
N ALA JA 47 -52.35 -28.80 35.21
CA ALA JA 47 -53.52 -28.44 36.02
C ALA JA 47 -53.84 -29.51 37.05
N SER JA 48 -54.08 -29.09 38.30
CA SER JA 48 -54.41 -29.96 39.43
C SER JA 48 -55.73 -30.71 39.21
N SER JA 49 -55.73 -32.02 39.52
CA SER JA 49 -56.95 -32.83 39.60
C SER JA 49 -57.72 -32.58 40.91
N ALA JA 50 -58.84 -33.31 41.10
CA ALA JA 50 -59.97 -32.88 41.89
C ALA JA 50 -59.83 -32.99 43.42
N ASP JA 51 -58.96 -33.87 43.95
CA ASP JA 51 -58.78 -34.01 45.40
C ASP JA 51 -57.35 -33.65 45.84
N GLY JA 52 -56.88 -34.23 46.96
CA GLY JA 52 -55.57 -33.89 47.50
C GLY JA 52 -54.40 -34.37 46.64
N GLY JA 53 -53.18 -33.96 47.03
CA GLY JA 53 -51.94 -34.53 46.52
C GLY JA 53 -51.43 -33.90 45.22
N GLU JA 54 -52.10 -32.84 44.73
CA GLU JA 54 -51.71 -32.20 43.49
C GLU JA 54 -51.82 -30.68 43.58
N PHE JA 55 -50.86 -30.03 44.25
CA PHE JA 55 -50.83 -28.58 44.25
C PHE JA 55 -49.43 -28.06 44.58
N LEU JA 56 -48.85 -27.25 43.66
CA LEU JA 56 -47.62 -26.50 43.92
C LEU JA 56 -47.89 -25.00 43.99
N GLY JA 57 -48.85 -24.48 43.22
CA GLY JA 57 -49.17 -23.07 43.20
C GLY JA 57 -50.26 -22.74 42.18
N VAL JA 58 -50.51 -21.44 41.95
CA VAL JA 58 -51.42 -21.00 40.90
C VAL JA 58 -50.64 -20.38 39.75
N ASN JA 59 -51.00 -20.74 38.52
CA ASN JA 59 -50.46 -20.17 37.30
C ASN JA 59 -50.88 -18.70 37.20
N LEU JA 60 -49.95 -17.78 36.89
CA LEU JA 60 -50.23 -16.35 36.87
C LEU JA 60 -50.64 -15.78 35.51
N TYR JA 61 -50.34 -16.48 34.41
CA TYR JA 61 -50.72 -15.99 33.08
C TYR JA 61 -50.98 -17.13 32.11
N ASP JA 62 -51.80 -16.86 31.08
CA ASP JA 62 -52.21 -17.87 30.10
C ASP JA 62 -51.00 -18.35 29.28
N VAL JA 63 -50.90 -19.68 29.10
CA VAL JA 63 -49.80 -20.30 28.38
C VAL JA 63 -50.29 -21.42 27.46
N ALA JA 64 -49.57 -21.58 26.35
CA ALA JA 64 -49.58 -22.79 25.53
C ALA JA 64 -48.71 -23.87 26.17
N SER JA 65 -48.87 -25.13 25.74
CA SER JA 65 -48.01 -26.21 26.18
C SER JA 65 -46.53 -25.91 25.89
N GLY JA 66 -45.63 -26.22 26.84
CA GLY JA 66 -44.20 -26.03 26.68
C GLY JA 66 -43.69 -24.60 26.90
N GLU JA 67 -44.58 -23.62 27.12
CA GLU JA 67 -44.14 -22.27 27.45
C GLU JA 67 -43.70 -22.16 28.91
N PRO JA 68 -42.87 -21.15 29.27
CA PRO JA 68 -42.55 -20.91 30.68
C PRO JA 68 -43.74 -20.28 31.41
N VAL JA 69 -43.97 -20.77 32.63
CA VAL JA 69 -45.06 -20.45 33.54
C VAL JA 69 -44.49 -19.72 34.76
N ALA JA 70 -45.14 -18.64 35.21
CA ALA JA 70 -44.87 -18.10 36.54
C ALA JA 70 -45.90 -18.64 37.54
N LEU JA 71 -45.45 -19.16 38.69
CA LEU JA 71 -46.34 -19.54 39.79
C LEU JA 71 -46.29 -18.54 40.92
N ALA JA 72 -47.45 -18.29 41.53
CA ALA JA 72 -47.52 -17.89 42.92
C ALA JA 72 -47.57 -19.19 43.74
N GLY JA 73 -46.55 -19.42 44.57
CA GLY JA 73 -46.55 -20.56 45.48
C GLY JA 73 -47.21 -20.24 46.81
N ASP JA 74 -46.98 -21.06 47.83
CA ASP JA 74 -47.35 -20.70 49.19
C ASP JA 74 -46.65 -19.41 49.63
N ASP JA 75 -47.13 -18.82 50.74
CA ASP JA 75 -46.80 -17.47 51.18
C ASP JA 75 -47.42 -16.35 50.31
N CYS JA 76 -48.15 -16.68 49.22
CA CYS JA 76 -48.83 -15.68 48.41
C CYS JA 76 -50.31 -15.53 48.76
N GLU JA 77 -50.83 -14.31 48.59
CA GLU JA 77 -52.25 -14.03 48.65
C GLU JA 77 -52.77 -13.85 47.22
N VAL JA 78 -53.87 -14.52 46.88
CA VAL JA 78 -54.34 -14.60 45.50
C VAL JA 78 -55.84 -14.39 45.39
N ARG JA 79 -56.26 -13.82 44.25
CA ARG JA 79 -57.65 -13.70 43.84
C ARG JA 79 -57.99 -14.92 42.99
N VAL JA 80 -58.82 -15.84 43.52
CA VAL JA 80 -59.11 -17.10 42.83
C VAL JA 80 -60.62 -17.38 42.80
N GLU JA 81 -61.08 -17.98 41.71
CA GLU JA 81 -62.48 -18.35 41.58
C GLU JA 81 -62.78 -19.65 42.33
N VAL JA 82 -63.86 -19.63 43.13
CA VAL JA 82 -64.33 -20.82 43.83
C VAL JA 82 -65.59 -21.35 43.15
N SER JA 83 -65.72 -22.68 43.06
CA SER JA 83 -66.88 -23.33 42.46
C SER JA 83 -68.09 -23.41 43.38
N GLU JA 84 -67.93 -23.03 44.66
CA GLU JA 84 -68.99 -23.10 45.66
C GLU JA 84 -68.90 -21.88 46.58
N GLN JA 85 -69.94 -21.64 47.38
CA GLN JA 85 -69.92 -20.53 48.32
C GLN JA 85 -68.95 -20.82 49.47
N VAL JA 86 -68.08 -19.84 49.80
CA VAL JA 86 -67.04 -19.97 50.81
C VAL JA 86 -67.04 -18.75 51.73
N THR JA 87 -66.46 -18.92 52.92
CA THR JA 87 -66.45 -17.93 53.98
C THR JA 87 -65.04 -17.78 54.54
N ALA JA 88 -64.77 -16.67 55.25
CA ALA JA 88 -63.48 -16.49 55.91
C ALA JA 88 -63.17 -17.67 56.84
N ASN JA 89 -61.87 -18.02 56.94
CA ASN JA 89 -61.34 -19.18 57.65
C ASN JA 89 -61.52 -20.52 56.94
N ASP JA 90 -62.34 -20.64 55.88
CA ASP JA 90 -62.45 -21.92 55.19
C ASP JA 90 -61.13 -22.31 54.52
N GLU JA 91 -60.68 -23.54 54.77
CA GLU JA 91 -59.62 -24.10 53.95
C GLU JA 91 -60.19 -24.57 52.61
N ILE JA 92 -59.45 -24.28 51.55
CA ILE JA 92 -59.83 -24.58 50.17
C ILE JA 92 -58.71 -25.36 49.48
N LEU JA 93 -59.11 -26.01 48.39
CA LEU JA 93 -58.36 -27.05 47.71
C LEU JA 93 -58.66 -26.95 46.22
N PRO JA 94 -57.72 -27.33 45.31
CA PRO JA 94 -58.04 -27.38 43.88
C PRO JA 94 -59.24 -28.29 43.62
N ASP JA 95 -60.06 -27.88 42.65
CA ASP JA 95 -61.36 -28.49 42.42
C ASP JA 95 -61.36 -29.50 41.27
N GLY JA 96 -60.29 -29.55 40.47
CA GLY JA 96 -60.24 -30.33 39.24
C GLY JA 96 -60.82 -29.63 38.02
N LEU JA 97 -61.44 -28.45 38.22
CA LEU JA 97 -62.16 -27.71 37.19
C LEU JA 97 -61.52 -26.34 36.92
N GLY JA 98 -60.27 -26.11 37.36
CA GLY JA 98 -59.62 -24.80 37.28
C GLY JA 98 -59.98 -23.85 38.43
N THR JA 99 -61.08 -24.16 39.14
CA THR JA 99 -61.51 -23.47 40.36
C THR JA 99 -60.89 -24.12 41.60
N PHE JA 100 -61.14 -23.48 42.75
CA PHE JA 100 -61.00 -24.13 44.05
C PHE JA 100 -62.37 -24.49 44.62
N GLU JA 101 -62.38 -25.36 45.64
CA GLU JA 101 -63.54 -25.67 46.46
C GLU JA 101 -63.09 -25.85 47.92
N THR JA 102 -64.02 -25.98 48.87
CA THR JA 102 -63.60 -26.18 50.25
C THR JA 102 -63.10 -27.60 50.49
N VAL JA 103 -62.23 -27.72 51.49
CA VAL JA 103 -61.83 -29.01 52.03
C VAL JA 103 -63.06 -29.79 52.46
N ALA JA 104 -64.00 -29.14 53.14
CA ALA JA 104 -65.25 -29.75 53.59
C ALA JA 104 -66.02 -30.45 52.47
N THR JA 105 -66.03 -29.89 51.26
CA THR JA 105 -66.73 -30.47 50.11
C THR JA 105 -65.91 -31.58 49.44
N SER JA 106 -64.58 -31.43 49.43
CA SER JA 106 -63.66 -32.39 48.81
C SER JA 106 -63.61 -33.71 49.58
N ALA JA 107 -62.96 -34.74 48.99
CA ALA JA 107 -62.69 -35.99 49.68
C ALA JA 107 -61.47 -35.90 50.62
N ALA JA 108 -60.62 -34.88 50.43
CA ALA JA 108 -59.42 -34.64 51.23
C ALA JA 108 -59.76 -34.13 52.63
N SER JA 109 -58.72 -33.99 53.48
CA SER JA 109 -58.87 -33.65 54.89
C SER JA 109 -58.11 -32.37 55.28
N ALA JA 110 -57.26 -31.85 54.38
CA ALA JA 110 -56.46 -30.64 54.62
C ALA JA 110 -56.36 -29.81 53.34
N GLY JA 111 -56.33 -28.48 53.47
CA GLY JA 111 -56.32 -27.58 52.32
C GLY JA 111 -54.92 -27.10 51.94
N VAL JA 112 -54.88 -26.18 50.97
CA VAL JA 112 -53.66 -25.56 50.48
C VAL JA 112 -53.71 -24.04 50.65
N ALA JA 113 -54.91 -23.49 50.76
CA ALA JA 113 -55.11 -22.06 50.96
C ALA JA 113 -56.28 -21.85 51.91
N ILE JA 114 -56.28 -20.69 52.58
CA ILE JA 114 -57.33 -20.31 53.52
C ILE JA 114 -58.01 -19.05 53.01
N VAL JA 115 -59.35 -19.07 52.95
CA VAL JA 115 -60.13 -17.94 52.48
C VAL JA 115 -60.06 -16.81 53.50
N GLN JA 116 -59.72 -15.62 53.03
CA GLN JA 116 -59.71 -14.40 53.83
C GLN JA 116 -60.93 -13.52 53.54
N GLU JA 117 -61.51 -13.66 52.35
CA GLU JA 117 -62.64 -12.85 51.89
C GLU JA 117 -63.60 -13.77 51.15
N GLY JA 118 -64.81 -13.99 51.72
CA GLY JA 118 -65.77 -14.94 51.21
C GLY JA 118 -66.32 -14.58 49.82
N ALA JA 119 -66.88 -15.58 49.13
CA ALA JA 119 -67.42 -15.42 47.78
C ALA JA 119 -68.54 -16.44 47.55
N ALA JA 120 -69.45 -16.13 46.63
CA ALA JA 120 -70.49 -17.05 46.15
C ALA JA 120 -69.90 -18.11 45.21
N SER JA 121 -70.71 -19.11 44.81
CA SER JA 121 -70.31 -20.03 43.75
C SER JA 121 -70.03 -19.28 42.45
N GLY JA 122 -68.90 -19.60 41.79
CA GLY JA 122 -68.51 -19.01 40.52
C GLY JA 122 -67.96 -17.59 40.64
N GLU JA 123 -67.47 -17.21 41.84
CA GLU JA 123 -67.07 -15.84 42.16
C GLU JA 123 -65.65 -15.80 42.74
N VAL JA 124 -65.00 -14.64 42.66
CA VAL JA 124 -63.62 -14.46 43.10
C VAL JA 124 -63.56 -14.23 44.61
N CYS JA 125 -62.93 -15.17 45.33
CA CYS JA 125 -62.53 -14.98 46.71
C CYS JA 125 -61.10 -14.44 46.78
N GLU JA 126 -60.68 -13.96 47.96
CA GLU JA 126 -59.27 -13.73 48.23
C GLU JA 126 -58.80 -14.73 49.28
N ALA JA 127 -57.66 -15.38 49.02
CA ALA JA 127 -57.17 -16.46 49.86
C ALA JA 127 -55.65 -16.39 50.02
N TYR JA 128 -55.13 -16.94 51.14
CA TYR JA 128 -53.71 -17.05 51.37
C TYR JA 128 -53.27 -18.50 51.17
N ILE JA 129 -52.31 -18.72 50.26
CA ILE JA 129 -51.78 -20.04 49.98
C ILE JA 129 -50.73 -20.35 51.05
N PHE JA 130 -50.88 -21.48 51.75
CA PHE JA 130 -50.04 -21.77 52.91
C PHE JA 130 -49.33 -23.12 52.84
N ALA JA 131 -49.74 -24.02 51.93
CA ALA JA 131 -49.15 -25.34 51.83
C ALA JA 131 -49.14 -25.84 50.39
N VAL JA 132 -48.17 -26.72 50.08
CA VAL JA 132 -48.21 -27.52 48.86
C VAL JA 132 -48.64 -28.94 49.20
N GLN JA 133 -49.09 -29.70 48.19
CA GLN JA 133 -49.43 -31.11 48.37
C GLN JA 133 -48.88 -31.92 47.21
N GLY JA 134 -48.35 -33.10 47.54
CA GLY JA 134 -47.84 -34.03 46.55
C GLY JA 134 -48.26 -35.47 46.82
N THR JA 135 -47.62 -36.40 46.11
CA THR JA 135 -47.86 -37.82 46.20
C THR JA 135 -47.31 -38.34 47.52
N THR JA 136 -48.22 -38.66 48.45
CA THR JA 136 -47.86 -39.34 49.69
C THR JA 136 -48.00 -40.85 49.60
N ALA JA 137 -48.72 -41.35 48.58
CA ALA JA 137 -49.45 -42.62 48.61
C ALA JA 137 -50.26 -42.73 49.92
N PHE KA 101 63.65 -18.26 93.78
CA PHE KA 101 64.83 -17.44 93.38
C PHE KA 101 64.38 -16.19 92.63
N ALA KA 102 64.55 -15.01 93.26
CA ALA KA 102 64.52 -13.73 92.57
C ALA KA 102 63.36 -13.64 91.57
N ALA KA 103 63.67 -13.28 90.32
CA ALA KA 103 62.79 -13.38 89.16
C ALA KA 103 63.71 -13.39 87.94
N SER KA 104 63.58 -14.42 87.10
CA SER KA 104 64.52 -14.70 86.02
C SER KA 104 63.77 -15.29 84.81
N ASP KA 105 64.32 -15.15 83.61
CA ASP KA 105 63.67 -15.59 82.37
C ASP KA 105 63.07 -17.00 82.46
N PRO KA 106 63.81 -18.08 82.83
CA PRO KA 106 63.27 -19.43 82.76
C PRO KA 106 62.07 -19.67 83.65
N GLU KA 107 61.77 -18.77 84.58
CA GLU KA 107 60.56 -18.85 85.39
C GLU KA 107 59.36 -18.25 84.68
N TYR KA 108 59.55 -17.16 83.93
CA TYR KA 108 58.45 -16.31 83.48
C TYR KA 108 58.40 -16.09 81.96
N VAL KA 109 59.13 -16.92 81.21
CA VAL KA 109 59.21 -16.97 79.75
C VAL KA 109 57.86 -17.16 79.04
N ASP KA 110 56.77 -17.47 79.77
CA ASP KA 110 55.44 -17.53 79.21
C ASP KA 110 54.38 -16.82 80.06
N THR KA 111 54.80 -16.04 81.07
CA THR KA 111 53.87 -15.35 81.96
C THR KA 111 54.09 -13.84 81.99
N LEU KA 112 55.33 -13.36 81.81
CA LEU KA 112 55.59 -11.91 81.82
C LEU KA 112 56.04 -11.39 80.44
N PHE KA 113 56.43 -12.32 79.56
CA PHE KA 113 56.81 -12.03 78.19
C PHE KA 113 56.70 -13.31 77.38
N ARG KA 114 56.87 -13.18 76.07
CA ARG KA 114 56.77 -14.30 75.15
C ARG KA 114 58.06 -14.36 74.31
N GLU KA 115 58.58 -15.57 74.07
CA GLU KA 115 59.79 -15.75 73.26
C GLU KA 115 59.66 -15.02 71.91
N GLN KA 116 60.74 -14.37 71.45
CA GLN KA 116 60.72 -13.76 70.13
C GLN KA 116 60.55 -14.82 69.04
N LEU KA 117 59.70 -14.54 68.05
CA LEU KA 117 59.64 -15.31 66.81
C LEU KA 117 60.13 -14.40 65.68
N LEU KA 118 61.17 -14.83 64.96
CA LEU KA 118 61.79 -13.99 63.94
C LEU KA 118 60.81 -13.72 62.79
N GLU KA 119 60.82 -12.48 62.29
CA GLU KA 119 59.79 -11.95 61.37
C GLU KA 119 59.81 -12.64 60.00
N VAL KA 120 60.96 -13.21 59.59
CA VAL KA 120 61.15 -13.79 58.26
C VAL KA 120 61.24 -15.31 58.31
N VAL KA 121 60.49 -15.98 57.40
CA VAL KA 121 60.56 -17.43 57.20
C VAL KA 121 61.75 -17.77 56.30
N MET KA 122 62.64 -18.66 56.78
CA MET KA 122 63.76 -19.15 55.99
C MET KA 122 63.25 -20.16 54.95
N GLU KA 123 63.66 -20.01 53.69
CA GLU KA 123 62.92 -20.51 52.53
C GLU KA 123 63.06 -22.01 52.27
N GLY KA 124 64.15 -22.65 52.72
CA GLY KA 124 64.41 -24.03 52.32
C GLY KA 124 64.77 -24.18 50.83
N ARG KA 125 64.81 -25.43 50.35
CA ARG KA 125 65.40 -25.77 49.07
C ARG KA 125 64.59 -25.24 47.89
N GLU KA 126 65.23 -24.50 46.98
CA GLU KA 126 64.61 -24.05 45.73
C GLU KA 126 65.33 -24.66 44.52
N LEU KA 127 64.57 -25.30 43.61
CA LEU KA 127 65.16 -25.89 42.42
C LEU KA 127 65.38 -24.83 41.34
N ARG KA 128 66.36 -25.09 40.46
CA ARG KA 128 66.66 -24.22 39.33
C ARG KA 128 65.58 -24.36 38.25
N LYS KA 129 65.05 -23.22 37.78
CA LYS KA 129 63.96 -23.17 36.81
C LYS KA 129 64.45 -22.48 35.54
N VAL KA 130 64.40 -23.19 34.39
CA VAL KA 130 65.01 -22.70 33.15
C VAL KA 130 64.20 -23.01 31.88
N ALA KA 131 63.34 -24.03 31.88
CA ALA KA 131 62.69 -24.57 30.69
C ALA KA 131 62.01 -23.50 29.81
N ARG KA 132 61.46 -22.45 30.43
CA ARG KA 132 60.70 -21.42 29.72
C ARG KA 132 61.61 -20.52 28.88
N GLU KA 133 62.83 -20.26 29.36
CA GLU KA 133 63.86 -19.56 28.61
C GLU KA 133 64.64 -20.50 27.69
N ALA KA 134 64.94 -21.72 28.16
CA ALA KA 134 65.81 -22.68 27.51
C ALA KA 134 65.14 -23.55 26.44
N SER KA 135 63.89 -23.25 26.04
CA SER KA 135 63.19 -23.97 24.98
C SER KA 135 62.21 -23.04 24.28
N ASN KA 136 61.75 -23.41 23.08
CA ASN KA 136 60.66 -22.68 22.47
C ASN KA 136 59.35 -22.97 23.21
N VAL KA 137 58.59 -21.95 23.63
CA VAL KA 137 57.33 -22.16 24.33
C VAL KA 137 56.18 -21.92 23.36
N ILE KA 138 55.31 -22.93 23.20
CA ILE KA 138 54.12 -22.84 22.37
C ILE KA 138 52.89 -22.85 23.28
N ASN KA 139 52.06 -21.81 23.19
CA ASN KA 139 50.76 -21.80 23.84
C ASN KA 139 49.74 -22.45 22.91
N ALA KA 140 49.50 -23.76 23.08
CA ALA KA 140 48.58 -24.51 22.24
C ALA KA 140 47.13 -24.09 22.48
N ASN KA 141 46.30 -24.18 21.42
CA ASN KA 141 44.87 -23.92 21.50
C ASN KA 141 44.04 -25.19 21.71
N THR KA 142 44.69 -26.37 21.71
CA THR KA 142 44.06 -27.67 22.01
C THR KA 142 45.02 -28.50 22.87
N ARG KA 143 44.46 -29.32 23.77
CA ARG KA 143 45.24 -30.15 24.67
C ARG KA 143 46.04 -31.23 23.92
N VAL KA 144 45.49 -31.66 22.79
CA VAL KA 144 46.11 -32.65 21.91
C VAL KA 144 46.22 -32.04 20.51
N GLY KA 145 47.27 -32.42 19.77
CA GLY KA 145 47.44 -31.93 18.41
C GLY KA 145 48.64 -32.57 17.70
N ASP KA 146 48.86 -32.15 16.46
CA ASP KA 146 50.01 -32.52 15.64
C ASP KA 146 50.66 -31.25 15.10
N VAL KA 147 52.00 -31.15 15.20
CA VAL KA 147 52.71 -30.06 14.55
C VAL KA 147 53.34 -30.57 13.25
N PRO KA 148 53.10 -29.94 12.08
CA PRO KA 148 53.72 -30.36 10.82
C PRO KA 148 55.23 -30.15 10.80
N ILE KA 149 55.94 -31.16 10.30
CA ILE KA 149 57.38 -31.11 10.11
C ILE KA 149 57.69 -31.37 8.64
N ALA KA 150 58.42 -30.45 8.02
CA ALA KA 150 58.89 -30.59 6.65
C ALA KA 150 60.10 -31.50 6.57
N SER KA 151 60.20 -32.26 5.46
CA SER KA 151 61.37 -33.06 5.13
C SER KA 151 62.63 -32.21 4.89
N ASP KA 152 63.78 -32.85 5.06
CA ASP KA 152 65.11 -32.25 4.88
C ASP KA 152 65.30 -31.65 3.49
N GLU KA 153 66.22 -30.67 3.41
CA GLU KA 153 66.79 -30.24 2.13
C GLU KA 153 67.42 -31.43 1.40
N GLU KA 154 67.15 -31.51 0.09
CA GLU KA 154 67.78 -32.50 -0.78
C GLU KA 154 68.66 -31.80 -1.84
N PHE KA 155 69.16 -32.57 -2.81
CA PHE KA 155 69.95 -32.07 -3.92
C PHE KA 155 69.15 -32.17 -5.23
N ALA KA 156 69.20 -31.09 -6.02
CA ALA KA 156 68.76 -31.10 -7.42
C ALA KA 156 69.52 -32.17 -8.22
N ARG KA 157 69.02 -32.57 -9.40
CA ARG KA 157 69.66 -33.61 -10.20
C ARG KA 157 70.07 -33.12 -11.59
N PRO KA 158 71.21 -33.59 -12.16
CA PRO KA 158 71.61 -33.22 -13.51
C PRO KA 158 70.59 -33.73 -14.54
N THR KA 159 70.27 -32.87 -15.51
CA THR KA 159 69.14 -33.04 -16.41
C THR KA 159 69.55 -32.65 -17.83
N GLY KA 160 69.18 -33.45 -18.84
CA GLY KA 160 69.44 -33.09 -20.24
C GLY KA 160 68.52 -31.95 -20.71
N GLN KA 161 68.99 -31.11 -21.64
CA GLN KA 161 68.15 -29.98 -22.05
C GLN KA 161 66.96 -30.45 -22.89
N GLY KA 162 65.75 -29.94 -22.57
CA GLY KA 162 64.53 -30.43 -23.19
C GLY KA 162 63.86 -31.57 -22.43
N ALA KA 163 64.56 -32.23 -21.49
CA ALA KA 163 63.98 -33.32 -20.71
C ALA KA 163 63.04 -32.79 -19.63
N GLU KA 164 62.03 -33.60 -19.26
CA GLU KA 164 61.11 -33.30 -18.17
C GLU KA 164 61.86 -33.12 -16.84
N ILE KA 165 61.62 -31.98 -16.16
CA ILE KA 165 62.08 -31.80 -14.79
C ILE KA 165 61.22 -32.69 -13.88
N ARG KA 166 61.86 -33.50 -13.04
CA ARG KA 166 61.16 -34.49 -12.22
C ARG KA 166 60.72 -33.93 -10.87
N ASP KA 167 59.62 -34.47 -10.34
CA ASP KA 167 59.05 -34.03 -9.08
C ASP KA 167 59.78 -34.62 -7.87
N ASP KA 168 60.20 -33.73 -6.96
CA ASP KA 168 60.68 -34.09 -5.63
C ASP KA 168 60.26 -32.99 -4.66
N GLY KA 169 58.94 -32.76 -4.62
CA GLY KA 169 58.33 -31.71 -3.81
C GLY KA 169 58.43 -31.97 -2.32
N GLU KA 170 58.16 -30.93 -1.52
CA GLU KA 170 58.22 -31.06 -0.08
C GLU KA 170 57.16 -32.05 0.41
N THR KA 171 57.59 -32.95 1.30
CA THR KA 171 56.72 -33.93 1.93
C THR KA 171 56.76 -33.71 3.45
N TYR KA 172 55.64 -33.99 4.12
CA TYR KA 172 55.44 -33.62 5.51
C TYR KA 172 55.13 -34.84 6.38
N THR KA 173 55.46 -34.70 7.66
CA THR KA 173 55.06 -35.62 8.70
C THR KA 173 54.60 -34.78 9.89
N THR KA 174 54.34 -35.40 11.05
CA THR KA 174 54.00 -34.61 12.24
C THR KA 174 54.62 -35.19 13.51
N VAL KA 175 54.75 -34.32 14.50
CA VAL KA 175 55.00 -34.71 15.88
C VAL KA 175 53.72 -34.42 16.65
N ALA KA 176 53.18 -35.45 17.31
CA ALA KA 176 51.99 -35.28 18.11
C ALA KA 176 52.35 -34.70 19.48
N TRP KA 177 51.44 -33.91 20.07
CA TRP KA 177 51.54 -33.52 21.47
C TRP KA 177 50.29 -33.94 22.22
N ASN KA 178 50.44 -34.16 23.52
CA ASN KA 178 49.38 -34.54 24.42
C ASN KA 178 49.67 -33.93 25.79
N ALA KA 179 49.17 -32.70 26.00
CA ALA KA 179 49.46 -31.93 27.19
C ALA KA 179 48.89 -32.61 28.43
N THR KA 180 49.76 -33.09 29.32
CA THR KA 180 49.35 -33.73 30.56
C THR KA 180 49.11 -32.67 31.63
N LYS KA 181 48.02 -32.81 32.38
CA LYS KA 181 47.68 -31.90 33.45
C LYS KA 181 48.61 -32.12 34.66
N LEU KA 182 49.37 -31.08 35.04
CA LEU KA 182 50.11 -31.10 36.31
C LEU KA 182 49.33 -30.24 37.31
N THR KA 183 49.24 -30.71 38.55
CA THR KA 183 48.47 -30.00 39.58
C THR KA 183 49.23 -29.89 40.89
N GLU KA 184 48.90 -28.85 41.66
CA GLU KA 184 49.39 -28.69 43.01
C GLU KA 184 48.31 -27.96 43.82
N GLY KA 185 48.20 -28.25 45.12
CA GLY KA 185 47.24 -27.54 45.95
C GLY KA 185 47.61 -27.54 47.42
N SER KA 186 46.95 -26.64 48.17
CA SER KA 186 47.08 -26.56 49.62
C SER KA 186 45.87 -25.87 50.23
N ARG KA 187 45.66 -26.08 51.54
CA ARG KA 187 44.53 -25.48 52.25
C ARG KA 187 45.02 -24.83 53.55
N VAL KA 188 44.40 -23.70 53.93
CA VAL KA 188 44.73 -22.95 55.13
C VAL KA 188 43.42 -22.56 55.81
N THR KA 189 43.30 -22.78 57.13
CA THR KA 189 42.10 -22.36 57.86
C THR KA 189 42.11 -20.84 58.07
N ASP KA 190 40.93 -20.21 58.15
CA ASP KA 190 40.82 -18.76 58.34
C ASP KA 190 41.59 -18.26 59.56
N GLU KA 191 41.52 -19.02 60.66
CA GLU KA 191 42.23 -18.70 61.88
C GLU KA 191 43.73 -18.72 61.70
N MET KA 192 44.23 -19.65 60.89
CA MET KA 192 45.65 -19.73 60.59
C MET KA 192 46.07 -18.59 59.66
N ARG KA 193 45.27 -18.29 58.62
CA ARG KA 193 45.49 -17.16 57.72
C ARG KA 193 45.61 -15.86 58.51
N ASP KA 194 44.74 -15.67 59.51
CA ASP KA 194 44.76 -14.48 60.34
C ASP KA 194 45.97 -14.41 61.26
N GLN KA 195 46.28 -15.48 62.00
CA GLN KA 195 47.21 -15.40 63.11
C GLN KA 195 48.68 -15.41 62.70
N ALA KA 196 49.01 -16.05 61.57
CA ALA KA 196 50.39 -16.12 61.08
C ALA KA 196 51.00 -14.73 60.92
N MET KA 197 52.29 -14.60 61.28
CA MET KA 197 53.02 -13.34 61.15
C MET KA 197 53.36 -12.99 59.70
N VAL KA 198 53.32 -13.99 58.80
CA VAL KA 198 53.62 -13.85 57.38
C VAL KA 198 52.41 -14.30 56.55
N ASP KA 199 52.19 -13.68 55.39
CA ASP KA 199 51.04 -13.97 54.53
C ASP KA 199 51.10 -15.40 53.98
N LEU KA 200 50.30 -16.29 54.59
CA LEU KA 200 50.26 -17.69 54.18
C LEU KA 200 49.66 -17.88 52.80
N ILE KA 201 48.75 -17.00 52.36
CA ILE KA 201 48.14 -17.19 51.06
C ILE KA 201 49.13 -16.81 49.96
N GLU KA 202 49.90 -15.73 50.14
CA GLU KA 202 51.00 -15.42 49.24
C GLU KA 202 52.07 -16.53 49.26
N ARG KA 203 52.46 -17.02 50.44
CA ARG KA 203 53.40 -18.13 50.52
C ARG KA 203 52.91 -19.37 49.77
N ASN KA 204 51.62 -19.69 49.88
CA ASN KA 204 51.06 -20.84 49.21
C ASN KA 204 50.89 -20.61 47.71
N ILE KA 205 50.52 -19.41 47.27
CA ILE KA 205 50.53 -19.05 45.86
C ILE KA 205 51.93 -19.22 45.28
N GLN KA 206 52.95 -18.72 45.99
CA GLN KA 206 54.35 -18.90 45.58
C GLN KA 206 54.72 -20.38 45.52
N ARG KA 207 54.30 -21.21 46.50
CA ARG KA 207 54.60 -22.64 46.49
C ARG KA 207 53.94 -23.34 45.30
N VAL KA 208 52.65 -23.10 45.08
CA VAL KA 208 51.92 -23.67 43.96
C VAL KA 208 52.59 -23.26 42.64
N GLY KA 209 52.89 -21.96 42.46
CA GLY KA 209 53.59 -21.48 41.28
C GLY KA 209 54.94 -22.16 41.08
N ALA KA 210 55.77 -22.21 42.13
CA ALA KA 210 57.08 -22.84 42.08
C ALA KA 210 56.99 -24.33 41.77
N SER KA 211 55.98 -25.01 42.30
CA SER KA 211 55.74 -26.43 42.11
C SER KA 211 55.30 -26.75 40.68
N LEU KA 212 54.43 -25.91 40.10
CA LEU KA 212 54.06 -26.01 38.69
C LEU KA 212 55.27 -25.76 37.79
N GLU KA 213 56.05 -24.71 38.06
CA GLU KA 213 57.27 -24.43 37.32
C GLU KA 213 58.25 -25.60 37.40
N ASN KA 214 58.47 -26.19 38.58
CA ASN KA 214 59.29 -27.38 38.72
C ASN KA 214 58.74 -28.55 37.88
N GLY KA 215 57.41 -28.71 37.81
CA GLY KA 215 56.76 -29.69 36.97
C GLY KA 215 57.04 -29.48 35.48
N ILE KA 216 56.81 -28.26 34.95
CA ILE KA 216 57.12 -27.91 33.57
C ILE KA 216 58.57 -28.25 33.24
N ASN KA 217 59.46 -27.90 34.16
CA ASN KA 217 60.90 -28.00 34.05
C ASN KA 217 61.34 -29.47 34.05
N ARG KA 218 60.66 -30.35 34.81
CA ARG KA 218 60.84 -31.80 34.76
C ARG KA 218 60.40 -32.39 33.41
N VAL KA 219 59.22 -31.97 32.90
CA VAL KA 219 58.72 -32.48 31.62
C VAL KA 219 59.70 -32.14 30.49
N PHE KA 220 60.15 -30.89 30.45
CA PHE KA 220 61.17 -30.42 29.53
C PHE KA 220 62.44 -31.26 29.61
N LEU KA 221 63.06 -31.38 30.78
CA LEU KA 221 64.34 -32.08 30.89
C LEU KA 221 64.23 -33.55 30.50
N THR KA 222 63.14 -34.20 30.91
CA THR KA 222 62.92 -35.60 30.60
C THR KA 222 62.76 -35.83 29.09
N GLU KA 223 62.04 -34.96 28.39
CA GLU KA 223 61.99 -35.02 26.93
C GLU KA 223 63.38 -34.80 26.31
N LEU KA 224 64.05 -33.73 26.76
CA LEU KA 224 65.31 -33.28 26.22
C LEU KA 224 66.37 -34.39 26.26
N VAL KA 225 66.51 -35.06 27.40
CA VAL KA 225 67.49 -36.09 27.65
C VAL KA 225 67.12 -37.42 26.96
N ASP KA 226 65.86 -37.83 27.00
CA ASP KA 226 65.47 -39.13 26.46
C ASP KA 226 65.44 -39.16 24.94
N ASN KA 227 65.02 -38.06 24.29
CA ASN KA 227 64.72 -38.03 22.87
C ASN KA 227 65.74 -37.27 22.01
N ALA KA 228 66.93 -36.95 22.57
CA ALA KA 228 68.06 -36.49 21.76
C ALA KA 228 68.52 -37.62 20.83
N GLN KA 229 68.65 -37.35 19.52
CA GLN KA 229 69.04 -38.37 18.56
C GLN KA 229 70.55 -38.59 18.47
N ASN KA 230 71.36 -37.58 18.78
CA ASN KA 230 72.80 -37.73 18.84
C ASN KA 230 73.29 -37.93 20.27
N ASN KA 231 74.53 -38.40 20.40
CA ASN KA 231 75.12 -38.65 21.71
C ASN KA 231 76.64 -38.63 21.55
N HIS KA 232 77.35 -38.00 22.50
CA HIS KA 232 78.78 -38.13 22.62
C HIS KA 232 79.10 -38.93 23.88
N ASP KA 233 79.70 -40.10 23.69
CA ASP KA 233 80.13 -40.95 24.78
C ASP KA 233 81.56 -40.60 25.17
N THR KA 234 81.73 -40.04 26.37
CA THR KA 234 83.03 -39.58 26.85
C THR KA 234 83.89 -40.73 27.38
N ALA KA 235 83.28 -41.89 27.66
CA ALA KA 235 83.96 -43.08 28.16
C ALA KA 235 84.91 -42.77 29.34
N GLY KA 236 84.44 -41.94 30.30
CA GLY KA 236 85.22 -41.56 31.48
C GLY KA 236 86.50 -40.75 31.19
N SER KA 237 86.55 -40.01 30.07
CA SER KA 237 87.75 -39.29 29.65
C SER KA 237 87.42 -37.96 28.95
N ASN KA 238 88.32 -36.96 29.04
CA ASN KA 238 88.19 -35.69 28.33
C ASN KA 238 86.81 -35.03 28.50
N GLN KA 239 86.30 -35.02 29.75
CA GLN KA 239 84.89 -34.76 30.01
C GLN KA 239 84.51 -33.28 30.06
N GLY KA 240 85.50 -32.36 30.09
CA GLY KA 240 85.23 -30.92 30.13
C GLY KA 240 84.94 -30.32 28.76
N TYR KA 241 85.70 -29.28 28.37
CA TYR KA 241 85.53 -28.60 27.09
C TYR KA 241 85.50 -29.56 25.89
N GLN KA 242 86.37 -30.56 25.86
CA GLN KA 242 86.48 -31.44 24.69
C GLN KA 242 85.20 -32.23 24.44
N ALA KA 243 84.55 -32.73 25.50
CA ALA KA 243 83.27 -33.41 25.40
C ALA KA 243 82.19 -32.47 24.86
N LEU KA 244 82.19 -31.22 25.34
CA LEU KA 244 81.23 -30.19 24.95
C LEU KA 244 81.40 -29.85 23.47
N ASN KA 245 82.63 -29.62 23.02
CA ASN KA 245 82.98 -29.43 21.62
C ASN KA 245 82.60 -30.64 20.76
N SER KA 246 82.83 -31.87 21.25
CA SER KA 246 82.52 -33.09 20.52
C SER KA 246 81.00 -33.28 20.36
N ALA KA 247 80.21 -32.93 21.38
CA ALA KA 247 78.75 -32.95 21.30
C ALA KA 247 78.24 -31.89 20.30
N VAL KA 248 78.84 -30.70 20.24
CA VAL KA 248 78.54 -29.76 19.16
C VAL KA 248 78.85 -30.39 17.81
N GLY KA 249 80.00 -31.07 17.69
CA GLY KA 249 80.41 -31.77 16.48
C GLY KA 249 79.41 -32.83 16.02
N GLU KA 250 78.84 -33.61 16.94
CA GLU KA 250 77.81 -34.60 16.63
C GLU KA 250 76.57 -33.95 16.01
N VAL KA 251 76.14 -32.79 16.53
CA VAL KA 251 74.99 -32.07 16.00
C VAL KA 251 75.32 -31.44 14.65
N ASP KA 252 76.51 -30.81 14.52
CA ASP KA 252 77.01 -30.23 13.29
C ASP KA 252 77.10 -31.27 12.16
N LYS KA 253 77.46 -32.51 12.50
CA LYS KA 253 77.53 -33.62 11.57
C LYS KA 253 76.16 -34.01 11.00
N ASP KA 254 75.06 -33.69 11.71
CA ASP KA 254 73.71 -33.85 11.18
C ASP KA 254 73.13 -32.55 10.60
N ASP KA 255 73.97 -31.51 10.43
CA ASP KA 255 73.62 -30.24 9.79
C ASP KA 255 72.52 -29.46 10.50
N PHE KA 256 72.60 -29.45 11.84
CA PHE KA 256 71.88 -28.52 12.69
C PHE KA 256 72.90 -27.68 13.49
N ARG KA 257 72.51 -26.47 13.91
CA ARG KA 257 73.41 -25.57 14.64
C ARG KA 257 72.94 -25.48 16.10
N PRO KA 258 73.60 -26.16 17.07
CA PRO KA 258 73.18 -26.01 18.48
C PRO KA 258 73.63 -24.64 18.99
N ASP KA 259 72.91 -24.14 20.00
CA ASP KA 259 73.17 -22.81 20.55
C ASP KA 259 73.07 -22.77 22.08
N THR KA 260 72.67 -23.88 22.70
CA THR KA 260 72.31 -23.90 24.12
C THR KA 260 72.79 -25.21 24.72
N TYR KA 261 73.10 -25.20 26.02
CA TYR KA 261 73.30 -26.46 26.72
C TYR KA 261 72.70 -26.45 28.12
N VAL KA 262 72.21 -27.63 28.51
CA VAL KA 262 71.57 -27.92 29.78
C VAL KA 262 72.51 -28.85 30.53
N THR KA 263 72.67 -28.62 31.85
CA THR KA 263 73.77 -29.25 32.58
C THR KA 263 73.37 -29.72 33.98
N HIS KA 264 73.87 -30.91 34.40
CA HIS KA 264 73.76 -31.47 35.75
C HIS KA 264 74.85 -30.90 36.68
N PRO KA 265 74.63 -30.77 38.01
CA PRO KA 265 75.66 -30.29 38.94
C PRO KA 265 77.01 -31.01 38.92
N ASP KA 266 77.02 -32.33 38.73
CA ASP KA 266 78.27 -33.07 38.66
C ASP KA 266 79.03 -32.78 37.36
N TYR KA 267 78.31 -32.55 36.26
CA TYR KA 267 78.96 -32.10 35.02
C TYR KA 267 79.58 -30.72 35.22
N ARG KA 268 78.84 -29.76 35.81
CA ARG KA 268 79.37 -28.44 36.13
C ARG KA 268 80.64 -28.54 36.96
N THR KA 269 80.65 -29.42 37.97
CA THR KA 269 81.80 -29.58 38.85
C THR KA 269 83.04 -30.07 38.08
N GLN KA 270 82.88 -31.08 37.21
CA GLN KA 270 83.94 -31.54 36.31
C GLN KA 270 84.42 -30.41 35.40
N LEU KA 271 83.49 -29.68 34.78
CA LEU KA 271 83.79 -28.65 33.80
C LEU KA 271 84.65 -27.54 34.42
N PHE KA 272 84.33 -27.11 35.64
CA PHE KA 272 85.09 -26.06 36.31
C PHE KA 272 86.43 -26.53 36.90
N ASN KA 273 86.71 -27.85 36.91
CA ASN KA 273 88.03 -28.37 37.22
C ASN KA 273 88.92 -28.49 35.97
N ASP KA 274 88.33 -28.44 34.76
CA ASP KA 274 89.08 -28.58 33.52
C ASP KA 274 90.11 -27.46 33.40
N THR KA 275 91.39 -27.82 33.24
CA THR KA 275 92.47 -26.83 33.14
C THR KA 275 92.26 -25.85 31.98
N ASN KA 276 91.53 -26.25 30.93
CA ASN KA 276 91.21 -25.36 29.83
C ASN KA 276 90.34 -24.16 30.26
N LEU KA 277 89.60 -24.28 31.38
CA LEU KA 277 88.73 -23.24 31.91
C LEU KA 277 89.23 -22.72 33.26
N ALA KA 278 89.79 -23.59 34.10
CA ALA KA 278 90.25 -23.28 35.44
C ALA KA 278 91.53 -22.43 35.46
N TYR KA 279 92.38 -22.55 34.43
CA TYR KA 279 93.61 -21.76 34.34
C TYR KA 279 93.33 -20.53 33.49
N ALA KA 280 93.56 -19.32 34.04
CA ALA KA 280 93.30 -18.08 33.32
C ALA KA 280 94.11 -18.00 32.01
N ASN KA 281 95.36 -18.48 32.09
CA ASN KA 281 96.27 -18.74 30.99
C ASN KA 281 95.59 -19.41 29.79
N ARG KA 282 94.80 -20.47 30.04
CA ARG KA 282 94.17 -21.29 29.01
C ARG KA 282 92.79 -20.76 28.62
N ALA KA 283 92.03 -20.20 29.57
CA ALA KA 283 90.67 -19.71 29.34
C ALA KA 283 90.60 -18.31 28.74
N GLY KA 284 91.68 -17.51 28.88
CA GLY KA 284 91.72 -16.13 28.40
C GLY KA 284 91.16 -15.09 29.38
N THR KA 285 90.53 -15.54 30.47
CA THR KA 285 90.16 -14.73 31.64
C THR KA 285 90.24 -15.62 32.89
N ASN KA 286 90.31 -15.02 34.07
CA ASN KA 286 90.18 -15.77 35.32
C ASN KA 286 88.74 -15.83 35.82
N GLU KA 287 87.75 -15.50 34.99
CA GLU KA 287 86.35 -15.42 35.40
C GLU KA 287 85.84 -16.76 35.92
N VAL KA 288 86.18 -17.89 35.30
CA VAL KA 288 85.71 -19.19 35.78
C VAL KA 288 86.30 -19.52 37.15
N LEU KA 289 87.59 -19.27 37.35
CA LEU KA 289 88.25 -19.46 38.64
C LEU KA 289 87.60 -18.63 39.75
N ARG KA 290 87.24 -17.37 39.43
CA ARG KA 290 86.69 -16.45 40.42
C ARG KA 290 85.19 -16.65 40.65
N ASN KA 291 84.40 -16.65 39.57
CA ASN KA 291 82.95 -16.54 39.63
C ASN KA 291 82.21 -17.81 39.21
N ARG KA 292 82.92 -18.91 38.89
CA ARG KA 292 82.31 -20.22 38.64
C ARG KA 292 81.23 -20.15 37.55
N GLU KA 293 80.02 -20.63 37.82
CA GLU KA 293 78.95 -20.67 36.82
C GLU KA 293 78.49 -19.29 36.34
N ASP KA 294 78.77 -18.24 37.12
CA ASP KA 294 78.38 -16.87 36.78
C ASP KA 294 79.39 -16.17 35.88
N ALA KA 295 80.52 -16.81 35.58
CA ALA KA 295 81.48 -16.33 34.58
C ALA KA 295 80.84 -16.25 33.20
N PRO KA 296 80.99 -15.13 32.45
CA PRO KA 296 80.39 -15.00 31.12
C PRO KA 296 80.86 -16.06 30.13
N ILE KA 297 82.06 -16.62 30.32
CA ILE KA 297 82.60 -17.71 29.50
C ILE KA 297 81.70 -18.94 29.53
N VAL KA 298 81.08 -19.25 30.67
CA VAL KA 298 80.28 -20.47 30.83
C VAL KA 298 79.01 -20.42 29.98
N GLY KA 299 78.46 -19.23 29.75
CA GLY KA 299 77.35 -19.01 28.83
C GLY KA 299 77.78 -18.67 27.40
N ASP KA 300 79.07 -18.82 27.07
CA ASP KA 300 79.64 -18.43 25.79
C ASP KA 300 80.83 -19.36 25.48
N ILE KA 301 80.54 -20.65 25.27
CA ILE KA 301 81.56 -21.68 25.11
C ILE KA 301 81.20 -22.61 23.94
N ALA KA 302 82.21 -23.03 23.16
CA ALA KA 302 82.04 -23.96 22.05
C ALA KA 302 80.96 -23.52 21.06
N GLY KA 303 80.75 -22.20 20.90
CA GLY KA 303 79.76 -21.67 19.97
C GLY KA 303 78.35 -21.54 20.55
N LEU KA 304 78.12 -22.11 21.75
CA LEU KA 304 76.86 -22.05 22.47
C LEU KA 304 76.76 -20.71 23.18
N ASP KA 305 75.61 -20.02 23.03
CA ASP KA 305 75.39 -18.69 23.58
C ASP KA 305 74.38 -18.68 24.74
N MET KA 306 74.04 -19.87 25.29
CA MET KA 306 73.27 -19.96 26.52
C MET KA 306 73.63 -21.22 27.31
N HIS KA 307 73.80 -21.05 28.64
CA HIS KA 307 73.91 -22.16 29.58
C HIS KA 307 72.67 -22.16 30.48
N ALA KA 308 71.98 -23.31 30.52
CA ALA KA 308 70.83 -23.52 31.37
C ALA KA 308 71.22 -24.54 32.44
N ALA KA 309 71.76 -24.06 33.57
CA ALA KA 309 72.08 -24.90 34.70
C ALA KA 309 70.79 -25.51 35.31
N MET KA 310 70.77 -26.83 35.53
CA MET KA 310 69.61 -27.50 36.10
C MET KA 310 69.97 -28.22 37.40
N SER KA 311 68.93 -28.50 38.20
CA SER KA 311 69.04 -29.19 39.48
C SER KA 311 69.18 -30.71 39.28
N SER KA 312 69.71 -31.39 40.30
CA SER KA 312 69.89 -32.84 40.27
C SER KA 312 68.53 -33.58 40.29
N ALA KA 313 67.57 -33.07 41.06
CA ALA KA 313 66.26 -33.67 41.27
C ALA KA 313 65.29 -33.56 40.08
N THR KA 314 65.62 -32.74 39.06
CA THR KA 314 64.65 -32.29 38.07
C THR KA 314 64.22 -33.40 37.10
N TYR KA 315 65.15 -34.25 36.66
CA TYR KA 315 64.80 -35.30 35.70
C TYR KA 315 63.87 -36.33 36.32
N ASP KA 316 62.93 -36.84 35.53
CA ASP KA 316 62.00 -37.84 35.98
C ASP KA 316 62.65 -39.23 36.07
N ASP KA 317 63.24 -39.55 37.22
CA ASP KA 317 63.77 -40.87 37.50
C ASP KA 317 62.68 -41.90 37.87
N GLY KA 318 61.41 -41.48 37.89
CA GLY KA 318 60.29 -42.35 38.22
C GLY KA 318 60.11 -42.69 39.71
N THR KA 319 60.87 -42.06 40.61
CA THR KA 319 60.78 -42.39 42.03
C THR KA 319 59.66 -41.62 42.75
N ASP KA 320 59.26 -40.46 42.23
CA ASP KA 320 58.12 -39.70 42.74
C ASP KA 320 56.79 -40.34 42.33
N ILE KA 321 55.72 -40.09 43.12
CA ILE KA 321 54.40 -40.64 42.83
C ILE KA 321 53.76 -39.92 41.64
N GLY KA 322 53.04 -40.68 40.80
CA GLY KA 322 52.35 -40.10 39.64
C GLY KA 322 53.24 -40.03 38.40
N TRP KA 323 54.49 -39.60 38.60
CA TRP KA 323 55.52 -39.59 37.57
C TRP KA 323 55.99 -41.02 37.26
N SER KA 324 56.08 -41.36 35.95
CA SER KA 324 56.63 -42.64 35.51
C SER KA 324 57.89 -42.39 34.67
N GLY KA 325 59.02 -43.01 35.08
CA GLY KA 325 60.33 -42.48 34.76
C GLY KA 325 60.70 -42.44 33.28
N GLY KA 326 61.63 -41.54 32.95
CA GLY KA 326 62.30 -41.51 31.66
C GLY KA 326 63.20 -42.73 31.45
N SER KA 327 63.74 -42.88 30.24
CA SER KA 327 64.53 -44.04 29.82
C SER KA 327 66.00 -43.98 30.27
N GLU KA 328 66.51 -42.77 30.57
CA GLU KA 328 67.92 -42.51 30.84
C GLU KA 328 68.19 -42.31 32.34
N THR KA 329 69.46 -42.05 32.70
CA THR KA 329 69.82 -41.57 34.03
C THR KA 329 70.44 -40.19 33.92
N TRP KA 330 69.82 -39.18 34.54
CA TRP KA 330 70.38 -37.84 34.63
C TRP KA 330 71.42 -37.78 35.75
N GLY KA 331 72.65 -37.39 35.40
CA GLY KA 331 73.75 -37.41 36.35
C GLY KA 331 75.10 -37.34 35.63
N PHE KA 332 76.19 -37.29 36.40
CA PHE KA 332 77.50 -37.38 35.81
C PHE KA 332 78.49 -38.03 36.78
N SER KA 333 78.15 -39.25 37.20
CA SER KA 333 78.75 -39.93 38.35
C SER KA 333 79.32 -41.30 37.97
N SER KA 334 78.70 -41.94 36.98
CA SER KA 334 78.84 -43.36 36.76
C SER KA 334 78.54 -43.69 35.30
N ASP KA 335 79.10 -44.82 34.83
CA ASP KA 335 79.02 -45.29 33.45
C ASP KA 335 77.60 -45.15 32.88
N GLY KA 336 77.46 -44.37 31.79
CA GLY KA 336 76.20 -44.24 31.07
C GLY KA 336 75.26 -43.14 31.56
N ASP KA 337 75.60 -42.42 32.64
CA ASP KA 337 74.84 -41.23 33.03
C ASP KA 337 74.88 -40.18 31.92
N LYS KA 338 73.77 -39.42 31.74
CA LYS KA 338 73.73 -38.29 30.83
C LYS KA 338 73.85 -37.00 31.66
N GLY KA 339 74.95 -36.26 31.48
CA GLY KA 339 75.28 -35.14 32.35
C GLY KA 339 75.03 -33.76 31.77
N ALA KA 340 74.96 -33.68 30.44
CA ALA KA 340 74.65 -32.44 29.74
C ALA KA 340 73.93 -32.75 28.44
N VAL KA 341 73.16 -31.80 27.92
CA VAL KA 341 72.63 -31.89 26.57
C VAL KA 341 73.04 -30.62 25.85
N VAL KA 342 73.59 -30.74 24.64
CA VAL KA 342 73.91 -29.64 23.76
C VAL KA 342 72.85 -29.64 22.67
N TYR KA 343 72.19 -28.51 22.41
CA TYR KA 343 71.04 -28.52 21.52
C TYR KA 343 70.74 -27.17 20.90
N ASP KA 344 69.91 -27.19 19.86
CA ASP KA 344 69.29 -26.01 19.29
C ASP KA 344 67.99 -25.69 20.04
N ARG KA 345 67.97 -24.55 20.74
CA ARG KA 345 66.85 -24.08 21.56
C ARG KA 345 65.53 -24.02 20.78
N ASP KA 346 65.58 -23.73 19.48
CA ASP KA 346 64.40 -23.53 18.66
C ASP KA 346 63.78 -24.84 18.14
N ASN KA 347 64.44 -25.98 18.39
CA ASN KA 347 63.99 -27.28 17.90
C ASN KA 347 63.44 -28.19 18.99
N ILE KA 348 63.26 -27.66 20.21
CA ILE KA 348 62.62 -28.34 21.33
C ILE KA 348 61.50 -27.44 21.85
N HIS KA 349 60.27 -27.99 21.91
CA HIS KA 349 59.07 -27.20 22.15
C HIS KA 349 58.40 -27.63 23.44
N THR KA 350 58.27 -26.68 24.38
CA THR KA 350 57.44 -26.86 25.56
C THR KA 350 56.04 -26.36 25.22
N ILE KA 351 55.10 -27.31 25.10
CA ILE KA 351 53.75 -26.99 24.69
C ILE KA 351 52.90 -26.83 25.95
N LEU KA 352 52.38 -25.61 26.17
CA LEU KA 352 51.54 -25.29 27.31
C LEU KA 352 50.11 -25.10 26.85
N TYR KA 353 49.16 -25.67 27.59
CA TYR KA 353 47.74 -25.54 27.28
C TYR KA 353 46.97 -25.16 28.53
N ALA KA 354 46.07 -24.19 28.38
CA ALA KA 354 45.15 -23.77 29.42
C ALA KA 354 43.76 -23.62 28.80
N PRO KA 355 42.70 -24.29 29.32
CA PRO KA 355 41.36 -24.20 28.74
C PRO KA 355 40.78 -22.79 28.71
N ASN KA 356 41.17 -21.95 29.67
CA ASN KA 356 40.83 -20.54 29.73
C ASN KA 356 42.08 -19.75 30.12
N GLY KA 357 42.21 -18.52 29.61
CA GLY KA 357 43.46 -17.77 29.76
C GLY KA 357 44.60 -18.39 28.93
N GLN KA 358 45.85 -18.15 29.34
CA GLN KA 358 47.01 -18.37 28.49
C GLN KA 358 48.16 -19.12 29.21
N ASP KA 359 48.14 -19.20 30.54
CA ASP KA 359 49.26 -19.78 31.30
C ASP KA 359 48.77 -20.55 32.54
N VAL KA 360 49.61 -20.72 33.57
CA VAL KA 360 49.23 -21.34 34.84
C VAL KA 360 47.92 -20.75 35.36
N GLU KA 361 46.93 -21.60 35.61
CA GLU KA 361 45.77 -21.19 36.39
C GLU KA 361 46.12 -21.37 37.86
N ILE KA 362 46.11 -20.29 38.65
CA ILE KA 362 46.17 -20.40 40.09
C ILE KA 362 44.87 -19.83 40.66
N LYS KA 363 44.13 -20.69 41.38
CA LYS KA 363 42.85 -20.37 41.98
C LYS KA 363 43.07 -20.26 43.48
N ASP KA 364 42.72 -19.10 44.06
CA ASP KA 364 42.50 -19.02 45.50
C ASP KA 364 41.00 -18.87 45.73
N TYR KA 365 40.44 -19.73 46.58
CA TYR KA 365 39.02 -19.71 46.88
C TYR KA 365 38.84 -19.95 48.38
N GLU KA 366 37.73 -19.47 48.95
CA GLU KA 366 37.40 -19.86 50.32
C GLU KA 366 36.10 -20.65 50.34
N ASP KA 367 36.13 -21.77 51.06
CA ASP KA 367 34.95 -22.55 51.36
C ASP KA 367 34.28 -21.99 52.61
N PRO KA 368 33.07 -21.39 52.51
CA PRO KA 368 32.43 -20.78 53.67
C PRO KA 368 31.83 -21.80 54.65
N ILE KA 369 31.75 -23.07 54.25
CA ILE KA 369 31.18 -24.15 55.05
C ILE KA 369 32.19 -24.66 56.08
N ARG KA 370 33.50 -24.59 55.75
CA ARG KA 370 34.58 -25.12 56.58
C ARG KA 370 35.54 -24.03 57.05
N ASP KA 371 35.39 -22.79 56.58
CA ASP KA 371 36.28 -21.68 56.96
C ASP KA 371 37.73 -21.94 56.52
N ILE KA 372 37.88 -22.39 55.26
CA ILE KA 372 39.18 -22.77 54.71
C ILE KA 372 39.39 -22.02 53.39
N THR KA 373 40.58 -21.43 53.23
CA THR KA 373 41.05 -20.99 51.92
C THR KA 373 41.79 -22.14 51.27
N GLY KA 374 41.39 -22.52 50.05
CA GLY KA 374 42.20 -23.39 49.21
C GLY KA 374 42.98 -22.56 48.20
N VAL KA 375 44.26 -22.94 47.99
CA VAL KA 375 45.04 -22.42 46.88
C VAL KA 375 45.40 -23.62 46.02
N ASN KA 376 44.93 -23.61 44.76
CA ASN KA 376 45.18 -24.68 43.81
C ASN KA 376 45.83 -24.07 42.58
N GLY KA 377 46.60 -24.89 41.86
CA GLY KA 377 47.01 -24.46 40.54
C GLY KA 377 47.20 -25.65 39.60
N ARG KA 378 47.07 -25.36 38.30
CA ARG KA 378 47.21 -26.37 37.27
C ARG KA 378 47.77 -25.77 35.97
N LEU KA 379 48.39 -26.64 35.19
CA LEU KA 379 48.70 -26.35 33.80
C LEU KA 379 48.77 -27.67 33.05
N HIS KA 380 48.41 -27.67 31.76
CA HIS KA 380 48.63 -28.84 30.95
C HIS KA 380 49.91 -28.60 30.15
N VAL KA 381 50.85 -29.55 30.21
CA VAL KA 381 52.13 -29.38 29.56
C VAL KA 381 52.54 -30.67 28.85
N ASP KA 382 53.13 -30.51 27.67
CA ASP KA 382 53.90 -31.54 27.00
C ASP KA 382 55.22 -30.94 26.54
N CYS KA 383 56.19 -31.79 26.21
CA CYS KA 383 57.40 -31.31 25.59
C CYS KA 383 57.79 -32.26 24.45
N GLN KA 384 58.15 -31.69 23.30
CA GLN KA 384 58.47 -32.47 22.11
C GLN KA 384 59.61 -31.80 21.34
N TYR KA 385 60.60 -32.59 20.86
CA TYR KA 385 61.47 -32.09 19.80
C TYR KA 385 60.70 -32.00 18.47
N SER KA 386 60.97 -30.93 17.70
CA SER KA 386 60.66 -30.95 16.27
C SER KA 386 61.75 -31.67 15.48
N GLN KA 387 63.01 -31.56 15.91
CA GLN KA 387 64.15 -32.24 15.30
C GLN KA 387 65.09 -32.73 16.38
N GLY KA 388 64.95 -34.01 16.78
CA GLY KA 388 65.80 -34.61 17.79
C GLY KA 388 67.26 -34.74 17.36
N ARG KA 389 67.53 -34.72 16.04
CA ARG KA 389 68.88 -34.62 15.48
C ARG KA 389 69.59 -33.33 15.87
N SER KA 390 68.85 -32.28 16.24
CA SER KA 390 69.43 -31.00 16.60
C SER KA 390 70.00 -30.97 18.03
N SER KA 391 70.09 -32.13 18.71
CA SER KA 391 70.68 -32.19 20.05
C SER KA 391 71.53 -33.44 20.24
N ALA KA 392 72.50 -33.34 21.14
CA ALA KA 392 73.37 -34.43 21.56
C ALA KA 392 73.49 -34.45 23.08
N THR KA 393 73.29 -35.61 23.71
CA THR KA 393 73.64 -35.76 25.12
C THR KA 393 75.15 -35.99 25.27
N VAL KA 394 75.72 -35.55 26.39
CA VAL KA 394 77.07 -35.92 26.79
C VAL KA 394 76.92 -37.03 27.82
N GLN KA 395 77.57 -38.16 27.56
CA GLN KA 395 77.42 -39.37 28.36
C GLN KA 395 78.74 -39.69 29.07
N TYR KA 396 78.64 -40.04 30.36
CA TYR KA 396 79.77 -40.39 31.20
C TYR KA 396 80.38 -41.77 30.82
N PHE LA 101 137.50 -4.68 93.13
CA PHE LA 101 137.69 -4.26 91.71
C PHE LA 101 137.64 -2.74 91.61
N ALA LA 102 136.50 -2.21 91.17
CA ALA LA 102 136.24 -0.80 90.91
C ALA LA 102 134.73 -0.64 90.79
N ALA LA 103 134.24 0.61 90.81
CA ALA LA 103 132.83 0.87 90.53
C ALA LA 103 132.49 0.26 89.16
N SER LA 104 131.47 -0.61 89.11
CA SER LA 104 131.17 -1.44 87.96
C SER LA 104 129.67 -1.66 87.82
N ASP LA 105 129.17 -1.65 86.59
CA ASP LA 105 127.75 -1.84 86.29
C ASP LA 105 127.19 -3.12 86.92
N PRO LA 106 127.72 -4.34 86.63
CA PRO LA 106 127.23 -5.58 87.23
C PRO LA 106 127.39 -5.70 88.75
N GLU LA 107 128.09 -4.76 89.40
CA GLU LA 107 128.30 -4.80 90.84
C GLU LA 107 127.19 -4.04 91.60
N TYR LA 108 126.51 -3.07 90.96
CA TYR LA 108 125.59 -2.14 91.62
C TYR LA 108 124.21 -2.04 90.95
N VAL LA 109 123.81 -3.09 90.21
CA VAL LA 109 122.62 -3.14 89.35
C VAL LA 109 121.31 -2.78 90.06
N ASP LA 110 121.24 -3.01 91.39
CA ASP LA 110 120.07 -2.68 92.19
C ASP LA 110 120.44 -1.84 93.43
N THR LA 111 121.59 -1.14 93.37
CA THR LA 111 122.11 -0.32 94.46
C THR LA 111 122.18 1.16 94.05
N LEU LA 112 122.89 1.46 92.95
CA LEU LA 112 123.11 2.84 92.52
C LEU LA 112 122.12 3.29 91.44
N PHE LA 113 121.40 2.33 90.83
CA PHE LA 113 120.41 2.54 89.78
C PHE LA 113 119.47 1.33 89.79
N ARG LA 114 118.34 1.41 89.06
CA ARG LA 114 117.49 0.25 88.82
C ARG LA 114 117.56 -0.10 87.33
N GLU LA 115 117.42 -1.39 87.00
CA GLU LA 115 117.28 -1.80 85.61
C GLU LA 115 116.10 -1.09 84.95
N GLN LA 116 116.27 -0.64 83.70
CA GLN LA 116 115.16 -0.05 82.95
C GLN LA 116 114.06 -1.08 82.71
N LEU LA 117 112.80 -0.69 82.97
CA LEU LA 117 111.64 -1.35 82.40
C LEU LA 117 111.16 -0.50 81.22
N LEU LA 118 110.98 -1.13 80.05
CA LEU LA 118 110.32 -0.45 78.95
C LEU LA 118 108.87 -0.10 79.33
N GLU LA 119 108.39 1.05 78.86
CA GLU LA 119 107.05 1.53 79.22
C GLU LA 119 105.95 0.75 78.49
N VAL LA 120 106.24 0.31 77.25
CA VAL LA 120 105.31 -0.49 76.46
C VAL LA 120 105.24 -1.92 77.00
N VAL LA 121 104.02 -2.42 77.21
CA VAL LA 121 103.77 -3.84 77.46
C VAL LA 121 103.32 -4.50 76.15
N MET LA 122 103.97 -5.62 75.79
CA MET LA 122 103.75 -6.24 74.49
C MET LA 122 102.74 -7.39 74.58
N GLU LA 123 101.94 -7.52 73.51
CA GLU LA 123 100.79 -8.42 73.46
C GLU LA 123 101.18 -9.89 73.30
N GLY LA 124 100.30 -10.79 73.78
CA GLY LA 124 100.33 -12.20 73.43
C GLY LA 124 99.67 -12.47 72.08
N ARG LA 125 99.38 -13.76 71.79
CA ARG LA 125 98.74 -14.13 70.53
C ARG LA 125 97.31 -13.57 70.48
N GLU LA 126 96.94 -13.02 69.32
CA GLU LA 126 95.66 -12.35 69.11
C GLU LA 126 94.88 -13.11 68.03
N LEU LA 127 93.72 -13.68 68.39
CA LEU LA 127 93.02 -14.62 67.52
C LEU LA 127 92.21 -13.89 66.44
N ARG LA 128 92.03 -14.53 65.28
CA ARG LA 128 91.25 -13.94 64.20
C ARG LA 128 89.77 -13.91 64.56
N LYS LA 129 89.12 -12.76 64.29
CA LYS LA 129 87.75 -12.46 64.70
C LYS LA 129 86.92 -12.16 63.46
N VAL LA 130 86.24 -13.19 62.92
CA VAL LA 130 85.55 -13.11 61.63
C VAL LA 130 84.06 -13.41 61.71
N ALA LA 131 83.56 -13.96 62.83
CA ALA LA 131 82.13 -13.89 63.13
C ALA LA 131 81.67 -12.42 63.14
N ARG LA 132 80.35 -12.18 63.12
CA ARG LA 132 79.74 -10.88 62.87
C ARG LA 132 79.80 -10.49 61.38
N GLU LA 133 80.93 -10.77 60.72
CA GLU LA 133 81.08 -10.55 59.29
C GLU LA 133 80.68 -11.80 58.50
N ALA LA 134 81.10 -12.98 58.96
CA ALA LA 134 80.98 -14.25 58.23
C ALA LA 134 79.65 -14.99 58.48
N SER LA 135 78.67 -14.33 59.11
CA SER LA 135 77.40 -14.92 59.51
C SER LA 135 76.33 -13.84 59.56
N ASN LA 136 75.05 -14.20 59.36
CA ASN LA 136 73.95 -13.29 59.59
C ASN LA 136 73.77 -13.04 61.10
N VAL LA 137 73.71 -11.77 61.56
CA VAL LA 137 73.60 -11.48 62.98
C VAL LA 137 72.19 -11.02 63.35
N ILE LA 138 71.57 -11.67 64.33
CA ILE LA 138 70.31 -11.23 64.92
C ILE LA 138 70.65 -10.58 66.26
N ASN LA 139 70.31 -9.29 66.41
CA ASN LA 139 70.27 -8.64 67.71
C ASN LA 139 68.91 -8.94 68.34
N ALA LA 140 68.83 -10.02 69.13
CA ALA LA 140 67.57 -10.54 69.62
C ALA LA 140 66.92 -9.61 70.65
N ASN LA 141 65.58 -9.64 70.67
CA ASN LA 141 64.78 -8.98 71.70
C ASN LA 141 64.68 -9.82 72.97
N THR LA 142 64.85 -11.15 72.86
CA THR LA 142 64.75 -12.07 73.99
C THR LA 142 65.86 -13.11 73.93
N ARG LA 143 66.30 -13.54 75.11
CA ARG LA 143 67.40 -14.49 75.27
C ARG LA 143 67.11 -15.83 74.59
N VAL LA 144 65.82 -16.20 74.55
CA VAL LA 144 65.35 -17.42 73.92
C VAL LA 144 64.35 -17.05 72.84
N GLY LA 145 64.38 -17.76 71.70
CA GLY LA 145 63.51 -17.45 70.59
C GLY LA 145 63.50 -18.54 69.53
N ASP LA 146 62.82 -18.27 68.42
CA ASP LA 146 62.74 -19.20 67.30
C ASP LA 146 62.79 -18.44 65.97
N VAL LA 147 63.41 -19.06 64.95
CA VAL LA 147 63.29 -18.60 63.58
C VAL LA 147 62.53 -19.66 62.77
N PRO LA 148 61.43 -19.31 62.07
CA PRO LA 148 60.67 -20.29 61.29
C PRO LA 148 61.31 -20.69 59.97
N ILE LA 149 61.27 -21.99 59.69
CA ILE LA 149 61.78 -22.61 58.48
C ILE LA 149 60.60 -23.16 57.68
N ALA LA 150 60.58 -22.88 56.37
CA ALA LA 150 59.63 -23.51 55.44
C ALA LA 150 60.16 -24.84 54.91
N SER LA 151 59.22 -25.74 54.57
CA SER LA 151 59.50 -26.95 53.81
C SER LA 151 60.10 -26.65 52.43
N ASP LA 152 60.92 -27.58 51.92
CA ASP LA 152 61.47 -27.54 50.57
C ASP LA 152 60.40 -27.45 49.48
N GLU LA 153 60.79 -26.93 48.31
CA GLU LA 153 59.99 -27.02 47.08
C GLU LA 153 59.77 -28.49 46.68
N GLU LA 154 58.60 -28.75 46.06
CA GLU LA 154 58.26 -30.04 45.48
C GLU LA 154 57.92 -29.89 43.99
N PHE LA 155 57.45 -30.98 43.36
CA PHE LA 155 57.01 -30.97 41.98
C PHE LA 155 55.50 -31.16 41.89
N ALA LA 156 54.86 -30.41 40.98
CA ALA LA 156 53.45 -30.62 40.66
C ALA LA 156 53.22 -32.05 40.15
N ARG LA 157 52.03 -32.59 40.37
CA ARG LA 157 51.76 -34.00 40.17
C ARG LA 157 50.99 -34.21 38.86
N PRO LA 158 51.42 -35.12 37.94
CA PRO LA 158 50.65 -35.40 36.73
C PRO LA 158 49.34 -36.07 37.10
N THR LA 159 48.26 -35.62 36.43
CA THR LA 159 46.89 -35.87 36.88
C THR LA 159 46.01 -36.19 35.66
N GLY LA 160 45.02 -37.09 35.82
CA GLY LA 160 44.07 -37.37 34.75
C GLY LA 160 43.12 -36.19 34.49
N GLN LA 161 42.45 -36.20 33.33
CA GLN LA 161 41.42 -35.20 33.04
C GLN LA 161 40.23 -35.38 33.98
N GLY LA 162 39.71 -34.28 34.55
CA GLY LA 162 38.59 -34.34 35.49
C GLY LA 162 38.96 -34.71 36.93
N ALA LA 163 40.14 -35.30 37.17
CA ALA LA 163 40.55 -35.78 38.48
C ALA LA 163 40.91 -34.61 39.43
N GLU LA 164 40.56 -34.76 40.71
CA GLU LA 164 40.74 -33.72 41.73
C GLU LA 164 42.23 -33.49 42.06
N ILE LA 165 42.54 -32.26 42.50
CA ILE LA 165 43.87 -31.86 42.92
C ILE LA 165 44.11 -32.32 44.36
N ARG LA 166 45.19 -33.11 44.61
CA ARG LA 166 45.64 -33.42 45.96
C ARG LA 166 46.34 -32.23 46.61
N ASP LA 167 46.22 -32.15 47.94
CA ASP LA 167 46.96 -31.18 48.74
C ASP LA 167 48.36 -31.69 49.09
N ASP LA 168 49.33 -30.79 48.93
CA ASP LA 168 50.67 -30.94 49.50
C ASP LA 168 51.17 -29.53 49.84
N GLY LA 169 50.66 -29.01 50.96
CA GLY LA 169 50.90 -27.62 51.37
C GLY LA 169 52.29 -27.40 51.94
N GLU LA 170 52.68 -26.13 52.05
CA GLU LA 170 53.91 -25.78 52.74
C GLU LA 170 53.74 -26.07 54.23
N THR LA 171 54.57 -26.98 54.76
CA THR LA 171 54.65 -27.18 56.20
C THR LA 171 55.81 -26.38 56.77
N TYR LA 172 55.80 -26.17 58.09
CA TYR LA 172 56.75 -25.29 58.75
C TYR LA 172 57.32 -25.93 60.01
N THR LA 173 58.50 -25.45 60.41
CA THR LA 173 59.17 -25.85 61.64
C THR LA 173 59.99 -24.66 62.13
N THR LA 174 60.78 -24.81 63.19
CA THR LA 174 61.68 -23.74 63.61
C THR LA 174 63.04 -24.32 63.98
N VAL LA 175 64.07 -23.45 64.01
CA VAL LA 175 65.20 -23.69 64.88
C VAL LA 175 65.11 -22.69 66.03
N ALA LA 176 65.24 -23.22 67.25
CA ALA LA 176 65.26 -22.40 68.45
C ALA LA 176 66.66 -21.82 68.66
N TRP LA 177 66.73 -20.62 69.29
CA TRP LA 177 67.98 -20.15 69.87
C TRP LA 177 67.86 -20.08 71.38
N ASN LA 178 68.95 -20.41 72.07
CA ASN LA 178 69.09 -20.24 73.50
C ASN LA 178 70.40 -19.49 73.74
N ALA LA 179 70.32 -18.15 73.73
CA ALA LA 179 71.51 -17.34 73.94
C ALA LA 179 72.10 -17.66 75.30
N THR LA 180 73.36 -18.11 75.32
CA THR LA 180 74.07 -18.51 76.53
C THR LA 180 74.94 -17.35 76.98
N LYS LA 181 74.89 -17.03 78.27
CA LYS LA 181 75.63 -15.90 78.82
C LYS LA 181 77.13 -16.20 78.91
N LEU LA 182 77.91 -15.70 77.96
CA LEU LA 182 79.37 -15.72 78.06
C LEU LA 182 79.82 -14.55 78.92
N THR LA 183 80.81 -14.81 79.78
CA THR LA 183 81.24 -13.84 80.78
C THR LA 183 82.76 -13.88 80.95
N GLU LA 184 83.33 -12.73 81.30
CA GLU LA 184 84.74 -12.65 81.65
C GLU LA 184 84.92 -11.59 82.73
N GLY LA 185 85.78 -11.86 83.72
CA GLY LA 185 86.02 -10.92 84.81
C GLY LA 185 87.50 -10.84 85.18
N SER LA 186 87.84 -9.76 85.90
CA SER LA 186 89.19 -9.54 86.42
C SER LA 186 89.13 -8.66 87.67
N ARG LA 187 90.08 -8.85 88.61
CA ARG LA 187 90.18 -8.03 89.82
C ARG LA 187 91.63 -7.61 90.05
N VAL LA 188 91.82 -6.35 90.46
CA VAL LA 188 93.13 -5.73 90.66
C VAL LA 188 93.11 -5.04 92.04
N THR LA 189 94.17 -5.22 92.85
CA THR LA 189 94.27 -4.47 94.10
C THR LA 189 94.63 -3.01 93.82
N ASP LA 190 94.17 -2.11 94.68
CA ASP LA 190 94.43 -0.68 94.48
C ASP LA 190 95.90 -0.32 94.61
N GLU LA 191 96.68 -1.06 95.40
CA GLU LA 191 98.13 -0.91 95.43
C GLU LA 191 98.76 -1.25 94.07
N MET LA 192 98.26 -2.28 93.38
CA MET LA 192 98.78 -2.65 92.08
C MET LA 192 98.33 -1.66 91.01
N ARG LA 193 97.07 -1.21 91.09
CA ARG LA 193 96.49 -0.21 90.20
C ARG LA 193 97.29 1.10 90.25
N ASP LA 194 97.76 1.49 91.45
CA ASP LA 194 98.62 2.65 91.63
C ASP LA 194 100.01 2.45 91.02
N GLN LA 195 100.70 1.37 91.38
CA GLN LA 195 102.12 1.21 91.12
C GLN LA 195 102.48 0.83 89.69
N ALA LA 196 101.54 0.21 88.94
CA ALA LA 196 101.75 -0.15 87.54
C ALA LA 196 102.07 1.08 86.69
N MET LA 197 102.98 0.91 85.72
CA MET LA 197 103.29 1.96 84.75
C MET LA 197 102.22 2.13 83.67
N VAL LA 198 101.29 1.17 83.57
CA VAL LA 198 100.25 1.09 82.55
C VAL LA 198 98.90 0.96 83.24
N ASP LA 199 97.84 1.51 82.64
CA ASP LA 199 96.49 1.43 83.20
C ASP LA 199 95.97 -0.01 83.16
N LEU LA 200 96.01 -0.68 84.32
CA LEU LA 200 95.57 -2.07 84.44
C LEU LA 200 94.05 -2.21 84.26
N ILE LA 201 93.28 -1.19 84.62
CA ILE LA 201 91.84 -1.25 84.37
C ILE LA 201 91.59 -1.18 82.88
N GLU LA 202 92.28 -0.28 82.17
CA GLU LA 202 92.15 -0.24 80.71
C GLU LA 202 92.54 -1.57 80.08
N ARG LA 203 93.70 -2.14 80.46
CA ARG LA 203 94.12 -3.43 79.91
C ARG LA 203 93.12 -4.55 80.20
N ASN LA 204 92.56 -4.59 81.41
CA ASN LA 204 91.57 -5.60 81.76
C ASN LA 204 90.23 -5.40 81.06
N ILE LA 205 89.80 -4.14 80.84
CA ILE LA 205 88.65 -3.84 79.99
C ILE LA 205 88.88 -4.38 78.57
N GLN LA 206 90.08 -4.14 78.00
CA GLN LA 206 90.45 -4.68 76.71
C GLN LA 206 90.45 -6.21 76.69
N ARG LA 207 91.00 -6.87 77.72
CA ARG LA 207 91.01 -8.32 77.79
C ARG LA 207 89.59 -8.89 77.85
N VAL LA 208 88.72 -8.29 78.67
CA VAL LA 208 87.33 -8.69 78.83
C VAL LA 208 86.60 -8.60 77.49
N GLY LA 209 86.72 -7.48 76.77
CA GLY LA 209 86.16 -7.34 75.43
C GLY LA 209 86.71 -8.38 74.44
N ALA LA 210 88.03 -8.55 74.39
CA ALA LA 210 88.69 -9.50 73.51
C ALA LA 210 88.24 -10.94 73.78
N SER LA 211 88.13 -11.30 75.06
CA SER LA 211 87.72 -12.62 75.50
C SER LA 211 86.28 -12.94 75.08
N LEU LA 212 85.39 -11.95 75.13
CA LEU LA 212 84.02 -12.10 74.65
C LEU LA 212 83.95 -12.21 73.13
N GLU LA 213 84.74 -11.45 72.35
CA GLU LA 213 84.79 -11.63 70.91
C GLU LA 213 85.29 -13.02 70.52
N ASN LA 214 86.33 -13.52 71.21
CA ASN LA 214 86.80 -14.88 71.01
C ASN LA 214 85.70 -15.89 71.34
N GLY LA 215 84.91 -15.64 72.39
CA GLY LA 215 83.74 -16.44 72.75
C GLY LA 215 82.71 -16.52 71.62
N ILE LA 216 82.32 -15.39 71.02
CA ILE LA 216 81.41 -15.36 69.87
C ILE LA 216 81.97 -16.21 68.74
N ASN LA 217 83.25 -16.03 68.41
CA ASN LA 217 83.90 -16.76 67.32
C ASN LA 217 83.95 -18.27 67.55
N ARG LA 218 84.15 -18.72 68.80
CA ARG LA 218 84.11 -20.14 69.14
C ARG LA 218 82.72 -20.74 68.95
N VAL LA 219 81.67 -20.06 69.42
CA VAL LA 219 80.29 -20.51 69.27
C VAL LA 219 79.93 -20.64 67.80
N PHE LA 220 80.25 -19.62 67.01
CA PHE LA 220 80.06 -19.61 65.57
C PHE LA 220 80.81 -20.76 64.88
N LEU LA 221 82.13 -20.88 65.08
CA LEU LA 221 82.91 -21.87 64.37
C LEU LA 221 82.50 -23.31 64.72
N THR LA 222 82.19 -23.55 65.98
CA THR LA 222 81.79 -24.88 66.42
C THR LA 222 80.44 -25.27 65.81
N GLU LA 223 79.46 -24.37 65.75
CA GLU LA 223 78.22 -24.64 65.01
C GLU LA 223 78.52 -24.89 63.54
N LEU LA 224 79.27 -23.99 62.91
CA LEU LA 224 79.54 -24.01 61.49
C LEU LA 224 80.17 -25.34 61.06
N VAL LA 225 81.19 -25.80 61.78
CA VAL LA 225 81.93 -27.01 61.46
C VAL LA 225 81.15 -28.27 61.81
N ASP LA 226 80.49 -28.33 62.99
CA ASP LA 226 79.81 -29.55 63.41
C ASP LA 226 78.54 -29.83 62.59
N ASN LA 227 77.74 -28.80 62.29
CA ASN LA 227 76.38 -28.99 61.81
C ASN LA 227 76.19 -28.76 60.29
N ALA LA 228 77.29 -28.53 59.55
CA ALA LA 228 77.27 -28.58 58.09
C ALA LA 228 76.83 -29.98 57.64
N GLN LA 229 75.86 -30.07 56.71
CA GLN LA 229 75.28 -31.34 56.34
C GLN LA 229 76.00 -32.05 55.18
N ASN LA 230 76.64 -31.29 54.28
CA ASN LA 230 77.45 -31.86 53.21
C ASN LA 230 78.93 -31.94 53.60
N ASN LA 231 79.68 -32.78 52.89
CA ASN LA 231 81.11 -32.94 53.12
C ASN LA 231 81.78 -33.31 51.80
N HIS LA 232 82.83 -32.59 51.39
CA HIS LA 232 83.70 -33.04 50.33
C HIS LA 232 84.95 -33.68 50.93
N ASP LA 233 85.07 -35.00 50.79
CA ASP LA 233 86.25 -35.72 51.24
C ASP LA 233 87.31 -35.69 50.13
N THR LA 234 88.43 -35.01 50.38
CA THR LA 234 89.51 -34.89 49.41
C THR LA 234 90.29 -36.19 49.27
N ALA LA 235 90.34 -37.01 50.33
CA ALA LA 235 91.16 -38.22 50.41
C ALA LA 235 92.62 -37.93 50.03
N GLY LA 236 93.23 -36.89 50.61
CA GLY LA 236 94.51 -36.37 50.14
C GLY LA 236 94.36 -35.71 48.76
N SER LA 237 95.30 -35.94 47.85
CA SER LA 237 95.15 -35.58 46.44
C SER LA 237 94.89 -34.08 46.16
N ASN LA 238 93.74 -33.73 45.56
CA ASN LA 238 93.49 -32.42 44.93
C ASN LA 238 92.89 -31.43 45.93
N GLN LA 239 93.71 -30.99 46.90
CA GLN LA 239 93.19 -30.29 48.08
C GLN LA 239 93.01 -28.79 47.90
N GLY LA 240 93.54 -28.20 46.82
CA GLY LA 240 93.48 -26.76 46.59
C GLY LA 240 92.12 -26.31 46.03
N TYR LA 241 92.15 -25.50 44.96
CA TYR LA 241 90.96 -25.02 44.27
C TYR LA 241 90.00 -26.16 43.93
N GLN LA 242 90.48 -27.33 43.50
CA GLN LA 242 89.60 -28.44 43.15
C GLN LA 242 88.72 -28.89 44.32
N ALA LA 243 89.26 -28.92 45.54
CA ALA LA 243 88.47 -29.23 46.73
C ALA LA 243 87.42 -28.16 47.00
N LEU LA 244 87.79 -26.90 46.82
CA LEU LA 244 86.93 -25.75 47.02
C LEU LA 244 85.76 -25.77 46.02
N ASN LA 245 86.07 -25.97 44.74
CA ASN LA 245 85.10 -26.16 43.67
C ASN LA 245 84.19 -27.37 43.93
N SER LA 246 84.75 -28.50 44.37
CA SER LA 246 83.97 -29.70 44.65
C SER LA 246 83.03 -29.50 45.85
N ALA LA 247 83.48 -28.80 46.89
CA ALA LA 247 82.61 -28.45 48.02
C ALA LA 247 81.45 -27.56 47.58
N VAL LA 248 81.68 -26.56 46.72
CA VAL LA 248 80.59 -25.79 46.14
C VAL LA 248 79.62 -26.72 45.40
N GLY LA 249 80.15 -27.65 44.60
CA GLY LA 249 79.37 -28.66 43.90
C GLY LA 249 78.50 -29.53 44.83
N GLU LA 250 79.03 -29.92 46.00
CA GLU LA 250 78.27 -30.70 46.97
C GLU LA 250 77.09 -29.90 47.54
N VAL LA 251 77.27 -28.61 47.82
CA VAL LA 251 76.18 -27.76 48.25
C VAL LA 251 75.16 -27.57 47.12
N ASP LA 252 75.65 -27.36 45.89
CA ASP LA 252 74.83 -27.17 44.70
C ASP LA 252 73.92 -28.37 44.40
N LYS LA 253 74.36 -29.60 44.74
CA LYS LA 253 73.56 -30.81 44.61
C LYS LA 253 72.39 -30.87 45.59
N ASP LA 254 72.43 -30.10 46.69
CA ASP LA 254 71.27 -29.89 47.55
C ASP LA 254 70.52 -28.61 47.18
N ASP LA 255 70.78 -28.03 46.00
CA ASP LA 255 70.03 -26.89 45.45
C ASP LA 255 70.14 -25.60 46.28
N PHE LA 256 71.12 -25.52 47.18
CA PHE LA 256 71.51 -24.25 47.81
C PHE LA 256 72.71 -23.63 47.08
N ARG LA 257 72.91 -22.32 47.22
CA ARG LA 257 74.06 -21.65 46.63
C ARG LA 257 74.94 -21.07 47.74
N PRO LA 258 76.19 -21.56 47.96
CA PRO LA 258 77.07 -20.97 48.97
C PRO LA 258 77.69 -19.68 48.45
N ASP LA 259 78.26 -18.86 49.36
CA ASP LA 259 78.89 -17.60 48.98
C ASP LA 259 80.13 -17.26 49.81
N THR LA 260 80.42 -18.03 50.87
CA THR LA 260 81.47 -17.69 51.83
C THR LA 260 82.26 -18.95 52.18
N TYR LA 261 83.54 -18.80 52.53
CA TYR LA 261 84.25 -19.91 53.15
C TYR LA 261 85.11 -19.48 54.32
N VAL LA 262 85.17 -20.40 55.30
CA VAL LA 262 85.90 -20.30 56.55
C VAL LA 262 86.99 -21.36 56.52
N THR LA 263 88.19 -21.00 56.99
CA THR LA 263 89.39 -21.76 56.62
C THR LA 263 90.37 -21.90 57.79
N HIS LA 264 90.94 -23.10 57.97
CA HIS LA 264 92.01 -23.37 58.94
C HIS LA 264 93.38 -22.93 58.41
N PRO LA 265 94.37 -22.54 59.25
CA PRO LA 265 95.71 -22.17 58.79
C PRO LA 265 96.44 -23.21 57.91
N ASP LA 266 96.24 -24.50 58.18
CA ASP LA 266 96.83 -25.55 57.35
C ASP LA 266 96.19 -25.57 55.96
N TYR LA 267 94.86 -25.42 55.90
CA TYR LA 267 94.18 -25.39 54.61
C TYR LA 267 94.68 -24.21 53.78
N ARG LA 268 94.77 -23.01 54.37
CA ARG LA 268 95.34 -21.84 53.72
C ARG LA 268 96.72 -22.12 53.14
N THR LA 269 97.57 -22.82 53.89
CA THR LA 269 98.92 -23.13 53.43
C THR LA 269 98.89 -23.97 52.16
N GLN LA 270 98.08 -25.04 52.14
CA GLN LA 270 97.90 -25.86 50.95
C GLN LA 270 97.31 -25.07 49.79
N LEU LA 271 96.29 -24.24 50.08
CA LEU LA 271 95.62 -23.44 49.06
C LEU LA 271 96.59 -22.51 48.34
N PHE LA 272 97.49 -21.84 49.07
CA PHE LA 272 98.44 -20.94 48.42
C PHE LA 272 99.66 -21.64 47.83
N ASN LA 273 99.85 -22.94 48.12
CA ASN LA 273 100.77 -23.79 47.37
C ASN LA 273 100.14 -24.32 46.07
N ASP LA 274 98.80 -24.24 45.91
CA ASP LA 274 98.13 -24.71 44.71
C ASP LA 274 98.65 -23.95 43.49
N THR LA 275 99.20 -24.71 42.54
CA THR LA 275 99.72 -24.19 41.29
C THR LA 275 98.72 -23.27 40.57
N ASN LA 276 97.42 -23.53 40.65
CA ASN LA 276 96.42 -22.70 39.98
C ASN LA 276 96.30 -21.30 40.58
N LEU LA 277 96.71 -21.10 41.84
CA LEU LA 277 96.76 -19.80 42.49
C LEU LA 277 98.18 -19.23 42.55
N ALA LA 278 99.18 -20.09 42.70
CA ALA LA 278 100.57 -19.70 42.85
C ALA LA 278 101.17 -19.13 41.57
N TYR LA 279 100.86 -19.72 40.40
CA TYR LA 279 101.42 -19.23 39.14
C TYR LA 279 100.55 -18.11 38.59
N ALA LA 280 101.14 -16.92 38.38
CA ALA LA 280 100.39 -15.72 38.08
C ALA LA 280 99.54 -15.83 36.81
N ASN LA 281 100.09 -16.47 35.77
CA ASN LA 281 99.36 -16.73 34.53
C ASN LA 281 98.13 -17.62 34.75
N ARG LA 282 98.23 -18.65 35.61
CA ARG LA 282 97.12 -19.55 35.89
C ARG LA 282 96.05 -18.86 36.74
N ALA LA 283 96.46 -18.06 37.73
CA ALA LA 283 95.54 -17.29 38.56
C ALA LA 283 94.96 -16.05 37.85
N GLY LA 284 95.62 -15.58 36.78
CA GLY LA 284 95.28 -14.29 36.16
C GLY LA 284 95.81 -13.07 36.92
N THR LA 285 96.62 -13.28 37.97
CA THR LA 285 97.24 -12.23 38.77
C THR LA 285 98.35 -12.83 39.63
N ASN LA 286 99.37 -12.03 40.00
CA ASN LA 286 100.38 -12.47 40.95
C ASN LA 286 100.05 -12.12 42.40
N GLU LA 287 98.85 -11.62 42.68
CA GLU LA 287 98.46 -11.17 44.01
C GLU LA 287 98.62 -12.27 45.07
N VAL LA 288 98.26 -13.53 44.79
CA VAL LA 288 98.39 -14.59 45.78
C VAL LA 288 99.86 -14.87 46.09
N LEU LA 289 100.70 -14.95 45.07
CA LEU LA 289 102.15 -15.12 45.20
C LEU LA 289 102.75 -14.01 46.08
N ARG LA 290 102.32 -12.76 45.87
CA ARG LA 290 102.86 -11.61 46.59
C ARG LA 290 102.25 -11.42 47.98
N ASN LA 291 100.92 -11.42 48.10
CA ASN LA 291 100.21 -10.90 49.26
C ASN LA 291 99.42 -11.95 50.05
N ARG LA 292 99.45 -13.24 49.65
CA ARG LA 292 98.91 -14.35 50.42
C ARG LA 292 97.42 -14.14 50.75
N GLU LA 293 96.99 -14.15 52.03
CA GLU LA 293 95.56 -14.00 52.34
C GLU LA 293 94.96 -12.69 51.83
N ASP LA 294 95.77 -11.63 51.72
CA ASP LA 294 95.29 -10.29 51.42
C ASP LA 294 95.05 -10.06 49.92
N ALA LA 295 95.36 -11.05 49.10
CA ALA LA 295 95.11 -11.04 47.65
C ALA LA 295 93.60 -11.04 47.37
N PRO LA 296 93.07 -10.17 46.50
CA PRO LA 296 91.63 -10.10 46.24
C PRO LA 296 91.01 -11.38 45.70
N ILE LA 297 91.77 -12.26 45.01
CA ILE LA 297 91.24 -13.54 44.54
C ILE LA 297 90.85 -14.47 45.69
N VAL LA 298 91.54 -14.40 46.83
CA VAL LA 298 91.25 -15.31 47.93
C VAL LA 298 89.82 -15.10 48.47
N GLY LA 299 89.31 -13.87 48.38
CA GLY LA 299 87.92 -13.56 48.70
C GLY LA 299 86.97 -13.52 47.49
N ASP LA 300 87.39 -14.06 46.33
CA ASP LA 300 86.61 -14.06 45.10
C ASP LA 300 87.00 -15.30 44.29
N ILE LA 301 86.65 -16.49 44.79
CA ILE LA 301 87.09 -17.77 44.21
C ILE LA 301 85.93 -18.77 44.21
N ALA LA 302 85.80 -19.56 43.14
CA ALA LA 302 84.80 -20.63 43.04
C ALA LA 302 83.37 -20.11 43.26
N GLY LA 303 83.10 -18.84 42.89
CA GLY LA 303 81.79 -18.23 43.08
C GLY LA 303 81.55 -17.66 44.49
N LEU LA 304 82.47 -17.94 45.43
CA LEU LA 304 82.43 -17.44 46.79
C LEU LA 304 83.00 -16.03 46.80
N ASP LA 305 82.21 -15.08 47.32
CA ASP LA 305 82.56 -13.67 47.32
C ASP LA 305 83.02 -13.18 48.71
N MET LA 306 83.32 -14.09 49.64
CA MET LA 306 83.95 -13.73 50.90
C MET LA 306 84.82 -14.86 51.46
N HIS LA 307 86.00 -14.51 51.99
CA HIS LA 307 86.85 -15.43 52.73
C HIS LA 307 87.00 -14.96 54.17
N ALA LA 308 86.78 -15.89 55.11
CA ALA LA 308 86.85 -15.63 56.54
C ALA LA 308 87.96 -16.50 57.15
N ALA LA 309 89.18 -15.96 57.21
CA ALA LA 309 90.31 -16.68 57.78
C ALA LA 309 90.12 -16.89 59.29
N MET LA 310 90.05 -18.15 59.73
CA MET LA 310 89.93 -18.49 61.14
C MET LA 310 91.28 -18.93 61.73
N SER LA 311 91.35 -18.87 63.07
CA SER LA 311 92.47 -19.39 63.86
C SER LA 311 92.35 -20.90 64.08
N SER LA 312 93.44 -21.53 64.56
CA SER LA 312 93.41 -22.94 64.96
C SER LA 312 92.65 -23.13 66.29
N ALA LA 313 92.83 -22.21 67.23
CA ALA LA 313 92.37 -22.34 68.61
C ALA LA 313 90.87 -22.05 68.82
N THR LA 314 90.19 -21.37 67.88
CA THR LA 314 88.82 -20.92 68.10
C THR LA 314 87.82 -22.07 68.19
N TYR LA 315 88.01 -23.15 67.42
CA TYR LA 315 87.11 -24.29 67.47
C TYR LA 315 87.15 -24.96 68.84
N ASP LA 316 85.98 -25.31 69.37
CA ASP LA 316 85.86 -25.94 70.68
C ASP LA 316 86.30 -27.40 70.63
N ASP LA 317 87.55 -27.67 71.01
CA ASP LA 317 88.06 -29.04 71.17
C ASP LA 317 87.70 -29.66 72.54
N GLY LA 318 86.97 -28.93 73.39
CA GLY LA 318 86.59 -29.37 74.72
C GLY LA 318 87.70 -29.30 75.77
N THR LA 319 88.87 -28.72 75.46
CA THR LA 319 89.98 -28.71 76.41
C THR LA 319 89.94 -27.52 77.38
N ASP LA 320 89.27 -26.42 76.99
CA ASP LA 320 89.13 -25.24 77.85
C ASP LA 320 88.04 -25.43 78.91
N ILE LA 321 88.19 -24.78 80.07
CA ILE LA 321 87.25 -24.92 81.17
C ILE LA 321 85.92 -24.26 80.80
N GLY LA 322 84.81 -24.99 81.02
CA GLY LA 322 83.47 -24.48 80.70
C GLY LA 322 83.02 -24.78 79.27
N TRP LA 323 83.92 -25.26 78.41
CA TRP LA 323 83.60 -25.58 77.03
C TRP LA 323 83.58 -27.11 76.85
N SER LA 324 82.48 -27.64 76.29
CA SER LA 324 82.20 -29.07 76.30
C SER LA 324 82.79 -29.84 75.11
N GLY LA 325 83.14 -29.15 74.01
CA GLY LA 325 83.76 -29.74 72.83
C GLY LA 325 82.77 -30.09 71.72
N GLY LA 326 83.19 -29.83 70.47
CA GLY LA 326 82.44 -30.22 69.28
C GLY LA 326 82.72 -31.66 68.82
N SER LA 327 82.04 -32.09 67.75
CA SER LA 327 82.07 -33.45 67.23
C SER LA 327 83.24 -33.73 66.28
N GLU LA 328 83.84 -32.69 65.68
CA GLU LA 328 84.84 -32.82 64.61
C GLU LA 328 86.27 -32.57 65.10
N THR LA 329 87.25 -32.74 64.19
CA THR LA 329 88.58 -32.17 64.36
C THR LA 329 88.75 -31.01 63.38
N TRP LA 330 88.90 -29.78 63.91
CA TRP LA 330 89.28 -28.62 63.12
C TRP LA 330 90.78 -28.67 62.85
N GLY LA 331 91.15 -28.77 61.57
CA GLY LA 331 92.54 -28.99 61.17
C GLY LA 331 92.64 -29.32 59.68
N PHE LA 332 93.86 -29.42 59.16
CA PHE LA 332 94.04 -29.97 57.82
C PHE LA 332 95.37 -30.69 57.70
N SER LA 333 95.65 -31.52 58.70
CA SER LA 333 96.94 -32.14 58.97
C SER LA 333 96.94 -33.62 58.59
N SER LA 334 95.78 -34.27 58.79
CA SER LA 334 95.70 -35.72 58.91
C SER LA 334 94.34 -36.24 58.48
N ASP LA 335 94.30 -37.52 58.12
CA ASP LA 335 93.15 -38.26 57.61
C ASP LA 335 91.89 -38.00 58.44
N GLY LA 336 90.90 -37.29 57.87
CA GLY LA 336 89.63 -37.01 58.53
C GLY LA 336 89.50 -35.61 59.15
N ASP LA 337 90.55 -34.78 59.15
CA ASP LA 337 90.41 -33.40 59.65
C ASP LA 337 89.46 -32.58 58.75
N LYS LA 338 88.63 -31.72 59.37
CA LYS LA 338 87.83 -30.73 58.66
C LYS LA 338 88.62 -29.42 58.60
N GLY LA 339 89.02 -28.99 57.40
CA GLY LA 339 89.94 -27.87 57.24
C GLY LA 339 89.33 -26.59 56.68
N ALA LA 340 88.14 -26.68 56.09
CA ALA LA 340 87.41 -25.52 55.60
C ALA LA 340 85.91 -25.81 55.59
N VAL LA 341 85.11 -24.74 55.59
CA VAL LA 341 83.67 -24.86 55.38
C VAL LA 341 83.31 -23.86 54.29
N VAL LA 342 82.56 -24.35 53.29
CA VAL LA 342 82.04 -23.55 52.19
C VAL LA 342 80.53 -23.49 52.37
N TYR LA 343 79.93 -22.30 52.45
CA TYR LA 343 78.55 -22.19 52.90
C TYR LA 343 77.86 -20.89 52.47
N ASP LA 344 76.54 -20.88 52.60
CA ASP LA 344 75.72 -19.70 52.42
C ASP LA 344 75.66 -18.90 53.73
N ARG LA 345 76.27 -17.71 53.73
CA ARG LA 345 76.38 -16.83 54.89
C ARG LA 345 75.02 -16.44 55.48
N ASP LA 346 73.99 -16.34 54.64
CA ASP LA 346 72.65 -15.95 55.08
C ASP LA 346 71.89 -17.08 55.78
N ASN LA 347 72.43 -18.32 55.76
CA ASN LA 347 71.78 -19.50 56.31
C ASN LA 347 72.41 -20.00 57.62
N ILE LA 348 73.38 -19.26 58.17
CA ILE LA 348 73.86 -19.49 59.53
C ILE LA 348 73.78 -18.20 60.33
N HIS LA 349 73.10 -18.29 61.48
CA HIS LA 349 72.76 -17.15 62.31
C HIS LA 349 73.62 -17.12 63.55
N THR LA 350 74.19 -15.95 63.84
CA THR LA 350 74.76 -15.67 65.15
C THR LA 350 73.75 -14.79 65.88
N ILE LA 351 73.26 -15.26 67.02
CA ILE LA 351 72.22 -14.54 67.74
C ILE LA 351 72.87 -13.92 68.96
N LEU LA 352 72.81 -12.58 69.07
CA LEU LA 352 73.36 -11.84 70.19
C LEU LA 352 72.22 -11.20 70.97
N TYR LA 353 72.20 -11.43 72.28
CA TYR LA 353 71.24 -10.81 73.18
C TYR LA 353 71.99 -10.09 74.29
N ALA LA 354 71.53 -8.87 74.62
CA ALA LA 354 71.99 -8.18 75.81
C ALA LA 354 70.83 -7.42 76.43
N PRO LA 355 70.58 -7.52 77.76
CA PRO LA 355 69.75 -6.52 78.42
C PRO LA 355 70.56 -5.21 78.46
N ASN LA 356 69.88 -4.06 78.52
CA ASN LA 356 70.53 -2.77 78.72
C ASN LA 356 71.50 -2.42 77.58
N GLY LA 357 71.15 -2.82 76.34
CA GLY LA 357 71.95 -2.53 75.15
C GLY LA 357 71.66 -3.50 74.00
N GLN LA 358 72.63 -3.70 73.10
CA GLN LA 358 72.56 -4.75 72.09
C GLN LA 358 73.94 -5.37 71.76
N ASP LA 359 74.95 -5.09 72.60
CA ASP LA 359 76.29 -5.65 72.47
C ASP LA 359 76.93 -5.78 73.86
N VAL LA 360 78.23 -6.13 73.95
CA VAL LA 360 78.92 -6.38 75.22
C VAL LA 360 78.66 -5.26 76.24
N GLU LA 361 78.28 -5.65 77.47
CA GLU LA 361 78.13 -4.73 78.59
C GLU LA 361 79.27 -4.95 79.57
N ILE LA 362 80.04 -3.88 79.83
CA ILE LA 362 81.14 -3.92 80.79
C ILE LA 362 80.73 -3.12 82.03
N LYS LA 363 80.91 -3.75 83.19
CA LYS LA 363 80.58 -3.21 84.50
C LYS LA 363 81.86 -3.25 85.35
N ASP LA 364 81.96 -2.30 86.27
CA ASP LA 364 83.07 -2.25 87.22
C ASP LA 364 82.58 -1.90 88.62
N TYR LA 365 83.42 -2.18 89.63
CA TYR LA 365 83.07 -1.93 91.01
C TYR LA 365 84.32 -1.79 91.86
N GLU LA 366 84.24 -0.95 92.90
CA GLU LA 366 85.26 -0.90 93.93
C GLU LA 366 84.74 -1.61 95.18
N ASP LA 367 85.60 -2.42 95.80
CA ASP LA 367 85.30 -3.06 97.07
C ASP LA 367 86.03 -2.32 98.19
N PRO LA 368 85.37 -1.39 98.93
CA PRO LA 368 86.04 -0.63 99.98
C PRO LA 368 86.39 -1.44 101.22
N ILE LA 369 85.92 -2.70 101.31
CA ILE LA 369 86.30 -3.60 102.41
C ILE LA 369 87.70 -4.17 102.18
N ARG LA 370 88.12 -4.30 100.91
CA ARG LA 370 89.32 -5.05 100.54
C ARG LA 370 90.30 -4.28 99.63
N ASP LA 371 89.97 -3.06 99.24
CA ASP LA 371 90.80 -2.23 98.35
C ASP LA 371 91.09 -2.94 97.02
N ILE LA 372 90.06 -3.59 96.48
CA ILE LA 372 90.10 -4.27 95.19
C ILE LA 372 89.14 -3.56 94.23
N THR LA 373 89.58 -3.34 92.99
CA THR LA 373 88.70 -2.90 91.92
C THR LA 373 88.47 -4.07 90.96
N GLY LA 374 87.19 -4.34 90.66
CA GLY LA 374 86.80 -5.41 89.74
C GLY LA 374 86.22 -4.85 88.45
N VAL LA 375 86.45 -5.59 87.35
CA VAL LA 375 85.92 -5.30 86.02
C VAL LA 375 85.36 -6.61 85.47
N ASN LA 376 84.18 -6.56 84.84
CA ASN LA 376 83.66 -7.75 84.17
C ASN LA 376 82.82 -7.38 82.96
N GLY LA 377 82.66 -8.33 82.04
CA GLY LA 377 81.87 -8.16 80.83
C GLY LA 377 80.96 -9.37 80.62
N ARG LA 378 79.85 -9.14 79.91
CA ARG LA 378 78.94 -10.22 79.52
C ARG LA 378 78.33 -9.96 78.16
N LEU LA 379 77.99 -11.05 77.47
CA LEU LA 379 77.09 -11.03 76.33
C LEU LA 379 76.41 -12.39 76.23
N HIS LA 380 75.16 -12.44 75.75
CA HIS LA 380 74.51 -13.72 75.52
C HIS LA 380 74.59 -14.06 74.04
N VAL LA 381 75.06 -15.26 73.71
CA VAL LA 381 75.26 -15.63 72.32
C VAL LA 381 74.83 -17.08 72.05
N ASP LA 382 74.30 -17.30 70.85
CA ASP LA 382 74.05 -18.63 70.30
C ASP LA 382 74.37 -18.60 68.81
N CYS LA 383 74.61 -19.76 68.20
CA CYS LA 383 74.75 -19.83 66.76
C CYS LA 383 74.01 -21.06 66.22
N GLN LA 384 73.22 -20.86 65.16
CA GLN LA 384 72.39 -21.91 64.59
C GLN LA 384 72.39 -21.83 63.06
N TYR LA 385 72.52 -22.98 62.37
CA TYR LA 385 72.10 -23.04 60.98
C TYR LA 385 70.58 -22.96 60.86
N SER LA 386 70.08 -22.20 59.89
CA SER LA 386 68.72 -22.36 59.39
C SER LA 386 68.63 -23.45 58.31
N GLN LA 387 69.70 -23.66 57.53
CA GLN LA 387 69.79 -24.77 56.60
C GLN LA 387 71.22 -25.29 56.58
N GLY LA 388 71.49 -26.36 57.33
CA GLY LA 388 72.82 -26.98 57.36
C GLY LA 388 73.22 -27.56 55.99
N ARG LA 389 72.24 -27.89 55.14
CA ARG LA 389 72.46 -28.32 53.76
C ARG LA 389 73.08 -27.24 52.88
N SER LA 390 72.94 -25.96 53.26
CA SER LA 390 73.59 -24.88 52.52
C SER LA 390 75.10 -24.80 52.78
N SER LA 391 75.69 -25.80 53.44
CA SER LA 391 77.06 -25.81 53.91
C SER LA 391 77.74 -27.16 53.65
N ALA LA 392 79.01 -27.11 53.22
CA ALA LA 392 79.86 -28.29 53.08
C ALA LA 392 81.20 -28.07 53.78
N THR LA 393 81.61 -29.01 54.63
CA THR LA 393 82.99 -29.07 55.09
C THR LA 393 83.89 -29.62 53.99
N VAL LA 394 85.17 -29.24 54.01
CA VAL LA 394 86.22 -29.86 53.20
C VAL LA 394 87.06 -30.71 54.14
N GLN LA 395 87.24 -31.99 53.79
CA GLN LA 395 87.89 -32.94 54.68
C GLN LA 395 89.16 -33.51 54.03
N TYR LA 396 90.22 -33.63 54.83
CA TYR LA 396 91.49 -34.25 54.47
C TYR LA 396 91.36 -35.76 54.28
N PHE MA 101 172.74 -7.33 28.74
CA PHE MA 101 173.20 -6.93 27.37
C PHE MA 101 173.44 -5.42 27.37
N ALA MA 102 172.96 -4.70 26.35
CA ALA MA 102 172.67 -3.27 26.49
C ALA MA 102 171.69 -3.06 27.65
N ALA MA 103 171.65 -1.86 28.23
CA ALA MA 103 170.81 -1.56 29.38
C ALA MA 103 169.32 -1.77 29.06
N SER MA 104 168.63 -2.54 29.92
CA SER MA 104 167.22 -2.86 29.75
C SER MA 104 166.47 -2.73 31.07
N ASP MA 105 165.15 -2.55 30.97
CA ASP MA 105 164.26 -2.31 32.09
C ASP MA 105 164.34 -3.44 33.13
N PRO MA 106 164.28 -4.74 32.75
CA PRO MA 106 164.41 -5.85 33.70
C PRO MA 106 165.69 -5.91 34.53
N GLU MA 107 166.77 -5.24 34.08
CA GLU MA 107 168.04 -5.29 34.81
C GLU MA 107 168.11 -4.29 35.97
N TYR MA 108 167.27 -3.25 35.96
CA TYR MA 108 167.49 -2.08 36.81
C TYR MA 108 166.25 -1.64 37.61
N VAL MA 109 165.24 -2.51 37.73
CA VAL MA 109 163.93 -2.31 38.33
C VAL MA 109 163.92 -1.74 39.76
N ASP MA 110 165.05 -1.78 40.47
CA ASP MA 110 165.17 -1.22 41.82
C ASP MA 110 166.51 -0.49 41.99
N THR MA 111 167.07 0.07 40.88
CA THR MA 111 168.38 0.71 40.89
C THR MA 111 168.43 1.99 40.05
N LEU MA 112 167.57 2.12 39.02
CA LEU MA 112 167.43 3.35 38.24
C LEU MA 112 166.05 3.98 38.33
N PHE MA 113 165.07 3.21 38.85
CA PHE MA 113 163.70 3.59 39.09
C PHE MA 113 163.12 2.59 40.10
N ARG MA 114 161.95 2.90 40.68
CA ARG MA 114 161.21 1.95 41.51
C ARG MA 114 159.95 1.51 40.76
N GLU MA 115 159.57 0.24 40.90
CA GLU MA 115 158.25 -0.23 40.44
C GLU MA 115 157.15 0.69 40.99
N GLN MA 116 156.23 1.15 40.13
CA GLN MA 116 155.15 2.02 40.56
C GLN MA 116 154.25 1.33 41.59
N LEU MA 117 153.93 2.04 42.68
CA LEU MA 117 152.91 1.61 43.62
C LEU MA 117 151.69 2.50 43.44
N LEU MA 118 150.54 1.89 43.12
CA LEU MA 118 149.33 2.64 42.85
C LEU MA 118 148.83 3.32 44.13
N GLU MA 119 148.38 4.59 44.03
CA GLU MA 119 147.98 5.36 45.20
C GLU MA 119 146.67 4.87 45.84
N VAL MA 120 145.80 4.25 45.02
CA VAL MA 120 144.55 3.66 45.47
C VAL MA 120 144.83 2.36 46.23
N VAL MA 121 144.19 2.19 47.40
CA VAL MA 121 144.18 0.89 48.07
C VAL MA 121 142.83 0.21 47.84
N MET MA 122 142.85 -1.00 47.28
CA MET MA 122 141.64 -1.72 46.92
C MET MA 122 141.03 -2.35 48.18
N GLU MA 123 139.70 -2.20 48.34
CA GLU MA 123 139.02 -2.72 49.51
C GLU MA 123 138.95 -4.25 49.53
N GLY MA 124 138.81 -4.81 50.73
CA GLY MA 124 138.46 -6.21 50.88
C GLY MA 124 136.96 -6.45 50.78
N ARG MA 125 136.53 -7.64 51.23
CA ARG MA 125 135.15 -8.07 51.31
C ARG MA 125 134.32 -7.14 52.21
N GLU MA 126 133.08 -6.85 51.82
CA GLU MA 126 132.15 -5.99 52.55
C GLU MA 126 130.91 -6.78 52.94
N LEU MA 127 130.63 -6.96 54.24
CA LEU MA 127 129.49 -7.78 54.64
C LEU MA 127 128.18 -7.01 54.56
N ARG MA 128 127.07 -7.73 54.30
CA ARG MA 128 125.74 -7.13 54.28
C ARG MA 128 125.29 -6.76 55.70
N LYS MA 129 124.72 -5.55 55.84
CA LYS MA 129 124.34 -4.98 57.13
C LYS MA 129 122.85 -4.61 57.08
N VAL MA 130 122.03 -5.18 57.99
CA VAL MA 130 120.58 -5.04 57.95
C VAL MA 130 119.91 -4.94 59.34
N ALA MA 131 120.58 -5.31 60.43
CA ALA MA 131 119.96 -5.44 61.76
C ALA MA 131 119.19 -4.19 62.21
N ARG MA 132 119.71 -2.99 61.91
CA ARG MA 132 119.14 -1.72 62.34
C ARG MA 132 117.86 -1.34 61.58
N GLU MA 133 117.46 -2.17 60.61
CA GLU MA 133 116.27 -1.97 59.77
C GLU MA 133 115.37 -3.22 59.81
N ALA MA 134 115.98 -4.40 59.90
CA ALA MA 134 115.34 -5.72 59.93
C ALA MA 134 114.84 -6.10 61.34
N SER MA 135 114.93 -5.20 62.33
CA SER MA 135 114.43 -5.42 63.69
C SER MA 135 114.00 -4.10 64.32
N ASN MA 136 113.21 -4.16 65.41
CA ASN MA 136 112.92 -2.98 66.20
C ASN MA 136 114.16 -2.59 67.02
N VAL MA 137 114.64 -1.33 66.92
CA VAL MA 137 115.84 -0.95 67.65
C VAL MA 137 115.46 -0.14 68.90
N ILE MA 138 115.97 -0.57 70.06
CA ILE MA 138 115.79 0.13 71.33
C ILE MA 138 117.12 0.77 71.72
N ASN MA 139 117.13 2.10 71.92
CA ASN MA 139 118.24 2.79 72.54
C ASN MA 139 118.05 2.77 74.06
N ALA MA 140 118.70 1.83 74.75
CA ALA MA 140 118.48 1.61 76.18
C ALA MA 140 119.13 2.71 77.03
N ASN MA 141 118.52 2.99 78.19
CA ASN MA 141 119.09 3.88 79.19
C ASN MA 141 120.00 3.14 80.17
N THR MA 142 119.83 1.82 80.31
CA THR MA 142 120.68 0.96 81.13
C THR MA 142 121.09 -0.28 80.34
N ARG MA 143 122.30 -0.77 80.58
CA ARG MA 143 122.86 -1.91 79.87
C ARG MA 143 122.04 -3.18 80.09
N VAL MA 144 121.47 -3.33 81.31
CA VAL MA 144 120.55 -4.41 81.66
C VAL MA 144 119.15 -3.82 81.81
N GLY MA 145 118.13 -4.51 81.28
CA GLY MA 145 116.74 -4.09 81.43
C GLY MA 145 115.75 -5.23 81.23
N ASP MA 146 114.47 -4.87 81.22
CA ASP MA 146 113.37 -5.79 80.98
C ASP MA 146 112.28 -5.11 80.14
N VAL MA 147 111.45 -5.92 79.47
CA VAL MA 147 110.22 -5.42 78.88
C VAL MA 147 109.06 -6.35 79.21
N PRO MA 148 107.88 -5.84 79.65
CA PRO MA 148 106.74 -6.68 79.98
C PRO MA 148 106.03 -7.28 78.78
N ILE MA 149 105.72 -8.57 78.91
CA ILE MA 149 104.89 -9.32 77.96
C ILE MA 149 103.59 -9.69 78.70
N ALA MA 150 102.45 -9.42 78.07
CA ALA MA 150 101.15 -9.88 78.56
C ALA MA 150 100.87 -11.33 78.10
N SER MA 151 100.03 -12.03 78.86
CA SER MA 151 99.48 -13.34 78.47
C SER MA 151 98.67 -13.26 77.17
N ASP MA 152 98.55 -14.40 76.47
CA ASP MA 152 97.69 -14.53 75.30
C ASP MA 152 96.22 -14.19 75.62
N GLU MA 153 95.45 -13.90 74.56
CA GLU MA 153 94.00 -13.89 74.65
C GLU MA 153 93.44 -15.25 75.09
N GLU MA 154 92.34 -15.23 75.86
CA GLU MA 154 91.60 -16.43 76.24
C GLU MA 154 90.14 -16.34 75.74
N PHE MA 155 89.29 -17.26 76.22
CA PHE MA 155 87.89 -17.31 75.85
C PHE MA 155 87.00 -17.10 77.07
N ALA MA 156 85.89 -16.37 76.88
CA ALA MA 156 84.91 -16.18 77.93
C ALA MA 156 84.28 -17.50 78.35
N ARG MA 157 83.67 -17.54 79.55
CA ARG MA 157 83.06 -18.75 80.09
C ARG MA 157 81.53 -18.63 80.06
N PRO MA 158 80.79 -19.70 79.70
CA PRO MA 158 79.33 -19.71 79.89
C PRO MA 158 79.00 -19.68 81.38
N THR MA 159 77.86 -19.07 81.74
CA THR MA 159 77.43 -18.89 83.13
C THR MA 159 75.91 -18.82 83.22
N GLY MA 160 75.34 -19.30 84.34
CA GLY MA 160 73.90 -19.29 84.56
C GLY MA 160 73.35 -17.87 84.80
N GLN MA 161 72.06 -17.67 84.51
CA GLN MA 161 71.44 -16.37 84.76
C GLN MA 161 71.39 -16.08 86.26
N GLY MA 162 71.93 -14.93 86.67
CA GLY MA 162 71.98 -14.55 88.09
C GLY MA 162 73.15 -15.16 88.87
N ALA MA 163 73.98 -15.98 88.21
CA ALA MA 163 75.14 -16.60 88.84
C ALA MA 163 76.35 -15.66 88.79
N GLU MA 164 77.36 -15.94 89.64
CA GLU MA 164 78.55 -15.11 89.76
C GLU MA 164 79.43 -15.20 88.50
N ILE MA 165 79.83 -14.05 87.95
CA ILE MA 165 80.87 -14.02 86.93
C ILE MA 165 82.22 -14.35 87.56
N ARG MA 166 82.92 -15.34 87.00
CA ARG MA 166 84.23 -15.79 87.48
C ARG MA 166 85.37 -14.98 86.85
N ASP MA 167 86.56 -15.01 87.47
CA ASP MA 167 87.71 -14.21 87.06
C ASP MA 167 88.73 -14.99 86.24
N ASP MA 168 89.30 -14.30 85.22
CA ASP MA 168 90.45 -14.75 84.45
C ASP MA 168 91.14 -13.52 83.86
N GLY MA 169 91.83 -12.76 84.72
CA GLY MA 169 92.50 -11.52 84.31
C GLY MA 169 93.82 -11.74 83.55
N GLU MA 170 94.39 -10.65 83.01
CA GLU MA 170 95.72 -10.71 82.38
C GLU MA 170 96.79 -11.10 83.40
N THR MA 171 97.78 -11.89 82.92
CA THR MA 171 98.99 -12.23 83.65
C THR MA 171 100.17 -11.66 82.88
N TYR MA 172 101.25 -11.30 83.59
CA TYR MA 172 102.40 -10.64 82.98
C TYR MA 172 103.71 -11.36 83.32
N THR MA 173 104.67 -11.24 82.40
CA THR MA 173 106.04 -11.70 82.58
C THR MA 173 106.96 -10.69 81.89
N THR MA 174 108.29 -10.91 81.92
CA THR MA 174 109.19 -10.06 81.17
C THR MA 174 110.18 -10.90 80.34
N VAL MA 175 110.71 -10.30 79.28
CA VAL MA 175 111.97 -10.75 78.71
C VAL MA 175 113.04 -9.74 79.10
N ALA MA 176 114.17 -10.24 79.58
CA ALA MA 176 115.30 -9.42 79.97
C ALA MA 176 116.22 -9.14 78.78
N TRP MA 177 116.93 -8.00 78.81
CA TRP MA 177 118.11 -7.80 77.99
C TRP MA 177 119.32 -7.55 78.89
N ASN MA 178 120.50 -7.97 78.44
CA ASN MA 178 121.75 -7.48 79.01
C ASN MA 178 122.77 -7.31 77.89
N ALA MA 179 122.93 -6.06 77.47
CA ALA MA 179 123.80 -5.72 76.35
C ALA MA 179 125.25 -6.06 76.67
N THR MA 180 125.91 -6.69 75.70
CA THR MA 180 127.29 -7.15 75.81
C THR MA 180 128.20 -6.17 75.07
N LYS MA 181 129.30 -5.76 75.71
CA LYS MA 181 130.26 -4.86 75.11
C LYS MA 181 131.00 -5.55 73.97
N LEU MA 182 130.74 -5.11 72.73
CA LEU MA 182 131.55 -5.51 71.59
C LEU MA 182 132.67 -4.48 71.43
N THR MA 183 133.89 -4.96 71.21
CA THR MA 183 135.05 -4.07 71.08
C THR MA 183 135.95 -4.49 69.93
N GLU MA 184 136.69 -3.51 69.40
CA GLU MA 184 137.68 -3.71 68.35
C GLU MA 184 138.78 -2.68 68.54
N GLY MA 185 140.05 -3.07 68.29
CA GLY MA 185 141.18 -2.16 68.42
C GLY MA 185 142.21 -2.35 67.32
N SER MA 186 143.12 -1.37 67.22
CA SER MA 186 144.23 -1.40 66.25
C SER MA 186 145.36 -0.48 66.73
N ARG MA 187 146.62 -0.83 66.37
CA ARG MA 187 147.79 -0.01 66.70
C ARG MA 187 148.74 0.12 65.52
N VAL MA 188 149.33 1.31 65.35
CA VAL MA 188 150.19 1.67 64.23
C VAL MA 188 151.43 2.40 64.77
N THR MA 189 152.64 2.06 64.31
CA THR MA 189 153.81 2.80 64.75
C THR MA 189 153.89 4.15 64.02
N ASP MA 190 154.44 5.17 64.67
CA ASP MA 190 154.44 6.50 64.09
C ASP MA 190 155.29 6.61 62.81
N GLU MA 191 156.31 5.75 62.67
CA GLU MA 191 157.09 5.67 61.43
C GLU MA 191 156.28 5.05 60.29
N MET MA 192 155.44 4.06 60.61
CA MET MA 192 154.54 3.49 59.61
C MET MA 192 153.52 4.53 59.17
N ARG MA 193 152.93 5.25 60.14
CA ARG MA 193 151.97 6.32 59.91
C ARG MA 193 152.57 7.46 59.07
N ASP MA 194 153.88 7.74 59.22
CA ASP MA 194 154.59 8.70 58.38
C ASP MA 194 154.72 8.22 56.93
N GLN MA 195 155.23 7.00 56.72
CA GLN MA 195 155.66 6.53 55.41
C GLN MA 195 154.51 6.04 54.51
N ALA MA 196 153.37 5.65 55.10
CA ALA MA 196 152.22 5.15 54.35
C ALA MA 196 151.66 6.20 53.37
N MET MA 197 151.20 5.73 52.20
CA MET MA 197 150.55 6.58 51.19
C MET MA 197 149.11 6.95 51.55
N VAL MA 198 148.52 6.24 52.53
CA VAL MA 198 147.13 6.38 52.95
C VAL MA 198 147.09 6.71 54.44
N ASP MA 199 146.07 7.47 54.87
CA ASP MA 199 145.85 7.75 56.29
C ASP MA 199 145.45 6.46 57.02
N LEU MA 200 146.43 5.79 57.65
CA LEU MA 200 146.19 4.54 58.36
C LEU MA 200 145.26 4.72 59.56
N ILE MA 201 145.24 5.90 60.19
CA ILE MA 201 144.33 6.11 61.31
C ILE MA 201 142.89 6.22 60.80
N GLU MA 202 142.63 7.04 59.78
CA GLU MA 202 141.29 7.14 59.22
C GLU MA 202 140.79 5.79 58.71
N ARG MA 203 141.68 5.04 58.05
CA ARG MA 203 141.40 3.72 57.52
C ARG MA 203 141.09 2.71 58.64
N ASN MA 204 141.84 2.74 59.75
CA ASN MA 204 141.55 1.89 60.90
C ASN MA 204 140.28 2.30 61.64
N ILE MA 205 139.98 3.61 61.75
CA ILE MA 205 138.72 4.09 62.30
C ILE MA 205 137.54 3.53 61.50
N GLN MA 206 137.64 3.56 60.17
CA GLN MA 206 136.66 2.98 59.26
C GLN MA 206 136.48 1.48 59.53
N ARG MA 207 137.58 0.73 59.62
CA ARG MA 207 137.54 -0.70 59.95
C ARG MA 207 136.86 -0.95 61.29
N VAL MA 208 137.23 -0.21 62.34
CA VAL MA 208 136.66 -0.35 63.66
C VAL MA 208 135.14 -0.16 63.63
N GLY MA 209 134.65 0.89 62.97
CA GLY MA 209 133.23 1.15 62.82
C GLY MA 209 132.50 0.01 62.09
N ALA MA 210 133.04 -0.44 60.95
CA ALA MA 210 132.49 -1.55 60.19
C ALA MA 210 132.47 -2.85 61.01
N SER MA 211 133.54 -3.13 61.76
CA SER MA 211 133.67 -4.31 62.60
C SER MA 211 132.61 -4.36 63.71
N LEU MA 212 132.25 -3.21 64.27
CA LEU MA 212 131.17 -3.10 65.25
C LEU MA 212 129.79 -3.26 64.59
N GLU MA 213 129.54 -2.68 63.42
CA GLU MA 213 128.32 -2.94 62.67
C GLU MA 213 128.16 -4.43 62.36
N ASN MA 214 129.23 -5.08 61.90
CA ASN MA 214 129.23 -6.53 61.71
C ASN MA 214 128.88 -7.26 63.00
N GLY MA 215 129.42 -6.79 64.13
CA GLY MA 215 129.08 -7.28 65.46
C GLY MA 215 127.59 -7.19 65.79
N ILE MA 216 126.94 -6.02 65.59
CA ILE MA 216 125.50 -5.87 65.78
C ILE MA 216 124.75 -6.92 64.96
N ASN MA 217 125.13 -7.06 63.68
CA ASN MA 217 124.47 -7.97 62.76
C ASN MA 217 124.64 -9.43 63.18
N ARG MA 218 125.80 -9.82 63.71
CA ARG MA 218 126.00 -11.16 64.28
C ARG MA 218 125.09 -11.41 65.48
N VAL MA 219 125.02 -10.46 66.42
CA VAL MA 219 124.18 -10.60 67.61
C VAL MA 219 122.71 -10.71 67.23
N PHE MA 220 122.25 -9.89 66.28
CA PHE MA 220 120.92 -9.95 65.71
C PHE MA 220 120.63 -11.32 65.07
N LEU MA 221 121.43 -11.73 64.07
CA LEU MA 221 121.12 -12.93 63.31
C LEU MA 221 121.18 -14.19 64.17
N THR MA 222 122.11 -14.25 65.13
CA THR MA 222 122.26 -15.40 66.00
C THR MA 222 121.03 -15.57 66.90
N GLU MA 223 120.49 -14.48 67.45
CA GLU MA 223 119.23 -14.54 68.18
C GLU MA 223 118.10 -14.99 67.27
N LEU MA 224 117.97 -14.33 66.12
CA LEU MA 224 116.89 -14.53 65.16
C LEU MA 224 116.80 -16.01 64.77
N VAL MA 225 117.93 -16.63 64.41
CA VAL MA 225 118.00 -18.01 63.96
C VAL MA 225 117.88 -19.01 65.12
N ASP MA 226 118.52 -18.78 66.27
CA ASP MA 226 118.49 -19.75 67.35
C ASP MA 226 117.12 -19.84 68.03
N ASN MA 227 116.41 -18.71 68.21
CA ASN MA 227 115.27 -18.64 69.11
C ASN MA 227 113.91 -18.51 68.41
N ALA MA 228 113.86 -18.61 67.08
CA ALA MA 228 112.60 -18.81 66.37
C ALA MA 228 111.90 -20.07 66.90
N GLN MA 229 110.64 -19.96 67.34
CA GLN MA 229 109.93 -21.07 67.97
C GLN MA 229 109.25 -22.03 66.98
N ASN MA 230 109.27 -21.68 65.69
CA ASN MA 230 108.71 -22.50 64.61
C ASN MA 230 109.80 -22.87 63.59
N ASN MA 231 109.56 -23.96 62.86
CA ASN MA 231 110.46 -24.41 61.81
C ASN MA 231 109.65 -25.02 60.67
N HIS MA 232 110.03 -24.74 59.41
CA HIS MA 232 109.55 -25.50 58.28
C HIS MA 232 110.71 -26.32 57.71
N ASP MA 233 110.61 -27.64 57.86
CA ASP MA 233 111.62 -28.56 57.38
C ASP MA 233 111.32 -28.95 55.93
N THR MA 234 112.16 -28.52 54.99
CA THR MA 234 111.92 -28.80 53.57
C THR MA 234 112.26 -30.24 53.21
N ALA MA 235 113.27 -30.83 53.88
CA ALA MA 235 113.77 -32.17 53.61
C ALA MA 235 114.13 -32.33 52.12
N GLY MA 236 114.97 -31.44 51.59
CA GLY MA 236 115.14 -31.32 50.14
C GLY MA 236 113.86 -30.78 49.50
N SER MA 237 113.50 -31.29 48.32
CA SER MA 237 112.18 -31.02 47.72
C SER MA 237 111.91 -29.52 47.44
N ASN MA 238 110.73 -29.01 47.84
CA ASN MA 238 110.14 -27.79 47.30
C ASN MA 238 110.68 -26.58 48.07
N GLN MA 239 111.92 -26.18 47.79
CA GLN MA 239 112.65 -25.27 48.67
C GLN MA 239 112.42 -23.79 48.39
N GLY MA 240 111.83 -23.42 47.25
CA GLY MA 240 111.63 -22.02 46.87
C GLY MA 240 110.40 -21.39 47.53
N TYR MA 241 109.52 -20.77 46.72
CA TYR MA 241 108.31 -20.10 47.20
C TYR MA 241 107.49 -20.99 48.15
N GLN MA 242 107.33 -22.29 47.85
CA GLN MA 242 106.55 -23.18 48.68
C GLN MA 242 107.07 -23.27 50.12
N ALA MA 243 108.40 -23.34 50.30
CA ALA MA 243 108.99 -23.35 51.63
C ALA MA 243 108.68 -22.06 52.38
N LEU MA 244 108.76 -20.91 51.69
CA LEU MA 244 108.49 -19.61 52.26
C LEU MA 244 107.02 -19.49 52.68
N ASN MA 245 106.08 -19.85 51.80
CA ASN MA 245 104.66 -19.88 52.12
C ASN MA 245 104.35 -20.84 53.28
N SER MA 246 105.05 -21.98 53.35
CA SER MA 246 104.89 -22.95 54.43
C SER MA 246 105.42 -22.40 55.75
N ALA MA 247 106.56 -21.71 55.74
CA ALA MA 247 107.10 -21.04 56.91
C ALA MA 247 106.15 -19.94 57.42
N VAL MA 248 105.57 -19.14 56.53
CA VAL MA 248 104.50 -18.22 56.91
C VAL MA 248 103.35 -19.01 57.54
N GLY MA 249 102.99 -20.16 56.97
CA GLY MA 249 101.96 -21.05 57.50
C GLY MA 249 102.21 -21.52 58.94
N GLU MA 250 103.46 -21.80 59.31
CA GLU MA 250 103.79 -22.14 60.69
C GLU MA 250 103.50 -20.98 61.65
N VAL MA 251 103.83 -19.74 61.26
CA VAL MA 251 103.59 -18.58 62.09
C VAL MA 251 102.09 -18.25 62.13
N ASP MA 252 101.41 -18.29 60.99
CA ASP MA 252 99.97 -18.12 60.83
C ASP MA 252 99.20 -19.05 61.77
N LYS MA 253 99.66 -20.30 61.90
CA LYS MA 253 99.10 -21.31 62.78
C LYS MA 253 99.27 -21.00 64.28
N ASP MA 254 100.27 -20.20 64.65
CA ASP MA 254 100.43 -19.69 66.01
C ASP MA 254 99.80 -18.30 66.23
N ASP MA 255 99.00 -17.81 65.27
CA ASP MA 255 98.26 -16.55 65.38
C ASP MA 255 99.14 -15.32 65.54
N PHE MA 256 100.29 -15.34 64.83
CA PHE MA 256 101.10 -14.15 64.57
C PHE MA 256 101.19 -13.92 63.06
N ARG MA 257 101.47 -12.67 62.65
CA ARG MA 257 101.54 -12.31 61.24
C ARG MA 257 102.97 -11.89 60.91
N PRO MA 258 103.79 -12.72 60.22
CA PRO MA 258 105.14 -12.30 59.85
C PRO MA 258 105.06 -11.29 58.71
N ASP MA 259 106.11 -10.48 58.56
CA ASP MA 259 106.14 -9.42 57.56
C ASP MA 259 107.52 -9.28 56.89
N THR MA 260 108.50 -10.05 57.34
CA THR MA 260 109.90 -9.86 56.98
C THR MA 260 110.57 -11.22 56.81
N TYR MA 261 111.58 -11.31 55.94
CA TYR MA 261 112.43 -12.49 55.94
C TYR MA 261 113.90 -12.14 55.73
N VAL MA 262 114.74 -12.93 56.41
CA VAL MA 262 116.19 -12.84 56.41
C VAL MA 262 116.73 -14.10 55.74
N THR MA 263 117.77 -13.96 54.89
CA THR MA 263 118.07 -15.01 53.93
C THR MA 263 119.59 -15.22 53.72
N HIS MA 264 120.04 -16.48 53.65
CA HIS MA 264 121.42 -16.88 53.32
C HIS MA 264 121.69 -16.84 51.81
N PRO MA 265 122.93 -16.59 51.32
CA PRO MA 265 123.24 -16.60 49.90
C PRO MA 265 122.82 -17.84 49.10
N ASP MA 266 122.95 -19.05 49.68
CA ASP MA 266 122.52 -20.26 49.00
C ASP MA 266 120.98 -20.33 48.91
N TYR MA 267 120.28 -19.87 49.95
CA TYR MA 267 118.83 -19.81 49.90
C TYR MA 267 118.38 -18.85 48.78
N ARG MA 268 118.95 -17.63 48.73
CA ARG MA 268 118.65 -16.70 47.65
C ARG MA 268 118.89 -17.33 46.28
N THR MA 269 120.04 -17.99 46.10
CA THR MA 269 120.42 -18.60 44.83
C THR MA 269 119.40 -19.64 44.39
N GLN MA 270 119.05 -20.55 45.32
CA GLN MA 270 118.04 -21.56 45.10
C GLN MA 270 116.68 -20.92 44.78
N LEU MA 271 116.26 -19.92 45.55
CA LEU MA 271 114.97 -19.25 45.36
C LEU MA 271 114.86 -18.62 43.96
N PHE MA 272 115.92 -17.99 43.45
CA PHE MA 272 115.87 -17.40 42.12
C PHE MA 272 116.01 -18.42 40.98
N ASN MA 273 116.33 -19.70 41.26
CA ASN MA 273 116.16 -20.79 40.31
C ASN MA 273 114.73 -21.34 40.28
N ASP MA 274 113.87 -20.97 41.24
CA ASP MA 274 112.50 -21.48 41.30
C ASP MA 274 111.72 -20.98 40.07
N THR MA 275 111.18 -21.90 39.26
CA THR MA 275 110.43 -21.54 38.06
C THR MA 275 109.25 -20.62 38.35
N ASN MA 276 108.70 -20.66 39.56
CA ASN MA 276 107.62 -19.76 39.97
C ASN MA 276 108.07 -18.29 39.96
N LEU MA 277 109.36 -18.02 40.20
CA LEU MA 277 109.95 -16.69 40.17
C LEU MA 277 110.70 -16.42 38.86
N ALA MA 278 111.39 -17.44 38.33
CA ALA MA 278 112.26 -17.31 37.17
C ALA MA 278 111.50 -17.17 35.85
N TYR MA 279 110.25 -17.64 35.78
CA TYR MA 279 109.44 -17.54 34.58
C TYR MA 279 108.49 -16.35 34.72
N ALA MA 280 108.57 -15.40 33.77
CA ALA MA 280 107.76 -14.19 33.82
C ALA MA 280 106.27 -14.52 33.90
N ASN MA 281 105.82 -15.54 33.16
CA ASN MA 281 104.50 -16.18 33.26
C ASN MA 281 104.04 -16.41 34.70
N ARG MA 282 104.87 -17.06 35.51
CA ARG MA 282 104.49 -17.56 36.82
C ARG MA 282 104.66 -16.48 37.88
N ALA MA 283 105.67 -15.60 37.73
CA ALA MA 283 105.89 -14.48 38.62
C ALA MA 283 104.96 -13.29 38.36
N GLY MA 284 104.41 -13.18 37.14
CA GLY MA 284 103.70 -11.97 36.71
C GLY MA 284 104.63 -10.81 36.34
N THR MA 285 105.94 -11.01 36.41
CA THR MA 285 106.97 -10.05 36.05
C THR MA 285 108.27 -10.78 35.68
N ASN MA 286 109.09 -10.22 34.78
CA ASN MA 286 110.43 -10.75 34.54
C ASN MA 286 111.51 -10.09 35.40
N GLU MA 287 111.13 -9.31 36.42
CA GLU MA 287 112.06 -8.59 37.27
C GLU MA 287 113.08 -9.50 37.97
N VAL MA 288 112.70 -10.70 38.42
CA VAL MA 288 113.66 -11.59 39.07
C VAL MA 288 114.69 -12.10 38.07
N LEU MA 289 114.23 -12.51 36.89
CA LEU MA 289 115.08 -12.96 35.81
C LEU MA 289 116.11 -11.90 35.41
N ARG MA 290 115.70 -10.62 35.43
CA ARG MA 290 116.56 -9.50 35.04
C ARG MA 290 117.44 -8.98 36.18
N ASN MA 291 116.84 -8.64 37.33
CA ASN MA 291 117.50 -7.89 38.40
C ASN MA 291 117.71 -8.69 39.69
N ARG MA 292 117.36 -9.98 39.72
CA ARG MA 292 117.68 -10.90 40.81
C ARG MA 292 117.20 -10.37 42.17
N GLU MA 293 118.12 -9.99 43.07
CA GLU MA 293 117.79 -9.52 44.41
C GLU MA 293 117.05 -8.19 44.43
N ASP MA 294 117.29 -7.34 43.42
CA ASP MA 294 116.79 -5.98 43.36
C ASP MA 294 115.41 -5.89 42.70
N ALA MA 295 114.87 -7.04 42.27
CA ALA MA 295 113.50 -7.16 41.79
C ALA MA 295 112.50 -6.78 42.89
N PRO MA 296 111.52 -5.87 42.66
CA PRO MA 296 110.61 -5.41 43.71
C PRO MA 296 109.77 -6.54 44.29
N ILE MA 297 109.47 -7.59 43.51
CA ILE MA 297 108.75 -8.75 43.99
C ILE MA 297 109.50 -9.52 45.09
N VAL MA 298 110.83 -9.45 45.15
CA VAL MA 298 111.58 -10.16 46.18
C VAL MA 298 111.32 -9.57 47.57
N GLY MA 299 111.00 -8.27 47.65
CA GLY MA 299 110.53 -7.65 48.87
C GLY MA 299 109.02 -7.75 49.09
N ASP MA 300 108.33 -8.68 48.40
CA ASP MA 300 106.87 -8.74 48.38
C ASP MA 300 106.40 -10.16 48.05
N ILE MA 301 106.77 -11.15 48.88
CA ILE MA 301 106.40 -12.56 48.67
C ILE MA 301 105.60 -13.07 49.87
N ALA MA 302 104.54 -13.85 49.62
CA ALA MA 302 103.85 -14.59 50.68
C ALA MA 302 103.33 -13.68 51.81
N GLY MA 303 102.98 -12.42 51.49
CA GLY MA 303 102.46 -11.48 52.48
C GLY MA 303 103.55 -10.74 53.26
N LEU MA 304 104.81 -11.16 53.11
CA LEU MA 304 105.98 -10.45 53.63
C LEU MA 304 106.18 -9.21 52.76
N ASP MA 305 106.51 -8.07 53.40
CA ASP MA 305 106.69 -6.79 52.71
C ASP MA 305 108.11 -6.23 52.90
N MET MA 306 109.05 -7.03 53.42
CA MET MA 306 110.47 -6.69 53.42
C MET MA 306 111.37 -7.93 53.30
N HIS MA 307 112.43 -7.82 52.50
CA HIS MA 307 113.49 -8.81 52.44
C HIS MA 307 114.79 -8.20 52.98
N ALA MA 308 115.48 -8.94 53.85
CA ALA MA 308 116.74 -8.54 54.45
C ALA MA 308 117.82 -9.56 54.10
N ALA MA 309 118.51 -9.34 52.97
CA ALA MA 309 119.59 -10.20 52.54
C ALA MA 309 120.78 -10.14 53.52
N MET MA 310 121.29 -11.30 53.95
CA MET MA 310 122.43 -11.36 54.87
C MET MA 310 123.59 -12.19 54.30
N SER MA 311 124.78 -11.99 54.88
CA SER MA 311 126.02 -12.65 54.48
C SER MA 311 126.13 -14.06 55.07
N SER MA 312 127.02 -14.88 54.49
CA SER MA 312 127.28 -16.23 54.98
C SER MA 312 127.97 -16.23 56.35
N ALA MA 313 128.91 -15.30 56.57
CA ALA MA 313 129.76 -15.27 57.74
C ALA MA 313 129.08 -14.72 59.01
N THR MA 314 127.91 -14.08 58.88
CA THR MA 314 127.35 -13.27 59.94
C THR MA 314 126.94 -14.08 61.17
N TYR MA 315 126.25 -15.22 60.98
CA TYR MA 315 125.80 -16.04 62.08
C TYR MA 315 126.99 -16.59 62.87
N ASP MA 316 126.82 -16.71 64.19
CA ASP MA 316 127.88 -17.20 65.06
C ASP MA 316 128.04 -18.73 64.97
N ASP MA 317 129.00 -19.19 64.16
CA ASP MA 317 129.39 -20.59 64.12
C ASP MA 317 130.24 -21.03 65.34
N GLY MA 318 130.78 -20.07 66.12
CA GLY MA 318 131.75 -20.37 67.18
C GLY MA 318 133.17 -20.62 66.66
N THR MA 319 133.37 -20.53 65.33
CA THR MA 319 134.66 -20.74 64.68
C THR MA 319 135.54 -19.47 64.67
N ASP MA 320 134.96 -18.33 65.06
CA ASP MA 320 135.61 -17.02 65.06
C ASP MA 320 136.04 -16.66 66.49
N ILE MA 321 137.30 -16.25 66.68
CA ILE MA 321 137.87 -16.16 68.01
C ILE MA 321 137.14 -15.13 68.90
N GLY MA 322 136.86 -15.53 70.14
CA GLY MA 322 136.09 -14.67 71.05
C GLY MA 322 134.58 -14.92 71.02
N TRP MA 323 134.06 -15.61 69.99
CA TRP MA 323 132.64 -15.92 69.88
C TRP MA 323 132.37 -17.40 70.20
N SER MA 324 131.28 -17.66 70.94
CA SER MA 324 130.99 -18.98 71.53
C SER MA 324 130.13 -19.90 70.66
N GLY MA 325 129.41 -19.36 69.65
CA GLY MA 325 128.60 -20.15 68.73
C GLY MA 325 127.13 -20.29 69.15
N GLY MA 326 126.23 -20.25 68.15
CA GLY MA 326 124.81 -20.54 68.32
C GLY MA 326 124.48 -22.04 68.28
N SER MA 327 123.19 -22.38 68.16
CA SER MA 327 122.69 -23.76 68.25
C SER MA 327 122.48 -24.41 66.86
N GLU MA 328 122.30 -23.58 65.83
CA GLU MA 328 122.00 -24.00 64.47
C GLU MA 328 123.25 -23.99 63.57
N THR MA 329 123.05 -24.35 62.29
CA THR MA 329 123.99 -24.01 61.24
C THR MA 329 123.30 -23.08 60.25
N TRP MA 330 123.83 -21.87 60.07
CA TRP MA 330 123.35 -20.94 59.05
C TRP MA 330 123.95 -21.34 57.70
N GLY MA 331 123.06 -21.67 56.74
CA GLY MA 331 123.46 -22.19 55.45
C GLY MA 331 122.24 -22.67 54.67
N PHE MA 332 122.43 -23.13 53.43
CA PHE MA 332 121.34 -23.81 52.75
C PHE MA 332 121.90 -24.82 51.74
N SER MA 333 122.78 -25.68 52.25
CA SER MA 333 123.78 -26.36 51.45
C SER MA 333 123.79 -27.86 51.74
N SER MA 334 123.30 -28.24 52.92
CA SER MA 334 123.40 -29.59 53.47
C SER MA 334 122.25 -29.87 54.45
N ASP MA 335 121.96 -31.15 54.66
CA ASP MA 335 120.91 -31.66 55.51
C ASP MA 335 120.92 -30.99 56.90
N GLY MA 336 119.84 -30.25 57.23
CA GLY MA 336 119.67 -29.61 58.53
C GLY MA 336 120.14 -28.16 58.63
N ASP MA 337 120.71 -27.57 57.56
CA ASP MA 337 121.02 -26.14 57.58
C ASP MA 337 119.76 -25.29 57.69
N LYS MA 338 119.85 -24.17 58.42
CA LYS MA 338 118.81 -23.14 58.47
C LYS MA 338 119.18 -22.03 57.49
N GLY MA 339 118.35 -21.80 56.46
CA GLY MA 339 118.71 -20.95 55.33
C GLY MA 339 117.96 -19.63 55.24
N ALA MA 340 116.83 -19.53 55.93
CA ALA MA 340 116.05 -18.31 55.99
C ALA MA 340 115.27 -18.26 57.31
N VAL MA 341 114.90 -17.05 57.73
CA VAL MA 341 113.95 -16.88 58.83
C VAL MA 341 112.82 -15.98 58.33
N VAL MA 342 111.59 -16.40 58.54
CA VAL MA 342 110.37 -15.67 58.21
C VAL MA 342 109.78 -15.21 59.54
N TYR MA 343 109.56 -13.91 59.74
CA TYR MA 343 109.24 -13.40 61.06
C TYR MA 343 108.56 -12.02 61.02
N ASP MA 344 108.07 -11.59 62.17
CA ASP MA 344 107.53 -10.26 62.39
C ASP MA 344 108.61 -9.35 62.97
N ARG MA 345 109.06 -8.32 62.24
CA ARG MA 345 110.19 -7.51 62.70
C ARG MA 345 109.88 -6.67 63.94
N ASP MA 346 108.62 -6.47 64.28
CA ASP MA 346 108.22 -5.75 65.48
C ASP MA 346 108.31 -6.59 66.75
N ASN MA 347 108.54 -7.91 66.62
CA ASN MA 347 108.61 -8.84 67.74
C ASN MA 347 110.03 -9.35 68.02
N ILE MA 348 111.05 -8.77 67.37
CA ILE MA 348 112.44 -8.97 67.74
C ILE MA 348 113.13 -7.61 67.89
N HIS MA 349 113.86 -7.46 68.99
CA HIS MA 349 114.44 -6.20 69.42
C HIS MA 349 115.96 -6.27 69.37
N THR MA 350 116.59 -5.35 68.64
CA THR MA 350 118.01 -5.09 68.82
C THR MA 350 118.13 -3.97 69.86
N ILE MA 351 118.74 -4.28 70.99
CA ILE MA 351 118.90 -3.31 72.05
C ILE MA 351 120.33 -2.81 72.00
N LEU MA 352 120.51 -1.50 71.81
CA LEU MA 352 121.82 -0.86 71.79
C LEU MA 352 121.97 0.01 73.05
N TYR MA 353 123.16 -0.06 73.65
CA TYR MA 353 123.51 0.77 74.79
C TYR MA 353 124.89 1.39 74.59
N ALA MA 354 125.04 2.65 74.98
CA ALA MA 354 126.34 3.29 75.05
C ALA MA 354 126.38 4.26 76.24
N PRO MA 355 127.49 4.30 77.01
CA PRO MA 355 127.58 5.20 78.16
C PRO MA 355 127.72 6.67 77.81
N ASN MA 356 128.17 6.99 76.58
CA ASN MA 356 128.52 8.35 76.17
C ASN MA 356 127.78 8.80 74.90
N GLY MA 357 126.64 8.17 74.59
CA GLY MA 357 125.83 8.51 73.42
C GLY MA 357 124.77 7.45 73.13
N GLN MA 358 124.49 7.22 71.84
CA GLN MA 358 123.52 6.22 71.40
C GLN MA 358 124.03 5.41 70.19
N ASP MA 359 125.36 5.37 69.99
CA ASP MA 359 125.99 4.67 68.86
C ASP MA 359 127.44 4.33 69.21
N VAL MA 360 128.19 3.76 68.27
CA VAL MA 360 129.61 3.42 68.45
C VAL MA 360 130.41 4.61 69.01
N GLU MA 361 131.27 4.33 70.01
CA GLU MA 361 132.20 5.33 70.50
C GLU MA 361 133.62 4.91 70.13
N ILE MA 362 134.31 5.78 69.39
CA ILE MA 362 135.67 5.54 68.95
C ILE MA 362 136.62 6.49 69.71
N LYS MA 363 137.67 5.90 70.30
CA LYS MA 363 138.69 6.59 71.08
C LYS MA 363 140.06 6.32 70.47
N ASP MA 364 140.99 7.23 70.73
CA ASP MA 364 142.37 7.07 70.28
C ASP MA 364 143.35 7.52 71.35
N TYR MA 365 144.59 7.05 71.24
CA TYR MA 365 145.64 7.34 72.22
C TYR MA 365 147.02 7.22 71.57
N GLU MA 366 147.99 7.96 72.12
CA GLU MA 366 149.38 7.81 71.72
C GLU MA 366 150.19 7.27 72.90
N ASP MA 367 151.11 6.35 72.61
CA ASP MA 367 152.10 5.87 73.55
C ASP MA 367 153.43 6.57 73.26
N PRO MA 368 153.87 7.52 74.12
CA PRO MA 368 155.13 8.23 73.89
C PRO MA 368 156.38 7.43 74.26
N ILE MA 369 156.22 6.29 74.93
CA ILE MA 369 157.35 5.42 75.29
C ILE MA 369 157.71 4.52 74.10
N ARG MA 370 156.69 4.08 73.34
CA ARG MA 370 156.85 3.14 72.23
C ARG MA 370 156.68 3.77 70.85
N ASP MA 371 156.22 5.03 70.77
CA ASP MA 371 155.96 5.71 69.51
C ASP MA 371 154.90 4.98 68.67
N ILE MA 372 153.80 4.63 69.34
CA ILE MA 372 152.69 3.90 68.73
C ILE MA 372 151.40 4.67 68.97
N THR MA 373 150.57 4.78 67.93
CA THR MA 373 149.25 5.36 68.04
C THR MA 373 148.21 4.25 67.95
N GLY MA 374 147.23 4.24 68.87
CA GLY MA 374 146.17 3.24 68.89
C GLY MA 374 144.78 3.84 68.69
N VAL MA 375 143.86 3.02 68.17
CA VAL MA 375 142.47 3.36 67.97
C VAL MA 375 141.62 2.19 68.50
N ASN MA 376 140.57 2.50 69.26
CA ASN MA 376 139.65 1.53 69.84
C ASN MA 376 138.21 1.94 69.55
N GLY MA 377 137.33 0.98 69.30
CA GLY MA 377 135.89 1.22 69.23
C GLY MA 377 135.12 0.29 70.17
N ARG MA 378 133.93 0.73 70.59
CA ARG MA 378 133.07 -0.03 71.49
C ARG MA 378 131.60 0.29 71.22
N LEU MA 379 130.74 -0.70 71.52
CA LEU MA 379 129.30 -0.51 71.63
C LEU MA 379 128.74 -1.67 72.46
N HIS MA 380 127.61 -1.49 73.15
CA HIS MA 380 126.97 -2.61 73.80
C HIS MA 380 125.72 -2.99 73.02
N VAL MA 381 125.53 -4.29 72.78
CA VAL MA 381 124.34 -4.76 72.05
C VAL MA 381 123.78 -6.04 72.66
N ASP MA 382 122.46 -6.17 72.62
CA ASP MA 382 121.75 -7.43 72.85
C ASP MA 382 120.69 -7.59 71.75
N CYS MA 383 120.21 -8.82 71.56
CA CYS MA 383 119.05 -9.02 70.74
C CYS MA 383 118.10 -10.02 71.40
N GLN MA 384 116.79 -9.74 71.39
CA GLN MA 384 115.80 -10.54 72.09
C GLN MA 384 114.50 -10.60 71.29
N TYR MA 385 113.88 -11.79 71.20
CA TYR MA 385 112.48 -11.85 70.81
C TYR MA 385 111.57 -11.45 71.97
N SER MA 386 110.57 -10.61 71.70
CA SER MA 386 109.42 -10.47 72.58
C SER MA 386 108.44 -11.63 72.41
N GLN MA 387 108.27 -12.12 71.17
CA GLN MA 387 107.46 -13.28 70.85
C GLN MA 387 108.16 -14.16 69.82
N GLY MA 388 108.92 -15.17 70.27
CA GLY MA 388 109.63 -16.08 69.37
C GLY MA 388 108.71 -16.91 68.47
N ARG MA 389 107.44 -17.04 68.87
CA ARG MA 389 106.37 -17.70 68.11
C ARG MA 389 106.03 -16.95 66.82
N SER MA 390 106.33 -15.67 66.76
CA SER MA 390 106.14 -14.86 65.56
C SER MA 390 107.18 -15.14 64.46
N SER MA 391 108.02 -16.17 64.63
CA SER MA 391 109.16 -16.42 63.75
C SER MA 391 109.32 -17.91 63.42
N ALA MA 392 109.65 -18.22 62.16
CA ALA MA 392 109.89 -19.57 61.68
C ALA MA 392 111.17 -19.63 60.85
N THR MA 393 112.06 -20.59 61.13
CA THR MA 393 113.17 -20.87 60.23
C THR MA 393 112.74 -21.76 59.08
N VAL MA 394 113.44 -21.64 57.93
CA VAL MA 394 113.33 -22.58 56.83
C VAL MA 394 114.57 -23.47 56.87
N GLN MA 395 114.37 -24.79 56.81
CA GLN MA 395 115.44 -25.76 56.99
C GLN MA 395 115.58 -26.63 55.74
N TYR MA 396 116.83 -26.92 55.36
CA TYR MA 396 117.20 -27.79 54.24
C TYR MA 396 117.03 -29.29 54.57
N PHE NA 101 136.66 -16.51 -36.43
CA PHE NA 101 135.34 -15.91 -36.05
C PHE NA 101 135.41 -14.39 -36.15
N ALA NA 102 134.24 -13.74 -36.14
CA ALA NA 102 134.14 -12.33 -35.78
C ALA NA 102 134.79 -12.09 -34.42
N ALA NA 103 135.19 -10.84 -34.13
CA ALA NA 103 135.81 -10.51 -32.85
C ALA NA 103 134.86 -10.77 -31.69
N SER NA 104 135.33 -11.52 -30.68
CA SER NA 104 134.51 -11.92 -29.55
C SER NA 104 135.28 -11.84 -28.22
N ASP NA 105 134.56 -11.66 -27.12
CA ASP NA 105 135.09 -11.39 -25.80
C ASP NA 105 136.12 -12.44 -25.36
N PRO NA 106 135.91 -13.77 -25.52
CA PRO NA 106 136.89 -14.77 -25.14
C PRO NA 106 138.23 -14.77 -25.90
N GLU NA 107 138.31 -14.09 -27.05
CA GLU NA 107 139.53 -14.07 -27.85
C GLU NA 107 140.51 -12.99 -27.40
N TYR NA 108 140.00 -11.87 -26.88
CA TYR NA 108 140.77 -10.64 -26.75
C TYR NA 108 140.88 -10.12 -25.30
N VAL NA 109 140.52 -10.95 -24.33
CA VAL NA 109 140.41 -10.67 -22.90
C VAL NA 109 141.70 -10.17 -22.24
N ASP NA 110 142.87 -10.30 -22.89
CA ASP NA 110 144.12 -9.71 -22.43
C ASP NA 110 144.86 -8.99 -23.57
N THR NA 111 144.09 -8.38 -24.49
CA THR NA 111 144.66 -7.71 -25.65
C THR NA 111 143.93 -6.42 -26.01
N LEU NA 112 142.59 -6.38 -25.82
CA LEU NA 112 141.80 -5.17 -26.09
C LEU NA 112 141.16 -4.60 -24.83
N PHE NA 113 141.23 -5.33 -23.71
CA PHE NA 113 140.77 -4.91 -22.40
C PHE NA 113 141.45 -5.79 -21.36
N ARG NA 114 141.23 -5.49 -20.07
CA ARG NA 114 141.63 -6.34 -18.95
C ARG NA 114 140.39 -6.77 -18.17
N GLU NA 115 140.45 -7.97 -17.59
CA GLU NA 115 139.45 -8.38 -16.60
C GLU NA 115 139.37 -7.31 -15.50
N GLN NA 116 138.15 -6.89 -15.13
CA GLN NA 116 137.98 -5.92 -14.06
C GLN NA 116 138.55 -6.42 -12.74
N LEU NA 117 139.28 -5.57 -12.01
CA LEU NA 117 139.50 -5.76 -10.58
C LEU NA 117 138.55 -4.84 -9.83
N LEU NA 118 137.73 -5.42 -8.96
CA LEU NA 118 136.85 -4.64 -8.11
C LEU NA 118 137.71 -3.84 -7.12
N GLU NA 119 137.49 -2.51 -7.04
CA GLU NA 119 138.37 -1.61 -6.29
C GLU NA 119 138.29 -1.83 -4.77
N VAL NA 120 137.14 -2.28 -4.28
CA VAL NA 120 136.91 -2.54 -2.86
C VAL NA 120 137.45 -3.91 -2.49
N VAL NA 121 138.53 -3.94 -1.68
CA VAL NA 121 139.03 -5.18 -1.09
C VAL NA 121 138.06 -5.66 0.01
N MET NA 122 137.61 -6.91 -0.09
CA MET NA 122 136.72 -7.50 0.90
C MET NA 122 137.53 -7.91 2.14
N GLU NA 123 136.99 -7.64 3.32
CA GLU NA 123 137.68 -7.92 4.58
C GLU NA 123 137.61 -9.40 4.96
N GLY NA 124 138.61 -9.86 5.73
CA GLY NA 124 138.53 -11.11 6.45
C GLY NA 124 137.64 -11.00 7.70
N ARG NA 125 137.72 -12.01 8.58
CA ARG NA 125 136.95 -11.99 9.82
C ARG NA 125 137.49 -10.93 10.79
N GLU NA 126 136.59 -10.33 11.58
CA GLU NA 126 136.97 -9.39 12.64
C GLU NA 126 136.63 -9.98 14.02
N LEU NA 127 137.64 -10.07 14.89
CA LEU NA 127 137.44 -10.56 16.25
C LEU NA 127 136.79 -9.47 17.11
N ARG NA 128 135.91 -9.89 18.02
CA ARG NA 128 135.20 -8.96 18.90
C ARG NA 128 136.15 -8.29 19.89
N LYS NA 129 136.05 -6.95 20.00
CA LYS NA 129 136.88 -6.14 20.89
C LYS NA 129 136.03 -5.67 22.07
N VAL NA 130 136.43 -5.98 23.32
CA VAL NA 130 135.64 -5.59 24.50
C VAL NA 130 136.47 -5.14 25.71
N ALA NA 131 137.76 -5.50 25.81
CA ALA NA 131 138.54 -5.38 27.03
C ALA NA 131 138.59 -3.96 27.62
N ARG NA 132 138.63 -2.92 26.77
CA ARG NA 132 138.69 -1.53 27.21
C ARG NA 132 137.38 -1.06 27.86
N GLU NA 133 136.25 -1.63 27.46
CA GLU NA 133 134.95 -1.33 28.03
C GLU NA 133 134.63 -2.24 29.23
N ALA NA 134 135.02 -3.52 29.13
CA ALA NA 134 134.67 -4.60 30.03
C ALA NA 134 135.64 -4.76 31.23
N SER NA 135 136.59 -3.83 31.42
CA SER NA 135 137.51 -3.83 32.56
C SER NA 135 137.90 -2.41 32.94
N ASN NA 136 138.47 -2.23 34.14
CA ASN NA 136 139.09 -0.96 34.49
C ASN NA 136 140.43 -0.84 33.76
N VAL NA 137 140.71 0.28 33.06
CA VAL NA 137 141.97 0.45 32.35
C VAL NA 137 142.90 1.39 33.14
N ILE NA 138 144.12 0.93 33.43
CA ILE NA 138 145.15 1.70 34.11
C ILE NA 138 146.27 2.01 33.11
N ASN NA 139 146.58 3.30 32.92
CA ASN NA 139 147.79 3.69 32.22
C ASN NA 139 148.95 3.76 33.22
N ALA NA 140 149.83 2.75 33.19
CA ALA NA 140 150.94 2.67 34.13
C ALA NA 140 152.08 3.63 33.75
N ASN NA 141 152.82 4.10 34.77
CA ASN NA 141 154.04 4.88 34.58
C ASN NA 141 155.28 3.99 34.46
N THR NA 142 155.19 2.73 34.89
CA THR NA 142 156.28 1.74 34.77
C THR NA 142 155.73 0.40 34.32
N ARG NA 143 156.53 -0.32 33.52
CA ARG NA 143 156.18 -1.61 32.96
C ARG NA 143 155.84 -2.64 34.05
N VAL NA 144 156.50 -2.55 35.20
CA VAL NA 144 156.28 -3.39 36.37
C VAL NA 144 155.78 -2.53 37.52
N GLY NA 145 154.81 -3.03 38.29
CA GLY NA 145 154.24 -2.27 39.41
C GLY NA 145 153.45 -3.14 40.37
N ASP NA 146 152.79 -2.48 41.33
CA ASP NA 146 151.97 -3.09 42.36
C ASP NA 146 150.77 -2.20 42.69
N VAL NA 147 149.65 -2.84 43.07
CA VAL NA 147 148.50 -2.13 43.65
C VAL NA 147 148.17 -2.77 45.00
N PRO NA 148 148.05 -1.99 46.10
CA PRO NA 148 147.80 -2.57 47.42
C PRO NA 148 146.34 -2.92 47.67
N ILE NA 149 146.14 -4.05 48.35
CA ILE NA 149 144.86 -4.61 48.75
C ILE NA 149 144.78 -4.57 50.27
N ALA NA 150 143.65 -4.08 50.80
CA ALA NA 150 143.35 -4.18 52.22
C ALA NA 150 142.66 -5.52 52.54
N SER NA 151 142.98 -6.09 53.70
CA SER NA 151 142.32 -7.30 54.20
C SER NA 151 140.82 -7.09 54.43
N ASP NA 152 140.05 -8.19 54.36
CA ASP NA 152 138.61 -8.20 54.57
C ASP NA 152 138.23 -7.67 55.96
N GLU NA 153 137.06 -7.02 56.04
CA GLU NA 153 136.51 -6.61 57.32
C GLU NA 153 136.10 -7.84 58.14
N GLU NA 154 136.17 -7.71 59.47
CA GLU NA 154 135.92 -8.82 60.39
C GLU NA 154 134.82 -8.42 61.40
N PHE NA 155 134.83 -9.07 62.57
CA PHE NA 155 133.85 -8.83 63.64
C PHE NA 155 134.56 -8.43 64.93
N ALA NA 156 133.92 -7.51 65.66
CA ALA NA 156 134.29 -7.13 67.01
C ALA NA 156 134.13 -8.31 67.98
N ARG NA 157 134.75 -8.22 69.18
CA ARG NA 157 134.72 -9.30 70.16
C ARG NA 157 133.77 -8.94 71.30
N PRO NA 158 132.92 -9.87 71.81
CA PRO NA 158 132.27 -9.67 73.10
C PRO NA 158 133.35 -9.59 74.19
N THR NA 159 133.20 -8.61 75.09
CA THR NA 159 134.26 -8.18 76.00
C THR NA 159 133.68 -7.95 77.40
N GLY NA 160 134.39 -8.40 78.45
CA GLY NA 160 133.98 -8.14 79.82
C GLY NA 160 134.12 -6.67 80.19
N GLN NA 161 133.24 -6.17 81.07
CA GLN NA 161 133.30 -4.78 81.52
C GLN NA 161 134.60 -4.51 82.29
N GLY NA 162 135.37 -3.52 81.81
CA GLY NA 162 136.66 -3.18 82.40
C GLY NA 162 137.86 -3.95 81.83
N ALA NA 163 137.64 -4.90 80.90
CA ALA NA 163 138.70 -5.68 80.28
C ALA NA 163 139.46 -4.89 79.21
N GLU NA 164 140.69 -5.31 78.89
CA GLU NA 164 141.50 -4.72 77.81
C GLU NA 164 140.86 -4.99 76.43
N ILE NA 165 140.84 -3.97 75.55
CA ILE NA 165 140.43 -4.16 74.16
C ILE NA 165 141.60 -4.73 73.35
N ARG NA 166 141.35 -5.81 72.60
CA ARG NA 166 142.36 -6.50 71.81
C ARG NA 166 142.44 -5.94 70.37
N ASP NA 167 143.61 -6.11 69.73
CA ASP NA 167 143.89 -5.55 68.42
C ASP NA 167 143.59 -6.55 67.28
N ASP NA 168 143.07 -6.02 66.16
CA ASP NA 168 142.87 -6.74 64.91
C ASP NA 168 142.78 -5.75 63.74
N GLY NA 169 143.85 -4.98 63.52
CA GLY NA 169 143.88 -3.92 62.50
C GLY NA 169 143.93 -4.46 61.06
N GLU NA 170 143.81 -3.56 60.06
CA GLU NA 170 143.99 -3.94 58.68
C GLU NA 170 145.41 -4.45 58.43
N THR NA 171 145.51 -5.69 57.95
CA THR NA 171 146.70 -6.19 57.26
C THR NA 171 146.60 -5.85 55.77
N TYR NA 172 147.74 -5.79 55.07
CA TYR NA 172 147.82 -5.41 53.67
C TYR NA 172 148.67 -6.38 52.84
N THR NA 173 148.45 -6.35 51.52
CA THR NA 173 149.22 -7.11 50.53
C THR NA 173 149.15 -6.37 49.20
N THR NA 174 149.87 -6.83 48.16
CA THR NA 174 149.70 -6.24 46.83
C THR NA 174 149.41 -7.31 45.79
N VAL NA 175 148.78 -6.91 44.68
CA VAL NA 175 148.88 -7.68 43.45
C VAL NA 175 149.83 -6.94 42.51
N ALA NA 176 150.79 -7.69 41.96
CA ALA NA 176 151.78 -7.15 41.04
C ALA NA 176 151.21 -7.09 39.62
N TRP NA 177 151.74 -6.17 38.80
CA TRP NA 177 151.65 -6.27 37.36
C TRP NA 177 153.04 -6.29 36.75
N ASN NA 178 153.20 -6.99 35.63
CA ASN NA 178 154.36 -6.82 34.76
C ASN NA 178 153.90 -6.96 33.31
N ALA NA 179 153.77 -5.83 32.63
CA ALA NA 179 153.24 -5.75 31.28
C ALA NA 179 154.17 -6.46 30.29
N THR NA 180 153.58 -7.28 29.42
CA THR NA 180 154.32 -7.98 28.38
C THR NA 180 154.22 -7.19 27.09
N LYS NA 181 155.35 -6.99 26.40
CA LYS NA 181 155.38 -6.30 25.13
C LYS NA 181 154.73 -7.17 24.06
N LEU NA 182 153.63 -6.70 23.46
CA LEU NA 182 153.02 -7.35 22.31
C LEU NA 182 153.45 -6.59 21.06
N THR NA 183 153.82 -7.31 19.99
CA THR NA 183 154.29 -6.67 18.76
C THR NA 183 153.76 -7.37 17.51
N GLU NA 184 153.65 -6.61 16.42
CA GLU NA 184 153.46 -7.18 15.09
C GLU NA 184 154.05 -6.21 14.06
N GLY NA 185 154.55 -6.74 12.94
CA GLY NA 185 155.00 -5.90 11.84
C GLY NA 185 154.72 -6.53 10.49
N SER NA 186 155.11 -5.81 9.43
CA SER NA 186 155.09 -6.32 8.07
C SER NA 186 156.04 -5.52 7.17
N ARG NA 187 156.38 -6.11 6.01
CA ARG NA 187 157.27 -5.50 5.04
C ARG NA 187 156.68 -5.59 3.64
N VAL NA 188 156.85 -4.53 2.85
CA VAL NA 188 156.34 -4.42 1.49
C VAL NA 188 157.46 -3.89 0.59
N THR NA 189 157.66 -4.51 -0.58
CA THR NA 189 158.63 -3.99 -1.54
C THR NA 189 158.11 -2.70 -2.16
N ASP NA 190 159.01 -1.78 -2.49
CA ASP NA 190 158.62 -0.48 -3.04
C ASP NA 190 157.88 -0.59 -4.37
N GLU NA 191 158.18 -1.62 -5.18
CA GLU NA 191 157.45 -1.89 -6.41
C GLU NA 191 155.99 -2.31 -6.14
N MET NA 192 155.75 -3.09 -5.09
CA MET NA 192 154.40 -3.48 -4.72
C MET NA 192 153.64 -2.30 -4.11
N ARG NA 193 154.32 -1.50 -3.28
CA ARG NA 193 153.78 -0.29 -2.67
C ARG NA 193 153.32 0.71 -3.72
N ASP NA 194 154.05 0.79 -4.84
CA ASP NA 194 153.67 1.60 -5.99
C ASP NA 194 152.44 1.04 -6.73
N GLN NA 195 152.50 -0.22 -7.15
CA GLN NA 195 151.58 -0.78 -8.13
C GLN NA 195 150.18 -1.12 -7.58
N ALA NA 196 150.03 -1.29 -6.26
CA ALA NA 196 148.74 -1.64 -5.65
C ALA NA 196 147.65 -0.59 -5.90
N MET NA 197 146.38 -1.05 -5.92
CA MET NA 197 145.21 -0.19 -6.02
C MET NA 197 144.99 0.64 -4.74
N VAL NA 198 145.49 0.12 -3.61
CA VAL NA 198 145.23 0.65 -2.27
C VAL NA 198 146.56 0.93 -1.56
N ASP NA 199 146.55 1.87 -0.60
CA ASP NA 199 147.74 2.09 0.23
C ASP NA 199 148.02 0.85 1.08
N LEU NA 200 148.98 0.03 0.65
CA LEU NA 200 149.35 -1.17 1.41
C LEU NA 200 149.90 -0.81 2.79
N ILE NA 201 150.55 0.35 2.91
CA ILE NA 201 151.01 0.81 4.22
C ILE NA 201 149.83 1.14 5.13
N GLU NA 202 148.81 1.84 4.63
CA GLU NA 202 147.61 2.10 5.42
C GLU NA 202 146.89 0.81 5.79
N ARG NA 203 146.71 -0.13 4.83
CA ARG NA 203 146.17 -1.46 5.09
C ARG NA 203 146.92 -2.14 6.24
N ASN NA 204 148.26 -2.13 6.18
CA ASN NA 204 149.11 -2.77 7.17
C ASN NA 204 149.12 -2.06 8.51
N ILE NA 205 149.11 -0.73 8.55
CA ILE NA 205 149.02 0.01 9.80
C ILE NA 205 147.69 -0.27 10.50
N GLN NA 206 146.57 -0.27 9.76
CA GLN NA 206 145.27 -0.64 10.31
C GLN NA 206 145.28 -2.08 10.82
N ARG NA 207 145.85 -3.03 10.07
CA ARG NA 207 146.01 -4.40 10.51
C ARG NA 207 146.82 -4.51 11.81
N VAL NA 208 147.97 -3.85 11.88
CA VAL NA 208 148.83 -3.88 13.05
C VAL NA 208 148.09 -3.33 14.27
N GLY NA 209 147.38 -2.21 14.13
CA GLY NA 209 146.54 -1.67 15.19
C GLY NA 209 145.49 -2.67 15.68
N ALA NA 210 144.79 -3.32 14.75
CA ALA NA 210 143.80 -4.35 15.06
C ALA NA 210 144.43 -5.55 15.76
N SER NA 211 145.63 -5.97 15.34
CA SER NA 211 146.33 -7.11 15.91
C SER NA 211 146.75 -6.86 17.36
N LEU NA 212 147.17 -5.63 17.68
CA LEU NA 212 147.48 -5.22 19.05
C LEU NA 212 146.23 -5.14 19.91
N GLU NA 213 145.11 -4.64 19.37
CA GLU NA 213 143.82 -4.69 20.05
C GLU NA 213 143.39 -6.13 20.37
N ASN NA 214 143.51 -7.05 19.41
CA ASN NA 214 143.26 -8.46 19.66
C ASN NA 214 144.18 -9.00 20.75
N GLY NA 215 145.46 -8.58 20.74
CA GLY NA 215 146.42 -8.88 21.78
C GLY NA 215 145.95 -8.46 23.18
N ILE NA 216 145.49 -7.21 23.36
CA ILE NA 216 144.93 -6.74 24.62
C ILE NA 216 143.79 -7.67 25.07
N ASN NA 217 142.86 -7.95 24.16
CA ASN NA 217 141.69 -8.77 24.44
C ASN NA 217 142.07 -10.19 24.86
N ARG NA 218 143.13 -10.77 24.29
CA ARG NA 218 143.63 -12.07 24.71
C ARG NA 218 144.18 -12.02 26.14
N VAL NA 219 145.00 -11.02 26.48
CA VAL NA 219 145.58 -10.90 27.81
C VAL NA 219 144.48 -10.73 28.86
N PHE NA 220 143.52 -9.85 28.58
CA PHE NA 220 142.34 -9.66 29.41
C PHE NA 220 141.58 -10.98 29.63
N LEU NA 221 141.18 -11.66 28.55
CA LEU NA 221 140.36 -12.86 28.69
C LEU NA 221 141.12 -14.00 29.39
N THR NA 222 142.42 -14.10 29.18
CA THR NA 222 143.22 -15.15 29.78
C THR NA 222 143.36 -14.93 31.29
N GLU NA 223 143.56 -13.70 31.73
CA GLU NA 223 143.49 -13.38 33.16
C GLU NA 223 142.10 -13.68 33.73
N LEU NA 224 141.07 -13.15 33.07
CA LEU NA 224 139.69 -13.22 33.54
C LEU NA 224 139.28 -14.67 33.79
N VAL NA 225 139.58 -15.57 32.85
CA VAL NA 225 139.23 -16.98 32.93
C VAL NA 225 140.16 -17.75 33.88
N ASP NA 226 141.49 -17.56 33.82
CA ASP NA 226 142.40 -18.38 34.62
C ASP NA 226 142.31 -18.08 36.13
N ASN NA 227 142.08 -16.81 36.51
CA ASN NA 227 142.30 -16.37 37.87
C ASN NA 227 141.00 -16.02 38.63
N ALA NA 228 139.82 -16.30 38.05
CA ALA NA 228 138.57 -16.26 38.79
C ALA NA 228 138.63 -17.28 39.96
N GLN NA 229 138.26 -16.85 41.18
CA GLN NA 229 138.40 -17.68 42.37
C GLN NA 229 137.17 -18.53 42.67
N ASN NA 230 136.03 -18.21 42.06
CA ASN NA 230 134.83 -19.03 42.17
C ASN NA 230 134.51 -19.76 40.86
N ASN NA 231 133.65 -20.78 40.95
CA ASN NA 231 133.31 -21.61 39.79
C ASN NA 231 131.97 -22.28 40.00
N HIS NA 232 131.06 -22.18 39.01
CA HIS NA 232 129.85 -22.99 38.98
C HIS NA 232 129.99 -24.09 37.94
N ASP NA 233 130.28 -25.31 38.41
CA ASP NA 233 130.32 -26.48 37.56
C ASP NA 233 128.89 -26.91 37.23
N THR NA 234 128.48 -26.74 35.96
CA THR NA 234 127.14 -27.11 35.53
C THR NA 234 126.96 -28.62 35.41
N ALA NA 235 128.06 -29.39 35.37
CA ALA NA 235 128.04 -30.84 35.18
C ALA NA 235 127.16 -31.26 33.99
N GLY NA 236 127.25 -30.53 32.87
CA GLY NA 236 126.49 -30.84 31.66
C GLY NA 236 124.98 -30.58 31.72
N SER NA 237 124.47 -29.82 32.71
CA SER NA 237 123.02 -29.65 32.90
C SER NA 237 122.63 -28.25 33.40
N ASN NA 238 121.38 -27.81 33.15
CA ASN NA 238 120.86 -26.52 33.60
C ASN NA 238 121.75 -25.33 33.17
N GLN NA 239 122.29 -25.39 31.96
CA GLN NA 239 123.43 -24.58 31.56
C GLN NA 239 123.07 -23.14 31.18
N GLY NA 240 121.78 -22.81 31.01
CA GLY NA 240 121.32 -21.48 30.64
C GLY NA 240 121.25 -20.51 31.81
N TYR NA 241 120.12 -19.82 31.99
CA TYR NA 241 119.93 -18.83 33.04
C TYR NA 241 120.29 -19.35 34.43
N GLN NA 242 119.94 -20.60 34.75
CA GLN NA 242 120.24 -21.17 36.06
C GLN NA 242 121.75 -21.17 36.37
N ALA NA 243 122.60 -21.40 35.36
CA ALA NA 243 124.04 -21.35 35.54
C ALA NA 243 124.52 -19.92 35.82
N LEU NA 244 124.00 -18.90 35.11
CA LEU NA 244 124.35 -17.51 35.39
C LEU NA 244 123.91 -17.13 36.81
N ASN NA 245 122.66 -17.42 37.18
CA ASN NA 245 122.17 -17.18 38.53
C ASN NA 245 123.00 -17.91 39.59
N SER NA 246 123.44 -19.14 39.32
CA SER NA 246 124.27 -19.91 40.24
C SER NA 246 125.68 -19.34 40.35
N ALA NA 247 126.26 -18.87 39.23
CA ALA NA 247 127.55 -18.20 39.23
C ALA NA 247 127.50 -16.87 39.99
N VAL NA 248 126.43 -16.08 39.82
CA VAL NA 248 126.20 -14.91 40.66
C VAL NA 248 126.12 -15.33 42.13
N GLY NA 249 125.41 -16.43 42.43
CA GLY NA 249 125.30 -16.99 43.76
C GLY NA 249 126.65 -17.35 44.39
N GLU NA 250 127.58 -17.91 43.61
CA GLU NA 250 128.92 -18.20 44.07
C GLU NA 250 129.69 -16.94 44.44
N VAL NA 251 129.55 -15.86 43.66
CA VAL NA 251 130.19 -14.59 43.98
C VAL NA 251 129.55 -13.92 45.20
N ASP NA 252 128.21 -13.93 45.26
CA ASP NA 252 127.42 -13.38 46.37
C ASP NA 252 127.73 -14.07 47.70
N LYS NA 253 128.00 -15.39 47.67
CA LYS NA 253 128.44 -16.15 48.83
C LYS NA 253 129.80 -15.70 49.38
N ASP NA 254 130.60 -14.97 48.58
CA ASP NA 254 131.81 -14.29 49.02
C ASP NA 254 131.61 -12.77 49.17
N ASP NA 255 130.36 -12.29 49.24
CA ASP NA 255 130.00 -10.91 49.58
C ASP NA 255 130.43 -9.85 48.56
N PHE NA 256 130.92 -10.24 47.38
CA PHE NA 256 131.06 -9.32 46.26
C PHE NA 256 129.77 -9.30 45.42
N ARG NA 257 129.54 -8.24 44.63
CA ARG NA 257 128.49 -8.24 43.62
C ARG NA 257 129.10 -8.19 42.22
N PRO NA 258 128.85 -9.18 41.34
CA PRO NA 258 129.23 -9.04 39.94
C PRO NA 258 128.21 -8.12 39.25
N ASP NA 259 128.61 -7.54 38.12
CA ASP NA 259 127.74 -6.67 37.35
C ASP NA 259 127.87 -6.91 35.84
N THR NA 260 128.76 -7.81 35.44
CA THR NA 260 129.14 -8.01 34.05
C THR NA 260 129.32 -9.50 33.78
N TYR NA 261 129.10 -9.92 32.54
CA TYR NA 261 129.57 -11.25 32.13
C TYR NA 261 130.16 -11.25 30.73
N VAL NA 262 131.12 -12.15 30.55
CA VAL NA 262 131.88 -12.39 29.34
C VAL NA 262 131.54 -13.81 28.86
N THR NA 263 131.28 -13.98 27.56
CA THR NA 263 130.62 -15.20 27.09
C THR NA 263 131.23 -15.74 25.79
N HIS NA 264 131.45 -17.06 25.71
CA HIS NA 264 131.89 -17.78 24.52
C HIS NA 264 130.74 -18.00 23.54
N PRO NA 265 130.95 -18.09 22.20
CA PRO NA 265 129.88 -18.36 21.23
C PRO NA 265 129.04 -19.60 21.46
N ASP NA 266 129.64 -20.70 21.93
CA ASP NA 266 128.89 -21.91 22.28
C ASP NA 266 127.97 -21.65 23.46
N TYR NA 267 128.48 -20.95 24.48
CA TYR NA 267 127.65 -20.61 25.63
C TYR NA 267 126.48 -19.74 25.21
N ARG NA 268 126.71 -18.70 24.38
CA ARG NA 268 125.64 -17.88 23.84
C ARG NA 268 124.59 -18.73 23.11
N THR NA 269 125.02 -19.73 22.33
CA THR NA 269 124.10 -20.60 21.63
C THR NA 269 123.22 -21.41 22.58
N GLN NA 270 123.81 -22.05 23.60
CA GLN NA 270 123.06 -22.74 24.66
C GLN NA 270 122.08 -21.79 25.35
N LEU NA 271 122.55 -20.60 25.73
CA LEU NA 271 121.76 -19.61 26.43
C LEU NA 271 120.51 -19.21 25.63
N PHE NA 272 120.63 -19.00 24.32
CA PHE NA 272 119.48 -18.62 23.50
C PHE NA 272 118.59 -19.80 23.11
N ASN NA 273 119.00 -21.06 23.39
CA ASN NA 273 118.13 -22.22 23.33
C ASN NA 273 117.35 -22.45 24.63
N ASP NA 274 117.83 -21.92 25.77
CA ASP NA 274 117.18 -22.10 27.06
C ASP NA 274 115.73 -21.60 27.01
N THR NA 275 114.75 -22.46 27.33
CA THR NA 275 113.34 -22.07 27.30
C THR NA 275 113.06 -20.83 28.15
N ASN NA 276 113.83 -20.61 29.23
CA ASN NA 276 113.66 -19.44 30.08
C ASN NA 276 113.86 -18.11 29.32
N LEU NA 277 114.59 -18.14 28.20
CA LEU NA 277 114.87 -16.98 27.36
C LEU NA 277 114.24 -17.11 25.96
N ALA NA 278 114.21 -18.34 25.42
CA ALA NA 278 113.71 -18.62 24.08
C ALA NA 278 112.18 -18.47 23.97
N TYR NA 279 111.44 -18.57 25.09
CA TYR NA 279 109.99 -18.46 25.09
C TYR NA 279 109.56 -17.13 25.70
N ALA NA 280 108.74 -16.36 24.97
CA ALA NA 280 108.25 -15.06 25.43
C ALA NA 280 107.49 -15.17 26.76
N ASN NA 281 106.65 -16.20 26.94
CA ASN NA 281 106.07 -16.62 28.20
C ASN NA 281 107.04 -16.47 29.38
N ARG NA 282 108.22 -17.09 29.24
CA ARG NA 282 109.17 -17.31 30.33
C ARG NA 282 110.03 -16.08 30.51
N ALA NA 283 110.46 -15.46 29.40
CA ALA NA 283 111.36 -14.32 29.38
C ALA NA 283 110.66 -12.98 29.67
N GLY NA 284 109.33 -12.93 29.52
CA GLY NA 284 108.56 -11.71 29.62
C GLY NA 284 108.67 -10.79 28.39
N THR NA 285 109.40 -11.25 27.36
CA THR NA 285 109.55 -10.56 26.08
C THR NA 285 109.96 -11.59 25.02
N ASN NA 286 109.60 -11.37 23.73
CA ASN NA 286 110.10 -12.19 22.64
C ASN NA 286 111.43 -11.69 22.05
N GLU NA 287 112.07 -10.75 22.72
CA GLU NA 287 113.22 -10.02 22.21
C GLU NA 287 114.41 -10.94 21.88
N VAL NA 288 114.66 -11.98 22.69
CA VAL NA 288 115.74 -12.93 22.44
C VAL NA 288 115.47 -13.79 21.21
N LEU NA 289 114.22 -14.28 21.09
CA LEU NA 289 113.79 -15.06 19.94
C LEU NA 289 113.95 -14.26 18.64
N ARG NA 290 113.66 -12.95 18.68
CA ARG NA 290 113.78 -12.08 17.51
C ARG NA 290 115.22 -11.66 17.24
N ASN NA 291 115.88 -11.04 18.25
CA ASN NA 291 117.09 -10.27 18.07
C ASN NA 291 118.35 -10.93 18.68
N ARG NA 292 118.22 -12.14 19.24
CA ARG NA 292 119.35 -12.93 19.75
C ARG NA 292 120.20 -12.11 20.73
N GLU NA 293 121.50 -11.95 20.46
CA GLU NA 293 122.41 -11.26 21.38
C GLU NA 293 122.16 -9.74 21.49
N ASP NA 294 121.45 -9.15 20.53
CA ASP NA 294 121.15 -7.72 20.52
C ASP NA 294 119.94 -7.36 21.40
N ALA NA 295 119.23 -8.37 21.92
CA ALA NA 295 118.08 -8.18 22.80
C ALA NA 295 118.49 -7.52 24.12
N PRO NA 296 117.91 -6.36 24.54
CA PRO NA 296 118.23 -5.71 25.80
C PRO NA 296 118.30 -6.60 27.03
N ILE NA 297 117.40 -7.59 27.16
CA ILE NA 297 117.43 -8.52 28.27
C ILE NA 297 118.75 -9.29 28.38
N VAL NA 298 119.46 -9.55 27.28
CA VAL NA 298 120.73 -10.27 27.32
C VAL NA 298 121.81 -9.47 28.05
N GLY NA 299 121.73 -8.13 28.03
CA GLY NA 299 122.58 -7.27 28.83
C GLY NA 299 122.02 -6.94 30.22
N ASP NA 300 121.00 -7.68 30.67
CA ASP NA 300 120.26 -7.40 31.89
C ASP NA 300 119.71 -8.71 32.47
N ILE NA 301 120.59 -9.71 32.72
CA ILE NA 301 120.21 -11.00 33.29
C ILE NA 301 120.80 -11.12 34.70
N ALA NA 302 120.02 -11.64 35.67
CA ALA NA 302 120.54 -12.08 36.97
C ALA NA 302 121.28 -10.98 37.75
N GLY NA 303 120.87 -9.71 37.57
CA GLY NA 303 121.50 -8.58 38.26
C GLY NA 303 122.78 -8.06 37.57
N LEU NA 304 123.25 -8.76 36.54
CA LEU NA 304 124.31 -8.29 35.67
C LEU NA 304 123.70 -7.25 34.73
N ASP NA 305 124.31 -6.07 34.64
CA ASP NA 305 123.82 -4.99 33.80
C ASP NA 305 124.73 -4.72 32.60
N MET NA 306 125.63 -5.66 32.27
CA MET NA 306 126.42 -5.60 31.04
C MET NA 306 126.79 -7.00 30.52
N HIS NA 307 126.62 -7.22 29.22
CA HIS NA 307 127.12 -8.41 28.52
C HIS NA 307 128.25 -8.02 27.57
N ALA NA 308 129.40 -8.70 27.68
CA ALA NA 308 130.53 -8.54 26.78
C ALA NA 308 130.72 -9.82 25.97
N ALA NA 309 130.13 -9.84 24.76
CA ALA NA 309 130.28 -10.98 23.86
C ALA NA 309 131.73 -11.10 23.38
N MET NA 310 132.30 -12.31 23.51
CA MET NA 310 133.69 -12.58 23.15
C MET NA 310 133.78 -13.56 21.97
N SER NA 311 134.88 -13.44 21.19
CA SER NA 311 135.19 -14.35 20.10
C SER NA 311 135.84 -15.63 20.63
N SER NA 312 135.68 -16.74 19.88
CA SER NA 312 136.17 -18.07 20.23
C SER NA 312 137.70 -18.13 20.33
N ALA NA 313 138.41 -17.52 19.37
CA ALA NA 313 139.86 -17.59 19.29
C ALA NA 313 140.59 -16.72 20.33
N THR NA 314 139.86 -15.89 21.10
CA THR NA 314 140.45 -14.83 21.91
C THR NA 314 141.29 -15.38 23.06
N TYR NA 315 140.83 -16.43 23.74
CA TYR NA 315 141.54 -16.98 24.89
C TYR NA 315 142.85 -17.63 24.44
N ASP NA 316 143.86 -17.58 25.32
CA ASP NA 316 145.15 -18.17 25.03
C ASP NA 316 145.15 -19.69 25.23
N ASP NA 317 144.67 -20.42 24.23
CA ASP NA 317 144.77 -21.87 24.16
C ASP NA 317 146.21 -22.40 24.11
N GLY NA 318 147.20 -21.53 23.81
CA GLY NA 318 148.56 -21.96 23.53
C GLY NA 318 148.74 -22.63 22.16
N THR NA 319 147.69 -22.62 21.34
CA THR NA 319 147.72 -23.17 19.98
C THR NA 319 148.22 -22.15 18.96
N ASP NA 320 148.12 -20.86 19.28
CA ASP NA 320 148.58 -19.77 18.42
C ASP NA 320 150.11 -19.61 18.49
N ILE NA 321 150.72 -19.15 17.39
CA ILE NA 321 152.17 -19.10 17.28
C ILE NA 321 152.75 -18.03 18.22
N GLY NA 322 153.72 -18.42 19.04
CA GLY NA 322 154.41 -17.48 19.93
C GLY NA 322 153.71 -17.24 21.27
N TRP NA 323 152.49 -17.76 21.45
CA TRP NA 323 151.79 -17.71 22.74
C TRP NA 323 151.86 -19.07 23.44
N SER NA 324 152.16 -19.08 24.75
CA SER NA 324 152.13 -20.28 25.58
C SER NA 324 150.93 -20.23 26.54
N GLY NA 325 150.09 -21.28 26.51
CA GLY NA 325 148.69 -21.17 26.91
C GLY NA 325 148.39 -20.87 28.38
N GLY NA 326 147.15 -20.43 28.62
CA GLY NA 326 146.57 -20.37 29.96
C GLY NA 326 146.27 -21.75 30.56
N SER NA 327 145.69 -21.79 31.76
CA SER NA 327 145.45 -23.04 32.50
C SER NA 327 144.16 -23.76 32.09
N GLU NA 328 143.19 -23.02 31.53
CA GLU NA 328 141.84 -23.52 31.26
C GLU NA 328 141.63 -23.85 29.77
N THR NA 329 140.42 -24.31 29.43
CA THR NA 329 139.92 -24.33 28.06
C THR NA 329 138.75 -23.37 27.95
N TRP NA 330 138.86 -22.36 27.08
CA TRP NA 330 137.74 -21.47 26.77
C TRP NA 330 136.85 -22.14 25.73
N GLY NA 331 135.57 -22.34 26.06
CA GLY NA 331 134.65 -23.07 25.21
C GLY NA 331 133.39 -23.44 25.97
N PHE NA 332 132.44 -24.10 25.30
CA PHE NA 332 131.29 -24.62 26.01
C PHE NA 332 130.73 -25.86 25.30
N SER NA 333 131.62 -26.83 25.11
CA SER NA 333 131.44 -27.93 24.16
C SER NA 333 131.57 -29.29 24.85
N SER NA 334 132.40 -29.34 25.89
CA SER NA 334 132.95 -30.57 26.42
C SER NA 334 133.32 -30.41 27.89
N ASP NA 335 133.39 -31.53 28.61
CA ASP NA 335 133.61 -31.58 30.06
C ASP NA 335 134.82 -30.72 30.47
N GLY NA 336 134.59 -29.74 31.35
CA GLY NA 336 135.65 -28.89 31.89
C GLY NA 336 135.89 -27.58 31.14
N ASP NA 337 135.26 -27.35 29.99
CA ASP NA 337 135.36 -26.05 29.32
C ASP NA 337 134.79 -24.94 30.21
N LYS NA 338 135.42 -23.75 30.16
CA LYS NA 338 134.89 -22.54 30.80
C LYS NA 338 134.24 -21.70 29.70
N GLY NA 339 132.93 -21.45 29.81
CA GLY NA 339 132.16 -20.85 28.72
C GLY NA 339 131.62 -19.45 29.00
N ALA NA 340 131.60 -19.06 30.27
CA ALA NA 340 131.28 -17.70 30.65
C ALA NA 340 132.04 -17.33 31.92
N VAL NA 341 132.26 -16.03 32.13
CA VAL NA 341 132.72 -15.51 33.41
C VAL NA 341 131.76 -14.44 33.86
N VAL NA 342 131.28 -14.56 35.09
CA VAL NA 342 130.43 -13.60 35.75
C VAL NA 342 131.30 -12.86 36.75
N TYR NA 343 131.36 -11.52 36.70
CA TYR NA 343 132.38 -10.79 37.45
C TYR NA 343 132.00 -9.33 37.73
N ASP NA 344 132.73 -8.72 38.67
CA ASP NA 344 132.69 -7.29 38.94
C ASP NA 344 133.69 -6.56 38.08
N ARG NA 345 133.19 -5.70 37.17
CA ARG NA 345 133.97 -4.96 36.18
C ARG NA 345 135.01 -4.02 36.78
N ASP NA 346 134.79 -3.57 38.03
CA ASP NA 346 135.70 -2.66 38.72
C ASP NA 346 136.85 -3.38 39.42
N ASN NA 347 136.78 -4.72 39.53
CA ASN NA 347 137.75 -5.51 40.29
C ASN NA 347 138.72 -6.30 39.40
N ILE NA 348 138.74 -6.01 38.09
CA ILE NA 348 139.76 -6.53 37.18
C ILE NA 348 140.31 -5.36 36.36
N HIS NA 349 141.65 -5.31 36.25
CA HIS NA 349 142.37 -4.20 35.67
C HIS NA 349 143.12 -4.64 34.43
N THR NA 350 142.91 -3.96 33.31
CA THR NA 350 143.85 -4.03 32.20
C THR NA 350 144.88 -2.91 32.41
N ILE NA 351 146.16 -3.28 32.49
CA ILE NA 351 147.23 -2.31 32.68
C ILE NA 351 147.94 -2.15 31.36
N LEU NA 352 147.96 -0.92 30.83
CA LEU NA 352 148.66 -0.59 29.59
C LEU NA 352 149.88 0.27 29.90
N TYR NA 353 150.99 -0.05 29.23
CA TYR NA 353 152.21 0.73 29.34
C TYR NA 353 152.79 0.98 27.96
N ALA NA 354 153.25 2.21 27.72
CA ALA NA 354 154.02 2.57 26.55
C ALA NA 354 155.16 3.50 26.96
N PRO NA 355 156.41 3.29 26.49
CA PRO NA 355 157.54 4.12 26.90
C PRO NA 355 157.54 5.53 26.31
N ASN NA 356 157.00 5.67 25.09
CA ASN NA 356 157.06 6.90 24.30
C ASN NA 356 155.70 7.59 24.15
N GLY NA 357 154.71 7.21 24.97
CA GLY NA 357 153.36 7.73 24.86
C GLY NA 357 152.46 7.16 25.94
N GLN NA 358 151.25 6.73 25.54
CA GLN NA 358 150.26 6.19 26.48
C GLN NA 358 149.48 5.00 25.92
N ASP NA 359 149.62 4.73 24.60
CA ASP NA 359 148.91 3.64 23.92
C ASP NA 359 149.78 3.12 22.77
N VAL NA 360 149.20 2.35 21.82
CA VAL NA 360 149.94 1.71 20.72
C VAL NA 360 150.89 2.70 20.01
N GLU NA 361 152.14 2.27 19.78
CA GLU NA 361 153.10 3.05 19.02
C GLU NA 361 153.41 2.36 17.70
N ILE NA 362 153.19 3.08 16.59
CA ILE NA 362 153.52 2.63 15.25
C ILE NA 362 154.82 3.29 14.81
N LYS NA 363 155.74 2.48 14.26
CA LYS NA 363 156.97 2.95 13.64
C LYS NA 363 157.09 2.40 12.23
N ASP NA 364 157.85 3.10 11.39
CA ASP NA 364 158.13 2.66 10.03
C ASP NA 364 159.59 2.91 9.68
N TYR NA 365 160.08 2.19 8.66
CA TYR NA 365 161.47 2.26 8.25
C TYR NA 365 161.62 1.83 6.79
N GLU NA 366 162.68 2.33 6.14
CA GLU NA 366 163.02 1.90 4.79
C GLU NA 366 164.37 1.19 4.80
N ASP NA 367 164.45 0.12 4.00
CA ASP NA 367 165.69 -0.56 3.68
C ASP NA 367 166.14 -0.12 2.29
N PRO NA 368 167.13 0.79 2.15
CA PRO NA 368 167.63 1.21 0.85
C PRO NA 368 168.54 0.20 0.14
N ILE NA 369 168.96 -0.86 0.85
CA ILE NA 369 169.77 -1.93 0.27
C ILE NA 369 168.87 -2.87 -0.54
N ARG NA 370 167.62 -3.06 -0.09
CA ARG NA 370 166.68 -4.03 -0.65
C ARG NA 370 165.37 -3.43 -1.19
N ASP NA 371 165.19 -2.10 -1.07
CA ASP NA 371 164.00 -1.39 -1.54
C ASP NA 371 162.72 -1.90 -0.88
N ILE NA 372 162.77 -2.09 0.44
CA ILE NA 372 161.63 -2.54 1.23
C ILE NA 372 161.23 -1.44 2.21
N THR NA 373 159.93 -1.19 2.35
CA THR NA 373 159.40 -0.37 3.44
C THR NA 373 158.76 -1.30 4.47
N GLY NA 374 159.12 -1.13 5.75
CA GLY NA 374 158.55 -1.92 6.83
C GLY NA 374 157.75 -1.06 7.82
N VAL NA 375 156.80 -1.71 8.52
CA VAL NA 375 155.94 -1.11 9.54
C VAL NA 375 155.92 -2.04 10.75
N ASN NA 376 156.03 -1.46 11.96
CA ASN NA 376 156.02 -2.20 13.22
C ASN NA 376 155.06 -1.52 14.20
N GLY NA 377 154.34 -2.32 15.00
CA GLY NA 377 153.55 -1.80 16.11
C GLY NA 377 153.92 -2.50 17.41
N ARG NA 378 153.74 -1.79 18.54
CA ARG NA 378 154.04 -2.31 19.87
C ARG NA 378 153.11 -1.71 20.92
N LEU NA 379 152.90 -2.47 22.01
CA LEU NA 379 152.28 -1.98 23.23
C LEU NA 379 152.63 -2.95 24.36
N HIS NA 380 152.71 -2.51 25.61
CA HIS NA 380 152.85 -3.46 26.72
C HIS NA 380 151.53 -3.57 27.46
N VAL NA 381 151.10 -4.79 27.77
CA VAL NA 381 149.84 -5.02 28.47
C VAL NA 381 149.98 -6.12 29.53
N ASP NA 382 149.28 -5.93 30.66
CA ASP NA 382 149.01 -6.97 31.63
C ASP NA 382 147.54 -6.90 32.02
N CYS NA 383 147.00 -7.97 32.60
CA CYS NA 383 145.69 -7.91 33.20
C CYS NA 383 145.73 -8.59 34.57
N GLN NA 384 145.12 -7.97 35.58
CA GLN NA 384 145.17 -8.47 36.95
C GLN NA 384 143.83 -8.27 37.65
N TYR NA 385 143.35 -9.30 38.35
CA TYR NA 385 142.30 -9.09 39.34
C TYR NA 385 142.85 -8.39 40.58
N SER NA 386 142.11 -7.41 41.11
CA SER NA 386 142.30 -6.91 42.47
C SER NA 386 141.63 -7.83 43.50
N GLN NA 387 140.42 -8.31 43.18
CA GLN NA 387 139.71 -9.28 44.01
C GLN NA 387 139.18 -10.41 43.14
N GLY NA 388 139.95 -11.50 43.02
CA GLY NA 388 139.56 -12.65 42.20
C GLY NA 388 138.28 -13.34 42.66
N ARG NA 389 137.92 -13.19 43.95
CA ARG NA 389 136.66 -13.68 44.51
C ARG NA 389 135.44 -12.97 43.93
N SER NA 390 135.63 -11.78 43.35
CA SER NA 390 134.54 -11.04 42.73
C SER NA 390 134.09 -11.63 41.39
N SER NA 391 134.60 -12.80 40.99
CA SER NA 391 134.20 -13.46 39.76
C SER NA 391 134.05 -14.97 39.91
N ALA NA 392 133.18 -15.54 39.06
CA ALA NA 392 132.97 -16.97 38.93
C ALA NA 392 132.98 -17.36 37.45
N THR NA 393 133.72 -18.41 37.10
CA THR NA 393 133.52 -19.04 35.79
C THR NA 393 132.27 -19.93 35.80
N VAL NA 394 131.65 -20.09 34.62
CA VAL NA 394 130.64 -21.10 34.39
C VAL NA 394 131.31 -22.23 33.60
N GLN NA 395 131.22 -23.45 34.11
CA GLN NA 395 131.94 -24.59 33.57
C GLN NA 395 130.96 -25.63 33.02
N TYR NA 396 131.32 -26.21 31.87
CA TYR NA 396 130.59 -27.29 31.22
C TYR NA 396 130.79 -28.63 31.96
N PHE OA 101 67.22 -32.07 -31.65
CA PHE OA 101 65.87 -32.66 -31.76
C PHE OA 101 64.97 -31.52 -32.18
N ALA OA 102 64.16 -30.97 -31.26
CA ALA OA 102 63.84 -29.56 -31.32
C ALA OA 102 65.18 -28.83 -31.28
N ALA OA 103 65.27 -27.59 -31.75
CA ALA OA 103 66.56 -26.89 -31.84
C ALA OA 103 67.24 -26.80 -30.47
N SER OA 104 68.53 -27.18 -30.39
CA SER OA 104 69.22 -27.36 -29.10
C SER OA 104 70.73 -27.09 -29.20
N ASP OA 105 71.39 -26.65 -28.10
CA ASP OA 105 72.79 -26.23 -28.14
C ASP OA 105 73.73 -27.25 -28.80
N PRO OA 106 73.75 -28.55 -28.40
CA PRO OA 106 74.77 -29.46 -28.91
C PRO OA 106 74.64 -29.77 -30.39
N GLU OA 107 73.52 -29.38 -31.02
CA GLU OA 107 73.33 -29.47 -32.46
C GLU OA 107 73.99 -28.31 -33.20
N TYR OA 108 74.00 -27.12 -32.56
CA TYR OA 108 74.34 -25.86 -33.23
C TYR OA 108 75.44 -25.06 -32.54
N VAL OA 109 76.19 -25.71 -31.63
CA VAL OA 109 77.27 -25.16 -30.83
C VAL OA 109 78.37 -24.46 -31.63
N ASP OA 110 78.49 -24.79 -32.93
CA ASP OA 110 79.45 -24.14 -33.80
C ASP OA 110 78.81 -23.68 -35.12
N THR OA 111 77.49 -23.39 -35.09
CA THR OA 111 76.69 -23.03 -36.25
C THR OA 111 75.86 -21.76 -35.99
N LEU OA 112 75.24 -21.65 -34.81
CA LEU OA 112 74.43 -20.48 -34.48
C LEU OA 112 75.08 -19.57 -33.43
N PHE OA 113 76.16 -20.05 -32.82
CA PHE OA 113 76.97 -19.29 -31.87
C PHE OA 113 78.35 -19.94 -31.81
N ARG OA 114 79.30 -19.22 -31.18
CA ARG OA 114 80.62 -19.73 -30.86
C ARG OA 114 80.69 -19.91 -29.34
N GLU OA 115 81.31 -21.01 -28.87
CA GLU OA 115 81.58 -21.20 -27.46
C GLU OA 115 82.37 -20.00 -26.90
N GLN OA 116 82.10 -19.61 -25.64
CA GLN OA 116 82.87 -18.55 -25.02
C GLN OA 116 84.32 -18.98 -24.78
N LEU OA 117 85.28 -18.07 -25.07
CA LEU OA 117 86.61 -18.11 -24.50
C LEU OA 117 86.68 -17.05 -23.41
N LEU OA 118 87.11 -17.42 -22.21
CA LEU OA 118 87.37 -16.44 -21.18
C LEU OA 118 88.53 -15.55 -21.64
N GLU OA 119 88.38 -14.22 -21.52
CA GLU OA 119 89.36 -13.29 -22.07
C GLU OA 119 90.65 -13.21 -21.23
N VAL OA 120 90.54 -13.49 -19.92
CA VAL OA 120 91.69 -13.58 -19.02
C VAL OA 120 92.38 -14.93 -19.21
N VAL OA 121 93.67 -14.90 -19.59
CA VAL OA 121 94.52 -16.09 -19.59
C VAL OA 121 95.01 -16.39 -18.17
N MET OA 122 94.85 -17.63 -17.71
CA MET OA 122 95.33 -18.04 -16.39
C MET OA 122 96.83 -18.33 -16.45
N GLU OA 123 97.55 -17.96 -15.38
CA GLU OA 123 98.99 -18.17 -15.35
C GLU OA 123 99.39 -19.62 -15.10
N GLY OA 124 100.57 -20.00 -15.60
CA GLY OA 124 101.22 -21.22 -15.18
C GLY OA 124 101.87 -21.06 -13.80
N ARG OA 125 102.60 -22.09 -13.37
CA ARG OA 125 103.39 -22.07 -12.15
C ARG OA 125 104.48 -20.99 -12.21
N GLU OA 126 104.51 -20.10 -11.19
CA GLU OA 126 105.54 -19.08 -11.06
C GLU OA 126 106.50 -19.43 -9.92
N LEU OA 127 107.82 -19.37 -10.19
CA LEU OA 127 108.82 -19.59 -9.17
C LEU OA 127 109.08 -18.33 -8.34
N ARG OA 128 109.55 -18.53 -7.09
CA ARG OA 128 109.89 -17.45 -6.18
C ARG OA 128 111.21 -16.80 -6.59
N LYS OA 129 111.22 -15.45 -6.60
CA LYS OA 129 112.35 -14.65 -7.09
C LYS OA 129 112.82 -13.74 -5.97
N VAL OA 130 114.09 -13.88 -5.55
CA VAL OA 130 114.63 -13.18 -4.37
C VAL OA 130 116.08 -12.72 -4.52
N ALA OA 131 116.84 -13.22 -5.50
CA ALA OA 131 118.30 -13.08 -5.53
C ALA OA 131 118.79 -11.62 -5.45
N ARG OA 132 118.07 -10.70 -6.10
CA ARG OA 132 118.41 -9.28 -6.15
C ARG OA 132 118.30 -8.62 -4.78
N GLU OA 133 117.33 -9.03 -3.96
CA GLU OA 133 117.18 -8.56 -2.59
C GLU OA 133 118.09 -9.33 -1.63
N ALA OA 134 118.25 -10.64 -1.86
CA ALA OA 134 118.87 -11.60 -0.97
C ALA OA 134 120.41 -11.60 -1.04
N SER OA 135 121.01 -10.82 -1.96
CA SER OA 135 122.46 -10.77 -2.13
C SER OA 135 122.89 -9.36 -2.53
N ASN OA 136 124.18 -9.04 -2.37
CA ASN OA 136 124.73 -7.83 -2.95
C ASN OA 136 124.76 -7.97 -4.47
N VAL OA 137 124.31 -6.95 -5.22
CA VAL OA 137 124.32 -7.03 -6.69
C VAL OA 137 125.43 -6.12 -7.23
N ILE OA 138 126.34 -6.70 -8.02
CA ILE OA 138 127.42 -5.96 -8.67
C ILE OA 138 127.07 -5.82 -10.15
N ASN OA 139 127.00 -4.57 -10.64
CA ASN OA 139 126.94 -4.30 -12.07
C ASN OA 139 128.36 -4.25 -12.62
N ALA OA 140 128.86 -5.39 -13.11
CA ALA OA 140 130.24 -5.50 -13.59
C ALA OA 140 130.46 -4.69 -14.87
N ASN OA 141 131.68 -4.18 -15.04
CA ASN OA 141 132.08 -3.51 -16.28
C ASN OA 141 132.53 -4.50 -17.35
N THR OA 142 132.99 -5.70 -16.94
CA THR OA 142 133.42 -6.75 -17.84
C THR OA 142 132.78 -8.09 -17.47
N ARG OA 143 132.55 -8.93 -18.48
CA ARG OA 143 132.00 -10.27 -18.35
C ARG OA 143 132.82 -11.14 -17.40
N VAL OA 144 134.16 -10.99 -17.42
CA VAL OA 144 135.08 -11.71 -16.55
C VAL OA 144 135.80 -10.70 -15.64
N GLY OA 145 135.99 -11.06 -14.37
CA GLY OA 145 136.66 -10.19 -13.42
C GLY OA 145 137.11 -10.92 -12.16
N ASP OA 146 137.70 -10.15 -11.24
CA ASP OA 146 138.12 -10.61 -9.92
C ASP OA 146 137.73 -9.58 -8.87
N VAL OA 147 137.33 -10.05 -7.69
CA VAL OA 147 137.22 -9.22 -6.51
C VAL OA 147 138.31 -9.63 -5.52
N PRO OA 148 139.16 -8.70 -5.02
CA PRO OA 148 140.22 -9.03 -4.08
C PRO OA 148 139.73 -9.14 -2.64
N ILE OA 149 140.37 -10.03 -1.88
CA ILE OA 149 140.02 -10.39 -0.52
C ILE OA 149 141.28 -10.34 0.33
N ALA OA 150 141.17 -9.70 1.50
CA ALA OA 150 142.24 -9.65 2.49
C ALA OA 150 142.17 -10.83 3.47
N SER OA 151 143.32 -11.21 4.02
CA SER OA 151 143.43 -12.21 5.08
C SER OA 151 142.74 -11.75 6.37
N ASP OA 152 142.42 -12.71 7.25
CA ASP OA 152 141.83 -12.44 8.55
C ASP OA 152 142.71 -11.57 9.46
N GLU OA 153 142.07 -10.90 10.42
CA GLU OA 153 142.75 -10.41 11.62
C GLU OA 153 143.50 -11.54 12.35
N GLU OA 154 144.62 -11.20 12.99
CA GLU OA 154 145.37 -12.12 13.83
C GLU OA 154 145.69 -11.46 15.18
N PHE OA 155 146.52 -12.13 15.99
CA PHE OA 155 146.95 -11.64 17.29
C PHE OA 155 148.45 -11.31 17.27
N ALA OA 156 148.82 -10.22 17.97
CA ALA OA 156 150.21 -9.78 18.11
C ALA OA 156 151.04 -10.75 18.95
N ARG OA 157 152.35 -10.79 18.69
CA ARG OA 157 153.33 -11.69 19.30
C ARG OA 157 153.75 -11.15 20.68
N PRO OA 158 153.67 -11.90 21.81
CA PRO OA 158 154.35 -11.48 23.04
C PRO OA 158 155.86 -11.58 22.85
N THR OA 159 156.58 -10.52 23.26
CA THR OA 159 157.92 -10.24 22.75
C THR OA 159 158.87 -9.91 23.91
N GLY OA 160 160.11 -10.44 23.86
CA GLY OA 160 161.14 -10.08 24.84
C GLY OA 160 161.67 -8.66 24.62
N GLN OA 161 162.07 -7.98 25.69
CA GLN OA 161 162.59 -6.62 25.55
C GLN OA 161 163.89 -6.62 24.74
N GLY OA 162 163.97 -5.73 23.73
CA GLY OA 162 165.11 -5.68 22.82
C GLY OA 162 165.13 -6.75 21.73
N ALA OA 163 164.13 -7.64 21.66
CA ALA OA 163 164.05 -8.68 20.63
C ALA OA 163 163.48 -8.13 19.32
N GLU OA 164 163.82 -8.79 18.19
CA GLU OA 164 163.33 -8.41 16.87
C GLU OA 164 161.81 -8.61 16.76
N ILE OA 165 161.12 -7.66 16.11
CA ILE OA 165 159.71 -7.84 15.75
C ILE OA 165 159.62 -8.70 14.50
N ARG OA 166 158.67 -9.65 14.49
CA ARG OA 166 158.47 -10.61 13.42
C ARG OA 166 157.31 -10.18 12.50
N ASP OA 167 157.45 -10.46 11.21
CA ASP OA 167 156.47 -10.06 10.21
C ASP OA 167 155.28 -11.03 10.15
N ASP OA 168 154.07 -10.46 10.01
CA ASP OA 168 152.86 -11.22 9.69
C ASP OA 168 151.89 -10.30 8.94
N GLY OA 169 152.30 -9.90 7.72
CA GLY OA 169 151.60 -8.89 6.93
C GLY OA 169 150.26 -9.35 6.38
N GLU OA 170 149.42 -8.36 6.00
CA GLU OA 170 148.17 -8.65 5.33
C GLU OA 170 148.47 -9.35 4.00
N THR OA 171 147.73 -10.44 3.74
CA THR OA 171 147.96 -11.31 2.59
C THR OA 171 146.67 -11.35 1.78
N TYR OA 172 146.78 -11.49 0.45
CA TYR OA 172 145.63 -11.28 -0.42
C TYR OA 172 145.38 -12.44 -1.37
N THR OA 173 144.13 -12.55 -1.83
CA THR OA 173 143.68 -13.48 -2.84
C THR OA 173 142.52 -12.85 -3.60
N THR OA 174 141.95 -13.54 -4.59
CA THR OA 174 140.72 -13.08 -5.24
C THR OA 174 139.72 -14.23 -5.34
N VAL OA 175 138.43 -13.88 -5.51
CA VAL OA 175 137.51 -14.79 -6.17
C VAL OA 175 137.21 -14.23 -7.55
N ALA OA 176 137.34 -15.08 -8.56
CA ALA OA 176 137.02 -14.72 -9.94
C ALA OA 176 135.52 -14.80 -10.17
N TRP OA 177 135.02 -14.00 -11.13
CA TRP OA 177 133.72 -14.25 -11.74
C TRP OA 177 133.88 -14.40 -13.25
N ASN OA 178 133.05 -15.24 -13.86
CA ASN OA 178 132.78 -15.14 -15.28
C ASN OA 178 131.27 -15.26 -15.51
N ALA OA 179 130.65 -14.12 -15.82
CA ALA OA 179 129.22 -14.06 -16.06
C ALA OA 179 128.88 -14.87 -17.31
N THR OA 180 127.90 -15.77 -17.19
CA THR OA 180 127.48 -16.64 -18.28
C THR OA 180 126.21 -16.07 -18.93
N LYS OA 181 126.18 -16.00 -20.26
CA LYS OA 181 125.02 -15.50 -20.98
C LYS OA 181 123.85 -16.47 -20.87
N LEU OA 182 122.76 -16.02 -20.23
CA LEU OA 182 121.49 -16.74 -20.21
C LEU OA 182 120.57 -16.07 -21.22
N THR OA 183 119.78 -16.88 -21.95
CA THR OA 183 118.98 -16.36 -23.05
C THR OA 183 117.65 -17.09 -23.18
N GLU OA 184 116.67 -16.38 -23.75
CA GLU OA 184 115.33 -16.88 -23.98
C GLU OA 184 114.77 -16.15 -25.20
N GLY OA 185 113.94 -16.82 -26.01
CA GLY OA 185 113.37 -16.20 -27.19
C GLY OA 185 112.04 -16.83 -27.60
N SER OA 186 111.32 -16.12 -28.48
CA SER OA 186 110.01 -16.55 -28.95
C SER OA 186 109.69 -15.93 -30.31
N ARG OA 187 108.80 -16.57 -31.10
CA ARG OA 187 108.35 -16.06 -32.39
C ARG OA 187 106.83 -16.22 -32.55
N VAL OA 188 106.19 -15.24 -33.21
CA VAL OA 188 104.76 -15.19 -33.43
C VAL OA 188 104.50 -14.75 -34.88
N THR OA 189 103.55 -15.37 -35.58
CA THR OA 189 103.22 -14.92 -36.95
C THR OA 189 102.27 -13.72 -36.91
N ASP OA 190 102.26 -12.89 -37.96
CA ASP OA 190 101.41 -11.69 -38.00
C ASP OA 190 99.93 -12.00 -37.74
N GLU OA 191 99.42 -13.08 -38.35
CA GLU OA 191 98.03 -13.50 -38.24
C GLU OA 191 97.69 -13.92 -36.82
N MET OA 192 98.64 -14.58 -36.14
CA MET OA 192 98.45 -14.99 -34.76
C MET OA 192 98.49 -13.76 -33.84
N ARG OA 193 99.45 -12.86 -34.07
CA ARG OA 193 99.57 -11.60 -33.34
C ARG OA 193 98.28 -10.79 -33.46
N ASP OA 194 97.66 -10.76 -34.64
CA ASP OA 194 96.41 -10.08 -34.89
C ASP OA 194 95.22 -10.74 -34.18
N GLN OA 195 95.04 -12.05 -34.37
CA GLN OA 195 93.80 -12.73 -33.99
C GLN OA 195 93.70 -13.04 -32.49
N ALA OA 196 94.83 -13.21 -31.78
CA ALA OA 196 94.82 -13.44 -30.34
C ALA OA 196 94.05 -12.35 -29.58
N MET OA 197 93.33 -12.75 -28.53
CA MET OA 197 92.66 -11.78 -27.64
C MET OA 197 93.70 -11.00 -26.83
N VAL OA 198 94.67 -11.71 -26.25
CA VAL OA 198 95.76 -11.14 -25.47
C VAL OA 198 96.86 -10.59 -26.38
N ASP OA 199 97.67 -9.65 -25.88
CA ASP OA 199 98.87 -9.22 -26.57
C ASP OA 199 99.95 -10.28 -26.45
N LEU OA 200 100.16 -11.08 -27.51
CA LEU OA 200 101.14 -12.15 -27.50
C LEU OA 200 102.59 -11.64 -27.40
N ILE OA 201 102.88 -10.43 -27.90
CA ILE OA 201 104.22 -9.89 -27.74
C ILE OA 201 104.47 -9.54 -26.27
N GLU OA 202 103.50 -8.89 -25.62
CA GLU OA 202 103.64 -8.56 -24.20
C GLU OA 202 103.72 -9.82 -23.33
N ARG OA 203 102.89 -10.84 -23.61
CA ARG OA 203 102.98 -12.15 -22.94
C ARG OA 203 104.40 -12.72 -23.04
N ASN OA 204 104.99 -12.71 -24.25
CA ASN OA 204 106.30 -13.27 -24.50
C ASN OA 204 107.43 -12.43 -23.89
N ILE OA 205 107.32 -11.10 -23.91
CA ILE OA 205 108.29 -10.22 -23.24
C ILE OA 205 108.32 -10.52 -21.74
N GLN OA 206 107.15 -10.60 -21.10
CA GLN OA 206 107.06 -10.91 -19.68
C GLN OA 206 107.61 -12.31 -19.38
N ARG OA 207 107.34 -13.30 -20.24
CA ARG OA 207 107.92 -14.64 -20.10
C ARG OA 207 109.45 -14.60 -20.21
N VAL OA 208 109.99 -13.88 -21.19
CA VAL OA 208 111.42 -13.74 -21.38
C VAL OA 208 112.07 -13.12 -20.14
N GLY OA 209 111.51 -12.03 -19.61
CA GLY OA 209 111.97 -11.42 -18.38
C GLY OA 209 111.94 -12.37 -17.19
N ALA OA 210 110.81 -13.04 -16.97
CA ALA OA 210 110.63 -14.01 -15.88
C ALA OA 210 111.62 -15.18 -15.99
N SER OA 211 111.87 -15.66 -17.21
CA SER OA 211 112.78 -16.76 -17.48
C SER OA 211 114.24 -16.40 -17.13
N LEU OA 212 114.64 -15.16 -17.41
CA LEU OA 212 115.94 -14.64 -17.02
C LEU OA 212 116.05 -14.44 -15.51
N GLU OA 213 115.01 -13.91 -14.84
CA GLU OA 213 115.00 -13.81 -13.39
C GLU OA 213 115.13 -15.19 -12.73
N ASN OA 214 114.42 -16.21 -13.23
CA ASN OA 214 114.59 -17.57 -12.74
C ASN OA 214 116.03 -18.06 -12.93
N GLY OA 215 116.66 -17.72 -14.06
CA GLY OA 215 118.07 -18.00 -14.31
C GLY OA 215 119.00 -17.39 -13.26
N ILE OA 216 118.84 -16.09 -12.95
CA ILE OA 216 119.61 -15.43 -11.89
C ILE OA 216 119.44 -16.18 -10.58
N ASN OA 217 118.19 -16.48 -10.22
CA ASN OA 217 117.85 -17.14 -8.96
C ASN OA 217 118.46 -18.54 -8.86
N ARG OA 218 118.52 -19.31 -9.96
CA ARG OA 218 119.19 -20.61 -9.98
C ARG OA 218 120.69 -20.46 -9.70
N VAL OA 219 121.34 -19.51 -10.37
CA VAL OA 219 122.77 -19.27 -10.20
C VAL OA 219 123.08 -18.86 -8.75
N PHE OA 220 122.33 -17.91 -8.21
CA PHE OA 220 122.42 -17.48 -6.83
C PHE OA 220 122.26 -18.64 -5.84
N LEU OA 221 121.15 -19.37 -5.89
CA LEU OA 221 120.86 -20.41 -4.91
C LEU OA 221 121.85 -21.56 -4.98
N THR OA 222 122.33 -21.90 -6.19
CA THR OA 222 123.30 -22.98 -6.35
C THR OA 222 124.64 -22.60 -5.74
N GLU OA 223 125.10 -21.35 -5.92
CA GLU OA 223 126.30 -20.87 -5.24
C GLU OA 223 126.10 -20.86 -3.71
N LEU OA 224 125.00 -20.26 -3.27
CA LEU OA 224 124.69 -20.05 -1.87
C LEU OA 224 124.72 -21.37 -1.08
N VAL OA 225 124.07 -22.41 -1.61
CA VAL OA 225 123.96 -23.72 -0.97
C VAL OA 225 125.25 -24.52 -1.06
N ASP OA 226 125.91 -24.55 -2.23
CA ASP OA 226 127.08 -25.41 -2.41
C ASP OA 226 128.31 -24.93 -1.65
N ASN OA 227 128.51 -23.60 -1.56
CA ASN OA 227 129.79 -23.02 -1.16
C ASN OA 227 129.81 -22.40 0.24
N ALA OA 228 128.71 -22.49 0.99
CA ALA OA 228 128.69 -22.21 2.42
C ALA OA 228 129.68 -23.12 3.16
N GLN OA 229 130.49 -22.56 4.08
CA GLN OA 229 131.57 -23.30 4.72
C GLN OA 229 131.21 -23.89 6.08
N ASN OA 230 130.26 -23.31 6.79
CA ASN OA 230 129.73 -23.91 8.01
C ASN OA 230 128.50 -24.76 7.73
N ASN OA 231 128.17 -25.66 8.67
CA ASN OA 231 127.02 -26.54 8.53
C ASN OA 231 126.51 -26.95 9.91
N HIS OA 232 125.24 -26.64 10.22
CA HIS OA 232 124.58 -27.21 11.37
C HIS OA 232 123.82 -28.48 10.96
N ASP OA 233 124.43 -29.64 11.23
CA ASP OA 233 123.74 -30.90 11.07
C ASP OA 233 122.72 -31.08 12.20
N THR OA 234 121.44 -31.15 11.86
CA THR OA 234 120.39 -31.34 12.85
C THR OA 234 120.26 -32.79 13.29
N ALA OA 235 120.63 -33.75 12.43
CA ALA OA 235 120.47 -35.18 12.64
C ALA OA 235 119.04 -35.53 13.10
N GLY OA 236 118.02 -35.13 12.32
CA GLY OA 236 116.65 -35.13 12.80
C GLY OA 236 116.47 -34.13 13.94
N SER OA 237 115.83 -34.53 15.04
CA SER OA 237 115.81 -33.75 16.28
C SER OA 237 115.24 -32.33 16.13
N ASN OA 238 115.95 -31.29 16.61
CA ASN OA 238 115.36 -29.99 16.93
C ASN OA 238 115.48 -29.03 15.75
N GLN OA 239 114.69 -29.28 14.70
CA GLN OA 239 114.93 -28.69 13.38
C GLN OA 239 114.34 -27.28 13.20
N GLY OA 240 113.59 -26.77 14.19
CA GLY OA 240 112.98 -25.45 14.12
C GLY OA 240 113.94 -24.32 14.50
N TYR OA 241 113.49 -23.43 15.39
CA TYR OA 241 114.28 -22.31 15.90
C TYR OA 241 115.65 -22.75 16.43
N GLN OA 242 115.75 -23.88 17.15
CA GLN OA 242 117.03 -24.33 17.68
C GLN OA 242 118.07 -24.57 16.58
N ALA OA 243 117.65 -25.10 15.43
CA ALA OA 243 118.56 -25.30 14.30
C ALA OA 243 118.98 -23.96 13.70
N LEU OA 244 118.03 -23.04 13.52
CA LEU OA 244 118.29 -21.71 12.96
C LEU OA 244 119.24 -20.92 13.86
N ASN OA 245 119.01 -20.96 15.17
CA ASN OA 245 119.87 -20.38 16.20
C ASN OA 245 121.26 -21.03 16.23
N SER OA 246 121.33 -22.36 16.14
CA SER OA 246 122.61 -23.06 16.09
C SER OA 246 123.39 -22.73 14.82
N ALA OA 247 122.71 -22.54 13.68
CA ALA OA 247 123.34 -22.12 12.44
C ALA OA 247 123.94 -20.71 12.56
N VAL OA 248 123.25 -19.78 13.23
CA VAL OA 248 123.85 -18.49 13.58
C VAL OA 248 125.09 -18.71 14.46
N GLY OA 249 125.00 -19.58 15.47
CA GLY OA 249 126.13 -19.93 16.32
C GLY OA 249 127.35 -20.44 15.54
N GLU OA 250 127.14 -21.31 14.53
CA GLU OA 250 128.22 -21.82 13.70
C GLU OA 250 128.91 -20.70 12.89
N VAL OA 251 128.17 -19.70 12.41
CA VAL OA 251 128.76 -18.55 11.73
C VAL OA 251 129.50 -17.66 12.73
N ASP OA 252 128.90 -17.40 13.89
CA ASP OA 252 129.46 -16.59 14.98
C ASP OA 252 130.79 -17.15 15.49
N LYS OA 253 130.94 -18.47 15.51
CA LYS OA 253 132.19 -19.15 15.85
C LYS OA 253 133.33 -18.89 14.86
N ASP OA 254 133.01 -18.47 13.63
CA ASP OA 254 134.00 -18.02 12.66
C ASP OA 254 134.05 -16.48 12.58
N ASP OA 255 133.54 -15.77 13.59
CA ASP OA 255 133.67 -14.33 13.77
C ASP OA 255 132.96 -13.48 12.69
N PHE OA 256 132.12 -14.09 11.85
CA PHE OA 256 131.20 -13.37 10.99
C PHE OA 256 129.84 -13.20 11.67
N ARG OA 257 128.93 -12.40 11.07
CA ARG OA 257 127.63 -12.11 11.68
C ARG OA 257 126.55 -12.13 10.61
N PRO OA 258 125.72 -13.21 10.53
CA PRO OA 258 124.72 -13.34 9.47
C PRO OA 258 123.50 -12.46 9.74
N ASP OA 259 122.73 -12.18 8.69
CA ASP OA 259 121.56 -11.31 8.78
C ASP OA 259 120.38 -11.79 7.92
N THR OA 260 120.54 -12.90 7.20
CA THR OA 260 119.57 -13.33 6.21
C THR OA 260 119.50 -14.85 6.21
N TYR OA 261 118.33 -15.41 5.88
CA TYR OA 261 118.25 -16.83 5.60
C TYR OA 261 117.39 -17.14 4.39
N VAL OA 262 117.83 -18.14 3.63
CA VAL OA 262 117.18 -18.65 2.44
C VAL OA 262 116.70 -20.06 2.76
N THR OA 263 115.46 -20.39 2.35
CA THR OA 263 114.77 -21.53 2.93
C THR OA 263 114.00 -22.33 1.88
N HIS OA 264 114.07 -23.67 1.95
CA HIS OA 264 113.31 -24.62 1.13
C HIS OA 264 111.87 -24.79 1.66
N PRO OA 265 110.84 -25.13 0.84
CA PRO OA 265 109.48 -25.34 1.34
C PRO OA 265 109.33 -26.40 2.43
N ASP OA 266 110.12 -27.48 2.40
CA ASP OA 266 110.10 -28.47 3.46
C ASP OA 266 110.60 -27.87 4.77
N TYR OA 267 111.69 -27.09 4.71
CA TYR OA 267 112.22 -26.45 5.91
C TYR OA 267 111.19 -25.48 6.49
N ARG OA 268 110.58 -24.62 5.66
CA ARG OA 268 109.52 -23.73 6.13
C ARG OA 268 108.42 -24.51 6.86
N THR OA 269 108.03 -25.65 6.31
CA THR OA 269 106.99 -26.48 6.89
C THR OA 269 107.37 -26.95 8.30
N GLN OA 270 108.60 -27.44 8.49
CA GLN OA 270 109.10 -27.80 9.80
C GLN OA 270 109.17 -26.57 10.74
N LEU OA 271 109.72 -25.45 10.26
CA LEU OA 271 109.88 -24.25 11.06
C LEU OA 271 108.54 -23.75 11.62
N PHE OA 272 107.45 -23.82 10.85
CA PHE OA 272 106.15 -23.39 11.32
C PHE OA 272 105.39 -24.44 12.14
N ASN OA 273 105.85 -25.70 12.17
CA ASN OA 273 105.38 -26.69 13.13
C ASN OA 273 106.00 -26.48 14.52
N ASP OA 274 107.13 -25.77 14.61
CA ASP OA 274 107.86 -25.60 15.86
C ASP OA 274 106.99 -24.91 16.90
N THR OA 275 106.80 -25.59 18.04
CA THR OA 275 106.12 -25.09 19.22
C THR OA 275 106.52 -23.66 19.60
N ASN OA 276 107.79 -23.30 19.46
CA ASN OA 276 108.25 -21.96 19.85
C ASN OA 276 107.72 -20.85 18.93
N LEU OA 277 107.39 -21.18 17.68
CA LEU OA 277 106.80 -20.25 16.72
C LEU OA 277 105.28 -20.41 16.65
N ALA OA 278 104.78 -21.64 16.78
CA ALA OA 278 103.38 -21.99 16.59
C ALA OA 278 102.51 -21.53 17.76
N TYR OA 279 102.95 -21.76 19.01
CA TYR OA 279 102.17 -21.33 20.17
C TYR OA 279 102.37 -19.84 20.40
N ALA OA 280 101.28 -19.07 20.38
CA ALA OA 280 101.33 -17.61 20.38
C ALA OA 280 102.18 -17.04 21.52
N ASN OA 281 101.96 -17.48 22.77
CA ASN OA 281 102.69 -16.89 23.88
C ASN OA 281 104.10 -17.47 24.08
N ARG OA 282 104.47 -18.54 23.36
CA ARG OA 282 105.88 -18.89 23.20
C ARG OA 282 106.56 -17.85 22.29
N ALA OA 283 105.95 -17.54 21.13
CA ALA OA 283 106.47 -16.59 20.15
C ALA OA 283 106.32 -15.12 20.57
N GLY OA 284 105.44 -14.82 21.53
CA GLY OA 284 105.07 -13.46 21.88
C GLY OA 284 104.09 -12.80 20.90
N THR OA 285 103.50 -13.59 20.00
CA THR OA 285 102.54 -13.14 19.00
C THR OA 285 101.92 -14.35 18.31
N ASN OA 286 100.61 -14.28 17.98
CA ASN OA 286 99.97 -15.34 17.23
C ASN OA 286 100.15 -15.23 15.72
N GLU OA 287 100.85 -14.20 15.23
CA GLU OA 287 100.83 -13.94 13.79
C GLU OA 287 101.56 -14.99 12.94
N VAL OA 288 102.44 -15.81 13.51
CA VAL OA 288 102.97 -16.97 12.78
C VAL OA 288 101.90 -18.06 12.61
N LEU OA 289 101.11 -18.34 13.67
CA LEU OA 289 99.97 -19.25 13.58
C LEU OA 289 98.97 -18.76 12.53
N ARG OA 290 98.66 -17.45 12.55
CA ARG OA 290 97.69 -16.86 11.63
C ARG OA 290 98.20 -16.77 10.20
N ASN OA 291 99.37 -16.13 9.99
CA ASN OA 291 99.79 -15.67 8.68
C ASN OA 291 101.03 -16.39 8.12
N ARG OA 292 101.58 -17.39 8.82
CA ARG OA 292 102.64 -18.25 8.32
C ARG OA 292 103.89 -17.45 7.93
N GLU OA 293 104.40 -17.61 6.69
CA GLU OA 293 105.58 -16.91 6.20
C GLU OA 293 105.40 -15.39 6.12
N ASP OA 294 104.14 -14.91 6.07
CA ASP OA 294 103.83 -13.49 5.95
C ASP OA 294 103.86 -12.76 7.30
N ALA OA 295 104.14 -13.50 8.39
CA ALA OA 295 104.28 -12.97 9.75
C ALA OA 295 105.60 -12.20 9.91
N PRO OA 296 105.61 -10.99 10.53
CA PRO OA 296 106.83 -10.23 10.77
C PRO OA 296 107.96 -10.97 11.49
N ILE OA 297 107.65 -11.88 12.42
CA ILE OA 297 108.63 -12.67 13.15
C ILE OA 297 109.50 -13.51 12.21
N VAL OA 298 108.93 -14.02 11.12
CA VAL OA 298 109.66 -14.91 10.22
C VAL OA 298 110.80 -14.15 9.54
N GLY OA 299 110.60 -12.86 9.27
CA GLY OA 299 111.65 -11.97 8.79
C GLY OA 299 112.47 -11.29 9.88
N ASP OA 300 112.37 -11.75 11.15
CA ASP OA 300 112.97 -11.08 12.30
C ASP OA 300 113.22 -12.11 13.41
N ILE OA 301 114.07 -13.11 13.14
CA ILE OA 301 114.28 -14.25 14.02
C ILE OA 301 115.78 -14.53 14.19
N ALA OA 302 116.20 -14.90 15.42
CA ALA OA 302 117.57 -15.28 15.73
C ALA OA 302 118.61 -14.21 15.33
N GLY OA 303 118.21 -12.92 15.30
CA GLY OA 303 119.09 -11.83 14.93
C GLY OA 303 119.13 -11.54 13.43
N LEU OA 304 118.54 -12.42 12.61
CA LEU OA 304 118.39 -12.22 11.18
C LEU OA 304 117.28 -11.19 10.92
N ASP OA 305 117.38 -10.43 9.83
CA ASP OA 305 116.43 -9.37 9.52
C ASP OA 305 115.86 -9.46 8.09
N MET OA 306 116.13 -10.57 7.41
CA MET OA 306 115.45 -10.88 6.16
C MET OA 306 115.24 -12.40 6.05
N HIS OA 307 114.04 -12.79 5.62
CA HIS OA 307 113.79 -14.13 5.16
C HIS OA 307 113.54 -14.10 3.66
N ALA OA 308 114.34 -14.88 2.92
CA ALA OA 308 114.24 -15.01 1.48
C ALA OA 308 113.72 -16.42 1.14
N ALA OA 309 112.39 -16.59 1.14
CA ALA OA 309 111.78 -17.88 0.83
C ALA OA 309 112.05 -18.27 -0.63
N MET OA 310 112.54 -19.49 -0.87
CA MET OA 310 112.81 -19.96 -2.22
C MET OA 310 112.06 -21.25 -2.56
N SER OA 311 111.84 -21.46 -3.87
CA SER OA 311 111.13 -22.59 -4.43
C SER OA 311 112.05 -23.81 -4.60
N SER OA 312 111.45 -25.01 -4.64
CA SER OA 312 112.21 -26.26 -4.72
C SER OA 312 112.91 -26.43 -6.07
N ALA OA 313 112.28 -25.96 -7.15
CA ALA OA 313 112.77 -26.14 -8.51
C ALA OA 313 114.01 -25.29 -8.83
N THR OA 314 114.31 -24.29 -8.00
CA THR OA 314 115.28 -23.26 -8.35
C THR OA 314 116.72 -23.79 -8.30
N TYR OA 315 117.04 -24.68 -7.37
CA TYR OA 315 118.39 -25.24 -7.25
C TYR OA 315 118.76 -26.08 -8.47
N ASP OA 316 120.03 -26.05 -8.86
CA ASP OA 316 120.49 -26.73 -10.06
C ASP OA 316 120.73 -28.23 -9.84
N ASP OA 317 119.75 -29.05 -10.25
CA ASP OA 317 119.86 -30.50 -10.22
C ASP OA 317 120.78 -31.05 -11.32
N GLY OA 318 121.18 -30.24 -12.30
CA GLY OA 318 121.94 -30.72 -13.45
C GLY OA 318 121.10 -31.50 -14.47
N THR OA 319 119.76 -31.43 -14.35
CA THR OA 319 118.82 -32.13 -15.22
C THR OA 319 118.55 -31.38 -16.53
N ASP OA 320 118.95 -30.11 -16.60
CA ASP OA 320 118.52 -29.19 -17.66
C ASP OA 320 119.67 -28.87 -18.60
N ILE OA 321 119.36 -28.67 -19.89
CA ILE OA 321 120.39 -28.53 -20.91
C ILE OA 321 121.20 -27.25 -20.67
N GLY OA 322 122.54 -27.39 -20.64
CA GLY OA 322 123.44 -26.28 -20.41
C GLY OA 322 123.77 -26.04 -18.93
N TRP OA 323 123.05 -26.69 -18.02
CA TRP OA 323 123.28 -26.59 -16.58
C TRP OA 323 123.98 -27.85 -16.05
N SER OA 324 125.08 -27.67 -15.32
CA SER OA 324 125.78 -28.76 -14.63
C SER OA 324 125.52 -28.68 -13.13
N GLY OA 325 124.99 -29.75 -12.53
CA GLY OA 325 124.33 -29.66 -11.24
C GLY OA 325 125.25 -29.27 -10.08
N GLY OA 326 124.65 -28.72 -9.03
CA GLY OA 326 125.34 -28.44 -7.77
C GLY OA 326 125.71 -29.69 -6.99
N SER OA 327 126.54 -29.52 -5.95
CA SER OA 327 127.12 -30.60 -5.15
C SER OA 327 126.14 -31.18 -4.11
N GLU OA 328 125.14 -30.39 -3.67
CA GLU OA 328 124.26 -30.74 -2.57
C GLU OA 328 122.90 -31.30 -3.04
N THR OA 329 122.05 -31.68 -2.08
CA THR OA 329 120.62 -31.83 -2.34
C THR OA 329 119.88 -30.71 -1.62
N TRP OA 330 119.21 -29.84 -2.39
CA TRP OA 330 118.34 -28.82 -1.85
C TRP OA 330 117.00 -29.46 -1.47
N GLY OA 331 116.68 -29.45 -0.18
CA GLY OA 331 115.52 -30.17 0.34
C GLY OA 331 115.58 -30.26 1.86
N PHE OA 332 114.55 -30.80 2.49
CA PHE OA 332 114.59 -31.00 3.93
C PHE OA 332 113.68 -32.13 4.37
N SER OA 333 113.88 -33.32 3.76
CA SER OA 333 112.98 -34.43 4.02
C SER OA 333 113.66 -35.80 4.00
N SER OA 334 114.99 -35.83 3.83
CA SER OA 334 115.77 -37.06 3.93
C SER OA 334 117.15 -36.78 4.50
N ASP OA 335 117.76 -37.82 5.08
CA ASP OA 335 119.05 -37.78 5.74
C ASP OA 335 120.12 -37.13 4.85
N GLY OA 336 120.61 -35.94 5.25
CA GLY OA 336 121.71 -35.26 4.59
C GLY OA 336 121.31 -34.09 3.68
N ASP OA 337 120.00 -33.84 3.44
CA ASP OA 337 119.56 -32.69 2.65
C ASP OA 337 119.94 -31.34 3.28
N LYS OA 338 120.24 -30.33 2.46
CA LYS OA 338 120.44 -28.95 2.91
C LYS OA 338 119.15 -28.18 2.70
N GLY OA 339 118.52 -27.69 3.79
CA GLY OA 339 117.17 -27.13 3.74
C GLY OA 339 117.08 -25.63 3.95
N ALA OA 340 118.10 -25.03 4.58
CA ALA OA 340 118.16 -23.59 4.76
C ALA OA 340 119.62 -23.16 4.74
N VAL OA 341 119.88 -21.90 4.35
CA VAL OA 341 121.19 -21.28 4.50
C VAL OA 341 121.03 -20.02 5.33
N VAL OA 342 121.82 -19.89 6.39
CA VAL OA 342 121.89 -18.70 7.23
C VAL OA 342 123.18 -17.97 6.88
N TYR OA 343 123.13 -16.68 6.52
CA TYR OA 343 124.27 -16.02 5.92
C TYR OA 343 124.22 -14.49 6.06
N ASP OA 344 125.34 -13.84 5.75
CA ASP OA 344 125.41 -12.38 5.61
C ASP OA 344 125.16 -12.00 4.16
N ARG OA 345 124.10 -11.23 3.92
CA ARG OA 345 123.65 -10.72 2.63
C ARG OA 345 124.74 -9.99 1.85
N ASP OA 346 125.72 -9.39 2.55
CA ASP OA 346 126.77 -8.58 1.95
C ASP OA 346 128.01 -9.40 1.55
N ASN OA 347 128.13 -10.65 2.01
CA ASN OA 347 129.28 -11.50 1.74
C ASN OA 347 129.08 -12.45 0.55
N ILE OA 348 127.93 -12.39 -0.13
CA ILE OA 348 127.69 -13.12 -1.37
C ILE OA 348 127.18 -12.14 -2.43
N HIS OA 349 127.77 -12.23 -3.62
CA HIS OA 349 127.53 -11.28 -4.70
C HIS OA 349 126.86 -11.97 -5.87
N THR OA 350 125.73 -11.42 -6.32
CA THR OA 350 125.26 -11.69 -7.66
C THR OA 350 125.94 -10.69 -8.59
N ILE OA 351 126.72 -11.20 -9.55
CA ILE OA 351 127.41 -10.34 -10.49
C ILE OA 351 126.63 -10.38 -11.80
N LEU OA 352 126.16 -9.21 -12.23
CA LEU OA 352 125.44 -9.07 -13.49
C LEU OA 352 126.29 -8.28 -14.48
N TYR OA 353 126.32 -8.74 -15.73
CA TYR OA 353 126.96 -8.01 -16.81
C TYR OA 353 126.01 -7.89 -18.00
N ALA OA 354 125.97 -6.70 -18.61
CA ALA OA 354 125.27 -6.47 -19.86
C ALA OA 354 126.11 -5.55 -20.75
N PRO OA 355 126.25 -5.83 -22.06
CA PRO OA 355 127.05 -4.97 -22.94
C PRO OA 355 126.38 -3.64 -23.28
N ASN OA 356 125.04 -3.61 -23.34
CA ASN OA 356 124.29 -2.46 -23.86
C ASN OA 356 123.57 -1.66 -22.75
N GLY OA 357 123.86 -1.95 -21.48
CA GLY OA 357 123.23 -1.24 -20.38
C GLY OA 357 123.63 -1.78 -19.01
N GLN OA 358 122.72 -1.67 -18.04
CA GLN OA 358 122.98 -2.06 -16.66
C GLN OA 358 122.51 -3.50 -16.38
N ASP OA 359 121.46 -3.93 -17.10
CA ASP OA 359 120.64 -5.07 -16.72
C ASP OA 359 120.13 -5.82 -17.96
N VAL OA 360 119.14 -6.73 -17.79
CA VAL OA 360 118.51 -7.50 -18.86
C VAL OA 360 118.17 -6.65 -20.07
N GLU OA 361 118.62 -7.08 -21.25
CA GLU OA 361 118.26 -6.44 -22.51
C GLU OA 361 117.26 -7.32 -23.26
N ILE OA 362 116.13 -6.72 -23.63
CA ILE OA 362 115.14 -7.35 -24.48
C ILE OA 362 115.19 -6.70 -25.85
N LYS OA 363 115.28 -7.53 -26.90
CA LYS OA 363 115.28 -7.11 -28.29
C LYS OA 363 114.09 -7.72 -29.01
N ASP OA 364 113.61 -7.02 -30.05
CA ASP OA 364 112.60 -7.56 -30.94
C ASP OA 364 113.03 -7.36 -32.39
N TYR OA 365 112.47 -8.19 -33.28
CA TYR OA 365 112.78 -8.12 -34.70
C TYR OA 365 111.58 -8.56 -35.52
N GLU OA 366 111.55 -8.12 -36.78
CA GLU OA 366 110.45 -8.41 -37.69
C GLU OA 366 111.03 -8.99 -38.98
N ASP OA 367 110.34 -10.00 -39.50
CA ASP OA 367 110.74 -10.72 -40.69
C ASP OA 367 109.71 -10.45 -41.78
N PRO OA 368 110.00 -9.57 -42.76
CA PRO OA 368 109.06 -9.27 -43.84
C PRO OA 368 109.01 -10.32 -44.95
N ILE OA 369 109.91 -11.33 -44.93
CA ILE OA 369 109.90 -12.43 -45.88
C ILE OA 369 108.92 -13.52 -45.43
N ARG OA 370 108.73 -13.68 -44.11
CA ARG OA 370 107.91 -14.74 -43.53
C ARG OA 370 106.73 -14.22 -42.69
N ASP OA 371 106.62 -12.91 -42.46
CA ASP OA 371 105.61 -12.28 -41.62
C ASP OA 371 105.64 -12.84 -40.18
N ILE OA 372 106.82 -12.78 -39.57
CA ILE OA 372 107.04 -13.23 -38.20
C ILE OA 372 107.64 -12.09 -37.38
N THR OA 373 107.17 -11.91 -36.14
CA THR OA 373 107.85 -11.08 -35.15
C THR OA 373 108.54 -12.02 -34.17
N GLY OA 374 109.80 -11.71 -33.85
CA GLY OA 374 110.51 -12.41 -32.79
C GLY OA 374 110.87 -11.47 -31.63
N VAL OA 375 111.01 -12.07 -30.44
CA VAL OA 375 111.42 -11.38 -29.23
C VAL OA 375 112.49 -12.23 -28.55
N ASN OA 376 113.58 -11.59 -28.11
CA ASN OA 376 114.69 -12.24 -27.44
C ASN OA 376 115.03 -11.49 -26.16
N GLY OA 377 115.50 -12.20 -25.14
CA GLY OA 377 116.13 -11.58 -23.99
C GLY OA 377 117.49 -12.22 -23.70
N ARG OA 378 118.36 -11.44 -23.05
CA ARG OA 378 119.69 -11.86 -22.65
C ARG OA 378 120.11 -11.14 -21.37
N LEU OA 379 120.97 -11.80 -20.61
CA LEU OA 379 121.70 -11.20 -19.51
C LEU OA 379 122.90 -12.10 -19.22
N HIS OA 380 124.00 -11.55 -18.68
CA HIS OA 380 125.08 -12.40 -18.18
C HIS OA 380 125.06 -12.38 -16.67
N VAL OA 381 125.21 -13.55 -16.03
CA VAL OA 381 125.17 -13.63 -14.58
C VAL OA 381 126.22 -14.61 -14.06
N ASP OA 382 126.80 -14.28 -12.89
CA ASP OA 382 127.53 -15.19 -12.04
C ASP OA 382 127.16 -14.91 -10.58
N CYS OA 383 127.46 -15.82 -9.65
CA CYS OA 383 127.29 -15.55 -8.24
C CYS OA 383 128.48 -16.12 -7.46
N GLN OA 384 129.06 -15.33 -6.53
CA GLN OA 384 130.25 -15.73 -5.80
C GLN OA 384 130.19 -15.28 -4.34
N TYR OA 385 130.59 -16.14 -3.40
CA TYR OA 385 130.90 -15.71 -2.04
C TYR OA 385 132.26 -15.00 -1.98
N SER OA 386 132.34 -13.88 -1.21
CA SER OA 386 133.61 -13.35 -0.74
C SER OA 386 134.18 -14.19 0.40
N GLN OA 387 133.30 -14.52 1.37
CA GLN OA 387 133.63 -15.21 2.59
C GLN OA 387 132.59 -16.31 2.81
N GLY OA 388 132.88 -17.52 2.34
CA GLY OA 388 131.97 -18.66 2.54
C GLY OA 388 131.79 -19.05 4.01
N ARG OA 389 132.74 -18.69 4.88
CA ARG OA 389 132.65 -18.83 6.32
C ARG OA 389 131.53 -17.96 6.92
N SER OA 390 131.10 -16.94 6.20
CA SER OA 390 130.02 -16.06 6.62
C SER OA 390 128.64 -16.70 6.50
N SER OA 391 128.55 -18.00 6.19
CA SER OA 391 127.28 -18.70 6.05
C SER OA 391 127.35 -20.13 6.57
N ALA OA 392 126.17 -20.64 6.96
CA ALA OA 392 125.98 -22.01 7.41
C ALA OA 392 124.76 -22.61 6.73
N THR OA 393 124.88 -23.83 6.20
CA THR OA 393 123.69 -24.59 5.85
C THR OA 393 123.09 -25.23 7.10
N VAL OA 394 121.77 -25.43 7.08
CA VAL OA 394 121.08 -26.31 8.03
C VAL OA 394 120.82 -27.62 7.29
N GLN OA 395 121.19 -28.74 7.92
CA GLN OA 395 121.14 -30.05 7.29
C GLN OA 395 120.21 -31.00 8.06
N TYR OA 396 119.45 -31.81 7.34
CA TYR OA 396 118.53 -32.79 7.89
C TYR OA 396 119.23 -34.03 8.46
N GLU PA 115 39.47 -21.94 19.41
CA GLU PA 115 40.39 -21.00 18.66
C GLU PA 115 41.07 -21.75 17.50
N GLN PA 116 41.68 -20.98 16.59
CA GLN PA 116 42.37 -21.49 15.41
C GLN PA 116 43.60 -22.33 15.78
N LEU PA 117 43.86 -23.40 15.02
CA LEU PA 117 45.01 -24.28 15.14
C LEU PA 117 46.33 -23.59 14.76
N LEU PA 118 47.48 -24.22 15.11
CA LEU PA 118 48.81 -23.69 14.88
C LEU PA 118 49.11 -23.53 13.38
N GLU PA 119 49.36 -22.29 12.95
CA GLU PA 119 49.61 -21.94 11.56
C GLU PA 119 51.11 -22.10 11.23
N VAL PA 120 51.73 -23.25 11.53
CA VAL PA 120 53.20 -23.38 11.52
C VAL PA 120 53.69 -24.67 10.86
N VAL PA 121 54.94 -24.62 10.36
CA VAL PA 121 55.70 -25.77 9.89
C VAL PA 121 57.11 -25.71 10.47
N MET PA 122 57.60 -26.83 10.96
CA MET PA 122 58.95 -26.93 11.47
C MET PA 122 59.90 -27.37 10.36
N GLU PA 123 61.05 -26.69 10.24
CA GLU PA 123 61.99 -26.93 9.15
C GLU PA 123 62.74 -28.26 9.29
N GLY PA 124 63.18 -28.81 8.15
CA GLY PA 124 64.13 -29.91 8.14
C GLY PA 124 65.58 -29.45 8.25
N ARG PA 125 66.52 -30.40 8.09
CA ARG PA 125 67.95 -30.15 8.04
C ARG PA 125 68.29 -29.20 6.88
N GLU PA 126 69.14 -28.19 7.16
CA GLU PA 126 69.65 -27.27 6.14
C GLU PA 126 71.16 -27.42 5.96
N LEU PA 127 71.60 -27.70 4.72
CA LEU PA 127 73.02 -27.90 4.44
C LEU PA 127 73.75 -26.57 4.25
N ARG PA 128 75.07 -26.58 4.50
CA ARG PA 128 75.93 -25.40 4.41
C ARG PA 128 76.26 -25.09 2.95
N LYS PA 129 76.06 -23.82 2.56
CA LYS PA 129 76.19 -23.35 1.19
C LYS PA 129 77.30 -22.29 1.12
N VAL PA 130 78.41 -22.60 0.43
CA VAL PA 130 79.61 -21.78 0.48
C VAL PA 130 80.29 -21.58 -0.88
N ALA PA 131 79.98 -22.38 -1.90
CA ALA PA 131 80.71 -22.44 -3.17
C ALA PA 131 80.85 -21.09 -3.89
N ARG PA 132 79.84 -20.22 -3.82
CA ARG PA 132 79.85 -18.91 -4.48
C ARG PA 132 80.90 -17.97 -3.87
N GLU PA 133 81.20 -18.15 -2.57
CA GLU PA 133 82.18 -17.38 -1.84
C GLU PA 133 83.56 -18.05 -1.91
N ALA PA 134 83.59 -19.38 -1.80
CA ALA PA 134 84.79 -20.20 -1.66
C ALA PA 134 85.49 -20.55 -2.98
N SER PA 135 85.06 -19.98 -4.12
CA SER PA 135 85.67 -20.22 -5.42
C SER PA 135 85.55 -18.97 -6.30
N ASN PA 136 86.32 -18.92 -7.39
CA ASN PA 136 86.09 -17.89 -8.40
C ASN PA 136 84.83 -18.23 -9.19
N VAL PA 137 83.82 -17.35 -9.18
CA VAL PA 137 82.58 -17.60 -9.92
C VAL PA 137 82.62 -16.89 -11.27
N ILE PA 138 82.41 -17.66 -12.33
CA ILE PA 138 82.28 -17.14 -13.69
C ILE PA 138 80.79 -17.18 -14.06
N ASN PA 139 80.21 -16.03 -14.42
CA ASN PA 139 78.88 -16.01 -15.02
C ASN PA 139 79.02 -16.12 -16.54
N ALA PA 140 79.02 -17.35 -17.05
CA ALA PA 140 79.30 -17.65 -18.44
C ALA PA 140 78.21 -17.13 -19.38
N ASN PA 141 78.61 -16.73 -20.59
CA ASN PA 141 77.70 -16.36 -21.66
C ASN PA 141 77.20 -17.58 -22.43
N THR PA 142 77.90 -18.72 -22.33
CA THR PA 142 77.53 -19.95 -23.02
C THR PA 142 77.68 -21.15 -22.10
N ARG PA 143 76.81 -22.14 -22.32
CA ARG PA 143 76.65 -23.35 -21.53
C ARG PA 143 77.90 -24.24 -21.60
N VAL PA 144 78.65 -24.13 -22.71
CA VAL PA 144 79.97 -24.73 -22.91
C VAL PA 144 80.97 -23.62 -23.24
N GLY PA 145 82.24 -23.80 -22.87
CA GLY PA 145 83.25 -22.78 -23.09
C GLY PA 145 84.64 -23.24 -22.68
N ASP PA 146 85.62 -22.34 -22.78
CA ASP PA 146 87.01 -22.63 -22.43
C ASP PA 146 87.65 -21.49 -21.65
N VAL PA 147 88.49 -21.85 -20.66
CA VAL PA 147 89.39 -20.93 -19.99
C VAL PA 147 90.80 -21.19 -20.52
N PRO PA 148 91.50 -20.20 -21.11
CA PRO PA 148 92.86 -20.41 -21.60
C PRO PA 148 93.90 -20.39 -20.47
N ILE PA 149 94.89 -21.29 -20.58
CA ILE PA 149 95.91 -21.52 -19.57
C ILE PA 149 97.29 -21.35 -20.24
N ALA PA 150 98.19 -20.60 -19.60
CA ALA PA 150 99.56 -20.46 -20.07
C ALA PA 150 100.48 -21.56 -19.49
N SER PA 151 101.54 -21.91 -20.24
CA SER PA 151 102.56 -22.84 -19.76
C SER PA 151 103.30 -22.30 -18.53
N ASP PA 152 103.93 -23.19 -17.75
CA ASP PA 152 104.74 -22.82 -16.59
C ASP PA 152 105.93 -21.92 -16.99
N GLU PA 153 106.43 -21.16 -16.01
CA GLU PA 153 107.71 -20.49 -16.12
C GLU PA 153 108.85 -21.50 -16.33
N GLU PA 154 109.88 -21.09 -17.08
CA GLU PA 154 111.09 -21.90 -17.25
C GLU PA 154 112.33 -21.10 -16.85
N PHE PA 155 113.52 -21.66 -17.15
CA PHE PA 155 114.80 -21.00 -16.90
C PHE PA 155 115.48 -20.67 -18.22
N ALA PA 156 115.97 -19.43 -18.36
CA ALA PA 156 116.74 -19.02 -19.53
C ALA PA 156 118.01 -19.86 -19.64
N ARG PA 157 118.29 -20.42 -20.83
CA ARG PA 157 119.39 -21.38 -20.98
C ARG PA 157 120.74 -20.69 -21.21
N PRO PA 158 121.86 -21.25 -20.67
CA PRO PA 158 123.20 -20.78 -21.01
C PRO PA 158 123.54 -20.91 -22.49
N THR PA 159 124.30 -19.93 -23.00
CA THR PA 159 124.75 -19.92 -24.39
C THR PA 159 126.10 -19.21 -24.54
N GLY PA 160 126.87 -19.60 -25.57
CA GLY PA 160 128.12 -18.92 -25.92
C GLY PA 160 127.89 -17.61 -26.67
N GLN PA 161 128.97 -16.82 -26.84
CA GLN PA 161 128.94 -15.59 -27.60
C GLN PA 161 128.69 -15.85 -29.09
N GLY PA 162 127.84 -15.02 -29.71
CA GLY PA 162 127.59 -15.08 -31.15
C GLY PA 162 126.68 -16.23 -31.58
N ALA PA 163 126.29 -17.11 -30.67
CA ALA PA 163 125.38 -18.21 -30.97
C ALA PA 163 123.94 -17.72 -31.10
N GLU PA 164 123.12 -18.44 -31.90
CA GLU PA 164 121.71 -18.10 -32.08
C GLU PA 164 120.93 -18.31 -30.77
N ILE PA 165 120.06 -17.37 -30.41
CA ILE PA 165 119.13 -17.59 -29.31
C ILE PA 165 117.99 -18.48 -29.80
N ARG PA 166 117.84 -19.66 -29.16
CA ARG PA 166 116.82 -20.64 -29.50
C ARG PA 166 115.46 -20.24 -28.91
N ASP PA 167 114.38 -20.64 -29.59
CA ASP PA 167 113.02 -20.37 -29.13
C ASP PA 167 112.56 -21.35 -28.05
N ASP PA 168 111.78 -20.83 -27.08
CA ASP PA 168 111.02 -21.60 -26.11
C ASP PA 168 109.85 -20.73 -25.63
N GLY PA 169 109.01 -20.33 -26.59
CA GLY PA 169 107.92 -19.37 -26.37
C GLY PA 169 106.78 -19.91 -25.51
N GLU PA 170 105.90 -18.99 -25.09
CA GLU PA 170 104.77 -19.36 -24.25
C GLU PA 170 103.80 -20.26 -25.02
N THR PA 171 103.67 -21.50 -24.55
CA THR PA 171 102.66 -22.45 -25.04
C THR PA 171 101.35 -22.27 -24.27
N TYR PA 172 100.22 -22.60 -24.89
CA TYR PA 172 98.91 -22.47 -24.27
C TYR PA 172 98.06 -23.72 -24.43
N THR PA 173 97.08 -23.87 -23.52
CA THR PA 173 96.06 -24.90 -23.56
C THR PA 173 94.77 -24.30 -23.00
N THR PA 174 93.72 -25.12 -22.79
CA THR PA 174 92.52 -24.64 -22.12
C THR PA 174 91.99 -25.66 -21.12
N VAL PA 175 91.21 -25.15 -20.17
CA VAL PA 175 90.31 -25.95 -19.36
C VAL PA 175 88.90 -25.70 -19.92
N ALA PA 176 88.26 -26.76 -20.44
CA ALA PA 176 86.89 -26.65 -20.94
C ALA PA 176 85.91 -26.64 -19.76
N TRP PA 177 84.87 -25.81 -19.84
CA TRP PA 177 83.70 -25.98 -18.99
C TRP PA 177 82.54 -26.51 -19.82
N ASN PA 178 81.68 -27.29 -19.17
CA ASN PA 178 80.59 -27.97 -19.82
C ASN PA 178 79.47 -28.06 -18.81
N ALA PA 179 78.75 -26.95 -18.64
CA ALA PA 179 77.80 -26.80 -17.53
C ALA PA 179 76.62 -27.76 -17.70
N THR PA 180 76.21 -28.41 -16.60
CA THR PA 180 75.10 -29.37 -16.63
C THR PA 180 73.87 -28.74 -15.99
N LYS PA 181 72.69 -28.88 -16.61
CA LYS PA 181 71.46 -28.34 -16.06
C LYS PA 181 71.08 -29.14 -14.81
N LEU PA 182 71.29 -28.57 -13.61
CA LEU PA 182 70.67 -29.12 -12.42
C LEU PA 182 69.23 -28.64 -12.37
N THR PA 183 68.29 -29.53 -12.00
CA THR PA 183 66.89 -29.13 -11.88
C THR PA 183 66.25 -29.75 -10.64
N GLU PA 184 65.19 -29.10 -10.18
CA GLU PA 184 64.33 -29.60 -9.12
C GLU PA 184 62.92 -29.08 -9.39
N GLY PA 185 61.89 -29.91 -9.18
CA GLY PA 185 60.54 -29.50 -9.49
C GLY PA 185 59.52 -30.06 -8.50
N SER PA 186 58.33 -29.47 -8.52
CA SER PA 186 57.23 -29.84 -7.64
C SER PA 186 55.90 -29.55 -8.34
N ARG PA 187 54.90 -30.44 -8.18
CA ARG PA 187 53.57 -30.22 -8.73
C ARG PA 187 52.52 -30.61 -7.68
N VAL PA 188 51.51 -29.75 -7.53
CA VAL PA 188 50.51 -29.82 -6.47
C VAL PA 188 49.16 -29.45 -7.08
N THR PA 189 48.05 -30.04 -6.59
CA THR PA 189 46.74 -29.64 -7.06
C THR PA 189 46.29 -28.32 -6.42
N ASP PA 190 45.47 -27.54 -7.14
CA ASP PA 190 44.95 -26.29 -6.61
C ASP PA 190 44.02 -26.50 -5.43
N GLU PA 191 43.33 -27.65 -5.36
CA GLU PA 191 42.57 -28.05 -4.19
C GLU PA 191 43.48 -28.11 -2.95
N MET PA 192 44.70 -28.65 -3.08
CA MET PA 192 45.64 -28.68 -1.98
C MET PA 192 46.18 -27.27 -1.67
N ARG PA 193 46.65 -26.57 -2.70
CA ARG PA 193 47.21 -25.22 -2.60
C ARG PA 193 46.26 -24.26 -1.88
N ASP PA 194 44.96 -24.32 -2.18
CA ASP PA 194 43.92 -23.49 -1.58
C ASP PA 194 43.62 -23.87 -0.12
N GLN PA 195 43.78 -25.16 0.24
CA GLN PA 195 43.41 -25.69 1.55
C GLN PA 195 44.60 -25.85 2.51
N ALA PA 196 45.76 -25.28 2.16
CA ALA PA 196 47.01 -25.47 2.89
C ALA PA 196 47.10 -24.63 4.17
N MET PA 197 47.83 -25.17 5.16
CA MET PA 197 48.14 -24.55 6.45
C MET PA 197 48.99 -23.28 6.29
N VAL PA 198 49.87 -23.27 5.27
CA VAL PA 198 50.82 -22.21 4.96
C VAL PA 198 50.89 -22.08 3.43
N ASP PA 199 51.56 -21.05 2.91
CA ASP PA 199 51.72 -20.94 1.46
C ASP PA 199 52.60 -22.08 0.92
N LEU PA 200 51.98 -23.08 0.27
CA LEU PA 200 52.68 -24.22 -0.30
C LEU PA 200 53.61 -23.84 -1.44
N ILE PA 201 53.26 -22.78 -2.18
CA ILE PA 201 54.08 -22.34 -3.30
C ILE PA 201 55.31 -21.61 -2.76
N GLU PA 202 55.17 -20.77 -1.72
CA GLU PA 202 56.35 -20.19 -1.09
C GLU PA 202 57.27 -21.28 -0.52
N ARG PA 203 56.70 -22.29 0.14
CA ARG PA 203 57.49 -23.39 0.69
C ARG PA 203 58.23 -24.19 -0.40
N ASN PA 204 57.56 -24.52 -1.50
CA ASN PA 204 58.19 -25.22 -2.60
C ASN PA 204 59.21 -24.34 -3.33
N ILE PA 205 59.00 -23.03 -3.45
CA ILE PA 205 60.00 -22.10 -3.96
C ILE PA 205 61.27 -22.17 -3.12
N GLN PA 206 61.15 -22.05 -1.78
CA GLN PA 206 62.29 -22.08 -0.87
C GLN PA 206 63.04 -23.41 -0.98
N ARG PA 207 62.32 -24.54 -1.03
CA ARG PA 207 62.91 -25.85 -1.20
C ARG PA 207 63.63 -25.99 -2.54
N VAL PA 208 63.04 -25.53 -3.63
CA VAL PA 208 63.63 -25.62 -4.96
C VAL PA 208 64.92 -24.81 -5.02
N GLY PA 209 64.90 -23.55 -4.54
CA GLY PA 209 66.09 -22.72 -4.43
C GLY PA 209 67.20 -23.38 -3.62
N ALA PA 210 66.86 -23.89 -2.42
CA ALA PA 210 67.82 -24.59 -1.57
C ALA PA 210 68.44 -25.81 -2.26
N SER PA 211 67.64 -26.58 -3.00
CA SER PA 211 68.07 -27.80 -3.68
C SER PA 211 69.09 -27.51 -4.78
N LEU PA 212 68.98 -26.34 -5.41
CA LEU PA 212 69.90 -25.92 -6.46
C LEU PA 212 71.20 -25.36 -5.87
N GLU PA 213 71.13 -24.58 -4.79
CA GLU PA 213 72.34 -24.19 -4.06
C GLU PA 213 73.10 -25.41 -3.57
N ASN PA 214 72.41 -26.40 -2.99
CA ASN PA 214 73.02 -27.66 -2.58
C ASN PA 214 73.66 -28.35 -3.78
N GLY PA 215 72.98 -28.35 -4.93
CA GLY PA 215 73.51 -28.85 -6.20
C GLY PA 215 74.83 -28.18 -6.59
N ILE PA 216 74.93 -26.84 -6.58
CA ILE PA 216 76.18 -26.14 -6.86
C ILE PA 216 77.27 -26.64 -5.92
N ASN PA 217 76.97 -26.71 -4.62
CA ASN PA 217 77.95 -27.07 -3.60
C ASN PA 217 78.45 -28.51 -3.78
N ARG PA 218 77.59 -29.43 -4.23
CA ARG PA 218 78.00 -30.78 -4.58
C ARG PA 218 78.95 -30.79 -5.77
N VAL PA 219 78.63 -30.05 -6.83
CA VAL PA 219 79.48 -29.98 -8.02
C VAL PA 219 80.84 -29.39 -7.67
N PHE PA 220 80.85 -28.28 -6.93
CA PHE PA 220 82.06 -27.64 -6.46
C PHE PA 220 82.91 -28.59 -5.60
N LEU PA 221 82.34 -29.12 -4.51
CA LEU PA 221 83.12 -29.93 -3.57
C LEU PA 221 83.66 -31.21 -4.20
N THR PA 222 82.90 -31.84 -5.10
CA THR PA 222 83.34 -33.06 -5.76
C THR PA 222 84.53 -32.79 -6.68
N GLU PA 223 84.50 -31.71 -7.46
CA GLU PA 223 85.68 -31.29 -8.22
C GLU PA 223 86.86 -31.00 -7.30
N LEU PA 224 86.60 -30.21 -6.25
CA LEU PA 224 87.63 -29.74 -5.35
C LEU PA 224 88.40 -30.90 -4.70
N VAL PA 225 87.67 -31.89 -4.17
CA VAL PA 225 88.26 -33.03 -3.49
C VAL PA 225 88.93 -34.00 -4.48
N ASP PA 226 88.28 -34.34 -5.60
CA ASP PA 226 88.79 -35.38 -6.49
C ASP PA 226 90.04 -34.94 -7.26
N ASN PA 227 90.07 -33.68 -7.73
CA ASN PA 227 91.07 -33.23 -8.69
C ASN PA 227 92.20 -32.39 -8.09
N ALA PA 228 92.23 -32.22 -6.76
CA ALA PA 228 93.38 -31.64 -6.08
C ALA PA 228 94.61 -32.55 -6.29
N GLN PA 229 95.72 -31.99 -6.79
CA GLN PA 229 96.86 -32.80 -7.22
C GLN PA 229 97.83 -33.19 -6.09
N ASN PA 230 97.66 -32.63 -4.89
CA ASN PA 230 98.52 -32.90 -3.74
C ASN PA 230 97.73 -33.48 -2.58
N ASN PA 231 98.41 -34.24 -1.71
CA ASN PA 231 97.78 -34.84 -0.54
C ASN PA 231 98.74 -34.82 0.64
N HIS PA 232 98.24 -34.46 1.84
CA HIS PA 232 98.96 -34.70 3.07
C HIS PA 232 98.26 -35.82 3.84
N ASP PA 233 98.96 -36.94 3.99
CA ASP PA 233 98.47 -38.07 4.77
C ASP PA 233 98.87 -37.87 6.24
N THR PA 234 97.88 -37.63 7.11
CA THR PA 234 98.14 -37.46 8.53
C THR PA 234 98.51 -38.78 9.20
N ALA PA 235 98.02 -39.91 8.67
CA ALA PA 235 98.20 -41.23 9.26
C ALA PA 235 97.79 -41.25 10.75
N GLY PA 236 96.56 -40.77 11.05
CA GLY PA 236 96.19 -40.43 12.41
C GLY PA 236 97.06 -39.28 12.93
N SER PA 237 97.66 -39.44 14.11
CA SER PA 237 98.69 -38.52 14.62
C SER PA 237 98.24 -37.02 14.70
N ASN PA 238 99.03 -36.10 14.10
CA ASN PA 238 98.91 -34.66 14.33
C ASN PA 238 97.91 -34.03 13.36
N GLN PA 239 96.60 -34.20 13.65
CA GLN PA 239 95.57 -33.89 12.66
C GLN PA 239 95.08 -32.43 12.69
N GLY PA 240 95.50 -31.65 13.69
CA GLY PA 240 95.05 -30.27 13.88
C GLY PA 240 95.81 -29.26 13.02
N TYR PA 241 96.31 -28.17 13.64
CA TYR PA 241 97.07 -27.14 12.94
C TYR PA 241 98.25 -27.71 12.15
N GLN PA 242 98.95 -28.72 12.66
CA GLN PA 242 100.08 -29.32 11.94
C GLN PA 242 99.68 -29.89 10.57
N ALA PA 243 98.47 -30.44 10.45
CA ALA PA 243 97.98 -30.95 9.18
C ALA PA 243 97.72 -29.79 8.20
N LEU PA 244 97.08 -28.70 8.64
CA LEU PA 244 96.88 -27.53 7.80
C LEU PA 244 98.22 -26.94 7.35
N ASN PA 245 99.17 -26.74 8.26
CA ASN PA 245 100.50 -26.27 7.92
C ASN PA 245 101.21 -27.21 6.93
N SER PA 246 101.09 -28.53 7.12
CA SER PA 246 101.70 -29.51 6.22
C SER PA 246 101.07 -29.45 4.83
N ALA PA 247 99.75 -29.32 4.75
CA ALA PA 247 99.04 -29.23 3.48
C ALA PA 247 99.39 -27.93 2.74
N VAL PA 248 99.52 -26.80 3.45
CA VAL PA 248 100.06 -25.58 2.84
C VAL PA 248 101.46 -25.86 2.30
N GLY PA 249 102.30 -26.59 3.06
CA GLY PA 249 103.62 -27.01 2.62
C GLY PA 249 103.60 -27.82 1.31
N GLU PA 250 102.65 -28.76 1.16
CA GLU PA 250 102.50 -29.53 -0.07
C GLU PA 250 102.18 -28.64 -1.27
N VAL PA 251 101.32 -27.63 -1.11
CA VAL PA 251 100.98 -26.71 -2.19
C VAL PA 251 102.17 -25.80 -2.50
N ASP PA 252 102.81 -25.25 -1.46
CA ASP PA 252 103.99 -24.41 -1.55
C ASP PA 252 105.15 -25.10 -2.28
N LYS PA 253 105.27 -26.42 -2.11
CA LYS PA 253 106.26 -27.26 -2.78
C LYS PA 253 105.98 -27.44 -4.28
N ASP PA 254 104.78 -27.12 -4.76
CA ASP PA 254 104.48 -27.00 -6.19
C ASP PA 254 104.46 -25.53 -6.65
N ASP PA 255 104.98 -24.60 -5.83
CA ASP PA 255 105.21 -23.19 -6.18
C ASP PA 255 103.93 -22.35 -6.33
N PHE PA 256 102.77 -22.91 -5.97
CA PHE PA 256 101.54 -22.13 -5.77
C PHE PA 256 101.40 -21.73 -4.30
N ARG PA 257 100.52 -20.75 -3.99
CA ARG PA 257 100.23 -20.42 -2.60
C ARG PA 257 98.72 -20.48 -2.33
N PRO PA 258 98.23 -21.34 -1.40
CA PRO PA 258 96.80 -21.43 -1.13
C PRO PA 258 96.36 -20.29 -0.22
N ASP PA 259 95.05 -20.03 -0.18
CA ASP PA 259 94.49 -18.95 0.61
C ASP PA 259 93.17 -19.32 1.30
N THR PA 260 92.67 -20.54 1.07
CA THR PA 260 91.36 -20.96 1.55
C THR PA 260 91.43 -22.41 1.97
N TYR PA 261 90.58 -22.81 2.93
CA TYR PA 261 90.36 -24.23 3.16
C TYR PA 261 88.88 -24.56 3.34
N VAL PA 262 88.54 -25.76 2.88
CA VAL PA 262 87.23 -26.37 2.92
C VAL PA 262 87.32 -27.54 3.87
N THR PA 263 86.32 -27.73 4.74
CA THR PA 263 86.47 -28.59 5.90
C THR PA 263 85.21 -29.41 6.19
N HIS PA 264 85.38 -30.70 6.53
CA HIS PA 264 84.32 -31.61 6.96
C HIS PA 264 83.96 -31.39 8.45
N PRO PA 265 82.73 -31.67 8.93
CA PRO PA 265 82.38 -31.58 10.36
C PRO PA 265 83.28 -32.35 11.32
N ASP PA 266 83.76 -33.54 10.92
CA ASP PA 266 84.68 -34.34 11.72
C ASP PA 266 86.02 -33.62 11.86
N TYR PA 267 86.53 -33.05 10.76
CA TYR PA 267 87.78 -32.32 10.78
C TYR PA 267 87.67 -31.09 11.69
N ARG PA 268 86.58 -30.32 11.56
CA ARG PA 268 86.35 -29.17 12.45
C ARG PA 268 86.43 -29.58 13.91
N THR PA 269 85.78 -30.69 14.28
CA THR PA 269 85.76 -31.15 15.65
C THR PA 269 87.16 -31.47 16.15
N GLN PA 270 87.97 -32.19 15.35
CA GLN PA 270 89.38 -32.44 15.66
C GLN PA 270 90.15 -31.13 15.86
N LEU PA 271 90.02 -30.20 14.91
CA LEU PA 271 90.74 -28.94 14.89
C LEU PA 271 90.46 -28.11 16.14
N PHE PA 272 89.19 -27.99 16.56
CA PHE PA 272 88.83 -27.22 17.74
C PHE PA 272 89.13 -27.94 19.07
N ASN PA 273 89.53 -29.22 19.05
CA ASN PA 273 90.11 -29.89 20.20
C ASN PA 273 91.63 -29.67 20.32
N ASP PA 274 92.30 -29.20 19.25
CA ASP PA 274 93.75 -28.99 19.24
C ASP PA 274 94.12 -27.94 20.28
N THR PA 275 95.02 -28.26 21.22
CA THR PA 275 95.43 -27.32 22.26
C THR PA 275 95.99 -26.02 21.69
N ASN PA 276 96.58 -26.05 20.49
CA ASN PA 276 97.12 -24.86 19.86
C ASN PA 276 96.03 -23.84 19.52
N LEU PA 277 94.76 -24.27 19.37
CA LEU PA 277 93.62 -23.40 19.16
C LEU PA 277 92.76 -23.28 20.42
N ALA PA 278 92.59 -24.37 21.17
CA ALA PA 278 91.69 -24.44 22.31
C ALA PA 278 92.22 -23.72 23.56
N TYR PA 279 93.55 -23.52 23.67
CA TYR PA 279 94.13 -22.80 24.80
C TYR PA 279 94.42 -21.35 24.37
N ALA PA 280 93.92 -20.37 25.13
CA ALA PA 280 94.10 -18.96 24.81
C ALA PA 280 95.57 -18.56 24.73
N ASN PA 281 96.44 -19.09 25.61
CA ASN PA 281 97.89 -18.88 25.56
C ASN PA 281 98.46 -19.23 24.18
N ARG PA 282 98.01 -20.35 23.59
CA ARG PA 282 98.60 -20.90 22.37
C ARG PA 282 97.99 -20.29 21.12
N ALA PA 283 96.68 -20.00 21.13
CA ALA PA 283 96.02 -19.33 20.03
C ALA PA 283 96.27 -17.82 20.02
N GLY PA 284 96.62 -17.24 21.16
CA GLY PA 284 96.74 -15.79 21.32
C GLY PA 284 95.39 -15.07 21.48
N THR PA 285 94.27 -15.81 21.47
CA THR PA 285 92.93 -15.30 21.74
C THR PA 285 92.05 -16.46 22.21
N ASN PA 286 91.02 -16.18 23.04
CA ASN PA 286 90.11 -17.23 23.50
C ASN PA 286 88.89 -17.44 22.59
N GLU PA 287 88.89 -16.85 21.39
CA GLU PA 287 87.75 -16.87 20.47
C GLU PA 287 87.37 -18.28 20.03
N VAL PA 288 88.35 -19.18 19.81
CA VAL PA 288 88.00 -20.54 19.39
C VAL PA 288 87.31 -21.30 20.53
N LEU PA 289 87.78 -21.13 21.77
CA LEU PA 289 87.13 -21.72 22.93
C LEU PA 289 85.71 -21.16 23.11
N ARG PA 290 85.51 -19.86 22.92
CA ARG PA 290 84.21 -19.23 23.10
C ARG PA 290 83.24 -19.51 21.94
N ASN PA 291 83.63 -19.15 20.72
CA ASN PA 291 82.73 -19.09 19.57
C ASN PA 291 83.00 -20.15 18.50
N ARG PA 292 83.92 -21.08 18.75
CA ARG PA 292 84.17 -22.25 17.90
C ARG PA 292 84.43 -21.86 16.45
N GLU PA 293 83.52 -22.23 15.54
CA GLU PA 293 83.63 -22.00 14.11
C GLU PA 293 83.56 -20.51 13.73
N ASP PA 294 82.80 -19.71 14.49
CA ASP PA 294 82.62 -18.29 14.20
C ASP PA 294 83.83 -17.43 14.60
N ALA PA 295 84.81 -18.01 15.30
CA ALA PA 295 86.03 -17.34 15.74
C ALA PA 295 86.81 -16.78 14.54
N PRO PA 296 87.28 -15.51 14.56
CA PRO PA 296 88.01 -14.94 13.43
C PRO PA 296 89.33 -15.64 13.09
N ILE PA 297 90.01 -16.24 14.08
CA ILE PA 297 91.23 -17.02 13.85
C ILE PA 297 90.99 -18.22 12.94
N VAL PA 298 89.81 -18.84 12.99
CA VAL PA 298 89.50 -20.02 12.19
C VAL PA 298 89.50 -19.67 10.70
N GLY PA 299 89.16 -18.43 10.35
CA GLY PA 299 89.26 -17.91 8.98
C GLY PA 299 90.57 -17.16 8.70
N ASP PA 300 91.61 -17.35 9.51
CA ASP PA 300 92.87 -16.62 9.40
C ASP PA 300 93.99 -17.49 10.02
N ILE PA 301 94.29 -18.62 9.38
CA ILE PA 301 95.18 -19.64 9.95
C ILE PA 301 96.11 -20.20 8.87
N ALA PA 302 97.38 -20.44 9.21
CA ALA PA 302 98.40 -20.96 8.30
C ALA PA 302 98.51 -20.15 6.99
N GLY PA 303 98.19 -18.84 7.02
CA GLY PA 303 98.23 -17.99 5.84
C GLY PA 303 96.97 -18.02 4.98
N LEU PA 304 96.01 -18.90 5.30
CA LEU PA 304 94.71 -18.98 4.68
C LEU PA 304 93.82 -17.89 5.26
N ASP PA 305 93.26 -17.05 4.38
CA ASP PA 305 92.44 -15.91 4.80
C ASP PA 305 90.94 -16.18 4.64
N MET PA 306 90.56 -17.44 4.37
CA MET PA 306 89.16 -17.84 4.38
C MET PA 306 88.99 -19.30 4.82
N HIS PA 307 87.92 -19.55 5.59
CA HIS PA 307 87.45 -20.89 5.90
C HIS PA 307 86.06 -21.08 5.30
N ALA PA 308 85.83 -22.26 4.71
CA ALA PA 308 84.56 -22.62 4.11
C ALA PA 308 84.06 -23.94 4.71
N ALA PA 309 83.22 -23.83 5.75
CA ALA PA 309 82.70 -24.98 6.46
C ALA PA 309 81.67 -25.71 5.59
N MET PA 310 81.98 -26.94 5.16
CA MET PA 310 81.07 -27.78 4.39
C MET PA 310 80.22 -28.69 5.28
N SER PA 311 79.07 -29.14 4.75
CA SER PA 311 78.27 -30.22 5.29
C SER PA 311 78.78 -31.59 4.82
N SER PA 312 78.49 -32.65 5.60
CA SER PA 312 78.91 -34.02 5.31
C SER PA 312 78.29 -34.57 4.03
N ALA PA 313 76.97 -34.35 3.83
CA ALA PA 313 76.23 -34.90 2.70
C ALA PA 313 76.59 -34.29 1.34
N THR PA 314 77.40 -33.20 1.34
CA THR PA 314 77.61 -32.39 0.14
C THR PA 314 78.34 -33.17 -0.95
N TYR PA 315 79.41 -33.87 -0.59
CA TYR PA 315 80.22 -34.59 -1.56
C TYR PA 315 79.41 -35.72 -2.20
N ASP PA 316 79.72 -36.00 -3.47
CA ASP PA 316 78.99 -36.96 -4.26
C ASP PA 316 79.44 -38.40 -4.00
N ASP PA 317 78.77 -39.10 -3.09
CA ASP PA 317 78.98 -40.52 -2.83
C ASP PA 317 78.48 -41.42 -3.97
N GLY PA 318 77.65 -40.89 -4.89
CA GLY PA 318 76.94 -41.70 -5.88
C GLY PA 318 75.71 -42.45 -5.33
N THR PA 319 75.43 -42.31 -4.03
CA THR PA 319 74.26 -42.92 -3.40
C THR PA 319 72.97 -42.13 -3.66
N ASP PA 320 73.09 -40.86 -4.04
CA ASP PA 320 71.94 -40.00 -4.33
C ASP PA 320 71.46 -40.23 -5.77
N ILE PA 321 70.14 -40.05 -5.99
CA ILE PA 321 69.54 -40.43 -7.27
C ILE PA 321 69.90 -39.41 -8.36
N GLY PA 322 70.37 -39.92 -9.51
CA GLY PA 322 70.76 -39.07 -10.63
C GLY PA 322 72.22 -38.62 -10.58
N TRP PA 323 72.91 -38.86 -9.45
CA TRP PA 323 74.32 -38.53 -9.27
C TRP PA 323 75.18 -39.79 -9.30
N SER PA 324 76.30 -39.75 -10.04
CA SER PA 324 77.30 -40.82 -10.05
C SER PA 324 78.59 -40.34 -9.37
N GLY PA 325 79.08 -41.13 -8.41
CA GLY PA 325 79.96 -40.60 -7.37
C GLY PA 325 81.35 -40.12 -7.82
N GLY PA 326 81.99 -39.33 -6.95
CA GLY PA 326 83.41 -39.00 -7.07
C GLY PA 326 84.33 -40.15 -6.69
N SER PA 327 85.65 -39.93 -6.79
CA SER PA 327 86.67 -40.95 -6.60
C SER PA 327 87.06 -41.18 -5.14
N GLU PA 328 86.82 -40.20 -4.25
CA GLU PA 328 87.30 -40.20 -2.87
C GLU PA 328 86.20 -40.56 -1.86
N THR PA 329 86.58 -40.64 -0.58
CA THR PA 329 85.62 -40.63 0.53
C THR PA 329 85.79 -39.31 1.30
N TRP PA 330 84.70 -38.56 1.45
CA TRP PA 330 84.70 -37.29 2.16
C TRP PA 330 84.27 -37.52 3.61
N GLY PA 331 85.11 -37.11 4.56
CA GLY PA 331 84.94 -37.47 5.96
C GLY PA 331 86.25 -37.33 6.72
N PHE PA 332 86.24 -37.55 8.04
CA PHE PA 332 87.49 -37.52 8.78
C PHE PA 332 87.41 -38.37 10.04
N SER PA 333 87.03 -39.64 9.88
CA SER PA 333 86.77 -40.53 11.00
C SER PA 333 87.19 -41.97 10.75
N SER PA 334 87.74 -42.27 9.56
CA SER PA 334 88.27 -43.59 9.25
C SER PA 334 89.46 -43.50 8.30
N ASP PA 335 90.31 -44.52 8.37
CA ASP PA 335 91.56 -44.64 7.61
C ASP PA 335 91.36 -44.32 6.12
N GLY PA 336 91.97 -43.21 5.64
CA GLY PA 336 91.94 -42.83 4.24
C GLY PA 336 90.89 -41.80 3.83
N ASP PA 337 90.01 -41.35 4.74
CA ASP PA 337 89.06 -40.29 4.40
C ASP PA 337 89.76 -38.96 4.12
N LYS PA 338 89.28 -38.20 3.12
CA LYS PA 338 89.71 -36.84 2.88
C LYS PA 338 88.81 -35.91 3.69
N GLY PA 339 89.38 -35.16 4.66
CA GLY PA 339 88.59 -34.37 5.60
C GLY PA 339 88.66 -32.86 5.42
N ALA PA 340 89.67 -32.38 4.68
CA ALA PA 340 89.81 -30.98 4.38
C ALA PA 340 90.56 -30.81 3.06
N VAL PA 341 90.37 -29.66 2.39
CA VAL PA 341 91.15 -29.29 1.22
C VAL PA 341 91.68 -27.88 1.44
N VAL PA 342 92.99 -27.70 1.22
CA VAL PA 342 93.66 -26.42 1.35
C VAL PA 342 94.07 -25.99 -0.05
N TYR PA 343 93.62 -24.82 -0.51
CA TYR PA 343 93.71 -24.50 -1.94
C TYR PA 343 93.74 -23.00 -2.21
N ASP PA 344 94.08 -22.65 -3.45
CA ASP PA 344 93.98 -21.29 -3.95
C ASP PA 344 92.61 -21.05 -4.57
N ARG PA 345 91.83 -20.17 -3.94
CA ARG PA 345 90.47 -19.83 -4.33
C ARG PA 345 90.36 -19.25 -5.74
N ASP PA 346 91.42 -18.61 -6.24
CA ASP PA 346 91.43 -18.03 -7.57
C ASP PA 346 91.71 -19.08 -8.67
N ASN PA 347 92.15 -20.29 -8.28
CA ASN PA 347 92.50 -21.35 -9.21
C ASN PA 347 91.47 -22.48 -9.29
N ILE PA 348 90.34 -22.36 -8.59
CA ILE PA 348 89.20 -23.26 -8.75
C ILE PA 348 88.00 -22.42 -9.20
N HIS PA 349 87.40 -22.79 -10.34
CA HIS PA 349 86.31 -22.03 -10.95
C HIS PA 349 84.98 -22.75 -10.78
N THR PA 350 83.97 -22.00 -10.33
CA THR PA 350 82.59 -22.44 -10.43
C THR PA 350 81.97 -21.64 -11.58
N ILE PA 351 81.53 -22.34 -12.62
CA ILE PA 351 81.03 -21.68 -13.80
C ILE PA 351 79.50 -21.83 -13.80
N LEU PA 352 78.80 -20.71 -13.70
CA LEU PA 352 77.35 -20.70 -13.71
C LEU PA 352 76.86 -20.14 -15.04
N TYR PA 353 75.88 -20.83 -15.64
CA TYR PA 353 75.22 -20.37 -16.84
C TYR PA 353 73.70 -20.41 -16.61
N ALA PA 354 73.01 -19.36 -17.06
CA ALA PA 354 71.56 -19.33 -17.05
C ALA PA 354 71.04 -18.71 -18.35
N PRO PA 355 70.04 -19.31 -19.05
CA PRO PA 355 69.53 -18.74 -20.30
C PRO PA 355 68.86 -17.37 -20.12
N ASN PA 356 68.20 -17.11 -18.98
CA ASN PA 356 67.29 -15.99 -18.81
C ASN PA 356 67.75 -14.98 -17.75
N GLY PA 357 69.02 -15.05 -17.32
CA GLY PA 357 69.58 -14.15 -16.32
C GLY PA 357 71.04 -14.48 -16.01
N GLN PA 358 71.55 -14.02 -14.87
CA GLN PA 358 72.90 -14.36 -14.43
C GLN PA 358 72.96 -15.69 -13.67
N ASP PA 359 71.80 -16.18 -13.18
CA ASP PA 359 71.76 -17.06 -12.01
C ASP PA 359 70.49 -17.93 -12.01
N VAL PA 360 70.28 -18.72 -10.94
CA VAL PA 360 69.16 -19.65 -10.80
C VAL PA 360 67.80 -19.02 -11.15
N GLU PA 361 67.05 -19.71 -12.02
CA GLU PA 361 65.71 -19.30 -12.43
C GLU PA 361 64.67 -20.27 -11.87
N ILE PA 362 63.67 -19.73 -11.16
CA ILE PA 362 62.48 -20.46 -10.74
C ILE PA 362 61.29 -20.00 -11.59
N LYS PA 363 60.49 -20.97 -12.08
CA LYS PA 363 59.32 -20.70 -12.89
C LYS PA 363 58.07 -21.35 -12.28
N ASP PA 364 56.96 -20.62 -12.35
CA ASP PA 364 55.67 -21.11 -11.89
C ASP PA 364 54.90 -21.74 -13.05
N TYR PA 365 54.89 -23.06 -13.09
CA TYR PA 365 54.05 -23.85 -13.97
C TYR PA 365 52.60 -23.81 -13.51
N GLU PA 366 51.69 -23.68 -14.48
CA GLU PA 366 50.27 -23.92 -14.25
C GLU PA 366 49.75 -24.75 -15.42
N ASP PA 367 49.04 -25.83 -15.14
CA ASP PA 367 48.66 -26.75 -16.21
C ASP PA 367 47.58 -26.16 -17.10
N PRO PA 368 47.67 -26.30 -18.45
CA PRO PA 368 46.64 -25.78 -19.35
C PRO PA 368 45.22 -26.30 -19.13
N ILE PA 369 45.06 -27.49 -18.50
CA ILE PA 369 43.77 -28.15 -18.39
C ILE PA 369 43.41 -28.46 -16.93
N ARG PA 370 44.29 -29.17 -16.21
CA ARG PA 370 44.00 -29.62 -14.85
C ARG PA 370 44.15 -28.49 -13.84
N ASP PA 371 43.52 -28.68 -12.67
CA ASP PA 371 43.69 -27.82 -11.51
C ASP PA 371 45.05 -28.13 -10.83
N ILE PA 372 46.14 -27.91 -11.58
CA ILE PA 372 47.50 -28.23 -11.14
C ILE PA 372 48.38 -27.00 -11.30
N THR PA 373 49.17 -26.74 -10.26
CA THR PA 373 50.22 -25.72 -10.26
C THR PA 373 51.52 -26.36 -9.79
N GLY PA 374 52.65 -25.76 -10.15
CA GLY PA 374 53.94 -26.29 -9.74
C GLY PA 374 55.04 -25.24 -9.82
N VAL PA 375 56.18 -25.53 -9.20
CA VAL PA 375 57.33 -24.65 -9.27
C VAL PA 375 58.56 -25.48 -9.63
N ASN PA 376 59.33 -24.98 -10.60
CA ASN PA 376 60.47 -25.69 -11.15
C ASN PA 376 61.67 -24.74 -11.16
N GLY PA 377 62.79 -25.17 -10.58
CA GLY PA 377 64.01 -24.40 -10.63
C GLY PA 377 65.06 -25.08 -11.50
N ARG PA 378 65.98 -24.27 -12.03
CA ARG PA 378 67.07 -24.75 -12.87
C ARG PA 378 68.29 -23.85 -12.69
N LEU PA 379 69.47 -24.44 -12.89
CA LEU PA 379 70.69 -23.67 -13.10
C LEU PA 379 71.66 -24.57 -13.85
N HIS PA 380 72.52 -24.00 -14.68
CA HIS PA 380 73.61 -24.81 -15.22
C HIS PA 380 74.88 -24.47 -14.45
N VAL PA 381 75.57 -25.51 -14.00
CA VAL PA 381 76.82 -25.35 -13.27
C VAL PA 381 77.87 -26.33 -13.81
N ASP PA 382 79.13 -25.87 -13.84
CA ASP PA 382 80.29 -26.73 -13.89
C ASP PA 382 81.29 -26.25 -12.84
N CYS PA 383 82.23 -27.12 -12.47
CA CYS PA 383 83.33 -26.68 -11.64
C CYS PA 383 84.64 -27.31 -12.14
N GLN PA 384 85.69 -26.48 -12.28
CA GLN PA 384 86.95 -26.90 -12.88
C GLN PA 384 88.12 -26.20 -12.21
N TYR PA 385 89.19 -26.97 -11.90
CA TYR PA 385 90.47 -26.36 -11.56
C TYR PA 385 91.13 -25.72 -12.79
N SER PA 386 91.59 -24.47 -12.62
CA SER PA 386 92.57 -23.85 -13.51
C SER PA 386 93.95 -24.49 -13.32
N GLN PA 387 94.37 -24.66 -12.06
CA GLN PA 387 95.64 -25.26 -11.70
C GLN PA 387 95.43 -26.20 -10.50
N GLY PA 388 95.26 -27.50 -10.76
CA GLY PA 388 95.00 -28.48 -9.71
C GLY PA 388 96.15 -28.66 -8.71
N ARG PA 389 97.37 -28.26 -9.11
CA ARG PA 389 98.56 -28.23 -8.26
C ARG PA 389 98.45 -27.20 -7.13
N SER PA 390 97.58 -26.19 -7.28
CA SER PA 390 97.36 -25.17 -6.26
C SER PA 390 96.50 -25.66 -5.08
N SER PA 391 96.27 -26.98 -4.95
CA SER PA 391 95.32 -27.54 -4.00
C SER PA 391 95.86 -28.84 -3.39
N ALA PA 392 95.64 -29.04 -2.08
CA ALA PA 392 96.02 -30.25 -1.37
C ALA PA 392 94.91 -30.76 -0.47
N THR PA 393 94.58 -32.06 -0.53
CA THR PA 393 93.67 -32.67 0.44
C THR PA 393 94.42 -33.09 1.70
N VAL PA 394 93.71 -33.12 2.83
CA VAL PA 394 94.21 -33.64 4.10
C VAL PA 394 93.51 -34.97 4.37
N GLN PA 395 94.31 -36.01 4.62
CA GLN PA 395 93.81 -37.38 4.72
C GLN PA 395 94.00 -37.93 6.13
N TYR PA 396 92.96 -38.61 6.65
CA TYR PA 396 92.97 -39.29 7.94
C TYR PA 396 93.84 -40.56 7.93
N ALA QA 2 52.71 -37.29 63.33
CA ALA QA 2 53.68 -38.03 62.48
C ALA QA 2 54.56 -37.03 61.71
N THR QA 3 55.77 -37.47 61.34
CA THR QA 3 56.87 -36.56 61.01
C THR QA 3 57.58 -36.91 59.69
N GLU QA 4 57.98 -35.86 58.97
CA GLU QA 4 58.81 -35.91 57.76
C GLU QA 4 60.15 -35.22 58.05
N THR QA 5 61.26 -35.75 57.48
CA THR QA 5 62.59 -35.17 57.67
C THR QA 5 63.11 -34.56 56.36
N GLN QA 6 63.66 -33.33 56.42
CA GLN QA 6 64.35 -32.69 55.30
C GLN QA 6 65.66 -32.07 55.80
N GLY QA 7 66.80 -32.66 55.45
CA GLY QA 7 68.07 -32.26 56.06
C GLY QA 7 68.09 -32.52 57.55
N GLU QA 8 68.48 -31.52 58.35
CA GLU QA 8 68.45 -31.62 59.81
C GLU QA 8 67.04 -31.45 60.38
N HIS QA 9 66.09 -30.94 59.59
CA HIS QA 9 64.80 -30.51 60.09
C HIS QA 9 63.77 -31.64 60.13
N THR QA 10 62.92 -31.62 61.16
CA THR QA 10 61.69 -32.42 61.21
C THR QA 10 60.47 -31.51 61.06
N PHE QA 11 59.55 -31.91 60.17
CA PHE QA 11 58.31 -31.19 59.88
C PHE QA 11 57.12 -32.08 60.24
N PRO QA 12 55.99 -31.49 60.69
CA PRO QA 12 54.76 -32.27 60.86
C PRO QA 12 54.21 -32.62 59.48
N VAL QA 13 53.62 -33.81 59.31
CA VAL QA 13 52.96 -34.14 58.04
C VAL QA 13 51.55 -33.55 58.01
N GLU QA 14 51.10 -33.11 56.84
CA GLU QA 14 49.68 -32.82 56.63
C GLU QA 14 48.91 -34.14 56.62
N VAL QA 15 48.05 -34.37 57.62
CA VAL QA 15 47.23 -35.57 57.72
C VAL QA 15 46.27 -35.72 56.53
N LEU QA 16 45.71 -34.62 56.02
CA LEU QA 16 44.71 -34.67 54.97
C LEU QA 16 45.36 -34.45 53.61
N ILE QA 17 45.13 -35.38 52.66
CA ILE QA 17 45.63 -35.29 51.29
C ILE QA 17 44.53 -34.72 50.38
N SER QA 18 43.29 -35.24 50.51
CA SER QA 18 42.17 -34.73 49.73
C SER QA 18 40.86 -35.08 50.41
N GLY QA 19 39.77 -34.42 49.98
CA GLY QA 19 38.45 -34.63 50.54
C GLY QA 19 37.93 -33.38 51.25
N GLU QA 20 36.60 -33.28 51.35
CA GLU QA 20 35.94 -32.16 52.01
C GLU QA 20 35.11 -32.62 53.22
N GLU QA 21 35.10 -33.92 53.51
CA GLU QA 21 34.29 -34.55 54.55
C GLU QA 21 34.99 -34.42 55.91
N LEU QA 22 35.11 -33.18 56.37
CA LEU QA 22 35.72 -32.81 57.64
C LEU QA 22 34.59 -32.40 58.60
N ARG QA 23 34.53 -33.01 59.80
CA ARG QA 23 33.40 -32.82 60.71
C ARG QA 23 33.86 -32.56 62.13
N GLY QA 24 32.98 -31.93 62.93
CA GLY QA 24 33.35 -31.44 64.26
C GLY QA 24 32.73 -32.27 65.38
N TYR QA 25 33.53 -32.53 66.43
CA TYR QA 25 33.16 -33.32 67.60
C TYR QA 25 33.82 -32.70 68.84
N THR QA 26 33.44 -33.14 70.04
CA THR QA 26 34.20 -32.83 71.25
C THR QA 26 35.17 -33.98 71.52
N ALA QA 27 36.40 -33.66 71.91
CA ALA QA 27 37.35 -34.70 72.31
C ALA QA 27 37.00 -35.23 73.70
N GLY QA 28 36.86 -36.55 73.86
CA GLY QA 28 36.62 -37.19 75.16
C GLY QA 28 37.88 -37.43 76.00
N GLU QA 29 39.06 -37.17 75.41
CA GLU QA 29 40.38 -37.31 76.01
C GLU QA 29 41.37 -36.49 75.18
N ALA QA 30 42.64 -36.37 75.61
CA ALA QA 30 43.65 -35.78 74.74
C ALA QA 30 43.91 -36.65 73.51
N LEU QA 31 44.00 -36.03 72.32
CA LEU QA 31 44.19 -36.71 71.04
C LEU QA 31 45.32 -36.08 70.23
N SER QA 32 45.96 -36.89 69.36
CA SER QA 32 47.07 -36.47 68.51
C SER QA 32 46.73 -36.62 67.03
N ALA QA 33 47.22 -35.68 66.21
CA ALA QA 33 46.98 -35.67 64.78
C ALA QA 33 47.32 -37.02 64.13
N GLY QA 34 46.38 -37.55 63.35
CA GLY QA 34 46.53 -38.86 62.71
C GLY QA 34 45.98 -40.02 63.53
N GLU QA 35 45.58 -39.83 64.79
CA GLU QA 35 44.96 -40.90 65.57
C GLU QA 35 43.56 -41.23 65.01
N PRO QA 36 43.20 -42.53 64.88
CA PRO QA 36 41.82 -42.91 64.63
C PRO QA 36 40.98 -42.74 65.89
N VAL QA 37 39.72 -42.31 65.69
CA VAL QA 37 38.79 -42.06 66.79
C VAL QA 37 37.41 -42.63 66.48
N TYR QA 38 36.60 -42.81 67.54
CA TYR QA 38 35.23 -43.33 67.47
C TYR QA 38 34.33 -42.56 68.44
N LEU QA 39 33.00 -42.68 68.32
CA LEU QA 39 32.08 -41.98 69.19
C LEU QA 39 32.03 -42.60 70.61
N SER QA 40 32.59 -41.88 71.59
CA SER QA 40 32.54 -42.25 72.99
C SER QA 40 31.29 -41.70 73.71
N GLY QA 41 30.60 -40.73 73.09
CA GLY QA 41 29.41 -40.10 73.65
C GLY QA 41 28.71 -39.21 72.64
N ASP QA 42 27.67 -38.48 73.09
CA ASP QA 42 26.90 -37.63 72.20
C ASP QA 42 27.79 -36.53 71.60
N TYR QA 43 28.04 -36.61 70.28
CA TYR QA 43 29.01 -35.81 69.55
C TYR QA 43 30.41 -35.75 70.21
N GLU QA 44 30.77 -36.79 70.98
CA GLU QA 44 32.07 -36.88 71.64
C GLU QA 44 32.85 -38.06 71.05
N VAL QA 45 34.14 -37.85 70.76
CA VAL QA 45 35.00 -38.88 70.17
C VAL QA 45 36.23 -39.15 71.04
N SER QA 46 36.71 -40.40 71.04
CA SER QA 46 37.87 -40.88 71.78
C SER QA 46 38.70 -41.81 70.89
N ALA QA 47 39.94 -42.11 71.28
CA ALA QA 47 40.81 -42.95 70.46
C ALA QA 47 40.25 -44.37 70.31
N SER QA 48 40.19 -44.86 69.06
CA SER QA 48 39.70 -46.20 68.73
C SER QA 48 40.50 -47.28 69.44
N SER QA 49 39.81 -48.28 70.03
CA SER QA 49 40.46 -49.54 70.42
C SER QA 49 40.62 -50.46 69.20
N ALA QA 50 41.26 -51.63 69.39
CA ALA QA 50 41.54 -52.58 68.30
C ALA QA 50 40.32 -53.42 67.89
N ASP QA 51 40.46 -54.15 66.77
CA ASP QA 51 39.54 -55.20 66.31
C ASP QA 51 38.13 -54.71 65.94
N GLY QA 52 38.03 -53.49 65.39
CA GLY QA 52 36.82 -53.04 64.72
C GLY QA 52 35.71 -52.53 65.64
N GLY QA 53 34.64 -52.03 65.01
CA GLY QA 53 33.45 -51.52 65.70
C GLY QA 53 33.63 -50.12 66.32
N GLU QA 54 34.83 -49.54 66.18
CA GLU QA 54 35.17 -48.27 66.79
C GLU QA 54 35.97 -47.42 65.81
N PHE QA 55 35.30 -46.83 64.81
CA PHE QA 55 35.96 -45.89 63.93
C PHE QA 55 34.96 -44.95 63.28
N LEU QA 56 35.16 -43.64 63.44
CA LEU QA 56 34.41 -42.61 62.74
C LEU QA 56 35.29 -41.83 61.77
N GLY QA 57 36.57 -41.62 62.12
CA GLY QA 57 37.49 -40.88 61.29
C GLY QA 57 38.85 -40.69 61.98
N VAL QA 58 39.73 -39.88 61.38
CA VAL QA 58 41.03 -39.57 61.97
C VAL QA 58 41.05 -38.13 62.47
N ASN QA 59 41.63 -37.93 63.66
CA ASN QA 59 41.84 -36.63 64.27
C ASN QA 59 42.80 -35.79 63.44
N LEU QA 60 42.43 -34.55 63.05
CA LEU QA 60 43.21 -33.75 62.12
C LEU QA 60 44.33 -32.91 62.74
N TYR QA 61 44.23 -32.57 64.04
CA TYR QA 61 45.24 -31.79 64.76
C TYR QA 61 45.20 -32.13 66.26
N ASP QA 62 46.31 -31.91 66.99
CA ASP QA 62 46.39 -32.24 68.41
C ASP QA 62 45.41 -31.41 69.25
N VAL QA 63 44.73 -32.07 70.21
CA VAL QA 63 43.76 -31.41 71.10
C VAL QA 63 43.86 -31.97 72.51
N ALA QA 64 43.55 -31.13 73.50
CA ALA QA 64 43.36 -31.56 74.88
C ALA QA 64 41.94 -32.09 75.10
N SER QA 65 41.73 -32.82 76.21
CA SER QA 65 40.42 -33.31 76.59
C SER QA 65 39.38 -32.18 76.67
N GLY QA 66 38.18 -32.41 76.12
CA GLY QA 66 37.07 -31.46 76.18
C GLY QA 66 37.11 -30.36 75.12
N GLU QA 67 38.20 -30.26 74.34
CA GLU QA 67 38.28 -29.29 73.26
C GLU QA 67 37.49 -29.78 72.03
N PRO QA 68 36.98 -28.86 71.18
CA PRO QA 68 36.41 -29.25 69.90
C PRO QA 68 37.49 -29.72 68.94
N VAL QA 69 37.17 -30.76 68.16
CA VAL QA 69 38.13 -31.47 67.32
C VAL QA 69 37.59 -31.61 65.90
N ALA QA 70 38.46 -31.41 64.90
CA ALA QA 70 38.12 -31.66 63.51
C ALA QA 70 38.60 -33.06 63.10
N LEU QA 71 37.77 -33.75 62.32
CA LEU QA 71 37.92 -35.17 62.02
C LEU QA 71 37.70 -35.37 60.52
N ALA QA 72 38.57 -36.14 59.85
CA ALA QA 72 38.34 -36.55 58.47
C ALA QA 72 37.67 -37.92 58.43
N GLY QA 73 36.54 -38.02 57.71
CA GLY QA 73 35.77 -39.25 57.58
C GLY QA 73 35.92 -39.90 56.21
N ASP QA 74 34.88 -40.61 55.77
CA ASP QA 74 34.84 -41.23 54.45
C ASP QA 74 35.14 -40.24 53.32
N ASP QA 75 35.61 -40.76 52.19
CA ASP QA 75 35.88 -39.99 50.99
C ASP QA 75 37.12 -39.09 51.15
N CYS QA 76 37.90 -39.21 52.25
CA CYS QA 76 39.14 -38.49 52.43
C CYS QA 76 40.36 -39.38 52.18
N GLU QA 77 41.33 -38.86 51.42
CA GLU QA 77 42.67 -39.43 51.34
C GLU QA 77 43.52 -38.83 52.46
N VAL QA 78 44.26 -39.67 53.20
CA VAL QA 78 44.94 -39.27 54.44
C VAL QA 78 46.33 -39.90 54.57
N ARG QA 79 47.24 -39.20 55.26
CA ARG QA 79 48.58 -39.68 55.61
C ARG QA 79 48.53 -40.17 57.06
N VAL QA 80 48.72 -41.48 57.29
CA VAL QA 80 48.51 -42.09 58.61
C VAL QA 80 49.62 -43.09 58.93
N GLU QA 81 49.98 -43.19 60.22
CA GLU QA 81 51.04 -44.08 60.67
C GLU QA 81 50.52 -45.51 60.85
N VAL QA 82 51.31 -46.48 60.37
CA VAL QA 82 50.97 -47.91 60.44
C VAL QA 82 51.95 -48.63 61.36
N SER QA 83 51.46 -49.62 62.13
CA SER QA 83 52.27 -50.38 63.08
C SER QA 83 52.98 -51.59 62.47
N GLU QA 84 52.68 -51.92 61.21
CA GLU QA 84 53.27 -53.05 60.49
C GLU QA 84 53.52 -52.65 59.04
N GLN QA 85 54.28 -53.44 58.28
CA GLN QA 85 54.42 -53.19 56.85
C GLN QA 85 53.07 -53.31 56.13
N VAL QA 86 52.75 -52.32 55.28
CA VAL QA 86 51.55 -52.30 54.46
C VAL QA 86 51.92 -52.05 53.00
N THR QA 87 51.03 -52.50 52.11
CA THR QA 87 51.22 -52.44 50.67
C THR QA 87 49.94 -51.89 50.02
N ALA QA 88 50.04 -51.41 48.78
CA ALA QA 88 48.84 -50.95 48.08
C ALA QA 88 47.79 -52.06 48.01
N ASN QA 89 46.51 -51.68 48.09
CA ASN QA 89 45.36 -52.57 48.18
C ASN QA 89 45.18 -53.28 49.53
N ASP QA 90 46.05 -53.06 50.54
CA ASP QA 90 45.72 -53.59 51.87
C ASP QA 90 44.58 -52.79 52.49
N GLU QA 91 43.59 -53.49 53.06
CA GLU QA 91 42.66 -52.83 53.94
C GLU QA 91 43.26 -52.73 55.34
N ILE QA 92 43.04 -51.58 55.98
CA ILE QA 92 43.60 -51.27 57.29
C ILE QA 92 42.49 -50.72 58.20
N LEU QA 93 42.73 -50.84 59.51
CA LEU QA 93 41.80 -50.36 60.53
C LEU QA 93 42.56 -50.00 61.81
N PRO QA 94 41.90 -49.32 62.78
CA PRO QA 94 42.59 -48.87 63.99
C PRO QA 94 43.22 -50.01 64.77
N ASP QA 95 44.43 -49.74 65.24
CA ASP QA 95 45.28 -50.72 65.87
C ASP QA 95 45.09 -50.79 67.40
N GLY QA 96 44.37 -49.83 67.97
CA GLY QA 96 44.30 -49.66 69.43
C GLY QA 96 45.53 -48.99 70.06
N LEU QA 97 46.46 -48.49 69.22
CA LEU QA 97 47.73 -47.91 69.65
C LEU QA 97 48.00 -46.56 68.96
N GLY QA 98 46.94 -45.87 68.50
CA GLY QA 98 47.09 -44.62 67.74
C GLY QA 98 47.44 -44.85 66.28
N THR QA 99 48.05 -46.00 65.95
CA THR QA 99 48.35 -46.44 64.59
C THR QA 99 47.15 -47.13 63.94
N PHE QA 100 47.31 -47.42 62.65
CA PHE QA 100 46.53 -48.44 61.96
C PHE QA 100 47.33 -49.73 61.84
N GLU QA 101 46.62 -50.84 61.57
CA GLU QA 101 47.19 -52.11 61.17
C GLU QA 101 46.33 -52.73 60.07
N THR QA 102 46.79 -53.81 59.43
CA THR QA 102 45.98 -54.44 58.40
C THR QA 102 44.83 -55.25 59.00
N VAL QA 103 43.75 -55.34 58.23
CA VAL QA 103 42.65 -56.25 58.54
C VAL QA 103 43.18 -57.67 58.72
N ALA QA 104 44.11 -58.09 57.85
CA ALA QA 104 44.73 -59.40 57.90
C ALA QA 104 45.37 -59.71 59.26
N THR QA 105 46.03 -58.72 59.89
CA THR QA 105 46.67 -58.88 61.19
C THR QA 105 45.68 -58.88 62.34
N SER QA 106 44.62 -58.06 62.22
CA SER QA 106 43.61 -57.89 63.25
C SER QA 106 42.69 -59.11 63.39
N ALA QA 107 41.82 -59.10 64.40
CA ALA QA 107 40.76 -60.10 64.54
C ALA QA 107 39.54 -59.78 63.65
N ALA QA 108 39.46 -58.55 63.14
CA ALA QA 108 38.34 -58.09 62.29
C ALA QA 108 38.43 -58.67 60.87
N SER QA 109 37.32 -58.56 60.13
CA SER QA 109 37.19 -59.10 58.77
C SER QA 109 36.98 -58.00 57.71
N ALA QA 110 36.78 -56.75 58.14
CA ALA QA 110 36.52 -55.63 57.23
C ALA QA 110 37.27 -54.37 57.71
N GLY QA 111 37.87 -53.62 56.78
CA GLY QA 111 38.64 -52.43 57.12
C GLY QA 111 37.83 -51.14 57.03
N VAL QA 112 38.53 -50.02 57.22
CA VAL QA 112 37.94 -48.69 57.15
C VAL QA 112 38.67 -47.81 56.14
N ALA QA 113 39.93 -48.14 55.85
CA ALA QA 113 40.69 -47.43 54.83
C ALA QA 113 41.47 -48.43 53.97
N ILE QA 114 41.73 -48.03 52.73
CA ILE QA 114 42.49 -48.80 51.75
C ILE QA 114 43.84 -48.11 51.57
N VAL QA 115 44.94 -48.87 51.68
CA VAL QA 115 46.28 -48.33 51.49
C VAL QA 115 46.52 -48.08 50.00
N GLN QA 116 46.91 -46.84 49.66
CA GLN QA 116 47.17 -46.43 48.29
C GLN QA 116 48.68 -46.41 47.99
N GLU QA 117 49.49 -46.00 48.97
CA GLU QA 117 50.94 -46.08 48.90
C GLU QA 117 51.42 -46.90 50.11
N GLY QA 118 52.22 -47.94 49.85
CA GLY QA 118 52.76 -48.80 50.90
C GLY QA 118 53.76 -48.07 51.82
N ALA QA 119 54.03 -48.67 52.98
CA ALA QA 119 54.93 -48.12 54.00
C ALA QA 119 55.43 -49.24 54.92
N ALA QA 120 56.59 -49.05 55.56
CA ALA QA 120 57.10 -49.99 56.54
C ALA QA 120 56.47 -49.76 57.93
N SER QA 121 56.73 -50.68 58.88
CA SER QA 121 56.30 -50.50 60.27
C SER QA 121 56.82 -49.17 60.84
N GLY QA 122 55.92 -48.37 61.44
CA GLY QA 122 56.26 -47.09 62.04
C GLY QA 122 56.31 -45.92 61.07
N GLU QA 123 56.22 -46.17 59.76
CA GLU QA 123 56.20 -45.13 58.74
C GLU QA 123 54.77 -44.61 58.48
N VAL QA 124 54.69 -43.53 57.70
CA VAL QA 124 53.43 -42.94 57.26
C VAL QA 124 53.06 -43.53 55.90
N CYS QA 125 51.91 -44.21 55.81
CA CYS QA 125 51.33 -44.62 54.55
C CYS QA 125 50.36 -43.55 54.04
N GLU QA 126 49.96 -43.65 52.77
CA GLU QA 126 48.84 -42.86 52.26
C GLU QA 126 47.68 -43.81 51.99
N ALA QA 127 46.49 -43.45 52.51
CA ALA QA 127 45.33 -44.33 52.51
C ALA QA 127 44.06 -43.54 52.23
N TYR QA 128 43.01 -44.20 51.72
CA TYR QA 128 41.72 -43.58 51.49
C TYR QA 128 40.69 -44.18 52.43
N ILE QA 129 39.99 -43.33 53.19
CA ILE QA 129 38.98 -43.76 54.14
C ILE QA 129 37.68 -44.02 53.38
N PHE QA 130 37.08 -45.20 53.58
CA PHE QA 130 35.90 -45.60 52.82
C PHE QA 130 34.73 -46.09 53.69
N ALA QA 131 34.97 -46.38 54.98
CA ALA QA 131 33.90 -46.84 55.86
C ALA QA 131 34.08 -46.35 57.30
N VAL QA 132 32.96 -46.13 57.99
CA VAL QA 132 32.94 -46.04 59.45
C VAL QA 132 32.57 -47.42 60.02
N GLN QA 133 32.88 -47.65 61.30
CA GLN QA 133 32.41 -48.82 62.02
C GLN QA 133 31.91 -48.40 63.39
N GLY QA 134 30.70 -48.87 63.74
CA GLY QA 134 30.09 -48.62 65.03
C GLY QA 134 29.71 -49.91 65.75
N THR QA 135 28.93 -49.77 66.82
CA THR QA 135 28.45 -50.90 67.60
C THR QA 135 27.31 -51.59 66.84
N THR QA 136 27.59 -52.79 66.30
CA THR QA 136 26.55 -53.63 65.72
C THR QA 136 25.95 -54.60 66.75
N ALA QA 137 26.63 -54.77 67.89
CA ALA QA 137 26.58 -55.98 68.71
C ALA QA 137 26.77 -57.25 67.85
N HIS RA 9 30.08 -57.06 19.47
CA HIS RA 9 30.61 -55.66 19.34
C HIS RA 9 29.57 -54.65 19.85
N THR RA 10 29.99 -53.41 20.16
CA THR RA 10 29.12 -52.38 20.73
C THR RA 10 29.62 -50.96 20.44
N PHE RA 11 28.71 -49.99 20.52
CA PHE RA 11 29.10 -48.61 20.75
C PHE RA 11 29.59 -48.41 22.19
N PRO RA 12 30.66 -47.60 22.43
CA PRO RA 12 31.13 -47.32 23.79
C PRO RA 12 30.33 -46.20 24.46
N VAL RA 13 29.97 -46.39 25.74
CA VAL RA 13 29.14 -45.42 26.47
C VAL RA 13 29.96 -44.31 27.15
N GLU RA 14 29.31 -43.15 27.30
CA GLU RA 14 29.67 -42.09 28.24
C GLU RA 14 29.47 -42.62 29.67
N VAL RA 15 30.56 -42.79 30.43
CA VAL RA 15 30.52 -43.54 31.68
C VAL RA 15 29.99 -42.72 32.87
N LEU RA 16 30.42 -41.46 33.06
CA LEU RA 16 29.99 -40.68 34.22
C LEU RA 16 28.60 -40.06 34.05
N ILE RA 17 27.65 -40.37 34.94
CA ILE RA 17 26.31 -39.77 34.94
C ILE RA 17 26.34 -38.49 35.78
N SER RA 18 26.74 -38.63 37.05
CA SER RA 18 26.91 -37.54 38.00
C SER RA 18 27.92 -37.97 39.07
N GLY RA 19 28.53 -37.00 39.77
CA GLY RA 19 29.43 -37.30 40.86
C GLY RA 19 30.71 -36.47 40.83
N GLU RA 20 31.17 -36.09 42.03
CA GLU RA 20 32.36 -35.27 42.19
C GLU RA 20 33.61 -36.12 42.45
N GLU RA 21 33.46 -37.43 42.71
CA GLU RA 21 34.58 -38.25 43.17
C GLU RA 21 35.39 -38.83 42.01
N LEU RA 22 36.17 -37.98 41.34
CA LEU RA 22 37.19 -38.41 40.39
C LEU RA 22 38.57 -38.19 40.99
N ARG RA 23 39.38 -39.25 41.02
CA ARG RA 23 40.72 -39.22 41.59
C ARG RA 23 41.76 -39.74 40.60
N GLY RA 24 43.00 -39.27 40.72
CA GLY RA 24 44.05 -39.56 39.75
C GLY RA 24 44.93 -40.75 40.15
N TYR RA 25 45.25 -41.62 39.17
CA TYR RA 25 46.08 -42.80 39.38
C TYR RA 25 46.96 -43.02 38.15
N THR RA 26 47.94 -43.92 38.24
CA THR RA 26 48.68 -44.35 37.07
C THR RA 26 48.11 -45.68 36.58
N ALA RA 27 47.92 -45.83 35.27
CA ALA RA 27 47.52 -47.11 34.69
C ALA RA 27 48.64 -48.14 34.85
N GLY RA 28 48.35 -49.29 35.48
CA GLY RA 28 49.29 -50.40 35.57
C GLY RA 28 49.31 -51.29 34.33
N GLU RA 29 48.33 -51.09 33.43
CA GLU RA 29 48.13 -51.83 32.18
C GLU RA 29 47.23 -50.98 31.27
N ALA RA 30 47.03 -51.37 30.00
CA ALA RA 30 46.05 -50.70 29.17
C ALA RA 30 44.63 -50.94 29.71
N LEU RA 31 43.81 -49.86 29.83
CA LEU RA 31 42.48 -49.90 30.41
C LEU RA 31 41.47 -49.18 29.52
N SER RA 32 40.19 -49.53 29.68
CA SER RA 32 39.09 -49.06 28.84
C SER RA 32 37.98 -48.38 29.67
N ALA RA 33 37.29 -47.42 29.05
CA ALA RA 33 36.23 -46.66 29.72
C ALA RA 33 35.18 -47.58 30.35
N GLY RA 34 34.85 -47.35 31.63
CA GLY RA 34 33.87 -48.13 32.36
C GLY RA 34 34.40 -49.46 32.92
N GLU RA 35 35.68 -49.76 32.73
CA GLU RA 35 36.30 -50.96 33.27
C GLU RA 35 36.54 -50.79 34.78
N PRO RA 36 36.18 -51.77 35.64
CA PRO RA 36 36.50 -51.72 37.07
C PRO RA 36 37.97 -52.02 37.32
N VAL RA 37 38.55 -51.30 38.29
CA VAL RA 37 39.97 -51.37 38.60
C VAL RA 37 40.23 -51.40 40.10
N TYR RA 38 41.44 -51.83 40.48
CA TYR RA 38 41.88 -51.97 41.88
C TYR RA 38 43.35 -51.56 42.00
N LEU RA 39 43.83 -51.34 43.23
CA LEU RA 39 45.23 -50.97 43.44
C LEU RA 39 46.17 -52.15 43.22
N SER RA 40 47.22 -51.91 42.42
CA SER RA 40 48.17 -52.92 41.97
C SER RA 40 49.62 -52.51 42.25
N GLY RA 41 49.81 -51.28 42.75
CA GLY RA 41 51.08 -50.69 43.16
C GLY RA 41 50.79 -49.32 43.75
N ASP RA 42 51.83 -48.58 44.18
CA ASP RA 42 51.62 -47.27 44.82
C ASP RA 42 50.95 -46.30 43.86
N TYR RA 43 49.68 -45.96 44.15
CA TYR RA 43 48.81 -45.19 43.26
C TYR RA 43 48.69 -45.76 41.82
N GLU RA 44 48.93 -47.06 41.63
CA GLU RA 44 48.76 -47.70 40.32
C GLU RA 44 47.52 -48.59 40.30
N VAL RA 45 46.69 -48.47 39.26
CA VAL RA 45 45.46 -49.26 39.16
C VAL RA 45 45.49 -50.20 37.96
N SER RA 46 44.90 -51.40 38.14
CA SER RA 46 44.83 -52.46 37.15
C SER RA 46 43.43 -53.07 37.14
N ALA RA 47 43.07 -53.84 36.11
CA ALA RA 47 41.70 -54.37 35.98
C ALA RA 47 41.37 -55.38 37.07
N SER RA 48 40.18 -55.24 37.68
CA SER RA 48 39.72 -56.07 38.79
C SER RA 48 39.51 -57.53 38.40
N SER RA 49 39.90 -58.46 39.30
CA SER RA 49 39.46 -59.86 39.25
C SER RA 49 38.04 -60.03 39.78
N ALA RA 50 37.48 -61.24 39.60
CA ALA RA 50 36.17 -61.61 40.15
C ALA RA 50 36.22 -61.89 41.66
N ASP RA 51 35.02 -62.00 42.29
CA ASP RA 51 34.82 -62.51 43.64
C ASP RA 51 35.41 -61.63 44.75
N GLY RA 52 35.43 -60.31 44.53
CA GLY RA 52 35.67 -59.35 45.60
C GLY RA 52 37.14 -59.11 45.94
N GLY RA 53 37.37 -58.11 46.82
CA GLY RA 53 38.70 -57.77 47.34
C GLY RA 53 39.56 -56.95 46.38
N GLU RA 54 39.00 -56.56 45.21
CA GLU RA 54 39.74 -55.85 44.19
C GLU RA 54 38.85 -54.82 43.49
N PHE RA 55 38.52 -53.71 44.18
CA PHE RA 55 37.78 -52.64 43.54
C PHE RA 55 38.04 -51.30 44.21
N LEU RA 56 38.39 -50.28 43.41
CA LEU RA 56 38.53 -48.92 43.87
C LEU RA 56 37.58 -47.97 43.13
N GLY RA 57 37.30 -48.25 41.86
CA GLY RA 57 36.40 -47.46 41.04
C GLY RA 57 36.40 -47.94 39.60
N VAL RA 58 35.86 -47.12 38.68
CA VAL RA 58 35.90 -47.41 37.25
C VAL RA 58 36.70 -46.34 36.51
N ASN RA 59 37.43 -46.75 35.48
CA ASN RA 59 38.22 -45.86 34.63
C ASN RA 59 37.30 -45.00 33.74
N LEU RA 60 37.51 -43.66 33.65
CA LEU RA 60 36.66 -42.79 32.83
C LEU RA 60 36.87 -42.97 31.32
N TYR RA 61 38.12 -43.08 30.87
CA TYR RA 61 38.44 -43.01 29.45
C TYR RA 61 39.62 -43.95 29.14
N ASP RA 62 39.73 -44.37 27.88
CA ASP RA 62 40.71 -45.37 27.50
C ASP RA 62 42.14 -44.84 27.68
N VAL RA 63 43.03 -45.68 28.25
CA VAL RA 63 44.41 -45.29 28.50
C VAL RA 63 45.35 -46.44 28.15
N ALA RA 64 46.57 -46.08 27.72
CA ALA RA 64 47.67 -47.04 27.62
C ALA RA 64 48.30 -47.26 29.01
N SER RA 65 49.10 -48.33 29.14
CA SER RA 65 49.87 -48.55 30.37
C SER RA 65 50.79 -47.36 30.68
N GLY RA 66 50.89 -46.99 31.96
CA GLY RA 66 51.77 -45.92 32.43
C GLY RA 66 51.19 -44.50 32.30
N GLU RA 67 50.05 -44.33 31.63
CA GLU RA 67 49.41 -43.03 31.48
C GLU RA 67 48.58 -42.67 32.71
N PRO RA 68 48.32 -41.36 32.98
CA PRO RA 68 47.45 -40.96 34.08
C PRO RA 68 45.97 -41.26 33.81
N VAL RA 69 45.34 -41.87 34.81
CA VAL RA 69 43.95 -42.33 34.86
C VAL RA 69 43.11 -41.35 35.66
N ALA RA 70 41.90 -41.02 35.17
CA ALA RA 70 40.84 -40.51 36.02
C ALA RA 70 39.93 -41.67 36.43
N LEU RA 71 39.77 -41.89 37.74
CA LEU RA 71 39.00 -42.99 38.28
C LEU RA 71 37.75 -42.44 38.97
N ALA RA 72 36.56 -42.92 38.61
CA ALA RA 72 35.32 -42.57 39.28
C ALA RA 72 35.10 -43.51 40.46
N GLY RA 73 35.08 -42.92 41.67
CA GLY RA 73 34.98 -43.67 42.92
C GLY RA 73 33.56 -43.71 43.48
N ASP RA 74 33.42 -44.25 44.69
CA ASP RA 74 32.16 -44.21 45.40
C ASP RA 74 31.64 -42.79 45.58
N ASP RA 75 30.32 -42.67 45.67
CA ASP RA 75 29.55 -41.45 45.52
C ASP RA 75 29.36 -41.03 44.05
N CYS RA 76 29.99 -41.70 43.06
CA CYS RA 76 29.64 -41.47 41.65
C CYS RA 76 28.51 -42.37 41.16
N GLU RA 77 27.79 -41.85 40.15
CA GLU RA 77 26.82 -42.62 39.37
C GLU RA 77 27.38 -42.84 37.97
N VAL RA 78 27.35 -44.09 37.52
CA VAL RA 78 28.09 -44.52 36.35
C VAL RA 78 27.26 -45.45 35.47
N ARG RA 79 27.60 -45.48 34.18
CA ARG RA 79 27.07 -46.45 33.22
C ARG RA 79 28.10 -47.56 33.04
N VAL RA 80 27.73 -48.81 33.37
CA VAL RA 80 28.66 -49.93 33.38
C VAL RA 80 28.04 -51.16 32.71
N GLU RA 81 28.86 -51.92 31.98
CA GLU RA 81 28.40 -53.14 31.32
C GLU RA 81 28.29 -54.28 32.32
N VAL RA 82 27.15 -54.97 32.27
CA VAL RA 82 26.88 -56.12 33.14
C VAL RA 82 26.90 -57.40 32.32
N SER RA 83 27.44 -58.48 32.88
CA SER RA 83 27.53 -59.75 32.16
C SER RA 83 26.26 -60.60 32.27
N GLU RA 84 25.27 -60.15 33.07
CA GLU RA 84 24.02 -60.88 33.30
C GLU RA 84 22.87 -59.87 33.40
N GLN RA 85 21.62 -60.34 33.40
CA GLN RA 85 20.49 -59.45 33.67
C GLN RA 85 20.59 -58.89 35.10
N VAL RA 86 20.47 -57.56 35.22
CA VAL RA 86 20.38 -56.89 36.52
C VAL RA 86 19.13 -56.01 36.56
N THR RA 87 18.66 -55.79 37.79
CA THR RA 87 17.43 -55.07 38.08
C THR RA 87 17.72 -54.01 39.14
N ALA RA 88 16.85 -53.00 39.26
CA ALA RA 88 17.01 -52.00 40.31
C ALA RA 88 17.12 -52.65 41.69
N ASN RA 89 18.00 -52.09 42.54
CA ASN RA 89 18.34 -52.59 43.87
C ASN RA 89 19.27 -53.82 43.87
N ASP RA 90 19.75 -54.31 42.72
CA ASP RA 90 20.78 -55.34 42.77
C ASP RA 90 22.11 -54.75 43.21
N GLU RA 91 22.80 -55.43 44.15
CA GLU RA 91 24.20 -55.13 44.37
C GLU RA 91 25.07 -55.86 43.34
N ILE RA 92 26.04 -55.12 42.78
CA ILE RA 92 26.94 -55.62 41.76
C ILE RA 92 28.39 -55.37 42.19
N LEU RA 93 29.31 -56.15 41.60
CA LEU RA 93 30.74 -56.04 41.81
C LEU RA 93 31.50 -56.53 40.58
N PRO RA 94 32.83 -56.30 40.48
CA PRO RA 94 33.60 -56.69 39.30
C PRO RA 94 33.54 -58.18 39.03
N ASP RA 95 33.66 -58.49 37.74
CA ASP RA 95 33.33 -59.81 37.21
C ASP RA 95 34.57 -60.57 36.72
N GLY RA 96 35.76 -59.94 36.76
CA GLY RA 96 36.99 -60.50 36.21
C GLY RA 96 37.12 -60.41 34.70
N LEU RA 97 36.14 -59.80 34.01
CA LEU RA 97 36.05 -59.77 32.55
C LEU RA 97 35.91 -58.36 31.99
N GLY RA 98 36.14 -57.31 32.80
CA GLY RA 98 35.88 -55.92 32.41
C GLY RA 98 34.43 -55.47 32.62
N THR RA 99 33.55 -56.42 32.95
CA THR RA 99 32.14 -56.19 33.29
C THR RA 99 31.93 -56.21 34.80
N PHE RA 100 30.70 -55.91 35.21
CA PHE RA 100 30.20 -56.25 36.53
C PHE RA 100 29.26 -57.45 36.46
N GLU RA 101 29.01 -58.06 37.64
CA GLU RA 101 28.00 -59.09 37.83
C GLU RA 101 27.32 -58.88 39.18
N THR RA 102 26.21 -59.58 39.44
CA THR RA 102 25.56 -59.44 40.74
C THR RA 102 26.34 -60.15 41.84
N VAL RA 103 26.19 -59.64 43.06
CA VAL RA 103 26.68 -60.30 44.25
C VAL RA 103 26.09 -61.70 44.36
N ALA RA 104 24.80 -61.84 44.01
CA ALA RA 104 24.08 -63.11 44.01
C ALA RA 104 24.77 -64.18 43.14
N THR RA 105 25.33 -63.78 41.99
CA THR RA 105 26.03 -64.68 41.08
C THR RA 105 27.44 -65.01 41.55
N SER RA 106 28.16 -64.00 42.07
CA SER RA 106 29.55 -64.13 42.49
C SER RA 106 29.70 -65.02 43.74
N ALA RA 107 30.95 -65.38 44.05
CA ALA RA 107 31.29 -66.05 45.32
C ALA RA 107 31.37 -65.07 46.51
N ALA RA 108 31.41 -63.76 46.24
CA ALA RA 108 31.40 -62.72 47.26
C ALA RA 108 30.04 -62.60 47.93
N SER RA 109 29.97 -61.78 49.00
CA SER RA 109 28.75 -61.60 49.80
C SER RA 109 28.32 -60.14 49.94
N ALA RA 110 29.13 -59.19 49.42
CA ALA RA 110 28.80 -57.76 49.45
C ALA RA 110 29.26 -57.07 48.16
N GLY RA 111 28.49 -56.08 47.71
CA GLY RA 111 28.77 -55.42 46.44
C GLY RA 111 29.63 -54.16 46.58
N VAL RA 112 29.73 -53.42 45.47
CA VAL RA 112 30.42 -52.14 45.43
C VAL RA 112 29.56 -51.07 44.78
N ALA RA 113 28.55 -51.47 43.99
CA ALA RA 113 27.60 -50.54 43.41
C ALA RA 113 26.19 -51.12 43.50
N ILE RA 114 25.20 -50.21 43.50
CA ILE RA 114 23.79 -50.54 43.54
C ILE RA 114 23.16 -50.16 42.20
N VAL RA 115 22.47 -51.10 41.54
CA VAL RA 115 21.87 -50.85 40.25
C VAL RA 115 20.63 -49.95 40.42
N GLN RA 116 20.58 -48.86 39.67
CA GLN RA 116 19.50 -47.89 39.73
C GLN RA 116 18.55 -47.99 38.55
N GLU RA 117 19.04 -48.49 37.41
CA GLU RA 117 18.24 -48.82 36.25
C GLU RA 117 18.73 -50.14 35.67
N GLY RA 118 17.82 -51.10 35.46
CA GLY RA 118 18.18 -52.46 35.04
C GLY RA 118 18.70 -52.56 33.59
N ALA RA 119 19.33 -53.70 33.27
CA ALA RA 119 19.87 -53.99 31.95
C ALA RA 119 19.90 -55.49 31.69
N ALA RA 120 19.88 -55.87 30.40
CA ALA RA 120 20.08 -57.25 29.98
C ALA RA 120 21.57 -57.64 30.01
N SER RA 121 21.85 -58.95 29.95
CA SER RA 121 23.23 -59.45 29.84
C SER RA 121 23.95 -58.81 28.65
N GLY RA 122 25.17 -58.30 28.90
CA GLY RA 122 26.00 -57.69 27.87
C GLY RA 122 25.62 -56.25 27.53
N GLU RA 123 24.59 -55.70 28.20
CA GLU RA 123 24.21 -54.30 28.02
C GLU RA 123 24.67 -53.45 29.21
N VAL RA 124 24.33 -52.16 29.16
CA VAL RA 124 24.84 -51.18 30.10
C VAL RA 124 23.73 -50.79 31.08
N CYS RA 125 23.96 -50.99 32.38
CA CYS RA 125 23.08 -50.50 33.42
C CYS RA 125 23.55 -49.14 33.93
N GLU RA 126 22.72 -48.47 34.73
CA GLU RA 126 23.11 -47.27 35.47
C GLU RA 126 23.16 -47.62 36.95
N ALA RA 127 24.28 -47.31 37.62
CA ALA RA 127 24.56 -47.78 38.96
C ALA RA 127 25.23 -46.70 39.82
N TYR RA 128 25.05 -46.76 41.14
CA TYR RA 128 25.68 -45.85 42.09
C TYR RA 128 26.75 -46.60 42.86
N ILE RA 129 28.01 -46.16 42.75
CA ILE RA 129 29.13 -46.78 43.44
C ILE RA 129 29.10 -46.31 44.89
N PHE RA 130 29.22 -47.25 45.84
CA PHE RA 130 29.02 -46.93 47.25
C PHE RA 130 30.10 -47.50 48.18
N ALA RA 131 30.95 -48.40 47.69
CA ALA RA 131 31.96 -49.06 48.51
C ALA RA 131 33.21 -49.38 47.70
N VAL RA 132 34.35 -49.58 48.40
CA VAL RA 132 35.59 -50.08 47.82
C VAL RA 132 35.95 -51.39 48.50
N GLN RA 133 36.73 -52.24 47.83
CA GLN RA 133 37.17 -53.50 48.42
C GLN RA 133 38.65 -53.72 48.16
N GLY RA 134 39.39 -54.12 49.20
CA GLY RA 134 40.79 -54.47 49.09
C GLY RA 134 41.12 -55.80 49.75
N THR RA 135 42.42 -56.01 49.97
CA THR RA 135 42.95 -57.22 50.57
C THR RA 135 42.63 -57.24 52.06
N THR RA 136 41.66 -58.08 52.43
CA THR RA 136 41.40 -58.39 53.83
C THR RA 136 42.23 -59.57 54.33
N ALA RA 137 42.84 -60.32 53.40
CA ALA RA 137 43.21 -61.73 53.57
C ALA RA 137 42.04 -62.55 54.15
N ALA SA 2 8.49 -36.65 62.37
CA ALA SA 2 9.48 -36.14 63.37
C ALA SA 2 9.21 -34.67 63.67
N THR SA 3 8.91 -34.36 64.95
CA THR SA 3 8.42 -33.04 65.34
C THR SA 3 8.90 -32.61 66.73
N GLU SA 4 8.97 -31.28 66.94
CA GLU SA 4 9.45 -30.61 68.14
C GLU SA 4 8.33 -29.70 68.66
N THR SA 5 8.15 -29.65 69.99
CA THR SA 5 7.11 -28.83 70.61
C THR SA 5 7.71 -27.57 71.23
N GLN SA 6 7.10 -26.40 70.95
CA GLN SA 6 7.49 -25.12 71.53
C GLN SA 6 6.24 -24.37 71.97
N GLY SA 7 5.87 -24.45 73.26
CA GLY SA 7 4.61 -23.91 73.72
C GLY SA 7 3.40 -24.63 73.12
N GLU SA 8 2.47 -23.88 72.51
CA GLU SA 8 1.33 -24.47 71.81
C GLU SA 8 1.77 -25.23 70.54
N HIS SA 9 2.90 -24.81 69.96
CA HIS SA 9 3.22 -25.14 68.58
C HIS SA 9 3.91 -26.50 68.46
N THR SA 10 3.65 -27.17 67.33
CA THR SA 10 4.53 -28.20 66.82
C THR SA 10 5.25 -27.68 65.59
N PHE SA 11 6.57 -27.87 65.56
CA PHE SA 11 7.43 -27.56 64.43
C PHE SA 11 7.94 -28.87 63.83
N PRO SA 12 7.94 -29.02 62.49
CA PRO SA 12 8.69 -30.11 61.87
C PRO SA 12 10.19 -29.87 62.06
N VAL SA 13 10.94 -30.95 62.28
CA VAL SA 13 12.40 -30.84 62.35
C VAL SA 13 12.98 -30.74 60.94
N GLU SA 14 14.07 -29.97 60.79
CA GLU SA 14 14.85 -29.98 59.55
C GLU SA 14 15.58 -31.32 59.47
N VAL SA 15 15.28 -32.14 58.44
CA VAL SA 15 15.79 -33.51 58.36
C VAL SA 15 17.31 -33.53 58.14
N LEU SA 16 17.82 -32.68 57.24
CA LEU SA 16 19.20 -32.76 56.82
C LEU SA 16 20.07 -31.76 57.59
N ILE SA 17 21.01 -32.27 58.41
CA ILE SA 17 21.90 -31.49 59.26
C ILE SA 17 23.09 -30.99 58.43
N SER SA 18 23.72 -31.90 57.69
CA SER SA 18 24.86 -31.56 56.85
C SER SA 18 24.92 -32.55 55.69
N GLY SA 19 25.59 -32.16 54.61
CA GLY SA 19 25.77 -33.04 53.46
C GLY SA 19 25.38 -32.37 52.14
N GLU SA 20 25.99 -32.89 51.07
CA GLU SA 20 25.73 -32.46 49.69
C GLU SA 20 25.27 -33.65 48.83
N GLU SA 21 25.24 -34.86 49.40
CA GLU SA 21 24.87 -36.07 48.67
C GLU SA 21 23.35 -36.20 48.60
N LEU SA 22 22.69 -35.31 47.83
CA LEU SA 22 21.27 -35.43 47.58
C LEU SA 22 20.93 -35.48 46.09
N ARG SA 23 19.92 -36.30 45.76
CA ARG SA 23 19.61 -36.76 44.42
C ARG SA 23 18.08 -36.89 44.24
N GLY SA 24 17.62 -36.79 42.99
CA GLY SA 24 16.20 -36.85 42.68
C GLY SA 24 15.77 -38.22 42.15
N TYR SA 25 14.68 -38.77 42.70
CA TYR SA 25 14.09 -40.06 42.29
C TYR SA 25 12.59 -39.89 42.07
N THR SA 26 11.89 -40.96 41.65
CA THR SA 26 10.43 -40.96 41.61
C THR SA 26 9.88 -41.74 42.78
N ALA SA 27 8.84 -41.24 43.45
CA ALA SA 27 8.16 -41.97 44.50
C ALA SA 27 7.40 -43.17 43.93
N GLY SA 28 7.68 -44.38 44.43
CA GLY SA 28 6.92 -45.57 44.07
C GLY SA 28 5.63 -45.75 44.85
N GLU SA 29 5.45 -44.95 45.92
CA GLU SA 29 4.31 -44.93 46.81
C GLU SA 29 4.33 -43.59 47.56
N ALA SA 30 3.29 -43.26 48.34
CA ALA SA 30 3.35 -42.07 49.19
C ALA SA 30 4.39 -42.23 50.31
N LEU SA 31 5.18 -41.17 50.55
CA LEU SA 31 6.27 -41.16 51.53
C LEU SA 31 6.20 -39.90 52.38
N SER SA 32 6.68 -39.97 53.63
CA SER SA 32 6.73 -38.84 54.56
C SER SA 32 8.19 -38.46 54.86
N ALA SA 33 8.42 -37.16 55.11
CA ALA SA 33 9.75 -36.63 55.39
C ALA SA 33 10.44 -37.40 56.53
N GLY SA 34 11.70 -37.80 56.29
CA GLY SA 34 12.49 -38.56 57.24
C GLY SA 34 12.37 -40.08 57.09
N GLU SA 35 11.50 -40.60 56.22
CA GLU SA 35 11.42 -42.05 56.01
C GLU SA 35 12.66 -42.60 55.29
N PRO SA 36 13.19 -43.77 55.71
CA PRO SA 36 14.18 -44.49 54.92
C PRO SA 36 13.51 -45.13 53.70
N VAL SA 37 14.22 -45.11 52.57
CA VAL SA 37 13.70 -45.61 51.31
C VAL SA 37 14.76 -46.42 50.56
N TYR SA 38 14.31 -47.21 49.57
CA TYR SA 38 15.16 -48.10 48.78
C TYR SA 38 14.68 -48.15 47.33
N LEU SA 39 15.55 -48.63 46.41
CA LEU SA 39 15.17 -48.76 45.01
C LEU SA 39 14.16 -49.89 44.79
N SER SA 40 13.07 -49.56 44.10
CA SER SA 40 11.96 -50.46 43.87
C SER SA 40 11.58 -50.56 42.38
N GLY SA 41 12.25 -49.75 41.54
CA GLY SA 41 12.15 -49.77 40.09
C GLY SA 41 13.20 -48.81 39.52
N ASP SA 42 13.27 -48.67 38.20
CA ASP SA 42 14.28 -47.80 37.59
C ASP SA 42 14.11 -46.35 38.04
N TYR SA 43 15.08 -45.84 38.83
CA TYR SA 43 15.05 -44.55 39.50
C TYR SA 43 13.80 -44.34 40.38
N GLU SA 44 13.18 -45.42 40.86
CA GLU SA 44 11.97 -45.34 41.68
C GLU SA 44 12.25 -45.83 43.09
N VAL SA 45 11.85 -45.04 44.12
CA VAL SA 45 12.12 -45.38 45.51
C VAL SA 45 10.83 -45.59 46.30
N SER SA 46 10.88 -46.54 47.24
CA SER SA 46 9.75 -46.93 48.09
C SER SA 46 10.24 -47.05 49.54
N ALA SA 47 9.32 -47.12 50.52
CA ALA SA 47 9.69 -47.22 51.92
C ALA SA 47 10.40 -48.55 52.22
N SER SA 48 11.54 -48.50 52.91
CA SER SA 48 12.34 -49.67 53.27
C SER SA 48 11.57 -50.64 54.17
N SER SA 49 11.71 -51.95 53.92
CA SER SA 49 11.20 -52.99 54.82
C SER SA 49 12.14 -53.24 56.00
N ALA SA 50 11.81 -54.22 56.85
CA ALA SA 50 12.20 -54.27 58.26
C ALA SA 50 13.64 -54.73 58.55
N ASP SA 51 14.34 -55.43 57.63
CA ASP SA 51 15.71 -55.86 57.86
C ASP SA 51 16.69 -55.29 56.81
N GLY SA 52 17.78 -56.01 56.52
CA GLY SA 52 18.79 -55.50 55.59
C GLY SA 52 18.36 -55.47 54.12
N GLY SA 53 19.22 -54.91 53.27
CA GLY SA 53 19.14 -55.07 51.83
C GLY SA 53 18.20 -54.08 51.13
N GLU SA 54 17.68 -53.09 51.88
CA GLU SA 54 16.74 -52.12 51.35
C GLU SA 54 16.99 -50.72 51.93
N PHE SA 55 18.07 -50.06 51.49
CA PHE SA 55 18.28 -48.68 51.88
C PHE SA 55 19.15 -47.94 50.87
N LEU SA 56 18.65 -46.81 50.36
CA LEU SA 56 19.40 -45.90 49.52
C LEU SA 56 19.64 -44.55 50.22
N GLY SA 57 18.69 -44.13 51.05
CA GLY SA 57 18.76 -42.83 51.72
C GLY SA 57 17.46 -42.52 52.46
N VAL SA 58 17.31 -41.26 52.91
CA VAL SA 58 16.08 -40.79 53.54
C VAL SA 58 15.36 -39.77 52.65
N ASN SA 59 14.03 -39.86 52.62
CA ASN SA 59 13.18 -38.94 51.88
C ASN SA 59 13.12 -37.59 52.59
N LEU SA 60 13.36 -36.48 51.88
CA LEU SA 60 13.46 -35.16 52.51
C LEU SA 60 12.13 -34.40 52.65
N TYR SA 61 11.09 -34.77 51.89
CA TYR SA 61 9.80 -34.10 51.98
C TYR SA 61 8.64 -35.03 51.63
N ASP SA 62 7.44 -34.72 52.15
CA ASP SA 62 6.25 -35.53 51.94
C ASP SA 62 5.84 -35.54 50.47
N VAL SA 63 5.53 -36.73 49.94
CA VAL SA 63 5.13 -36.92 48.55
C VAL SA 63 3.96 -37.88 48.42
N ALA SA 64 3.15 -37.66 47.40
CA ALA SA 64 2.20 -38.63 46.88
C ALA SA 64 2.91 -39.62 45.95
N SER SA 65 2.23 -40.71 45.56
CA SER SA 65 2.79 -41.67 44.61
C SER SA 65 3.09 -41.00 43.25
N GLY SA 66 4.24 -41.30 42.65
CA GLY SA 66 4.61 -40.82 41.32
C GLY SA 66 5.25 -39.43 41.27
N GLU SA 67 5.29 -38.72 42.40
CA GLU SA 67 5.94 -37.41 42.50
C GLU SA 67 7.48 -37.53 42.49
N PRO SA 68 8.21 -36.46 42.09
CA PRO SA 68 9.66 -36.44 42.26
C PRO SA 68 10.06 -36.27 43.73
N VAL SA 69 11.07 -37.03 44.13
CA VAL SA 69 11.56 -37.16 45.50
C VAL SA 69 12.98 -36.61 45.59
N ALA SA 70 13.23 -35.67 46.51
CA ALA SA 70 14.59 -35.39 46.94
C ALA SA 70 14.98 -36.37 48.05
N LEU SA 71 16.16 -36.98 47.91
CA LEU SA 71 16.66 -37.99 48.82
C LEU SA 71 18.05 -37.57 49.32
N ALA SA 72 18.32 -37.75 50.61
CA ALA SA 72 19.66 -37.61 51.19
C ALA SA 72 20.30 -39.01 51.31
N GLY SA 73 21.46 -39.20 50.67
CA GLY SA 73 22.16 -40.48 50.66
C GLY SA 73 23.23 -40.58 51.76
N ASP SA 74 24.17 -41.52 51.60
CA ASP SA 74 25.34 -41.59 52.46
C ASP SA 74 26.19 -40.32 52.35
N ASP SA 75 27.11 -40.13 53.30
CA ASP SA 75 27.84 -38.88 53.50
C ASP SA 75 26.95 -37.75 54.06
N CYS SA 76 25.66 -37.98 54.38
CA CYS SA 76 24.80 -36.99 55.02
C CYS SA 76 24.59 -37.25 56.51
N GLU SA 77 24.50 -36.17 57.30
CA GLU SA 77 24.06 -36.24 58.69
C GLU SA 77 22.59 -35.83 58.77
N VAL SA 78 21.76 -36.61 59.47
CA VAL SA 78 20.31 -36.47 59.45
C VAL SA 78 19.69 -36.58 60.85
N ARG SA 79 18.55 -35.90 61.05
CA ARG SA 79 17.71 -36.03 62.23
C ARG SA 79 16.63 -37.06 61.90
N VAL SA 80 16.64 -38.23 62.57
CA VAL SA 80 15.72 -39.31 62.25
C VAL SA 80 15.09 -39.90 63.51
N GLU SA 81 13.81 -40.28 63.41
CA GLU SA 81 13.12 -40.89 64.52
C GLU SA 81 13.52 -42.37 64.66
N VAL SA 82 13.86 -42.76 65.90
CA VAL SA 82 14.15 -44.16 66.22
C VAL SA 82 12.95 -44.78 66.95
N SER SA 83 12.66 -46.04 66.67
CA SER SA 83 11.58 -46.77 67.32
C SER SA 83 12.00 -47.42 68.65
N GLU SA 84 13.29 -47.37 68.99
CA GLU SA 84 13.81 -47.91 70.24
C GLU SA 84 14.86 -46.97 70.81
N GLN SA 85 15.26 -47.16 72.07
CA GLN SA 85 16.31 -46.35 72.68
C GLN SA 85 17.66 -46.65 72.02
N VAL SA 86 18.42 -45.59 71.67
CA VAL SA 86 19.71 -45.67 70.99
C VAL SA 86 20.72 -44.74 71.66
N THR SA 87 22.01 -45.04 71.45
CA THR SA 87 23.12 -44.34 72.08
C THR SA 87 24.22 -44.09 71.04
N ALA SA 88 25.14 -43.15 71.34
CA ALA SA 88 26.21 -42.83 70.42
C ALA SA 88 27.03 -44.09 70.06
N ASN SA 89 27.52 -44.13 68.82
CA ASN SA 89 28.23 -45.27 68.22
C ASN SA 89 27.31 -46.44 67.79
N ASP SA 90 26.04 -46.50 68.22
CA ASP SA 90 25.16 -47.57 67.74
C ASP SA 90 24.96 -47.47 66.22
N GLU SA 91 25.17 -48.59 65.52
CA GLU SA 91 24.73 -48.67 64.13
C GLU SA 91 23.22 -48.89 64.08
N ILE SA 92 22.57 -48.18 63.16
CA ILE SA 92 21.12 -48.22 62.99
C ILE SA 92 20.79 -48.55 61.53
N LEU SA 93 19.53 -48.96 61.36
CA LEU SA 93 19.03 -49.66 60.19
C LEU SA 93 17.57 -49.28 60.01
N PRO SA 94 17.01 -49.24 58.78
CA PRO SA 94 15.58 -49.03 58.60
C PRO SA 94 14.77 -50.08 59.35
N ASP SA 95 13.71 -49.60 59.99
CA ASP SA 95 12.93 -50.41 60.92
C ASP SA 95 11.74 -51.13 60.24
N GLY SA 96 11.39 -50.75 59.01
CA GLY SA 96 10.18 -51.22 58.35
C GLY SA 96 8.91 -50.44 58.70
N LEU SA 97 8.99 -49.54 59.71
CA LEU SA 97 7.86 -48.76 60.20
C LEU SA 97 7.98 -47.27 59.86
N GLY SA 98 8.93 -46.88 59.00
CA GLY SA 98 9.23 -45.48 58.72
C GLY SA 98 10.28 -44.87 59.68
N THR SA 99 10.53 -45.55 60.80
CA THR SA 99 11.59 -45.25 61.77
C THR SA 99 12.88 -45.99 61.43
N PHE SA 100 13.91 -45.75 62.24
CA PHE SA 100 15.08 -46.61 62.32
C PHE SA 100 15.08 -47.41 63.63
N GLU SA 101 15.90 -48.46 63.67
CA GLU SA 101 16.21 -49.22 64.88
C GLU SA 101 17.67 -49.66 64.84
N THR SA 102 18.21 -50.19 65.94
CA THR SA 102 19.60 -50.63 65.93
C THR SA 102 19.81 -51.91 65.14
N VAL SA 103 21.02 -52.06 64.62
CA VAL SA 103 21.48 -53.31 64.04
C VAL SA 103 21.37 -54.43 65.08
N ALA SA 104 21.72 -54.14 66.33
CA ALA SA 104 21.64 -55.09 67.44
C ALA SA 104 20.24 -55.70 67.58
N THR SA 105 19.19 -54.89 67.42
CA THR SA 105 17.81 -55.33 67.54
C THR SA 105 17.31 -56.07 66.29
N SER SA 106 17.76 -55.63 65.11
CA SER SA 106 17.35 -56.19 63.83
C SER SA 106 17.81 -57.64 63.64
N ALA SA 107 17.32 -58.32 62.59
CA ALA SA 107 17.86 -59.62 62.18
C ALA SA 107 19.18 -59.51 61.42
N ALA SA 108 19.51 -58.30 60.92
CA ALA SA 108 20.71 -58.02 60.15
C ALA SA 108 21.95 -57.86 61.05
N SER SA 109 23.10 -57.61 60.42
CA SER SA 109 24.39 -57.53 61.10
C SER SA 109 25.26 -56.34 60.67
N ALA SA 110 24.76 -55.49 59.75
CA ALA SA 110 25.45 -54.29 59.30
C ALA SA 110 24.45 -53.14 59.17
N GLY SA 111 24.82 -51.94 59.63
CA GLY SA 111 23.92 -50.79 59.60
C GLY SA 111 24.11 -49.93 58.36
N VAL SA 112 23.36 -48.83 58.30
CA VAL SA 112 23.47 -47.86 57.23
C VAL SA 112 23.80 -46.47 57.75
N ALA SA 113 23.53 -46.24 59.03
CA ALA SA 113 23.86 -44.97 59.68
C ALA SA 113 24.37 -45.28 61.09
N ILE SA 114 25.14 -44.35 61.65
CA ILE SA 114 25.69 -44.47 62.99
C ILE SA 114 25.17 -43.31 63.84
N VAL SA 115 24.69 -43.62 65.06
CA VAL SA 115 24.09 -42.62 65.93
C VAL SA 115 25.19 -41.74 66.52
N GLN SA 116 25.03 -40.42 66.37
CA GLN SA 116 25.93 -39.43 66.96
C GLN SA 116 25.35 -38.84 68.25
N GLU SA 117 24.02 -38.91 68.43
CA GLU SA 117 23.33 -38.28 69.55
C GLU SA 117 22.16 -39.18 69.94
N GLY SA 118 22.23 -39.79 71.14
CA GLY SA 118 21.26 -40.78 71.57
C GLY SA 118 19.84 -40.23 71.76
N ALA SA 119 18.86 -41.14 71.75
CA ALA SA 119 17.44 -40.79 71.88
C ALA SA 119 16.67 -41.96 72.49
N ALA SA 120 15.52 -41.66 73.12
CA ALA SA 120 14.59 -42.66 73.61
C ALA SA 120 13.78 -43.29 72.47
N SER SA 121 12.96 -44.32 72.77
CA SER SA 121 12.02 -44.86 71.79
C SER SA 121 11.03 -43.76 71.34
N GLY SA 122 10.80 -43.66 70.03
CA GLY SA 122 9.81 -42.75 69.44
C GLY SA 122 10.29 -41.30 69.36
N GLU SA 123 11.60 -41.08 69.21
CA GLU SA 123 12.22 -39.78 69.44
C GLU SA 123 13.34 -39.53 68.42
N VAL SA 124 13.67 -38.25 68.20
CA VAL SA 124 14.61 -37.87 67.15
C VAL SA 124 16.05 -38.00 67.65
N CYS SA 125 16.83 -38.90 67.02
CA CYS SA 125 18.28 -38.94 67.18
C CYS SA 125 18.96 -38.13 66.06
N GLU SA 126 20.26 -37.86 66.20
CA GLU SA 126 21.07 -37.39 65.07
C GLU SA 126 22.04 -38.49 64.67
N ALA SA 127 22.12 -38.76 63.35
CA ALA SA 127 22.90 -39.89 62.84
C ALA SA 127 23.62 -39.51 61.54
N TYR SA 128 24.72 -40.22 61.24
CA TYR SA 128 25.44 -40.04 60.00
C TYR SA 128 25.23 -41.26 59.12
N ILE SA 129 24.71 -41.06 57.89
CA ILE SA 129 24.48 -42.13 56.95
C ILE SA 129 25.80 -42.44 56.25
N PHE SA 130 26.27 -43.68 56.38
CA PHE SA 130 27.58 -44.06 55.86
C PHE SA 130 27.51 -45.13 54.76
N ALA SA 131 26.36 -45.79 54.57
CA ALA SA 131 26.27 -46.92 53.65
C ALA SA 131 24.88 -47.03 53.02
N VAL SA 132 24.80 -47.86 51.97
CA VAL SA 132 23.54 -48.25 51.32
C VAL SA 132 23.50 -49.78 51.27
N GLN SA 133 22.30 -50.36 51.13
CA GLN SA 133 22.14 -51.80 51.03
C GLN SA 133 21.15 -52.16 49.95
N GLY SA 134 21.49 -53.20 49.18
CA GLY SA 134 20.61 -53.74 48.16
C GLY SA 134 20.48 -55.26 48.23
N THR SA 135 19.94 -55.82 47.15
CA THR SA 135 19.75 -57.25 46.97
C THR SA 135 21.12 -57.91 46.78
N THR SA 136 21.61 -58.60 47.82
CA THR SA 136 22.80 -59.43 47.69
C THR SA 136 22.47 -60.87 47.33
N ALA SA 137 21.24 -61.31 47.64
CA ALA SA 137 20.90 -62.71 47.93
C ALA SA 137 21.94 -63.34 48.89
N MET TA 1 -57.78 -3.46 -31.19
CA MET TA 1 -56.48 -3.37 -30.47
C MET TA 1 -55.47 -4.28 -31.16
N GLN TA 2 -54.19 -3.88 -31.18
CA GLN TA 2 -53.14 -4.60 -31.87
C GLN TA 2 -51.96 -4.87 -30.94
N LEU TA 3 -51.51 -6.14 -30.91
CA LEU TA 3 -50.32 -6.56 -30.18
C LEU TA 3 -49.13 -6.61 -31.14
N ARG TA 4 -47.88 -6.69 -30.63
CA ARG TA 4 -46.68 -6.74 -31.46
C ARG TA 4 -46.71 -7.93 -32.45
N ARG TA 5 -47.15 -9.11 -31.98
CA ARG TA 5 -47.28 -10.31 -32.79
C ARG TA 5 -48.47 -10.29 -33.76
N SER TA 6 -49.40 -9.32 -33.65
CA SER TA 6 -50.61 -9.31 -34.49
C SER TA 6 -50.28 -9.10 -35.97
N PRO TA 7 -51.03 -9.71 -36.91
CA PRO TA 7 -50.59 -9.82 -38.29
C PRO TA 7 -50.47 -8.48 -39.02
N GLY TA 8 -51.32 -7.51 -38.67
CA GLY TA 8 -51.25 -6.17 -39.23
C GLY TA 8 -50.10 -5.32 -38.70
N MET TA 9 -49.50 -5.69 -37.56
CA MET TA 9 -48.44 -4.92 -36.93
C MET TA 9 -47.04 -5.39 -37.28
N ARG TA 10 -46.85 -6.60 -37.82
CA ARG TA 10 -45.52 -7.15 -38.01
C ARG TA 10 -44.58 -6.18 -38.75
N PRO TA 11 -44.98 -5.52 -39.86
CA PRO TA 11 -44.10 -4.58 -40.54
C PRO TA 11 -43.65 -3.33 -39.78
N MET TA 12 -44.31 -2.99 -38.67
CA MET TA 12 -43.89 -1.92 -37.77
C MET TA 12 -42.76 -2.37 -36.82
N ASP TA 13 -42.61 -3.66 -36.57
CA ASP TA 13 -41.70 -4.15 -35.56
C ASP TA 13 -40.27 -4.15 -36.09
N ARG TA 14 -39.37 -3.41 -35.43
CA ARG TA 14 -37.95 -3.41 -35.77
C ARG TA 14 -37.39 -4.83 -35.80
N ASP TA 15 -37.79 -5.67 -34.84
CA ASP TA 15 -37.28 -7.03 -34.78
C ASP TA 15 -37.72 -7.85 -35.99
N TRP TA 16 -38.90 -7.60 -36.55
CA TRP TA 16 -39.32 -8.36 -37.71
C TRP TA 16 -38.41 -8.08 -38.91
N HIP TA 17 -38.03 -6.82 -39.12
CA HIP TA 17 -36.99 -6.45 -40.06
CB HIP TA 17 -36.89 -4.94 -40.17
CG HIP TA 17 -38.00 -4.40 -40.98
CD2 HIP TA 17 -39.23 -4.00 -40.52
NE2 HIP TA 17 -40.01 -3.71 -41.61
CE1 HIP TA 17 -39.30 -3.92 -42.71
ND1 HIP TA 17 -37.97 -4.30 -42.39
P HIP TA 17 -36.70 -4.57 -43.55
O1P HIP TA 17 -36.39 -3.21 -44.10
O2P HIP TA 17 -35.56 -5.22 -42.80
O3P HIP TA 17 -37.22 -5.50 -44.60
C HIP TA 17 -35.63 -7.09 -39.75
O HIP TA 17 -35.08 -7.81 -40.59
N GLN TA 18 -35.09 -6.85 -38.55
CA GLN TA 18 -33.76 -7.32 -38.19
C GLN TA 18 -33.65 -8.85 -38.29
N GLU TA 19 -34.68 -9.57 -37.86
CA GLU TA 19 -34.65 -11.03 -37.80
C GLU TA 19 -34.86 -11.66 -39.17
N ARG TA 20 -35.63 -11.03 -40.07
CA ARG TA 20 -35.70 -11.48 -41.46
C ARG TA 20 -34.37 -11.28 -42.17
N ALA TA 21 -33.66 -10.18 -41.89
CA ALA TA 21 -32.31 -9.98 -42.40
C ALA TA 21 -31.35 -11.07 -41.89
N ARG TA 22 -31.36 -11.36 -40.58
CA ARG TA 22 -30.63 -12.48 -39.99
C ARG TA 22 -30.94 -13.78 -40.72
N ALA TA 23 -32.22 -14.10 -40.91
CA ALA TA 23 -32.63 -15.35 -41.52
C ALA TA 23 -32.05 -15.51 -42.94
N ARG TA 24 -32.07 -14.45 -43.76
CA ARG TA 24 -31.48 -14.46 -45.08
C ARG TA 24 -29.96 -14.71 -45.04
N GLU TA 25 -29.25 -14.18 -44.05
CA GLU TA 25 -27.81 -14.38 -43.94
C GLU TA 25 -27.44 -15.73 -43.32
N GLN TA 26 -28.36 -16.41 -42.64
CA GLN TA 26 -28.13 -17.74 -42.07
C GLN TA 26 -28.22 -18.87 -43.09
N ALA TA 27 -29.20 -18.78 -44.00
CA ALA TA 27 -29.64 -19.94 -44.78
C ALA TA 27 -28.62 -20.41 -45.81
N TYR TA 28 -28.73 -21.68 -46.22
CA TYR TA 28 -28.04 -22.26 -47.37
C TYR TA 28 -28.99 -22.69 -48.49
N SER TA 29 -30.29 -22.80 -48.18
CA SER TA 29 -31.33 -23.22 -49.11
C SER TA 29 -32.67 -22.59 -48.68
N SER TA 30 -33.68 -22.70 -49.54
CA SER TA 30 -35.04 -22.25 -49.26
C SER TA 30 -35.81 -23.16 -48.29
N ASP TA 31 -35.27 -24.32 -47.91
CA ASP TA 31 -35.97 -25.25 -47.03
C ASP TA 31 -35.93 -24.76 -45.57
N LEU TA 32 -36.99 -24.06 -45.14
CA LEU TA 32 -36.99 -23.42 -43.83
C LEU TA 32 -36.97 -24.44 -42.70
N THR TA 33 -37.64 -25.60 -42.87
CA THR TA 33 -37.75 -26.64 -41.84
C THR TA 33 -36.38 -27.21 -41.47
N SER TA 34 -35.46 -27.26 -42.43
CA SER TA 34 -34.09 -27.73 -42.24
C SER TA 34 -33.25 -26.77 -41.38
N GLN TA 35 -33.66 -25.50 -41.20
CA GLN TA 35 -32.77 -24.42 -40.77
C GLN TA 35 -33.30 -23.58 -39.61
N PHE TA 36 -34.63 -23.42 -39.50
CA PHE TA 36 -35.25 -22.49 -38.56
C PHE TA 36 -36.24 -23.20 -37.64
N SER TA 37 -36.35 -22.70 -36.41
CA SER TA 37 -37.37 -23.14 -35.47
C SER TA 37 -38.77 -22.80 -35.99
N GLU TA 38 -39.76 -23.65 -35.71
CA GLU TA 38 -41.12 -23.39 -36.15
C GLU TA 38 -41.72 -22.10 -35.56
N SER TA 39 -41.31 -21.71 -34.34
CA SER TA 39 -41.57 -20.39 -33.78
C SER TA 39 -41.08 -19.26 -34.69
N GLU TA 40 -39.83 -19.35 -35.19
CA GLU TA 40 -39.25 -18.30 -36.03
C GLU TA 40 -40.01 -18.19 -37.34
N ILE TA 41 -40.35 -19.33 -37.94
CA ILE TA 41 -41.04 -19.36 -39.23
C ILE TA 41 -42.38 -18.63 -39.13
N VAL TA 42 -43.12 -18.81 -38.03
CA VAL TA 42 -44.39 -18.13 -37.81
C VAL TA 42 -44.19 -16.67 -37.40
N LYS TA 43 -43.36 -16.42 -36.37
CA LYS TA 43 -43.16 -15.10 -35.77
C LYS TA 43 -42.60 -14.08 -36.76
N TYR TA 44 -41.73 -14.53 -37.67
CA TYR TA 44 -41.05 -13.66 -38.63
C TYR TA 44 -41.52 -13.89 -40.07
N GLU TA 45 -42.57 -14.72 -40.26
CA GLU TA 45 -43.19 -14.96 -41.56
C GLU TA 45 -42.16 -15.30 -42.63
N LEU TA 46 -41.29 -16.27 -42.31
CA LEU TA 46 -40.13 -16.59 -43.12
C LEU TA 46 -40.52 -17.19 -44.48
N ASP TA 47 -41.76 -17.66 -44.65
CA ASP TA 47 -42.30 -18.05 -45.96
C ASP TA 47 -42.26 -16.89 -46.97
N THR TA 48 -42.45 -15.65 -46.49
CA THR TA 48 -42.59 -14.46 -47.32
C THR TA 48 -41.24 -13.77 -47.58
N ALA TA 49 -40.23 -14.04 -46.75
CA ALA TA 49 -38.85 -13.60 -47.02
C ALA TA 49 -38.25 -14.42 -48.17
N GLN TA 50 -37.44 -13.78 -49.03
CA GLN TA 50 -36.80 -14.49 -50.13
C GLN TA 50 -35.55 -15.25 -49.64
N ILE TA 51 -35.76 -16.20 -48.73
CA ILE TA 51 -34.68 -17.03 -48.19
C ILE TA 51 -34.33 -18.12 -49.21
N ASP TA 52 -33.04 -18.16 -49.60
CA ASP TA 52 -32.57 -19.10 -50.60
C ASP TA 52 -31.05 -19.42 -50.49
N GLY TA 53 -30.35 -18.80 -49.53
CA GLY TA 53 -28.91 -19.00 -49.38
C GLY TA 53 -28.04 -18.09 -50.25
N SER TA 54 -28.64 -17.29 -51.13
CA SER TA 54 -27.89 -16.39 -52.01
C SER TA 54 -27.32 -15.19 -51.26
N ASP TA 55 -27.86 -14.87 -50.05
CA ASP TA 55 -27.39 -13.75 -49.23
C ASP TA 55 -26.39 -14.17 -48.14
N ASN TA 56 -26.19 -15.46 -47.93
CA ASN TA 56 -25.27 -15.96 -46.91
C ASN TA 56 -23.83 -15.81 -47.40
N PRO TA 57 -22.93 -15.08 -46.68
CA PRO TA 57 -21.54 -14.93 -47.11
C PRO TA 57 -20.79 -16.25 -47.27
N ARG TA 58 -21.14 -17.27 -46.48
CA ARG TA 58 -20.49 -18.57 -46.51
C ARG TA 58 -20.71 -19.31 -47.83
N THR TA 59 -21.74 -18.93 -48.59
CA THR TA 59 -21.97 -19.46 -49.94
C THR TA 59 -20.81 -19.10 -50.88
N TYR TA 60 -20.14 -17.97 -50.62
CA TYR TA 60 -19.16 -17.38 -51.54
C TYR TA 60 -17.72 -17.47 -51.05
N ILE TA 61 -17.53 -17.76 -49.76
CA ILE TA 61 -16.19 -17.86 -49.17
C ILE TA 61 -15.56 -19.21 -49.50
N TRP TA 62 -14.29 -19.20 -49.92
CA TRP TA 62 -13.50 -20.41 -50.10
C TRP TA 62 -13.04 -20.99 -48.76
N ASN TA 63 -13.12 -22.33 -48.62
CA ASN TA 63 -12.67 -23.01 -47.41
C ASN TA 63 -12.16 -24.43 -47.70
N ARG TA 64 -11.07 -24.52 -48.46
CA ARG TA 64 -10.39 -25.76 -48.80
C ARG TA 64 -9.73 -26.38 -47.56
N THR TA 65 -9.57 -27.73 -47.55
CA THR TA 65 -9.00 -28.51 -46.46
C THR TA 65 -7.55 -28.09 -46.14
N ILE TA 66 -6.72 -27.96 -47.18
CA ILE TA 66 -5.32 -27.56 -47.08
C ILE TA 66 -5.16 -26.26 -47.86
N ASP TA 67 -4.44 -25.28 -47.29
CA ASP TA 67 -4.24 -24.00 -47.94
C ASP TA 67 -2.79 -23.53 -47.82
N LEU TA 68 -2.03 -23.66 -48.92
CA LEU TA 68 -0.64 -23.28 -48.95
C LEU TA 68 -0.42 -21.84 -49.43
N PHE TA 69 -1.50 -21.15 -49.86
CA PHE TA 69 -1.41 -19.90 -50.60
C PHE TA 69 -2.26 -18.77 -49.99
N GLY TA 70 -2.95 -19.03 -48.89
CA GLY TA 70 -3.77 -18.03 -48.23
C GLY TA 70 -5.04 -17.69 -49.02
N MET TA 71 -5.53 -18.64 -49.81
CA MET TA 71 -6.75 -18.50 -50.60
C MET TA 71 -8.02 -18.52 -49.75
N ASN TA 72 -8.02 -19.29 -48.66
CA ASN TA 72 -9.20 -19.46 -47.81
C ASN TA 72 -9.63 -18.12 -47.22
N GLY TA 73 -10.95 -17.94 -47.11
CA GLY TA 73 -11.50 -16.71 -46.55
C GLY TA 73 -11.71 -15.60 -47.59
N THR TA 74 -11.20 -15.76 -48.82
CA THR TA 74 -11.58 -14.85 -49.89
C THR TA 74 -13.04 -15.08 -50.27
N ASP TA 75 -13.75 -14.00 -50.58
CA ASP TA 75 -15.16 -14.01 -50.99
C ASP TA 75 -15.22 -13.74 -52.49
N VAL TA 76 -15.81 -14.65 -53.29
CA VAL TA 76 -15.74 -14.52 -54.74
C VAL TA 76 -16.44 -13.25 -55.26
N ARG TA 77 -17.49 -12.77 -54.60
CA ARG TA 77 -18.20 -11.57 -55.03
C ARG TA 77 -17.44 -10.28 -54.68
N GLU TA 78 -16.17 -10.40 -54.26
CA GLU TA 78 -15.26 -9.27 -54.05
C GLU TA 78 -14.02 -9.31 -54.96
N LEU TA 79 -13.97 -10.23 -55.94
CA LEU TA 79 -12.89 -10.28 -56.92
C LEU TA 79 -12.99 -9.13 -57.93
N ARG TA 80 -11.93 -8.92 -58.72
CA ARG TA 80 -11.85 -7.88 -59.76
C ARG TA 80 -12.97 -7.99 -60.80
N ASN TA 81 -13.24 -9.20 -61.26
CA ASN TA 81 -14.13 -9.48 -62.39
C ASN TA 81 -15.56 -9.82 -61.94
N ARG TA 82 -15.95 -9.42 -60.71
CA ARG TA 82 -17.29 -9.67 -60.17
C ARG TA 82 -18.02 -8.37 -59.89
N MET UA 1 6.68 -20.36 -61.80
CA MET UA 1 6.60 -19.84 -60.41
C MET UA 1 7.47 -20.72 -59.51
N GLN UA 2 8.09 -20.09 -58.51
CA GLN UA 2 8.98 -20.78 -57.57
C GLN UA 2 8.48 -20.63 -56.14
N LEU UA 3 8.20 -21.76 -55.47
CA LEU UA 3 7.88 -21.79 -54.05
C LEU UA 3 9.16 -21.90 -53.23
N ARG UA 4 9.07 -21.65 -51.91
CA ARG UA 4 10.22 -21.71 -51.01
C ARG UA 4 10.86 -23.11 -50.96
N ARG UA 5 10.04 -24.17 -51.07
CA ARG UA 5 10.50 -25.55 -51.15
C ARG UA 5 10.95 -26.00 -52.55
N SER UA 6 10.71 -25.21 -53.61
CA SER UA 6 11.05 -25.63 -54.97
C SER UA 6 12.56 -25.77 -55.15
N PRO UA 7 13.05 -26.76 -55.93
CA PRO UA 7 14.45 -27.18 -55.85
C PRO UA 7 15.43 -26.10 -56.29
N GLY UA 8 15.05 -25.26 -57.27
CA GLY UA 8 15.86 -24.15 -57.71
C GLY UA 8 15.99 -23.01 -56.69
N MET UA 9 15.12 -22.97 -55.67
CA MET UA 9 15.11 -21.89 -54.70
C MET UA 9 15.85 -22.18 -53.40
N ARG UA 10 16.13 -23.46 -53.09
CA ARG UA 10 16.65 -23.83 -51.77
C ARG UA 10 17.86 -23.00 -51.34
N PRO UA 11 18.89 -22.76 -52.19
CA PRO UA 11 20.04 -21.95 -51.80
C PRO UA 11 19.78 -20.51 -51.36
N MET UA 12 18.63 -19.92 -51.73
CA MET UA 12 18.24 -18.60 -51.29
C MET UA 12 17.61 -18.58 -49.90
N ASP UA 13 17.20 -19.73 -49.37
CA ASP UA 13 16.45 -19.77 -48.12
C ASP UA 13 17.40 -19.72 -46.92
N ARG UA 14 17.24 -18.70 -46.05
CA ARG UA 14 18.00 -18.58 -44.81
C ARG UA 14 17.89 -19.84 -43.95
N ASP UA 15 16.71 -20.48 -43.91
CA ASP UA 15 16.51 -21.69 -43.13
C ASP UA 15 17.31 -22.87 -43.70
N TRP UA 16 17.46 -22.95 -45.03
CA TRP UA 16 18.18 -24.06 -45.62
C TRP UA 16 19.65 -24.06 -45.19
N HIP UA 17 20.30 -22.89 -45.17
CA HIP UA 17 21.63 -22.73 -44.58
CB HIP UA 17 22.15 -21.32 -44.82
CG HIP UA 17 22.50 -21.08 -46.23
CD2 HIP UA 17 21.66 -20.69 -47.24
NE2 HIP UA 17 22.40 -20.63 -48.40
CE1 HIP UA 17 23.65 -20.96 -48.12
ND1 HIP UA 17 23.80 -21.28 -46.76
P HIP UA 17 25.28 -21.72 -45.95
O1P HIP UA 17 25.51 -20.61 -44.97
O2P HIP UA 17 24.94 -23.04 -45.29
O3P HIP UA 17 26.35 -21.84 -46.98
C HIP UA 17 21.64 -23.04 -43.08
O HIP UA 17 22.48 -23.81 -42.62
N GLN UA 18 20.75 -22.42 -42.30
CA GLN UA 18 20.75 -22.54 -40.85
C GLN UA 18 20.54 -23.99 -40.41
N GLU UA 19 19.61 -24.73 -41.03
CA GLU UA 19 19.36 -26.10 -40.62
C GLU UA 19 20.42 -27.08 -41.14
N ARG UA 20 21.08 -26.78 -42.26
CA ARG UA 20 22.24 -27.57 -42.67
C ARG UA 20 23.41 -27.40 -41.71
N ALA UA 21 23.68 -26.17 -41.25
CA ALA UA 21 24.63 -25.92 -40.18
C ALA UA 21 24.22 -26.68 -38.90
N ARG UA 22 22.94 -26.61 -38.52
CA ARG UA 22 22.38 -27.35 -37.39
C ARG UA 22 22.66 -28.85 -37.52
N ALA UA 23 22.41 -29.45 -38.69
CA ALA UA 23 22.64 -30.87 -38.94
C ALA UA 23 24.12 -31.24 -38.83
N ARG UA 24 25.05 -30.46 -39.42
CA ARG UA 24 26.49 -30.67 -39.27
C ARG UA 24 26.91 -30.66 -37.80
N GLU UA 25 26.43 -29.69 -37.01
CA GLU UA 25 26.75 -29.56 -35.60
C GLU UA 25 26.17 -30.69 -34.74
N GLN UA 26 25.23 -31.48 -35.26
CA GLN UA 26 24.38 -32.36 -34.45
C GLN UA 26 24.59 -33.84 -34.77
N ALA UA 27 25.25 -34.16 -35.90
CA ALA UA 27 25.50 -35.53 -36.33
C ALA UA 27 26.68 -36.19 -35.61
N TYR UA 28 26.68 -37.53 -35.57
CA TYR UA 28 27.82 -38.34 -35.13
C TYR UA 28 28.46 -39.13 -36.28
N SER UA 29 27.82 -39.14 -37.46
CA SER UA 29 28.24 -39.98 -38.59
C SER UA 29 27.68 -39.42 -39.89
N SER UA 30 28.22 -39.87 -41.03
CA SER UA 30 27.66 -39.64 -42.36
C SER UA 30 26.37 -40.44 -42.62
N ASP UA 31 26.03 -41.42 -41.78
CA ASP UA 31 24.87 -42.26 -42.00
C ASP UA 31 23.57 -41.54 -41.64
N LEU UA 32 22.94 -40.87 -42.62
CA LEU UA 32 21.83 -39.96 -42.33
C LEU UA 32 20.59 -40.67 -41.80
N THR UA 33 20.28 -41.88 -42.31
CA THR UA 33 19.04 -42.60 -42.02
C THR UA 33 18.86 -42.90 -40.53
N SER UA 34 19.96 -43.16 -39.84
CA SER UA 34 19.98 -43.46 -38.41
C SER UA 34 19.85 -42.21 -37.54
N GLN UA 35 19.89 -41.00 -38.13
CA GLN UA 35 20.04 -39.75 -37.36
C GLN UA 35 18.95 -38.72 -37.68
N PHE UA 36 18.44 -38.72 -38.91
CA PHE UA 36 17.51 -37.71 -39.40
C PHE UA 36 16.26 -38.37 -40.01
N SER UA 37 15.15 -37.65 -39.92
CA SER UA 37 13.87 -38.02 -40.53
C SER UA 37 13.96 -37.87 -42.06
N GLU UA 38 13.15 -38.64 -42.79
CA GLU UA 38 12.98 -38.46 -44.22
C GLU UA 38 12.59 -37.01 -44.56
N SER UA 39 11.78 -36.35 -43.72
CA SER UA 39 11.43 -34.94 -43.87
C SER UA 39 12.66 -34.04 -43.87
N GLU UA 40 13.54 -34.20 -42.86
CA GLU UA 40 14.75 -33.39 -42.72
C GLU UA 40 15.68 -33.63 -43.92
N ILE UA 41 15.87 -34.89 -44.32
CA ILE UA 41 16.77 -35.29 -45.38
C ILE UA 41 16.34 -34.68 -46.72
N VAL UA 42 15.03 -34.71 -47.01
CA VAL UA 42 14.48 -34.15 -48.24
C VAL UA 42 14.47 -32.62 -48.19
N LYS UA 43 13.90 -32.01 -47.15
CA LYS UA 43 13.69 -30.56 -47.06
C LYS UA 43 15.03 -29.79 -47.08
N TYR UA 44 16.06 -30.34 -46.42
CA TYR UA 44 17.34 -29.69 -46.28
C TYR UA 44 18.46 -30.34 -47.12
N GLU UA 45 18.11 -31.29 -48.00
CA GLU UA 45 19.02 -31.90 -48.97
C GLU UA 45 20.28 -32.43 -48.29
N LEU UA 46 20.10 -33.16 -47.19
CA LEU UA 46 21.19 -33.47 -46.28
C LEU UA 46 22.24 -34.40 -46.90
N ASP UA 47 21.90 -35.15 -47.96
CA ASP UA 47 22.87 -35.90 -48.74
C ASP UA 47 24.04 -35.04 -49.23
N THR UA 48 23.77 -33.77 -49.52
CA THR UA 48 24.68 -32.83 -50.15
C THR UA 48 25.44 -31.98 -49.12
N ALA UA 49 24.96 -31.92 -47.87
CA ALA UA 49 25.75 -31.35 -46.77
C ALA UA 49 26.89 -32.31 -46.43
N GLN UA 50 28.09 -31.80 -46.12
CA GLN UA 50 29.21 -32.68 -45.77
C GLN UA 50 29.09 -33.17 -44.32
N ILE UA 51 28.02 -33.93 -44.02
CA ILE UA 51 27.76 -34.45 -42.69
C ILE UA 51 28.63 -35.69 -42.42
N ASP UA 52 29.35 -35.69 -41.28
CA ASP UA 52 30.23 -36.80 -40.93
C ASP UA 52 30.55 -36.89 -39.42
N GLY UA 53 30.06 -35.94 -38.61
CA GLY UA 53 30.39 -35.90 -37.19
C GLY UA 53 31.61 -35.05 -36.83
N SER UA 54 32.41 -34.63 -37.82
CA SER UA 54 33.64 -33.88 -37.58
C SER UA 54 33.39 -32.44 -37.12
N ASP UA 55 32.18 -31.90 -37.31
CA ASP UA 55 31.82 -30.55 -36.88
C ASP UA 55 30.89 -30.50 -35.67
N ASN UA 56 30.55 -31.67 -35.12
CA ASN UA 56 29.80 -31.75 -33.87
C ASN UA 56 30.76 -31.47 -32.73
N PRO UA 57 30.55 -30.46 -31.86
CA PRO UA 57 31.48 -30.19 -30.75
C PRO UA 57 31.63 -31.39 -29.83
N ARG UA 58 30.56 -32.17 -29.65
CA ARG UA 58 30.56 -33.32 -28.76
C ARG UA 58 31.45 -34.47 -29.24
N THR UA 59 31.92 -34.45 -30.49
CA THR UA 59 32.94 -35.40 -30.97
C THR UA 59 34.27 -35.24 -30.22
N TYR UA 60 34.56 -34.04 -29.70
CA TYR UA 60 35.86 -33.64 -29.19
C TYR UA 60 35.89 -33.40 -27.68
N ILE UA 61 34.77 -33.64 -27.00
CA ILE UA 61 34.59 -33.26 -25.60
C ILE UA 61 34.77 -34.48 -24.70
N TRP UA 62 35.60 -34.34 -23.66
CA TRP UA 62 35.78 -35.40 -22.68
C TRP UA 62 34.52 -35.60 -21.84
N ASN UA 63 34.15 -36.87 -21.67
CA ASN UA 63 32.89 -37.28 -21.07
C ASN UA 63 33.09 -38.56 -20.24
N ARG UA 64 34.14 -38.54 -19.41
CA ARG UA 64 34.65 -39.62 -18.59
C ARG UA 64 33.65 -40.03 -17.50
N THR UA 65 33.54 -41.34 -17.24
CA THR UA 65 32.63 -41.95 -16.27
C THR UA 65 32.94 -41.58 -14.81
N ILE UA 66 34.22 -41.55 -14.41
CA ILE UA 66 34.65 -41.05 -13.12
C ILE UA 66 35.63 -39.91 -13.37
N ASP UA 67 35.27 -38.70 -12.90
CA ASP UA 67 36.00 -37.49 -13.24
C ASP UA 67 36.60 -36.85 -11.98
N LEU UA 68 37.78 -37.34 -11.55
CA LEU UA 68 38.42 -36.84 -10.34
C LEU UA 68 38.82 -35.37 -10.45
N PHE UA 69 39.32 -34.96 -11.62
CA PHE UA 69 39.94 -33.65 -11.80
C PHE UA 69 38.98 -32.59 -12.33
N GLY UA 70 37.67 -32.91 -12.40
CA GLY UA 70 36.63 -31.95 -12.79
C GLY UA 70 36.85 -31.47 -14.22
N MET UA 71 37.12 -32.41 -15.12
CA MET UA 71 37.74 -32.17 -16.40
C MET UA 71 36.80 -32.47 -17.59
N ASN UA 72 35.63 -33.08 -17.32
CA ASN UA 72 34.59 -33.28 -18.32
C ASN UA 72 34.13 -31.96 -18.93
N GLY UA 73 33.75 -31.99 -20.22
CA GLY UA 73 33.36 -30.78 -20.92
C GLY UA 73 34.53 -30.08 -21.62
N THR UA 74 35.78 -30.48 -21.34
CA THR UA 74 36.94 -29.91 -22.03
C THR UA 74 37.00 -30.44 -23.46
N ASP UA 75 37.34 -29.54 -24.40
CA ASP UA 75 37.29 -29.77 -25.84
C ASP UA 75 38.73 -29.87 -26.36
N VAL UA 76 39.13 -31.00 -26.95
CA VAL UA 76 40.54 -31.24 -27.30
C VAL UA 76 41.07 -30.26 -28.37
N ARG UA 77 40.21 -29.75 -29.26
CA ARG UA 77 40.63 -28.81 -30.30
C ARG UA 77 40.88 -27.40 -29.75
N GLU UA 78 40.94 -27.25 -28.41
CA GLU UA 78 41.35 -26.02 -27.74
C GLU UA 78 42.67 -26.18 -26.95
N LEU UA 79 43.31 -27.36 -27.02
CA LEU UA 79 44.63 -27.58 -26.39
C LEU UA 79 45.73 -26.80 -27.14
N ARG UA 80 46.85 -26.49 -26.45
CA ARG UA 80 47.93 -25.67 -27.01
C ARG UA 80 48.64 -26.31 -28.21
N ASN UA 81 48.65 -27.65 -28.25
CA ASN UA 81 49.28 -28.44 -29.33
C ASN UA 81 48.34 -28.63 -30.54
N ARG UA 82 47.20 -27.91 -30.59
CA ARG UA 82 46.28 -27.89 -31.73
C ARG UA 82 46.29 -26.53 -32.43
N MET VA 1 -49.43 -8.19 41.88
CA MET VA 1 -48.29 -7.95 40.98
C MET VA 1 -48.68 -8.38 39.57
N GLN VA 2 -48.18 -7.66 38.55
CA GLN VA 2 -48.53 -7.91 37.16
C GLN VA 2 -47.28 -8.14 36.31
N LEU VA 3 -47.21 -9.31 35.65
CA LEU VA 3 -46.16 -9.63 34.69
C LEU VA 3 -46.57 -9.16 33.30
N ARG VA 4 -45.62 -9.14 32.35
CA ARG VA 4 -45.84 -8.68 30.99
C ARG VA 4 -46.88 -9.53 30.24
N ARG VA 5 -46.91 -10.85 30.52
CA ARG VA 5 -47.87 -11.78 29.97
C ARG VA 5 -49.21 -11.82 30.73
N SER VA 6 -49.34 -11.13 31.89
CA SER VA 6 -50.53 -11.25 32.72
C SER VA 6 -51.76 -10.66 32.02
N PRO VA 7 -52.97 -11.24 32.20
CA PRO VA 7 -54.10 -10.94 31.33
C PRO VA 7 -54.55 -9.48 31.37
N GLY VA 8 -54.48 -8.85 32.55
CA GLY VA 8 -54.85 -7.45 32.70
C GLY VA 8 -53.85 -6.46 32.11
N MET VA 9 -52.65 -6.94 31.71
CA MET VA 9 -51.59 -6.06 31.23
C MET VA 9 -51.38 -6.10 29.72
N ARG VA 10 -51.90 -7.12 29.02
CA ARG VA 10 -51.64 -7.29 27.59
C ARG VA 10 -51.84 -6.02 26.78
N PRO VA 11 -52.93 -5.23 26.97
CA PRO VA 11 -53.12 -3.99 26.22
C PRO VA 11 -52.07 -2.89 26.36
N MET VA 12 -51.22 -2.93 27.40
CA MET VA 12 -50.13 -1.98 27.59
C MET VA 12 -48.90 -2.33 26.76
N ASP VA 13 -48.73 -3.60 26.37
CA ASP VA 13 -47.53 -4.07 25.72
C ASP VA 13 -47.52 -3.64 24.25
N ARG VA 14 -46.48 -2.89 23.81
CA ARG VA 14 -46.29 -2.53 22.42
C ARG VA 14 -46.30 -3.78 21.52
N ASP VA 15 -45.70 -4.88 21.98
CA ASP VA 15 -45.63 -6.09 21.17
C ASP VA 15 -47.02 -6.69 20.95
N TRP VA 16 -47.92 -6.57 21.93
CA TRP VA 16 -49.26 -7.09 21.76
C TRP VA 16 -49.99 -6.41 20.60
N HIP VA 17 -49.83 -5.09 20.46
CA HIP VA 17 -50.31 -4.38 19.30
CB HIP VA 17 -50.24 -2.87 19.56
CG HIP VA 17 -51.25 -2.44 20.56
CD2 HIP VA 17 -51.13 -2.42 21.92
NE2 HIP VA 17 -52.34 -2.03 22.44
CE1 HIP VA 17 -53.18 -1.82 21.43
ND1 HIP VA 17 -52.56 -2.04 20.20
P HIP VA 17 -53.26 -1.85 18.62
O1P HIP VA 17 -52.41 -0.79 17.98
O2P HIP VA 17 -53.11 -3.21 17.99
O3P HIP VA 17 -54.68 -1.42 18.78
C HIP VA 17 -49.58 -4.75 18.02
O HIP VA 17 -50.22 -5.14 17.04
N GLN VA 18 -48.24 -4.66 18.00
CA GLN VA 18 -47.45 -4.95 16.81
C GLN VA 18 -47.76 -6.35 16.26
N GLU VA 19 -47.83 -7.35 17.12
CA GLU VA 19 -48.03 -8.73 16.70
C GLU VA 19 -49.47 -9.00 16.26
N ARG VA 20 -50.47 -8.37 16.89
CA ARG VA 20 -51.85 -8.47 16.42
C ARG VA 20 -52.00 -7.82 15.04
N ALA VA 21 -51.33 -6.68 14.81
CA ALA VA 21 -51.29 -6.04 13.50
C ALA VA 21 -50.65 -6.97 12.46
N ARG VA 22 -49.50 -7.57 12.76
CA ARG VA 22 -48.90 -8.59 11.91
C ARG VA 22 -49.89 -9.71 11.59
N ALA VA 23 -50.54 -10.28 12.60
CA ALA VA 23 -51.44 -11.41 12.43
C ALA VA 23 -52.56 -11.09 11.43
N ARG VA 24 -53.18 -9.91 11.54
CA ARG VA 24 -54.22 -9.48 10.60
C ARG VA 24 -53.69 -9.35 9.17
N GLU VA 25 -52.49 -8.79 8.99
CA GLU VA 25 -51.88 -8.63 7.68
C GLU VA 25 -51.43 -9.97 7.08
N GLN VA 26 -51.01 -10.95 7.89
CA GLN VA 26 -50.52 -12.23 7.39
C GLN VA 26 -51.63 -13.22 7.07
N ALA VA 27 -52.80 -13.08 7.70
CA ALA VA 27 -53.82 -14.13 7.73
C ALA VA 27 -54.43 -14.43 6.36
N TYR VA 28 -54.79 -15.71 6.14
CA TYR VA 28 -55.56 -16.11 4.96
C TYR VA 28 -56.94 -16.70 5.30
N SER VA 29 -57.31 -16.75 6.59
CA SER VA 29 -58.62 -17.20 7.04
C SER VA 29 -58.88 -16.77 8.49
N SER VA 30 -60.16 -16.78 8.93
CA SER VA 30 -60.54 -16.71 10.33
C SER VA 30 -60.20 -17.98 11.12
N ASP VA 31 -59.88 -19.09 10.45
CA ASP VA 31 -59.50 -20.33 11.12
C ASP VA 31 -58.06 -20.24 11.62
N LEU VA 32 -57.89 -19.72 12.85
CA LEU VA 32 -56.57 -19.42 13.41
C LEU VA 32 -55.72 -20.67 13.56
N THR VA 33 -56.34 -21.79 13.99
CA THR VA 33 -55.68 -23.05 14.26
C THR VA 33 -54.96 -23.62 13.04
N SER VA 34 -55.42 -23.24 11.83
CA SER VA 34 -54.80 -23.64 10.59
C SER VA 34 -53.39 -23.04 10.41
N GLN VA 35 -53.12 -21.88 11.04
CA GLN VA 35 -52.06 -21.00 10.60
C GLN VA 35 -51.11 -20.52 11.72
N PHE VA 36 -51.64 -20.30 12.93
CA PHE VA 36 -50.87 -19.70 14.01
C PHE VA 36 -50.52 -20.73 15.09
N SER VA 37 -49.40 -20.47 15.76
CA SER VA 37 -48.91 -21.29 16.86
C SER VA 37 -49.89 -21.23 18.04
N GLU VA 38 -50.01 -22.30 18.84
CA GLU VA 38 -50.75 -22.23 20.10
C GLU VA 38 -50.19 -21.10 20.99
N SER VA 39 -48.87 -20.93 20.99
CA SER VA 39 -48.20 -19.79 21.62
C SER VA 39 -48.74 -18.45 21.13
N GLU VA 40 -48.82 -18.26 19.80
CA GLU VA 40 -49.28 -16.99 19.25
C GLU VA 40 -50.72 -16.71 19.64
N ILE VA 41 -51.60 -17.71 19.52
CA ILE VA 41 -53.01 -17.54 19.80
C ILE VA 41 -53.22 -17.16 21.26
N VAL VA 42 -52.49 -17.80 22.19
CA VAL VA 42 -52.57 -17.49 23.61
C VAL VA 42 -51.91 -16.15 23.93
N LYS VA 43 -50.64 -15.95 23.54
CA LYS VA 43 -49.83 -14.79 23.90
C LYS VA 43 -50.41 -13.47 23.35
N TYR VA 44 -51.01 -13.52 22.15
CA TYR VA 44 -51.53 -12.35 21.48
C TYR VA 44 -53.06 -12.30 21.44
N GLU VA 45 -53.73 -13.23 22.14
CA GLU VA 45 -55.17 -13.26 22.30
C GLU VA 45 -55.86 -13.18 20.94
N LEU VA 46 -55.38 -13.97 19.97
CA LEU VA 46 -55.77 -13.80 18.57
C LEU VA 46 -57.24 -14.14 18.31
N ASP VA 47 -57.91 -14.86 19.21
CA ASP VA 47 -59.35 -15.04 19.15
C ASP VA 47 -60.12 -13.71 19.18
N THR VA 48 -59.57 -12.73 19.89
CA THR VA 48 -60.15 -11.40 20.12
C THR VA 48 -59.80 -10.43 18.99
N ALA VA 49 -58.77 -10.70 18.18
CA ALA VA 49 -58.46 -9.91 17.00
C ALA VA 49 -59.44 -10.25 15.87
N GLN VA 50 -59.91 -9.26 15.10
CA GLN VA 50 -60.84 -9.54 14.00
C GLN VA 50 -60.09 -10.09 12.77
N ILE VA 51 -59.47 -11.26 12.91
CA ILE VA 51 -58.71 -11.91 11.84
C ILE VA 51 -59.66 -12.64 10.88
N ASP VA 52 -59.50 -12.36 9.58
CA ASP VA 52 -60.31 -12.99 8.54
C ASP VA 52 -59.62 -13.05 7.16
N GLY VA 53 -58.42 -12.46 7.02
CA GLY VA 53 -57.76 -12.41 5.73
C GLY VA 53 -58.17 -11.21 4.86
N SER VA 54 -59.17 -10.43 5.28
CA SER VA 54 -59.59 -9.23 4.56
C SER VA 54 -58.55 -8.09 4.67
N ASP VA 55 -57.65 -8.15 5.65
CA ASP VA 55 -56.57 -7.18 5.78
C ASP VA 55 -55.26 -7.64 5.13
N ASN VA 56 -55.22 -8.87 4.60
CA ASN VA 56 -54.02 -9.38 3.95
C ASN VA 56 -53.97 -8.85 2.51
N PRO VA 57 -52.90 -8.12 2.09
CA PRO VA 57 -52.82 -7.58 0.74
C PRO VA 57 -52.91 -8.64 -0.34
N ARG VA 58 -52.42 -9.86 -0.10
CA ARG VA 58 -52.46 -10.89 -1.15
C ARG VA 58 -53.86 -11.45 -1.43
N THR VA 59 -54.85 -11.15 -0.60
CA THR VA 59 -56.25 -11.43 -0.90
C THR VA 59 -56.69 -10.70 -2.16
N TYR VA 60 -56.08 -9.55 -2.47
CA TYR VA 60 -56.52 -8.61 -3.49
C TYR VA 60 -55.59 -8.52 -4.71
N ILE VA 61 -54.51 -9.31 -4.71
CA ILE VA 61 -53.48 -9.20 -5.73
C ILE VA 61 -53.68 -10.28 -6.77
N TRP VA 62 -53.60 -9.89 -8.05
CA TRP VA 62 -53.67 -10.82 -9.16
C TRP VA 62 -52.37 -11.60 -9.34
N ASN VA 63 -52.48 -12.91 -9.65
CA ASN VA 63 -51.32 -13.77 -9.89
C ASN VA 63 -51.63 -14.87 -10.91
N ARG VA 64 -52.05 -14.46 -12.12
CA ARG VA 64 -52.38 -15.37 -13.21
C ARG VA 64 -51.12 -16.08 -13.72
N THR VA 65 -51.26 -17.35 -14.15
CA THR VA 65 -50.17 -18.23 -14.59
C THR VA 65 -49.46 -17.77 -15.87
N ILE VA 66 -50.19 -17.13 -16.80
CA ILE VA 66 -49.56 -16.47 -17.96
C ILE VA 66 -50.04 -15.03 -17.98
N ASP VA 67 -49.10 -14.07 -18.07
CA ASP VA 67 -49.42 -12.65 -18.04
C ASP VA 67 -48.69 -11.92 -19.17
N LEU VA 68 -49.44 -11.58 -20.23
CA LEU VA 68 -48.90 -10.89 -21.40
C LEU VA 68 -48.98 -9.36 -21.27
N PHE VA 69 -49.59 -8.86 -20.18
CA PHE VA 69 -50.01 -7.47 -20.05
C PHE VA 69 -49.46 -6.78 -18.80
N GLY VA 70 -48.68 -7.51 -17.98
CA GLY VA 70 -48.08 -6.96 -16.77
C GLY VA 70 -49.11 -6.62 -15.70
N MET VA 71 -50.20 -7.39 -15.66
CA MET VA 71 -51.31 -7.22 -14.74
C MET VA 71 -51.00 -7.79 -13.35
N ASN VA 72 -50.17 -8.82 -13.26
CA ASN VA 72 -49.87 -9.50 -12.00
C ASN VA 72 -49.24 -8.53 -11.00
N GLY VA 73 -49.54 -8.74 -9.71
CA GLY VA 73 -49.01 -7.87 -8.67
C GLY VA 73 -49.85 -6.61 -8.43
N THR VA 74 -50.79 -6.28 -9.33
CA THR VA 74 -51.71 -5.18 -9.08
C THR VA 74 -52.74 -5.57 -8.01
N ASP VA 75 -53.06 -4.62 -7.12
CA ASP VA 75 -53.96 -4.80 -6.00
C ASP VA 75 -55.30 -4.15 -6.35
N VAL VA 76 -56.40 -4.92 -6.38
CA VAL VA 76 -57.67 -4.40 -6.88
C VAL VA 76 -58.24 -3.23 -6.07
N ARG VA 77 -57.90 -3.09 -4.78
CA ARG VA 77 -58.37 -1.96 -3.98
C ARG VA 77 -57.56 -0.68 -4.23
N GLU VA 78 -56.63 -0.70 -5.19
CA GLU VA 78 -55.93 0.51 -5.65
C GLU VA 78 -56.43 1.00 -7.02
N LEU VA 79 -57.44 0.34 -7.61
CA LEU VA 79 -58.04 0.76 -8.87
C LEU VA 79 -58.89 2.03 -8.72
N ARG VA 80 -59.20 2.70 -9.84
CA ARG VA 80 -59.95 3.97 -9.91
C ARG VA 80 -61.33 3.88 -9.25
N ASN VA 81 -62.04 2.77 -9.48
CA ASN VA 81 -63.42 2.58 -9.05
C ASN VA 81 -63.53 1.84 -7.70
N ARG VA 82 -62.44 1.85 -6.91
CA ARG VA 82 -62.39 1.38 -5.53
C ARG VA 82 -61.99 2.53 -4.61
N MET WA 1 19.64 -28.58 55.58
CA MET WA 1 19.23 -27.85 54.36
C MET WA 1 17.71 -27.96 54.23
N GLN WA 2 17.08 -26.92 53.66
CA GLN WA 2 15.64 -26.87 53.47
C GLN WA 2 15.30 -26.65 52.00
N LEU WA 3 14.23 -27.32 51.54
CA LEU WA 3 13.72 -27.21 50.18
C LEU WA 3 12.29 -26.65 50.26
N ARG WA 4 11.73 -26.13 49.16
CA ARG WA 4 10.42 -25.49 49.30
C ARG WA 4 9.32 -26.45 49.74
N ARG WA 5 9.44 -27.73 49.35
CA ARG WA 5 8.54 -28.79 49.77
C ARG WA 5 8.81 -29.31 51.20
N SER WA 6 9.94 -28.99 51.83
CA SER WA 6 10.28 -29.60 53.12
C SER WA 6 9.36 -29.09 54.23
N PRO WA 7 8.97 -29.95 55.20
CA PRO WA 7 7.78 -29.69 56.03
C PRO WA 7 7.83 -28.41 56.85
N GLY WA 8 9.03 -28.04 57.35
CA GLY WA 8 9.22 -26.82 58.11
C GLY WA 8 9.20 -25.54 57.27
N MET WA 9 9.26 -25.63 55.93
CA MET WA 9 9.31 -24.47 55.06
C MET WA 9 7.97 -24.11 54.44
N ARG WA 10 6.97 -25.01 54.48
CA ARG WA 10 5.71 -24.79 53.77
C ARG WA 10 5.07 -23.44 54.12
N PRO WA 11 4.97 -22.99 55.40
CA PRO WA 11 4.39 -21.70 55.71
C PRO WA 11 5.05 -20.46 55.10
N MET WA 12 6.29 -20.56 54.63
CA MET WA 12 6.97 -19.48 53.94
C MET WA 12 6.69 -19.43 52.44
N ASP WA 13 6.17 -20.50 51.85
CA ASP WA 13 5.93 -20.53 50.42
C ASP WA 13 4.66 -19.75 50.10
N ARG WA 14 4.75 -18.67 49.32
CA ARG WA 14 3.58 -17.93 48.86
C ARG WA 14 2.54 -18.85 48.21
N ASP WA 15 3.03 -19.86 47.51
CA ASP WA 15 2.21 -20.75 46.71
C ASP WA 15 1.41 -21.68 47.63
N TRP WA 16 1.92 -22.00 48.81
CA TRP WA 16 1.22 -22.84 49.77
C TRP WA 16 -0.01 -22.11 50.32
N HIP WA 17 0.14 -20.83 50.69
CA HIP WA 17 -0.99 -19.96 51.00
CB HIP WA 17 -0.46 -18.58 51.37
CG HIP WA 17 0.19 -18.56 52.70
CD2 HIP WA 17 1.49 -18.83 53.00
NE2 HIP WA 17 1.64 -18.76 54.36
CE1 HIP WA 17 0.46 -18.45 54.88
ND1 HIP WA 17 -0.52 -18.28 53.90
P HIP WA 17 -2.17 -17.78 54.11
O1P HIP WA 17 -2.21 -16.42 53.47
O2P HIP WA 17 -2.96 -18.81 53.36
O3P HIP WA 17 -2.51 -17.74 55.56
C HIP WA 17 -1.99 -19.84 49.86
O HIP WA 17 -3.19 -20.06 50.06
N GLN WA 18 -1.53 -19.48 48.66
CA GLN WA 18 -2.39 -19.22 47.53
C GLN WA 18 -3.19 -20.46 47.12
N GLU WA 19 -2.58 -21.64 47.18
CA GLU WA 19 -3.26 -22.88 46.80
C GLU WA 19 -4.22 -23.36 47.88
N ARG WA 20 -3.92 -23.12 49.16
CA ARG WA 20 -4.87 -23.38 50.23
C ARG WA 20 -6.08 -22.44 50.14
N ALA WA 21 -5.85 -21.18 49.74
CA ALA WA 21 -6.93 -20.24 49.45
C ALA WA 21 -7.79 -20.74 48.29
N ARG WA 22 -7.19 -21.18 47.18
CA ARG WA 22 -7.90 -21.82 46.09
C ARG WA 22 -8.72 -23.03 46.57
N ALA WA 23 -8.09 -23.94 47.32
CA ALA WA 23 -8.75 -25.17 47.75
C ALA WA 23 -10.02 -24.86 48.56
N ARG WA 24 -9.95 -23.89 49.48
CA ARG WA 24 -11.11 -23.43 50.24
C ARG WA 24 -12.19 -22.82 49.33
N GLU WA 25 -11.79 -22.08 48.29
CA GLU WA 25 -12.72 -21.43 47.39
C GLU WA 25 -13.37 -22.39 46.37
N GLN WA 26 -12.73 -23.52 46.03
CA GLN WA 26 -13.24 -24.43 45.00
C GLN WA 26 -13.94 -25.67 45.56
N ALA WA 27 -13.76 -25.99 46.84
CA ALA WA 27 -14.39 -27.15 47.46
C ALA WA 27 -15.89 -26.97 47.70
N TYR WA 28 -16.60 -28.08 47.88
CA TYR WA 28 -17.99 -28.13 48.30
C TYR WA 28 -18.19 -28.88 49.62
N SER WA 29 -17.15 -29.56 50.11
CA SER WA 29 -17.21 -30.42 51.29
C SER WA 29 -15.81 -30.64 51.83
N SER WA 30 -15.69 -31.11 53.08
CA SER WA 30 -14.45 -31.54 53.72
C SER WA 30 -13.87 -32.83 53.15
N ASP WA 31 -14.58 -33.51 52.24
CA ASP WA 31 -14.13 -34.74 51.61
C ASP WA 31 -13.07 -34.48 50.55
N LEU WA 32 -11.78 -34.43 50.96
CA LEU WA 32 -10.72 -33.99 50.06
C LEU WA 32 -10.46 -35.01 48.94
N THR WA 33 -10.54 -36.30 49.26
CA THR WA 33 -10.17 -37.40 48.35
C THR WA 33 -10.94 -37.34 47.03
N SER WA 34 -12.19 -36.88 47.10
CA SER WA 34 -13.09 -36.75 45.97
C SER WA 34 -12.72 -35.57 45.06
N GLN WA 35 -12.20 -34.49 45.66
CA GLN WA 35 -12.12 -33.17 45.04
C GLN WA 35 -10.69 -32.79 44.61
N PHE WA 36 -9.66 -33.46 45.15
CA PHE WA 36 -8.27 -33.09 44.91
C PHE WA 36 -7.40 -34.32 44.64
N SER WA 37 -6.27 -34.09 43.95
CA SER WA 37 -5.24 -35.09 43.75
C SER WA 37 -4.58 -35.46 45.09
N GLU WA 38 -4.09 -36.71 45.23
CA GLU WA 38 -3.23 -37.07 46.36
C GLU WA 38 -2.03 -36.12 46.46
N SER WA 39 -1.46 -35.74 45.31
CA SER WA 39 -0.36 -34.79 45.21
C SER WA 39 -0.72 -33.43 45.81
N GLU WA 40 -1.92 -32.92 45.51
CA GLU WA 40 -2.36 -31.64 46.05
C GLU WA 40 -2.59 -31.73 47.56
N ILE WA 41 -3.24 -32.80 48.02
CA ILE WA 41 -3.53 -33.00 49.43
C ILE WA 41 -2.24 -33.03 50.24
N VAL WA 42 -1.20 -33.72 49.74
CA VAL WA 42 0.11 -33.78 50.38
C VAL WA 42 0.87 -32.45 50.26
N LYS WA 43 1.04 -31.91 49.04
CA LYS WA 43 1.85 -30.74 48.76
C LYS WA 43 1.36 -29.50 49.49
N TYR WA 44 0.04 -29.36 49.65
CA TYR WA 44 -0.57 -28.19 50.26
C TYR WA 44 -1.14 -28.47 51.66
N GLU WA 45 -0.90 -29.66 52.20
CA GLU WA 45 -1.33 -30.07 53.54
C GLU WA 45 -2.83 -29.82 53.73
N LEU WA 46 -3.64 -30.23 52.76
CA LEU WA 46 -5.04 -29.82 52.70
C LEU WA 46 -5.86 -30.37 53.87
N ASP WA 47 -5.41 -31.45 54.52
CA ASP WA 47 -5.99 -31.95 55.76
C ASP WA 47 -6.11 -30.87 56.85
N THR WA 48 -5.18 -29.90 56.84
CA THR WA 48 -5.04 -28.86 57.86
C THR WA 48 -5.66 -27.53 57.43
N ALA WA 49 -5.97 -27.34 56.13
CA ALA WA 49 -6.80 -26.23 55.70
C ALA WA 49 -8.25 -26.47 56.13
N GLN WA 50 -8.97 -25.44 56.62
CA GLN WA 50 -10.35 -25.63 57.05
C GLN WA 50 -11.30 -25.69 55.86
N ILE WA 51 -11.12 -26.71 55.00
CA ILE WA 51 -11.94 -26.92 53.80
C ILE WA 51 -13.25 -27.58 54.20
N ASP WA 52 -14.37 -26.97 53.79
CA ASP WA 52 -15.71 -27.46 54.12
C ASP WA 52 -16.79 -26.98 53.15
N GLY WA 53 -16.43 -26.19 52.12
CA GLY WA 53 -17.41 -25.62 51.21
C GLY WA 53 -18.08 -24.33 51.69
N SER WA 54 -17.78 -23.88 52.91
CA SER WA 54 -18.37 -22.65 53.46
C SER WA 54 -17.77 -21.39 52.82
N ASP WA 55 -16.57 -21.48 52.22
CA ASP WA 55 -15.93 -20.34 51.56
C ASP WA 55 -16.12 -20.30 50.04
N ASN WA 56 -16.69 -21.35 49.45
CA ASN WA 56 -16.95 -21.38 48.03
C ASN WA 56 -18.15 -20.50 47.71
N PRO WA 57 -18.03 -19.47 46.84
CA PRO WA 57 -19.16 -18.59 46.54
C PRO WA 57 -20.36 -19.32 45.93
N ARG WA 58 -20.15 -20.42 45.21
CA ARG WA 58 -21.24 -21.20 44.61
C ARG WA 58 -22.13 -21.89 45.64
N THR WA 59 -21.69 -22.00 46.90
CA THR WA 59 -22.54 -22.47 47.99
C THR WA 59 -23.72 -21.52 48.24
N TYR WA 60 -23.58 -20.25 47.84
CA TYR WA 60 -24.49 -19.16 48.19
C TYR WA 60 -25.16 -18.52 46.97
N ILE WA 61 -24.54 -18.65 45.79
CA ILE WA 61 -25.12 -18.17 44.56
C ILE WA 61 -26.28 -19.07 44.13
N TRP WA 62 -27.42 -18.47 43.78
CA TRP WA 62 -28.57 -19.17 43.24
C TRP WA 62 -28.36 -19.59 41.78
N ASN WA 63 -28.68 -20.85 41.46
CA ASN WA 63 -28.62 -21.38 40.10
C ASN WA 63 -29.78 -22.34 39.86
N ARG WA 64 -30.96 -21.76 39.66
CA ARG WA 64 -32.19 -22.46 39.32
C ARG WA 64 -32.22 -22.75 37.81
N THR WA 65 -32.96 -23.81 37.41
CA THR WA 65 -33.04 -24.24 36.01
C THR WA 65 -33.73 -23.20 35.12
N ILE WA 66 -34.90 -22.70 35.54
CA ILE WA 66 -35.66 -21.67 34.83
C ILE WA 66 -35.52 -20.35 35.58
N ASP WA 67 -35.23 -19.25 34.86
CA ASP WA 67 -34.96 -17.96 35.47
C ASP WA 67 -35.84 -16.83 34.91
N LEU WA 68 -37.12 -16.78 35.31
CA LEU WA 68 -38.04 -15.75 34.85
C LEU WA 68 -37.72 -14.37 35.43
N PHE WA 69 -37.14 -14.32 36.63
CA PHE WA 69 -37.08 -13.10 37.43
C PHE WA 69 -35.67 -12.52 37.60
N GLY WA 70 -34.67 -13.04 36.89
CA GLY WA 70 -33.28 -12.60 37.04
C GLY WA 70 -32.69 -12.96 38.42
N MET WA 71 -33.23 -14.01 39.04
CA MET WA 71 -32.80 -14.48 40.35
C MET WA 71 -31.45 -15.19 40.28
N ASN WA 72 -31.14 -15.86 39.17
CA ASN WA 72 -29.88 -16.58 39.03
C ASN WA 72 -28.68 -15.63 39.14
N GLY WA 73 -27.62 -16.10 39.81
CA GLY WA 73 -26.42 -15.31 39.99
C GLY WA 73 -26.46 -14.37 41.19
N THR WA 74 -27.62 -14.21 41.83
CA THR WA 74 -27.68 -13.49 43.11
C THR WA 74 -27.02 -14.34 44.20
N ASP WA 75 -26.33 -13.68 45.14
CA ASP WA 75 -25.57 -14.31 46.19
C ASP WA 75 -26.20 -13.98 47.55
N VAL WA 76 -26.67 -14.97 48.32
CA VAL WA 76 -27.47 -14.71 49.53
C VAL WA 76 -26.72 -13.87 50.57
N ARG WA 77 -25.39 -14.02 50.66
CA ARG WA 77 -24.58 -13.30 51.64
C ARG WA 77 -24.32 -11.84 51.24
N GLU WA 78 -24.92 -11.38 50.13
CA GLU WA 78 -24.90 -9.97 49.73
C GLU WA 78 -26.24 -9.26 49.97
N LEU WA 79 -27.26 -9.96 50.49
CA LEU WA 79 -28.58 -9.38 50.73
C LEU WA 79 -28.60 -8.46 51.96
N ARG WA 80 -29.66 -7.64 52.09
CA ARG WA 80 -29.85 -6.64 53.15
C ARG WA 80 -29.79 -7.24 54.56
N ASN WA 81 -30.47 -8.38 54.75
CA ASN WA 81 -30.61 -9.05 56.03
C ASN WA 81 -29.49 -10.09 56.28
N ARG WA 82 -28.37 -9.99 55.54
CA ARG WA 82 -27.14 -10.73 55.78
C ARG WA 82 -26.02 -9.76 56.13
N MET XA 1 54.31 -35.56 -8.04
CA MET XA 1 53.03 -34.82 -8.14
C MET XA 1 52.19 -35.21 -6.93
N GLN XA 2 51.65 -34.21 -6.21
CA GLN XA 2 50.98 -34.45 -4.92
C GLN XA 2 49.53 -33.97 -4.96
N LEU XA 3 48.59 -34.88 -4.71
CA LEU XA 3 47.18 -34.58 -4.49
C LEU XA 3 46.95 -34.33 -3.00
N ARG XA 4 45.81 -33.72 -2.62
CA ARG XA 4 45.60 -33.39 -1.21
C ARG XA 4 45.43 -34.61 -0.30
N ARG XA 5 44.89 -35.71 -0.86
CA ARG XA 5 44.80 -37.00 -0.19
C ARG XA 5 46.14 -37.76 -0.13
N SER XA 6 47.17 -37.35 -0.87
CA SER XA 6 48.43 -38.10 -0.92
C SER XA 6 49.12 -38.11 0.45
N PRO XA 7 49.79 -39.21 0.84
CA PRO XA 7 50.17 -39.42 2.23
C PRO XA 7 51.14 -38.37 2.78
N GLY XA 8 52.12 -37.95 1.97
CA GLY XA 8 53.09 -36.94 2.36
C GLY XA 8 52.49 -35.54 2.50
N MET XA 9 51.25 -35.34 2.03
CA MET XA 9 50.60 -34.05 2.01
C MET XA 9 49.60 -33.84 3.15
N ARG XA 10 49.10 -34.91 3.80
CA ARG XA 10 48.00 -34.78 4.75
C ARG XA 10 48.25 -33.71 5.83
N PRO XA 11 49.44 -33.61 6.46
CA PRO XA 11 49.70 -32.56 7.44
C PRO XA 11 49.60 -31.12 6.98
N MET XA 12 49.62 -30.85 5.66
CA MET XA 12 49.43 -29.51 5.12
C MET XA 12 47.95 -29.11 5.05
N ASP XA 13 47.03 -30.07 5.08
CA ASP XA 13 45.62 -29.80 4.86
C ASP XA 13 44.96 -29.25 6.13
N ARG XA 14 44.37 -28.04 6.06
CA ARG XA 14 43.58 -27.50 7.16
C ARG XA 14 42.51 -28.47 7.63
N ASP XA 15 41.85 -29.16 6.68
CA ASP XA 15 40.75 -30.06 7.02
C ASP XA 15 41.25 -31.28 7.78
N TRP XA 16 42.48 -31.72 7.54
CA TRP XA 16 43.04 -32.84 8.27
C TRP XA 16 43.23 -32.48 9.75
N HIP XA 17 43.73 -31.27 10.04
CA HIP XA 17 43.73 -30.75 11.40
CB HIP XA 17 44.49 -29.43 11.48
CG HIP XA 17 45.94 -29.69 11.40
CD2 HIP XA 17 46.71 -29.78 10.27
NE2 HIP XA 17 47.97 -30.16 10.65
CE1 HIP XA 17 48.00 -30.26 11.96
ND1 HIP XA 17 46.75 -29.94 12.54
P HIP XA 17 46.39 -29.89 14.25
O1P HIP XA 17 46.99 -28.61 14.74
O2P HIP XA 17 44.89 -29.96 14.35
O3P HIP XA 17 47.01 -31.10 14.88
C HIP XA 17 42.32 -30.63 12.00
O HIP XA 17 42.04 -31.21 13.04
N GLN XA 18 41.43 -29.90 11.31
CA GLN XA 18 40.08 -29.66 11.79
C GLN XA 18 39.32 -30.96 12.08
N GLU XA 19 39.35 -31.93 11.16
CA GLU XA 19 38.59 -33.15 11.37
C GLU XA 19 39.21 -34.08 12.41
N ARG XA 20 40.53 -34.07 12.60
CA ARG XA 20 41.15 -34.81 13.69
C ARG XA 20 40.78 -34.22 15.04
N ALA XA 21 40.82 -32.88 15.17
CA ALA XA 21 40.38 -32.20 16.38
C ALA XA 21 38.91 -32.52 16.67
N ARG XA 22 38.05 -32.37 15.66
CA ARG XA 22 36.63 -32.64 15.74
C ARG XA 22 36.35 -34.12 16.05
N ALA XA 23 37.14 -35.07 15.54
CA ALA XA 23 37.02 -36.48 15.89
C ALA XA 23 37.30 -36.71 17.38
N ARG XA 24 38.37 -36.12 17.93
CA ARG XA 24 38.71 -36.23 19.35
C ARG XA 24 37.59 -35.70 20.26
N GLU XA 25 36.92 -34.62 19.85
CA GLU XA 25 35.81 -34.03 20.58
C GLU XA 25 34.52 -34.85 20.48
N GLN XA 26 34.36 -35.71 19.46
CA GLN XA 26 33.15 -36.51 19.28
C GLN XA 26 33.23 -37.89 19.95
N ALA XA 27 34.43 -38.47 20.08
CA ALA XA 27 34.60 -39.84 20.55
C ALA XA 27 34.27 -40.01 22.04
N TYR XA 28 33.89 -41.24 22.42
CA TYR XA 28 33.78 -41.68 23.80
C TYR XA 28 34.83 -42.73 24.18
N SER XA 29 35.62 -43.21 23.21
CA SER XA 29 36.58 -44.30 23.39
C SER XA 29 37.57 -44.31 22.22
N SER XA 30 38.65 -45.09 22.35
CA SER XA 30 39.62 -45.37 21.29
C SER XA 30 39.08 -46.32 20.20
N ASP XA 31 37.90 -46.91 20.36
CA ASP XA 31 37.37 -47.87 19.40
C ASP XA 31 36.86 -47.17 18.12
N LEU XA 32 37.75 -47.01 17.13
CA LEU XA 32 37.45 -46.19 15.96
C LEU XA 32 36.39 -46.83 15.08
N THR XA 33 36.49 -48.14 14.83
CA THR XA 33 35.60 -48.88 13.93
C THR XA 33 34.13 -48.74 14.34
N SER XA 34 33.88 -48.65 15.64
CA SER XA 34 32.55 -48.48 16.19
C SER XA 34 32.00 -47.07 15.93
N GLN XA 35 32.83 -46.04 16.11
CA GLN XA 35 32.39 -44.65 16.19
C GLN XA 35 32.45 -43.90 14.85
N PHE XA 36 33.30 -44.35 13.90
CA PHE XA 36 33.60 -43.63 12.68
C PHE XA 36 33.41 -44.48 11.43
N SER XA 37 33.25 -43.80 10.30
CA SER XA 37 33.21 -44.37 8.96
C SER XA 37 34.60 -44.86 8.53
N GLU XA 38 34.69 -45.97 7.78
CA GLU XA 38 35.95 -46.43 7.21
C GLU XA 38 36.64 -45.34 6.39
N SER XA 39 35.85 -44.52 5.67
CA SER XA 39 36.31 -43.33 4.96
C SER XA 39 36.99 -42.33 5.89
N GLU XA 40 36.36 -41.98 7.02
CA GLU XA 40 36.96 -41.02 7.95
C GLU XA 40 38.25 -41.57 8.54
N ILE XA 41 38.26 -42.84 8.92
CA ILE XA 41 39.41 -43.46 9.54
C ILE XA 41 40.61 -43.41 8.60
N VAL XA 42 40.40 -43.70 7.31
CA VAL XA 42 41.44 -43.61 6.28
C VAL XA 42 41.80 -42.14 5.96
N LYS XA 43 40.82 -41.31 5.60
CA LYS XA 43 41.01 -39.96 5.09
C LYS XA 43 41.68 -39.02 6.10
N TYR XA 44 41.33 -39.19 7.39
CA TYR XA 44 41.87 -38.36 8.47
C TYR XA 44 42.90 -39.10 9.31
N GLU XA 45 43.26 -40.32 8.90
CA GLU XA 45 44.32 -41.11 9.52
C GLU XA 45 44.09 -41.25 11.03
N LEU XA 46 42.87 -41.63 11.43
CA LEU XA 46 42.43 -41.57 12.82
C LEU XA 46 43.16 -42.56 13.72
N ASP XA 47 43.80 -43.60 13.18
CA ASP XA 47 44.72 -44.45 13.94
C ASP XA 47 45.83 -43.65 14.61
N THR XA 48 46.29 -42.56 13.96
CA THR XA 48 47.40 -41.73 14.40
C THR XA 48 46.93 -40.62 15.35
N ALA XA 49 45.63 -40.28 15.36
CA ALA XA 49 45.07 -39.32 16.30
C ALA XA 49 44.89 -39.96 17.68
N GLN XA 50 45.22 -39.23 18.77
CA GLN XA 50 45.08 -39.79 20.11
C GLN XA 50 43.62 -39.76 20.59
N ILE XA 51 42.74 -40.44 19.86
CA ILE XA 51 41.32 -40.56 20.19
C ILE XA 51 41.14 -41.56 21.33
N ASP XA 52 40.46 -41.12 22.41
CA ASP XA 52 40.21 -41.98 23.57
C ASP XA 52 39.00 -41.56 24.41
N GLY XA 53 38.31 -40.46 24.03
CA GLY XA 53 37.19 -39.94 24.79
C GLY XA 53 37.56 -38.95 25.91
N SER XA 54 38.86 -38.72 26.13
CA SER XA 54 39.31 -37.81 27.18
C SER XA 54 39.13 -36.33 26.78
N ASP XA 55 39.06 -36.02 25.48
CA ASP XA 55 38.87 -34.66 24.98
C ASP XA 55 37.41 -34.30 24.66
N ASN XA 56 36.48 -35.23 24.87
CA ASN XA 56 35.07 -35.00 24.66
C ASN XA 56 34.48 -34.32 25.91
N PRO XA 57 33.86 -33.11 25.81
CA PRO XA 57 33.31 -32.43 26.97
C PRO XA 57 32.17 -33.20 27.66
N ARG XA 58 31.40 -33.99 26.91
CA ARG XA 58 30.31 -34.78 27.47
C ARG XA 58 30.82 -35.91 28.39
N THR XA 59 32.11 -36.24 28.36
CA THR XA 59 32.72 -37.15 29.32
C THR XA 59 32.65 -36.59 30.75
N TYR XA 60 32.65 -35.27 30.90
CA TYR XA 60 32.83 -34.58 32.18
C TYR XA 60 31.60 -33.80 32.63
N ILE XA 61 30.74 -33.41 31.68
CA ILE XA 61 29.52 -32.69 31.98
C ILE XA 61 28.48 -33.67 32.54
N TRP XA 62 27.94 -33.37 33.72
CA TRP XA 62 26.85 -34.15 34.30
C TRP XA 62 25.55 -33.96 33.52
N ASN XA 63 24.82 -35.06 33.30
CA ASN XA 63 23.56 -35.01 32.57
C ASN XA 63 22.64 -36.15 33.08
N ARG XA 64 22.28 -36.05 34.36
CA ARG XA 64 21.41 -37.00 35.04
C ARG XA 64 19.97 -36.85 34.55
N THR XA 65 19.21 -37.96 34.48
CA THR XA 65 17.85 -37.95 33.94
C THR XA 65 16.85 -37.14 34.79
N ILE XA 66 16.99 -37.17 36.13
CA ILE XA 66 16.21 -36.35 37.05
C ILE XA 66 17.16 -35.38 37.76
N ASP XA 67 16.89 -34.07 37.66
CA ASP XA 67 17.74 -33.05 38.26
C ASP XA 67 16.89 -32.02 39.02
N LEU XA 68 16.83 -32.15 40.35
CA LEU XA 68 16.03 -31.25 41.19
C LEU XA 68 16.83 -30.03 41.67
N PHE XA 69 18.11 -29.90 41.28
CA PHE XA 69 19.04 -28.95 41.87
C PHE XA 69 19.79 -28.10 40.84
N GLY XA 70 19.51 -28.30 39.54
CA GLY XA 70 20.21 -27.57 38.49
C GLY XA 70 21.68 -27.96 38.39
N MET XA 71 21.98 -29.22 38.73
CA MET XA 71 23.31 -29.79 38.67
C MET XA 71 23.76 -30.12 37.25
N ASN XA 72 22.81 -30.44 36.35
CA ASN XA 72 23.12 -30.80 34.98
C ASN XA 72 23.83 -29.66 34.27
N GLY XA 73 24.79 -29.98 33.39
CA GLY XA 73 25.53 -28.97 32.67
C GLY XA 73 26.77 -28.46 33.42
N THR XA 74 26.93 -28.80 34.70
CA THR XA 74 28.20 -28.55 35.37
C THR XA 74 29.26 -29.51 34.81
N ASP XA 75 30.47 -28.98 34.57
CA ASP XA 75 31.59 -29.69 34.00
C ASP XA 75 32.62 -29.91 35.11
N VAL XA 76 32.96 -31.16 35.45
CA VAL XA 76 33.77 -31.42 36.64
C VAL XA 76 35.18 -30.82 36.54
N ARG XA 77 35.73 -30.69 35.34
CA ARG XA 77 37.05 -30.07 35.13
C ARG XA 77 37.03 -28.54 35.23
N GLU XA 78 35.91 -27.95 35.65
CA GLU XA 78 35.80 -26.51 35.90
C GLU XA 78 35.56 -26.16 37.39
N LEU XA 79 35.54 -27.15 38.28
CA LEU XA 79 35.31 -26.92 39.71
C LEU XA 79 36.53 -26.29 40.41
N ARG XA 80 36.34 -25.86 41.68
CA ARG XA 80 37.37 -25.28 42.56
C ARG XA 80 38.66 -26.12 42.57
N ASN XA 81 38.50 -27.44 42.66
CA ASN XA 81 39.56 -28.39 43.00
C ASN XA 81 39.97 -29.25 41.80
N ARG XA 82 39.81 -28.70 40.58
CA ARG XA 82 40.28 -29.32 39.36
C ARG XA 82 41.17 -28.35 38.57
N ALA YA 31 73.62 10.34 6.47
CA ALA YA 31 72.95 9.20 5.78
C ALA YA 31 73.84 8.70 4.64
N SER YA 32 73.24 8.35 3.48
CA SER YA 32 73.94 7.72 2.37
C SER YA 32 73.44 8.24 1.01
N SER YA 33 74.33 8.20 0.01
CA SER YA 33 74.06 8.72 -1.34
C SER YA 33 73.37 7.71 -2.25
N THR YA 34 73.14 6.48 -1.74
CA THR YA 34 72.51 5.38 -2.47
C THR YA 34 71.55 4.64 -1.54
N PRO YA 35 70.50 3.97 -2.06
CA PRO YA 35 69.58 3.22 -1.22
C PRO YA 35 70.29 2.01 -0.60
N GLN YA 36 69.90 1.67 0.64
CA GLN YA 36 70.47 0.52 1.34
C GLN YA 36 69.43 -0.55 1.75
N THR YA 37 68.12 -0.24 1.60
CA THR YA 37 67.10 -1.29 1.56
C THR YA 37 67.03 -1.93 0.17
N ASN YA 38 66.72 -3.24 0.15
CA ASN YA 38 66.48 -4.00 -1.07
C ASN YA 38 65.05 -3.79 -1.58
N VAL YA 39 64.76 -4.24 -2.82
CA VAL YA 39 63.59 -3.78 -3.60
C VAL YA 39 62.80 -4.95 -4.23
N ASP YA 40 62.89 -6.16 -3.65
CA ASP YA 40 61.95 -7.27 -3.77
C ASP YA 40 61.54 -7.66 -5.21
N SER YA 41 62.35 -7.33 -6.22
CA SER YA 41 61.91 -7.42 -7.61
C SER YA 41 62.39 -8.69 -8.30
N MET YA 42 63.71 -8.88 -8.41
CA MET YA 42 64.23 -9.88 -9.32
C MET YA 42 64.39 -11.24 -8.63
N GLY YA 43 63.29 -12.04 -8.60
CA GLY YA 43 63.28 -13.44 -8.21
C GLY YA 43 64.03 -14.38 -9.18
N GLY YA 44 64.42 -13.87 -10.36
CA GLY YA 44 65.28 -14.59 -11.30
C GLY YA 44 64.70 -14.77 -12.70
N GLY YA 45 63.38 -14.56 -12.85
CA GLY YA 45 62.74 -14.48 -14.16
C GLY YA 45 62.94 -13.11 -14.81
N HIS YA 46 61.94 -12.65 -15.61
CA HIS YA 46 61.90 -11.28 -16.12
C HIS YA 46 62.03 -10.27 -14.97
N SER YA 47 61.31 -10.56 -13.88
CA SER YA 47 61.65 -10.15 -12.52
C SER YA 47 61.20 -11.26 -11.56
N TYR YA 48 59.89 -11.45 -11.36
CA TYR YA 48 59.39 -12.74 -10.88
C TYR YA 48 58.02 -13.15 -11.44
N GLN YA 49 57.88 -14.42 -11.82
CA GLN YA 49 56.82 -14.91 -12.71
C GLN YA 49 55.46 -15.17 -12.04
N PHE YA 50 55.41 -15.31 -10.70
CA PHE YA 50 54.18 -15.70 -10.00
C PHE YA 50 53.11 -14.58 -9.96
N ASN YA 51 53.55 -13.31 -10.04
CA ASN YA 51 52.73 -12.14 -9.70
C ASN YA 51 52.80 -11.04 -10.77
N GLY YA 52 51.91 -10.04 -10.64
CA GLY YA 52 51.62 -9.01 -11.63
C GLY YA 52 52.78 -8.09 -12.01
N GLN YA 53 53.94 -8.25 -11.35
CA GLN YA 53 55.17 -7.55 -11.71
C GLN YA 53 55.70 -8.00 -13.07
N ASP YA 54 55.54 -9.29 -13.42
CA ASP YA 54 55.99 -9.82 -14.71
C ASP YA 54 54.84 -9.94 -15.71
N LEU YA 55 55.03 -9.31 -16.88
CA LEU YA 55 54.15 -9.46 -18.02
C LEU YA 55 54.96 -9.94 -19.22
N THR YA 56 54.45 -10.98 -19.88
CA THR YA 56 54.84 -11.33 -21.23
C THR YA 56 54.12 -10.41 -22.23
N PHE YA 57 54.56 -10.42 -23.48
CA PHE YA 57 53.79 -9.79 -24.54
C PHE YA 57 52.38 -10.39 -24.69
N GLU YA 58 52.16 -11.64 -24.25
CA GLU YA 58 50.82 -12.24 -24.26
C GLU YA 58 49.91 -11.60 -23.21
N ASP YA 59 50.43 -11.33 -22.01
CA ASP YA 59 49.67 -10.61 -20.99
C ASP YA 59 49.33 -9.20 -21.45
N LEU YA 60 50.30 -8.53 -22.08
CA LEU YA 60 50.07 -7.20 -22.64
C LEU YA 60 49.01 -7.22 -23.74
N ARG YA 61 49.04 -8.22 -24.63
CA ARG YA 61 48.03 -8.36 -25.66
C ARG YA 61 46.66 -8.80 -25.11
N ASP YA 62 46.62 -9.46 -23.95
CA ASP YA 62 45.35 -9.69 -23.27
C ASP YA 62 44.71 -8.37 -22.84
N ILE YA 63 45.49 -7.40 -22.32
CA ILE YA 63 44.95 -6.09 -21.98
C ILE YA 63 44.37 -5.41 -23.23
N LYS YA 64 45.14 -5.43 -24.33
CA LYS YA 64 44.72 -4.92 -25.62
C LYS YA 64 43.41 -5.57 -26.08
N ASP YA 65 43.28 -6.91 -25.95
CA ASP YA 65 42.05 -7.61 -26.31
C ASP YA 65 40.86 -7.18 -25.44
N VAL YA 66 41.05 -6.97 -24.14
CA VAL YA 66 39.97 -6.44 -23.30
C VAL YA 66 39.55 -5.05 -23.77
N ARG YA 67 40.49 -4.18 -24.15
CA ARG YA 67 40.18 -2.84 -24.64
C ARG YA 67 39.45 -2.84 -25.98
N ASP YA 68 39.94 -3.61 -26.97
CA ASP YA 68 39.40 -3.54 -28.32
C ASP YA 68 38.10 -4.35 -28.50
N SER YA 69 37.82 -5.32 -27.61
CA SER YA 69 36.61 -6.15 -27.69
C SER YA 69 35.30 -5.43 -27.31
N GLY YA 70 35.37 -4.14 -26.92
CA GLY YA 70 34.18 -3.31 -26.77
C GLY YA 70 33.25 -3.76 -25.62
N GLY YA 71 31.97 -3.41 -25.74
CA GLY YA 71 30.98 -3.71 -24.72
C GLY YA 71 31.16 -2.90 -23.44
N GLN YA 72 30.40 -3.28 -22.39
CA GLN YA 72 30.30 -2.49 -21.17
C GLN YA 72 31.63 -2.36 -20.44
N VAL YA 73 32.46 -3.42 -20.42
CA VAL YA 73 33.74 -3.40 -19.75
C VAL YA 73 34.65 -2.33 -20.35
N ALA YA 74 34.78 -2.33 -21.69
CA ALA YA 74 35.59 -1.35 -22.39
C ALA YA 74 35.06 0.07 -22.18
N GLN YA 75 33.74 0.27 -22.28
CA GLN YA 75 33.16 1.59 -22.04
C GLN YA 75 33.44 2.08 -20.62
N LEU YA 76 33.35 1.22 -19.60
CA LEU YA 76 33.61 1.63 -18.22
C LEU YA 76 35.04 2.08 -18.01
N MET YA 77 36.02 1.34 -18.53
CA MET YA 77 37.41 1.78 -18.38
C MET YA 77 37.72 3.01 -19.25
N ASP YA 78 37.05 3.18 -20.40
CA ASP YA 78 37.10 4.43 -21.16
C ASP YA 78 36.46 5.60 -20.39
N TYR YA 79 35.36 5.40 -19.66
CA TYR YA 79 34.82 6.42 -18.75
C TYR YA 79 35.81 6.76 -17.63
N LYS YA 80 36.53 5.78 -17.05
CA LYS YA 80 37.52 6.03 -16.01
C LYS YA 80 38.63 6.97 -16.52
N ALA YA 81 39.12 6.75 -17.74
CA ALA YA 81 40.07 7.65 -18.38
C ALA YA 81 39.49 9.07 -18.55
N LEU YA 82 38.26 9.19 -19.05
CA LEU YA 82 37.61 10.47 -19.25
C LEU YA 82 37.45 11.25 -17.94
N LEU YA 83 37.07 10.60 -16.83
CA LEU YA 83 37.01 11.28 -15.54
C LEU YA 83 38.40 11.76 -15.11
N ASN YA 84 39.42 10.91 -15.22
CA ASN YA 84 40.73 11.26 -14.70
C ASN YA 84 41.44 12.34 -15.53
N PHE YA 85 41.25 12.37 -16.86
CA PHE YA 85 42.10 13.13 -17.76
C PHE YA 85 41.34 13.91 -18.84
N GLY YA 86 40.03 13.71 -18.98
CA GLY YA 86 39.28 14.25 -20.11
C GLY YA 86 38.99 15.75 -20.05
N GLU YA 87 39.03 16.35 -18.85
CA GLU YA 87 38.64 17.75 -18.66
C GLU YA 87 39.74 18.73 -19.11
N GLY YA 88 40.91 18.22 -19.54
CA GLY YA 88 41.98 19.07 -20.06
C GLY YA 88 42.86 19.64 -18.95
N CYS YA 89 43.84 20.46 -19.35
CA CYS YA 89 44.97 20.79 -18.49
C CYS YA 89 45.40 22.26 -18.63
N GLU YA 90 46.24 22.70 -17.69
CA GLU YA 90 46.85 24.02 -17.71
C GLU YA 90 48.29 23.95 -17.20
N ILE YA 91 49.18 24.72 -17.85
CA ILE YA 91 50.59 24.77 -17.47
C ILE YA 91 50.84 26.05 -16.67
N HIS YA 92 51.51 25.89 -15.53
CA HIS YA 92 51.91 26.97 -14.64
C HIS YA 92 53.42 26.92 -14.42
N VAL YA 93 54.05 28.09 -14.27
CA VAL YA 93 55.42 28.17 -13.78
C VAL YA 93 55.46 29.22 -12.67
N GLU YA 94 56.01 28.87 -11.50
CA GLU YA 94 56.14 29.89 -10.46
C GLU YA 94 57.18 30.93 -10.86
N GLY YA 95 56.81 32.23 -10.77
CA GLY YA 95 57.63 33.32 -11.25
C GLY YA 95 57.83 33.35 -12.77
N ASP YA 96 56.82 32.91 -13.54
CA ASP YA 96 56.86 32.82 -15.00
C ASP YA 96 57.31 34.13 -15.67
N ASP YA 97 56.84 35.28 -15.17
CA ASP YA 97 57.21 36.59 -15.71
C ASP YA 97 58.72 36.86 -15.66
N GLU YA 98 59.39 36.39 -14.60
CA GLU YA 98 60.83 36.55 -14.42
C GLU YA 98 61.63 35.80 -15.49
N THR YA 99 60.99 34.85 -16.20
CA THR YA 99 61.63 34.05 -17.24
C THR YA 99 61.72 34.77 -18.58
N LYS YA 100 61.07 35.94 -18.75
CA LYS YA 100 61.00 36.69 -20.00
C LYS YA 100 62.35 36.76 -20.73
N GLN YA 101 62.38 36.18 -21.95
CA GLN YA 101 63.58 36.00 -22.74
C GLN YA 101 63.26 36.08 -24.24
N LEU YA 102 64.18 36.60 -25.06
CA LEU YA 102 64.03 36.55 -26.51
C LEU YA 102 64.43 35.15 -27.00
N VAL YA 103 63.44 34.42 -27.52
CA VAL YA 103 63.63 33.04 -27.98
C VAL YA 103 64.22 33.02 -29.39
N ASP YA 104 63.67 33.87 -30.27
CA ASP YA 104 64.08 34.01 -31.66
C ASP YA 104 63.72 35.43 -32.13
N GLY YA 105 64.24 36.43 -31.41
CA GLY YA 105 63.79 37.82 -31.54
C GLY YA 105 62.45 38.08 -30.87
N GLU YA 106 61.52 37.11 -30.99
CA GLU YA 106 60.25 37.12 -30.27
C GLU YA 106 60.46 36.89 -28.78
N PRO YA 107 59.88 37.74 -27.88
CA PRO YA 107 59.89 37.47 -26.43
C PRO YA 107 58.92 36.35 -26.05
N MET YA 108 59.35 35.51 -25.08
CA MET YA 108 58.47 34.53 -24.45
C MET YA 108 58.81 34.38 -22.97
N THR YA 109 57.82 33.91 -22.20
CA THR YA 109 58.01 33.26 -20.92
C THR YA 109 58.12 31.75 -21.11
N LEU YA 110 58.54 31.03 -20.06
CA LEU YA 110 58.62 29.58 -20.14
C LEU YA 110 57.24 28.96 -20.37
N SER YA 111 56.19 29.47 -19.72
CA SER YA 111 54.85 28.98 -19.97
C SER YA 111 54.46 29.12 -21.44
N GLU YA 112 54.73 30.29 -22.03
CA GLU YA 112 54.46 30.51 -23.44
C GLU YA 112 55.27 29.59 -24.35
N TRP YA 113 56.54 29.34 -24.02
CA TRP YA 113 57.34 28.39 -24.77
C TRP YA 113 56.75 26.98 -24.69
N LEU YA 114 56.40 26.52 -23.48
CA LEU YA 114 55.83 25.20 -23.27
C LEU YA 114 54.49 25.02 -23.98
N GLU YA 115 53.58 26.01 -23.88
CA GLU YA 115 52.31 25.99 -24.60
C GLU YA 115 52.49 25.89 -26.11
N ASP YA 116 53.60 26.41 -26.65
CA ASP YA 116 53.94 26.28 -28.06
C ASP YA 116 54.62 24.93 -28.37
N ALA YA 117 55.38 24.39 -27.41
CA ALA YA 117 56.07 23.11 -27.54
C ALA YA 117 55.09 21.93 -27.50
N PHE YA 118 54.00 22.06 -26.72
CA PHE YA 118 52.97 21.05 -26.56
C PHE YA 118 51.58 21.60 -26.93
N PRO YA 119 51.27 21.87 -28.22
CA PRO YA 119 50.04 22.56 -28.59
C PRO YA 119 48.77 21.78 -28.26
N HIS YA 120 48.84 20.44 -28.33
CA HIS YA 120 47.68 19.57 -28.19
C HIS YA 120 47.78 18.74 -26.91
N LEU YA 121 48.26 19.36 -25.83
CA LEU YA 121 48.56 18.65 -24.59
C LEU YA 121 47.33 17.99 -23.99
N ASP YA 122 46.13 18.55 -24.16
CA ASP YA 122 44.89 17.93 -23.72
C ASP YA 122 44.70 16.52 -24.28
N LEU YA 123 44.95 16.35 -25.60
CA LEU YA 123 44.85 15.04 -26.23
C LEU YA 123 45.94 14.10 -25.71
N LEU YA 124 47.16 14.61 -25.58
CA LEU YA 124 48.29 13.82 -25.11
C LEU YA 124 48.04 13.31 -23.69
N VAL YA 125 47.66 14.20 -22.78
CA VAL YA 125 47.31 13.86 -21.40
C VAL YA 125 46.19 12.81 -21.35
N LEU YA 126 45.15 12.94 -22.17
CA LEU YA 126 44.08 11.96 -22.20
C LEU YA 126 44.55 10.60 -22.76
N ASP YA 127 45.36 10.58 -23.81
CA ASP YA 127 45.88 9.34 -24.38
C ASP YA 127 46.86 8.64 -23.43
N LEU YA 128 47.86 9.35 -22.92
CA LEU YA 128 48.83 8.79 -21.97
C LEU YA 128 48.13 8.37 -20.68
N GLY YA 129 47.28 9.25 -20.13
CA GLY YA 129 46.58 8.97 -18.90
C GLY YA 129 45.63 7.78 -19.02
N GLY YA 130 44.95 7.64 -20.16
CA GLY YA 130 44.18 6.45 -20.49
C GLY YA 130 45.06 5.19 -20.50
N ASP YA 131 46.15 5.20 -21.28
CA ASP YA 131 47.06 4.07 -21.36
C ASP YA 131 47.61 3.68 -20.00
N ALA YA 132 47.96 4.65 -19.15
CA ALA YA 132 48.52 4.43 -17.83
C ALA YA 132 47.48 3.91 -16.81
N LEU YA 133 46.18 3.89 -17.15
CA LEU YA 133 45.15 3.23 -16.35
C LEU YA 133 44.93 1.78 -16.82
N TRP YA 134 44.85 1.56 -18.14
CA TRP YA 134 44.72 0.24 -18.75
C TRP YA 134 45.96 -0.64 -18.49
N TYR YA 135 47.11 -0.19 -18.98
CA TYR YA 135 48.39 -0.88 -18.97
C TYR YA 135 49.16 -0.54 -17.70
N PRO YA 136 50.29 -1.21 -17.39
CA PRO YA 136 51.10 -0.84 -16.23
C PRO YA 136 51.73 0.55 -16.36
N TYR YA 137 52.00 0.98 -17.60
CA TYR YA 137 52.71 2.21 -17.90
C TYR YA 137 52.17 2.81 -19.21
N ALA YA 138 52.23 4.14 -19.33
CA ALA YA 138 52.35 4.77 -20.64
C ALA YA 138 53.84 4.90 -20.97
N VAL YA 139 54.20 4.86 -22.27
CA VAL YA 139 55.59 4.90 -22.69
C VAL YA 139 55.71 5.63 -24.03
N GLY YA 140 56.83 6.31 -24.27
CA GLY YA 140 57.02 7.01 -25.54
C GLY YA 140 58.44 7.54 -25.73
N GLU YA 141 58.64 8.13 -26.92
CA GLU YA 141 59.91 8.70 -27.38
C GLU YA 141 59.86 10.23 -27.32
N ILE YA 142 61.02 10.88 -27.43
CA ILE YA 142 61.09 12.25 -27.91
C ILE YA 142 61.43 12.22 -29.39
N GLN YA 143 60.76 13.06 -30.19
CA GLN YA 143 60.98 13.16 -31.63
C GLN YA 143 61.37 14.58 -32.03
N GLU YA 144 62.21 14.67 -33.08
CA GLU YA 144 62.83 15.90 -33.50
C GLU YA 144 62.51 16.21 -34.97
N THR YA 145 62.33 17.50 -35.27
CA THR YA 145 62.43 18.04 -36.61
C THR YA 145 63.80 17.69 -37.19
N ILE YA 146 63.95 17.61 -38.53
CA ILE YA 146 65.23 17.31 -39.16
C ILE YA 146 66.34 18.28 -38.70
N THR YA 147 65.96 19.55 -38.50
CA THR YA 147 66.82 20.64 -38.02
C THR YA 147 67.35 20.41 -36.59
N GLY YA 148 66.81 19.43 -35.87
CA GLY YA 148 67.17 19.16 -34.48
C GLY YA 148 66.24 19.82 -33.45
N GLU YA 149 65.30 20.66 -33.91
CA GLU YA 149 64.29 21.29 -33.06
C GLU YA 149 63.23 20.29 -32.60
N PHE YA 150 62.70 20.46 -31.37
CA PHE YA 150 61.70 19.55 -30.81
C PHE YA 150 60.42 19.47 -31.66
N LYS YA 151 60.02 18.25 -32.06
CA LYS YA 151 58.76 18.02 -32.77
C LYS YA 151 57.65 17.74 -31.76
N GLU YA 152 57.79 16.65 -30.99
CA GLU YA 152 56.78 16.19 -30.03
C GLU YA 152 57.34 15.13 -29.08
N ALA YA 153 56.64 14.91 -27.96
CA ALA YA 153 56.73 13.67 -27.23
C ALA YA 153 55.81 12.66 -27.90
N LEU YA 154 56.36 11.60 -28.52
CA LEU YA 154 55.59 10.65 -29.30
C LEU YA 154 55.31 9.38 -28.49
N PRO YA 155 54.07 9.14 -28.00
CA PRO YA 155 53.72 7.87 -27.35
C PRO YA 155 53.99 6.68 -28.27
N ALA YA 156 54.24 5.52 -27.64
CA ALA YA 156 54.39 4.25 -28.33
C ALA YA 156 53.30 3.28 -27.86
N GLU YA 157 52.99 2.25 -28.66
CA GLU YA 157 51.92 1.33 -28.36
C GLU YA 157 52.30 0.45 -27.17
N PRO YA 158 51.68 0.63 -25.97
CA PRO YA 158 52.27 0.11 -24.74
C PRO YA 158 52.28 -1.41 -24.68
N TRP YA 159 51.32 -2.07 -25.34
CA TRP YA 159 51.28 -3.52 -25.35
C TRP YA 159 52.46 -4.15 -26.10
N THR YA 160 53.15 -3.37 -26.93
CA THR YA 160 54.29 -3.86 -27.70
C THR YA 160 55.60 -3.86 -26.92
N LEU YA 161 55.63 -3.21 -25.75
CA LEU YA 161 56.86 -2.90 -25.02
C LEU YA 161 56.81 -3.44 -23.60
N MET YA 162 57.92 -4.02 -23.11
CA MET YA 162 58.08 -4.36 -21.71
C MET YA 162 59.43 -3.89 -21.18
N PRO YA 163 59.50 -3.32 -19.94
CA PRO YA 163 60.76 -2.84 -19.39
C PRO YA 163 61.57 -3.99 -18.80
N GLU YA 164 62.90 -3.85 -18.89
CA GLU YA 164 63.85 -4.66 -18.13
C GLU YA 164 64.44 -3.77 -17.03
N SER YA 165 64.49 -4.28 -15.80
CA SER YA 165 64.89 -3.48 -14.64
C SER YA 165 65.95 -4.19 -13.78
N ASP YA 166 66.66 -3.42 -12.95
CA ASP YA 166 67.77 -3.89 -12.14
C ASP YA 166 67.35 -4.38 -10.74
N ALA YA 167 68.34 -4.76 -9.92
CA ALA YA 167 68.12 -5.28 -8.56
C ALA YA 167 67.52 -4.25 -7.60
N GLN YA 168 67.64 -2.94 -7.91
CA GLN YA 168 66.99 -1.86 -7.15
C GLN YA 168 65.74 -1.31 -7.86
N GLY YA 169 65.22 -2.06 -8.84
CA GLY YA 169 63.90 -1.82 -9.42
C GLY YA 169 63.84 -0.75 -10.51
N LYS YA 170 64.98 -0.17 -10.91
CA LYS YA 170 64.99 0.89 -11.93
C LYS YA 170 65.05 0.31 -13.33
N VAL YA 171 64.31 0.91 -14.27
CA VAL YA 171 64.28 0.45 -15.66
C VAL YA 171 65.59 0.80 -16.36
N GLN YA 172 66.20 -0.19 -17.04
CA GLN YA 172 67.49 -0.08 -17.69
C GLN YA 172 67.41 -0.25 -19.22
N ALA YA 173 66.40 -1.00 -19.70
CA ALA YA 173 66.16 -1.18 -21.13
C ALA YA 173 64.67 -1.50 -21.39
N TRP YA 174 64.26 -1.41 -22.65
CA TRP YA 174 62.91 -1.72 -23.10
C TRP YA 174 62.98 -2.74 -24.23
N HIS YA 175 62.21 -3.83 -24.13
CA HIS YA 175 62.16 -4.86 -25.14
C HIS YA 175 60.83 -4.75 -25.91
N GLN YA 176 60.88 -4.68 -27.25
CA GLN YA 176 59.71 -4.46 -28.09
C GLN YA 176 59.48 -5.61 -29.06
N ARG YA 177 58.24 -6.11 -29.14
CA ARG YA 177 57.80 -7.12 -30.10
C ARG YA 177 56.58 -6.62 -30.87
N THR YA 178 56.62 -6.67 -32.22
CA THR YA 178 55.57 -6.09 -33.06
C THR YA 178 55.26 -6.92 -34.32
N LYS YA 179 53.97 -7.10 -34.65
CA LYS YA 179 53.51 -7.84 -35.83
C LYS YA 179 53.93 -7.15 -37.14
N THR YA 180 54.52 -7.91 -38.08
CA THR YA 180 54.86 -7.44 -39.43
C THR YA 180 54.83 -8.59 -40.44
N HIS YA 181 54.02 -8.48 -41.51
CA HIS YA 181 53.86 -9.53 -42.53
C HIS YA 181 53.51 -10.91 -41.94
N GLY YA 182 52.79 -10.94 -40.81
CA GLY YA 182 52.50 -12.19 -40.11
C GLY YA 182 53.63 -12.70 -39.20
N GLY YA 183 54.86 -12.20 -39.39
CA GLY YA 183 55.96 -12.38 -38.45
C GLY YA 183 55.91 -11.38 -37.28
N TYR YA 184 56.99 -11.36 -36.49
CA TYR YA 184 57.10 -10.47 -35.34
C TYR YA 184 58.49 -9.81 -35.29
N GLN YA 185 58.68 -8.71 -36.04
CA GLN YA 185 59.88 -7.89 -35.89
C GLN YA 185 60.04 -7.46 -34.43
N THR YA 186 61.24 -7.67 -33.89
CA THR YA 186 61.52 -7.56 -32.47
C THR YA 186 62.86 -6.86 -32.25
N GLN YA 187 62.98 -6.05 -31.18
CA GLN YA 187 64.15 -5.23 -30.92
C GLN YA 187 64.23 -4.81 -29.45
N THR YA 188 65.42 -4.35 -29.01
CA THR YA 188 65.62 -3.82 -27.67
C THR YA 188 66.19 -2.40 -27.75
N LEU YA 189 65.74 -1.52 -26.84
CA LEU YA 189 66.08 -0.11 -26.80
C LEU YA 189 66.62 0.26 -25.41
N PRO YA 190 67.53 1.24 -25.28
CA PRO YA 190 67.97 1.71 -23.97
C PRO YA 190 66.86 2.48 -23.25
N ALA YA 191 66.95 2.56 -21.92
CA ALA YA 191 66.04 3.36 -21.11
C ALA YA 191 66.30 4.87 -21.18
N ASP YA 192 67.35 5.28 -21.90
CA ASP YA 192 67.86 6.66 -21.87
C ASP YA 192 67.01 7.64 -22.69
N ASP YA 193 66.49 7.20 -23.85
CA ASP YA 193 65.79 8.07 -24.80
C ASP YA 193 64.29 7.76 -24.98
N LEU YA 194 63.81 6.68 -24.35
CA LEU YA 194 62.40 6.55 -24.01
C LEU YA 194 62.10 7.28 -22.69
N TRP YA 195 60.79 7.51 -22.45
CA TRP YA 195 60.25 7.96 -21.17
C TRP YA 195 58.99 7.14 -20.87
N HIP YA 196 58.62 7.03 -19.59
CA HIP YA 196 57.47 6.23 -19.19
CB HIP YA 196 57.95 4.78 -19.04
CG HIP YA 196 58.50 4.40 -17.72
CD2 HIP YA 196 57.82 3.71 -16.75
NE2 HIP YA 196 58.67 3.49 -15.70
CE1 HIP YA 196 59.85 4.01 -15.99
ND1 HIP YA 196 59.84 4.60 -17.25
P HIP YA 196 61.24 5.28 -18.01
O1P HIP YA 196 61.38 4.49 -19.29
O2P HIP YA 196 62.35 5.01 -17.05
O3P HIP YA 196 60.94 6.74 -18.17
C HIP YA 196 56.81 6.77 -17.92
O HIP YA 196 57.45 7.41 -17.09
N ILE YA 197 55.50 6.51 -17.75
CA ILE YA 197 54.72 7.06 -16.65
C ILE YA 197 53.88 5.94 -16.05
N VAL YA 198 53.86 5.83 -14.71
CA VAL YA 198 53.16 4.80 -13.97
C VAL YA 198 52.16 5.45 -13.01
N ILE YA 199 50.85 5.17 -13.17
CA ILE YA 199 49.86 5.59 -12.19
C ILE YA 199 49.71 4.52 -11.10
N ASN YA 200 49.52 3.26 -11.51
CA ASN YA 200 49.27 2.15 -10.61
C ASN YA 200 50.58 1.56 -10.06
N LYS YA 201 51.27 2.28 -9.17
CA LYS YA 201 52.45 1.75 -8.50
C LYS YA 201 52.06 0.69 -7.47
N ALA YA 202 52.82 -0.42 -7.43
CA ALA YA 202 52.71 -1.44 -6.38
C ALA YA 202 53.28 -0.95 -5.04
N SER YA 203 54.27 -0.05 -5.09
CA SER YA 203 54.90 0.60 -3.93
C SER YA 203 55.56 1.90 -4.40
N ALA YA 204 55.96 2.78 -3.49
CA ALA YA 204 56.65 4.01 -3.85
C ALA YA 204 57.95 3.77 -4.63
N ARG YA 205 58.54 2.57 -4.49
CA ARG YA 205 59.76 2.13 -5.16
C ARG YA 205 59.53 1.42 -6.49
N ASP YA 206 58.31 0.94 -6.75
CA ASP YA 206 57.96 0.28 -7.99
C ASP YA 206 58.09 1.24 -9.18
N GLU YA 207 58.89 0.85 -10.19
CA GLU YA 207 59.06 1.64 -11.40
C GLU YA 207 58.42 0.96 -12.63
N VAL YA 208 57.66 -0.13 -12.44
CA VAL YA 208 57.07 -0.92 -13.52
C VAL YA 208 55.54 -0.87 -13.48
N GLY YA 209 54.93 -0.80 -12.29
CA GLY YA 209 53.48 -0.61 -12.16
C GLY YA 209 52.65 -1.88 -12.40
N ILE YA 210 51.32 -1.71 -12.27
CA ILE YA 210 50.32 -2.78 -12.36
C ILE YA 210 49.27 -2.40 -13.42
N SER YA 211 48.85 -3.36 -14.25
CA SER YA 211 47.65 -3.19 -15.07
C SER YA 211 46.41 -3.43 -14.20
N GLU YA 212 45.50 -2.46 -14.10
CA GLU YA 212 44.23 -2.71 -13.40
C GLU YA 212 43.38 -3.76 -14.11
N VAL YA 213 43.53 -3.92 -15.43
CA VAL YA 213 42.83 -4.94 -16.18
C VAL YA 213 43.31 -6.35 -15.76
N LEU YA 214 44.62 -6.56 -15.62
CA LEU YA 214 45.10 -7.84 -15.14
C LEU YA 214 44.82 -8.03 -13.65
N ARG YA 215 44.90 -6.96 -12.85
CA ARG YA 215 44.63 -7.02 -11.42
C ARG YA 215 43.20 -7.47 -11.12
N ASN YA 216 42.23 -7.04 -11.94
CA ASN YA 216 40.82 -7.34 -11.77
C ASN YA 216 40.30 -8.33 -12.84
N LYS YA 217 41.18 -9.18 -13.39
CA LYS YA 217 40.85 -10.07 -14.50
C LYS YA 217 39.71 -11.04 -14.16
N ASP YA 218 39.70 -11.55 -12.92
CA ASP YA 218 38.67 -12.45 -12.45
C ASP YA 218 37.28 -11.78 -12.43
N GLU YA 219 37.19 -10.53 -11.97
CA GLU YA 219 35.94 -9.78 -11.96
C GLU YA 219 35.44 -9.51 -13.37
N ILE YA 220 36.35 -9.21 -14.31
CA ILE YA 220 36.01 -9.03 -15.71
C ILE YA 220 35.44 -10.32 -16.30
N GLN YA 221 36.11 -11.46 -16.08
CA GLN YA 221 35.63 -12.74 -16.57
C GLN YA 221 34.30 -13.14 -15.93
N ALA YA 222 34.12 -12.91 -14.64
CA ALA YA 222 32.84 -13.14 -13.96
C ALA YA 222 31.72 -12.34 -14.62
N PHE YA 223 31.95 -11.05 -14.90
CA PHE YA 223 30.97 -10.19 -15.55
C PHE YA 223 30.58 -10.75 -16.92
N LYS YA 224 31.58 -11.10 -17.75
CA LYS YA 224 31.34 -11.63 -19.10
C LYS YA 224 30.62 -12.98 -19.08
N GLN YA 225 31.00 -13.88 -18.18
CA GLN YA 225 30.35 -15.17 -18.04
C GLN YA 225 28.90 -15.04 -17.59
N ASN YA 226 28.59 -14.13 -16.65
CA ASN YA 226 27.21 -13.92 -16.26
C ASN YA 226 26.38 -13.26 -17.37
N GLU YA 227 26.96 -12.34 -18.16
CA GLU YA 227 26.30 -11.80 -19.35
C GLU YA 227 25.94 -12.92 -20.34
N ALA YA 228 26.90 -13.79 -20.67
CA ALA YA 228 26.66 -14.91 -21.56
C ALA YA 228 25.59 -15.87 -21.01
N ALA YA 229 25.65 -16.18 -19.72
CA ALA YA 229 24.67 -17.02 -19.04
C ALA YA 229 23.26 -16.42 -19.12
N ILE YA 230 23.08 -15.12 -18.82
CA ILE YA 230 21.80 -14.44 -18.95
C ILE YA 230 21.31 -14.50 -20.39
N ASN YA 231 22.15 -14.14 -21.36
CA ASN YA 231 21.73 -14.09 -22.76
C ASN YA 231 21.20 -15.44 -23.25
N GLN YA 232 21.90 -16.53 -22.90
CA GLN YA 232 21.47 -17.88 -23.23
C GLN YA 232 20.19 -18.27 -22.48
N ALA YA 233 20.07 -17.91 -21.20
CA ALA YA 233 18.88 -18.20 -20.42
C ALA YA 233 17.64 -17.45 -20.94
N ILE YA 234 17.79 -16.20 -21.39
CA ILE YA 234 16.70 -15.46 -22.02
C ILE YA 234 16.20 -16.20 -23.25
N GLU YA 235 17.09 -16.73 -24.10
CA GLU YA 235 16.65 -17.48 -25.27
C GLU YA 235 15.86 -18.74 -24.88
N LEU YA 236 16.36 -19.53 -23.93
CA LEU YA 236 15.72 -20.77 -23.56
C LEU YA 236 14.42 -20.57 -22.76
N HIS YA 237 14.40 -19.56 -21.87
CA HIS YA 237 13.42 -19.47 -20.81
C HIS YA 237 12.64 -18.15 -20.81
N GLY YA 238 13.11 -17.14 -21.55
CA GLY YA 238 12.46 -15.84 -21.57
C GLY YA 238 11.13 -15.83 -22.32
N PHE YA 239 10.89 -16.83 -23.19
CA PHE YA 239 9.73 -16.89 -24.05
C PHE YA 239 9.01 -18.20 -23.84
N PRO YA 240 7.66 -18.23 -23.78
CA PRO YA 240 6.94 -19.49 -23.71
C PRO YA 240 7.08 -20.25 -25.03
N GLN YA 241 6.94 -21.57 -24.98
CA GLN YA 241 7.09 -22.46 -26.13
C GLN YA 241 5.92 -23.44 -26.16
N ARG YA 242 5.34 -23.69 -27.35
CA ARG YA 242 4.19 -24.57 -27.47
C ARG YA 242 4.59 -26.04 -27.40
N HIP YA 243 3.86 -26.83 -26.60
CA HIP YA 243 4.07 -28.26 -26.46
CB HIP YA 243 4.57 -28.61 -25.05
CG HIP YA 243 4.92 -30.06 -24.90
CD2 HIP YA 243 5.08 -30.98 -25.90
NE2 HIP YA 243 5.36 -32.19 -25.34
CE1 HIP YA 243 5.41 -32.05 -24.04
ND1 HIP YA 243 5.16 -30.73 -23.65
P HIP YA 243 4.91 -30.28 -22.02
O1P HIP YA 243 3.64 -30.94 -21.58
O2P HIP YA 243 6.06 -30.91 -21.32
O3P HIP YA 243 4.89 -28.80 -21.96
C HIP YA 243 2.78 -29.01 -26.80
O HIP YA 243 1.92 -29.19 -25.95
N VAL YA 244 2.63 -29.49 -28.05
CA VAL YA 244 1.47 -30.30 -28.37
C VAL YA 244 1.72 -31.75 -27.97
N LYS YA 245 0.85 -32.29 -27.09
CA LYS YA 245 0.86 -33.70 -26.67
C LYS YA 245 -0.25 -34.44 -27.39
N VAL YA 246 0.09 -35.60 -27.98
CA VAL YA 246 -0.82 -36.32 -28.88
C VAL YA 246 -1.04 -37.73 -28.36
N GLY YA 247 -2.29 -38.22 -28.53
CA GLY YA 247 -2.67 -39.55 -28.12
C GLY YA 247 -3.30 -39.53 -26.72
N LYS YA 248 -4.14 -40.53 -26.44
CA LYS YA 248 -4.76 -40.65 -25.14
C LYS YA 248 -3.77 -41.23 -24.14
N GLU YA 249 -3.78 -40.71 -22.90
CA GLU YA 249 -2.95 -41.27 -21.84
C GLU YA 249 -3.35 -42.73 -21.57
N ASP YA 250 -2.36 -43.64 -21.49
CA ASP YA 250 -2.56 -45.09 -21.41
C ASP YA 250 -3.31 -45.68 -22.62
N GLY YA 251 -3.36 -44.95 -23.74
CA GLY YA 251 -4.03 -45.40 -24.97
C GLY YA 251 -3.05 -45.86 -26.06
N ALA YA 252 -3.46 -45.72 -27.33
CA ALA YA 252 -2.66 -46.11 -28.49
C ALA YA 252 -1.42 -45.23 -28.62
N PRO YA 253 -0.22 -45.80 -28.94
CA PRO YA 253 1.00 -45.00 -29.11
C PRO YA 253 1.02 -44.28 -30.45
N VAL YA 254 1.74 -43.16 -30.49
CA VAL YA 254 1.89 -42.30 -31.65
C VAL YA 254 3.37 -42.30 -32.02
N ARG YA 255 3.72 -42.59 -33.28
CA ARG YA 255 5.10 -42.68 -33.75
C ARG YA 255 5.55 -41.36 -34.39
N ASP YA 256 6.84 -41.24 -34.73
CA ASP YA 256 7.38 -40.00 -35.28
C ASP YA 256 6.70 -39.57 -36.58
N ASN YA 257 6.51 -40.52 -37.51
CA ASN YA 257 5.84 -40.22 -38.77
C ASN YA 257 4.38 -39.78 -38.56
N ASP YA 258 3.81 -40.11 -37.39
CA ASP YA 258 2.48 -39.65 -37.02
C ASP YA 258 2.56 -38.20 -36.51
N LEU YA 259 3.54 -37.91 -35.64
CA LEU YA 259 3.77 -36.55 -35.16
C LEU YA 259 4.12 -35.58 -36.28
N ARG YA 260 4.75 -36.01 -37.38
CA ARG YA 260 5.07 -35.13 -38.51
C ARG YA 260 3.82 -34.45 -39.10
N ARG YA 261 2.72 -35.19 -39.19
CA ARG YA 261 1.45 -34.69 -39.69
C ARG YA 261 0.79 -33.73 -38.68
N VAL YA 262 0.93 -33.99 -37.38
CA VAL YA 262 0.44 -33.07 -36.36
C VAL YA 262 1.25 -31.77 -36.34
N ARG YA 263 2.58 -31.88 -36.47
CA ARG YA 263 3.48 -30.73 -36.57
C ARG YA 263 3.10 -29.82 -37.73
N THR YA 264 2.65 -30.38 -38.85
CA THR YA 264 2.19 -29.62 -40.01
C THR YA 264 0.99 -28.72 -39.69
N ILE YA 265 0.10 -29.15 -38.79
CA ILE YA 265 -1.08 -28.39 -38.40
C ILE YA 265 -0.71 -27.24 -37.47
N PHE YA 266 -0.04 -27.52 -36.35
CA PHE YA 266 0.26 -26.53 -35.33
C PHE YA 266 1.59 -25.78 -35.57
N ASP YA 267 2.16 -25.87 -36.77
CA ASP YA 267 3.44 -25.27 -37.12
C ASP YA 267 3.45 -23.77 -36.82
N PRO YA 268 4.31 -23.27 -35.89
CA PRO YA 268 4.36 -21.84 -35.59
C PRO YA 268 4.79 -20.97 -36.77
N ARG YA 269 5.43 -21.56 -37.79
CA ARG YA 269 5.81 -20.88 -39.03
C ARG YA 269 4.60 -20.38 -39.82
N THR YA 270 3.53 -21.20 -39.90
CA THR YA 270 2.35 -20.89 -40.70
C THR YA 270 1.13 -20.49 -39.86
N THR YA 271 1.22 -20.71 -38.54
CA THR YA 271 0.26 -20.19 -37.58
C THR YA 271 0.31 -18.66 -37.55
N ASP YA 272 -0.82 -18.03 -37.22
CA ASP YA 272 -0.89 -16.58 -37.04
C ASP YA 272 -1.56 -16.24 -35.70
N ALA YA 273 -1.59 -14.94 -35.38
CA ALA YA 273 -2.01 -14.43 -34.07
C ALA YA 273 -3.39 -14.93 -33.63
N ASN YA 274 -4.32 -15.12 -34.58
CA ASN YA 274 -5.72 -15.41 -34.28
C ASN YA 274 -6.19 -16.73 -34.91
N THR YA 275 -5.24 -17.63 -35.23
CA THR YA 275 -5.55 -18.99 -35.64
C THR YA 275 -6.38 -19.70 -34.57
N ALA YA 276 -7.34 -20.53 -35.00
CA ALA YA 276 -8.15 -21.35 -34.10
C ALA YA 276 -8.01 -22.84 -34.43
N TYR YA 277 -8.17 -23.70 -33.41
CA TYR YA 277 -7.97 -25.14 -33.56
C TYR YA 277 -9.23 -25.91 -33.18
N PHE YA 278 -9.47 -26.99 -33.94
CA PHE YA 278 -10.56 -27.91 -33.72
C PHE YA 278 -9.93 -29.28 -33.55
N THR YA 279 -10.24 -30.00 -32.46
CA THR YA 279 -9.64 -31.30 -32.26
C THR YA 279 -10.60 -32.30 -31.64
N GLY YA 280 -10.26 -33.59 -31.74
CA GLY YA 280 -10.80 -34.60 -30.85
C GLY YA 280 -10.28 -34.41 -29.43
N GLN YA 281 -10.72 -35.28 -28.51
CA GLN YA 281 -10.41 -35.14 -27.09
C GLN YA 281 -8.96 -35.53 -26.77
N ASP YA 282 -8.25 -36.16 -27.73
CA ASP YA 282 -6.94 -36.78 -27.48
C ASP YA 282 -5.77 -36.01 -28.09
N VAL YA 283 -5.94 -34.69 -28.22
CA VAL YA 283 -4.89 -33.75 -28.60
C VAL YA 283 -4.89 -32.62 -27.58
N ASP YA 284 -3.74 -32.38 -26.93
CA ASP YA 284 -3.62 -31.36 -25.89
C ASP YA 284 -2.55 -30.34 -26.26
N VAL YA 285 -2.93 -29.05 -26.30
CA VAL YA 285 -1.96 -28.01 -26.59
C VAL YA 285 -1.47 -27.44 -25.26
N GLU YA 286 -0.43 -28.06 -24.71
CA GLU YA 286 0.23 -27.56 -23.52
C GLU YA 286 1.21 -26.43 -23.85
N THR YA 287 1.70 -25.75 -22.82
CA THR YA 287 2.65 -24.66 -22.96
C THR YA 287 3.78 -24.80 -21.95
N LEU YA 288 5.02 -24.68 -22.44
CA LEU YA 288 6.13 -24.29 -21.58
C LEU YA 288 5.98 -22.80 -21.35
N GLU YA 289 5.65 -22.42 -20.11
CA GLU YA 289 5.58 -20.99 -19.77
C GLU YA 289 6.99 -20.38 -19.78
N ALA YA 290 7.07 -19.05 -19.90
CA ALA YA 290 8.34 -18.38 -19.65
C ALA YA 290 8.65 -18.50 -18.16
N HIP YA 291 9.73 -19.21 -17.80
CA HIP YA 291 10.07 -19.44 -16.41
CB HIP YA 291 10.75 -20.81 -16.27
CG HIP YA 291 9.86 -21.92 -16.71
CD2 HIP YA 291 8.66 -22.29 -16.18
NE2 HIP YA 291 8.15 -23.32 -16.94
CE1 HIP YA 291 9.00 -23.58 -17.92
ND1 HIP YA 291 10.12 -22.75 -17.84
P HIP YA 291 11.56 -22.86 -18.79
O1P HIP YA 291 12.49 -23.40 -17.77
O2P HIP YA 291 11.26 -23.83 -19.91
O3P HIP YA 291 11.61 -21.42 -19.16
C HIP YA 291 10.83 -18.25 -15.86
O HIP YA 291 11.98 -18.03 -16.22
N ASN YA 292 10.19 -17.50 -14.96
CA ASN YA 292 10.73 -16.25 -14.43
C ASN YA 292 12.03 -16.44 -13.66
N PHE YA 293 13.00 -15.55 -13.94
CA PHE YA 293 14.20 -15.38 -13.15
C PHE YA 293 14.59 -13.91 -13.20
N ASP YA 294 15.18 -13.38 -12.12
CA ASP YA 294 15.46 -11.96 -12.03
C ASP YA 294 16.83 -11.63 -12.62
N TYR YA 295 16.93 -11.68 -13.95
CA TYR YA 295 18.15 -11.29 -14.64
C TYR YA 295 18.50 -9.82 -14.42
N SER YA 296 17.51 -8.95 -14.17
CA SER YA 296 17.78 -7.56 -13.82
C SER YA 296 18.64 -7.46 -12.56
N ALA YA 297 18.27 -8.22 -11.52
CA ALA YA 297 19.05 -8.26 -10.29
C ALA YA 297 20.45 -8.86 -10.51
N ILE YA 298 20.58 -9.86 -11.39
CA ILE YA 298 21.89 -10.45 -11.71
C ILE YA 298 22.77 -9.41 -12.41
N HIS YA 299 22.25 -8.73 -13.45
CA HIS YA 299 22.97 -7.64 -14.09
C HIS YA 299 23.37 -6.54 -13.12
N GLU YA 300 22.48 -6.15 -12.21
CA GLU YA 300 22.79 -5.13 -11.22
C GLU YA 300 23.93 -5.57 -10.30
N MET YA 301 23.90 -6.82 -9.84
CA MET YA 301 24.96 -7.36 -9.00
C MET YA 301 26.29 -7.45 -9.74
N ASP YA 302 26.30 -7.93 -10.99
CA ASP YA 302 27.51 -7.98 -11.80
C ASP YA 302 28.13 -6.59 -11.94
N MET YA 303 27.28 -5.61 -12.26
CA MET YA 303 27.71 -4.23 -12.47
C MET YA 303 28.24 -3.63 -11.16
N ARG YA 304 27.58 -3.89 -10.04
CA ARG YA 304 28.02 -3.49 -8.71
C ARG YA 304 29.42 -4.03 -8.39
N ASN YA 305 29.70 -5.29 -8.72
CA ASN YA 305 31.02 -5.86 -8.56
C ASN YA 305 32.03 -5.15 -9.48
N LEU YA 306 31.75 -5.13 -10.78
CA LEU YA 306 32.68 -4.62 -11.78
C LEU YA 306 33.05 -3.16 -11.54
N THR YA 307 32.05 -2.28 -11.35
CA THR YA 307 32.30 -0.86 -11.10
C THR YA 307 33.18 -0.66 -9.88
N THR YA 308 32.84 -1.30 -8.76
CA THR YA 308 33.59 -1.17 -7.52
C THR YA 308 35.01 -1.73 -7.65
N ALA YA 309 35.17 -2.86 -8.37
CA ALA YA 309 36.48 -3.42 -8.66
C ALA YA 309 37.36 -2.45 -9.45
N LEU YA 310 36.78 -1.76 -10.45
CA LEU YA 310 37.44 -0.72 -11.23
C LEU YA 310 37.49 0.64 -10.50
N GLY YA 311 36.90 0.74 -9.31
CA GLY YA 311 36.88 1.98 -8.53
C GLY YA 311 35.97 3.08 -9.08
N LEU YA 312 35.11 2.77 -10.06
CA LEU YA 312 34.09 3.69 -10.57
C LEU YA 312 32.90 3.76 -9.61
N PRO YA 313 32.13 4.87 -9.62
CA PRO YA 313 30.85 4.91 -8.90
C PRO YA 313 29.82 4.04 -9.63
N LEU YA 314 28.87 3.48 -8.88
CA LEU YA 314 27.89 2.53 -9.39
C LEU YA 314 27.02 3.12 -10.52
N GLU YA 315 26.82 4.44 -10.49
CA GLU YA 315 26.00 5.19 -11.43
C GLU YA 315 26.60 5.17 -12.84
N ALA YA 316 27.92 5.04 -12.99
CA ALA YA 316 28.59 4.91 -14.27
C ALA YA 316 28.15 3.66 -15.05
N GLY YA 317 27.65 2.64 -14.33
CA GLY YA 317 27.16 1.40 -14.93
C GLY YA 317 25.67 1.41 -15.29
N ASN YA 318 24.98 2.56 -15.23
CA ASN YA 318 23.55 2.67 -15.45
C ASN YA 318 22.74 1.77 -14.49
N VAL YA 319 23.11 1.78 -13.19
CA VAL YA 319 22.44 0.97 -12.17
C VAL YA 319 21.84 1.84 -11.04
N GLY YA 320 22.69 2.43 -10.18
CA GLY YA 320 22.22 3.23 -9.05
C GLY YA 320 21.58 2.42 -7.91
N ALA YA 321 21.40 3.05 -6.74
CA ALA YA 321 21.01 2.38 -5.52
C ALA YA 321 20.06 3.21 -4.65
N ASP YA 322 19.24 2.53 -3.84
CA ASP YA 322 18.24 3.16 -2.98
C ASP YA 322 18.89 3.86 -1.78
N GLY YA 323 18.35 5.03 -1.41
CA GLY YA 323 18.79 5.82 -0.26
C GLY YA 323 20.15 6.51 -0.44
N LEU YA 324 20.73 6.39 -1.65
CA LEU YA 324 22.10 6.84 -1.94
C LEU YA 324 22.17 8.02 -2.91
N GLY YA 325 21.03 8.52 -3.43
CA GLY YA 325 21.02 9.53 -4.48
C GLY YA 325 21.04 10.99 -3.98
N SER YA 326 20.99 11.20 -2.65
CA SER YA 326 20.86 12.53 -2.05
C SER YA 326 21.38 12.58 -0.61
N GLY YA 327 21.69 13.80 -0.13
CA GLY YA 327 22.18 14.04 1.22
C GLY YA 327 23.64 13.61 1.42
N LYS YA 328 24.07 13.46 2.68
CA LYS YA 328 25.45 13.15 3.01
C LYS YA 328 25.95 11.84 2.38
N PRO YA 329 25.11 10.79 2.17
CA PRO YA 329 25.51 9.62 1.38
C PRO YA 329 26.02 9.92 -0.02
N ALA YA 330 25.42 10.90 -0.72
CA ALA YA 330 25.87 11.34 -2.03
C ALA YA 330 27.17 12.16 -1.91
N GLU YA 331 27.21 13.10 -0.95
CA GLU YA 331 28.41 13.90 -0.69
C GLU YA 331 29.65 13.02 -0.48
N LEU YA 332 29.51 11.92 0.28
CA LEU YA 332 30.60 11.00 0.53
C LEU YA 332 31.11 10.31 -0.74
N ARG YA 333 30.23 9.65 -1.51
CA ARG YA 333 30.67 8.89 -2.68
C ARG YA 333 31.34 9.78 -3.73
N PHE YA 334 30.83 11.00 -3.89
CA PHE YA 334 31.41 11.98 -4.79
C PHE YA 334 32.72 12.56 -4.27
N ALA YA 335 32.84 12.78 -2.95
CA ALA YA 335 34.12 13.13 -2.34
C ALA YA 335 35.18 12.04 -2.60
N LEU YA 336 34.85 10.76 -2.36
CA LEU YA 336 35.74 9.63 -2.63
C LEU YA 336 36.18 9.58 -4.09
N LEU YA 337 35.25 9.79 -5.03
CA LEU YA 337 35.55 9.79 -6.45
C LEU YA 337 36.52 10.92 -6.82
N LYS YA 338 36.24 12.16 -6.39
CA LYS YA 338 37.10 13.31 -6.64
C LYS YA 338 38.49 13.13 -5.99
N LEU YA 339 38.56 12.56 -4.79
CA LEU YA 339 39.84 12.25 -4.14
C LEU YA 339 40.67 11.25 -4.94
N ALA YA 340 40.05 10.18 -5.45
CA ALA YA 340 40.72 9.20 -6.30
C ALA YA 340 41.26 9.85 -7.57
N ILE YA 341 40.45 10.71 -8.21
CA ILE YA 341 40.84 11.46 -9.39
C ILE YA 341 42.04 12.36 -9.08
N LYS YA 342 42.01 13.13 -7.99
CA LYS YA 342 43.13 13.99 -7.62
C LYS YA 342 44.42 13.21 -7.45
N ALA YA 343 44.38 12.05 -6.78
CA ALA YA 343 45.56 11.22 -6.57
C ALA YA 343 46.18 10.78 -7.90
N ASN YA 344 45.36 10.31 -8.84
CA ASN YA 344 45.83 9.92 -10.17
C ASN YA 344 46.37 11.11 -10.94
N GLN YA 345 45.66 12.24 -10.91
CA GLN YA 345 46.07 13.46 -11.59
C GLN YA 345 47.43 13.93 -11.09
N ARG YA 346 47.64 14.08 -9.78
CA ARG YA 346 48.95 14.46 -9.24
C ARG YA 346 50.04 13.47 -9.63
N SER YA 347 49.77 12.16 -9.52
CA SER YA 347 50.73 11.12 -9.86
C SER YA 347 51.19 11.24 -11.32
N PHE YA 348 50.25 11.50 -12.24
CA PHE YA 348 50.55 11.71 -13.65
C PHE YA 348 51.31 13.03 -13.86
N SER YA 349 50.78 14.14 -13.31
CA SER YA 349 51.34 15.49 -13.44
C SER YA 349 52.83 15.53 -13.12
N VAL YA 350 53.21 15.02 -11.94
CA VAL YA 350 54.59 15.05 -11.49
C VAL YA 350 55.49 14.30 -12.46
N GLN YA 351 55.12 13.07 -12.83
CA GLN YA 351 55.93 12.27 -13.74
C GLN YA 351 56.03 12.88 -15.13
N PHE YA 352 54.96 13.48 -15.66
CA PHE YA 352 55.03 14.13 -16.98
C PHE YA 352 55.99 15.32 -16.95
N VAL YA 353 55.93 16.16 -15.92
CA VAL YA 353 56.89 17.25 -15.76
C VAL YA 353 58.33 16.73 -15.64
N GLU YA 354 58.57 15.78 -14.75
CA GLU YA 354 59.91 15.30 -14.43
C GLU YA 354 60.53 14.48 -15.58
N ARG YA 355 59.75 13.64 -16.28
CA ARG YA 355 60.26 12.72 -17.28
C ARG YA 355 60.10 13.20 -18.72
N VAL YA 356 59.24 14.20 -18.97
CA VAL YA 356 59.00 14.70 -20.32
C VAL YA 356 59.34 16.19 -20.43
N MET YA 357 58.67 17.05 -19.66
CA MET YA 357 58.79 18.49 -19.86
C MET YA 357 60.20 19.01 -19.51
N ARG YA 358 60.72 18.70 -18.31
CA ARG YA 358 62.04 19.20 -17.92
C ARG YA 358 63.13 18.76 -18.90
N PRO YA 359 63.24 17.47 -19.29
CA PRO YA 359 64.16 17.05 -20.34
C PRO YA 359 63.98 17.77 -21.67
N VAL YA 360 62.75 18.06 -22.09
CA VAL YA 360 62.51 18.84 -23.32
C VAL YA 360 63.02 20.27 -23.18
N VAL YA 361 62.76 20.93 -22.04
CA VAL YA 361 63.28 22.27 -21.77
C VAL YA 361 64.81 22.24 -21.79
N ARG YA 362 65.42 21.31 -21.07
CA ARG YA 362 66.87 21.16 -20.97
C ARG YA 362 67.54 21.00 -22.34
N ASP YA 363 66.96 20.14 -23.19
CA ASP YA 363 67.60 19.68 -24.40
C ASP YA 363 67.27 20.51 -25.65
N TYR YA 364 66.17 21.30 -25.65
CA TYR YA 364 65.72 22.00 -26.85
C TYR YA 364 65.28 23.46 -26.61
N SER YA 365 65.41 23.99 -25.37
CA SER YA 365 64.87 25.30 -25.01
C SER YA 365 65.96 26.23 -24.44
N PRO YA 366 65.90 27.57 -24.66
CA PRO YA 366 66.84 28.50 -24.04
C PRO YA 366 66.57 28.80 -22.56
N PHE YA 367 65.49 28.25 -21.98
CA PHE YA 367 65.12 28.48 -20.59
C PHE YA 367 65.82 27.54 -19.60
N ASP YA 368 65.80 27.91 -18.31
CA ASP YA 368 66.33 27.08 -17.23
C ASP YA 368 65.39 25.91 -16.92
N HIS YA 369 65.85 24.67 -17.11
CA HIS YA 369 65.05 23.47 -16.89
C HIS YA 369 64.78 23.18 -15.41
N GLU YA 370 65.52 23.82 -14.49
CA GLU YA 370 65.29 23.66 -13.05
C GLU YA 370 64.13 24.51 -12.52
N ALA YA 371 63.42 25.23 -13.40
CA ALA YA 371 62.28 26.07 -13.03
C ALA YA 371 61.12 25.28 -12.42
N ASP YA 372 60.31 25.96 -11.60
CA ASP YA 372 59.14 25.40 -10.91
C ASP YA 372 57.92 25.25 -11.82
N ILE YA 373 58.06 24.38 -12.84
CA ILE YA 373 56.97 23.98 -13.73
C ILE YA 373 55.95 23.16 -12.93
N ARG YA 374 54.66 23.43 -13.14
CA ARG YA 374 53.56 22.54 -12.76
C ARG YA 374 52.65 22.33 -13.96
N LEU YA 375 52.26 21.06 -14.19
CA LEU YA 375 51.14 20.75 -15.05
C LEU YA 375 49.99 20.36 -14.14
N GLU YA 376 48.84 21.05 -14.27
CA GLU YA 376 47.66 20.65 -13.51
C GLU YA 376 46.52 20.29 -14.45
N ILE YA 377 45.72 19.31 -14.01
CA ILE YA 377 44.64 18.77 -14.79
C ILE YA 377 43.33 19.19 -14.11
N ASN YA 378 42.35 19.59 -14.92
CA ASN YA 378 41.11 20.15 -14.43
C ASN YA 378 40.26 19.12 -13.67
N ASP YA 379 39.48 19.61 -12.69
CA ASP YA 379 38.49 18.81 -11.99
C ASP YA 379 37.30 18.54 -12.91
N PRO YA 380 37.00 17.27 -13.28
CA PRO YA 380 35.87 16.96 -14.16
C PRO YA 380 34.49 17.26 -13.59
N LEU YA 381 34.37 17.33 -12.24
CA LEU YA 381 33.09 17.39 -11.56
C LEU YA 381 32.88 18.72 -10.82
N GLU YA 382 33.63 19.75 -11.21
CA GLU YA 382 33.50 21.12 -10.70
C GLU YA 382 32.19 21.76 -11.15
N ASP YA 383 31.51 22.47 -10.23
CA ASP YA 383 30.32 23.24 -10.53
C ASP YA 383 30.64 24.74 -10.54
N ILE YA 384 30.57 25.35 -11.73
CA ILE YA 384 30.84 26.77 -11.92
C ILE YA 384 29.87 27.63 -11.09
N GLY YA 385 28.63 27.16 -10.91
CA GLY YA 385 27.63 27.87 -10.13
C GLY YA 385 27.97 27.93 -8.64
N GLU YA 386 28.61 26.88 -8.11
CA GLU YA 386 29.10 26.86 -6.74
C GLU YA 386 30.28 27.82 -6.58
N VAL YA 387 31.16 27.88 -7.58
CA VAL YA 387 32.26 28.83 -7.63
C VAL YA 387 31.74 30.28 -7.70
N ALA YA 388 30.71 30.52 -8.52
CA ALA YA 388 30.08 31.83 -8.63
C ALA YA 388 29.48 32.28 -7.29
N ASP YA 389 28.74 31.39 -6.61
CA ASP YA 389 28.22 31.66 -5.27
C ASP YA 389 29.35 32.04 -4.31
N LEU YA 390 30.45 31.27 -4.31
CA LEU YA 390 31.59 31.56 -3.46
C LEU YA 390 32.15 32.96 -3.73
N ILE YA 391 32.31 33.33 -5.00
CA ILE YA 391 32.83 34.64 -5.37
C ILE YA 391 31.89 35.76 -4.90
N GLN YA 392 30.56 35.57 -4.99
CA GLN YA 392 29.63 36.54 -4.42
C GLN YA 392 29.79 36.68 -2.91
N GLN YA 393 29.97 35.56 -2.20
CA GLN YA 393 29.99 35.53 -0.75
C GLN YA 393 31.26 36.16 -0.18
N VAL YA 394 32.44 35.84 -0.76
CA VAL YA 394 33.73 36.19 -0.14
C VAL YA 394 34.74 36.80 -1.11
N GLY YA 395 34.30 37.22 -2.30
CA GLY YA 395 35.12 37.93 -3.28
C GLY YA 395 35.86 39.14 -2.70
N ASP YA 396 35.28 39.78 -1.68
CA ASP YA 396 35.86 40.93 -0.99
C ASP YA 396 37.16 40.60 -0.25
N TYR YA 397 37.53 39.32 -0.16
CA TYR YA 397 38.79 38.86 0.44
C TYR YA 397 39.73 38.23 -0.60
N MET YA 398 39.34 38.22 -1.89
CA MET YA 398 40.14 37.63 -2.96
C MET YA 398 40.66 38.71 -3.91
N THR YA 399 41.94 38.62 -4.30
CA THR YA 399 42.42 39.46 -5.39
C THR YA 399 41.71 39.12 -6.69
N ASN YA 400 41.63 40.09 -7.59
CA ASN YA 400 41.05 39.88 -8.92
C ASN YA 400 41.75 38.75 -9.67
N GLU YA 401 43.06 38.59 -9.46
CA GLU YA 401 43.82 37.45 -9.97
C GLU YA 401 43.29 36.12 -9.43
N GLN YA 402 43.15 35.99 -8.09
CA GLN YA 402 42.63 34.77 -7.49
C GLN YA 402 41.21 34.46 -7.97
N VAL YA 403 40.37 35.49 -8.15
CA VAL YA 403 39.04 35.31 -8.71
C VAL YA 403 39.12 34.79 -10.15
N ALA YA 404 39.97 35.41 -10.99
CA ALA YA 404 40.18 34.95 -12.36
C ALA YA 404 40.66 33.49 -12.40
N GLU YA 405 41.56 33.10 -11.49
CA GLU YA 405 42.03 31.73 -11.36
C GLU YA 405 40.88 30.77 -11.03
N LYS YA 406 40.11 31.03 -9.94
CA LYS YA 406 39.01 30.17 -9.54
C LYS YA 406 37.94 30.07 -10.62
N LEU YA 407 37.64 31.19 -11.28
CA LEU YA 407 36.61 31.31 -12.30
C LEU YA 407 37.08 30.83 -13.69
N ASP YA 408 38.33 30.35 -13.81
CA ASP YA 408 38.91 29.81 -15.03
C ASP YA 408 38.94 30.83 -16.19
N LEU YA 409 39.42 32.04 -15.90
CA LEU YA 409 39.53 33.15 -16.84
C LEU YA 409 40.98 33.65 -16.93
N PRO YA 410 41.39 34.24 -18.08
CA PRO YA 410 42.63 35.03 -18.13
C PRO YA 410 42.63 36.14 -17.07
N ALA YA 411 43.78 36.32 -16.41
CA ALA YA 411 43.96 37.37 -15.42
C ALA YA 411 43.93 38.75 -16.07
N PRO YA 412 43.57 39.84 -15.34
CA PRO YA 412 43.57 41.19 -15.91
C PRO YA 412 44.93 41.60 -16.49
N GLU YA 413 44.88 42.46 -17.51
CA GLU YA 413 46.06 42.87 -18.29
C GLU YA 413 47.00 43.79 -17.50
N ASP YA 414 46.46 44.51 -16.50
CA ASP YA 414 47.17 45.51 -15.72
C ASP YA 414 47.44 44.98 -14.31
N ASP YA 415 48.70 45.02 -13.86
CA ASP YA 415 49.13 44.34 -12.65
C ASP YA 415 48.36 44.79 -11.41
N GLU YA 416 48.15 46.10 -11.22
CA GLU YA 416 47.37 46.59 -10.08
C GLU YA 416 45.92 46.09 -10.14
N VAL YA 417 45.36 46.00 -11.36
CA VAL YA 417 44.00 45.53 -11.56
C VAL YA 417 43.91 44.06 -11.19
N ALA YA 418 44.94 43.26 -11.45
CA ALA YA 418 45.00 41.87 -11.02
C ALA YA 418 45.23 41.73 -9.51
N ASP YA 419 46.13 42.55 -8.95
CA ASP YA 419 46.61 42.45 -7.58
C ASP YA 419 45.64 43.03 -6.55
N SER YA 420 44.75 43.93 -6.98
CA SER YA 420 43.71 44.55 -6.16
C SER YA 420 42.59 43.56 -5.80
N TYR YA 421 41.78 43.96 -4.80
CA TYR YA 421 40.70 43.15 -4.23
C TYR YA 421 39.30 43.61 -4.66
N ARG YA 422 39.05 44.92 -4.74
CA ARG YA 422 37.78 45.42 -5.29
C ARG YA 422 37.71 45.05 -6.78
N SER YA 423 36.51 44.73 -7.30
CA SER YA 423 36.38 44.13 -8.63
C SER YA 423 36.90 45.07 -9.73
N PRO YA 424 37.33 44.55 -10.90
CA PRO YA 424 37.82 45.42 -11.97
C PRO YA 424 36.72 46.36 -12.49
N ALA YA 425 35.47 45.91 -12.55
CA ALA YA 425 34.35 46.79 -12.87
C ALA YA 425 34.17 47.91 -11.85
N ASP YA 426 34.42 47.64 -10.55
CA ASP YA 426 34.37 48.68 -9.53
C ASP YA 426 35.53 49.67 -9.67
N MET YA 427 36.73 49.20 -10.00
CA MET YA 427 37.83 50.11 -10.28
C MET YA 427 37.56 50.98 -11.51
N GLU YA 428 36.93 50.43 -12.55
CA GLU YA 428 36.54 51.22 -13.72
C GLU YA 428 35.53 52.32 -13.37
N LYS YA 429 34.46 52.00 -12.62
CA LYS YA 429 33.47 53.02 -12.24
C LYS YA 429 34.06 54.04 -11.26
N ASP YA 430 34.97 53.61 -10.36
CA ASP YA 430 35.70 54.52 -9.48
C ASP YA 430 36.60 55.47 -10.27
N GLU YA 431 37.29 54.96 -11.30
CA GLU YA 431 38.10 55.78 -12.21
C GLU YA 431 37.22 56.75 -13.00
N ALA YA 432 36.08 56.28 -13.52
CA ALA YA 432 35.09 57.12 -14.20
C ALA YA 432 34.51 58.20 -13.28
N GLY YA 433 34.62 58.02 -11.95
CA GLY YA 433 34.25 59.02 -10.94
C GLY YA 433 35.22 60.20 -10.83
N VAL YA 434 36.42 60.12 -11.44
CA VAL YA 434 37.40 61.21 -11.46
C VAL YA 434 36.97 62.24 -12.53
N ALA ZA 31 61.87 12.05 39.74
CA ALA ZA 31 61.44 10.85 38.96
C ALA ZA 31 62.68 10.16 38.39
N SER ZA 32 62.66 9.80 37.10
CA SER ZA 32 63.73 9.03 36.46
C SER ZA 32 63.92 9.42 34.99
N SER ZA 33 65.12 9.14 34.46
CA SER ZA 33 65.52 9.50 33.10
C SER ZA 33 65.39 8.34 32.10
N THR ZA 34 64.91 7.18 32.56
CA THR ZA 34 64.57 6.03 31.73
C THR ZA 34 63.28 5.38 32.26
N PRO ZA 35 62.44 4.75 31.40
CA PRO ZA 35 61.19 4.15 31.85
C PRO ZA 35 61.45 3.03 32.86
N GLN ZA 36 60.57 2.93 33.87
CA GLN ZA 36 60.71 1.93 34.93
C GLN ZA 36 59.55 0.94 35.00
N THR ZA 37 58.45 1.22 34.30
CA THR ZA 37 57.46 0.19 33.96
C THR ZA 37 57.98 -0.65 32.79
N ASN ZA 38 57.73 -1.96 32.87
CA ASN ZA 38 58.02 -2.89 31.79
C ASN ZA 38 57.02 -2.77 30.64
N VAL ZA 39 57.31 -3.45 29.52
CA VAL ZA 39 56.45 -3.53 28.35
C VAL ZA 39 56.33 -5.01 27.94
N ASP ZA 40 55.16 -5.44 27.44
CA ASP ZA 40 54.96 -6.79 26.93
C ASP ZA 40 55.83 -7.10 25.70
N SER ZA 41 56.33 -6.04 25.01
CA SER ZA 41 56.93 -6.11 23.68
C SER ZA 41 58.36 -6.68 23.66
N MET ZA 42 58.56 -7.84 24.31
CA MET ZA 42 59.80 -8.61 24.18
C MET ZA 42 59.47 -10.11 24.22
N GLY ZA 43 60.18 -10.90 23.41
CA GLY ZA 43 59.91 -12.33 23.29
C GLY ZA 43 60.88 -13.04 22.34
N GLY ZA 44 60.53 -14.28 21.97
CA GLY ZA 44 61.39 -15.16 21.18
C GLY ZA 44 61.44 -14.82 19.68
N GLY ZA 45 61.43 -13.51 19.34
CA GLY ZA 45 61.52 -13.03 17.96
C GLY ZA 45 60.36 -13.51 17.07
N HIS ZA 46 60.65 -13.71 15.78
CA HIS ZA 46 59.70 -14.17 14.77
C HIS ZA 46 59.47 -15.68 14.81
N SER ZA 47 59.56 -16.28 16.02
CA SER ZA 47 59.28 -17.70 16.26
C SER ZA 47 57.76 -18.00 16.20
N TYR ZA 48 57.38 -19.22 16.64
CA TYR ZA 48 56.09 -19.84 16.36
C TYR ZA 48 54.92 -19.38 17.24
N GLN ZA 49 55.12 -18.38 18.12
CA GLN ZA 49 54.06 -17.75 18.91
C GLN ZA 49 53.25 -16.72 18.09
N PHE ZA 50 52.04 -16.38 18.59
CA PHE ZA 50 51.10 -15.50 17.90
C PHE ZA 50 50.74 -14.25 18.73
N ASN ZA 51 51.04 -13.06 18.15
CA ASN ZA 51 50.68 -11.75 18.69
C ASN ZA 51 50.83 -10.67 17.61
N GLY ZA 52 50.13 -9.52 17.74
CA GLY ZA 52 50.11 -8.43 16.76
C GLY ZA 52 51.47 -7.80 16.44
N GLN ZA 53 52.42 -7.79 17.40
CA GLN ZA 53 53.79 -7.31 17.19
C GLN ZA 53 54.79 -8.44 16.86
N ASP ZA 54 54.35 -9.72 16.90
CA ASP ZA 54 55.23 -10.88 16.74
C ASP ZA 54 55.16 -11.47 15.31
N LEU ZA 55 54.44 -10.79 14.41
CA LEU ZA 55 54.19 -11.23 13.03
C LEU ZA 55 55.46 -11.50 12.22
N THR ZA 56 55.31 -12.45 11.29
CA THR ZA 56 56.36 -12.97 10.42
C THR ZA 56 56.38 -12.25 9.06
N PHE ZA 57 57.43 -12.51 8.27
CA PHE ZA 57 57.43 -12.11 6.87
C PHE ZA 57 56.28 -12.73 6.07
N GLU ZA 58 55.82 -13.94 6.40
CA GLU ZA 58 54.66 -14.52 5.74
C GLU ZA 58 53.40 -13.70 6.01
N ASP ZA 59 53.20 -13.23 7.25
CA ASP ZA 59 52.07 -12.37 7.58
C ASP ZA 59 52.15 -11.03 6.85
N LEU ZA 60 53.35 -10.47 6.73
CA LEU ZA 60 53.57 -9.27 5.94
C LEU ZA 60 53.23 -9.50 4.46
N ARG ZA 61 53.61 -10.64 3.89
CA ARG ZA 61 53.23 -10.97 2.52
C ARG ZA 61 51.74 -11.30 2.39
N ASP ZA 62 51.10 -11.77 3.46
CA ASP ZA 62 49.65 -11.94 3.49
C ASP ZA 62 48.94 -10.59 3.36
N ILE ZA 63 49.42 -9.53 4.06
CA ILE ZA 63 48.89 -8.18 3.88
C ILE ZA 63 49.06 -7.74 2.43
N LYS ZA 64 50.27 -7.92 1.89
CA LYS ZA 64 50.57 -7.60 0.49
C LYS ZA 64 49.62 -8.32 -0.47
N ASP ZA 65 49.29 -9.60 -0.23
CA ASP ZA 65 48.37 -10.34 -1.08
C ASP ZA 65 46.95 -9.78 -1.05
N VAL ZA 66 46.44 -9.38 0.13
CA VAL ZA 66 45.14 -8.73 0.23
C VAL ZA 66 45.14 -7.41 -0.53
N ARG ZA 67 46.22 -6.63 -0.41
CA ARG ZA 67 46.39 -5.35 -1.07
C ARG ZA 67 46.49 -5.49 -2.59
N ASP ZA 68 47.28 -6.45 -3.05
CA ASP ZA 68 47.53 -6.70 -4.47
C ASP ZA 68 46.26 -7.16 -5.19
N SER ZA 69 45.57 -8.17 -4.63
CA SER ZA 69 44.55 -8.96 -5.32
C SER ZA 69 43.28 -8.19 -5.72
N GLY ZA 70 43.13 -6.91 -5.33
CA GLY ZA 70 42.05 -6.08 -5.84
C GLY ZA 70 40.67 -6.46 -5.32
N GLY ZA 71 39.64 -6.26 -6.15
CA GLY ZA 71 38.26 -6.47 -5.74
C GLY ZA 71 37.79 -5.48 -4.67
N GLN ZA 72 36.66 -5.80 -4.01
CA GLN ZA 72 35.94 -4.84 -3.18
C GLN ZA 72 36.73 -4.48 -1.92
N VAL ZA 73 37.46 -5.44 -1.34
CA VAL ZA 73 38.20 -5.25 -0.10
C VAL ZA 73 39.32 -4.22 -0.29
N ALA ZA 74 40.12 -4.38 -1.36
CA ALA ZA 74 41.16 -3.44 -1.69
C ALA ZA 74 40.61 -2.04 -1.94
N GLN ZA 75 39.49 -1.93 -2.68
CA GLN ZA 75 38.89 -0.63 -2.98
C GLN ZA 75 38.43 0.10 -1.71
N LEU ZA 76 37.83 -0.60 -0.73
CA LEU ZA 76 37.47 0.02 0.54
C LEU ZA 76 38.69 0.55 1.29
N MET ZA 77 39.76 -0.24 1.40
CA MET ZA 77 40.93 0.21 2.14
C MET ZA 77 41.69 1.33 1.41
N ASP ZA 78 41.61 1.40 0.08
CA ASP ZA 78 42.06 2.55 -0.70
C ASP ZA 78 41.21 3.80 -0.44
N TYR ZA 79 39.88 3.69 -0.36
CA TYR ZA 79 39.04 4.80 0.05
C TYR ZA 79 39.43 5.31 1.44
N LYS ZA 80 39.76 4.42 2.38
CA LYS ZA 80 40.24 4.80 3.69
C LYS ZA 80 41.54 5.60 3.61
N ALA ZA 81 42.51 5.17 2.79
CA ALA ZA 81 43.74 5.92 2.56
C ALA ZA 81 43.49 7.29 1.94
N LEU ZA 82 42.62 7.38 0.93
CA LEU ZA 82 42.27 8.64 0.29
C LEU ZA 82 41.58 9.61 1.24
N LEU ZA 83 40.67 9.15 2.10
CA LEU ZA 83 40.04 10.00 3.10
C LEU ZA 83 41.07 10.57 4.07
N ASN ZA 84 41.96 9.72 4.58
CA ASN ZA 84 42.92 10.16 5.57
C ASN ZA 84 44.00 11.08 5.01
N PHE ZA 85 44.44 10.87 3.75
CA PHE ZA 85 45.67 11.48 3.25
C PHE ZA 85 45.60 12.05 1.83
N GLY ZA 86 44.50 11.80 1.09
CA GLY ZA 86 44.43 12.15 -0.32
C GLY ZA 86 44.18 13.62 -0.64
N GLU ZA 87 43.75 14.42 0.35
CA GLU ZA 87 43.37 15.82 0.12
C GLU ZA 87 44.58 16.77 0.09
N GLY ZA 88 45.79 16.26 0.34
CA GLY ZA 88 47.01 17.07 0.32
C GLY ZA 88 47.30 17.72 1.67
N CYS ZA 89 48.36 18.54 1.70
CA CYS ZA 89 48.98 18.97 2.96
C CYS ZA 89 49.51 20.40 2.89
N GLU ZA 90 49.85 20.95 4.06
CA GLU ZA 90 50.46 22.27 4.20
C GLU ZA 90 51.49 22.25 5.33
N ILE ZA 91 52.61 22.96 5.13
CA ILE ZA 91 53.66 23.08 6.13
C ILE ZA 91 53.58 24.46 6.78
N HIS ZA 92 53.62 24.49 8.11
CA HIS ZA 92 53.63 25.72 8.89
C HIS ZA 92 54.84 25.75 9.82
N VAL ZA 93 55.38 26.95 10.07
CA VAL ZA 93 56.35 27.14 11.14
C VAL ZA 93 55.87 28.32 11.99
N GLU ZA 94 55.77 28.14 13.31
CA GLU ZA 94 55.41 29.24 14.18
C GLU ZA 94 56.55 30.26 14.25
N GLY ZA 95 56.28 31.52 13.86
CA GLY ZA 95 57.31 32.54 13.71
C GLY ZA 95 58.24 32.32 12.51
N ASP ZA 96 57.68 31.81 11.40
CA ASP ZA 96 58.39 31.51 10.17
C ASP ZA 96 59.21 32.69 9.64
N ASP ZA 97 58.64 33.91 9.60
CA ASP ZA 97 59.30 35.09 9.07
C ASP ZA 97 60.60 35.42 9.82
N GLU ZA 98 60.65 35.12 11.12
CA GLU ZA 98 61.83 35.36 11.96
C GLU ZA 98 63.00 34.44 11.59
N THR ZA 99 62.74 33.37 10.83
CA THR ZA 99 63.78 32.42 10.42
C THR ZA 99 64.61 32.93 9.22
N LYS ZA 100 64.14 33.99 8.53
CA LYS ZA 100 64.65 34.45 7.25
C LYS ZA 100 66.18 34.57 7.24
N GLN ZA 101 66.80 33.84 6.30
CA GLN ZA 101 68.23 33.61 6.25
C GLN ZA 101 68.65 33.33 4.80
N LEU ZA 102 69.89 33.69 4.41
CA LEU ZA 102 70.41 33.36 3.09
C LEU ZA 102 70.77 31.88 3.00
N VAL ZA 103 70.13 31.16 2.07
CA VAL ZA 103 70.37 29.74 1.87
C VAL ZA 103 71.46 29.53 0.81
N ASP ZA 104 71.32 30.21 -0.34
CA ASP ZA 104 72.25 30.14 -1.46
C ASP ZA 104 72.26 31.48 -2.19
N GLY ZA 105 72.78 32.52 -1.51
CA GLY ZA 105 72.81 33.89 -2.03
C GLY ZA 105 71.43 34.55 -2.15
N GLU ZA 106 70.39 33.86 -1.67
CA GLU ZA 106 69.00 34.33 -1.71
C GLU ZA 106 68.31 33.97 -0.39
N PRO ZA 107 67.43 34.86 0.15
CA PRO ZA 107 66.72 34.55 1.40
C PRO ZA 107 65.67 33.46 1.26
N MET ZA 108 65.57 32.62 2.29
CA MET ZA 108 64.42 31.78 2.52
C MET ZA 108 64.06 31.79 4.00
N THR ZA 109 62.81 31.45 4.28
CA THR ZA 109 62.35 31.02 5.58
C THR ZA 109 62.40 29.49 5.66
N LEU ZA 110 62.29 28.94 6.87
CA LEU ZA 110 62.30 27.51 7.05
C LEU ZA 110 61.15 26.84 6.29
N SER ZA 111 59.96 27.45 6.27
CA SER ZA 111 58.85 26.90 5.48
C SER ZA 111 59.19 26.84 3.99
N GLU ZA 112 59.77 27.92 3.44
CA GLU ZA 112 60.21 27.95 2.04
C GLU ZA 112 61.26 26.88 1.76
N TRP ZA 113 62.19 26.67 2.69
CA TRP ZA 113 63.19 25.62 2.54
C TRP ZA 113 62.55 24.22 2.58
N LEU ZA 114 61.66 23.94 3.53
CA LEU ZA 114 60.99 22.65 3.63
C LEU ZA 114 60.16 22.36 2.38
N GLU ZA 115 59.42 23.35 1.85
CA GLU ZA 115 58.66 23.19 0.62
C GLU ZA 115 59.55 22.95 -0.60
N ASP ZA 116 60.83 23.32 -0.55
CA ASP ZA 116 61.79 23.01 -1.60
C ASP ZA 116 62.50 21.67 -1.35
N ALA ZA 117 62.67 21.30 -0.07
CA ALA ZA 117 63.24 20.02 0.33
C ALA ZA 117 62.30 18.86 0.00
N PHE ZA 118 60.98 19.09 0.12
CA PHE ZA 118 59.94 18.09 -0.13
C PHE ZA 118 58.95 18.57 -1.20
N PRO ZA 119 59.34 18.66 -2.50
CA PRO ZA 119 58.48 19.26 -3.52
C PRO ZA 119 57.14 18.53 -3.72
N HIS ZA 120 57.15 17.20 -3.60
CA HIS ZA 120 56.01 16.36 -3.91
C HIS ZA 120 55.41 15.72 -2.66
N LEU ZA 121 55.38 16.47 -1.54
CA LEU ZA 121 55.00 15.94 -0.24
C LEU ZA 121 53.58 15.38 -0.23
N ASP ZA 122 52.67 15.95 -1.04
CA ASP ZA 122 51.31 15.45 -1.19
C ASP ZA 122 51.25 13.97 -1.64
N LEU ZA 123 52.14 13.57 -2.56
CA LEU ZA 123 52.24 12.18 -3.00
C LEU ZA 123 52.87 11.31 -1.91
N LEU ZA 124 53.95 11.79 -1.29
CA LEU ZA 124 54.65 11.06 -0.25
C LEU ZA 124 53.75 10.77 0.95
N VAL ZA 125 52.98 11.76 1.39
CA VAL ZA 125 52.02 11.61 2.48
C VAL ZA 125 50.96 10.57 2.15
N LEU ZA 126 50.44 10.55 0.91
CA LEU ZA 126 49.47 9.56 0.52
C LEU ZA 126 50.08 8.14 0.50
N ASP ZA 127 51.31 7.98 0.00
CA ASP ZA 127 51.99 6.68 -0.01
C ASP ZA 127 52.25 6.16 1.40
N LEU ZA 128 52.87 6.95 2.26
CA LEU ZA 128 53.22 6.54 3.62
C LEU ZA 128 51.98 6.39 4.49
N GLY ZA 129 51.02 7.31 4.36
CA GLY ZA 129 49.77 7.24 5.09
C GLY ZA 129 48.95 6.02 4.69
N GLY ZA 130 48.92 5.70 3.40
CA GLY ZA 130 48.37 4.44 2.89
C GLY ZA 130 49.06 3.23 3.53
N ASP ZA 131 50.39 3.14 3.40
CA ASP ZA 131 51.15 2.02 3.94
C ASP ZA 131 50.88 1.83 5.43
N ALA ZA 132 50.88 2.92 6.22
CA ALA ZA 132 50.72 2.85 7.67
C ALA ZA 132 49.30 2.46 8.12
N LEU ZA 133 48.30 2.50 7.22
CA LEU ZA 133 46.97 1.96 7.48
C LEU ZA 133 46.92 0.45 7.17
N TRP ZA 134 47.50 0.03 6.04
CA TRP ZA 134 47.55 -1.36 5.60
C TRP ZA 134 48.45 -2.21 6.51
N TYR ZA 135 49.72 -1.80 6.64
CA TYR ZA 135 50.77 -2.49 7.36
C TYR ZA 135 50.88 -1.92 8.78
N PRO ZA 136 51.65 -2.54 9.70
CA PRO ZA 136 51.79 -2.01 11.05
C PRO ZA 136 52.52 -0.65 11.08
N TYR ZA 137 53.38 -0.40 10.08
CA TYR ZA 137 54.23 0.79 9.98
C TYR ZA 137 54.45 1.13 8.51
N ALA ZA 138 54.64 2.43 8.23
CA ALA ZA 138 55.40 2.86 7.06
C ALA ZA 138 56.86 3.00 7.47
N VAL ZA 139 57.81 2.79 6.54
CA VAL ZA 139 59.23 2.76 6.86
C VAL ZA 139 60.03 3.25 5.63
N GLY ZA 140 61.22 3.83 5.86
CA GLY ZA 140 62.05 4.32 4.77
C GLY ZA 140 63.41 4.85 5.20
N GLU ZA 141 64.11 5.47 4.25
CA GLU ZA 141 65.47 5.95 4.35
C GLU ZA 141 65.52 7.47 4.12
N ILE ZA 142 66.54 8.13 4.68
CA ILE ZA 142 66.98 9.40 4.12
C ILE ZA 142 67.94 9.11 2.96
N GLN ZA 143 67.88 9.94 1.91
CA GLN ZA 143 68.80 9.84 0.78
C GLN ZA 143 69.51 11.18 0.53
N GLU ZA 144 70.79 11.06 0.19
CA GLU ZA 144 71.61 12.21 -0.18
C GLU ZA 144 71.95 12.16 -1.67
N THR ZA 145 72.26 13.34 -2.22
CA THR ZA 145 73.01 13.48 -3.46
C THR ZA 145 74.44 12.98 -3.25
N ILE ZA 146 75.24 12.89 -4.34
CA ILE ZA 146 76.67 12.57 -4.26
C ILE ZA 146 77.42 13.66 -3.49
N THR ZA 147 77.08 14.93 -3.73
CA THR ZA 147 77.61 16.10 -3.02
C THR ZA 147 77.22 16.10 -1.53
N GLY ZA 148 76.25 15.29 -1.11
CA GLY ZA 148 75.85 15.18 0.29
C GLY ZA 148 74.73 16.14 0.71
N GLU ZA 149 74.22 16.95 -0.23
CA GLU ZA 149 72.95 17.65 -0.06
C GLU ZA 149 71.80 16.64 0.02
N PHE ZA 150 70.72 16.99 0.73
CA PHE ZA 150 69.54 16.15 0.84
C PHE ZA 150 68.87 15.93 -0.53
N LYS ZA 151 68.56 14.66 -0.85
CA LYS ZA 151 67.88 14.28 -2.09
C LYS ZA 151 66.38 14.09 -1.85
N GLU ZA 152 66.03 13.15 -0.96
CA GLU ZA 152 64.65 12.81 -0.64
C GLU ZA 152 64.56 11.95 0.63
N ALA ZA 153 63.36 11.86 1.21
CA ALA ZA 153 63.00 10.72 2.04
C ALA ZA 153 62.44 9.63 1.14
N LEU ZA 154 63.06 8.43 1.16
CA LEU ZA 154 62.75 7.35 0.23
C LEU ZA 154 62.03 6.24 0.98
N PRO ZA 155 60.77 5.89 0.64
CA PRO ZA 155 60.06 4.81 1.32
C PRO ZA 155 60.68 3.45 1.00
N ALA ZA 156 60.48 2.49 1.92
CA ALA ZA 156 60.87 1.11 1.72
C ALA ZA 156 59.64 0.20 1.77
N GLU ZA 157 59.69 -0.93 1.07
CA GLU ZA 157 58.53 -1.82 0.93
C GLU ZA 157 58.22 -2.50 2.25
N PRO ZA 158 57.11 -2.14 2.95
CA PRO ZA 158 56.95 -2.50 4.35
C PRO ZA 158 56.80 -4.00 4.57
N TRP ZA 159 56.28 -4.73 3.58
CA TRP ZA 159 56.16 -6.19 3.69
C TRP ZA 159 57.51 -6.91 3.69
N THR ZA 160 58.60 -6.21 3.34
CA THR ZA 160 59.92 -6.80 3.29
C THR ZA 160 60.70 -6.63 4.60
N LEU ZA 161 60.23 -5.77 5.50
CA LEU ZA 161 60.98 -5.29 6.67
C LEU ZA 161 60.21 -5.59 7.95
N MET ZA 162 60.92 -6.02 9.01
CA MET ZA 162 60.34 -6.12 10.34
C MET ZA 162 61.28 -5.53 11.39
N PRO ZA 163 60.76 -4.84 12.44
CA PRO ZA 163 61.61 -4.26 13.47
C PRO ZA 163 62.03 -5.32 14.48
N GLU ZA 164 63.24 -5.16 15.01
CA GLU ZA 164 63.73 -5.87 16.19
C GLU ZA 164 63.81 -4.87 17.34
N SER ZA 165 63.21 -5.22 18.49
CA SER ZA 165 63.03 -4.30 19.61
C SER ZA 165 63.71 -4.79 20.88
N ASP ZA 166 64.14 -3.83 21.72
CA ASP ZA 166 64.72 -4.11 23.03
C ASP ZA 166 63.67 -4.47 24.10
N ALA ZA 167 64.14 -4.71 25.33
CA ALA ZA 167 63.32 -5.07 26.49
C ALA ZA 167 62.30 -4.00 26.90
N GLN ZA 168 62.48 -2.74 26.48
CA GLN ZA 168 61.52 -1.66 26.71
C GLN ZA 168 60.76 -1.25 25.44
N GLY ZA 169 60.79 -2.13 24.42
CA GLY ZA 169 59.93 -2.03 23.25
C GLY ZA 169 60.40 -1.07 22.15
N LYS ZA 170 61.60 -0.47 22.29
CA LYS ZA 170 62.09 0.48 21.29
C LYS ZA 170 62.87 -0.25 20.19
N VAL ZA 171 62.73 0.23 18.95
CA VAL ZA 171 63.30 -0.45 17.78
C VAL ZA 171 64.82 -0.20 17.71
N GLN ZA 172 65.60 -1.28 17.73
CA GLN ZA 172 67.06 -1.26 17.71
C GLN ZA 172 67.62 -1.54 16.31
N ALA ZA 173 66.97 -2.43 15.56
CA ALA ZA 173 67.43 -2.79 14.22
C ALA ZA 173 66.23 -3.16 13.36
N TRP ZA 174 66.40 -3.06 12.03
CA TRP ZA 174 65.41 -3.47 11.06
C TRP ZA 174 65.94 -4.66 10.27
N HIS ZA 175 65.15 -5.72 10.20
CA HIS ZA 175 65.52 -6.97 9.55
C HIS ZA 175 64.74 -7.06 8.23
N GLN ZA 176 65.44 -7.19 7.10
CA GLN ZA 176 64.81 -7.20 5.79
C GLN ZA 176 65.03 -8.55 5.08
N ARG ZA 177 63.98 -9.12 4.45
CA ARG ZA 177 64.17 -10.14 3.42
C ARG ZA 177 63.37 -9.83 2.16
N THR ZA 178 63.98 -10.11 1.00
CA THR ZA 178 63.43 -9.75 -0.30
C THR ZA 178 63.66 -10.87 -1.33
N LYS ZA 179 62.74 -11.01 -2.29
CA LYS ZA 179 62.91 -11.87 -3.46
C LYS ZA 179 64.24 -11.58 -4.15
N THR ZA 180 64.93 -12.65 -4.58
CA THR ZA 180 66.23 -12.63 -5.24
C THR ZA 180 66.28 -13.83 -6.19
N HIS ZA 181 67.26 -13.87 -7.11
CA HIS ZA 181 67.44 -15.03 -7.99
C HIS ZA 181 67.40 -16.34 -7.20
N GLY ZA 182 66.32 -17.12 -7.40
CA GLY ZA 182 66.16 -18.42 -6.77
C GLY ZA 182 65.79 -18.43 -5.29
N GLY ZA 183 65.14 -17.37 -4.78
CA GLY ZA 183 64.59 -17.41 -3.42
C GLY ZA 183 64.56 -16.05 -2.72
N TYR ZA 184 65.09 -16.00 -1.48
CA TYR ZA 184 65.08 -14.81 -0.65
C TYR ZA 184 66.49 -14.42 -0.19
N GLN ZA 185 66.73 -13.10 -0.15
CA GLN ZA 185 67.97 -12.44 0.23
C GLN ZA 185 67.70 -11.59 1.46
N THR ZA 186 68.57 -11.70 2.49
CA THR ZA 186 68.29 -11.20 3.84
C THR ZA 186 69.41 -10.30 4.34
N GLN ZA 187 69.06 -9.27 5.12
CA GLN ZA 187 70.03 -8.36 5.74
C GLN ZA 187 69.47 -7.74 7.02
N THR ZA 188 70.37 -7.18 7.85
CA THR ZA 188 69.99 -6.37 9.01
C THR ZA 188 70.56 -4.96 8.84
N LEU ZA 189 69.75 -3.96 9.20
CA LEU ZA 189 70.10 -2.54 9.16
C LEU ZA 189 69.94 -1.95 10.56
N PRO ZA 190 70.80 -0.99 10.99
CA PRO ZA 190 70.62 -0.33 12.28
C PRO ZA 190 69.40 0.60 12.24
N ALA ZA 191 68.67 0.70 13.36
CA ALA ZA 191 67.53 1.61 13.43
C ALA ZA 191 67.92 3.10 13.34
N ASP ZA 192 69.22 3.40 13.44
CA ASP ZA 192 69.74 4.76 13.54
C ASP ZA 192 69.65 5.53 12.22
N ASP ZA 193 69.45 4.85 11.07
CA ASP ZA 193 69.41 5.51 9.77
C ASP ZA 193 68.24 5.09 8.86
N LEU ZA 194 67.30 4.29 9.38
CA LEU ZA 194 65.93 4.25 8.86
C LEU ZA 194 65.02 5.17 9.69
N TRP ZA 195 63.83 5.45 9.15
CA TRP ZA 195 62.74 6.09 9.89
C TRP ZA 195 61.46 5.29 9.65
N HIP ZA 196 60.53 5.35 10.61
CA HIP ZA 196 59.28 4.61 10.54
CB HIP ZA 196 59.53 3.20 11.13
CG HIP ZA 196 59.31 3.06 12.59
CD2 HIP ZA 196 58.22 2.50 13.19
NE2 HIP ZA 196 58.42 2.46 14.54
CE1 HIP ZA 196 59.61 3.00 14.80
ND1 HIP ZA 196 60.24 3.40 13.62
P HIP ZA 196 61.84 4.05 13.55
O1P HIP ZA 196 62.57 3.13 12.63
O2P HIP ZA 196 62.34 3.97 14.96
O3P HIP ZA 196 61.69 5.45 13.05
C HIP ZA 196 58.15 5.36 11.24
O HIP ZA 196 58.38 6.15 12.16
N ILE ZA 197 56.91 5.09 10.83
CA ILE ZA 197 55.73 5.79 11.30
C ILE ZA 197 54.62 4.78 11.56
N VAL ZA 198 53.93 4.89 12.70
CA VAL ZA 198 52.91 3.95 13.14
C VAL ZA 198 51.58 4.69 13.36
N ILE ZA 199 50.51 4.29 12.66
CA ILE ZA 199 49.18 4.86 12.88
C ILE ZA 199 48.42 4.05 13.95
N ASN ZA 200 48.32 2.74 13.75
CA ASN ZA 200 47.54 1.88 14.64
C ASN ZA 200 48.46 1.29 15.71
N LYS ZA 201 48.08 1.39 17.00
CA LYS ZA 201 48.90 0.95 18.11
C LYS ZA 201 48.09 0.11 19.10
N ALA ZA 202 48.76 -0.85 19.77
CA ALA ZA 202 48.16 -1.58 20.89
C ALA ZA 202 48.02 -0.70 22.13
N SER ZA 203 48.99 0.21 22.33
CA SER ZA 203 49.08 1.12 23.46
C SER ZA 203 49.92 2.33 23.03
N ALA ZA 204 49.86 3.43 23.78
CA ALA ZA 204 50.72 4.58 23.50
C ALA ZA 204 52.22 4.25 23.66
N ARG ZA 205 52.54 3.12 24.30
CA ARG ZA 205 53.88 2.59 24.49
C ARG ZA 205 54.39 1.75 23.31
N ASP ZA 206 53.48 1.32 22.42
CA ASP ZA 206 53.76 0.45 21.29
C ASP ZA 206 54.49 1.20 20.17
N GLU ZA 207 55.74 0.78 19.89
CA GLU ZA 207 56.55 1.36 18.83
C GLU ZA 207 56.48 0.54 17.53
N VAL ZA 208 55.77 -0.60 17.53
CA VAL ZA 208 55.73 -1.56 16.41
C VAL ZA 208 54.37 -1.53 15.69
N GLY ZA 209 53.28 -1.32 16.43
CA GLY ZA 209 51.96 -1.08 15.84
C GLY ZA 209 51.22 -2.33 15.36
N ILE ZA 210 50.08 -2.10 14.70
CA ILE ZA 210 49.10 -3.11 14.33
C ILE ZA 210 48.70 -2.94 12.85
N SER ZA 211 48.64 -4.04 12.09
CA SER ZA 211 48.00 -4.03 10.77
C SER ZA 211 46.48 -4.13 10.93
N GLU ZA 212 45.72 -3.17 10.42
CA GLU ZA 212 44.26 -3.29 10.38
C GLU ZA 212 43.79 -4.42 9.47
N VAL ZA 213 44.59 -4.84 8.48
CA VAL ZA 213 44.27 -6.03 7.69
C VAL ZA 213 44.34 -7.28 8.55
N LEU ZA 214 45.46 -7.53 9.23
CA LEU ZA 214 45.57 -8.73 10.06
C LEU ZA 214 44.61 -8.69 11.25
N ARG ZA 215 44.35 -7.51 11.81
CA ARG ZA 215 43.43 -7.32 12.93
C ARG ZA 215 42.01 -7.76 12.56
N ASN ZA 216 41.59 -7.49 11.32
CA ASN ZA 216 40.24 -7.78 10.83
C ASN ZA 216 40.23 -8.92 9.80
N LYS ZA 217 41.20 -9.84 9.86
CA LYS ZA 217 41.37 -10.88 8.85
C LYS ZA 217 40.17 -11.81 8.79
N ASP ZA 218 39.55 -12.10 9.93
CA ASP ZA 218 38.34 -12.92 9.98
C ASP ZA 218 37.19 -12.30 9.18
N GLU ZA 219 36.96 -11.00 9.33
CA GLU ZA 219 35.91 -10.28 8.60
C GLU ZA 219 36.21 -10.24 7.10
N ILE ZA 220 37.47 -10.08 6.71
CA ILE ZA 220 37.91 -10.11 5.32
C ILE ZA 220 37.69 -11.51 4.72
N GLN ZA 221 38.08 -12.58 5.44
CA GLN ZA 221 37.85 -13.95 5.00
C GLN ZA 221 36.35 -14.25 4.85
N ALA ZA 222 35.54 -13.86 5.85
CA ALA ZA 222 34.09 -14.04 5.81
C ALA ZA 222 33.47 -13.35 4.59
N PHE ZA 223 33.89 -12.11 4.31
CA PHE ZA 223 33.45 -11.39 3.13
C PHE ZA 223 33.79 -12.15 1.85
N LYS ZA 224 35.06 -12.53 1.68
CA LYS ZA 224 35.50 -13.21 0.47
C LYS ZA 224 34.83 -14.57 0.26
N GLN ZA 225 34.63 -15.33 1.33
CA GLN ZA 225 33.92 -16.61 1.28
C GLN ZA 225 32.48 -16.41 0.84
N ASN ZA 226 31.75 -15.45 1.42
CA ASN ZA 226 30.38 -15.20 1.02
C ASN ZA 226 30.26 -14.68 -0.41
N GLU ZA 227 31.22 -13.88 -0.90
CA GLU ZA 227 31.23 -13.48 -2.31
C GLU ZA 227 31.36 -14.68 -3.24
N ALA ZA 228 32.30 -15.59 -2.95
CA ALA ZA 228 32.46 -16.82 -3.71
C ALA ZA 228 31.19 -17.69 -3.64
N ALA ZA 229 30.59 -17.77 -2.44
CA ALA ZA 229 29.36 -18.53 -2.23
C ALA ZA 229 28.20 -17.98 -3.07
N ILE ZA 230 28.02 -16.64 -3.10
CA ILE ZA 230 26.99 -16.01 -3.92
C ILE ZA 230 27.26 -16.29 -5.39
N ASN ZA 231 28.47 -16.08 -5.88
CA ASN ZA 231 28.78 -16.26 -7.29
C ASN ZA 231 28.48 -17.70 -7.76
N GLN ZA 232 28.89 -18.69 -6.96
CA GLN ZA 232 28.61 -20.09 -7.21
C GLN ZA 232 27.11 -20.39 -7.14
N ALA ZA 233 26.40 -19.81 -6.16
CA ALA ZA 233 24.97 -20.01 -6.01
C ALA ZA 233 24.19 -19.43 -7.20
N ILE ZA 234 24.59 -18.27 -7.72
CA ILE ZA 234 23.98 -17.69 -8.92
C ILE ZA 234 24.13 -18.64 -10.10
N GLU ZA 235 25.30 -19.25 -10.29
CA GLU ZA 235 25.50 -20.17 -11.41
C GLU ZA 235 24.57 -21.39 -11.31
N LEU ZA 236 24.50 -22.03 -10.14
CA LEU ZA 236 23.65 -23.21 -9.97
C LEU ZA 236 22.16 -22.84 -9.98
N HIS ZA 237 21.78 -21.80 -9.23
CA HIS ZA 237 20.40 -21.59 -8.81
C HIS ZA 237 19.75 -20.35 -9.43
N GLY ZA 238 20.54 -19.42 -9.96
CA GLY ZA 238 20.01 -18.15 -10.46
C GLY ZA 238 19.26 -18.25 -11.79
N PHE ZA 239 19.45 -19.36 -12.51
CA PHE ZA 239 18.89 -19.56 -13.85
C PHE ZA 239 18.03 -20.81 -13.88
N PRO ZA 240 16.89 -20.83 -14.61
CA PRO ZA 240 16.14 -22.05 -14.80
C PRO ZA 240 16.93 -23.05 -15.65
N GLN ZA 241 16.63 -24.34 -15.49
CA GLN ZA 241 17.26 -25.40 -16.26
C GLN ZA 241 16.20 -26.39 -16.73
N ARG ZA 242 16.33 -26.90 -17.96
CA ARG ZA 242 15.35 -27.84 -18.51
C ARG ZA 242 15.63 -29.26 -18.01
N HIP ZA 243 14.56 -29.96 -17.58
CA HIP ZA 243 14.63 -31.35 -17.14
CB HIP ZA 243 14.36 -31.47 -15.62
CG HIP ZA 243 14.51 -32.87 -15.11
CD2 HIP ZA 243 15.09 -33.92 -15.76
NE2 HIP ZA 243 15.03 -35.02 -14.96
CE1 HIP ZA 243 14.46 -34.68 -13.82
ND1 HIP ZA 243 14.07 -33.35 -13.83
P HIP ZA 243 13.07 -32.65 -12.62
O1P HIP ZA 243 11.69 -33.19 -12.88
O2P HIP ZA 243 13.60 -33.21 -11.35
O3P HIP ZA 243 13.16 -31.18 -12.73
C HIP ZA 243 13.63 -32.18 -17.97
O HIP ZA 243 12.46 -32.28 -17.60
N VAL ZA 244 14.08 -32.79 -19.07
CA VAL ZA 244 13.18 -33.68 -19.79
C VAL ZA 244 13.16 -35.05 -19.13
N LYS ZA 245 11.95 -35.51 -18.74
CA LYS ZA 245 11.71 -36.84 -18.20
C LYS ZA 245 11.06 -37.70 -19.27
N VAL ZA 246 11.57 -38.93 -19.46
CA VAL ZA 246 11.17 -39.77 -20.59
C VAL ZA 246 10.63 -41.10 -20.08
N GLY ZA 247 9.56 -41.58 -20.72
CA GLY ZA 247 8.94 -42.84 -20.38
C GLY ZA 247 7.72 -42.64 -19.47
N LYS ZA 248 6.85 -43.65 -19.42
CA LYS ZA 248 5.69 -43.60 -18.54
C LYS ZA 248 6.10 -43.95 -17.11
N GLU ZA 249 5.44 -43.34 -16.13
CA GLU ZA 249 5.64 -43.73 -14.74
C GLU ZA 249 5.13 -45.16 -14.56
N ASP ZA 250 5.92 -46.03 -13.90
CA ASP ZA 250 5.68 -47.48 -13.84
C ASP ZA 250 5.65 -48.15 -15.22
N GLY ZA 251 6.21 -47.49 -16.25
CA GLY ZA 251 6.22 -48.02 -17.62
C GLY ZA 251 7.52 -48.75 -17.99
N ALA ZA 252 7.78 -48.85 -19.30
CA ALA ZA 252 9.01 -49.42 -19.84
C ALA ZA 252 10.20 -48.54 -19.47
N PRO ZA 253 11.35 -49.08 -19.01
CA PRO ZA 253 12.50 -48.26 -18.68
C PRO ZA 253 13.21 -47.76 -19.94
N VAL ZA 254 13.82 -46.57 -19.82
CA VAL ZA 254 14.57 -45.90 -20.87
C VAL ZA 254 16.04 -45.91 -20.44
N ARG ZA 255 16.96 -46.34 -21.31
CA ARG ZA 255 18.38 -46.49 -21.00
C ARG ZA 255 19.17 -45.28 -21.49
N ASP ZA 256 20.47 -45.21 -21.17
CA ASP ZA 256 21.28 -44.05 -21.52
C ASP ZA 256 21.33 -43.78 -23.03
N ASN ZA 257 21.48 -44.84 -23.84
CA ASN ZA 257 21.46 -44.70 -25.30
C ASN ZA 257 20.11 -44.19 -25.83
N ASP ZA 258 19.03 -44.50 -25.12
CA ASP ZA 258 17.71 -44.00 -25.47
C ASP ZA 258 17.61 -42.51 -25.16
N LEU ZA 259 18.10 -42.10 -23.99
CA LEU ZA 259 18.17 -40.68 -23.62
C LEU ZA 259 19.07 -39.88 -24.58
N ARG ZA 260 20.12 -40.48 -25.17
CA ARG ZA 260 20.98 -39.77 -26.12
C ARG ZA 260 20.20 -39.23 -27.33
N ARG ZA 261 19.26 -40.04 -27.82
CA ARG ZA 261 18.43 -39.66 -28.96
C ARG ZA 261 17.38 -38.62 -28.59
N VAL ZA 262 16.95 -38.56 -27.32
CA VAL ZA 262 16.10 -37.50 -26.81
C VAL ZA 262 16.89 -36.20 -26.59
N ARG ZA 263 18.06 -36.27 -25.93
CA ARG ZA 263 18.97 -35.13 -25.74
C ARG ZA 263 19.22 -34.40 -27.05
N THR ZA 264 19.35 -35.13 -28.17
CA THR ZA 264 19.54 -34.56 -29.50
C THR ZA 264 18.39 -33.64 -29.93
N ILE ZA 265 17.13 -33.97 -29.59
CA ILE ZA 265 15.95 -33.22 -29.98
C ILE ZA 265 15.80 -31.93 -29.17
N PHE ZA 266 16.11 -31.99 -27.86
CA PHE ZA 266 15.92 -30.88 -26.95
C PHE ZA 266 17.21 -30.15 -26.60
N ASP ZA 267 18.33 -30.40 -27.30
CA ASP ZA 267 19.63 -29.83 -26.96
C ASP ZA 267 19.52 -28.30 -26.91
N PRO ZA 268 19.80 -27.66 -25.74
CA PRO ZA 268 19.69 -26.21 -25.61
C PRO ZA 268 20.60 -25.44 -26.56
N ARG ZA 269 21.76 -25.99 -26.96
CA ARG ZA 269 22.64 -25.32 -27.91
C ARG ZA 269 21.97 -25.19 -29.29
N THR ZA 270 21.14 -26.17 -29.66
CA THR ZA 270 20.45 -26.19 -30.95
C THR ZA 270 19.08 -25.51 -30.90
N THR ZA 271 18.54 -25.29 -29.70
CA THR ZA 271 17.20 -24.73 -29.51
C THR ZA 271 17.23 -23.24 -29.75
N ASP ZA 272 16.12 -22.68 -30.26
CA ASP ZA 272 15.97 -21.23 -30.35
C ASP ZA 272 14.60 -20.81 -29.81
N ALA ZA 273 14.44 -19.52 -29.57
CA ALA ZA 273 13.45 -18.97 -28.65
C ALA ZA 273 12.01 -19.49 -28.89
N ASN ZA 274 11.62 -19.65 -30.15
CA ASN ZA 274 10.26 -20.00 -30.53
C ASN ZA 274 10.15 -21.41 -31.12
N THR ZA 275 11.04 -22.32 -30.68
CA THR ZA 275 10.92 -23.74 -31.00
C THR ZA 275 9.62 -24.31 -30.41
N ALA ZA 276 8.86 -25.09 -31.20
CA ALA ZA 276 7.70 -25.82 -30.68
C ALA ZA 276 7.99 -27.32 -30.63
N TYR ZA 277 7.33 -28.02 -29.71
CA TYR ZA 277 7.56 -29.45 -29.48
C TYR ZA 277 6.27 -30.23 -29.68
N PHE ZA 278 6.42 -31.42 -30.29
CA PHE ZA 278 5.32 -32.35 -30.52
C PHE ZA 278 5.73 -33.66 -29.89
N THR ZA 279 4.88 -34.24 -29.02
CA THR ZA 279 5.25 -35.49 -28.37
C THR ZA 279 4.07 -36.42 -28.18
N GLY ZA 280 4.37 -37.70 -27.95
CA GLY ZA 280 3.42 -38.58 -27.31
C GLY ZA 280 3.16 -38.14 -25.87
N GLN ZA 281 2.33 -38.91 -25.15
CA GLN ZA 281 1.97 -38.55 -23.78
C GLN ZA 281 3.12 -38.78 -22.79
N ASP ZA 282 4.10 -39.63 -23.13
CA ASP ZA 282 5.08 -40.15 -22.18
C ASP ZA 282 6.43 -39.42 -22.26
N VAL ZA 283 6.39 -38.14 -22.63
CA VAL ZA 283 7.55 -37.24 -22.57
C VAL ZA 283 7.11 -35.99 -21.83
N ASP ZA 284 7.87 -35.62 -20.79
CA ASP ZA 284 7.54 -34.46 -19.96
C ASP ZA 284 8.70 -33.47 -19.95
N VAL ZA 285 8.43 -32.21 -20.33
CA VAL ZA 285 9.44 -31.18 -20.34
C VAL ZA 285 9.32 -30.38 -19.05
N GLU ZA 286 9.93 -30.88 -17.97
CA GLU ZA 286 9.91 -30.20 -16.68
C GLU ZA 286 10.99 -29.10 -16.61
N THR ZA 287 10.88 -28.25 -15.58
CA THR ZA 287 11.82 -27.17 -15.35
C THR ZA 287 12.30 -27.20 -13.90
N LEU ZA 288 13.62 -27.13 -13.73
CA LEU ZA 288 14.21 -26.63 -12.51
C LEU ZA 288 14.08 -25.11 -12.54
N GLU ZA 289 13.20 -24.57 -11.71
CA GLU ZA 289 13.01 -23.13 -11.63
C GLU ZA 289 14.28 -22.46 -11.08
N ALA ZA 290 14.46 -21.17 -11.37
CA ALA ZA 290 15.43 -20.39 -10.61
C ALA ZA 290 14.96 -20.34 -9.16
N HIP ZA 291 15.79 -20.84 -8.23
CA HIP ZA 291 15.37 -21.03 -6.85
CB HIP ZA 291 15.97 -22.36 -6.35
CG HIP ZA 291 15.31 -23.54 -6.95
CD2 HIP ZA 291 13.97 -23.80 -7.01
NE2 HIP ZA 291 13.78 -24.95 -7.72
CE1 HIP ZA 291 14.96 -25.42 -8.09
ND1 HIP ZA 291 15.98 -24.60 -7.62
P HIP ZA 291 17.66 -25.00 -7.67
O1P HIP ZA 291 18.01 -25.44 -6.29
O2P HIP ZA 291 17.83 -26.13 -8.66
O3P HIP ZA 291 18.27 -23.72 -8.08
C HIP ZA 291 15.73 -19.78 -6.06
O HIP ZA 291 16.86 -19.63 -5.61
N ASN ZA 292 14.73 -18.90 -5.87
CA ASN ZA 292 14.92 -17.59 -5.28
C ASN ZA 292 15.61 -17.61 -3.92
N PHE ZA 293 16.65 -16.78 -3.80
CA PHE ZA 293 17.32 -16.48 -2.55
C PHE ZA 293 17.79 -15.03 -2.61
N ASP ZA 294 17.85 -14.35 -1.44
CA ASP ZA 294 18.10 -12.93 -1.43
C ASP ZA 294 19.59 -12.63 -1.33
N TYR ZA 295 20.32 -12.86 -2.44
CA TYR ZA 295 21.75 -12.55 -2.50
C TYR ZA 295 22.03 -11.06 -2.32
N SER ZA 296 21.07 -10.19 -2.67
CA SER ZA 296 21.21 -8.75 -2.40
C SER ZA 296 21.32 -8.47 -0.90
N ALA ZA 297 20.42 -9.05 -0.09
CA ALA ZA 297 20.48 -8.88 1.36
C ALA ZA 297 21.74 -9.50 1.96
N ILE ZA 298 22.21 -10.65 1.44
CA ILE ZA 298 23.45 -11.26 1.90
C ILE ZA 298 24.62 -10.33 1.59
N HIS ZA 299 24.66 -9.78 0.37
CA HIS ZA 299 25.69 -8.85 -0.04
C HIS ZA 299 25.71 -7.58 0.82
N GLU ZA 300 24.54 -7.01 1.11
CA GLU ZA 300 24.40 -5.88 2.01
C GLU ZA 300 24.92 -6.20 3.43
N MET ZA 301 24.61 -7.39 3.94
CA MET ZA 301 25.07 -7.81 5.25
C MET ZA 301 26.60 -7.95 5.29
N ASP ZA 302 27.21 -8.59 4.29
CA ASP ZA 302 28.65 -8.68 4.16
C ASP ZA 302 29.30 -7.30 4.13
N MET ZA 303 28.73 -6.38 3.34
CA MET ZA 303 29.26 -5.04 3.20
C MET ZA 303 29.14 -4.25 4.50
N ARG ZA 304 28.03 -4.36 5.21
CA ARG ZA 304 27.82 -3.74 6.52
C ARG ZA 304 28.85 -4.27 7.53
N ASN ZA 305 29.09 -5.58 7.54
CA ASN ZA 305 30.12 -6.14 8.40
C ASN ZA 305 31.50 -5.57 8.07
N LEU ZA 306 31.90 -5.63 6.79
CA LEU ZA 306 33.24 -5.23 6.39
C LEU ZA 306 33.48 -3.73 6.57
N THR ZA 307 32.57 -2.87 6.09
CA THR ZA 307 32.73 -1.43 6.21
C THR ZA 307 32.88 -1.00 7.67
N THR ZA 308 31.99 -1.48 8.56
CA THR ZA 308 32.09 -1.16 9.98
C THR ZA 308 33.37 -1.74 10.61
N ALA ZA 309 33.80 -2.95 10.22
CA ALA ZA 309 35.07 -3.51 10.67
C ALA ZA 309 36.26 -2.61 10.32
N LEU ZA 310 36.24 -2.00 9.12
CA LEU ZA 310 37.27 -1.08 8.67
C LEU ZA 310 36.98 0.38 9.07
N GLY ZA 311 35.93 0.62 9.86
CA GLY ZA 311 35.61 1.94 10.39
C GLY ZA 311 34.99 2.94 9.41
N LEU ZA 312 34.82 2.54 8.13
CA LEU ZA 312 34.18 3.36 7.12
C LEU ZA 312 32.67 3.46 7.36
N PRO ZA 313 32.00 4.54 6.88
CA PRO ZA 313 30.53 4.56 6.85
C PRO ZA 313 30.04 3.55 5.81
N LEU ZA 314 28.85 3.00 6.04
CA LEU ZA 314 28.23 1.99 5.18
C LEU ZA 314 28.18 2.45 3.71
N GLU ZA 315 27.94 3.74 3.51
CA GLU ZA 315 27.83 4.39 2.21
C GLU ZA 315 29.08 4.25 1.34
N ALA ZA 316 30.27 4.07 1.93
CA ALA ZA 316 31.50 3.80 1.19
C ALA ZA 316 31.44 2.49 0.39
N GLY ZA 317 30.60 1.54 0.84
CA GLY ZA 317 30.39 0.26 0.18
C GLY ZA 317 29.24 0.24 -0.84
N ASN ZA 318 28.71 1.41 -1.21
CA ASN ZA 318 27.57 1.53 -2.13
C ASN ZA 318 26.29 0.88 -1.56
N VAL ZA 319 26.14 0.87 -0.24
CA VAL ZA 319 24.95 0.36 0.46
C VAL ZA 319 24.40 1.49 1.34
N GLY ZA 320 23.08 1.54 1.50
CA GLY ZA 320 22.42 2.50 2.37
C GLY ZA 320 21.40 1.85 3.31
N ALA ZA 321 20.88 2.64 4.26
CA ALA ZA 321 19.87 2.19 5.21
C ALA ZA 321 18.87 3.31 5.52
N ASP ZA 322 17.65 2.90 5.92
CA ASP ZA 322 16.57 3.81 6.25
C ASP ZA 322 16.90 4.65 7.50
N GLY ZA 323 16.51 5.93 7.49
CA GLY ZA 323 16.62 6.81 8.65
C GLY ZA 323 18.05 7.27 8.96
N LEU ZA 324 19.03 6.89 8.11
CA LEU ZA 324 20.44 7.27 8.28
C LEU ZA 324 20.92 8.30 7.25
N GLY ZA 325 20.05 8.73 6.32
CA GLY ZA 325 20.44 9.60 5.21
C GLY ZA 325 20.50 11.10 5.54
N SER ZA 326 19.80 11.53 6.60
CA SER ZA 326 19.62 12.95 6.93
C SER ZA 326 19.36 13.19 8.42
N GLY ZA 327 19.50 14.46 8.87
CA GLY ZA 327 19.28 14.87 10.25
C GLY ZA 327 20.41 14.45 11.19
N LYS ZA 328 20.15 14.49 12.52
CA LYS ZA 328 21.13 14.10 13.53
C LYS ZA 328 21.74 12.72 13.27
N PRO ZA 329 21.00 11.70 12.76
CA PRO ZA 329 21.59 10.42 12.36
C PRO ZA 329 22.69 10.52 11.31
N ALA ZA 330 22.58 11.43 10.34
CA ALA ZA 330 23.65 11.68 9.37
C ALA ZA 330 24.79 12.45 10.04
N GLU ZA 331 24.47 13.55 10.73
CA GLU ZA 331 25.46 14.40 11.39
C GLU ZA 331 26.41 13.59 12.28
N LEU ZA 332 25.88 12.65 13.07
CA LEU ZA 332 26.70 11.83 13.96
C LEU ZA 332 27.69 10.92 13.21
N ARG ZA 333 27.25 10.18 12.18
CA ARG ZA 333 28.16 9.26 11.49
C ARG ZA 333 29.28 9.99 10.76
N PHE ZA 334 28.98 11.18 10.25
CA PHE ZA 334 29.97 12.02 9.62
C PHE ZA 334 30.88 12.72 10.63
N ALA ZA 335 30.37 13.09 11.80
CA ALA ZA 335 31.21 13.53 12.91
C ALA ZA 335 32.21 12.43 13.30
N LEU ZA 336 31.74 11.19 13.52
CA LEU ZA 336 32.58 10.06 13.85
C LEU ZA 336 33.66 9.82 12.78
N LEU ZA 337 33.29 9.89 11.50
CA LEU ZA 337 34.27 9.74 10.43
C LEU ZA 337 35.34 10.84 10.46
N LYS ZA 338 34.93 12.10 10.62
CA LYS ZA 338 35.87 13.22 10.63
C LYS ZA 338 36.79 13.18 11.86
N LEU ZA 339 36.27 12.77 13.02
CA LEU ZA 339 37.08 12.54 14.21
C LEU ZA 339 38.11 11.43 13.98
N ALA ZA 340 37.71 10.30 13.39
CA ALA ZA 340 38.63 9.21 13.08
C ALA ZA 340 39.76 9.69 12.16
N ILE ZA 341 39.42 10.46 11.13
CA ILE ZA 341 40.39 11.06 10.21
C ILE ZA 341 41.34 11.99 10.96
N LYS ZA 342 40.84 12.92 11.79
CA LYS ZA 342 41.69 13.83 12.56
C LYS ZA 342 42.68 13.08 13.45
N ALA ZA 343 42.24 12.01 14.11
CA ALA ZA 343 43.11 11.20 14.96
C ALA ZA 343 44.27 10.58 14.17
N ASN ZA 344 43.97 9.99 13.01
CA ASN ZA 344 45.00 9.42 12.14
C ASN ZA 344 45.94 10.51 11.61
N GLN ZA 345 45.38 11.61 11.10
CA GLN ZA 345 46.14 12.72 10.54
C GLN ZA 345 47.12 13.28 11.57
N ARG ZA 346 46.69 13.60 12.79
CA ARG ZA 346 47.60 14.10 13.82
C ARG ZA 346 48.68 13.09 14.18
N SER ZA 347 48.30 11.81 14.37
CA SER ZA 347 49.24 10.75 14.69
C SER ZA 347 50.35 10.65 13.65
N PHE ZA 348 49.99 10.72 12.36
CA PHE ZA 348 50.94 10.70 11.26
C PHE ZA 348 51.78 11.98 11.22
N SER ZA 349 51.14 13.16 11.26
CA SER ZA 349 51.78 14.47 11.19
C SER ZA 349 52.90 14.63 12.20
N VAL ZA 350 52.61 14.33 13.48
CA VAL ZA 350 53.60 14.45 14.54
C VAL ZA 350 54.81 13.56 14.25
N GLN ZA 351 54.59 12.29 13.93
CA GLN ZA 351 55.68 11.37 13.67
C GLN ZA 351 56.50 11.77 12.44
N PHE ZA 352 55.86 12.21 11.35
CA PHE ZA 352 56.58 12.65 10.16
C PHE ZA 352 57.47 13.86 10.46
N VAL ZA 353 56.96 14.85 11.20
CA VAL ZA 353 57.77 16.01 11.59
C VAL ZA 353 58.94 15.59 12.47
N GLU ZA 354 58.68 14.80 13.51
CA GLU ZA 354 59.68 14.43 14.51
C GLU ZA 354 60.75 13.47 13.98
N ARG ZA 355 60.41 12.60 13.01
CA ARG ZA 355 61.28 11.51 12.58
C ARG ZA 355 61.74 11.61 11.12
N VAL ZA 356 61.20 12.55 10.34
CA VAL ZA 356 61.69 12.84 9.00
C VAL ZA 356 62.13 14.30 8.89
N MET ZA 357 61.24 15.26 9.13
CA MET ZA 357 61.56 16.66 8.86
C MET ZA 357 62.65 17.22 9.80
N ARG ZA 358 62.52 17.05 11.12
CA ARG ZA 358 63.50 17.62 12.04
C ARG ZA 358 64.90 17.08 11.79
N PRO ZA 359 65.14 15.75 11.66
CA PRO ZA 359 66.44 15.23 11.26
C PRO ZA 359 66.98 15.82 9.96
N VAL ZA 360 66.13 16.02 8.94
CA VAL ZA 360 66.55 16.62 7.68
C VAL ZA 360 66.96 18.09 7.87
N VAL ZA 361 66.19 18.88 8.65
CA VAL ZA 361 66.58 20.25 8.96
C VAL ZA 361 67.91 20.27 9.73
N ARG ZA 362 68.06 19.43 10.75
CA ARG ZA 362 69.26 19.34 11.57
C ARG ZA 362 70.52 19.04 10.76
N ASP ZA 363 70.42 18.14 9.77
CA ASP ZA 363 71.58 17.58 9.08
C ASP ZA 363 71.91 18.25 7.74
N TYR ZA 364 70.96 18.93 7.09
CA TYR ZA 364 71.17 19.44 5.73
C TYR ZA 364 70.77 20.91 5.54
N SER ZA 365 70.55 21.66 6.62
CA SER ZA 365 69.88 22.95 6.54
C SER ZA 365 70.57 24.00 7.42
N PRO ZA 366 70.65 25.28 7.01
CA PRO ZA 366 71.20 26.34 7.86
C PRO ZA 366 70.25 26.80 8.97
N PHE ZA 367 68.98 26.36 8.94
CA PHE ZA 367 67.97 26.74 9.93
C PHE ZA 367 68.09 25.96 11.25
N ASP ZA 368 67.39 26.46 12.29
CA ASP ZA 368 67.26 25.79 13.58
C ASP ZA 368 66.25 24.63 13.49
N HIS ZA 369 66.69 23.40 13.80
CA HIS ZA 369 65.82 22.23 13.78
C HIS ZA 369 64.83 22.18 14.96
N GLU ZA 370 65.07 22.95 16.02
CA GLU ZA 370 64.19 22.99 17.19
C GLU ZA 370 62.98 23.90 16.99
N ALA ZA 371 62.82 24.48 15.79
CA ALA ZA 371 61.69 25.34 15.43
C ALA ZA 371 60.34 24.62 15.52
N ASP ZA 372 59.26 25.38 15.76
CA ASP ZA 372 57.89 24.87 15.82
C ASP ZA 372 57.31 24.58 14.42
N ILE ZA 373 57.89 23.59 13.74
CA ILE ZA 373 57.35 23.03 12.50
C ILE ZA 373 56.04 22.28 12.80
N ARG ZA 374 55.03 22.45 11.94
CA ARG ZA 374 53.85 21.60 11.87
C ARG ZA 374 53.63 21.18 10.42
N LEU ZA 375 53.25 19.91 10.22
CA LEU ZA 375 52.68 19.47 8.97
C LEU ZA 375 51.18 19.24 9.21
N GLU ZA 376 50.30 19.96 8.52
CA GLU ZA 376 48.87 19.70 8.63
C GLU ZA 376 48.32 19.14 7.32
N ILE ZA 377 47.44 18.15 7.45
CA ILE ZA 377 46.87 17.44 6.33
C ILE ZA 377 45.43 17.93 6.17
N ASN ZA 378 45.02 18.21 4.94
CA ASN ZA 378 43.70 18.78 4.67
C ASN ZA 378 42.57 17.83 5.06
N ASP ZA 379 41.47 18.39 5.55
CA ASP ZA 379 40.23 17.65 5.80
C ASP ZA 379 39.55 17.33 4.46
N PRO ZA 380 39.27 16.04 4.14
CA PRO ZA 380 38.66 15.66 2.86
C PRO ZA 380 37.22 16.08 2.64
N LEU ZA 381 36.51 16.49 3.71
CA LEU ZA 381 35.06 16.65 3.70
C LEU ZA 381 34.60 18.06 4.07
N GLU ZA 382 35.49 19.06 3.90
CA GLU ZA 382 35.15 20.48 4.05
C GLU ZA 382 34.12 20.92 3.02
N ASP ZA 383 33.04 21.57 3.48
CA ASP ZA 383 32.11 22.26 2.61
C ASP ZA 383 32.53 23.73 2.48
N ILE ZA 384 33.18 24.09 1.36
CA ILE ZA 384 33.64 25.46 1.13
C ILE ZA 384 32.48 26.45 1.16
N GLY ZA 385 31.28 26.03 0.68
CA GLY ZA 385 30.08 26.86 0.71
C GLY ZA 385 29.61 27.18 2.14
N GLU ZA 386 29.84 26.25 3.08
CA GLU ZA 386 29.53 26.49 4.49
C GLU ZA 386 30.54 27.45 5.12
N VAL ZA 387 31.84 27.29 4.80
CA VAL ZA 387 32.90 28.18 5.27
C VAL ZA 387 32.67 29.60 4.75
N ALA ZA 388 32.28 29.75 3.48
CA ALA ZA 388 31.95 31.03 2.89
C ALA ZA 388 30.79 31.70 3.62
N ASP ZA 389 29.73 30.95 3.95
CA ASP ZA 389 28.59 31.51 4.67
C ASP ZA 389 28.98 31.88 6.11
N LEU ZA 390 29.85 31.10 6.76
CA LEU ZA 390 30.43 31.47 8.05
C LEU ZA 390 31.14 32.83 7.97
N ILE ZA 391 31.96 33.03 6.94
CA ILE ZA 391 32.66 34.30 6.72
C ILE ZA 391 31.67 35.45 6.53
N GLN ZA 392 30.57 35.24 5.79
CA GLN ZA 392 29.53 36.26 5.68
C GLN ZA 392 28.95 36.66 7.06
N GLN ZA 393 28.77 35.69 7.95
CA GLN ZA 393 28.14 35.94 9.25
C GLN ZA 393 29.08 36.60 10.26
N VAL ZA 394 30.36 36.20 10.31
CA VAL ZA 394 31.25 36.59 11.40
C VAL ZA 394 32.64 37.09 10.94
N GLY ZA 395 32.81 37.38 9.64
CA GLY ZA 395 34.01 38.03 9.12
C GLY ZA 395 34.36 39.32 9.86
N ASP ZA 396 33.34 40.03 10.38
CA ASP ZA 396 33.49 41.23 11.19
C ASP ZA 396 34.27 41.00 12.49
N TYR ZA 397 34.59 39.74 12.83
CA TYR ZA 397 35.34 39.36 14.01
C TYR ZA 397 36.62 38.59 13.68
N MET ZA 398 36.99 38.50 12.40
CA MET ZA 398 38.19 37.79 11.95
C MET ZA 398 39.15 38.74 11.23
N THR ZA 399 40.46 38.63 11.52
CA THR ZA 399 41.46 39.31 10.71
C THR ZA 399 41.46 38.78 9.28
N ASN ZA 400 41.92 39.58 8.34
CA ASN ZA 400 41.99 39.17 6.94
C ASN ZA 400 42.84 37.92 6.74
N GLU ZA 401 43.91 37.75 7.53
CA GLU ZA 401 44.70 36.52 7.49
C GLU ZA 401 43.92 35.30 8.00
N GLN ZA 402 43.14 35.45 9.08
CA GLN ZA 402 42.30 34.36 9.57
C GLN ZA 402 41.24 33.97 8.53
N VAL ZA 403 40.64 34.96 7.86
CA VAL ZA 403 39.71 34.71 6.76
C VAL ZA 403 40.41 33.94 5.64
N ALA ZA 404 41.59 34.41 5.21
CA ALA ZA 404 42.38 33.79 4.15
C ALA ZA 404 42.72 32.33 4.50
N GLU ZA 405 43.08 32.04 5.75
CA GLU ZA 405 43.36 30.70 6.22
C GLU ZA 405 42.13 29.79 6.10
N LYS ZA 406 40.97 30.21 6.63
CA LYS ZA 406 39.74 29.43 6.55
C LYS ZA 406 39.33 29.18 5.09
N LEU ZA 407 39.42 30.23 4.28
CA LEU ZA 407 39.10 30.22 2.85
C LEU ZA 407 40.15 29.47 2.01
N ASP ZA 408 41.28 29.06 2.62
CA ASP ZA 408 42.39 28.35 1.97
C ASP ZA 408 43.01 29.15 0.82
N LEU ZA 409 43.47 30.36 1.14
CA LEU ZA 409 44.21 31.26 0.25
C LEU ZA 409 45.44 31.85 0.95
N PRO ZA 410 46.46 32.32 0.21
CA PRO ZA 410 47.54 33.11 0.79
C PRO ZA 410 47.03 34.39 1.45
N ALA ZA 411 47.66 34.75 2.58
CA ALA ZA 411 47.39 36.01 3.26
C ALA ZA 411 47.79 37.21 2.41
N PRO ZA 412 47.21 38.42 2.63
CA PRO ZA 412 47.60 39.64 1.93
C PRO ZA 412 49.09 39.95 2.01
N GLU ZA 413 49.60 40.65 0.98
CA GLU ZA 413 51.01 41.02 0.86
C GLU ZA 413 51.42 42.11 1.87
N ASP ZA 414 50.44 42.92 2.33
CA ASP ZA 414 50.67 44.02 3.26
C ASP ZA 414 50.23 43.60 4.68
N ASP ZA 415 51.15 43.70 5.65
CA ASP ZA 415 50.94 43.17 6.99
C ASP ZA 415 49.79 43.85 7.73
N GLU ZA 416 49.58 45.17 7.54
CA GLU ZA 416 48.45 45.85 8.15
C GLU ZA 416 47.12 45.38 7.55
N VAL ZA 417 47.12 45.13 6.23
CA VAL ZA 417 45.96 44.59 5.55
C VAL ZA 417 45.68 43.18 6.07
N ALA ZA 418 46.70 42.33 6.16
CA ALA ZA 418 46.57 40.98 6.69
C ALA ZA 418 46.04 40.98 8.14
N ASP ZA 419 46.57 41.86 8.99
CA ASP ZA 419 46.26 41.91 10.41
C ASP ZA 419 44.92 42.58 10.72
N SER ZA 420 44.49 43.53 9.87
CA SER ZA 420 43.22 44.24 10.08
C SER ZA 420 42.02 43.30 9.95
N TYR ZA 421 40.88 43.73 10.49
CA TYR ZA 421 39.66 42.95 10.57
C TYR ZA 421 38.72 43.18 9.38
N ARG ZA 422 38.51 44.45 8.97
CA ARG ZA 422 37.63 44.73 7.85
C ARG ZA 422 38.30 44.34 6.52
N SER ZA 423 37.48 43.98 5.53
CA SER ZA 423 37.92 43.36 4.27
C SER ZA 423 39.03 44.16 3.58
N PRO ZA 424 39.96 43.50 2.85
CA PRO ZA 424 40.93 44.20 2.03
C PRO ZA 424 40.27 45.06 0.95
N ALA ZA 425 39.20 44.57 0.30
CA ALA ZA 425 38.43 45.37 -0.65
C ALA ZA 425 37.77 46.58 0.03
N ASP ZA 426 37.26 46.42 1.26
CA ASP ZA 426 36.62 47.51 2.01
C ASP ZA 426 37.61 48.59 2.44
N MET ZA 427 38.87 48.22 2.73
CA MET ZA 427 39.90 49.22 2.94
C MET ZA 427 40.35 49.86 1.62
N GLU ZA 428 40.48 49.05 0.56
CA GLU ZA 428 40.97 49.49 -0.74
C GLU ZA 428 40.05 50.55 -1.36
N LYS ZA 429 38.72 50.37 -1.25
CA LYS ZA 429 37.74 51.36 -1.71
C LYS ZA 429 37.74 52.64 -0.85
N ASP ZA 430 38.17 52.56 0.41
CA ASP ZA 430 38.32 53.73 1.28
C ASP ZA 430 39.62 54.50 1.00
N GLU ZA 431 40.72 53.79 0.77
CA GLU ZA 431 41.98 54.39 0.32
C GLU ZA 431 41.79 55.10 -1.03
N ALA ZA 432 41.00 54.51 -1.93
CA ALA ZA 432 40.59 55.14 -3.19
C ALA ZA 432 39.75 56.42 -2.98
N GLY ZA 433 39.23 56.65 -1.77
CA GLY ZA 433 38.54 57.88 -1.40
C GLY ZA 433 39.48 59.06 -1.08
N VAL ZA 434 40.79 58.80 -0.88
CA VAL ZA 434 41.78 59.83 -0.59
C VAL ZA 434 42.07 60.63 -1.86
N ALA AB 31 36.15 18.01 62.89
CA ALA AB 31 36.06 16.86 61.94
C ALA AB 31 37.46 16.33 61.63
N SER AB 32 37.57 15.02 61.36
CA SER AB 32 38.85 14.35 61.14
C SER AB 32 39.53 14.76 59.83
N SER AB 33 40.84 14.51 59.76
CA SER AB 33 41.59 14.45 58.50
C SER AB 33 41.47 13.06 57.84
N THR AB 34 41.39 12.00 58.66
CA THR AB 34 41.23 10.63 58.18
C THR AB 34 39.78 10.33 57.85
N PRO AB 35 39.49 9.42 56.88
CA PRO AB 35 38.13 8.94 56.63
C PRO AB 35 37.57 8.23 57.86
N GLN AB 36 36.39 8.69 58.29
CA GLN AB 36 35.70 8.14 59.46
C GLN AB 36 34.87 6.92 59.10
N THR AB 37 34.33 6.87 57.87
CA THR AB 37 33.60 5.70 57.37
C THR AB 37 34.54 4.69 56.71
N ASN AB 38 34.15 3.40 56.80
CA ASN AB 38 34.81 2.29 56.11
C ASN AB 38 34.63 2.41 54.58
N VAL AB 39 35.44 1.66 53.80
CA VAL AB 39 35.53 1.82 52.33
C VAL AB 39 35.48 0.46 51.60
N ASP AB 40 34.81 -0.56 52.18
CA ASP AB 40 34.33 -1.78 51.50
C ASP AB 40 35.41 -2.54 50.71
N SER AB 41 36.68 -2.43 51.15
CA SER AB 41 37.86 -2.81 50.38
C SER AB 41 38.08 -4.34 50.30
N MET AB 42 38.70 -4.78 49.19
CA MET AB 42 38.91 -6.18 48.86
C MET AB 42 39.88 -6.90 49.82
N GLY AB 43 39.68 -8.22 49.96
CA GLY AB 43 40.60 -9.11 50.69
C GLY AB 43 41.81 -9.56 49.86
N GLY AB 44 41.69 -9.53 48.52
CA GLY AB 44 42.75 -9.91 47.59
C GLY AB 44 43.81 -8.82 47.37
N GLY AB 45 44.90 -9.21 46.67
CA GLY AB 45 46.04 -8.34 46.38
C GLY AB 45 46.89 -8.01 47.60
N GLY AB 52 35.85 -10.53 44.18
CA GLY AB 52 35.40 -10.32 42.77
C GLY AB 52 35.46 -8.85 42.33
N GLN AB 53 35.48 -7.93 43.31
CA GLN AB 53 35.64 -6.49 43.08
C GLN AB 53 37.09 -6.14 42.68
N ASP AB 54 38.05 -6.94 43.15
CA ASP AB 54 39.44 -6.91 42.68
C ASP AB 54 39.55 -7.50 41.28
N LEU AB 55 40.53 -7.02 40.49
CA LEU AB 55 40.79 -7.54 39.15
C LEU AB 55 42.09 -8.34 39.13
N THR AB 56 42.04 -9.52 38.53
CA THR AB 56 43.24 -10.29 38.22
C THR AB 56 43.91 -9.75 36.96
N PHE AB 57 45.19 -10.07 36.74
CA PHE AB 57 45.81 -9.80 35.45
C PHE AB 57 45.07 -10.48 34.29
N GLU AB 58 44.42 -11.63 34.55
CA GLU AB 58 43.62 -12.31 33.53
C GLU AB 58 42.39 -11.49 33.12
N ASP AB 59 41.71 -10.84 34.07
CA ASP AB 59 40.61 -9.93 33.74
C ASP AB 59 41.10 -8.76 32.88
N LEU AB 60 42.28 -8.23 33.19
CA LEU AB 60 42.87 -7.16 32.40
C LEU AB 60 43.22 -7.63 30.99
N ARG AB 61 43.78 -8.85 30.86
CA ARG AB 61 44.08 -9.41 29.56
C ARG AB 61 42.83 -9.85 28.79
N ASP AB 62 41.71 -10.11 29.47
CA ASP AB 62 40.43 -10.24 28.79
C ASP AB 62 40.03 -8.92 28.12
N ILE AB 63 40.23 -7.77 28.77
CA ILE AB 63 39.93 -6.47 28.15
C ILE AB 63 40.80 -6.28 26.91
N LYS AB 64 42.11 -6.56 27.02
CA LYS AB 64 43.06 -6.52 25.93
C LYS AB 64 42.60 -7.38 24.75
N ASP AB 65 42.12 -8.60 25.00
CA ASP AB 65 41.59 -9.49 23.96
C ASP AB 65 40.31 -8.96 23.31
N VAL AB 66 39.40 -8.31 24.06
CA VAL AB 66 38.25 -7.66 23.43
C VAL AB 66 38.73 -6.50 22.55
N ARG AB 67 39.70 -5.71 23.02
CA ARG AB 67 40.22 -4.55 22.30
C ARG AB 67 40.95 -4.92 21.01
N ASP AB 68 41.83 -5.93 21.05
CA ASP AB 68 42.68 -6.24 19.91
C ASP AB 68 42.02 -7.14 18.85
N SER AB 69 40.93 -7.86 19.20
CA SER AB 69 40.25 -8.76 18.29
C SER AB 69 39.39 -8.07 17.21
N GLY AB 70 39.27 -6.74 17.25
CA GLY AB 70 38.67 -5.98 16.16
C GLY AB 70 37.18 -6.24 15.96
N GLY AB 71 36.69 -6.05 14.72
CA GLY AB 71 35.28 -6.17 14.42
C GLY AB 71 34.41 -5.09 15.06
N GLN AB 72 33.09 -5.33 15.09
CA GLN AB 72 32.12 -4.28 15.38
C GLN AB 72 32.22 -3.77 16.82
N VAL AB 73 32.49 -4.66 17.79
CA VAL AB 73 32.57 -4.29 19.20
C VAL AB 73 33.72 -3.30 19.43
N ALA AB 74 34.91 -3.63 18.91
CA ALA AB 74 36.07 -2.77 19.01
C ALA AB 74 35.81 -1.42 18.32
N GLN AB 75 35.16 -1.42 17.16
CA GLN AB 75 34.88 -0.18 16.45
C GLN AB 75 33.92 0.73 17.24
N LEU AB 76 32.88 0.19 17.87
CA LEU AB 76 32.00 1.00 18.71
C LEU AB 76 32.78 1.63 19.86
N MET AB 77 33.60 0.85 20.56
CA MET AB 77 34.34 1.39 21.69
C MET AB 77 35.40 2.42 21.25
N ASP AB 78 35.97 2.28 20.04
CA ASP AB 78 36.80 3.32 19.43
C ASP AB 78 36.00 4.61 19.15
N TYR AB 79 34.79 4.51 18.60
CA TYR AB 79 33.94 5.68 18.42
C TYR AB 79 33.66 6.39 19.75
N LYS AB 80 33.45 5.63 20.84
CA LYS AB 80 33.29 6.19 22.18
C LYS AB 80 34.52 7.00 22.60
N ALA AB 81 35.73 6.48 22.39
CA ALA AB 81 36.97 7.20 22.67
C ALA AB 81 37.08 8.48 21.82
N LEU AB 82 36.78 8.39 20.52
CA LEU AB 82 36.87 9.53 19.61
C LEU AB 82 35.89 10.63 19.98
N LEU AB 83 34.65 10.31 20.37
CA LEU AB 83 33.69 11.32 20.82
C LEU AB 83 34.18 12.04 22.07
N ASN AB 84 34.63 11.29 23.08
CA ASN AB 84 35.04 11.88 24.35
C ASN AB 84 36.32 12.72 24.23
N PHE AB 85 37.28 12.31 23.39
CA PHE AB 85 38.64 12.85 23.47
C PHE AB 85 39.26 13.25 22.12
N GLY AB 86 38.59 12.97 21.00
CA GLY AB 86 39.17 13.11 19.67
C GLY AB 86 39.18 14.53 19.10
N GLU AB 87 38.38 15.45 19.66
CA GLU AB 87 38.28 16.81 19.14
C GLU AB 87 39.42 17.73 19.64
N GLY AB 88 40.35 17.19 20.44
CA GLY AB 88 41.47 17.95 20.96
C GLY AB 88 41.12 18.80 22.19
N CYS AB 89 42.06 19.63 22.62
CA CYS AB 89 42.02 20.26 23.94
C CYS AB 89 42.59 21.69 23.92
N GLU AB 90 42.34 22.43 25.00
CA GLU AB 90 42.96 23.72 25.23
C GLU AB 90 43.30 23.91 26.71
N ILE AB 91 44.53 24.38 26.99
CA ILE AB 91 44.95 24.71 28.34
C ILE AB 91 44.58 26.16 28.65
N HIS AB 92 43.96 26.38 29.82
CA HIS AB 92 43.63 27.70 30.33
C HIS AB 92 44.27 27.89 31.70
N VAL AB 93 44.66 29.13 32.01
CA VAL AB 93 45.08 29.51 33.35
C VAL AB 93 44.39 30.82 33.71
N GLU AB 94 43.77 30.91 34.89
CA GLU AB 94 43.18 32.19 35.31
C GLU AB 94 44.28 33.15 35.78
N GLY AB 95 44.25 34.41 35.30
CA GLY AB 95 45.31 35.37 35.53
C GLY AB 95 46.64 35.02 34.85
N ASP AB 96 46.58 34.30 33.73
CA ASP AB 96 47.73 33.81 32.99
C ASP AB 96 48.76 34.91 32.69
N ASP AB 97 48.29 36.08 32.23
CA ASP AB 97 49.16 37.20 31.88
C ASP AB 97 50.01 37.70 33.04
N GLU AB 98 49.50 37.52 34.28
CA GLU AB 98 50.18 37.96 35.51
C GLU AB 98 51.26 36.97 35.95
N THR AB 99 51.27 35.75 35.39
CA THR AB 99 52.17 34.68 35.83
C THR AB 99 53.61 34.87 35.36
N LYS AB 100 53.88 35.80 34.45
CA LYS AB 100 55.10 35.81 33.63
C LYS AB 100 56.40 35.76 34.43
N GLN AB 101 57.30 34.88 33.94
CA GLN AB 101 58.66 34.68 34.42
C GLN AB 101 59.60 34.70 33.22
N LEU AB 102 60.90 34.98 33.45
CA LEU AB 102 61.92 34.68 32.45
C LEU AB 102 62.32 33.20 32.59
N VAL AB 103 61.94 32.36 31.62
CA VAL AB 103 62.13 30.91 31.73
C VAL AB 103 63.57 30.52 31.37
N ASP AB 104 63.99 30.90 30.15
CA ASP AB 104 65.34 30.67 29.64
C ASP AB 104 65.72 31.80 28.68
N GLY AB 105 66.07 32.95 29.25
CA GLY AB 105 66.47 34.14 28.51
C GLY AB 105 65.33 34.81 27.75
N GLU AB 106 64.10 34.33 27.92
CA GLU AB 106 62.90 34.85 27.27
C GLU AB 106 61.68 34.72 28.21
N PRO AB 107 60.71 35.66 28.18
CA PRO AB 107 59.51 35.55 29.02
C PRO AB 107 58.52 34.48 28.58
N MET AB 108 57.84 33.86 29.55
CA MET AB 108 56.66 33.02 29.32
C MET AB 108 55.66 33.18 30.46
N THR AB 109 54.38 33.02 30.11
CA THR AB 109 53.31 32.71 31.05
C THR AB 109 53.28 31.22 31.39
N LEU AB 110 52.54 30.86 32.44
CA LEU AB 110 52.34 29.46 32.79
C LEU AB 110 51.68 28.68 31.65
N SER AB 111 50.68 29.24 30.96
CA SER AB 111 50.06 28.54 29.84
C SER AB 111 51.06 28.30 28.70
N GLU AB 112 51.90 29.29 28.38
CA GLU AB 112 52.93 29.13 27.36
C GLU AB 112 53.95 28.05 27.75
N TRP AB 113 54.31 27.98 29.03
CA TRP AB 113 55.20 26.93 29.50
C TRP AB 113 54.54 25.56 29.42
N LEU AB 114 53.31 25.39 29.92
CA LEU AB 114 52.59 24.12 29.87
C LEU AB 114 52.38 23.65 28.43
N GLU AB 115 52.10 24.57 27.50
CA GLU AB 115 51.93 24.26 26.09
C GLU AB 115 53.23 23.76 25.45
N ASP AB 116 54.41 24.11 26.01
CA ASP AB 116 55.70 23.55 25.62
C ASP AB 116 56.07 22.29 26.41
N ALA AB 117 55.57 22.17 27.66
CA ALA AB 117 55.76 20.98 28.48
C ALA AB 117 55.02 19.78 27.87
N PHE AB 118 53.85 20.02 27.26
CA PHE AB 118 53.03 19.01 26.63
C PHE AB 118 52.72 19.38 25.17
N PRO AB 119 53.69 19.29 24.23
CA PRO AB 119 53.51 19.76 22.85
C PRO AB 119 52.42 19.01 22.08
N HIS AB 120 52.23 17.72 22.41
CA HIS AB 120 51.34 16.84 21.67
C HIS AB 120 50.19 16.35 22.56
N LEU AB 121 49.69 17.23 23.43
CA LEU AB 121 48.71 16.87 24.44
C LEU AB 121 47.43 16.31 23.82
N ASP AB 122 47.05 16.78 22.63
CA ASP AB 122 45.88 16.27 21.90
C ASP AB 122 45.95 14.76 21.63
N LEU AB 123 47.16 14.23 21.35
CA LEU AB 123 47.36 12.80 21.15
C LEU AB 123 47.35 12.06 22.48
N LEU AB 124 48.04 12.60 23.49
CA LEU AB 124 48.09 12.00 24.82
C LEU AB 124 46.68 11.89 25.43
N VAL AB 125 45.87 12.95 25.33
CA VAL AB 125 44.50 12.97 25.83
C VAL AB 125 43.64 11.91 25.16
N LEU AB 126 43.77 11.72 23.83
CA LEU AB 126 43.03 10.67 23.15
C LEU AB 126 43.47 9.28 23.60
N ASP AB 127 44.79 9.04 23.76
CA ASP AB 127 45.30 7.75 24.20
C ASP AB 127 44.90 7.43 25.65
N LEU AB 128 45.19 8.33 26.60
CA LEU AB 128 44.84 8.13 28.00
C LEU AB 128 43.33 8.03 28.20
N GLY AB 129 42.57 8.92 27.56
CA GLY AB 129 41.12 8.91 27.66
C GLY AB 129 40.52 7.64 27.07
N GLY AB 130 41.04 7.19 25.93
CA GLY AB 130 40.69 5.89 25.36
C GLY AB 130 40.94 4.74 26.34
N ASP AB 131 42.17 4.65 26.88
CA ASP AB 131 42.51 3.62 27.85
C ASP AB 131 41.61 3.68 29.07
N ALA AB 132 41.33 4.87 29.61
CA ALA AB 132 40.48 5.04 30.79
C ALA AB 132 39.00 4.69 30.55
N LEU AB 133 38.54 4.61 29.29
CA LEU AB 133 37.21 4.09 28.96
C LEU AB 133 37.21 2.57 28.81
N TRP AB 134 38.25 1.99 28.19
CA TRP AB 134 38.44 0.55 28.05
C TRP AB 134 38.70 -0.12 29.41
N TYR AB 135 39.76 0.30 30.09
CA TYR AB 135 40.27 -0.26 31.33
C TYR AB 135 39.68 0.48 32.53
N PRO AB 136 39.87 -0.01 33.79
CA PRO AB 136 39.43 0.74 34.96
C PRO AB 136 40.14 2.09 35.11
N TYR AB 137 41.37 2.20 34.58
CA TYR AB 137 42.23 3.38 34.71
C TYR AB 137 43.15 3.50 33.49
N ALA AB 138 43.57 4.72 33.17
CA ALA AB 138 44.84 4.94 32.49
C ALA AB 138 45.93 5.12 33.56
N VAL AB 139 47.19 4.79 33.24
CA VAL AB 139 48.28 4.82 34.21
C VAL AB 139 49.61 5.12 33.51
N GLY AB 140 50.55 5.79 34.19
CA GLY AB 140 51.82 6.13 33.59
C GLY AB 140 52.84 6.74 34.56
N GLU AB 141 54.02 7.05 34.01
CA GLU AB 141 55.17 7.61 34.72
C GLU AB 141 55.33 9.10 34.40
N ILE AB 142 56.20 9.78 35.17
CA ILE AB 142 56.82 11.03 34.75
C ILE AB 142 58.24 10.70 34.32
N GLN AB 143 58.66 11.19 33.14
CA GLN AB 143 59.96 10.91 32.56
C GLN AB 143 60.77 12.20 32.39
N GLU AB 144 62.09 12.06 32.60
CA GLU AB 144 63.03 13.18 32.55
C GLU AB 144 64.07 12.98 31.45
N THR AB 145 64.60 14.11 30.96
CA THR AB 145 65.86 14.15 30.24
C THR AB 145 67.02 13.66 31.13
N ILE AB 146 68.21 13.41 30.55
CA ILE AB 146 69.40 13.06 31.32
C ILE AB 146 69.82 14.20 32.25
N THR AB 147 69.67 15.45 31.78
CA THR AB 147 69.89 16.67 32.56
C THR AB 147 68.85 16.87 33.68
N GLY AB 148 67.82 16.03 33.76
CA GLY AB 148 66.84 16.06 34.84
C GLY AB 148 65.72 17.10 34.66
N GLU AB 149 65.68 17.76 33.50
CA GLU AB 149 64.51 18.52 33.06
C GLU AB 149 63.40 17.56 32.62
N PHE AB 150 62.14 17.97 32.77
CA PHE AB 150 60.98 17.18 32.37
C PHE AB 150 60.98 16.87 30.86
N LYS AB 151 60.78 15.59 30.51
CA LYS AB 151 60.69 15.13 29.12
C LYS AB 151 59.22 14.94 28.71
N GLU AB 152 58.49 14.06 29.42
CA GLU AB 152 57.10 13.75 29.13
C GLU AB 152 56.42 13.02 30.29
N ALA AB 153 55.07 13.03 30.29
CA ALA AB 153 54.30 12.03 31.02
C ALA AB 153 54.16 10.81 30.10
N LEU AB 154 54.63 9.64 30.56
CA LEU AB 154 54.72 8.45 29.72
C LEU AB 154 53.66 7.43 30.14
N PRO AB 155 52.64 7.14 29.31
CA PRO AB 155 51.69 6.08 29.63
C PRO AB 155 52.34 4.71 29.66
N ALA AB 156 51.93 3.90 30.63
CA ALA AB 156 52.25 2.49 30.68
C ALA AB 156 51.11 1.66 30.06
N GLU AB 157 51.35 0.36 29.84
CA GLU AB 157 50.34 -0.52 29.25
C GLU AB 157 49.34 -0.96 30.31
N PRO AB 158 48.07 -0.49 30.29
CA PRO AB 158 47.18 -0.60 31.44
C PRO AB 158 46.79 -2.02 31.80
N TRP AB 159 46.78 -2.95 30.84
CA TRP AB 159 46.48 -4.35 31.13
C TRP AB 159 47.60 -5.05 31.90
N THR AB 160 48.80 -4.44 31.96
CA THR AB 160 49.94 -5.02 32.65
C THR AB 160 50.01 -4.65 34.13
N LEU AB 161 49.20 -3.68 34.59
CA LEU AB 161 49.33 -3.04 35.89
C LEU AB 161 48.05 -3.17 36.71
N MET AB 162 48.17 -3.45 38.01
CA MET AB 162 47.04 -3.36 38.93
C MET AB 162 47.45 -2.70 40.26
N PRO AB 163 46.54 -1.92 40.90
CA PRO AB 163 46.89 -1.20 42.13
C PRO AB 163 46.78 -2.05 43.39
N GLU AB 164 47.74 -1.86 44.30
CA GLU AB 164 47.63 -2.26 45.68
C GLU AB 164 47.06 -1.10 46.50
N SER AB 165 45.79 -1.25 46.91
CA SER AB 165 45.09 -0.29 47.75
C SER AB 165 45.34 -0.57 49.24
N ASP AB 166 45.31 0.47 50.06
CA ASP AB 166 45.25 0.35 51.53
C ASP AB 166 43.82 0.07 52.03
N ALA AB 167 43.65 0.02 53.35
CA ALA AB 167 42.38 -0.28 54.01
C ALA AB 167 41.27 0.71 53.65
N GLN AB 168 41.60 2.00 53.50
CA GLN AB 168 40.68 3.06 53.09
C GLN AB 168 40.64 3.29 51.57
N GLY AB 169 41.15 2.33 50.78
CA GLY AB 169 40.98 2.32 49.34
C GLY AB 169 41.87 3.29 48.57
N LYS AB 170 42.97 3.80 49.17
CA LYS AB 170 43.91 4.65 48.46
C LYS AB 170 45.08 3.82 47.93
N VAL AB 171 45.51 4.09 46.69
CA VAL AB 171 46.54 3.29 46.05
C VAL AB 171 47.91 3.62 46.63
N GLN AB 172 48.64 2.60 47.11
CA GLN AB 172 49.95 2.73 47.74
C GLN AB 172 51.08 2.22 46.84
N ALA AB 173 50.81 1.20 46.01
CA ALA AB 173 51.80 0.63 45.10
C ALA AB 173 51.11 0.05 43.85
N TRP AB 174 51.88 -0.14 42.79
CA TRP AB 174 51.43 -0.71 41.53
C TRP AB 174 52.18 -2.02 41.27
N HIS AB 175 51.42 -3.08 40.99
CA HIS AB 175 51.95 -4.42 40.73
C HIS AB 175 51.89 -4.66 39.22
N GLN AB 176 53.04 -4.95 38.59
CA GLN AB 176 53.11 -5.11 37.13
C GLN AB 176 53.49 -6.54 36.74
N ARG AB 177 52.75 -7.14 35.79
CA ARG AB 177 53.09 -8.40 35.15
C ARG AB 177 53.13 -8.23 33.62
N THR AB 178 54.27 -8.61 32.98
CA THR AB 178 54.45 -8.44 31.55
C THR AB 178 55.02 -9.70 30.90
N LYS AB 179 54.58 -10.03 29.68
CA LYS AB 179 55.10 -11.14 28.90
C LYS AB 179 56.59 -10.94 28.59
N THR AB 180 57.37 -12.02 28.72
CA THR AB 180 58.80 -12.05 28.39
C THR AB 180 59.19 -13.46 27.98
N HIS AB 181 59.55 -13.69 26.70
CA HIS AB 181 60.20 -14.90 26.23
C HIS AB 181 59.59 -16.20 26.79
N GLY AB 182 58.32 -16.49 26.45
CA GLY AB 182 57.67 -17.73 26.87
C GLY AB 182 57.30 -17.81 28.35
N GLY AB 183 57.36 -16.68 29.07
CA GLY AB 183 56.89 -16.56 30.45
C GLY AB 183 56.53 -15.11 30.78
N TYR AB 184 56.64 -14.75 32.07
CA TYR AB 184 56.34 -13.40 32.54
C TYR AB 184 57.42 -12.86 33.48
N GLN AB 185 57.79 -11.58 33.30
CA GLN AB 185 58.36 -10.78 34.37
C GLN AB 185 57.26 -10.34 35.33
N THR AB 186 57.64 -10.07 36.59
CA THR AB 186 56.76 -9.40 37.55
C THR AB 186 57.58 -8.44 38.42
N GLN AB 187 57.00 -7.28 38.76
CA GLN AB 187 57.62 -6.31 39.66
C GLN AB 187 56.58 -5.51 40.43
N THR AB 188 56.99 -4.83 41.50
CA THR AB 188 56.15 -3.85 42.20
C THR AB 188 56.84 -2.49 42.23
N LEU AB 189 56.06 -1.43 42.03
CA LEU AB 189 56.51 -0.05 41.99
C LEU AB 189 55.74 0.77 43.03
N PRO AB 190 56.38 1.75 43.72
CA PRO AB 190 55.65 2.62 44.64
C PRO AB 190 54.72 3.58 43.89
N ALA AB 191 53.58 3.93 44.49
CA ALA AB 191 52.68 4.92 43.91
C ALA AB 191 53.27 6.34 43.84
N ASP AB 192 54.43 6.55 44.47
CA ASP AB 192 55.07 7.85 44.65
C ASP AB 192 55.52 8.49 43.33
N ASP AB 193 55.73 7.70 42.26
CA ASP AB 193 56.24 8.19 40.98
C ASP AB 193 55.50 7.61 39.76
N LEU AB 194 54.25 7.16 40.00
CA LEU AB 194 53.25 6.86 38.98
C LEU AB 194 52.01 7.74 39.18
N TRP AB 195 51.24 7.94 38.11
CA TRP AB 195 49.95 8.61 38.16
C TRP AB 195 48.91 7.76 37.42
N HIP AB 196 47.65 7.92 37.80
CA HIP AB 196 46.57 7.15 37.19
CB HIP AB 196 46.46 5.83 37.95
CG HIP AB 196 45.58 5.85 39.15
CD2 HIP AB 196 44.31 5.36 39.20
NE2 HIP AB 196 43.85 5.47 40.48
CE1 HIP AB 196 44.80 6.01 41.23
ND1 HIP AB 196 45.94 6.30 40.47
P HIP AB 196 47.40 6.95 41.11
O1P HIP AB 196 48.47 5.96 40.74
O2P HIP AB 196 47.16 6.99 42.58
O3P HIP AB 196 47.58 8.32 40.49
C HIP AB 196 45.27 7.95 37.17
O HIP AB 196 45.01 8.79 38.05
N ILE AB 197 44.41 7.67 36.18
CA ILE AB 197 43.19 8.44 35.98
C ILE AB 197 42.03 7.48 35.81
N VAL AB 198 40.94 7.69 36.56
CA VAL AB 198 39.78 6.82 36.58
C VAL AB 198 38.56 7.60 36.07
N ILE AB 199 37.92 7.14 34.98
CA ILE AB 199 36.72 7.77 34.47
C ILE AB 199 35.46 7.16 35.09
N ASN AB 200 35.42 5.82 35.18
CA ASN AB 200 34.26 5.08 35.65
C ASN AB 200 34.50 4.56 37.07
N LYS AB 201 33.55 4.80 37.99
CA LYS AB 201 33.74 4.56 39.42
C LYS AB 201 32.51 3.89 40.04
N ALA AB 202 32.74 3.14 41.14
CA ALA AB 202 31.67 2.66 41.99
C ALA AB 202 31.14 3.79 42.91
N SER AB 203 32.04 4.68 43.35
CA SER AB 203 31.74 5.82 44.22
C SER AB 203 32.80 6.91 44.02
N ALA AB 204 32.55 8.14 44.51
CA ALA AB 204 33.57 9.18 44.44
C ALA AB 204 34.82 8.88 45.28
N ARG AB 205 34.74 7.93 46.21
CA ARG AB 205 35.83 7.47 47.06
C ARG AB 205 36.67 6.36 46.41
N ASP AB 206 36.20 5.80 45.28
CA ASP AB 206 36.83 4.70 44.55
C ASP AB 206 38.05 5.16 43.75
N GLU AB 207 39.27 4.69 44.11
CA GLU AB 207 40.47 4.96 43.32
C GLU AB 207 40.81 3.83 42.33
N VAL AB 208 40.10 2.70 42.36
CA VAL AB 208 40.40 1.53 41.52
C VAL AB 208 39.61 1.57 40.21
N GLY AB 209 38.34 2.02 40.27
CA GLY AB 209 37.53 2.22 39.07
C GLY AB 209 36.95 0.95 38.45
N ILE AB 210 36.25 1.12 37.32
CA ILE AB 210 35.47 0.08 36.66
C ILE AB 210 35.80 0.04 35.16
N SER AB 211 36.03 -1.16 34.60
CA SER AB 211 36.08 -1.33 33.15
C SER AB 211 34.66 -1.43 32.59
N GLU AB 212 34.31 -0.61 31.59
CA GLU AB 212 33.05 -0.78 30.88
C GLU AB 212 32.98 -2.08 30.07
N VAL AB 213 34.13 -2.64 29.68
CA VAL AB 213 34.15 -3.94 29.01
C VAL AB 213 33.74 -5.04 29.98
N LEU AB 214 34.38 -5.13 31.15
CA LEU AB 214 34.02 -6.17 32.11
C LEU AB 214 32.61 -5.95 32.68
N ARG AB 215 32.18 -4.70 32.83
CA ARG AB 215 30.84 -4.37 33.26
C ARG AB 215 29.79 -4.92 32.29
N ASN AB 216 30.03 -4.80 30.98
CA ASN AB 216 29.09 -5.22 29.93
C ASN AB 216 29.52 -6.53 29.26
N LYS AB 217 30.28 -7.39 29.96
CA LYS AB 217 30.85 -8.62 29.42
C LYS AB 217 29.77 -9.53 28.83
N ASP AB 218 28.63 -9.64 29.52
CA ASP AB 218 27.50 -10.45 29.09
C ASP AB 218 26.89 -9.95 27.77
N GLU AB 219 26.71 -8.62 27.63
CA GLU AB 219 26.17 -8.02 26.42
C GLU AB 219 27.14 -8.18 25.24
N ILE AB 220 28.45 -8.02 25.49
CA ILE AB 220 29.49 -8.22 24.49
C ILE AB 220 29.48 -9.67 24.01
N GLN AB 221 29.40 -10.64 24.93
CA GLN AB 221 29.34 -12.05 24.55
C GLN AB 221 28.04 -12.39 23.84
N ALA AB 222 26.89 -11.85 24.28
CA ALA AB 222 25.62 -12.06 23.61
C ALA AB 222 25.66 -11.57 22.16
N PHE AB 223 26.25 -10.39 21.93
CA PHE AB 223 26.45 -9.86 20.60
C PHE AB 223 27.30 -10.80 19.75
N LYS AB 224 28.49 -11.16 20.23
CA LYS AB 224 29.41 -12.03 19.50
C LYS AB 224 28.81 -13.41 19.18
N GLN AB 225 28.06 -13.99 20.12
CA GLN AB 225 27.41 -15.28 19.91
C GLN AB 225 26.33 -15.20 18.83
N ASN AB 226 25.47 -14.17 18.86
CA ASN AB 226 24.46 -14.01 17.83
C ASN AB 226 25.09 -13.71 16.46
N GLU AB 227 26.16 -12.91 16.40
CA GLU AB 227 26.90 -12.68 15.17
C GLU AB 227 27.44 -13.98 14.55
N ALA AB 228 28.09 -14.81 15.36
CA ALA AB 228 28.58 -16.12 14.91
C ALA AB 228 27.41 -17.01 14.46
N ALA AB 229 26.31 -17.02 15.22
CA ALA AB 229 25.13 -17.80 14.90
C ALA AB 229 24.56 -17.41 13.54
N ILE AB 230 24.44 -16.10 13.27
CA ILE AB 230 23.96 -15.59 11.98
C ILE AB 230 24.91 -16.02 10.86
N ASN AB 231 26.22 -15.86 11.02
CA ASN AB 231 27.16 -16.22 9.97
C ASN AB 231 27.03 -17.70 9.57
N GLN AB 232 26.98 -18.60 10.56
CA GLN AB 232 26.79 -20.02 10.33
C GLN AB 232 25.43 -20.31 9.71
N ALA AB 233 24.37 -19.63 10.15
CA ALA AB 233 23.04 -19.80 9.60
C ALA AB 233 22.95 -19.37 8.13
N ILE AB 234 23.60 -18.27 7.74
CA ILE AB 234 23.66 -17.85 6.33
C ILE AB 234 24.30 -18.93 5.47
N GLU AB 235 25.42 -19.53 5.89
CA GLU AB 235 26.07 -20.57 5.09
C GLU AB 235 25.16 -21.78 4.90
N LEU AB 236 24.42 -22.19 5.92
CA LEU AB 236 23.55 -23.36 5.83
C LEU AB 236 22.25 -23.07 5.08
N HIS AB 237 21.64 -21.91 5.34
CA HIS AB 237 20.24 -21.66 5.04
C HIS AB 237 20.05 -20.50 4.05
N GLY AB 238 21.06 -19.66 3.85
CA GLY AB 238 20.94 -18.49 2.99
C GLY AB 238 20.94 -18.84 1.51
N PHE AB 239 21.46 -20.02 1.13
CA PHE AB 239 21.60 -20.45 -0.25
C PHE AB 239 20.81 -21.73 -0.49
N PRO AB 240 20.17 -21.91 -1.66
CA PRO AB 240 19.54 -23.20 -2.00
C PRO AB 240 20.62 -24.27 -2.18
N GLN AB 241 20.21 -25.54 -2.02
CA GLN AB 241 21.10 -26.68 -2.22
C GLN AB 241 20.38 -27.74 -3.04
N ARG AB 242 21.08 -28.35 -4.01
CA ARG AB 242 20.48 -29.37 -4.86
C ARG AB 242 20.42 -30.71 -4.13
N HIP AB 243 19.27 -31.39 -4.24
CA HIP AB 243 19.06 -32.71 -3.64
CB HIP AB 243 18.08 -32.64 -2.46
CG HIP AB 243 17.87 -33.96 -1.76
CD2 HIP AB 243 18.67 -35.07 -1.87
NE2 HIP AB 243 18.16 -36.05 -1.05
CE1 HIP AB 243 17.12 -35.56 -0.41
ND1 HIP AB 243 16.82 -34.27 -0.85
P HIP AB 243 15.40 -33.41 -0.40
O1P HIP AB 243 14.33 -33.92 -1.29
O2P HIP AB 243 15.15 -33.84 1.02
O3P HIP AB 243 15.68 -31.96 -0.55
C HIP AB 243 18.58 -33.67 -4.74
O HIP AB 243 17.39 -33.70 -5.04
N VAL AB 244 19.48 -34.46 -5.33
CA VAL AB 244 19.02 -35.47 -6.28
C VAL AB 244 18.61 -36.73 -5.53
N LYS AB 245 17.36 -37.16 -5.75
CA LYS AB 245 16.83 -38.42 -5.24
C LYS AB 245 16.75 -39.42 -6.38
N VAL AB 246 17.21 -40.65 -6.13
CA VAL AB 246 17.36 -41.66 -7.17
C VAL AB 246 16.57 -42.91 -6.80
N GLY AB 247 15.99 -43.57 -7.81
CA GLY AB 247 15.19 -44.76 -7.62
C GLY AB 247 13.72 -44.45 -7.38
N LYS AB 248 12.87 -45.46 -7.60
CA LYS AB 248 11.43 -45.32 -7.41
C LYS AB 248 11.07 -45.54 -5.94
N GLU AB 249 10.08 -44.80 -5.45
CA GLU AB 249 9.55 -45.02 -4.10
C GLU AB 249 8.94 -46.43 -4.03
N ASP AB 250 9.29 -47.22 -3.00
CA ASP AB 250 8.94 -48.63 -2.88
C ASP AB 250 9.51 -49.51 -4.01
N GLY AB 251 10.54 -49.01 -4.74
CA GLY AB 251 11.19 -49.73 -5.82
C GLY AB 251 12.55 -50.33 -5.41
N ALA AB 252 13.42 -50.58 -6.40
CA ALA AB 252 14.73 -51.17 -6.17
C ALA AB 252 15.65 -50.18 -5.43
N PRO AB 253 16.39 -50.62 -4.39
CA PRO AB 253 17.28 -49.69 -3.68
C PRO AB 253 18.56 -49.40 -4.45
N VAL AB 254 19.08 -48.19 -4.21
CA VAL AB 254 20.26 -47.64 -4.85
C VAL AB 254 21.35 -47.60 -3.77
N ARG AB 255 22.55 -48.09 -4.07
CA ARG AB 255 23.66 -48.16 -3.13
C ARG AB 255 24.64 -47.01 -3.34
N ASP AB 256 25.63 -46.86 -2.46
CA ASP AB 256 26.55 -45.72 -2.50
C ASP AB 256 27.35 -45.64 -3.81
N ASN AB 257 27.82 -46.79 -4.32
CA ASN AB 257 28.54 -46.82 -5.59
C ASN AB 257 27.66 -46.39 -6.77
N ASP AB 258 26.34 -46.58 -6.65
CA ASP AB 258 25.40 -46.14 -7.66
C ASP AB 258 25.23 -44.62 -7.61
N LEU AB 259 25.05 -44.08 -6.40
CA LEU AB 259 24.97 -42.64 -6.18
C LEU AB 259 26.24 -41.91 -6.65
N ARG AB 260 27.43 -42.52 -6.52
CA ARG AB 260 28.69 -41.93 -6.99
C ARG AB 260 28.68 -41.63 -8.48
N ARG AB 261 28.07 -42.49 -9.30
CA ARG AB 261 27.94 -42.26 -10.73
C ARG AB 261 26.94 -41.15 -11.04
N VAL AB 262 25.81 -41.11 -10.33
CA VAL AB 262 24.87 -40.00 -10.43
C VAL AB 262 25.53 -38.67 -10.06
N ARG AB 263 26.31 -38.64 -8.97
CA ARG AB 263 27.03 -37.46 -8.50
C ARG AB 263 27.94 -36.89 -9.59
N THR AB 264 28.59 -37.76 -10.38
CA THR AB 264 29.43 -37.33 -11.48
C THR AB 264 28.61 -36.65 -12.58
N ILE AB 265 27.43 -37.18 -12.91
CA ILE AB 265 26.55 -36.61 -13.92
C ILE AB 265 26.04 -35.22 -13.50
N PHE AB 266 25.74 -35.03 -12.21
CA PHE AB 266 25.19 -33.78 -11.70
C PHE AB 266 26.24 -32.87 -11.04
N ASP AB 267 27.54 -33.09 -11.29
CA ASP AB 267 28.62 -32.45 -10.55
C ASP AB 267 28.55 -30.92 -10.63
N PRO AB 268 28.33 -30.18 -9.52
CA PRO AB 268 28.28 -28.72 -9.55
C PRO AB 268 29.59 -28.06 -10.00
N ARG AB 269 30.70 -28.80 -9.93
CA ARG AB 269 32.04 -28.37 -10.32
C ARG AB 269 32.19 -28.23 -11.84
N THR AB 270 31.41 -28.96 -12.64
CA THR AB 270 31.46 -28.91 -14.10
C THR AB 270 30.11 -28.62 -14.75
N THR AB 271 29.04 -28.58 -13.96
CA THR AB 271 27.75 -27.99 -14.33
C THR AB 271 27.95 -26.49 -14.59
N ASP AB 272 27.11 -25.92 -15.47
CA ASP AB 272 27.06 -24.49 -15.70
C ASP AB 272 25.61 -24.00 -15.78
N ALA AB 273 25.42 -22.68 -15.88
CA ALA AB 273 24.13 -22.04 -15.74
C ALA AB 273 23.03 -22.68 -16.59
N ASN AB 274 23.32 -22.99 -17.87
CA ASN AB 274 22.32 -23.47 -18.81
C ASN AB 274 22.47 -24.95 -19.16
N THR AB 275 23.13 -25.74 -18.31
CA THR AB 275 23.13 -27.19 -18.39
C THR AB 275 21.69 -27.72 -18.33
N ALA AB 276 21.38 -28.72 -19.19
CA ALA AB 276 20.08 -29.39 -19.19
C ALA AB 276 20.24 -30.88 -18.84
N TYR AB 277 19.17 -31.48 -18.31
CA TYR AB 277 19.18 -32.85 -17.83
C TYR AB 277 18.09 -33.68 -18.49
N PHE AB 278 18.43 -34.92 -18.83
CA PHE AB 278 17.50 -35.87 -19.44
C PHE AB 278 17.49 -37.12 -18.57
N THR AB 279 16.31 -37.58 -18.14
CA THR AB 279 16.27 -38.74 -17.25
C THR AB 279 15.08 -39.64 -17.52
N GLY AB 280 15.17 -40.87 -17.03
CA GLY AB 280 13.98 -41.68 -16.80
C GLY AB 280 13.11 -41.03 -15.72
N GLN AB 281 11.94 -41.63 -15.48
CA GLN AB 281 10.97 -41.12 -14.52
C GLN AB 281 11.46 -41.24 -13.06
N ASP AB 282 12.45 -42.11 -12.79
CA ASP AB 282 12.87 -42.47 -11.44
C ASP AB 282 14.15 -41.75 -10.97
N VAL AB 283 14.35 -40.51 -11.46
CA VAL AB 283 15.35 -39.59 -10.95
C VAL AB 283 14.66 -38.25 -10.72
N ASP AB 284 14.79 -37.71 -9.51
CA ASP AB 284 14.14 -36.46 -9.12
C ASP AB 284 15.17 -35.44 -8.65
N VAL AB 285 15.20 -34.27 -9.30
CA VAL AB 285 16.11 -33.20 -8.92
C VAL AB 285 15.33 -32.25 -8.00
N GLU AB 286 15.34 -32.54 -6.70
CA GLU AB 286 14.73 -31.69 -5.69
C GLU AB 286 15.66 -30.56 -5.26
N THR AB 287 15.10 -29.60 -4.51
CA THR AB 287 15.84 -28.47 -4.00
C THR AB 287 15.54 -28.27 -2.52
N LEU AB 288 16.60 -28.14 -1.72
CA LEU AB 288 16.51 -27.47 -0.43
C LEU AB 288 16.46 -25.97 -0.72
N GLU AB 289 15.30 -25.37 -0.45
CA GLU AB 289 15.13 -23.94 -0.61
C GLU AB 289 16.10 -23.17 0.29
N ALA AB 290 16.40 -21.92 -0.07
CA ALA AB 290 16.90 -21.00 0.94
C ALA AB 290 15.78 -20.78 1.96
N HIP AB 291 16.01 -21.21 3.22
CA HIP AB 291 14.97 -21.16 4.24
CB HIP AB 291 15.17 -22.37 5.16
CG HIP AB 291 14.83 -23.65 4.48
CD2 HIP AB 291 13.68 -23.96 3.83
NE2 HIP AB 291 13.79 -25.22 3.30
CE1 HIP AB 291 14.98 -25.71 3.62
ND1 HIP AB 291 15.70 -24.78 4.39
P HIP AB 291 17.20 -25.12 5.18
O1P HIP AB 291 16.85 -25.29 6.62
O2P HIP AB 291 17.76 -26.40 4.59
O3P HIP AB 291 17.99 -23.91 4.87
C HIP AB 291 15.01 -19.78 4.90
O HIP AB 291 15.94 -19.49 5.65
N ASN AB 292 14.01 -18.95 4.61
CA ASN AB 292 13.99 -17.56 5.03
C ASN AB 292 14.01 -17.38 6.56
N PHE AB 293 14.89 -16.47 7.01
CA PHE AB 293 14.91 -15.96 8.38
C PHE AB 293 15.39 -14.51 8.35
N ASP AB 294 14.92 -13.69 9.30
CA ASP AB 294 15.18 -12.27 9.24
C ASP AB 294 16.47 -11.93 10.02
N TYR AB 295 17.61 -12.29 9.44
CA TYR AB 295 18.90 -11.98 10.04
C TYR AB 295 19.16 -10.48 10.15
N SER AB 296 18.56 -9.66 9.27
CA SER AB 296 18.64 -8.21 9.39
C SER AB 296 18.03 -7.73 10.71
N ALA AB 297 16.85 -8.23 11.06
CA ALA AB 297 16.23 -7.89 12.34
C ALA AB 297 17.07 -8.37 13.52
N ILE AB 298 17.73 -9.53 13.41
CA ILE AB 298 18.60 -10.01 14.47
C ILE AB 298 19.82 -9.09 14.65
N HIS AB 299 20.48 -8.66 13.55
CA HIS AB 299 21.56 -7.67 13.65
C HIS AB 299 21.07 -6.38 14.31
N GLU AB 300 19.93 -5.85 13.88
CA GLU AB 300 19.41 -4.61 14.44
C GLU AB 300 19.13 -4.74 15.94
N MET AB 301 18.57 -5.87 16.38
CA MET AB 301 18.36 -6.14 17.79
C MET AB 301 19.70 -6.22 18.54
N ASP AB 302 20.66 -6.98 18.02
CA ASP AB 302 21.98 -7.07 18.62
C ASP AB 302 22.65 -5.71 18.76
N MET AB 303 22.62 -4.92 17.69
CA MET AB 303 23.26 -3.61 17.65
C MET AB 303 22.56 -2.64 18.61
N ARG AB 304 21.23 -2.67 18.68
CA ARG AB 304 20.44 -1.95 19.66
C ARG AB 304 20.89 -2.32 21.08
N ASN AB 305 20.96 -3.61 21.40
CA ASN AB 305 21.38 -4.04 22.72
C ASN AB 305 22.79 -3.56 23.06
N LEU AB 306 23.75 -3.78 22.15
CA LEU AB 306 25.14 -3.46 22.39
C LEU AB 306 25.37 -1.95 22.51
N THR AB 307 24.87 -1.15 21.58
CA THR AB 307 25.04 0.30 21.62
C THR AB 307 24.44 0.89 22.89
N THR AB 308 23.19 0.55 23.24
CA THR AB 308 22.59 1.02 24.49
C THR AB 308 23.39 0.57 25.72
N ALA AB 309 23.92 -0.67 25.73
CA ALA AB 309 24.76 -1.11 26.84
C ALA AB 309 26.06 -0.30 26.97
N LEU AB 310 26.72 0.02 25.84
CA LEU AB 310 27.92 0.85 25.80
C LEU AB 310 27.61 2.36 25.87
N GLY AB 311 26.33 2.75 25.96
CA GLY AB 311 25.90 4.14 26.11
C GLY AB 311 25.86 4.98 24.83
N LEU AB 312 26.33 4.43 23.70
CA LEU AB 312 26.25 5.10 22.41
C LEU AB 312 24.82 5.14 21.89
N PRO AB 313 24.43 6.13 21.06
CA PRO AB 313 23.16 6.07 20.35
C PRO AB 313 23.26 5.05 19.22
N LEU AB 314 22.12 4.44 18.89
CA LEU AB 314 22.04 3.33 17.92
C LEU AB 314 22.61 3.72 16.55
N GLU AB 315 22.48 4.99 16.16
CA GLU AB 315 23.00 5.53 14.91
C GLU AB 315 24.49 5.31 14.72
N ALA AB 316 25.27 5.20 15.80
CA ALA AB 316 26.70 4.90 15.74
C ALA AB 316 26.98 3.49 15.20
N GLY AB 317 26.01 2.57 15.35
CA GLY AB 317 26.14 1.19 14.92
C GLY AB 317 25.68 0.92 13.48
N ASN AB 318 25.55 1.96 12.65
CA ASN AB 318 25.03 1.85 11.28
C ASN AB 318 23.62 1.27 11.23
N VAL AB 319 22.79 1.55 12.26
CA VAL AB 319 21.39 1.13 12.33
C VAL AB 319 20.52 2.34 12.64
N GLY AB 320 19.42 2.51 11.87
CA GLY AB 320 18.46 3.58 12.09
C GLY AB 320 17.19 3.10 12.78
N ALA AB 321 16.38 4.06 13.26
CA ALA AB 321 15.08 3.78 13.86
C ALA AB 321 14.06 4.86 13.50
N ASP AB 322 12.81 4.44 13.25
CA ASP AB 322 11.74 5.35 12.85
C ASP AB 322 11.28 6.22 14.02
N GLY AB 323 10.92 7.49 13.72
CA GLY AB 323 10.39 8.42 14.71
C GLY AB 323 11.45 8.99 15.65
N LEU AB 324 12.74 8.63 15.45
CA LEU AB 324 13.84 9.06 16.31
C LEU AB 324 14.86 9.95 15.59
N GLY AB 325 14.73 10.14 14.26
CA GLY AB 325 15.72 10.89 13.47
C GLY AB 325 15.46 12.40 13.41
N SER AB 326 14.35 12.87 14.02
CA SER AB 326 13.84 14.22 13.86
C SER AB 326 13.22 14.76 15.15
N GLY AB 327 13.04 16.08 15.24
CA GLY AB 327 12.29 16.75 16.30
C GLY AB 327 12.85 16.53 17.71
N LYS AB 328 12.00 16.69 18.73
CA LYS AB 328 12.41 16.52 20.13
C LYS AB 328 12.94 15.13 20.46
N PRO AB 329 12.45 14.02 19.84
CA PRO AB 329 13.12 12.72 19.96
C PRO AB 329 14.59 12.70 19.55
N ALA AB 330 14.98 13.45 18.52
CA ALA AB 330 16.39 13.64 18.20
C ALA AB 330 17.08 14.53 19.22
N GLU AB 331 16.48 15.68 19.58
CA GLU AB 331 17.05 16.62 20.54
C GLU AB 331 17.42 15.93 21.85
N LEU AB 332 16.55 15.06 22.38
CA LEU AB 332 16.81 14.38 23.64
C LEU AB 332 18.01 13.42 23.57
N ARG AB 333 18.06 12.51 22.60
CA ARG AB 333 19.12 11.52 22.56
C ARG AB 333 20.49 12.17 22.34
N PHE AB 334 20.54 13.26 21.57
CA PHE AB 334 21.76 14.03 21.38
C PHE AB 334 22.12 14.86 22.60
N ALA AB 335 21.15 15.41 23.33
CA ALA AB 335 21.41 16.01 24.63
C ALA AB 335 22.03 15.00 25.61
N LEU AB 336 21.48 13.78 25.69
CA LEU AB 336 22.03 12.72 26.53
C LEU AB 336 23.48 12.37 26.17
N LEU AB 337 23.79 12.25 24.87
CA LEU AB 337 25.14 11.96 24.43
C LEU AB 337 26.11 13.09 24.84
N LYS AB 338 25.74 14.35 24.62
CA LYS AB 338 26.57 15.49 24.99
C LYS AB 338 26.78 15.57 26.50
N LEU AB 339 25.75 15.33 27.31
CA LEU AB 339 25.88 15.27 28.76
C LEU AB 339 26.84 14.16 29.20
N ALA AB 340 26.73 12.96 28.64
CA ALA AB 340 27.64 11.86 28.95
C ALA AB 340 29.08 12.21 28.59
N ILE AB 341 29.31 12.88 27.46
CA ILE AB 341 30.62 13.35 27.05
C ILE AB 341 31.16 14.39 28.04
N LYS AB 342 30.36 15.38 28.45
CA LYS AB 342 30.78 16.39 29.42
C LYS AB 342 31.22 15.76 30.75
N ALA AB 343 30.45 14.79 31.26
CA ALA AB 343 30.77 14.10 32.50
C ALA AB 343 32.14 13.41 32.43
N ASN AB 344 32.41 12.69 31.34
CA ASN AB 344 33.69 12.04 31.12
C ASN AB 344 34.83 13.04 30.94
N GLN AB 345 34.63 14.07 30.12
CA GLN AB 345 35.63 15.09 29.88
C GLN AB 345 36.04 15.80 31.17
N ARG AB 346 35.08 16.25 32.00
CA ARG AB 346 35.43 16.88 33.27
C ARG AB 346 36.10 15.91 34.23
N SER AB 347 35.60 14.68 34.35
CA SER AB 347 36.20 13.67 35.22
C SER AB 347 37.66 13.43 34.87
N PHE AB 348 37.97 13.33 33.56
CA PHE AB 348 39.33 13.18 33.06
C PHE AB 348 40.17 14.45 33.30
N SER AB 349 39.68 15.62 32.87
CA SER AB 349 40.41 16.89 32.94
C SER AB 349 40.87 17.23 34.35
N VAL AB 350 39.98 17.08 35.34
CA VAL AB 350 40.31 17.37 36.72
C VAL AB 350 41.48 16.51 37.20
N GLN AB 351 41.40 15.20 36.99
CA GLN AB 351 42.47 14.30 37.39
C GLN AB 351 43.76 14.54 36.62
N PHE AB 352 43.71 14.85 35.33
CA PHE AB 352 44.92 15.12 34.56
C PHE AB 352 45.65 16.37 35.09
N VAL AB 353 44.91 17.45 35.39
CA VAL AB 353 45.51 18.64 35.99
C VAL AB 353 46.10 18.31 37.37
N GLU AB 354 45.33 17.66 38.24
CA GLU AB 354 45.71 17.45 39.63
C GLU AB 354 46.84 16.41 39.79
N ARG AB 355 46.84 15.33 38.99
CA ARG AB 355 47.78 14.24 39.16
C ARG AB 355 48.99 14.31 38.22
N VAL AB 356 48.88 15.02 37.08
CA VAL AB 356 49.96 15.08 36.10
C VAL AB 356 50.50 16.50 35.99
N MET AB 357 49.66 17.48 35.64
CA MET AB 357 50.15 18.82 35.33
C MET AB 357 50.71 19.54 36.57
N ARG AB 358 49.96 19.58 37.68
CA ARG AB 358 50.40 20.31 38.86
C ARG AB 358 51.75 19.80 39.38
N PRO AB 359 51.97 18.48 39.56
CA PRO AB 359 53.30 17.95 39.91
C PRO AB 359 54.39 18.34 38.93
N VAL AB 360 54.11 18.33 37.62
CA VAL AB 360 55.10 18.75 36.62
C VAL AB 360 55.45 20.24 36.77
N VAL AB 361 54.48 21.10 37.09
CA VAL AB 361 54.74 22.51 37.39
C VAL AB 361 55.56 22.63 38.68
N ARG AB 362 55.14 21.93 39.74
CA ARG AB 362 55.76 21.99 41.07
C ARG AB 362 57.24 21.60 41.03
N ASP AB 363 57.58 20.56 40.26
CA ASP AB 363 58.87 19.88 40.36
C ASP AB 363 59.85 20.26 39.25
N TYR AB 364 59.40 20.88 38.14
CA TYR AB 364 60.27 21.15 36.99
C TYR AB 364 60.08 22.55 36.39
N SER AB 365 59.51 23.49 37.15
CA SER AB 365 59.06 24.77 36.60
C SER AB 365 59.27 25.92 37.58
N PRO AB 366 59.51 27.18 37.12
CA PRO AB 366 59.59 28.33 38.01
C PRO AB 366 58.25 28.82 38.58
N PHE AB 367 57.14 28.47 37.91
CA PHE AB 367 55.81 28.96 38.24
C PHE AB 367 55.22 28.32 39.51
N ASP AB 368 54.17 28.95 40.05
CA ASP AB 368 53.39 28.46 41.17
C ASP AB 368 52.45 27.30 40.74
N HIS AB 369 52.65 26.09 41.29
CA HIS AB 369 51.81 24.95 40.98
C HIS AB 369 50.37 25.08 41.52
N GLU AB 370 50.14 25.94 42.49
CA GLU AB 370 48.79 26.15 43.05
C GLU AB 370 47.92 27.09 42.19
N ALA AB 371 48.44 27.55 41.04
CA ALA AB 371 47.69 28.37 40.08
C ALA AB 371 46.43 27.67 39.57
N ASP AB 372 45.43 28.47 39.17
CA ASP AB 372 44.16 28.00 38.64
C ASP AB 372 44.29 27.55 37.17
N ILE AB 373 44.95 26.40 36.98
CA ILE AB 373 45.02 25.70 35.69
C ILE AB 373 43.69 24.98 35.42
N ARG AB 374 43.23 25.03 34.17
CA ARG AB 374 42.17 24.16 33.65
C ARG AB 374 42.63 23.55 32.32
N LEU AB 375 42.29 22.27 32.10
CA LEU AB 375 42.38 21.69 30.77
C LEU AB 375 40.95 21.49 30.26
N GLU AB 376 40.56 22.22 29.20
CA GLU AB 376 39.30 21.93 28.54
C GLU AB 376 39.52 20.97 27.36
N ILE AB 377 38.50 20.16 27.07
CA ILE AB 377 38.50 19.25 25.95
C ILE AB 377 37.31 19.63 25.07
N ASN AB 378 37.54 19.71 23.77
CA ASN AB 378 36.55 20.26 22.85
C ASN AB 378 35.32 19.37 22.72
N ASP AB 379 34.16 19.99 22.48
CA ASP AB 379 32.92 19.29 22.19
C ASP AB 379 32.95 18.76 20.76
N PRO AB 380 32.83 17.43 20.52
CA PRO AB 380 32.90 16.85 19.17
C PRO AB 380 31.72 17.16 18.24
N LEU AB 381 30.62 17.74 18.77
CA LEU AB 381 29.37 17.82 18.03
C LEU AB 381 28.87 19.26 17.84
N GLU AB 382 29.76 20.26 18.00
CA GLU AB 382 29.42 21.67 17.79
C GLU AB 382 29.15 21.97 16.31
N ASP AB 383 27.99 22.60 16.03
CA ASP AB 383 27.70 23.15 14.72
C ASP AB 383 28.14 24.62 14.68
N ILE AB 384 29.23 24.91 13.97
CA ILE AB 384 29.75 26.28 13.83
C ILE AB 384 28.69 27.20 13.23
N GLY AB 385 27.82 26.67 12.35
CA GLY AB 385 26.72 27.43 11.76
C GLY AB 385 25.74 27.95 12.81
N GLU AB 386 25.44 27.15 13.83
CA GLU AB 386 24.60 27.57 14.94
C GLU AB 386 25.29 28.64 15.79
N VAL AB 387 26.61 28.50 16.00
CA VAL AB 387 27.40 29.49 16.72
C VAL AB 387 27.41 30.82 15.97
N ALA AB 388 27.62 30.78 14.66
CA ALA AB 388 27.58 31.96 13.81
C ALA AB 388 26.20 32.64 13.83
N ASP AB 389 25.13 31.85 13.89
CA ASP AB 389 23.77 32.38 14.03
C ASP AB 389 23.62 33.09 15.38
N LEU AB 390 24.09 32.47 16.47
CA LEU AB 390 24.06 33.08 17.79
C LEU AB 390 24.80 34.43 17.81
N ILE AB 391 25.98 34.47 17.17
CA ILE AB 391 26.79 35.69 17.12
C ILE AB 391 26.06 36.79 16.32
N GLN AB 392 25.38 36.45 15.22
CA GLN AB 392 24.57 37.42 14.49
C GLN AB 392 23.42 37.97 15.35
N GLN AB 393 22.76 37.13 16.14
CA GLN AB 393 21.59 37.54 16.90
C GLN AB 393 21.95 38.42 18.11
N VAL AB 394 23.03 38.06 18.85
CA VAL AB 394 23.29 38.62 20.17
C VAL AB 394 24.74 39.02 20.40
N GLY AB 395 25.54 39.11 19.33
CA GLY AB 395 26.91 39.60 19.36
C GLY AB 395 27.06 40.97 20.04
N ASP AB 396 26.01 41.81 19.97
CA ASP AB 396 25.99 43.13 20.60
C ASP AB 396 26.17 43.08 22.12
N TYR AB 397 25.85 41.94 22.73
CA TYR AB 397 25.97 41.72 24.17
C TYR AB 397 27.23 40.95 24.55
N MET AB 398 28.12 40.65 23.59
CA MET AB 398 29.35 39.92 23.83
C MET AB 398 30.59 40.79 23.55
N THR AB 399 31.54 40.78 24.49
CA THR AB 399 32.85 41.38 24.24
C THR AB 399 33.54 40.63 23.10
N ASN AB 400 34.43 41.33 22.38
CA ASN AB 400 35.14 40.71 21.26
C ASN AB 400 35.93 39.47 21.68
N GLU AB 401 36.47 39.44 22.91
CA GLU AB 401 37.11 38.23 23.43
C GLU AB 401 36.12 37.09 23.66
N GLN AB 402 34.92 37.36 24.18
CA GLN AB 402 33.89 36.34 24.31
C GLN AB 402 33.49 35.78 22.93
N VAL AB 403 33.37 36.63 21.92
CA VAL AB 403 33.05 36.18 20.56
C VAL AB 403 34.17 35.31 20.01
N ALA AB 404 35.42 35.77 20.12
CA ALA AB 404 36.59 35.03 19.65
C ALA AB 404 36.68 33.66 20.33
N GLU AB 405 36.40 33.58 21.63
CA GLU AB 405 36.34 32.32 22.37
C GLU AB 405 35.29 31.36 21.80
N LYS AB 406 34.02 31.81 21.66
CA LYS AB 406 32.96 30.96 21.13
C LYS AB 406 33.25 30.50 19.69
N LEU AB 407 33.81 31.40 18.88
CA LEU AB 407 34.16 31.16 17.50
C LEU AB 407 35.46 30.35 17.34
N ASP AB 408 36.15 30.03 18.43
CA ASP AB 408 37.42 29.31 18.48
C ASP AB 408 38.53 30.00 17.67
N LEU AB 409 38.83 31.26 18.06
CA LEU AB 409 39.88 32.07 17.48
C LEU AB 409 40.68 32.77 18.58
N PRO AB 410 41.94 33.18 18.30
CA PRO AB 410 42.68 34.06 19.22
C PRO AB 410 41.92 35.37 19.43
N ALA AB 411 41.83 35.79 20.71
CA ALA AB 411 41.29 37.09 21.07
C ALA AB 411 42.11 38.23 20.47
N PRO AB 412 41.52 39.42 20.19
CA PRO AB 412 42.26 40.54 19.59
C PRO AB 412 43.51 40.94 20.37
N GLU AB 413 44.53 41.42 19.64
CA GLU AB 413 45.84 41.75 20.20
C GLU AB 413 45.83 42.97 21.11
N ASP AB 414 44.84 43.86 20.94
CA ASP AB 414 44.70 45.08 21.73
C ASP AB 414 43.59 44.90 22.77
N ASP AB 415 43.90 45.12 24.05
CA ASP AB 415 42.98 44.85 25.16
C ASP AB 415 41.66 45.64 25.04
N GLU AB 416 41.70 46.90 24.60
CA GLU AB 416 40.46 47.68 24.44
C GLU AB 416 39.57 47.09 23.34
N VAL AB 417 40.21 46.59 22.26
CA VAL AB 417 39.50 45.92 21.18
C VAL AB 417 38.90 44.62 21.71
N ALA AB 418 39.68 43.81 22.41
CA ALA AB 418 39.23 42.55 22.99
C ALA AB 418 38.06 42.75 23.97
N ASP AB 419 38.17 43.77 24.83
CA ASP AB 419 37.22 44.03 25.89
C ASP AB 419 35.94 44.71 25.40
N SER AB 420 36.02 45.54 24.35
CA SER AB 420 34.86 46.20 23.79
C SER AB 420 33.82 45.21 23.26
N TYR AB 421 32.57 45.69 23.15
CA TYR AB 421 31.42 44.88 22.72
C TYR AB 421 31.22 44.95 21.20
N ARG AB 422 31.29 46.15 20.61
CA ARG AB 422 31.06 46.29 19.17
C ARG AB 422 32.25 45.74 18.38
N SER AB 423 31.99 45.30 17.15
CA SER AB 423 32.93 44.53 16.32
C SER AB 423 34.27 45.25 16.14
N PRO AB 424 35.40 44.51 16.05
CA PRO AB 424 36.68 45.11 15.67
C PRO AB 424 36.65 45.73 14.28
N ALA AB 425 35.95 45.13 13.31
CA ALA AB 425 35.75 45.74 12.00
C ALA AB 425 34.96 47.05 12.09
N ASP AB 426 33.96 47.11 12.99
CA ASP AB 426 33.16 48.32 13.21
C ASP AB 426 33.96 49.43 13.92
N MET AB 427 34.87 49.06 14.82
CA MET AB 427 35.80 50.02 15.39
C MET AB 427 36.82 50.50 14.37
N GLU AB 428 37.35 49.61 13.51
CA GLU AB 428 38.30 50.00 12.47
C GLU AB 428 37.69 51.04 11.51
N LYS AB 429 36.48 50.79 10.99
CA LYS AB 429 35.83 51.71 10.06
C LYS AB 429 35.53 53.07 10.69
N ASP AB 430 35.13 53.09 11.97
CA ASP AB 430 34.89 54.34 12.67
C ASP AB 430 36.18 55.08 13.00
N GLU AB 431 37.23 54.37 13.45
CA GLU AB 431 38.53 54.98 13.71
C GLU AB 431 39.11 55.64 12.44
N ALA AB 432 38.92 55.00 11.28
CA ALA AB 432 39.26 55.56 9.97
C ALA AB 432 38.38 56.77 9.61
N GLY AB 433 37.05 56.65 9.82
CA GLY AB 433 36.06 57.63 9.39
C GLY AB 433 35.97 58.90 10.24
N VAL AB 434 36.28 58.80 11.55
CA VAL AB 434 36.22 59.90 12.50
C VAL AB 434 37.64 60.40 12.80
N ALA BB 31 2.30 29.06 69.53
CA ALA BB 31 2.49 27.71 68.91
C ALA BB 31 3.76 27.04 69.46
N SER BB 32 3.90 25.73 69.17
CA SER BB 32 4.98 24.91 69.70
C SER BB 32 6.34 25.19 69.03
N SER BB 33 7.42 24.80 69.74
CA SER BB 33 8.80 24.85 69.22
C SER BB 33 9.40 23.48 68.93
N THR BB 34 8.57 22.41 69.04
CA THR BB 34 8.92 21.03 68.72
C THR BB 34 7.72 20.37 68.05
N PRO BB 35 7.92 19.34 67.20
CA PRO BB 35 6.80 18.64 66.56
C PRO BB 35 5.89 17.98 67.60
N GLN BB 36 4.60 18.33 67.54
CA GLN BB 36 3.58 17.70 68.38
C GLN BB 36 2.87 16.56 67.64
N THR BB 37 2.83 16.62 66.30
CA THR BB 37 2.51 15.47 65.46
C THR BB 37 3.65 14.46 65.46
N ASN BB 38 3.27 13.19 65.61
CA ASN BB 38 4.20 12.08 65.50
C ASN BB 38 4.50 11.73 64.04
N VAL BB 39 5.41 10.77 63.84
CA VAL BB 39 5.73 10.19 62.52
C VAL BB 39 5.91 8.68 62.66
N ASP BB 40 5.78 7.94 61.54
CA ASP BB 40 6.10 6.52 61.51
C ASP BB 40 7.60 6.30 61.67
N SER BB 41 8.01 5.49 62.68
CA SER BB 41 9.41 5.39 63.11
C SER BB 41 9.83 4.01 63.65
N MET BB 42 11.13 3.68 63.49
CA MET BB 42 11.90 2.71 64.27
C MET BB 42 11.46 1.24 64.11
N GLY BB 43 10.86 0.91 62.96
CA GLY BB 43 10.82 -0.45 62.40
C GLY BB 43 10.14 -1.53 63.27
N GLY BB 44 9.12 -1.14 64.05
CA GLY BB 44 8.30 -2.05 64.85
C GLY BB 44 7.58 -3.09 64.00
N GLY BB 52 9.23 -6.89 59.21
CA GLY BB 52 9.51 -6.77 57.76
C GLY BB 52 9.00 -5.46 57.17
N GLN BB 53 8.96 -5.39 55.83
CA GLN BB 53 8.42 -4.26 55.05
C GLN BB 53 9.14 -2.94 55.36
N ASP BB 54 10.49 -3.02 55.42
CA ASP BB 54 11.38 -1.87 55.65
C ASP BB 54 12.74 -2.09 54.97
N LEU BB 55 13.59 -1.05 54.98
CA LEU BB 55 14.91 -1.05 54.35
C LEU BB 55 15.92 -1.88 55.15
N THR BB 56 16.79 -2.62 54.44
CA THR BB 56 17.89 -3.39 55.02
C THR BB 56 19.19 -3.22 54.23
N PHE BB 57 20.33 -3.57 54.83
CA PHE BB 57 21.59 -3.59 54.09
C PHE BB 57 21.61 -4.57 52.92
N GLU BB 58 20.76 -5.61 52.96
CA GLU BB 58 20.61 -6.52 51.84
C GLU BB 58 19.95 -5.82 50.66
N ASP BB 59 18.92 -5.00 50.91
CA ASP BB 59 18.34 -4.17 49.87
C ASP BB 59 19.35 -3.16 49.32
N LEU BB 60 20.20 -2.58 50.18
CA LEU BB 60 21.27 -1.70 49.72
C LEU BB 60 22.21 -2.41 48.75
N ARG BB 61 22.55 -3.67 49.03
CA ARG BB 61 23.39 -4.43 48.11
C ARG BB 61 22.63 -4.95 46.89
N ASP BB 62 21.31 -5.08 46.94
CA ASP BB 62 20.52 -5.24 45.71
C ASP BB 62 20.70 -4.02 44.80
N ILE BB 63 20.62 -2.79 45.35
CA ILE BB 63 20.78 -1.59 44.55
C ILE BB 63 22.17 -1.56 43.91
N LYS BB 64 23.22 -1.84 44.70
CA LYS BB 64 24.59 -1.97 44.24
C LYS BB 64 24.71 -2.97 43.08
N ASP BB 65 24.07 -4.14 43.20
CA ASP BB 65 24.05 -5.15 42.14
C ASP BB 65 23.35 -4.65 40.88
N VAL BB 66 22.21 -3.96 40.98
CA VAL BB 66 21.57 -3.40 39.79
C VAL BB 66 22.49 -2.37 39.12
N ARG BB 67 23.15 -1.51 39.91
CA ARG BB 67 24.02 -0.47 39.39
C ARG BB 67 25.27 -1.02 38.70
N ASP BB 68 25.93 -2.01 39.29
CA ASP BB 68 27.20 -2.50 38.78
C ASP BB 68 27.06 -3.62 37.74
N SER BB 69 25.91 -4.30 37.64
CA SER BB 69 25.66 -5.35 36.64
C SER BB 69 25.47 -4.83 35.21
N GLY BB 70 25.43 -3.51 35.01
CA GLY BB 70 25.47 -2.91 33.67
C GLY BB 70 24.20 -3.16 32.84
N GLY BB 71 24.35 -3.14 31.52
CA GLY BB 71 23.23 -3.32 30.60
C GLY BB 71 22.26 -2.14 30.57
N GLN BB 72 21.08 -2.37 30.00
CA GLN BB 72 20.16 -1.30 29.63
C GLN BB 72 19.59 -0.58 30.86
N VAL BB 73 19.26 -1.32 31.93
CA VAL BB 73 18.67 -0.76 33.15
C VAL BB 73 19.62 0.24 33.79
N ALA BB 74 20.90 -0.15 33.95
CA ALA BB 74 21.93 0.74 34.45
C ALA BB 74 22.10 1.96 33.56
N GLN BB 75 22.10 1.81 32.24
CA GLN BB 75 22.27 2.95 31.34
C GLN BB 75 21.09 3.94 31.42
N LEU BB 76 19.85 3.47 31.61
CA LEU BB 76 18.72 4.38 31.78
C LEU BB 76 18.85 5.21 33.07
N MET BB 77 19.18 4.57 34.19
CA MET BB 77 19.33 5.27 35.44
C MET BB 77 20.54 6.22 35.43
N ASP BB 78 21.59 5.87 34.69
CA ASP BB 78 22.72 6.75 34.39
C ASP BB 78 22.29 7.98 33.58
N TYR BB 79 21.46 7.83 32.55
CA TYR BB 79 20.88 8.96 31.82
C TYR BB 79 20.04 9.85 32.74
N LYS BB 80 19.27 9.26 33.66
CA LYS BB 80 18.50 10.01 34.66
C LYS BB 80 19.41 10.88 35.53
N ALA BB 81 20.55 10.36 35.98
CA ALA BB 81 21.53 11.15 36.72
C ALA BB 81 22.09 12.30 35.87
N LEU BB 82 22.48 12.02 34.62
CA LEU BB 82 23.03 13.03 33.72
C LEU BB 82 22.03 14.15 33.43
N LEU BB 83 20.75 13.85 33.22
CA LEU BB 83 19.74 14.88 33.02
C LEU BB 83 19.60 15.77 34.25
N ASN BB 84 19.51 15.18 35.45
CA ASN BB 84 19.27 15.96 36.65
C ASN BB 84 20.47 16.82 37.06
N PHE BB 85 21.70 16.32 36.85
CA PHE BB 85 22.88 16.87 37.52
C PHE BB 85 24.10 17.04 36.60
N GLY BB 86 24.03 16.59 35.35
CA GLY BB 86 25.18 16.55 34.46
C GLY BB 86 25.54 17.87 33.78
N GLU BB 87 24.62 18.85 33.80
CA GLU BB 87 24.84 20.15 33.15
C GLU BB 87 25.65 21.12 34.02
N GLY BB 88 26.01 20.70 35.26
CA GLY BB 88 26.83 21.51 36.15
C GLY BB 88 26.03 22.52 36.96
N CYS BB 89 26.75 23.40 37.67
CA CYS BB 89 26.18 24.22 38.73
C CYS BB 89 26.69 25.66 38.70
N GLU BB 90 26.03 26.52 39.49
CA GLU BB 90 26.52 27.87 39.76
C GLU BB 90 26.17 28.27 41.19
N ILE BB 91 27.10 28.92 41.90
CA ILE BB 91 26.88 29.37 43.27
C ILE BB 91 26.52 30.84 43.25
N HIS BB 92 25.38 31.18 43.87
CA HIS BB 92 24.94 32.56 44.04
C HIS BB 92 24.89 32.91 45.53
N VAL BB 93 25.17 34.17 45.85
CA VAL BB 93 24.85 34.74 47.15
C VAL BB 93 24.16 36.08 46.89
N GLU BB 94 23.02 36.34 47.55
CA GLU BB 94 22.42 37.67 47.44
C GLU BB 94 23.19 38.68 48.33
N GLY BB 95 23.48 39.88 47.78
CA GLY BB 95 24.31 40.86 48.46
C GLY BB 95 25.77 40.43 48.61
N ASP BB 96 26.30 39.70 47.62
CA ASP BB 96 27.64 39.14 47.63
C ASP BB 96 28.73 40.20 47.83
N ASP BB 97 28.56 41.37 47.19
CA ASP BB 97 29.46 42.51 47.36
C ASP BB 97 29.57 42.97 48.81
N GLU BB 98 28.43 42.96 49.53
CA GLU BB 98 28.38 43.36 50.94
C GLU BB 98 29.19 42.42 51.85
N THR BB 99 29.52 41.23 51.35
CA THR BB 99 30.31 40.25 52.11
C THR BB 99 31.81 40.54 52.05
N LYS BB 100 32.27 41.35 51.08
CA LYS BB 100 33.68 41.47 50.71
C LYS BB 100 34.57 41.74 51.92
N GLN BB 101 35.53 40.83 52.16
CA GLN BB 101 36.30 40.72 53.39
C GLN BB 101 37.73 40.24 53.09
N LEU BB 102 38.72 40.65 53.89
CA LEU BB 102 40.06 40.08 53.81
C LEU BB 102 40.06 38.72 54.50
N VAL BB 103 40.29 37.65 53.71
CA VAL BB 103 40.20 36.28 54.20
C VAL BB 103 41.54 35.84 54.81
N ASP BB 104 42.61 35.93 54.01
CA ASP BB 104 43.96 35.54 54.40
C ASP BB 104 44.96 36.50 53.73
N GLY BB 105 44.91 37.78 54.14
CA GLY BB 105 45.70 38.85 53.54
C GLY BB 105 45.29 39.20 52.10
N GLU BB 106 44.12 38.70 51.66
CA GLU BB 106 43.61 38.87 50.31
C GLU BB 106 42.09 39.04 50.33
N PRO BB 107 41.49 39.94 49.51
CA PRO BB 107 40.04 40.16 49.53
C PRO BB 107 39.25 39.08 48.80
N MET BB 108 38.15 38.62 49.41
CA MET BB 108 37.17 37.77 48.75
C MET BB 108 35.75 38.16 49.16
N THR BB 109 34.80 37.83 48.28
CA THR BB 109 33.39 37.70 48.61
C THR BB 109 33.07 36.27 49.03
N LEU BB 110 31.90 36.04 49.61
CA LEU BB 110 31.51 34.69 50.01
C LEU BB 110 31.39 33.76 48.80
N SER BB 111 30.88 34.25 47.66
CA SER BB 111 30.85 33.46 46.45
C SER BB 111 32.25 33.00 46.04
N GLU BB 112 33.21 33.93 46.02
CA GLU BB 112 34.60 33.62 45.70
C GLU BB 112 35.20 32.62 46.69
N TRP BB 113 34.89 32.74 47.98
CA TRP BB 113 35.37 31.79 48.96
C TRP BB 113 34.76 30.40 48.74
N LEU BB 114 33.44 30.31 48.53
CA LEU BB 114 32.75 29.05 48.29
C LEU BB 114 33.25 28.35 47.01
N GLU BB 115 33.47 29.10 45.93
CA GLU BB 115 34.05 28.55 44.72
C GLU BB 115 35.48 28.03 44.93
N ASP BB 116 36.20 28.51 45.95
CA ASP BB 116 37.50 27.96 46.31
C ASP BB 116 37.38 26.80 47.30
N ALA BB 117 36.34 26.82 48.15
CA ALA BB 117 36.04 25.73 49.08
C ALA BB 117 35.58 24.47 48.33
N PHE BB 118 34.89 24.67 47.20
CA PHE BB 118 34.39 23.60 46.33
C PHE BB 118 34.80 23.86 44.88
N PRO BB 119 36.08 23.57 44.49
CA PRO BB 119 36.58 23.89 43.16
C PRO BB 119 35.92 23.08 42.04
N HIS BB 120 35.64 21.80 42.32
CA HIS BB 120 35.14 20.85 41.33
C HIS BB 120 33.71 20.43 41.65
N LEU BB 121 32.87 21.41 42.01
CA LEU BB 121 31.53 21.16 42.54
C LEU BB 121 30.65 20.44 41.52
N ASP BB 122 30.86 20.67 40.22
CA ASP BB 122 30.15 19.96 39.16
C ASP BB 122 30.23 18.44 39.30
N LEU BB 123 31.44 17.92 39.58
CA LEU BB 123 31.66 16.48 39.72
C LEU BB 123 30.99 15.97 40.99
N LEU BB 124 31.09 16.71 42.09
CA LEU BB 124 30.45 16.34 43.35
C LEU BB 124 28.93 16.29 43.19
N VAL BB 125 28.33 17.34 42.61
CA VAL BB 125 26.90 17.41 42.35
C VAL BB 125 26.44 16.23 41.49
N LEU BB 126 27.18 15.86 40.45
CA LEU BB 126 26.84 14.70 39.63
C LEU BB 126 26.91 13.38 40.41
N ASP BB 127 27.94 13.19 41.24
CA ASP BB 127 28.11 11.99 42.05
C ASP BB 127 27.02 11.87 43.11
N LEU BB 128 26.86 12.89 43.96
CA LEU BB 128 25.85 12.88 45.02
C LEU BB 128 24.44 12.81 44.43
N GLY BB 129 24.19 13.57 43.36
CA GLY BB 129 22.88 13.59 42.72
C GLY BB 129 22.52 12.22 42.14
N GLY BB 130 23.49 11.57 41.48
CA GLY BB 130 23.32 10.19 41.03
C GLY BB 130 23.05 9.23 42.18
N ASP BB 131 23.85 9.30 43.25
CA ASP BB 131 23.67 8.43 44.40
C ASP BB 131 22.31 8.62 45.05
N ALA BB 132 21.86 9.86 45.20
CA ALA BB 132 20.57 10.20 45.80
C ALA BB 132 19.37 9.80 44.91
N LEU BB 133 19.58 9.47 43.62
CA LEU BB 133 18.56 8.88 42.77
C LEU BB 133 18.56 7.36 42.87
N TRP BB 134 19.75 6.73 42.80
CA TRP BB 134 19.92 5.30 42.93
C TRP BB 134 19.47 4.80 44.32
N TYR BB 135 20.10 5.32 45.38
CA TYR BB 135 19.89 4.94 46.76
C TYR BB 135 18.85 5.83 47.42
N PRO BB 136 18.38 5.53 48.65
CA PRO BB 136 17.45 6.41 49.34
C PRO BB 136 18.04 7.78 49.68
N TYR BB 137 19.38 7.86 49.78
CA TYR BB 137 20.11 9.05 50.20
C TYR BB 137 21.50 9.07 49.55
N ALA BB 138 22.07 10.27 49.38
CA ALA BB 138 23.52 10.44 49.37
C ALA BB 138 23.97 10.74 50.80
N VAL BB 139 25.20 10.35 51.16
CA VAL BB 139 25.72 10.52 52.52
C VAL BB 139 27.23 10.74 52.48
N GLY BB 140 27.79 11.47 53.45
CA GLY BB 140 29.22 11.73 53.47
C GLY BB 140 29.73 12.46 54.71
N GLU BB 141 31.04 12.75 54.69
CA GLU BB 141 31.78 13.37 55.78
C GLU BB 141 32.21 14.79 55.37
N ILE BB 142 32.31 15.71 56.35
CA ILE BB 142 33.20 16.85 56.21
C ILE BB 142 34.61 16.39 56.59
N GLN BB 143 35.66 16.93 55.92
CA GLN BB 143 37.03 16.63 56.28
C GLN BB 143 37.92 17.88 56.30
N GLU BB 144 39.00 17.78 57.08
CA GLU BB 144 39.93 18.88 57.31
C GLU BB 144 41.36 18.48 56.93
N THR BB 145 42.13 19.46 56.46
CA THR BB 145 43.59 19.37 56.39
C THR BB 145 44.18 19.14 57.78
N ILE BB 146 45.47 18.76 57.86
CA ILE BB 146 46.17 18.60 59.14
C ILE BB 146 46.16 19.92 59.94
N THR BB 147 46.40 21.05 59.25
CA THR BB 147 46.30 22.41 59.81
C THR BB 147 44.87 22.75 60.30
N GLY BB 148 43.85 22.01 59.87
CA GLY BB 148 42.48 22.17 60.33
C GLY BB 148 41.61 23.05 59.42
N GLU BB 149 42.20 23.64 58.38
CA GLU BB 149 41.45 24.25 57.27
C GLU BB 149 40.62 23.17 56.54
N PHE BB 150 39.51 23.58 55.92
CA PHE BB 150 38.61 22.68 55.21
C PHE BB 150 39.30 22.00 54.03
N LYS BB 151 39.18 20.66 53.96
CA LYS BB 151 39.75 19.86 52.88
C LYS BB 151 38.73 19.71 51.75
N GLU BB 152 37.65 18.96 52.03
CA GLU BB 152 36.56 18.67 51.10
C GLU BB 152 35.37 18.08 51.85
N ALA BB 153 34.19 18.09 51.19
CA ALA BB 153 33.11 17.19 51.57
C ALA BB 153 33.32 15.86 50.83
N LEU BB 154 33.48 14.75 51.56
CA LEU BB 154 33.81 13.47 50.96
C LEU BB 154 32.63 12.50 51.13
N PRO BB 155 31.95 12.07 50.05
CA PRO BB 155 30.87 11.11 50.18
C PRO BB 155 31.36 9.76 50.70
N ALA BB 156 30.42 9.02 51.30
CA ALA BB 156 30.63 7.67 51.75
C ALA BB 156 29.76 6.73 50.92
N GLU BB 157 30.18 5.47 50.81
CA GLU BB 157 29.57 4.53 49.88
C GLU BB 157 28.18 4.11 50.39
N PRO BB 158 27.08 4.57 49.75
CA PRO BB 158 25.76 4.56 50.38
C PRO BB 158 25.19 3.17 50.61
N TRP BB 159 25.65 2.16 49.87
CA TRP BB 159 25.24 0.77 50.12
C TRP BB 159 25.81 0.21 51.43
N THR BB 160 26.83 0.87 52.01
CA THR BB 160 27.45 0.42 53.25
C THR BB 160 26.78 0.97 54.51
N LEU BB 161 25.94 2.01 54.39
CA LEU BB 161 25.45 2.81 55.51
C LEU BB 161 23.93 2.83 55.54
N MET BB 162 23.32 2.74 56.74
CA MET BB 162 21.90 3.10 56.88
C MET BB 162 21.62 3.81 58.20
N PRO BB 163 20.62 4.72 58.25
CA PRO BB 163 20.41 5.57 59.42
C PRO BB 163 19.56 4.92 60.50
N GLU BB 164 19.82 5.35 61.74
CA GLU BB 164 18.92 5.15 62.88
C GLU BB 164 18.36 6.51 63.32
N SER BB 165 17.03 6.63 63.36
CA SER BB 165 16.38 7.87 63.77
C SER BB 165 15.96 7.83 65.25
N ASP BB 166 15.69 9.02 65.82
CA ASP BB 166 14.81 9.13 66.98
C ASP BB 166 13.34 8.88 66.59
N ALA BB 167 12.43 8.89 67.57
CA ALA BB 167 11.02 8.68 67.36
C ALA BB 167 10.39 9.78 66.48
N GLN BB 168 10.82 11.03 66.64
CA GLN BB 168 10.42 12.16 65.79
C GLN BB 168 11.03 12.11 64.38
N GLY BB 169 11.76 11.04 64.05
CA GLY BB 169 12.18 10.74 62.68
C GLY BB 169 13.43 11.47 62.19
N LYS BB 170 14.16 12.16 63.06
CA LYS BB 170 15.44 12.76 62.71
C LYS BB 170 16.58 11.76 62.91
N VAL BB 171 17.55 11.74 61.99
CA VAL BB 171 18.65 10.79 62.07
C VAL BB 171 19.58 11.14 63.24
N GLN BB 172 19.80 10.17 64.14
CA GLN BB 172 20.65 10.33 65.30
C GLN BB 172 21.98 9.57 65.17
N ALA BB 173 22.00 8.44 64.45
CA ALA BB 173 23.20 7.64 64.24
C ALA BB 173 23.20 6.99 62.86
N TRP BB 174 24.39 6.64 62.36
CA TRP BB 174 24.57 5.91 61.13
C TRP BB 174 25.25 4.57 61.41
N HIS BB 175 24.61 3.48 60.97
CA HIS BB 175 25.11 2.13 61.11
C HIS BB 175 25.81 1.73 59.82
N GLN BB 176 27.09 1.31 59.87
CA GLN BB 176 27.87 0.97 58.68
C GLN BB 176 28.39 -0.47 58.72
N ARG BB 177 28.17 -1.25 57.65
CA ARG BB 177 28.80 -2.56 57.48
C ARG BB 177 29.47 -2.67 56.11
N THR BB 178 30.66 -3.27 56.11
CA THR BB 178 31.50 -3.36 54.93
C THR BB 178 32.11 -4.74 54.80
N LYS BB 179 32.17 -5.26 53.58
CA LYS BB 179 32.87 -6.50 53.32
C LYS BB 179 34.37 -6.25 53.43
N THR BB 180 35.05 -7.03 54.28
CA THR BB 180 36.49 -7.19 54.26
C THR BB 180 36.79 -8.68 54.42
N HIS BB 181 37.66 -9.23 53.55
CA HIS BB 181 38.06 -10.64 53.59
C HIS BB 181 36.86 -11.59 53.69
N GLY BB 182 35.78 -11.26 52.95
CA GLY BB 182 34.60 -12.11 52.84
C GLY BB 182 33.63 -12.08 54.02
N GLY BB 183 33.73 -11.08 54.91
CA GLY BB 183 32.78 -10.90 56.02
C GLY BB 183 32.47 -9.43 56.33
N TYR BB 184 31.30 -9.18 56.95
CA TYR BB 184 30.79 -7.84 57.21
C TYR BB 184 31.40 -7.18 58.46
N GLN BB 185 32.61 -6.63 58.34
CA GLN BB 185 33.20 -5.76 59.35
C GLN BB 185 32.31 -4.52 59.55
N THR BB 186 31.94 -4.21 60.81
CA THR BB 186 30.82 -3.32 61.13
C THR BB 186 31.18 -2.29 62.20
N GLN BB 187 30.61 -1.07 62.09
CA GLN BB 187 30.76 0.04 63.04
C GLN BB 187 29.50 0.92 63.08
N THR BB 188 29.43 1.84 64.06
CA THR BB 188 28.38 2.87 64.15
C THR BB 188 29.01 4.25 64.37
N LEU BB 189 28.40 5.29 63.76
CA LEU BB 189 28.88 6.67 63.80
C LEU BB 189 27.77 7.61 64.29
N PRO BB 190 28.10 8.70 65.01
CA PRO BB 190 27.09 9.70 65.37
C PRO BB 190 26.69 10.53 64.15
N ALA BB 191 25.44 10.99 64.12
CA ALA BB 191 24.95 11.84 63.03
C ALA BB 191 25.48 13.29 63.10
N ASP BB 192 26.42 13.59 64.01
CA ASP BB 192 26.91 14.94 64.27
C ASP BB 192 27.72 15.51 63.10
N ASP BB 193 28.62 14.69 62.52
CA ASP BB 193 29.65 15.15 61.57
C ASP BB 193 29.60 14.46 60.19
N LEU BB 194 28.65 13.53 60.02
CA LEU BB 194 28.15 13.16 58.70
C LEU BB 194 27.15 14.20 58.20
N TRP BB 195 26.87 14.17 56.88
CA TRP BB 195 25.77 14.88 56.24
C TRP BB 195 25.10 13.93 55.24
N HIP BB 196 23.85 14.21 54.89
CA HIP BB 196 23.10 13.35 53.99
CB HIP BB 196 22.52 12.19 54.80
CG HIP BB 196 21.19 12.41 55.44
CD2 HIP BB 196 20.03 11.79 55.05
NE2 HIP BB 196 19.06 12.09 55.97
CE1 HIP BB 196 19.59 12.88 56.89
ND1 HIP BB 196 20.93 13.15 56.63
P HIP BB 196 21.94 14.15 57.61
O1P HIP BB 196 23.16 13.32 57.87
O2P HIP BB 196 21.14 14.42 58.83
O3P HIP BB 196 22.18 15.37 56.75
C HIP BB 196 22.04 14.15 53.22
O HIP BB 196 21.56 15.18 53.69
N ILE BB 197 21.64 13.66 52.05
CA ILE BB 197 20.72 14.36 51.16
C ILE BB 197 19.72 13.35 50.62
N VAL BB 198 18.43 13.71 50.64
CA VAL BB 198 17.34 12.84 50.20
C VAL BB 198 16.56 13.54 49.09
N ILE BB 199 16.65 13.05 47.85
CA ILE BB 199 15.84 13.60 46.77
C ILE BB 199 14.40 13.06 46.86
N ASN BB 200 14.28 11.73 46.90
CA ASN BB 200 13.00 11.04 46.91
C ASN BB 200 12.52 10.80 48.34
N LYS BB 201 11.80 11.76 48.91
CA LYS BB 201 11.16 11.61 50.21
C LYS BB 201 9.80 10.91 50.10
N ALA BB 202 9.43 10.10 51.11
CA ALA BB 202 8.08 9.56 51.26
C ALA BB 202 7.07 10.63 51.69
N SER BB 203 7.52 11.53 52.58
CA SER BB 203 6.79 12.69 53.11
C SER BB 203 7.78 13.82 53.33
N ALA BB 204 7.33 15.07 53.45
CA ALA BB 204 8.24 16.18 53.62
C ALA BB 204 9.13 16.08 54.88
N ARG BB 205 8.68 15.29 55.87
CA ARG BB 205 9.40 15.01 57.11
C ARG BB 205 10.38 13.83 57.04
N ASP BB 206 10.29 13.01 55.99
CA ASP BB 206 11.07 11.80 55.83
C ASP BB 206 12.57 12.11 55.68
N GLU BB 207 13.38 11.78 56.70
CA GLU BB 207 14.83 11.89 56.59
C GLU BB 207 15.49 10.60 56.06
N VAL BB 208 14.72 9.54 55.76
CA VAL BB 208 15.26 8.24 55.37
C VAL BB 208 15.19 8.02 53.86
N GLY BB 209 14.12 8.50 53.21
CA GLY BB 209 14.02 8.49 51.75
C GLY BB 209 13.66 7.14 51.13
N ILE BB 210 13.53 7.16 49.79
CA ILE BB 210 13.11 6.05 48.94
C ILE BB 210 14.13 5.86 47.81
N SER BB 211 14.59 4.62 47.58
CA SER BB 211 15.33 4.28 46.37
C SER BB 211 14.34 4.09 45.22
N GLU BB 212 14.55 4.77 44.07
CA GLU BB 212 13.74 4.49 42.89
C GLU BB 212 14.01 3.11 42.28
N VAL BB 213 15.17 2.50 42.57
CA VAL BB 213 15.41 1.10 42.21
C VAL BB 213 14.48 0.19 43.02
N LEU BB 214 14.46 0.32 44.35
CA LEU BB 214 13.58 -0.51 45.16
C LEU BB 214 12.11 -0.20 44.90
N ARG BB 215 11.76 1.07 44.63
CA ARG BB 215 10.40 1.47 44.28
C ARG BB 215 9.90 0.70 43.06
N ASN BB 216 10.79 0.44 42.09
CA ASN BB 216 10.45 -0.23 40.84
C ASN BB 216 11.14 -1.59 40.69
N LYS BB 217 11.44 -2.28 41.80
CA LYS BB 217 12.15 -3.54 41.85
C LYS BB 217 11.50 -4.60 40.96
N ASP BB 218 10.17 -4.67 41.01
CA ASP BB 218 9.41 -5.61 40.21
C ASP BB 218 9.45 -5.28 38.71
N GLU BB 219 9.37 -3.99 38.33
CA GLU BB 219 9.46 -3.57 36.93
C GLU BB 219 10.84 -3.88 36.35
N ILE BB 220 11.89 -3.69 37.15
CA ILE BB 220 13.26 -4.01 36.78
C ILE BB 220 13.41 -5.52 36.56
N GLN BB 221 12.89 -6.33 37.49
CA GLN BB 221 12.92 -7.79 37.37
C GLN BB 221 12.11 -8.29 36.18
N ALA BB 222 10.92 -7.71 35.94
CA ALA BB 222 10.09 -8.05 34.79
C ALA BB 222 10.80 -7.74 33.47
N PHE BB 223 11.51 -6.61 33.41
CA PHE BB 223 12.31 -6.26 32.26
C PHE BB 223 13.42 -7.29 32.03
N LYS BB 224 14.25 -7.57 33.04
CA LYS BB 224 15.35 -8.52 32.92
C LYS BB 224 14.87 -9.93 32.57
N GLN BB 225 13.72 -10.35 33.11
CA GLN BB 225 13.08 -11.61 32.79
C GLN BB 225 12.72 -11.70 31.30
N ASN BB 226 11.97 -10.72 30.77
CA ASN BB 226 11.59 -10.71 29.36
C ASN BB 226 12.81 -10.60 28.44
N GLU BB 227 13.83 -9.83 28.81
CA GLU BB 227 15.07 -9.73 28.05
C GLU BB 227 15.77 -11.08 27.91
N ALA BB 228 15.92 -11.81 29.01
CA ALA BB 228 16.49 -13.15 29.00
C ALA BB 228 15.64 -14.10 28.15
N ALA BB 229 14.31 -14.01 28.25
CA ALA BB 229 13.39 -14.82 27.46
C ALA BB 229 13.58 -14.58 25.96
N ILE BB 230 13.65 -13.32 25.50
CA ILE BB 230 13.86 -13.00 24.10
C ILE BB 230 15.20 -13.58 23.62
N ASN BB 231 16.27 -13.36 24.36
CA ASN BB 231 17.58 -13.86 23.98
C ASN BB 231 17.58 -15.39 23.77
N GLN BB 232 16.95 -16.13 24.68
CA GLN BB 232 16.82 -17.58 24.58
C GLN BB 232 15.92 -18.00 23.41
N ALA BB 233 14.80 -17.30 23.20
CA ALA BB 233 13.88 -17.58 22.10
C ALA BB 233 14.52 -17.32 20.73
N ILE BB 234 15.36 -16.29 20.59
CA ILE BB 234 16.12 -16.04 19.36
C ILE BB 234 17.04 -17.21 19.06
N GLU BB 235 17.77 -17.71 20.06
CA GLU BB 235 18.66 -18.85 19.85
C GLU BB 235 17.88 -20.10 19.38
N LEU BB 236 16.78 -20.44 20.05
CA LEU BB 236 16.04 -21.64 19.71
C LEU BB 236 15.27 -21.52 18.41
N HIS BB 237 14.64 -20.37 18.15
CA HIS BB 237 13.57 -20.26 17.17
C HIS BB 237 13.87 -19.24 16.07
N GLY BB 238 14.86 -18.36 16.27
CA GLY BB 238 15.17 -17.30 15.33
C GLY BB 238 15.87 -17.77 14.05
N PHE BB 239 16.42 -18.99 14.06
CA PHE BB 239 17.18 -19.55 12.96
C PHE BB 239 16.54 -20.86 12.50
N PRO BB 240 16.58 -21.21 11.20
CA PRO BB 240 16.18 -22.55 10.77
C PRO BB 240 17.18 -23.58 11.29
N GLN BB 241 16.72 -24.84 11.40
CA GLN BB 241 17.58 -25.95 11.79
C GLN BB 241 17.27 -27.16 10.90
N ARG BB 242 18.31 -27.92 10.55
CA ARG BB 242 18.15 -29.09 9.69
C ARG BB 242 17.64 -30.28 10.50
N HIP BB 243 16.61 -30.97 9.98
CA HIP BB 243 16.10 -32.21 10.53
CB HIP BB 243 14.65 -32.04 11.06
CG HIP BB 243 14.14 -33.24 11.79
CD2 HIP BB 243 14.87 -34.31 12.22
NE2 HIP BB 243 14.03 -35.19 12.84
CE1 HIP BB 243 12.81 -34.68 12.84
ND1 HIP BB 243 12.78 -33.45 12.19
P HIP BB 243 11.31 -32.68 11.74
O1P HIP BB 243 10.70 -33.52 10.67
O2P HIP BB 243 10.49 -32.76 12.99
O3P HIP BB 243 11.63 -31.29 11.32
C HIP BB 243 16.21 -33.31 9.47
O HIP BB 243 15.32 -33.44 8.63
N VAL BB 244 17.28 -34.12 9.51
CA VAL BB 244 17.35 -35.26 8.59
C VAL BB 244 16.58 -36.44 9.19
N LYS BB 245 15.60 -36.93 8.43
CA LYS BB 245 14.80 -38.09 8.79
C LYS BB 245 15.20 -39.27 7.90
N VAL BB 246 15.47 -40.42 8.52
CA VAL BB 246 16.09 -41.55 7.83
C VAL BB 246 15.18 -42.78 7.94
N GLY BB 247 15.13 -43.56 6.85
CA GLY BB 247 14.33 -44.77 6.77
C GLY BB 247 12.96 -44.49 6.15
N LYS BB 248 12.29 -45.56 5.71
CA LYS BB 248 10.94 -45.43 5.17
C LYS BB 248 9.93 -45.50 6.31
N GLU BB 249 8.84 -44.73 6.18
CA GLU BB 249 7.74 -44.80 7.13
C GLU BB 249 7.13 -46.21 7.10
N ASP BB 250 6.94 -46.84 8.29
CA ASP BB 250 6.55 -48.24 8.43
C ASP BB 250 7.60 -49.24 7.89
N GLY BB 251 8.80 -48.75 7.53
CA GLY BB 251 9.89 -49.57 6.99
C GLY BB 251 10.79 -50.15 8.07
N ALA BB 252 12.06 -50.42 7.70
CA ALA BB 252 13.07 -50.92 8.62
C ALA BB 252 13.48 -49.84 9.61
N PRO BB 253 13.61 -50.12 10.93
CA PRO BB 253 14.06 -49.12 11.88
C PRO BB 253 15.56 -48.86 11.77
N VAL BB 254 15.94 -47.63 12.09
CA VAL BB 254 17.31 -47.14 12.07
C VAL BB 254 17.74 -46.92 13.53
N ARG BB 255 18.93 -47.39 13.92
CA ARG BB 255 19.43 -47.27 15.29
C ARG BB 255 20.41 -46.11 15.41
N ASP BB 256 20.81 -45.76 16.65
CA ASP BB 256 21.69 -44.62 16.90
C ASP BB 256 23.02 -44.73 16.13
N ASN BB 257 23.61 -45.93 16.09
CA ASN BB 257 24.88 -46.12 15.40
C ASN BB 257 24.78 -46.00 13.89
N ASP BB 258 23.57 -46.17 13.34
CA ASP BB 258 23.29 -45.90 11.94
C ASP BB 258 23.16 -44.40 11.71
N LEU BB 259 22.42 -43.70 12.56
CA LEU BB 259 22.27 -42.25 12.46
C LEU BB 259 23.61 -41.54 12.59
N ARG BB 260 24.59 -42.10 13.30
CA ARG BB 260 25.93 -41.52 13.40
C ARG BB 260 26.59 -41.35 12.04
N ARG BB 261 26.46 -42.33 11.15
CA ARG BB 261 27.06 -42.25 9.83
C ARG BB 261 26.35 -41.25 8.94
N VAL BB 262 25.01 -41.20 9.00
CA VAL BB 262 24.23 -40.17 8.33
C VAL BB 262 24.60 -38.77 8.84
N ARG BB 263 24.82 -38.62 10.16
CA ARG BB 263 25.22 -37.35 10.75
C ARG BB 263 26.51 -36.83 10.11
N THR BB 264 27.52 -37.68 9.88
CA THR BB 264 28.76 -37.22 9.26
C THR BB 264 28.56 -36.69 7.83
N ILE BB 265 27.54 -37.16 7.10
CA ILE BB 265 27.26 -36.73 5.74
C ILE BB 265 26.64 -35.34 5.73
N PHE BB 266 25.59 -35.11 6.53
CA PHE BB 266 24.87 -33.83 6.52
C PHE BB 266 25.31 -32.88 7.64
N ASP BB 267 26.52 -33.08 8.21
CA ASP BB 267 27.00 -32.29 9.34
C ASP BB 267 27.08 -30.81 8.97
N PRO BB 268 26.31 -29.90 9.62
CA PRO BB 268 26.37 -28.48 9.31
C PRO BB 268 27.76 -27.89 9.53
N ARG BB 269 28.58 -28.47 10.41
CA ARG BB 269 29.88 -27.92 10.75
C ARG BB 269 30.91 -28.11 9.63
N THR BB 270 30.68 -29.08 8.72
CA THR BB 270 31.57 -29.37 7.60
C THR BB 270 30.89 -29.18 6.23
N THR BB 271 29.59 -28.90 6.23
CA THR BB 271 28.85 -28.46 5.06
C THR BB 271 29.36 -27.10 4.60
N ASP BB 272 29.20 -26.78 3.31
CA ASP BB 272 29.43 -25.44 2.80
C ASP BB 272 28.25 -24.98 1.95
N ALA BB 273 28.22 -23.69 1.62
CA ALA BB 273 27.05 -23.03 1.06
C ALA BB 273 26.45 -23.77 -0.14
N ASN BB 274 27.31 -24.32 -1.01
CA ASN BB 274 26.91 -24.93 -2.26
C ASN BB 274 27.14 -26.45 -2.30
N THR BB 275 27.18 -27.11 -1.14
CA THR BB 275 27.14 -28.56 -1.06
C THR BB 275 25.86 -29.10 -1.70
N ALA BB 276 25.97 -30.22 -2.45
CA ALA BB 276 24.83 -30.91 -3.02
C ALA BB 276 24.75 -32.35 -2.51
N TYR BB 277 23.52 -32.90 -2.43
CA TYR BB 277 23.30 -34.23 -1.87
C TYR BB 277 22.65 -35.15 -2.88
N PHE BB 278 23.06 -36.43 -2.81
CA PHE BB 278 22.53 -37.50 -3.61
C PHE BB 278 22.02 -38.57 -2.66
N THR BB 279 20.77 -39.02 -2.83
CA THR BB 279 20.22 -40.00 -1.89
C THR BB 279 19.28 -40.99 -2.58
N GLY BB 280 19.06 -42.11 -1.89
CA GLY BB 280 17.89 -42.93 -2.15
C GLY BB 280 16.61 -42.19 -1.76
N GLN BB 281 15.46 -42.86 -1.93
CA GLN BB 281 14.16 -42.27 -1.67
C GLN BB 281 13.84 -42.18 -0.18
N ASP BB 282 14.58 -42.90 0.69
CA ASP BB 282 14.24 -43.07 2.10
C ASP BB 282 15.12 -42.22 3.02
N VAL BB 283 15.56 -41.06 2.51
CA VAL BB 283 16.21 -40.03 3.30
C VAL BB 283 15.50 -38.71 2.99
N ASP BB 284 14.99 -38.06 4.03
CA ASP BB 284 14.29 -36.78 3.94
C ASP BB 284 15.10 -35.69 4.62
N VAL BB 285 15.45 -34.61 3.89
CA VAL BB 285 16.11 -33.49 4.51
C VAL BB 285 15.07 -32.43 4.84
N GLU BB 286 14.40 -32.59 5.99
CA GLU BB 286 13.42 -31.63 6.47
C GLU BB 286 14.09 -30.43 7.16
N THR BB 287 13.31 -29.36 7.37
CA THR BB 287 13.77 -28.16 8.04
C THR BB 287 12.80 -27.75 9.13
N LEU BB 288 13.32 -27.57 10.34
CA LEU BB 288 12.68 -26.72 11.32
C LEU BB 288 12.84 -25.29 10.84
N GLU BB 289 11.74 -24.64 10.44
CA GLU BB 289 11.80 -23.27 9.98
C GLU BB 289 12.19 -22.34 11.13
N ALA BB 290 12.72 -21.15 10.81
CA ALA BB 290 12.66 -20.07 11.79
C ALA BB 290 11.19 -19.76 12.06
N HIP BB 291 10.79 -19.72 13.34
CA HIP BB 291 9.40 -19.61 13.73
CB HIP BB 291 9.11 -20.68 14.80
CG HIP BB 291 9.14 -22.08 14.27
CD2 HIP BB 291 8.52 -22.54 13.15
NE2 HIP BB 291 8.78 -23.89 13.05
CE1 HIP BB 291 9.54 -24.25 14.06
ND1 HIP BB 291 9.80 -23.18 14.91
P HIP BB 291 10.60 -23.28 16.45
O1P HIP BB 291 10.31 -24.70 16.91
O2P HIP BB 291 12.03 -23.12 16.12
O3P HIP BB 291 9.88 -22.21 17.20
C HIP BB 291 9.14 -18.17 14.17
O HIP BB 291 9.68 -17.73 15.19
N ASN BB 292 8.31 -17.45 13.41
CA ASN BB 292 8.12 -16.02 13.59
C ASN BB 292 7.50 -15.69 14.95
N PHE BB 293 8.11 -14.69 15.62
CA PHE BB 293 7.51 -14.01 16.75
C PHE BB 293 8.04 -12.58 16.78
N ASP BB 294 7.25 -11.64 17.30
CA ASP BB 294 7.59 -10.23 17.20
C ASP BB 294 8.39 -9.77 18.42
N TYR BB 295 9.65 -10.19 18.49
CA TYR BB 295 10.53 -9.79 19.58
C TYR BB 295 10.75 -8.28 19.62
N SER BB 296 10.72 -7.60 18.47
CA SER BB 296 10.80 -6.15 18.43
C SER BB 296 9.66 -5.50 19.22
N ALA BB 297 8.42 -5.97 19.04
CA ALA BB 297 7.29 -5.45 19.78
C ALA BB 297 7.41 -5.75 21.28
N ILE BB 298 7.94 -6.90 21.67
CA ILE BB 298 8.14 -7.23 23.08
C ILE BB 298 9.22 -6.31 23.67
N HIS BB 299 10.33 -6.09 22.97
CA HIS BB 299 11.34 -5.12 23.38
C HIS BB 299 10.78 -3.71 23.53
N GLU BB 300 9.98 -3.24 22.56
CA GLU BB 300 9.36 -1.94 22.63
C GLU BB 300 8.43 -1.85 23.84
N MET BB 301 7.64 -2.88 24.10
CA MET BB 301 6.73 -2.92 25.24
C MET BB 301 7.51 -2.90 26.57
N ASP BB 302 8.52 -3.77 26.72
CA ASP BB 302 9.38 -3.80 27.89
C ASP BB 302 10.02 -2.43 28.15
N MET BB 303 10.57 -1.83 27.10
CA MET BB 303 11.22 -0.54 27.22
C MET BB 303 10.23 0.57 27.61
N ARG BB 304 9.00 0.53 27.06
CA ARG BB 304 7.94 1.43 27.47
C ARG BB 304 7.60 1.26 28.95
N ASN BB 305 7.43 0.02 29.42
CA ASN BB 305 7.11 -0.23 30.82
C ASN BB 305 8.21 0.31 31.73
N LEU BB 306 9.48 -0.03 31.45
CA LEU BB 306 10.59 0.38 32.29
C LEU BB 306 10.82 1.89 32.25
N THR BB 307 10.85 2.51 31.07
CA THR BB 307 11.06 3.95 30.97
C THR BB 307 9.97 4.72 31.70
N THR BB 308 8.68 4.41 31.46
CA THR BB 308 7.59 5.07 32.17
C THR BB 308 7.68 4.83 33.68
N ALA BB 309 8.03 3.62 34.13
CA ALA BB 309 8.19 3.35 35.56
C ALA BB 309 9.31 4.19 36.19
N LEU BB 310 10.45 4.34 35.50
CA LEU BB 310 11.56 5.17 35.96
C LEU BB 310 11.36 6.66 35.65
N GLY BB 311 10.22 7.05 35.06
CA GLY BB 311 9.87 8.44 34.79
C GLY BB 311 10.57 9.09 33.60
N LEU BB 312 11.36 8.32 32.82
CA LEU BB 312 11.99 8.82 31.61
C LEU BB 312 11.01 8.82 30.45
N PRO BB 313 11.19 9.69 29.43
CA PRO BB 313 10.44 9.56 28.18
C PRO BB 313 10.92 8.33 27.42
N LEU BB 314 10.02 7.74 26.63
CA LEU BB 314 10.25 6.53 25.85
C LEU BB 314 11.49 6.64 24.97
N GLU BB 315 11.73 7.84 24.42
CA GLU BB 315 12.84 8.14 23.52
C GLU BB 315 14.21 7.88 24.13
N ALA BB 316 14.35 7.95 25.46
CA ALA BB 316 15.60 7.65 26.16
C ALA BB 316 15.99 6.17 26.01
N GLY BB 317 14.99 5.29 25.80
CA GLY BB 317 15.20 3.87 25.60
C GLY BB 317 15.45 3.47 24.14
N ASN BB 318 15.78 4.42 23.26
CA ASN BB 318 15.98 4.18 21.83
C ASN BB 318 14.73 3.63 21.14
N VAL BB 319 13.54 3.91 21.69
CA VAL BB 319 12.27 3.49 21.10
C VAL BB 319 11.45 4.74 20.73
N GLY BB 320 10.84 4.74 19.53
CA GLY BB 320 9.96 5.81 19.11
C GLY BB 320 8.48 5.38 19.04
N ALA BB 321 7.58 6.37 18.93
CA ALA BB 321 6.15 6.16 18.77
C ALA BB 321 5.54 7.24 17.88
N ASP BB 322 4.57 6.87 17.04
CA ASP BB 322 4.09 7.70 15.94
C ASP BB 322 3.39 8.97 16.44
N GLY BB 323 2.37 8.81 17.29
CA GLY BB 323 1.52 9.92 17.72
C GLY BB 323 2.18 10.87 18.72
N LEU BB 324 3.45 10.63 19.08
CA LEU BB 324 4.12 11.25 20.22
C LEU BB 324 5.35 12.10 19.82
N GLY BB 325 5.80 12.01 18.56
CA GLY BB 325 7.06 12.62 18.15
C GLY BB 325 6.99 14.12 17.85
N SER BB 326 5.79 14.71 17.86
CA SER BB 326 5.55 16.06 17.34
C SER BB 326 4.37 16.76 18.04
N GLY BB 327 4.29 18.10 17.87
CA GLY BB 327 3.15 18.91 18.32
C GLY BB 327 2.93 18.91 19.83
N LYS BB 328 1.69 19.18 20.27
CA LYS BB 328 1.34 19.19 21.69
C LYS BB 328 1.67 17.87 22.39
N PRO BB 329 1.49 16.68 21.77
CA PRO BB 329 1.95 15.42 22.36
C PRO BB 329 3.44 15.39 22.73
N ALA BB 330 4.31 16.00 21.92
CA ALA BB 330 5.71 16.17 22.27
C ALA BB 330 5.88 17.21 23.37
N GLU BB 331 5.33 18.41 23.17
CA GLU BB 331 5.48 19.53 24.11
C GLU BB 331 5.09 19.14 25.54
N LEU BB 332 4.02 18.37 25.72
CA LEU BB 332 3.62 17.87 27.03
C LEU BB 332 4.70 16.98 27.68
N ARG BB 333 5.23 15.98 26.98
CA ARG BB 333 6.14 15.02 27.62
C ARG BB 333 7.48 15.66 27.97
N PHE BB 334 7.97 16.58 27.14
CA PHE BB 334 9.16 17.37 27.46
C PHE BB 334 8.90 18.38 28.57
N ALA BB 335 7.69 18.95 28.68
CA ALA BB 335 7.31 19.74 29.85
C ALA BB 335 7.38 18.90 31.13
N LEU BB 336 6.76 17.71 31.13
CA LEU BB 336 6.80 16.79 32.27
C LEU BB 336 8.22 16.45 32.69
N LEU BB 337 9.10 16.13 31.74
CA LEU BB 337 10.50 15.81 32.03
C LEU BB 337 11.22 16.99 32.67
N LYS BB 338 11.06 18.20 32.12
CA LYS BB 338 11.69 19.39 32.67
C LYS BB 338 11.20 19.72 34.07
N LEU BB 339 9.89 19.57 34.33
CA LEU BB 339 9.34 19.75 35.68
C LEU BB 339 9.93 18.76 36.69
N ALA BB 340 10.06 17.48 36.31
CA ALA BB 340 10.66 16.47 37.17
C ALA BB 340 12.10 16.82 37.53
N ILE BB 341 12.87 17.31 36.54
CA ILE BB 341 14.23 17.77 36.75
C ILE BB 341 14.27 18.97 37.71
N LYS BB 342 13.42 19.98 37.53
CA LYS BB 342 13.37 21.13 38.44
C LYS BB 342 13.11 20.71 39.88
N ALA BB 343 12.15 19.79 40.11
CA ALA BB 343 11.81 19.33 41.45
C ALA BB 343 12.99 18.62 42.13
N ASN BB 344 13.68 17.75 41.39
CA ASN BB 344 14.85 17.06 41.90
C ASN BB 344 15.99 18.05 42.18
N GLN BB 345 16.26 18.96 41.25
CA GLN BB 345 17.30 19.97 41.39
C GLN BB 345 17.07 20.84 42.61
N ARG BB 346 15.87 21.43 42.78
CA ARG BB 346 15.60 22.24 43.97
C ARG BB 346 15.73 21.44 45.26
N SER BB 347 15.21 20.21 45.28
CA SER BB 347 15.29 19.35 46.46
C SER BB 347 16.75 19.09 46.86
N PHE BB 348 17.62 18.85 45.88
CA PHE BB 348 19.04 18.66 46.09
C PHE BB 348 19.71 19.97 46.54
N SER BB 349 19.51 21.07 45.78
CA SER BB 349 20.12 22.36 46.04
C SER BB 349 19.90 22.85 47.47
N VAL BB 350 18.64 22.80 47.93
CA VAL BB 350 18.30 23.25 49.27
C VAL BB 350 19.07 22.44 50.32
N GLN BB 351 19.03 21.11 50.25
CA GLN BB 351 19.72 20.29 51.22
C GLN BB 351 21.24 20.47 51.17
N PHE BB 352 21.83 20.58 49.98
CA PHE BB 352 23.28 20.74 49.87
C PHE BB 352 23.74 22.08 50.49
N VAL BB 353 23.02 23.17 50.23
CA VAL BB 353 23.30 24.44 50.88
C VAL BB 353 23.12 24.35 52.40
N GLU BB 354 21.98 23.84 52.85
CA GLU BB 354 21.60 23.84 54.27
C GLU BB 354 22.43 22.86 55.10
N ARG BB 355 22.92 21.75 54.52
CA ARG BB 355 23.51 20.64 55.26
C ARG BB 355 24.97 20.33 54.89
N VAL BB 356 25.51 20.97 53.82
CA VAL BB 356 26.94 20.93 53.54
C VAL BB 356 27.53 22.34 53.56
N MET BB 357 27.06 23.25 52.70
CA MET BB 357 27.72 24.53 52.53
C MET BB 357 27.65 25.42 53.78
N ARG BB 358 26.47 25.60 54.39
CA ARG BB 358 26.34 26.47 55.56
C ARG BB 358 27.22 25.99 56.71
N PRO BB 359 27.21 24.70 57.12
CA PRO BB 359 28.16 24.21 58.13
C PRO BB 359 29.63 24.47 57.79
N VAL BB 360 30.02 24.35 56.53
CA VAL BB 360 31.39 24.63 56.10
C VAL BB 360 31.71 26.13 56.24
N VAL BB 361 30.79 27.02 55.86
CA VAL BB 361 30.97 28.46 56.04
C VAL BB 361 31.08 28.80 57.54
N ARG BB 362 30.22 28.21 58.37
CA ARG BB 362 30.22 28.42 59.81
C ARG BB 362 31.54 28.01 60.46
N ASP BB 363 32.08 26.84 60.09
CA ASP BB 363 33.17 26.21 60.83
C ASP BB 363 34.57 26.53 60.28
N TYR BB 364 34.71 26.98 59.03
CA TYR BB 364 36.02 27.16 58.40
C TYR BB 364 36.19 28.50 57.67
N SER BB 365 35.24 29.43 57.84
CA SER BB 365 35.19 30.65 57.05
C SER BB 365 35.03 31.90 57.92
N PRO BB 366 35.58 33.07 57.54
CA PRO BB 366 35.34 34.31 58.27
C PRO BB 366 33.99 34.98 57.98
N PHE BB 367 33.21 34.42 57.03
CA PHE BB 367 31.94 35.00 56.60
C PHE BB 367 30.76 34.57 57.49
N ASP BB 368 29.63 35.27 57.32
CA ASP BB 368 28.37 34.96 58.01
C ASP BB 368 27.64 33.81 57.31
N HIS BB 369 27.49 32.67 58.00
CA HIS BB 369 26.82 31.49 57.44
C HIS BB 369 25.32 31.68 57.24
N GLU BB 370 24.71 32.71 57.84
CA GLU BB 370 23.29 33.02 57.64
C GLU BB 370 23.02 33.80 56.36
N ALA BB 371 24.06 34.09 55.56
CA ALA BB 371 23.93 34.77 54.26
C ALA BB 371 23.03 34.00 53.28
N ASP BB 372 22.47 34.73 52.30
CA ASP BB 372 21.53 34.22 51.32
C ASP BB 372 22.21 33.45 50.17
N ILE BB 373 22.87 32.32 50.50
CA ILE BB 373 23.48 31.38 49.57
C ILE BB 373 22.39 30.62 48.80
N ARG BB 374 22.59 30.41 47.48
CA ARG BB 374 21.74 29.57 46.64
C ARG BB 374 22.61 28.79 45.65
N LEU BB 375 22.39 27.46 45.53
CA LEU BB 375 23.08 26.65 44.54
C LEU BB 375 22.16 26.41 43.35
N GLU BB 376 22.44 27.06 42.21
CA GLU BB 376 21.74 26.77 40.97
C GLU BB 376 22.33 25.52 40.30
N ILE BB 377 21.47 24.67 39.74
CA ILE BB 377 21.89 23.56 38.90
C ILE BB 377 21.29 23.79 37.51
N ASN BB 378 22.13 23.68 36.48
CA ASN BB 378 21.78 24.15 35.14
C ASN BB 378 20.69 23.29 34.48
N ASP BB 379 19.98 23.90 33.52
CA ASP BB 379 18.94 23.20 32.76
C ASP BB 379 19.59 22.38 31.63
N PRO BB 380 19.43 21.03 31.61
CA PRO BB 380 20.04 20.17 30.60
C PRO BB 380 19.49 20.28 29.17
N LEU BB 381 18.30 20.91 29.00
CA LEU BB 381 17.59 20.89 27.73
C LEU BB 381 17.26 22.30 27.20
N GLU BB 382 17.87 23.34 27.79
CA GLU BB 382 17.76 24.71 27.32
C GLU BB 382 18.44 24.88 25.95
N ASP BB 383 17.69 25.35 24.95
CA ASP BB 383 18.24 25.68 23.64
C ASP BB 383 18.67 27.15 23.60
N ILE BB 384 19.99 27.40 23.50
CA ILE BB 384 20.53 28.75 23.48
C ILE BB 384 20.03 29.53 22.26
N GLY BB 385 19.75 28.84 21.14
CA GLY BB 385 19.17 29.48 19.96
C GLY BB 385 17.74 29.96 20.18
N GLU BB 386 16.97 29.26 21.01
CA GLU BB 386 15.65 29.73 21.43
C GLU BB 386 15.78 30.95 22.35
N VAL BB 387 16.78 30.95 23.23
CA VAL BB 387 17.08 32.08 24.10
C VAL BB 387 17.53 33.29 23.28
N ALA BB 388 18.34 33.08 22.24
CA ALA BB 388 18.78 34.13 21.33
C ALA BB 388 17.58 34.76 20.60
N ASP BB 389 16.65 33.95 20.10
CA ASP BB 389 15.40 34.43 19.54
C ASP BB 389 14.65 35.31 20.55
N LEU BB 390 14.54 34.85 21.81
CA LEU BB 390 13.87 35.63 22.84
C LEU BB 390 14.55 36.99 23.07
N ILE BB 391 15.88 37.00 23.22
CA ILE BB 391 16.65 38.23 23.42
C ILE BB 391 16.45 39.18 22.24
N GLN BB 392 16.47 38.66 21.01
CA GLN BB 392 16.24 39.47 19.82
C GLN BB 392 14.83 40.08 19.78
N GLN BB 393 13.83 39.39 20.36
CA GLN BB 393 12.46 39.87 20.39
C GLN BB 393 12.22 40.90 21.49
N VAL BB 394 12.70 40.65 22.73
CA VAL BB 394 12.29 41.43 23.90
C VAL BB 394 13.47 42.00 24.72
N GLY BB 395 14.68 41.99 24.15
CA GLY BB 395 15.87 42.57 24.76
C GLY BB 395 15.70 44.03 25.19
N ASP BB 396 14.81 44.75 24.48
CA ASP BB 396 14.48 46.14 24.77
C ASP BB 396 13.80 46.32 26.14
N TYR BB 397 13.46 45.23 26.83
CA TYR BB 397 12.87 45.25 28.16
C TYR BB 397 13.77 44.59 29.22
N MET BB 398 15.00 44.19 28.85
CA MET BB 398 15.93 43.51 29.75
C MET BB 398 17.18 44.35 29.99
N THR BB 399 17.59 44.49 31.26
CA THR BB 399 18.90 45.03 31.59
C THR BB 399 19.99 44.17 30.97
N ASN BB 400 21.16 44.76 30.71
CA ASN BB 400 22.28 44.02 30.14
C ASN BB 400 22.75 42.88 31.04
N GLU BB 401 22.66 43.05 32.37
CA GLU BB 401 22.94 41.96 33.29
C GLU BB 401 21.93 40.80 33.12
N GLN BB 402 20.63 41.09 32.98
CA GLN BB 402 19.64 40.04 32.74
C GLN BB 402 19.94 39.31 31.42
N VAL BB 403 20.32 40.04 30.36
CA VAL BB 403 20.70 39.42 29.11
C VAL BB 403 21.91 38.50 29.30
N ALA BB 404 22.97 39.00 29.95
CA ALA BB 404 24.17 38.22 30.23
C ALA BB 404 23.85 36.95 31.04
N GLU BB 405 22.95 37.05 32.02
CA GLU BB 405 22.49 35.91 32.81
C GLU BB 405 21.81 34.86 31.92
N LYS BB 406 20.80 35.27 31.12
CA LYS BB 406 20.09 34.34 30.23
C LYS BB 406 21.02 33.70 29.21
N LEU BB 407 21.91 34.51 28.63
CA LEU BB 407 22.82 34.11 27.57
C LEU BB 407 24.05 33.34 28.11
N ASP BB 408 24.13 33.13 29.44
CA ASP BB 408 25.23 32.43 30.11
C ASP BB 408 26.60 33.05 29.80
N LEU BB 409 26.74 34.33 30.18
CA LEU BB 409 27.97 35.11 30.06
C LEU BB 409 28.29 35.79 31.38
N PRO BB 410 29.56 36.18 31.63
CA PRO BB 410 29.88 37.14 32.69
C PRO BB 410 29.13 38.44 32.45
N ALA BB 411 28.56 38.99 33.55
CA ALA BB 411 27.91 40.30 33.54
C ALA BB 411 28.91 41.40 33.20
N PRO BB 412 28.49 42.51 32.55
CA PRO BB 412 29.41 43.61 32.22
C PRO BB 412 30.11 44.21 33.43
N GLU BB 413 31.33 44.73 33.21
CA GLU BB 413 32.20 45.24 34.26
C GLU BB 413 31.71 46.58 34.83
N ASP BB 414 31.30 47.50 33.95
CA ASP BB 414 30.74 48.78 34.35
C ASP BB 414 29.29 48.59 34.84
N ASP BB 415 29.02 48.92 36.11
CA ASP BB 415 27.71 48.79 36.71
C ASP BB 415 26.62 49.50 35.92
N GLU BB 416 26.89 50.68 35.35
CA GLU BB 416 25.86 51.40 34.61
C GLU BB 416 25.51 50.69 33.30
N VAL BB 417 26.52 50.13 32.61
CA VAL BB 417 26.23 49.38 31.39
C VAL BB 417 25.51 48.09 31.75
N ALA BB 418 25.90 47.41 32.83
CA ALA BB 418 25.20 46.21 33.31
C ALA BB 418 23.72 46.52 33.62
N ASP BB 419 23.47 47.61 34.33
CA ASP BB 419 22.14 48.00 34.78
C ASP BB 419 21.25 48.50 33.63
N SER BB 420 21.82 49.18 32.63
CA SER BB 420 21.06 49.77 31.53
C SER BB 420 20.37 48.72 30.64
N TYR BB 421 19.45 49.19 29.79
CA TYR BB 421 18.60 48.36 28.94
C TYR BB 421 19.01 48.38 27.46
N ARG BB 422 19.52 49.51 26.92
CA ARG BB 422 20.10 49.50 25.58
C ARG BB 422 21.38 48.67 25.59
N SER BB 423 21.68 47.97 24.48
CA SER BB 423 22.77 47.01 24.39
C SER BB 423 24.14 47.69 24.58
N PRO BB 424 25.17 47.03 25.17
CA PRO BB 424 26.47 47.67 25.33
C PRO BB 424 27.15 48.03 24.01
N ALA BB 425 26.93 47.29 22.92
CA ALA BB 425 27.40 47.70 21.61
C ALA BB 425 26.76 49.02 21.15
N ASP BB 426 25.49 49.25 21.53
CA ASP BB 426 24.80 50.51 21.24
C ASP BB 426 25.35 51.64 22.12
N MET BB 427 25.62 51.38 23.40
CA MET BB 427 26.23 52.39 24.25
C MET BB 427 27.64 52.77 23.78
N GLU BB 428 28.43 51.80 23.31
CA GLU BB 428 29.75 52.08 22.77
C GLU BB 428 29.68 52.95 21.52
N LYS BB 429 28.80 52.64 20.55
CA LYS BB 429 28.68 53.46 19.35
C LYS BB 429 28.10 54.85 19.67
N ASP BB 430 27.15 54.94 20.62
CA ASP BB 430 26.58 56.20 21.08
C ASP BB 430 27.64 57.08 21.76
N GLU BB 431 28.47 56.48 22.61
CA GLU BB 431 29.55 57.16 23.33
C GLU BB 431 30.67 57.61 22.39
N ALA BB 432 31.01 56.78 21.40
CA ALA BB 432 31.93 57.16 20.31
C ALA BB 432 31.36 58.32 19.48
N GLY BB 433 30.04 58.30 19.24
CA GLY BB 433 29.29 59.42 18.66
C GLY BB 433 29.03 60.50 19.69
N ALA CB 31 -30.57 38.83 57.16
CA ALA CB 31 -30.24 37.38 57.07
C ALA CB 31 -29.79 36.88 58.46
N SER CB 32 -28.78 35.99 58.50
CA SER CB 32 -28.34 35.35 59.73
C SER CB 32 -26.81 35.20 59.79
N SER CB 33 -26.27 35.11 61.02
CA SER CB 33 -24.83 35.08 61.27
C SER CB 33 -24.24 33.67 61.38
N THR CB 34 -25.09 32.64 61.21
CA THR CB 34 -24.73 31.23 61.24
C THR CB 34 -25.47 30.48 60.15
N PRO CB 35 -24.90 29.38 59.58
CA PRO CB 35 -25.58 28.62 58.54
C PRO CB 35 -26.84 27.97 59.09
N GLN CB 36 -27.94 28.06 58.32
CA GLN CB 36 -29.22 27.50 58.73
C GLN CB 36 -29.67 26.30 57.87
N THR CB 37 -29.00 26.08 56.73
CA THR CB 37 -29.01 24.78 56.07
C THR CB 37 -28.06 23.81 56.77
N ASN CB 38 -28.52 22.57 56.92
CA ASN CB 38 -27.72 21.49 57.47
C ASN CB 38 -26.79 20.89 56.41
N VAL CB 39 -25.93 19.95 56.83
CA VAL CB 39 -25.04 19.20 55.93
C VAL CB 39 -25.08 17.70 56.23
N ASP CB 40 -24.87 16.87 55.19
CA ASP CB 40 -24.61 15.45 55.41
C ASP CB 40 -23.33 15.30 56.25
N SER CB 41 -23.44 14.60 57.38
CA SER CB 41 -22.39 14.70 58.40
C SER CB 41 -22.28 13.47 59.30
N MET CB 42 -21.03 13.16 59.66
CA MET CB 42 -20.60 12.18 60.66
C MET CB 42 -21.26 10.79 60.50
N GLY CB 43 -21.58 10.12 61.64
CA GLY CB 43 -22.00 8.72 61.62
C GLY CB 43 -20.85 7.75 61.35
N GLY CB 44 -19.63 8.26 61.11
CA GLY CB 44 -18.41 7.50 60.80
C GLY CB 44 -18.54 6.56 59.60
N GLY CB 45 -19.37 6.92 58.61
CA GLY CB 45 -19.75 6.05 57.49
C GLY CB 45 -20.48 4.76 57.92
N HIS CB 46 -21.04 4.77 59.14
CA HIS CB 46 -21.60 3.62 59.85
C HIS CB 46 -20.58 2.51 60.17
N SER CB 47 -19.36 2.93 60.50
CA SER CB 47 -18.48 2.19 61.39
C SER CB 47 -18.95 2.42 62.84
N TYR CB 48 -18.10 2.11 63.85
CA TYR CB 48 -18.42 2.40 65.25
C TYR CB 48 -17.26 3.08 66.00
N GLN CB 49 -17.57 3.65 67.18
CA GLN CB 49 -16.74 4.62 67.91
C GLN CB 49 -16.27 5.74 66.95
N PHE CB 50 -17.25 6.52 66.49
CA PHE CB 50 -17.18 7.39 65.32
C PHE CB 50 -16.07 8.46 65.38
N ASN CB 51 -15.23 8.46 64.33
CA ASN CB 51 -14.28 9.52 64.00
C ASN CB 51 -13.89 9.44 62.52
N GLY CB 52 -13.36 10.55 61.98
CA GLY CB 52 -13.27 10.77 60.54
C GLY CB 52 -14.64 10.85 59.88
N GLN CB 53 -14.66 11.02 58.54
CA GLN CB 53 -15.89 10.84 57.78
C GLN CB 53 -15.66 9.82 56.66
N ASP CB 54 -16.26 8.62 56.82
CA ASP CB 54 -16.36 7.58 55.80
C ASP CB 54 -15.00 7.02 55.33
N LEU CB 55 -13.91 7.27 56.08
CA LEU CB 55 -12.63 6.59 55.85
C LEU CB 55 -11.76 6.52 57.13
N THR CB 56 -10.82 5.59 57.14
CA THR CB 56 -10.10 5.13 58.33
C THR CB 56 -8.58 5.17 58.10
N PHE CB 57 -7.80 4.97 59.17
CA PHE CB 57 -6.36 4.85 59.06
C PHE CB 57 -5.92 3.73 58.10
N GLU CB 58 -6.72 2.66 57.96
CA GLU CB 58 -6.42 1.62 56.99
C GLU CB 58 -6.61 2.11 55.55
N ASP CB 59 -7.69 2.85 55.26
CA ASP CB 59 -7.88 3.43 53.93
C ASP CB 59 -6.75 4.40 53.60
N LEU CB 60 -6.35 5.22 54.58
CA LEU CB 60 -5.22 6.13 54.45
C LEU CB 60 -3.93 5.39 54.11
N ARG CB 61 -3.66 4.28 54.78
CA ARG CB 61 -2.49 3.46 54.47
C ARG CB 61 -2.62 2.72 53.15
N ASP CB 62 -3.84 2.43 52.68
CA ASP CB 62 -4.03 1.93 51.32
C ASP CB 62 -3.59 2.98 50.28
N ILE CB 63 -3.92 4.26 50.47
CA ILE CB 63 -3.41 5.32 49.62
C ILE CB 63 -1.88 5.35 49.66
N LYS CB 64 -1.30 5.28 50.86
CA LYS CB 64 0.15 5.28 51.06
C LYS CB 64 0.83 4.22 50.21
N ASP CB 65 0.28 3.00 50.18
CA ASP CB 65 0.81 1.93 49.36
C ASP CB 65 0.68 2.19 47.86
N VAL CB 66 -0.43 2.75 47.36
CA VAL CB 66 -0.51 3.10 45.94
C VAL CB 66 0.57 4.11 45.55
N ARG CB 67 0.89 5.06 46.44
CA ARG CB 67 1.94 6.05 46.22
C ARG CB 67 3.34 5.46 46.24
N ASP CB 68 3.67 4.63 47.24
CA ASP CB 68 5.03 4.16 47.44
C ASP CB 68 5.40 2.93 46.60
N SER CB 69 4.41 2.17 46.09
CA SER CB 69 4.62 0.92 45.37
C SER CB 69 5.18 1.05 43.94
N GLY CB 70 5.35 2.28 43.42
CA GLY CB 70 6.00 2.48 42.13
C GLY CB 70 5.20 1.98 40.92
N GLY CB 71 5.90 1.77 39.81
CA GLY CB 71 5.26 1.43 38.54
C GLY CB 71 4.49 2.58 37.91
N GLN CB 72 3.70 2.27 36.87
CA GLN CB 72 3.11 3.27 35.99
C GLN CB 72 2.07 4.14 36.72
N VAL CB 73 1.26 3.54 37.61
CA VAL CB 73 0.21 4.26 38.34
C VAL CB 73 0.82 5.35 39.22
N ALA CB 74 1.86 4.98 39.98
CA ALA CB 74 2.54 5.93 40.85
C ALA CB 74 3.17 7.07 40.05
N GLN CB 75 3.82 6.76 38.93
CA GLN CB 75 4.43 7.77 38.09
C GLN CB 75 3.40 8.76 37.54
N LEU CB 76 2.22 8.28 37.11
CA LEU CB 76 1.19 9.14 36.57
C LEU CB 76 0.69 10.15 37.60
N MET CB 77 0.41 9.71 38.83
CA MET CB 77 -0.02 10.62 39.88
C MET CB 77 1.12 11.57 40.32
N ASP CB 78 2.39 11.15 40.21
CA ASP CB 78 3.54 12.04 40.36
C ASP CB 78 3.58 13.11 39.26
N TYR CB 79 3.30 12.75 37.99
CA TYR CB 79 3.17 13.74 36.91
C TYR CB 79 2.02 14.72 37.17
N LYS CB 80 0.88 14.25 37.72
CA LYS CB 80 -0.23 15.12 38.06
C LYS CB 80 0.18 16.16 39.11
N ALA CB 81 0.94 15.77 40.13
CA ALA CB 81 1.49 16.69 41.11
C ALA CB 81 2.41 17.73 40.44
N LEU CB 82 3.33 17.28 39.58
CA LEU CB 82 4.28 18.16 38.89
C LEU CB 82 3.59 19.17 37.99
N LEU CB 83 2.53 18.78 37.25
CA LEU CB 83 1.79 19.74 36.45
C LEU CB 83 1.12 20.80 37.32
N ASN CB 84 0.46 20.39 38.40
CA ASN CB 84 -0.29 21.34 39.21
C ASN CB 84 0.60 22.28 40.01
N PHE CB 85 1.78 21.82 40.46
CA PHE CB 85 2.55 22.52 41.48
C PHE CB 85 4.05 22.62 41.21
N GLY CB 86 4.57 21.97 40.16
CA GLY CB 86 6.00 21.84 39.94
C GLY CB 86 6.70 23.08 39.37
N GLU CB 87 5.95 24.00 38.77
CA GLU CB 87 6.53 25.18 38.10
C GLU CB 87 6.85 26.32 39.09
N GLY CB 88 6.53 26.14 40.38
CA GLY CB 88 6.83 27.12 41.42
C GLY CB 88 5.75 28.20 41.55
N CYS CB 89 6.05 29.21 42.37
CA CYS CB 89 5.06 30.18 42.82
C CYS CB 89 5.63 31.60 42.89
N GLU CB 90 4.72 32.58 43.01
CA GLU CB 90 5.10 33.96 43.31
C GLU CB 90 4.11 34.54 44.33
N ILE CB 91 4.66 35.25 45.33
CA ILE CB 91 3.86 35.94 46.34
C ILE CB 91 3.56 37.35 45.85
N HIS CB 92 2.28 37.74 45.93
CA HIS CB 92 1.84 39.09 45.62
C HIS CB 92 1.16 39.71 46.84
N VAL CB 93 1.27 41.04 46.97
CA VAL CB 93 0.43 41.80 47.89
C VAL CB 93 -0.06 43.03 47.12
N GLU CB 94 -1.38 43.26 47.08
CA GLU CB 94 -1.87 44.52 46.50
C GLU CB 94 -1.56 45.68 47.45
N GLY CB 95 -1.01 46.78 46.91
CA GLY CB 95 -0.55 47.90 47.72
C GLY CB 95 0.67 47.57 48.60
N ASP CB 96 1.55 46.67 48.12
CA ASP CB 96 2.75 46.24 48.82
C ASP CB 96 3.65 47.42 49.22
N ASP CB 97 3.80 48.41 48.33
CA ASP CB 97 4.58 49.62 48.56
C ASP CB 97 4.11 50.41 49.80
N GLU CB 98 2.80 50.36 50.11
CA GLU CB 98 2.22 51.03 51.26
C GLU CB 98 2.64 50.37 52.58
N THR CB 99 3.10 49.12 52.53
CA THR CB 99 3.40 48.35 53.73
C THR CB 99 4.79 48.64 54.31
N LYS CB 100 5.64 49.41 53.61
CA LYS CB 100 7.03 49.68 53.97
C LYS CB 100 7.19 50.03 55.45
N GLN CB 101 7.96 49.20 56.16
CA GLN CB 101 8.12 49.29 57.62
C GLN CB 101 9.52 48.80 58.02
N LEU CB 102 10.12 49.39 59.07
CA LEU CB 102 11.35 48.85 59.65
C LEU CB 102 11.01 47.62 60.50
N VAL CB 103 11.49 46.43 60.09
CA VAL CB 103 11.18 45.16 60.75
C VAL CB 103 12.14 44.91 61.92
N ASP CB 104 13.44 45.04 61.66
CA ASP CB 104 14.50 44.93 62.64
C ASP CB 104 15.56 45.99 62.34
N GLY CB 105 15.17 47.27 62.42
CA GLY CB 105 15.99 48.41 62.03
C GLY CB 105 16.31 48.45 60.54
N GLU CB 106 15.56 47.69 59.73
CA GLU CB 106 15.79 47.51 58.30
C GLU CB 106 14.46 47.50 57.56
N PRO CB 107 14.30 48.21 56.41
CA PRO CB 107 13.01 48.24 55.71
C PRO CB 107 12.62 46.94 55.04
N MET CB 108 11.32 46.59 55.15
CA MET CB 108 10.70 45.57 54.33
C MET CB 108 9.27 45.99 53.96
N THR CB 109 8.79 45.45 52.84
CA THR CB 109 7.38 45.32 52.55
C THR CB 109 6.86 43.97 53.04
N LEU CB 110 5.53 43.80 53.04
CA LEU CB 110 4.94 42.55 53.45
C LEU CB 110 5.37 41.40 52.53
N SER CB 111 5.43 41.65 51.21
CA SER CB 111 5.95 40.63 50.28
C SER CB 111 7.38 40.23 50.63
N GLU CB 112 8.26 41.20 50.90
CA GLU CB 112 9.64 40.92 51.28
C GLU CB 112 9.74 40.14 52.59
N TRP CB 113 8.88 40.46 53.57
CA TRP CB 113 8.84 39.70 54.81
C TRP CB 113 8.37 38.26 54.57
N LEU CB 114 7.29 38.08 53.80
CA LEU CB 114 6.76 36.76 53.47
C LEU CB 114 7.77 35.92 52.70
N GLU CB 115 8.50 36.49 51.73
CA GLU CB 115 9.53 35.77 51.02
C GLU CB 115 10.67 35.30 51.94
N ASP CB 116 10.95 36.04 53.02
CA ASP CB 116 11.96 35.64 54.00
C ASP CB 116 11.41 34.63 55.02
N ALA CB 117 10.10 34.70 55.29
CA ALA CB 117 9.40 33.78 56.20
C ALA CB 117 9.23 32.40 55.54
N PHE CB 118 8.93 32.37 54.23
CA PHE CB 118 8.74 31.16 53.45
C PHE CB 118 9.79 31.09 52.33
N PRO CB 119 11.09 30.86 52.65
CA PRO CB 119 12.15 30.93 51.64
C PRO CB 119 12.10 29.81 50.60
N HIS CB 120 11.64 28.61 51.00
CA HIS CB 120 11.61 27.44 50.14
C HIS CB 120 10.18 27.07 49.74
N LEU CB 121 9.36 28.08 49.43
CA LEU CB 121 7.94 27.87 49.20
C LEU CB 121 7.67 27.00 47.98
N ASP CB 122 8.49 27.06 46.93
CA ASP CB 122 8.40 26.20 45.75
C ASP CB 122 8.41 24.71 46.10
N LEU CB 123 9.21 24.32 47.10
CA LEU CB 123 9.24 22.93 47.57
C LEU CB 123 8.01 22.60 48.40
N LEU CB 124 7.66 23.48 49.35
CA LEU CB 124 6.52 23.25 50.23
C LEU CB 124 5.23 23.13 49.42
N VAL CB 125 5.02 24.00 48.43
CA VAL CB 125 3.86 23.98 47.55
C VAL CB 125 3.78 22.66 46.79
N LEU CB 126 4.89 22.14 46.24
CA LEU CB 126 4.89 20.87 45.54
C LEU CB 126 4.59 19.69 46.48
N ASP CB 127 5.14 19.69 47.70
CA ASP CB 127 4.86 18.66 48.69
C ASP CB 127 3.40 18.68 49.15
N LEU CB 128 2.89 19.84 49.60
CA LEU CB 128 1.52 19.96 50.08
C LEU CB 128 0.52 19.72 48.94
N GLY CB 129 0.76 20.35 47.78
CA GLY CB 129 -0.11 20.20 46.64
C GLY CB 129 -0.19 18.75 46.15
N GLY CB 130 0.97 18.09 46.03
CA GLY CB 130 1.05 16.67 45.74
C GLY CB 130 0.28 15.83 46.74
N ASP CB 131 0.49 16.06 48.04
CA ASP CB 131 -0.22 15.36 49.10
C ASP CB 131 -1.74 15.56 48.99
N ALA CB 132 -2.21 16.78 48.70
CA ALA CB 132 -3.64 17.08 48.61
C ALA CB 132 -4.30 16.50 47.35
N LEU CB 133 -3.52 16.04 46.35
CA LEU CB 133 -4.04 15.29 45.21
C LEU CB 133 -4.16 13.80 45.55
N TRP CB 134 -3.12 13.22 46.19
CA TRP CB 134 -3.13 11.84 46.66
C TRP CB 134 -4.20 11.59 47.74
N TYR CB 135 -4.07 12.29 48.87
CA TYR CB 135 -4.89 12.12 50.06
C TYR CB 135 -6.07 13.09 50.02
N PRO CB 136 -7.05 12.99 50.95
CA PRO CB 136 -8.15 13.95 50.98
C PRO CB 136 -7.71 15.37 51.32
N TYR CB 137 -6.59 15.51 52.06
CA TYR CB 137 -6.07 16.79 52.54
C TYR CB 137 -4.54 16.72 52.62
N ALA CB 138 -3.91 17.89 52.54
CA ALA CB 138 -2.60 18.13 53.15
C ALA CB 138 -2.85 18.75 54.53
N VAL CB 139 -1.93 18.49 55.49
CA VAL CB 139 -2.14 18.91 56.88
C VAL CB 139 -0.77 19.16 57.53
N GLY CB 140 -0.69 20.08 58.50
CA GLY CB 140 0.58 20.43 59.12
C GLY CB 140 0.44 21.38 60.31
N GLU CB 141 1.58 21.64 60.96
CA GLU CB 141 1.71 22.55 62.10
C GLU CB 141 2.24 23.93 61.66
N ILE CB 142 2.10 24.93 62.53
CA ILE CB 142 3.02 26.06 62.55
C ILE CB 142 4.04 25.83 63.66
N GLN CB 143 5.31 26.14 63.40
CA GLN CB 143 6.35 26.03 64.42
C GLN CB 143 7.12 27.33 64.64
N GLU CB 144 7.62 27.46 65.88
CA GLU CB 144 8.40 28.61 66.30
C GLU CB 144 9.82 28.19 66.67
N THR CB 145 10.77 29.09 66.40
CA THR CB 145 12.11 29.07 67.00
C THR CB 145 12.01 29.01 68.52
N ILE CB 146 13.11 28.65 69.21
CA ILE CB 146 13.13 28.61 70.67
C ILE CB 146 12.79 29.99 71.27
N THR CB 147 13.30 31.06 70.65
CA THR CB 147 13.03 32.45 71.00
C THR CB 147 11.57 32.87 70.76
N GLY CB 148 10.81 32.07 69.99
CA GLY CB 148 9.38 32.30 69.77
C GLY CB 148 9.02 33.08 68.50
N GLU CB 149 9.99 33.36 67.63
CA GLU CB 149 9.72 33.83 66.27
C GLU CB 149 9.36 32.66 65.36
N PHE CB 150 8.70 32.94 64.23
CA PHE CB 150 8.31 31.90 63.27
C PHE CB 150 9.50 31.12 62.71
N LYS CB 151 9.40 29.78 62.70
CA LYS CB 151 10.39 28.88 62.12
C LYS CB 151 9.95 28.41 60.73
N GLU CB 152 8.84 27.66 60.66
CA GLU CB 152 8.30 27.12 59.42
C GLU CB 152 6.84 26.66 59.58
N ALA CB 153 6.14 26.50 58.45
CA ALA CB 153 4.96 25.66 58.37
C ALA CB 153 5.41 24.22 58.13
N LEU CB 154 5.13 23.31 59.07
CA LEU CB 154 5.65 21.95 59.00
C LEU CB 154 4.56 20.97 58.56
N PRO CB 155 4.62 20.42 57.32
CA PRO CB 155 3.72 19.34 56.92
C PRO CB 155 3.83 18.12 57.82
N ALA CB 156 2.69 17.48 58.07
CA ALA CB 156 2.61 16.19 58.76
C ALA CB 156 2.32 15.05 57.77
N GLU CB 157 2.54 13.80 58.18
CA GLU CB 157 2.36 12.64 57.31
C GLU CB 157 0.86 12.35 57.14
N PRO CB 158 0.22 12.65 55.99
CA PRO CB 158 -1.24 12.74 55.93
C PRO CB 158 -1.93 11.40 56.17
N TRP CB 159 -1.29 10.27 55.83
CA TRP CB 159 -1.85 8.95 56.10
C TRP CB 159 -1.92 8.62 57.60
N THR CB 160 -1.29 9.41 58.46
CA THR CB 160 -1.31 9.18 59.90
C THR CB 160 -2.44 9.93 60.62
N LEU CB 161 -3.11 10.88 59.95
CA LEU CB 161 -4.01 11.84 60.56
C LEU CB 161 -5.41 11.78 59.96
N MET CB 162 -6.46 11.87 60.79
CA MET CB 162 -7.83 12.03 60.31
C MET CB 162 -8.63 13.03 61.15
N PRO CB 163 -9.51 13.87 60.53
CA PRO CB 163 -10.22 14.90 61.25
C PRO CB 163 -11.50 14.42 61.92
N GLU CB 164 -11.81 14.99 63.10
CA GLU CB 164 -13.12 14.89 63.73
C GLU CB 164 -13.84 16.22 63.51
N SER CB 165 -15.08 16.17 63.01
CA SER CB 165 -15.85 17.35 62.63
C SER CB 165 -17.17 17.43 63.38
N ASP CB 166 -17.67 18.65 63.61
CA ASP CB 166 -18.97 18.85 64.25
C ASP CB 166 -20.12 18.85 63.22
N ALA CB 167 -21.36 19.01 63.70
CA ALA CB 167 -22.57 18.98 62.89
C ALA CB 167 -22.62 20.04 61.76
N GLN CB 168 -21.92 21.18 61.91
CA GLN CB 168 -21.83 22.20 60.87
C GLN CB 168 -20.84 21.83 59.75
N GLY CB 169 -20.07 20.74 59.93
CA GLY CB 169 -19.13 20.23 58.94
C GLY CB 169 -17.66 20.65 59.16
N LYS CB 170 -17.39 21.55 60.12
CA LYS CB 170 -16.03 22.05 60.37
C LYS CB 170 -15.23 21.12 61.28
N VAL CB 171 -13.91 21.09 61.06
CA VAL CB 171 -13.00 20.24 61.83
C VAL CB 171 -12.74 20.86 63.20
N GLN CB 172 -12.85 20.03 64.25
CA GLN CB 172 -12.68 20.43 65.65
C GLN CB 172 -11.44 19.81 66.29
N ALA CB 173 -11.08 18.59 65.87
CA ALA CB 173 -9.90 17.89 66.37
C ALA CB 173 -9.32 16.99 65.28
N TRP CB 174 -8.07 16.55 65.49
CA TRP CB 174 -7.38 15.61 64.62
C TRP CB 174 -6.95 14.40 65.44
N HIS CB 175 -7.24 13.21 64.93
CA HIS CB 175 -6.84 11.95 65.54
C HIS CB 175 -5.65 11.41 64.77
N GLN CB 176 -4.54 11.08 65.45
CA GLN CB 176 -3.34 10.57 64.81
C GLN CB 176 -2.97 9.18 65.34
N ARG CB 177 -2.52 8.27 64.46
CA ARG CB 177 -1.77 7.09 64.89
C ARG CB 177 -0.55 6.84 64.00
N THR CB 178 0.54 6.34 64.60
CA THR CB 178 1.83 6.18 63.92
C THR CB 178 2.56 4.93 64.39
N LYS CB 179 3.35 4.32 63.50
CA LYS CB 179 4.25 3.22 63.85
C LYS CB 179 5.38 3.70 64.76
N THR CB 180 5.73 2.85 65.75
CA THR CB 180 6.89 2.99 66.61
C THR CB 180 7.52 1.60 66.78
N HIS CB 181 8.73 1.52 67.37
CA HIS CB 181 9.34 0.23 67.67
C HIS CB 181 8.41 -0.67 68.49
N GLY CB 182 7.67 -0.08 69.44
CA GLY CB 182 6.70 -0.78 70.26
C GLY CB 182 5.29 -0.90 69.66
N GLY CB 183 5.19 -0.98 68.32
CA GLY CB 183 3.90 -1.00 67.62
C GLY CB 183 3.30 0.39 67.46
N TYR CB 184 1.97 0.48 67.36
CA TYR CB 184 1.31 1.77 67.12
C TYR CB 184 1.16 2.64 68.37
N GLN CB 185 1.47 3.94 68.19
CA GLN CB 185 1.21 5.02 69.13
C GLN CB 185 0.05 5.87 68.61
N THR CB 186 -0.87 6.28 69.51
CA THR CB 186 -2.08 7.02 69.14
C THR CB 186 -2.21 8.28 70.00
N GLN CB 187 -2.72 9.39 69.40
CA GLN CB 187 -2.95 10.65 70.12
C GLN CB 187 -4.01 11.51 69.44
N THR CB 188 -4.55 12.50 70.16
CA THR CB 188 -5.52 13.45 69.63
C THR CB 188 -5.02 14.88 69.82
N LEU CB 189 -5.18 15.73 68.79
CA LEU CB 189 -4.72 17.11 68.76
C LEU CB 189 -5.88 18.05 68.45
N PRO CB 190 -5.92 19.28 69.00
CA PRO CB 190 -6.97 20.24 68.68
C PRO CB 190 -6.79 20.83 67.27
N ALA CB 191 -7.89 21.28 66.66
CA ALA CB 191 -7.83 21.95 65.36
C ALA CB 191 -7.19 23.36 65.43
N ASP CB 192 -6.80 23.82 66.63
CA ASP CB 192 -6.32 25.18 66.87
C ASP CB 192 -4.97 25.45 66.20
N ASP CB 193 -4.01 24.54 66.37
CA ASP CB 193 -2.60 24.75 66.00
C ASP CB 193 -2.14 23.92 64.79
N LEU CB 194 -2.97 22.95 64.36
CA LEU CB 194 -2.88 22.40 63.01
C LEU CB 194 -3.59 23.30 61.99
N TRP CB 195 -3.20 23.16 60.72
CA TRP CB 195 -3.90 23.69 59.56
C TRP CB 195 -3.96 22.58 58.50
N HIP CB 196 -4.90 22.72 57.56
CA HIP CB 196 -5.10 21.72 56.53
CB HIP CB 196 -6.03 20.64 57.11
CG HIP CB 196 -7.50 20.87 56.97
CD2 HIP CB 196 -8.34 20.15 56.19
NE2 HIP CB 196 -9.61 20.56 56.41
CE1 HIP CB 196 -9.60 21.52 57.32
ND1 HIP CB 196 -8.30 21.80 57.74
P HIP CB 196 -7.91 22.94 58.97
O1P HIP CB 196 -7.10 22.18 59.96
O2P HIP CB 196 -9.23 23.36 59.52
O3P HIP CB 196 -7.19 24.04 58.24
C HIP CB 196 -5.63 22.36 55.24
O HIP CB 196 -6.20 23.43 55.26
N ILE CB 197 -5.45 21.67 54.11
CA ILE CB 197 -5.83 22.16 52.79
C ILE CB 197 -6.49 21.02 52.02
N VAL CB 198 -7.65 21.29 51.38
CA VAL CB 198 -8.42 20.30 50.62
C VAL CB 198 -8.55 20.78 49.17
N ILE CB 199 -8.00 20.02 48.20
CA ILE CB 199 -8.22 20.33 46.79
C ILE CB 199 -9.52 19.69 46.30
N ASN CB 200 -9.71 18.40 46.63
CA ASN CB 200 -10.81 17.59 46.14
C ASN CB 200 -11.99 17.59 47.12
N LYS CB 201 -12.78 18.67 47.11
CA LYS CB 201 -14.00 18.75 47.90
C LYS CB 201 -15.14 17.95 47.26
N ALA CB 202 -16.00 17.34 48.09
CA ALA CB 202 -17.26 16.75 47.66
C ALA CB 202 -18.31 17.82 47.32
N SER CB 203 -18.32 18.90 48.12
CA SER CB 203 -19.21 20.06 47.98
C SER CB 203 -18.45 21.28 48.49
N ALA CB 204 -18.91 22.50 48.17
CA ALA CB 204 -18.21 23.71 48.60
C ALA CB 204 -18.07 23.83 50.13
N ARG CB 205 -18.95 23.15 50.88
CA ARG CB 205 -18.99 23.09 52.33
C ARG CB 205 -18.18 21.94 52.95
N ASP CB 206 -17.73 20.99 52.13
CA ASP CB 206 -16.90 19.88 52.59
C ASP CB 206 -15.52 20.39 53.05
N GLU CB 207 -15.14 20.03 54.29
CA GLU CB 207 -13.81 20.34 54.80
C GLU CB 207 -13.02 19.08 55.16
N VAL CB 208 -13.46 17.90 54.71
CA VAL CB 208 -12.74 16.64 54.88
C VAL CB 208 -12.18 16.15 53.53
N GLY CB 209 -12.88 16.41 52.42
CA GLY CB 209 -12.36 16.10 51.09
C GLY CB 209 -12.45 14.62 50.69
N ILE CB 210 -11.97 14.32 49.48
CA ILE CB 210 -12.00 13.02 48.83
C ILE CB 210 -10.59 12.66 48.37
N SER CB 211 -10.14 11.42 48.60
CA SER CB 211 -8.95 10.92 47.92
C SER CB 211 -9.31 10.51 46.49
N GLU CB 212 -8.69 11.12 45.48
CA GLU CB 212 -8.88 10.70 44.10
C GLU CB 212 -8.43 9.26 43.87
N VAL CB 213 -7.48 8.77 44.68
CA VAL CB 213 -7.01 7.40 44.64
C VAL CB 213 -8.06 6.43 45.15
N LEU CB 214 -8.67 6.67 46.32
CA LEU CB 214 -9.76 5.82 46.78
C LEU CB 214 -10.98 5.91 45.86
N ARG CB 215 -11.27 7.11 45.34
CA ARG CB 215 -12.37 7.33 44.42
C ARG CB 215 -12.23 6.48 43.15
N ASN CB 216 -11.01 6.31 42.65
CA ASN CB 216 -10.71 5.55 41.45
C ASN CB 216 -10.10 4.17 41.73
N LYS CB 217 -10.38 3.57 42.90
CA LYS CB 217 -9.83 2.28 43.30
C LYS CB 217 -10.08 1.20 42.26
N ASP CB 218 -11.31 1.11 41.74
CA ASP CB 218 -11.68 0.12 40.73
C ASP CB 218 -10.91 0.31 39.42
N GLU CB 219 -10.76 1.55 38.95
CA GLU CB 219 -10.05 1.85 37.71
C GLU CB 219 -8.56 1.52 37.84
N ILE CB 220 -7.97 1.79 39.01
CA ILE CB 220 -6.59 1.47 39.30
C ILE CB 220 -6.39 -0.06 39.39
N GLN CB 221 -7.27 -0.76 40.10
CA GLN CB 221 -7.20 -2.21 40.19
C GLN CB 221 -7.42 -2.89 38.83
N ALA CB 222 -8.33 -2.38 38.01
CA ALA CB 222 -8.55 -2.90 36.66
C ALA CB 222 -7.30 -2.75 35.79
N PHE CB 223 -6.62 -1.60 35.87
CA PHE CB 223 -5.37 -1.39 35.16
C PHE CB 223 -4.32 -2.42 35.59
N LYS CB 224 -4.09 -2.56 36.90
CA LYS CB 224 -3.15 -3.54 37.45
C LYS CB 224 -3.46 -4.97 37.02
N GLN CB 225 -4.74 -5.38 37.06
CA GLN CB 225 -5.15 -6.72 36.66
C GLN CB 225 -4.87 -6.96 35.18
N ASN CB 226 -5.23 -6.02 34.31
CA ASN CB 226 -4.99 -6.17 32.89
C ASN CB 226 -3.50 -6.17 32.56
N GLU CB 227 -2.68 -5.36 33.25
CA GLU CB 227 -1.24 -5.35 33.08
C GLU CB 227 -0.61 -6.70 33.46
N ALA CB 228 -1.03 -7.28 34.59
CA ALA CB 228 -0.62 -8.61 34.98
C ALA CB 228 -1.04 -9.66 33.94
N ALA CB 229 -2.27 -9.55 33.41
CA ALA CB 229 -2.78 -10.47 32.40
C ALA CB 229 -1.92 -10.43 31.14
N ILE CB 230 -1.62 -9.24 30.61
CA ILE CB 230 -0.78 -9.07 29.43
C ILE CB 230 0.60 -9.66 29.69
N ASN CB 231 1.24 -9.32 30.80
CA ASN CB 231 2.57 -9.80 31.12
C ASN CB 231 2.64 -11.33 31.12
N GLN CB 232 1.69 -12.01 31.77
CA GLN CB 232 1.66 -13.46 31.79
C GLN CB 232 1.31 -14.05 30.41
N ALA CB 233 0.43 -13.40 29.64
CA ALA CB 233 0.10 -13.83 28.30
C ALA CB 233 1.31 -13.74 27.36
N ILE CB 234 2.13 -12.69 27.46
CA ILE CB 234 3.38 -12.60 26.71
C ILE CB 234 4.29 -13.78 27.05
N GLU CB 235 4.44 -14.11 28.34
CA GLU CB 235 5.26 -15.26 28.72
C GLU CB 235 4.77 -16.57 28.09
N LEU CB 236 3.47 -16.86 28.13
CA LEU CB 236 2.95 -18.11 27.61
C LEU CB 236 2.89 -18.12 26.08
N HIS CB 237 2.45 -17.02 25.47
CA HIS CB 237 1.96 -16.99 24.10
C HIS CB 237 2.83 -16.16 23.16
N GLY CB 238 3.64 -15.24 23.71
CA GLY CB 238 4.48 -14.36 22.90
C GLY CB 238 5.68 -15.04 22.25
N PHE CB 239 6.04 -16.24 22.74
CA PHE CB 239 7.22 -16.97 22.28
C PHE CB 239 6.82 -18.36 21.81
N PRO CB 240 7.44 -18.89 20.73
CA PRO CB 240 7.23 -20.29 20.36
C PRO CB 240 7.81 -21.24 21.40
N GLN CB 241 7.33 -22.48 21.39
CA GLN CB 241 7.87 -23.53 22.26
C GLN CB 241 7.98 -24.83 21.46
N ARG CB 242 9.05 -25.60 21.72
CA ARG CB 242 9.28 -26.86 21.05
C ARG CB 242 8.43 -27.96 21.67
N HIP CB 243 7.75 -28.76 20.82
CA HIP CB 243 6.96 -29.90 21.25
CB HIP CB 243 5.46 -29.66 21.01
CG HIP CB 243 4.59 -30.77 21.52
CD2 HIP CB 243 4.96 -31.77 22.37
NE2 HIP CB 243 3.88 -32.58 22.59
CE1 HIP CB 243 2.86 -32.09 21.92
ND1 HIP CB 243 3.21 -30.95 21.21
P HIP CB 243 2.19 -30.25 20.01
O1P HIP CB 243 2.20 -31.20 18.85
O2P HIP CB 243 0.84 -30.26 20.66
O3P HIP CB 243 2.70 -28.89 19.73
C HIP CB 243 7.47 -31.15 20.53
O HIP CB 243 7.06 -31.43 19.41
N VAL CB 244 8.37 -31.92 21.16
CA VAL CB 244 8.79 -33.17 20.55
C VAL CB 244 7.78 -34.28 20.87
N LYS CB 245 7.19 -34.87 19.83
CA LYS CB 245 6.33 -36.05 19.94
C LYS CB 245 7.11 -37.29 19.57
N VAL CB 246 7.01 -38.34 20.40
CA VAL CB 246 7.83 -39.53 20.27
C VAL CB 246 6.93 -40.76 20.06
N GLY CB 247 7.39 -41.68 19.20
CA GLY CB 247 6.67 -42.92 18.92
C GLY CB 247 5.80 -42.79 17.68
N LYS CB 248 5.46 -43.93 17.08
CA LYS CB 248 4.57 -43.97 15.93
C LYS CB 248 3.13 -43.89 16.39
N GLU CB 249 2.29 -43.15 15.64
CA GLU CB 249 0.87 -43.06 15.94
C GLU CB 249 0.22 -44.43 15.73
N ASP CB 250 -0.58 -44.90 16.72
CA ASP CB 250 -1.11 -46.25 16.77
C ASP CB 250 -0.02 -47.33 16.89
N GLY CB 251 1.21 -46.94 17.31
CA GLY CB 251 2.34 -47.85 17.48
C GLY CB 251 2.66 -48.14 18.94
N ALA CB 252 3.94 -48.43 19.23
CA ALA CB 252 4.39 -48.77 20.58
C ALA CB 252 4.37 -47.55 21.50
N PRO CB 253 3.90 -47.66 22.76
CA PRO CB 253 3.87 -46.53 23.69
C PRO CB 253 5.26 -46.23 24.24
N VAL CB 254 5.44 -44.97 24.63
CA VAL CB 254 6.68 -44.43 25.18
C VAL CB 254 6.35 -43.94 26.60
N ARG CB 255 7.13 -44.35 27.60
CA ARG CB 255 6.88 -44.04 29.02
C ARG CB 255 7.75 -42.86 29.46
N ASP CB 256 7.56 -42.38 30.70
CA ASP CB 256 8.25 -41.18 31.19
C ASP CB 256 9.77 -41.35 31.16
N ASN CB 257 10.29 -42.48 31.65
CA ASN CB 257 11.72 -42.74 31.61
C ASN CB 257 12.27 -42.77 30.18
N ASP CB 258 11.44 -43.15 29.21
CA ASP CB 258 11.85 -43.14 27.81
C ASP CB 258 11.93 -41.72 27.29
N LEU CB 259 10.92 -40.89 27.61
CA LEU CB 259 10.93 -39.48 27.26
C LEU CB 259 12.10 -38.73 27.91
N ARG CB 260 12.56 -39.11 29.11
CA ARG CB 260 13.70 -38.43 29.76
C ARG CB 260 14.98 -38.51 28.92
N ARG CB 261 15.20 -39.65 28.25
CA ARG CB 261 16.34 -39.83 27.36
C ARG CB 261 16.19 -38.97 26.11
N VAL CB 262 14.98 -38.84 25.57
CA VAL CB 262 14.72 -37.95 24.44
C VAL CB 262 14.89 -36.47 24.84
N ARG CB 263 14.35 -36.08 26.00
CA ARG CB 263 14.48 -34.74 26.56
C ARG CB 263 15.95 -34.31 26.64
N THR CB 264 16.84 -35.23 26.98
CA THR CB 264 18.27 -34.98 27.06
C THR CB 264 18.85 -34.51 25.72
N ILE CB 265 18.31 -35.00 24.60
CA ILE CB 265 18.81 -34.71 23.26
C ILE CB 265 18.32 -33.34 22.77
N PHE CB 266 17.03 -33.03 22.93
CA PHE CB 266 16.46 -31.78 22.42
C PHE CB 266 16.37 -30.68 23.47
N ASP CB 267 17.10 -30.81 24.59
CA ASP CB 267 17.04 -29.87 25.70
C ASP CB 267 17.39 -28.44 25.26
N PRO CB 268 16.50 -27.44 25.46
CA PRO CB 268 16.84 -26.04 25.15
C PRO CB 268 17.99 -25.50 25.99
N ARG CB 269 18.33 -26.12 27.13
CA ARG CB 269 19.49 -25.75 27.93
C ARG CB 269 20.81 -25.91 27.16
N THR CB 270 20.91 -26.97 26.33
CA THR CB 270 22.16 -27.38 25.70
C THR CB 270 22.11 -27.25 24.17
N THR CB 271 20.93 -27.02 23.60
CA THR CB 271 20.79 -26.69 22.19
C THR CB 271 21.43 -25.34 21.90
N ASP CB 272 21.94 -25.17 20.67
CA ASP CB 272 22.41 -23.88 20.18
C ASP CB 272 21.83 -23.60 18.80
N ALA CB 273 21.99 -22.37 18.32
CA ALA CB 273 21.26 -21.84 17.17
C ALA CB 273 21.31 -22.76 15.95
N ASN CB 274 22.48 -23.36 15.67
CA ASN CB 274 22.71 -24.16 14.49
C ASN CB 274 22.91 -25.66 14.79
N THR CB 275 22.41 -26.13 15.93
CA THR CB 275 22.26 -27.57 16.17
C THR CB 275 21.40 -28.19 15.07
N ALA CB 276 21.80 -29.39 14.62
CA ALA CB 276 21.04 -30.18 13.64
C ALA CB 276 20.63 -31.52 14.23
N TYR CB 277 19.48 -32.04 13.78
CA TYR CB 277 18.92 -33.25 14.35
C TYR CB 277 18.78 -34.34 13.27
N PHE CB 278 19.11 -35.57 13.68
CA PHE CB 278 19.02 -36.75 12.84
C PHE CB 278 18.11 -37.74 13.55
N THR CB 279 17.05 -38.22 12.88
CA THR CB 279 16.13 -39.13 13.55
C THR CB 279 15.60 -40.22 12.63
N GLY CB 280 15.10 -41.29 13.25
CA GLY CB 280 14.17 -42.17 12.58
C GLY CB 280 12.88 -41.44 12.23
N GLN CB 281 11.98 -42.12 11.50
CA GLN CB 281 10.72 -41.54 11.06
C GLN CB 281 9.73 -41.29 12.20
N ASP CB 282 9.94 -41.93 13.37
CA ASP CB 282 8.95 -41.93 14.46
C ASP CB 282 9.29 -40.95 15.59
N VAL CB 283 9.93 -39.83 15.23
CA VAL CB 283 10.17 -38.70 16.11
C VAL CB 283 9.77 -37.44 15.35
N ASP CB 284 8.93 -36.59 15.97
CA ASP CB 284 8.41 -35.40 15.32
C ASP CB 284 8.70 -34.17 16.17
N VAL CB 285 9.43 -33.20 15.60
CA VAL CB 285 9.68 -31.94 16.29
C VAL CB 285 8.60 -30.95 15.87
N GLU CB 286 7.48 -30.97 16.59
CA GLU CB 286 6.41 -29.99 16.42
C GLU CB 286 6.73 -28.69 17.15
N THR CB 287 5.97 -27.64 16.84
CA THR CB 287 6.16 -26.33 17.45
C THR CB 287 4.82 -25.74 17.86
N LEU CB 288 4.74 -25.30 19.13
CA LEU CB 288 3.73 -24.35 19.53
C LEU CB 288 4.17 -22.99 19.00
N GLU CB 289 3.48 -22.51 17.98
CA GLU CB 289 3.74 -21.18 17.43
C GLU CB 289 3.44 -20.11 18.48
N ALA CB 290 4.08 -18.94 18.36
CA ALA CB 290 3.62 -17.77 19.10
C ALA CB 290 2.20 -17.42 18.62
N HIP CB 291 1.24 -17.39 19.55
CA HIP CB 291 -0.16 -17.20 19.19
CB HIP CB 291 -1.00 -18.14 20.08
CG HIP CB 291 -0.82 -19.57 19.71
CD2 HIP CB 291 -0.94 -20.13 18.48
NE2 HIP CB 291 -0.61 -21.46 18.56
CE1 HIP CB 291 -0.27 -21.72 19.81
ND1 HIP CB 291 -0.39 -20.59 20.62
P HIP CB 291 -0.31 -20.59 22.34
O1P HIP CB 291 -1.72 -20.60 22.83
O2P HIP CB 291 0.43 -21.84 22.78
O3P HIP CB 291 0.44 -19.33 22.58
C HIP CB 291 -0.50 -15.72 19.27
O HIP CB 291 -0.67 -15.18 20.35
N ASN CB 292 -0.64 -15.07 18.10
CA ASN CB 292 -0.83 -13.62 18.01
C ASN CB 292 -2.05 -13.12 18.79
N PHE CB 293 -1.83 -12.05 19.56
CA PHE CB 293 -2.86 -11.23 20.17
C PHE CB 293 -2.35 -9.80 20.24
N ASP CB 294 -3.25 -8.81 20.17
CA ASP CB 294 -2.83 -7.42 20.10
C ASP CB 294 -2.69 -6.82 21.50
N TYR CB 295 -1.61 -7.20 22.20
CA TYR CB 295 -1.32 -6.66 23.51
C TYR CB 295 -1.13 -5.14 23.48
N SER CB 296 -0.53 -4.60 22.39
CA SER CB 296 -0.40 -3.15 22.24
C SER CB 296 -1.75 -2.44 22.31
N ALA CB 297 -2.76 -2.97 21.61
CA ALA CB 297 -4.11 -2.39 21.67
C ALA CB 297 -4.69 -2.48 23.09
N ILE CB 298 -4.47 -3.59 23.80
CA ILE CB 298 -4.97 -3.72 25.16
C ILE CB 298 -4.25 -2.74 26.09
N HIS CB 299 -2.93 -2.58 25.95
CA HIS CB 299 -2.17 -1.58 26.67
C HIS CB 299 -2.67 -0.15 26.43
N GLU CB 300 -2.91 0.21 25.17
CA GLU CB 300 -3.46 1.51 24.83
C GLU CB 300 -4.83 1.71 25.47
N MET CB 301 -5.70 0.69 25.44
CA MET CB 301 -7.01 0.74 26.07
C MET CB 301 -6.88 0.95 27.59
N ASP CB 302 -6.04 0.18 28.26
CA ASP CB 302 -5.78 0.33 29.68
C ASP CB 302 -5.28 1.73 30.04
N MET CB 303 -4.33 2.24 29.28
CA MET CB 303 -3.75 3.54 29.54
C MET CB 303 -4.78 4.66 29.30
N ARG CB 304 -5.62 4.54 28.27
CA ARG CB 304 -6.75 5.44 28.04
C ARG CB 304 -7.70 5.44 29.25
N ASN CB 305 -8.09 4.26 29.73
CA ASN CB 305 -8.98 4.15 30.88
C ASN CB 305 -8.36 4.84 32.11
N LEU CB 306 -7.10 4.50 32.43
CA LEU CB 306 -6.44 5.02 33.62
C LEU CB 306 -6.21 6.53 33.54
N THR CB 307 -5.64 7.03 32.45
CA THR CB 307 -5.36 8.45 32.30
C THR CB 307 -6.64 9.27 32.35
N THR CB 308 -7.70 8.88 31.62
CA THR CB 308 -8.99 9.57 31.68
C THR CB 308 -9.56 9.54 33.11
N ALA CB 309 -9.47 8.40 33.81
CA ALA CB 309 -9.94 8.30 35.19
C ALA CB 309 -9.20 9.27 36.14
N LEU CB 310 -7.87 9.39 35.99
CA LEU CB 310 -7.05 10.31 36.78
C LEU CB 310 -7.05 11.76 36.25
N GLY CB 311 -7.76 12.02 35.14
CA GLY CB 311 -7.87 13.36 34.57
C GLY CB 311 -6.65 13.85 33.79
N LEU CB 312 -5.62 13.00 33.62
CA LEU CB 312 -4.46 13.30 32.79
C LEU CB 312 -4.79 13.14 31.31
N PRO CB 313 -4.04 13.81 30.39
CA PRO CB 313 -4.13 13.50 28.97
C PRO CB 313 -3.46 12.15 28.69
N LEU CB 314 -3.92 11.45 27.65
CA LEU CB 314 -3.39 10.13 27.31
C LEU CB 314 -1.89 10.18 27.01
N GLU CB 315 -1.43 11.29 26.42
CA GLU CB 315 -0.03 11.53 26.09
C GLU CB 315 0.91 11.46 27.30
N ALA CB 316 0.43 11.68 28.52
CA ALA CB 316 1.23 11.55 29.74
C ALA CB 316 1.66 10.09 29.99
N GLY CB 317 0.86 9.12 29.52
CA GLY CB 317 1.11 7.70 29.72
C GLY CB 317 2.05 7.06 28.69
N ASN CB 318 2.77 7.85 27.89
CA ASN CB 318 3.59 7.38 26.79
C ASN CB 318 2.78 6.58 25.75
N VAL CB 319 1.51 6.99 25.56
CA VAL CB 319 0.62 6.46 24.53
C VAL CB 319 0.07 7.65 23.74
N GLY CB 320 0.10 7.55 22.41
CA GLY CB 320 -0.44 8.60 21.56
C GLY CB 320 -1.62 8.11 20.75
N ALA CB 321 -2.76 8.80 20.86
CA ALA CB 321 -3.91 8.55 20.01
C ALA CB 321 -3.71 9.13 18.61
N ASP CB 322 -4.26 8.46 17.59
CA ASP CB 322 -4.34 8.98 16.22
C ASP CB 322 -5.42 10.07 16.11
N GLY CB 323 -5.17 11.09 15.27
CA GLY CB 323 -6.14 12.14 14.99
C GLY CB 323 -6.20 13.24 16.05
N LEU CB 324 -6.02 12.86 17.33
CA LEU CB 324 -6.08 13.77 18.47
C LEU CB 324 -4.81 14.59 18.67
N GLY CB 325 -3.73 14.30 17.93
CA GLY CB 325 -2.43 14.94 18.16
C GLY CB 325 -2.24 16.31 17.50
N SER CB 326 -3.28 16.86 16.86
CA SER CB 326 -3.18 18.09 16.06
C SER CB 326 -4.52 18.83 15.97
N GLY CB 327 -4.46 20.12 15.59
CA GLY CB 327 -5.64 20.96 15.31
C GLY CB 327 -6.52 21.22 16.53
N LYS CB 328 -7.80 21.54 16.30
CA LYS CB 328 -8.73 21.84 17.38
C LYS CB 328 -8.92 20.68 18.37
N PRO CB 329 -8.85 19.39 17.96
CA PRO CB 329 -8.78 18.28 18.93
C PRO CB 329 -7.66 18.39 19.96
N ALA CB 330 -6.48 18.87 19.58
CA ALA CB 330 -5.42 19.16 20.52
C ALA CB 330 -5.75 20.41 21.35
N GLU CB 331 -6.16 21.51 20.69
CA GLU CB 331 -6.52 22.75 21.39
C GLU CB 331 -7.51 22.48 22.53
N LEU CB 332 -8.55 21.67 22.30
CA LEU CB 332 -9.51 21.32 23.33
C LEU CB 332 -8.89 20.57 24.50
N ARG CB 333 -8.16 19.46 24.26
CA ARG CB 333 -7.66 18.63 25.34
C ARG CB 333 -6.62 19.36 26.19
N PHE CB 334 -5.73 20.14 25.54
CA PHE CB 334 -4.76 20.93 26.26
C PHE CB 334 -5.38 22.15 26.95
N ALA CB 335 -6.48 22.70 26.43
CA ALA CB 335 -7.28 23.68 27.17
C ALA CB 335 -7.91 23.05 28.42
N LEU CB 336 -8.53 21.88 28.30
CA LEU CB 336 -9.14 21.16 29.42
C LEU CB 336 -8.13 20.88 30.53
N LEU CB 337 -6.92 20.47 30.15
CA LEU CB 337 -5.83 20.24 31.10
C LEU CB 337 -5.45 21.53 31.83
N LYS CB 338 -5.23 22.63 31.10
CA LYS CB 338 -4.90 23.91 31.70
C LYS CB 338 -6.01 24.44 32.60
N LEU CB 339 -7.28 24.29 32.23
CA LEU CB 339 -8.41 24.64 33.08
C LEU CB 339 -8.43 23.84 34.38
N ALA CB 340 -8.23 22.51 34.32
CA ALA CB 340 -8.20 21.67 35.49
C ALA CB 340 -7.07 22.08 36.45
N ILE CB 341 -5.89 22.40 35.89
CA ILE CB 341 -4.75 22.88 36.65
C ILE CB 341 -5.08 24.22 37.33
N LYS CB 342 -5.67 25.20 36.63
CA LYS CB 342 -6.00 26.48 37.21
C LYS CB 342 -6.99 26.34 38.37
N ALA CB 343 -7.99 25.48 38.24
CA ALA CB 343 -8.95 25.19 39.30
C ALA CB 343 -8.27 24.60 40.56
N ASN CB 344 -7.37 23.63 40.38
CA ASN CB 344 -6.63 23.06 41.52
C ASN CB 344 -5.72 24.11 42.16
N GLN CB 345 -4.97 24.86 41.35
CA GLN CB 345 -4.06 25.90 41.80
C GLN CB 345 -4.80 26.95 42.63
N ARG CB 346 -5.89 27.54 42.12
CA ARG CB 346 -6.63 28.54 42.88
C ARG CB 346 -7.21 27.97 44.17
N SER CB 347 -7.73 26.73 44.14
CA SER CB 347 -8.24 26.08 45.35
C SER CB 347 -7.16 25.98 46.42
N PHE CB 348 -5.93 25.60 46.03
CA PHE CB 348 -4.80 25.50 46.93
C PHE CB 348 -4.36 26.89 47.42
N SER CB 349 -4.10 27.82 46.50
CA SER CB 349 -3.63 29.17 46.79
C SER CB 349 -4.50 29.89 47.82
N VAL CB 350 -5.82 29.84 47.64
CA VAL CB 350 -6.75 30.51 48.54
C VAL CB 350 -6.61 29.94 49.96
N GLN CB 351 -6.64 28.62 50.11
CA GLN CB 351 -6.51 28.00 51.41
C GLN CB 351 -5.14 28.22 52.04
N PHE CB 352 -4.05 28.18 51.26
CA PHE CB 352 -2.72 28.39 51.78
C PHE CB 352 -2.58 29.82 52.34
N VAL CB 353 -3.03 30.82 51.59
CA VAL CB 353 -3.02 32.19 52.08
C VAL CB 353 -3.89 32.34 53.33
N GLU CB 354 -5.13 31.85 53.28
CA GLU CB 354 -6.10 32.04 54.36
C GLU CB 354 -5.75 31.29 55.65
N ARG CB 355 -5.13 30.10 55.55
CA ARG CB 355 -4.97 29.20 56.71
C ARG CB 355 -3.51 28.95 57.11
N VAL CB 356 -2.53 29.37 56.29
CA VAL CB 356 -1.12 29.30 56.66
C VAL CB 356 -0.52 30.71 56.73
N MET CB 357 -0.61 31.48 55.65
CA MET CB 357 0.05 32.79 55.62
C MET CB 357 -0.60 33.79 56.58
N ARG CB 358 -1.92 34.01 56.53
CA ARG CB 358 -2.56 35.04 57.35
C ARG CB 358 -2.33 34.81 58.84
N PRO CB 359 -2.49 33.59 59.41
CA PRO CB 359 -2.13 33.34 60.80
C PRO CB 359 -0.66 33.64 61.13
N VAL CB 360 0.27 33.30 60.23
CA VAL CB 360 1.69 33.61 60.44
C VAL CB 360 1.94 35.12 60.44
N VAL CB 361 1.30 35.87 59.52
CA VAL CB 361 1.40 37.33 59.51
C VAL CB 361 0.80 37.91 60.78
N ARG CB 362 -0.38 37.44 61.19
CA ARG CB 362 -1.07 37.89 62.40
C ARG CB 362 -0.21 37.72 63.64
N ASP CB 363 0.43 36.56 63.79
CA ASP CB 363 1.05 36.14 65.04
C ASP CB 363 2.55 36.47 65.17
N TYR CB 364 3.29 36.65 64.04
CA TYR CB 364 4.75 36.80 64.09
C TYR CB 364 5.28 38.03 63.32
N SER CB 365 4.40 38.81 62.71
CA SER CB 365 4.77 39.89 61.82
C SER CB 365 4.32 41.24 62.36
N PRO CB 366 5.10 42.35 62.19
CA PRO CB 366 4.63 43.68 62.55
C PRO CB 366 3.65 44.31 61.54
N PHE CB 367 3.25 43.54 60.52
CA PHE CB 367 2.38 43.99 59.43
C PHE CB 367 0.89 43.68 59.70
N ASP CB 368 0.02 44.26 58.86
CA ASP CB 368 -1.42 44.03 58.91
C ASP CB 368 -1.78 42.69 58.25
N HIS CB 369 -2.33 41.74 59.02
CA HIS CB 369 -2.68 40.42 58.50
C HIS CB 369 -3.91 40.43 57.57
N GLU CB 370 -4.71 41.49 57.60
CA GLU CB 370 -5.87 41.61 56.73
C GLU CB 370 -5.51 42.14 55.33
N ALA CB 371 -4.21 42.37 55.04
CA ALA CB 371 -3.75 42.82 53.73
C ALA CB 371 -4.09 41.85 52.60
N ASP CB 372 -4.19 42.39 51.37
CA ASP CB 372 -4.54 41.63 50.16
C ASP CB 372 -3.36 40.82 49.61
N ILE CB 373 -2.93 39.82 50.39
CA ILE CB 373 -1.97 38.78 50.01
C ILE CB 373 -2.61 37.87 48.94
N ARG CB 374 -1.79 37.45 47.97
CA ARG CB 374 -2.10 36.43 46.97
C ARG CB 374 -0.88 35.53 46.76
N LEU CB 375 -1.13 34.29 46.33
CA LEU CB 375 -0.07 33.35 45.97
C LEU CB 375 -0.40 32.77 44.61
N GLU CB 376 0.22 33.29 43.54
CA GLU CB 376 0.04 32.66 42.24
C GLU CB 376 0.96 31.44 42.13
N ILE CB 377 0.48 30.42 41.42
CA ILE CB 377 1.29 29.25 41.11
C ILE CB 377 1.44 29.21 39.59
N ASN CB 378 2.68 29.02 39.12
CA ASN CB 378 3.03 29.24 37.73
C ASN CB 378 2.33 28.23 36.80
N ASP CB 379 2.08 28.68 35.56
CA ASP CB 379 1.53 27.84 34.51
C ASP CB 379 2.61 26.88 34.00
N PRO CB 380 2.45 25.54 34.14
CA PRO CB 380 3.48 24.58 33.72
C PRO CB 380 3.66 24.44 32.21
N LEU CB 381 2.69 24.93 31.42
CA LEU CB 381 2.67 24.75 29.96
C LEU CB 381 2.78 26.08 29.20
N GLU CB 382 3.16 27.16 29.90
CA GLU CB 382 3.44 28.46 29.31
C GLU CB 382 4.68 28.39 28.40
N ASP CB 383 4.56 28.93 27.18
CA ASP CB 383 5.67 29.03 26.23
C ASP CB 383 6.17 30.47 26.15
N ILE CB 384 7.40 30.73 26.62
CA ILE CB 384 7.96 32.07 26.61
C ILE CB 384 8.15 32.58 25.18
N GLY CB 385 8.37 31.69 24.21
CA GLY CB 385 8.43 32.06 22.80
C GLY CB 385 7.09 32.62 22.27
N GLU CB 386 5.97 32.11 22.81
CA GLU CB 386 4.65 32.63 22.49
C GLU CB 386 4.42 33.99 23.18
N VAL CB 387 4.90 34.14 24.42
CA VAL CB 387 4.82 35.39 25.15
C VAL CB 387 5.65 36.49 24.49
N ALA CB 388 6.84 36.15 23.98
CA ALA CB 388 7.68 37.07 23.24
C ALA CB 388 6.96 37.64 22.01
N ASP CB 389 6.29 36.78 21.25
CA ASP CB 389 5.46 37.22 20.12
C ASP CB 389 4.38 38.19 20.58
N LEU CB 390 3.69 37.89 21.69
CA LEU CB 390 2.68 38.76 22.24
C LEU CB 390 3.27 40.13 22.61
N ILE CB 391 4.42 40.16 23.27
CA ILE CB 391 5.10 41.40 23.65
C ILE CB 391 5.46 42.22 22.42
N GLN CB 392 5.94 41.60 21.33
CA GLN CB 392 6.21 42.31 20.09
C GLN CB 392 4.92 42.90 19.48
N GLN CB 393 3.83 42.14 19.49
CA GLN CB 393 2.60 42.56 18.83
C GLN CB 393 1.88 43.69 19.56
N VAL CB 394 1.87 43.67 20.91
CA VAL CB 394 0.99 44.55 21.68
C VAL CB 394 1.67 45.21 22.89
N GLY CB 395 3.01 45.15 22.96
CA GLY CB 395 3.81 45.86 23.96
C GLY CB 395 3.49 47.36 24.04
N ASP CB 396 3.08 47.95 22.91
CA ASP CB 396 2.66 49.35 22.81
C ASP CB 396 1.47 49.71 23.72
N TYR CB 397 0.79 48.71 24.30
CA TYR CB 397 -0.34 48.89 25.20
C TYR CB 397 -0.05 48.42 26.63
N MET CB 398 1.17 47.98 26.91
CA MET CB 398 1.55 47.43 28.22
C MET CB 398 2.59 48.32 28.90
N THR CB 399 2.39 48.64 30.19
CA THR CB 399 3.44 49.27 30.98
C THR CB 399 4.64 48.35 31.11
N ASN CB 400 5.82 48.92 31.34
CA ASN CB 400 7.03 48.13 31.48
C ASN CB 400 6.94 47.13 32.64
N GLU CB 401 6.23 47.49 33.73
CA GLU CB 401 5.97 46.52 34.80
C GLU CB 401 5.12 45.34 34.32
N GLN CB 402 4.07 45.58 33.52
CA GLN CB 402 3.24 44.51 32.98
C GLN CB 402 4.05 43.61 32.05
N VAL CB 403 4.90 44.19 31.20
CA VAL CB 403 5.79 43.41 30.34
C VAL CB 403 6.74 42.56 31.19
N ALA CB 404 7.39 43.14 32.20
CA ALA CB 404 8.30 42.42 33.09
C ALA CB 404 7.60 41.27 33.81
N GLU CB 405 6.35 41.47 34.26
CA GLU CB 405 5.53 40.41 34.84
C GLU CB 405 5.29 39.27 33.85
N LYS CB 406 4.81 39.57 32.63
CA LYS CB 406 4.56 38.53 31.62
C LYS CB 406 5.84 37.79 31.25
N LEU CB 407 6.93 38.52 31.10
CA LEU CB 407 8.26 38.00 30.77
C LEU CB 407 8.94 37.29 31.94
N ASP CB 408 8.32 37.32 33.14
CA ASP CB 408 8.84 36.72 34.37
C ASP CB 408 10.23 37.25 34.73
N LEU CB 409 10.32 38.58 34.91
CA LEU CB 409 11.51 39.29 35.35
C LEU CB 409 11.14 40.33 36.41
N PRO CB 410 12.10 40.83 37.23
CA PRO CB 410 11.85 41.96 38.12
C PRO CB 410 11.41 43.18 37.31
N ALA CB 411 10.43 43.92 37.84
CA ALA CB 411 10.04 45.22 37.30
C ALA CB 411 11.20 46.22 37.46
N PRO CB 412 11.31 47.27 36.60
CA PRO CB 412 12.40 48.25 36.70
C PRO CB 412 12.50 48.92 38.07
N GLU CB 413 13.75 49.21 38.48
CA GLU CB 413 14.07 49.81 39.77
C GLU CB 413 13.57 51.25 39.90
N ASP CB 414 13.33 51.93 38.76
CA ASP CB 414 12.87 53.31 38.71
C ASP CB 414 11.38 53.37 38.32
N ASP CB 415 10.55 53.93 39.20
CA ASP CB 415 9.10 53.83 39.12
C ASP CB 415 8.51 54.47 37.85
N GLU CB 416 9.06 55.59 37.38
CA GLU CB 416 8.51 56.26 36.20
C GLU CB 416 8.69 55.38 34.95
N VAL CB 417 9.86 54.76 34.80
CA VAL CB 417 10.07 53.87 33.67
C VAL CB 417 9.30 52.56 33.85
N ALA CB 418 9.15 52.05 35.08
CA ALA CB 418 8.28 50.90 35.33
C ALA CB 418 6.84 51.16 34.89
N ASP CB 419 6.31 52.32 35.24
CA ASP CB 419 4.91 52.71 35.02
C ASP CB 419 4.66 53.13 33.57
N SER CB 420 5.68 53.63 32.85
CA SER CB 420 5.55 54.04 31.46
C SER CB 420 5.28 52.85 30.52
N TYR CB 421 4.76 53.16 29.31
CA TYR CB 421 4.35 52.20 28.30
C TYR CB 421 5.45 51.86 27.28
N ARG CB 422 6.20 52.87 26.81
CA ARG CB 422 7.27 52.61 25.83
C ARG CB 422 8.49 51.97 26.50
N SER CB 423 9.30 51.22 25.73
CA SER CB 423 10.40 50.41 26.23
C SER CB 423 11.41 51.21 27.06
N PRO CB 424 12.03 50.62 28.12
CA PRO CB 424 13.11 51.27 28.84
C PRO CB 424 14.33 51.53 27.95
N ALA CB 425 14.65 50.62 27.02
CA ALA CB 425 15.71 50.86 26.06
C ALA CB 425 15.39 52.05 25.14
N ASP CB 426 14.11 52.21 24.74
CA ASP CB 426 13.71 53.35 23.93
C ASP CB 426 13.76 54.67 24.73
N MET CB 427 13.39 54.63 26.01
CA MET CB 427 13.55 55.80 26.86
C MET CB 427 15.02 56.16 27.09
N GLU CB 428 15.91 55.15 27.26
CA GLU CB 428 17.34 55.38 27.40
C GLU CB 428 17.95 56.02 26.15
N LYS CB 429 17.65 55.51 24.94
CA LYS CB 429 18.21 56.08 23.71
C LYS CB 429 17.65 57.47 23.39
N ASP CB 430 16.45 57.80 23.88
CA ASP CB 430 15.91 59.15 23.79
C ASP CB 430 16.54 60.09 24.82
N GLU CB 431 16.75 59.62 26.07
CA GLU CB 431 17.46 60.39 27.08
C GLU CB 431 18.90 60.69 26.64
N ALA CB 432 19.54 59.75 25.95
CA ALA CB 432 20.86 59.93 25.32
C ALA CB 432 20.86 61.01 24.23
N GLY CB 433 19.69 61.42 23.72
CA GLY CB 433 19.53 62.53 22.78
C GLY CB 433 19.39 63.91 23.45
N VAL CB 434 19.13 63.95 24.77
CA VAL CB 434 18.94 65.19 25.53
C VAL CB 434 20.30 65.80 25.85
N ALA DB 31 -52.83 45.38 29.54
CA ALA DB 31 -52.56 43.94 29.80
C ALA DB 31 -52.91 43.62 31.27
N SER DB 32 -52.02 42.91 31.99
CA SER DB 32 -52.24 42.49 33.37
C SER DB 32 -50.93 42.47 34.16
N SER DB 33 -51.05 42.44 35.50
CA SER DB 33 -49.91 42.46 36.41
C SER DB 33 -49.64 41.09 37.08
N THR DB 34 -50.46 40.07 36.74
CA THR DB 34 -50.24 38.69 37.15
C THR DB 34 -50.35 37.78 35.93
N PRO DB 35 -49.56 36.69 35.82
CA PRO DB 35 -49.63 35.80 34.66
C PRO DB 35 -51.02 35.18 34.56
N GLN DB 36 -51.63 35.30 33.37
CA GLN DB 36 -52.98 34.81 33.13
C GLN DB 36 -53.02 33.44 32.44
N THR DB 37 -51.91 33.00 31.83
CA THR DB 37 -51.77 31.60 31.44
C THR DB 37 -51.30 30.75 32.63
N ASN DB 38 -51.84 29.53 32.72
CA ASN DB 38 -51.46 28.54 33.73
C ASN DB 38 -50.12 27.88 33.37
N VAL DB 39 -49.55 27.05 34.29
CA VAL DB 39 -48.14 26.64 34.22
C VAL DB 39 -47.89 25.17 34.56
N ASP DB 40 -48.87 24.27 34.35
CA ASP DB 40 -48.64 22.83 34.17
C ASP DB 40 -47.91 22.13 35.33
N SER DB 41 -48.02 22.65 36.57
CA SER DB 41 -47.07 22.29 37.62
C SER DB 41 -47.66 22.13 39.03
N MET DB 42 -48.85 22.68 39.29
CA MET DB 42 -49.38 22.80 40.65
C MET DB 42 -49.61 21.44 41.35
N GLY DB 43 -49.34 21.40 42.67
CA GLY DB 43 -49.67 20.29 43.56
C GLY DB 43 -48.67 19.13 43.54
N GLY DB 44 -47.56 19.26 42.80
CA GLY DB 44 -46.52 18.23 42.68
C GLY DB 44 -46.99 16.94 42.01
N GLY DB 45 -48.09 17.00 41.23
CA GLY DB 45 -48.80 15.80 40.81
C GLY DB 45 -49.70 15.28 41.91
N HIS DB 46 -49.49 14.00 42.32
CA HIS DB 46 -50.32 13.32 43.31
C HIS DB 46 -49.83 13.46 44.77
N SER DB 47 -48.64 14.03 44.99
CA SER DB 47 -48.23 14.51 46.30
C SER DB 47 -47.41 15.79 46.17
N TYR DB 48 -47.58 16.71 47.13
CA TYR DB 48 -47.21 18.12 46.94
C TYR DB 48 -45.87 18.51 47.61
N GLN DB 49 -45.86 18.61 48.95
CA GLN DB 49 -44.70 19.06 49.70
C GLN DB 49 -43.55 18.03 49.67
N PHE DB 50 -43.90 16.76 49.49
CA PHE DB 50 -43.03 15.77 48.87
C PHE DB 50 -43.61 15.41 47.50
N ASN DB 51 -42.84 15.54 46.41
CA ASN DB 51 -43.33 15.36 45.05
C ASN DB 51 -43.83 13.95 44.76
N GLY DB 52 -44.90 13.84 43.95
CA GLY DB 52 -45.36 12.55 43.43
C GLY DB 52 -44.54 12.11 42.22
N GLN DB 53 -44.82 12.72 41.05
CA GLN DB 53 -44.18 12.40 39.78
C GLN DB 53 -42.83 13.12 39.62
N ASP DB 54 -42.75 14.39 40.06
CA ASP DB 54 -41.53 15.19 40.02
C ASP DB 54 -40.45 14.62 40.97
N LEU DB 55 -39.19 15.03 40.79
CA LEU DB 55 -38.05 14.37 41.44
C LEU DB 55 -38.03 14.52 42.97
N THR DB 56 -37.29 13.59 43.60
CA THR DB 56 -37.34 13.32 45.04
C THR DB 56 -35.93 13.37 45.65
N PHE DB 57 -35.82 13.38 46.99
CA PHE DB 57 -34.53 13.30 47.64
C PHE DB 57 -33.72 12.08 47.20
N GLU DB 58 -34.39 10.96 46.88
CA GLU DB 58 -33.71 9.77 46.39
C GLU DB 58 -33.15 9.96 44.98
N ASP DB 59 -33.86 10.67 44.09
CA ASP DB 59 -33.31 11.04 42.79
C ASP DB 59 -32.11 11.99 42.93
N LEU DB 60 -32.20 12.96 43.85
CA LEU DB 60 -31.10 13.87 44.14
C LEU DB 60 -29.85 13.10 44.59
N ARG DB 61 -30.02 12.12 45.48
CA ARG DB 61 -28.91 11.28 45.90
C ARG DB 61 -28.41 10.35 44.81
N ASP DB 62 -29.25 9.97 43.85
CA ASP DB 62 -28.81 9.27 42.66
C ASP DB 62 -27.85 10.13 41.83
N ILE DB 63 -28.13 11.44 41.66
CA ILE DB 63 -27.20 12.34 40.99
C ILE DB 63 -25.88 12.41 41.74
N LYS DB 64 -25.93 12.56 43.08
CA LYS DB 64 -24.76 12.58 43.93
C LYS DB 64 -23.92 11.32 43.72
N ASP DB 65 -24.54 10.13 43.71
CA ASP DB 65 -23.83 8.88 43.49
C ASP DB 65 -23.15 8.82 42.12
N VAL DB 66 -23.75 9.34 41.04
CA VAL DB 66 -23.08 9.42 39.75
C VAL DB 66 -21.83 10.30 39.85
N ARG DB 67 -21.93 11.52 40.41
CA ARG DB 67 -20.79 12.41 40.57
C ARG DB 67 -19.68 11.81 41.46
N ASP DB 68 -20.07 11.19 42.56
CA ASP DB 68 -19.13 10.61 43.52
C ASP DB 68 -18.30 9.49 42.90
N SER DB 69 -18.93 8.64 42.07
CA SER DB 69 -18.44 7.32 41.67
C SER DB 69 -17.11 7.29 40.89
N GLY DB 70 -16.62 8.42 40.38
CA GLY DB 70 -15.39 8.42 39.58
C GLY DB 70 -15.55 7.79 38.20
N GLY DB 71 -14.43 7.38 37.59
CA GLY DB 71 -14.44 6.87 36.22
C GLY DB 71 -14.81 7.92 35.16
N GLN DB 72 -15.11 7.45 33.94
CA GLN DB 72 -15.15 8.31 32.77
C GLN DB 72 -16.32 9.30 32.77
N VAL DB 73 -17.50 8.89 33.25
CA VAL DB 73 -18.70 9.73 33.25
C VAL DB 73 -18.51 10.94 34.17
N ALA DB 74 -17.97 10.70 35.37
CA ALA DB 74 -17.68 11.76 36.33
C ALA DB 74 -16.66 12.75 35.75
N GLN DB 75 -15.62 12.25 35.08
CA GLN DB 75 -14.61 13.12 34.50
C GLN DB 75 -15.18 13.99 33.36
N LEU DB 76 -16.04 13.43 32.50
CA LEU DB 76 -16.64 14.20 31.41
C LEU DB 76 -17.51 15.34 31.93
N MET DB 77 -18.37 15.10 32.91
CA MET DB 77 -19.22 16.15 33.44
C MET DB 77 -18.39 17.21 34.22
N ASP DB 78 -17.27 16.83 34.84
CA ASP DB 78 -16.31 17.78 35.38
C ASP DB 78 -15.58 18.60 34.30
N TYR DB 79 -15.24 18.01 33.15
CA TYR DB 79 -14.76 18.79 32.01
C TYR DB 79 -15.81 19.79 31.52
N LYS DB 80 -17.09 19.41 31.50
CA LYS DB 80 -18.18 20.33 31.16
C LYS DB 80 -18.22 21.52 32.12
N ALA DB 81 -18.13 21.28 33.43
CA ALA DB 81 -18.09 22.34 34.43
C ALA DB 81 -16.89 23.28 34.22
N LEU DB 82 -15.71 22.72 33.98
CA LEU DB 82 -14.49 23.49 33.75
C LEU DB 82 -14.59 24.36 32.49
N LEU DB 83 -15.15 23.85 31.39
CA LEU DB 83 -15.33 24.65 30.18
C LEU DB 83 -16.27 25.83 30.43
N ASN DB 84 -17.38 25.61 31.15
CA ASN DB 84 -18.36 26.65 31.35
C ASN DB 84 -17.90 27.71 32.34
N PHE DB 85 -17.15 27.33 33.39
CA PHE DB 85 -16.95 28.18 34.55
C PHE DB 85 -15.51 28.24 35.09
N GLY DB 86 -14.59 27.45 34.54
CA GLY DB 86 -13.24 27.33 35.08
C GLY DB 86 -12.28 28.46 34.72
N GLU DB 87 -12.61 29.29 33.72
CA GLU DB 87 -11.73 30.35 33.24
C GLU DB 87 -11.87 31.65 34.04
N GLY DB 88 -12.74 31.66 35.07
CA GLY DB 88 -12.90 32.81 35.96
C GLY DB 88 -13.80 33.89 35.37
N CYS DB 89 -13.87 35.03 36.09
CA CYS DB 89 -14.91 36.03 35.85
C CYS DB 89 -14.37 37.45 36.00
N GLU DB 90 -15.18 38.43 35.53
CA GLU DB 90 -14.95 39.84 35.80
C GLU DB 90 -16.28 40.54 36.08
N ILE DB 91 -16.31 41.40 37.10
CA ILE DB 91 -17.48 42.22 37.41
C ILE DB 91 -17.37 43.55 36.68
N HIS DB 92 -18.46 43.96 36.02
CA HIS DB 92 -18.58 45.26 35.37
C HIS DB 92 -19.76 46.03 35.97
N VAL DB 93 -19.64 47.36 36.00
CA VAL DB 93 -20.76 48.23 36.32
C VAL DB 93 -20.77 49.35 35.26
N GLU DB 94 -21.91 49.59 34.60
CA GLU DB 94 -22.00 50.75 33.73
C GLU DB 94 -22.10 52.04 34.55
N GLY DB 95 -21.32 53.07 34.19
CA GLY DB 95 -21.20 54.29 34.97
C GLY DB 95 -20.56 54.10 36.36
N ASP DB 96 -19.65 53.13 36.48
CA ASP DB 96 -19.00 52.77 37.74
C ASP DB 96 -18.34 53.96 38.44
N ASP DB 97 -17.70 54.85 37.68
CA ASP DB 97 -17.06 56.05 38.21
C ASP DB 97 -18.04 56.97 38.95
N GLU DB 98 -19.28 57.06 38.44
CA GLU DB 98 -20.33 57.89 39.03
C GLU DB 98 -20.78 57.35 40.40
N THR DB 99 -20.43 56.10 40.73
CA THR DB 99 -20.81 55.49 42.00
C THR DB 99 -19.88 55.91 43.15
N LYS DB 100 -18.73 56.55 42.86
CA LYS DB 100 -17.69 56.88 43.86
C LYS DB 100 -18.29 57.46 45.14
N GLN DB 101 -17.99 56.78 46.27
CA GLN DB 101 -18.55 57.07 47.58
C GLN DB 101 -17.55 56.65 48.66
N LEU DB 102 -17.58 57.30 49.84
CA LEU DB 102 -16.70 56.89 50.94
C LEU DB 102 -17.35 55.73 51.71
N VAL DB 103 -16.63 54.61 51.83
CA VAL DB 103 -17.15 53.40 52.47
C VAL DB 103 -16.75 53.34 53.94
N ASP DB 104 -15.47 53.61 54.23
CA ASP DB 104 -14.93 53.74 55.57
C ASP DB 104 -13.85 54.83 55.56
N GLY DB 105 -14.25 56.04 55.17
CA GLY DB 105 -13.32 57.13 54.88
C GLY DB 105 -12.61 56.98 53.54
N GLU DB 106 -12.24 55.73 53.19
CA GLU DB 106 -11.67 55.38 51.90
C GLU DB 106 -12.74 55.43 50.80
N PRO DB 107 -12.45 56.06 49.63
CA PRO DB 107 -13.36 56.01 48.48
C PRO DB 107 -13.41 54.63 47.82
N MET DB 108 -14.61 54.24 47.36
CA MET DB 108 -14.79 53.08 46.50
C MET DB 108 -15.85 53.35 45.44
N THR DB 109 -15.68 52.71 44.28
CA THR DB 109 -16.76 52.46 43.34
C THR DB 109 -17.52 51.19 43.75
N LEU DB 110 -18.70 51.01 43.16
CA LEU DB 110 -19.47 49.79 43.37
C LEU DB 110 -18.68 48.56 42.90
N SER DB 111 -17.97 48.63 41.76
CA SER DB 111 -17.16 47.52 41.32
C SER DB 111 -16.06 47.17 42.33
N GLU DB 112 -15.34 48.17 42.85
CA GLU DB 112 -14.34 47.95 43.88
C GLU DB 112 -14.95 47.31 45.13
N TRP DB 113 -16.12 47.79 45.55
CA TRP DB 113 -16.79 47.23 46.72
C TRP DB 113 -17.21 45.78 46.48
N LEU DB 114 -17.80 45.47 45.31
CA LEU DB 114 -18.19 44.11 44.96
C LEU DB 114 -16.99 43.16 44.91
N GLU DB 115 -15.86 43.60 44.35
CA GLU DB 115 -14.64 42.79 44.35
C GLU DB 115 -14.11 42.56 45.77
N ASP DB 116 -14.41 43.44 46.73
CA ASP DB 116 -14.07 43.23 48.13
C ASP DB 116 -15.11 42.36 48.85
N ALA DB 117 -16.38 42.42 48.41
CA ALA DB 117 -17.47 41.62 48.96
C ALA DB 117 -17.31 40.14 48.55
N PHE DB 118 -16.96 39.92 47.28
CA PHE DB 118 -16.78 38.59 46.68
C PHE DB 118 -15.31 38.40 46.25
N PRO DB 119 -14.37 38.21 47.20
CA PRO DB 119 -12.95 38.14 46.87
C PRO DB 119 -12.55 36.90 46.07
N HIS DB 120 -13.23 35.77 46.33
CA HIS DB 120 -12.90 34.48 45.72
C HIS DB 120 -13.98 34.03 44.73
N LEU DB 121 -14.53 34.98 43.96
CA LEU DB 121 -15.69 34.72 43.13
C LEU DB 121 -15.41 33.68 42.04
N ASP DB 122 -14.18 33.63 41.51
CA ASP DB 122 -13.76 32.61 40.55
C ASP DB 122 -14.04 31.18 41.04
N LEU DB 123 -13.75 30.90 42.32
CA LEU DB 123 -13.99 29.58 42.90
C LEU DB 123 -15.49 29.34 43.10
N LEU DB 124 -16.20 30.33 43.63
CA LEU DB 124 -17.63 30.22 43.86
C LEU DB 124 -18.40 29.97 42.56
N VAL DB 125 -18.07 30.70 41.50
CA VAL DB 125 -18.65 30.54 40.17
C VAL DB 125 -18.41 29.13 39.64
N LEU DB 126 -17.22 28.54 39.82
CA LEU DB 126 -16.97 27.17 39.40
C LEU DB 126 -17.78 26.16 40.22
N ASP DB 127 -17.89 26.35 41.53
CA ASP DB 127 -18.64 25.47 42.41
C ASP DB 127 -20.14 25.48 42.07
N LEU DB 128 -20.77 26.66 42.08
CA LEU DB 128 -22.17 26.81 41.76
C LEU DB 128 -22.45 26.43 40.31
N GLY DB 129 -21.58 26.88 39.40
CA GLY DB 129 -21.72 26.58 37.98
C GLY DB 129 -21.64 25.08 37.70
N GLY DB 130 -20.75 24.36 38.40
CA GLY DB 130 -20.72 22.91 38.36
C GLY DB 130 -22.03 22.30 38.88
N ASP DB 131 -22.46 22.71 40.09
CA ASP DB 131 -23.66 22.16 40.69
C ASP DB 131 -24.89 22.36 39.81
N ALA DB 132 -25.06 23.53 39.20
CA ALA DB 132 -26.21 23.83 38.37
C ALA DB 132 -26.18 23.10 37.01
N LEU DB 133 -25.06 22.49 36.60
CA LEU DB 133 -25.02 21.60 35.44
C LEU DB 133 -25.39 20.17 35.83
N TRP DB 134 -24.86 19.69 36.96
CA TRP DB 134 -25.15 18.36 37.52
C TRP DB 134 -26.61 18.26 37.97
N TYR DB 135 -26.99 19.10 38.94
CA TYR DB 135 -28.28 19.10 39.61
C TYR DB 135 -29.23 20.05 38.89
N PRO DB 136 -30.54 20.10 39.23
CA PRO DB 136 -31.45 21.05 38.61
C PRO DB 136 -31.11 22.50 38.95
N TYR DB 137 -30.47 22.73 40.10
CA TYR DB 137 -30.15 24.07 40.61
C TYR DB 137 -28.85 24.03 41.42
N ALA DB 138 -28.18 25.19 41.50
CA ALA DB 138 -27.33 25.53 42.62
C ALA DB 138 -28.15 26.31 43.64
N VAL DB 139 -27.82 26.21 44.94
CA VAL DB 139 -28.65 26.78 46.00
C VAL DB 139 -27.76 27.19 47.17
N GLY DB 140 -28.15 28.21 47.94
CA GLY DB 140 -27.34 28.69 49.06
C GLY DB 140 -28.00 29.80 49.88
N GLU DB 141 -27.27 30.29 50.88
CA GLU DB 141 -27.69 31.32 51.82
C GLU DB 141 -26.87 32.61 51.64
N ILE DB 142 -27.35 33.72 52.22
CA ILE DB 142 -26.49 34.86 52.53
C ILE DB 142 -26.10 34.78 54.00
N GLN DB 143 -24.80 34.82 54.27
CA GLN DB 143 -24.24 34.73 55.61
C GLN DB 143 -23.70 36.09 56.05
N GLU DB 144 -24.01 36.45 57.29
CA GLU DB 144 -23.48 37.66 57.91
C GLU DB 144 -22.35 37.32 58.90
N THR DB 145 -21.52 38.32 59.19
CA THR DB 145 -20.72 38.37 60.40
C THR DB 145 -21.64 38.50 61.63
N ILE DB 146 -21.09 38.36 62.84
CA ILE DB 146 -21.86 38.62 64.06
C ILE DB 146 -22.23 40.11 64.17
N THR DB 147 -21.31 41.01 63.74
CA THR DB 147 -21.55 42.44 63.64
C THR DB 147 -22.61 42.81 62.60
N GLY DB 148 -23.01 41.87 61.72
CA GLY DB 148 -24.10 42.09 60.78
C GLY DB 148 -23.67 42.69 59.44
N GLU DB 149 -22.36 42.87 59.24
CA GLU DB 149 -21.78 43.08 57.91
C GLU DB 149 -21.83 41.77 57.11
N PHE DB 150 -21.87 41.87 55.77
CA PHE DB 150 -21.88 40.72 54.88
C PHE DB 150 -20.61 39.88 55.03
N LYS DB 151 -20.76 38.54 55.11
CA LYS DB 151 -19.63 37.62 55.19
C LYS DB 151 -19.40 36.92 53.85
N GLU DB 152 -20.41 36.16 53.37
CA GLU DB 152 -20.31 35.42 52.11
C GLU DB 152 -21.69 34.97 51.62
N ALA DB 153 -21.78 34.65 50.32
CA ALA DB 153 -22.87 33.80 49.82
C ALA DB 153 -22.45 32.34 50.02
N LEU DB 154 -23.13 31.62 50.91
CA LEU DB 154 -22.73 30.27 51.30
C LEU DB 154 -23.54 29.23 50.52
N PRO DB 155 -22.93 28.46 49.58
CA PRO DB 155 -23.62 27.34 48.94
C PRO DB 155 -24.06 26.29 49.95
N ALA DB 156 -25.16 25.61 49.61
CA ALA DB 156 -25.66 24.46 50.36
C ALA DB 156 -25.58 23.21 49.48
N GLU DB 157 -25.49 22.03 50.11
CA GLU DB 157 -25.31 20.76 49.39
C GLU DB 157 -26.56 20.44 48.57
N PRO DB 158 -26.52 20.55 47.22
CA PRO DB 158 -27.75 20.64 46.42
C PRO DB 158 -28.60 19.38 46.43
N TRP DB 159 -27.99 18.21 46.67
CA TRP DB 159 -28.73 16.96 46.77
C TRP DB 159 -29.51 16.84 48.08
N THR DB 160 -29.27 17.72 49.06
CA THR DB 160 -29.99 17.67 50.34
C THR DB 160 -31.29 18.49 50.32
N LEU DB 161 -31.49 19.35 49.30
CA LEU DB 161 -32.55 20.36 49.29
C LEU DB 161 -33.43 20.19 48.06
N MET DB 162 -34.76 20.30 48.23
CA MET DB 162 -35.68 20.41 47.09
C MET DB 162 -36.74 21.49 47.32
N PRO DB 163 -37.14 22.24 46.26
CA PRO DB 163 -38.08 23.35 46.41
C PRO DB 163 -39.54 22.89 46.44
N GLU DB 164 -40.36 23.66 47.15
CA GLU DB 164 -41.81 23.60 47.06
C GLU DB 164 -42.28 24.85 46.31
N SER DB 165 -43.17 24.67 45.31
CA SER DB 165 -43.56 25.77 44.42
C SER DB 165 -45.08 25.91 44.32
N ASP DB 166 -45.54 27.10 43.90
CA ASP DB 166 -46.94 27.48 43.93
C ASP DB 166 -47.66 27.25 42.59
N ALA DB 167 -48.93 27.70 42.52
CA ALA DB 167 -49.78 27.59 41.34
C ALA DB 167 -49.30 28.36 40.11
N GLN DB 168 -48.39 29.35 40.29
CA GLN DB 168 -47.71 30.04 39.20
C GLN DB 168 -46.23 29.65 39.07
N GLY DB 169 -45.85 28.50 39.67
CA GLY DB 169 -44.56 27.85 39.45
C GLY DB 169 -43.38 28.46 40.20
N LYS DB 170 -43.61 29.47 41.07
CA LYS DB 170 -42.55 30.10 41.82
C LYS DB 170 -42.26 29.34 43.12
N VAL DB 171 -40.99 29.28 43.51
CA VAL DB 171 -40.58 28.59 44.73
C VAL DB 171 -40.97 29.43 45.95
N GLN DB 172 -41.62 28.79 46.93
CA GLN DB 172 -42.13 29.44 48.13
C GLN DB 172 -41.48 28.91 49.41
N ALA DB 173 -41.02 27.66 49.39
CA ALA DB 173 -40.29 27.07 50.51
C ALA DB 173 -39.26 26.06 50.00
N TRP DB 174 -38.28 25.75 50.84
CA TRP DB 174 -37.27 24.74 50.58
C TRP DB 174 -37.34 23.66 51.65
N HIS DB 175 -37.34 22.41 51.20
CA HIS DB 175 -37.41 21.23 52.04
C HIS DB 175 -36.02 20.58 52.05
N GLN DB 176 -35.44 20.36 53.23
CA GLN DB 176 -34.11 19.75 53.33
C GLN DB 176 -34.16 18.45 54.13
N ARG DB 177 -33.40 17.42 53.70
CA ARG DB 177 -33.02 16.33 54.61
C ARG DB 177 -31.54 15.92 54.47
N THR DB 178 -30.89 15.63 55.61
CA THR DB 178 -29.46 15.33 55.67
C THR DB 178 -29.17 14.07 56.50
N LYS DB 179 -28.22 13.24 56.02
CA LYS DB 179 -27.69 12.12 56.78
C LYS DB 179 -26.97 12.67 58.00
N THR DB 180 -27.39 12.24 59.20
CA THR DB 180 -26.93 12.85 60.44
C THR DB 180 -26.86 11.78 61.53
N HIS DB 181 -25.73 11.04 61.62
CA HIS DB 181 -25.63 9.82 62.40
C HIS DB 181 -26.79 8.86 62.08
N GLY DB 182 -27.02 8.64 60.79
CA GLY DB 182 -28.02 7.67 60.32
C GLY DB 182 -29.44 8.21 60.23
N GLY DB 183 -29.88 8.95 61.26
CA GLY DB 183 -31.16 9.64 61.19
C GLY DB 183 -31.15 10.76 60.15
N TYR DB 184 -32.24 10.88 59.39
CA TYR DB 184 -32.41 12.02 58.50
C TYR DB 184 -32.95 13.21 59.28
N GLN DB 185 -32.06 14.14 59.68
CA GLN DB 185 -32.53 15.45 60.10
C GLN DB 185 -33.26 16.08 58.92
N THR DB 186 -34.48 16.57 59.17
CA THR DB 186 -35.37 17.09 58.14
C THR DB 186 -35.92 18.44 58.60
N GLN DB 187 -36.01 19.41 57.68
CA GLN DB 187 -36.47 20.76 58.02
C GLN DB 187 -37.03 21.48 56.80
N THR DB 188 -37.74 22.59 57.06
CA THR DB 188 -38.30 23.45 56.02
C THR DB 188 -37.88 24.89 56.27
N LEU DB 189 -37.44 25.57 55.20
CA LEU DB 189 -36.96 26.94 55.22
C LEU DB 189 -37.78 27.78 54.23
N PRO DB 190 -38.04 29.08 54.50
CA PRO DB 190 -38.75 29.91 53.53
C PRO DB 190 -37.88 30.23 52.32
N ALA DB 191 -38.52 30.52 51.18
CA ALA DB 191 -37.79 30.98 49.99
C ALA DB 191 -37.18 32.38 50.17
N ASP DB 192 -37.43 33.05 51.31
CA ASP DB 192 -37.12 34.45 51.54
C ASP DB 192 -35.61 34.72 51.66
N ASP DB 193 -34.84 33.77 52.21
CA ASP DB 193 -33.47 33.99 52.65
C ASP DB 193 -32.45 32.99 52.07
N LEU DB 194 -32.93 31.90 51.46
CA LEU DB 194 -32.15 31.17 50.47
C LEU DB 194 -32.15 31.89 49.12
N TRP DB 195 -31.20 31.52 48.26
CA TRP DB 195 -31.18 31.90 46.85
C TRP DB 195 -30.85 30.65 46.03
N HIP DB 196 -31.27 30.63 44.75
CA HIP DB 196 -31.05 29.49 43.89
CB HIP DB 196 -32.21 28.49 44.10
CG HIP DB 196 -33.43 28.73 43.28
CD2 HIP DB 196 -33.79 28.01 42.17
NE2 HIP DB 196 -35.02 28.43 41.75
CE1 HIP DB 196 -35.43 29.40 42.56
ND1 HIP DB 196 -34.49 29.65 43.56
P HIP DB 196 -34.72 30.80 44.83
O1P HIP DB 196 -34.56 30.00 46.08
O2P HIP DB 196 -36.12 31.30 44.66
O3P HIP DB 196 -33.67 31.85 44.60
C HIP DB 196 -30.88 29.92 42.44
O HIP DB 196 -31.39 30.95 42.02
N ILE DB 197 -30.16 29.11 41.64
CA ILE DB 197 -29.81 29.41 40.26
C ILE DB 197 -30.07 28.16 39.42
N VAL DB 198 -30.70 28.34 38.23
CA VAL DB 198 -31.06 27.24 37.34
C VAL DB 198 -30.43 27.47 35.96
N ILE DB 199 -29.51 26.60 35.53
CA ILE DB 199 -28.94 26.71 34.18
C ILE DB 199 -29.85 26.02 33.16
N ASN DB 200 -30.34 24.81 33.50
CA ASN DB 200 -31.11 23.98 32.60
C ASN DB 200 -32.59 24.02 32.98
N LYS DB 201 -33.45 24.46 32.05
CA LYS DB 201 -34.88 24.65 32.28
C LYS DB 201 -35.72 23.84 31.30
N ALA DB 202 -36.87 23.34 31.76
CA ALA DB 202 -37.88 22.72 30.91
C ALA DB 202 -38.56 23.74 30.00
N SER DB 203 -38.74 24.98 30.53
CA SER DB 203 -39.40 26.10 29.87
C SER DB 203 -38.94 27.40 30.51
N ALA DB 204 -39.24 28.55 29.90
CA ALA DB 204 -38.85 29.83 30.47
C ALA DB 204 -39.48 30.11 31.84
N ARG DB 205 -40.61 29.45 32.15
CA ARG DB 205 -41.31 29.57 33.43
C ARG DB 205 -40.90 28.52 34.48
N ASP DB 206 -40.09 27.55 34.09
CA ASP DB 206 -39.60 26.52 35.00
C ASP DB 206 -38.62 27.12 36.01
N GLU DB 207 -39.07 27.34 37.25
CA GLU DB 207 -38.21 27.86 38.31
C GLU DB 207 -37.50 26.74 39.10
N VAL DB 208 -37.63 25.46 38.67
CA VAL DB 208 -37.07 24.32 39.38
C VAL DB 208 -35.94 23.65 38.59
N GLY DB 209 -36.03 23.67 37.25
CA GLY DB 209 -34.96 23.19 36.39
C GLY DB 209 -34.93 21.68 36.18
N ILE DB 210 -33.96 21.25 35.36
CA ILE DB 210 -33.75 19.86 34.94
C ILE DB 210 -32.31 19.45 35.23
N SER DB 211 -32.10 18.28 35.84
CA SER DB 211 -30.78 17.69 35.94
C SER DB 211 -30.38 17.05 34.61
N GLU DB 212 -29.20 17.40 34.06
CA GLU DB 212 -28.71 16.74 32.85
C GLU DB 212 -28.41 15.26 33.09
N VAL DB 213 -28.08 14.87 34.33
CA VAL DB 213 -27.85 13.48 34.70
C VAL DB 213 -29.16 12.70 34.62
N LEU DB 214 -30.22 13.15 35.30
CA LEU DB 214 -31.49 12.42 35.26
C LEU DB 214 -32.10 12.44 33.85
N ARG DB 215 -31.91 13.52 33.09
CA ARG DB 215 -32.34 13.62 31.70
C ARG DB 215 -31.68 12.54 30.82
N ASN DB 216 -30.42 12.18 31.11
CA ASN DB 216 -29.64 11.22 30.34
C ASN DB 216 -29.31 9.96 31.16
N LYS DB 217 -30.18 9.59 32.11
CA LYS DB 217 -29.97 8.47 33.02
C LYS DB 217 -29.76 7.16 32.26
N ASP DB 218 -30.59 6.90 31.24
CA ASP DB 218 -30.51 5.70 30.43
C ASP DB 218 -29.21 5.63 29.63
N GLU DB 219 -28.78 6.74 29.03
CA GLU DB 219 -27.53 6.81 28.26
C GLU DB 219 -26.31 6.59 29.16
N ILE DB 220 -26.32 7.13 30.39
CA ILE DB 220 -25.27 6.91 31.36
C ILE DB 220 -25.20 5.42 31.74
N GLN DB 221 -26.35 4.78 31.98
CA GLN DB 221 -26.38 3.35 32.29
C GLN DB 221 -25.95 2.49 31.10
N ALA DB 222 -26.42 2.81 29.88
CA ALA DB 222 -26.03 2.10 28.67
C ALA DB 222 -24.50 2.15 28.47
N PHE DB 223 -23.90 3.32 28.68
CA PHE DB 223 -22.45 3.47 28.63
C PHE DB 223 -21.75 2.55 29.63
N LYS DB 224 -22.14 2.62 30.91
CA LYS DB 224 -21.52 1.83 31.96
C LYS DB 224 -21.64 0.33 31.71
N GLN DB 225 -22.82 -0.13 31.28
CA GLN DB 225 -23.06 -1.53 30.95
C GLN DB 225 -22.18 -1.99 29.79
N ASN DB 226 -22.10 -1.22 28.72
CA ASN DB 226 -21.25 -1.57 27.59
C ASN DB 226 -19.77 -1.61 27.98
N GLU DB 227 -19.30 -0.66 28.79
CA GLU DB 227 -17.92 -0.64 29.28
C GLU DB 227 -17.60 -1.89 30.11
N ALA DB 228 -18.51 -2.29 30.99
CA ALA DB 228 -18.38 -3.52 31.77
C ALA DB 228 -18.33 -4.75 30.86
N ALA DB 229 -19.19 -4.79 29.82
CA ALA DB 229 -19.25 -5.88 28.86
C ALA DB 229 -17.94 -6.01 28.07
N ILE DB 230 -17.37 -4.89 27.61
CA ILE DB 230 -16.10 -4.89 26.90
C ILE DB 230 -15.00 -5.42 27.82
N ASN DB 231 -14.90 -4.92 29.06
CA ASN DB 231 -13.86 -5.36 29.98
C ASN DB 231 -13.90 -6.88 30.20
N GLN DB 232 -15.10 -7.43 30.42
CA GLN DB 232 -15.27 -8.87 30.59
C GLN DB 232 -14.91 -9.63 29.31
N ALA DB 233 -15.24 -9.09 28.13
CA ALA DB 233 -14.90 -9.71 26.87
C ALA DB 233 -13.39 -9.75 26.62
N ILE DB 234 -12.65 -8.68 26.97
CA ILE DB 234 -11.18 -8.68 26.89
C ILE DB 234 -10.61 -9.79 27.76
N GLU DB 235 -11.09 -9.95 29.00
CA GLU DB 235 -10.61 -11.01 29.87
C GLU DB 235 -10.83 -12.40 29.26
N LEU DB 236 -12.00 -12.65 28.64
CA LEU DB 236 -12.33 -13.98 28.15
C LEU DB 236 -11.73 -14.28 26.78
N HIS DB 237 -11.58 -13.26 25.92
CA HIS DB 237 -11.35 -13.42 24.48
C HIS DB 237 -10.13 -12.65 23.98
N GLY DB 238 -9.63 -11.68 24.73
CA GLY DB 238 -8.50 -10.86 24.29
C GLY DB 238 -7.16 -11.60 24.29
N PHE DB 239 -7.04 -12.72 25.02
CA PHE DB 239 -5.81 -13.46 25.19
C PHE DB 239 -5.99 -14.90 24.71
N PRO DB 240 -4.96 -15.55 24.12
CA PRO DB 240 -5.06 -16.98 23.83
C PRO DB 240 -5.14 -17.77 25.13
N GLN DB 241 -5.68 -19.00 25.06
CA GLN DB 241 -5.69 -19.91 26.20
C GLN DB 241 -5.24 -21.29 25.75
N ARG DB 242 -4.39 -21.95 26.55
CA ARG DB 242 -3.88 -23.27 26.24
C ARG DB 242 -4.93 -24.34 26.55
N HIP DB 243 -5.16 -25.26 25.61
CA HIP DB 243 -6.09 -26.37 25.78
CB HIP DB 243 -7.31 -26.24 24.86
CG HIP DB 243 -8.33 -27.32 25.03
CD2 HIP DB 243 -8.42 -28.22 26.07
NE2 HIP DB 243 -9.50 -29.03 25.85
CE1 HIP DB 243 -10.09 -28.63 24.73
ND1 HIP DB 243 -9.38 -27.60 24.12
P HIP DB 243 -9.71 -27.04 22.53
O1P HIP DB 243 -8.91 -27.92 21.65
O2P HIP DB 243 -11.18 -27.30 22.32
O3P HIP DB 243 -9.32 -25.61 22.46
C HIP DB 243 -5.34 -27.68 25.56
O HIP DB 243 -5.10 -28.08 24.44
N VAL DB 244 -4.93 -28.36 26.64
CA VAL DB 244 -4.30 -29.66 26.49
C VAL DB 244 -5.37 -30.74 26.42
N LYS DB 245 -5.37 -31.51 25.32
CA LYS DB 245 -6.25 -32.67 25.15
C LYS DB 245 -5.44 -33.95 25.36
N VAL DB 246 -5.98 -34.86 26.18
CA VAL DB 246 -5.25 -36.04 26.62
C VAL DB 246 -5.98 -37.31 26.21
N GLY DB 247 -5.21 -38.33 25.79
CA GLY DB 247 -5.76 -39.60 25.35
C GLY DB 247 -5.97 -39.65 23.85
N LYS DB 248 -6.01 -40.87 23.30
CA LYS DB 248 -6.23 -41.09 21.88
C LYS DB 248 -7.71 -41.01 21.57
N GLU DB 249 -8.07 -40.45 20.40
CA GLU DB 249 -9.46 -40.45 19.97
C GLU DB 249 -9.96 -41.90 19.80
N ASP DB 250 -11.18 -42.20 20.31
CA ASP DB 250 -11.73 -43.55 20.40
C ASP DB 250 -10.94 -44.51 21.30
N GLY DB 251 -9.89 -44.03 21.99
CA GLY DB 251 -9.00 -44.86 22.81
C GLY DB 251 -9.46 -44.99 24.26
N ALA DB 252 -8.51 -45.22 25.18
CA ALA DB 252 -8.77 -45.33 26.61
C ALA DB 252 -9.19 -43.97 27.19
N PRO DB 253 -10.26 -43.89 28.04
CA PRO DB 253 -10.67 -42.62 28.64
C PRO DB 253 -9.73 -42.21 29.76
N VAL DB 254 -9.75 -40.92 30.08
CA VAL DB 254 -8.87 -40.30 31.06
C VAL DB 254 -9.76 -39.61 32.10
N ARG DB 255 -9.59 -39.93 33.40
CA ARG DB 255 -10.42 -39.40 34.48
C ARG DB 255 -9.89 -38.06 35.01
N ASP DB 256 -10.61 -37.45 35.95
CA ASP DB 256 -10.21 -36.17 36.53
C ASP DB 256 -8.85 -36.26 37.26
N ASN DB 257 -8.62 -37.30 38.06
CA ASN DB 257 -7.33 -37.47 38.71
C ASN DB 257 -6.18 -37.70 37.71
N ASP DB 258 -6.51 -38.24 36.54
CA ASP DB 258 -5.52 -38.45 35.48
C ASP DB 258 -5.16 -37.10 34.86
N LEU DB 259 -6.16 -36.27 34.58
CA LEU DB 259 -5.94 -34.91 34.13
C LEU DB 259 -5.22 -34.06 35.16
N ARG DB 260 -5.42 -34.26 36.48
CA ARG DB 260 -4.75 -33.46 37.51
C ARG DB 260 -3.23 -33.61 37.46
N ARG DB 261 -2.73 -34.82 37.17
CA ARG DB 261 -1.32 -35.06 36.98
C ARG DB 261 -0.79 -34.37 35.72
N VAL DB 262 -1.54 -34.43 34.60
CA VAL DB 262 -1.17 -33.68 33.40
C VAL DB 262 -1.20 -32.16 33.64
N ARG DB 263 -2.19 -31.64 34.38
CA ARG DB 263 -2.29 -30.23 34.73
C ARG DB 263 -1.03 -29.75 35.45
N THR DB 264 -0.48 -30.55 36.35
CA THR DB 264 0.75 -30.22 37.08
C THR DB 264 1.93 -30.00 36.12
N ILE DB 265 2.04 -30.79 35.06
CA ILE DB 265 3.12 -30.68 34.08
C ILE DB 265 3.00 -29.40 33.25
N PHE DB 266 1.80 -29.07 32.76
CA PHE DB 266 1.60 -27.93 31.87
C PHE DB 266 1.13 -26.65 32.59
N ASP DB 267 1.27 -26.57 33.91
CA ASP DB 267 0.71 -25.49 34.71
C ASP DB 267 1.31 -24.13 34.31
N PRO DB 268 0.50 -23.16 33.81
CA PRO DB 268 1.02 -21.87 33.40
C PRO DB 268 1.69 -21.11 34.54
N ARG DB 269 1.28 -21.28 35.80
CA ARG DB 269 1.93 -20.64 36.95
C ARG DB 269 3.42 -21.03 37.02
N THR DB 270 3.73 -22.26 36.65
CA THR DB 270 5.06 -22.85 36.80
C THR DB 270 5.89 -22.75 35.52
N THR DB 271 5.19 -22.67 34.37
CA THR DB 271 5.76 -22.60 33.04
C THR DB 271 6.58 -21.32 32.87
N ASP DB 272 7.55 -21.34 31.94
CA ASP DB 272 8.28 -20.14 31.54
C ASP DB 272 8.37 -20.06 30.01
N ALA DB 273 8.86 -18.92 29.50
CA ALA DB 273 8.73 -18.57 28.10
C ALA DB 273 9.33 -19.60 27.14
N ASN DB 274 10.40 -20.29 27.57
CA ASN DB 274 11.12 -21.24 26.72
C ASN DB 274 11.09 -22.67 27.26
N THR DB 275 10.09 -23.02 28.09
CA THR DB 275 9.85 -24.41 28.45
C THR DB 275 9.59 -25.23 27.18
N ALA DB 276 10.27 -26.38 27.01
CA ALA DB 276 9.94 -27.32 25.95
C ALA DB 276 9.17 -28.52 26.51
N TYR DB 277 8.43 -29.21 25.63
CA TYR DB 277 7.60 -30.33 26.02
C TYR DB 277 7.92 -31.58 25.21
N PHE DB 278 7.87 -32.73 25.89
CA PHE DB 278 8.11 -34.04 25.28
C PHE DB 278 6.89 -34.90 25.58
N THR DB 279 6.29 -35.52 24.56
CA THR DB 279 5.11 -36.34 24.82
C THR DB 279 5.07 -37.58 23.94
N GLY DB 280 4.26 -38.55 24.36
CA GLY DB 280 3.76 -39.55 23.44
C GLY DB 280 2.86 -38.92 22.37
N GLN DB 281 2.39 -39.73 21.43
CA GLN DB 281 1.53 -39.28 20.33
C GLN DB 281 0.12 -38.90 20.80
N ASP DB 282 -0.30 -39.32 22.02
CA ASP DB 282 -1.66 -39.19 22.49
C ASP DB 282 -1.85 -38.05 23.50
N VAL DB 283 -1.08 -36.97 23.32
CA VAL DB 283 -1.23 -35.72 24.04
C VAL DB 283 -1.12 -34.60 23.01
N ASP DB 284 -2.08 -33.66 23.04
CA ASP DB 284 -2.13 -32.56 22.10
C ASP DB 284 -2.24 -31.23 22.84
N VAL DB 285 -1.37 -30.28 22.47
CA VAL DB 285 -1.44 -28.95 23.05
C VAL DB 285 -2.10 -28.03 22.04
N GLU DB 286 -3.43 -27.91 22.14
CA GLU DB 286 -4.21 -27.00 21.31
C GLU DB 286 -4.24 -25.59 21.91
N THR DB 287 -4.75 -24.63 21.13
CA THR DB 287 -4.91 -23.26 21.57
C THR DB 287 -6.29 -22.73 21.23
N LEU DB 288 -6.96 -22.17 22.24
CA LEU DB 288 -8.02 -21.20 22.02
C LEU DB 288 -7.34 -19.90 21.62
N GLU DB 289 -7.43 -19.56 20.33
CA GLU DB 289 -6.84 -18.32 19.86
C GLU DB 289 -7.54 -17.12 20.50
N ALA DB 290 -6.86 -15.97 20.56
CA ALA DB 290 -7.54 -14.73 20.89
C ALA DB 290 -8.53 -14.42 19.76
N HIP DB 291 -9.83 -14.39 20.08
CA HIP DB 291 -10.87 -14.27 19.06
CB HIP DB 291 -12.08 -15.09 19.52
CG HIP DB 291 -11.81 -16.56 19.44
CD2 HIP DB 291 -11.46 -17.28 18.33
NE2 HIP DB 291 -11.25 -18.58 18.70
CE1 HIP DB 291 -11.46 -18.69 20.01
ND1 HIP DB 291 -11.83 -17.46 20.55
P HIP DB 291 -12.41 -17.24 22.16
O1P HIP DB 291 -13.89 -17.22 22.07
O2P HIP DB 291 -11.90 -18.42 22.99
O3P HIP DB 291 -11.78 -15.95 22.55
C HIP DB 291 -11.08 -12.79 18.76
O HIP DB 291 -11.48 -12.03 19.63
N ASN DB 292 -10.83 -12.38 17.50
CA ASN DB 292 -10.87 -10.98 17.11
C ASN DB 292 -12.27 -10.36 17.22
N PHE DB 293 -12.35 -9.24 17.95
CA PHE DB 293 -13.51 -8.37 17.95
C PHE DB 293 -13.02 -6.93 18.11
N ASP DB 294 -13.73 -5.97 17.49
CA ASP DB 294 -13.24 -4.60 17.44
C ASP DB 294 -13.74 -3.79 18.64
N TYR DB 295 -13.19 -4.08 19.83
CA TYR DB 295 -13.55 -3.34 21.03
C TYR DB 295 -13.20 -1.86 20.91
N SER DB 296 -12.16 -1.51 20.15
CA SER DB 296 -11.84 -0.12 19.85
C SER DB 296 -13.02 0.59 19.18
N ALA DB 297 -13.64 -0.05 18.18
CA ALA DB 297 -14.83 0.51 17.56
C ALA DB 297 -16.02 0.60 18.52
N ILE DB 298 -16.18 -0.38 19.43
CA ILE DB 298 -17.26 -0.33 20.42
C ILE DB 298 -17.01 0.83 21.40
N HIS DB 299 -15.78 1.02 21.85
CA HIS DB 299 -15.39 2.16 22.67
C HIS DB 299 -15.64 3.51 21.99
N GLU DB 300 -15.29 3.63 20.71
CA GLU DB 300 -15.59 4.82 19.95
C GLU DB 300 -17.10 5.09 19.94
N MET DB 301 -17.90 4.07 19.64
CA MET DB 301 -19.35 4.19 19.57
C MET DB 301 -19.96 4.59 20.91
N ASP DB 302 -19.53 3.94 22.01
CA ASP DB 302 -19.97 4.29 23.36
C ASP DB 302 -19.66 5.73 23.72
N MET DB 303 -18.42 6.15 23.45
CA MET DB 303 -17.98 7.50 23.77
C MET DB 303 -18.73 8.54 22.92
N ARG DB 304 -19.00 8.23 21.64
CA ARG DB 304 -19.83 9.08 20.78
C ARG DB 304 -21.22 9.25 21.38
N ASN DB 305 -21.89 8.16 21.72
CA ASN DB 305 -23.23 8.21 22.31
C ASN DB 305 -23.23 9.06 23.58
N LEU DB 306 -22.29 8.83 24.49
CA LEU DB 306 -22.25 9.56 25.76
C LEU DB 306 -21.91 11.04 25.57
N THR DB 307 -20.84 11.37 24.84
CA THR DB 307 -20.43 12.76 24.67
C THR DB 307 -21.52 13.56 23.96
N THR DB 308 -22.14 13.03 22.91
CA THR DB 308 -23.29 13.68 22.28
C THR DB 308 -24.44 13.86 23.26
N ALA DB 309 -24.76 12.85 24.08
CA ALA DB 309 -25.82 12.97 25.08
C ALA DB 309 -25.54 14.09 26.10
N LEU DB 310 -24.28 14.26 26.51
CA LEU DB 310 -23.85 15.32 27.41
C LEU DB 310 -23.47 16.63 26.68
N GLY DB 311 -23.70 16.71 25.37
CA GLY DB 311 -23.46 17.90 24.57
C GLY DB 311 -22.00 18.27 24.29
N LEU DB 312 -21.04 17.48 24.80
CA LEU DB 312 -19.61 17.69 24.57
C LEU DB 312 -19.20 17.19 23.19
N PRO DB 313 -18.09 17.70 22.61
CA PRO DB 313 -17.48 17.08 21.42
C PRO DB 313 -16.85 15.75 21.80
N LEU DB 314 -16.76 14.84 20.83
CA LEU DB 314 -16.18 13.51 21.00
C LEU DB 314 -14.75 13.57 21.53
N GLU DB 315 -13.99 14.59 21.12
CA GLU DB 315 -12.60 14.83 21.53
C GLU DB 315 -12.43 14.93 23.06
N ALA DB 316 -13.44 15.41 23.79
CA ALA DB 316 -13.41 15.51 25.25
C ALA DB 316 -13.31 14.14 25.93
N GLY DB 317 -13.71 13.07 25.23
CA GLY DB 317 -13.68 11.70 25.72
C GLY DB 317 -12.37 10.97 25.41
N ASN DB 318 -11.30 11.67 25.01
CA ASN DB 318 -10.04 11.07 24.57
C ASN DB 318 -10.25 10.09 23.40
N VAL DB 319 -11.17 10.43 22.49
CA VAL DB 319 -11.47 9.64 21.30
C VAL DB 319 -11.46 10.57 20.08
N GLY DB 320 -10.76 10.15 19.02
CA GLY DB 320 -10.70 10.89 17.76
C GLY DB 320 -11.69 10.36 16.72
N ALA DB 321 -11.83 11.11 15.61
CA ALA DB 321 -12.64 10.71 14.47
C ALA DB 321 -12.00 11.18 13.17
N ASP DB 322 -12.18 10.38 12.10
CA ASP DB 322 -11.66 10.73 10.77
C ASP DB 322 -12.44 11.90 10.16
N GLY DB 323 -11.72 12.81 9.49
CA GLY DB 323 -12.31 13.92 8.73
C GLY DB 323 -12.77 15.09 9.59
N LEU DB 324 -13.31 14.80 10.78
CA LEU DB 324 -13.89 15.80 11.69
C LEU DB 324 -12.84 16.69 12.37
N GLY DB 325 -11.56 16.28 12.37
CA GLY DB 325 -10.51 17.00 13.08
C GLY DB 325 -9.92 18.21 12.34
N SER DB 326 -10.45 18.54 11.15
CA SER DB 326 -9.85 19.53 10.26
C SER DB 326 -10.89 20.37 9.49
N GLY DB 327 -10.47 21.56 9.02
CA GLY DB 327 -11.26 22.40 8.13
C GLY DB 327 -12.57 22.91 8.73
N LYS DB 328 -13.54 23.25 7.88
CA LYS DB 328 -14.83 23.77 8.33
C LYS DB 328 -15.61 22.78 9.20
N PRO DB 329 -15.53 21.44 8.99
CA PRO DB 329 -16.09 20.47 9.94
C PRO DB 329 -15.63 20.65 11.39
N ALA DB 330 -14.36 21.01 11.61
CA ALA DB 330 -13.87 21.34 12.94
C ALA DB 330 -14.49 22.66 13.43
N GLU DB 331 -14.41 23.72 12.60
CA GLU DB 331 -14.91 25.04 12.91
C GLU DB 331 -16.37 25.00 13.39
N LEU DB 332 -17.22 24.19 12.76
CA LEU DB 332 -18.61 24.03 13.18
C LEU DB 332 -18.76 23.47 14.59
N ARG DB 333 -18.08 22.36 14.92
CA ARG DB 333 -18.31 21.71 16.21
C ARG DB 333 -17.80 22.57 17.37
N PHE DB 334 -16.66 23.23 17.17
CA PHE DB 334 -16.16 24.16 18.18
C PHE DB 334 -16.99 25.44 18.26
N ALA DB 335 -17.62 25.89 17.17
CA ALA DB 335 -18.65 26.91 17.26
C ALA DB 335 -19.85 26.45 18.10
N LEU DB 336 -20.37 25.23 17.87
CA LEU DB 336 -21.48 24.67 18.65
C LEU DB 336 -21.15 24.58 20.14
N LEU DB 337 -19.92 24.17 20.49
CA LEU DB 337 -19.48 24.13 21.87
C LEU DB 337 -19.42 25.54 22.49
N LYS DB 338 -18.85 26.51 21.79
CA LYS DB 338 -18.75 27.88 22.28
C LYS DB 338 -20.11 28.55 22.43
N LEU DB 339 -21.04 28.29 21.50
CA LEU DB 339 -22.42 28.76 21.64
C LEU DB 339 -23.10 28.18 22.87
N ALA DB 340 -22.96 26.87 23.12
CA ALA DB 340 -23.52 26.22 24.31
C ALA DB 340 -22.98 26.84 25.59
N ILE DB 341 -21.66 27.07 25.65
CA ILE DB 341 -21.00 27.71 26.77
C ILE DB 341 -21.53 29.13 26.99
N LYS DB 342 -21.64 29.96 25.94
CA LYS DB 342 -22.18 31.30 26.05
C LYS DB 342 -23.60 31.32 26.60
N ALA DB 343 -24.46 30.38 26.18
CA ALA DB 343 -25.82 30.27 26.68
C ALA DB 343 -25.86 29.95 28.18
N ASN DB 344 -25.06 28.98 28.64
CA ASN DB 344 -24.97 28.64 30.04
C ASN DB 344 -24.42 29.81 30.86
N GLN DB 345 -23.35 30.44 30.39
CA GLN DB 345 -22.72 31.59 31.05
C GLN DB 345 -23.69 32.76 31.20
N ARG DB 346 -24.39 33.19 30.14
CA ARG DB 346 -25.42 34.23 30.24
C ARG DB 346 -26.50 33.86 31.25
N SER DB 347 -27.01 32.63 31.18
CA SER DB 347 -28.07 32.16 32.07
C SER DB 347 -27.65 32.24 33.54
N PHE DB 348 -26.43 31.79 33.84
CA PHE DB 348 -25.87 31.85 35.18
C PHE DB 348 -25.65 33.30 35.62
N SER DB 349 -24.91 34.09 34.83
CA SER DB 349 -24.53 35.46 35.15
C SER DB 349 -25.74 36.32 35.52
N VAL DB 350 -26.82 36.24 34.75
CA VAL DB 350 -28.03 37.00 35.04
C VAL DB 350 -28.59 36.63 36.41
N GLN DB 351 -28.76 35.33 36.67
CA GLN DB 351 -29.34 34.89 37.94
C GLN DB 351 -28.44 35.20 39.13
N PHE DB 352 -27.12 35.07 39.00
CA PHE DB 352 -26.20 35.39 40.08
C PHE DB 352 -26.26 36.88 40.43
N VAL DB 353 -26.24 37.76 39.43
CA VAL DB 353 -26.39 39.19 39.65
C VAL DB 353 -27.74 39.51 40.31
N GLU DB 354 -28.84 39.01 39.76
CA GLU DB 354 -30.18 39.36 40.19
C GLU DB 354 -30.54 38.79 41.56
N ARG DB 355 -30.07 37.57 41.89
CA ARG DB 355 -30.50 36.83 43.08
C ARG DB 355 -29.45 36.71 44.18
N VAL DB 356 -28.16 36.96 43.87
CA VAL DB 356 -27.12 36.97 44.88
C VAL DB 356 -26.59 38.40 45.08
N MET DB 357 -26.11 39.05 44.00
CA MET DB 357 -25.37 40.29 44.14
C MET DB 357 -26.26 41.49 44.50
N ARG DB 358 -27.36 41.72 43.77
CA ARG DB 358 -28.24 42.85 44.02
C ARG DB 358 -28.76 42.88 45.46
N PRO DB 359 -29.31 41.77 46.03
CA PRO DB 359 -29.70 41.74 47.44
C PRO DB 359 -28.56 42.10 48.39
N VAL DB 360 -27.34 41.66 48.12
CA VAL DB 360 -26.19 42.00 48.95
C VAL DB 360 -25.87 43.50 48.87
N VAL DB 361 -25.90 44.10 47.67
CA VAL DB 361 -25.71 45.54 47.51
C VAL DB 361 -26.81 46.30 48.27
N ARG DB 362 -28.07 45.89 48.10
CA ARG DB 362 -29.21 46.51 48.74
C ARG DB 362 -29.09 46.51 50.27
N ASP DB 363 -28.71 45.37 50.86
CA ASP DB 363 -28.83 45.15 52.29
C ASP DB 363 -27.56 45.49 53.09
N TYR DB 364 -26.36 45.45 52.47
CA TYR DB 364 -25.10 45.61 53.20
C TYR DB 364 -24.16 46.67 52.60
N SER DB 365 -24.66 47.51 51.68
CA SER DB 365 -23.80 48.41 50.91
C SER DB 365 -24.41 49.82 50.80
N PRO DB 366 -23.60 50.90 50.74
CA PRO DB 366 -24.13 52.25 50.59
C PRO DB 366 -24.50 52.68 49.16
N PHE DB 367 -24.23 51.83 48.16
CA PHE DB 367 -24.51 52.14 46.76
C PHE DB 367 -25.95 51.82 46.36
N ASP DB 368 -26.35 52.32 45.18
CA ASP DB 368 -27.65 52.06 44.57
C ASP DB 368 -27.68 50.66 43.93
N HIS DB 369 -28.46 49.73 44.50
CA HIS DB 369 -28.57 48.37 43.99
C HIS DB 369 -29.22 48.26 42.61
N GLU DB 370 -29.95 49.30 42.17
CA GLU DB 370 -30.56 49.33 40.84
C GLU DB 370 -29.55 49.66 39.73
N ALA DB 371 -28.27 49.88 40.06
CA ALA DB 371 -27.22 50.12 39.07
C ALA DB 371 -27.03 48.92 38.13
N ASP DB 372 -26.54 49.20 36.91
CA ASP DB 372 -26.28 48.17 35.90
C ASP DB 372 -25.02 47.35 36.18
N ILE DB 373 -25.14 46.43 37.16
CA ILE DB 373 -24.12 45.42 37.45
C ILE DB 373 -24.19 44.32 36.37
N ARG DB 374 -23.03 43.79 35.97
CA ARG DB 374 -22.91 42.60 35.13
C ARG DB 374 -21.75 41.74 35.61
N LEU DB 375 -21.90 40.41 35.50
CA LEU DB 375 -20.81 39.48 35.75
C LEU DB 375 -20.49 38.79 34.43
N GLU DB 376 -19.35 39.11 33.79
CA GLU DB 376 -18.93 38.32 32.65
C GLU DB 376 -18.11 37.13 33.12
N ILE DB 377 -18.29 35.99 32.44
CA ILE DB 377 -17.50 34.80 32.69
C ILE DB 377 -16.66 34.56 31.43
N ASN DB 378 -15.37 34.29 31.63
CA ASN DB 378 -14.41 34.25 30.53
C ASN DB 378 -14.67 33.09 29.56
N ASP DB 379 -14.29 33.30 28.29
CA ASP DB 379 -14.29 32.27 27.27
C ASP DB 379 -13.11 31.32 27.51
N PRO DB 380 -13.34 30.00 27.77
CA PRO DB 380 -12.25 29.04 27.99
C PRO DB 380 -11.36 28.77 26.79
N LEU DB 381 -11.86 29.00 25.56
CA LEU DB 381 -11.17 28.62 24.33
C LEU DB 381 -10.62 29.83 23.55
N GLU DB 382 -10.64 31.01 24.17
CA GLU DB 382 -10.04 32.23 23.62
C GLU DB 382 -8.53 32.05 23.41
N ASP DB 383 -8.02 32.56 22.27
CA ASP DB 383 -6.60 32.54 21.95
C ASP DB 383 -6.03 33.95 21.99
N ILE DB 384 -5.05 34.19 22.87
CA ILE DB 384 -4.40 35.49 23.02
C ILE DB 384 -3.71 35.91 21.72
N GLY DB 385 -3.16 34.94 20.97
CA GLY DB 385 -2.51 35.20 19.68
C GLY DB 385 -3.49 35.75 18.63
N GLU DB 386 -4.71 35.24 18.63
CA GLU DB 386 -5.77 35.70 17.73
C GLU DB 386 -6.20 37.13 18.09
N VAL DB 387 -6.26 37.44 19.39
CA VAL DB 387 -6.55 38.78 19.89
C VAL DB 387 -5.42 39.74 19.55
N ALA DB 388 -4.16 39.31 19.71
CA ALA DB 388 -3.01 40.14 19.38
C ALA DB 388 -2.96 40.48 17.88
N ASP DB 389 -3.24 39.50 17.01
CA ASP DB 389 -3.37 39.74 15.58
C ASP DB 389 -4.48 40.76 15.30
N LEU DB 390 -5.64 40.62 15.95
CA LEU DB 390 -6.74 41.56 15.81
C LEU DB 390 -6.30 42.98 16.20
N ILE DB 391 -5.64 43.13 17.36
CA ILE DB 391 -5.18 44.42 17.83
C ILE DB 391 -4.17 45.05 16.86
N GLN DB 392 -3.25 44.27 16.29
CA GLN DB 392 -2.36 44.79 15.25
C GLN DB 392 -3.13 45.29 14.03
N GLN DB 393 -4.16 44.55 13.60
CA GLN DB 393 -4.88 44.86 12.37
C GLN DB 393 -5.82 46.06 12.52
N VAL DB 394 -6.49 46.23 13.69
CA VAL DB 394 -7.60 47.19 13.81
C VAL DB 394 -7.53 48.06 15.07
N GLY DB 395 -6.38 48.05 15.79
CA GLY DB 395 -6.18 48.88 16.97
C GLY DB 395 -6.42 50.38 16.72
N ASP DB 396 -6.21 50.84 15.49
CA ASP DB 396 -6.44 52.22 15.07
C ASP DB 396 -7.90 52.68 15.26
N TYR DB 397 -8.83 51.73 15.38
CA TYR DB 397 -10.26 51.98 15.57
C TYR DB 397 -10.72 51.73 17.01
N MET DB 398 -9.82 51.37 17.92
CA MET DB 398 -10.16 50.99 19.29
C MET DB 398 -9.56 51.97 20.30
N THR DB 399 -10.35 52.37 21.29
CA THR DB 399 -9.84 53.11 22.43
C THR DB 399 -8.90 52.24 23.25
N ASN DB 400 -7.98 52.86 24.00
CA ASN DB 400 -7.06 52.10 24.81
C ASN DB 400 -7.74 51.29 25.91
N GLU DB 401 -8.88 51.76 26.43
CA GLU DB 401 -9.70 50.95 27.35
C GLU DB 401 -10.24 49.70 26.66
N GLN DB 402 -10.74 49.81 25.42
CA GLN DB 402 -11.21 48.65 24.66
C GLN DB 402 -10.07 47.67 24.40
N VAL DB 403 -8.90 48.16 23.99
CA VAL DB 403 -7.73 47.30 23.78
C VAL DB 403 -7.34 46.59 25.08
N ALA DB 404 -7.26 47.32 26.19
CA ALA DB 404 -6.89 46.75 27.48
C ALA DB 404 -7.87 45.66 27.89
N GLU DB 405 -9.18 45.88 27.73
CA GLU DB 405 -10.20 44.88 28.03
C GLU DB 405 -10.05 43.63 27.15
N LYS DB 406 -9.89 43.80 25.82
CA LYS DB 406 -9.67 42.66 24.93
C LYS DB 406 -8.41 41.87 25.32
N LEU DB 407 -7.34 42.59 25.64
CA LEU DB 407 -6.04 42.02 25.97
C LEU DB 407 -5.95 41.54 27.43
N ASP DB 408 -7.04 41.64 28.20
CA ASP DB 408 -7.13 41.23 29.60
C ASP DB 408 -6.11 41.93 30.50
N LEU DB 409 -6.10 43.27 30.43
CA LEU DB 409 -5.23 44.16 31.21
C LEU DB 409 -6.06 45.25 31.89
N PRO DB 410 -5.54 45.86 32.99
CA PRO DB 410 -6.08 47.12 33.49
C PRO DB 410 -5.97 48.22 32.42
N ALA DB 411 -7.03 49.03 32.30
CA ALA DB 411 -7.00 50.22 31.45
C ALA DB 411 -5.97 51.23 31.97
N PRO DB 412 -5.47 52.18 31.14
CA PRO DB 412 -4.56 53.23 31.60
C PRO DB 412 -5.12 54.03 32.78
N GLU DB 413 -4.22 54.49 33.65
CA GLU DB 413 -4.54 55.24 34.86
C GLU DB 413 -5.07 56.66 34.55
N ASP DB 414 -4.76 57.19 33.35
CA ASP DB 414 -5.14 58.52 32.92
C ASP DB 414 -6.31 58.45 31.93
N ASP DB 415 -7.42 59.12 32.23
CA ASP DB 415 -8.66 59.01 31.48
C ASP DB 415 -8.50 59.35 29.99
N GLU DB 416 -7.80 60.45 29.66
CA GLU DB 416 -7.61 60.82 28.26
C GLU DB 416 -6.77 59.77 27.50
N VAL DB 417 -5.82 59.15 28.19
CA VAL DB 417 -5.02 58.07 27.62
C VAL DB 417 -5.89 56.83 27.43
N ALA DB 418 -6.77 56.51 28.39
CA ALA DB 418 -7.68 55.38 28.28
C ALA DB 418 -8.69 55.55 27.13
N ASP DB 419 -9.20 56.78 26.96
CA ASP DB 419 -10.30 57.12 26.05
C ASP DB 419 -9.84 57.37 24.61
N SER DB 420 -8.56 57.72 24.41
CA SER DB 420 -7.98 57.99 23.10
C SER DB 420 -7.70 56.70 22.30
N TYR DB 421 -7.36 56.89 21.01
CA TYR DB 421 -7.22 55.82 20.01
C TYR DB 421 -5.77 55.52 19.63
N ARG DB 422 -4.86 56.51 19.72
CA ARG DB 422 -3.42 56.24 19.63
C ARG DB 422 -3.01 55.31 20.77
N SER DB 423 -2.02 54.43 20.56
CA SER DB 423 -1.41 53.66 21.65
C SER DB 423 -0.96 54.57 22.79
N PRO DB 424 -0.94 54.09 24.07
CA PRO DB 424 -0.34 54.87 25.15
C PRO DB 424 1.16 55.08 24.93
N ALA DB 425 1.89 54.10 24.40
CA ALA DB 425 3.30 54.28 24.03
C ALA DB 425 3.48 55.35 22.96
N ASP DB 426 2.53 55.48 22.02
CA ASP DB 426 2.54 56.54 21.03
C ASP DB 426 2.25 57.92 21.64
N MET DB 427 1.28 58.02 22.55
CA MET DB 427 1.08 59.26 23.29
C MET DB 427 2.31 59.65 24.10
N GLU DB 428 2.99 58.68 24.73
CA GLU DB 428 4.21 58.98 25.48
C GLU DB 428 5.30 59.57 24.58
N LYS DB 429 5.56 59.01 23.39
CA LYS DB 429 6.59 59.56 22.51
C LYS DB 429 6.18 60.92 21.92
N ASP DB 430 4.88 61.18 21.73
CA ASP DB 430 4.39 62.52 21.41
C ASP DB 430 4.69 63.51 22.54
N GLU DB 431 4.37 63.15 23.78
CA GLU DB 431 4.59 63.98 24.96
C GLU DB 431 6.09 64.24 25.19
N ALA DB 432 6.93 63.24 24.93
CA ALA DB 432 8.39 63.34 24.95
C ALA DB 432 8.92 64.28 23.86
N GLY DB 433 8.31 64.26 22.67
CA GLY DB 433 8.60 65.21 21.59
C GLY DB 433 8.25 66.64 21.98
N VAL DB 434 7.09 66.81 22.64
CA VAL DB 434 6.69 68.04 23.32
C VAL DB 434 7.48 68.16 24.63
N ALA EB 31 -58.50 47.52 -5.56
CA ALA EB 31 -58.45 46.15 -4.98
C ALA EB 31 -59.53 46.04 -3.89
N SER EB 32 -59.12 45.64 -2.66
CA SER EB 32 -60.02 45.43 -1.53
C SER EB 32 -59.27 45.49 -0.20
N SER EB 33 -60.02 45.64 0.91
CA SER EB 33 -59.47 45.79 2.26
C SER EB 33 -59.48 44.50 3.07
N THR EB 34 -59.96 43.38 2.49
CA THR EB 34 -60.04 42.07 3.15
C THR EB 34 -59.72 40.95 2.16
N PRO EB 35 -59.18 39.79 2.61
CA PRO EB 35 -58.84 38.69 1.69
C PRO EB 35 -60.07 38.15 0.97
N GLN EB 36 -59.87 37.77 -0.30
CA GLN EB 36 -60.92 37.28 -1.18
C GLN EB 36 -60.60 35.90 -1.79
N THR EB 37 -59.31 35.55 -1.83
CA THR EB 37 -58.91 34.15 -1.89
C THR EB 37 -59.20 33.47 -0.54
N ASN EB 38 -59.76 32.25 -0.62
CA ASN EB 38 -60.00 31.41 0.55
C ASN EB 38 -58.72 30.72 1.03
N VAL EB 39 -58.82 29.99 2.16
CA VAL EB 39 -57.77 29.12 2.68
C VAL EB 39 -58.36 27.77 3.09
N ASP EB 40 -57.50 26.76 3.30
CA ASP EB 40 -57.92 25.38 3.55
C ASP EB 40 -58.49 25.13 4.96
N SER EB 41 -58.79 26.17 5.76
CA SER EB 41 -59.33 26.03 7.13
C SER EB 41 -60.58 25.13 7.20
N MET EB 42 -60.72 24.35 8.29
CA MET EB 42 -61.74 23.32 8.48
C MET EB 42 -63.13 23.90 8.81
N GLY EB 43 -63.49 25.07 8.27
CA GLY EB 43 -64.71 25.79 8.61
C GLY EB 43 -64.58 26.71 9.83
N GLY EB 44 -63.35 26.84 10.38
CA GLY EB 44 -63.08 27.62 11.58
C GLY EB 44 -63.51 26.91 12.88
N GLY EB 45 -62.93 27.37 14.00
CA GLY EB 45 -63.14 26.80 15.32
C GLY EB 45 -62.04 25.80 15.72
N HIS EB 46 -61.63 24.96 14.76
CA HIS EB 46 -60.55 23.99 14.93
C HIS EB 46 -59.17 24.64 14.98
N SER EB 47 -58.19 23.86 15.46
CA SER EB 47 -56.77 24.21 15.44
C SER EB 47 -56.14 23.60 14.19
N TYR EB 48 -56.70 23.94 13.03
CA TYR EB 48 -56.37 23.29 11.76
C TYR EB 48 -54.90 23.52 11.37
N GLN EB 49 -54.18 22.44 11.01
CA GLN EB 49 -52.75 22.49 10.67
C GLN EB 49 -52.41 21.75 9.37
N PHE EB 50 -51.18 21.94 8.89
CA PHE EB 50 -50.63 21.49 7.61
C PHE EB 50 -51.12 20.11 7.14
N ASN EB 51 -51.16 19.12 8.06
CA ASN EB 51 -51.45 17.72 7.77
C ASN EB 51 -52.96 17.44 7.55
N GLY EB 52 -53.75 18.46 7.21
CA GLY EB 52 -55.15 18.31 6.84
C GLY EB 52 -56.08 17.85 7.98
N GLN EB 53 -55.72 18.20 9.22
CA GLN EB 53 -56.41 17.74 10.43
C GLN EB 53 -56.36 18.81 11.52
N ASP EB 54 -56.49 18.39 12.79
CA ASP EB 54 -56.60 19.28 13.95
C ASP EB 54 -55.40 19.08 14.89
N LEU EB 55 -54.71 20.17 15.30
CA LEU EB 55 -53.57 20.11 16.19
C LEU EB 55 -54.02 19.91 17.65
N THR EB 56 -53.86 18.69 18.19
CA THR EB 56 -54.35 18.35 19.53
C THR EB 56 -53.31 18.62 20.62
N PHE EB 57 -53.76 18.69 21.88
CA PHE EB 57 -52.84 18.73 23.01
C PHE EB 57 -51.96 17.48 23.12
N GLU EB 58 -52.42 16.35 22.58
CA GLU EB 58 -51.62 15.13 22.53
C GLU EB 58 -50.40 15.33 21.64
N ASP EB 59 -50.59 15.92 20.45
CA ASP EB 59 -49.49 16.27 19.56
C ASP EB 59 -48.51 17.21 20.25
N LEU EB 60 -49.01 18.23 20.94
CA LEU EB 60 -48.20 19.18 21.69
C LEU EB 60 -47.35 18.49 22.76
N ARG EB 61 -47.92 17.56 23.52
CA ARG EB 61 -47.14 16.84 24.53
C ARG EB 61 -46.24 15.76 23.95
N ASP EB 62 -46.54 15.24 22.77
CA ASP EB 62 -45.60 14.42 22.04
C ASP EB 62 -44.33 15.21 21.68
N ILE EB 63 -44.46 16.49 21.31
CA ILE EB 63 -43.30 17.34 21.06
C ILE EB 63 -42.50 17.50 22.35
N LYS EB 64 -43.18 17.79 23.47
CA LYS EB 64 -42.57 17.91 24.78
C LYS EB 64 -41.79 16.65 25.17
N ASP EB 65 -42.32 15.45 24.86
CA ASP EB 65 -41.64 14.20 25.14
C ASP EB 65 -40.37 14.02 24.30
N VAL EB 66 -40.38 14.37 23.01
CA VAL EB 66 -39.16 14.35 22.22
C VAL EB 66 -38.13 15.33 22.79
N ARG EB 67 -38.58 16.50 23.25
CA ARG EB 67 -37.73 17.54 23.79
C ARG EB 67 -37.08 17.17 25.12
N ASP EB 68 -37.88 16.64 26.06
CA ASP EB 68 -37.42 16.42 27.43
C ASP EB 68 -36.62 15.11 27.60
N SER EB 69 -36.77 14.13 26.69
CA SER EB 69 -36.26 12.77 26.88
C SER EB 69 -34.75 12.58 26.63
N GLY EB 70 -34.01 13.66 26.30
CA GLY EB 70 -32.55 13.58 26.21
C GLY EB 70 -32.04 12.73 25.04
N GLY EB 71 -30.78 12.30 25.13
CA GLY EB 71 -30.13 11.59 24.03
C GLY EB 71 -29.86 12.46 22.80
N GLN EB 72 -29.68 11.82 21.65
CA GLN EB 72 -29.06 12.47 20.50
C GLN EB 72 -30.02 13.40 19.76
N VAL EB 73 -31.30 13.01 19.65
CA VAL EB 73 -32.30 13.83 18.96
C VAL EB 73 -32.51 15.15 19.70
N ALA EB 74 -32.60 15.10 21.03
CA ALA EB 74 -32.71 16.28 21.86
C ALA EB 74 -31.49 17.19 21.70
N GLN EB 75 -30.28 16.63 21.73
CA GLN EB 75 -29.07 17.43 21.57
C GLN EB 75 -28.99 18.10 20.20
N LEU EB 76 -29.44 17.42 19.14
CA LEU EB 76 -29.40 17.98 17.80
C LEU EB 76 -30.35 19.16 17.65
N MET EB 77 -31.60 19.05 18.13
CA MET EB 77 -32.52 20.18 18.04
C MET EB 77 -32.12 21.33 18.99
N ASP EB 78 -31.41 21.04 20.09
CA ASP EB 78 -30.73 22.07 20.89
C ASP EB 78 -29.60 22.76 20.12
N TYR EB 79 -28.73 22.02 19.43
CA TYR EB 79 -27.74 22.62 18.54
C TYR EB 79 -28.41 23.51 17.48
N LYS EB 80 -29.53 23.08 16.89
CA LYS EB 80 -30.27 23.90 15.94
C LYS EB 80 -30.72 25.23 16.56
N ALA EB 81 -31.26 25.21 17.77
CA ALA EB 81 -31.65 26.43 18.48
C ALA EB 81 -30.44 27.33 18.73
N LEU EB 82 -29.32 26.77 19.22
CA LEU EB 82 -28.11 27.53 19.49
C LEU EB 82 -27.55 28.18 18.23
N LEU EB 83 -27.54 27.50 17.07
CA LEU EB 83 -27.12 28.12 15.82
C LEU EB 83 -28.00 29.31 15.47
N ASN EB 84 -29.32 29.14 15.53
CA ASN EB 84 -30.23 30.19 15.09
C ASN EB 84 -30.26 31.40 16.02
N PHE EB 85 -30.11 31.21 17.34
CA PHE EB 85 -30.43 32.24 18.33
C PHE EB 85 -29.42 32.40 19.47
N GLY EB 86 -28.36 31.57 19.53
CA GLY EB 86 -27.44 31.55 20.66
C GLY EB 86 -26.41 32.68 20.68
N GLU EB 87 -26.19 33.35 19.54
CA GLU EB 87 -25.15 34.37 19.41
C GLU EB 87 -25.60 35.75 19.91
N GLY EB 88 -26.85 35.87 20.39
CA GLY EB 88 -27.38 37.11 20.95
C GLY EB 88 -27.85 38.10 19.90
N CYS EB 89 -28.25 39.28 20.36
CA CYS EB 89 -29.00 40.22 19.54
C CYS EB 89 -28.53 41.67 19.71
N GLU EB 90 -28.97 42.52 18.78
CA GLU EB 90 -28.72 43.95 18.79
C GLU EB 90 -29.98 44.69 18.33
N ILE EB 91 -30.27 45.85 18.95
CA ILE EB 91 -31.43 46.66 18.60
C ILE EB 91 -30.97 47.92 17.87
N HIS EB 92 -31.58 48.18 16.72
CA HIS EB 92 -31.36 49.41 15.96
C HIS EB 92 -32.69 50.13 15.76
N VAL EB 93 -32.64 51.46 15.72
CA VAL EB 93 -33.77 52.26 15.27
C VAL EB 93 -33.21 53.26 14.25
N GLU EB 94 -33.85 53.39 13.09
CA GLU EB 94 -33.33 54.31 12.09
C GLU EB 94 -33.53 55.77 12.51
N GLY EB 95 -32.48 56.58 12.41
CA GLY EB 95 -32.48 57.98 12.85
C GLY EB 95 -32.79 58.18 14.34
N ASP EB 96 -32.32 57.26 15.20
CA ASP EB 96 -32.70 57.28 16.61
C ASP EB 96 -32.18 58.50 17.38
N ASP EB 97 -31.09 59.11 16.91
CA ASP EB 97 -30.56 60.35 17.50
C ASP EB 97 -31.59 61.49 17.46
N GLU EB 98 -32.54 61.43 16.52
CA GLU EB 98 -33.63 62.39 16.41
C GLU EB 98 -34.72 62.17 17.46
N THR EB 99 -34.74 61.02 18.15
CA THR EB 99 -35.83 60.69 19.08
C THR EB 99 -35.61 61.21 20.51
N LYS EB 100 -34.44 61.80 20.81
CA LYS EB 100 -34.04 62.24 22.15
C LYS EB 100 -35.19 62.93 22.90
N GLN EB 101 -35.60 62.31 24.02
CA GLN EB 101 -36.77 62.73 24.79
C GLN EB 101 -36.52 62.49 26.29
N LEU EB 102 -37.06 63.35 27.16
CA LEU EB 102 -36.98 63.13 28.60
C LEU EB 102 -38.02 62.07 29.00
N VAL EB 103 -37.53 60.92 29.48
CA VAL EB 103 -38.41 59.82 29.89
C VAL EB 103 -38.77 59.95 31.38
N ASP EB 104 -37.76 60.26 32.21
CA ASP EB 104 -37.91 60.46 33.64
C ASP EB 104 -36.99 61.58 34.11
N GLY EB 105 -37.24 62.80 33.60
CA GLY EB 105 -36.42 63.98 33.87
C GLY EB 105 -34.99 63.91 33.31
N GLU EB 106 -34.75 62.92 32.44
CA GLU EB 106 -33.44 62.62 31.87
C GLU EB 106 -33.60 62.04 30.45
N PRO EB 107 -32.69 62.32 29.48
CA PRO EB 107 -32.89 61.88 28.11
C PRO EB 107 -32.72 60.38 27.86
N MET EB 108 -33.50 59.89 26.89
CA MET EB 108 -33.30 58.62 26.21
C MET EB 108 -33.63 58.77 24.71
N THR EB 109 -33.09 57.83 23.92
CA THR EB 109 -33.55 57.52 22.57
C THR EB 109 -34.34 56.21 22.61
N LEU EB 110 -35.02 55.85 21.50
CA LEU EB 110 -35.91 54.70 21.55
C LEU EB 110 -35.13 53.40 21.75
N SER EB 111 -33.95 53.26 21.15
CA SER EB 111 -33.04 52.15 21.41
C SER EB 111 -32.70 52.06 22.90
N GLU EB 112 -32.34 53.20 23.52
CA GLU EB 112 -32.00 53.21 24.94
C GLU EB 112 -33.20 52.80 25.80
N TRP EB 113 -34.41 53.26 25.45
CA TRP EB 113 -35.61 52.84 26.16
C TRP EB 113 -35.85 51.33 26.00
N LEU EB 114 -35.77 50.82 24.77
CA LEU EB 114 -35.96 49.39 24.49
C LEU EB 114 -34.91 48.52 25.18
N GLU EB 115 -33.65 48.96 25.22
CA GLU EB 115 -32.58 48.27 25.95
C GLU EB 115 -32.84 48.22 27.46
N ASP EB 116 -33.58 49.19 28.01
CA ASP EB 116 -34.01 49.15 29.41
C ASP EB 116 -35.29 48.33 29.59
N ALA EB 117 -36.16 48.34 28.58
CA ALA EB 117 -37.42 47.58 28.59
C ALA EB 117 -37.14 46.07 28.52
N PHE EB 118 -36.15 45.67 27.73
CA PHE EB 118 -35.76 44.27 27.54
C PHE EB 118 -34.29 44.07 27.92
N PRO EB 119 -33.91 44.04 29.23
CA PRO EB 119 -32.52 43.94 29.63
C PRO EB 119 -31.84 42.63 29.22
N HIS EB 120 -32.58 41.52 29.29
CA HIS EB 120 -32.04 40.18 29.11
C HIS EB 120 -32.54 39.56 27.80
N LEU EB 121 -32.58 40.38 26.74
CA LEU EB 121 -33.21 39.99 25.49
C LEU EB 121 -32.50 38.81 24.83
N ASP EB 122 -31.18 38.66 25.02
CA ASP EB 122 -30.41 37.53 24.50
C ASP EB 122 -30.98 36.18 24.96
N LEU EB 123 -31.40 36.10 26.23
CA LEU EB 123 -31.97 34.89 26.80
C LEU EB 123 -33.39 34.67 26.29
N LEU EB 124 -34.19 35.75 26.20
CA LEU EB 124 -35.55 35.65 25.71
C LEU EB 124 -35.57 35.19 24.25
N VAL EB 125 -34.74 35.79 23.40
CA VAL EB 125 -34.58 35.41 22.00
C VAL EB 125 -34.19 33.94 21.87
N LEU EB 126 -33.24 33.46 22.69
CA LEU EB 126 -32.86 32.05 22.68
C LEU EB 126 -34.02 31.14 23.09
N ASP EB 127 -34.78 31.48 24.14
CA ASP EB 127 -35.91 30.68 24.60
C ASP EB 127 -37.04 30.64 23.56
N LEU EB 128 -37.52 31.81 23.12
CA LEU EB 128 -38.60 31.88 22.14
C LEU EB 128 -38.18 31.28 20.81
N GLY EB 129 -36.97 31.59 20.35
CA GLY EB 129 -36.45 31.05 19.09
C GLY EB 129 -36.30 29.53 19.13
N GLY EB 130 -35.85 28.99 20.27
CA GLY EB 130 -35.87 27.55 20.51
C GLY EB 130 -37.30 26.99 20.42
N ASP EB 131 -38.23 27.55 21.19
CA ASP EB 131 -39.61 27.08 21.22
C ASP EB 131 -40.26 27.11 19.82
N ALA EB 132 -40.02 28.17 19.05
CA ALA EB 132 -40.59 28.31 17.71
C ALA EB 132 -39.96 27.37 16.66
N LEU EB 133 -38.83 26.71 16.96
CA LEU EB 133 -38.28 25.64 16.13
C LEU EB 133 -38.84 24.27 16.54
N TRP EB 134 -38.92 24.00 17.85
CA TRP EB 134 -39.53 22.80 18.41
C TRP EB 134 -41.03 22.71 18.09
N TYR EB 135 -41.80 23.69 18.59
CA TYR EB 135 -43.25 23.74 18.53
C TYR EB 135 -43.71 24.50 17.29
N PRO EB 136 -45.02 24.52 16.93
CA PRO EB 136 -45.48 25.31 15.80
C PRO EB 136 -45.30 26.82 16.00
N TYR EB 137 -45.27 27.27 17.27
CA TYR EB 137 -45.18 28.67 17.66
C TYR EB 137 -44.43 28.80 18.99
N ALA EB 138 -43.80 29.95 19.20
CA ALA EB 138 -43.59 30.48 20.54
C ALA EB 138 -44.79 31.36 20.91
N VAL EB 139 -45.16 31.42 22.19
CA VAL EB 139 -46.34 32.17 22.63
C VAL EB 139 -46.12 32.74 24.03
N GLY EB 140 -46.77 33.88 24.35
CA GLY EB 140 -46.62 34.51 25.65
C GLY EB 140 -47.57 35.69 25.88
N GLU EB 141 -47.32 36.40 26.99
CA GLU EB 141 -48.13 37.49 27.52
C GLU EB 141 -47.30 38.78 27.54
N ILE EB 142 -47.97 39.94 27.66
CA ILE EB 142 -47.31 41.13 28.18
C ILE EB 142 -47.67 41.24 29.66
N GLN EB 143 -46.67 41.53 30.51
CA GLN EB 143 -46.84 41.64 31.95
C GLN EB 143 -46.46 43.03 32.43
N GLU EB 144 -47.20 43.50 33.45
CA GLU EB 144 -47.06 44.83 34.01
C GLU EB 144 -46.61 44.78 35.48
N THR EB 145 -45.92 45.84 35.91
CA THR EB 145 -45.69 46.14 37.31
C THR EB 145 -47.02 46.43 38.03
N ILE EB 146 -47.01 46.43 39.37
CA ILE EB 146 -48.19 46.80 40.16
C ILE EB 146 -48.64 48.25 39.87
N THR EB 147 -47.68 49.16 39.69
CA THR EB 147 -47.93 50.54 39.29
C THR EB 147 -48.42 50.67 37.83
N GLY EB 148 -48.42 49.57 37.07
CA GLY EB 148 -49.04 49.51 35.74
C GLY EB 148 -48.14 49.85 34.56
N GLU EB 149 -46.87 50.19 34.80
CA GLU EB 149 -45.89 50.27 33.70
C GLU EB 149 -45.42 48.86 33.29
N PHE EB 150 -44.81 48.76 32.10
CA PHE EB 150 -44.34 47.49 31.55
C PHE EB 150 -43.29 46.81 32.42
N LYS EB 151 -43.51 45.52 32.73
CA LYS EB 151 -42.53 44.68 33.42
C LYS EB 151 -41.67 43.90 32.43
N GLU EB 152 -42.32 43.03 31.64
CA GLU EB 152 -41.66 42.12 30.71
C GLU EB 152 -42.64 41.52 29.70
N ALA EB 153 -42.11 40.99 28.59
CA ALA EB 153 -42.84 40.02 27.78
C ALA EB 153 -42.61 38.64 28.40
N LEU EB 154 -43.67 37.99 28.87
CA LEU EB 154 -43.53 36.74 29.61
C LEU EB 154 -43.93 35.56 28.72
N PRO EB 155 -42.99 34.70 28.30
CA PRO EB 155 -43.34 33.47 27.57
C PRO EB 155 -44.31 32.59 28.36
N ALA EB 156 -45.03 31.72 27.65
CA ALA EB 156 -45.91 30.72 28.23
C ALA EB 156 -45.56 29.36 27.62
N GLU EB 157 -45.90 28.27 28.34
CA GLU EB 157 -45.43 26.95 27.96
C GLU EB 157 -46.15 26.45 26.70
N PRO EB 158 -45.46 26.32 25.54
CA PRO EB 158 -46.14 26.22 24.26
C PRO EB 158 -46.93 24.93 24.10
N TRP EB 159 -46.51 23.84 24.76
CA TRP EB 159 -47.26 22.59 24.71
C TRP EB 159 -48.61 22.67 25.45
N THR EB 160 -48.83 23.71 26.26
CA THR EB 160 -50.06 23.87 27.02
C THR EB 160 -51.13 24.66 26.26
N LEU EB 161 -50.74 25.42 25.24
CA LEU EB 161 -51.58 26.40 24.55
C LEU EB 161 -51.84 25.99 23.10
N MET EB 162 -53.08 26.16 22.64
CA MET EB 162 -53.52 25.75 21.32
C MET EB 162 -54.35 26.88 20.69
N PRO EB 163 -54.05 27.37 19.47
CA PRO EB 163 -54.82 28.46 18.85
C PRO EB 163 -56.09 27.92 18.19
N GLU EB 164 -57.10 28.78 18.09
CA GLU EB 164 -58.30 28.50 17.31
C GLU EB 164 -58.37 29.48 16.13
N SER EB 165 -58.34 28.93 14.90
CA SER EB 165 -58.46 29.73 13.67
C SER EB 165 -59.92 29.94 13.27
N ASP EB 166 -60.19 31.04 12.56
CA ASP EB 166 -61.46 31.27 11.89
C ASP EB 166 -61.47 30.67 10.45
N ALA EB 167 -62.52 31.00 9.68
CA ALA EB 167 -62.68 30.55 8.31
C ALA EB 167 -61.65 31.16 7.33
N GLN EB 168 -61.03 32.31 7.69
CA GLN EB 168 -59.90 32.87 6.93
C GLN EB 168 -58.54 32.63 7.62
N GLY EB 169 -58.48 31.66 8.54
CA GLY EB 169 -57.25 31.17 9.15
C GLY EB 169 -56.72 31.97 10.34
N LYS EB 170 -57.25 33.17 10.62
CA LYS EB 170 -56.68 34.03 11.66
C LYS EB 170 -57.05 33.53 13.07
N VAL EB 171 -56.13 33.67 14.01
CA VAL EB 171 -56.33 33.19 15.38
C VAL EB 171 -57.28 34.13 16.14
N GLN EB 172 -58.38 33.57 16.66
CA GLN EB 172 -59.38 34.33 17.40
C GLN EB 172 -59.32 34.08 18.91
N ALA EB 173 -58.89 32.88 19.33
CA ALA EB 173 -58.78 32.53 20.74
C ALA EB 173 -57.62 31.55 20.95
N TRP EB 174 -57.11 31.54 22.18
CA TRP EB 174 -56.15 30.56 22.65
C TRP EB 174 -56.80 29.68 23.72
N HIS EB 175 -56.80 28.37 23.49
CA HIS EB 175 -57.31 27.40 24.42
C HIS EB 175 -56.13 26.78 25.17
N GLN EB 176 -56.20 26.68 26.50
CA GLN EB 176 -55.09 26.18 27.29
C GLN EB 176 -55.55 25.05 28.22
N ARG EB 177 -54.76 23.95 28.31
CA ARG EB 177 -54.95 22.96 29.38
C ARG EB 177 -53.62 22.59 30.03
N THR EB 178 -53.66 22.39 31.36
CA THR EB 178 -52.46 22.24 32.16
C THR EB 178 -52.68 21.25 33.29
N LYS EB 179 -51.70 20.37 33.55
CA LYS EB 179 -51.70 19.43 34.66
C LYS EB 179 -51.72 20.19 35.98
N THR EB 180 -52.58 19.75 36.91
CA THR EB 180 -52.78 20.38 38.21
C THR EB 180 -53.29 19.36 39.23
N HIS EB 181 -52.45 19.05 40.24
CA HIS EB 181 -52.83 18.25 41.41
C HIS EB 181 -53.52 16.94 41.06
N GLY EB 182 -53.04 16.25 40.01
CA GLY EB 182 -53.57 14.95 39.62
C GLY EB 182 -54.60 14.97 38.47
N GLY EB 183 -55.15 16.15 38.12
CA GLY EB 183 -56.03 16.33 36.98
C GLY EB 183 -55.53 17.41 36.02
N TYR EB 184 -56.45 18.06 35.28
CA TYR EB 184 -56.14 19.19 34.42
C TYR EB 184 -57.07 20.38 34.68
N GLN EB 185 -56.49 21.58 34.81
CA GLN EB 185 -57.22 22.82 34.57
C GLN EB 185 -57.36 23.06 33.07
N THR EB 186 -58.37 23.84 32.67
CA THR EB 186 -58.57 24.27 31.28
C THR EB 186 -59.19 25.67 31.27
N GLN EB 187 -58.82 26.49 30.27
CA GLN EB 187 -59.36 27.84 30.12
C GLN EB 187 -59.24 28.31 28.66
N THR EB 188 -60.04 29.33 28.30
CA THR EB 188 -59.89 30.05 27.04
C THR EB 188 -59.47 31.49 27.30
N LEU EB 189 -58.51 31.98 26.51
CA LEU EB 189 -58.05 33.35 26.53
C LEU EB 189 -58.27 33.97 25.15
N PRO EB 190 -58.57 35.28 25.05
CA PRO EB 190 -58.73 35.92 23.74
C PRO EB 190 -57.38 36.04 23.02
N ALA EB 191 -57.42 36.07 21.69
CA ALA EB 191 -56.24 36.41 20.90
C ALA EB 191 -55.74 37.84 21.16
N ASP EB 192 -56.56 38.68 21.79
CA ASP EB 192 -56.39 40.13 21.86
C ASP EB 192 -55.23 40.57 22.76
N ASP EB 193 -54.75 39.71 23.69
CA ASP EB 193 -53.73 40.12 24.66
C ASP EB 193 -52.61 39.10 24.95
N LEU EB 194 -52.64 37.94 24.28
CA LEU EB 194 -51.43 37.14 24.08
C LEU EB 194 -50.70 37.63 22.82
N TRP EB 195 -49.48 37.12 22.62
CA TRP EB 195 -48.74 37.25 21.36
C TRP EB 195 -48.10 35.91 21.03
N HIP EB 196 -47.83 35.69 19.73
CA HIP EB 196 -47.24 34.43 19.28
CB HIP EB 196 -48.38 33.43 19.03
CG HIP EB 196 -48.97 33.43 17.66
CD2 HIP EB 196 -48.76 32.46 16.72
NE2 HIP EB 196 -49.58 32.71 15.64
CE1 HIP EB 196 -50.28 33.80 15.90
ND1 HIP EB 196 -49.95 34.34 17.14
P HIP EB 196 -50.76 35.69 17.85
O1P HIP EB 196 -51.40 35.14 19.10
O2P HIP EB 196 -51.76 36.09 16.82
O3P HIP EB 196 -49.71 36.73 18.09
C HIP EB 196 -46.36 34.68 18.05
O HIP EB 196 -46.55 35.63 17.31
N ILE EB 197 -45.39 33.78 17.82
CA ILE EB 197 -44.40 33.90 16.75
C ILE EB 197 -44.29 32.53 16.07
N VAL EB 198 -44.32 32.51 14.73
CA VAL EB 198 -44.26 31.29 13.93
C VAL EB 198 -43.05 31.36 13.01
N ILE EB 199 -42.09 30.42 13.17
CA ILE EB 199 -40.93 30.36 12.26
C ILE EB 199 -41.28 29.53 11.02
N ASN EB 200 -41.89 28.35 11.23
CA ASN EB 200 -42.18 27.41 10.17
C ASN EB 200 -43.68 27.44 9.82
N LYS EB 201 -44.00 27.66 8.54
CA LYS EB 201 -45.38 27.84 8.07
C LYS EB 201 -45.71 26.89 6.93
N ALA EB 202 -46.98 26.45 6.85
CA ALA EB 202 -47.46 25.72 5.69
C ALA EB 202 -47.51 26.61 4.45
N SER EB 203 -47.88 27.89 4.64
CA SER EB 203 -48.01 28.92 3.62
C SER EB 203 -47.86 30.29 4.29
N ALA EB 204 -47.67 31.35 3.50
CA ALA EB 204 -47.48 32.68 4.06
C ALA EB 204 -48.72 33.24 4.80
N ARG EB 205 -49.86 32.52 4.72
CA ARG EB 205 -51.11 32.84 5.40
C ARG EB 205 -51.37 32.01 6.65
N ASP EB 206 -50.54 30.99 6.91
CA ASP EB 206 -50.70 30.08 8.03
C ASP EB 206 -50.30 30.76 9.35
N GLU EB 207 -51.29 31.01 10.23
CA GLU EB 207 -51.02 31.55 11.57
C GLU EB 207 -50.81 30.47 12.63
N VAL EB 208 -51.09 29.19 12.32
CA VAL EB 208 -50.93 28.09 13.27
C VAL EB 208 -49.49 27.55 13.22
N GLY EB 209 -48.89 27.54 12.03
CA GLY EB 209 -47.54 27.03 11.84
C GLY EB 209 -47.45 25.51 11.84
N ILE EB 210 -46.22 25.00 11.66
CA ILE EB 210 -45.92 23.58 11.59
C ILE EB 210 -44.76 23.26 12.52
N SER EB 211 -44.89 22.23 13.37
CA SER EB 211 -43.78 21.75 14.18
C SER EB 211 -42.85 20.86 13.35
N GLU EB 212 -41.54 21.16 13.34
CA GLU EB 212 -40.59 20.28 12.70
C GLU EB 212 -40.50 18.90 13.38
N VAL EB 213 -40.84 18.82 14.67
CA VAL EB 213 -40.85 17.55 15.38
C VAL EB 213 -42.01 16.68 14.91
N LEU EB 214 -43.21 17.25 14.73
CA LEU EB 214 -44.32 16.49 14.15
C LEU EB 214 -44.08 16.17 12.68
N ARG EB 215 -43.53 17.13 11.92
CA ARG EB 215 -43.26 16.96 10.49
C ARG EB 215 -42.33 15.78 10.23
N ASN EB 216 -41.26 15.63 11.03
CA ASN EB 216 -40.25 14.61 10.90
C ASN EB 216 -40.43 13.46 11.91
N LYS EB 217 -41.64 13.24 12.44
CA LYS EB 217 -41.92 12.27 13.49
C LYS EB 217 -41.47 10.86 13.10
N ASP EB 218 -41.75 10.46 11.86
CA ASP EB 218 -41.36 9.16 11.33
C ASP EB 218 -39.84 9.03 11.20
N GLU EB 219 -39.13 10.06 10.72
CA GLU EB 219 -37.68 10.05 10.63
C GLU EB 219 -37.02 9.97 12.02
N ILE EB 220 -37.58 10.69 13.00
CA ILE EB 220 -37.13 10.63 14.39
C ILE EB 220 -37.31 9.23 14.95
N GLN EB 221 -38.47 8.60 14.72
CA GLN EB 221 -38.72 7.23 15.17
C GLN EB 221 -37.83 6.22 14.46
N ALA EB 222 -37.62 6.37 13.15
CA ALA EB 222 -36.73 5.50 12.39
C ALA EB 222 -35.30 5.53 12.95
N PHE EB 223 -34.80 6.74 13.27
CA PHE EB 223 -33.52 6.91 13.93
C PHE EB 223 -33.50 6.15 15.27
N LYS EB 224 -34.42 6.44 16.17
CA LYS EB 224 -34.45 5.81 17.50
C LYS EB 224 -34.55 4.29 17.43
N GLN EB 225 -35.34 3.74 16.50
CA GLN EB 225 -35.44 2.30 16.32
C GLN EB 225 -34.14 1.69 15.80
N ASN EB 226 -33.47 2.33 14.83
CA ASN EB 226 -32.20 1.80 14.35
C ASN EB 226 -31.10 1.89 15.40
N GLU EB 227 -31.08 2.95 16.23
CA GLU EB 227 -30.19 3.02 17.37
C GLU EB 227 -30.40 1.85 18.33
N ALA EB 228 -31.65 1.58 18.71
CA ALA EB 228 -31.98 0.47 19.57
C ALA EB 228 -31.57 -0.87 18.95
N ALA EB 229 -31.82 -1.04 17.64
CA ALA EB 229 -31.46 -2.24 16.90
C ALA EB 229 -29.95 -2.47 16.90
N ILE EB 230 -29.14 -1.42 16.68
CA ILE EB 230 -27.69 -1.53 16.75
C ILE EB 230 -27.25 -1.88 18.17
N ASN EB 231 -27.79 -1.22 19.19
CA ASN EB 231 -27.38 -1.46 20.55
C ASN EB 231 -27.61 -2.93 20.94
N GLN EB 232 -28.79 -3.46 20.61
CA GLN EB 232 -29.15 -4.85 20.82
C GLN EB 232 -28.27 -5.80 20.00
N ALA EB 233 -27.97 -5.43 18.74
CA ALA EB 233 -27.11 -6.25 17.89
C ALA EB 233 -25.68 -6.31 18.42
N ILE EB 234 -25.16 -5.21 18.97
CA ILE EB 234 -23.84 -5.19 19.61
C ILE EB 234 -23.83 -6.13 20.81
N GLU EB 235 -24.86 -6.09 21.67
CA GLU EB 235 -24.95 -6.99 22.81
C GLU EB 235 -24.90 -8.46 22.38
N LEU EB 236 -25.64 -8.82 21.33
CA LEU EB 236 -25.74 -10.21 20.89
C LEU EB 236 -24.53 -10.67 20.07
N HIS EB 237 -24.03 -9.81 19.17
CA HIS EB 237 -23.13 -10.21 18.09
C HIS EB 237 -21.77 -9.49 18.12
N GLY EB 238 -21.64 -8.40 18.89
CA GLY EB 238 -20.42 -7.61 18.90
C GLY EB 238 -19.25 -8.28 19.61
N PHE EB 239 -19.53 -9.27 20.47
CA PHE EB 239 -18.55 -9.96 21.28
C PHE EB 239 -18.52 -11.45 20.92
N PRO EB 240 -17.36 -12.14 20.98
CA PRO EB 240 -17.36 -13.59 20.90
C PRO EB 240 -18.07 -14.18 22.13
N GLN EB 241 -18.55 -15.42 22.00
CA GLN EB 241 -19.14 -16.16 23.11
C GLN EB 241 -18.64 -17.61 23.09
N ARG EB 242 -18.33 -18.17 24.27
CA ARG EB 242 -17.81 -19.53 24.36
C ARG EB 242 -18.95 -20.55 24.24
N HIP EB 243 -18.73 -21.60 23.40
CA HIP EB 243 -19.68 -22.70 23.22
CB HIP EB 243 -20.27 -22.71 21.80
CG HIP EB 243 -21.31 -23.78 21.59
CD2 HIP EB 243 -21.93 -24.52 22.56
NE2 HIP EB 243 -22.82 -25.35 21.96
CE1 HIP EB 243 -22.77 -25.15 20.65
ND1 HIP EB 243 -21.80 -24.22 20.32
P HIP EB 243 -21.28 -23.95 18.70
O1P HIP EB 243 -20.27 -25.02 18.45
O2P HIP EB 243 -22.49 -24.18 17.87
O3P HIP EB 243 -20.70 -22.57 18.63
C HIP EB 243 -18.97 -24.01 23.56
O HIP EB 243 -18.26 -24.56 22.71
N VAL EB 244 -19.15 -24.54 24.78
CA VAL EB 244 -18.57 -25.84 25.09
C VAL EB 244 -19.53 -26.96 24.67
N LYS EB 245 -19.04 -27.89 23.84
CA LYS EB 245 -19.78 -29.06 23.42
C LYS EB 245 -19.21 -30.29 24.13
N VAL EB 246 -20.10 -31.13 24.69
CA VAL EB 246 -19.69 -32.24 25.55
C VAL EB 246 -20.22 -33.55 24.99
N GLY EB 247 -19.39 -34.59 25.08
CA GLY EB 247 -19.72 -35.92 24.57
C GLY EB 247 -19.11 -36.17 23.20
N LYS EB 248 -18.96 -37.46 22.85
CA LYS EB 248 -18.50 -37.86 21.53
C LYS EB 248 -19.68 -37.82 20.56
N GLU EB 249 -19.42 -37.39 19.31
CA GLU EB 249 -20.47 -37.37 18.30
C GLU EB 249 -20.88 -38.82 17.97
N ASP EB 250 -22.20 -39.09 17.92
CA ASP EB 250 -22.74 -40.45 17.86
C ASP EB 250 -22.39 -41.33 19.07
N GLY EB 251 -21.88 -40.73 20.17
CA GLY EB 251 -21.53 -41.46 21.39
C GLY EB 251 -22.60 -41.35 22.48
N ALA EB 252 -22.18 -41.49 23.75
CA ALA EB 252 -23.07 -41.42 24.91
C ALA EB 252 -23.69 -40.03 25.04
N PRO EB 253 -25.02 -39.91 25.30
CA PRO EB 253 -25.65 -38.59 25.50
C PRO EB 253 -25.31 -38.02 26.86
N VAL EB 254 -25.32 -36.68 26.94
CA VAL EB 254 -25.06 -35.90 28.14
C VAL EB 254 -26.36 -35.16 28.48
N ARG EB 255 -26.84 -35.24 29.73
CA ARG EB 255 -28.09 -34.61 30.15
C ARG EB 255 -27.85 -33.22 30.75
N ASP EB 256 -28.91 -32.44 30.98
CA ASP EB 256 -28.82 -31.10 31.53
C ASP EB 256 -28.08 -31.08 32.87
N ASN EB 257 -28.39 -32.07 33.72
CA ASN EB 257 -27.77 -32.21 35.02
C ASN EB 257 -26.27 -32.51 34.93
N ASP EB 258 -25.81 -33.07 33.81
CA ASP EB 258 -24.40 -33.33 33.55
C ASP EB 258 -23.72 -32.06 33.02
N LEU EB 259 -24.36 -31.35 32.07
CA LEU EB 259 -23.87 -30.07 31.59
C LEU EB 259 -23.76 -29.05 32.72
N ARG EB 260 -24.62 -29.12 33.73
CA ARG EB 260 -24.63 -28.22 34.88
C ARG EB 260 -23.30 -28.26 35.64
N ARG EB 261 -22.65 -29.42 35.69
CA ARG EB 261 -21.32 -29.55 36.26
C ARG EB 261 -20.23 -29.04 35.33
N VAL EB 262 -20.35 -29.28 34.01
CA VAL EB 262 -19.37 -28.74 33.07
C VAL EB 262 -19.42 -27.21 33.03
N ARG EB 263 -20.62 -26.61 33.15
CA ARG EB 263 -20.81 -25.17 33.26
C ARG EB 263 -19.96 -24.56 34.37
N THR EB 264 -19.83 -25.26 35.51
CA THR EB 264 -19.03 -24.79 36.63
C THR EB 264 -17.54 -24.64 36.26
N ILE EB 265 -17.02 -25.54 35.42
CA ILE EB 265 -15.61 -25.58 35.07
C ILE EB 265 -15.25 -24.43 34.11
N PHE EB 266 -16.02 -24.25 33.02
CA PHE EB 266 -15.73 -23.20 32.04
C PHE EB 266 -16.54 -21.92 32.28
N ASP EB 267 -16.96 -21.69 33.53
CA ASP EB 267 -17.79 -20.56 33.92
C ASP EB 267 -17.14 -19.23 33.56
N PRO EB 268 -17.72 -18.41 32.66
CA PRO EB 268 -17.09 -17.16 32.23
C PRO EB 268 -17.05 -16.12 33.35
N ARG EB 269 -17.93 -16.22 34.35
CA ARG EB 269 -17.95 -15.28 35.47
C ARG EB 269 -16.68 -15.36 36.31
N THR EB 270 -16.07 -16.56 36.41
CA THR EB 270 -14.94 -16.81 37.29
C THR EB 270 -13.66 -17.25 36.55
N THR EB 271 -13.75 -17.50 35.25
CA THR EB 271 -12.57 -17.64 34.38
C THR EB 271 -11.75 -16.36 34.40
N ASP EB 272 -10.43 -16.46 34.14
CA ASP EB 272 -9.57 -15.29 34.01
C ASP EB 272 -8.74 -15.38 32.73
N ALA EB 273 -7.94 -14.33 32.46
CA ALA EB 273 -7.28 -14.16 31.17
C ALA EB 273 -6.39 -15.35 30.78
N ASN EB 274 -5.66 -15.93 31.74
CA ASN EB 274 -4.67 -16.96 31.47
C ASN EB 274 -5.05 -18.33 32.04
N THR EB 275 -6.35 -18.56 32.27
CA THR EB 275 -6.86 -19.89 32.60
C THR EB 275 -6.52 -20.88 31.47
N ALA EB 276 -5.90 -22.01 31.81
CA ALA EB 276 -5.72 -23.12 30.86
C ALA EB 276 -6.72 -24.24 31.14
N TYR EB 277 -6.99 -25.09 30.13
CA TYR EB 277 -7.91 -26.22 30.29
C TYR EB 277 -7.24 -27.53 29.90
N PHE EB 278 -7.62 -28.59 30.63
CA PHE EB 278 -7.18 -29.94 30.38
C PHE EB 278 -8.43 -30.78 30.16
N THR EB 279 -8.48 -31.53 29.05
CA THR EB 279 -9.65 -32.35 28.80
C THR EB 279 -9.30 -33.69 28.18
N GLY EB 280 -10.24 -34.64 28.30
CA GLY EB 280 -10.28 -35.77 27.39
C GLY EB 280 -10.60 -35.32 25.96
N GLN EB 281 -10.71 -36.30 25.04
CA GLN EB 281 -10.92 -36.00 23.62
C GLN EB 281 -12.37 -35.63 23.33
N ASP EB 282 -13.31 -35.92 24.24
CA ASP EB 282 -14.74 -35.79 23.98
C ASP EB 282 -15.34 -34.52 24.60
N VAL EB 283 -14.51 -33.49 24.72
CA VAL EB 283 -14.94 -32.14 25.07
C VAL EB 283 -14.36 -31.19 24.03
N ASP EB 284 -15.23 -30.41 23.39
CA ASP EB 284 -14.83 -29.43 22.38
C ASP EB 284 -15.12 -28.01 22.89
N VAL EB 285 -14.11 -27.14 22.91
CA VAL EB 285 -14.32 -25.75 23.31
C VAL EB 285 -14.40 -24.90 22.05
N GLU EB 286 -15.63 -24.72 21.54
CA GLU EB 286 -15.89 -23.90 20.37
C GLU EB 286 -16.15 -22.44 20.77
N THR EB 287 -16.19 -21.57 19.75
CA THR EB 287 -16.48 -20.15 19.93
C THR EB 287 -17.49 -19.69 18.90
N LEU EB 288 -18.55 -19.04 19.37
CA LEU EB 288 -19.34 -18.16 18.53
C LEU EB 288 -18.50 -16.92 18.30
N GLU EB 289 -18.01 -16.73 17.08
CA GLU EB 289 -17.19 -15.57 16.78
C GLU EB 289 -18.00 -14.28 16.91
N ALA EB 290 -17.34 -13.14 17.15
CA ALA EB 290 -18.01 -11.85 16.94
C ALA EB 290 -18.37 -11.75 15.47
N HIP EB 291 -19.68 -11.75 15.15
CA HIP EB 291 -20.14 -11.82 13.77
CB HIP EB 291 -21.49 -12.57 13.73
CG HIP EB 291 -21.31 -14.03 13.99
CD2 HIP EB 291 -20.51 -14.89 13.30
NE2 HIP EB 291 -20.57 -16.12 13.91
CE1 HIP EB 291 -21.37 -16.03 14.96
ND1 HIP EB 291 -21.91 -14.75 15.06
P HIP EB 291 -23.19 -14.30 16.12
O1P HIP EB 291 -24.44 -14.37 15.33
O2P HIP EB 291 -23.17 -15.31 17.27
O3P HIP EB 291 -22.80 -12.94 16.56
C HIP EB 291 -20.13 -10.43 13.17
O HIP EB 291 -21.05 -9.65 13.39
N ASN EB 292 -19.08 -10.14 12.40
CA ASN EB 292 -18.78 -8.81 11.90
C ASN EB 292 -19.94 -8.21 11.07
N PHE EB 293 -20.36 -7.00 11.45
CA PHE EB 293 -21.28 -6.18 10.67
C PHE EB 293 -20.90 -4.71 10.84
N ASP EB 294 -21.13 -3.89 9.82
CA ASP EB 294 -20.63 -2.52 9.82
C ASP EB 294 -21.61 -1.57 10.51
N TYR EB 295 -21.74 -1.69 11.83
CA TYR EB 295 -22.60 -0.80 12.59
C TYR EB 295 -22.17 0.66 12.47
N SER EB 296 -20.86 0.94 12.34
CA SER EB 296 -20.37 2.29 12.10
C SER EB 296 -21.03 2.92 10.85
N ALA EB 297 -21.12 2.18 9.75
CA ALA EB 297 -21.82 2.66 8.56
C ALA EB 297 -23.31 2.84 8.79
N ILE EB 298 -23.95 1.95 9.57
CA ILE EB 298 -25.38 2.10 9.87
C ILE EB 298 -25.60 3.37 10.72
N HIS EB 299 -24.75 3.60 11.73
CA HIS EB 299 -24.72 4.83 12.51
C HIS EB 299 -24.59 6.07 11.62
N GLU EB 300 -23.63 6.05 10.69
CA GLU EB 300 -23.46 7.17 9.77
C GLU EB 300 -24.73 7.40 8.96
N MET EB 301 -25.32 6.33 8.40
CA MET EB 301 -26.51 6.44 7.59
C MET EB 301 -27.71 6.97 8.39
N ASP EB 302 -27.90 6.50 9.63
CA ASP EB 302 -28.93 7.03 10.51
C ASP EB 302 -28.73 8.51 10.80
N MET EB 303 -27.50 8.88 11.15
CA MET EB 303 -27.18 10.27 11.48
C MET EB 303 -27.34 11.18 10.27
N ARG EB 304 -26.97 10.69 9.08
CA ARG EB 304 -27.19 11.35 7.79
C ARG EB 304 -28.68 11.58 7.54
N ASN EB 305 -29.52 10.56 7.73
CA ASN EB 305 -30.96 10.72 7.59
C ASN EB 305 -31.51 11.75 8.58
N LEU EB 306 -31.13 11.65 9.86
CA LEU EB 306 -31.66 12.54 10.89
C LEU EB 306 -31.23 14.00 10.70
N THR EB 307 -29.93 14.24 10.52
CA THR EB 307 -29.41 15.60 10.35
C THR EB 307 -30.03 16.29 9.16
N THR EB 308 -30.07 15.64 7.98
CA THR EB 308 -30.69 16.21 6.79
C THR EB 308 -32.19 16.48 7.02
N ALA EB 309 -32.92 15.57 7.69
CA ALA EB 309 -34.33 15.79 8.01
C ALA EB 309 -34.55 17.01 8.90
N LEU EB 310 -33.71 17.21 9.93
CA LEU EB 310 -33.72 18.38 10.80
C LEU EB 310 -33.04 19.61 10.16
N GLY EB 311 -32.51 19.49 8.94
CA GLY EB 311 -31.86 20.58 8.23
C GLY EB 311 -30.50 21.02 8.78
N LEU EB 312 -29.93 20.26 9.73
CA LEU EB 312 -28.57 20.45 10.19
C LEU EB 312 -27.58 19.87 9.18
N PRO EB 313 -26.31 20.33 9.15
CA PRO EB 313 -25.28 19.62 8.40
C PRO EB 313 -24.91 18.32 9.12
N LEU EB 314 -24.36 17.38 8.36
CA LEU EB 314 -23.98 16.05 8.85
C LEU EB 314 -23.03 16.15 10.06
N GLU EB 315 -22.08 17.08 9.99
CA GLU EB 315 -21.04 17.31 10.99
C GLU EB 315 -21.60 17.60 12.40
N ALA EB 316 -22.80 18.19 12.50
CA ALA EB 316 -23.44 18.45 13.80
C ALA EB 316 -23.71 17.15 14.57
N GLY EB 317 -23.81 16.01 13.86
CA GLY EB 317 -24.08 14.70 14.46
C GLY EB 317 -22.84 13.95 14.95
N ASN EB 318 -21.67 14.60 15.05
CA ASN EB 318 -20.39 13.94 15.33
C ASN EB 318 -20.10 12.83 14.30
N VAL EB 319 -20.43 13.09 13.03
CA VAL EB 319 -20.20 12.18 11.90
C VAL EB 319 -19.61 12.98 10.75
N GLY EB 320 -18.59 12.41 10.07
CA GLY EB 320 -17.91 13.06 8.95
C GLY EB 320 -17.96 12.25 7.66
N ALA EB 321 -17.58 12.89 6.54
CA ALA EB 321 -17.56 12.28 5.22
C ALA EB 321 -16.44 12.86 4.35
N ASP EB 322 -15.88 12.03 3.46
CA ASP EB 322 -14.74 12.38 2.62
C ASP EB 322 -15.10 13.41 1.54
N GLY EB 323 -14.11 14.24 1.14
CA GLY EB 323 -14.25 15.20 0.05
C GLY EB 323 -15.05 16.46 0.43
N LEU EB 324 -16.06 16.30 1.29
CA LEU EB 324 -16.98 17.33 1.72
C LEU EB 324 -16.40 18.28 2.78
N GLY EB 325 -15.18 18.00 3.28
CA GLY EB 325 -14.57 18.73 4.39
C GLY EB 325 -13.77 19.98 3.98
N SER EB 326 -13.50 20.15 2.67
CA SER EB 326 -12.58 21.18 2.18
C SER EB 326 -13.00 21.73 0.81
N GLY EB 327 -12.49 22.93 0.45
CA GLY EB 327 -12.72 23.55 -0.85
C GLY EB 327 -14.17 23.97 -1.09
N LYS EB 328 -14.56 24.14 -2.36
CA LYS EB 328 -15.91 24.57 -2.73
C LYS EB 328 -17.02 23.66 -2.19
N PRO EB 329 -16.86 22.32 -2.10
CA PRO EB 329 -17.80 21.47 -1.38
C PRO EB 329 -18.11 21.90 0.06
N ALA EB 330 -17.10 22.36 0.80
CA ALA EB 330 -17.30 22.90 2.14
C ALA EB 330 -17.98 24.28 2.07
N GLU EB 331 -17.47 25.17 1.21
CA GLU EB 331 -18.01 26.53 1.04
C GLU EB 331 -19.52 26.50 0.81
N LEU EB 332 -20.00 25.57 -0.03
CA LEU EB 332 -21.42 25.44 -0.32
C LEU EB 332 -22.27 25.07 0.90
N ARG EB 333 -21.92 23.99 1.62
CA ARG EB 333 -22.77 23.52 2.71
C ARG EB 333 -22.78 24.51 3.89
N PHE EB 334 -21.68 25.23 4.09
CA PHE EB 334 -21.64 26.30 5.07
C PHE EB 334 -22.46 27.51 4.62
N ALA EB 335 -22.46 27.83 3.31
CA ALA EB 335 -23.38 28.85 2.80
C ALA EB 335 -24.84 28.46 2.98
N LEU EB 336 -25.20 27.20 2.67
CA LEU EB 336 -26.56 26.70 2.86
C LEU EB 336 -27.01 26.79 4.31
N LEU EB 337 -26.14 26.42 5.26
CA LEU EB 337 -26.43 26.55 6.68
C LEU EB 337 -26.66 28.02 7.07
N LYS EB 338 -25.76 28.92 6.66
CA LYS EB 338 -25.87 30.33 6.99
C LYS EB 338 -27.12 30.97 6.40
N LEU EB 339 -27.50 30.62 5.17
CA LEU EB 339 -28.75 31.08 4.56
C LEU EB 339 -29.96 30.60 5.36
N ALA EB 340 -29.98 29.33 5.77
CA ALA EB 340 -31.07 28.77 6.56
C ALA EB 340 -31.22 29.51 7.91
N ILE EB 341 -30.10 29.84 8.55
CA ILE EB 341 -30.06 30.62 9.78
C ILE EB 341 -30.60 32.03 9.54
N LYS EB 342 -30.12 32.75 8.52
CA LYS EB 342 -30.57 34.10 8.21
C LYS EB 342 -32.07 34.16 7.93
N ALA EB 343 -32.62 33.18 7.21
CA ALA EB 343 -34.05 33.08 6.93
C ALA EB 343 -34.88 32.96 8.21
N ASN EB 344 -34.47 32.09 9.14
CA ASN EB 344 -35.14 31.92 10.42
C ASN EB 344 -35.04 33.20 11.25
N GLN EB 345 -33.84 33.77 11.35
CA GLN EB 345 -33.57 34.99 12.11
C GLN EB 345 -34.46 36.13 11.64
N ARG EB 346 -34.52 36.43 10.33
CA ARG EB 346 -35.38 37.50 9.84
C ARG EB 346 -36.85 37.23 10.13
N SER EB 347 -37.31 35.98 9.92
CA SER EB 347 -38.68 35.59 10.19
C SER EB 347 -39.07 35.85 11.65
N PHE EB 348 -38.18 35.51 12.59
CA PHE EB 348 -38.38 35.73 14.01
C PHE EB 348 -38.37 37.22 14.34
N SER EB 349 -37.31 37.94 13.92
CA SER EB 349 -37.09 39.35 14.21
C SER EB 349 -38.29 40.21 13.84
N VAL EB 350 -38.80 40.05 12.62
CA VAL EB 350 -39.96 40.80 12.16
C VAL EB 350 -41.15 40.58 13.09
N GLN EB 351 -41.50 39.33 13.38
CA GLN EB 351 -42.64 39.04 14.24
C GLN EB 351 -42.45 39.55 15.65
N PHE EB 352 -41.26 39.44 16.23
CA PHE EB 352 -41.00 39.94 17.57
C PHE EB 352 -41.16 41.47 17.65
N VAL EB 353 -40.63 42.20 16.67
CA VAL EB 353 -40.79 43.64 16.63
C VAL EB 353 -42.27 44.02 16.45
N GLU EB 354 -42.94 43.41 15.47
CA GLU EB 354 -44.32 43.76 15.12
C GLU EB 354 -45.34 43.36 16.19
N ARG EB 355 -45.12 42.25 16.92
CA ARG EB 355 -46.12 41.69 17.83
C ARG EB 355 -45.75 41.77 19.31
N VAL EB 356 -44.50 42.16 19.64
CA VAL EB 356 -44.08 42.36 21.03
C VAL EB 356 -43.56 43.78 21.24
N MET EB 357 -42.53 44.21 20.51
CA MET EB 357 -41.91 45.50 20.79
C MET EB 357 -42.82 46.69 20.46
N ARG EB 358 -43.42 46.74 19.26
CA ARG EB 358 -44.26 47.88 18.89
C ARG EB 358 -45.43 48.07 19.85
N PRO EB 359 -46.20 47.03 20.24
CA PRO EB 359 -47.20 47.16 21.30
C PRO EB 359 -46.64 47.70 22.61
N VAL EB 360 -45.48 47.23 23.04
CA VAL EB 360 -44.85 47.72 24.28
C VAL EB 360 -44.47 49.20 24.17
N VAL EB 361 -43.96 49.64 23.01
CA VAL EB 361 -43.69 51.06 22.77
C VAL EB 361 -45.00 51.86 22.79
N ARG EB 362 -46.00 51.42 22.02
CA ARG EB 362 -47.29 52.08 21.89
C ARG EB 362 -47.97 52.30 23.26
N ASP EB 363 -48.00 51.25 24.09
CA ASP EB 363 -48.83 51.20 25.29
C ASP EB 363 -48.13 51.67 26.57
N TYR EB 364 -46.78 51.73 26.61
CA TYR EB 364 -46.06 52.03 27.85
C TYR EB 364 -44.90 53.02 27.69
N SER EB 365 -44.72 53.61 26.50
CA SER EB 365 -43.57 54.43 26.17
C SER EB 365 -43.99 55.84 25.71
N PRO EB 366 -43.19 56.90 25.98
CA PRO EB 366 -43.45 58.23 25.40
C PRO EB 366 -43.05 58.39 23.93
N PHE EB 367 -42.41 57.37 23.34
CA PHE EB 367 -41.94 57.41 21.95
C PHE EB 367 -43.02 56.98 20.94
N ASP EB 368 -42.76 57.27 19.65
CA ASP EB 368 -43.61 56.88 18.53
C ASP EB 368 -43.38 55.42 18.13
N HIS EB 369 -44.42 54.58 18.24
CA HIS EB 369 -44.34 53.16 17.88
C HIS EB 369 -44.20 52.92 16.36
N GLU EB 370 -44.52 53.90 15.52
CA GLU EB 370 -44.33 53.79 14.08
C GLU EB 370 -42.86 53.94 13.64
N ALA EB 371 -41.94 54.18 14.57
CA ALA EB 371 -40.51 54.30 14.27
C ALA EB 371 -39.92 53.03 13.65
N ASP EB 372 -38.89 53.20 12.81
CA ASP EB 372 -38.23 52.11 12.08
C ASP EB 372 -37.28 51.31 12.98
N ILE EB 373 -37.88 50.50 13.87
CA ILE EB 373 -37.17 49.56 14.75
C ILE EB 373 -36.69 48.34 13.94
N ARG EB 374 -35.48 47.85 14.22
CA ARG EB 374 -35.02 46.53 13.82
C ARG EB 374 -34.42 45.81 15.03
N LEU EB 375 -34.82 44.56 15.23
CA LEU EB 375 -34.08 43.65 16.10
C LEU EB 375 -33.28 42.73 15.19
N GLU EB 376 -31.94 42.73 15.31
CA GLU EB 376 -31.11 41.86 14.52
C GLU EB 376 -30.41 40.83 15.40
N ILE EB 377 -30.32 39.60 14.90
CA ILE EB 377 -29.73 38.49 15.65
C ILE EB 377 -28.39 38.20 15.01
N ASN EB 378 -27.35 38.04 15.83
CA ASN EB 378 -25.99 37.90 15.36
C ASN EB 378 -25.78 36.62 14.55
N ASP EB 379 -24.92 36.69 13.53
CA ASP EB 379 -24.48 35.52 12.79
C ASP EB 379 -23.55 34.67 13.66
N PRO EB 380 -23.89 33.39 13.97
CA PRO EB 380 -23.09 32.53 14.84
C PRO EB 380 -21.73 32.10 14.27
N LEU EB 381 -21.53 32.23 12.95
CA LEU EB 381 -20.38 31.65 12.27
C LEU EB 381 -19.45 32.70 11.66
N GLU EB 382 -19.54 33.97 12.11
CA GLU EB 382 -18.56 34.98 11.75
C GLU EB 382 -17.18 34.65 12.31
N ASP EB 383 -16.16 34.83 11.46
CA ASP EB 383 -14.78 34.91 11.90
C ASP EB 383 -14.36 36.38 11.95
N ILE EB 384 -14.16 36.92 13.16
CA ILE EB 384 -13.71 38.30 13.32
C ILE EB 384 -12.35 38.53 12.67
N GLY EB 385 -11.52 37.48 12.53
CA GLY EB 385 -10.27 37.56 11.79
C GLY EB 385 -10.47 37.90 10.32
N GLU EB 386 -11.51 37.36 9.69
CA GLU EB 386 -11.85 37.70 8.30
C GLU EB 386 -12.39 39.13 8.20
N VAL EB 387 -13.17 39.56 9.20
CA VAL EB 387 -13.67 40.92 9.28
C VAL EB 387 -12.50 41.91 9.46
N ALA EB 388 -11.51 41.55 10.29
CA ALA EB 388 -10.32 42.36 10.51
C ALA EB 388 -9.46 42.46 9.24
N ASP EB 389 -9.35 41.36 8.47
CA ASP EB 389 -8.74 41.40 7.16
C ASP EB 389 -9.48 42.37 6.22
N LEU EB 390 -10.82 42.32 6.21
CA LEU EB 390 -11.60 43.24 5.41
C LEU EB 390 -11.35 44.69 5.81
N ILE EB 391 -11.39 45.00 7.11
CA ILE EB 391 -11.14 46.34 7.63
C ILE EB 391 -9.72 46.82 7.24
N GLN EB 392 -8.72 45.95 7.30
CA GLN EB 392 -7.38 46.24 6.81
C GLN EB 392 -7.37 46.62 5.32
N GLN EB 393 -8.10 45.87 4.49
CA GLN EB 393 -8.03 46.00 3.04
C GLN EB 393 -8.83 47.19 2.51
N VAL EB 394 -10.00 47.49 3.12
CA VAL EB 394 -10.93 48.46 2.53
C VAL EB 394 -11.45 49.50 3.54
N GLY EB 395 -10.83 49.60 4.73
CA GLY EB 395 -11.15 50.63 5.71
C GLY EB 395 -11.14 52.05 5.14
N ASP EB 396 -10.31 52.29 4.11
CA ASP EB 396 -10.23 53.57 3.41
C ASP EB 396 -11.54 54.02 2.76
N TYR EB 397 -12.55 53.13 2.67
CA TYR EB 397 -13.84 53.40 2.04
C TYR EB 397 -15.01 53.32 3.03
N MET EB 398 -14.74 53.19 4.33
CA MET EB 398 -15.77 53.02 5.36
C MET EB 398 -15.68 54.15 6.39
N THR EB 399 -16.82 54.63 6.89
CA THR EB 399 -16.77 55.57 8.02
C THR EB 399 -16.36 54.84 9.29
N ASN EB 400 -15.84 55.59 10.26
CA ASN EB 400 -15.45 55.00 11.54
C ASN EB 400 -16.63 54.32 12.23
N GLU EB 401 -17.84 54.85 12.08
CA GLU EB 401 -19.06 54.20 12.56
C GLU EB 401 -19.29 52.86 11.86
N GLN EB 402 -19.20 52.81 10.52
CA GLN EB 402 -19.36 51.55 9.79
C GLN EB 402 -18.34 50.49 10.22
N VAL EB 403 -17.08 50.91 10.41
CA VAL EB 403 -16.04 50.02 10.92
C VAL EB 403 -16.42 49.50 12.30
N ALA EB 404 -16.82 50.37 13.23
CA ALA EB 404 -17.23 49.98 14.57
C ALA EB 404 -18.39 48.98 14.55
N GLU EB 405 -19.36 49.18 13.66
CA GLU EB 405 -20.48 48.25 13.48
C GLU EB 405 -20.02 46.87 13.02
N LYS EB 406 -19.16 46.80 11.99
CA LYS EB 406 -18.61 45.53 11.51
C LYS EB 406 -17.78 44.84 12.58
N LEU EB 407 -16.97 45.62 13.29
CA LEU EB 407 -16.03 45.15 14.31
C LEU EB 407 -16.72 44.84 15.64
N ASP EB 408 -18.03 45.07 15.75
CA ASP EB 408 -18.84 44.86 16.96
C ASP EB 408 -18.30 45.62 18.17
N LEU EB 409 -18.07 46.92 17.98
CA LEU EB 409 -17.67 47.86 19.03
C LEU EB 409 -18.60 49.08 19.06
N PRO EB 410 -18.70 49.79 20.21
CA PRO EB 410 -19.38 51.07 20.26
C PRO EB 410 -18.75 52.06 19.26
N ALA EB 411 -19.60 52.76 18.51
CA ALA EB 411 -19.18 53.84 17.64
C ALA EB 411 -18.50 54.95 18.44
N PRO EB 412 -17.54 55.71 17.87
CA PRO EB 412 -16.89 56.82 18.58
C PRO EB 412 -17.88 57.83 19.19
N GLU EB 413 -17.49 58.42 20.32
CA GLU EB 413 -18.35 59.31 21.12
C GLU EB 413 -18.61 60.66 20.43
N ASP EB 414 -17.70 61.08 19.54
CA ASP EB 414 -17.79 62.37 18.86
C ASP EB 414 -18.21 62.17 17.40
N ASP EB 415 -19.31 62.82 16.99
CA ASP EB 415 -19.99 62.53 15.72
C ASP EB 415 -19.10 62.80 14.50
N GLU EB 416 -18.26 63.84 14.54
CA GLU EB 416 -17.41 64.15 13.40
C GLU EB 416 -16.38 63.04 13.14
N VAL EB 417 -15.79 62.48 14.22
CA VAL EB 417 -14.86 61.38 14.03
C VAL EB 417 -15.60 60.10 13.67
N ALA EB 418 -16.79 59.87 14.23
CA ALA EB 418 -17.61 58.71 13.86
C ALA EB 418 -17.97 58.72 12.37
N ASP EB 419 -18.33 59.89 11.84
CA ASP EB 419 -18.80 60.06 10.48
C ASP EB 419 -17.65 60.14 9.46
N SER EB 420 -16.43 60.49 9.90
CA SER EB 420 -15.26 60.54 9.03
C SER EB 420 -14.80 59.15 8.58
N TYR EB 421 -13.97 59.12 7.52
CA TYR EB 421 -13.50 57.90 6.87
C TYR EB 421 -12.14 57.40 7.38
N ARG EB 422 -11.17 58.30 7.61
CA ARG EB 422 -9.85 57.89 8.10
C ARG EB 422 -9.91 57.58 9.60
N SER EB 423 -9.05 56.68 10.09
CA SER EB 423 -9.17 56.12 11.43
C SER EB 423 -9.07 57.20 12.52
N PRO EB 424 -9.69 57.00 13.71
CA PRO EB 424 -9.56 57.95 14.80
C PRO EB 424 -8.11 58.09 15.28
N ALA EB 425 -7.31 57.02 15.23
CA ALA EB 425 -5.89 57.12 15.54
C ALA EB 425 -5.14 58.03 14.55
N ASP EB 426 -5.51 58.01 13.26
CA ASP EB 426 -4.91 58.90 12.27
C ASP EB 426 -5.32 60.36 12.49
N MET EB 427 -6.58 60.61 12.85
CA MET EB 427 -7.02 61.95 13.20
C MET EB 427 -6.33 62.47 14.46
N GLU EB 428 -6.14 61.61 15.47
CA GLU EB 428 -5.41 61.98 16.68
C GLU EB 428 -3.94 62.32 16.37
N LYS EB 429 -3.21 61.46 15.62
CA LYS EB 429 -1.79 61.71 15.37
C LYS EB 429 -1.56 62.97 14.55
N ASP EB 430 -2.49 63.31 13.63
CA ASP EB 430 -2.42 64.54 12.86
C ASP EB 430 -2.82 65.77 13.67
N GLU EB 431 -3.86 65.68 14.51
CA GLU EB 431 -4.22 66.78 15.42
C GLU EB 431 -3.08 67.07 16.39
N ALA EB 432 -2.44 66.02 16.95
CA ALA EB 432 -1.24 66.14 17.78
C ALA EB 432 -0.06 66.73 17.01
N GLY EB 433 -0.06 66.62 15.67
CA GLY EB 433 0.93 67.23 14.79
C GLY EB 433 0.78 68.75 14.61
N VAL EB 434 -0.37 69.33 15.01
CA VAL EB 434 -0.63 70.77 14.93
C VAL EB 434 0.19 71.49 16.01
N ALA FB 31 -45.64 45.76 -38.92
CA ALA FB 31 -45.89 44.44 -38.27
C ALA FB 31 -47.33 44.39 -37.75
N SER FB 32 -47.53 43.88 -36.52
CA SER FB 32 -48.86 43.67 -35.94
C SER FB 32 -48.87 44.01 -34.44
N SER FB 33 -50.08 44.18 -33.88
CA SER FB 33 -50.29 44.47 -32.45
C SER FB 33 -50.85 43.31 -31.64
N THR FB 34 -51.22 42.21 -32.32
CA THR FB 34 -51.55 40.94 -31.68
C THR FB 34 -50.65 39.86 -32.27
N PRO FB 35 -50.26 38.82 -31.49
CA PRO FB 35 -49.45 37.72 -32.03
C PRO FB 35 -50.19 37.03 -33.17
N GLN FB 36 -49.42 36.58 -34.18
CA GLN FB 36 -49.97 35.91 -35.36
C GLN FB 36 -49.54 34.44 -35.46
N THR FB 37 -48.46 34.05 -34.77
CA THR FB 37 -48.18 32.66 -34.46
C THR FB 37 -49.03 32.19 -33.28
N ASN FB 38 -49.45 30.90 -33.34
CA ASN FB 38 -50.27 30.24 -32.32
C ASN FB 38 -49.44 29.66 -31.17
N VAL FB 39 -50.12 29.16 -30.09
CA VAL FB 39 -49.52 28.89 -28.78
C VAL FB 39 -49.71 27.46 -28.25
N ASP FB 40 -50.13 26.53 -29.13
CA ASP FB 40 -50.08 25.08 -28.88
C ASP FB 40 -50.89 24.61 -27.66
N SER FB 41 -51.91 25.39 -27.22
CA SER FB 41 -52.59 25.13 -25.95
C SER FB 41 -53.92 25.87 -25.82
N MET FB 42 -54.76 25.41 -24.87
CA MET FB 42 -55.90 26.14 -24.33
C MET FB 42 -56.14 25.69 -22.88
N GLY FB 43 -56.60 26.60 -22.00
CA GLY FB 43 -56.82 26.29 -20.58
C GLY FB 43 -58.09 25.50 -20.29
N GLY FB 44 -59.10 25.59 -21.19
CA GLY FB 44 -60.39 24.91 -21.07
C GLY FB 44 -60.29 23.40 -21.21
N ASP FB 54 -53.98 22.32 -17.91
CA ASP FB 54 -52.87 21.34 -18.04
C ASP FB 54 -52.88 20.37 -16.86
N LEU FB 55 -53.13 20.90 -15.65
CA LEU FB 55 -53.02 20.16 -14.40
C LEU FB 55 -54.17 20.48 -13.44
N THR FB 56 -54.46 19.51 -12.57
CA THR FB 56 -55.63 19.47 -11.71
C THR FB 56 -55.30 19.96 -10.29
N PHE FB 57 -56.33 20.17 -9.47
CA PHE FB 57 -56.12 20.37 -8.05
C PHE FB 57 -55.41 19.19 -7.39
N GLU FB 58 -55.59 17.97 -7.92
CA GLU FB 58 -54.90 16.80 -7.38
C GLU FB 58 -53.39 16.86 -7.65
N ASP FB 59 -52.98 17.34 -8.83
CA ASP FB 59 -51.57 17.58 -9.11
C ASP FB 59 -51.00 18.64 -8.17
N LEU FB 60 -51.76 19.71 -7.94
CA LEU FB 60 -51.37 20.77 -7.01
C LEU FB 60 -51.24 20.24 -5.58
N ARG FB 61 -52.17 19.39 -5.14
CA ARG FB 61 -52.11 18.80 -3.82
C ARG FB 61 -51.03 17.73 -3.71
N ASP FB 62 -50.66 17.06 -4.80
CA ASP FB 62 -49.47 16.22 -4.82
C ASP FB 62 -48.20 17.04 -4.54
N ILE FB 63 -48.07 18.25 -5.12
CA ILE FB 63 -46.91 19.09 -4.84
C ILE FB 63 -46.88 19.45 -3.35
N LYS FB 64 -48.03 19.84 -2.79
CA LYS FB 64 -48.22 20.14 -1.38
C LYS FB 64 -47.79 18.96 -0.49
N ASP FB 65 -48.17 17.72 -0.86
CA ASP FB 65 -47.80 16.52 -0.12
C ASP FB 65 -46.29 16.23 -0.20
N VAL FB 66 -45.65 16.41 -1.36
CA VAL FB 66 -44.20 16.27 -1.46
C VAL FB 66 -43.52 17.33 -0.58
N ARG FB 67 -44.00 18.57 -0.59
CA ARG FB 67 -43.43 19.68 0.17
C ARG FB 67 -43.52 19.46 1.68
N ASP FB 68 -44.71 19.15 2.19
CA ASP FB 68 -44.92 19.15 3.62
C ASP FB 68 -44.33 17.91 4.32
N SER FB 69 -44.27 16.76 3.63
CA SER FB 69 -43.85 15.48 4.21
C SER FB 69 -42.39 15.43 4.68
N GLY FB 70 -41.57 16.42 4.30
CA GLY FB 70 -40.22 16.55 4.84
C GLY FB 70 -39.23 15.51 4.31
N GLY FB 71 -38.17 15.26 5.09
CA GLY FB 71 -37.10 14.35 4.68
C GLY FB 71 -36.23 14.90 3.55
N GLN FB 72 -35.55 13.99 2.85
CA GLN FB 72 -34.47 14.30 1.92
C GLN FB 72 -34.92 15.24 0.79
N VAL FB 73 -36.04 14.90 0.11
CA VAL FB 73 -36.49 15.61 -1.08
C VAL FB 73 -36.89 17.04 -0.73
N ALA FB 74 -37.67 17.20 0.33
CA ALA FB 74 -38.11 18.51 0.81
C ALA FB 74 -36.90 19.37 1.20
N GLN FB 75 -35.90 18.80 1.88
CA GLN FB 75 -34.72 19.55 2.26
C GLN FB 75 -33.92 20.05 1.05
N LEU FB 76 -33.74 19.23 0.01
CA LEU FB 76 -33.07 19.69 -1.21
C LEU FB 76 -33.81 20.85 -1.86
N MET FB 77 -35.13 20.74 -2.01
CA MET FB 77 -35.90 21.79 -2.66
C MET FB 77 -35.95 23.07 -1.79
N ASP FB 78 -35.87 22.95 -0.46
CA ASP FB 78 -35.65 24.09 0.43
C ASP FB 78 -34.26 24.71 0.25
N TYR FB 79 -33.19 23.92 0.11
CA TYR FB 79 -31.87 24.45 -0.21
C TYR FB 79 -31.90 25.23 -1.53
N LYS FB 80 -32.62 24.73 -2.54
CA LYS FB 80 -32.80 25.43 -3.81
C LYS FB 80 -33.46 26.79 -3.59
N ALA FB 81 -34.52 26.87 -2.79
CA ALA FB 81 -35.18 28.13 -2.49
C ALA FB 81 -34.26 29.09 -1.74
N LEU FB 82 -33.51 28.61 -0.74
CA LEU FB 82 -32.57 29.43 0.02
C LEU FB 82 -31.46 29.99 -0.86
N LEU FB 83 -30.88 29.20 -1.77
CA LEU FB 83 -29.86 29.71 -2.67
C LEU FB 83 -30.42 30.81 -3.57
N ASN FB 84 -31.61 30.59 -4.14
CA ASN FB 84 -32.16 31.53 -5.10
C ASN FB 84 -32.63 32.83 -4.45
N PHE FB 85 -33.17 32.79 -3.21
CA PHE FB 85 -33.92 33.89 -2.64
C PHE FB 85 -33.56 34.24 -1.19
N GLY FB 86 -32.70 33.47 -0.53
CA GLY FB 86 -32.41 33.62 0.90
C GLY FB 86 -31.46 34.76 1.27
N GLU FB 87 -30.69 35.28 0.31
CA GLU FB 87 -29.66 36.29 0.58
C GLU FB 87 -30.22 37.72 0.60
N GLY FB 88 -31.53 37.88 0.38
CA GLY FB 88 -32.20 39.18 0.46
C GLY FB 88 -32.10 39.99 -0.82
N CYS FB 89 -32.63 41.22 -0.76
CA CYS FB 89 -32.88 42.02 -1.96
C CYS FB 89 -32.54 43.50 -1.75
N GLU FB 90 -32.48 44.24 -2.86
CA GLU FB 90 -32.32 45.69 -2.84
C GLU FB 90 -33.13 46.32 -3.98
N ILE FB 91 -33.72 47.51 -3.70
CA ILE FB 91 -34.49 48.26 -4.68
C ILE FB 91 -33.65 49.42 -5.22
N HIS FB 92 -33.62 49.54 -6.54
CA HIS FB 92 -33.02 50.68 -7.22
C HIS FB 92 -34.04 51.36 -8.11
N VAL FB 93 -33.90 52.68 -8.31
CA VAL FB 93 -34.61 53.37 -9.38
C VAL FB 93 -33.56 54.19 -10.13
N GLU FB 94 -33.52 54.11 -11.46
CA GLU FB 94 -32.60 54.98 -12.20
C GLU FB 94 -33.10 56.42 -12.17
N GLY FB 95 -32.22 57.37 -11.82
CA GLY FB 95 -32.58 58.77 -11.63
C GLY FB 95 -33.46 59.02 -10.39
N ASP FB 96 -33.34 58.18 -9.36
CA ASP FB 96 -34.14 58.24 -8.14
C ASP FB 96 -34.13 59.62 -7.48
N ASP FB 97 -32.97 60.29 -7.49
CA ASP FB 97 -32.79 61.62 -6.90
C ASP FB 97 -33.78 62.66 -7.46
N GLU FB 98 -34.12 62.53 -8.75
CA GLU FB 98 -35.03 63.46 -9.43
C GLU FB 98 -36.49 63.26 -9.01
N THR FB 99 -36.81 62.13 -8.38
CA THR FB 99 -38.18 61.78 -8.00
C THR FB 99 -38.66 62.52 -6.74
N LYS FB 100 -37.74 63.18 -6.00
CA LYS FB 100 -38.00 63.85 -4.73
C LYS FB 100 -39.32 64.65 -4.77
N GLN FB 101 -40.26 64.22 -3.92
CA GLN FB 101 -41.62 64.75 -3.87
C GLN FB 101 -42.10 64.72 -2.42
N LEU FB 102 -42.91 65.71 -2.00
CA LEU FB 102 -43.53 65.68 -0.69
C LEU FB 102 -44.72 64.71 -0.71
N VAL FB 103 -44.61 63.62 0.07
CA VAL FB 103 -45.62 62.56 0.09
C VAL FB 103 -46.68 62.86 1.15
N ASP FB 104 -46.23 63.12 2.40
CA ASP FB 104 -47.08 63.36 3.56
C ASP FB 104 -46.39 64.32 4.52
N GLY FB 105 -46.26 65.59 4.10
CA GLY FB 105 -45.55 66.61 4.85
C GLY FB 105 -44.05 66.36 5.01
N GLU FB 106 -43.50 65.44 4.19
CA GLU FB 106 -42.10 65.04 4.20
C GLU FB 106 -41.68 64.60 2.80
N PRO FB 107 -40.42 64.89 2.35
CA PRO FB 107 -39.91 64.40 1.07
C PRO FB 107 -39.65 62.89 1.06
N MET FB 108 -39.94 62.26 -0.08
CA MET FB 108 -39.44 60.92 -0.39
C MET FB 108 -39.03 60.87 -1.87
N THR FB 109 -38.04 60.02 -2.15
CA THR FB 109 -37.84 59.45 -3.48
C THR FB 109 -38.75 58.24 -3.67
N LEU FB 110 -38.90 57.81 -4.92
CA LEU FB 110 -39.65 56.60 -5.22
C LEU FB 110 -39.04 55.37 -4.54
N SER FB 111 -37.70 55.24 -4.52
CA SER FB 111 -37.09 54.13 -3.80
C SER FB 111 -37.40 54.17 -2.30
N GLU FB 112 -37.34 55.34 -1.67
CA GLU FB 112 -37.72 55.46 -0.27
C GLU FB 112 -39.19 55.08 -0.04
N TRP FB 113 -40.09 55.52 -0.93
CA TRP FB 113 -41.49 55.15 -0.82
C TRP FB 113 -41.68 53.64 -0.96
N LEU FB 114 -41.05 53.02 -1.98
CA LEU FB 114 -41.12 51.58 -2.18
C LEU FB 114 -40.61 50.80 -0.97
N GLU FB 115 -39.51 51.23 -0.35
CA GLU FB 115 -38.97 50.60 0.86
C GLU FB 115 -39.91 50.71 2.06
N ASP FB 116 -40.80 51.72 2.09
CA ASP FB 116 -41.85 51.82 3.09
C ASP FB 116 -43.11 51.03 2.68
N ALA FB 117 -43.37 50.92 1.37
CA ALA FB 117 -44.49 50.14 0.83
C ALA FB 117 -44.29 48.64 1.06
N PHE FB 118 -43.04 48.18 0.96
CA PHE FB 118 -42.66 46.79 1.14
C PHE FB 118 -41.57 46.67 2.22
N PRO FB 119 -41.90 46.81 3.53
CA PRO FB 119 -40.90 46.84 4.59
C PRO FB 119 -40.10 45.54 4.72
N HIS FB 120 -40.76 44.40 4.48
CA HIS FB 120 -40.20 43.08 4.74
C HIS FB 120 -40.04 42.29 3.44
N LEU FB 121 -39.58 42.96 2.38
CA LEU FB 121 -39.50 42.38 1.05
C LEU FB 121 -38.60 41.16 1.00
N ASP FB 122 -37.55 41.10 1.84
CA ASP FB 122 -36.70 39.92 1.98
C ASP FB 122 -37.48 38.64 2.29
N LEU FB 123 -38.47 38.71 3.20
CA LEU FB 123 -39.30 37.57 3.53
C LEU FB 123 -40.25 37.22 2.39
N LEU FB 124 -40.90 38.23 1.81
CA LEU FB 124 -41.82 38.03 0.70
C LEU FB 124 -41.11 37.39 -0.49
N VAL FB 125 -39.91 37.86 -0.85
CA VAL FB 125 -39.11 37.30 -1.92
C VAL FB 125 -38.77 35.83 -1.66
N LEU FB 126 -38.41 35.46 -0.42
CA LEU FB 126 -38.13 34.07 -0.09
C LEU FB 126 -39.40 33.19 -0.15
N ASP FB 127 -40.54 33.70 0.32
CA ASP FB 127 -41.81 32.97 0.26
C ASP FB 127 -42.26 32.74 -1.19
N LEU FB 128 -42.40 33.82 -1.97
CA LEU FB 128 -42.86 33.75 -3.34
C LEU FB 128 -41.87 32.97 -4.21
N GLY FB 129 -40.57 33.24 -4.05
CA GLY FB 129 -39.54 32.54 -4.78
C GLY FB 129 -39.50 31.04 -4.47
N GLY FB 130 -39.70 30.66 -3.21
CA GLY FB 130 -39.87 29.27 -2.83
C GLY FB 130 -41.09 28.63 -3.51
N ASP FB 131 -42.27 29.26 -3.38
CA ASP FB 131 -43.49 28.75 -3.98
C ASP FB 131 -43.36 28.61 -5.49
N ALA FB 132 -42.75 29.58 -6.18
CA ALA FB 132 -42.58 29.55 -7.63
C ALA FB 132 -41.56 28.50 -8.11
N LEU FB 133 -40.75 27.90 -7.22
CA LEU FB 133 -39.92 26.74 -7.54
C LEU FB 133 -40.69 25.43 -7.33
N TRP FB 134 -41.45 25.30 -6.25
CA TRP FB 134 -42.31 24.15 -5.97
C TRP FB 134 -43.44 24.02 -7.00
N TYR FB 135 -44.29 25.06 -7.09
CA TYR FB 135 -45.50 25.10 -7.91
C TYR FB 135 -45.20 25.72 -9.27
N PRO FB 136 -46.14 25.69 -10.25
CA PRO FB 136 -45.91 26.36 -11.52
C PRO FB 136 -45.80 27.88 -11.38
N TYR FB 137 -46.42 28.45 -10.35
CA TYR FB 137 -46.49 29.90 -10.09
C TYR FB 137 -46.52 30.16 -8.58
N ALA FB 138 -46.05 31.35 -8.18
CA ALA FB 138 -46.52 32.00 -6.98
C ALA FB 138 -47.68 32.92 -7.37
N VAL FB 139 -48.65 33.14 -6.47
CA VAL FB 139 -49.87 33.88 -6.80
C VAL FB 139 -50.37 34.62 -5.54
N GLY FB 140 -51.01 35.78 -5.71
CA GLY FB 140 -51.49 36.55 -4.58
C GLY FB 140 -52.38 37.74 -4.94
N GLU FB 141 -52.86 38.43 -3.90
CA GLU FB 141 -53.71 39.61 -4.00
C GLU FB 141 -52.88 40.89 -3.76
N ILE FB 142 -53.44 42.04 -4.15
CA ILE FB 142 -53.07 43.33 -3.55
C ILE FB 142 -54.12 43.66 -2.49
N GLN FB 143 -53.65 44.16 -1.33
CA GLN FB 143 -54.56 44.52 -0.24
C GLN FB 143 -54.40 45.97 0.19
N GLU FB 144 -55.53 46.50 0.70
CA GLU FB 144 -55.63 47.87 1.16
C GLU FB 144 -55.94 47.92 2.65
N THR FB 145 -55.49 48.99 3.29
CA THR FB 145 -56.01 49.43 4.59
C THR FB 145 -57.51 49.73 4.47
N ILE FB 146 -58.19 49.92 5.62
CA ILE FB 146 -59.59 50.35 5.63
C ILE FB 146 -59.74 51.73 4.95
N THR FB 147 -58.74 52.60 5.11
CA THR FB 147 -58.69 53.92 4.47
C THR FB 147 -58.37 53.86 2.96
N GLY FB 148 -58.18 52.67 2.39
CA GLY FB 148 -57.96 52.49 0.96
C GLY FB 148 -56.52 52.75 0.48
N GLU FB 149 -55.60 53.07 1.40
CA GLU FB 149 -54.17 53.14 1.15
C GLU FB 149 -53.58 51.71 1.11
N PHE FB 150 -52.44 51.50 0.43
CA PHE FB 150 -51.83 50.18 0.28
C PHE FB 150 -51.43 49.54 1.62
N LYS FB 151 -51.74 48.24 1.79
CA LYS FB 151 -51.37 47.46 2.96
C LYS FB 151 -50.20 46.51 2.66
N GLU FB 152 -50.45 45.50 1.79
CA GLU FB 152 -49.43 44.53 1.37
C GLU FB 152 -49.85 43.78 0.11
N ALA FB 153 -48.88 43.15 -0.56
CA ALA FB 153 -49.18 42.07 -1.50
C ALA FB 153 -49.33 40.77 -0.69
N LEU FB 154 -50.52 40.17 -0.69
CA LEU FB 154 -50.80 39.00 0.13
C LEU FB 154 -50.74 37.74 -0.72
N PRO FB 155 -49.73 36.85 -0.54
CA PRO FB 155 -49.72 35.56 -1.23
C PRO FB 155 -50.91 34.69 -0.85
N ALA FB 156 -51.44 33.97 -1.84
CA ALA FB 156 -52.47 32.96 -1.65
C ALA FB 156 -51.85 31.57 -1.62
N GLU FB 157 -52.57 30.58 -1.08
CA GLU FB 157 -52.08 29.20 -0.98
C GLU FB 157 -52.03 28.57 -2.38
N PRO FB 158 -50.84 28.39 -3.01
CA PRO FB 158 -50.76 28.15 -4.45
C PRO FB 158 -51.36 26.81 -4.88
N TRP FB 159 -51.38 25.80 -3.99
CA TRP FB 159 -52.02 24.53 -4.31
C TRP FB 159 -53.54 24.63 -4.38
N THR FB 160 -54.14 25.73 -3.90
CA THR FB 160 -55.58 25.91 -3.94
C THR FB 160 -56.09 26.57 -5.23
N LEU FB 161 -55.19 27.05 -6.09
CA LEU FB 161 -55.55 27.94 -7.22
C LEU FB 161 -55.00 27.40 -8.53
N MET FB 162 -55.82 27.43 -9.59
CA MET FB 162 -55.34 27.16 -10.95
C MET FB 162 -55.82 28.21 -11.93
N PRO FB 163 -55.00 28.63 -12.92
CA PRO FB 163 -55.38 29.66 -13.86
C PRO FB 163 -56.27 29.12 -14.97
N GLU FB 164 -57.14 29.99 -15.47
CA GLU FB 164 -57.97 29.76 -16.65
C GLU FB 164 -57.57 30.77 -17.72
N SER FB 165 -57.18 30.26 -18.90
CA SER FB 165 -56.53 31.06 -19.94
C SER FB 165 -57.28 31.03 -21.27
N ASP FB 166 -57.10 32.10 -22.05
CA ASP FB 166 -57.71 32.28 -23.36
C ASP FB 166 -56.94 31.55 -24.47
N ALA FB 167 -57.42 31.69 -25.73
CA ALA FB 167 -56.77 31.13 -26.91
C ALA FB 167 -55.40 31.75 -27.22
N GLN FB 168 -55.15 32.99 -26.75
CA GLN FB 168 -53.85 33.63 -26.84
C GLN FB 168 -52.85 33.06 -25.81
N GLY FB 169 -53.35 32.32 -24.80
CA GLY FB 169 -52.54 31.75 -23.74
C GLY FB 169 -52.37 32.68 -22.52
N LYS FB 170 -53.18 33.75 -22.44
CA LYS FB 170 -53.12 34.69 -21.32
C LYS FB 170 -54.18 34.34 -20.27
N VAL FB 171 -53.82 34.49 -19.00
CA VAL FB 171 -54.70 34.13 -17.88
C VAL FB 171 -55.80 35.20 -17.74
N GLN FB 172 -57.06 34.74 -17.74
CA GLN FB 172 -58.23 35.60 -17.67
C GLN FB 172 -58.97 35.48 -16.34
N ALA FB 173 -58.92 34.29 -15.72
CA ALA FB 173 -59.53 34.04 -14.42
C ALA FB 173 -58.69 33.03 -13.63
N TRP FB 174 -58.96 32.96 -12.32
CA TRP FB 174 -58.36 31.99 -11.42
C TRP FB 174 -59.46 31.17 -10.76
N HIS FB 175 -59.34 29.85 -10.80
CA HIS FB 175 -60.28 28.94 -10.19
C HIS FB 175 -59.69 28.42 -8.88
N GLN FB 176 -60.40 28.62 -7.76
CA GLN FB 176 -59.92 28.20 -6.45
C GLN FB 176 -60.79 27.09 -5.86
N ARG FB 177 -60.16 26.02 -5.34
CA ARG FB 177 -60.83 25.05 -4.49
C ARG FB 177 -60.10 24.92 -3.15
N THR FB 178 -60.82 25.06 -2.03
CA THR FB 178 -60.24 24.92 -0.70
C THR FB 178 -61.05 23.94 0.15
N LYS FB 179 -60.37 23.13 0.98
CA LYS FB 179 -61.04 22.32 1.98
C LYS FB 179 -61.83 23.21 2.94
N THR FB 180 -62.91 22.65 3.52
CA THR FB 180 -63.87 23.35 4.37
C THR FB 180 -64.65 22.28 5.14
N HIS FB 181 -65.39 22.66 6.21
CA HIS FB 181 -66.23 21.71 6.94
C HIS FB 181 -67.14 20.92 6.00
N GLY FB 182 -66.97 19.59 5.99
CA GLY FB 182 -67.78 18.66 5.22
C GLY FB 182 -67.52 18.62 3.70
N GLY FB 183 -66.40 19.18 3.22
CA GLY FB 183 -66.05 19.11 1.80
C GLY FB 183 -65.15 20.24 1.33
N TYR FB 184 -65.55 20.90 0.23
CA TYR FB 184 -64.80 21.98 -0.38
C TYR FB 184 -65.64 23.25 -0.56
N GLN FB 185 -64.99 24.41 -0.48
CA GLN FB 185 -65.48 25.62 -1.14
C GLN FB 185 -64.85 25.74 -2.52
N THR FB 186 -65.59 26.31 -3.47
CA THR FB 186 -65.09 26.55 -4.82
C THR FB 186 -65.51 27.95 -5.28
N GLN FB 187 -64.62 28.68 -5.98
CA GLN FB 187 -64.94 30.00 -6.52
C GLN FB 187 -64.08 30.32 -7.73
N THR FB 188 -64.57 31.25 -8.58
CA THR FB 188 -63.78 31.82 -9.65
C THR FB 188 -63.52 33.31 -9.36
N LEU FB 189 -62.28 33.75 -9.56
CA LEU FB 189 -61.85 35.12 -9.38
C LEU FB 189 -61.35 35.68 -10.70
N PRO FB 190 -61.67 36.94 -11.07
CA PRO FB 190 -61.12 37.54 -12.28
C PRO FB 190 -59.60 37.78 -12.12
N ALA FB 191 -58.85 37.64 -13.21
CA ALA FB 191 -57.40 37.87 -13.20
C ALA FB 191 -57.01 39.34 -12.99
N ASP FB 192 -57.99 40.24 -12.84
CA ASP FB 192 -57.80 41.68 -12.89
C ASP FB 192 -57.26 42.27 -11.57
N ASP FB 193 -57.36 41.53 -10.45
CA ASP FB 193 -56.91 42.01 -9.14
C ASP FB 193 -56.05 41.01 -8.34
N LEU FB 194 -55.84 39.81 -8.89
CA LEU FB 194 -54.72 38.96 -8.49
C LEU FB 194 -53.47 39.29 -9.33
N TRP FB 195 -52.31 38.82 -8.85
CA TRP FB 195 -51.05 38.81 -9.59
C TRP FB 195 -50.39 37.44 -9.43
N HIP FB 196 -49.53 37.08 -10.39
CA HIP FB 196 -48.84 35.80 -10.36
CB HIP FB 196 -49.76 34.75 -11.00
CG HIP FB 196 -49.67 34.64 -12.48
CD2 HIP FB 196 -48.98 33.66 -13.16
NE2 HIP FB 196 -49.20 33.82 -14.49
CE1 HIP FB 196 -50.01 34.86 -14.67
ND1 HIP FB 196 -50.33 35.46 -13.45
P HIP FB 196 -51.43 36.79 -13.28
O1P HIP FB 196 -52.50 36.30 -12.36
O2P HIP FB 196 -51.95 37.01 -14.67
O3P HIP FB 196 -50.59 37.92 -12.76
C HIP FB 196 -47.47 35.89 -11.00
O HIP FB 196 -47.21 36.72 -11.86
N ILE FB 197 -46.56 34.99 -10.58
CA ILE FB 197 -45.16 35.03 -11.00
C ILE FB 197 -44.74 33.60 -11.36
N VAL FB 198 -44.06 33.44 -12.50
CA VAL FB 198 -43.67 32.14 -13.03
C VAL FB 198 -42.14 32.12 -13.22
N ILE FB 199 -41.43 31.23 -12.51
CA ILE FB 199 -39.99 31.08 -12.73
C ILE FB 199 -39.72 30.10 -13.88
N ASN FB 200 -40.38 28.93 -13.84
CA ASN FB 200 -40.12 27.83 -14.76
C ASN FB 200 -41.19 27.80 -15.85
N LYS FB 201 -40.76 27.82 -17.13
CA LYS FB 201 -41.67 27.95 -18.26
C LYS FB 201 -41.40 26.88 -19.33
N ALA FB 202 -42.46 26.48 -20.03
CA ALA FB 202 -42.35 25.65 -21.23
C ALA FB 202 -41.70 26.42 -22.38
N SER FB 203 -41.99 27.74 -22.46
CA SER FB 203 -41.50 28.65 -23.50
C SER FB 203 -41.60 30.09 -23.00
N ALA FB 204 -40.99 31.04 -23.73
CA ALA FB 204 -41.07 32.45 -23.36
C ALA FB 204 -42.50 33.01 -23.39
N ARG FB 205 -43.42 32.33 -24.09
CA ARG FB 205 -44.83 32.67 -24.18
C ARG FB 205 -45.69 32.05 -23.08
N ASP FB 206 -45.19 31.03 -22.38
CA ASP FB 206 -45.93 30.30 -21.37
C ASP FB 206 -46.24 31.19 -20.16
N GLU FB 207 -47.53 31.55 -20.00
CA GLU FB 207 -47.98 32.35 -18.87
C GLU FB 207 -48.39 31.51 -17.65
N VAL FB 208 -48.30 30.16 -17.73
CA VAL FB 208 -48.84 29.25 -16.74
C VAL FB 208 -47.73 28.48 -15.99
N GLY FB 209 -46.61 28.18 -16.66
CA GLY FB 209 -45.43 27.64 -16.01
C GLY FB 209 -45.45 26.13 -15.76
N ILE FB 210 -44.34 25.63 -15.21
CA ILE FB 210 -44.08 24.21 -14.94
C ILE FB 210 -43.67 24.02 -13.48
N SER FB 211 -44.23 23.01 -12.80
CA SER FB 211 -43.71 22.58 -11.50
C SER FB 211 -42.47 21.69 -11.69
N GLU FB 212 -41.34 22.03 -11.06
CA GLU FB 212 -40.17 21.18 -11.00
C GLU FB 212 -40.49 19.81 -10.40
N VAL FB 213 -41.36 19.77 -9.39
CA VAL FB 213 -41.76 18.54 -8.73
C VAL FB 213 -42.51 17.64 -9.71
N LEU FB 214 -43.52 18.16 -10.43
CA LEU FB 214 -44.26 17.35 -11.38
C LEU FB 214 -43.41 16.92 -12.57
N ARG FB 215 -42.50 17.78 -13.05
CA ARG FB 215 -41.58 17.42 -14.12
C ARG FB 215 -40.68 16.24 -13.70
N ASN FB 216 -40.17 16.28 -12.46
CA ASN FB 216 -39.24 15.28 -11.94
C ASN FB 216 -39.92 14.22 -11.06
N LYS FB 217 -41.23 14.01 -11.23
CA LYS FB 217 -42.02 13.08 -10.42
C LYS FB 217 -41.44 11.66 -10.42
N ASP FB 218 -40.95 11.22 -11.59
CA ASP FB 218 -40.32 9.91 -11.74
C ASP FB 218 -39.05 9.79 -10.90
N GLU FB 219 -38.12 10.75 -10.98
CA GLU FB 219 -36.88 10.72 -10.21
C GLU FB 219 -37.15 10.82 -8.70
N ILE FB 220 -38.16 11.60 -8.29
CA ILE FB 220 -38.58 11.70 -6.90
C ILE FB 220 -39.09 10.35 -6.40
N GLN FB 221 -39.96 9.68 -7.15
CA GLN FB 221 -40.47 8.37 -6.75
C GLN FB 221 -39.38 7.30 -6.80
N ALA FB 222 -38.47 7.34 -7.79
CA ALA FB 222 -37.33 6.44 -7.86
C ALA FB 222 -36.43 6.58 -6.63
N PHE FB 223 -36.17 7.83 -6.21
CA PHE FB 223 -35.41 8.09 -5.00
C PHE FB 223 -36.12 7.51 -3.77
N LYS FB 224 -37.40 7.83 -3.57
CA LYS FB 224 -38.15 7.38 -2.40
C LYS FB 224 -38.28 5.85 -2.34
N GLN FB 225 -38.49 5.18 -3.49
CA GLN FB 225 -38.52 3.73 -3.54
C GLN FB 225 -37.18 3.12 -3.14
N ASN FB 226 -36.06 3.60 -3.67
CA ASN FB 226 -34.76 3.06 -3.31
C ASN FB 226 -34.42 3.32 -1.84
N GLU FB 227 -34.73 4.51 -1.31
CA GLU FB 227 -34.54 4.84 0.10
C GLU FB 227 -35.34 3.88 0.99
N ALA FB 228 -36.60 3.60 0.64
CA ALA FB 228 -37.44 2.63 1.35
C ALA FB 228 -36.90 1.20 1.26
N ALA FB 229 -36.41 0.80 0.08
CA ALA FB 229 -35.82 -0.51 -0.14
C ALA FB 229 -34.58 -0.71 0.74
N ILE FB 230 -33.67 0.27 0.80
CA ILE FB 230 -32.51 0.22 1.67
C ILE FB 230 -32.94 0.10 3.13
N ASN FB 231 -33.89 0.92 3.58
CA ASN FB 231 -34.32 0.92 4.98
C ASN FB 231 -34.83 -0.46 5.41
N GLN FB 232 -35.66 -1.11 4.58
CA GLN FB 232 -36.13 -2.46 4.82
C GLN FB 232 -34.98 -3.49 4.75
N ALA FB 233 -34.10 -3.38 3.76
CA ALA FB 233 -32.99 -4.30 3.58
C ALA FB 233 -31.98 -4.24 4.73
N ILE FB 234 -31.74 -3.07 5.33
CA ILE FB 234 -30.90 -2.93 6.52
C ILE FB 234 -31.51 -3.70 7.69
N GLU FB 235 -32.82 -3.62 7.92
CA GLU FB 235 -33.44 -4.37 9.01
C GLU FB 235 -33.31 -5.87 8.83
N LEU FB 236 -33.52 -6.39 7.61
CA LEU FB 236 -33.41 -7.81 7.35
C LEU FB 236 -31.96 -8.30 7.37
N HIS FB 237 -31.06 -7.57 6.70
CA HIS FB 237 -29.78 -8.09 6.27
C HIS FB 237 -28.58 -7.33 6.84
N GLY FB 238 -28.82 -6.17 7.48
CA GLY FB 238 -27.76 -5.37 8.05
C GLY FB 238 -27.19 -5.95 9.35
N PHE FB 239 -27.98 -6.78 10.04
CA PHE FB 239 -27.65 -7.32 11.36
C PHE FB 239 -27.60 -8.85 11.30
N PRO FB 240 -26.65 -9.52 11.98
CA PRO FB 240 -26.68 -10.98 12.08
C PRO FB 240 -27.88 -11.43 12.91
N GLN FB 241 -28.32 -12.68 12.69
CA GLN FB 241 -29.42 -13.28 13.44
C GLN FB 241 -29.02 -14.70 13.85
N ARG FB 242 -29.41 -15.14 15.05
CA ARG FB 242 -29.02 -16.45 15.57
C ARG FB 242 -29.98 -17.54 15.06
N HIP FB 243 -29.42 -18.67 14.55
CA HIP FB 243 -30.21 -19.80 14.08
CB HIP FB 243 -30.04 -20.01 12.56
CG HIP FB 243 -30.90 -21.10 11.99
CD2 HIP FB 243 -31.96 -21.72 12.62
NE2 HIP FB 243 -32.50 -22.62 11.74
CE1 HIP FB 243 -31.82 -22.59 10.62
ND1 HIP FB 243 -30.76 -21.68 10.69
P HIP FB 243 -29.53 -21.61 9.50
O1P HIP FB 243 -28.77 -22.88 9.61
O2P HIP FB 243 -30.29 -21.59 8.21
O3P HIP FB 243 -28.72 -20.40 9.75
C HIP FB 243 -29.82 -21.03 14.88
O HIP FB 243 -28.82 -21.69 14.55
N VAL FB 244 -30.56 -21.40 15.93
CA VAL FB 244 -30.25 -22.63 16.64
C VAL FB 244 -30.93 -23.80 15.94
N LYS FB 245 -30.13 -24.79 15.51
CA LYS FB 245 -30.62 -26.01 14.90
C LYS FB 245 -30.51 -27.13 15.93
N VAL FB 246 -31.62 -27.86 16.16
CA VAL FB 246 -31.70 -28.84 17.24
C VAL FB 246 -31.90 -30.23 16.66
N GLY FB 247 -31.24 -31.21 17.28
CA GLY FB 247 -31.36 -32.61 16.87
C GLY FB 247 -30.21 -33.02 15.95
N LYS FB 248 -29.97 -34.33 15.89
CA LYS FB 248 -28.94 -34.87 15.02
C LYS FB 248 -29.47 -34.96 13.60
N GLU FB 249 -28.61 -34.70 12.61
CA GLU FB 249 -28.96 -34.95 11.22
C GLU FB 249 -29.26 -36.44 11.04
N ASP FB 250 -30.39 -36.78 10.38
CA ASP FB 250 -30.89 -38.15 10.26
C ASP FB 250 -31.18 -38.82 11.62
N GLY FB 251 -31.31 -38.04 12.70
CA GLY FB 251 -31.62 -38.55 14.04
C GLY FB 251 -33.09 -38.39 14.39
N ALA FB 252 -33.39 -38.42 15.70
CA ALA FB 252 -34.75 -38.25 16.21
C ALA FB 252 -35.26 -36.85 15.89
N PRO FB 253 -36.51 -36.69 15.37
CA PRO FB 253 -37.02 -35.36 15.09
C PRO FB 253 -37.40 -34.62 16.38
N VAL FB 254 -37.42 -33.30 16.26
CA VAL FB 254 -37.75 -32.37 17.34
C VAL FB 254 -38.98 -31.58 16.86
N ARG FB 255 -39.91 -31.26 17.78
CA ARG FB 255 -41.21 -30.71 17.39
C ARG FB 255 -41.46 -29.35 18.04
N ASP FB 256 -42.54 -28.66 17.66
CA ASP FB 256 -42.76 -27.29 18.07
C ASP FB 256 -42.80 -27.12 19.60
N ASN FB 257 -43.47 -28.04 20.30
CA ASN FB 257 -43.50 -28.02 21.76
C ASN FB 257 -42.11 -28.15 22.38
N ASP FB 258 -41.22 -28.90 21.72
CA ASP FB 258 -39.85 -29.07 22.17
C ASP FB 258 -39.04 -27.79 21.91
N LEU FB 259 -39.24 -27.19 20.74
CA LEU FB 259 -38.55 -25.97 20.37
C LEU FB 259 -38.97 -24.79 21.25
N ARG FB 260 -40.17 -24.78 21.85
CA ARG FB 260 -40.54 -23.72 22.80
C ARG FB 260 -39.62 -23.72 24.03
N ARG FB 261 -39.24 -24.92 24.48
CA ARG FB 261 -38.33 -25.11 25.61
C ARG FB 261 -36.91 -24.68 25.24
N VAL FB 262 -36.46 -25.03 24.04
CA VAL FB 262 -35.16 -24.56 23.54
C VAL FB 262 -35.14 -23.05 23.37
N ARG FB 263 -36.16 -22.46 22.74
CA ARG FB 263 -36.27 -21.02 22.50
C ARG FB 263 -36.09 -20.23 23.80
N THR FB 264 -36.70 -20.72 24.89
CA THR FB 264 -36.66 -20.09 26.19
C THR FB 264 -35.22 -20.01 26.73
N ILE FB 265 -34.38 -21.03 26.49
CA ILE FB 265 -32.98 -21.02 26.91
C ILE FB 265 -32.18 -19.95 26.15
N PHE FB 266 -32.29 -19.95 24.82
CA PHE FB 266 -31.47 -19.14 23.94
C PHE FB 266 -32.07 -17.77 23.61
N ASP FB 267 -33.17 -17.37 24.27
CA ASP FB 267 -33.90 -16.16 23.95
C ASP FB 267 -32.99 -14.93 23.98
N PRO FB 268 -32.77 -14.23 22.83
CA PRO FB 268 -31.84 -13.11 22.77
C PRO FB 268 -32.25 -11.97 23.70
N ARG FB 269 -33.56 -11.77 23.94
CA ARG FB 269 -34.06 -10.73 24.83
C ARG FB 269 -33.47 -10.86 26.24
N THR FB 270 -33.25 -12.11 26.67
CA THR FB 270 -32.75 -12.41 28.01
C THR FB 270 -31.22 -12.48 28.07
N THR FB 271 -30.57 -12.58 26.91
CA THR FB 271 -29.16 -12.93 26.80
C THR FB 271 -28.24 -11.75 27.11
N ASP FB 272 -27.30 -11.94 28.03
CA ASP FB 272 -26.25 -10.97 28.33
C ASP FB 272 -25.08 -11.10 27.35
N ALA FB 273 -24.29 -10.04 27.18
CA ALA FB 273 -23.23 -9.99 26.17
C ALA FB 273 -22.24 -11.16 26.28
N ASN FB 274 -21.79 -11.47 27.49
CA ASN FB 274 -20.80 -12.52 27.72
C ASN FB 274 -21.44 -13.83 28.22
N THR FB 275 -22.68 -14.12 27.81
CA THR FB 275 -23.30 -15.41 28.06
C THR FB 275 -22.52 -16.50 27.35
N ALA FB 276 -22.28 -17.63 28.04
CA ALA FB 276 -21.67 -18.81 27.44
C ALA FB 276 -22.69 -19.95 27.35
N TYR FB 277 -22.48 -20.88 26.40
CA TYR FB 277 -23.40 -21.98 26.18
C TYR FB 277 -22.71 -23.33 26.31
N PHE FB 278 -23.43 -24.29 26.90
CA PHE FB 278 -22.97 -25.65 27.09
C PHE FB 278 -24.00 -26.57 26.45
N THR FB 279 -23.56 -27.50 25.59
CA THR FB 279 -24.52 -28.36 24.91
C THR FB 279 -23.98 -29.77 24.70
N GLY FB 280 -24.89 -30.70 24.47
CA GLY FB 280 -24.53 -31.94 23.81
C GLY FB 280 -24.08 -31.69 22.38
N GLN FB 281 -23.71 -32.76 21.68
CA GLN FB 281 -23.21 -32.66 20.31
C GLN FB 281 -24.32 -32.35 19.31
N ASP FB 282 -25.58 -32.62 19.67
CA ASP FB 282 -26.71 -32.53 18.75
C ASP FB 282 -27.49 -31.21 18.86
N VAL FB 283 -26.77 -30.13 19.19
CA VAL FB 283 -27.28 -28.76 19.13
C VAL FB 283 -26.25 -27.90 18.40
N ASP FB 284 -26.69 -27.19 17.35
CA ASP FB 284 -25.83 -26.32 16.56
C ASP FB 284 -26.27 -24.87 16.72
N VAL FB 285 -25.37 -23.98 17.16
CA VAL FB 285 -25.69 -22.57 17.26
C VAL FB 285 -25.14 -21.88 16.02
N GLU FB 286 -25.92 -21.89 14.94
CA GLU FB 286 -25.57 -21.23 13.68
C GLU FB 286 -25.91 -19.75 13.71
N THR FB 287 -25.40 -19.02 12.71
CA THR FB 287 -25.68 -17.61 12.52
C THR FB 287 -26.05 -17.34 11.07
N LEU FB 288 -27.14 -16.58 10.88
CA LEU FB 288 -27.38 -15.82 9.66
C LEU FB 288 -26.48 -14.59 9.74
N GLU FB 289 -25.44 -14.56 8.92
CA GLU FB 289 -24.52 -13.43 8.90
C GLU FB 289 -25.22 -12.19 8.34
N ALA FB 290 -24.66 -10.99 8.62
CA ALA FB 290 -25.13 -9.80 7.93
C ALA FB 290 -24.64 -9.87 6.49
N HIP FB 291 -25.52 -10.13 5.52
CA HIP FB 291 -25.10 -10.34 4.15
CB HIP FB 291 -26.15 -11.19 3.42
CG HIP FB 291 -26.32 -12.52 4.07
CD2 HIP FB 291 -25.43 -13.55 4.11
NE2 HIP FB 291 -25.97 -14.57 4.86
CE1 HIP FB 291 -27.16 -14.19 5.28
ND1 HIP FB 291 -27.48 -12.92 4.80
P HIP FB 291 -29.01 -12.12 4.92
O1P HIP FB 291 -29.43 -12.23 3.50
O2P HIP FB 291 -29.82 -12.96 5.90
O3P HIP FB 291 -28.50 -10.84 5.47
C HIP FB 291 -24.81 -8.99 3.49
O HIP FB 291 -25.71 -8.18 3.32
N ASN FB 292 -23.55 -8.77 3.09
CA ASN FB 292 -23.09 -7.49 2.58
C ASN FB 292 -23.81 -7.06 1.30
N PHE FB 293 -24.23 -5.80 1.27
CA PHE FB 293 -24.63 -5.09 0.06
C PHE FB 293 -24.23 -3.63 0.22
N ASP FB 294 -23.93 -2.95 -0.89
CA ASP FB 294 -23.34 -1.62 -0.80
C ASP FB 294 -24.43 -0.54 -0.76
N TYR FB 295 -25.15 -0.46 0.36
CA TYR FB 295 -26.17 0.55 0.53
C TYR FB 295 -25.61 1.97 0.48
N SER FB 296 -24.34 2.17 0.87
CA SER FB 296 -23.67 3.45 0.69
C SER FB 296 -23.63 3.84 -0.79
N ALA FB 297 -23.16 2.95 -1.67
CA ALA FB 297 -23.15 3.22 -3.11
C ALA FB 297 -24.56 3.44 -3.68
N ILE FB 298 -25.58 2.75 -3.16
CA ILE FB 298 -26.96 2.96 -3.62
C ILE FB 298 -27.46 4.33 -3.19
N HIS FB 299 -27.24 4.75 -1.94
CA HIS FB 299 -27.54 6.12 -1.51
C HIS FB 299 -26.83 7.16 -2.38
N GLU FB 300 -25.54 6.96 -2.66
CA GLU FB 300 -24.78 7.89 -3.47
C GLU FB 300 -25.34 7.97 -4.89
N MET FB 301 -25.72 6.85 -5.49
CA MET FB 301 -26.38 6.84 -6.79
C MET FB 301 -27.71 7.58 -6.75
N ASP FB 302 -28.57 7.29 -5.77
CA ASP FB 302 -29.86 7.95 -5.63
C ASP FB 302 -29.71 9.46 -5.53
N MET FB 303 -28.74 9.90 -4.72
CA MET FB 303 -28.49 11.31 -4.51
C MET FB 303 -27.92 11.97 -5.77
N ARG FB 304 -27.03 11.30 -6.50
CA ARG FB 304 -26.50 11.78 -7.77
C ARG FB 304 -27.61 11.99 -8.78
N ASN FB 305 -28.56 11.06 -8.86
CA ASN FB 305 -29.72 11.20 -9.74
C ASN FB 305 -30.59 12.38 -9.31
N LEU FB 306 -30.99 12.41 -8.03
CA LEU FB 306 -31.93 13.40 -7.53
C LEU FB 306 -31.37 14.83 -7.59
N THR FB 307 -30.16 15.06 -7.05
CA THR FB 307 -29.54 16.38 -7.08
C THR FB 307 -29.43 16.90 -8.51
N THR FB 308 -28.90 16.08 -9.43
CA THR FB 308 -28.77 16.47 -10.83
C THR FB 308 -30.13 16.77 -11.47
N ALA FB 309 -31.16 15.96 -11.19
CA ALA FB 309 -32.51 16.22 -11.67
C ALA FB 309 -33.06 17.57 -11.18
N LEU FB 310 -32.79 17.93 -9.92
CA LEU FB 310 -33.19 19.21 -9.33
C LEU FB 310 -32.18 20.34 -9.60
N GLY FB 311 -31.12 20.08 -10.40
CA GLY FB 311 -30.16 21.09 -10.83
C GLY FB 311 -29.10 21.50 -9.80
N LEU FB 312 -29.20 20.99 -8.57
CA LEU FB 312 -28.22 21.23 -7.52
C LEU FB 312 -26.95 20.43 -7.76
N PRO FB 313 -25.77 20.89 -7.26
CA PRO FB 313 -24.58 20.04 -7.24
C PRO FB 313 -24.74 18.95 -6.19
N LEU FB 314 -24.06 17.81 -6.40
CA LEU FB 314 -24.15 16.63 -5.56
C LEU FB 314 -23.82 16.92 -4.09
N GLU FB 315 -22.90 17.87 -3.85
CA GLU FB 315 -22.49 18.30 -2.53
C GLU FB 315 -23.65 18.78 -1.66
N ALA FB 316 -24.71 19.37 -2.25
CA ALA FB 316 -25.89 19.82 -1.52
C ALA FB 316 -26.60 18.66 -0.80
N GLY FB 317 -26.47 17.44 -1.33
CA GLY FB 317 -27.07 16.23 -0.76
C GLY FB 317 -26.17 15.51 0.25
N ASN FB 318 -25.14 16.18 0.79
CA ASN FB 318 -24.18 15.63 1.74
C ASN FB 318 -23.38 14.45 1.17
N VAL FB 319 -23.22 14.37 -0.16
CA VAL FB 319 -22.49 13.29 -0.83
C VAL FB 319 -21.29 13.87 -1.58
N GLY FB 320 -20.11 13.24 -1.41
CA GLY FB 320 -18.90 13.66 -2.08
C GLY FB 320 -18.59 12.85 -3.34
N ALA FB 321 -17.67 13.37 -4.17
CA ALA FB 321 -17.20 12.69 -5.39
C ALA FB 321 -15.73 13.00 -5.66
N ASP FB 322 -15.02 12.04 -6.27
CA ASP FB 322 -13.57 12.11 -6.47
C ASP FB 322 -13.20 13.14 -7.57
N GLY FB 323 -12.13 13.91 -7.32
CA GLY FB 323 -11.57 14.85 -8.29
C GLY FB 323 -12.38 16.13 -8.46
N LEU FB 324 -13.71 16.04 -8.32
CA LEU FB 324 -14.65 17.14 -8.53
C LEU FB 324 -14.55 18.24 -7.48
N GLY FB 325 -13.89 18.00 -6.34
CA GLY FB 325 -13.82 18.98 -5.26
C GLY FB 325 -12.74 20.05 -5.41
N SER FB 326 -12.03 20.10 -6.56
CA SER FB 326 -10.86 20.95 -6.75
C SER FB 326 -10.78 21.54 -8.15
N GLY FB 327 -9.98 22.61 -8.32
CA GLY FB 327 -9.55 23.17 -9.61
C GLY FB 327 -10.69 23.56 -10.55
N LYS FB 328 -10.43 23.49 -11.87
CA LYS FB 328 -11.42 23.82 -12.89
C LYS FB 328 -12.68 22.96 -12.79
N PRO FB 329 -12.63 21.65 -12.43
CA PRO FB 329 -13.82 20.87 -12.15
C PRO FB 329 -14.78 21.48 -11.12
N ALA FB 330 -14.23 22.03 -10.03
CA ALA FB 330 -15.03 22.75 -9.04
C ALA FB 330 -15.55 24.06 -9.62
N GLU FB 331 -14.66 24.86 -10.22
CA GLU FB 331 -15.02 26.18 -10.75
C GLU FB 331 -16.16 26.08 -11.77
N LEU FB 332 -16.17 25.04 -12.62
CA LEU FB 332 -17.26 24.81 -13.55
C LEU FB 332 -18.60 24.59 -12.85
N ARG FB 333 -18.70 23.63 -11.93
CA ARG FB 333 -19.98 23.28 -11.32
C ARG FB 333 -20.53 24.42 -10.48
N PHE FB 334 -19.64 25.20 -9.87
CA PHE FB 334 -20.03 26.40 -9.13
C PHE FB 334 -20.44 27.53 -10.06
N ALA FB 335 -19.79 27.71 -11.22
CA ALA FB 335 -20.28 28.62 -12.23
C ALA FB 335 -21.68 28.23 -12.73
N LEU FB 336 -21.90 26.93 -13.01
CA LEU FB 336 -23.20 26.41 -13.45
C LEU FB 336 -24.30 26.68 -12.41
N LEU FB 337 -24.00 26.48 -11.12
CA LEU FB 337 -24.93 26.82 -10.05
C LEU FB 337 -25.24 28.32 -10.03
N LYS FB 338 -24.21 29.17 -10.08
CA LYS FB 338 -24.40 30.62 -10.01
C LYS FB 338 -25.17 31.16 -11.22
N LEU FB 339 -24.93 30.63 -12.42
CA LEU FB 339 -25.67 30.99 -13.62
C LEU FB 339 -27.15 30.63 -13.48
N ALA FB 340 -27.47 29.43 -12.98
CA ALA FB 340 -28.85 29.01 -12.76
C ALA FB 340 -29.56 29.93 -11.77
N ILE FB 341 -28.88 30.33 -10.69
CA ILE FB 341 -29.41 31.26 -9.70
C ILE FB 341 -29.68 32.62 -10.35
N LYS FB 342 -28.73 33.19 -11.10
CA LYS FB 342 -28.93 34.47 -11.79
C LYS FB 342 -30.14 34.42 -12.72
N ALA FB 343 -30.30 33.35 -13.51
CA ALA FB 343 -31.41 33.20 -14.42
C ALA FB 343 -32.77 33.25 -13.69
N ASN FB 344 -32.90 32.50 -12.60
CA ASN FB 344 -34.11 32.48 -11.78
C ASN FB 344 -34.37 33.85 -11.15
N GLN FB 345 -33.35 34.44 -10.52
CA GLN FB 345 -33.46 35.75 -9.87
C GLN FB 345 -33.94 36.81 -10.85
N ARG FB 346 -33.29 36.91 -12.02
CA ARG FB 346 -33.63 37.88 -13.06
C ARG FB 346 -35.06 37.67 -13.55
N SER FB 347 -35.51 36.41 -13.70
CA SER FB 347 -36.87 36.08 -14.11
C SER FB 347 -37.91 36.52 -13.07
N PHE FB 348 -37.62 36.30 -11.78
CA PHE FB 348 -38.48 36.69 -10.68
C PHE FB 348 -38.56 38.21 -10.57
N SER FB 349 -37.40 38.89 -10.56
CA SER FB 349 -37.27 40.34 -10.42
C SER FB 349 -38.17 41.09 -11.39
N VAL FB 350 -38.08 40.74 -12.67
CA VAL FB 350 -38.86 41.39 -13.73
C VAL FB 350 -40.35 41.28 -13.42
N GLN FB 351 -40.85 40.07 -13.19
CA GLN FB 351 -42.27 39.86 -12.97
C GLN FB 351 -42.76 40.50 -11.66
N PHE FB 352 -41.96 40.52 -10.59
CA PHE FB 352 -42.37 41.18 -9.36
C PHE FB 352 -42.53 42.69 -9.59
N VAL FB 353 -41.56 43.33 -10.24
CA VAL FB 353 -41.65 44.75 -10.53
C VAL FB 353 -42.85 45.05 -11.45
N GLU FB 354 -42.99 44.29 -12.54
CA GLU FB 354 -44.00 44.54 -13.56
C GLU FB 354 -45.42 44.22 -13.08
N ARG FB 355 -45.62 43.18 -12.25
CA ARG FB 355 -46.95 42.71 -11.85
C ARG FB 355 -47.36 43.11 -10.43
N VAL FB 356 -46.40 43.48 -9.56
CA VAL FB 356 -46.71 43.88 -8.19
C VAL FB 356 -46.32 45.35 -7.96
N MET FB 357 -45.04 45.70 -8.09
CA MET FB 357 -44.62 47.06 -7.73
C MET FB 357 -45.25 48.15 -8.60
N ARG FB 358 -45.18 48.04 -9.93
CA ARG FB 358 -45.68 49.09 -10.81
C ARG FB 358 -47.17 49.35 -10.60
N PRO FB 359 -48.07 48.34 -10.53
CA PRO FB 359 -49.47 48.56 -10.16
C PRO FB 359 -49.65 49.23 -8.80
N VAL FB 360 -48.84 48.88 -7.80
CA VAL FB 360 -48.90 49.51 -6.49
C VAL FB 360 -48.50 51.00 -6.57
N VAL FB 361 -47.44 51.33 -7.32
CA VAL FB 361 -47.03 52.71 -7.53
C VAL FB 361 -48.14 53.48 -8.28
N ARG FB 362 -48.68 52.89 -9.35
CA ARG FB 362 -49.72 53.48 -10.17
C ARG FB 362 -50.98 53.83 -9.34
N ASP FB 363 -51.41 52.93 -8.46
CA ASP FB 363 -52.71 53.01 -7.82
C ASP FB 363 -52.71 53.63 -6.41
N TYR FB 364 -51.56 53.65 -5.71
CA TYR FB 364 -51.52 54.12 -4.32
C TYR FB 364 -50.38 55.12 -4.03
N SER FB 365 -49.77 55.71 -5.08
CA SER FB 365 -48.57 56.51 -4.93
C SER FB 365 -48.60 57.76 -5.80
N PRO FB 366 -47.99 58.91 -5.39
CA PRO FB 366 -47.92 60.11 -6.22
C PRO FB 366 -46.79 60.13 -7.27
N PHE FB 367 -45.96 59.08 -7.31
CA PHE FB 367 -44.84 58.97 -8.25
C PHE FB 367 -45.27 58.41 -9.63
N ASP FB 368 -44.37 58.55 -10.62
CA ASP FB 368 -44.57 58.02 -11.97
C ASP FB 368 -44.36 56.50 -12.00
N HIS FB 369 -45.40 55.73 -12.33
CA HIS FB 369 -45.30 54.27 -12.41
C HIS FB 369 -44.45 53.77 -13.57
N GLU FB 370 -44.18 54.62 -14.57
CA GLU FB 370 -43.31 54.27 -15.69
C GLU FB 370 -41.81 54.51 -15.40
N ALA FB 371 -41.47 54.88 -14.16
CA ALA FB 371 -40.08 55.03 -13.73
C ALA FB 371 -39.28 53.73 -13.83
N ASP FB 372 -37.96 53.85 -13.97
CA ASP FB 372 -37.06 52.71 -14.17
C ASP FB 372 -36.69 52.03 -12.84
N ILE FB 373 -37.69 51.35 -12.25
CA ILE FB 373 -37.53 50.55 -11.03
C ILE FB 373 -36.82 49.23 -11.35
N ARG FB 374 -35.88 48.82 -10.48
CA ARG FB 374 -35.28 47.49 -10.51
C ARG FB 374 -35.27 46.88 -9.10
N LEU FB 375 -35.61 45.59 -9.03
CA LEU FB 375 -35.40 44.81 -7.83
C LEU FB 375 -34.25 43.85 -8.09
N GLU FB 376 -33.15 43.96 -7.33
CA GLU FB 376 -32.08 42.97 -7.42
C GLU FB 376 -32.13 42.03 -6.22
N ILE FB 377 -31.80 40.76 -6.47
CA ILE FB 377 -31.72 39.76 -5.42
C ILE FB 377 -30.24 39.36 -5.31
N ASN FB 378 -29.72 39.33 -4.09
CA ASN FB 378 -28.30 39.22 -3.84
C ASN FB 378 -27.71 37.87 -4.26
N ASP FB 379 -26.41 37.85 -4.56
CA ASP FB 379 -25.66 36.63 -4.84
C ASP FB 379 -25.42 35.85 -3.55
N PRO FB 380 -25.97 34.61 -3.39
CA PRO FB 380 -25.79 33.82 -2.16
C PRO FB 380 -24.36 33.36 -1.89
N LEU FB 381 -23.50 33.29 -2.91
CA LEU FB 381 -22.19 32.66 -2.80
C LEU FB 381 -21.03 33.65 -2.95
N GLU FB 382 -21.32 34.96 -2.94
CA GLU FB 382 -20.31 36.02 -3.05
C GLU FB 382 -19.35 36.00 -1.86
N ASP FB 383 -18.03 35.90 -2.15
CA ASP FB 383 -16.97 35.97 -1.16
C ASP FB 383 -16.44 37.39 -1.03
N ILE FB 384 -16.76 38.06 0.09
CA ILE FB 384 -16.36 39.45 0.36
C ILE FB 384 -14.83 39.58 0.33
N GLY FB 385 -14.09 38.55 0.74
CA GLY FB 385 -12.64 38.56 0.72
C GLY FB 385 -12.07 38.73 -0.69
N GLU FB 386 -12.71 38.10 -1.68
CA GLU FB 386 -12.32 38.23 -3.08
C GLU FB 386 -12.64 39.63 -3.60
N VAL FB 387 -13.75 40.21 -3.16
CA VAL FB 387 -14.13 41.59 -3.49
C VAL FB 387 -13.14 42.58 -2.86
N ALA FB 388 -12.71 42.33 -1.62
CA ALA FB 388 -11.73 43.17 -0.94
C ALA FB 388 -10.38 43.16 -1.68
N ASP FB 389 -9.92 41.97 -2.11
CA ASP FB 389 -8.72 41.84 -2.93
C ASP FB 389 -8.84 42.67 -4.22
N LEU FB 390 -9.99 42.58 -4.90
CA LEU FB 390 -10.24 43.35 -6.11
C LEU FB 390 -10.16 44.86 -5.84
N ILE FB 391 -10.80 45.33 -4.76
CA ILE FB 391 -10.78 46.73 -4.39
C ILE FB 391 -9.36 47.21 -4.12
N GLN FB 392 -8.50 46.39 -3.50
CA GLN FB 392 -7.09 46.74 -3.34
C GLN FB 392 -6.37 46.84 -4.70
N GLN FB 393 -6.63 45.91 -5.61
CA GLN FB 393 -5.89 45.80 -6.87
C GLN FB 393 -6.26 46.89 -7.87
N VAL FB 394 -7.54 47.29 -7.95
CA VAL FB 394 -8.01 48.17 -9.02
C VAL FB 394 -8.90 49.32 -8.52
N GLY FB 395 -8.87 49.61 -7.21
CA GLY FB 395 -9.61 50.70 -6.60
C GLY FB 395 -9.34 52.05 -7.29
N ASP FB 396 -8.13 52.25 -7.81
CA ASP FB 396 -7.72 53.46 -8.51
C ASP FB 396 -8.57 53.77 -9.75
N TYR FB 397 -9.29 52.77 -10.27
CA TYR FB 397 -10.14 52.90 -11.45
C TYR FB 397 -11.65 52.93 -11.10
N MET FB 398 -11.99 52.89 -9.81
CA MET FB 398 -13.39 52.81 -9.37
C MET FB 398 -13.81 54.07 -8.63
N THR FB 399 -14.99 54.61 -8.96
CA THR FB 399 -15.56 55.68 -8.14
C THR FB 399 -15.87 55.16 -6.75
N ASN FB 400 -15.86 56.06 -5.76
CA ASN FB 400 -16.19 55.69 -4.39
C ASN FB 400 -17.59 55.10 -4.26
N GLU FB 401 -18.56 55.57 -5.06
CA GLU FB 401 -19.88 54.95 -5.09
C GLU FB 401 -19.86 53.54 -5.66
N GLN FB 402 -19.08 53.27 -6.72
CA GLN FB 402 -18.93 51.90 -7.23
C GLN FB 402 -18.30 50.98 -6.18
N VAL FB 403 -17.30 51.49 -5.43
CA VAL FB 403 -16.69 50.72 -4.36
C VAL FB 403 -17.72 50.45 -3.26
N ALA FB 404 -18.47 51.46 -2.81
CA ALA FB 404 -19.52 51.30 -1.82
C ALA FB 404 -20.58 50.28 -2.26
N GLU FB 405 -20.99 50.34 -3.53
CA GLU FB 405 -21.96 49.41 -4.12
C GLU FB 405 -21.42 47.97 -4.11
N LYS FB 406 -20.19 47.74 -4.59
CA LYS FB 406 -19.57 46.42 -4.58
C LYS FB 406 -19.39 45.87 -3.15
N LEU FB 407 -19.01 46.76 -2.22
CA LEU FB 407 -18.74 46.42 -0.83
C LEU FB 407 -20.02 46.29 0.01
N ASP FB 408 -21.20 46.54 -0.58
CA ASP FB 408 -22.51 46.50 0.07
C ASP FB 408 -22.61 47.48 1.26
N LEU FB 409 -22.33 48.76 0.98
CA LEU FB 409 -22.45 49.86 1.93
C LEU FB 409 -23.22 51.04 1.32
N PRO FB 410 -23.84 51.92 2.15
CA PRO FB 410 -24.39 53.19 1.66
C PRO FB 410 -23.28 54.04 1.03
N ALA FB 411 -23.60 54.66 -0.11
CA ALA FB 411 -22.71 55.59 -0.78
C ALA FB 411 -22.42 56.81 0.11
N PRO FB 412 -21.24 57.50 -0.04
CA PRO FB 412 -20.92 58.67 0.77
C PRO FB 412 -21.96 59.80 0.70
N GLU FB 413 -21.98 60.62 1.77
CA GLU FB 413 -22.95 61.69 1.97
C GLU FB 413 -22.73 62.86 1.00
N ASP FB 414 -21.49 63.11 0.58
CA ASP FB 414 -21.15 64.16 -0.37
C ASP FB 414 -21.01 63.57 -1.77
N ASP FB 415 -21.80 64.09 -2.71
CA ASP FB 415 -21.81 63.62 -4.09
C ASP FB 415 -20.43 63.71 -4.75
N GLU FB 416 -19.60 64.72 -4.41
CA GLU FB 416 -18.28 64.81 -5.04
C GLU FB 416 -17.36 63.69 -4.55
N VAL FB 417 -17.39 63.38 -3.25
CA VAL FB 417 -16.57 62.27 -2.77
C VAL FB 417 -17.13 60.94 -3.27
N ALA FB 418 -18.45 60.79 -3.37
CA ALA FB 418 -19.08 59.61 -3.96
C ALA FB 418 -18.65 59.42 -5.42
N ASP FB 419 -18.65 60.50 -6.21
CA ASP FB 419 -18.39 60.46 -7.64
C ASP FB 419 -16.89 60.31 -7.97
N SER FB 420 -16.01 60.85 -7.11
CA SER FB 420 -14.57 60.79 -7.30
C SER FB 420 -14.02 59.35 -7.24
N TYR FB 421 -12.78 59.18 -7.72
CA TYR FB 421 -12.11 57.90 -7.85
C TYR FB 421 -11.22 57.54 -6.67
N ARG FB 422 -10.38 58.48 -6.20
CA ARG FB 422 -9.50 58.18 -5.06
C ARG FB 422 -10.29 58.14 -3.75
N SER FB 423 -9.79 57.37 -2.76
CA SER FB 423 -10.48 57.06 -1.52
C SER FB 423 -11.00 58.30 -0.78
N PRO FB 424 -12.15 58.20 -0.07
CA PRO FB 424 -12.61 59.28 0.81
C PRO FB 424 -11.62 59.57 1.93
N ALA FB 425 -10.98 58.55 2.49
CA ALA FB 425 -9.93 58.75 3.50
C ALA FB 425 -8.75 59.57 2.94
N ASP FB 426 -8.36 59.33 1.69
CA ASP FB 426 -7.30 60.09 1.02
C ASP FB 426 -7.70 61.54 0.76
N MET FB 427 -8.97 61.79 0.42
CA MET FB 427 -9.46 63.15 0.31
C MET FB 427 -9.54 63.86 1.67
N GLU FB 428 -9.91 63.16 2.75
CA GLU FB 428 -9.95 63.74 4.08
C GLU FB 428 -8.56 64.16 4.56
N LYS FB 429 -7.54 63.29 4.43
CA LYS FB 429 -6.19 63.63 4.88
C LYS FB 429 -5.63 64.82 4.10
N ASP FB 430 -5.94 64.93 2.80
CA ASP FB 430 -5.57 66.09 1.99
C ASP FB 430 -6.31 67.35 2.42
N GLU FB 431 -7.63 67.27 2.65
CA GLU FB 431 -8.44 68.40 3.11
C GLU FB 431 -7.93 68.95 4.44
N ALA FB 432 -7.54 68.05 5.37
CA ALA FB 432 -6.96 68.41 6.66
C ALA FB 432 -5.53 68.98 6.51
N GLY FB 433 -4.73 68.41 5.60
CA GLY FB 433 -3.34 68.81 5.37
C GLY FB 433 -3.19 70.15 4.64
N VAL FB 434 -4.15 70.49 3.76
CA VAL FB 434 -4.13 71.68 2.91
C VAL FB 434 -5.29 72.60 3.29
N ALA GB 31 -19.88 39.87 -61.47
CA ALA GB 31 -20.46 38.74 -60.70
C ALA GB 31 -21.94 38.97 -60.43
N SER GB 32 -22.70 37.88 -60.28
CA SER GB 32 -24.16 37.88 -60.13
C SER GB 32 -24.65 38.50 -58.81
N SER GB 33 -25.90 39.01 -58.83
CA SER GB 33 -26.59 39.54 -57.65
C SER GB 33 -27.47 38.52 -56.94
N THR GB 34 -28.18 37.67 -57.70
CA THR GB 34 -28.70 36.42 -57.18
C THR GB 34 -27.53 35.46 -56.97
N PRO GB 35 -27.64 34.44 -56.09
CA PRO GB 35 -26.76 33.28 -56.20
C PRO GB 35 -26.97 32.57 -57.54
N GLN GB 36 -26.05 31.65 -57.85
CA GLN GB 36 -26.12 30.81 -59.03
C GLN GB 36 -25.79 29.34 -58.74
N THR GB 37 -25.04 29.10 -57.66
CA THR GB 37 -24.99 27.80 -56.99
C THR GB 37 -26.35 27.50 -56.36
N ASN GB 38 -26.81 26.25 -56.53
CA ASN GB 38 -28.04 25.75 -55.95
C ASN GB 38 -27.76 25.01 -54.64
N VAL GB 39 -28.83 24.53 -53.97
CA VAL GB 39 -28.76 23.81 -52.70
C VAL GB 39 -29.74 22.62 -52.68
N ASP GB 40 -29.69 21.78 -51.63
CA ASP GB 40 -30.48 20.56 -51.49
C ASP GB 40 -31.99 20.76 -51.25
N SER GB 41 -32.45 22.01 -51.02
CA SER GB 41 -33.88 22.32 -50.87
C SER GB 41 -34.67 21.88 -52.11
N SER GB 47 -35.83 18.31 -51.88
CA SER GB 47 -35.73 17.12 -51.01
C SER GB 47 -36.90 17.06 -50.01
N TYR GB 48 -38.06 17.63 -50.36
CA TYR GB 48 -39.20 17.74 -49.46
C TYR GB 48 -39.84 16.38 -49.12
N GLN GB 49 -40.09 16.15 -47.82
CA GLN GB 49 -41.10 15.24 -47.27
C GLN GB 49 -41.13 13.81 -47.85
N PHE GB 50 -39.97 13.13 -47.82
CA PHE GB 50 -39.91 11.67 -47.97
C PHE GB 50 -39.11 10.98 -46.84
N ASN GB 51 -37.77 10.92 -46.97
CA ASN GB 51 -36.92 10.08 -46.13
C ASN GB 51 -36.67 10.68 -44.74
N GLY GB 52 -37.03 11.96 -44.53
CA GLY GB 52 -36.83 12.66 -43.26
C GLY GB 52 -35.44 13.28 -43.11
N GLN GB 53 -34.80 13.63 -44.24
CA GLN GB 53 -33.58 14.44 -44.25
C GLN GB 53 -33.88 15.90 -43.86
N ASP GB 54 -35.08 16.37 -44.26
CA ASP GB 54 -35.72 17.57 -43.76
C ASP GB 54 -36.28 17.35 -42.34
N LEU GB 55 -36.48 18.44 -41.60
CA LEU GB 55 -37.21 18.39 -40.34
C LEU GB 55 -38.72 18.25 -40.61
N THR GB 56 -39.34 17.24 -40.00
CA THR GB 56 -40.79 17.15 -39.91
C THR GB 56 -41.25 17.75 -38.57
N PHE GB 57 -42.55 18.08 -38.46
CA PHE GB 57 -43.10 18.48 -37.17
C PHE GB 57 -42.98 17.38 -36.11
N GLU GB 58 -42.98 16.11 -36.51
CA GLU GB 58 -42.78 15.00 -35.58
C GLU GB 58 -41.38 15.07 -34.95
N ASP GB 59 -40.35 15.32 -35.76
CA ASP GB 59 -38.99 15.48 -35.25
C ASP GB 59 -38.89 16.66 -34.27
N LEU GB 60 -39.54 17.78 -34.60
CA LEU GB 60 -39.59 18.94 -33.72
C LEU GB 60 -40.26 18.61 -32.37
N ARG GB 61 -41.32 17.81 -32.39
CA ARG GB 61 -41.98 17.41 -31.16
C ARG GB 61 -41.21 16.34 -30.39
N ASP GB 62 -40.37 15.54 -31.05
CA ASP GB 62 -39.41 14.70 -30.33
C ASP GB 62 -38.41 15.54 -29.53
N ILE GB 63 -37.94 16.67 -30.08
CA ILE GB 63 -37.10 17.60 -29.33
C ILE GB 63 -37.85 18.11 -28.11
N LYS GB 64 -39.11 18.56 -28.30
CA LYS GB 64 -39.96 19.03 -27.22
C LYS GB 64 -40.13 17.97 -26.13
N ASP GB 65 -40.32 16.70 -26.49
CA ASP GB 65 -40.44 15.62 -25.52
C ASP GB 65 -39.15 15.38 -24.74
N VAL GB 66 -37.99 15.40 -25.41
CA VAL GB 66 -36.71 15.27 -24.72
C VAL GB 66 -36.50 16.41 -23.73
N ARG GB 67 -36.95 17.63 -24.08
CA ARG GB 67 -36.88 18.81 -23.23
C ARG GB 67 -37.84 18.73 -22.04
N ASP GB 68 -39.11 18.41 -22.29
CA ASP GB 68 -40.14 18.54 -21.27
C ASP GB 68 -40.14 17.40 -20.24
N SER GB 69 -39.54 16.25 -20.58
CA SER GB 69 -39.46 15.06 -19.74
C SER GB 69 -38.47 15.16 -18.57
N GLY GB 70 -37.68 16.25 -18.50
CA GLY GB 70 -36.80 16.49 -17.37
C GLY GB 70 -35.67 15.45 -17.22
N GLY GB 71 -35.19 15.27 -15.98
CA GLY GB 71 -34.09 14.36 -15.70
C GLY GB 71 -32.73 14.88 -16.19
N GLN GB 72 -31.73 13.98 -16.22
CA GLN GB 72 -30.34 14.37 -16.37
C GLN GB 72 -30.05 14.97 -17.75
N VAL GB 73 -30.65 14.42 -18.81
CA VAL GB 73 -30.41 14.88 -20.18
C VAL GB 73 -30.86 16.34 -20.33
N ALA GB 74 -32.07 16.65 -19.85
CA ALA GB 74 -32.59 18.01 -19.84
C ALA GB 74 -31.68 18.94 -19.04
N GLN GB 75 -31.22 18.51 -17.86
CA GLN GB 75 -30.35 19.34 -17.05
C GLN GB 75 -29.02 19.65 -17.75
N LEU GB 76 -28.40 18.67 -18.43
CA LEU GB 76 -27.17 18.93 -19.17
C LEU GB 76 -27.40 19.95 -20.29
N MET GB 77 -28.46 19.81 -21.08
CA MET GB 77 -28.71 20.75 -22.15
C MET GB 77 -29.11 22.15 -21.61
N ASP GB 78 -29.73 22.22 -20.43
CA ASP GB 78 -29.92 23.48 -19.71
C ASP GB 78 -28.60 24.09 -19.24
N TYR GB 79 -27.67 23.28 -18.70
CA TYR GB 79 -26.33 23.77 -18.39
C TYR GB 79 -25.65 24.33 -19.65
N LYS GB 80 -25.80 23.66 -20.80
CA LYS GB 80 -25.30 24.17 -22.06
C LYS GB 80 -25.90 25.54 -22.41
N ALA GB 81 -27.22 25.71 -22.29
CA ALA GB 81 -27.88 26.99 -22.50
C ALA GB 81 -27.36 28.08 -21.54
N LEU GB 82 -27.24 27.77 -20.24
CA LEU GB 82 -26.74 28.71 -19.25
C LEU GB 82 -25.31 29.15 -19.53
N LEU GB 83 -24.41 28.23 -19.91
CA LEU GB 83 -23.04 28.61 -20.29
C LEU GB 83 -23.03 29.55 -21.48
N ASN GB 84 -23.82 29.27 -22.51
CA ASN GB 84 -23.78 30.08 -23.72
C ASN GB 84 -24.42 31.47 -23.52
N PHE GB 85 -25.53 31.57 -22.78
CA PHE GB 85 -26.39 32.75 -22.81
C PHE GB 85 -26.81 33.27 -21.43
N GLY GB 86 -26.43 32.58 -20.34
CA GLY GB 86 -26.90 32.90 -19.00
C GLY GB 86 -26.19 34.07 -18.32
N GLU GB 87 -25.00 34.47 -18.78
CA GLU GB 87 -24.19 35.49 -18.11
C GLU GB 87 -24.62 36.93 -18.48
N GLY GB 88 -25.65 37.08 -19.32
CA GLY GB 88 -26.16 38.40 -19.70
C GLY GB 88 -25.34 39.09 -20.78
N CYS GB 89 -25.72 40.34 -21.11
CA CYS GB 89 -25.28 40.96 -22.35
C CYS GB 89 -25.09 42.47 -22.21
N GLU GB 90 -24.41 43.06 -23.21
CA GLU GB 90 -24.21 44.50 -23.30
C GLU GB 90 -24.31 44.96 -24.76
N ILE GB 91 -24.95 46.10 -24.99
CA ILE GB 91 -25.04 46.72 -26.30
C ILE GB 91 -23.94 47.77 -26.44
N HIS GB 92 -23.25 47.74 -27.58
CA HIS GB 92 -22.30 48.77 -27.97
C HIS GB 92 -22.72 49.37 -29.31
N VAL GB 93 -22.44 50.66 -29.50
CA VAL GB 93 -22.55 51.29 -30.81
C VAL GB 93 -21.24 52.03 -31.06
N GLU GB 94 -20.64 51.84 -32.25
CA GLU GB 94 -19.45 52.61 -32.60
C GLU GB 94 -19.83 54.05 -32.93
N GLY GB 95 -19.16 55.03 -32.30
CA GLY GB 95 -19.53 56.44 -32.42
C GLY GB 95 -20.92 56.75 -31.85
N ASP GB 96 -21.23 56.14 -30.70
CA ASP GB 96 -22.52 56.28 -30.04
C ASP GB 96 -22.89 57.74 -29.75
N ASP GB 97 -21.91 58.54 -29.31
CA ASP GB 97 -22.11 59.96 -29.00
C ASP GB 97 -22.57 60.76 -30.22
N GLU GB 98 -22.03 60.42 -31.40
CA GLU GB 98 -22.36 61.09 -32.65
C GLU GB 98 -23.86 60.97 -32.98
N THR GB 99 -24.54 59.98 -32.38
CA THR GB 99 -25.95 59.72 -32.64
C THR GB 99 -26.89 60.61 -31.83
N LYS GB 100 -26.40 61.38 -30.85
CA LYS GB 100 -27.23 62.19 -29.93
C LYS GB 100 -28.33 62.95 -30.66
N GLN GB 101 -29.58 62.66 -30.31
CA GLN GB 101 -30.77 63.14 -31.00
C GLN GB 101 -31.94 63.26 -30.01
N LEU GB 102 -32.88 64.19 -30.24
CA LEU GB 102 -34.09 64.27 -29.41
C LEU GB 102 -35.09 63.18 -29.80
N VAL GB 103 -35.51 62.40 -28.80
CA VAL GB 103 -36.58 61.42 -28.86
C VAL GB 103 -37.69 61.87 -27.90
N ASP GB 104 -38.90 62.13 -28.41
CA ASP GB 104 -40.02 62.63 -27.62
C ASP GB 104 -39.65 63.88 -26.79
N GLY GB 105 -38.73 64.71 -27.31
CA GLY GB 105 -38.26 65.91 -26.63
C GLY GB 105 -37.15 65.71 -25.59
N GLU GB 106 -36.55 64.51 -25.53
CA GLU GB 106 -35.46 64.17 -24.61
C GLU GB 106 -34.23 63.63 -25.37
N PRO GB 107 -32.97 64.06 -25.05
CA PRO GB 107 -31.79 63.55 -25.75
C PRO GB 107 -31.49 62.07 -25.48
N MET GB 108 -31.22 61.33 -26.56
CA MET GB 108 -30.78 59.93 -26.49
C MET GB 108 -29.69 59.66 -27.53
N THR GB 109 -28.80 58.72 -27.20
CA THR GB 109 -27.98 58.00 -28.16
C THR GB 109 -28.70 56.75 -28.64
N LEU GB 110 -28.18 56.14 -29.72
CA LEU GB 110 -28.72 54.88 -30.21
C LEU GB 110 -28.59 53.77 -29.16
N SER GB 111 -27.47 53.69 -28.43
CA SER GB 111 -27.34 52.69 -27.38
C SER GB 111 -28.41 52.87 -26.30
N GLU GB 112 -28.66 54.11 -25.87
CA GLU GB 112 -29.72 54.40 -24.91
C GLU GB 112 -31.09 54.04 -25.44
N TRP GB 113 -31.37 54.34 -26.71
CA TRP GB 113 -32.65 53.97 -27.31
C TRP GB 113 -32.82 52.45 -27.35
N LEU GB 114 -31.80 51.71 -27.78
CA LEU GB 114 -31.83 50.25 -27.84
C LEU GB 114 -32.00 49.62 -26.45
N GLU GB 115 -31.33 50.15 -25.42
CA GLU GB 115 -31.52 49.68 -24.06
C GLU GB 115 -32.97 49.87 -23.59
N ASP GB 116 -33.63 50.97 -23.99
CA ASP GB 116 -35.03 51.21 -23.67
C ASP GB 116 -35.99 50.40 -24.53
N ALA GB 117 -35.58 50.06 -25.76
CA ALA GB 117 -36.36 49.24 -26.68
C ALA GB 117 -36.39 47.77 -26.23
N PHE GB 118 -35.25 47.28 -25.69
CA PHE GB 118 -35.09 45.91 -25.21
C PHE GB 118 -34.66 45.90 -23.73
N PRO GB 119 -35.55 46.23 -22.75
CA PRO GB 119 -35.12 46.37 -21.35
C PRO GB 119 -34.66 45.06 -20.72
N HIS GB 120 -35.34 43.95 -21.08
CA HIS GB 120 -35.12 42.65 -20.47
C HIS GB 120 -34.34 41.72 -21.39
N LEU GB 121 -33.36 42.30 -22.11
CA LEU GB 121 -32.62 41.60 -23.15
C LEU GB 121 -31.85 40.39 -22.61
N ASP GB 122 -31.40 40.43 -21.35
CA ASP GB 122 -30.75 39.28 -20.72
C ASP GB 122 -31.65 38.04 -20.70
N LEU GB 123 -32.95 38.22 -20.36
CA LEU GB 123 -33.91 37.13 -20.36
C LEU GB 123 -34.19 36.66 -21.79
N LEU GB 124 -34.35 37.60 -22.73
CA LEU GB 124 -34.62 37.27 -24.12
C LEU GB 124 -33.47 36.48 -24.74
N VAL GB 125 -32.22 36.90 -24.50
CA VAL GB 125 -31.02 36.23 -24.99
C VAL GB 125 -30.94 34.80 -24.45
N LEU GB 126 -31.26 34.58 -23.16
CA LEU GB 126 -31.27 33.23 -22.60
C LEU GB 126 -32.39 32.37 -23.19
N ASP GB 127 -33.60 32.92 -23.34
CA ASP GB 127 -34.73 32.20 -23.92
C ASP GB 127 -34.48 31.80 -25.38
N LEU GB 128 -34.12 32.77 -26.23
CA LEU GB 128 -33.85 32.53 -27.64
C LEU GB 128 -32.60 31.68 -27.82
N GLY GB 129 -31.52 32.00 -27.12
CA GLY GB 129 -30.28 31.26 -27.24
C GLY GB 129 -30.43 29.81 -26.78
N GLY GB 130 -31.22 29.58 -25.73
CA GLY GB 130 -31.56 28.25 -25.28
C GLY GB 130 -32.35 27.48 -26.34
N ASP GB 131 -33.43 28.07 -26.86
CA ASP GB 131 -34.24 27.46 -27.90
C ASP GB 131 -33.40 27.16 -29.15
N ALA GB 132 -32.51 28.08 -29.56
CA ALA GB 132 -31.62 27.89 -30.71
C ALA GB 132 -30.54 26.81 -30.50
N LEU GB 133 -30.28 26.35 -29.26
CA LEU GB 133 -29.42 25.19 -29.00
C LEU GB 133 -30.22 23.88 -29.03
N TRP GB 134 -31.41 23.87 -28.43
CA TRP GB 134 -32.32 22.73 -28.43
C TRP GB 134 -32.81 22.41 -29.84
N TYR GB 135 -33.44 23.41 -30.48
CA TYR GB 135 -34.06 23.31 -31.79
C TYR GB 135 -33.09 23.74 -32.89
N PRO GB 136 -33.39 23.50 -34.19
CA PRO GB 136 -32.52 24.00 -35.27
C PRO GB 136 -32.45 25.53 -35.32
N TYR GB 137 -33.48 26.22 -34.83
CA TYR GB 137 -33.57 27.68 -34.85
C TYR GB 137 -34.38 28.17 -33.63
N ALA GB 138 -34.10 29.40 -33.19
CA ALA GB 138 -35.10 30.22 -32.51
C ALA GB 138 -35.87 31.00 -33.56
N VAL GB 139 -37.14 31.32 -33.29
CA VAL GB 139 -38.00 32.01 -34.24
C VAL GB 139 -38.99 32.90 -33.48
N GLY GB 140 -39.38 34.03 -34.07
CA GLY GB 140 -40.26 34.98 -33.41
C GLY GB 140 -40.80 36.07 -34.34
N GLU GB 141 -41.45 37.06 -33.73
CA GLU GB 141 -42.18 38.13 -34.40
C GLU GB 141 -41.68 39.50 -33.89
N ILE GB 142 -42.02 40.57 -34.61
CA ILE GB 142 -42.00 41.91 -34.04
C ILE GB 142 -43.45 42.27 -33.66
N GLN GB 143 -43.62 42.84 -32.46
CA GLN GB 143 -44.93 43.23 -31.95
C GLN GB 143 -44.97 44.73 -31.65
N GLU GB 144 -46.15 45.33 -31.87
CA GLU GB 144 -46.36 46.76 -31.74
C GLU GB 144 -47.44 47.07 -30.71
N THR GB 145 -47.26 48.17 -30.00
CA THR GB 145 -48.32 48.81 -29.23
C THR GB 145 -49.49 49.19 -30.15
N ILE GB 146 -50.66 49.52 -29.57
CA ILE GB 146 -51.82 49.96 -30.34
C ILE GB 146 -51.52 51.27 -31.10
N THR GB 147 -50.76 52.17 -30.46
CA THR GB 147 -50.27 53.42 -31.07
C THR GB 147 -49.31 53.18 -32.25
N GLY GB 148 -48.76 51.96 -32.38
CA GLY GB 148 -47.85 51.61 -33.48
C GLY GB 148 -46.37 51.76 -33.14
N GLU GB 149 -46.05 52.19 -31.91
CA GLU GB 149 -44.69 52.11 -31.38
C GLU GB 149 -44.31 50.65 -31.13
N PHE GB 150 -43.00 50.34 -31.21
CA PHE GB 150 -42.48 49.01 -30.94
C PHE GB 150 -42.75 48.57 -29.50
N LYS GB 151 -43.32 47.36 -29.33
CA LYS GB 151 -43.60 46.76 -28.04
C LYS GB 151 -42.46 45.84 -27.60
N GLU GB 152 -42.20 44.80 -28.42
CA GLU GB 152 -41.23 43.75 -28.11
C GLU GB 152 -40.91 42.92 -29.36
N ALA GB 153 -39.80 42.19 -29.32
CA ALA GB 153 -39.60 41.03 -30.18
C ALA GB 153 -40.19 39.82 -29.45
N LEU GB 154 -41.21 39.16 -30.03
CA LEU GB 154 -41.94 38.12 -29.33
C LEU GB 154 -41.55 36.75 -29.89
N PRO GB 155 -40.87 35.87 -29.11
CA PRO GB 155 -40.60 34.50 -29.54
C PRO GB 155 -41.88 33.71 -29.83
N ALA GB 156 -41.73 32.68 -30.68
CA ALA GB 156 -42.78 31.72 -30.99
C ALA GB 156 -42.31 30.31 -30.67
N GLU GB 157 -43.26 29.36 -30.52
CA GLU GB 157 -42.94 27.99 -30.10
C GLU GB 157 -42.14 27.28 -31.19
N PRO GB 158 -40.81 27.05 -31.06
CA PRO GB 158 -40.00 26.60 -32.19
C PRO GB 158 -40.32 25.18 -32.67
N TRP GB 159 -40.91 24.36 -31.80
CA TRP GB 159 -41.36 23.02 -32.19
C TRP GB 159 -42.63 23.07 -33.06
N THR GB 160 -43.34 24.21 -33.13
CA THR GB 160 -44.56 24.33 -33.92
C THR GB 160 -44.32 24.85 -35.34
N LEU GB 161 -43.14 25.41 -35.62
CA LEU GB 161 -42.85 26.14 -36.85
C LEU GB 161 -41.78 25.44 -37.66
N MET GB 162 -41.96 25.34 -39.00
CA MET GB 162 -40.87 24.97 -39.89
C MET GB 162 -40.78 25.92 -41.07
N PRO GB 163 -39.57 26.26 -41.56
CA PRO GB 163 -39.42 27.17 -42.69
C PRO GB 163 -39.68 26.44 -44.00
N GLU GB 164 -40.29 27.15 -44.94
CA GLU GB 164 -40.40 26.72 -46.33
C GLU GB 164 -39.40 27.54 -47.15
N SER GB 165 -38.45 26.84 -47.82
CA SER GB 165 -37.33 27.48 -48.49
C SER GB 165 -37.25 27.09 -49.97
N ASP GB 166 -36.77 28.06 -50.77
CA ASP GB 166 -36.66 27.98 -52.22
C ASP GB 166 -35.42 27.21 -52.71
N ALA GB 167 -35.26 27.13 -54.04
CA ALA GB 167 -34.18 26.41 -54.71
C ALA GB 167 -32.78 27.00 -54.46
N GLN GB 168 -32.68 28.26 -54.02
CA GLN GB 168 -31.40 28.86 -53.63
C GLN GB 168 -31.19 28.90 -52.11
N GLY GB 169 -32.16 28.39 -51.33
CA GLY GB 169 -32.00 28.14 -49.90
C GLY GB 169 -32.55 29.22 -48.97
N LYS GB 170 -33.33 30.19 -49.48
CA LYS GB 170 -33.87 31.26 -48.64
C LYS GB 170 -35.31 30.97 -48.18
N VAL GB 171 -35.60 31.34 -46.93
CA VAL GB 171 -36.93 31.10 -46.34
C VAL GB 171 -37.94 32.08 -46.91
N GLN GB 172 -38.96 31.53 -47.60
CA GLN GB 172 -40.03 32.29 -48.23
C GLN GB 172 -41.27 32.40 -47.33
N ALA GB 173 -41.56 31.36 -46.55
CA ALA GB 173 -42.71 31.32 -45.65
C ALA GB 173 -42.42 30.44 -44.44
N TRP GB 174 -43.21 30.62 -43.39
CA TRP GB 174 -43.18 29.80 -42.19
C TRP GB 174 -44.49 29.02 -42.07
N HIS GB 175 -44.38 27.71 -41.98
CA HIS GB 175 -45.51 26.80 -41.87
C HIS GB 175 -45.62 26.40 -40.40
N GLN GB 176 -46.78 26.68 -39.78
CA GLN GB 176 -46.99 26.39 -38.36
C GLN GB 176 -48.02 25.27 -38.18
N ARG GB 177 -47.61 24.16 -37.55
CA ARG GB 177 -48.52 23.12 -37.07
C ARG GB 177 -48.63 23.23 -35.55
N THR GB 178 -49.86 23.38 -35.08
CA THR GB 178 -50.19 23.68 -33.69
C THR GB 178 -51.10 22.55 -33.16
N LYS GB 179 -51.08 22.27 -31.86
CA LYS GB 179 -52.06 21.37 -31.25
C LYS GB 179 -53.08 22.21 -30.47
N THR GB 180 -54.37 21.93 -30.69
CA THR GB 180 -55.42 22.33 -29.76
C THR GB 180 -56.26 21.10 -29.43
N HIS GB 181 -56.37 20.78 -28.13
CA HIS GB 181 -57.01 19.57 -27.65
C HIS GB 181 -56.51 18.33 -28.39
N GLY GB 182 -55.19 18.22 -28.55
CA GLY GB 182 -54.55 17.08 -29.18
C GLY GB 182 -54.66 17.04 -30.71
N GLY GB 183 -55.65 17.74 -31.29
CA GLY GB 183 -55.83 17.80 -32.73
C GLY GB 183 -54.88 18.82 -33.37
N TYR GB 184 -54.29 18.46 -34.51
CA TYR GB 184 -53.45 19.38 -35.25
C TYR GB 184 -54.26 20.45 -35.99
N GLN GB 185 -53.76 21.70 -35.92
CA GLN GB 185 -54.32 22.89 -36.55
C GLN GB 185 -53.18 23.62 -37.27
N THR GB 186 -53.41 24.11 -38.50
CA THR GB 186 -52.32 24.52 -39.39
C THR GB 186 -52.54 25.93 -39.96
N GLN GB 187 -51.43 26.66 -40.18
CA GLN GB 187 -51.42 27.93 -40.92
C GLN GB 187 -50.06 28.15 -41.60
N THR GB 188 -50.03 29.08 -42.58
CA THR GB 188 -48.79 29.55 -43.20
C THR GB 188 -48.68 31.06 -43.04
N LEU GB 189 -47.44 31.55 -42.77
CA LEU GB 189 -47.14 32.96 -42.54
C LEU GB 189 -46.03 33.43 -43.47
N PRO GB 190 -46.07 34.70 -43.95
CA PRO GB 190 -45.00 35.25 -44.77
C PRO GB 190 -43.73 35.49 -43.95
N ALA GB 191 -42.57 35.17 -44.54
CA ALA GB 191 -41.27 35.35 -43.89
C ALA GB 191 -40.94 36.82 -43.58
N ASP GB 192 -41.72 37.78 -44.12
CA ASP GB 192 -41.60 39.20 -43.83
C ASP GB 192 -41.94 39.52 -42.36
N ASP GB 193 -42.97 38.85 -41.81
CA ASP GB 193 -43.51 39.18 -40.48
C ASP GB 193 -42.67 38.58 -39.35
N LEU GB 194 -41.97 37.48 -39.62
CA LEU GB 194 -41.18 36.71 -38.66
C LEU GB 194 -39.68 37.02 -38.78
N TRP GB 195 -38.91 36.55 -37.80
CA TRP GB 195 -37.45 36.50 -37.84
C TRP GB 195 -36.98 35.19 -37.19
N HIP GB 196 -35.76 34.75 -37.53
CA HIP GB 196 -35.24 33.48 -37.04
CB HIP GB 196 -35.74 32.37 -37.97
CG HIP GB 196 -34.94 32.11 -39.20
CD2 HIP GB 196 -34.11 31.05 -39.40
NE2 HIP GB 196 -33.66 31.07 -40.70
CE1 HIP GB 196 -34.19 32.11 -41.30
ND1 HIP GB 196 -35.02 32.84 -40.45
P HIP GB 196 -35.94 34.21 -40.92
O1P HIP GB 196 -37.35 33.84 -40.57
O2P HIP GB 196 -35.75 34.33 -42.40
O3P HIP GB 196 -35.36 35.37 -40.15
C HIP GB 196 -33.71 33.51 -36.88
O HIP GB 196 -33.02 34.26 -37.54
N ILE GB 197 -33.19 32.65 -35.99
CA ILE GB 197 -31.77 32.62 -35.65
C ILE GB 197 -31.31 31.16 -35.61
N VAL GB 198 -30.19 30.85 -36.27
CA VAL GB 198 -29.63 29.50 -36.37
C VAL GB 198 -28.24 29.48 -35.74
N ILE GB 199 -28.01 28.66 -34.70
CA ILE GB 199 -26.69 28.55 -34.09
C ILE GB 199 -25.84 27.45 -34.76
N ASN GB 200 -26.43 26.26 -34.93
CA ASN GB 200 -25.75 25.08 -35.43
C ASN GB 200 -26.14 24.82 -36.89
N LYS GB 201 -25.14 24.61 -37.76
CA LYS GB 201 -25.32 24.62 -39.21
C LYS GB 201 -24.67 23.42 -39.90
N ALA GB 202 -25.32 22.92 -40.95
CA ALA GB 202 -24.81 21.85 -41.81
C ALA GB 202 -23.66 22.32 -42.70
N SER GB 203 -23.67 23.61 -43.07
CA SER GB 203 -22.67 24.24 -43.92
C SER GB 203 -22.58 25.73 -43.57
N ALA GB 204 -21.51 26.39 -44.04
CA ALA GB 204 -21.38 27.84 -43.94
C ALA GB 204 -22.57 28.61 -44.57
N ARG GB 205 -23.39 27.94 -45.39
CA ARG GB 205 -24.48 28.55 -46.15
C ARG GB 205 -25.88 28.30 -45.56
N ASP GB 206 -25.97 27.38 -44.59
CA ASP GB 206 -27.22 26.78 -44.14
C ASP GB 206 -28.15 27.80 -43.44
N GLU GB 207 -29.38 27.97 -43.97
CA GLU GB 207 -30.38 28.88 -43.41
C GLU GB 207 -31.41 28.17 -42.51
N VAL GB 208 -31.30 26.85 -42.29
CA VAL GB 208 -32.30 26.05 -41.57
C VAL GB 208 -31.74 25.34 -40.33
N GLY GB 209 -30.47 24.92 -40.37
CA GLY GB 209 -29.76 24.52 -39.16
C GLY GB 209 -29.96 23.08 -38.68
N ILE GB 210 -29.32 22.78 -37.53
CA ILE GB 210 -29.21 21.45 -36.93
C ILE GB 210 -29.67 21.52 -35.46
N SER GB 211 -30.46 20.54 -35.01
CA SER GB 211 -30.75 20.37 -33.59
C SER GB 211 -29.68 19.48 -32.95
N GLU GB 212 -29.02 19.93 -31.88
CA GLU GB 212 -28.10 19.08 -31.15
C GLU GB 212 -28.79 17.91 -30.42
N VAL GB 213 -30.12 17.97 -30.24
CA VAL GB 213 -30.86 16.83 -29.73
C VAL GB 213 -30.95 15.75 -30.81
N LEU GB 214 -31.48 16.09 -31.99
CA LEU GB 214 -31.63 15.10 -33.06
C LEU GB 214 -30.28 14.62 -33.59
N ARG GB 215 -29.26 15.48 -33.60
CA ARG GB 215 -27.89 15.12 -33.93
C ARG GB 215 -27.36 13.98 -33.04
N ASN GB 216 -27.74 13.98 -31.76
CA ASN GB 216 -27.25 13.02 -30.77
C ASN GB 216 -28.35 12.08 -30.25
N LYS GB 217 -29.41 11.85 -31.04
CA LYS GB 217 -30.58 11.08 -30.65
C LYS GB 217 -30.21 9.68 -30.15
N ASP GB 218 -29.26 9.03 -30.82
CA ASP GB 218 -28.79 7.70 -30.45
C ASP GB 218 -28.10 7.68 -29.09
N GLU GB 219 -27.21 8.66 -28.83
CA GLU GB 219 -26.49 8.76 -27.55
C GLU GB 219 -27.45 9.08 -26.40
N ILE GB 220 -28.46 9.90 -26.66
CA ILE GB 220 -29.51 10.21 -25.70
C ILE GB 220 -30.33 8.95 -25.36
N GLN GB 221 -30.73 8.18 -26.38
CA GLN GB 221 -31.47 6.95 -26.18
C GLN GB 221 -30.64 5.88 -25.46
N ALA GB 222 -29.37 5.71 -25.86
CA ALA GB 222 -28.46 4.78 -25.21
C ALA GB 222 -28.30 5.12 -23.72
N PHE GB 223 -28.16 6.41 -23.39
CA PHE GB 223 -28.11 6.87 -22.01
C PHE GB 223 -29.37 6.48 -21.25
N LYS GB 224 -30.56 6.80 -21.79
CA LYS GB 224 -31.83 6.53 -21.12
C LYS GB 224 -32.11 5.04 -20.95
N GLN GB 225 -31.77 4.21 -21.96
CA GLN GB 225 -31.92 2.77 -21.88
C GLN GB 225 -31.01 2.17 -20.82
N ASN GB 226 -29.74 2.57 -20.76
CA ASN GB 226 -28.84 2.08 -19.73
C ASN GB 226 -29.27 2.52 -18.34
N GLU GB 227 -29.77 3.75 -18.18
CA GLU GB 227 -30.34 4.20 -16.90
C GLU GB 227 -31.50 3.30 -16.44
N ALA GB 228 -32.42 2.98 -17.34
CA ALA GB 228 -33.54 2.10 -17.03
C ALA GB 228 -33.07 0.70 -16.64
N ALA GB 229 -32.11 0.13 -17.39
CA ALA GB 229 -31.53 -1.18 -17.12
C ALA GB 229 -30.86 -1.21 -15.74
N ILE GB 230 -30.04 -0.20 -15.40
CA ILE GB 230 -29.40 -0.12 -14.09
C ILE GB 230 -30.46 -0.06 -12.99
N ASN GB 231 -31.45 0.83 -13.11
CA ASN GB 231 -32.47 1.00 -12.09
C ASN GB 231 -33.24 -0.32 -11.84
N GLN GB 232 -33.56 -1.06 -12.90
CA GLN GB 232 -34.20 -2.35 -12.80
C GLN GB 232 -33.29 -3.39 -12.13
N ALA GB 233 -32.03 -3.47 -12.55
CA ALA GB 233 -31.06 -4.41 -12.00
C ALA GB 233 -30.78 -4.14 -10.52
N ILE GB 234 -30.77 -2.87 -10.07
CA ILE GB 234 -30.58 -2.53 -8.67
C ILE GB 234 -31.68 -3.15 -7.82
N GLU GB 235 -32.95 -3.06 -8.24
CA GLU GB 235 -34.04 -3.67 -7.47
C GLU GB 235 -33.90 -5.19 -7.38
N LEU GB 236 -33.51 -5.84 -8.49
CA LEU GB 236 -33.41 -7.29 -8.54
C LEU GB 236 -32.17 -7.85 -7.85
N HIS GB 237 -31.03 -7.14 -7.93
CA HIS GB 237 -29.71 -7.69 -7.63
C HIS GB 237 -28.93 -6.89 -6.60
N GLY GB 238 -29.36 -5.66 -6.31
CA GLY GB 238 -28.66 -4.77 -5.39
C GLY GB 238 -28.84 -5.14 -3.92
N PHE GB 239 -29.85 -5.97 -3.61
CA PHE GB 239 -30.22 -6.30 -2.24
C PHE GB 239 -30.24 -7.82 -2.05
N PRO GB 240 -29.83 -8.36 -0.89
CA PRO GB 240 -29.99 -9.79 -0.62
C PRO GB 240 -31.47 -10.16 -0.47
N GLN GB 241 -31.78 -11.44 -0.71
CA GLN GB 241 -33.14 -11.96 -0.57
C GLN GB 241 -33.11 -13.30 0.16
N ARG GB 242 -34.07 -13.54 1.05
CA ARG GB 242 -34.11 -14.76 1.84
C ARG GB 242 -34.74 -15.90 1.04
N HIP GB 243 -34.07 -17.08 1.05
CA HIP GB 243 -34.56 -18.30 0.43
CB HIP GB 243 -33.64 -18.74 -0.73
CG HIP GB 243 -34.16 -19.91 -1.49
CD2 HIP GB 243 -35.44 -20.42 -1.44
NE2 HIP GB 243 -35.51 -21.48 -2.29
CE1 HIP GB 243 -34.34 -21.63 -2.89
ND1 HIP GB 243 -33.42 -20.70 -2.42
P HIP GB 243 -31.73 -20.82 -2.75
O1P HIP GB 243 -31.24 -22.01 -1.97
O2P HIP GB 243 -31.68 -21.14 -4.22
O3P HIP GB 243 -31.09 -19.54 -2.38
C HIP GB 243 -34.70 -19.39 1.50
O HIP GB 243 -33.71 -20.06 1.81
N VAL GB 244 -35.89 -19.58 2.08
CA VAL GB 244 -36.06 -20.69 3.01
C VAL GB 244 -36.32 -21.97 2.23
N LYS GB 245 -35.49 -23.01 2.47
CA LYS GB 245 -35.67 -24.34 1.90
C LYS GB 245 -36.12 -25.30 3.00
N VAL GB 246 -37.17 -26.08 2.72
CA VAL GB 246 -37.82 -26.90 3.73
C VAL GB 246 -37.79 -28.37 3.30
N GLY GB 247 -37.62 -29.27 4.28
CA GLY GB 247 -37.55 -30.70 4.05
C GLY GB 247 -36.12 -31.19 3.94
N LYS GB 248 -35.93 -32.50 4.10
CA LYS GB 248 -34.63 -33.13 3.90
C LYS GB 248 -34.44 -33.43 2.41
N GLU GB 249 -33.21 -33.29 1.90
CA GLU GB 249 -32.92 -33.73 0.54
C GLU GB 249 -33.13 -35.24 0.45
N ASP GB 250 -33.86 -35.72 -0.58
CA ASP GB 250 -34.28 -37.11 -0.71
C ASP GB 250 -35.22 -37.57 0.43
N GLY GB 251 -35.82 -36.62 1.17
CA GLY GB 251 -36.76 -36.90 2.25
C GLY GB 251 -38.23 -36.79 1.83
N ALA GB 252 -39.11 -36.53 2.81
CA ALA GB 252 -40.54 -36.34 2.57
C ALA GB 252 -40.80 -35.05 1.79
N PRO GB 253 -41.70 -35.03 0.77
CA PRO GB 253 -41.99 -33.82 0.03
C PRO GB 253 -42.87 -32.86 0.85
N VAL GB 254 -42.66 -31.57 0.61
CA VAL GB 254 -43.39 -30.48 1.27
C VAL GB 254 -44.30 -29.84 0.21
N ARG GB 255 -45.60 -29.72 0.50
CA ARG GB 255 -46.59 -29.20 -0.45
C ARG GB 255 -46.85 -27.70 -0.21
N ASP GB 256 -47.62 -27.07 -1.10
CA ASP GB 256 -47.83 -25.62 -1.06
C ASP GB 256 -48.51 -25.16 0.24
N ASN GB 257 -49.56 -25.87 0.68
CA ASN GB 257 -50.23 -25.58 1.95
C ASN GB 257 -49.33 -25.81 3.17
N ASP GB 258 -48.24 -26.56 3.02
CA ASP GB 258 -47.26 -26.68 4.08
C ASP GB 258 -46.36 -25.45 4.09
N LEU GB 259 -45.87 -25.03 2.91
CA LEU GB 259 -45.07 -23.83 2.77
C LEU GB 259 -45.84 -22.57 3.19
N ARG GB 260 -47.18 -22.56 3.14
CA ARG GB 260 -47.98 -21.45 3.67
C ARG GB 260 -47.76 -21.21 5.16
N ARG GB 261 -47.52 -22.26 5.95
CA ARG GB 261 -47.19 -22.11 7.37
C ARG GB 261 -45.77 -21.54 7.51
N VAL GB 262 -44.82 -22.10 6.76
CA VAL GB 262 -43.43 -21.65 6.79
C VAL GB 262 -43.32 -20.17 6.43
N ARG GB 263 -43.99 -19.75 5.36
CA ARG GB 263 -44.05 -18.35 4.94
C ARG GB 263 -44.55 -17.43 6.06
N THR GB 264 -45.45 -17.91 6.91
CA THR GB 264 -45.94 -17.12 8.04
C THR GB 264 -44.85 -16.91 9.09
N ILE GB 265 -44.04 -17.94 9.37
CA ILE GB 265 -42.98 -17.91 10.37
C ILE GB 265 -41.83 -16.99 9.92
N PHE GB 266 -41.32 -17.20 8.70
CA PHE GB 266 -40.11 -16.56 8.20
C PHE GB 266 -40.39 -15.31 7.34
N ASP GB 267 -41.59 -14.73 7.46
CA ASP GB 267 -42.00 -13.55 6.71
C ASP GB 267 -41.05 -12.38 6.95
N PRO GB 268 -40.28 -11.91 5.94
CA PRO GB 268 -39.33 -10.81 6.15
C PRO GB 268 -40.07 -9.53 6.53
N ARG GB 269 -41.22 -9.27 5.92
CA ARG GB 269 -41.95 -8.01 6.06
C ARG GB 269 -42.37 -7.75 7.51
N THR GB 270 -42.32 -8.78 8.35
CA THR GB 270 -42.78 -8.74 9.73
C THR GB 270 -41.72 -9.34 10.68
N THR GB 271 -40.44 -9.18 10.33
CA THR GB 271 -39.27 -9.64 11.08
C THR GB 271 -38.52 -8.46 11.72
N ASP GB 272 -38.27 -8.53 13.03
CA ASP GB 272 -37.39 -7.61 13.75
C ASP GB 272 -35.93 -7.88 13.38
N ALA GB 273 -35.09 -6.84 13.30
CA ALA GB 273 -33.64 -6.94 13.13
C ALA GB 273 -33.03 -8.05 14.00
N ASN GB 274 -33.38 -8.09 15.30
CA ASN GB 274 -32.80 -9.01 16.25
C ASN GB 274 -33.67 -10.24 16.53
N THR GB 275 -34.44 -10.68 15.52
CA THR GB 275 -35.16 -11.96 15.58
C THR GB 275 -34.19 -13.14 15.61
N ALA GB 276 -34.52 -14.19 16.38
CA ALA GB 276 -33.79 -15.45 16.38
C ALA GB 276 -34.68 -16.60 15.92
N TYR GB 277 -34.09 -17.65 15.32
CA TYR GB 277 -34.82 -18.80 14.79
C TYR GB 277 -34.37 -20.10 15.46
N PHE GB 278 -35.35 -20.96 15.75
CA PHE GB 278 -35.11 -22.28 16.32
C PHE GB 278 -35.72 -23.31 15.37
N THR GB 279 -34.92 -24.29 14.92
CA THR GB 279 -35.47 -25.26 13.98
C THR GB 279 -34.93 -26.66 14.23
N GLY GB 280 -35.62 -27.65 13.66
CA GLY GB 280 -35.00 -28.93 13.40
C GLY GB 280 -33.93 -28.81 12.31
N GLN GB 281 -33.29 -29.95 12.00
CA GLN GB 281 -32.18 -29.97 11.05
C GLN GB 281 -32.65 -29.78 9.61
N ASP GB 282 -33.94 -30.03 9.32
CA ASP GB 282 -34.45 -30.09 7.95
C ASP GB 282 -35.12 -28.78 7.50
N VAL GB 283 -34.58 -27.66 7.97
CA VAL GB 283 -34.98 -26.31 7.58
C VAL GB 283 -33.72 -25.49 7.36
N ASP GB 284 -33.57 -24.93 6.15
CA ASP GB 284 -32.39 -24.17 5.77
C ASP GB 284 -32.77 -22.75 5.37
N VAL GB 285 -32.19 -21.75 6.06
CA VAL GB 285 -32.45 -20.36 5.75
C VAL GB 285 -31.30 -19.85 4.89
N GLU GB 286 -31.41 -20.06 3.58
CA GLU GB 286 -30.41 -19.61 2.63
C GLU GB 286 -30.61 -18.14 2.25
N THR GB 287 -29.58 -17.56 1.64
CA THR GB 287 -29.64 -16.19 1.13
C THR GB 287 -29.22 -16.15 -0.32
N LEU GB 288 -30.03 -15.48 -1.14
CA LEU GB 288 -29.60 -14.94 -2.42
C LEU GB 288 -28.82 -13.68 -2.11
N GLU GB 289 -27.50 -13.75 -2.28
CA GLU GB 289 -26.61 -12.62 -2.04
C GLU GB 289 -26.89 -11.49 -3.04
N ALA GB 290 -26.55 -10.25 -2.66
CA ALA GB 290 -26.57 -9.15 -3.61
C ALA GB 290 -25.44 -9.35 -4.63
N HIP GB 291 -25.80 -9.69 -5.88
CA HIP GB 291 -24.84 -10.09 -6.89
CB HIP GB 291 -25.56 -11.02 -7.87
CG HIP GB 291 -25.95 -12.31 -7.24
CD2 HIP GB 291 -25.10 -13.24 -6.68
NE2 HIP GB 291 -25.85 -14.26 -6.16
CE1 HIP GB 291 -27.13 -13.99 -6.36
ND1 HIP GB 291 -27.29 -12.80 -7.06
P HIP GB 291 -28.78 -12.23 -7.71
O1P HIP GB 291 -28.79 -12.65 -9.14
O2P HIP GB 291 -29.88 -12.89 -6.89
O3P HIP GB 291 -28.68 -10.77 -7.49
C HIP GB 291 -24.14 -8.88 -7.50
O HIP GB 291 -24.70 -8.24 -8.39
N ASN GB 292 -22.91 -8.61 -7.06
CA ASN GB 292 -22.18 -7.40 -7.43
C ASN GB 292 -22.00 -7.22 -8.94
N PHE GB 293 -22.39 -6.04 -9.42
CA PHE GB 293 -22.07 -5.54 -10.75
C PHE GB 293 -21.72 -4.05 -10.62
N ASP GB 294 -20.79 -3.57 -11.43
CA ASP GB 294 -20.31 -2.20 -11.28
C ASP GB 294 -21.21 -1.22 -12.03
N TYR GB 295 -22.38 -0.91 -11.45
CA TYR GB 295 -23.29 0.07 -12.04
C TYR GB 295 -22.66 1.47 -12.10
N SER GB 296 -21.80 1.81 -11.13
CA SER GB 296 -21.06 3.06 -11.15
C SER GB 296 -20.24 3.21 -12.43
N ALA GB 297 -19.52 2.15 -12.83
CA ALA GB 297 -18.76 2.21 -14.08
C ALA GB 297 -19.66 2.38 -15.30
N ILE GB 298 -20.86 1.77 -15.30
CA ILE GB 298 -21.80 1.95 -16.41
C ILE GB 298 -22.30 3.39 -16.47
N HIS GB 299 -22.68 3.98 -15.32
CA HIS GB 299 -23.03 5.38 -15.24
C HIS GB 299 -21.89 6.31 -15.71
N GLU GB 300 -20.66 6.05 -15.27
CA GLU GB 300 -19.52 6.85 -15.71
C GLU GB 300 -19.32 6.77 -17.22
N MET GB 301 -19.44 5.57 -17.79
CA MET GB 301 -19.36 5.37 -19.23
C MET GB 301 -20.48 6.09 -19.98
N ASP GB 302 -21.74 5.94 -19.52
CA ASP GB 302 -22.88 6.62 -20.11
C ASP GB 302 -22.70 8.14 -20.09
N MET GB 303 -22.29 8.67 -18.93
CA MET GB 303 -22.10 10.09 -18.75
C MET GB 303 -20.94 10.60 -19.62
N ARG GB 304 -19.86 9.84 -19.75
CA ARG GB 304 -18.78 10.15 -20.69
C ARG GB 304 -19.33 10.25 -22.11
N ASN GB 305 -20.05 9.23 -22.58
CA ASN GB 305 -20.60 9.23 -23.93
C ASN GB 305 -21.54 10.42 -24.16
N LEU GB 306 -22.45 10.70 -23.21
CA LEU GB 306 -23.42 11.76 -23.36
C LEU GB 306 -22.78 13.16 -23.32
N THR GB 307 -21.97 13.43 -22.30
CA THR GB 307 -21.33 14.74 -22.16
C THR GB 307 -20.45 15.05 -23.37
N THR GB 308 -19.60 14.10 -23.81
CA THR GB 308 -18.79 14.29 -25.01
C THR GB 308 -19.67 14.51 -26.24
N ALA GB 309 -20.78 13.75 -26.40
CA ALA GB 309 -21.68 13.95 -27.52
C ALA GB 309 -22.28 15.36 -27.55
N LEU GB 310 -22.68 15.90 -26.39
CA LEU GB 310 -23.22 17.25 -26.25
C LEU GB 310 -22.13 18.33 -26.18
N GLY GB 311 -20.84 17.96 -26.21
CA GLY GB 311 -19.73 18.89 -26.21
C GLY GB 311 -19.38 19.51 -24.85
N LEU GB 312 -20.10 19.13 -23.79
CA LEU GB 312 -19.78 19.55 -22.42
C LEU GB 312 -18.58 18.77 -21.89
N PRO GB 313 -17.77 19.33 -20.97
CA PRO GB 313 -16.78 18.56 -20.23
C PRO GB 313 -17.50 17.59 -19.29
N LEU GB 314 -16.87 16.43 -19.04
CA LEU GB 314 -17.45 15.35 -18.24
C LEU GB 314 -17.84 15.83 -16.83
N GLU GB 315 -17.08 16.77 -16.28
CA GLU GB 315 -17.32 17.37 -14.97
C GLU GB 315 -18.74 17.94 -14.81
N ALA GB 316 -19.35 18.42 -15.91
CA ALA GB 316 -20.72 18.94 -15.89
C ALA GB 316 -21.74 17.88 -15.46
N GLY GB 317 -21.42 16.59 -15.69
CA GLY GB 317 -22.30 15.48 -15.39
C GLY GB 317 -22.16 14.89 -13.99
N ASN GB 318 -21.52 15.61 -13.05
CA ASN GB 318 -21.23 15.11 -11.70
C ASN GB 318 -20.45 13.79 -11.73
N VAL GB 319 -19.49 13.68 -12.66
CA VAL GB 319 -18.61 12.53 -12.80
C VAL GB 319 -17.17 13.03 -12.94
N GLY GB 320 -16.25 12.49 -12.12
CA GLY GB 320 -14.84 12.83 -12.19
C GLY GB 320 -14.06 11.93 -13.16
N ALA GB 321 -12.76 12.24 -13.36
CA ALA GB 321 -11.89 11.48 -14.23
C ALA GB 321 -10.43 11.52 -13.79
N ASP GB 322 -9.68 10.44 -14.08
CA ASP GB 322 -8.27 10.31 -13.76
C ASP GB 322 -7.41 11.24 -14.64
N GLY GB 323 -6.48 11.99 -14.02
CA GLY GB 323 -5.51 12.84 -14.72
C GLY GB 323 -6.09 14.13 -15.32
N LEU GB 324 -7.35 14.08 -15.77
CA LEU GB 324 -8.02 15.17 -16.48
C LEU GB 324 -8.38 16.36 -15.58
N GLY GB 325 -8.33 16.19 -14.25
CA GLY GB 325 -8.75 17.23 -13.31
C GLY GB 325 -7.73 18.34 -13.06
N SER GB 326 -6.53 18.25 -13.66
CA SER GB 326 -5.42 19.15 -13.34
C SER GB 326 -4.46 19.35 -14.53
N GLY GB 327 -3.64 20.42 -14.48
CA GLY GB 327 -2.57 20.67 -15.43
C GLY GB 327 -3.05 20.96 -16.86
N LYS GB 328 -2.18 20.77 -17.85
CA LYS GB 328 -2.49 21.09 -19.25
C LYS GB 328 -3.72 20.35 -19.78
N PRO GB 329 -3.99 19.07 -19.40
CA PRO GB 329 -5.27 18.43 -19.73
C PRO GB 329 -6.52 19.19 -19.33
N ALA GB 330 -6.53 19.84 -18.16
CA ALA GB 330 -7.61 20.73 -17.77
C ALA GB 330 -7.62 21.98 -18.64
N GLU GB 331 -6.45 22.64 -18.82
CA GLU GB 331 -6.32 23.84 -19.63
C GLU GB 331 -6.91 23.65 -21.04
N LEU GB 332 -6.66 22.48 -21.68
CA LEU GB 332 -7.22 22.20 -23.00
C LEU GB 332 -8.76 22.09 -22.99
N ARG GB 333 -9.34 21.27 -22.10
CA ARG GB 333 -10.78 21.02 -22.15
C ARG GB 333 -11.59 22.28 -21.84
N PHE GB 334 -11.10 23.11 -20.92
CA PHE GB 334 -11.73 24.39 -20.63
C PHE GB 334 -11.53 25.41 -21.75
N ALA GB 335 -10.40 25.36 -22.47
CA ALA GB 335 -10.23 26.14 -23.69
C ALA GB 335 -11.24 25.72 -24.77
N LEU GB 336 -11.43 24.41 -25.01
CA LEU GB 336 -12.40 23.90 -25.97
C LEU GB 336 -13.82 24.36 -25.64
N LEU GB 337 -14.21 24.29 -24.36
CA LEU GB 337 -15.51 24.77 -23.93
C LEU GB 337 -15.68 26.27 -24.18
N LYS GB 338 -14.69 27.09 -23.80
CA LYS GB 338 -14.71 28.53 -24.01
C LYS GB 338 -14.78 28.90 -25.49
N LEU GB 339 -14.03 28.21 -26.36
CA LEU GB 339 -14.11 28.42 -27.80
C LEU GB 339 -15.50 28.11 -28.34
N ALA GB 340 -16.11 27.01 -27.92
CA ALA GB 340 -17.46 26.64 -28.34
C ALA GB 340 -18.47 27.73 -27.93
N ILE GB 341 -18.37 28.21 -26.69
CA ILE GB 341 -19.20 29.30 -26.18
C ILE GB 341 -19.03 30.55 -27.04
N LYS GB 342 -17.79 31.02 -27.27
CA LYS GB 342 -17.54 32.23 -28.04
C LYS GB 342 -18.10 32.14 -29.46
N ALA GB 343 -17.95 30.99 -30.12
CA ALA GB 343 -18.48 30.72 -31.45
C ALA GB 343 -20.01 30.79 -31.49
N ASN GB 344 -20.70 30.17 -30.52
CA ASN GB 344 -22.16 30.23 -30.43
C ASN GB 344 -22.63 31.65 -30.13
N GLN GB 345 -21.97 32.34 -29.20
CA GLN GB 345 -22.28 33.73 -28.85
C GLN GB 345 -22.18 34.63 -30.08
N ARG GB 346 -21.07 34.62 -30.83
CA ARG GB 346 -20.95 35.43 -32.05
C ARG GB 346 -22.00 35.06 -33.09
N SER GB 347 -22.27 33.77 -33.29
CA SER GB 347 -23.28 33.32 -34.25
C SER GB 347 -24.66 33.90 -33.91
N PHE GB 348 -25.03 33.87 -32.63
CA PHE GB 348 -26.28 34.44 -32.15
C PHE GB 348 -26.29 35.97 -32.29
N SER GB 349 -25.27 36.64 -31.74
CA SER GB 349 -25.18 38.10 -31.69
C SER GB 349 -25.36 38.73 -33.07
N VAL GB 350 -24.59 38.26 -34.07
CA VAL GB 350 -24.66 38.80 -35.42
C VAL GB 350 -26.08 38.70 -35.98
N GLN GB 351 -26.71 37.54 -35.84
CA GLN GB 351 -28.05 37.34 -36.35
C GLN GB 351 -29.09 38.16 -35.59
N PHE GB 352 -28.99 38.27 -34.27
CA PHE GB 352 -29.95 39.05 -33.49
C PHE GB 352 -29.86 40.54 -33.85
N VAL GB 353 -28.66 41.10 -33.94
CA VAL GB 353 -28.46 42.46 -34.39
C VAL GB 353 -29.01 42.67 -35.80
N GLU GB 354 -28.68 41.77 -36.74
CA GLU GB 354 -29.00 41.94 -38.14
C GLU GB 354 -30.47 41.68 -38.46
N ARG GB 355 -31.10 40.67 -37.84
CA ARG GB 355 -32.48 40.26 -38.14
C ARG GB 355 -33.52 40.83 -37.18
N VAL GB 356 -33.13 41.30 -35.99
CA VAL GB 356 -34.07 41.86 -35.01
C VAL GB 356 -33.78 43.35 -34.76
N MET GB 357 -32.60 43.69 -34.25
CA MET GB 357 -32.34 45.06 -33.83
C MET GB 357 -32.34 46.06 -35.00
N ARG GB 358 -31.63 45.76 -36.10
CA ARG GB 358 -31.57 46.69 -37.23
C ARG GB 358 -32.95 46.98 -37.81
N PRO GB 359 -33.80 45.98 -38.14
CA PRO GB 359 -35.18 46.24 -38.57
C PRO GB 359 -35.98 47.08 -37.59
N VAL GB 360 -35.85 46.84 -36.28
CA VAL GB 360 -36.54 47.62 -35.26
C VAL GB 360 -36.07 49.08 -35.28
N VAL GB 361 -34.76 49.34 -35.37
CA VAL GB 361 -34.22 50.69 -35.48
C VAL GB 361 -34.72 51.36 -36.76
N ARG GB 362 -34.67 50.65 -37.89
CA ARG GB 362 -35.08 51.16 -39.19
C ARG GB 362 -36.55 51.60 -39.19
N ASP GB 363 -37.43 50.79 -38.59
CA ASP GB 363 -38.87 50.92 -38.76
C ASP GB 363 -39.57 51.70 -37.64
N TYR GB 364 -38.96 51.82 -36.44
CA TYR GB 364 -39.61 52.48 -35.30
C TYR GB 364 -38.77 53.59 -34.66
N SER GB 365 -37.57 53.85 -35.18
CA SER GB 365 -36.59 54.71 -34.52
C SER GB 365 -36.14 55.87 -35.43
N PRO GB 366 -35.79 57.06 -34.88
CA PRO GB 366 -35.26 58.16 -35.69
C PRO GB 366 -33.78 58.04 -36.06
N PHE GB 367 -33.09 56.99 -35.58
CA PHE GB 367 -31.66 56.80 -35.77
C PHE GB 367 -31.31 56.07 -37.08
N ASP GB 368 -30.03 56.16 -37.49
CA ASP GB 368 -29.50 55.46 -38.65
C ASP GB 368 -29.33 53.96 -38.36
N HIS GB 369 -30.14 53.11 -39.02
CA HIS GB 369 -30.07 51.67 -38.84
C HIS GB 369 -28.79 51.02 -39.40
N GLU GB 370 -28.08 51.74 -40.27
CA GLU GB 370 -26.79 51.26 -40.81
C GLU GB 370 -25.62 51.46 -39.83
N ALA GB 371 -25.88 52.04 -38.65
CA ALA GB 371 -24.86 52.23 -37.61
C ALA GB 371 -24.25 50.90 -37.13
N ASP GB 372 -23.00 50.96 -36.65
CA ASP GB 372 -22.28 49.82 -36.10
C ASP GB 372 -22.78 49.44 -34.70
N ILE GB 373 -23.99 48.88 -34.63
CA ILE GB 373 -24.51 48.21 -33.45
C ILE GB 373 -23.75 46.90 -33.27
N ARG GB 374 -23.39 46.57 -32.03
CA ARG GB 374 -22.91 45.26 -31.62
C ARG GB 374 -23.65 44.84 -30.35
N LEU GB 375 -24.01 43.56 -30.26
CA LEU GB 375 -24.47 42.97 -29.01
C LEU GB 375 -23.41 41.97 -28.55
N GLU GB 376 -22.79 42.21 -27.39
CA GLU GB 376 -21.86 41.24 -26.81
C GLU GB 376 -22.53 40.48 -25.68
N ILE GB 377 -22.24 39.18 -25.61
CA ILE GB 377 -22.71 38.32 -24.53
C ILE GB 377 -21.51 38.03 -23.63
N ASN GB 378 -21.71 38.10 -22.31
CA ASN GB 378 -20.63 37.94 -21.35
C ASN GB 378 -20.04 36.53 -21.33
N ASP GB 379 -18.75 36.43 -20.97
CA ASP GB 379 -18.06 35.17 -20.75
C ASP GB 379 -18.47 34.57 -19.39
N PRO GB 380 -19.12 33.37 -19.34
CA PRO GB 380 -19.53 32.76 -18.08
C PRO GB 380 -18.40 32.33 -17.15
N LEU GB 381 -17.20 32.09 -17.71
CA LEU GB 381 -16.09 31.49 -16.96
C LEU GB 381 -14.96 32.49 -16.72
N GLU GB 382 -15.19 33.78 -16.99
CA GLU GB 382 -14.25 34.87 -16.70
C GLU GB 382 -13.97 34.99 -15.21
N ASP GB 383 -12.69 35.11 -14.84
CA ASP GB 383 -12.27 35.34 -13.46
C ASP GB 383 -11.83 36.78 -13.28
N ILE GB 384 -12.58 37.56 -12.48
CA ILE GB 384 -12.27 38.97 -12.25
C ILE GB 384 -10.92 39.13 -11.53
N GLY GB 385 -10.52 38.15 -10.70
CA GLY GB 385 -9.21 38.15 -10.06
C GLY GB 385 -8.04 38.05 -11.06
N GLU GB 386 -8.24 37.32 -12.16
CA GLU GB 386 -7.25 37.25 -13.23
C GLU GB 386 -7.19 38.58 -14.00
N VAL GB 387 -8.36 39.19 -14.24
CA VAL GB 387 -8.45 40.50 -14.89
C VAL GB 387 -7.80 41.58 -14.02
N ALA GB 388 -7.98 41.51 -12.70
CA ALA GB 388 -7.35 42.44 -11.76
C ALA GB 388 -5.83 42.34 -11.81
N ASP GB 389 -5.30 41.11 -11.82
CA ASP GB 389 -3.87 40.90 -12.01
C ASP GB 389 -3.41 41.53 -13.32
N LEU GB 390 -4.12 41.29 -14.43
CA LEU GB 390 -3.78 41.85 -15.73
C LEU GB 390 -3.72 43.38 -15.68
N ILE GB 391 -4.74 44.02 -15.07
CA ILE GB 391 -4.80 45.47 -14.93
C ILE GB 391 -3.61 45.99 -14.13
N GLN GB 392 -3.21 45.31 -13.04
CA GLN GB 392 -2.00 45.68 -12.31
C GLN GB 392 -0.74 45.52 -13.17
N GLN GB 393 -0.64 44.45 -13.96
CA GLN GB 393 0.57 44.14 -14.71
C GLN GB 393 0.80 45.10 -15.88
N VAL GB 394 -0.27 45.47 -16.62
CA VAL GB 394 -0.14 46.16 -17.91
C VAL GB 394 -1.14 47.31 -18.08
N GLY GB 395 -1.76 47.78 -17.00
CA GLY GB 395 -2.63 48.95 -16.99
C GLY GB 395 -1.99 50.19 -17.64
N ASP GB 396 -0.66 50.32 -17.55
CA ASP GB 396 0.11 51.43 -18.12
C ASP GB 396 -0.09 51.59 -19.64
N TYR GB 397 -0.55 50.54 -20.32
CA TYR GB 397 -0.76 50.52 -21.76
C TYR GB 397 -2.24 50.58 -22.15
N MET GB 398 -3.14 50.75 -21.17
CA MET GB 398 -4.59 50.74 -21.39
C MET GB 398 -5.22 52.08 -21.00
N THR GB 399 -6.07 52.63 -21.87
CA THR GB 399 -6.87 53.80 -21.50
C THR GB 399 -7.85 53.46 -20.39
N ASN GB 400 -8.24 54.46 -19.62
CA ASN GB 400 -9.18 54.26 -18.53
C ASN GB 400 -10.51 53.67 -18.99
N GLU GB 401 -10.95 53.99 -20.21
CA GLU GB 401 -12.13 53.35 -20.80
C GLU GB 401 -11.89 51.87 -21.10
N GLN GB 402 -10.74 51.50 -21.68
CA GLN GB 402 -10.41 50.10 -21.92
C GLN GB 402 -10.35 49.32 -20.60
N VAL GB 403 -9.77 49.91 -19.55
CA VAL GB 403 -9.76 49.31 -18.22
C VAL GB 403 -11.18 49.13 -17.70
N ALA GB 404 -12.01 50.19 -17.75
CA ALA GB 404 -13.39 50.13 -17.28
C ALA GB 404 -14.21 49.07 -18.02
N GLU GB 405 -13.97 48.91 -19.33
CA GLU GB 405 -14.61 47.89 -20.14
C GLU GB 405 -14.20 46.48 -19.69
N LYS GB 406 -12.90 46.22 -19.52
CA LYS GB 406 -12.41 44.93 -19.02
C LYS GB 406 -12.95 44.61 -17.63
N LEU GB 407 -12.97 45.62 -16.76
CA LEU GB 407 -13.43 45.51 -15.38
C LEU GB 407 -14.95 45.48 -15.24
N ASP GB 408 -15.69 45.59 -16.36
CA ASP GB 408 -17.16 45.57 -16.41
C ASP GB 408 -17.81 46.67 -15.58
N LEU GB 409 -17.31 47.91 -15.74
CA LEU GB 409 -17.83 49.11 -15.09
C LEU GB 409 -18.21 50.17 -16.13
N PRO GB 410 -19.12 51.11 -15.81
CA PRO GB 410 -19.33 52.30 -16.65
C PRO GB 410 -18.03 53.08 -16.79
N ALA GB 411 -17.69 53.44 -18.03
CA ALA GB 411 -16.53 54.28 -18.35
C ALA GB 411 -16.66 55.66 -17.70
N PRO GB 412 -15.55 56.40 -17.44
CA PRO GB 412 -15.61 57.71 -16.81
C PRO GB 412 -16.46 58.73 -17.58
N GLU GB 413 -17.25 59.52 -16.83
CA GLU GB 413 -18.16 60.53 -17.38
C GLU GB 413 -17.43 61.82 -17.76
N ASP GB 414 -16.17 61.69 -18.19
CA ASP GB 414 -15.32 62.81 -18.58
C ASP GB 414 -14.29 62.30 -19.59
N ASP GB 415 -14.37 62.76 -20.83
CA ASP GB 415 -13.71 62.11 -21.96
C ASP GB 415 -12.17 62.15 -21.85
N GLU GB 416 -11.60 63.23 -21.30
CA GLU GB 416 -10.16 63.33 -21.19
C GLU GB 416 -9.62 62.28 -20.22
N VAL GB 417 -10.28 62.08 -19.08
CA VAL GB 417 -9.84 61.06 -18.15
C VAL GB 417 -10.16 59.67 -18.69
N ALA GB 418 -11.28 59.49 -19.40
CA ALA GB 418 -11.61 58.20 -20.02
C ALA GB 418 -10.55 57.78 -21.05
N ASP GB 419 -10.11 58.71 -21.90
CA ASP GB 419 -9.19 58.46 -23.01
C ASP GB 419 -7.72 58.42 -22.57
N SER GB 420 -7.39 59.03 -21.43
CA SER GB 420 -6.04 58.97 -20.86
C SER GB 420 -5.68 57.55 -20.37
N TYR GB 421 -4.38 57.33 -20.16
CA TYR GB 421 -3.81 56.03 -19.82
C TYR GB 421 -3.56 55.83 -18.33
N ARG GB 422 -3.03 56.84 -17.62
CA ARG GB 422 -2.81 56.70 -16.19
C ARG GB 422 -4.13 56.82 -15.42
N SER GB 423 -4.22 56.19 -14.23
CA SER GB 423 -5.49 55.96 -13.55
C SER GB 423 -6.20 57.27 -13.20
N PRO GB 424 -7.55 57.29 -13.11
CA PRO GB 424 -8.27 58.48 -12.69
C PRO GB 424 -7.89 58.92 -11.28
N ALA GB 425 -7.62 57.99 -10.37
CA ALA GB 425 -7.12 58.35 -9.04
C ALA GB 425 -5.79 59.11 -9.09
N ASP GB 426 -4.87 58.73 -10.00
CA ASP GB 426 -3.59 59.41 -10.18
C ASP GB 426 -3.78 60.82 -10.77
N MET GB 427 -4.78 61.00 -11.62
CA MET GB 427 -5.08 62.34 -12.14
C MET GB 427 -5.77 63.21 -11.09
N GLU GB 428 -6.67 62.64 -10.28
CA GLU GB 428 -7.31 63.37 -9.19
C GLU GB 428 -6.30 63.84 -8.14
N LYS GB 429 -5.35 62.99 -7.72
CA LYS GB 429 -4.34 63.39 -6.74
C LYS GB 429 -3.40 64.47 -7.30
N ASP GB 430 -3.14 64.47 -8.62
CA ASP GB 430 -2.34 65.50 -9.28
C ASP GB 430 -3.11 66.81 -9.45
N GLU GB 431 -4.42 66.75 -9.72
CA GLU GB 431 -5.28 67.93 -9.73
C GLU GB 431 -5.31 68.57 -8.34
N ALA GB 432 -5.50 67.76 -7.29
CA ALA GB 432 -5.42 68.19 -5.90
C ALA GB 432 -4.02 68.71 -5.54
N GLY GB 433 -2.97 68.27 -6.25
CA GLY GB 433 -1.61 68.75 -6.11
C GLY GB 433 -1.39 70.20 -6.57
N VAL GB 434 -2.32 70.77 -7.36
CA VAL GB 434 -2.28 72.17 -7.79
C VAL GB 434 -2.50 73.08 -6.56
N ALA HB 31 13.74 29.54 -68.02
CA ALA HB 31 12.72 28.53 -67.58
C ALA HB 31 11.50 28.62 -68.50
N SER HB 32 10.28 28.43 -67.94
CA SER HB 32 9.05 28.38 -68.73
C SER HB 32 7.91 29.16 -68.05
N SER HB 33 6.94 29.59 -68.86
CA SER HB 33 5.72 30.26 -68.38
C SER HB 33 4.55 29.29 -68.16
N THR HB 34 4.79 27.98 -68.37
CA THR HB 34 3.86 26.89 -68.04
C THR HB 34 4.66 25.72 -67.46
N PRO HB 35 4.07 24.92 -66.53
CA PRO HB 35 4.80 23.83 -65.90
C PRO HB 35 5.02 22.67 -66.87
N GLN HB 36 6.24 22.14 -66.88
CA GLN HB 36 6.59 21.00 -67.74
C GLN HB 36 6.50 19.65 -67.02
N THR HB 37 6.40 19.65 -65.68
CA THR HB 37 6.13 18.43 -64.93
C THR HB 37 4.64 18.09 -64.94
N ASN HB 38 4.32 16.81 -65.15
CA ASN HB 38 2.95 16.29 -65.15
C ASN HB 38 2.45 16.00 -63.72
N VAL HB 39 1.14 15.66 -63.55
CA VAL HB 39 0.48 15.70 -62.23
C VAL HB 39 -0.49 14.54 -61.93
N ASP HB 40 -0.32 13.37 -62.56
CA ASP HB 40 -0.75 12.10 -61.97
C ASP HB 40 -2.26 11.91 -61.75
N SER HB 41 -3.16 12.74 -62.34
CA SER HB 41 -4.51 12.90 -61.79
C SER HB 41 -5.68 12.94 -62.79
N MET HB 42 -5.69 12.05 -63.79
CA MET HB 42 -6.86 11.86 -64.65
C MET HB 42 -8.00 11.11 -63.93
N GLY HB 43 -9.26 11.29 -64.41
CA GLY HB 43 -10.39 10.50 -63.93
C GLY HB 43 -11.78 10.84 -64.48
N GLY HB 44 -12.66 9.83 -64.48
CA GLY HB 44 -14.12 9.97 -64.54
C GLY HB 44 -14.72 10.35 -65.91
N GLY HB 45 -14.80 11.67 -66.15
CA GLY HB 45 -15.76 12.22 -67.11
C GLY HB 45 -17.15 12.40 -66.47
N HIS HB 46 -18.22 12.16 -67.25
CA HIS HB 46 -19.60 12.31 -66.76
C HIS HB 46 -19.97 11.21 -65.77
N SER HB 47 -19.52 9.96 -66.02
CA SER HB 47 -19.84 8.80 -65.20
C SER HB 47 -19.00 8.72 -63.93
N TYR HB 48 -19.50 7.98 -62.93
CA TYR HB 48 -18.74 7.52 -61.77
C TYR HB 48 -17.49 6.74 -62.19
N GLN HB 49 -16.37 6.95 -61.48
CA GLN HB 49 -15.25 6.00 -61.50
C GLN HB 49 -14.67 5.88 -60.10
N PHE HB 50 -14.33 4.64 -59.67
CA PHE HB 50 -13.52 4.43 -58.46
C PHE HB 50 -12.06 4.79 -58.76
N ASN HB 51 -11.82 6.10 -58.91
CA ASN HB 51 -10.62 6.67 -59.48
C ASN HB 51 -9.48 6.80 -58.47
N GLY HB 52 -9.79 7.15 -57.22
CA GLY HB 52 -8.79 7.34 -56.17
C GLY HB 52 -8.25 8.78 -56.06
N GLN HB 53 -8.00 9.44 -57.20
CA GLN HB 53 -7.60 10.86 -57.23
C GLN HB 53 -8.83 11.75 -57.14
N ASP HB 54 -9.86 11.47 -57.95
CA ASP HB 54 -11.17 12.10 -57.86
C ASP HB 54 -12.00 11.55 -56.69
N LEU HB 55 -13.01 12.33 -56.28
CA LEU HB 55 -14.03 11.93 -55.31
C LEU HB 55 -15.41 12.20 -55.89
N THR HB 56 -16.34 11.26 -55.67
CA THR HB 56 -17.70 11.31 -56.23
C THR HB 56 -18.64 12.08 -55.31
N PHE HB 57 -19.83 12.45 -55.84
CA PHE HB 57 -20.88 13.01 -55.02
C PHE HB 57 -21.30 12.08 -53.87
N GLU HB 58 -21.18 10.75 -54.06
CA GLU HB 58 -21.43 9.80 -52.98
C GLU HB 58 -20.38 9.92 -51.86
N ASP HB 59 -19.09 9.97 -52.21
CA ASP HB 59 -18.02 10.13 -51.24
C ASP HB 59 -18.17 11.44 -50.46
N LEU HB 60 -18.57 12.51 -51.16
CA LEU HB 60 -18.85 13.80 -50.56
C LEU HB 60 -20.06 13.73 -49.61
N ARG HB 61 -21.13 13.03 -50.00
CA ARG HB 61 -22.28 12.86 -49.12
C ARG HB 61 -22.03 11.90 -47.96
N ASP HB 62 -21.01 11.03 -48.07
CA ASP HB 62 -20.52 10.26 -46.94
C ASP HB 62 -19.92 11.19 -45.87
N ILE HB 63 -19.13 12.19 -46.28
CA ILE HB 63 -18.58 13.18 -45.35
C ILE HB 63 -19.72 13.95 -44.67
N LYS HB 64 -20.73 14.37 -45.45
CA LYS HB 64 -21.94 15.01 -44.94
C LYS HB 64 -22.62 14.15 -43.87
N ASP HB 65 -22.73 12.83 -44.11
CA ASP HB 65 -23.31 11.90 -43.16
C ASP HB 65 -22.48 11.77 -41.87
N VAL HB 66 -21.13 11.70 -41.94
CA VAL HB 66 -20.32 11.71 -40.73
C VAL HB 66 -20.50 13.02 -39.94
N ARG HB 67 -20.61 14.16 -40.64
CA ARG HB 67 -20.78 15.48 -40.03
C ARG HB 67 -22.12 15.63 -39.30
N ASP HB 68 -23.21 15.11 -39.87
CA ASP HB 68 -24.55 15.30 -39.31
C ASP HB 68 -25.06 14.14 -38.44
N SER HB 69 -24.44 12.94 -38.51
CA SER HB 69 -24.83 11.79 -37.69
C SER HB 69 -24.39 11.90 -36.22
N GLY HB 70 -23.56 12.90 -35.88
CA GLY HB 70 -23.34 13.29 -34.49
C GLY HB 70 -22.46 12.32 -33.69
N GLY HB 71 -22.64 12.35 -32.37
CA GLY HB 71 -21.85 11.56 -31.44
C GLY HB 71 -20.40 12.05 -31.31
N GLN HB 72 -19.56 11.20 -30.71
CA GLN HB 72 -18.21 11.57 -30.30
C GLN HB 72 -17.34 11.98 -31.49
N VAL HB 73 -17.47 11.25 -32.62
CA VAL HB 73 -16.72 11.51 -33.85
C VAL HB 73 -16.97 12.93 -34.36
N ALA HB 74 -18.25 13.32 -34.46
CA ALA HB 74 -18.63 14.65 -34.91
C ALA HB 74 -18.10 15.73 -33.96
N GLN HB 75 -18.24 15.53 -32.65
CA GLN HB 75 -17.79 16.52 -31.69
C GLN HB 75 -16.26 16.71 -31.74
N LEU HB 76 -15.48 15.64 -31.93
CA LEU HB 76 -14.04 15.78 -32.08
C LEU HB 76 -13.68 16.63 -33.30
N MET HB 77 -14.32 16.40 -34.44
CA MET HB 77 -14.04 17.18 -35.63
C MET HB 77 -14.52 18.65 -35.49
N ASP HB 78 -15.62 18.90 -34.77
CA ASP HB 78 -16.03 20.24 -34.38
C ASP HB 78 -15.01 20.91 -33.45
N TYR HB 79 -14.46 20.18 -32.46
CA TYR HB 79 -13.37 20.71 -31.64
C TYR HB 79 -12.14 21.05 -32.50
N LYS HB 80 -11.83 20.23 -33.51
CA LYS HB 80 -10.74 20.53 -34.43
C LYS HB 80 -10.99 21.84 -35.17
N ALA HB 81 -12.21 22.07 -35.67
CA ALA HB 81 -12.58 23.33 -36.31
C ALA HB 81 -12.46 24.52 -35.35
N LEU HB 82 -13.00 24.38 -34.13
CA LEU HB 82 -12.95 25.43 -33.12
C LEU HB 82 -11.51 25.77 -32.72
N LEU HB 83 -10.61 24.78 -32.60
CA LEU HB 83 -9.21 25.07 -32.36
C LEU HB 83 -8.59 25.86 -33.52
N ASN HB 84 -8.77 25.41 -34.75
CA ASN HB 84 -8.09 26.04 -35.88
C ASN HB 84 -8.59 27.46 -36.17
N PHE HB 85 -9.90 27.72 -35.99
CA PHE HB 85 -10.54 28.90 -36.54
C PHE HB 85 -11.50 29.62 -35.59
N GLY HB 86 -11.70 29.12 -34.37
CA GLY HB 86 -12.70 29.65 -33.45
C GLY HB 86 -12.32 30.98 -32.77
N GLU HB 87 -11.03 31.31 -32.71
CA GLU HB 87 -10.55 32.44 -31.91
C GLU HB 87 -10.59 33.78 -32.67
N GLY HB 88 -11.11 33.79 -33.90
CA GLY HB 88 -11.27 35.02 -34.67
C GLY HB 88 -9.98 35.48 -35.35
N CYS HB 89 -10.02 36.69 -35.93
CA CYS HB 89 -9.01 37.10 -36.89
C CYS HB 89 -8.78 38.63 -36.88
N GLU HB 90 -7.68 39.04 -37.53
CA GLU HB 90 -7.34 40.45 -37.71
C GLU HB 90 -6.77 40.69 -39.10
N ILE HB 91 -7.17 41.81 -39.74
CA ILE HB 91 -6.68 42.19 -41.05
C ILE HB 91 -5.58 43.23 -40.88
N HIS HB 92 -4.45 42.99 -41.54
CA HIS HB 92 -3.31 43.91 -41.56
C HIS HB 92 -2.98 44.28 -43.00
N VAL HB 93 -2.51 45.51 -43.21
CA VAL HB 93 -1.90 45.90 -44.47
C VAL HB 93 -0.58 46.61 -44.15
N GLU HB 94 0.52 46.22 -44.80
CA GLU HB 94 1.78 46.95 -44.62
C GLU HB 94 1.71 48.31 -45.32
N GLY HB 95 2.11 49.39 -44.64
CA GLY HB 95 1.98 50.75 -45.14
C GLY HB 95 0.52 51.20 -45.32
N ASP HB 96 -0.39 50.71 -44.46
CA ASP HB 96 -1.81 50.99 -44.52
C ASP HB 96 -2.13 52.49 -44.52
N ASP HB 97 -1.38 53.29 -43.74
CA ASP HB 97 -1.55 54.74 -43.65
C ASP HB 97 -1.35 55.44 -45.01
N GLU HB 98 -0.44 54.91 -45.84
CA GLU HB 98 -0.15 55.46 -47.15
C GLU HB 98 -1.32 55.28 -48.13
N THR HB 99 -2.29 54.42 -47.79
CA THR HB 99 -3.43 54.14 -48.64
C THR HB 99 -4.57 55.16 -48.50
N LYS HB 100 -4.48 56.08 -47.51
CA LYS HB 100 -5.54 57.05 -47.21
C LYS HB 100 -6.13 57.71 -48.47
N GLN HB 101 -7.43 57.47 -48.70
CA GLN HB 101 -8.12 57.86 -49.93
C GLN HB 101 -9.59 58.17 -49.64
N LEU HB 102 -10.18 59.12 -50.38
CA LEU HB 102 -11.62 59.38 -50.29
C LEU HB 102 -12.39 58.31 -51.05
N VAL HB 103 -13.22 57.53 -50.34
CA VAL HB 103 -13.96 56.42 -50.93
C VAL HB 103 -15.34 56.89 -51.42
N ASP HB 104 -16.07 57.59 -50.55
CA ASP HB 104 -17.37 58.18 -50.86
C ASP HB 104 -17.55 59.46 -50.04
N GLY HB 105 -16.77 60.50 -50.42
CA GLY HB 105 -16.74 61.77 -49.71
C GLY HB 105 -16.20 61.67 -48.27
N GLU HB 106 -15.52 60.56 -47.95
CA GLU HB 106 -14.97 60.28 -46.63
C GLU HB 106 -13.68 59.48 -46.77
N PRO HB 107 -12.62 59.75 -45.94
CA PRO HB 107 -11.38 58.99 -46.00
C PRO HB 107 -11.48 57.55 -45.48
N MET HB 108 -10.74 56.65 -46.15
CA MET HB 108 -10.47 55.31 -45.64
C MET HB 108 -9.04 54.90 -45.99
N THR HB 109 -8.51 53.98 -45.18
CA THR HB 109 -7.40 53.12 -45.54
C THR HB 109 -7.91 51.80 -46.11
N LEU HB 110 -7.02 51.01 -46.72
CA LEU HB 110 -7.41 49.71 -47.24
C LEU HB 110 -7.90 48.79 -46.13
N SER HB 111 -7.24 48.78 -44.97
CA SER HB 111 -7.72 48.00 -43.83
C SER HB 111 -9.12 48.43 -43.40
N GLU HB 112 -9.38 49.74 -43.30
CA GLU HB 112 -10.73 50.22 -42.99
C GLU HB 112 -11.76 49.80 -44.03
N TRP HB 113 -11.42 49.86 -45.32
CA TRP HB 113 -12.32 49.42 -46.37
C TRP HB 113 -12.61 47.92 -46.27
N LEU HB 114 -11.57 47.10 -46.07
CA LEU HB 114 -11.71 45.65 -45.93
C LEU HB 114 -12.58 45.27 -44.73
N GLU HB 115 -12.41 45.94 -43.59
CA GLU HB 115 -13.24 45.71 -42.41
C GLU HB 115 -14.71 46.11 -42.64
N ASP HB 116 -15.00 47.00 -43.58
CA ASP HB 116 -16.37 47.28 -43.99
C ASP HB 116 -16.87 46.28 -45.04
N ALA HB 117 -15.98 45.81 -45.93
CA ALA HB 117 -16.30 44.83 -46.96
C ALA HB 117 -16.64 43.47 -46.35
N PHE HB 118 -15.93 43.08 -45.28
CA PHE HB 118 -16.15 41.84 -44.54
C PHE HB 118 -16.39 42.14 -43.06
N PRO HB 119 -17.63 42.54 -42.66
CA PRO HB 119 -17.90 42.96 -41.28
C PRO HB 119 -17.76 41.84 -40.26
N HIS HB 120 -18.15 40.61 -40.67
CA HIS HB 120 -18.25 39.47 -39.77
C HIS HB 120 -17.28 38.35 -40.19
N LEU HB 121 -16.07 38.74 -40.58
CA LEU HB 121 -15.08 37.83 -41.14
C LEU HB 121 -14.77 36.68 -40.18
N ASP HB 122 -14.85 36.91 -38.87
CA ASP HB 122 -14.63 35.88 -37.86
C ASP HB 122 -15.56 34.67 -38.01
N LEU HB 123 -16.85 34.92 -38.31
CA LEU HB 123 -17.81 33.83 -38.54
C LEU HB 123 -17.50 33.11 -39.85
N LEU HB 124 -17.20 33.87 -40.90
CA LEU HB 124 -16.86 33.30 -42.19
C LEU HB 124 -15.61 32.41 -42.08
N VAL HB 125 -14.57 32.89 -41.39
CA VAL HB 125 -13.34 32.13 -41.13
C VAL HB 125 -13.64 30.82 -40.41
N LEU HB 126 -14.47 30.84 -39.35
CA LEU HB 126 -14.82 29.62 -38.65
C LEU HB 126 -15.62 28.64 -39.52
N ASP HB 127 -16.60 29.15 -40.26
CA ASP HB 127 -17.49 28.33 -41.07
C ASP HB 127 -16.78 27.73 -42.29
N LEU HB 128 -16.04 28.55 -43.05
CA LEU HB 128 -15.21 28.07 -44.16
C LEU HB 128 -14.10 27.16 -43.66
N GLY HB 129 -13.39 27.58 -42.60
CA GLY HB 129 -12.26 26.81 -42.09
C GLY HB 129 -12.69 25.45 -41.54
N GLY HB 130 -13.85 25.39 -40.88
CA GLY HB 130 -14.46 24.13 -40.47
C GLY HB 130 -14.81 23.24 -41.66
N ASP HB 131 -15.50 23.79 -42.66
CA ASP HB 131 -15.89 23.04 -43.84
C ASP HB 131 -14.67 22.56 -44.64
N ALA HB 132 -13.60 23.35 -44.69
CA ALA HB 132 -12.33 22.97 -45.31
C ALA HB 132 -11.54 21.92 -44.51
N LEU HB 133 -11.87 21.66 -43.23
CA LEU HB 133 -11.32 20.53 -42.48
C LEU HB 133 -12.15 19.26 -42.67
N TRP HB 134 -13.48 19.39 -42.72
CA TRP HB 134 -14.39 18.29 -43.06
C TRP HB 134 -14.18 17.77 -44.48
N TYR HB 135 -14.50 18.61 -45.47
CA TYR HB 135 -14.45 18.30 -46.89
C TYR HB 135 -13.04 18.56 -47.43
N PRO HB 136 -12.70 18.19 -48.69
CA PRO HB 136 -11.39 18.50 -49.25
C PRO HB 136 -11.14 20.01 -49.38
N TYR HB 137 -12.22 20.79 -49.55
CA TYR HB 137 -12.16 22.23 -49.79
C TYR HB 137 -13.39 22.93 -49.19
N ALA HB 138 -13.24 24.21 -48.85
CA ALA HB 138 -14.34 25.16 -48.85
C ALA HB 138 -14.45 25.79 -50.23
N VAL HB 139 -15.66 26.18 -50.64
CA VAL HB 139 -15.90 26.71 -51.99
C VAL HB 139 -17.05 27.73 -51.92
N GLY HB 140 -17.04 28.75 -52.78
CA GLY HB 140 -18.07 29.77 -52.74
C GLY HB 140 -18.03 30.78 -53.90
N GLU HB 141 -19.04 31.65 -53.91
CA GLU HB 141 -19.22 32.71 -54.90
C GLU HB 141 -18.66 34.05 -54.40
N ILE HB 142 -18.55 35.03 -55.31
CA ILE HB 142 -18.57 36.44 -54.98
C ILE HB 142 -19.93 37.00 -55.41
N GLN HB 143 -20.55 37.85 -54.57
CA GLN HB 143 -21.85 38.44 -54.90
C GLN HB 143 -21.82 39.98 -54.89
N GLU HB 144 -22.71 40.55 -55.70
CA GLU HB 144 -22.87 42.00 -55.81
C GLU HB 144 -24.27 42.43 -55.39
N THR HB 145 -24.34 43.61 -54.78
CA THR HB 145 -25.57 44.39 -54.66
C THR HB 145 -26.13 44.69 -56.06
N ILE HB 146 -27.40 45.12 -56.15
CA ILE HB 146 -28.02 45.47 -57.43
C ILE HB 146 -27.27 46.63 -58.11
N THR HB 147 -26.80 47.61 -57.33
CA THR HB 147 -25.95 48.71 -57.78
C THR HB 147 -24.59 48.22 -58.31
N GLY HB 148 -24.19 46.98 -57.98
CA GLY HB 148 -22.96 46.36 -58.46
C GLY HB 148 -21.78 46.45 -57.48
N GLU HB 149 -21.97 47.16 -56.37
CA GLU HB 149 -21.01 47.16 -55.27
C GLU HB 149 -20.96 45.79 -54.60
N PHE HB 150 -19.84 45.44 -53.95
CA PHE HB 150 -19.67 44.16 -53.28
C PHE HB 150 -20.73 43.91 -52.19
N LYS HB 151 -21.30 42.69 -52.18
CA LYS HB 151 -22.25 42.24 -51.18
C LYS HB 151 -21.56 41.36 -50.13
N GLU HB 152 -21.19 40.14 -50.54
CA GLU HB 152 -20.50 39.17 -49.68
C GLU HB 152 -19.83 38.07 -50.51
N ALA HB 153 -18.90 37.33 -49.90
CA ALA HB 153 -18.34 36.11 -50.47
C ALA HB 153 -19.19 34.90 -50.08
N LEU HB 154 -20.38 34.74 -50.68
CA LEU HB 154 -21.34 33.73 -50.26
C LEU HB 154 -20.78 32.31 -50.42
N PRO HB 155 -20.63 31.50 -49.35
CA PRO HB 155 -20.17 30.12 -49.47
C PRO HB 155 -21.16 29.21 -50.20
N ALA HB 156 -20.65 28.07 -50.68
CA ALA HB 156 -21.44 27.04 -51.34
C ALA HB 156 -21.33 25.73 -50.55
N GLU HB 157 -22.36 24.88 -50.63
CA GLU HB 157 -22.42 23.65 -49.85
C GLU HB 157 -21.45 22.61 -50.44
N PRO HB 158 -20.32 22.30 -49.77
CA PRO HB 158 -19.17 21.69 -50.44
C PRO HB 158 -19.44 20.27 -50.96
N TRP HB 159 -20.32 19.51 -50.31
CA TRP HB 159 -20.66 18.17 -50.78
C TRP HB 159 -21.42 18.21 -52.11
N THR HB 160 -22.02 19.35 -52.47
CA THR HB 160 -22.76 19.48 -53.73
C THR HB 160 -21.83 19.68 -54.94
N LEU HB 161 -20.56 20.02 -54.74
CA LEU HB 161 -19.68 20.51 -55.80
C LEU HB 161 -18.39 19.69 -55.88
N MET HB 162 -17.96 19.37 -57.12
CA MET HB 162 -16.63 18.78 -57.34
C MET HB 162 -15.91 19.44 -58.52
N PRO HB 163 -14.57 19.59 -58.47
CA PRO HB 163 -13.84 20.23 -59.54
C PRO HB 163 -13.52 19.30 -60.71
N GLU HB 164 -13.42 19.89 -61.90
CA GLU HB 164 -12.81 19.29 -63.08
C GLU HB 164 -11.46 19.96 -63.31
N SER HB 165 -10.39 19.17 -63.47
CA SER HB 165 -9.03 19.68 -63.60
C SER HB 165 -8.36 19.16 -64.88
N ASP HB 166 -7.49 20.00 -65.47
CA ASP HB 166 -6.77 19.68 -66.70
C ASP HB 166 -5.53 18.78 -66.44
N ALA HB 167 -4.88 18.34 -67.53
CA ALA HB 167 -3.73 17.45 -67.50
C ALA HB 167 -2.47 18.06 -66.85
N GLN HB 168 -2.41 19.40 -66.73
CA GLN HB 168 -1.27 20.10 -66.11
C GLN HB 168 -1.58 20.61 -64.68
N GLY HB 169 -2.83 20.44 -64.21
CA GLY HB 169 -3.16 20.46 -62.79
C GLY HB 169 -4.18 21.50 -62.32
N LYS HB 170 -4.50 22.50 -63.14
CA LYS HB 170 -5.44 23.53 -62.71
C LYS HB 170 -6.89 23.07 -62.79
N VAL HB 171 -7.71 23.54 -61.85
CA VAL HB 171 -9.16 23.41 -61.92
C VAL HB 171 -9.68 24.36 -63.01
N GLN HB 172 -10.55 23.83 -63.89
CA GLN HB 172 -11.09 24.55 -65.04
C GLN HB 172 -12.61 24.76 -64.95
N ALA HB 173 -13.32 23.84 -64.28
CA ALA HB 173 -14.76 23.95 -64.08
C ALA HB 173 -15.18 23.28 -62.77
N TRP HB 174 -16.37 23.64 -62.28
CA TRP HB 174 -16.99 23.07 -61.10
C TRP HB 174 -18.32 22.41 -61.50
N HIS HB 175 -18.49 21.14 -61.12
CA HIS HB 175 -19.68 20.36 -61.40
C HIS HB 175 -20.52 20.26 -60.14
N GLN HB 176 -21.78 20.71 -60.18
CA GLN HB 176 -22.66 20.74 -59.02
C GLN HB 176 -23.85 19.77 -59.16
N ARG HB 177 -24.04 18.89 -58.16
CA ARG HB 177 -25.23 18.06 -58.00
C ARG HB 177 -25.97 18.40 -56.70
N THR HB 178 -27.28 18.71 -56.79
CA THR HB 178 -28.10 19.11 -55.64
C THR HB 178 -29.43 18.37 -55.64
N LYS HB 179 -29.87 17.91 -54.47
CA LYS HB 179 -31.10 17.13 -54.31
C LYS HB 179 -32.34 17.95 -54.62
N THR HB 180 -33.34 17.30 -55.23
CA THR HB 180 -34.68 17.81 -55.47
C THR HB 180 -35.68 16.66 -55.50
N HIS HB 181 -36.52 16.57 -54.44
CA HIS HB 181 -37.77 15.81 -54.41
C HIS HB 181 -37.63 14.36 -54.90
N GLY HB 182 -36.72 13.59 -54.29
CA GLY HB 182 -36.54 12.17 -54.61
C GLY HB 182 -35.54 11.89 -55.74
N GLY HB 183 -34.96 12.95 -56.32
CA GLY HB 183 -33.91 12.90 -57.33
C GLY HB 183 -32.95 14.09 -57.23
N TYR HB 184 -32.38 14.51 -58.38
CA TYR HB 184 -31.34 15.52 -58.41
C TYR HB 184 -31.48 16.52 -59.57
N GLN HB 185 -31.17 17.79 -59.28
CA GLN HB 185 -30.68 18.72 -60.29
C GLN HB 185 -29.17 18.50 -60.48
N THR HB 186 -28.65 18.92 -61.65
CA THR HB 186 -27.21 19.00 -61.90
C THR HB 186 -26.90 20.17 -62.84
N GLN HB 187 -25.74 20.82 -62.65
CA GLN HB 187 -25.29 21.93 -63.47
C GLN HB 187 -23.76 22.06 -63.41
N THR HB 188 -23.18 22.81 -64.37
CA THR HB 188 -21.74 23.08 -64.40
C THR HB 188 -21.48 24.58 -64.41
N LEU HB 189 -20.40 25.00 -63.72
CA LEU HB 189 -19.99 26.38 -63.58
C LEU HB 189 -18.51 26.53 -63.94
N PRO HB 190 -18.07 27.68 -64.52
CA PRO HB 190 -16.65 27.88 -64.82
C PRO HB 190 -15.86 28.11 -63.54
N ALA HB 191 -14.58 27.71 -63.53
CA ALA HB 191 -13.67 28.00 -62.44
C ALA HB 191 -13.20 29.47 -62.50
N ASP HB 192 -14.17 30.40 -62.52
CA ASP HB 192 -13.93 31.81 -62.81
C ASP HB 192 -14.54 32.71 -61.74
N ASP HB 193 -15.86 32.59 -61.54
CA ASP HB 193 -16.63 33.39 -60.58
C ASP HB 193 -16.93 32.64 -59.26
N LEU HB 194 -16.46 31.39 -59.16
CA LEU HB 194 -16.25 30.71 -57.88
C LEU HB 194 -14.80 30.89 -57.40
N TRP HB 195 -14.61 30.65 -56.09
CA TRP HB 195 -13.32 30.51 -55.44
C TRP HB 195 -13.37 29.28 -54.53
N HIP HB 196 -12.20 28.71 -54.22
CA HIP HB 196 -12.10 27.55 -53.36
CB HIP HB 196 -12.21 26.30 -54.25
CG HIP HB 196 -10.94 25.78 -54.84
CD2 HIP HB 196 -10.27 24.67 -54.43
NE2 HIP HB 196 -9.23 24.43 -55.30
CE1 HIP HB 196 -9.24 25.39 -56.22
ND1 HIP HB 196 -10.29 26.29 -56.03
P HIP HB 196 -10.70 27.55 -57.12
O1P HIP HB 196 -12.10 27.26 -57.56
O2P HIP HB 196 -9.71 27.39 -58.23
O3P HIP HB 196 -10.55 28.85 -56.37
C HIP HB 196 -10.81 27.59 -52.53
O HIP HB 196 -9.82 28.18 -52.93
N ILE HB 197 -10.82 26.91 -51.37
CA ILE HB 197 -9.71 26.89 -50.43
C ILE HB 197 -9.48 25.45 -49.99
N VAL HB 198 -8.22 24.99 -50.04
CA VAL HB 198 -7.83 23.64 -49.65
C VAL HB 198 -6.86 23.73 -48.47
N ILE HB 199 -7.19 23.08 -47.34
CA ILE HB 199 -6.28 23.01 -46.20
C ILE HB 199 -5.36 21.80 -46.29
N ASN HB 200 -5.92 20.62 -46.62
CA ASN HB 200 -5.20 19.35 -46.63
C ASN HB 200 -4.91 18.91 -48.08
N LYS HB 201 -3.63 18.64 -48.39
CA LYS HB 201 -3.16 18.37 -49.75
C LYS HB 201 -2.38 17.06 -49.83
N ALA HB 202 -2.54 16.35 -50.96
CA ALA HB 202 -1.74 15.17 -51.28
C ALA HB 202 -0.29 15.54 -51.61
N SER HB 203 -0.09 16.71 -52.24
CA SER HB 203 1.22 17.24 -52.61
C SER HB 203 1.17 18.77 -52.62
N ALA HB 204 2.35 19.41 -52.66
CA ALA HB 204 2.40 20.87 -52.77
C ALA HB 204 1.81 21.40 -54.08
N ARG HB 205 1.66 20.54 -55.11
CA ARG HB 205 1.10 20.87 -56.43
C ARG HB 205 -0.39 20.52 -56.55
N ASP HB 206 -1.00 19.95 -55.50
CA ASP HB 206 -2.39 19.53 -55.45
C ASP HB 206 -3.35 20.72 -55.35
N GLU HB 207 -4.30 20.84 -56.31
CA GLU HB 207 -5.30 21.91 -56.33
C GLU HB 207 -6.69 21.42 -55.90
N VAL HB 208 -6.83 20.17 -55.41
CA VAL HB 208 -8.13 19.55 -55.10
C VAL HB 208 -8.20 19.03 -53.65
N GLY HB 209 -7.09 18.56 -53.09
CA GLY HB 209 -7.01 18.26 -51.67
C GLY HB 209 -7.63 16.93 -51.22
N ILE HB 210 -7.62 16.71 -49.90
CA ILE HB 210 -7.98 15.46 -49.24
C ILE HB 210 -8.98 15.76 -48.10
N SER HB 211 -10.06 14.97 -47.97
CA SER HB 211 -10.85 14.98 -46.76
C SER HB 211 -10.18 14.14 -45.67
N GLU HB 212 -9.88 14.74 -44.51
CA GLU HB 212 -9.35 14.00 -43.37
C GLU HB 212 -10.32 12.92 -42.86
N VAL HB 213 -11.63 13.09 -43.11
CA VAL HB 213 -12.62 12.06 -42.81
C VAL HB 213 -12.37 10.83 -43.69
N LEU HB 214 -12.35 10.98 -45.02
CA LEU HB 214 -12.19 9.83 -45.89
C LEU HB 214 -10.79 9.23 -45.81
N ARG HB 215 -9.77 10.05 -45.50
CA ARG HB 215 -8.42 9.58 -45.19
C ARG HB 215 -8.41 8.61 -44.01
N ASN HB 216 -9.33 8.78 -43.04
CA ASN HB 216 -9.39 7.99 -41.82
C ASN HB 216 -10.69 7.20 -41.65
N LYS HB 217 -11.41 6.92 -42.76
CA LYS HB 217 -12.72 6.26 -42.75
C LYS HB 217 -12.68 4.92 -42.02
N ASP HB 218 -11.62 4.15 -42.23
CA ASP HB 218 -11.40 2.87 -41.55
C ASP HB 218 -11.28 3.04 -40.04
N GLU HB 219 -10.59 4.08 -39.56
CA GLU HB 219 -10.46 4.35 -38.13
C GLU HB 219 -11.82 4.74 -37.52
N ILE HB 220 -12.60 5.52 -38.25
CA ILE HB 220 -13.93 5.94 -37.83
C ILE HB 220 -14.87 4.74 -37.72
N GLN HB 221 -14.87 3.84 -38.71
CA GLN HB 221 -15.69 2.65 -38.63
C GLN HB 221 -15.21 1.68 -37.56
N ALA HB 222 -13.88 1.56 -37.34
CA ALA HB 222 -13.34 0.77 -36.24
C ALA HB 222 -13.87 1.27 -34.89
N PHE HB 223 -13.88 2.60 -34.69
CA PHE HB 223 -14.45 3.22 -33.51
C PHE HB 223 -15.94 2.86 -33.36
N LYS HB 224 -16.74 3.14 -34.39
CA LYS HB 224 -18.19 2.90 -34.35
C LYS HB 224 -18.56 1.42 -34.11
N GLN HB 225 -17.79 0.48 -34.67
CA GLN HB 225 -18.01 -0.94 -34.47
C GLN HB 225 -17.72 -1.35 -33.03
N ASN HB 226 -16.58 -0.94 -32.46
CA ASN HB 226 -16.26 -1.28 -31.08
C ASN HB 226 -17.27 -0.69 -30.10
N GLU HB 227 -17.73 0.55 -30.34
CA GLU HB 227 -18.80 1.16 -29.56
C GLU HB 227 -20.09 0.33 -29.57
N ALA HB 228 -20.52 -0.15 -30.74
CA ALA HB 228 -21.69 -1.01 -30.85
C ALA HB 228 -21.49 -2.34 -30.12
N ALA HB 229 -20.30 -2.95 -30.27
CA ALA HB 229 -19.95 -4.20 -29.61
C ALA HB 229 -19.98 -4.09 -28.09
N ILE HB 230 -19.41 -3.00 -27.53
CA ILE HB 230 -19.46 -2.74 -26.10
C ILE HB 230 -20.91 -2.56 -25.64
N ASN HB 231 -21.69 -1.72 -26.32
CA ASN HB 231 -23.06 -1.45 -25.94
C ASN HB 231 -23.88 -2.74 -25.83
N GLN HB 232 -23.76 -3.63 -26.82
CA GLN HB 232 -24.43 -4.92 -26.81
C GLN HB 232 -23.89 -5.85 -25.73
N ALA HB 233 -22.58 -5.84 -25.47
CA ALA HB 233 -22.00 -6.64 -24.41
C ALA HB 233 -22.48 -6.19 -23.03
N ILE HB 234 -22.63 -4.88 -22.77
CA ILE HB 234 -23.20 -4.38 -21.52
C ILE HB 234 -24.64 -4.87 -21.35
N GLU HB 235 -25.46 -4.85 -22.41
CA GLU HB 235 -26.84 -5.32 -22.36
C GLU HB 235 -26.93 -6.80 -21.95
N LEU HB 236 -26.02 -7.65 -22.45
CA LEU HB 236 -26.04 -9.08 -22.19
C LEU HB 236 -25.32 -9.47 -20.90
N HIS HB 237 -24.19 -8.83 -20.60
CA HIS HB 237 -23.22 -9.30 -19.63
C HIS HB 237 -22.99 -8.31 -18.48
N GLY HB 238 -23.42 -7.06 -18.63
CA GLY HB 238 -23.20 -6.03 -17.62
C GLY HB 238 -24.04 -6.21 -16.35
N PHE HB 239 -25.14 -6.97 -16.44
CA PHE HB 239 -26.11 -7.13 -15.37
C PHE HB 239 -26.29 -8.61 -15.05
N PRO HB 240 -26.44 -9.00 -13.77
CA PRO HB 240 -26.71 -10.40 -13.45
C PRO HB 240 -28.12 -10.78 -13.91
N GLN HB 241 -28.35 -12.08 -14.11
CA GLN HB 241 -29.65 -12.60 -14.53
C GLN HB 241 -29.98 -13.84 -13.70
N ARG HB 242 -31.26 -14.02 -13.36
CA ARG HB 242 -31.68 -15.13 -12.53
C ARG HB 242 -31.92 -16.38 -13.38
N HIP HB 243 -31.41 -17.53 -12.93
CA HIP HB 243 -31.62 -18.83 -13.55
CB HIP HB 243 -30.29 -19.40 -14.12
CG HIP HB 243 -30.47 -20.70 -14.83
CD2 HIP HB 243 -31.64 -21.24 -15.28
NE2 HIP HB 243 -31.38 -22.45 -15.85
CE1 HIP HB 243 -30.08 -22.67 -15.80
ND1 HIP HB 243 -29.42 -21.61 -15.17
P HIP HB 243 -27.76 -21.70 -14.72
O1P HIP HB 243 -27.64 -22.72 -13.65
O2P HIP HB 243 -27.09 -22.19 -15.96
O3P HIP HB 243 -27.33 -20.34 -14.31
C HIP HB 243 -32.25 -19.77 -12.53
O HIP HB 243 -31.53 -20.37 -11.73
N VAL HB 244 -33.58 -19.93 -12.54
CA VAL HB 244 -34.20 -20.89 -11.65
C VAL HB 244 -34.17 -22.29 -12.29
N LYS HB 245 -33.60 -23.25 -11.57
CA LYS HB 245 -33.53 -24.65 -11.98
C LYS HB 245 -34.52 -25.46 -11.15
N VAL HB 246 -35.35 -26.28 -11.82
CA VAL HB 246 -36.47 -26.94 -11.18
C VAL HB 246 -36.35 -28.46 -11.33
N GLY HB 247 -36.70 -29.18 -10.27
CA GLY HB 247 -36.61 -30.64 -10.22
C GLY HB 247 -35.33 -31.10 -9.56
N LYS HB 248 -35.35 -32.35 -9.08
CA LYS HB 248 -34.16 -32.98 -8.54
C LYS HB 248 -33.30 -33.51 -9.68
N GLU HB 249 -31.97 -33.42 -9.51
CA GLU HB 249 -31.03 -34.01 -10.44
C GLU HB 249 -31.25 -35.53 -10.47
N ASP HB 250 -31.36 -36.13 -11.68
CA ASP HB 250 -31.69 -37.54 -11.88
C ASP HB 250 -33.08 -37.94 -11.34
N GLY HB 251 -33.95 -36.96 -11.04
CA GLY HB 251 -35.31 -37.21 -10.56
C GLY HB 251 -36.36 -37.09 -11.66
N ALA HB 252 -37.60 -36.75 -11.28
CA ALA HB 252 -38.72 -36.58 -12.21
C ALA HB 252 -38.50 -35.39 -13.14
N PRO HB 253 -38.76 -35.52 -14.47
CA PRO HB 253 -38.58 -34.39 -15.39
C PRO HB 253 -39.71 -33.38 -15.22
N VAL HB 254 -39.41 -32.14 -15.61
CA VAL HB 254 -40.33 -31.01 -15.51
C VAL HB 254 -40.58 -30.52 -16.93
N ARG HB 255 -41.86 -30.33 -17.31
CA ARG HB 255 -42.25 -29.92 -18.66
C ARG HB 255 -42.50 -28.41 -18.73
N ASP HB 256 -42.64 -27.86 -19.94
CA ASP HB 256 -42.79 -26.42 -20.14
C ASP HB 256 -43.96 -25.82 -19.37
N ASN HB 257 -45.11 -26.50 -19.34
CA ASN HB 257 -46.26 -26.03 -18.60
C ASN HB 257 -46.06 -26.05 -17.09
N ASP HB 258 -45.13 -26.86 -16.59
CA ASP HB 258 -44.76 -26.88 -15.19
C ASP HB 258 -43.87 -25.68 -14.86
N LEU HB 259 -42.89 -25.37 -15.74
CA LEU HB 259 -42.05 -24.19 -15.59
C LEU HB 259 -42.85 -22.89 -15.66
N ARG HB 260 -43.96 -22.83 -16.41
CA ARG HB 260 -44.79 -21.63 -16.51
C ARG HB 260 -45.27 -21.13 -15.14
N ARG HB 261 -45.53 -22.05 -14.22
CA ARG HB 261 -45.95 -21.69 -12.87
C ARG HB 261 -44.79 -21.26 -11.98
N VAL HB 262 -43.60 -21.84 -12.17
CA VAL HB 262 -42.40 -21.36 -11.48
C VAL HB 262 -42.02 -19.98 -11.97
N ARG HB 263 -42.15 -19.70 -13.28
CA ARG HB 263 -41.93 -18.38 -13.86
C ARG HB 263 -42.81 -17.33 -13.21
N THR HB 264 -44.08 -17.66 -12.93
CA THR HB 264 -45.00 -16.73 -12.27
C THR HB 264 -44.49 -16.28 -10.90
N ILE HB 265 -43.88 -17.19 -10.12
CA ILE HB 265 -43.38 -16.89 -8.79
C ILE HB 265 -42.17 -15.95 -8.87
N PHE HB 266 -41.14 -16.37 -9.60
CA PHE HB 266 -39.87 -15.67 -9.64
C PHE HB 266 -39.78 -14.63 -10.77
N ASP HB 267 -40.92 -14.14 -11.28
CA ASP HB 267 -40.91 -13.15 -12.37
C ASP HB 267 -40.23 -11.85 -11.91
N PRO HB 268 -39.08 -11.45 -12.51
CA PRO HB 268 -38.44 -10.18 -12.17
C PRO HB 268 -39.36 -8.98 -12.39
N ARG HB 269 -40.34 -9.10 -13.29
CA ARG HB 269 -41.31 -8.06 -13.61
C ARG HB 269 -42.23 -7.71 -12.44
N THR HB 270 -42.39 -8.63 -11.47
CA THR HB 270 -43.25 -8.43 -10.30
C THR HB 270 -42.52 -8.65 -8.97
N THR HB 271 -41.24 -9.05 -9.02
CA THR HB 271 -40.37 -9.13 -7.87
C THR HB 271 -40.05 -7.72 -7.37
N ASP HB 272 -39.77 -7.57 -6.06
CA ASP HB 272 -39.24 -6.34 -5.51
C ASP HB 272 -38.07 -6.64 -4.57
N ALA HB 273 -37.36 -5.58 -4.14
CA ALA HB 273 -36.07 -5.69 -3.50
C ALA HB 273 -36.06 -6.71 -2.35
N ASN HB 274 -37.10 -6.67 -1.50
CA ASN HB 274 -37.18 -7.48 -0.29
C ASN HB 274 -38.19 -8.61 -0.39
N THR HB 275 -38.50 -9.07 -1.61
CA THR HB 275 -39.25 -10.31 -1.80
C THR HB 275 -38.46 -11.49 -1.23
N ALA HB 276 -39.17 -12.44 -0.59
CA ALA HB 276 -38.57 -13.68 -0.08
C ALA HB 276 -39.28 -14.92 -0.65
N TYR HB 277 -38.54 -16.04 -0.72
CA TYR HB 277 -39.00 -17.25 -1.35
C TYR HB 277 -38.93 -18.43 -0.38
N PHE HB 278 -39.96 -19.29 -0.41
CA PHE HB 278 -40.03 -20.47 0.43
C PHE HB 278 -40.23 -21.66 -0.50
N THR HB 279 -39.37 -22.67 -0.41
CA THR HB 279 -39.43 -23.77 -1.38
C THR HB 279 -39.12 -25.11 -0.73
N GLY HB 280 -39.51 -26.18 -1.43
CA GLY HB 280 -38.92 -27.49 -1.19
C GLY HB 280 -37.45 -27.51 -1.59
N GLN HB 281 -36.77 -28.62 -1.28
CA GLN HB 281 -35.35 -28.77 -1.57
C GLN HB 281 -35.02 -28.79 -3.06
N ASP HB 282 -36.03 -29.06 -3.92
CA ASP HB 282 -35.81 -29.32 -5.35
C ASP HB 282 -36.15 -28.13 -6.25
N VAL HB 283 -35.96 -26.91 -5.74
CA VAL HB 283 -35.96 -25.68 -6.54
C VAL HB 283 -34.67 -24.91 -6.20
N ASP HB 284 -33.86 -24.63 -7.22
CA ASP HB 284 -32.57 -23.97 -7.04
C ASP HB 284 -32.57 -22.62 -7.75
N VAL HB 285 -32.29 -21.55 -6.98
CA VAL HB 285 -32.29 -20.21 -7.54
C VAL HB 285 -30.85 -19.80 -7.82
N GLU HB 286 -30.38 -20.12 -9.03
CA GLU HB 286 -29.04 -19.76 -9.47
C GLU HB 286 -28.98 -18.37 -10.09
N THR HB 287 -27.76 -17.85 -10.23
CA THR HB 287 -27.53 -16.55 -10.83
C THR HB 287 -26.46 -16.67 -11.92
N LEU HB 288 -26.77 -16.14 -13.09
CA LEU HB 288 -25.75 -15.70 -14.03
C LEU HB 288 -25.15 -14.40 -13.49
N GLU HB 289 -23.89 -14.47 -13.06
CA GLU HB 289 -23.20 -13.28 -12.59
C GLU HB 289 -22.96 -12.30 -13.75
N ALA HB 290 -22.78 -11.01 -13.44
CA ALA HB 290 -22.29 -10.07 -14.44
C ALA HB 290 -20.86 -10.45 -14.80
N HIP HB 291 -20.64 -10.93 -16.03
CA HIP HB 291 -19.35 -11.46 -16.45
CB HIP HB 291 -19.61 -12.53 -17.52
CG HIP HB 291 -20.28 -13.73 -16.94
CD2 HIP HB 291 -19.84 -14.50 -15.89
NE2 HIP HB 291 -20.79 -15.46 -15.63
CE1 HIP HB 291 -21.79 -15.31 -16.48
ND1 HIP HB 291 -21.54 -14.24 -17.35
P HIP HB 291 -22.51 -13.87 -18.73
O1P HIP HB 291 -21.78 -14.42 -19.90
O2P HIP HB 291 -23.87 -14.51 -18.52
O3P HIP HB 291 -22.57 -12.39 -18.66
C HIP HB 291 -18.43 -10.30 -16.82
O HIP HB 291 -18.64 -9.64 -17.82
N ASN HB 292 -17.39 -10.08 -16.00
CA ASN HB 292 -16.49 -8.93 -16.13
C ASN HB 292 -15.73 -8.90 -17.47
N PHE HB 293 -15.65 -7.69 -18.04
CA PHE HB 293 -14.73 -7.34 -19.12
C PHE HB 293 -14.38 -5.87 -18.98
N ASP HB 294 -13.18 -5.47 -19.42
CA ASP HB 294 -12.73 -4.10 -19.23
C ASP HB 294 -13.14 -3.23 -20.41
N TYR HB 295 -14.44 -2.89 -20.47
CA TYR HB 295 -14.95 -2.02 -21.51
C TYR HB 295 -14.30 -0.64 -21.49
N SER HB 296 -13.95 -0.14 -20.29
CA SER HB 296 -13.21 1.11 -20.16
C SER HB 296 -11.88 1.07 -20.90
N ALA HB 297 -11.09 0.00 -20.76
CA ALA HB 297 -9.86 -0.13 -21.51
C ALA HB 297 -10.11 -0.19 -23.02
N ILE HB 298 -11.20 -0.82 -23.46
CA ILE HB 298 -11.53 -0.86 -24.88
C ILE HB 298 -11.87 0.55 -25.39
N HIS HB 299 -12.68 1.32 -24.64
CA HIS HB 299 -12.96 2.72 -24.95
C HIS HB 299 -11.69 3.59 -24.98
N GLU HB 300 -10.81 3.46 -24.00
CA GLU HB 300 -9.55 4.19 -24.00
C GLU HB 300 -8.73 3.90 -25.25
N MET HB 301 -8.64 2.63 -25.66
CA MET HB 301 -7.95 2.25 -26.88
C MET HB 301 -8.62 2.88 -28.11
N ASP HB 302 -9.95 2.76 -28.24
CA ASP HB 302 -10.68 3.35 -29.35
C ASP HB 302 -10.46 4.85 -29.48
N MET HB 303 -10.55 5.55 -28.35
CA MET HB 303 -10.37 6.99 -28.32
C MET HB 303 -8.93 7.38 -28.63
N ARG HB 304 -7.94 6.62 -28.14
CA ARG HB 304 -6.53 6.84 -28.47
C ARG HB 304 -6.32 6.69 -29.98
N ASN HB 305 -6.84 5.63 -30.59
CA ASN HB 305 -6.79 5.45 -32.03
C ASN HB 305 -7.42 6.64 -32.76
N LEU HB 306 -8.67 6.99 -32.42
CA LEU HB 306 -9.40 8.02 -33.15
C LEU HB 306 -8.79 9.41 -32.96
N THR HB 307 -8.51 9.83 -31.73
CA THR HB 307 -7.91 11.14 -31.47
C THR HB 307 -6.58 11.30 -32.18
N THR HB 308 -5.65 10.33 -32.02
CA THR HB 308 -4.35 10.40 -32.69
C THR HB 308 -4.51 10.38 -34.22
N ALA HB 309 -5.46 9.60 -34.76
CA ALA HB 309 -5.72 9.59 -36.20
C ALA HB 309 -6.18 10.97 -36.72
N LEU HB 310 -7.02 11.67 -35.94
CA LEU HB 310 -7.47 13.02 -36.27
C LEU HB 310 -6.49 14.11 -35.78
N GLY HB 311 -5.33 13.71 -35.23
CA GLY HB 311 -4.26 14.62 -34.81
C GLY HB 311 -4.51 15.39 -33.51
N LEU HB 312 -5.71 15.26 -32.92
CA LEU HB 312 -6.05 15.86 -31.64
C LEU HB 312 -5.30 15.19 -30.49
N PRO HB 313 -5.02 15.89 -29.37
CA PRO HB 313 -4.54 15.23 -28.17
C PRO HB 313 -5.66 14.38 -27.57
N LEU HB 314 -5.28 13.28 -26.90
CA LEU HB 314 -6.22 12.32 -26.33
C LEU HB 314 -7.21 12.99 -25.36
N GLU HB 315 -6.75 14.01 -24.65
CA GLU HB 315 -7.52 14.80 -23.69
C GLU HB 315 -8.82 15.36 -24.28
N ALA HB 316 -8.85 15.65 -25.59
CA ALA HB 316 -10.04 16.17 -26.27
C ALA HB 316 -11.20 15.18 -26.24
N GLY HB 317 -10.91 13.87 -26.11
CA GLY HB 317 -11.92 12.82 -26.10
C GLY HB 317 -12.52 12.50 -24.73
N ASN HB 318 -12.24 13.31 -23.71
CA ASN HB 318 -12.57 13.01 -22.31
C ASN HB 318 -11.96 11.68 -21.84
N VAL HB 319 -10.73 11.41 -22.29
CA VAL HB 319 -9.95 10.25 -21.85
C VAL HB 319 -8.61 10.72 -21.29
N GLY HB 320 -8.25 10.25 -20.10
CA GLY HB 320 -7.02 10.63 -19.42
C GLY HB 320 -5.81 9.78 -19.83
N ALA HB 321 -4.63 10.18 -19.33
CA ALA HB 321 -3.37 9.48 -19.60
C ALA HB 321 -2.39 9.58 -18.43
N ASP HB 322 -1.42 8.67 -18.41
CA ASP HB 322 -0.44 8.56 -17.33
C ASP HB 322 0.89 9.22 -17.74
N GLY HB 323 1.43 10.08 -16.88
CA GLY HB 323 2.73 10.72 -17.10
C GLY HB 323 2.71 11.85 -18.14
N LEU HB 324 1.71 11.82 -19.04
CA LEU HB 324 1.59 12.78 -20.13
C LEU HB 324 0.98 14.11 -19.68
N GLY HB 325 0.40 14.17 -18.47
CA GLY HB 325 -0.34 15.35 -18.01
C GLY HB 325 0.51 16.47 -17.41
N SER HB 326 1.84 16.28 -17.33
CA SER HB 326 2.75 17.17 -16.60
C SER HB 326 4.13 17.25 -17.25
N GLY HB 327 4.89 18.31 -16.93
CA GLY HB 327 6.28 18.48 -17.36
C GLY HB 327 6.47 18.56 -18.88
N LYS HB 328 7.67 18.22 -19.37
CA LYS HB 328 7.98 18.34 -20.79
C LYS HB 328 7.13 17.44 -21.69
N PRO HB 329 6.64 16.25 -21.25
CA PRO HB 329 5.61 15.51 -21.98
C PRO HB 329 4.33 16.29 -22.31
N ALA HB 330 3.90 17.19 -21.42
CA ALA HB 330 2.80 18.11 -21.71
C ALA HB 330 3.24 19.19 -22.69
N GLU HB 331 4.40 19.83 -22.44
CA GLU HB 331 4.94 20.88 -23.31
C GLU HB 331 5.03 20.43 -24.76
N LEU HB 332 5.51 19.21 -25.03
CA LEU HB 332 5.65 18.71 -26.39
C LEU HB 332 4.30 18.54 -27.10
N ARG HB 333 3.33 17.81 -26.52
CA ARG HB 333 2.08 17.53 -27.22
C ARG HB 333 1.30 18.81 -27.52
N PHE HB 334 1.35 19.77 -26.61
CA PHE HB 334 0.73 21.07 -26.79
C PHE HB 334 1.47 21.89 -27.85
N ALA HB 335 2.82 21.83 -27.90
CA ALA HB 335 3.57 22.42 -28.99
C ALA HB 335 3.20 21.82 -30.36
N LEU HB 336 3.10 20.48 -30.44
CA LEU HB 336 2.72 19.79 -31.68
C LEU HB 336 1.32 20.21 -32.15
N LEU HB 337 0.37 20.34 -31.22
CA LEU HB 337 -0.96 20.82 -31.54
C LEU HB 337 -0.92 22.27 -32.07
N LYS HB 338 -0.21 23.17 -31.38
CA LYS HB 338 -0.08 24.56 -31.81
C LYS HB 338 0.60 24.69 -33.17
N LEU HB 339 1.65 23.91 -33.45
CA LEU HB 339 2.30 23.89 -34.77
C LEU HB 339 1.31 23.47 -35.86
N ALA HB 340 0.54 22.41 -35.63
CA ALA HB 340 -0.49 21.97 -36.58
C ALA HB 340 -1.52 23.06 -36.84
N ILE HB 341 -1.97 23.76 -35.79
CA ILE HB 341 -2.92 24.86 -35.91
C ILE HB 341 -2.32 26.00 -36.74
N LYS HB 342 -1.10 26.45 -36.43
CA LYS HB 342 -0.45 27.51 -37.18
C LYS HB 342 -0.31 27.17 -38.67
N ALA HB 343 0.08 25.94 -38.98
CA ALA HB 343 0.18 25.46 -40.36
C ALA HB 343 -1.16 25.57 -41.10
N ASN HB 344 -2.26 25.13 -40.49
CA ASN HB 344 -3.59 25.24 -41.07
C ASN HB 344 -4.03 26.69 -41.21
N GLN HB 345 -3.79 27.52 -40.18
CA GLN HB 345 -4.12 28.93 -40.19
C GLN HB 345 -3.42 29.64 -41.36
N ARG HB 346 -2.10 29.51 -41.51
CA ARG HB 346 -1.38 30.11 -42.63
C ARG HB 346 -1.87 29.58 -43.98
N SER HB 347 -2.16 28.27 -44.08
CA SER HB 347 -2.68 27.68 -45.30
C SER HB 347 -4.01 28.32 -45.71
N PHE HB 348 -4.92 28.53 -44.75
CA PHE HB 348 -6.20 29.17 -44.99
C PHE HB 348 -6.02 30.65 -45.33
N SER HB 349 -5.28 31.40 -44.49
CA SER HB 349 -5.04 32.83 -44.63
C SER HB 349 -4.54 33.20 -46.03
N VAL HB 350 -3.49 32.54 -46.50
CA VAL HB 350 -2.89 32.84 -47.79
C VAL HB 350 -3.92 32.69 -48.91
N GLN HB 351 -4.63 31.56 -48.96
CA GLN HB 351 -5.64 31.34 -49.98
C GLN HB 351 -6.80 32.33 -49.86
N PHE HB 352 -7.28 32.65 -48.66
CA PHE HB 352 -8.41 33.57 -48.51
C PHE HB 352 -8.04 34.98 -49.01
N VAL HB 353 -6.83 35.45 -48.68
CA VAL HB 353 -6.34 36.73 -49.18
C VAL HB 353 -6.26 36.70 -50.70
N GLU HB 354 -5.59 35.69 -51.27
CA GLU HB 354 -5.31 35.62 -52.70
C GLU HB 354 -6.55 35.37 -53.57
N ARG HB 355 -7.51 34.57 -53.09
CA ARG HB 355 -8.63 34.07 -53.89
C ARG HB 355 -9.95 34.79 -53.59
N VAL HB 356 -10.05 35.47 -52.44
CA VAL HB 356 -11.26 36.19 -52.06
C VAL HB 356 -10.99 37.69 -51.91
N MET HB 357 -10.07 38.07 -51.00
CA MET HB 357 -9.89 39.48 -50.67
C MET HB 357 -9.33 40.29 -51.84
N ARG HB 358 -8.23 39.82 -52.48
CA ARG HB 358 -7.62 40.58 -53.56
C ARG HB 358 -8.56 40.79 -54.74
N PRO HB 359 -9.27 39.77 -55.27
CA PRO HB 359 -10.28 39.97 -56.31
C PRO HB 359 -11.36 40.97 -55.93
N VAL HB 360 -11.85 40.94 -54.68
CA VAL HB 360 -12.83 41.92 -54.21
C VAL HB 360 -12.26 43.34 -54.21
N VAL HB 361 -11.01 43.53 -53.75
CA VAL HB 361 -10.35 44.83 -53.80
C VAL HB 361 -10.20 45.29 -55.25
N ARG HB 362 -9.65 44.43 -56.11
CA ARG HB 362 -9.40 44.70 -57.53
C ARG HB 362 -10.67 45.12 -58.27
N ASP HB 363 -11.79 44.46 -58.00
CA ASP HB 363 -13.00 44.59 -58.79
C ASP HB 363 -14.03 45.60 -58.23
N TYR HB 364 -13.96 45.93 -56.92
CA TYR HB 364 -14.98 46.79 -56.29
C TYR HB 364 -14.42 47.97 -55.49
N SER HB 365 -13.09 48.12 -55.42
CA SER HB 365 -12.46 49.08 -54.52
C SER HB 365 -11.59 50.09 -55.28
N PRO HB 366 -11.49 51.37 -54.84
CA PRO HB 366 -10.56 52.33 -55.44
C PRO HB 366 -9.09 52.12 -55.04
N PHE HB 367 -8.80 51.11 -54.23
CA PHE HB 367 -7.46 50.80 -53.74
C PHE HB 367 -6.68 49.84 -54.66
N ASP HB 368 -5.36 49.79 -54.46
CA ASP HB 368 -4.46 48.89 -55.18
C ASP HB 368 -4.49 47.47 -54.59
N HIS HB 369 -4.97 46.49 -55.37
CA HIS HB 369 -5.07 45.10 -54.93
C HIS HB 369 -3.71 44.45 -54.68
N GLU HB 370 -2.64 44.96 -55.30
CA GLU HB 370 -1.29 44.43 -55.12
C GLU HB 370 -0.68 44.78 -53.75
N ALA HB 371 -1.40 45.55 -52.92
CA ALA HB 371 -0.97 45.89 -51.56
C ALA HB 371 -0.73 44.65 -50.69
N ASP HB 372 0.21 44.77 -49.74
CA ASP HB 372 0.60 43.69 -48.84
C ASP HB 372 -0.41 43.47 -47.71
N ILE HB 373 -1.57 42.90 -48.09
CA ILE HB 373 -2.59 42.43 -47.14
C ILE HB 373 -2.09 41.16 -46.44
N ARG HB 374 -2.37 41.05 -45.13
CA ARG HB 374 -2.32 39.80 -44.40
C ARG HB 374 -3.62 39.64 -43.62
N LEU HB 375 -4.16 38.42 -43.63
CA LEU HB 375 -5.20 38.03 -42.68
C LEU HB 375 -4.55 37.10 -41.68
N GLU HB 376 -4.51 37.48 -40.40
CA GLU HB 376 -3.94 36.61 -39.37
C GLU HB 376 -5.03 36.13 -38.42
N ILE HB 377 -4.94 34.86 -38.03
CA ILE HB 377 -5.96 34.19 -37.24
C ILE HB 377 -5.38 33.96 -35.84
N ASN HB 378 -6.18 34.26 -34.80
CA ASN HB 378 -5.69 34.27 -33.42
C ASN HB 378 -5.28 32.87 -32.93
N ASP HB 379 -4.30 32.83 -32.02
CA ASP HB 379 -3.91 31.60 -31.34
C ASP HB 379 -4.99 31.20 -30.34
N PRO HB 380 -5.67 30.02 -30.49
CA PRO HB 380 -6.70 29.58 -29.57
C PRO HB 380 -6.22 29.27 -28.14
N LEU HB 381 -4.93 28.96 -27.96
CA LEU HB 381 -4.40 28.46 -26.70
C LEU HB 381 -3.43 29.43 -26.01
N GLU HB 382 -3.32 30.67 -26.53
CA GLU HB 382 -2.53 31.73 -25.91
C GLU HB 382 -3.12 32.13 -24.56
N ASP HB 383 -2.25 32.29 -23.55
CA ASP HB 383 -2.61 32.76 -22.23
C ASP HB 383 -2.19 34.22 -22.04
N ILE HB 384 -3.17 35.10 -21.80
CA ILE HB 384 -2.92 36.54 -21.67
C ILE HB 384 -2.05 36.83 -20.45
N GLY HB 385 -2.16 36.02 -19.38
CA GLY HB 385 -1.31 36.14 -18.21
C GLY HB 385 0.18 35.96 -18.53
N GLU HB 386 0.50 35.07 -19.48
CA GLU HB 386 1.87 34.85 -19.92
C GLU HB 386 2.38 36.06 -20.72
N VAL HB 387 1.51 36.65 -21.54
CA VAL HB 387 1.80 37.86 -22.29
C VAL HB 387 2.01 39.04 -21.34
N ALA HB 388 1.19 39.16 -20.29
CA ALA HB 388 1.33 40.21 -19.30
C ALA HB 388 2.69 40.13 -18.60
N ASP HB 389 3.09 38.93 -18.18
CA ASP HB 389 4.42 38.68 -17.63
C ASP HB 389 5.50 39.15 -18.62
N LEU HB 390 5.39 38.75 -19.90
CA LEU HB 390 6.36 39.13 -20.92
C LEU HB 390 6.48 40.65 -21.05
N ILE HB 391 5.34 41.35 -21.11
CA ILE HB 391 5.32 42.80 -21.24
C ILE HB 391 5.99 43.47 -20.04
N GLN HB 392 5.78 42.97 -18.82
CA GLN HB 392 6.49 43.47 -17.65
C GLN HB 392 8.00 43.27 -17.78
N GLN HB 393 8.44 42.13 -18.31
CA GLN HB 393 9.85 41.79 -18.40
C GLN HB 393 10.59 42.58 -19.49
N VAL HB 394 9.98 42.76 -20.68
CA VAL HB 394 10.71 43.26 -21.85
C VAL HB 394 9.98 44.39 -22.63
N GLY HB 395 8.92 44.98 -22.06
CA GLY HB 395 8.24 46.13 -22.65
C GLY HB 395 9.18 47.29 -22.98
N ASP HB 396 10.28 47.42 -22.22
CA ASP HB 396 11.33 48.42 -22.44
C ASP HB 396 12.03 48.29 -23.80
N TYR HB 397 11.75 47.23 -24.56
CA TYR HB 397 12.27 47.00 -25.91
C TYR HB 397 11.17 46.94 -26.97
N MET HB 398 9.94 47.34 -26.62
CA MET HB 398 8.79 47.26 -27.52
C MET HB 398 8.13 48.64 -27.68
N THR HB 399 7.75 48.99 -28.91
CA THR HB 399 6.96 50.20 -29.10
C THR HB 399 5.56 50.00 -28.50
N ASN HB 400 4.89 51.09 -28.16
CA ASN HB 400 3.54 51.00 -27.62
C ASN HB 400 2.57 50.30 -28.56
N GLU HB 401 2.72 50.47 -29.88
CA GLU HB 401 1.93 49.71 -30.83
C GLU HB 401 2.27 48.21 -30.81
N GLN HB 402 3.56 47.84 -30.68
CA GLN HB 402 3.95 46.45 -30.53
C GLN HB 402 3.35 45.83 -29.26
N VAL HB 403 3.37 46.58 -28.13
CA VAL HB 403 2.74 46.15 -26.90
C VAL HB 403 1.23 45.98 -27.08
N ALA HB 404 0.55 46.97 -27.70
CA ALA HB 404 -0.88 46.89 -27.95
C ALA HB 404 -1.24 45.69 -28.82
N GLU HB 405 -0.43 45.39 -29.84
CA GLU HB 405 -0.62 44.26 -30.73
C GLU HB 405 -0.51 42.93 -29.97
N LYS HB 406 0.56 42.74 -29.18
CA LYS HB 406 0.71 41.55 -28.34
C LYS HB 406 -0.45 41.41 -27.34
N LEU HB 407 -0.84 42.53 -26.72
CA LEU HB 407 -1.84 42.55 -25.67
C LEU HB 407 -3.28 42.48 -26.21
N ASP HB 408 -3.46 42.46 -27.55
CA ASP HB 408 -4.75 42.37 -28.23
C ASP HB 408 -5.65 43.57 -27.92
N LEU HB 409 -5.09 44.78 -28.10
CA LEU HB 409 -5.78 46.06 -27.89
C LEU HB 409 -5.70 46.92 -29.15
N PRO HB 410 -6.66 47.87 -29.34
CA PRO HB 410 -6.47 48.96 -30.30
C PRO HB 410 -5.20 49.74 -29.96
N ALA HB 411 -4.39 50.03 -30.99
CA ALA HB 411 -3.18 50.84 -30.86
C ALA HB 411 -3.53 52.27 -30.45
N PRO HB 412 -2.60 53.03 -29.82
CA PRO HB 412 -2.86 54.43 -29.43
C PRO HB 412 -3.24 55.31 -30.62
N GLU HB 413 -4.15 56.27 -30.38
CA GLU HB 413 -4.68 57.16 -31.40
C GLU HB 413 -3.64 58.16 -31.92
N ASP HB 414 -2.65 58.49 -31.08
CA ASP HB 414 -1.58 59.42 -31.41
C ASP HB 414 -0.32 58.66 -31.81
N ASP HB 415 0.15 58.90 -33.04
CA ASP HB 415 1.23 58.13 -33.65
C ASP HB 415 2.56 58.23 -32.88
N GLU HB 416 2.89 59.38 -32.29
CA GLU HB 416 4.16 59.51 -31.59
C GLU HB 416 4.21 58.63 -30.34
N VAL HB 417 3.12 58.59 -29.56
CA VAL HB 417 3.05 57.69 -28.42
C VAL HB 417 3.00 56.24 -28.89
N ALA HB 418 2.27 55.92 -29.97
CA ALA HB 418 2.23 54.57 -30.53
C ALA HB 418 3.62 54.06 -30.90
N ASP HB 419 4.41 54.92 -31.56
CA ASP HB 419 5.74 54.63 -32.07
C ASP HB 419 6.78 54.54 -30.95
N SER HB 420 6.64 55.35 -29.89
CA SER HB 420 7.59 55.36 -28.77
C SER HB 420 7.60 54.03 -28.01
N TYR HB 421 8.67 53.84 -27.21
CA TYR HB 421 8.95 52.60 -26.49
C TYR HB 421 8.44 52.61 -25.05
N ARG HB 422 8.61 53.72 -24.30
CA ARG HB 422 8.14 53.79 -22.92
C ARG HB 422 6.62 54.00 -22.87
N SER HB 423 5.95 53.54 -21.80
CA SER HB 423 4.49 53.40 -21.77
C SER HB 423 3.77 54.75 -21.93
N PRO HB 424 2.53 54.77 -22.48
CA PRO HB 424 1.78 56.00 -22.58
C PRO HB 424 1.46 56.62 -21.22
N ALA HB 425 1.23 55.81 -20.17
CA ALA HB 425 1.07 56.32 -18.82
C ALA HB 425 2.34 57.04 -18.32
N ASP HB 426 3.53 56.54 -18.66
CA ASP HB 426 4.79 57.19 -18.29
C ASP HB 426 5.00 58.50 -19.05
N MET HB 427 4.59 58.57 -20.31
CA MET HB 427 4.63 59.82 -21.04
C MET HB 427 3.62 60.84 -20.51
N GLU HB 428 2.43 60.40 -20.09
CA GLU HB 428 1.43 61.28 -19.49
C GLU HB 428 1.93 61.91 -18.19
N LYS HB 429 2.52 61.12 -17.27
CA LYS HB 429 3.01 61.68 -16.01
C LYS HB 429 4.19 62.64 -16.21
N ASP HB 430 5.00 62.45 -17.26
CA ASP HB 430 6.02 63.43 -17.65
C ASP HB 430 5.40 64.71 -18.19
N GLU HB 431 4.39 64.61 -19.08
CA GLU HB 431 3.66 65.77 -19.58
C GLU HB 431 3.01 66.55 -18.43
N ALA HB 432 2.49 65.84 -17.42
CA ALA HB 432 1.94 66.40 -16.19
C ALA HB 432 3.02 67.07 -15.31
N GLY HB 433 4.27 66.61 -15.40
CA GLY HB 433 5.43 67.28 -14.81
C GLY HB 433 5.81 68.56 -15.56
N VAL HB 434 5.70 68.54 -16.89
CA VAL HB 434 5.79 69.70 -17.77
C VAL HB 434 4.44 70.44 -17.72
N ALA IB 31 46.02 20.43 -56.15
CA ALA IB 31 45.03 19.33 -56.11
C ALA IB 31 44.44 19.13 -57.52
N SER IB 32 43.09 19.15 -57.64
CA SER IB 32 42.39 18.96 -58.89
C SER IB 32 41.07 19.73 -58.92
N SER IB 33 40.53 19.95 -60.13
CA SER IB 33 39.28 20.67 -60.34
C SER IB 33 38.08 19.74 -60.61
N THR IB 34 38.32 18.41 -60.61
CA THR IB 34 37.29 17.39 -60.83
C THR IB 34 37.43 16.27 -59.80
N PRO IB 35 36.32 15.68 -59.31
CA PRO IB 35 36.38 14.64 -58.29
C PRO IB 35 37.11 13.40 -58.84
N GLN IB 36 38.01 12.83 -58.02
CA GLN IB 36 38.84 11.71 -58.43
C GLN IB 36 38.63 10.41 -57.62
N THR IB 37 37.94 10.48 -56.48
CA THR IB 37 37.30 9.28 -55.94
C THR IB 37 36.03 8.95 -56.71
N ASN IB 38 35.78 7.64 -56.89
CA ASN IB 38 34.55 7.12 -57.48
C ASN IB 38 33.44 7.03 -56.41
N VAL IB 39 32.18 6.76 -56.82
CA VAL IB 39 31.03 6.98 -55.94
C VAL IB 39 29.91 5.95 -56.04
N ASP IB 40 30.25 4.69 -56.40
CA ASP IB 40 29.42 3.52 -56.08
C ASP IB 40 28.01 3.53 -56.68
N SER IB 41 27.75 4.32 -57.75
CA SER IB 41 26.38 4.69 -58.13
C SER IB 41 25.99 4.51 -59.61
N MET IB 42 26.94 4.30 -60.53
CA MET IB 42 26.61 4.24 -61.95
C MET IB 42 26.01 2.86 -62.31
N GLY IB 43 24.70 2.81 -62.60
CA GLY IB 43 23.97 1.55 -62.75
C GLY IB 43 24.24 0.79 -64.05
N GLY IB 44 23.93 -0.52 -64.03
CA GLY IB 44 24.02 -1.40 -65.19
C GLY IB 44 22.75 -1.42 -66.06
N GLY IB 45 21.63 -0.92 -65.50
CA GLY IB 45 20.34 -0.84 -66.20
C GLY IB 45 19.13 -0.70 -65.28
N GLN IB 49 17.61 -0.31 -68.60
CA GLN IB 49 18.41 0.86 -69.05
C GLN IB 49 18.08 2.14 -68.28
N PHE IB 50 17.38 1.99 -67.13
CA PHE IB 50 17.39 2.99 -66.08
C PHE IB 50 18.80 3.20 -65.53
N ASN IB 51 19.05 4.36 -64.93
CA ASN IB 51 20.28 4.64 -64.20
C ASN IB 51 20.27 3.93 -62.83
N GLY IB 52 20.25 2.59 -62.85
CA GLY IB 52 20.35 1.75 -61.65
C GLY IB 52 19.06 1.67 -60.81
N GLN IB 53 18.28 2.77 -60.79
CA GLN IB 53 17.01 2.91 -60.07
C GLN IB 53 17.09 2.37 -58.64
N ASP IB 54 17.96 2.99 -57.83
CA ASP IB 54 18.20 2.64 -56.42
C ASP IB 54 16.89 2.51 -55.64
N LEU IB 55 15.94 3.40 -55.97
CA LEU IB 55 14.51 3.16 -55.80
C LEU IB 55 13.84 3.20 -57.17
N THR IB 56 12.83 2.35 -57.38
CA THR IB 56 12.00 2.36 -58.58
C THR IB 56 10.69 3.13 -58.37
N PHE IB 57 9.98 3.48 -59.44
CA PHE IB 57 8.69 4.16 -59.34
C PHE IB 57 7.69 3.43 -58.43
N GLU IB 58 7.78 2.09 -58.36
CA GLU IB 58 6.96 1.28 -57.47
C GLU IB 58 7.21 1.60 -56.00
N ASP IB 59 8.48 1.79 -55.61
CA ASP IB 59 8.85 2.15 -54.24
C ASP IB 59 8.34 3.55 -53.89
N LEU IB 60 8.38 4.46 -54.86
CA LEU IB 60 7.90 5.82 -54.67
C LEU IB 60 6.38 5.82 -54.49
N ARG IB 61 5.64 5.02 -55.26
CA ARG IB 61 4.22 4.77 -55.01
C ARG IB 61 3.99 4.14 -53.64
N ASP IB 62 4.88 3.24 -53.18
CA ASP IB 62 4.76 2.68 -51.84
C ASP IB 62 4.86 3.75 -50.74
N ILE IB 63 5.78 4.72 -50.87
CA ILE IB 63 5.84 5.84 -49.92
C ILE IB 63 4.53 6.63 -49.95
N LYS IB 64 4.05 6.97 -51.15
CA LYS IB 64 2.80 7.69 -51.35
C LYS IB 64 1.62 6.94 -50.71
N ASP IB 65 1.60 5.61 -50.81
CA ASP IB 65 0.58 4.76 -50.20
C ASP IB 65 0.66 4.77 -48.67
N VAL IB 66 1.85 4.76 -48.06
CA VAL IB 66 1.94 4.94 -46.61
C VAL IB 66 1.34 6.30 -46.22
N ARG IB 67 1.74 7.37 -46.92
CA ARG IB 67 1.33 8.74 -46.62
C ARG IB 67 -0.19 8.93 -46.72
N ASP IB 68 -0.81 8.38 -47.77
CA ASP IB 68 -2.24 8.55 -48.00
C ASP IB 68 -3.10 7.60 -47.15
N SER IB 69 -2.53 6.54 -46.58
CA SER IB 69 -3.26 5.59 -45.73
C SER IB 69 -3.73 6.18 -44.39
N GLY IB 70 -3.18 7.33 -43.98
CA GLY IB 70 -3.60 7.99 -42.74
C GLY IB 70 -3.22 7.21 -41.47
N GLY IB 71 -4.04 7.37 -40.43
CA GLY IB 71 -3.82 6.70 -39.16
C GLY IB 71 -2.57 7.17 -38.39
N GLN IB 72 -2.17 6.37 -37.40
CA GLN IB 72 -1.15 6.75 -36.43
C GLN IB 72 0.23 6.96 -37.07
N VAL IB 73 0.61 6.11 -38.04
CA VAL IB 73 1.89 6.20 -38.73
C VAL IB 73 2.01 7.54 -39.47
N ALA IB 74 0.99 7.89 -40.26
CA ALA IB 74 1.00 9.14 -41.03
C ALA IB 74 1.04 10.35 -40.09
N GLN IB 75 0.29 10.33 -38.99
CA GLN IB 75 0.30 11.42 -38.04
C GLN IB 75 1.67 11.62 -37.39
N LEU IB 76 2.40 10.54 -37.05
CA LEU IB 76 3.75 10.67 -36.52
C LEU IB 76 4.69 11.35 -37.52
N MET IB 77 4.66 10.93 -38.79
CA MET IB 77 5.52 11.53 -39.78
C MET IB 77 5.11 12.98 -40.10
N ASP IB 78 3.81 13.31 -40.00
CA ASP IB 78 3.35 14.70 -40.07
C ASP IB 78 3.81 15.54 -38.87
N TYR IB 79 3.82 15.00 -37.65
CA TYR IB 79 4.45 15.68 -36.51
C TYR IB 79 5.94 15.93 -36.76
N LYS IB 80 6.64 14.99 -37.41
CA LYS IB 80 8.04 15.18 -37.77
C LYS IB 80 8.19 16.37 -38.73
N ALA IB 81 7.35 16.48 -39.76
CA ALA IB 81 7.36 17.62 -40.67
C ALA IB 81 7.07 18.94 -39.94
N LEU IB 82 6.05 18.95 -39.08
CA LEU IB 82 5.66 20.16 -38.33
C LEU IB 82 6.78 20.61 -37.40
N LEU IB 83 7.47 19.71 -36.70
CA LEU IB 83 8.60 20.09 -35.86
C LEU IB 83 9.71 20.72 -36.71
N ASN IB 84 10.10 20.07 -37.81
CA ASN IB 84 11.24 20.53 -38.57
C ASN IB 84 10.98 21.86 -39.29
N PHE IB 85 9.74 22.11 -39.77
CA PHE IB 85 9.48 23.19 -40.71
C PHE IB 85 8.22 24.01 -40.43
N GLY IB 86 7.38 23.62 -39.46
CA GLY IB 86 6.11 24.27 -39.21
C GLY IB 86 6.19 25.66 -38.57
N GLU IB 87 7.35 26.04 -38.02
CA GLU IB 87 7.48 27.29 -37.27
C GLU IB 87 7.87 28.49 -38.16
N GLY IB 88 7.99 28.28 -39.48
CA GLY IB 88 8.24 29.36 -40.41
C GLY IB 88 9.71 29.82 -40.44
N CYS IB 89 9.96 30.89 -41.20
CA CYS IB 89 11.30 31.21 -41.69
C CYS IB 89 11.60 32.71 -41.62
N GLU IB 90 12.88 33.05 -41.79
CA GLU IB 90 13.30 34.43 -42.00
C GLU IB 90 14.50 34.49 -42.94
N ILE IB 91 14.54 35.52 -43.80
CA ILE IB 91 15.61 35.70 -44.78
C ILE IB 91 16.56 36.78 -44.27
N HIS IB 92 17.86 36.48 -44.31
CA HIS IB 92 18.92 37.41 -43.95
C HIS IB 92 19.89 37.56 -45.12
N VAL IB 93 20.47 38.75 -45.27
CA VAL IB 93 21.61 38.94 -46.17
C VAL IB 93 22.67 39.72 -45.39
N GLU IB 94 23.94 39.29 -45.44
CA GLU IB 94 24.99 40.09 -44.82
C GLU IB 94 25.31 41.31 -45.67
N GLY IB 95 25.40 42.50 -45.03
CA GLY IB 95 25.54 43.77 -45.73
C GLY IB 95 24.33 44.15 -46.59
N ASP IB 96 23.13 43.75 -46.14
CA ASP IB 96 21.88 43.98 -46.87
C ASP IB 96 21.65 45.45 -47.21
N ASP IB 97 21.93 46.36 -46.26
CA ASP IB 97 21.81 47.80 -46.47
C ASP IB 97 22.65 48.30 -47.66
N GLU IB 98 23.84 47.71 -47.83
CA GLU IB 98 24.76 48.09 -48.90
C GLU IB 98 24.26 47.63 -50.27
N THR IB 99 23.24 46.77 -50.32
CA THR IB 99 22.64 46.29 -51.57
C THR IB 99 21.62 47.28 -52.14
N LYS IB 100 21.21 48.32 -51.38
CA LYS IB 100 20.18 49.30 -51.77
C LYS IB 100 20.33 49.72 -53.23
N GLN IB 101 19.28 49.46 -54.02
CA GLN IB 101 19.29 49.62 -55.48
C GLN IB 101 17.88 49.96 -55.96
N LEU IB 102 17.75 50.75 -57.03
CA LEU IB 102 16.44 51.07 -57.60
C LEU IB 102 15.97 49.90 -58.47
N VAL IB 103 14.91 49.21 -58.02
CA VAL IB 103 14.40 48.03 -58.72
C VAL IB 103 13.40 48.43 -59.81
N ASP IB 104 12.49 49.34 -59.46
CA ASP IB 104 11.44 49.85 -60.34
C ASP IB 104 11.11 51.29 -59.93
N GLY IB 105 12.13 52.15 -60.01
CA GLY IB 105 12.06 53.51 -59.48
C GLY IB 105 12.23 53.55 -57.95
N GLU IB 106 11.47 52.69 -57.25
CA GLU IB 106 11.58 52.54 -55.80
C GLU IB 106 12.87 51.78 -55.41
N PRO IB 107 13.59 52.21 -54.34
CA PRO IB 107 14.70 51.44 -53.80
C PRO IB 107 14.27 50.15 -53.10
N MET IB 108 15.10 49.10 -53.22
CA MET IB 108 15.00 47.89 -52.42
C MET IB 108 16.39 47.40 -52.03
N THR IB 109 16.44 46.68 -50.91
CA THR IB 109 17.53 45.79 -50.58
C THR IB 109 17.28 44.39 -51.15
N LEU IB 110 18.32 43.56 -51.21
CA LEU IB 110 18.16 42.19 -51.66
C LEU IB 110 17.19 41.42 -50.75
N SER IB 111 17.23 41.62 -49.43
CA SER IB 111 16.25 40.98 -48.55
C SER IB 111 14.82 41.39 -48.89
N GLU IB 112 14.58 42.68 -49.13
CA GLU IB 112 13.26 43.16 -49.54
C GLU IB 112 12.84 42.55 -50.89
N TRP IB 113 13.77 42.44 -51.84
CA TRP IB 113 13.46 41.84 -53.13
C TRP IB 113 13.11 40.36 -52.97
N LEU IB 114 13.91 39.60 -52.21
CA LEU IB 114 13.66 38.18 -51.96
C LEU IB 114 12.33 37.95 -51.26
N GLU IB 115 11.99 38.76 -50.24
CA GLU IB 115 10.71 38.66 -49.56
C GLU IB 115 9.53 38.94 -50.49
N ASP IB 116 9.72 39.73 -51.56
CA ASP IB 116 8.70 39.94 -52.58
C ASP IB 116 8.70 38.83 -53.63
N ALA IB 117 9.86 38.24 -53.92
CA ALA IB 117 10.01 37.13 -54.86
C ALA IB 117 9.36 35.86 -54.31
N PHE IB 118 9.49 35.62 -53.00
CA PHE IB 118 8.93 34.46 -52.30
C PHE IB 118 7.96 34.90 -51.19
N PRO IB 119 6.73 35.36 -51.52
CA PRO IB 119 5.81 35.90 -50.51
C PRO IB 119 5.40 34.90 -49.44
N HIS IB 120 5.20 33.63 -49.83
CA HIS IB 120 4.60 32.61 -48.96
C HIS IB 120 5.63 31.53 -48.59
N LEU IB 121 6.87 31.96 -48.33
CA LEU IB 121 7.97 31.04 -48.12
C LEU IB 121 7.73 30.13 -46.90
N ASP IB 122 7.00 30.62 -45.88
CA ASP IB 122 6.61 29.81 -44.73
C ASP IB 122 5.82 28.55 -45.12
N LEU IB 123 4.91 28.66 -46.11
CA LEU IB 123 4.18 27.51 -46.62
C LEU IB 123 5.08 26.63 -47.48
N LEU IB 124 5.86 27.23 -48.38
CA LEU IB 124 6.73 26.48 -49.26
C LEU IB 124 7.76 25.66 -48.47
N VAL IB 125 8.38 26.24 -47.45
CA VAL IB 125 9.34 25.57 -46.58
C VAL IB 125 8.69 24.37 -45.87
N LEU IB 126 7.47 24.53 -45.36
CA LEU IB 126 6.75 23.43 -44.74
C LEU IB 126 6.43 22.32 -45.75
N ASP IB 127 5.98 22.70 -46.95
CA ASP IB 127 5.63 21.75 -48.00
C ASP IB 127 6.86 20.95 -48.49
N LEU IB 128 7.92 21.65 -48.91
CA LEU IB 128 9.13 21.00 -49.41
C LEU IB 128 9.82 20.20 -48.29
N GLY IB 129 9.91 20.79 -47.10
CA GLY IB 129 10.50 20.10 -45.95
C GLY IB 129 9.74 18.82 -45.58
N GLY IB 130 8.40 18.87 -45.64
CA GLY IB 130 7.56 17.69 -45.49
C GLY IB 130 7.89 16.61 -46.52
N ASP IB 131 7.87 16.96 -47.82
CA ASP IB 131 8.19 16.02 -48.88
C ASP IB 131 9.58 15.42 -48.72
N ALA IB 132 10.58 16.24 -48.37
CA ALA IB 132 11.96 15.79 -48.27
C ALA IB 132 12.22 14.92 -47.02
N LEU IB 133 11.24 14.75 -46.12
CA LEU IB 133 11.28 13.77 -45.04
C LEU IB 133 10.61 12.46 -45.47
N TRP IB 134 9.44 12.55 -46.13
CA TRP IB 134 8.72 11.38 -46.64
C TRP IB 134 9.52 10.67 -47.74
N TYR IB 135 9.86 11.42 -48.80
CA TYR IB 135 10.53 10.93 -50.00
C TYR IB 135 12.04 11.18 -49.91
N PRO IB 136 12.88 10.62 -50.81
CA PRO IB 136 14.31 10.88 -50.78
C PRO IB 136 14.68 12.35 -51.00
N TYR IB 137 13.84 13.09 -51.75
CA TYR IB 137 14.08 14.48 -52.17
C TYR IB 137 12.74 15.22 -52.26
N ALA IB 138 12.81 16.55 -52.07
CA ALA IB 138 11.85 17.46 -52.66
C ALA IB 138 12.40 17.91 -54.03
N VAL IB 139 11.51 18.21 -54.98
CA VAL IB 139 11.91 18.52 -56.35
C VAL IB 139 10.91 19.50 -56.99
N GLY IB 140 11.36 20.32 -57.96
CA GLY IB 140 10.45 21.24 -58.63
C GLY IB 140 11.07 22.02 -59.78
N GLU IB 141 10.25 22.90 -60.37
CA GLU IB 141 10.59 23.78 -61.49
C GLU IB 141 10.80 25.22 -61.00
N ILE IB 142 11.48 26.04 -61.82
CA ILE IB 142 11.29 27.48 -61.77
C ILE IB 142 10.18 27.85 -62.76
N GLN IB 143 9.35 28.84 -62.41
CA GLN IB 143 8.26 29.30 -63.26
C GLN IB 143 8.32 30.81 -63.47
N GLU IB 144 7.86 31.23 -64.65
CA GLU IB 144 7.87 32.63 -65.07
C GLU IB 144 6.46 33.11 -65.37
N THR IB 145 6.25 34.41 -65.20
CA THR IB 145 5.13 35.12 -65.81
C THR IB 145 5.23 35.03 -67.34
N ILE IB 146 4.16 35.40 -68.06
CA ILE IB 146 4.16 35.46 -69.52
C ILE IB 146 5.17 36.49 -70.02
N THR IB 147 5.29 37.62 -69.32
CA THR IB 147 6.29 38.67 -69.57
C THR IB 147 7.73 38.20 -69.29
N GLY IB 148 7.91 37.07 -68.59
CA GLY IB 148 9.23 36.50 -68.34
C GLY IB 148 9.91 36.96 -67.06
N GLU IB 149 9.22 37.76 -66.23
CA GLU IB 149 9.59 37.98 -64.84
C GLU IB 149 9.33 36.71 -64.03
N PHE IB 150 10.08 36.50 -62.93
CA PHE IB 150 9.90 35.35 -62.04
C PHE IB 150 8.50 35.25 -61.46
N LYS IB 151 7.91 34.05 -61.45
CA LYS IB 151 6.61 33.78 -60.85
C LYS IB 151 6.74 33.05 -59.51
N GLU IB 152 7.35 31.86 -59.52
CA GLU IB 152 7.48 31.03 -58.34
C GLU IB 152 8.49 29.89 -58.55
N ALA IB 153 8.98 29.31 -57.44
CA ALA IB 153 9.51 27.97 -57.47
C ALA IB 153 8.34 27.00 -57.29
N LEU IB 154 8.07 26.16 -58.30
CA LEU IB 154 6.91 25.30 -58.30
C LEU IB 154 7.33 23.86 -57.96
N PRO IB 155 6.93 23.30 -56.80
CA PRO IB 155 7.21 21.90 -56.49
C PRO IB 155 6.52 20.95 -57.47
N ALA IB 156 7.14 19.79 -57.66
CA ALA IB 156 6.59 18.71 -58.47
C ALA IB 156 6.36 17.47 -57.60
N GLU IB 157 5.38 16.63 -57.96
CA GLU IB 157 4.95 15.52 -57.11
C GLU IB 157 6.07 14.48 -56.99
N PRO IB 158 6.72 14.34 -55.81
CA PRO IB 158 8.02 13.68 -55.71
C PRO IB 158 7.97 12.19 -56.00
N TRP IB 159 6.83 11.52 -55.77
CA TRP IB 159 6.70 10.11 -56.10
C TRP IB 159 6.65 9.85 -57.61
N THR IB 160 6.48 10.89 -58.43
CA THR IB 160 6.40 10.74 -59.87
C THR IB 160 7.76 10.85 -60.57
N LEU IB 161 8.80 11.30 -59.86
CA LEU IB 161 10.08 11.67 -60.44
C LEU IB 161 11.20 10.83 -59.84
N MET IB 162 12.15 10.35 -60.67
CA MET IB 162 13.39 9.78 -60.16
C MET IB 162 14.61 10.32 -60.92
N PRO IB 163 15.75 10.57 -60.23
CA PRO IB 163 16.92 11.14 -60.87
C PRO IB 163 17.77 10.08 -61.57
N GLU IB 164 18.45 10.52 -62.63
CA GLU IB 164 19.46 9.76 -63.34
C GLU IB 164 20.77 10.55 -63.28
N SER IB 165 21.87 9.85 -62.96
CA SER IB 165 23.09 10.44 -62.41
C SER IB 165 24.35 9.81 -63.02
N ASP IB 166 25.44 10.58 -63.04
CA ASP IB 166 26.67 10.20 -63.71
C ASP IB 166 27.63 9.37 -62.83
N ALA IB 167 28.80 9.02 -63.38
CA ALA IB 167 29.82 8.25 -62.70
C ALA IB 167 30.46 8.99 -61.50
N GLN IB 168 30.33 10.32 -61.41
CA GLN IB 168 30.69 11.09 -60.21
C GLN IB 168 29.48 11.46 -59.35
N GLY IB 169 28.33 10.81 -59.59
CA GLY IB 169 27.16 10.81 -58.71
C GLY IB 169 26.23 12.02 -58.85
N LYS IB 170 26.52 12.94 -59.78
CA LYS IB 170 25.72 14.14 -59.95
C LYS IB 170 24.52 13.88 -60.86
N VAL IB 171 23.36 14.46 -60.53
CA VAL IB 171 22.15 14.26 -61.31
C VAL IB 171 22.28 14.99 -62.65
N GLN IB 172 22.01 14.27 -63.75
CA GLN IB 172 22.11 14.77 -65.12
C GLN IB 172 20.75 14.89 -65.80
N ALA IB 173 19.79 14.03 -65.43
CA ALA IB 173 18.44 14.06 -65.96
C ALA IB 173 17.44 13.59 -64.92
N TRP IB 174 16.18 13.99 -65.09
CA TRP IB 174 15.06 13.57 -64.27
C TRP IB 174 14.05 12.83 -65.13
N HIS IB 175 13.67 11.63 -64.69
CA HIS IB 175 12.75 10.77 -65.41
C HIS IB 175 11.42 10.75 -64.65
N GLN IB 176 10.32 11.15 -65.32
CA GLN IB 176 9.03 11.32 -64.66
C GLN IB 176 8.00 10.33 -65.21
N ARG IB 177 7.37 9.54 -64.32
CA ARG IB 177 6.24 8.67 -64.64
C ARG IB 177 4.97 9.11 -63.89
N THR IB 178 3.90 9.41 -64.64
CA THR IB 178 2.65 9.86 -64.06
C THR IB 178 1.46 9.02 -64.53
N LYS IB 179 0.51 8.76 -63.60
CA LYS IB 179 -0.77 8.14 -63.87
C LYS IB 179 -1.55 8.92 -64.91
N THR IB 180 -2.30 8.14 -65.71
CA THR IB 180 -3.27 8.52 -66.73
C THR IB 180 -4.40 7.48 -66.64
N HIS IB 181 -5.55 7.69 -67.30
CA HIS IB 181 -6.61 6.69 -67.28
C HIS IB 181 -6.08 5.30 -67.65
N GLY IB 182 -6.22 4.33 -66.72
CA GLY IB 182 -5.83 2.94 -66.89
C GLY IB 182 -4.35 2.67 -67.22
N GLY IB 183 -3.42 3.60 -66.94
CA GLY IB 183 -2.00 3.40 -67.25
C GLY IB 183 -1.10 4.61 -66.95
N TYR IB 184 0.05 4.69 -67.62
CA TYR IB 184 1.05 5.71 -67.33
C TYR IB 184 1.58 6.42 -68.58
N GLN IB 185 1.90 7.71 -68.41
CA GLN IB 185 2.71 8.49 -69.32
C GLN IB 185 4.08 8.70 -68.69
N THR IB 186 5.15 8.60 -69.48
CA THR IB 186 6.51 8.80 -68.98
C THR IB 186 7.29 9.78 -69.88
N GLN IB 187 8.10 10.65 -69.26
CA GLN IB 187 8.90 11.64 -69.97
C GLN IB 187 10.26 11.83 -69.28
N THR IB 188 11.23 12.45 -69.98
CA THR IB 188 12.53 12.79 -69.41
C THR IB 188 12.80 14.28 -69.58
N LEU IB 189 13.33 14.89 -68.51
CA LEU IB 189 13.64 16.31 -68.42
C LEU IB 189 15.10 16.47 -68.02
N PRO IB 190 15.84 17.50 -68.50
CA PRO IB 190 17.23 17.69 -68.11
C PRO IB 190 17.35 18.20 -66.66
N ALA IB 191 18.48 17.93 -66.01
CA ALA IB 191 18.79 18.51 -64.70
C ALA IB 191 18.99 20.03 -64.75
N ASP IB 192 19.05 20.61 -65.95
CA ASP IB 192 19.35 22.03 -66.20
C ASP IB 192 18.30 22.98 -65.61
N ASP IB 193 17.03 22.57 -65.57
CA ASP IB 193 15.90 23.47 -65.30
C ASP IB 193 14.91 22.97 -64.24
N LEU IB 194 15.15 21.78 -63.67
CA LEU IB 194 14.59 21.42 -62.36
C LEU IB 194 15.59 21.76 -61.25
N TRP IB 195 15.10 21.72 -60.00
CA TRP IB 195 15.92 21.82 -58.78
C TRP IB 195 15.45 20.76 -57.79
N HIP IB 196 16.33 20.36 -56.86
CA HIP IB 196 15.99 19.32 -55.89
CB HIP IB 196 16.25 17.96 -56.56
CG HIP IB 196 17.64 17.43 -56.46
CD2 HIP IB 196 18.05 16.44 -55.63
NE2 HIP IB 196 19.36 16.18 -55.87
CE1 HIP IB 196 19.77 16.94 -56.86
ND1 HIP IB 196 18.75 17.80 -57.30
P HIP IB 196 18.90 18.88 -58.65
O1P HIP IB 196 17.80 18.45 -59.57
O2P HIP IB 196 20.25 18.58 -59.21
O3P HIP IB 196 18.76 20.27 -58.10
C HIP IB 196 16.75 19.50 -54.57
O HIP IB 196 17.85 20.02 -54.52
N ILE IB 197 16.16 18.99 -53.48
CA ILE IB 197 16.68 19.17 -52.12
C ILE IB 197 16.61 17.82 -51.40
N VAL IB 198 17.70 17.43 -50.70
CA VAL IB 198 17.80 16.16 -50.00
C VAL IB 198 18.08 16.41 -48.52
N ILE IB 199 17.22 15.94 -47.61
CA ILE IB 199 17.45 16.06 -46.17
C ILE IB 199 18.25 14.87 -45.65
N ASN IB 200 17.82 13.64 -45.96
CA ASN IB 200 18.45 12.43 -45.46
C ASN IB 200 19.38 11.82 -46.52
N LYS IB 201 20.64 11.56 -46.16
CA LYS IB 201 21.70 11.14 -47.06
C LYS IB 201 22.42 9.89 -46.55
N ALA IB 202 22.85 9.03 -47.49
CA ALA IB 202 23.71 7.88 -47.21
C ALA IB 202 25.16 8.31 -46.95
N SER IB 203 25.60 9.41 -47.58
CA SER IB 203 26.93 9.99 -47.48
C SER IB 203 26.86 11.48 -47.83
N ALA IB 204 27.90 12.25 -47.52
CA ALA IB 204 27.93 13.66 -47.90
C ALA IB 204 27.88 13.89 -49.42
N ARG IB 205 28.28 12.87 -50.20
CA ARG IB 205 28.21 12.85 -51.65
C ARG IB 205 26.86 12.40 -52.22
N ASP IB 206 25.98 11.86 -51.37
CA ASP IB 206 24.70 11.33 -51.80
C ASP IB 206 23.79 12.44 -52.32
N GLU IB 207 23.72 12.57 -53.65
CA GLU IB 207 22.87 13.56 -54.31
C GLU IB 207 21.45 13.04 -54.56
N VAL IB 208 21.14 11.80 -54.14
CA VAL IB 208 19.85 11.14 -54.40
C VAL IB 208 19.04 10.96 -53.12
N GLY IB 209 19.70 10.73 -51.98
CA GLY IB 209 19.04 10.68 -50.68
C GLY IB 209 18.34 9.36 -50.36
N ILE IB 210 17.71 9.33 -49.18
CA ILE IB 210 17.06 8.16 -48.57
C ILE IB 210 15.67 8.55 -48.08
N SER IB 211 14.66 7.71 -48.34
CA SER IB 211 13.36 7.86 -47.69
C SER IB 211 13.40 7.30 -46.26
N GLU IB 212 13.03 8.10 -45.25
CA GLU IB 212 12.90 7.59 -43.89
C GLU IB 212 11.77 6.57 -43.75
N VAL IB 213 10.76 6.62 -44.62
CA VAL IB 213 9.72 5.58 -44.66
C VAL IB 213 10.34 4.25 -45.07
N LEU IB 214 11.06 4.21 -46.20
CA LEU IB 214 11.64 2.95 -46.66
C LEU IB 214 12.77 2.46 -45.75
N ARG IB 215 13.55 3.38 -45.16
CA ARG IB 215 14.58 3.07 -44.18
C ARG IB 215 14.00 2.34 -42.95
N ASN IB 216 12.72 2.60 -42.60
CA ASN IB 216 12.08 2.04 -41.42
C ASN IB 216 10.82 1.23 -41.77
N LYS IB 217 10.74 0.67 -42.98
CA LYS IB 217 9.54 -0.01 -43.46
C LYS IB 217 9.15 -1.21 -42.60
N ASP IB 218 10.15 -1.93 -42.07
CA ASP IB 218 9.91 -3.07 -41.20
C ASP IB 218 9.20 -2.67 -39.89
N GLU IB 219 9.60 -1.58 -39.26
CA GLU IB 219 8.94 -1.09 -38.05
C GLU IB 219 7.51 -0.63 -38.35
N ILE IB 220 7.29 0.01 -39.51
CA ILE IB 220 5.96 0.38 -39.96
C ILE IB 220 5.08 -0.87 -40.15
N GLN IB 221 5.60 -1.90 -40.82
CA GLN IB 221 4.89 -3.15 -41.00
C GLN IB 221 4.59 -3.84 -39.66
N ALA IB 222 5.57 -3.90 -38.75
CA ALA IB 222 5.39 -4.49 -37.43
C ALA IB 222 4.26 -3.80 -36.67
N PHE IB 223 4.25 -2.46 -36.68
CA PHE IB 223 3.20 -1.66 -36.07
C PHE IB 223 1.82 -2.02 -36.66
N LYS IB 224 1.68 -1.94 -37.98
CA LYS IB 224 0.41 -2.16 -38.66
C LYS IB 224 -0.14 -3.58 -38.48
N GLN IB 225 0.73 -4.59 -38.51
CA GLN IB 225 0.33 -5.97 -38.33
C GLN IB 225 -0.16 -6.24 -36.91
N ASN IB 226 0.55 -5.72 -35.89
CA ASN IB 226 0.12 -5.83 -34.51
C ASN IB 226 -1.20 -5.08 -34.26
N GLU IB 227 -1.42 -3.92 -34.89
CA GLU IB 227 -2.68 -3.21 -34.86
C GLU IB 227 -3.84 -4.10 -35.34
N ALA IB 228 -3.69 -4.77 -36.48
CA ALA IB 228 -4.71 -5.67 -37.02
C ALA IB 228 -4.93 -6.88 -36.10
N ALA IB 229 -3.84 -7.47 -35.60
CA ALA IB 229 -3.90 -8.60 -34.69
C ALA IB 229 -4.66 -8.26 -33.41
N ILE IB 230 -4.40 -7.09 -32.81
CA ILE IB 230 -5.12 -6.60 -31.64
C ILE IB 230 -6.60 -6.45 -31.97
N ASN IB 231 -6.93 -5.78 -33.07
CA ASN IB 231 -8.32 -5.50 -33.43
C ASN IB 231 -9.14 -6.79 -33.53
N GLN IB 232 -8.59 -7.80 -34.21
CA GLN IB 232 -9.24 -9.10 -34.35
C GLN IB 232 -9.36 -9.84 -33.01
N ALA IB 233 -8.32 -9.77 -32.18
CA ALA IB 233 -8.35 -10.39 -30.85
C ALA IB 233 -9.38 -9.73 -29.92
N ILE IB 234 -9.53 -8.40 -29.97
CA ILE IB 234 -10.57 -7.72 -29.21
C ILE IB 234 -11.96 -8.23 -29.59
N GLU IB 235 -12.24 -8.42 -30.88
CA GLU IB 235 -13.53 -8.95 -31.29
C GLU IB 235 -13.76 -10.38 -30.76
N LEU IB 236 -12.79 -11.28 -30.94
CA LEU IB 236 -12.99 -12.67 -30.56
C LEU IB 236 -12.96 -12.87 -29.04
N HIS IB 237 -12.05 -12.17 -28.34
CA HIS IB 237 -11.67 -12.48 -26.97
C HIS IB 237 -11.96 -11.35 -25.98
N GLY IB 238 -12.25 -10.14 -26.45
CA GLY IB 238 -12.43 -8.99 -25.58
C GLY IB 238 -13.76 -8.99 -24.81
N PHE IB 239 -14.75 -9.75 -25.29
CA PHE IB 239 -16.10 -9.75 -24.74
C PHE IB 239 -16.49 -11.17 -24.36
N PRO IB 240 -17.17 -11.40 -23.22
CA PRO IB 240 -17.67 -12.74 -22.88
C PRO IB 240 -18.75 -13.16 -23.87
N GLN IB 241 -18.91 -14.48 -24.06
CA GLN IB 241 -19.87 -15.08 -24.97
C GLN IB 241 -20.64 -16.19 -24.24
N ARG IB 242 -21.95 -16.31 -24.49
CA ARG IB 242 -22.77 -17.30 -23.81
C ARG IB 242 -22.64 -18.67 -24.48
N HIP IB 243 -22.53 -19.74 -23.67
CA HIP IB 243 -22.47 -21.12 -24.13
CB HIP IB 243 -21.06 -21.72 -23.89
CG HIP IB 243 -20.93 -23.12 -24.41
CD2 HIP IB 243 -21.78 -23.77 -25.26
NE2 HIP IB 243 -21.28 -25.02 -25.51
CE1 HIP IB 243 -20.13 -25.14 -24.87
ND1 HIP IB 243 -19.87 -24.03 -24.08
P HIP IB 243 -18.57 -23.95 -22.95
O1P HIP IB 243 -18.98 -24.90 -21.87
O2P HIP IB 243 -17.40 -24.52 -23.70
O3P HIP IB 243 -18.38 -22.54 -22.51
C HIP IB 243 -23.56 -21.93 -23.42
O HIP IB 243 -23.37 -22.36 -22.29
N VAL IB 244 -24.71 -22.15 -24.07
CA VAL IB 244 -25.72 -23.03 -23.49
C VAL IB 244 -25.43 -24.48 -23.87
N LYS IB 245 -25.32 -25.33 -22.85
CA LYS IB 245 -25.15 -26.77 -22.98
C LYS IB 245 -26.46 -27.47 -22.59
N VAL IB 246 -26.95 -28.36 -23.48
CA VAL IB 246 -28.27 -28.96 -23.34
C VAL IB 246 -28.13 -30.48 -23.22
N GLY IB 247 -28.98 -31.10 -22.39
CA GLY IB 247 -28.96 -32.53 -22.15
C GLY IB 247 -28.13 -32.89 -20.94
N LYS IB 248 -28.40 -34.09 -20.39
CA LYS IB 248 -27.67 -34.58 -19.23
C LYS IB 248 -26.38 -35.26 -19.68
N GLU IB 249 -25.30 -35.08 -18.92
CA GLU IB 249 -24.05 -35.77 -19.22
C GLU IB 249 -24.25 -37.29 -19.09
N ASP IB 250 -23.85 -38.05 -20.13
CA ASP IB 250 -24.10 -39.49 -20.26
C ASP IB 250 -25.61 -39.85 -20.31
N GLY IB 251 -26.47 -38.87 -20.62
CA GLY IB 251 -27.90 -39.08 -20.84
C GLY IB 251 -28.28 -39.05 -22.33
N ALA IB 252 -29.53 -38.67 -22.62
CA ALA IB 252 -30.05 -38.69 -23.99
C ALA IB 252 -29.39 -37.65 -24.89
N PRO IB 253 -29.06 -37.97 -26.17
CA PRO IB 253 -28.44 -37.01 -27.07
C PRO IB 253 -29.44 -35.99 -27.62
N VAL IB 254 -28.95 -34.78 -27.86
CA VAL IB 254 -29.72 -33.68 -28.40
C VAL IB 254 -29.24 -33.41 -29.84
N ARG IB 255 -30.17 -33.27 -30.80
CA ARG IB 255 -29.83 -33.08 -32.21
C ARG IB 255 -29.97 -31.60 -32.61
N ASP IB 256 -29.47 -31.22 -33.80
CA ASP IB 256 -29.49 -29.85 -34.26
C ASP IB 256 -30.90 -29.25 -34.28
N ASN IB 257 -31.88 -30.03 -34.75
CA ASN IB 257 -33.30 -29.71 -34.75
C ASN IB 257 -33.79 -29.24 -33.37
N ASP IB 258 -33.27 -29.87 -32.33
CA ASP IB 258 -33.67 -29.66 -30.96
C ASP IB 258 -32.99 -28.41 -30.40
N LEU IB 259 -31.70 -28.23 -30.72
CA LEU IB 259 -30.96 -27.04 -30.35
C LEU IB 259 -31.53 -25.78 -31.00
N ARG IB 260 -32.14 -25.86 -32.19
CA ARG IB 260 -32.77 -24.69 -32.82
C ARG IB 260 -33.88 -24.10 -31.95
N ARG IB 261 -34.65 -24.97 -31.28
CA ARG IB 261 -35.72 -24.55 -30.39
C ARG IB 261 -35.13 -23.92 -29.12
N VAL IB 262 -34.09 -24.51 -28.55
CA VAL IB 262 -33.38 -23.89 -27.42
C VAL IB 262 -32.78 -22.54 -27.82
N ARG IB 263 -32.14 -22.44 -28.99
CA ARG IB 263 -31.57 -21.20 -29.50
C ARG IB 263 -32.60 -20.09 -29.55
N THR IB 264 -33.83 -20.41 -29.97
CA THR IB 264 -34.92 -19.44 -30.04
C THR IB 264 -35.25 -18.85 -28.67
N ILE IB 265 -35.20 -19.67 -27.60
CA ILE IB 265 -35.49 -19.25 -26.23
C ILE IB 265 -34.40 -18.31 -25.69
N PHE IB 266 -33.12 -18.70 -25.83
CA PHE IB 266 -32.01 -18.00 -25.20
C PHE IB 266 -31.33 -16.96 -26.09
N ASP IB 267 -31.98 -16.51 -27.17
CA ASP IB 267 -31.32 -15.70 -28.18
C ASP IB 267 -30.85 -14.34 -27.64
N PRO IB 268 -29.53 -14.02 -27.65
CA PRO IB 268 -29.04 -12.74 -27.17
C PRO IB 268 -29.64 -11.56 -27.94
N ARG IB 269 -29.90 -11.68 -29.25
CA ARG IB 269 -30.48 -10.61 -30.06
C ARG IB 269 -31.83 -10.09 -29.53
N THR IB 270 -32.45 -10.84 -28.62
CA THR IB 270 -33.79 -10.60 -28.09
C THR IB 270 -33.81 -10.49 -26.56
N THR IB 271 -32.65 -10.61 -25.92
CA THR IB 271 -32.47 -10.65 -24.46
C THR IB 271 -32.23 -9.24 -23.89
N ASP IB 272 -32.45 -9.06 -22.58
CA ASP IB 272 -32.20 -7.78 -21.91
C ASP IB 272 -31.81 -7.96 -20.43
N ALA IB 273 -31.52 -6.84 -19.74
CA ALA IB 273 -31.16 -6.83 -18.33
C ALA IB 273 -32.29 -7.31 -17.39
N ASN IB 274 -33.53 -7.32 -17.86
CA ASN IB 274 -34.69 -7.79 -17.11
C ASN IB 274 -34.89 -9.31 -17.27
N THR IB 275 -34.22 -9.94 -18.25
CA THR IB 275 -34.52 -11.31 -18.64
C THR IB 275 -34.10 -12.30 -17.55
N ALA IB 276 -35.00 -13.23 -17.23
CA ALA IB 276 -34.71 -14.37 -16.36
C ALA IB 276 -35.06 -15.69 -17.06
N TYR IB 277 -34.39 -16.77 -16.64
CA TYR IB 277 -34.51 -18.08 -17.27
C TYR IB 277 -35.00 -19.13 -16.27
N PHE IB 278 -35.83 -20.05 -16.78
CA PHE IB 278 -36.40 -21.14 -15.99
C PHE IB 278 -36.11 -22.43 -16.73
N THR IB 279 -35.53 -23.43 -16.06
CA THR IB 279 -35.18 -24.66 -16.76
C THR IB 279 -35.32 -25.90 -15.88
N GLY IB 280 -35.43 -27.06 -16.55
CA GLY IB 280 -35.12 -28.31 -15.89
C GLY IB 280 -33.64 -28.36 -15.50
N GLN IB 281 -33.25 -29.41 -14.78
CA GLN IB 281 -31.88 -29.58 -14.32
C GLN IB 281 -30.88 -29.83 -15.45
N ASP IB 282 -31.37 -30.22 -16.65
CA ASP IB 282 -30.51 -30.69 -17.73
C ASP IB 282 -30.27 -29.62 -18.81
N VAL IB 283 -30.27 -28.35 -18.39
CA VAL IB 283 -29.87 -27.22 -19.22
C VAL IB 283 -28.89 -26.37 -18.41
N ASP IB 284 -27.73 -26.07 -19.00
CA ASP IB 284 -26.67 -25.32 -18.34
C ASP IB 284 -26.27 -24.10 -19.18
N VAL IB 285 -26.28 -22.92 -18.54
CA VAL IB 285 -25.87 -21.69 -19.19
C VAL IB 285 -24.45 -21.35 -18.74
N GLU IB 286 -23.47 -21.84 -19.49
CA GLU IB 286 -22.06 -21.52 -19.26
C GLU IB 286 -21.68 -20.21 -19.98
N THR IB 287 -20.51 -19.66 -19.60
CA THR IB 287 -19.97 -18.46 -20.20
C THR IB 287 -18.52 -18.69 -20.62
N LEU IB 288 -18.22 -18.37 -21.89
CA LEU IB 288 -16.87 -18.06 -22.31
C LEU IB 288 -16.55 -16.67 -21.77
N GLU IB 289 -15.64 -16.60 -20.81
CA GLU IB 289 -15.21 -15.33 -20.24
C GLU IB 289 -14.50 -14.49 -21.30
N ALA IB 290 -14.39 -13.17 -21.06
CA ALA IB 290 -13.40 -12.40 -21.80
C ALA IB 290 -12.02 -12.90 -21.39
N HIP IB 291 -11.21 -13.33 -22.36
CA HIP IB 291 -9.92 -13.93 -22.10
CB HIP IB 291 -9.75 -15.13 -23.05
CG HIP IB 291 -10.68 -16.24 -22.71
CD2 HIP IB 291 -10.85 -16.84 -21.49
NE2 HIP IB 291 -11.85 -17.77 -21.59
CE1 HIP IB 291 -12.32 -17.76 -22.83
ND1 HIP IB 291 -11.60 -16.85 -23.62
P HIP IB 291 -11.72 -16.75 -25.34
O1P HIP IB 291 -10.57 -17.53 -25.88
O2P HIP IB 291 -13.05 -17.37 -25.73
O3P HIP IB 291 -11.65 -15.29 -25.56
C HIP IB 291 -8.87 -12.84 -22.14
O HIP IB 291 -8.39 -12.49 -23.22
N ASN IB 292 -8.51 -12.31 -20.97
CA ASN IB 292 -7.63 -11.15 -20.84
C ASN IB 292 -6.25 -11.34 -21.48
N PHE IB 293 -5.83 -10.30 -22.20
CA PHE IB 293 -4.49 -10.15 -22.74
C PHE IB 293 -4.16 -8.66 -22.75
N ASP IB 294 -2.87 -8.30 -22.64
CA ASP IB 294 -2.51 -6.91 -22.44
C ASP IB 294 -2.26 -6.20 -23.78
N TYR IB 295 -3.35 -5.88 -24.48
CA TYR IB 295 -3.26 -5.14 -25.73
C TYR IB 295 -2.66 -3.76 -25.54
N SER IB 296 -2.90 -3.12 -24.38
CA SER IB 296 -2.28 -1.85 -24.05
C SER IB 296 -0.74 -1.94 -24.05
N ALA IB 297 -0.18 -2.99 -23.43
CA ALA IB 297 1.26 -3.21 -23.46
C ALA IB 297 1.78 -3.46 -24.88
N ILE IB 298 1.01 -4.18 -25.71
CA ILE IB 298 1.41 -4.41 -27.10
C ILE IB 298 1.43 -3.08 -27.87
N HIS IB 299 0.37 -2.27 -27.78
CA HIS IB 299 0.34 -0.94 -28.38
C HIS IB 299 1.51 -0.07 -27.91
N GLU IB 300 1.78 -0.02 -26.61
CA GLU IB 300 2.87 0.78 -26.07
C GLU IB 300 4.22 0.31 -26.59
N MET IB 301 4.44 -1.00 -26.70
CA MET IB 301 5.65 -1.55 -27.29
C MET IB 301 5.77 -1.17 -28.77
N ASP IB 302 4.71 -1.32 -29.56
CA ASP IB 302 4.70 -0.90 -30.96
C ASP IB 302 5.06 0.57 -31.10
N MET IB 303 4.41 1.42 -30.30
CA MET IB 303 4.61 2.86 -30.37
C MET IB 303 6.02 3.25 -29.91
N ARG IB 304 6.58 2.57 -28.90
CA ARG IB 304 7.96 2.77 -28.49
C ARG IB 304 8.91 2.44 -29.64
N ASN IB 305 8.77 1.25 -30.23
CA ASN IB 305 9.60 0.86 -31.37
C ASN IB 305 9.49 1.87 -32.52
N LEU IB 306 8.27 2.24 -32.91
CA LEU IB 306 8.06 3.14 -34.04
C LEU IB 306 8.56 4.57 -33.79
N THR IB 307 8.19 5.19 -32.66
CA THR IB 307 8.64 6.55 -32.36
C THR IB 307 10.16 6.62 -32.30
N THR IB 308 10.82 5.70 -31.57
CA THR IB 308 12.27 5.65 -31.51
C THR IB 308 12.89 5.44 -32.89
N ALA IB 309 12.33 4.56 -33.73
CA ALA IB 309 12.82 4.35 -35.09
C ALA IB 309 12.74 5.63 -35.94
N LEU IB 310 11.65 6.40 -35.83
CA LEU IB 310 11.48 7.67 -36.53
C LEU IB 310 12.16 8.85 -35.80
N GLY IB 311 12.90 8.61 -34.72
CA GLY IB 311 13.65 9.64 -34.00
C GLY IB 311 12.82 10.61 -33.16
N LEU IB 312 11.49 10.44 -33.13
CA LEU IB 312 10.60 11.24 -32.29
C LEU IB 312 10.70 10.78 -30.83
N PRO IB 313 10.41 11.65 -29.84
CA PRO IB 313 10.22 11.20 -28.47
C PRO IB 313 8.93 10.38 -28.37
N LEU IB 314 8.89 9.44 -27.42
CA LEU IB 314 7.76 8.54 -27.22
C LEU IB 314 6.45 9.30 -27.00
N GLU IB 315 6.55 10.46 -26.33
CA GLU IB 315 5.42 11.33 -26.01
C GLU IB 315 4.62 11.76 -27.24
N ALA IB 316 5.24 11.87 -28.42
CA ALA IB 316 4.56 12.20 -29.67
C ALA IB 316 3.50 11.17 -30.05
N GLY IB 317 3.68 9.91 -29.61
CA GLY IB 317 2.76 8.82 -29.88
C GLY IB 317 1.62 8.68 -28.88
N ASN IB 318 1.40 9.68 -28.00
CA ASN IB 318 0.41 9.60 -26.93
C ASN IB 318 0.68 8.42 -25.98
N VAL IB 319 1.97 8.17 -25.68
CA VAL IB 319 2.39 7.15 -24.72
C VAL IB 319 3.37 7.79 -23.73
N GLY IB 320 3.14 7.57 -22.42
CA GLY IB 320 4.03 8.05 -21.36
C GLY IB 320 5.05 7.00 -20.90
N ALA IB 321 5.98 7.41 -20.03
CA ALA IB 321 7.02 6.52 -19.51
C ALA IB 321 7.49 6.93 -18.11
N ASP IB 322 7.89 5.93 -17.30
CA ASP IB 322 8.39 6.14 -15.95
C ASP IB 322 9.82 6.67 -15.96
N GLY IB 323 10.13 7.65 -15.09
CA GLY IB 323 11.47 8.18 -14.89
C GLY IB 323 12.03 8.96 -16.09
N LEU IB 324 11.16 9.38 -17.02
CA LEU IB 324 11.56 10.10 -18.24
C LEU IB 324 10.85 11.45 -18.39
N GLY IB 325 9.94 11.81 -17.47
CA GLY IB 325 9.08 12.98 -17.61
C GLY IB 325 9.67 14.30 -17.08
N SER IB 326 10.75 14.22 -16.29
CA SER IB 326 11.32 15.37 -15.59
C SER IB 326 12.83 15.25 -15.36
N GLY IB 327 13.50 16.38 -15.09
CA GLY IB 327 14.93 16.46 -14.80
C GLY IB 327 15.81 16.19 -16.02
N LYS IB 328 17.10 15.88 -15.80
CA LYS IB 328 18.05 15.63 -16.88
C LYS IB 328 17.58 14.53 -17.84
N PRO IB 329 16.92 13.43 -17.40
CA PRO IB 329 16.29 12.47 -18.31
C PRO IB 329 15.33 13.06 -19.35
N ALA IB 330 14.56 14.09 -18.98
CA ALA IB 330 13.75 14.83 -19.93
C ALA IB 330 14.63 15.71 -20.82
N GLU IB 331 15.46 16.56 -20.19
CA GLU IB 331 16.26 17.57 -20.88
C GLU IB 331 17.12 16.97 -22.00
N LEU IB 332 17.67 15.76 -21.79
CA LEU IB 332 18.41 15.07 -22.84
C LEU IB 332 17.57 14.79 -24.08
N ARG IB 333 16.37 14.21 -23.92
CA ARG IB 333 15.58 13.79 -25.07
C ARG IB 333 15.10 14.99 -25.88
N PHE IB 334 14.75 16.08 -25.21
CA PHE IB 334 14.39 17.32 -25.89
C PHE IB 334 15.62 18.01 -26.49
N ALA IB 335 16.81 17.88 -25.91
CA ALA IB 335 18.04 18.30 -26.56
C ALA IB 335 18.31 17.49 -27.84
N LEU IB 336 18.21 16.16 -27.78
CA LEU IB 336 18.37 15.28 -28.93
C LEU IB 336 17.38 15.60 -30.05
N LEU IB 337 16.13 15.90 -29.69
CA LEU IB 337 15.12 16.34 -30.64
C LEU IB 337 15.50 17.67 -31.30
N LYS IB 338 15.88 18.68 -30.52
CA LYS IB 338 16.26 19.99 -31.03
C LYS IB 338 17.51 19.93 -31.91
N LEU IB 339 18.48 19.06 -31.57
CA LEU IB 339 19.67 18.84 -32.40
C LEU IB 339 19.28 18.24 -33.76
N ALA IB 340 18.39 17.25 -33.77
CA ALA IB 340 17.92 16.63 -35.01
C ALA IB 340 17.21 17.67 -35.89
N ILE IB 341 16.34 18.48 -35.29
CA ILE IB 341 15.64 19.56 -35.98
C ILE IB 341 16.65 20.57 -36.56
N LYS IB 342 17.61 21.05 -35.77
CA LYS IB 342 18.64 21.97 -36.21
C LYS IB 342 19.41 21.40 -37.41
N ALA IB 343 19.84 20.14 -37.35
CA ALA IB 343 20.59 19.50 -38.42
C ALA IB 343 19.79 19.41 -39.73
N ASN IB 344 18.51 19.05 -39.65
CA ASN IB 344 17.64 19.03 -40.82
C ASN IB 344 17.43 20.43 -41.38
N GLN IB 345 17.15 21.41 -40.51
CA GLN IB 345 16.95 22.80 -40.90
C GLN IB 345 18.18 23.34 -41.64
N ARG IB 346 19.40 23.18 -41.07
CA ARG IB 346 20.63 23.61 -41.72
C ARG IB 346 20.79 22.98 -43.11
N SER IB 347 20.53 21.67 -43.22
CA SER IB 347 20.66 20.93 -44.47
C SER IB 347 19.69 21.46 -45.53
N PHE IB 348 18.44 21.73 -45.14
CA PHE IB 348 17.42 22.26 -46.01
C PHE IB 348 17.73 23.70 -46.42
N SER IB 349 18.04 24.57 -45.45
CA SER IB 349 18.32 26.00 -45.66
C SER IB 349 19.40 26.20 -46.72
N VAL IB 350 20.53 25.52 -46.57
CA VAL IB 350 21.66 25.67 -47.48
C VAL IB 350 21.23 25.29 -48.90
N GLN IB 351 20.59 24.14 -49.08
CA GLN IB 351 20.20 23.68 -50.41
C GLN IB 351 19.12 24.56 -51.03
N PHE IB 352 18.17 25.08 -50.25
CA PHE IB 352 17.17 25.99 -50.79
C PHE IB 352 17.82 27.29 -51.30
N VAL IB 353 18.72 27.89 -50.52
CA VAL IB 353 19.44 29.08 -50.96
C VAL IB 353 20.26 28.80 -52.23
N GLU IB 354 21.06 27.73 -52.22
CA GLU IB 354 22.00 27.41 -53.28
C GLU IB 354 21.31 26.97 -54.59
N ARG IB 355 20.26 26.12 -54.50
CA ARG IB 355 19.63 25.53 -55.67
C ARG IB 355 18.38 26.28 -56.14
N VAL IB 356 17.76 27.11 -55.28
CA VAL IB 356 16.54 27.84 -55.65
C VAL IB 356 16.78 29.35 -55.64
N MET IB 357 17.16 29.94 -54.49
CA MET IB 357 17.22 31.39 -54.39
C MET IB 357 18.30 32.00 -55.28
N ARG IB 358 19.54 31.49 -55.25
CA ARG IB 358 20.63 32.08 -56.01
C ARG IB 358 20.36 32.10 -57.51
N PRO IB 359 19.93 30.99 -58.16
CA PRO IB 359 19.49 31.02 -59.56
C PRO IB 359 18.41 32.06 -59.84
N VAL IB 360 17.44 32.24 -58.94
CA VAL IB 360 16.39 33.24 -59.13
C VAL IB 360 16.95 34.66 -59.06
N VAL IB 361 17.89 34.94 -58.13
CA VAL IB 361 18.55 36.24 -58.07
C VAL IB 361 19.38 36.48 -59.34
N ARG IB 362 20.16 35.47 -59.77
CA ARG IB 362 21.02 35.54 -60.94
C ARG IB 362 20.23 35.83 -62.22
N ASP IB 363 19.05 35.21 -62.38
CA ASP IB 363 18.36 35.18 -63.67
C ASP IB 363 17.21 36.19 -63.79
N TYR IB 364 16.70 36.73 -62.67
CA TYR IB 364 15.53 37.62 -62.71
C TYR IB 364 15.67 38.89 -61.86
N SER IB 365 16.86 39.17 -61.31
CA SER IB 365 17.06 40.22 -60.33
C SER IB 365 18.24 41.13 -60.70
N PRO IB 366 18.21 42.45 -60.38
CA PRO IB 366 19.36 43.33 -60.62
C PRO IB 366 20.50 43.19 -59.61
N PHE IB 367 20.26 42.49 -58.49
CA PHE IB 367 21.23 42.29 -57.43
C PHE IB 367 22.28 41.23 -57.76
N ASP IB 368 23.38 41.20 -56.98
CA ASP IB 368 24.44 40.20 -57.08
C ASP IB 368 24.02 38.87 -56.46
N HIS IB 369 24.03 37.78 -57.25
CA HIS IB 369 23.69 36.45 -56.74
C HIS IB 369 24.75 35.86 -55.81
N GLU IB 370 26.00 36.37 -55.89
CA GLU IB 370 27.07 35.97 -54.98
C GLU IB 370 26.99 36.68 -53.62
N ALA IB 371 25.93 37.46 -53.37
CA ALA IB 371 25.66 38.02 -52.05
C ALA IB 371 25.47 36.92 -51.00
N ASP IB 372 25.74 37.25 -49.73
CA ASP IB 372 25.71 36.30 -48.63
C ASP IB 372 24.28 36.14 -48.06
N ILE IB 373 23.41 35.47 -48.83
CA ILE IB 373 22.05 35.12 -48.44
C ILE IB 373 22.07 33.96 -47.43
N ARG IB 374 21.23 34.06 -46.38
CA ARG IB 374 20.93 32.96 -45.48
C ARG IB 374 19.41 32.87 -45.28
N LEU IB 375 18.90 31.63 -45.27
CA LEU IB 375 17.53 31.37 -44.87
C LEU IB 375 17.57 30.69 -43.50
N GLU IB 376 17.04 31.34 -42.45
CA GLU IB 376 16.84 30.66 -41.17
C GLU IB 376 15.42 30.09 -41.09
N ILE IB 377 15.29 29.00 -40.32
CA ILE IB 377 14.00 28.38 -40.02
C ILE IB 377 13.89 28.38 -38.50
N ASN IB 378 12.74 28.79 -37.98
CA ASN IB 378 12.57 29.02 -36.55
C ASN IB 378 12.61 27.73 -35.73
N ASP IB 379 13.09 27.84 -34.49
CA ASP IB 379 13.07 26.76 -33.52
C ASP IB 379 11.64 26.55 -33.03
N PRO IB 380 11.02 25.35 -33.23
CA PRO IB 380 9.64 25.10 -32.82
C PRO IB 380 9.39 25.04 -31.31
N LEU IB 381 10.45 24.90 -30.49
CA LEU IB 381 10.30 24.59 -29.07
C LEU IB 381 10.90 25.67 -28.15
N GLU IB 382 10.96 26.92 -28.63
CA GLU IB 382 11.36 28.06 -27.81
C GLU IB 382 10.33 28.37 -26.72
N ASP IB 383 10.82 28.58 -25.49
CA ASP IB 383 10.03 29.22 -24.45
C ASP IB 383 10.34 30.72 -24.44
N ILE IB 384 9.38 31.55 -24.85
CA ILE IB 384 9.55 33.01 -24.84
C ILE IB 384 9.80 33.53 -23.42
N GLY IB 385 9.27 32.85 -22.40
CA GLY IB 385 9.53 33.20 -21.00
C GLY IB 385 11.00 33.03 -20.61
N GLU IB 386 11.67 31.99 -21.15
CA GLU IB 386 13.11 31.82 -20.93
C GLU IB 386 13.90 32.91 -21.65
N VAL IB 387 13.45 33.31 -22.85
CA VAL IB 387 14.06 34.39 -23.61
C VAL IB 387 13.91 35.71 -22.84
N ALA IB 388 12.73 35.97 -22.28
CA ALA IB 388 12.47 37.16 -21.48
C ALA IB 388 13.33 37.20 -20.21
N ASP IB 389 13.44 36.06 -19.52
CA ASP IB 389 14.35 35.93 -18.38
C ASP IB 389 15.78 36.27 -18.79
N LEU IB 390 16.27 35.70 -19.90
CA LEU IB 390 17.59 36.00 -20.42
C LEU IB 390 17.77 37.50 -20.68
N ILE IB 391 16.80 38.13 -21.37
CA ILE IB 391 16.85 39.55 -21.67
C ILE IB 391 16.92 40.39 -20.38
N GLN IB 392 16.15 40.05 -19.34
CA GLN IB 392 16.27 40.75 -18.06
C GLN IB 392 17.66 40.58 -17.43
N GLN IB 393 18.23 39.38 -17.50
CA GLN IB 393 19.47 39.07 -16.80
C GLN IB 393 20.70 39.66 -17.48
N VAL IB 394 20.73 39.70 -18.83
CA VAL IB 394 21.96 40.05 -19.56
C VAL IB 394 21.73 41.04 -20.71
N GLY IB 395 20.54 41.66 -20.82
CA GLY IB 395 20.24 42.70 -21.79
C GLY IB 395 21.26 43.84 -21.78
N ASP IB 396 21.85 44.11 -20.61
CA ASP IB 396 22.88 45.12 -20.42
C ASP IB 396 24.15 44.87 -21.25
N TYR IB 397 24.27 43.67 -21.85
CA TYR IB 397 25.40 43.29 -22.70
C TYR IB 397 25.02 43.07 -24.17
N MET IB 398 23.75 43.32 -24.53
CA MET IB 398 23.23 43.09 -25.88
C MET IB 398 22.81 44.42 -26.52
N THR IB 399 23.00 44.57 -27.84
CA THR IB 399 22.44 45.75 -28.51
C THR IB 399 20.91 45.63 -28.60
N ASN IB 400 20.23 46.76 -28.74
CA ASN IB 400 18.78 46.76 -28.92
C ASN IB 400 18.35 45.99 -30.16
N GLU IB 401 19.19 45.97 -31.21
CA GLU IB 401 18.96 45.11 -32.37
C GLU IB 401 18.99 43.64 -31.96
N GLN IB 402 20.04 43.19 -31.25
CA GLN IB 402 20.18 41.82 -30.80
C GLN IB 402 18.99 41.40 -29.93
N VAL IB 403 18.54 42.28 -29.03
CA VAL IB 403 17.38 42.03 -28.19
C VAL IB 403 16.12 41.87 -29.06
N ALA IB 404 15.93 42.74 -30.05
CA ALA IB 404 14.80 42.61 -30.98
C ALA IB 404 14.86 41.30 -31.76
N GLU IB 405 16.04 40.84 -32.20
CA GLU IB 405 16.21 39.55 -32.86
C GLU IB 405 15.79 38.40 -31.95
N LYS IB 406 16.33 38.33 -30.72
CA LYS IB 406 16.00 37.26 -29.77
C LYS IB 406 14.50 37.25 -29.45
N LEU IB 407 13.92 38.44 -29.27
CA LEU IB 407 12.52 38.63 -28.93
C LEU IB 407 11.57 38.45 -30.14
N ASP IB 408 12.11 38.23 -31.35
CA ASP IB 408 11.37 38.13 -32.61
C ASP IB 408 10.50 39.36 -32.89
N LEU IB 409 11.14 40.53 -32.94
CA LEU IB 409 10.51 41.81 -33.27
C LEU IB 409 11.31 42.55 -34.35
N PRO IB 410 10.68 43.49 -35.10
CA PRO IB 410 11.42 44.37 -36.00
C PRO IB 410 12.47 45.18 -35.22
N ALA IB 411 13.68 45.25 -35.79
CA ALA IB 411 14.75 46.09 -35.23
C ALA IB 411 14.31 47.56 -35.24
N PRO IB 412 14.75 48.39 -34.26
CA PRO IB 412 14.36 49.81 -34.20
C PRO IB 412 14.65 50.60 -35.49
N GLU IB 413 13.81 51.61 -35.75
CA GLU IB 413 13.90 52.45 -36.95
C GLU IB 413 15.18 53.28 -36.98
N ASP IB 414 15.50 53.92 -35.85
CA ASP IB 414 16.75 54.65 -35.70
C ASP IB 414 17.92 53.69 -35.47
N ASP IB 415 18.85 53.66 -36.42
CA ASP IB 415 20.06 52.82 -36.32
C ASP IB 415 20.87 53.11 -35.07
N GLU IB 416 20.85 54.34 -34.53
CA GLU IB 416 21.54 54.65 -33.28
C GLU IB 416 20.92 53.87 -32.11
N VAL IB 417 19.59 53.94 -31.97
CA VAL IB 417 18.95 53.23 -30.87
C VAL IB 417 19.08 51.72 -31.08
N ALA IB 418 19.01 51.23 -32.33
CA ALA IB 418 19.23 49.82 -32.62
C ALA IB 418 20.63 49.35 -32.19
N ASP IB 419 21.66 50.15 -32.49
CA ASP IB 419 23.05 49.79 -32.25
C ASP IB 419 23.43 49.89 -30.77
N SER IB 420 22.81 50.82 -30.03
CA SER IB 420 23.12 51.02 -28.62
C SER IB 420 22.73 49.82 -27.74
N TYR IB 421 23.33 49.76 -26.54
CA TYR IB 421 23.20 48.65 -25.61
C TYR IB 421 22.14 48.89 -24.53
N ARG IB 422 21.99 50.11 -24.02
CA ARG IB 422 20.93 50.42 -23.06
C ARG IB 422 19.58 50.55 -23.77
N SER IB 423 18.48 50.21 -23.07
CA SER IB 423 17.14 50.08 -23.63
C SER IB 423 16.69 51.32 -24.42
N PRO IB 424 15.86 51.17 -25.49
CA PRO IB 424 15.24 52.31 -26.16
C PRO IB 424 14.30 53.10 -25.26
N ALA IB 425 13.54 52.43 -24.38
CA ALA IB 425 12.72 53.12 -23.39
C ALA IB 425 13.57 53.94 -22.41
N ASP IB 426 14.75 53.42 -22.02
CA ASP IB 426 15.69 54.14 -21.17
C ASP IB 426 16.35 55.32 -21.87
N MET IB 427 16.63 55.21 -23.17
CA MET IB 427 17.09 56.36 -23.93
C MET IB 427 16.00 57.42 -24.10
N GLU IB 428 14.75 57.02 -24.36
CA GLU IB 428 13.64 57.96 -24.50
C GLU IB 428 13.43 58.80 -23.23
N LYS IB 429 13.38 58.17 -22.05
CA LYS IB 429 13.14 58.88 -20.80
C LYS IB 429 14.27 59.88 -20.49
N ASP IB 430 15.51 59.58 -20.87
CA ASP IB 430 16.62 60.52 -20.72
C ASP IB 430 16.58 61.63 -21.78
N GLU IB 431 16.40 61.28 -23.06
CA GLU IB 431 16.40 62.24 -24.17
C GLU IB 431 15.27 63.27 -24.01
N ALA IB 432 14.11 62.85 -23.50
CA ALA IB 432 13.02 63.74 -23.13
C ALA IB 432 13.29 64.48 -21.80
N GLY IB 433 13.79 63.75 -20.77
CA GLY IB 433 13.85 64.23 -19.40
C GLY IB 433 15.02 65.19 -19.08
N VAL IB 434 16.16 65.03 -19.76
CA VAL IB 434 17.36 65.84 -19.56
C VAL IB 434 17.19 67.18 -20.30
N ALA JB 31 68.04 12.93 -29.26
CA ALA JB 31 67.04 11.90 -29.67
C ALA JB 31 67.13 11.69 -31.19
N SER JB 32 65.98 11.55 -31.88
CA SER JB 32 65.93 11.14 -33.28
C SER JB 32 64.79 11.82 -34.06
N SER JB 33 64.87 11.75 -35.40
CA SER JB 33 63.89 12.34 -36.31
C SER JB 33 62.97 11.32 -37.00
N THR JB 34 63.07 10.04 -36.62
CA THR JB 34 62.13 9.01 -37.06
C THR JB 34 61.74 8.13 -35.88
N PRO JB 35 60.47 7.63 -35.80
CA PRO JB 35 60.03 6.83 -34.67
C PRO JB 35 60.83 5.54 -34.58
N GLN JB 36 61.60 5.39 -33.49
CA GLN JB 36 62.51 4.26 -33.33
C GLN JB 36 61.82 3.02 -32.74
N THR JB 37 60.66 3.18 -32.08
CA THR JB 37 59.80 2.04 -31.77
C THR JB 37 58.90 1.71 -32.96
N ASN JB 38 58.68 0.41 -33.18
CA ASN JB 38 57.81 -0.11 -34.22
C ASN JB 38 56.33 0.03 -33.83
N VAL JB 39 55.40 -0.29 -34.77
CA VAL JB 39 53.99 0.08 -34.64
C VAL JB 39 53.01 -1.04 -35.01
N ASP JB 40 53.43 -2.30 -34.85
CA ASP JB 40 52.54 -3.45 -34.72
C ASP JB 40 51.62 -3.76 -35.92
N SER JB 41 51.90 -3.17 -37.09
CA SER JB 41 51.31 -3.64 -38.34
C SER JB 41 52.19 -3.24 -39.52
N MET JB 42 52.24 -4.12 -40.53
CA MET JB 42 52.82 -3.84 -41.85
C MET JB 42 52.46 -4.98 -42.81
N GLY JB 43 52.05 -4.62 -44.04
CA GLY JB 43 51.77 -5.56 -45.12
C GLY JB 43 50.55 -6.44 -44.89
N GLY JB 44 50.40 -7.47 -45.74
CA GLY JB 44 49.31 -8.44 -45.67
C GLY JB 44 49.51 -9.54 -44.62
N GLY JB 45 48.57 -10.49 -44.59
CA GLY JB 45 48.55 -11.61 -43.65
C GLY JB 45 48.30 -11.17 -42.22
N GLY JB 52 41.01 -6.78 -36.55
CA GLY JB 52 41.05 -5.31 -36.68
C GLY JB 52 42.42 -4.78 -37.12
N GLN JB 53 43.44 -5.66 -37.15
CA GLN JB 53 44.78 -5.34 -37.66
C GLN JB 53 44.79 -4.99 -39.15
N ASP JB 54 43.76 -5.47 -39.88
CA ASP JB 54 43.38 -5.06 -41.23
C ASP JB 54 41.86 -5.17 -41.39
N LEU JB 55 41.27 -4.43 -42.35
CA LEU JB 55 39.84 -4.46 -42.63
C LEU JB 55 39.57 -4.61 -44.12
N THR JB 56 38.61 -5.48 -44.46
CA THR JB 56 38.20 -5.73 -45.84
C THR JB 56 37.10 -4.75 -46.28
N PHE JB 57 36.92 -4.60 -47.60
CA PHE JB 57 35.76 -3.88 -48.11
C PHE JB 57 34.43 -4.53 -47.70
N GLU JB 58 34.41 -5.82 -47.39
CA GLU JB 58 33.21 -6.49 -46.88
C GLU JB 58 32.87 -6.02 -45.47
N ASP JB 59 33.86 -5.87 -44.59
CA ASP JB 59 33.66 -5.29 -43.27
C ASP JB 59 33.08 -3.87 -43.37
N LEU JB 60 33.65 -3.08 -44.28
CA LEU JB 60 33.19 -1.71 -44.53
C LEU JB 60 31.76 -1.68 -45.05
N ARG JB 61 31.40 -2.58 -45.97
CA ARG JB 61 30.02 -2.66 -46.46
C ARG JB 61 29.07 -3.24 -45.43
N ASP JB 62 29.55 -4.06 -44.49
CA ASP JB 62 28.74 -4.45 -43.34
C ASP JB 62 28.41 -3.25 -42.45
N ILE JB 63 29.35 -2.32 -42.23
CA ILE JB 63 29.04 -1.08 -41.53
C ILE JB 63 27.96 -0.30 -42.29
N LYS JB 64 28.15 -0.13 -43.60
CA LYS JB 64 27.20 0.55 -44.48
C LYS JB 64 25.80 -0.06 -44.35
N ASP JB 65 25.71 -1.40 -44.34
CA ASP JB 65 24.45 -2.10 -44.19
C ASP JB 65 23.78 -1.84 -42.83
N VAL JB 66 24.54 -1.82 -41.73
CA VAL JB 66 23.94 -1.46 -40.44
C VAL JB 66 23.34 -0.05 -40.52
N ARG JB 67 24.08 0.93 -41.05
CA ARG JB 67 23.64 2.31 -41.15
C ARG JB 67 22.38 2.48 -42.01
N ASP JB 68 22.31 1.81 -43.16
CA ASP JB 68 21.18 1.96 -44.07
C ASP JB 68 19.94 1.14 -43.64
N SER JB 69 20.11 0.14 -42.75
CA SER JB 69 19.01 -0.72 -42.29
C SER JB 69 18.00 -0.03 -41.37
N GLY JB 70 18.30 1.17 -40.86
CA GLY JB 70 17.37 1.94 -40.03
C GLY JB 70 17.08 1.31 -38.67
N GLY JB 71 15.89 1.60 -38.13
CA GLY JB 71 15.48 1.10 -36.83
C GLY JB 71 16.23 1.73 -35.66
N GLN JB 72 16.14 1.07 -34.49
CA GLN JB 72 16.56 1.67 -33.23
C GLN JB 72 18.08 1.85 -33.17
N VAL JB 73 18.84 0.88 -33.71
CA VAL JB 73 20.29 0.89 -33.72
C VAL JB 73 20.80 2.10 -34.51
N ALA JB 74 20.29 2.30 -35.73
CA ALA JB 74 20.66 3.41 -36.57
C ALA JB 74 20.33 4.75 -35.90
N GLN JB 75 19.16 4.87 -35.27
CA GLN JB 75 18.80 6.10 -34.59
C GLN JB 75 19.71 6.41 -33.42
N LEU JB 76 20.11 5.40 -32.62
CA LEU JB 76 21.04 5.62 -31.51
C LEU JB 76 22.38 6.15 -32.01
N MET JB 77 22.93 5.55 -33.07
CA MET JB 77 24.20 6.01 -33.60
C MET JB 77 24.07 7.40 -34.25
N ASP JB 78 22.93 7.71 -34.88
CA ASP JB 78 22.61 9.06 -35.35
C ASP JB 78 22.54 10.07 -34.20
N TYR JB 79 21.90 9.73 -33.06
CA TYR JB 79 21.92 10.56 -31.87
C TYR JB 79 23.35 10.80 -31.36
N LYS JB 80 24.21 9.79 -31.42
CA LYS JB 80 25.61 9.94 -31.05
C LYS JB 80 26.32 10.98 -31.93
N ALA JB 81 26.12 10.93 -33.25
CA ALA JB 81 26.66 11.93 -34.17
C ALA JB 81 26.10 13.34 -33.89
N LEU JB 82 24.78 13.45 -33.65
CA LEU JB 82 24.14 14.72 -33.34
C LEU JB 82 24.67 15.33 -32.04
N LEU JB 83 24.86 14.53 -30.98
CA LEU JB 83 25.42 15.03 -29.73
C LEU JB 83 26.84 15.56 -29.93
N ASN JB 84 27.66 14.83 -30.66
CA ASN JB 84 29.07 15.19 -30.80
C ASN JB 84 29.27 16.40 -31.72
N PHE JB 85 28.45 16.55 -32.77
CA PHE JB 85 28.77 17.45 -33.89
C PHE JB 85 27.59 18.29 -34.39
N GLY JB 86 26.38 18.05 -33.91
CA GLY JB 86 25.18 18.71 -34.44
C GLY JB 86 25.01 20.18 -34.05
N GLU JB 87 25.68 20.65 -32.99
CA GLU JB 87 25.48 21.99 -32.47
C GLU JB 87 26.27 23.06 -33.23
N GLY JB 88 27.03 22.66 -34.27
CA GLY JB 88 27.77 23.60 -35.11
C GLY JB 88 29.09 24.06 -34.48
N CYS JB 89 29.73 25.03 -35.13
CA CYS JB 89 31.14 25.32 -34.87
C CYS JB 89 31.47 26.82 -34.93
N GLU JB 90 32.67 27.17 -34.47
CA GLU JB 90 33.23 28.52 -34.56
C GLU JB 90 34.74 28.46 -34.84
N ILE JB 91 35.24 29.38 -35.67
CA ILE JB 91 36.65 29.49 -36.01
C ILE JB 91 37.29 30.64 -35.25
N HIS JB 92 38.45 30.38 -34.65
CA HIS JB 92 39.28 31.38 -34.00
C HIS JB 92 40.69 31.38 -34.59
N VAL JB 93 41.35 32.54 -34.57
CA VAL JB 93 42.77 32.62 -34.85
C VAL JB 93 43.40 33.51 -33.76
N GLU JB 94 44.54 33.09 -33.18
CA GLU JB 94 45.22 33.95 -32.22
C GLU JB 94 45.83 35.17 -32.92
N GLY JB 95 45.55 36.38 -32.42
CA GLY JB 95 45.97 37.62 -33.07
C GLY JB 95 45.39 37.79 -34.48
N ASP JB 96 44.13 37.35 -34.67
CA ASP JB 96 43.44 37.37 -35.95
C ASP JB 96 43.47 38.75 -36.64
N ASP JB 97 43.22 39.82 -35.87
CA ASP JB 97 43.25 41.19 -36.37
C ASP JB 97 44.62 41.61 -36.90
N GLU JB 98 45.71 41.07 -36.32
CA GLU JB 98 47.07 41.32 -36.79
C GLU JB 98 47.29 40.75 -38.20
N THR JB 99 46.44 39.81 -38.64
CA THR JB 99 46.59 39.16 -39.95
C THR JB 99 46.07 40.05 -41.10
N LYS JB 100 45.36 41.16 -40.79
CA LYS JB 100 44.70 42.04 -41.75
C LYS JB 100 45.53 42.26 -43.02
N GLN JB 101 44.96 41.82 -44.16
CA GLN JB 101 45.65 41.77 -45.44
C GLN JB 101 44.64 42.00 -46.56
N LEU JB 102 45.07 42.62 -47.67
CA LEU JB 102 44.20 42.83 -48.83
C LEU JB 102 44.13 41.54 -49.66
N VAL JB 103 42.94 40.91 -49.68
CA VAL JB 103 42.72 39.65 -50.37
C VAL JB 103 42.41 39.88 -51.85
N ASP JB 104 41.55 40.88 -52.13
CA ASP JB 104 41.18 41.31 -53.47
C ASP JB 104 40.86 42.80 -53.40
N GLY JB 105 41.86 43.60 -53.02
CA GLY JB 105 41.69 45.01 -52.72
C GLY JB 105 40.99 45.24 -51.36
N GLU JB 106 39.95 44.44 -51.09
CA GLU JB 106 39.25 44.44 -49.80
C GLU JB 106 40.09 43.76 -48.72
N PRO JB 107 40.21 44.37 -47.50
CA PRO JB 107 40.88 43.72 -46.37
C PRO JB 107 40.12 42.52 -45.81
N MET JB 108 40.86 41.50 -45.36
CA MET JB 108 40.32 40.42 -44.52
C MET JB 108 41.34 40.02 -43.46
N THR JB 109 40.81 39.48 -42.36
CA THR JB 109 41.55 38.64 -41.44
C THR JB 109 41.53 37.19 -41.93
N LEU JB 110 42.45 36.36 -41.39
CA LEU JB 110 42.45 34.94 -41.72
C LEU JB 110 41.14 34.26 -41.29
N SER JB 111 40.55 34.62 -40.14
CA SER JB 111 39.27 34.06 -39.75
C SER JB 111 38.16 34.39 -40.76
N GLU JB 112 38.08 35.65 -41.21
CA GLU JB 112 37.11 36.03 -42.23
C GLU JB 112 37.32 35.25 -43.53
N TRP JB 113 38.59 35.10 -43.94
CA TRP JB 113 38.88 34.34 -45.14
C TRP JB 113 38.48 32.87 -45.00
N LEU JB 114 38.79 32.25 -43.85
CA LEU JB 114 38.41 30.87 -43.59
C LEU JB 114 36.89 30.67 -43.58
N GLU JB 115 36.13 31.59 -42.98
CA GLU JB 115 34.67 31.52 -43.01
C GLU JB 115 34.13 31.61 -44.45
N ASP JB 116 34.81 32.34 -45.34
CA ASP JB 116 34.44 32.41 -46.75
C ASP JB 116 34.93 31.18 -47.53
N ALA JB 117 36.04 30.56 -47.12
CA ALA JB 117 36.58 29.34 -47.71
C ALA JB 117 35.72 28.11 -47.35
N PHE JB 118 35.15 28.10 -46.14
CA PHE JB 118 34.29 27.03 -45.64
C PHE JB 118 32.92 27.56 -45.21
N PRO JB 119 32.03 27.98 -46.15
CA PRO JB 119 30.77 28.64 -45.78
C PRO JB 119 29.81 27.75 -44.97
N HIS JB 120 29.83 26.44 -45.25
CA HIS JB 120 28.86 25.49 -44.71
C HIS JB 120 29.55 24.48 -43.77
N LEU JB 121 30.48 24.97 -42.95
CA LEU JB 121 31.31 24.12 -42.11
C LEU JB 121 30.47 23.35 -41.07
N ASP JB 122 29.35 23.91 -40.62
CA ASP JB 122 28.40 23.23 -39.75
C ASP JB 122 27.87 21.92 -40.33
N LEU JB 123 27.62 21.88 -41.66
CA LEU JB 123 27.20 20.65 -42.32
C LEU JB 123 28.38 19.69 -42.44
N LEU JB 124 29.53 20.19 -42.90
CA LEU JB 124 30.71 19.37 -43.11
C LEU JB 124 31.16 18.70 -41.81
N VAL JB 125 31.22 19.44 -40.71
CA VAL JB 125 31.58 18.91 -39.40
C VAL JB 125 30.64 17.78 -38.98
N LEU JB 126 29.32 17.95 -39.14
CA LEU JB 126 28.37 16.91 -38.79
C LEU JB 126 28.50 15.67 -39.68
N ASP JB 127 28.65 15.85 -40.99
CA ASP JB 127 28.81 14.74 -41.93
C ASP JB 127 30.10 13.95 -41.66
N LEU JB 128 31.24 14.65 -41.59
CA LEU JB 128 32.53 13.99 -41.34
C LEU JB 128 32.55 13.36 -39.95
N GLY JB 129 32.09 14.09 -38.93
CA GLY JB 129 32.04 13.58 -37.57
C GLY JB 129 31.17 12.33 -37.43
N GLY JB 130 30.01 12.31 -38.11
CA GLY JB 130 29.16 11.13 -38.19
C GLY JB 130 29.88 9.95 -38.84
N ASP JB 131 30.51 10.17 -40.00
CA ASP JB 131 31.24 9.12 -40.70
C ASP JB 131 32.40 8.59 -39.87
N ALA JB 132 33.15 9.46 -39.19
CA ALA JB 132 34.26 9.06 -38.34
C ALA JB 132 33.82 8.34 -37.05
N LEU JB 133 32.52 8.36 -36.70
CA LEU JB 133 31.98 7.53 -35.62
C LEU JB 133 31.53 6.16 -36.14
N TRP JB 134 30.78 6.14 -37.24
CA TRP JB 134 30.31 4.92 -37.89
C TRP JB 134 31.48 4.06 -38.41
N TYR JB 135 32.33 4.65 -39.25
CA TYR JB 135 33.46 4.00 -39.91
C TYR JB 135 34.75 4.28 -39.14
N PRO JB 136 35.89 3.62 -39.46
CA PRO JB 136 37.15 3.88 -38.76
C PRO JB 136 37.68 5.29 -38.99
N TYR JB 137 37.36 5.89 -40.16
CA TYR JB 137 37.85 7.20 -40.58
C TYR JB 137 36.77 7.91 -41.38
N ALA JB 138 36.79 9.25 -41.33
CA ALA JB 138 36.28 10.07 -42.42
C ALA JB 138 37.43 10.34 -43.40
N VAL JB 139 37.11 10.51 -44.70
CA VAL JB 139 38.12 10.66 -45.74
C VAL JB 139 37.58 11.55 -46.87
N GLY JB 140 38.44 12.33 -47.53
CA GLY JB 140 38.02 13.21 -48.60
C GLY JB 140 39.17 13.83 -49.40
N GLU JB 141 38.79 14.61 -50.42
CA GLU JB 141 39.69 15.31 -51.34
C GLU JB 141 39.75 16.81 -51.02
N ILE JB 142 40.73 17.51 -51.59
CA ILE JB 142 40.66 18.97 -51.76
C ILE JB 142 40.28 19.22 -53.23
N GLN JB 143 39.29 20.10 -53.46
CA GLN JB 143 38.76 20.37 -54.79
C GLN JB 143 38.87 21.85 -55.16
N GLU JB 144 39.04 22.11 -56.46
CA GLU JB 144 39.32 23.43 -56.98
C GLU JB 144 38.28 23.85 -58.04
N THR JB 145 38.10 25.17 -58.15
CA THR JB 145 37.53 25.79 -59.34
C THR JB 145 38.41 25.48 -60.56
N ILE JB 146 37.90 25.72 -61.77
CA ILE JB 146 38.68 25.55 -63.00
C ILE JB 146 39.87 26.52 -63.02
N THR JB 147 39.64 27.77 -62.56
CA THR JB 147 40.64 28.82 -62.41
C THR JB 147 41.69 28.49 -61.33
N GLY JB 148 41.46 27.46 -60.50
CA GLY JB 148 42.45 26.97 -59.56
C GLY JB 148 42.31 27.49 -58.13
N GLU JB 149 41.44 28.49 -57.90
CA GLU JB 149 41.00 28.84 -56.56
C GLU JB 149 40.32 27.64 -55.87
N PHE JB 150 40.40 27.59 -54.53
CA PHE JB 150 39.80 26.53 -53.73
C PHE JB 150 38.28 26.53 -53.83
N LYS JB 151 37.68 25.35 -54.07
CA LYS JB 151 36.23 25.16 -54.16
C LYS JB 151 35.67 24.65 -52.83
N GLU JB 152 36.12 23.45 -52.42
CA GLU JB 152 35.67 22.81 -51.18
C GLU JB 152 36.59 21.65 -50.78
N ALA JB 153 36.53 21.26 -49.49
CA ALA JB 153 37.00 19.95 -49.08
C ALA JB 153 35.86 18.95 -49.34
N LEU JB 154 36.08 17.99 -50.25
CA LEU JB 154 35.02 17.11 -50.72
C LEU JB 154 35.17 15.72 -50.09
N PRO JB 155 34.29 15.33 -49.13
CA PRO JB 155 34.32 13.97 -48.59
C PRO JB 155 34.12 12.88 -49.64
N ALA JB 156 34.59 11.67 -49.32
CA ALA JB 156 34.41 10.48 -50.13
C ALA JB 156 33.68 9.41 -49.30
N GLU JB 157 33.04 8.46 -49.99
CA GLU JB 157 32.21 7.46 -49.35
C GLU JB 157 33.08 6.43 -48.62
N PRO JB 158 33.16 6.45 -47.27
CA PRO JB 158 34.25 5.80 -46.55
C PRO JB 158 34.25 4.27 -46.66
N TRP JB 159 33.09 3.66 -46.89
CA TRP JB 159 33.03 2.21 -47.10
C TRP JB 159 33.70 1.77 -48.41
N THR JB 160 33.94 2.70 -49.34
CA THR JB 160 34.57 2.40 -50.62
C THR JB 160 36.10 2.43 -50.57
N LEU JB 161 36.69 2.97 -49.49
CA LEU JB 161 38.11 3.30 -49.42
C LEU JB 161 38.78 2.61 -48.25
N MET JB 162 39.97 2.05 -48.46
CA MET JB 162 40.79 1.53 -47.37
C MET JB 162 42.25 1.96 -47.53
N PRO JB 163 42.97 2.31 -46.42
CA PRO JB 163 44.32 2.83 -46.52
C PRO JB 163 45.36 1.74 -46.71
N GLU JB 164 46.53 2.18 -47.19
CA GLU JB 164 47.75 1.39 -47.28
C GLU JB 164 48.85 2.18 -46.59
N SER JB 165 49.62 1.50 -45.70
CA SER JB 165 50.48 2.17 -44.75
C SER JB 165 51.88 1.57 -44.67
N ASP JB 166 52.84 2.34 -44.14
CA ASP JB 166 54.25 2.00 -44.11
C ASP JB 166 54.72 1.37 -42.79
N ALA JB 167 56.05 1.16 -42.68
CA ALA JB 167 56.73 0.61 -41.51
C ALA JB 167 56.57 1.44 -40.23
N GLN JB 168 56.15 2.71 -40.34
CA GLN JB 168 55.84 3.56 -39.18
C GLN JB 168 54.35 3.96 -39.14
N GLY JB 169 53.49 3.23 -39.86
CA GLY JB 169 52.05 3.34 -39.75
C GLY JB 169 51.43 4.57 -40.43
N LYS JB 170 52.22 5.38 -41.14
CA LYS JB 170 51.68 6.50 -41.91
C LYS JB 170 50.97 5.96 -43.15
N VAL JB 171 49.84 6.57 -43.51
CA VAL JB 171 49.14 6.20 -44.73
C VAL JB 171 49.89 6.77 -45.93
N GLN JB 172 50.24 5.90 -46.88
CA GLN JB 172 50.98 6.26 -48.09
C GLN JB 172 50.09 6.25 -49.33
N ALA JB 173 49.06 5.40 -49.35
CA ALA JB 173 48.09 5.35 -50.45
C ALA JB 173 46.72 4.93 -49.95
N TRP JB 174 45.71 5.15 -50.79
CA TRP JB 174 44.33 4.77 -50.54
C TRP JB 174 43.84 3.89 -51.68
N HIS JB 175 43.32 2.71 -51.34
CA HIS JB 175 42.77 1.76 -52.29
C HIS JB 175 41.25 1.91 -52.30
N GLN JB 176 40.64 2.14 -53.47
CA GLN JB 176 39.20 2.35 -53.58
C GLN JB 176 38.56 1.30 -54.50
N ARG JB 177 37.43 0.71 -54.07
CA ARG JB 177 36.57 -0.06 -54.98
C ARG JB 177 35.10 0.33 -54.85
N THR JB 178 34.40 0.31 -56.00
CA THR JB 178 33.04 0.81 -56.12
C THR JB 178 32.23 -0.02 -57.12
N LYS JB 179 30.92 -0.14 -56.89
CA LYS JB 179 29.96 -0.75 -57.80
C LYS JB 179 29.73 0.16 -59.01
N THR JB 180 29.90 -0.38 -60.23
CA THR JB 180 29.52 0.29 -61.48
C THR JB 180 29.10 -0.71 -62.56
N HIS JB 181 28.12 -0.35 -63.39
CA HIS JB 181 27.67 -1.10 -64.56
C HIS JB 181 27.32 -2.57 -64.27
N GLY JB 182 26.80 -2.87 -63.07
CA GLY JB 182 26.44 -4.22 -62.68
C GLY JB 182 27.61 -5.07 -62.16
N GLY JB 183 28.84 -4.54 -62.19
CA GLY JB 183 30.02 -5.15 -61.58
C GLY JB 183 30.74 -4.21 -60.60
N TYR JB 184 32.06 -4.42 -60.44
CA TYR JB 184 32.91 -3.56 -59.61
C TYR JB 184 34.07 -2.96 -60.39
N GLN JB 185 34.54 -1.81 -59.90
CA GLN JB 185 35.59 -0.99 -60.49
C GLN JB 185 36.54 -0.53 -59.36
N THR JB 186 37.86 -0.57 -59.62
CA THR JB 186 38.87 -0.41 -58.57
C THR JB 186 39.98 0.56 -59.02
N GLN JB 187 40.57 1.31 -58.08
CA GLN JB 187 41.69 2.21 -58.34
C GLN JB 187 42.52 2.44 -57.08
N THR JB 188 43.75 2.95 -57.24
CA THR JB 188 44.58 3.38 -56.13
C THR JB 188 44.91 4.87 -56.28
N LEU JB 189 44.87 5.61 -55.17
CA LEU JB 189 45.16 7.04 -55.12
C LEU JB 189 46.30 7.30 -54.12
N PRO JB 190 47.21 8.26 -54.40
CA PRO JB 190 48.26 8.58 -53.43
C PRO JB 190 47.69 9.32 -52.22
N ALA JB 191 48.29 9.12 -51.05
CA ALA JB 191 47.85 9.81 -49.83
C ALA JB 191 48.15 11.33 -49.84
N ASP JB 192 48.86 11.82 -50.85
CA ASP JB 192 49.34 13.21 -50.91
C ASP JB 192 48.22 14.22 -51.18
N ASP JB 193 47.10 13.80 -51.78
CA ASP JB 193 46.03 14.70 -52.21
C ASP JB 193 44.62 14.35 -51.64
N LEU JB 194 44.54 13.23 -50.92
CA LEU JB 194 43.45 12.97 -49.97
C LEU JB 194 43.82 13.50 -48.58
N TRP JB 195 42.81 13.59 -47.72
CA TRP JB 195 42.97 13.79 -46.28
C TRP JB 195 42.00 12.85 -45.55
N HIP JB 196 42.30 12.54 -44.28
CA HIP JB 196 41.47 11.65 -43.49
CB HIP JB 196 41.95 10.22 -43.75
CG HIP JB 196 43.06 9.73 -42.89
CD2 HIP JB 196 42.92 8.92 -41.81
NE2 HIP JB 196 44.16 8.66 -41.28
CE1 HIP JB 196 45.06 9.28 -42.02
ND1 HIP JB 196 44.46 9.99 -43.07
P HIP JB 196 45.34 10.82 -44.30
O1P HIP JB 196 44.85 10.22 -45.59
O2P HIP JB 196 46.75 10.50 -44.00
O3P HIP JB 196 45.01 12.29 -44.12
C HIP JB 196 41.48 12.05 -42.00
O HIP JB 196 42.41 12.71 -41.53
N ILE JB 197 40.46 11.62 -41.25
CA ILE JB 197 40.30 11.97 -39.84
C ILE JB 197 39.84 10.74 -39.07
N VAL JB 198 40.48 10.46 -37.93
CA VAL JB 198 40.18 9.29 -37.09
C VAL JB 198 39.78 9.75 -35.69
N ILE JB 199 38.57 9.38 -35.26
CA ILE JB 199 38.12 9.68 -33.89
C ILE JB 199 38.52 8.53 -32.95
N ASN JB 200 38.05 7.30 -33.24
CA ASN JB 200 38.34 6.15 -32.38
C ASN JB 200 39.68 5.54 -32.78
N LYS JB 201 40.63 5.48 -31.85
CA LYS JB 201 41.97 4.95 -32.10
C LYS JB 201 42.29 3.80 -31.15
N ALA JB 202 43.04 2.80 -31.66
CA ALA JB 202 43.61 1.74 -30.83
C ALA JB 202 44.76 2.28 -29.96
N SER JB 203 45.50 3.26 -30.48
CA SER JB 203 46.65 3.90 -29.82
C SER JB 203 46.86 5.29 -30.42
N ALA JB 204 47.70 6.10 -29.76
CA ALA JB 204 48.02 7.43 -30.27
C ALA JB 204 48.75 7.40 -31.63
N ARG JB 205 49.29 6.24 -32.05
CA ARG JB 205 49.93 6.05 -33.36
C ARG JB 205 49.02 5.40 -34.40
N ASP JB 206 47.79 5.05 -34.03
CA ASP JB 206 46.83 4.43 -34.94
C ASP JB 206 46.28 5.46 -35.93
N GLU JB 207 46.79 5.45 -37.18
CA GLU JB 207 46.26 6.29 -38.24
C GLU JB 207 45.08 5.64 -38.98
N VAL JB 208 44.63 4.44 -38.58
CA VAL JB 208 43.58 3.70 -39.28
C VAL JB 208 42.27 3.70 -38.48
N GLY JB 209 42.36 3.61 -37.14
CA GLY JB 209 41.20 3.73 -36.27
C GLY JB 209 40.31 2.50 -36.18
N ILE JB 210 39.19 2.65 -35.46
CA ILE JB 210 38.24 1.59 -35.12
C ILE JB 210 36.81 2.04 -35.48
N SER JB 211 36.02 1.16 -36.11
CA SER JB 211 34.58 1.38 -36.23
C SER JB 211 33.89 1.01 -34.91
N GLU JB 212 33.12 1.93 -34.31
CA GLU JB 212 32.33 1.60 -33.13
C GLU JB 212 31.23 0.57 -33.43
N VAL JB 213 30.79 0.46 -34.69
CA VAL JB 213 29.89 -0.62 -35.08
C VAL JB 213 30.61 -1.97 -34.96
N LEU JB 214 31.74 -2.14 -35.64
CA LEU JB 214 32.47 -3.42 -35.60
C LEU JB 214 32.95 -3.75 -34.19
N ARG JB 215 33.37 -2.73 -33.41
CA ARG JB 215 33.77 -2.88 -32.02
C ARG JB 215 32.65 -3.48 -31.16
N ASN JB 216 31.39 -3.22 -31.50
CA ASN JB 216 30.22 -3.63 -30.72
C ASN JB 216 29.24 -4.50 -31.53
N LYS JB 217 29.74 -5.25 -32.53
CA LYS JB 217 28.92 -6.00 -33.46
C LYS JB 217 28.07 -7.06 -32.75
N ASP JB 218 28.63 -7.69 -31.71
CA ASP JB 218 27.93 -8.70 -30.93
C ASP JB 218 26.77 -8.10 -30.13
N GLU JB 219 26.95 -6.92 -29.53
CA GLU JB 219 25.89 -6.23 -28.80
C GLU JB 219 24.75 -5.81 -29.75
N ILE JB 220 25.11 -5.40 -30.97
CA ILE JB 220 24.13 -5.09 -32.02
C ILE JB 220 23.37 -6.35 -32.44
N GLN JB 221 24.08 -7.46 -32.71
CA GLN JB 221 23.45 -8.72 -33.09
C GLN JB 221 22.54 -9.23 -31.98
N ALA JB 222 22.95 -9.12 -30.71
CA ALA JB 222 22.11 -9.47 -29.56
C ALA JB 222 20.81 -8.65 -29.53
N PHE JB 223 20.91 -7.33 -29.72
CA PHE JB 223 19.75 -6.45 -29.76
C PHE JB 223 18.78 -6.90 -30.85
N LYS JB 224 19.27 -7.09 -32.07
CA LYS JB 224 18.44 -7.47 -33.21
C LYS JB 224 17.81 -8.86 -33.05
N GLN JB 225 18.55 -9.84 -32.53
CA GLN JB 225 18.02 -11.17 -32.29
C GLN JB 225 16.89 -11.14 -31.25
N ASN JB 226 17.05 -10.40 -30.15
CA ASN JB 226 15.99 -10.32 -29.15
C ASN JB 226 14.76 -9.57 -29.67
N GLU JB 227 14.92 -8.52 -30.48
CA GLU JB 227 13.79 -7.88 -31.15
C GLU JB 227 13.00 -8.88 -32.01
N ALA JB 228 13.68 -9.69 -32.82
CA ALA JB 228 13.06 -10.69 -33.67
C ALA JB 228 12.33 -11.76 -32.84
N ALA JB 229 12.98 -12.26 -31.79
CA ALA JB 229 12.42 -13.26 -30.88
C ALA JB 229 11.14 -12.75 -30.21
N ILE JB 230 11.16 -11.51 -29.68
CA ILE JB 230 9.99 -10.88 -29.10
C ILE JB 230 8.86 -10.79 -30.12
N ASN JB 231 9.11 -10.24 -31.32
CA ASN JB 231 8.07 -10.06 -32.32
C ASN JB 231 7.39 -11.39 -32.68
N GLN JB 232 8.18 -12.46 -32.82
CA GLN JB 232 7.67 -13.80 -33.10
C GLN JB 232 6.87 -14.35 -31.91
N ALA JB 233 7.37 -14.16 -30.69
CA ALA JB 233 6.67 -14.60 -29.48
C ALA JB 233 5.35 -13.85 -29.26
N ILE JB 234 5.27 -12.55 -29.58
CA ILE JB 234 4.03 -11.79 -29.45
C ILE JB 234 2.96 -12.38 -30.36
N GLU JB 235 3.29 -12.71 -31.61
CA GLU JB 235 2.33 -13.33 -32.51
C GLU JB 235 1.82 -14.67 -31.95
N LEU JB 236 2.71 -15.55 -31.48
CA LEU JB 236 2.33 -16.88 -31.05
C LEU JB 236 1.64 -16.92 -29.70
N HIS JB 237 1.96 -15.97 -28.80
CA HIS JB 237 1.65 -16.09 -27.37
C HIS JB 237 0.97 -14.85 -26.78
N GLY JB 238 0.98 -13.72 -27.50
CA GLY JB 238 0.46 -12.46 -26.99
C GLY JB 238 -1.07 -12.38 -27.00
N PHE JB 239 -1.73 -13.24 -27.78
CA PHE JB 239 -3.17 -13.23 -27.99
C PHE JB 239 -3.75 -14.59 -27.62
N PRO JB 240 -4.97 -14.66 -27.04
CA PRO JB 240 -5.62 -15.95 -26.83
C PRO JB 240 -6.01 -16.57 -28.17
N GLN JB 241 -6.19 -17.91 -28.18
CA GLN JB 241 -6.62 -18.65 -29.36
C GLN JB 241 -7.69 -19.65 -28.95
N ARG JB 242 -8.75 -19.79 -29.75
CA ARG JB 242 -9.85 -20.69 -29.41
C ARG JB 242 -9.46 -22.14 -29.74
N HIP JB 243 -9.71 -23.06 -28.81
CA HIP JB 243 -9.48 -24.48 -28.99
CB HIP JB 243 -8.38 -25.01 -28.06
CG HIP JB 243 -8.06 -26.46 -28.25
CD2 HIP JB 243 -8.43 -27.23 -29.32
NE2 HIP JB 243 -7.95 -28.50 -29.12
CE1 HIP JB 243 -7.25 -28.52 -28.00
ND1 HIP JB 243 -7.30 -27.28 -27.36
P HIP JB 243 -6.71 -27.06 -25.76
O1P HIP JB 243 -7.64 -27.83 -24.88
O2P HIP JB 243 -5.36 -27.71 -25.79
O3P HIP JB 243 -6.67 -25.59 -25.49
C HIP JB 243 -10.80 -25.23 -28.77
O HIP JB 243 -11.17 -25.50 -27.64
N VAL JB 244 -11.53 -25.56 -29.85
CA VAL JB 244 -12.72 -26.37 -29.68
C VAL JB 244 -12.35 -27.85 -29.66
N LYS JB 245 -12.77 -28.57 -28.61
CA LYS JB 245 -12.63 -30.01 -28.47
C LYS JB 245 -13.99 -30.66 -28.68
N VAL JB 246 -14.05 -31.71 -29.51
CA VAL JB 246 -15.30 -32.34 -29.91
C VAL JB 246 -15.30 -33.83 -29.52
N GLY JB 247 -16.45 -34.31 -29.05
CA GLY JB 247 -16.61 -35.70 -28.64
C GLY JB 247 -16.45 -35.86 -27.13
N LYS JB 248 -16.93 -37.00 -26.63
CA LYS JB 248 -16.82 -37.32 -25.21
C LYS JB 248 -15.49 -38.03 -24.95
N GLU JB 249 -14.85 -37.73 -23.81
CA GLU JB 249 -13.64 -38.44 -23.41
C GLU JB 249 -13.96 -39.92 -23.23
N ASP JB 250 -13.12 -40.82 -23.81
CA ASP JB 250 -13.36 -42.26 -23.88
C ASP JB 250 -14.59 -42.66 -24.72
N GLY JB 251 -15.21 -41.72 -25.44
CA GLY JB 251 -16.38 -41.97 -26.27
C GLY JB 251 -16.06 -42.25 -27.74
N ALA JB 252 -17.02 -41.99 -28.63
CA ALA JB 252 -16.86 -42.19 -30.07
C ALA JB 252 -15.83 -41.22 -30.64
N PRO JB 253 -14.90 -41.67 -31.52
CA PRO JB 253 -13.92 -40.76 -32.12
C PRO JB 253 -14.55 -39.88 -33.19
N VAL JB 254 -13.98 -38.69 -33.36
CA VAL JB 254 -14.39 -37.72 -34.36
C VAL JB 254 -13.27 -37.66 -35.41
N ARG JB 255 -13.64 -37.77 -36.70
CA ARG JB 255 -12.68 -37.80 -37.79
C ARG JB 255 -12.53 -36.40 -38.42
N ASP JB 256 -11.58 -36.28 -39.35
CA ASP JB 256 -11.21 -35.01 -39.96
C ASP JB 256 -12.40 -34.36 -40.68
N ASN JB 257 -13.15 -35.14 -41.46
CA ASN JB 257 -14.38 -34.70 -42.13
C ASN JB 257 -15.38 -34.06 -41.18
N ASP JB 258 -15.47 -34.61 -39.97
CA ASP JB 258 -16.44 -34.17 -38.99
C ASP JB 258 -16.01 -32.84 -38.39
N LEU JB 259 -14.72 -32.69 -38.09
CA LEU JB 259 -14.18 -31.43 -37.60
C LEU JB 259 -14.35 -30.29 -38.61
N ARG JB 260 -14.33 -30.55 -39.93
CA ARG JB 260 -14.55 -29.50 -40.93
C ARG JB 260 -15.91 -28.82 -40.78
N ARG JB 261 -16.94 -29.60 -40.46
CA ARG JB 261 -18.27 -29.06 -40.21
C ARG JB 261 -18.35 -28.29 -38.89
N VAL JB 262 -17.67 -28.76 -37.85
CA VAL JB 262 -17.58 -28.02 -36.60
C VAL JB 262 -16.85 -26.69 -36.80
N ARG JB 263 -15.72 -26.68 -37.53
CA ARG JB 263 -14.99 -25.48 -37.88
C ARG JB 263 -15.89 -24.46 -38.56
N THR JB 264 -16.77 -24.90 -39.46
CA THR JB 264 -17.72 -24.03 -40.16
C THR JB 264 -18.62 -23.26 -39.18
N ILE JB 265 -19.02 -23.90 -38.06
CA ILE JB 265 -19.85 -23.27 -37.04
C ILE JB 265 -19.05 -22.26 -36.20
N PHE JB 266 -17.81 -22.58 -35.81
CA PHE JB 266 -17.04 -21.79 -34.86
C PHE JB 266 -15.99 -20.87 -35.49
N ASP JB 267 -15.95 -20.77 -36.82
CA ASP JB 267 -14.93 -20.03 -37.56
C ASP JB 267 -14.82 -18.57 -37.11
N PRO JB 268 -13.63 -18.12 -36.60
CA PRO JB 268 -13.44 -16.73 -36.20
C PRO JB 268 -13.70 -15.72 -37.31
N ARG JB 269 -13.49 -16.08 -38.59
CA ARG JB 269 -13.64 -15.16 -39.71
C ARG JB 269 -15.05 -14.58 -39.84
N THR JB 270 -16.09 -15.37 -39.53
CA THR JB 270 -17.47 -14.89 -39.57
C THR JB 270 -18.12 -14.78 -38.19
N THR JB 271 -17.39 -15.13 -37.12
CA THR JB 271 -17.83 -14.88 -35.74
C THR JB 271 -17.81 -13.38 -35.46
N ASP JB 272 -18.65 -12.93 -34.52
CA ASP JB 272 -18.62 -11.55 -34.05
C ASP JB 272 -18.70 -11.49 -32.52
N ALA JB 273 -18.47 -10.30 -31.97
CA ALA JB 273 -18.21 -10.09 -30.55
C ALA JB 273 -19.25 -10.72 -29.62
N ASN JB 274 -20.53 -10.75 -30.05
CA ASN JB 274 -21.63 -11.19 -29.21
C ASN JB 274 -22.34 -12.43 -29.77
N THR JB 275 -21.65 -13.23 -30.60
CA THR JB 275 -22.10 -14.55 -31.01
C THR JB 275 -22.27 -15.47 -29.78
N ALA JB 276 -23.36 -16.25 -29.74
CA ALA JB 276 -23.59 -17.22 -28.67
C ALA JB 276 -23.65 -18.65 -29.23
N TYR JB 277 -23.33 -19.65 -28.40
CA TYR JB 277 -23.23 -21.04 -28.84
C TYR JB 277 -24.20 -21.93 -28.07
N PHE JB 278 -24.84 -22.85 -28.81
CA PHE JB 278 -25.73 -23.85 -28.24
C PHE JB 278 -25.18 -25.21 -28.60
N THR JB 279 -24.96 -26.09 -27.61
CA THR JB 279 -24.37 -27.39 -27.90
C THR JB 279 -24.95 -28.50 -27.03
N GLY JB 280 -24.78 -29.75 -27.49
CA GLY JB 280 -24.84 -30.89 -26.59
C GLY JB 280 -23.70 -30.85 -25.57
N GLN JB 281 -23.71 -31.80 -24.63
CA GLN JB 281 -22.72 -31.86 -23.55
C GLN JB 281 -21.31 -32.21 -24.05
N ASP JB 282 -21.18 -32.70 -25.29
CA ASP JB 282 -19.92 -33.27 -25.78
C ASP JB 282 -19.16 -32.35 -26.75
N VAL JB 283 -19.34 -31.04 -26.60
CA VAL JB 283 -18.53 -30.02 -27.27
C VAL JB 283 -18.00 -29.09 -26.19
N ASP JB 284 -16.68 -28.88 -26.18
CA ASP JB 284 -15.99 -28.03 -25.21
C ASP JB 284 -15.26 -26.90 -25.93
N VAL JB 285 -15.60 -25.64 -25.59
CA VAL JB 285 -14.89 -24.50 -26.14
C VAL JB 285 -13.82 -24.07 -25.14
N GLU JB 286 -12.63 -24.67 -25.30
CA GLU JB 286 -11.46 -24.29 -24.51
C GLU JB 286 -10.74 -23.08 -25.10
N THR JB 287 -9.81 -22.51 -24.31
CA THR JB 287 -9.01 -21.37 -24.73
C THR JB 287 -7.54 -21.63 -24.46
N LEU JB 288 -6.70 -21.42 -25.49
CA LEU JB 288 -5.30 -21.13 -25.26
C LEU JB 288 -5.22 -19.69 -24.80
N GLU JB 289 -4.89 -19.49 -23.52
CA GLU JB 289 -4.73 -18.14 -22.98
C GLU JB 289 -3.54 -17.44 -23.63
N ALA JB 290 -3.53 -16.10 -23.60
CA ALA JB 290 -2.29 -15.40 -23.87
C ALA JB 290 -1.30 -15.74 -22.74
N HIP JB 291 -0.17 -16.36 -23.09
CA HIP JB 291 0.80 -16.84 -22.12
CB HIP JB 291 1.39 -18.16 -22.66
CG HIP JB 291 0.39 -19.25 -22.64
CD2 HIP JB 291 -0.39 -19.67 -21.59
NE2 HIP JB 291 -1.22 -20.66 -22.02
CE1 HIP JB 291 -0.99 -20.88 -23.31
ND1 HIP JB 291 0.03 -20.04 -23.77
P HIP JB 291 0.79 -20.18 -25.31
O1P HIP JB 291 2.09 -20.87 -25.08
O2P HIP JB 291 -0.11 -21.03 -26.21
O3P HIP JB 291 0.88 -18.77 -25.73
C HIP JB 291 1.78 -15.73 -21.79
O HIP JB 291 2.71 -15.48 -22.56
N ASN JB 292 1.58 -15.06 -20.66
CA ASN JB 292 2.33 -13.87 -20.28
C ASN JB 292 3.85 -14.11 -20.18
N PHE JB 293 4.62 -13.15 -20.72
CA PHE JB 293 6.05 -13.03 -20.54
C PHE JB 293 6.42 -11.56 -20.58
N ASP JB 294 7.49 -11.17 -19.86
CA ASP JB 294 7.83 -9.76 -19.71
C ASP JB 294 8.76 -9.30 -20.84
N TYR JB 295 8.20 -9.09 -22.03
CA TYR JB 295 8.94 -8.56 -23.15
C TYR JB 295 9.42 -7.12 -22.90
N SER JB 296 8.68 -6.33 -22.11
CA SER JB 296 9.14 -4.99 -21.72
C SER JB 296 10.50 -5.05 -21.02
N ALA JB 297 10.65 -5.97 -20.06
CA ALA JB 297 11.91 -6.14 -19.37
C ALA JB 297 13.03 -6.60 -20.30
N ILE JB 298 12.72 -7.45 -21.29
CA ILE JB 298 13.72 -7.88 -22.27
C ILE JB 298 14.15 -6.70 -23.13
N HIS JB 299 13.20 -5.91 -23.67
CA HIS JB 299 13.51 -4.70 -24.42
C HIS JB 299 14.34 -3.71 -23.61
N GLU JB 300 13.99 -3.47 -22.35
CA GLU JB 300 14.76 -2.59 -21.50
C GLU JB 300 16.18 -3.11 -21.29
N MET JB 301 16.34 -4.42 -21.05
CA MET JB 301 17.64 -5.02 -20.88
C MET JB 301 18.50 -4.88 -22.15
N ASP JB 302 17.94 -5.18 -23.32
CA ASP JB 302 18.63 -5.00 -24.59
C ASP JB 302 19.08 -3.55 -24.77
N MET JB 303 18.18 -2.60 -24.48
CA MET JB 303 18.46 -1.20 -24.63
C MET JB 303 19.54 -0.75 -23.65
N ARG JB 304 19.52 -1.24 -22.41
CA ARG JB 304 20.56 -0.97 -21.41
C ARG JB 304 21.91 -1.48 -21.89
N ASN JB 305 21.99 -2.71 -22.37
CA ASN JB 305 23.22 -3.26 -22.92
C ASN JB 305 23.72 -2.40 -24.09
N LEU JB 306 22.86 -2.13 -25.08
CA LEU JB 306 23.25 -1.42 -26.29
C LEU JB 306 23.67 0.03 -26.02
N THR JB 307 22.85 0.82 -25.30
CA THR JB 307 23.17 2.21 -25.01
C THR JB 307 24.51 2.33 -24.29
N THR JB 308 24.73 1.57 -23.21
CA THR JB 308 25.99 1.58 -22.50
C THR JB 308 27.15 1.10 -23.38
N ALA JB 309 26.94 0.10 -24.25
CA ALA JB 309 27.99 -0.32 -25.18
C ALA JB 309 28.39 0.81 -26.16
N LEU JB 310 27.41 1.60 -26.63
CA LEU JB 310 27.66 2.77 -27.48
C LEU JB 310 28.00 4.04 -26.69
N GLY JB 311 28.12 3.94 -25.35
CA GLY JB 311 28.50 5.06 -24.50
C GLY JB 311 27.43 6.14 -24.31
N LEU JB 312 26.24 5.94 -24.88
CA LEU JB 312 25.09 6.83 -24.69
C LEU JB 312 24.49 6.65 -23.30
N PRO JB 313 23.83 7.68 -22.74
CA PRO JB 313 22.96 7.49 -21.58
C PRO JB 313 21.75 6.66 -21.99
N LEU JB 314 21.19 5.93 -21.02
CA LEU JB 314 20.08 4.99 -21.22
C LEU JB 314 18.85 5.68 -21.83
N GLU JB 315 18.61 6.93 -21.43
CA GLU JB 315 17.46 7.74 -21.80
C GLU JB 315 17.38 8.00 -23.31
N ALA JB 316 18.51 7.98 -24.03
CA ALA JB 316 18.51 8.08 -25.49
C ALA JB 316 17.71 6.95 -26.16
N GLY JB 317 17.55 5.81 -25.47
CA GLY JB 317 16.78 4.67 -25.94
C GLY JB 317 15.29 4.70 -25.58
N ASN JB 318 14.77 5.82 -25.08
CA ASN JB 318 13.39 5.93 -24.58
C ASN JB 318 13.11 4.88 -23.48
N VAL JB 319 14.10 4.67 -22.61
CA VAL JB 319 14.00 3.77 -21.46
C VAL JB 319 14.50 4.54 -20.24
N GLY JB 320 13.74 4.48 -19.14
CA GLY JB 320 14.09 5.14 -17.88
C GLY JB 320 14.66 4.18 -16.85
N ALA JB 321 15.14 4.74 -15.72
CA ALA JB 321 15.62 3.97 -14.58
C ALA JB 321 15.37 4.70 -13.27
N ASP JB 322 15.07 3.94 -12.20
CA ASP JB 322 14.78 4.50 -10.88
C ASP JB 322 16.06 5.00 -10.20
N GLY JB 323 15.93 6.09 -9.40
CA GLY JB 323 17.02 6.62 -8.58
C GLY JB 323 18.04 7.44 -9.38
N LEU JB 324 18.31 7.00 -10.62
CA LEU JB 324 19.24 7.65 -11.54
C LEU JB 324 18.70 8.97 -12.11
N GLY JB 325 17.39 9.27 -11.93
CA GLY JB 325 16.73 10.39 -12.58
C GLY JB 325 16.98 11.79 -11.97
N SER JB 326 17.72 11.87 -10.85
CA SER JB 326 17.86 13.11 -10.09
C SER JB 326 19.16 13.14 -9.26
N GLY JB 327 19.53 14.33 -8.77
CA GLY JB 327 20.64 14.52 -7.83
C GLY JB 327 22.01 14.19 -8.42
N LYS JB 328 22.99 13.88 -7.56
CA LYS JB 328 24.35 13.60 -8.00
C LYS JB 328 24.44 12.43 -8.99
N PRO JB 329 23.62 11.35 -8.88
CA PRO JB 329 23.54 10.34 -9.94
C PRO JB 329 23.26 10.88 -11.34
N ALA JB 330 22.36 11.87 -11.46
CA ALA JB 330 22.11 12.55 -12.72
C ALA JB 330 23.30 13.42 -13.12
N GLU JB 331 23.85 14.20 -12.19
CA GLU JB 331 25.03 15.03 -12.45
C GLU JB 331 26.17 14.21 -13.05
N LEU JB 332 26.44 13.01 -12.51
CA LEU JB 332 27.54 12.17 -12.98
C LEU JB 332 27.35 11.67 -14.42
N ARG JB 333 26.20 11.06 -14.75
CA ARG JB 333 26.01 10.50 -16.09
C ARG JB 333 26.09 11.58 -17.18
N PHE JB 334 25.63 12.79 -16.86
CA PHE JB 334 25.71 13.93 -17.76
C PHE JB 334 27.12 14.49 -17.83
N ALA JB 335 27.87 14.49 -16.73
CA ALA JB 335 29.29 14.81 -16.75
C ALA JB 335 30.08 13.82 -17.63
N LEU JB 336 29.86 12.51 -17.48
CA LEU JB 336 30.48 11.48 -18.30
C LEU JB 336 30.18 11.69 -19.78
N LEU JB 337 28.92 11.97 -20.13
CA LEU JB 337 28.54 12.23 -21.50
C LEU JB 337 29.26 13.47 -22.06
N LYS JB 338 29.25 14.58 -21.33
CA LYS JB 338 29.90 15.81 -21.76
C LYS JB 338 31.41 15.64 -21.93
N LEU JB 339 32.08 14.88 -21.04
CA LEU JB 339 33.50 14.57 -21.19
C LEU JB 339 33.77 13.76 -22.46
N ALA JB 340 32.97 12.75 -22.76
CA ALA JB 340 33.11 11.95 -23.98
C ALA JB 340 32.99 12.84 -25.22
N ILE JB 341 32.00 13.74 -25.23
CA ILE JB 341 31.78 14.72 -26.28
C ILE JB 341 33.01 15.62 -26.44
N LYS JB 342 33.52 16.21 -25.35
CA LYS JB 342 34.71 17.06 -25.41
C LYS JB 342 35.90 16.33 -26.02
N ALA JB 343 36.15 15.08 -25.63
CA ALA JB 343 37.26 14.30 -26.14
C ALA JB 343 37.15 14.10 -27.66
N ASN JB 344 35.97 13.72 -28.16
CA ASN JB 344 35.74 13.54 -29.58
C ASN JB 344 35.87 14.87 -30.33
N GLN JB 345 35.29 15.94 -29.79
CA GLN JB 345 35.38 17.28 -30.39
C GLN JB 345 36.83 17.72 -30.53
N ARG JB 346 37.64 17.69 -29.47
CA ARG JB 346 39.06 18.05 -29.57
C ARG JB 346 39.81 17.17 -30.57
N SER JB 347 39.57 15.85 -30.57
CA SER JB 347 40.22 14.92 -31.47
C SER JB 347 39.92 15.23 -32.93
N PHE JB 348 38.67 15.60 -33.23
CA PHE JB 348 38.23 15.98 -34.55
C PHE JB 348 38.84 17.32 -34.96
N SER JB 349 38.71 18.36 -34.12
CA SER JB 349 39.15 19.72 -34.41
C SER JB 349 40.62 19.78 -34.80
N VAL JB 350 41.47 19.14 -34.00
CA VAL JB 350 42.92 19.14 -34.23
C VAL JB 350 43.24 18.56 -35.60
N GLN JB 351 42.71 17.38 -35.92
CA GLN JB 351 42.97 16.76 -37.20
C GLN JB 351 42.38 17.56 -38.37
N PHE JB 352 41.20 18.15 -38.20
CA PHE JB 352 40.59 18.94 -39.27
C PHE JB 352 41.44 20.18 -39.59
N VAL JB 353 41.89 20.90 -38.57
CA VAL JB 353 42.76 22.06 -38.79
C VAL JB 353 44.08 21.63 -39.42
N GLU JB 354 44.73 20.60 -38.89
CA GLU JB 354 46.06 20.18 -39.32
C GLU JB 354 46.07 19.53 -40.71
N ARG JB 355 45.04 18.73 -41.04
CA ARG JB 355 45.00 17.96 -42.28
C ARG JB 355 44.16 18.61 -43.39
N VAL JB 356 43.31 19.60 -43.06
CA VAL JB 356 42.40 20.21 -44.04
C VAL JB 356 42.60 21.73 -44.12
N MET JB 357 42.38 22.45 -43.01
CA MET JB 357 42.43 23.91 -43.05
C MET JB 357 43.83 24.44 -43.36
N ARG JB 358 44.88 23.95 -42.68
CA ARG JB 358 46.23 24.45 -42.90
C ARG JB 358 46.70 24.24 -44.34
N PRO JB 359 46.59 23.05 -44.97
CA PRO JB 359 46.87 22.88 -46.38
C PRO JB 359 46.11 23.83 -47.30
N VAL JB 360 44.85 24.12 -47.00
CA VAL JB 360 44.06 25.06 -47.79
C VAL JB 360 44.59 26.49 -47.66
N VAL JB 361 44.94 26.94 -46.44
CA VAL JB 361 45.57 28.25 -46.25
C VAL JB 361 46.90 28.31 -46.99
N ARG JB 362 47.75 27.29 -46.83
CA ARG JB 362 49.06 27.20 -47.46
C ARG JB 362 48.99 27.31 -48.99
N ASP JB 363 48.09 26.55 -49.62
CA ASP JB 363 48.10 26.35 -51.06
C ASP JB 363 47.21 27.32 -51.86
N TYR JB 364 46.26 28.02 -51.21
CA TYR JB 364 45.30 28.87 -51.94
C TYR JB 364 45.12 30.27 -51.33
N SER JB 365 45.82 30.59 -50.24
CA SER JB 365 45.55 31.79 -49.46
C SER JB 365 46.80 32.65 -49.29
N PRO JB 366 46.69 34.00 -49.24
CA PRO JB 366 47.85 34.87 -48.99
C PRO JB 366 48.34 34.92 -47.54
N PHE JB 367 47.59 34.33 -46.59
CA PHE JB 367 47.98 34.32 -45.18
C PHE JB 367 49.02 33.24 -44.84
N ASP JB 368 49.65 33.40 -43.67
CA ASP JB 368 50.59 32.42 -43.13
C ASP JB 368 49.86 31.22 -42.50
N HIS JB 369 50.07 30.02 -43.06
CA HIS JB 369 49.46 28.79 -42.57
C HIS JB 369 49.95 28.39 -41.18
N GLU JB 370 51.11 28.88 -40.75
CA GLU JB 370 51.64 28.63 -39.41
C GLU JB 370 50.90 29.43 -38.31
N ALA JB 371 49.92 30.27 -38.67
CA ALA JB 371 49.08 30.97 -37.71
C ALA JB 371 48.29 30.00 -36.81
N ASP JB 372 48.04 30.41 -35.56
CA ASP JB 372 47.34 29.60 -34.56
C ASP JB 372 45.82 29.60 -34.79
N ILE JB 373 45.39 28.89 -35.84
CA ILE JB 373 43.99 28.55 -36.09
C ILE JB 373 43.49 27.58 -35.01
N ARG JB 374 42.26 27.80 -34.52
CA ARG JB 374 41.52 26.82 -33.74
C ARG JB 374 40.10 26.70 -34.26
N LEU JB 375 39.60 25.46 -34.34
CA LEU JB 375 38.21 25.19 -34.63
C LEU JB 375 37.56 24.67 -33.33
N GLU JB 376 36.56 25.39 -32.82
CA GLU JB 376 35.77 24.88 -31.70
C GLU JB 376 34.42 24.37 -32.18
N ILE JB 377 33.98 23.26 -31.59
CA ILE JB 377 32.67 22.68 -31.88
C ILE JB 377 31.82 22.87 -30.62
N ASN JB 378 30.60 23.38 -30.79
CA ASN JB 378 29.77 23.84 -29.70
C ASN JB 378 29.32 22.70 -28.77
N ASP JB 379 29.14 23.04 -27.49
CA ASP JB 379 28.59 22.12 -26.49
C ASP JB 379 27.08 21.98 -26.71
N PRO JB 380 26.55 20.76 -26.96
CA PRO JB 380 25.11 20.55 -27.19
C PRO JB 380 24.21 20.75 -25.97
N LEU JB 381 24.78 20.72 -24.75
CA LEU JB 381 24.00 20.59 -23.53
C LEU JB 381 24.17 21.78 -22.57
N GLU JB 382 24.59 22.94 -23.10
CA GLU JB 382 24.55 24.20 -22.37
C GLU JB 382 23.11 24.60 -22.02
N ASP JB 383 22.90 25.05 -20.79
CA ASP JB 383 21.72 25.82 -20.43
C ASP JB 383 22.10 27.31 -20.42
N ILE JB 384 21.53 28.09 -21.36
CA ILE JB 384 21.84 29.51 -21.45
C ILE JB 384 21.44 30.24 -20.17
N GLY JB 385 20.37 29.78 -19.50
CA GLY JB 385 19.96 30.34 -18.21
C GLY JB 385 21.03 30.19 -17.12
N GLU JB 386 21.80 29.10 -17.14
CA GLU JB 386 22.91 28.92 -16.23
C GLU JB 386 24.04 29.92 -16.53
N VAL JB 387 24.28 30.18 -17.82
CA VAL JB 387 25.27 31.16 -18.26
C VAL JB 387 24.82 32.58 -17.88
N ALA JB 388 23.53 32.89 -18.03
CA ALA JB 388 22.95 34.16 -17.61
C ALA JB 388 23.12 34.38 -16.11
N ASP JB 389 22.83 33.35 -15.30
CA ASP JB 389 23.06 33.38 -13.86
C ASP JB 389 24.53 33.68 -13.55
N LEU JB 390 25.46 33.00 -14.24
CA LEU JB 390 26.88 33.25 -14.06
C LEU JB 390 27.24 34.71 -14.36
N ILE JB 391 26.76 35.25 -15.48
CA ILE JB 391 27.00 36.63 -15.88
C ILE JB 391 26.45 37.62 -14.85
N GLN JB 392 25.25 37.37 -14.30
CA GLN JB 392 24.74 38.19 -13.20
C GLN JB 392 25.65 38.15 -11.97
N GLN JB 393 26.13 36.96 -11.60
CA GLN JB 393 26.86 36.78 -10.35
C GLN JB 393 28.27 37.33 -10.40
N VAL JB 394 28.97 37.19 -11.54
CA VAL JB 394 30.41 37.47 -11.61
C VAL JB 394 30.83 38.24 -12.88
N GLY JB 395 29.86 38.83 -13.60
CA GLY JB 395 30.13 39.71 -14.74
C GLY JB 395 31.11 40.85 -14.42
N ASP JB 396 31.13 41.31 -13.16
CA ASP JB 396 32.03 42.35 -12.68
C ASP JB 396 33.52 41.99 -12.84
N TYR JB 397 33.82 40.70 -13.01
CA TYR JB 397 35.18 40.19 -13.17
C TYR JB 397 35.48 39.78 -14.62
N MET JB 398 34.55 40.02 -15.55
CA MET JB 398 34.72 39.66 -16.97
C MET JB 398 34.69 40.92 -17.86
N THR JB 399 35.63 41.00 -18.78
CA THR JB 399 35.55 41.97 -19.87
C THR JB 399 34.29 41.72 -20.71
N ASN JB 400 33.80 42.77 -21.36
CA ASN JB 400 32.63 42.65 -22.22
C ASN JB 400 32.85 41.64 -23.36
N GLU JB 401 34.07 41.54 -23.88
CA GLU JB 401 34.41 40.50 -24.85
C GLU JB 401 34.28 39.09 -24.27
N GLN JB 402 34.74 38.87 -23.03
CA GLN JB 402 34.58 37.57 -22.36
C GLN JB 402 33.10 37.24 -22.16
N VAL JB 403 32.30 38.23 -21.74
CA VAL JB 403 30.85 38.04 -21.60
C VAL JB 403 30.23 37.69 -22.95
N ALA JB 404 30.56 38.44 -24.01
CA ALA JB 404 30.03 38.20 -25.35
C ALA JB 404 30.38 36.79 -25.86
N GLU JB 405 31.59 36.30 -25.58
CA GLU JB 405 32.01 34.93 -25.91
C GLU JB 405 31.13 33.91 -25.18
N LYS JB 406 31.00 34.00 -23.85
CA LYS JB 406 30.19 33.07 -23.07
C LYS JB 406 28.72 33.08 -23.51
N LEU JB 407 28.19 34.28 -23.76
CA LEU JB 407 26.80 34.50 -24.14
C LEU JB 407 26.54 34.18 -25.62
N ASP JB 408 27.57 33.83 -26.40
CA ASP JB 408 27.49 33.54 -27.83
C ASP JB 408 26.87 34.70 -28.63
N LEU JB 409 27.54 35.86 -28.58
CA LEU JB 409 27.18 37.05 -29.34
C LEU JB 409 28.42 37.70 -29.94
N PRO JB 410 28.28 38.57 -30.97
CA PRO JB 410 29.40 39.38 -31.45
C PRO JB 410 29.95 40.25 -30.32
N ALA JB 411 31.29 40.31 -30.22
CA ALA JB 411 31.97 41.22 -29.30
C ALA JB 411 31.67 42.68 -29.69
N PRO JB 412 31.71 43.65 -28.74
CA PRO JB 412 31.52 45.06 -29.08
C PRO JB 412 32.51 45.56 -30.15
N GLU JB 413 32.05 46.51 -30.97
CA GLU JB 413 32.87 47.09 -32.04
C GLU JB 413 34.01 47.94 -31.48
N ASP JB 414 33.68 48.81 -30.51
CA ASP JB 414 34.66 49.66 -29.85
C ASP JB 414 35.55 48.82 -28.92
N ASP JB 415 36.86 48.82 -29.17
CA ASP JB 415 37.83 48.08 -28.36
C ASP JB 415 37.81 48.50 -26.88
N GLU JB 416 37.55 49.77 -26.58
CA GLU JB 416 37.47 50.22 -25.19
C GLU JB 416 36.27 49.58 -24.50
N VAL JB 417 35.12 49.54 -25.19
CA VAL JB 417 33.94 48.86 -24.68
C VAL JB 417 34.22 47.37 -24.54
N ALA JB 418 34.76 46.72 -25.58
CA ALA JB 418 35.05 45.29 -25.58
C ALA JB 418 35.96 44.88 -24.41
N ASP JB 419 37.03 45.65 -24.20
CA ASP JB 419 38.04 45.41 -23.17
C ASP JB 419 37.53 45.77 -21.76
N SER JB 420 36.63 46.75 -21.65
CA SER JB 420 36.13 47.16 -20.34
C SER JB 420 35.37 46.04 -19.63
N TYR JB 421 35.42 46.06 -18.29
CA TYR JB 421 34.80 45.08 -17.43
C TYR JB 421 33.33 45.40 -17.12
N ARG JB 422 33.01 46.68 -16.86
CA ARG JB 422 31.62 47.07 -16.63
C ARG JB 422 30.82 47.01 -17.94
N SER JB 423 29.51 46.77 -17.83
CA SER JB 423 28.62 46.53 -18.96
C SER JB 423 28.69 47.64 -20.02
N PRO JB 424 28.50 47.33 -21.32
CA PRO JB 424 28.41 48.38 -22.34
C PRO JB 424 27.23 49.33 -22.12
N ALA JB 425 26.12 48.84 -21.55
CA ALA JB 425 25.00 49.71 -21.16
C ALA JB 425 25.39 50.68 -20.03
N ASP JB 426 26.24 50.22 -19.09
CA ASP JB 426 26.77 51.08 -18.02
C ASP JB 426 27.80 52.08 -18.56
N MET JB 427 28.64 51.67 -19.53
CA MET JB 427 29.51 52.58 -20.26
C MET JB 427 28.68 53.67 -20.97
N GLU JB 428 27.57 53.28 -21.63
CA GLU JB 428 26.71 54.20 -22.37
C GLU JB 428 26.00 55.22 -21.47
N LYS JB 429 25.40 54.80 -20.35
CA LYS JB 429 24.65 55.73 -19.50
C LYS JB 429 25.56 56.80 -18.88
N ASP JB 430 26.81 56.45 -18.57
CA ASP JB 430 27.81 57.40 -18.13
C ASP JB 430 28.25 58.35 -19.25
N GLU JB 431 28.50 57.81 -20.46
CA GLU JB 431 28.85 58.63 -21.62
C GLU JB 431 27.73 59.62 -21.95
N ALA JB 432 26.47 59.17 -21.92
CA ALA JB 432 25.29 60.01 -22.10
C ALA JB 432 25.15 61.07 -20.98
N GLY JB 433 25.67 60.77 -19.78
CA GLY JB 433 25.70 61.69 -18.65
C GLY JB 433 26.63 62.90 -18.85
N VAL JB 434 27.61 62.82 -19.77
CA VAL JB 434 28.49 63.93 -20.11
C VAL JB 434 27.68 65.00 -20.85
N PRO KB 2 -4.13 -66.98 46.38
CA PRO KB 2 -2.87 -67.70 46.65
C PRO KB 2 -2.05 -67.02 47.75
N ASP KB 3 -1.13 -67.79 48.37
CA ASP KB 3 -0.33 -67.38 49.52
C ASP KB 3 0.45 -66.10 49.18
N PRO KB 4 1.49 -66.13 48.30
CA PRO KB 4 1.85 -64.93 47.54
C PRO KB 4 0.93 -64.83 46.32
N SER KB 5 0.43 -63.63 46.04
CA SER KB 5 -0.37 -63.36 44.86
C SER KB 5 0.52 -63.15 43.63
N ILE KB 6 -0.01 -63.38 42.42
CA ILE KB 6 0.77 -63.25 41.19
C ILE KB 6 1.35 -61.83 41.00
N ASP KB 7 0.72 -60.80 41.57
CA ASP KB 7 1.21 -59.43 41.48
C ASP KB 7 2.32 -59.12 42.50
N GLU KB 8 2.56 -60.03 43.46
CA GLU KB 8 3.54 -59.84 44.52
C GLU KB 8 4.90 -60.47 44.20
N VAL KB 9 4.99 -61.25 43.11
CA VAL KB 9 6.19 -61.98 42.70
C VAL KB 9 6.74 -61.43 41.38
N SER KB 10 8.06 -61.24 41.31
CA SER KB 10 8.79 -60.98 40.07
C SER KB 10 9.34 -62.29 39.48
N LYS KB 11 10.02 -62.24 38.31
CA LYS KB 11 10.49 -63.43 37.61
C LYS KB 11 11.40 -64.29 38.49
N SER KB 12 12.31 -63.66 39.23
CA SER KB 12 13.20 -64.33 40.17
C SER KB 12 12.45 -64.91 41.38
N ASP KB 13 11.43 -64.21 41.87
CA ASP KB 13 10.63 -64.67 42.99
C ASP KB 13 9.82 -65.92 42.62
N TRP KB 14 9.22 -65.93 41.41
CA TRP KB 14 8.49 -67.06 40.88
C TRP KB 14 9.33 -68.32 40.85
N ASP KB 15 10.59 -68.21 40.43
CA ASP KB 15 11.55 -69.32 40.44
C ASP KB 15 11.86 -69.79 41.86
N ALA KB 16 11.85 -68.89 42.85
CA ALA KB 16 12.15 -69.17 44.24
C ALA KB 16 10.97 -69.80 45.02
N LEU KB 17 9.73 -69.73 44.49
CA LEU KB 17 8.56 -70.31 45.12
C LEU KB 17 8.66 -71.82 45.26
N THR KB 18 7.93 -72.37 46.24
CA THR KB 18 7.66 -73.81 46.30
C THR KB 18 6.79 -74.24 45.12
N THR KB 19 6.78 -75.55 44.82
CA THR KB 19 5.84 -76.08 43.84
C THR KB 19 4.39 -75.78 44.22
N GLN KB 20 4.04 -75.85 45.52
CA GLN KB 20 2.68 -75.60 45.95
C GLN KB 20 2.26 -74.14 45.70
N GLU KB 21 3.11 -73.17 46.05
CA GLU KB 21 2.82 -71.77 45.77
C GLU KB 21 2.66 -71.52 44.27
N GLN KB 22 3.49 -72.15 43.43
CA GLN KB 22 3.31 -72.06 41.98
C GLN KB 22 2.00 -72.71 41.53
N ASP KB 23 1.66 -73.88 42.09
CA ASP KB 23 0.44 -74.60 41.73
C ASP KB 23 -0.83 -73.84 42.12
N ASP KB 24 -0.81 -73.12 43.25
CA ASP KB 24 -1.92 -72.26 43.63
C ASP KB 24 -2.16 -71.16 42.60
N ILE KB 25 -1.10 -70.53 42.11
CA ILE KB 25 -1.20 -69.51 41.06
C ILE KB 25 -1.64 -70.14 39.73
N ILE KB 26 -1.06 -71.28 39.35
CA ILE KB 26 -1.48 -72.00 38.16
C ILE KB 26 -2.97 -72.32 38.22
N SER KB 27 -3.45 -72.81 39.36
CA SER KB 27 -4.85 -73.13 39.59
C SER KB 27 -5.74 -71.90 39.43
N GLN KB 28 -5.26 -70.73 39.88
CA GLN KB 28 -6.01 -69.50 39.68
C GLN KB 28 -6.10 -69.13 38.20
N VAL KB 29 -4.99 -69.25 37.45
CA VAL KB 29 -5.00 -68.98 36.01
C VAL KB 29 -5.96 -69.93 35.29
N GLU KB 30 -5.94 -71.22 35.62
CA GLU KB 30 -6.85 -72.22 35.05
C GLU KB 30 -8.34 -71.91 35.26
N ASN KB 31 -8.71 -71.05 36.22
CA ASN KB 31 -10.10 -70.64 36.37
C ASN KB 31 -10.57 -69.74 35.24
N LEU KB 32 -9.66 -69.12 34.47
CA LEU KB 32 -10.05 -68.18 33.43
C LEU KB 32 -10.53 -68.87 32.14
N SER KB 33 -10.46 -70.20 32.07
CA SER KB 33 -11.03 -70.94 30.96
C SER KB 33 -11.91 -72.06 31.49
N SER KB 34 -13.09 -72.24 30.90
CA SER KB 34 -14.02 -73.31 31.24
C SER KB 34 -13.44 -74.71 30.97
N THR KB 35 -12.45 -74.82 30.07
CA THR KB 35 -11.74 -76.07 29.83
C THR KB 35 -10.52 -76.23 30.74
N GLY KB 36 -10.09 -75.18 31.45
CA GLY KB 36 -8.88 -75.15 32.26
C GLY KB 36 -7.59 -75.41 31.49
N TRP KB 37 -7.63 -75.50 30.15
CA TRP KB 37 -6.55 -75.99 29.32
C TRP KB 37 -5.94 -77.28 29.90
N VAL KB 38 -6.79 -78.29 30.19
CA VAL KB 38 -6.38 -79.51 30.88
C VAL KB 38 -5.40 -80.38 30.08
N ASN KB 39 -5.44 -80.30 28.74
CA ASN KB 39 -4.55 -81.09 27.90
C ASN KB 39 -3.18 -80.44 27.70
N THR KB 40 -3.02 -79.15 28.04
CA THR KB 40 -1.70 -78.52 28.11
C THR KB 40 -1.03 -78.90 29.43
N SER KB 41 0.25 -79.28 29.38
CA SER KB 41 0.99 -79.77 30.54
C SER KB 41 1.40 -78.66 31.52
N ARG KB 42 1.77 -79.03 32.75
CA ARG KB 42 2.13 -78.07 33.79
C ARG KB 42 3.28 -77.15 33.37
N GLU KB 43 4.34 -77.70 32.76
CA GLU KB 43 5.53 -76.93 32.39
C GLU KB 43 5.16 -75.75 31.49
N ARG KB 44 4.18 -75.94 30.62
CA ARG KB 44 3.74 -74.93 29.68
C ARG KB 44 2.93 -73.84 30.35
N LYS KB 45 2.08 -74.20 31.32
CA LYS KB 45 1.37 -73.24 32.16
C LYS KB 45 2.33 -72.45 33.04
N ALA KB 46 3.33 -73.10 33.64
CA ALA KB 46 4.38 -72.44 34.40
C ALA KB 46 5.19 -71.47 33.53
N GLU KB 47 5.58 -71.88 32.32
CA GLU KB 47 6.29 -71.03 31.38
C GLU KB 47 5.46 -69.80 31.00
N ALA KB 48 4.16 -69.98 30.75
CA ALA KB 48 3.27 -68.88 30.41
C ALA KB 48 3.18 -67.86 31.55
N ILE KB 49 3.09 -68.32 32.81
CA ILE KB 49 2.99 -67.46 33.97
C ILE KB 49 4.32 -66.72 34.20
N ARG KB 50 5.43 -67.44 34.12
CA ARG KB 50 6.75 -66.86 34.29
C ARG KB 50 6.97 -65.76 33.25
N SER KB 51 6.58 -66.03 32.00
CA SER KB 51 6.62 -65.06 30.93
C SER KB 51 5.71 -63.86 31.21
N ALA KB 52 4.45 -64.07 31.61
CA ALA KB 52 3.53 -62.99 31.92
C ALA KB 52 4.06 -62.10 33.05
N ILE KB 53 4.68 -62.67 34.09
CA ILE KB 53 5.32 -61.93 35.16
C ILE KB 53 6.45 -61.06 34.59
N ALA KB 54 7.36 -61.67 33.81
CA ALA KB 54 8.49 -60.99 33.21
C ALA KB 54 8.05 -59.84 32.30
N GLU KB 55 7.01 -60.08 31.50
CA GLU KB 55 6.50 -59.14 30.53
C GLU KB 55 5.76 -57.99 31.22
N ARG KB 56 5.01 -58.26 32.28
CA ARG KB 56 4.47 -57.21 33.13
C ARG KB 56 5.60 -56.32 33.64
N ASP KB 57 6.60 -56.90 34.29
CA ASP KB 57 7.65 -56.14 34.96
C ASP KB 57 8.52 -55.34 33.98
N THR KB 58 8.62 -55.75 32.71
CA THR KB 58 9.50 -55.12 31.73
C THR KB 58 8.76 -54.25 30.69
N LEU KB 59 7.59 -54.69 30.17
CA LEU KB 59 6.87 -53.96 29.14
C LEU KB 59 5.72 -53.11 29.67
N TYR KB 60 5.21 -53.43 30.88
CA TYR KB 60 4.00 -52.82 31.42
C TYR KB 60 4.25 -52.32 32.85
N SER KB 61 5.38 -51.63 33.03
CA SER KB 61 5.78 -51.02 34.28
C SER KB 61 6.25 -49.58 34.03
N GLY KB 62 6.45 -48.82 35.10
CA GLY KB 62 6.77 -47.40 34.95
C GLY KB 62 5.53 -46.53 34.75
N ASN KB 63 5.77 -45.25 34.44
CA ASN KB 63 4.73 -44.23 34.49
C ASN KB 63 4.65 -43.51 33.15
N MET KB 64 3.47 -42.96 32.85
CA MET KB 64 3.33 -41.99 31.78
C MET KB 64 2.50 -40.78 32.24
N SER KB 65 3.12 -39.59 32.18
CA SER KB 65 2.66 -38.37 32.82
C SER KB 65 2.40 -38.56 34.31
N ARG KB 66 3.33 -39.24 35.01
CA ARG KB 66 3.29 -39.59 36.42
C ARG KB 66 2.19 -40.60 36.78
N LEU KB 67 1.31 -40.98 35.84
CA LEU KB 67 0.30 -42.01 36.08
C LEU KB 67 0.95 -43.38 35.88
N PRO KB 68 0.66 -44.41 36.72
CA PRO KB 68 1.23 -45.74 36.50
C PRO KB 68 0.68 -46.35 35.21
N THR KB 69 1.51 -47.06 34.46
CA THR KB 69 1.06 -47.64 33.20
C THR KB 69 0.08 -48.79 33.44
N LEU KB 70 0.35 -49.62 34.45
CA LEU KB 70 -0.60 -50.64 34.86
C LEU KB 70 -1.64 -50.00 35.79
N ASP KB 71 -2.68 -49.43 35.17
CA ASP KB 71 -3.73 -48.68 35.86
C ASP KB 71 -4.71 -49.58 36.60
N GLY KB 72 -5.02 -50.76 36.03
CA GLY KB 72 -5.96 -51.69 36.64
C GLY KB 72 -5.34 -52.50 37.79
N ASP KB 73 -6.11 -53.49 38.28
CA ASP KB 73 -5.60 -54.44 39.27
C ASP KB 73 -4.47 -55.28 38.67
N ALA KB 74 -3.27 -55.20 39.26
CA ALA KB 74 -2.09 -55.92 38.80
C ALA KB 74 -2.26 -57.45 38.88
N GLU KB 75 -3.08 -57.95 39.81
CA GLU KB 75 -3.33 -59.38 39.91
C GLU KB 75 -4.00 -59.87 38.63
N TYR KB 76 -5.19 -59.35 38.34
CA TYR KB 76 -5.97 -59.76 37.19
C TYR KB 76 -5.28 -59.44 35.88
N PHE KB 77 -4.57 -58.31 35.79
CA PHE KB 77 -3.74 -58.07 34.61
C PHE KB 77 -2.76 -59.22 34.36
N THR KB 78 -2.05 -59.67 35.40
CA THR KB 78 -1.11 -60.76 35.20
C THR KB 78 -1.81 -62.09 34.91
N LEU KB 79 -2.97 -62.35 35.51
CA LEU KB 79 -3.73 -63.55 35.20
C LEU KB 79 -4.23 -63.56 33.76
N TYR KB 80 -4.81 -62.45 33.28
CA TYR KB 80 -5.25 -62.34 31.89
C TYR KB 80 -4.07 -62.41 30.92
N LEU KB 81 -2.94 -61.80 31.27
CA LEU KB 81 -1.74 -61.91 30.44
C LEU KB 81 -1.22 -63.36 30.38
N SER KB 82 -1.33 -64.11 31.48
CA SER KB 82 -0.99 -65.54 31.54
C SER KB 82 -1.95 -66.37 30.67
N ALA KB 83 -3.26 -66.17 30.82
CA ALA KB 83 -4.28 -66.81 30.00
C ALA KB 83 -4.10 -66.53 28.50
N HIS KB 84 -3.73 -65.29 28.15
CA HIS KB 84 -3.42 -64.92 26.77
C HIS KB 84 -2.30 -65.80 26.22
N LYS KB 85 -1.20 -65.93 26.96
CA LYS KB 85 -0.06 -66.77 26.59
C LYS KB 85 -0.45 -68.24 26.46
N ILE KB 86 -1.13 -68.84 27.45
CA ILE KB 86 -1.55 -70.23 27.36
C ILE KB 86 -2.40 -70.47 26.11
N GLN KB 87 -3.34 -69.57 25.81
CA GLN KB 87 -4.18 -69.68 24.62
C GLN KB 87 -3.37 -69.62 23.32
N LEU KB 88 -2.29 -68.85 23.26
CA LEU KB 88 -1.39 -68.86 22.11
C LEU KB 88 -0.53 -70.12 22.06
N PHE KB 89 -0.12 -70.70 23.19
CA PHE KB 89 0.58 -71.97 23.20
C PHE KB 89 -0.32 -73.11 22.69
N GLU KB 90 -1.64 -72.99 22.91
CA GLU KB 90 -2.65 -73.89 22.37
C GLU KB 90 -2.93 -73.65 20.87
N GLY KB 91 -2.46 -72.54 20.29
CA GLY KB 91 -2.54 -72.32 18.85
C GLY KB 91 -3.29 -71.04 18.41
N GLY KB 92 -3.95 -70.34 19.36
CA GLY KB 92 -4.77 -69.16 19.06
C GLY KB 92 -6.19 -69.31 19.59
N GLU KB 93 -7.08 -68.34 19.31
CA GLU KB 93 -8.50 -68.58 19.56
C GLU KB 93 -9.05 -69.45 18.44
N ALA KB 94 -9.90 -70.42 18.80
CA ALA KB 94 -10.76 -71.01 17.79
C ALA KB 94 -11.79 -69.97 17.37
N GLN KB 95 -11.83 -69.67 16.06
CA GLN KB 95 -12.95 -68.96 15.46
C GLN KB 95 -14.12 -69.92 15.28
N SER KB 96 -13.82 -71.19 14.99
CA SER KB 96 -14.85 -72.23 14.86
C SER KB 96 -14.31 -73.59 15.27
N GLU KB 97 -15.18 -74.42 15.84
CA GLU KB 97 -14.90 -75.79 16.21
C GLU KB 97 -16.02 -76.68 15.68
N SER KB 98 -15.68 -77.84 15.10
CA SER KB 98 -16.66 -78.74 14.52
C SER KB 98 -16.22 -80.19 14.75
N GLY KB 99 -17.19 -81.08 14.96
CA GLY KB 99 -16.93 -82.45 15.41
C GLY KB 99 -17.93 -83.44 14.81
N GLU KB 100 -18.49 -84.30 15.67
CA GLU KB 100 -19.43 -85.34 15.27
C GLU KB 100 -20.81 -84.73 14.98
N GLY KB 101 -20.93 -84.05 13.83
CA GLY KB 101 -22.13 -83.31 13.44
C GLY KB 101 -22.22 -81.93 14.11
N GLY KB 102 -21.93 -81.86 15.41
CA GLY KB 102 -21.98 -80.62 16.17
C GLY KB 102 -20.95 -79.59 15.70
N SER KB 103 -21.37 -78.31 15.62
CA SER KB 103 -20.49 -77.22 15.22
C SER KB 103 -20.84 -75.94 15.97
N VAL KB 104 -19.82 -75.09 16.21
CA VAL KB 104 -20.01 -73.77 16.78
C VAL KB 104 -19.05 -72.79 16.10
N SER KB 105 -19.50 -71.54 16.00
CA SER KB 105 -18.67 -70.47 15.48
C SER KB 105 -18.78 -69.29 16.44
N TYR KB 106 -17.63 -68.69 16.79
CA TYR KB 106 -17.59 -67.67 17.83
C TYR KB 106 -17.35 -66.28 17.22
N SER KB 107 -17.71 -65.24 17.97
CA SER KB 107 -17.44 -63.84 17.60
C SER KB 107 -15.97 -63.44 17.87
N THR KB 108 -15.05 -64.41 17.90
CA THR KB 108 -13.63 -64.22 18.17
C THR KB 108 -12.85 -63.80 16.91
N GLY KB 109 -13.55 -63.17 15.95
CA GLY KB 109 -12.91 -62.47 14.86
C GLY KB 109 -11.97 -61.38 15.37
N GLY KB 110 -10.86 -61.14 14.63
CA GLY KB 110 -9.78 -60.26 15.09
C GLY KB 110 -10.19 -58.80 15.22
N GLY KB 111 -9.93 -58.21 16.40
CA GLY KB 111 -10.14 -56.77 16.63
C GLY KB 111 -9.06 -55.88 16.01
N GLY KB 112 -7.94 -56.49 15.59
CA GLY KB 112 -6.76 -55.83 15.07
C GLY KB 112 -5.61 -56.85 15.01
N GLU KB 113 -4.43 -56.42 14.55
CA GLU KB 113 -3.34 -57.36 14.25
C GLU KB 113 -2.22 -57.41 15.29
N LYS KB 114 -2.27 -56.60 16.37
CA LYS KB 114 -1.26 -56.63 17.42
C LYS KB 114 -1.48 -57.80 18.39
N ASP KB 115 -0.42 -58.19 19.10
CA ASP KB 115 -0.39 -59.30 20.04
C ASP KB 115 -1.63 -59.43 20.93
N LEU KB 116 -1.88 -58.45 21.81
CA LEU KB 116 -2.97 -58.55 22.79
C LEU KB 116 -4.35 -58.53 22.13
N GLN KB 117 -4.49 -57.95 20.94
CA GLN KB 117 -5.77 -57.91 20.24
C GLN KB 117 -6.22 -59.30 19.76
N LYS KB 118 -5.30 -60.28 19.70
CA LYS KB 118 -5.53 -61.56 19.04
C LYS KB 118 -6.21 -62.64 19.88
N THR KB 119 -6.44 -62.43 21.19
CA THR KB 119 -7.32 -63.33 21.95
C THR KB 119 -8.17 -62.55 22.96
N ARG KB 120 -9.27 -63.15 23.44
CA ARG KB 120 -10.18 -62.53 24.40
C ARG KB 120 -9.46 -62.13 25.71
N TYR KB 121 -8.55 -62.98 26.18
CA TYR KB 121 -7.76 -62.68 27.37
C TYR KB 121 -6.84 -61.49 27.15
N GLY KB 122 -6.24 -61.38 25.95
CA GLY KB 122 -5.41 -60.25 25.61
C GLY KB 122 -6.23 -58.97 25.53
N ARG KB 123 -7.40 -59.01 24.87
CA ARG KB 123 -8.32 -57.88 24.79
C ARG KB 123 -8.78 -57.39 26.16
N MET KB 124 -8.88 -58.28 27.15
CA MET KB 124 -9.12 -57.90 28.53
C MET KB 124 -7.90 -57.27 29.19
N ALA KB 125 -6.72 -57.91 29.13
CA ALA KB 125 -5.49 -57.38 29.70
C ALA KB 125 -5.20 -55.97 29.19
N LEU KB 126 -5.52 -55.73 27.93
CA LEU KB 126 -5.30 -54.47 27.23
C LEU KB 126 -6.07 -53.31 27.86
N GLU KB 127 -7.26 -53.53 28.45
CA GLU KB 127 -7.97 -52.47 29.16
C GLU KB 127 -7.28 -52.03 30.45
N TYR KB 128 -6.51 -52.92 31.09
CA TYR KB 128 -5.85 -52.60 32.36
C TYR KB 128 -4.66 -51.67 32.19
N VAL KB 129 -4.23 -51.43 30.95
CA VAL KB 129 -2.95 -50.80 30.66
C VAL KB 129 -3.12 -49.69 29.61
N TRP KB 130 -4.18 -48.89 29.79
CA TRP KB 130 -4.56 -47.77 28.92
C TRP KB 130 -4.74 -48.17 27.45
N GLU KB 131 -5.07 -49.44 27.16
CA GLU KB 131 -5.29 -49.92 25.80
C GLU KB 131 -4.05 -49.70 24.91
N ASP KB 132 -2.85 -49.71 25.50
CA ASP KB 132 -1.54 -49.49 24.86
C ASP KB 132 -1.37 -48.08 24.27
N ASN KB 133 -2.15 -47.10 24.74
CA ASN KB 133 -2.04 -45.70 24.34
C ASN KB 133 -0.84 -44.98 25.00
N SER KB 134 -0.46 -43.82 24.42
CA SER KB 134 0.79 -43.13 24.71
C SER KB 134 0.54 -41.74 25.31
N ILE KB 135 0.08 -41.69 26.57
CA ILE KB 135 -0.28 -40.43 27.22
C ILE KB 135 0.88 -39.81 28.01
N ALA KB 136 2.12 -40.19 27.71
CA ALA KB 136 3.28 -39.68 28.47
C ALA KB 136 3.54 -38.20 28.16
N ALA KB 137 4.06 -37.47 29.15
CA ALA KB 137 4.41 -36.06 28.99
C ALA KB 137 5.53 -35.64 29.96
N LEU KB 138 6.43 -34.77 29.48
CA LEU KB 138 7.45 -34.13 30.31
C LEU KB 138 7.59 -32.66 29.97
N ARG KB 139 8.02 -31.92 30.99
CA ARG KB 139 8.56 -30.57 30.89
C ARG KB 139 10.08 -30.58 30.78
N THR KB 140 10.63 -29.43 30.36
CA THR KB 140 11.99 -29.05 30.72
C THR KB 140 11.97 -28.09 31.91
N TYR KB 141 13.11 -28.01 32.63
CA TYR KB 141 13.29 -27.13 33.78
C TYR KB 141 14.54 -26.25 33.61
N PRO LB 2 -29.45 -60.03 47.09
CA PRO LB 2 -28.53 -60.63 48.08
C PRO LB 2 -28.30 -59.71 49.28
N ASP LB 3 -27.91 -60.32 50.43
CA ASP LB 3 -27.80 -59.64 51.72
C ASP LB 3 -26.78 -58.50 51.64
N PRO LB 4 -25.45 -58.76 51.47
CA PRO LB 4 -24.58 -57.77 50.86
C PRO LB 4 -24.77 -57.86 49.34
N SER LB 5 -24.99 -56.70 48.71
CA SER LB 5 -25.17 -56.62 47.26
C SER LB 5 -23.81 -56.50 46.55
N ILE LB 6 -23.70 -56.91 45.28
CA ILE LB 6 -22.44 -56.94 44.56
C ILE LB 6 -21.78 -55.55 44.45
N ASP LB 7 -22.56 -54.47 44.49
CA ASP LB 7 -22.07 -53.09 44.46
C ASP LB 7 -21.56 -52.62 45.83
N GLU LB 8 -21.88 -53.33 46.91
CA GLU LB 8 -21.52 -52.97 48.27
C GLU LB 8 -20.20 -53.63 48.72
N VAL LB 9 -19.67 -54.58 47.93
CA VAL LB 9 -18.45 -55.32 48.25
C VAL LB 9 -17.32 -54.93 47.30
N SER LB 10 -16.13 -54.67 47.87
CA SER LB 10 -14.88 -54.57 47.13
C SER LB 10 -14.16 -55.94 47.07
N LYS LB 11 -13.00 -56.03 46.41
CA LYS LB 11 -12.29 -57.30 46.24
C LYS LB 11 -11.96 -57.94 47.59
N SER LB 12 -11.48 -57.12 48.54
CA SER LB 12 -11.19 -57.55 49.91
C SER LB 12 -12.44 -58.04 50.66
N ASP LB 13 -13.58 -57.38 50.45
CA ASP LB 13 -14.84 -57.77 51.04
C ASP LB 13 -15.35 -59.10 50.47
N TRP LB 14 -15.25 -59.29 49.16
CA TRP LB 14 -15.67 -60.52 48.49
C TRP LB 14 -14.96 -61.74 49.08
N ASP LB 15 -13.64 -61.63 49.29
CA ASP LB 15 -12.83 -62.66 49.91
C ASP LB 15 -13.26 -62.93 51.36
N ALA LB 16 -13.82 -61.93 52.05
CA ALA LB 16 -14.27 -62.03 53.43
C ALA LB 16 -15.69 -62.59 53.59
N LEU LB 17 -16.51 -62.60 52.52
CA LEU LB 17 -17.87 -63.14 52.55
C LEU LB 17 -17.88 -64.63 52.91
N THR LB 18 -18.96 -65.08 53.55
CA THR LB 18 -19.26 -66.50 53.68
C THR LB 18 -19.54 -67.11 52.31
N THR LB 19 -19.47 -68.45 52.21
CA THR LB 19 -19.85 -69.13 50.98
C THR LB 19 -21.29 -68.82 50.57
N GLN LB 20 -22.22 -68.73 51.53
CA GLN LB 20 -23.61 -68.45 51.21
C GLN LB 20 -23.80 -67.05 50.60
N GLU LB 21 -23.15 -66.03 51.18
CA GLU LB 21 -23.22 -64.67 50.64
C GLU LB 21 -22.66 -64.60 49.22
N GLN LB 22 -21.56 -65.32 48.94
CA GLN LB 22 -21.03 -65.43 47.59
C GLN LB 22 -21.99 -66.18 46.67
N ASP LB 23 -22.58 -67.28 47.14
CA ASP LB 23 -23.51 -68.09 46.34
C ASP LB 23 -24.77 -67.31 45.97
N ASP LB 24 -25.26 -66.43 46.86
CA ASP LB 24 -26.37 -65.54 46.54
C ASP LB 24 -26.02 -64.60 45.38
N ILE LB 25 -24.81 -64.02 45.40
CA ILE LB 25 -24.35 -63.18 44.30
C ILE LB 25 -24.14 -64.00 43.02
N ILE LB 26 -23.52 -65.19 43.13
CA ILE LB 26 -23.31 -66.07 41.98
C ILE LB 26 -24.66 -66.43 41.35
N SER LB 27 -25.65 -66.82 42.18
CA SER LB 27 -26.99 -67.13 41.73
C SER LB 27 -27.64 -65.95 40.99
N GLN LB 28 -27.47 -64.73 41.52
CA GLN LB 28 -27.96 -63.55 40.82
C GLN LB 28 -27.30 -63.39 39.45
N VAL LB 29 -25.98 -63.58 39.35
CA VAL LB 29 -25.29 -63.51 38.07
C VAL LB 29 -25.81 -64.57 37.10
N GLU LB 30 -26.02 -65.81 37.56
CA GLU LB 30 -26.56 -66.88 36.74
C GLU LB 30 -27.94 -66.58 36.17
N ASN LB 31 -28.70 -65.63 36.74
CA ASN LB 31 -29.99 -65.25 36.16
C ASN LB 31 -29.83 -64.50 34.83
N LEU LB 32 -28.63 -63.99 34.53
CA LEU LB 32 -28.39 -63.22 33.32
C LEU LB 32 -28.12 -64.09 32.08
N SER LB 33 -28.21 -65.42 32.20
CA SER LB 33 -28.24 -66.27 31.03
C SER LB 33 -29.32 -67.32 31.18
N SER LB 34 -30.06 -67.60 30.09
CA SER LB 34 -31.07 -68.65 30.04
C SER LB 34 -30.47 -70.03 30.36
N THR LB 35 -29.22 -70.25 29.95
CA THR LB 35 -28.51 -71.50 30.24
C THR LB 35 -27.92 -71.53 31.65
N GLY LB 36 -27.84 -70.38 32.33
CA GLY LB 36 -27.24 -70.24 33.64
C GLY LB 36 -25.74 -70.58 33.70
N TRP LB 37 -25.10 -70.81 32.56
CA TRP LB 37 -23.74 -71.37 32.46
C TRP LB 37 -23.54 -72.56 33.42
N VAL LB 38 -24.49 -73.51 33.43
CA VAL LB 38 -24.52 -74.59 34.42
C VAL LB 38 -23.35 -75.57 34.29
N ASN LB 39 -22.75 -75.69 33.10
CA ASN LB 39 -21.61 -76.58 32.88
C ASN LB 39 -20.26 -75.96 33.28
N THR LB 40 -20.19 -74.64 33.48
CA THR LB 40 -19.02 -74.00 34.08
C THR LB 40 -19.09 -74.12 35.60
N SER LB 41 -17.97 -74.48 36.24
CA SER LB 41 -17.92 -74.75 37.67
C SER LB 41 -17.99 -73.50 38.54
N ARG LB 42 -18.24 -73.67 39.85
CA ARG LB 42 -18.35 -72.56 40.80
C ARG LB 42 -17.07 -71.72 40.87
N GLU LB 43 -15.89 -72.35 40.92
CA GLU LB 43 -14.62 -71.64 41.04
C GLU LB 43 -14.44 -70.60 39.93
N ARG LB 44 -14.89 -70.94 38.73
CA ARG LB 44 -14.76 -70.10 37.55
C ARG LB 44 -15.74 -68.93 37.61
N LYS LB 45 -17.00 -69.18 38.01
CA LYS LB 45 -17.98 -68.14 38.22
C LYS LB 45 -17.56 -67.18 39.34
N ALA LB 46 -17.02 -67.70 40.44
CA ALA LB 46 -16.46 -66.89 41.51
C ALA LB 46 -15.28 -66.03 41.03
N GLU LB 47 -14.37 -66.61 40.24
CA GLU LB 47 -13.23 -65.89 39.68
C GLU LB 47 -13.69 -64.72 38.81
N ALA LB 48 -14.69 -64.94 37.96
CA ALA LB 48 -15.27 -63.91 37.12
C ALA LB 48 -15.86 -62.77 37.95
N ILE LB 49 -16.59 -63.07 39.02
CA ILE LB 49 -17.19 -62.05 39.87
C ILE LB 49 -16.11 -61.28 40.62
N ARG LB 50 -15.13 -61.97 41.20
CA ARG LB 50 -14.03 -61.31 41.89
C ARG LB 50 -13.29 -60.36 40.96
N SER LB 51 -13.04 -60.79 39.72
CA SER LB 51 -12.41 -59.97 38.70
C SER LB 51 -13.29 -58.79 38.29
N ALA LB 52 -14.60 -58.98 38.11
CA ALA LB 52 -15.52 -57.91 37.79
C ALA LB 52 -15.55 -56.85 38.90
N ILE LB 53 -15.55 -57.26 40.16
CA ILE LB 53 -15.49 -56.34 41.30
C ILE LB 53 -14.19 -55.53 41.26
N ALA LB 54 -13.04 -56.21 41.12
CA ALA LB 54 -11.73 -55.58 41.05
C ALA LB 54 -11.65 -54.57 39.90
N GLU LB 55 -12.17 -54.95 38.74
CA GLU LB 55 -12.13 -54.16 37.53
C GLU LB 55 -13.04 -52.93 37.63
N ARG LB 56 -14.24 -53.09 38.20
CA ARG LB 56 -15.09 -51.95 38.54
C ARG LB 56 -14.32 -50.95 39.39
N ASP LB 57 -13.79 -51.39 40.53
CA ASP LB 57 -13.17 -50.51 41.51
C ASP LB 57 -11.90 -49.82 40.98
N THR LB 58 -11.23 -50.38 39.95
CA THR LB 58 -9.97 -49.85 39.44
C THR LB 58 -10.08 -49.14 38.09
N LEU LB 59 -10.87 -49.65 37.13
CA LEU LB 59 -10.96 -49.08 35.79
C LEU LB 59 -12.18 -48.18 35.60
N TYR LB 60 -13.26 -48.44 36.35
CA TYR LB 60 -14.55 -47.79 36.16
C TYR LB 60 -14.98 -46.97 37.39
N SER LB 61 -14.00 -46.58 38.22
CA SER LB 61 -14.19 -45.71 39.37
C SER LB 61 -13.72 -44.28 39.07
N GLY LB 62 -13.93 -43.35 40.02
CA GLY LB 62 -13.49 -41.97 39.85
C GLY LB 62 -14.44 -41.16 38.95
N ASN LB 63 -14.08 -39.89 38.75
CA ASN LB 63 -14.98 -38.92 38.14
C ASN LB 63 -14.38 -38.38 36.84
N MET LB 64 -15.23 -37.90 35.93
CA MET LB 64 -14.75 -37.12 34.81
C MET LB 64 -15.65 -35.90 34.60
N SER LB 65 -15.02 -34.70 34.61
CA SER LB 65 -15.70 -33.42 34.72
C SER LB 65 -16.71 -33.40 35.88
N ARG LB 66 -16.31 -33.93 37.05
CA ARG LB 66 -17.08 -33.96 38.29
C ARG LB 66 -18.32 -34.86 38.22
N LEU LB 67 -18.47 -35.66 37.14
CA LEU LB 67 -19.53 -36.65 37.01
C LEU LB 67 -18.96 -38.03 37.29
N PRO LB 68 -19.68 -38.94 37.99
CA PRO LB 68 -19.15 -40.28 38.25
C PRO LB 68 -18.96 -41.07 36.96
N THR LB 69 -17.88 -41.86 36.89
CA THR LB 69 -17.59 -42.70 35.74
C THR LB 69 -18.68 -43.77 35.57
N LEU LB 70 -19.04 -44.44 36.67
CA LEU LB 70 -20.11 -45.40 36.66
C LEU LB 70 -21.42 -44.65 36.90
N ASP LB 71 -22.07 -44.24 35.80
CA ASP LB 71 -23.27 -43.42 35.84
C ASP LB 71 -24.54 -44.24 36.05
N GLY LB 72 -24.56 -45.50 35.56
CA GLY LB 72 -25.70 -46.39 35.73
C GLY LB 72 -25.78 -47.02 37.13
N ASP LB 73 -26.72 -47.95 37.31
CA ASP LB 73 -26.81 -48.72 38.55
C ASP LB 73 -25.55 -49.58 38.74
N ALA LB 74 -24.81 -49.36 39.84
CA ALA LB 74 -23.58 -50.08 40.12
C ALA LB 74 -23.80 -51.59 40.34
N GLU LB 75 -25.00 -51.98 40.80
CA GLU LB 75 -25.33 -53.39 40.96
C GLU LB 75 -25.31 -54.09 39.59
N TYR LB 76 -26.21 -53.67 38.70
CA TYR LB 76 -26.34 -54.25 37.38
C TYR LB 76 -25.09 -54.09 36.53
N PHE LB 77 -24.37 -52.97 36.67
CA PHE LB 77 -23.08 -52.87 35.99
C PHE LB 77 -22.14 -54.01 36.39
N THR LB 78 -21.98 -54.27 37.70
CA THR LB 78 -21.09 -55.33 38.12
C THR LB 78 -21.59 -56.72 37.71
N LEU LB 79 -22.90 -56.93 37.70
CA LEU LB 79 -23.47 -58.18 37.24
C LEU LB 79 -23.22 -58.39 35.74
N TYR LB 80 -23.44 -57.38 34.91
CA TYR LB 80 -23.16 -57.48 33.48
C TYR LB 80 -21.66 -57.65 33.22
N LEU LB 81 -20.81 -56.98 33.98
CA LEU LB 81 -19.38 -57.16 33.86
C LEU LB 81 -18.94 -58.58 34.26
N SER LB 82 -19.65 -59.20 35.22
CA SER LB 82 -19.46 -60.59 35.61
C SER LB 82 -19.90 -61.55 34.50
N ALA LB 83 -21.12 -61.38 33.97
CA ALA LB 83 -21.65 -62.18 32.87
C ALA LB 83 -20.77 -62.09 31.62
N HIS LB 84 -20.24 -60.91 31.32
CA HIS LB 84 -19.28 -60.69 30.25
C HIS LB 84 -18.07 -61.60 30.42
N LYS LB 85 -17.43 -61.57 31.59
CA LYS LB 85 -16.29 -62.42 31.91
C LYS LB 85 -16.63 -63.91 31.81
N ILE LB 86 -17.75 -64.36 32.39
CA ILE LB 86 -18.14 -65.77 32.32
C ILE LB 86 -18.31 -66.22 30.86
N GLN LB 87 -18.95 -65.40 30.03
CA GLN LB 87 -19.10 -65.71 28.61
C GLN LB 87 -17.76 -65.77 27.87
N LEU LB 88 -16.77 -64.96 28.28
CA LEU LB 88 -15.43 -65.09 27.73
C LEU LB 88 -14.70 -66.34 28.24
N PHE LB 89 -14.91 -66.75 29.50
CA PHE LB 89 -14.32 -67.98 30.00
C PHE LB 89 -14.92 -69.21 29.30
N GLU LB 90 -16.16 -69.10 28.80
CA GLU LB 90 -16.83 -70.11 27.98
C GLU LB 90 -16.35 -70.12 26.52
N GLY LB 91 -15.56 -69.11 26.08
CA GLY LB 91 -14.99 -69.11 24.74
C GLY LB 91 -15.35 -67.91 23.85
N GLY LB 92 -16.29 -67.05 24.32
CA GLY LB 92 -16.82 -65.94 23.53
C GLY LB 92 -18.32 -66.10 23.26
N GLU LB 93 -18.91 -65.20 22.47
CA GLU LB 93 -20.28 -65.42 22.03
C GLU LB 93 -20.30 -66.46 20.91
N ALA LB 94 -21.29 -67.35 20.93
CA ALA LB 94 -21.60 -68.13 19.75
C ALA LB 94 -22.27 -67.23 18.73
N GLN LB 95 -21.63 -67.04 17.57
CA GLN LB 95 -22.26 -66.44 16.41
C GLN LB 95 -23.24 -67.44 15.78
N SER LB 96 -22.88 -68.73 15.79
CA SER LB 96 -23.67 -69.78 15.16
C SER LB 96 -23.52 -71.08 15.96
N GLU LB 97 -24.61 -71.86 16.07
CA GLU LB 97 -24.63 -73.16 16.72
C GLU LB 97 -25.37 -74.15 15.83
N SER LB 98 -24.88 -75.40 15.73
CA SER LB 98 -25.49 -76.39 14.85
C SER LB 98 -25.28 -77.81 15.40
N GLY LB 99 -26.24 -78.71 15.16
CA GLY LB 99 -26.15 -80.10 15.57
C GLY LB 99 -27.36 -80.93 15.12
N GLU LB 100 -27.65 -82.01 15.87
CA GLU LB 100 -28.79 -82.87 15.61
C GLU LB 100 -30.13 -82.15 15.80
N GLY LB 101 -30.19 -81.24 16.79
CA GLY LB 101 -31.42 -80.57 17.18
C GLY LB 101 -31.78 -79.36 16.29
N GLY LB 102 -30.94 -79.06 15.28
CA GLY LB 102 -31.14 -77.98 14.33
C GLY LB 102 -29.93 -77.04 14.23
N SER LB 103 -30.14 -75.85 13.65
CA SER LB 103 -29.13 -74.82 13.55
C SER LB 103 -29.73 -73.44 13.88
N VAL LB 104 -28.93 -72.58 14.52
CA VAL LB 104 -29.33 -71.20 14.76
C VAL LB 104 -28.14 -70.27 14.52
N SER LB 105 -28.39 -69.15 13.85
CA SER LB 105 -27.42 -68.10 13.65
C SER LB 105 -27.89 -66.84 14.37
N TYR LB 106 -27.03 -66.21 15.18
CA TYR LB 106 -27.41 -65.04 15.97
C TYR LB 106 -26.84 -63.75 15.36
N SER LB 107 -27.62 -62.66 15.48
CA SER LB 107 -27.26 -61.37 14.92
C SER LB 107 -26.22 -60.62 15.78
N THR LB 108 -25.08 -61.27 16.09
CA THR LB 108 -23.95 -60.59 16.73
C THR LB 108 -23.36 -59.51 15.83
N GLY LB 109 -23.36 -59.74 14.51
CA GLY LB 109 -23.10 -58.75 13.47
C GLY LB 109 -21.66 -58.23 13.41
N GLY LB 110 -20.70 -59.05 13.87
CA GLY LB 110 -19.27 -58.73 13.88
C GLY LB 110 -18.93 -57.45 14.65
N GLY LB 111 -19.63 -57.21 15.78
CA GLY LB 111 -19.53 -55.99 16.56
C GLY LB 111 -18.16 -55.74 17.21
N GLY LB 112 -17.58 -54.57 16.89
CA GLY LB 112 -16.50 -53.94 17.63
C GLY LB 112 -15.17 -54.69 17.65
N GLU LB 113 -14.27 -54.21 18.52
CA GLU LB 113 -12.89 -54.69 18.59
C GLU LB 113 -12.33 -54.67 20.02
N LYS LB 114 -12.87 -53.80 20.88
CA LYS LB 114 -12.43 -53.67 22.27
C LYS LB 114 -13.28 -54.59 23.14
N ASP LB 115 -12.74 -55.13 24.24
CA ASP LB 115 -13.31 -56.30 24.91
C ASP LB 115 -14.80 -56.20 25.22
N LEU LB 116 -15.28 -55.11 25.83
CA LEU LB 116 -16.69 -55.01 26.20
C LEU LB 116 -17.61 -55.06 24.98
N GLN LB 117 -17.15 -54.59 23.82
CA GLN LB 117 -17.95 -54.67 22.60
C GLN LB 117 -18.16 -56.12 22.13
N LYS LB 118 -17.35 -57.07 22.62
CA LYS LB 118 -17.26 -58.42 22.07
C LYS LB 118 -18.33 -59.40 22.59
N THR LB 119 -19.12 -59.03 23.62
CA THR LB 119 -20.29 -59.83 23.98
C THR LB 119 -21.47 -58.93 24.35
N ARG LB 120 -22.70 -59.46 24.29
CA ARG LB 120 -23.92 -58.74 24.62
C ARG LB 120 -23.92 -58.16 26.04
N TYR LB 121 -23.38 -58.90 27.00
CA TYR LB 121 -23.26 -58.42 28.37
C TYR LB 121 -22.28 -57.27 28.47
N GLY LB 122 -21.18 -57.35 27.71
CA GLY LB 122 -20.21 -56.27 27.65
C GLY LB 122 -20.81 -55.01 27.03
N ARG LB 123 -21.56 -55.17 25.93
CA ARG LB 123 -22.27 -54.07 25.28
C ARG LB 123 -23.29 -53.41 26.21
N MET LB 124 -24.02 -54.19 27.01
CA MET LB 124 -24.87 -53.66 28.06
C MET LB 124 -24.07 -52.91 29.12
N ALA LB 125 -23.02 -53.53 29.69
CA ALA LB 125 -22.18 -52.91 30.70
C ALA LB 125 -21.62 -51.56 30.23
N LEU LB 126 -21.29 -51.46 28.94
CA LEU LB 126 -20.70 -50.28 28.32
C LEU LB 126 -21.64 -49.06 28.43
N GLU LB 127 -22.95 -49.24 28.31
CA GLU LB 127 -23.91 -48.15 28.43
C GLU LB 127 -23.96 -47.55 29.84
N TYR LB 128 -23.56 -48.31 30.87
CA TYR LB 128 -23.56 -47.83 32.25
C TYR LB 128 -22.38 -46.89 32.53
N VAL LB 129 -21.42 -46.78 31.61
CA VAL LB 129 -20.13 -46.16 31.86
C VAL LB 129 -19.76 -45.20 30.73
N TRP LB 130 -20.72 -44.37 30.32
CA TRP LB 130 -20.56 -43.39 29.25
C TRP LB 130 -20.06 -44.00 27.94
N GLU LB 131 -20.28 -45.30 27.72
CA GLU LB 131 -19.80 -46.01 26.52
C GLU LB 131 -18.28 -45.92 26.35
N ASP LB 132 -17.54 -45.83 27.47
CA ASP LB 132 -16.08 -45.67 27.53
C ASP LB 132 -15.57 -44.37 26.87
N ASN LB 133 -16.42 -43.35 26.76
CA ASN LB 133 -16.03 -42.02 26.29
C ASN LB 133 -15.26 -41.19 27.32
N SER LB 134 -14.53 -40.18 26.84
CA SER LB 134 -13.54 -39.44 27.60
C SER LB 134 -13.97 -37.97 27.75
N ILE LB 135 -14.95 -37.73 28.63
CA ILE LB 135 -15.56 -36.40 28.79
C ILE LB 135 -14.95 -35.58 29.93
N ALA LB 136 -13.75 -35.95 30.41
CA ALA LB 136 -13.15 -35.26 31.55
C ALA LB 136 -12.71 -33.84 31.19
N ALA LB 137 -12.76 -32.93 32.18
CA ALA LB 137 -12.35 -31.54 31.98
C ALA LB 137 -11.88 -30.91 33.30
N LEU LB 138 -10.82 -30.08 33.24
CA LEU LB 138 -10.34 -29.32 34.38
C LEU LB 138 -9.94 -27.90 33.97
N ARG LB 139 -9.98 -27.00 34.97
CA ARG LB 139 -9.41 -25.66 34.92
C ARG LB 139 -8.02 -25.62 35.57
N THR LB 140 -7.28 -24.54 35.29
CA THR LB 140 -6.25 -24.03 36.18
C THR LB 140 -6.78 -22.80 36.93
N TYR LB 141 -5.99 -22.33 37.90
CA TYR LB 141 -6.36 -21.27 38.82
C TYR LB 141 -5.17 -20.35 39.18
N PRO MB 2 -51.55 -54.29 34.51
CA PRO MB 2 -51.20 -54.70 35.88
C PRO MB 2 -51.66 -53.70 36.93
N ASP MB 3 -51.84 -54.19 38.18
CA ASP MB 3 -52.41 -53.42 39.28
C ASP MB 3 -51.55 -52.17 39.54
N PRO MB 4 -50.28 -52.28 40.00
CA PRO MB 4 -49.28 -51.26 39.75
C PRO MB 4 -48.63 -51.49 38.38
N SER MB 5 -48.62 -50.47 37.52
CA SER MB 5 -48.00 -50.54 36.20
C SER MB 5 -46.46 -50.45 36.30
N ILE MB 6 -45.74 -51.00 35.31
CA ILE MB 6 -44.27 -51.07 35.35
C ILE MB 6 -43.59 -49.69 35.44
N ASP MB 7 -44.28 -48.62 35.02
CA ASP MB 7 -43.77 -47.25 35.13
C ASP MB 7 -43.96 -46.65 36.53
N GLU MB 8 -44.85 -47.22 37.34
CA GLU MB 8 -45.08 -46.76 38.71
C GLU MB 8 -44.01 -47.28 39.67
N VAL MB 9 -43.33 -48.38 39.32
CA VAL MB 9 -42.45 -49.12 40.21
C VAL MB 9 -40.98 -48.83 39.88
N SER MB 10 -40.20 -48.56 40.93
CA SER MB 10 -38.74 -48.46 40.89
C SER MB 10 -38.12 -49.78 41.36
N LYS MB 11 -36.77 -49.88 41.36
CA LYS MB 11 -36.06 -51.10 41.75
C LYS MB 11 -36.48 -51.60 43.14
N SER MB 12 -36.56 -50.70 44.12
CA SER MB 12 -36.96 -51.03 45.48
C SER MB 12 -38.46 -51.35 45.61
N ASP MB 13 -39.30 -50.76 44.75
CA ASP MB 13 -40.71 -51.13 44.70
C ASP MB 13 -40.87 -52.56 44.20
N TRP MB 14 -40.18 -52.93 43.11
CA TRP MB 14 -40.22 -54.27 42.53
C TRP MB 14 -39.89 -55.33 43.58
N ASP MB 15 -38.85 -55.10 44.38
CA ASP MB 15 -38.43 -55.96 45.48
C ASP MB 15 -39.49 -56.08 46.59
N ALA MB 16 -40.34 -55.05 46.75
CA ALA MB 16 -41.39 -55.00 47.77
C ALA MB 16 -42.74 -55.57 47.28
N LEU MB 17 -42.95 -55.69 45.97
CA LEU MB 17 -44.19 -56.23 45.40
C LEU MB 17 -44.45 -57.67 45.88
N THR MB 18 -45.73 -58.04 45.95
CA THR MB 18 -46.12 -59.44 46.07
C THR MB 18 -45.68 -60.22 44.83
N THR MB 19 -45.60 -61.55 44.94
CA THR MB 19 -45.33 -62.39 43.77
C THR MB 19 -46.38 -62.18 42.67
N GLN MB 20 -47.65 -61.97 43.05
CA GLN MB 20 -48.71 -61.77 42.07
C GLN MB 20 -48.55 -60.47 41.28
N GLU MB 21 -48.25 -59.36 41.97
CA GLU MB 21 -48.02 -58.09 41.29
C GLU MB 21 -46.82 -58.17 40.32
N GLN MB 22 -45.76 -58.89 40.71
CA GLN MB 22 -44.66 -59.18 39.80
C GLN MB 22 -45.11 -60.04 38.62
N ASP MB 23 -45.87 -61.12 38.88
CA ASP MB 23 -46.33 -62.02 37.84
C ASP MB 23 -47.23 -61.33 36.81
N ASP MB 24 -48.05 -60.37 37.24
CA ASP MB 24 -48.84 -59.55 36.33
C ASP MB 24 -47.94 -58.77 35.37
N ILE MB 25 -46.89 -58.12 35.90
CA ILE MB 25 -45.94 -57.40 35.07
C ILE MB 25 -45.16 -58.37 34.18
N ILE MB 26 -44.74 -59.53 34.69
CA ILE MB 26 -44.07 -60.55 33.89
C ILE MB 26 -44.97 -60.98 32.73
N SER MB 27 -46.26 -61.26 33.00
CA SER MB 27 -47.23 -61.64 31.99
C SER MB 27 -47.37 -60.56 30.92
N GLN MB 28 -47.37 -59.28 31.31
CA GLN MB 28 -47.40 -58.20 30.35
C GLN MB 28 -46.16 -58.19 29.46
N VAL MB 29 -44.97 -58.42 30.02
CA VAL MB 29 -43.74 -58.49 29.23
C VAL MB 29 -43.76 -59.69 28.28
N GLU MB 30 -44.23 -60.85 28.74
CA GLU MB 30 -44.35 -62.04 27.92
C GLU MB 30 -45.29 -61.87 26.72
N ASN MB 31 -46.19 -60.90 26.74
CA ASN MB 31 -47.02 -60.61 25.58
C ASN MB 31 -46.18 -60.05 24.42
N LEU MB 32 -45.00 -59.51 24.69
CA LEU MB 32 -44.19 -58.88 23.64
C LEU MB 32 -43.45 -59.88 22.75
N SER MB 33 -43.57 -61.19 23.00
CA SER MB 33 -43.02 -62.19 22.10
C SER MB 33 -44.06 -63.28 21.84
N SER MB 34 -44.20 -63.70 20.58
CA SER MB 34 -45.11 -64.76 20.18
C SER MB 34 -44.75 -66.11 20.82
N THR MB 35 -43.49 -66.30 21.23
CA THR MB 35 -43.05 -67.48 21.97
C THR MB 35 -43.25 -67.33 23.48
N GLY MB 36 -43.37 -66.10 23.99
CA GLY MB 36 -43.46 -65.84 25.42
C GLY MB 36 -42.18 -66.17 26.21
N TRP MB 37 -41.08 -66.52 25.51
CA TRP MB 37 -39.86 -67.05 26.13
C TRP MB 37 -40.13 -68.12 27.19
N VAL MB 38 -41.03 -69.07 26.88
CA VAL MB 38 -41.56 -70.06 27.82
C VAL MB 38 -40.50 -70.99 28.40
N ASN MB 39 -39.36 -71.15 27.72
CA ASN MB 39 -38.28 -71.99 28.21
C ASN MB 39 -37.33 -71.28 29.18
N THR MB 40 -37.39 -69.94 29.28
CA THR MB 40 -36.67 -69.22 30.34
C THR MB 40 -37.45 -69.30 31.65
N SER MB 41 -36.71 -69.44 32.76
CA SER MB 41 -37.34 -69.56 34.08
C SER MB 41 -37.81 -68.20 34.61
N ARG MB 42 -38.69 -68.21 35.62
CA ARG MB 42 -39.25 -67.00 36.20
C ARG MB 42 -38.17 -66.03 36.67
N GLU MB 43 -37.13 -66.53 37.36
CA GLU MB 43 -36.07 -65.71 37.93
C GLU MB 43 -35.40 -64.83 36.87
N ARG MB 44 -35.27 -65.35 35.65
CA ARG MB 44 -34.57 -64.68 34.57
C ARG MB 44 -35.43 -63.58 33.96
N LYS MB 45 -36.74 -63.80 33.86
CA LYS MB 45 -37.70 -62.78 33.47
C LYS MB 45 -37.79 -61.68 34.54
N ALA MB 46 -37.86 -62.07 35.82
CA ALA MB 46 -37.82 -61.13 36.93
C ALA MB 46 -36.52 -60.30 36.93
N GLU MB 47 -35.35 -60.93 36.78
CA GLU MB 47 -34.07 -60.23 36.74
C GLU MB 47 -34.01 -59.22 35.59
N ALA MB 48 -34.51 -59.60 34.41
CA ALA MB 48 -34.59 -58.71 33.25
C ALA MB 48 -35.46 -57.49 33.56
N ILE MB 49 -36.64 -57.68 34.15
CA ILE MB 49 -37.56 -56.60 34.47
C ILE MB 49 -36.96 -55.69 35.53
N ARG MB 50 -36.43 -56.26 36.62
CA ARG MB 50 -35.76 -55.51 37.66
C ARG MB 50 -34.61 -54.68 37.09
N SER MB 51 -33.80 -55.29 36.21
CA SER MB 51 -32.73 -54.59 35.52
C SER MB 51 -33.25 -53.48 34.61
N ALA MB 52 -34.33 -53.71 33.85
CA ALA MB 52 -34.93 -52.69 32.98
C ALA MB 52 -35.46 -51.50 33.78
N ILE MB 53 -36.08 -51.76 34.94
CA ILE MB 53 -36.54 -50.72 35.85
C ILE MB 53 -35.35 -49.91 36.37
N ALA MB 54 -34.31 -50.58 36.87
CA ALA MB 54 -33.11 -49.95 37.39
C ALA MB 54 -32.39 -49.11 36.32
N GLU MB 55 -32.32 -49.64 35.10
CA GLU MB 55 -31.66 -49.01 33.97
C GLU MB 55 -32.46 -47.81 33.47
N ARG MB 56 -33.80 -47.88 33.44
CA ARG MB 56 -34.64 -46.74 33.14
C ARG MB 56 -34.36 -45.61 34.13
N ASP MB 57 -34.45 -45.92 35.42
CA ASP MB 57 -34.33 -44.93 36.48
C ASP MB 57 -32.95 -44.25 36.50
N THR MB 58 -31.89 -44.96 36.07
CA THR MB 58 -30.52 -44.44 36.13
C THR MB 58 -30.01 -43.89 34.80
N LEU MB 59 -30.20 -44.60 33.68
CA LEU MB 59 -29.63 -44.20 32.39
C LEU MB 59 -30.59 -43.39 31.51
N TYR MB 60 -31.90 -43.52 31.72
CA TYR MB 60 -32.91 -42.93 30.85
C TYR MB 60 -33.85 -42.01 31.62
N SER MB 61 -33.26 -41.18 32.48
CA SER MB 61 -33.95 -40.22 33.33
C SER MB 61 -33.24 -38.87 33.27
N GLY MB 62 -33.91 -37.80 33.72
CA GLY MB 62 -33.34 -36.46 33.61
C GLY MB 62 -33.78 -35.73 32.34
N ASN MB 63 -33.26 -34.51 32.16
CA ASN MB 63 -33.74 -33.60 31.12
C ASN MB 63 -32.65 -33.29 30.10
N MET MB 64 -33.08 -32.96 28.88
CA MET MB 64 -32.21 -32.35 27.87
C MET MB 64 -32.93 -31.11 27.32
N SER MB 65 -32.31 -29.93 27.44
CA SER MB 65 -32.96 -28.67 27.11
C SER MB 65 -34.35 -28.56 27.76
N ARG MB 66 -34.47 -28.99 29.02
CA ARG MB 66 -35.73 -29.01 29.78
C ARG MB 66 -36.76 -30.02 29.26
N LEU MB 67 -36.47 -30.76 28.19
CA LEU MB 67 -37.33 -31.85 27.71
C LEU MB 67 -37.03 -33.09 28.54
N PRO MB 68 -38.02 -33.95 28.89
CA PRO MB 68 -37.69 -35.21 29.54
C PRO MB 68 -36.90 -36.09 28.57
N THR MB 69 -35.89 -36.81 29.07
CA THR MB 69 -35.14 -37.70 28.20
C THR MB 69 -35.94 -38.95 27.80
N LEU MB 70 -36.94 -39.33 28.59
CA LEU MB 70 -37.89 -40.37 28.21
C LEU MB 70 -39.16 -39.66 27.71
N ASP MB 71 -39.20 -39.43 26.40
CA ASP MB 71 -40.25 -38.68 25.73
C ASP MB 71 -41.49 -39.54 25.48
N GLY MB 72 -41.28 -40.82 25.12
CA GLY MB 72 -42.36 -41.76 24.87
C GLY MB 72 -43.05 -42.25 26.15
N ASP MB 73 -44.08 -43.08 25.99
CA ASP MB 73 -44.77 -43.69 27.12
C ASP MB 73 -43.81 -44.54 27.95
N ALA MB 74 -43.62 -44.19 29.23
CA ALA MB 74 -42.69 -44.88 30.12
C ALA MB 74 -43.07 -46.34 30.38
N GLU MB 75 -44.36 -46.68 30.30
CA GLU MB 75 -44.80 -48.06 30.49
C GLU MB 75 -44.17 -48.93 29.40
N TYR MB 76 -44.49 -48.62 28.15
CA TYR MB 76 -44.02 -49.39 27.00
C TYR MB 76 -42.51 -49.32 26.84
N PHE MB 77 -41.88 -48.18 27.15
CA PHE MB 77 -40.44 -48.14 27.19
C PHE MB 77 -39.87 -49.22 28.14
N THR MB 78 -40.39 -49.29 29.37
CA THR MB 78 -39.84 -50.25 30.32
C THR MB 78 -40.13 -51.69 29.88
N LEU MB 79 -41.29 -51.94 29.27
CA LEU MB 79 -41.61 -53.26 28.75
C LEU MB 79 -40.69 -53.67 27.61
N TYR MB 80 -40.44 -52.78 26.64
CA TYR MB 80 -39.53 -53.07 25.54
C TYR MB 80 -38.10 -53.25 26.03
N LEU MB 81 -37.67 -52.45 26.99
CA LEU MB 81 -36.36 -52.63 27.61
C LEU MB 81 -36.26 -53.96 28.35
N SER MB 82 -37.37 -54.43 28.96
CA SER MB 82 -37.44 -55.74 29.58
C SER MB 82 -37.33 -56.85 28.54
N ALA MB 83 -38.09 -56.76 27.44
CA ALA MB 83 -38.04 -57.72 26.35
C ALA MB 83 -36.65 -57.77 25.71
N HIS MB 84 -36.01 -56.60 25.51
CA HIS MB 84 -34.63 -56.48 25.06
C HIS MB 84 -33.68 -57.29 25.94
N LYS MB 85 -33.94 -57.36 27.24
CA LYS MB 85 -33.13 -58.08 28.21
C LYS MB 85 -33.55 -59.55 28.39
N ILE MB 86 -34.75 -59.99 27.98
CA ILE MB 86 -35.06 -61.41 28.00
C ILE MB 86 -34.49 -62.06 26.75
N GLN MB 87 -34.66 -61.42 25.58
CA GLN MB 87 -33.67 -61.60 24.51
C GLN MB 87 -32.32 -61.17 25.08
N LEU MB 88 -31.19 -61.54 24.48
CA LEU MB 88 -29.87 -61.40 25.12
C LEU MB 88 -29.65 -62.37 26.30
N PHE MB 89 -30.59 -62.55 27.25
CA PHE MB 89 -30.46 -63.67 28.18
C PHE MB 89 -30.66 -65.01 27.45
N GLU MB 90 -31.56 -65.03 26.45
CA GLU MB 90 -31.77 -66.13 25.52
C GLU MB 90 -30.63 -66.33 24.50
N GLY MB 91 -29.47 -65.69 24.68
CA GLY MB 91 -28.55 -65.46 23.57
C GLY MB 91 -29.06 -64.29 22.72
N GLY MB 92 -28.41 -63.98 21.60
CA GLY MB 92 -28.82 -62.80 20.84
C GLY MB 92 -30.21 -62.91 20.20
N GLU MB 93 -30.56 -61.91 19.40
CA GLU MB 93 -31.68 -62.02 18.47
C GLU MB 93 -31.29 -62.95 17.32
N ALA MB 94 -32.14 -63.97 17.04
CA ALA MB 94 -31.87 -64.91 15.96
C ALA MB 94 -31.93 -64.22 14.60
N GLN MB 95 -30.92 -64.52 13.77
CA GLN MB 95 -30.86 -64.10 12.37
C GLN MB 95 -31.46 -65.17 11.47
N SER MB 96 -31.20 -66.44 11.78
CA SER MB 96 -31.77 -67.56 11.04
C SER MB 96 -31.95 -68.76 11.98
N GLU MB 97 -33.00 -69.54 11.74
CA GLU MB 97 -33.33 -70.74 12.51
C GLU MB 97 -33.65 -71.86 11.52
N SER MB 98 -33.12 -73.06 11.77
CA SER MB 98 -33.35 -74.20 10.90
C SER MB 98 -33.54 -75.48 11.73
N GLY MB 99 -34.51 -76.31 11.32
CA GLY MB 99 -34.93 -77.50 12.03
C GLY MB 99 -34.97 -78.72 11.11
N GLU MB 100 -36.07 -79.48 11.20
CA GLU MB 100 -36.26 -80.69 10.41
C GLU MB 100 -36.63 -80.32 8.97
N GLY MB 101 -35.64 -79.89 8.19
CA GLY MB 101 -35.83 -79.39 6.84
C GLY MB 101 -36.32 -77.93 6.82
N GLY MB 102 -37.36 -77.63 7.61
CA GLY MB 102 -37.92 -76.29 7.73
C GLY MB 102 -36.87 -75.27 8.16
N SER MB 103 -36.81 -74.13 7.45
CA SER MB 103 -35.82 -73.09 7.72
C SER MB 103 -36.40 -71.70 7.50
N VAL MB 104 -35.91 -70.74 8.28
CA VAL MB 104 -36.32 -69.34 8.15
C VAL MB 104 -35.10 -68.44 8.36
N SER MB 105 -35.11 -67.28 7.70
CA SER MB 105 -34.08 -66.28 7.85
C SER MB 105 -34.79 -64.93 8.01
N TYR MB 106 -34.36 -64.10 8.96
CA TYR MB 106 -35.05 -62.86 9.31
C TYR MB 106 -34.22 -61.63 8.91
N SER MB 107 -34.92 -60.51 8.69
CA SER MB 107 -34.28 -59.25 8.34
C SER MB 107 -33.76 -58.51 9.60
N THR MB 108 -33.25 -59.26 10.61
CA THR MB 108 -32.82 -58.71 11.89
C THR MB 108 -31.37 -58.21 11.86
N GLY MB 109 -30.59 -58.63 10.85
CA GLY MB 109 -29.20 -58.20 10.69
C GLY MB 109 -29.03 -56.71 10.35
N GLY MB 110 -27.78 -56.21 10.50
CA GLY MB 110 -27.37 -54.87 10.10
C GLY MB 110 -27.94 -53.74 10.98
N GLY MB 111 -28.39 -54.07 12.20
CA GLY MB 111 -29.08 -53.13 13.08
C GLY MB 111 -28.20 -52.02 13.65
N GLY MB 112 -26.89 -52.31 13.86
CA GLY MB 112 -25.93 -51.40 14.48
C GLY MB 112 -25.10 -52.06 15.58
N GLU MB 113 -24.14 -51.33 16.16
CA GLU MB 113 -23.11 -51.90 17.03
C GLU MB 113 -23.40 -51.69 18.53
N LYS MB 114 -24.20 -50.70 18.91
CA LYS MB 114 -24.48 -50.36 20.31
C LYS MB 114 -25.60 -51.26 20.88
N ASP MB 115 -25.62 -51.42 22.21
CA ASP MB 115 -26.52 -52.32 22.92
C ASP MB 115 -27.96 -52.35 22.37
N LEU MB 116 -28.73 -51.27 22.51
CA LEU MB 116 -30.14 -51.28 22.13
C LEU MB 116 -30.37 -51.52 20.64
N GLN MB 117 -29.37 -51.32 19.78
CA GLN MB 117 -29.52 -51.60 18.36
C GLN MB 117 -29.57 -53.10 18.05
N LYS MB 118 -29.12 -53.95 18.99
CA LYS MB 118 -28.82 -55.36 18.75
C LYS MB 118 -30.03 -56.29 18.80
N THR MB 119 -31.23 -55.81 19.16
CA THR MB 119 -32.45 -56.59 18.99
C THR MB 119 -33.63 -55.66 18.71
N ARG MB 120 -34.65 -56.18 18.02
CA ARG MB 120 -35.88 -55.47 17.67
C ARG MB 120 -36.51 -54.73 18.86
N TYR MB 121 -36.44 -55.30 20.07
CA TYR MB 121 -36.99 -54.65 21.24
C TYR MB 121 -36.21 -53.41 21.65
N GLY MB 122 -34.88 -53.48 21.58
CA GLY MB 122 -34.06 -52.30 21.85
C GLY MB 122 -34.21 -51.24 20.76
N ARG MB 123 -34.36 -51.66 19.49
CA ARG MB 123 -34.65 -50.74 18.41
C ARG MB 123 -35.97 -50.01 18.61
N MET MB 124 -37.00 -50.69 19.11
CA MET MB 124 -38.23 -50.02 19.52
C MET MB 124 -38.00 -49.09 20.71
N ALA MB 125 -37.31 -49.56 21.76
CA ALA MB 125 -37.04 -48.77 22.95
C ALA MB 125 -36.31 -47.45 22.64
N LEU MB 126 -35.37 -47.45 21.68
CA LEU MB 126 -34.64 -46.25 21.29
C LEU MB 126 -35.54 -45.09 20.86
N GLU MB 127 -36.65 -45.35 20.17
CA GLU MB 127 -37.53 -44.29 19.71
C GLU MB 127 -38.15 -43.52 20.86
N TYR MB 128 -38.31 -44.15 22.03
CA TYR MB 128 -38.91 -43.52 23.21
C TYR MB 128 -37.96 -42.53 23.88
N VAL MB 129 -36.67 -42.58 23.54
CA VAL MB 129 -35.60 -41.89 24.25
C VAL MB 129 -34.74 -41.10 23.26
N TRP MB 130 -35.37 -40.35 22.35
CA TRP MB 130 -34.71 -39.51 21.36
C TRP MB 130 -33.67 -40.25 20.52
N GLU MB 131 -33.77 -41.59 20.40
CA GLU MB 131 -32.80 -42.42 19.67
C GLU MB 131 -31.37 -42.28 20.22
N ASP MB 132 -31.24 -42.04 21.53
CA ASP MB 132 -29.97 -41.87 22.26
C ASP MB 132 -29.17 -40.63 21.82
N ASN MB 133 -29.85 -39.62 21.24
CA ASN MB 133 -29.23 -38.35 20.84
C ASN MB 133 -29.07 -37.37 22.02
N SER MB 134 -28.19 -36.38 21.83
CA SER MB 134 -27.69 -35.49 22.88
C SER MB 134 -28.13 -34.04 22.65
N ILE MB 135 -29.43 -33.78 22.81
CA ILE MB 135 -29.99 -32.44 22.54
C ILE MB 135 -30.03 -31.55 23.79
N ALA MB 136 -29.13 -31.79 24.76
CA ALA MB 136 -29.09 -30.97 25.97
C ALA MB 136 -28.43 -29.61 25.72
N ALA MB 137 -28.89 -28.58 26.45
CA ALA MB 137 -28.33 -27.22 26.34
C ALA MB 137 -28.52 -26.43 27.64
N LEU MB 138 -27.51 -25.61 27.99
CA LEU MB 138 -27.60 -24.68 29.12
C LEU MB 138 -26.95 -23.34 28.78
N ARG MB 139 -27.52 -22.29 29.40
CA ARG MB 139 -26.99 -20.94 29.50
C ARG MB 139 -26.11 -20.79 30.73
N THR MB 140 -25.24 -19.77 30.72
CA THR MB 140 -24.74 -19.15 31.94
C THR MB 140 -25.59 -17.94 32.31
N TYR MB 141 -25.50 -17.54 33.60
CA TYR MB 141 -26.21 -16.39 34.14
C TYR MB 141 -25.27 -15.48 34.93
N PRO NB 2 -64.57 -50.19 12.31
CA PRO NB 2 -65.02 -50.40 13.69
C PRO NB 2 -65.78 -49.20 14.24
N ASP NB 3 -66.73 -49.45 15.16
CA ASP NB 3 -67.67 -48.45 15.66
C ASP NB 3 -66.95 -47.29 16.35
N PRO NB 4 -66.23 -47.49 17.48
CA PRO NB 4 -65.10 -46.61 17.82
C PRO NB 4 -63.93 -46.98 16.93
N SER NB 5 -63.38 -46.00 16.20
CA SER NB 5 -62.23 -46.24 15.33
C SER NB 5 -60.91 -46.18 16.12
N ILE NB 6 -59.86 -46.85 15.64
CA ILE NB 6 -58.57 -46.89 16.33
C ILE NB 6 -57.96 -45.49 16.51
N ASP NB 7 -58.29 -44.53 15.63
CA ASP NB 7 -57.81 -43.16 15.74
C ASP NB 7 -58.63 -42.32 16.73
N GLU NB 8 -59.78 -42.82 17.19
CA GLU NB 8 -60.67 -42.12 18.10
C GLU NB 8 -60.44 -42.51 19.57
N VAL NB 9 -59.55 -43.49 19.83
CA VAL NB 9 -59.26 -44.01 21.17
C VAL NB 9 -57.81 -43.71 21.56
N SER NB 10 -57.62 -43.19 22.79
CA SER NB 10 -56.32 -43.11 23.46
C SER NB 10 -56.07 -44.37 24.30
N LYS NB 11 -54.91 -44.48 24.96
CA LYS NB 11 -54.54 -45.68 25.72
C LYS NB 11 -55.57 -46.01 26.80
N SER NB 12 -56.04 -44.99 27.53
CA SER NB 12 -57.04 -45.15 28.57
C SER NB 12 -58.42 -45.54 28.01
N ASP NB 13 -58.76 -45.03 26.81
CA ASP NB 13 -60.00 -45.39 26.14
C ASP NB 13 -59.98 -46.86 25.70
N TRP NB 14 -58.86 -47.33 25.15
CA TRP NB 14 -58.68 -48.72 24.75
C TRP NB 14 -58.96 -49.68 25.91
N ASP NB 15 -58.43 -49.38 27.09
CA ASP NB 15 -58.68 -50.15 28.30
C ASP NB 15 -60.15 -50.14 28.73
N ALA NB 16 -60.91 -49.10 28.36
CA ALA NB 16 -62.31 -48.92 28.70
C ALA NB 16 -63.29 -49.55 27.70
N LEU NB 17 -62.85 -49.83 26.46
CA LEU NB 17 -63.67 -50.48 25.43
C LEU NB 17 -64.19 -51.84 25.90
N THR NB 18 -65.33 -52.30 25.34
CA THR NB 18 -65.75 -53.68 25.54
C THR NB 18 -64.83 -54.65 24.80
N THR NB 19 -64.87 -55.93 25.17
CA THR NB 19 -64.11 -56.95 24.45
C THR NB 19 -64.49 -57.00 22.97
N GLN NB 20 -65.77 -56.78 22.63
CA GLN NB 20 -66.17 -56.75 21.22
C GLN NB 20 -65.59 -55.55 20.49
N GLU NB 21 -65.61 -54.36 21.09
CA GLU NB 21 -65.04 -53.16 20.47
C GLU NB 21 -63.55 -53.33 20.22
N GLN NB 22 -62.82 -53.93 21.18
CA GLN NB 22 -61.43 -54.27 20.98
C GLN NB 22 -61.26 -55.32 19.88
N ASP NB 23 -62.11 -56.35 19.85
CA ASP NB 23 -62.05 -57.42 18.87
C ASP NB 23 -62.32 -56.92 17.44
N ASP NB 24 -63.17 -55.90 17.29
CA ASP NB 24 -63.40 -55.27 15.99
C ASP NB 24 -62.12 -54.61 15.48
N ILE NB 25 -61.43 -53.85 16.34
CA ILE NB 25 -60.18 -53.22 15.97
C ILE NB 25 -59.09 -54.26 15.71
N ILE NB 26 -59.00 -55.31 16.55
CA ILE NB 26 -58.09 -56.42 16.33
C ILE NB 26 -58.35 -57.05 14.96
N SER NB 27 -59.63 -57.32 14.64
CA SER NB 27 -60.02 -57.90 13.35
C SER NB 27 -59.57 -57.02 12.19
N GLN NB 28 -59.71 -55.70 12.33
CA GLN NB 28 -59.23 -54.78 11.31
C GLN NB 28 -57.71 -54.87 11.14
N VAL NB 29 -56.94 -54.92 12.23
CA VAL NB 29 -55.48 -55.04 12.15
C VAL NB 29 -55.08 -56.34 11.46
N GLU NB 30 -55.74 -57.47 11.78
CA GLU NB 30 -55.47 -58.76 11.15
C GLU NB 30 -55.70 -58.75 9.64
N ASN NB 31 -56.45 -57.80 9.09
CA ASN NB 31 -56.63 -57.70 7.65
C ASN NB 31 -55.34 -57.25 6.96
N LEU NB 32 -54.38 -56.66 7.68
CA LEU NB 32 -53.15 -56.16 7.08
C LEU NB 32 -52.12 -57.26 6.80
N SER NB 33 -52.38 -58.51 7.18
CA SER NB 33 -51.56 -59.63 6.74
C SER NB 33 -52.43 -60.73 6.16
N SER NB 34 -52.01 -61.31 5.02
CA SER NB 34 -52.68 -62.43 4.38
C SER NB 34 -52.73 -63.68 5.27
N THR NB 35 -51.80 -63.81 6.22
CA THR NB 35 -51.82 -64.88 7.22
C THR NB 35 -52.66 -64.53 8.45
N GLY NB 36 -52.96 -63.25 8.66
CA GLY NB 36 -53.73 -62.76 9.80
C GLY NB 36 -53.03 -62.91 11.15
N TRP NB 37 -51.77 -63.39 11.19
CA TRP NB 37 -51.07 -63.76 12.41
C TRP NB 37 -51.93 -64.66 13.31
N VAL NB 38 -52.56 -65.69 12.73
CA VAL NB 38 -53.55 -66.53 13.42
C VAL NB 38 -52.94 -67.39 14.53
N ASN NB 39 -51.65 -67.71 14.42
CA ASN NB 39 -50.94 -68.48 15.44
C ASN NB 39 -50.49 -67.64 16.65
N THR NB 40 -50.52 -66.30 16.54
CA THR NB 40 -50.26 -65.40 17.67
C THR NB 40 -51.57 -65.17 18.44
N SER NB 41 -51.51 -65.26 19.78
CA SER NB 41 -52.71 -65.21 20.63
C SER NB 41 -53.32 -63.80 20.72
N ARG NB 42 -54.58 -63.71 21.18
CA ARG NB 42 -55.29 -62.45 21.30
C ARG NB 42 -54.55 -61.43 22.17
N GLU NB 43 -54.04 -61.86 23.33
CA GLU NB 43 -53.39 -60.96 24.28
C GLU NB 43 -52.22 -60.21 23.63
N ARG NB 44 -51.51 -60.89 22.73
CA ARG NB 44 -50.35 -60.32 22.04
C ARG NB 44 -50.77 -59.30 21.00
N LYS NB 45 -51.85 -59.58 20.25
CA LYS NB 45 -52.43 -58.63 19.32
C LYS NB 45 -53.01 -57.41 20.05
N ALA NB 46 -53.68 -57.62 21.18
CA ALA NB 46 -54.18 -56.53 22.03
C ALA NB 46 -53.02 -55.67 22.54
N GLU NB 47 -51.95 -56.29 23.05
CA GLU NB 47 -50.78 -55.57 23.55
C GLU NB 47 -50.15 -54.72 22.44
N ALA NB 48 -50.04 -55.26 21.23
CA ALA NB 48 -49.50 -54.54 20.09
C ALA NB 48 -50.33 -53.30 19.73
N ILE NB 49 -51.66 -53.42 19.75
CA ILE NB 49 -52.56 -52.30 19.45
C ILE NB 49 -52.50 -51.26 20.56
N ARG NB 50 -52.56 -51.68 21.83
CA ARG NB 50 -52.46 -50.77 22.96
C ARG NB 50 -51.16 -49.99 22.90
N SER NB 51 -50.06 -50.67 22.62
CA SER NB 51 -48.75 -50.06 22.45
C SER NB 51 -48.71 -49.11 21.25
N ALA NB 52 -49.32 -49.47 20.12
CA ALA NB 52 -49.36 -48.58 18.96
C ALA NB 52 -50.15 -47.30 19.27
N ILE NB 53 -51.28 -47.40 19.97
CA ILE NB 53 -52.06 -46.25 20.40
C ILE NB 53 -51.23 -45.35 21.32
N ALA NB 54 -50.57 -45.94 22.32
CA ALA NB 54 -49.73 -45.21 23.26
C ALA NB 54 -48.58 -44.49 22.55
N GLU NB 55 -47.95 -45.18 21.60
CA GLU NB 55 -46.82 -44.64 20.86
C GLU NB 55 -47.25 -43.55 19.89
N ARG NB 56 -48.39 -43.69 19.23
CA ARG NB 56 -48.97 -42.62 18.42
C ARG NB 56 -49.17 -41.36 19.26
N ASP NB 57 -49.86 -41.48 20.39
CA ASP NB 57 -50.21 -40.33 21.20
C ASP NB 57 -48.99 -39.64 21.82
N THR NB 58 -47.86 -40.35 21.99
CA THR NB 58 -46.68 -39.81 22.66
C THR NB 58 -45.53 -39.47 21.71
N LEU NB 59 -45.19 -40.35 20.74
CA LEU NB 59 -44.06 -40.15 19.85
C LEU NB 59 -44.42 -39.54 18.50
N TYR NB 60 -45.68 -39.66 18.05
CA TYR NB 60 -46.07 -39.21 16.71
C TYR NB 60 -47.27 -38.27 16.78
N SER NB 61 -47.20 -37.32 17.73
CA SER NB 61 -48.24 -36.34 18.01
C SER NB 61 -47.64 -34.94 18.14
N GLY NB 62 -48.50 -33.91 18.15
CA GLY NB 62 -48.04 -32.53 18.17
C GLY NB 62 -47.74 -32.00 16.77
N ASN NB 63 -47.09 -30.84 16.71
CA ASN NB 63 -46.99 -30.05 15.49
C ASN NB 63 -45.52 -29.75 15.17
N MET NB 64 -45.28 -29.42 13.90
CA MET NB 64 -43.94 -29.30 13.39
C MET NB 64 -43.97 -28.26 12.26
N SER NB 65 -43.45 -27.04 12.53
CA SER NB 65 -43.77 -25.85 11.74
C SER NB 65 -45.28 -25.65 11.58
N ARG NB 66 -46.05 -25.90 12.65
CA ARG NB 66 -47.50 -25.73 12.71
C ARG NB 66 -48.29 -26.73 11.86
N LEU NB 67 -47.60 -27.56 11.06
CA LEU NB 67 -48.16 -28.71 10.38
C LEU NB 67 -48.41 -29.82 11.41
N PRO NB 68 -49.49 -30.63 11.30
CA PRO NB 68 -49.63 -31.79 12.18
C PRO NB 68 -48.51 -32.79 11.89
N THR NB 69 -47.92 -33.38 12.93
CA THR NB 69 -46.85 -34.36 12.69
C THR NB 69 -47.39 -35.66 12.09
N LEU NB 70 -48.64 -36.01 12.38
CA LEU NB 70 -49.30 -37.13 11.73
C LEU NB 70 -50.10 -36.60 10.55
N ASP NB 71 -49.43 -36.51 9.40
CA ASP NB 71 -49.94 -35.85 8.21
C ASP NB 71 -50.93 -36.73 7.43
N GLY NB 72 -50.68 -38.05 7.42
CA GLY NB 72 -51.57 -39.01 6.78
C GLY NB 72 -52.80 -39.34 7.61
N ASP NB 73 -53.61 -40.30 7.14
CA ASP NB 73 -54.77 -40.78 7.86
C ASP NB 73 -54.35 -41.44 9.18
N ALA NB 74 -54.85 -40.92 10.31
CA ALA NB 74 -54.54 -41.42 11.64
C ALA NB 74 -55.03 -42.85 11.88
N GLU NB 75 -56.09 -43.27 11.18
CA GLU NB 75 -56.59 -44.63 11.29
C GLU NB 75 -55.55 -45.61 10.77
N TYR NB 76 -55.22 -45.49 9.49
CA TYR NB 76 -54.27 -46.39 8.84
C TYR NB 76 -52.87 -46.27 9.43
N PHE NB 77 -52.45 -45.09 9.87
CA PHE NB 77 -51.20 -45.01 10.60
C PHE NB 77 -51.19 -45.90 11.85
N THR NB 78 -52.24 -45.83 12.69
CA THR NB 78 -52.26 -46.63 13.89
C THR NB 78 -52.36 -48.12 13.58
N LEU NB 79 -53.09 -48.49 12.54
CA LEU NB 79 -53.15 -49.87 12.09
C LEU NB 79 -51.78 -50.37 11.62
N TYR NB 80 -51.09 -49.63 10.76
CA TYR NB 80 -49.76 -50.02 10.29
C TYR NB 80 -48.75 -50.07 11.43
N LEU NB 81 -48.85 -49.16 12.40
CA LEU NB 81 -48.01 -49.20 13.58
C LEU NB 81 -48.30 -50.43 14.46
N SER NB 82 -49.56 -50.88 14.50
CA SER NB 82 -49.97 -52.10 15.19
C SER NB 82 -49.42 -53.34 14.47
N ALA NB 83 -49.61 -53.42 13.15
CA ALA NB 83 -49.08 -54.49 12.31
C ALA NB 83 -47.57 -54.60 12.43
N HIS NB 84 -46.87 -53.46 12.45
CA HIS NB 84 -45.42 -53.42 12.64
C HIS NB 84 -45.03 -54.11 13.95
N LYS NB 85 -45.69 -53.76 15.06
CA LYS NB 85 -45.46 -54.37 16.35
C LYS NB 85 -45.76 -55.87 16.34
N ILE NB 86 -46.90 -56.31 15.78
CA ILE NB 86 -47.23 -57.74 15.73
C ILE NB 86 -46.15 -58.51 14.96
N GLN NB 87 -45.69 -57.98 13.82
CA GLN NB 87 -44.63 -58.63 13.05
C GLN NB 87 -43.32 -58.72 13.85
N LEU NB 88 -42.98 -57.69 14.65
CA LEU NB 88 -41.81 -57.76 15.52
C LEU NB 88 -42.00 -58.75 16.68
N PHE NB 89 -43.22 -58.95 17.18
CA PHE NB 89 -43.48 -59.98 18.19
C PHE NB 89 -43.31 -61.39 17.62
N GLU NB 90 -43.47 -61.56 16.30
CA GLU NB 90 -43.21 -62.82 15.60
C GLU NB 90 -41.75 -62.94 15.10
N GLY NB 91 -40.84 -62.11 15.59
CA GLY NB 91 -39.42 -62.22 15.27
C GLY NB 91 -38.91 -61.29 14.16
N GLY NB 92 -39.80 -60.54 13.50
CA GLY NB 92 -39.44 -59.62 12.42
C GLY NB 92 -39.84 -60.12 11.03
N GLU NB 93 -39.37 -59.41 9.99
CA GLU NB 93 -39.60 -59.82 8.61
C GLU NB 93 -38.91 -61.16 8.35
N ALA NB 94 -39.63 -62.13 7.77
CA ALA NB 94 -38.97 -63.26 7.15
C ALA NB 94 -38.34 -62.78 5.83
N GLN NB 95 -37.01 -62.83 5.74
CA GLN NB 95 -36.28 -62.56 4.52
C GLN NB 95 -36.40 -63.76 3.57
N SER NB 96 -36.36 -64.97 4.13
CA SER NB 96 -36.51 -66.19 3.34
C SER NB 96 -37.14 -67.30 4.18
N GLU NB 97 -37.94 -68.14 3.53
CA GLU NB 97 -38.63 -69.26 4.13
C GLU NB 97 -38.41 -70.50 3.25
N SER NB 98 -38.24 -71.66 3.87
CA SER NB 98 -37.92 -72.90 3.14
C SER NB 98 -38.48 -74.11 3.89
N GLY NB 99 -38.92 -75.13 3.14
CA GLY NB 99 -39.48 -76.35 3.72
C GLY NB 99 -39.85 -77.39 2.65
N GLU NB 100 -40.69 -78.35 3.04
CA GLU NB 100 -41.14 -79.40 2.12
C GLU NB 100 -41.97 -78.83 0.98
N GLY NB 101 -42.75 -77.75 1.25
CA GLY NB 101 -43.64 -77.15 0.28
C GLY NB 101 -42.95 -76.21 -0.72
N GLY NB 102 -41.61 -76.12 -0.67
CA GLY NB 102 -40.80 -75.26 -1.53
C GLY NB 102 -40.00 -74.23 -0.73
N SER NB 103 -39.45 -73.22 -1.43
CA SER NB 103 -38.69 -72.14 -0.82
C SER NB 103 -39.02 -70.80 -1.48
N VAL NB 104 -38.93 -69.72 -0.70
CA VAL NB 104 -39.14 -68.37 -1.20
C VAL NB 104 -38.16 -67.41 -0.52
N SER NB 105 -37.75 -66.39 -1.28
CA SER NB 105 -36.90 -65.33 -0.79
C SER NB 105 -37.56 -64.01 -1.16
N TYR NB 106 -37.62 -63.06 -0.22
CA TYR NB 106 -38.34 -61.81 -0.43
C TYR NB 106 -37.38 -60.63 -0.58
N SER NB 107 -37.80 -59.64 -1.38
CA SER NB 107 -37.03 -58.42 -1.59
C SER NB 107 -37.16 -57.48 -0.39
N THR NB 108 -36.57 -57.85 0.75
CA THR NB 108 -36.47 -56.99 1.93
C THR NB 108 -35.26 -56.07 1.83
N GLY NB 109 -34.11 -56.63 1.38
CA GLY NB 109 -32.90 -55.89 1.06
C GLY NB 109 -32.24 -55.19 2.25
N GLY NB 110 -31.39 -54.19 1.93
CA GLY NB 110 -30.62 -53.45 2.93
C GLY NB 110 -31.42 -52.38 3.65
N GLY NB 111 -32.51 -52.78 4.33
CA GLY NB 111 -33.30 -51.91 5.17
C GLY NB 111 -32.46 -51.22 6.27
N GLY NB 112 -32.83 -49.98 6.61
CA GLY NB 112 -32.05 -49.13 7.51
C GLY NB 112 -32.01 -49.60 8.97
N GLU NB 113 -31.29 -48.84 9.80
CA GLU NB 113 -30.98 -49.21 11.17
C GLU NB 113 -32.18 -49.09 12.13
N LYS NB 114 -33.17 -48.23 11.82
CA LYS NB 114 -34.20 -47.81 12.78
C LYS NB 114 -35.39 -48.79 12.77
N ASP NB 115 -36.15 -48.88 13.87
CA ASP NB 115 -37.19 -49.89 13.98
C ASP NB 115 -38.25 -49.81 12.87
N LEU NB 116 -38.82 -48.63 12.61
CA LEU NB 116 -39.86 -48.50 11.60
C LEU NB 116 -39.33 -48.84 10.20
N GLN NB 117 -38.04 -48.70 9.95
CA GLN NB 117 -37.45 -49.12 8.68
C GLN NB 117 -37.41 -50.65 8.55
N LYS NB 118 -37.48 -51.38 9.67
CA LYS NB 118 -37.14 -52.80 9.77
C LYS NB 118 -38.27 -53.77 9.42
N THR NB 119 -39.50 -53.28 9.14
CA THR NB 119 -40.54 -54.11 8.54
C THR NB 119 -41.36 -53.30 7.51
N ARG NB 120 -42.05 -53.98 6.59
CA ARG NB 120 -42.84 -53.38 5.53
C ARG NB 120 -43.97 -52.51 6.06
N TYR NB 121 -44.63 -52.94 7.14
CA TYR NB 121 -45.64 -52.15 7.81
C TYR NB 121 -45.05 -50.90 8.43
N GLY NB 122 -43.86 -51.01 9.02
CA GLY NB 122 -43.15 -49.87 9.59
C GLY NB 122 -42.83 -48.85 8.50
N ARG NB 123 -42.32 -49.30 7.35
CA ARG NB 123 -42.01 -48.44 6.23
C ARG NB 123 -43.25 -47.75 5.65
N MET NB 124 -44.40 -48.42 5.66
CA MET NB 124 -45.66 -47.77 5.31
C MET NB 124 -46.03 -46.70 6.33
N ALA NB 125 -46.06 -47.04 7.63
CA ALA NB 125 -46.37 -46.09 8.69
C ALA NB 125 -45.48 -44.85 8.61
N LEU NB 126 -44.21 -45.03 8.27
CA LEU NB 126 -43.20 -44.00 8.21
C LEU NB 126 -43.57 -42.87 7.22
N GLU NB 127 -44.25 -43.16 6.11
CA GLU NB 127 -44.69 -42.15 5.16
C GLU NB 127 -45.80 -41.25 5.72
N TYR NB 128 -46.54 -41.70 6.74
CA TYR NB 128 -47.62 -40.90 7.34
C TYR NB 128 -47.11 -39.81 8.27
N VAL NB 129 -45.83 -39.91 8.69
CA VAL NB 129 -45.26 -39.07 9.74
C VAL NB 129 -43.97 -38.43 9.21
N TRP NB 130 -44.08 -37.80 8.03
CA TRP NB 130 -43.01 -37.06 7.37
C TRP NB 130 -41.73 -37.88 7.19
N GLU NB 131 -41.79 -39.21 7.17
CA GLU NB 131 -40.61 -40.09 7.09
C GLU NB 131 -39.62 -39.81 8.24
N ASP NB 132 -40.13 -39.41 9.42
CA ASP NB 132 -39.39 -39.03 10.63
C ASP NB 132 -38.46 -37.82 10.43
N ASN NB 133 -38.69 -36.99 9.40
CA ASN NB 133 -37.92 -35.77 9.17
C ASN NB 133 -38.24 -34.68 10.20
N SER NB 134 -37.28 -33.75 10.37
CA SER NB 134 -37.26 -32.77 11.44
C SER NB 134 -37.47 -31.35 10.88
N ILE NB 135 -38.69 -31.07 10.38
CA ILE NB 135 -38.98 -29.82 9.70
C ILE NB 135 -39.60 -28.77 10.64
N ALA NB 136 -39.39 -28.89 11.95
CA ALA NB 136 -39.96 -27.93 12.90
C ALA NB 136 -39.25 -26.58 12.83
N ALA NB 137 -40.00 -25.49 13.03
CA ALA NB 137 -39.43 -24.16 13.06
C ALA NB 137 -40.22 -23.23 14.00
N LEU NB 138 -39.48 -22.36 14.70
CA LEU NB 138 -40.01 -21.33 15.57
C LEU NB 138 -39.16 -20.07 15.46
N ARG NB 139 -39.71 -18.96 15.96
CA ARG NB 139 -39.16 -17.63 15.80
C ARG NB 139 -39.39 -16.89 17.13
N THR NB 140 -38.61 -15.84 17.41
CA THR NB 140 -38.83 -15.00 18.58
C THR NB 140 -39.67 -13.78 18.19
N TYR NB 141 -40.70 -13.47 18.99
CA TYR NB 141 -41.56 -12.32 18.75
C TYR NB 141 -41.14 -11.09 19.57
N PRO OB 2 29.34 -75.63 9.51
CA PRO OB 2 30.18 -76.16 8.43
C PRO OB 2 31.61 -75.62 8.50
N ASP OB 3 32.58 -76.41 7.97
CA ASP OB 3 34.01 -76.13 8.08
C ASP OB 3 34.34 -74.75 7.48
N PRO OB 4 34.19 -74.52 6.14
CA PRO OB 4 33.94 -73.18 5.63
C PRO OB 4 32.45 -72.88 5.77
N SER OB 5 32.11 -71.71 6.32
CA SER OB 5 30.72 -71.30 6.50
C SER OB 5 30.18 -70.65 5.22
N ILE OB 6 28.86 -70.69 5.00
CA ILE OB 6 28.24 -70.18 3.78
C ILE OB 6 28.52 -68.69 3.53
N ASP OB 7 28.80 -67.92 4.57
CA ASP OB 7 29.13 -66.50 4.47
C ASP OB 7 30.60 -66.25 4.12
N GLU OB 8 31.45 -67.28 4.24
CA GLU OB 8 32.87 -67.19 3.96
C GLU OB 8 33.21 -67.53 2.51
N VAL OB 9 32.25 -68.09 1.76
CA VAL OB 9 32.44 -68.54 0.38
C VAL OB 9 31.70 -67.65 -0.60
N SER OB 10 32.40 -67.24 -1.67
CA SER OB 10 31.82 -66.62 -2.86
C SER OB 10 31.51 -67.67 -3.93
N LYS OB 11 30.93 -67.28 -5.09
CA LYS OB 11 30.47 -68.22 -6.11
C LYS OB 11 31.59 -69.14 -6.62
N SER OB 12 32.77 -68.56 -6.88
CA SER OB 12 33.95 -69.32 -7.29
C SER OB 12 34.47 -70.25 -6.18
N ASP OB 13 34.39 -69.81 -4.92
CA ASP OB 13 34.78 -70.64 -3.79
C ASP OB 13 33.87 -71.85 -3.66
N TRP OB 14 32.55 -71.67 -3.83
CA TRP OB 14 31.58 -72.75 -3.80
C TRP OB 14 31.92 -73.84 -4.82
N ASP OB 15 32.28 -73.44 -6.04
CA ASP OB 15 32.71 -74.38 -7.08
C ASP OB 15 34.01 -75.09 -6.71
N ALA OB 16 34.88 -74.46 -5.90
CA ALA OB 16 36.16 -75.01 -5.47
C ALA OB 16 36.05 -75.97 -4.28
N LEU OB 17 34.96 -75.90 -3.50
CA LEU OB 17 34.73 -76.79 -2.35
C LEU OB 17 34.72 -78.27 -2.76
N THR OB 18 35.10 -79.14 -1.82
CA THR OB 18 34.84 -80.57 -1.94
C THR OB 18 33.33 -80.84 -1.88
N THR OB 19 32.92 -82.03 -2.34
CA THR OB 19 31.53 -82.46 -2.18
C THR OB 19 31.11 -82.49 -0.72
N GLN OB 20 32.02 -82.86 0.19
CA GLN OB 20 31.68 -82.92 1.61
C GLN OB 20 31.42 -81.53 2.20
N GLU OB 21 32.27 -80.55 1.90
CA GLU OB 21 32.06 -79.19 2.38
C GLU OB 21 30.75 -78.61 1.85
N GLN OB 22 30.43 -78.86 0.58
CA GLN OB 22 29.15 -78.49 0.01
C GLN OB 22 28.00 -79.21 0.71
N ASP OB 23 28.12 -80.52 0.95
CA ASP OB 23 27.08 -81.32 1.56
C ASP OB 23 26.80 -80.91 3.01
N ASP OB 24 27.83 -80.44 3.73
CA ASP OB 24 27.65 -79.84 5.04
C ASP OB 24 26.81 -78.56 4.98
N ILE OB 25 27.10 -77.66 4.02
CA ILE OB 25 26.31 -76.46 3.84
C ILE OB 25 24.88 -76.82 3.40
N ILE OB 26 24.71 -77.78 2.49
CA ILE OB 26 23.41 -78.27 2.07
C ILE OB 26 22.62 -78.79 3.28
N SER OB 27 23.27 -79.59 4.13
CA SER OB 27 22.65 -80.13 5.34
C SER OB 27 22.22 -79.02 6.29
N GLN OB 28 23.00 -77.94 6.40
CA GLN OB 28 22.59 -76.80 7.21
C GLN OB 28 21.33 -76.14 6.64
N VAL OB 29 21.28 -75.92 5.32
CA VAL OB 29 20.10 -75.35 4.67
C VAL OB 29 18.87 -76.23 4.89
N GLU OB 30 19.02 -77.56 4.77
CA GLU OB 30 17.94 -78.50 5.00
C GLU OB 30 17.37 -78.46 6.42
N ASN OB 31 18.09 -77.91 7.41
CA ASN OB 31 17.52 -77.75 8.74
C ASN OB 31 16.39 -76.73 8.77
N LEU OB 32 16.34 -75.80 7.80
CA LEU OB 32 15.36 -74.72 7.79
C LEU OB 32 13.96 -75.16 7.34
N SER OB 33 13.78 -76.41 6.93
CA SER OB 33 12.44 -76.94 6.70
C SER OB 33 12.29 -78.27 7.45
N SER OB 34 11.15 -78.43 8.14
CA SER OB 34 10.81 -79.67 8.83
C SER OB 34 10.69 -80.87 7.87
N THR OB 35 10.40 -80.60 6.59
CA THR OB 35 10.36 -81.64 5.55
C THR OB 35 11.74 -81.93 4.98
N GLY OB 36 12.73 -81.05 5.19
CA GLY OB 36 14.06 -81.16 4.60
C GLY OB 36 14.11 -81.08 3.07
N TRP OB 37 12.97 -80.78 2.41
CA TRP OB 37 12.81 -80.88 0.96
C TRP OB 37 13.40 -82.18 0.40
N VAL OB 38 13.11 -83.33 1.05
CA VAL OB 38 13.76 -84.61 0.78
C VAL OB 38 13.50 -85.18 -0.63
N ASN OB 39 12.43 -84.73 -1.30
CA ASN OB 39 12.14 -85.16 -2.65
C ASN OB 39 12.88 -84.36 -3.73
N THR OB 40 13.48 -83.21 -3.38
CA THR OB 40 14.37 -82.49 -4.31
C THR OB 40 15.75 -83.13 -4.33
N SER OB 41 16.35 -83.22 -5.54
CA SER OB 41 17.65 -83.86 -5.70
C SER OB 41 18.79 -82.95 -5.25
N ARG OB 42 19.98 -83.55 -5.02
CA ARG OB 42 21.16 -82.85 -4.51
C ARG OB 42 21.56 -81.68 -5.41
N GLU OB 43 21.50 -81.86 -6.74
CA GLU OB 43 21.88 -80.83 -7.71
C GLU OB 43 21.03 -79.56 -7.58
N ARG OB 44 19.75 -79.70 -7.23
CA ARG OB 44 18.83 -78.58 -7.14
C ARG OB 44 19.11 -77.75 -5.89
N LYS OB 45 19.39 -78.42 -4.76
CA LYS OB 45 19.83 -77.77 -3.54
C LYS OB 45 21.17 -77.07 -3.72
N ALA OB 46 22.13 -77.72 -4.39
CA ALA OB 46 23.39 -77.09 -4.77
C ALA OB 46 23.16 -75.84 -5.63
N GLU OB 47 22.29 -75.92 -6.66
CA GLU OB 47 22.03 -74.79 -7.54
C GLU OB 47 21.41 -73.60 -6.78
N ALA OB 48 20.49 -73.89 -5.85
CA ALA OB 48 19.84 -72.88 -5.04
C ALA OB 48 20.84 -72.15 -4.13
N ILE OB 49 21.78 -72.89 -3.53
CA ILE OB 49 22.82 -72.31 -2.68
C ILE OB 49 23.79 -71.48 -3.52
N ARG OB 50 24.27 -72.02 -4.63
CA ARG OB 50 25.18 -71.31 -5.53
C ARG OB 50 24.55 -70.00 -6.00
N SER OB 51 23.27 -70.06 -6.38
CA SER OB 51 22.50 -68.88 -6.72
C SER OB 51 22.38 -67.89 -5.55
N ALA OB 52 22.07 -68.37 -4.34
CA ALA OB 52 21.98 -67.50 -3.16
C ALA OB 52 23.30 -66.79 -2.86
N ILE OB 53 24.43 -67.48 -2.99
CA ILE OB 53 25.76 -66.90 -2.82
C ILE OB 53 26.01 -65.82 -3.87
N ALA OB 54 25.75 -66.14 -5.14
CA ALA OB 54 25.92 -65.21 -6.25
C ALA OB 54 25.03 -63.97 -6.09
N GLU OB 55 23.79 -64.17 -5.67
CA GLU OB 55 22.81 -63.12 -5.50
C GLU OB 55 23.15 -62.24 -4.30
N ARG OB 56 23.60 -62.83 -3.19
CA ARG OB 56 24.12 -62.06 -2.05
C ARG OB 56 25.26 -61.14 -2.50
N ASP OB 57 26.26 -61.70 -3.15
CA ASP OB 57 27.47 -60.97 -3.50
C ASP OB 57 27.22 -59.88 -4.55
N THR OB 58 26.14 -59.95 -5.34
CA THR OB 58 25.85 -58.99 -6.40
C THR OB 58 24.70 -58.04 -6.07
N LEU OB 59 23.59 -58.53 -5.50
CA LEU OB 59 22.41 -57.72 -5.23
C LEU OB 59 22.36 -57.19 -3.79
N TYR OB 60 22.94 -57.93 -2.83
CA TYR OB 60 22.83 -57.60 -1.41
C TYR OB 60 24.20 -57.36 -0.78
N SER OB 61 25.04 -56.63 -1.53
CA SER OB 61 26.39 -56.25 -1.12
C SER OB 61 26.60 -54.76 -1.39
N GLY OB 62 27.68 -54.20 -0.83
CA GLY OB 62 27.93 -52.78 -0.95
C GLY OB 62 27.41 -51.98 0.23
N ASN OB 63 27.67 -50.67 0.20
CA ASN OB 63 27.35 -49.77 1.30
C ASN OB 63 26.17 -48.86 0.95
N MET OB 64 25.59 -48.27 1.98
CA MET OB 64 24.37 -47.50 1.88
C MET OB 64 24.38 -46.45 2.98
N SER OB 65 24.80 -45.21 2.63
CA SER OB 65 25.23 -44.16 3.56
C SER OB 65 26.32 -44.66 4.51
N ARG OB 66 27.32 -45.36 3.96
CA ARG OB 66 28.44 -45.96 4.70
C ARG OB 66 28.04 -47.12 5.63
N LEU OB 67 26.74 -47.42 5.77
CA LEU OB 67 26.27 -48.62 6.47
C LEU OB 67 26.35 -49.80 5.52
N PRO OB 68 26.75 -51.02 5.95
CA PRO OB 68 26.72 -52.17 5.06
C PRO OB 68 25.27 -52.54 4.71
N THR OB 69 25.02 -52.88 3.45
CA THR OB 69 23.65 -53.18 3.05
C THR OB 69 23.15 -54.50 3.64
N LEU OB 70 24.05 -55.45 3.91
CA LEU OB 70 23.70 -56.65 4.65
C LEU OB 70 23.99 -56.41 6.14
N ASP OB 71 22.95 -55.96 6.86
CA ASP OB 71 23.08 -55.53 8.25
C ASP OB 71 23.02 -56.70 9.24
N GLY OB 72 22.17 -57.71 8.95
CA GLY OB 72 22.05 -58.90 9.77
C GLY OB 72 23.20 -59.88 9.59
N ASP OB 73 23.16 -61.02 10.30
CA ASP OB 73 24.17 -62.06 10.14
C ASP OB 73 24.18 -62.63 8.71
N ALA OB 74 25.32 -62.51 8.01
CA ALA OB 74 25.48 -62.97 6.64
C ALA OB 74 25.31 -64.49 6.50
N GLU OB 75 25.60 -65.26 7.56
CA GLU OB 75 25.41 -66.70 7.50
C GLU OB 75 23.93 -67.01 7.31
N TYR OB 76 23.11 -66.62 8.29
CA TYR OB 76 21.68 -66.85 8.27
C TYR OB 76 20.98 -66.15 7.11
N PHE OB 77 21.45 -64.97 6.69
CA PHE OB 77 20.92 -64.39 5.47
C PHE OB 77 21.10 -65.31 4.26
N THR OB 78 22.31 -65.83 4.04
CA THR OB 78 22.55 -66.70 2.88
C THR OB 78 21.76 -68.00 2.99
N LEU OB 79 21.60 -68.54 4.20
CA LEU OB 79 20.79 -69.74 4.41
C LEU OB 79 19.31 -69.48 4.11
N TYR OB 80 18.73 -68.38 4.60
CA TYR OB 80 17.35 -68.06 4.32
C TYR OB 80 17.12 -67.78 2.84
N LEU OB 81 18.07 -67.11 2.19
CA LEU OB 81 17.98 -66.88 0.75
C LEU OB 81 18.07 -68.19 -0.04
N SER OB 82 18.85 -69.17 0.44
CA SER OB 82 18.92 -70.51 -0.12
C SER OB 82 17.60 -71.26 0.06
N ALA OB 83 17.06 -71.26 1.27
CA ALA OB 83 15.77 -71.89 1.58
C ALA OB 83 14.62 -71.25 0.79
N HIS OB 84 14.68 -69.93 0.58
CA HIS OB 84 13.74 -69.22 -0.27
C HIS OB 84 13.78 -69.75 -1.70
N LYS OB 85 14.99 -69.92 -2.26
CA LYS OB 85 15.17 -70.44 -3.61
C LYS OB 85 14.69 -71.89 -3.71
N ILE OB 86 15.06 -72.78 -2.77
CA ILE OB 86 14.59 -74.16 -2.80
C ILE OB 86 13.06 -74.19 -2.77
N GLN OB 87 12.42 -73.38 -1.92
CA GLN OB 87 10.98 -73.34 -1.85
C GLN OB 87 10.35 -72.87 -3.17
N LEU OB 88 10.99 -71.95 -3.90
CA LEU OB 88 10.51 -71.55 -5.22
C LEU OB 88 10.78 -72.60 -6.30
N PHE OB 89 11.77 -73.48 -6.13
CA PHE OB 89 11.95 -74.59 -7.06
C PHE OB 89 10.89 -75.68 -6.86
N GLU OB 90 10.30 -75.75 -5.66
CA GLU OB 90 9.26 -76.70 -5.30
C GLU OB 90 7.85 -76.26 -5.73
N GLY OB 91 7.70 -75.05 -6.32
CA GLY OB 91 6.41 -74.41 -6.52
C GLY OB 91 6.42 -73.06 -5.82
N GLY OB 92 5.33 -72.66 -5.16
CA GLY OB 92 5.41 -71.56 -4.21
C GLY OB 92 5.49 -72.04 -2.78
N GLU OB 93 5.04 -71.22 -1.83
CA GLU OB 93 4.55 -71.78 -0.58
C GLU OB 93 3.20 -72.43 -0.86
N ALA OB 94 2.92 -73.55 -0.19
CA ALA OB 94 1.55 -74.01 -0.10
C ALA OB 94 0.74 -73.01 0.74
N GLN OB 95 -0.37 -72.51 0.16
CA GLN OB 95 -1.40 -71.86 0.92
C GLN OB 95 -2.26 -72.93 1.62
N SER OB 96 -2.51 -74.05 0.94
CA SER OB 96 -3.29 -75.15 1.50
C SER OB 96 -2.85 -76.50 0.92
N GLU OB 97 -2.94 -77.54 1.75
CA GLU OB 97 -2.64 -78.93 1.38
C GLU OB 97 -3.76 -79.83 1.91
N SER OB 98 -4.21 -80.80 1.10
CA SER OB 98 -5.33 -81.66 1.45
C SER OB 98 -5.16 -83.03 0.78
N GLY OB 99 -5.68 -84.11 1.42
CA GLY OB 99 -5.53 -85.46 0.88
C GLY OB 99 -6.23 -86.54 1.71
N GLU OB 100 -5.72 -87.78 1.58
CA GLU OB 100 -6.26 -88.98 2.22
C GLU OB 100 -6.26 -88.85 3.75
N GLY OB 101 -5.26 -88.11 4.30
CA GLY OB 101 -4.97 -88.09 5.74
C GLY OB 101 -5.39 -86.81 6.49
N GLY OB 102 -6.02 -85.84 5.80
CA GLY OB 102 -6.57 -84.60 6.38
C GLY OB 102 -6.49 -83.38 5.47
N SER OB 103 -6.66 -82.17 6.03
CA SER OB 103 -6.50 -80.89 5.32
C SER OB 103 -5.93 -79.81 6.23
N VAL OB 104 -5.19 -78.86 5.66
CA VAL OB 104 -4.64 -77.71 6.37
C VAL OB 104 -4.53 -76.48 5.46
N SER OB 105 -4.60 -75.29 6.08
CA SER OB 105 -4.42 -74.01 5.41
C SER OB 105 -3.47 -73.16 6.26
N TYR OB 106 -2.52 -72.43 5.65
CA TYR OB 106 -1.35 -71.96 6.37
C TYR OB 106 -1.24 -70.45 6.62
N SER OB 107 -2.20 -69.61 6.16
CA SER OB 107 -2.10 -68.16 6.38
C SER OB 107 -0.83 -67.53 5.76
N THR OB 108 -0.23 -68.24 4.78
CA THR OB 108 0.97 -67.82 4.04
C THR OB 108 0.65 -66.78 2.96
N GLY OB 109 -0.36 -65.94 3.18
CA GLY OB 109 -0.67 -64.83 2.28
C GLY OB 109 0.50 -63.86 2.17
N GLY OB 110 0.89 -63.53 0.93
CA GLY OB 110 2.06 -62.73 0.64
C GLY OB 110 1.92 -61.27 1.08
N GLY OB 111 3.05 -60.68 1.52
CA GLY OB 111 3.10 -59.28 1.91
C GLY OB 111 3.07 -58.29 0.74
N GLY OB 112 3.14 -58.80 -0.49
CA GLY OB 112 3.19 -58.00 -1.70
C GLY OB 112 3.67 -58.83 -2.89
N GLU OB 113 4.01 -58.14 -3.99
CA GLU OB 113 4.32 -58.75 -5.27
C GLU OB 113 5.82 -59.03 -5.50
N LYS OB 114 6.72 -58.55 -4.62
CA LYS OB 114 8.16 -58.73 -4.81
C LYS OB 114 8.56 -60.17 -4.49
N ASP OB 115 9.65 -60.69 -5.09
CA ASP OB 115 10.02 -62.10 -4.92
C ASP OB 115 10.22 -62.51 -3.46
N LEU OB 116 11.05 -61.79 -2.68
CA LEU OB 116 11.33 -62.16 -1.30
C LEU OB 116 10.07 -62.18 -0.44
N GLN OB 117 9.07 -61.37 -0.76
CA GLN OB 117 7.81 -61.34 -0.02
C GLN OB 117 7.00 -62.63 -0.20
N LYS OB 118 7.29 -63.45 -1.22
CA LYS OB 118 6.46 -64.57 -1.64
C LYS OB 118 6.62 -65.84 -0.81
N THR OB 119 7.68 -65.97 0.02
CA THR OB 119 7.79 -67.12 0.92
C THR OB 119 8.29 -66.70 2.31
N ARG OB 120 8.03 -67.52 3.33
CA ARG OB 120 8.42 -67.27 4.71
C ARG OB 120 9.93 -67.08 4.87
N TYR OB 121 10.72 -67.85 4.13
CA TYR OB 121 12.17 -67.71 4.15
C TYR OB 121 12.61 -66.39 3.53
N GLY OB 122 11.94 -65.97 2.46
CA GLY OB 122 12.23 -64.69 1.83
C GLY OB 122 11.86 -63.52 2.73
N ARG OB 123 10.71 -63.60 3.40
CA ARG OB 123 10.27 -62.62 4.39
C ARG OB 123 11.24 -62.51 5.57
N MET OB 124 11.79 -63.64 6.04
CA MET OB 124 12.87 -63.60 7.00
C MET OB 124 14.13 -62.94 6.43
N ALA OB 125 14.62 -63.39 5.27
CA ALA OB 125 15.83 -62.87 4.65
C ALA OB 125 15.74 -61.34 4.46
N LEU OB 126 14.55 -60.85 4.12
CA LEU OB 126 14.29 -59.45 3.86
C LEU OB 126 14.52 -58.55 5.08
N GLU OB 127 14.35 -59.05 6.31
CA GLU OB 127 14.69 -58.30 7.52
C GLU OB 127 16.21 -58.09 7.69
N TYR OB 128 17.05 -58.94 7.09
CA TYR OB 128 18.50 -58.83 7.23
C TYR OB 128 19.08 -57.70 6.36
N VAL OB 129 18.30 -57.16 5.42
CA VAL OB 129 18.80 -56.28 4.37
C VAL OB 129 17.96 -55.00 4.32
N TRP OB 130 17.70 -54.40 5.48
CA TRP OB 130 16.91 -53.18 5.62
C TRP OB 130 15.52 -53.26 4.98
N GLU OB 131 14.93 -54.46 4.83
CA GLU OB 131 13.62 -54.64 4.21
C GLU OB 131 13.58 -54.09 2.77
N ASP OB 132 14.72 -54.11 2.07
CA ASP OB 132 14.96 -53.59 0.71
C ASP OB 132 14.75 -52.07 0.58
N ASN OB 133 14.85 -51.31 1.69
CA ASN OB 133 14.76 -49.85 1.67
C ASN OB 133 16.03 -49.17 1.15
N SER OB 134 15.90 -47.88 0.78
CA SER OB 134 16.90 -47.08 0.08
C SER OB 134 17.43 -45.94 0.94
N ILE OB 135 18.21 -46.25 1.99
CA ILE OB 135 18.69 -45.24 2.93
C ILE OB 135 20.06 -44.67 2.54
N ALA OB 136 20.49 -44.86 1.27
CA ALA OB 136 21.78 -44.35 0.81
C ALA OB 136 21.79 -42.81 0.75
N ALA OB 137 22.94 -42.22 1.11
CA ALA OB 137 23.13 -40.78 1.08
C ALA OB 137 24.60 -40.47 0.80
N LEU OB 138 24.83 -39.39 0.05
CA LEU OB 138 26.15 -39.06 -0.44
C LEU OB 138 26.26 -37.55 -0.67
N ARG OB 139 27.48 -37.03 -0.60
CA ARG OB 139 27.74 -35.59 -0.60
C ARG OB 139 28.67 -35.21 -1.76
N THR OB 140 28.63 -33.93 -2.16
CA THR OB 140 29.75 -33.33 -2.88
C THR OB 140 30.83 -32.88 -1.90
N TYR OB 141 32.09 -32.80 -2.39
CA TYR OB 141 33.21 -32.25 -1.63
C TYR OB 141 33.96 -31.16 -2.43
N PRO PB 2 17.37 -72.59 32.57
CA PRO PB 2 18.65 -73.15 32.12
C PRO PB 2 19.84 -72.50 32.82
N ASP PB 3 20.95 -73.25 32.96
CA ASP PB 3 22.13 -72.81 33.69
C ASP PB 3 22.74 -71.57 33.04
N PRO PB 4 23.33 -71.63 31.82
CA PRO PB 4 23.42 -70.42 30.99
C PRO PB 4 22.03 -70.17 30.40
N SER PB 5 21.51 -68.96 30.60
CA SER PB 5 20.21 -68.56 30.04
C SER PB 5 20.38 -68.15 28.57
N ILE PB 6 19.31 -68.25 27.77
CA ILE PB 6 19.40 -67.96 26.33
C ILE PB 6 19.82 -66.50 26.04
N ASP PB 7 19.57 -65.58 26.97
CA ASP PB 7 20.00 -64.18 26.83
C ASP PB 7 21.47 -63.97 27.17
N GLU PB 8 22.13 -64.98 27.76
CA GLU PB 8 23.53 -64.90 28.18
C GLU PB 8 24.49 -65.50 27.16
N VAL PB 9 23.97 -66.15 26.10
CA VAL PB 9 24.77 -66.80 25.07
C VAL PB 9 24.65 -66.04 23.75
N SER PB 10 25.80 -65.76 23.11
CA SER PB 10 25.87 -65.34 21.72
C SER PB 10 26.04 -66.56 20.80
N LYS PB 11 26.15 -66.35 19.47
CA LYS PB 11 26.22 -67.43 18.50
C LYS PB 11 27.42 -68.35 18.75
N SER PB 12 28.59 -67.78 19.01
CA SER PB 12 29.80 -68.54 19.31
C SER PB 12 29.70 -69.28 20.66
N ASP PB 13 28.99 -68.70 21.63
CA ASP PB 13 28.75 -69.35 22.91
C ASP PB 13 27.84 -70.56 22.73
N TRP PB 14 26.77 -70.43 21.95
CA TRP PB 14 25.85 -71.52 21.64
C TRP PB 14 26.60 -72.72 21.05
N ASP PB 15 27.48 -72.47 20.09
CA ASP PB 15 28.33 -73.49 19.49
C ASP PB 15 29.27 -74.15 20.49
N ALA PB 16 29.68 -73.42 21.54
CA ALA PB 16 30.58 -73.87 22.59
C ALA PB 16 29.89 -74.60 23.75
N LEU PB 17 28.56 -74.44 23.91
CA LEU PB 17 27.80 -75.15 24.94
C LEU PB 17 27.93 -76.67 24.79
N THR PB 18 27.83 -77.39 25.92
CA THR PB 18 27.63 -78.83 25.91
C THR PB 18 26.27 -79.18 25.31
N THR PB 19 26.07 -80.44 24.89
CA THR PB 19 24.77 -80.89 24.44
C THR PB 19 23.69 -80.73 25.51
N GLN PB 20 24.03 -80.98 26.79
CA GLN PB 20 23.05 -80.80 27.85
C GLN PB 20 22.64 -79.33 28.03
N GLU PB 21 23.59 -78.39 28.00
CA GLU PB 21 23.26 -76.97 28.11
C GLU PB 21 22.38 -76.52 26.95
N GLN PB 22 22.63 -77.01 25.73
CA GLN PB 22 21.76 -76.74 24.59
C GLN PB 22 20.39 -77.39 24.78
N ASP PB 23 20.34 -78.65 25.27
CA ASP PB 23 19.08 -79.36 25.45
C ASP PB 23 18.20 -78.70 26.53
N ASP PB 24 18.79 -78.12 27.57
CA ASP PB 24 18.04 -77.35 28.55
C ASP PB 24 17.34 -76.14 27.90
N ILE PB 25 18.04 -75.45 26.99
CA ILE PB 25 17.46 -74.32 26.27
C ILE PB 25 16.42 -74.79 25.26
N ILE PB 26 16.69 -75.86 24.50
CA ILE PB 26 15.71 -76.45 23.59
C ILE PB 26 14.44 -76.82 24.36
N SER PB 27 14.57 -77.49 25.51
CA SER PB 27 13.47 -77.85 26.37
C SER PB 27 12.65 -76.63 26.76
N GLN PB 28 13.30 -75.52 27.12
CA GLN PB 28 12.59 -74.30 27.45
C GLN PB 28 11.80 -73.74 26.25
N VAL PB 29 12.37 -73.74 25.05
CA VAL PB 29 11.65 -73.30 23.86
C VAL PB 29 10.44 -74.19 23.59
N GLU PB 30 10.57 -75.52 23.73
CA GLU PB 30 9.48 -76.46 23.52
C GLU PB 30 8.29 -76.23 24.47
N ASN PB 31 8.47 -75.49 25.56
CA ASN PB 31 7.35 -75.16 26.44
C ASN PB 31 6.41 -74.12 25.82
N LEU PB 32 6.84 -73.40 24.78
CA LEU PB 32 6.04 -72.35 24.19
C LEU PB 32 4.99 -72.88 23.20
N SER PB 33 4.91 -74.19 22.97
CA SER PB 33 3.82 -74.76 22.21
C SER PB 33 3.28 -75.99 22.94
N SER PB 34 1.97 -76.14 22.99
CA SER PB 34 1.31 -77.31 23.58
C SER PB 34 1.69 -78.62 22.87
N THR PB 35 2.06 -78.55 21.59
CA THR PB 35 2.52 -79.71 20.83
C THR PB 35 4.02 -79.96 21.00
N GLY PB 36 4.77 -79.00 21.55
CA GLY PB 36 6.22 -79.07 21.70
C GLY PB 36 7.00 -79.17 20.38
N TRP PB 37 6.33 -79.13 19.22
CA TRP PB 37 6.90 -79.48 17.92
C TRP PB 37 7.67 -80.80 17.98
N VAL PB 38 7.06 -81.86 18.54
CA VAL PB 38 7.72 -83.14 18.78
C VAL PB 38 8.11 -83.87 17.50
N ASN PB 39 7.37 -83.64 16.39
CA ASN PB 39 7.65 -84.28 15.11
C ASN PB 39 8.74 -83.58 14.29
N THR PB 40 9.30 -82.48 14.80
CA THR PB 40 10.45 -81.78 14.21
C THR PB 40 11.70 -82.18 14.99
N SER PB 41 12.78 -82.54 14.28
CA SER PB 41 13.99 -83.09 14.90
C SER PB 41 14.78 -82.06 15.70
N ARG PB 42 15.68 -82.55 16.57
CA ARG PB 42 16.52 -81.71 17.41
C ARG PB 42 17.33 -80.70 16.60
N GLU PB 43 17.94 -81.13 15.50
CA GLU PB 43 18.86 -80.28 14.76
C GLU PB 43 18.17 -79.09 14.10
N ARG PB 44 16.88 -79.22 13.80
CA ARG PB 44 16.06 -78.12 13.32
C ARG PB 44 15.75 -77.14 14.45
N LYS PB 45 15.44 -77.63 15.65
CA LYS PB 45 15.24 -76.78 16.82
C LYS PB 45 16.52 -76.05 17.21
N ALA PB 46 17.66 -76.75 17.18
CA ALA PB 46 18.97 -76.14 17.41
C ALA PB 46 19.26 -75.05 16.37
N GLU PB 47 18.98 -75.29 15.08
CA GLU PB 47 19.17 -74.29 14.03
C GLU PB 47 18.31 -73.05 14.26
N ALA PB 48 17.05 -73.24 14.67
CA ALA PB 48 16.14 -72.14 14.97
C ALA PB 48 16.65 -71.28 16.13
N ILE PB 49 17.13 -71.91 17.21
CA ILE PB 49 17.65 -71.21 18.37
C ILE PB 49 18.94 -70.48 18.01
N ARG PB 50 19.87 -71.14 17.33
CA ARG PB 50 21.11 -70.52 16.90
C ARG PB 50 20.84 -69.29 16.03
N SER PB 51 19.89 -69.42 15.10
CA SER PB 51 19.46 -68.33 14.25
C SER PB 51 18.80 -67.20 15.05
N ALA PB 52 17.96 -67.52 16.03
CA ALA PB 52 17.34 -66.53 16.90
C ALA PB 52 18.38 -65.76 17.73
N ILE PB 53 19.39 -66.45 18.26
CA ILE PB 53 20.49 -65.82 18.96
C ILE PB 53 21.23 -64.86 18.02
N ALA PB 54 21.60 -65.31 16.82
CA ALA PB 54 22.30 -64.49 15.84
C ALA PB 54 21.51 -63.25 15.43
N GLU PB 55 20.20 -63.43 15.20
CA GLU PB 55 19.31 -62.39 14.75
C GLU PB 55 19.02 -61.38 15.86
N ARG PB 56 18.87 -61.83 17.11
CA ARG PB 56 18.85 -60.93 18.25
C ARG PB 56 20.10 -60.06 18.26
N ASP PB 57 21.28 -60.66 18.20
CA ASP PB 57 22.52 -59.93 18.37
C ASP PB 57 22.83 -58.98 17.21
N THR PB 58 22.26 -59.21 16.01
CA THR PB 58 22.57 -58.41 14.83
C THR PB 58 21.43 -57.48 14.38
N LEU PB 59 20.15 -57.89 14.51
CA LEU PB 59 19.02 -57.09 14.08
C LEU PB 59 18.30 -56.39 15.23
N TYR PB 60 18.41 -56.92 16.46
CA TYR PB 60 17.66 -56.42 17.61
C TYR PB 60 18.60 -56.01 18.75
N SER PB 61 19.67 -55.31 18.38
CA SER PB 61 20.71 -54.85 19.29
C SER PB 61 21.02 -53.36 19.04
N GLY PB 62 21.71 -52.72 19.99
CA GLY PB 62 21.99 -51.29 19.88
C GLY PB 62 20.87 -50.44 20.48
N ASN PB 63 20.92 -49.13 20.18
CA ASN PB 63 20.13 -48.14 20.91
C ASN PB 63 19.32 -47.25 19.97
N MET PB 64 18.24 -46.69 20.49
CA MET PB 64 17.47 -45.65 19.82
C MET PB 64 17.22 -44.53 20.83
N SER PB 65 17.75 -43.32 20.57
CA SER PB 65 17.73 -42.23 21.55
C SER PB 65 18.29 -42.68 22.91
N ARG PB 66 19.39 -43.46 22.92
CA ARG PB 66 20.00 -44.01 24.12
C ARG PB 66 19.13 -45.05 24.86
N LEU PB 67 17.92 -45.36 24.37
CA LEU PB 67 17.11 -46.46 24.90
C LEU PB 67 17.54 -47.76 24.23
N PRO PB 68 17.57 -48.91 24.94
CA PRO PB 68 17.92 -50.18 24.29
C PRO PB 68 16.84 -50.56 23.27
N THR PB 69 17.24 -51.07 22.11
CA THR PB 69 16.24 -51.49 21.13
C THR PB 69 15.48 -52.75 21.57
N LEU PB 70 16.08 -53.58 22.42
CA LEU PB 70 15.40 -54.70 23.04
C LEU PB 70 14.99 -54.28 24.45
N ASP PB 71 13.78 -53.74 24.55
CA ASP PB 71 13.28 -53.11 25.76
C ASP PB 71 12.67 -54.12 26.74
N GLY PB 72 12.07 -55.20 26.22
CA GLY PB 72 11.54 -56.26 27.06
C GLY PB 72 12.60 -57.21 27.62
N ASP PB 73 12.14 -58.27 28.30
CA ASP PB 73 13.03 -59.33 28.78
C ASP PB 73 13.69 -60.04 27.61
N ALA PB 74 15.04 -60.00 27.56
CA ALA PB 74 15.81 -60.61 26.48
C ALA PB 74 15.73 -62.13 26.46
N GLU PB 75 15.45 -62.78 27.60
CA GLU PB 75 15.23 -64.22 27.64
C GLU PB 75 14.01 -64.56 26.78
N TYR PB 76 12.85 -64.07 27.19
CA TYR PB 76 11.59 -64.36 26.51
C TYR PB 76 11.57 -63.85 25.08
N PHE PB 77 12.20 -62.70 24.79
CA PHE PB 77 12.36 -62.31 23.40
C PHE PB 77 13.08 -63.39 22.58
N THR PB 78 14.21 -63.91 23.06
CA THR PB 78 14.92 -64.91 22.28
C THR PB 78 14.15 -66.22 22.18
N LEU PB 79 13.40 -66.59 23.22
CA LEU PB 79 12.55 -67.79 23.17
C LEU PB 79 11.41 -67.62 22.16
N TYR PB 80 10.72 -66.47 22.16
CA TYR PB 80 9.67 -66.20 21.18
C TYR PB 80 10.23 -66.11 19.76
N LEU PB 81 11.40 -65.50 19.60
CA LEU PB 81 12.04 -65.44 18.30
C LEU PB 81 12.40 -66.85 17.81
N SER PB 82 12.84 -67.73 18.71
CA SER PB 82 13.12 -69.15 18.43
C SER PB 82 11.86 -69.88 18.00
N ALA PB 83 10.78 -69.77 18.79
CA ALA PB 83 9.47 -70.36 18.50
C ALA PB 83 8.89 -69.87 17.16
N HIS PB 84 9.05 -68.57 16.86
CA HIS PB 84 8.68 -68.02 15.55
C HIS PB 84 9.39 -68.76 14.43
N LYS PB 85 10.72 -68.93 14.52
CA LYS PB 85 11.51 -69.66 13.55
C LYS PB 85 11.05 -71.12 13.44
N ILE PB 86 10.91 -71.85 14.54
CA ILE PB 86 10.45 -73.24 14.48
C ILE PB 86 9.10 -73.36 13.77
N GLN PB 87 8.15 -72.50 14.10
CA GLN PB 87 6.83 -72.49 13.47
C GLN PB 87 6.92 -72.21 11.97
N LEU PB 88 7.85 -71.38 11.52
CA LEU PB 88 8.08 -71.19 10.09
C LEU PB 88 8.78 -72.39 9.43
N PHE PB 89 9.66 -73.11 10.13
CA PHE PB 89 10.24 -74.34 9.60
C PHE PB 89 9.17 -75.43 9.45
N GLU PB 90 8.12 -75.39 10.29
CA GLU PB 90 6.96 -76.25 10.18
C GLU PB 90 5.95 -75.79 9.11
N GLY PB 91 6.21 -74.67 8.41
CA GLY PB 91 5.41 -74.25 7.27
C GLY PB 91 4.58 -72.97 7.49
N GLY PB 92 4.50 -72.46 8.73
CA GLY PB 92 3.72 -71.27 9.06
C GLY PB 92 2.69 -71.54 10.14
N GLU PB 93 1.81 -70.55 10.42
CA GLU PB 93 0.61 -70.79 11.23
C GLU PB 93 -0.29 -71.84 10.56
N ALA PB 94 -1.03 -72.62 11.36
CA ALA PB 94 -2.21 -73.25 10.83
C ALA PB 94 -3.36 -72.24 10.95
N GLN PB 95 -3.98 -71.88 9.82
CA GLN PB 95 -5.21 -71.10 9.82
C GLN PB 95 -6.41 -72.01 10.11
N SER PB 96 -6.41 -73.21 9.50
CA SER PB 96 -7.49 -74.16 9.63
C SER PB 96 -6.92 -75.58 9.55
N GLU PB 97 -7.47 -76.50 10.34
CA GLU PB 97 -7.06 -77.90 10.39
C GLU PB 97 -8.30 -78.78 10.34
N SER PB 98 -8.27 -79.87 9.57
CA SER PB 98 -9.44 -80.71 9.39
C SER PB 98 -9.05 -82.18 9.16
N GLY PB 99 -9.89 -83.13 9.63
CA GLY PB 99 -9.66 -84.56 9.47
C GLY PB 99 -10.79 -85.41 10.06
N GLU PB 100 -10.47 -86.66 10.41
CA GLU PB 100 -11.42 -87.57 11.03
C GLU PB 100 -11.83 -87.09 12.43
N GLY PB 101 -10.90 -86.43 13.15
CA GLY PB 101 -11.11 -86.00 14.52
C GLY PB 101 -11.89 -84.69 14.66
N GLY PB 102 -12.40 -84.16 13.54
CA GLY PB 102 -13.15 -82.91 13.48
C GLY PB 102 -12.43 -81.82 12.66
N SER PB 103 -12.86 -80.56 12.86
CA SER PB 103 -12.22 -79.41 12.23
C SER PB 103 -12.15 -78.24 13.21
N VAL PB 104 -11.08 -77.45 13.10
CA VAL PB 104 -10.94 -76.22 13.87
C VAL PB 104 -10.37 -75.14 12.96
N SER PB 105 -10.84 -73.90 13.18
CA SER PB 105 -10.36 -72.75 12.44
C SER PB 105 -9.95 -71.68 13.46
N TYR PB 106 -8.81 -71.03 13.22
CA TYR PB 106 -8.20 -70.14 14.21
C TYR PB 106 -8.25 -68.68 13.78
N SER PB 107 -8.23 -67.78 14.77
CA SER PB 107 -8.28 -66.32 14.58
C SER PB 107 -6.94 -65.76 14.09
N THR PB 108 -6.33 -66.37 13.06
CA THR PB 108 -5.10 -65.89 12.42
C THR PB 108 -5.34 -64.61 11.61
N GLY PB 109 -6.52 -64.51 10.97
CA GLY PB 109 -7.14 -63.26 10.51
C GLY PB 109 -6.36 -62.41 9.49
N GLY PB 110 -5.41 -63.04 8.76
CA GLY PB 110 -4.65 -62.37 7.71
C GLY PB 110 -3.70 -61.28 8.23
N GLY PB 111 -2.88 -61.64 9.23
CA GLY PB 111 -1.82 -60.79 9.76
C GLY PB 111 -0.87 -60.26 8.67
N GLY PB 112 -0.35 -59.04 8.89
CA GLY PB 112 0.30 -58.18 7.90
C GLY PB 112 1.56 -58.72 7.20
N GLU PB 113 2.16 -57.86 6.39
CA GLU PB 113 3.14 -58.22 5.36
C GLU PB 113 4.48 -58.73 5.91
N LYS PB 114 4.93 -58.23 7.07
CA LYS PB 114 6.31 -58.38 7.51
C LYS PB 114 6.53 -59.66 8.31
N ASP PB 115 7.78 -60.16 8.33
CA ASP PB 115 8.20 -61.41 8.96
C ASP PB 115 7.54 -61.70 10.32
N LEU PB 116 7.81 -60.86 11.34
CA LEU PB 116 7.34 -61.15 12.68
C LEU PB 116 5.81 -61.08 12.79
N GLN PB 117 5.13 -60.41 11.87
CA GLN PB 117 3.68 -60.34 11.91
C GLN PB 117 3.02 -61.67 11.53
N LYS PB 118 3.74 -62.60 10.90
CA LYS PB 118 3.17 -63.80 10.28
C LYS PB 118 2.80 -64.92 11.26
N THR PB 119 3.33 -64.91 12.50
CA THR PB 119 2.91 -65.90 13.49
C THR PB 119 2.72 -65.26 14.87
N ARG PB 120 1.99 -65.96 15.75
CA ARG PB 120 1.66 -65.53 17.12
C ARG PB 120 2.91 -65.28 17.96
N TYR PB 121 3.93 -66.12 17.81
CA TYR PB 121 5.19 -65.97 18.50
C TYR PB 121 5.94 -64.73 18.04
N GLY PB 122 5.90 -64.45 16.73
CA GLY PB 122 6.47 -63.25 16.17
C GLY PB 122 5.76 -62.00 16.68
N ARG PB 123 4.43 -62.02 16.75
CA ARG PB 123 3.64 -60.91 17.28
C ARG PB 123 3.93 -60.64 18.76
N MET PB 124 4.14 -61.68 19.57
CA MET PB 124 4.64 -61.51 20.92
C MET PB 124 6.04 -60.91 20.95
N ALA PB 125 7.00 -61.49 20.21
CA ALA PB 125 8.37 -60.98 20.15
C ALA PB 125 8.43 -59.50 19.75
N LEU PB 126 7.54 -59.09 18.84
CA LEU PB 126 7.48 -57.75 18.30
C LEU PB 126 7.15 -56.70 19.38
N GLU PB 127 6.40 -57.04 20.43
CA GLU PB 127 6.17 -56.12 21.54
C GLU PB 127 7.43 -55.85 22.38
N TYR PB 128 8.44 -56.71 22.33
CA TYR PB 128 9.68 -56.54 23.11
C TYR PB 128 10.63 -55.53 22.47
N VAL PB 129 10.42 -55.19 21.19
CA VAL PB 129 11.35 -54.41 20.39
C VAL PB 129 10.62 -53.21 19.79
N TRP PB 130 9.88 -52.47 20.62
CA TRP PB 130 9.16 -51.27 20.23
C TRP PB 130 8.27 -51.47 18.99
N GLU PB 131 7.80 -52.70 18.74
CA GLU PB 131 6.99 -53.03 17.55
C GLU PB 131 7.69 -52.68 16.23
N ASP PB 132 9.03 -52.72 16.20
CA ASP PB 132 9.90 -52.39 15.07
C ASP PB 132 9.81 -50.91 14.65
N ASN PB 133 9.39 -50.03 15.56
CA ASN PB 133 9.33 -48.58 15.32
C ASN PB 133 10.71 -47.91 15.41
N SER PB 134 10.81 -46.70 14.82
CA SER PB 134 12.06 -45.98 14.57
C SER PB 134 12.19 -44.74 15.45
N ILE PB 135 12.31 -44.93 16.78
CA ILE PB 135 12.32 -43.79 17.71
C ILE PB 135 13.73 -43.25 17.97
N ALA PB 136 14.69 -43.55 17.09
CA ALA PB 136 16.06 -43.08 17.28
C ALA PB 136 16.19 -41.59 16.97
N ALA PB 137 16.99 -40.89 17.79
CA ALA PB 137 17.26 -39.47 17.62
C ALA PB 137 18.71 -39.19 18.01
N LEU PB 138 19.31 -38.23 17.31
CA LEU PB 138 20.71 -37.93 17.46
C LEU PB 138 20.96 -36.46 17.13
N ARG PB 139 22.06 -35.91 17.66
CA ARG PB 139 22.33 -34.47 17.69
C ARG PB 139 23.71 -34.16 17.13
N THR PB 140 23.89 -32.91 16.69
CA THR PB 140 25.23 -32.35 16.53
C THR PB 140 25.64 -31.60 17.80
N TYR PB 141 26.96 -31.40 17.97
CA TYR PB 141 27.52 -30.69 19.12
C TYR PB 141 28.51 -29.58 18.70
N PRO QB 2 15.52 -71.26 -38.82
CA PRO QB 2 14.98 -71.40 -40.19
C PRO QB 2 15.85 -70.67 -41.23
N ASP QB 3 15.85 -71.18 -42.47
CA ASP QB 3 16.75 -70.74 -43.53
C ASP QB 3 16.59 -69.23 -43.79
N PRO QB 4 15.41 -68.74 -44.27
CA PRO QB 4 15.00 -67.37 -43.99
C PRO QB 4 14.39 -67.32 -42.58
N SER QB 5 14.78 -66.31 -41.79
CA SER QB 5 14.24 -66.11 -40.45
C SER QB 5 12.97 -65.27 -40.48
N ILE QB 6 12.06 -65.45 -39.51
CA ILE QB 6 10.76 -64.78 -39.49
C ILE QB 6 10.87 -63.24 -39.46
N ASP QB 7 11.97 -62.69 -38.96
CA ASP QB 7 12.21 -61.25 -38.96
C ASP QB 7 12.71 -60.72 -40.32
N GLU QB 8 13.18 -61.61 -41.20
CA GLU QB 8 13.73 -61.25 -42.50
C GLU QB 8 12.66 -61.18 -43.59
N VAL QB 9 11.46 -61.71 -43.32
CA VAL QB 9 10.38 -61.85 -44.30
C VAL QB 9 9.25 -60.84 -44.05
N SER QB 10 8.81 -60.17 -45.12
CA SER QB 10 7.58 -59.36 -45.20
C SER QB 10 6.36 -60.24 -45.44
N LYS QB 11 5.14 -59.67 -45.47
CA LYS QB 11 3.91 -60.40 -45.80
C LYS QB 11 3.97 -60.99 -47.20
N SER QB 12 4.47 -60.21 -48.17
CA SER QB 12 4.70 -60.64 -49.54
C SER QB 12 5.74 -61.78 -49.62
N ASP QB 13 6.81 -61.69 -48.83
CA ASP QB 13 7.82 -62.73 -48.78
C ASP QB 13 7.25 -64.03 -48.23
N TRP QB 14 6.46 -63.98 -47.16
CA TRP QB 14 5.80 -65.15 -46.59
C TRP QB 14 4.97 -65.89 -47.64
N ASP QB 15 4.22 -65.15 -48.45
CA ASP QB 15 3.44 -65.71 -49.55
C ASP QB 15 4.33 -66.31 -50.65
N ALA QB 16 5.57 -65.81 -50.80
CA ALA QB 16 6.54 -66.27 -51.80
C ALA QB 16 7.40 -67.45 -51.33
N LEU QB 17 7.50 -67.71 -50.01
CA LEU QB 17 8.27 -68.84 -49.47
C LEU QB 17 7.77 -70.18 -50.01
N THR QB 18 8.67 -71.16 -50.10
CA THR QB 18 8.27 -72.55 -50.32
C THR QB 18 7.54 -73.08 -49.08
N THR QB 19 6.77 -74.17 -49.25
CA THR QB 19 6.11 -74.84 -48.13
C THR QB 19 7.09 -75.27 -47.05
N GLN QB 20 8.30 -75.72 -47.42
CA GLN QB 20 9.29 -76.12 -46.43
C GLN QB 20 9.80 -74.92 -45.61
N GLU QB 21 10.05 -73.78 -46.26
CA GLU QB 21 10.50 -72.60 -45.55
C GLU QB 21 9.43 -72.10 -44.58
N GLN QB 22 8.17 -72.15 -44.98
CA GLN QB 22 7.05 -71.86 -44.08
C GLN QB 22 6.97 -72.88 -42.95
N ASP QB 23 7.14 -74.17 -43.25
CA ASP QB 23 7.02 -75.23 -42.24
C ASP QB 23 8.14 -75.16 -41.19
N ASP QB 24 9.34 -74.72 -41.58
CA ASP QB 24 10.41 -74.48 -40.62
C ASP QB 24 10.03 -73.38 -39.64
N ILE QB 25 9.50 -72.26 -40.15
CA ILE QB 25 9.03 -71.17 -39.30
C ILE QB 25 7.85 -71.62 -38.43
N ILE QB 26 6.89 -72.36 -38.99
CA ILE QB 26 5.79 -72.93 -38.20
C ILE QB 26 6.34 -73.81 -37.08
N SER QB 27 7.30 -74.69 -37.38
CA SER QB 27 7.93 -75.58 -36.40
C SER QB 27 8.58 -74.78 -35.27
N GLN QB 28 9.23 -73.65 -35.60
CA GLN QB 28 9.79 -72.78 -34.59
C GLN QB 28 8.70 -72.17 -33.69
N VAL QB 29 7.59 -71.70 -34.27
CA VAL QB 29 6.50 -71.15 -33.48
C VAL QB 29 5.91 -72.21 -32.56
N GLU QB 30 5.75 -73.45 -33.05
CA GLU QB 30 5.25 -74.57 -32.25
C GLU QB 30 6.15 -74.91 -31.06
N ASN QB 31 7.43 -74.50 -31.05
CA ASN QB 31 8.28 -74.70 -29.89
C ASN QB 31 7.85 -73.83 -28.69
N LEU QB 32 7.06 -72.77 -28.93
CA LEU QB 32 6.68 -71.86 -27.86
C LEU QB 32 5.53 -72.38 -27.00
N SER QB 33 4.95 -73.54 -27.32
CA SER QB 33 3.98 -74.18 -26.43
C SER QB 33 4.38 -75.63 -26.19
N SER QB 34 4.28 -76.09 -24.94
CA SER QB 34 4.52 -77.48 -24.57
C SER QB 34 3.54 -78.45 -25.25
N THR QB 35 2.37 -77.95 -25.69
CA THR QB 35 1.41 -78.75 -26.45
C THR QB 35 1.61 -78.64 -27.96
N GLY QB 36 2.36 -77.63 -28.44
CA GLY QB 36 2.58 -77.38 -29.85
C GLY QB 36 1.33 -77.03 -30.65
N TRP QB 37 0.18 -76.81 -29.98
CA TRP QB 37 -1.13 -76.64 -30.60
C TRP QB 37 -1.38 -77.67 -31.73
N VAL QB 38 -1.15 -78.96 -31.43
CA VAL QB 38 -1.20 -80.04 -32.41
C VAL QB 38 -2.61 -80.29 -32.98
N ASN QB 39 -3.65 -79.89 -32.23
CA ASN QB 39 -5.03 -80.05 -32.68
C ASN QB 39 -5.54 -78.86 -33.51
N THR QB 40 -4.71 -77.83 -33.71
CA THR QB 40 -5.00 -76.74 -34.64
C THR QB 40 -4.27 -77.00 -35.94
N SER QB 41 -4.99 -76.92 -37.07
CA SER QB 41 -4.45 -77.32 -38.38
C SER QB 41 -3.41 -76.34 -38.92
N ARG QB 42 -2.64 -76.77 -39.93
CA ARG QB 42 -1.56 -75.98 -40.50
C ARG QB 42 -2.04 -74.61 -41.01
N GLU QB 43 -3.16 -74.57 -41.73
CA GLU QB 43 -3.64 -73.34 -42.37
C GLU QB 43 -3.81 -72.21 -41.36
N ARG QB 44 -4.24 -72.56 -40.15
CA ARG QB 44 -4.49 -71.63 -39.07
C ARG QB 44 -3.19 -71.09 -38.49
N LYS QB 45 -2.18 -71.96 -38.35
CA LYS QB 45 -0.84 -71.56 -37.92
C LYS QB 45 -0.15 -70.69 -38.96
N ALA QB 46 -0.30 -71.01 -40.25
CA ALA QB 46 0.16 -70.16 -41.34
C ALA QB 46 -0.54 -68.78 -41.31
N GLU QB 47 -1.87 -68.76 -41.12
CA GLU QB 47 -2.63 -67.51 -41.04
C GLU QB 47 -2.18 -66.64 -39.86
N ALA QB 48 -1.92 -67.27 -38.70
CA ALA QB 48 -1.43 -66.59 -37.51
C ALA QB 48 -0.07 -65.93 -37.77
N ILE QB 49 0.86 -66.64 -38.40
CA ILE QB 49 2.18 -66.13 -38.72
C ILE QB 49 2.11 -65.01 -39.76
N ARG QB 50 1.37 -65.22 -40.85
CA ARG QB 50 1.18 -64.20 -41.86
C ARG QB 50 0.62 -62.92 -41.26
N SER QB 51 -0.39 -63.06 -40.39
CA SER QB 51 -0.97 -61.95 -39.65
C SER QB 51 0.04 -61.28 -38.70
N ALA QB 52 0.85 -62.05 -37.98
CA ALA QB 52 1.86 -61.50 -37.09
C ALA QB 52 2.92 -60.70 -37.88
N ILE QB 53 3.38 -61.21 -39.03
CA ILE QB 53 4.30 -60.51 -39.90
C ILE QB 53 3.68 -59.19 -40.36
N ALA QB 54 2.44 -59.26 -40.85
CA ALA QB 54 1.70 -58.08 -41.31
C ALA QB 54 1.54 -57.04 -40.20
N GLU QB 55 1.20 -57.49 -39.00
CA GLU QB 55 0.97 -56.62 -37.86
C GLU QB 55 2.27 -56.02 -37.34
N ARG QB 56 3.38 -56.79 -37.32
CA ARG QB 56 4.69 -56.23 -37.04
C ARG QB 56 5.01 -55.08 -37.97
N ASP QB 57 4.91 -55.32 -39.27
CA ASP QB 57 5.39 -54.37 -40.26
C ASP QB 57 4.48 -53.15 -40.45
N THR QB 58 3.19 -53.25 -40.09
CA THR QB 58 2.29 -52.11 -40.15
C THR QB 58 2.08 -51.40 -38.81
N LEU QB 59 2.13 -52.13 -37.68
CA LEU QB 59 1.58 -51.66 -36.42
C LEU QB 59 2.65 -51.50 -35.33
N TYR QB 60 3.74 -52.28 -35.40
CA TYR QB 60 4.86 -52.20 -34.46
C TYR QB 60 6.15 -51.89 -35.22
N SER QB 61 6.07 -50.88 -36.11
CA SER QB 61 7.18 -50.46 -36.97
C SER QB 61 7.31 -48.93 -36.95
N GLY QB 62 8.43 -48.42 -37.46
CA GLY QB 62 8.72 -46.99 -37.35
C GLY QB 62 9.43 -46.64 -36.04
N ASN QB 63 9.47 -45.34 -35.72
CA ASN QB 63 10.36 -44.83 -34.67
C ASN QB 63 9.59 -43.94 -33.68
N MET QB 64 10.05 -43.87 -32.43
CA MET QB 64 9.57 -42.93 -31.44
C MET QB 64 10.74 -42.13 -30.90
N SER QB 65 10.78 -40.82 -31.21
CA SER QB 65 12.04 -40.09 -31.35
C SER QB 65 12.92 -40.87 -32.34
N ARG QB 66 14.25 -40.72 -32.39
CA ARG QB 66 15.01 -41.49 -33.37
C ARG QB 66 15.08 -43.00 -33.04
N LEU QB 67 14.48 -43.43 -31.92
CA LEU QB 67 14.54 -44.82 -31.44
C LEU QB 67 13.59 -45.74 -32.21
N PRO QB 68 13.97 -46.99 -32.57
CA PRO QB 68 13.05 -47.91 -33.23
C PRO QB 68 11.94 -48.36 -32.28
N THR QB 69 10.72 -48.51 -32.79
CA THR QB 69 9.61 -48.92 -31.94
C THR QB 69 9.67 -50.39 -31.55
N LEU QB 70 10.36 -51.22 -32.34
CA LEU QB 70 10.65 -52.60 -31.97
C LEU QB 70 12.09 -52.66 -31.45
N ASP QB 71 12.21 -52.50 -30.12
CA ASP QB 71 13.49 -52.35 -29.44
C ASP QB 71 14.17 -53.70 -29.23
N GLY QB 72 13.38 -54.73 -28.89
CA GLY QB 72 13.88 -56.08 -28.68
C GLY QB 72 14.19 -56.83 -29.98
N ASP QB 73 14.59 -58.10 -29.84
CA ASP QB 73 14.85 -58.96 -30.99
C ASP QB 73 13.59 -59.19 -31.84
N ALA QB 74 13.64 -58.77 -33.11
CA ALA QB 74 12.53 -58.90 -34.04
C ALA QB 74 12.13 -60.35 -34.34
N GLU QB 75 13.06 -61.31 -34.22
CA GLU QB 75 12.72 -62.71 -34.41
C GLU QB 75 11.73 -63.15 -33.33
N TYR QB 76 12.16 -63.12 -32.07
CA TYR QB 76 11.34 -63.53 -30.94
C TYR QB 76 10.10 -62.66 -30.77
N PHE QB 77 10.15 -61.38 -31.14
CA PHE QB 77 8.93 -60.59 -31.18
C PHE QB 77 7.90 -61.19 -32.15
N THR QB 78 8.29 -61.47 -33.39
CA THR QB 78 7.36 -62.00 -34.36
C THR QB 78 6.87 -63.40 -33.98
N LEU QB 79 7.72 -64.21 -33.35
CA LEU QB 79 7.31 -65.53 -32.84
C LEU QB 79 6.31 -65.41 -31.70
N TYR QB 80 6.56 -64.56 -30.70
CA TYR QB 80 5.62 -64.36 -29.60
C TYR QB 80 4.31 -63.76 -30.09
N LEU QB 81 4.35 -62.83 -31.03
CA LEU QB 81 3.16 -62.27 -31.64
C LEU QB 81 2.35 -63.35 -32.39
N SER QB 82 3.04 -64.27 -33.07
CA SER QB 82 2.44 -65.43 -33.72
C SER QB 82 1.78 -66.37 -32.72
N ALA QB 83 2.50 -66.73 -31.65
CA ALA QB 83 1.99 -67.58 -30.58
C ALA QB 83 0.77 -66.98 -29.89
N HIS QB 84 0.75 -65.66 -29.65
CA HIS QB 84 -0.41 -64.94 -29.14
C HIS QB 84 -1.63 -65.15 -30.05
N LYS QB 85 -1.46 -64.99 -31.37
CA LYS QB 85 -2.51 -65.21 -32.35
C LYS QB 85 -3.00 -66.66 -32.33
N ILE QB 86 -2.12 -67.66 -32.36
CA ILE QB 86 -2.55 -69.06 -32.32
C ILE QB 86 -3.36 -69.35 -31.05
N GLN QB 87 -2.92 -68.85 -29.89
CA GLN QB 87 -3.62 -69.04 -28.64
C GLN QB 87 -5.00 -68.36 -28.63
N LEU QB 88 -5.16 -67.23 -29.31
CA LEU QB 88 -6.48 -66.64 -29.48
C LEU QB 88 -7.35 -67.43 -30.46
N PHE QB 89 -6.77 -68.03 -31.50
CA PHE QB 89 -7.54 -68.89 -32.42
C PHE QB 89 -8.03 -70.16 -31.71
N GLU QB 90 -7.32 -70.60 -30.66
CA GLU QB 90 -7.70 -71.69 -29.78
C GLU QB 90 -8.75 -71.30 -28.73
N GLY QB 91 -9.16 -70.02 -28.66
CA GLY QB 91 -10.22 -69.59 -27.76
C GLY QB 91 -9.78 -68.67 -26.61
N GLY QB 92 -8.46 -68.46 -26.44
CA GLY QB 92 -7.91 -67.64 -25.37
C GLY QB 92 -6.99 -68.44 -24.43
N GLU QB 93 -6.49 -67.78 -23.38
CA GLU QB 93 -5.85 -68.50 -22.28
C GLU QB 93 -6.88 -69.38 -21.55
N ALA QB 94 -6.48 -70.62 -21.22
CA ALA QB 94 -7.21 -71.36 -20.21
C ALA QB 94 -6.80 -70.85 -18.83
N GLN QB 95 -7.77 -70.30 -18.07
CA GLN QB 95 -7.57 -69.96 -16.67
C GLN QB 95 -7.58 -71.23 -15.81
N SER QB 96 -8.43 -72.19 -16.16
CA SER QB 96 -8.54 -73.45 -15.43
C SER QB 96 -8.94 -74.57 -16.37
N GLU QB 97 -8.45 -75.79 -16.10
CA GLU QB 97 -8.75 -76.99 -16.86
C GLU QB 97 -9.09 -78.12 -15.88
N SER QB 98 -10.14 -78.89 -16.19
CA SER QB 98 -10.52 -80.02 -15.35
C SER QB 98 -10.98 -81.19 -16.22
N GLY QB 99 -10.50 -82.40 -15.90
CA GLY QB 99 -10.77 -83.60 -16.65
C GLY QB 99 -11.39 -84.69 -15.78
N GLU QB 100 -10.78 -85.89 -15.82
CA GLU QB 100 -11.24 -87.04 -15.05
C GLU QB 100 -10.80 -86.90 -13.59
N GLY QB 101 -11.46 -86.01 -12.84
CA GLY QB 101 -11.08 -85.66 -11.48
C GLY QB 101 -9.91 -84.68 -11.43
N GLY QB 102 -8.83 -84.99 -12.17
CA GLY QB 102 -7.65 -84.15 -12.28
C GLY QB 102 -8.01 -82.72 -12.67
N SER QB 103 -7.47 -81.74 -11.95
CA SER QB 103 -7.82 -80.34 -12.13
C SER QB 103 -6.60 -79.44 -11.91
N VAL QB 104 -6.54 -78.33 -12.66
CA VAL QB 104 -5.47 -77.35 -12.53
C VAL QB 104 -6.05 -75.94 -12.74
N SER QB 105 -5.45 -74.97 -12.04
CA SER QB 105 -5.82 -73.58 -12.15
C SER QB 105 -4.55 -72.77 -12.33
N TYR QB 106 -4.54 -71.83 -13.28
CA TYR QB 106 -3.34 -71.09 -13.64
C TYR QB 106 -3.43 -69.64 -13.17
N SER QB 107 -2.27 -69.05 -12.90
CA SER QB 107 -2.20 -67.71 -12.32
C SER QB 107 -2.34 -66.61 -13.38
N THR QB 108 -3.31 -66.72 -14.30
CA THR QB 108 -3.49 -65.77 -15.41
C THR QB 108 -4.01 -64.41 -14.91
N GLY QB 109 -5.05 -64.44 -14.07
CA GLY QB 109 -5.65 -63.28 -13.41
C GLY QB 109 -6.23 -62.21 -14.35
N GLY QB 110 -6.66 -61.10 -13.75
CA GLY QB 110 -7.10 -59.92 -14.50
C GLY QB 110 -5.92 -59.08 -15.00
N GLY QB 111 -5.11 -59.68 -15.90
CA GLY QB 111 -3.85 -59.12 -16.40
C GLY QB 111 -3.98 -57.80 -17.18
N GLY QB 112 -5.16 -57.54 -17.76
CA GLY QB 112 -5.45 -56.31 -18.49
C GLY QB 112 -6.65 -56.44 -19.42
N GLU QB 113 -6.79 -55.49 -20.36
CA GLU QB 113 -7.96 -55.40 -21.23
C GLU QB 113 -7.58 -55.15 -22.71
N LYS QB 114 -6.38 -54.63 -22.98
CA LYS QB 114 -5.85 -54.56 -24.34
C LYS QB 114 -5.53 -55.97 -24.85
N ASP QB 115 -5.45 -56.11 -26.18
CA ASP QB 115 -5.18 -57.37 -26.85
C ASP QB 115 -3.95 -58.12 -26.31
N LEU QB 116 -2.76 -57.51 -26.36
CA LEU QB 116 -1.54 -58.20 -25.98
C LEU QB 116 -1.49 -58.54 -24.49
N GLN QB 117 -2.18 -57.79 -23.63
CA GLN QB 117 -2.24 -58.08 -22.21
C GLN QB 117 -2.98 -59.38 -21.90
N LYS QB 118 -3.82 -59.86 -22.83
CA LYS QB 118 -4.78 -60.94 -22.61
C LYS QB 118 -4.21 -62.35 -22.81
N THR QB 119 -2.90 -62.51 -23.06
CA THR QB 119 -2.24 -63.81 -23.17
C THR QB 119 -0.80 -63.72 -22.70
N ARG QB 120 -0.18 -64.82 -22.25
CA ARG QB 120 1.20 -64.88 -21.78
C ARG QB 120 2.20 -64.52 -22.87
N TYR QB 121 1.99 -65.04 -24.09
CA TYR QB 121 2.79 -64.69 -25.25
C TYR QB 121 2.66 -63.21 -25.61
N GLY QB 122 1.46 -62.67 -25.49
CA GLY QB 122 1.20 -61.26 -25.75
C GLY QB 122 1.92 -60.37 -24.75
N ARG QB 123 1.89 -60.73 -23.46
CA ARG QB 123 2.62 -60.02 -22.42
C ARG QB 123 4.13 -60.07 -22.64
N MET QB 124 4.67 -61.20 -23.09
CA MET QB 124 6.06 -61.28 -23.50
C MET QB 124 6.36 -60.37 -24.69
N ALA QB 125 5.58 -60.46 -25.77
CA ALA QB 125 5.77 -59.65 -26.97
C ALA QB 125 5.77 -58.16 -26.63
N LEU QB 126 4.89 -57.75 -25.73
CA LEU QB 126 4.67 -56.37 -25.32
C LEU QB 126 5.93 -55.71 -24.76
N GLU QB 127 6.80 -56.45 -24.05
CA GLU QB 127 8.06 -55.93 -23.53
C GLU QB 127 9.07 -55.55 -24.64
N TYR QB 128 8.92 -56.08 -25.86
CA TYR QB 128 9.80 -55.76 -26.97
C TYR QB 128 9.46 -54.42 -27.63
N VAL QB 129 8.26 -53.90 -27.38
CA VAL QB 129 7.71 -52.76 -28.10
C VAL QB 129 7.39 -51.65 -27.10
N TRP QB 130 8.32 -51.39 -26.18
CA TRP QB 130 8.20 -50.37 -25.13
C TRP QB 130 6.94 -50.49 -24.29
N GLU QB 131 6.32 -51.68 -24.22
CA GLU QB 131 5.05 -51.89 -23.51
C GLU QB 131 3.92 -50.99 -24.03
N ASP QB 132 3.90 -50.69 -25.34
CA ASP QB 132 2.95 -49.81 -26.02
C ASP QB 132 2.96 -48.36 -25.49
N ASN QB 133 4.04 -47.93 -24.83
CA ASN QB 133 4.21 -46.54 -24.38
C ASN QB 133 4.55 -45.59 -25.54
N SER QB 134 4.33 -44.29 -25.32
CA SER QB 134 4.37 -43.24 -26.35
C SER QB 134 5.52 -42.25 -26.10
N ILE QB 135 6.76 -42.70 -26.29
CA ILE QB 135 7.94 -41.86 -26.02
C ILE QB 135 8.38 -41.02 -27.22
N ALA QB 136 7.49 -40.85 -28.20
CA ALA QB 136 7.80 -40.12 -29.42
C ALA QB 136 7.94 -38.62 -29.17
N ALA QB 137 8.90 -37.97 -29.84
CA ALA QB 137 9.11 -36.54 -29.72
C ALA QB 137 9.67 -35.95 -31.01
N LEU QB 138 9.16 -34.76 -31.36
CA LEU QB 138 9.58 -33.98 -32.50
C LEU QB 138 9.70 -32.51 -32.10
N ARG QB 139 10.35 -31.74 -32.97
CA ARG QB 139 10.72 -30.37 -32.72
C ARG QB 139 10.57 -29.62 -34.05
N THR QB 140 10.36 -28.30 -34.01
CA THR QB 140 10.26 -27.50 -35.23
C THR QB 140 11.64 -26.96 -35.63
N TYR QB 141 11.80 -26.74 -36.95
CA TYR QB 141 12.99 -26.18 -37.54
C TYR QB 141 12.63 -24.95 -38.40
N PRO RB 2 28.90 -75.23 -16.56
CA PRO RB 2 29.05 -75.55 -17.99
C PRO RB 2 30.33 -74.96 -18.58
N ASP RB 3 30.88 -75.64 -19.62
CA ASP RB 3 32.15 -75.29 -20.23
C ASP RB 3 32.12 -73.85 -20.79
N PRO RB 4 31.24 -73.52 -21.78
CA PRO RB 4 30.77 -72.15 -21.94
C PRO RB 4 29.60 -71.92 -20.97
N SER RB 5 29.67 -70.83 -20.20
CA SER RB 5 28.59 -70.47 -19.29
C SER RB 5 27.50 -69.68 -20.03
N ILE RB 6 26.24 -69.75 -19.56
CA ILE RB 6 25.12 -69.12 -20.26
C ILE RB 6 25.25 -67.60 -20.41
N ASP RB 7 26.02 -66.94 -19.54
CA ASP RB 7 26.29 -65.50 -19.63
C ASP RB 7 27.39 -65.17 -20.64
N GLU RB 8 28.17 -66.16 -21.07
CA GLU RB 8 29.29 -65.98 -22.00
C GLU RB 8 28.85 -66.11 -23.47
N VAL RB 9 27.64 -66.64 -23.72
CA VAL RB 9 27.14 -66.91 -25.07
C VAL RB 9 26.03 -65.93 -25.46
N SER RB 10 26.11 -65.40 -26.69
CA SER RB 10 25.04 -64.63 -27.34
C SER RB 10 24.21 -65.53 -28.25
N LYS RB 11 23.17 -64.99 -28.93
CA LYS RB 11 22.24 -65.78 -29.72
C LYS RB 11 22.94 -66.56 -30.84
N SER RB 12 23.87 -65.91 -31.54
CA SER RB 12 24.67 -66.54 -32.59
C SER RB 12 25.62 -67.60 -32.04
N ASP RB 13 26.20 -67.37 -30.86
CA ASP RB 13 27.08 -68.34 -30.21
C ASP RB 13 26.32 -69.59 -29.82
N TRP RB 14 25.11 -69.44 -29.25
CA TRP RB 14 24.24 -70.54 -28.87
C TRP RB 14 23.98 -71.47 -30.06
N ASP RB 15 23.68 -70.91 -31.23
CA ASP RB 15 23.49 -71.66 -32.46
C ASP RB 15 24.75 -72.41 -32.90
N ALA RB 16 25.93 -71.89 -32.56
CA ALA RB 16 27.23 -72.47 -32.91
C ALA RB 16 27.73 -73.54 -31.92
N LEU RB 17 27.15 -73.61 -30.70
CA LEU RB 17 27.50 -74.62 -29.71
C LEU RB 17 27.23 -76.04 -30.21
N THR RB 18 28.01 -77.01 -29.73
CA THR RB 18 27.68 -78.43 -29.90
C THR RB 18 26.43 -78.79 -29.11
N THR RB 19 25.80 -79.93 -29.45
CA THR RB 19 24.66 -80.42 -28.68
C THR RB 19 25.01 -80.61 -27.21
N GLN RB 20 26.22 -81.10 -26.90
CA GLN RB 20 26.64 -81.30 -25.52
C GLN RB 20 26.78 -79.96 -24.76
N GLU RB 21 27.40 -78.95 -25.37
CA GLU RB 21 27.52 -77.65 -24.72
C GLU RB 21 26.16 -77.02 -24.44
N GLN RB 22 25.21 -77.17 -25.37
CA GLN RB 22 23.83 -76.75 -25.14
C GLN RB 22 23.16 -77.58 -24.05
N ASP RB 23 23.38 -78.90 -24.03
CA ASP RB 23 22.76 -79.81 -23.07
C ASP RB 23 23.25 -79.55 -21.65
N ASP RB 24 24.51 -79.13 -21.47
CA ASP RB 24 25.03 -78.70 -20.19
C ASP RB 24 24.24 -77.50 -19.66
N ILE RB 25 23.99 -76.50 -20.52
CA ILE RB 25 23.21 -75.32 -20.15
C ILE RB 25 21.74 -75.69 -19.90
N ILE RB 26 21.14 -76.52 -20.77
CA ILE RB 26 19.77 -76.99 -20.58
C ILE RB 26 19.65 -77.70 -19.23
N SER RB 27 20.56 -78.62 -18.95
CA SER RB 27 20.63 -79.35 -17.69
C SER RB 27 20.73 -78.39 -16.50
N GLN RB 28 21.52 -77.32 -16.62
CA GLN RB 28 21.58 -76.34 -15.55
C GLN RB 28 20.24 -75.62 -15.33
N VAL RB 29 19.56 -75.21 -16.41
CA VAL RB 29 18.22 -74.60 -16.30
C VAL RB 29 17.24 -75.56 -15.64
N GLU RB 30 17.29 -76.85 -15.97
CA GLU RB 30 16.44 -77.87 -15.37
C GLU RB 30 16.66 -78.03 -13.86
N ASN RB 31 17.78 -77.57 -13.30
CA ASN RB 31 17.98 -77.59 -11.86
C ASN RB 31 17.06 -76.60 -11.13
N LEU RB 32 16.49 -75.62 -11.84
CA LEU RB 32 15.69 -74.57 -11.21
C LEU RB 32 14.25 -75.02 -10.92
N SER RB 33 13.87 -76.24 -11.30
CA SER RB 33 12.55 -76.76 -10.96
C SER RB 33 12.69 -78.17 -10.39
N SER RB 34 11.94 -78.45 -9.31
CA SER RB 34 11.87 -79.78 -8.72
C SER RB 34 11.38 -80.83 -9.72
N THR RB 35 10.51 -80.43 -10.65
CA THR RB 35 10.00 -81.31 -11.71
C THR RB 35 10.93 -81.37 -12.91
N GLY RB 36 11.87 -80.41 -13.05
CA GLY RB 36 12.79 -80.33 -14.18
C GLY RB 36 12.11 -80.10 -15.54
N TRP RB 37 10.79 -79.89 -15.57
CA TRP RB 37 9.97 -79.88 -16.79
C TRP RB 37 10.30 -81.05 -17.72
N VAL RB 38 10.32 -82.28 -17.16
CA VAL RB 38 10.70 -83.49 -17.89
C VAL RB 38 9.76 -83.84 -19.04
N ASN RB 39 8.47 -83.47 -18.92
CA ASN RB 39 7.48 -83.74 -19.95
C ASN RB 39 7.49 -82.72 -21.10
N THR RB 40 8.33 -81.67 -21.02
CA THR RB 40 8.57 -80.75 -22.12
C THR RB 40 9.83 -81.18 -22.87
N SER RB 41 9.76 -81.22 -24.21
CA SER RB 41 10.84 -81.75 -25.03
C SER RB 41 12.05 -80.81 -25.12
N ARG RB 42 13.19 -81.34 -25.58
CA ARG RB 42 14.44 -80.60 -25.69
C ARG RB 42 14.32 -79.34 -26.56
N GLU RB 43 13.64 -79.42 -27.71
CA GLU RB 43 13.53 -78.29 -28.63
C GLU RB 43 12.93 -77.05 -27.95
N ARG RB 44 11.97 -77.29 -27.04
CA ARG RB 44 11.25 -76.24 -26.34
C ARG RB 44 12.13 -75.59 -25.27
N LYS RB 45 12.90 -76.40 -24.55
CA LYS RB 45 13.90 -75.92 -23.61
C LYS RB 45 15.01 -75.14 -24.32
N ALA RB 46 15.49 -75.65 -25.46
CA ALA RB 46 16.46 -74.93 -26.29
C ALA RB 46 15.90 -73.59 -26.78
N GLU RB 47 14.66 -73.55 -27.29
CA GLU RB 47 13.99 -72.34 -27.74
C GLU RB 47 13.84 -71.30 -26.62
N ALA RB 48 13.46 -71.74 -25.41
CA ALA RB 48 13.37 -70.88 -24.24
C ALA RB 48 14.72 -70.25 -23.89
N ILE RB 49 15.81 -71.02 -23.92
CA ILE RB 49 17.14 -70.53 -23.62
C ILE RB 49 17.62 -69.56 -24.69
N ARG RB 50 17.48 -69.93 -25.97
CA ARG RB 50 17.82 -69.06 -27.08
C ARG RB 50 17.08 -67.72 -26.98
N SER RB 51 15.79 -67.77 -26.62
CA SER RB 51 14.97 -66.58 -26.43
C SER RB 51 15.38 -65.75 -25.21
N ALA RB 52 15.73 -66.40 -24.09
CA ALA RB 52 16.22 -65.70 -22.90
C ALA RB 52 17.55 -64.98 -23.18
N ILE RB 53 18.47 -65.63 -23.89
CA ILE RB 53 19.73 -65.04 -24.31
C ILE RB 53 19.46 -63.80 -25.18
N ALA RB 54 18.55 -63.91 -26.15
CA ALA RB 54 18.16 -62.80 -27.01
C ALA RB 54 17.60 -61.61 -26.23
N GLU RB 55 16.69 -61.85 -25.28
CA GLU RB 55 16.12 -60.79 -24.45
C GLU RB 55 17.16 -60.18 -23.52
N ARG RB 56 18.05 -60.98 -22.93
CA ARG RB 56 19.13 -60.42 -22.13
C ARG RB 56 19.93 -59.42 -22.95
N ASP RB 57 20.36 -59.82 -24.15
CA ASP RB 57 21.23 -59.00 -24.96
C ASP RB 57 20.52 -57.79 -25.59
N THR RB 58 19.18 -57.83 -25.77
CA THR RB 58 18.45 -56.77 -26.45
C THR RB 58 17.54 -55.92 -25.54
N LEU RB 59 16.91 -56.50 -24.51
CA LEU RB 59 16.01 -55.78 -23.60
C LEU RB 59 16.68 -55.39 -22.28
N TYR RB 60 17.62 -56.21 -21.81
CA TYR RB 60 18.20 -56.05 -20.48
C TYR RB 60 19.72 -55.84 -20.55
N SER RB 61 20.15 -55.08 -21.58
CA SER RB 61 21.53 -54.71 -21.82
C SER RB 61 21.69 -53.18 -21.70
N GLY RB 62 22.84 -52.65 -22.14
CA GLY RB 62 23.09 -51.22 -22.05
C GLY RB 62 23.32 -50.72 -20.62
N ASN RB 63 23.29 -49.38 -20.47
CA ASN RB 63 23.61 -48.73 -19.21
C ASN RB 63 22.49 -47.76 -18.82
N MET RB 64 22.48 -47.39 -17.55
CA MET RB 64 21.39 -46.63 -16.98
C MET RB 64 21.98 -45.71 -15.89
N SER RB 65 22.11 -44.42 -16.19
CA SER RB 65 22.91 -43.47 -15.41
C SER RB 65 24.34 -43.99 -15.20
N ARG RB 66 24.92 -44.55 -16.27
CA ARG RB 66 26.26 -45.14 -16.31
C ARG RB 66 26.41 -46.38 -15.41
N LEU RB 67 25.34 -46.86 -14.77
CA LEU RB 67 25.29 -48.16 -14.09
C LEU RB 67 24.93 -49.24 -15.09
N PRO RB 68 25.32 -50.52 -14.89
CA PRO RB 68 24.81 -51.60 -15.72
C PRO RB 68 23.31 -51.79 -15.48
N THR RB 69 22.55 -52.13 -16.52
CA THR RB 69 21.15 -52.49 -16.33
C THR RB 69 21.03 -53.86 -15.67
N LEU RB 70 21.83 -54.84 -16.14
CA LEU RB 70 21.92 -56.13 -15.49
C LEU RB 70 22.94 -56.03 -14.35
N ASP RB 71 22.44 -55.59 -13.19
CA ASP RB 71 23.21 -55.32 -11.99
C ASP RB 71 23.57 -56.61 -11.24
N GLY RB 72 22.67 -57.60 -11.26
CA GLY RB 72 22.92 -58.90 -10.64
C GLY RB 72 23.86 -59.80 -11.46
N ASP RB 73 24.05 -61.04 -11.00
CA ASP RB 73 24.83 -62.02 -11.75
C ASP RB 73 24.14 -62.36 -13.06
N ALA RB 74 24.84 -62.16 -14.19
CA ALA RB 74 24.31 -62.43 -15.52
C ALA RB 74 24.03 -63.91 -15.78
N GLU RB 75 24.75 -64.81 -15.10
CA GLU RB 75 24.49 -66.24 -15.24
C GLU RB 75 23.07 -66.55 -14.74
N TYR RB 76 22.82 -66.27 -13.47
CA TYR RB 76 21.55 -66.57 -12.83
C TYR RB 76 20.40 -65.76 -13.41
N PHE RB 77 20.64 -64.51 -13.80
CA PHE RB 77 19.61 -63.78 -14.54
C PHE RB 77 19.17 -64.54 -15.78
N THR RB 78 20.10 -65.03 -16.60
CA THR RB 78 19.71 -65.75 -17.81
C THR RB 78 19.02 -67.07 -17.52
N LEU RB 79 19.46 -67.78 -16.47
CA LEU RB 79 18.81 -69.03 -16.07
C LEU RB 79 17.39 -68.78 -15.58
N TYR RB 80 17.16 -67.77 -14.72
CA TYR RB 80 15.82 -67.43 -14.26
C TYR RB 80 14.94 -66.94 -15.40
N LEU RB 81 15.49 -66.17 -16.33
CA LEU RB 81 14.75 -65.73 -17.51
C LEU RB 81 14.36 -66.93 -18.39
N SER RB 82 15.24 -67.94 -18.49
CA SER RB 82 14.98 -69.19 -19.21
C SER RB 82 13.89 -70.02 -18.52
N ALA RB 83 13.97 -70.19 -17.19
CA ALA RB 83 12.96 -70.85 -16.39
C ALA RB 83 11.59 -70.15 -16.51
N HIS RB 84 11.56 -68.81 -16.52
CA HIS RB 84 10.35 -68.04 -16.76
C HIS RB 84 9.71 -68.44 -18.09
N LYS RB 85 10.50 -68.46 -19.16
CA LYS RB 85 10.03 -68.87 -20.47
C LYS RB 85 9.51 -70.30 -20.48
N ILE RB 86 10.27 -71.28 -19.96
CA ILE RB 86 9.81 -72.67 -19.93
C ILE RB 86 8.48 -72.80 -19.19
N GLN RB 87 8.34 -72.16 -18.03
CA GLN RB 87 7.10 -72.21 -17.26
C GLN RB 87 5.93 -71.58 -18.03
N LEU RB 88 6.16 -70.55 -18.85
CA LEU RB 88 5.12 -70.00 -19.72
C LEU RB 88 4.81 -70.91 -20.92
N PHE RB 89 5.79 -71.64 -21.47
CA PHE RB 89 5.52 -72.62 -22.51
C PHE RB 89 4.69 -73.78 -21.94
N GLU RB 90 4.85 -74.09 -20.65
CA GLU RB 90 4.04 -75.05 -19.90
C GLU RB 90 2.67 -74.49 -19.48
N GLY RB 91 2.30 -73.28 -19.92
CA GLY RB 91 0.96 -72.73 -19.69
C GLY RB 91 0.84 -71.72 -18.55
N GLY RB 92 1.91 -71.48 -17.77
CA GLY RB 92 1.92 -70.53 -16.67
C GLY RB 92 2.19 -71.16 -15.31
N GLU RB 93 2.19 -70.34 -14.24
CA GLU RB 93 2.17 -70.84 -12.88
C GLU RB 93 0.87 -71.62 -12.61
N ALA RB 94 0.98 -72.82 -12.03
CA ALA RB 94 -0.18 -73.42 -11.41
C ALA RB 94 -0.47 -72.70 -10.08
N GLN RB 95 -1.65 -72.07 -9.98
CA GLN RB 95 -2.13 -71.56 -8.71
C GLN RB 95 -2.66 -72.70 -7.84
N SER RB 96 -3.27 -73.72 -8.47
CA SER RB 96 -3.75 -74.89 -7.74
C SER RB 96 -3.68 -76.14 -8.63
N GLU RB 97 -3.44 -77.29 -7.98
CA GLU RB 97 -3.38 -78.61 -8.61
C GLU RB 97 -4.19 -79.57 -7.76
N SER RB 98 -4.95 -80.49 -8.39
CA SER RB 98 -5.81 -81.43 -7.68
C SER RB 98 -6.00 -82.73 -8.47
N GLY RB 99 -6.21 -83.84 -7.76
CA GLY RB 99 -6.41 -85.16 -8.35
C GLY RB 99 -6.50 -86.26 -7.28
N GLU RB 100 -6.26 -87.51 -7.70
CA GLU RB 100 -6.32 -88.67 -6.80
C GLU RB 100 -5.26 -88.60 -5.70
N GLY RB 101 -4.11 -87.95 -5.97
CA GLY RB 101 -3.04 -87.82 -5.01
C GLY RB 101 -3.23 -86.68 -3.99
N GLY RB 102 -4.42 -86.05 -3.98
CA GLY RB 102 -4.75 -84.94 -3.09
C GLY RB 102 -4.87 -83.59 -3.83
N SER RB 103 -4.86 -82.50 -3.06
CA SER RB 103 -4.99 -81.14 -3.59
C SER RB 103 -3.96 -80.21 -2.94
N VAL RB 104 -3.40 -79.30 -3.75
CA VAL RB 104 -2.52 -78.26 -3.26
C VAL RB 104 -2.90 -76.92 -3.90
N SER RB 105 -2.77 -75.85 -3.11
CA SER RB 105 -3.02 -74.51 -3.55
C SER RB 105 -1.82 -73.67 -3.15
N TYR RB 106 -1.29 -72.85 -4.08
CA TYR RB 106 -0.03 -72.16 -3.87
C TYR RB 106 -0.26 -70.65 -3.67
N SER RB 107 0.61 -70.05 -2.87
CA SER RB 107 0.55 -68.63 -2.58
C SER RB 107 1.17 -67.81 -3.72
N THR RB 108 0.44 -67.68 -4.86
CA THR RB 108 0.87 -66.87 -6.00
C THR RB 108 0.35 -65.43 -5.89
N GLY RB 109 -0.86 -65.25 -5.32
CA GLY RB 109 -1.41 -63.93 -4.98
C GLY RB 109 -2.06 -63.15 -6.14
N GLY RB 110 -1.51 -63.28 -7.35
CA GLY RB 110 -2.09 -62.73 -8.57
C GLY RB 110 -1.93 -61.22 -8.76
N GLY RB 111 -1.07 -60.58 -7.94
CA GLY RB 111 -0.84 -59.14 -7.96
C GLY RB 111 0.01 -58.66 -9.14
N GLY RB 112 0.74 -59.59 -9.78
CA GLY RB 112 1.53 -59.29 -10.97
C GLY RB 112 0.68 -59.17 -12.24
N GLU RB 113 1.03 -58.19 -13.09
CA GLU RB 113 0.27 -57.90 -14.31
C GLU RB 113 1.15 -57.77 -15.57
N LYS RB 114 2.41 -57.33 -15.41
CA LYS RB 114 3.41 -57.33 -16.48
C LYS RB 114 4.09 -58.70 -16.59
N ASP RB 115 4.75 -58.95 -17.72
CA ASP RB 115 5.39 -60.22 -18.08
C ASP RB 115 6.18 -60.88 -16.93
N LEU RB 116 7.29 -60.25 -16.50
CA LEU RB 116 8.17 -60.89 -15.53
C LEU RB 116 7.50 -61.09 -14.17
N GLN RB 117 6.47 -60.30 -13.83
CA GLN RB 117 5.78 -60.45 -12.56
C GLN RB 117 4.93 -61.74 -12.49
N LYS RB 118 4.63 -62.37 -13.63
CA LYS RB 118 3.60 -63.41 -13.72
C LYS RB 118 4.05 -64.81 -13.32
N THR RB 119 5.36 -65.05 -13.09
CA THR RB 119 5.83 -66.31 -12.52
C THR RB 119 6.95 -66.06 -11.51
N ARG RB 120 7.22 -67.02 -10.62
CA ARG RB 120 8.23 -66.94 -9.57
C ARG RB 120 9.65 -66.78 -10.12
N TYR RB 121 9.96 -67.44 -11.24
CA TYR RB 121 11.23 -67.28 -11.92
C TYR RB 121 11.40 -65.87 -12.49
N GLY RB 122 10.32 -65.31 -13.04
CA GLY RB 122 10.32 -63.95 -13.54
C GLY RB 122 10.50 -62.94 -12.42
N ARG RB 123 9.81 -63.14 -11.28
CA ARG RB 123 9.95 -62.28 -10.12
C ARG RB 123 11.36 -62.32 -9.55
N MET RB 124 12.02 -63.49 -9.54
CA MET RB 124 13.44 -63.56 -9.20
C MET RB 124 14.30 -62.80 -10.20
N ALA RB 125 14.13 -63.04 -11.50
CA ALA RB 125 14.92 -62.37 -12.54
C ALA RB 125 14.81 -60.85 -12.44
N LEU RB 126 13.62 -60.36 -12.08
CA LEU RB 126 13.30 -58.95 -11.99
C LEU RB 126 14.14 -58.21 -10.95
N GLU RB 127 14.63 -58.87 -9.89
CA GLU RB 127 15.53 -58.24 -8.94
C GLU RB 127 16.92 -57.93 -9.52
N TYR RB 128 17.35 -58.66 -10.56
CA TYR RB 128 18.68 -58.52 -11.14
C TYR RB 128 18.78 -57.29 -12.04
N VAL RB 129 17.64 -56.69 -12.40
CA VAL RB 129 17.55 -55.65 -13.42
C VAL RB 129 16.75 -54.48 -12.87
N TRP RB 130 17.13 -54.01 -11.67
CA TRP RB 130 16.55 -52.85 -11.01
C TRP RB 130 15.03 -52.90 -10.85
N GLU RB 131 14.41 -54.09 -10.94
CA GLU RB 131 12.96 -54.25 -10.88
C GLU RB 131 12.24 -53.45 -11.98
N ASP RB 132 12.87 -53.36 -13.17
CA ASP RB 132 12.40 -52.61 -14.35
C ASP RB 132 12.24 -51.10 -14.09
N ASN RB 133 12.90 -50.55 -13.05
CA ASN RB 133 12.89 -49.12 -12.77
C ASN RB 133 13.78 -48.33 -13.75
N SER RB 134 13.49 -47.03 -13.89
CA SER RB 134 14.04 -46.15 -14.93
C SER RB 134 14.98 -45.10 -14.32
N ILE RB 135 16.14 -45.51 -13.80
CA ILE RB 135 17.05 -44.58 -13.15
C ILE RB 135 18.08 -43.96 -14.11
N ALA RB 136 17.81 -43.98 -15.42
CA ALA RB 136 18.74 -43.39 -16.39
C ALA RB 136 18.81 -41.87 -16.22
N ALA RB 137 20.02 -41.32 -16.42
CA ALA RB 137 20.25 -39.88 -16.31
C ALA RB 137 21.39 -39.49 -17.25
N LEU RB 138 21.26 -38.30 -17.85
CA LEU RB 138 22.15 -37.84 -18.90
C LEU RB 138 22.20 -36.31 -18.88
N ARG RB 139 23.28 -35.75 -19.44
CA ARG RB 139 23.61 -34.34 -19.28
C ARG RB 139 23.98 -33.70 -20.61
N THR RB 140 23.81 -32.37 -20.69
CA THR RB 140 24.43 -31.57 -21.76
C THR RB 140 25.83 -31.09 -21.35
N TYR RB 141 26.66 -30.78 -22.34
CA TYR RB 141 27.97 -30.15 -22.16
C TYR RB 141 28.10 -28.97 -23.13
N PRO SB 2 -31.67 -58.02 -50.27
CA PRO SB 2 -33.09 -57.98 -50.67
C PRO SB 2 -33.38 -56.89 -51.72
N ASP SB 3 -34.41 -57.12 -52.55
CA ASP SB 3 -34.74 -56.25 -53.68
C ASP SB 3 -35.01 -54.82 -53.21
N PRO SB 4 -36.03 -54.56 -52.33
CA PRO SB 4 -36.00 -53.38 -51.46
C PRO SB 4 -35.14 -53.69 -50.23
N SER SB 5 -34.13 -52.85 -49.98
CA SER SB 5 -33.28 -52.99 -48.80
C SER SB 5 -33.93 -52.38 -47.55
N ILE SB 6 -33.60 -52.88 -46.35
CA ILE SB 6 -34.20 -52.42 -45.11
C ILE SB 6 -33.98 -50.92 -44.84
N ASP SB 7 -32.92 -50.32 -45.40
CA ASP SB 7 -32.65 -48.90 -45.28
C ASP SB 7 -33.47 -48.03 -46.25
N GLU SB 8 -34.08 -48.65 -47.25
CA GLU SB 8 -34.86 -47.96 -48.28
C GLU SB 8 -36.35 -47.86 -47.90
N VAL SB 9 -36.80 -48.61 -46.89
CA VAL SB 9 -38.19 -48.67 -46.46
C VAL SB 9 -38.38 -47.95 -45.12
N SER SB 10 -39.41 -47.08 -45.06
CA SER SB 10 -39.95 -46.54 -43.82
C SER SB 10 -41.10 -47.42 -43.29
N LYS SB 11 -41.72 -47.06 -42.15
CA LYS SB 11 -42.75 -47.88 -41.51
C LYS SB 11 -43.95 -48.14 -42.43
N SER SB 12 -44.43 -47.09 -43.11
CA SER SB 12 -45.51 -47.20 -44.07
C SER SB 12 -45.11 -48.05 -45.28
N ASP SB 13 -43.87 -47.92 -45.76
CA ASP SB 13 -43.36 -48.73 -46.86
C ASP SB 13 -43.31 -50.20 -46.48
N TRP SB 14 -42.85 -50.53 -45.27
CA TRP SB 14 -42.81 -51.89 -44.76
C TRP SB 14 -44.21 -52.52 -44.78
N ASP SB 15 -45.22 -51.79 -44.32
CA ASP SB 15 -46.61 -52.21 -44.37
C ASP SB 15 -47.11 -52.43 -45.82
N ALA SB 16 -46.57 -51.66 -46.78
CA ALA SB 16 -46.94 -51.75 -48.19
C ALA SB 16 -46.22 -52.88 -48.96
N LEU SB 17 -45.11 -53.42 -48.44
CA LEU SB 17 -44.38 -54.51 -49.07
C LEU SB 17 -45.25 -55.77 -49.25
N THR SB 18 -44.92 -56.57 -50.27
CA THR SB 18 -45.43 -57.94 -50.36
C THR SB 18 -44.87 -58.80 -49.23
N THR SB 19 -45.55 -59.91 -48.92
CA THR SB 19 -45.04 -60.87 -47.96
C THR SB 19 -43.65 -61.40 -48.35
N GLN SB 20 -43.39 -61.58 -49.65
CA GLN SB 20 -42.08 -62.04 -50.10
C GLN SB 20 -40.98 -61.01 -49.81
N GLU SB 21 -41.22 -59.74 -50.12
CA GLU SB 21 -40.23 -58.70 -49.85
C GLU SB 21 -39.92 -58.59 -48.36
N GLN SB 22 -40.95 -58.69 -47.50
CA GLN SB 22 -40.74 -58.76 -46.06
C GLN SB 22 -39.96 -60.01 -45.66
N ASP SB 23 -40.28 -61.17 -46.24
CA ASP SB 23 -39.62 -62.43 -45.92
C ASP SB 23 -38.15 -62.43 -46.31
N ASP SB 24 -37.78 -61.73 -47.39
CA ASP SB 24 -36.39 -61.54 -47.76
C ASP SB 24 -35.64 -60.76 -46.68
N ILE SB 25 -36.23 -59.67 -46.17
CA ILE SB 25 -35.63 -58.89 -45.09
C ILE SB 25 -35.58 -59.70 -43.79
N ILE SB 26 -36.64 -60.45 -43.46
CA ILE SB 26 -36.63 -61.34 -42.31
C ILE SB 26 -35.48 -62.35 -42.43
N SER SB 27 -35.32 -62.96 -43.61
CA SER SB 27 -34.24 -63.90 -43.88
C SER SB 27 -32.86 -63.26 -43.66
N GLN SB 28 -32.70 -61.99 -44.04
CA GLN SB 28 -31.45 -61.30 -43.81
C GLN SB 28 -31.20 -61.07 -42.32
N VAL SB 29 -32.21 -60.65 -41.56
CA VAL SB 29 -32.08 -60.47 -40.12
C VAL SB 29 -31.72 -61.78 -39.44
N GLU SB 30 -32.38 -62.89 -39.81
CA GLU SB 30 -32.11 -64.21 -39.26
C GLU SB 30 -30.67 -64.68 -39.49
N ASN SB 31 -29.92 -64.09 -40.43
CA ASN SB 31 -28.52 -64.43 -40.60
C ASN SB 31 -27.65 -63.96 -39.43
N LEU SB 32 -28.12 -62.97 -38.65
CA LEU SB 32 -27.32 -62.38 -37.58
C LEU SB 32 -27.31 -63.23 -36.30
N SER SB 33 -28.03 -64.35 -36.27
CA SER SB 33 -27.90 -65.30 -35.17
C SER SB 33 -27.71 -66.71 -35.74
N SER SB 34 -26.76 -67.46 -35.16
CA SER SB 34 -26.51 -68.85 -35.53
C SER SB 34 -27.73 -69.74 -35.30
N THR SB 35 -28.62 -69.35 -34.37
CA THR SB 35 -29.86 -70.07 -34.11
C THR SB 35 -30.99 -69.65 -35.05
N GLY SB 36 -30.86 -68.51 -35.73
CA GLY SB 36 -31.90 -67.93 -36.58
C GLY SB 36 -33.18 -67.52 -35.84
N TRP SB 37 -33.21 -67.64 -34.50
CA TRP SB 37 -34.44 -67.51 -33.71
C TRP SB 37 -35.60 -68.31 -34.32
N VAL SB 38 -35.36 -69.59 -34.63
CA VAL SB 38 -36.32 -70.43 -35.36
C VAL SB 38 -37.58 -70.75 -34.54
N ASN SB 39 -37.49 -70.71 -33.21
CA ASN SB 39 -38.62 -70.99 -32.32
C ASN SB 39 -39.51 -69.77 -32.05
N THR SB 40 -39.14 -68.58 -32.56
CA THR SB 40 -39.96 -67.37 -32.50
C THR SB 40 -40.70 -67.21 -33.83
N SER SB 41 -42.02 -66.94 -33.78
CA SER SB 41 -42.87 -66.93 -34.96
C SER SB 41 -42.62 -65.73 -35.89
N ARG SB 42 -43.12 -65.81 -37.13
CA ARG SB 42 -42.94 -64.77 -38.13
C ARG SB 42 -43.45 -63.41 -37.65
N GLU SB 43 -44.66 -63.34 -37.06
CA GLU SB 43 -45.28 -62.09 -36.63
C GLU SB 43 -44.36 -61.30 -35.70
N ARG SB 44 -43.61 -62.01 -34.86
CA ARG SB 44 -42.73 -61.41 -33.87
C ARG SB 44 -41.47 -60.87 -34.51
N LYS SB 45 -40.90 -61.60 -35.49
CA LYS SB 45 -39.77 -61.11 -36.27
C LYS SB 45 -40.17 -59.92 -37.14
N ALA SB 46 -41.36 -59.96 -37.74
CA ALA SB 46 -41.92 -58.83 -38.48
C ALA SB 46 -42.12 -57.60 -37.59
N GLU SB 47 -42.69 -57.77 -36.39
CA GLU SB 47 -42.89 -56.67 -35.45
C GLU SB 47 -41.55 -56.05 -35.02
N ALA SB 48 -40.53 -56.88 -34.77
CA ALA SB 48 -39.20 -56.40 -34.43
C ALA SB 48 -38.60 -55.54 -35.55
N ILE SB 49 -38.72 -55.97 -36.81
CA ILE SB 49 -38.22 -55.21 -37.94
C ILE SB 49 -39.00 -53.90 -38.13
N ARG SB 50 -40.33 -53.96 -38.12
CA ARG SB 50 -41.17 -52.78 -38.25
C ARG SB 50 -40.84 -51.75 -37.17
N SER SB 51 -40.67 -52.23 -35.93
CA SER SB 51 -40.24 -51.41 -34.82
C SER SB 51 -38.85 -50.82 -35.03
N ALA SB 52 -37.87 -51.62 -35.46
CA ALA SB 52 -36.52 -51.13 -35.75
C ALA SB 52 -36.51 -50.04 -36.84
N ILE SB 53 -37.35 -50.17 -37.86
CA ILE SB 53 -37.52 -49.15 -38.90
C ILE SB 53 -38.06 -47.85 -38.30
N ALA SB 54 -39.12 -47.93 -37.49
CA ALA SB 54 -39.72 -46.77 -36.83
C ALA SB 54 -38.73 -46.09 -35.87
N GLU SB 55 -38.00 -46.90 -35.11
CA GLU SB 55 -37.00 -46.50 -34.15
C GLU SB 55 -35.87 -45.74 -34.85
N ARG SB 56 -35.36 -46.26 -35.96
CA ARG SB 56 -34.39 -45.58 -36.79
C ARG SB 56 -34.94 -44.23 -37.25
N ASP SB 57 -36.10 -44.22 -37.90
CA ASP SB 57 -36.62 -43.01 -38.53
C ASP SB 57 -36.97 -41.91 -37.53
N THR SB 58 -37.30 -42.26 -36.28
CA THR SB 58 -37.70 -41.28 -35.28
C THR SB 58 -36.61 -40.91 -34.27
N LEU SB 59 -35.82 -41.89 -33.77
CA LEU SB 59 -34.83 -41.63 -32.74
C LEU SB 59 -33.39 -41.51 -33.26
N TYR SB 60 -33.09 -42.11 -34.43
CA TYR SB 60 -31.74 -42.17 -34.96
C TYR SB 60 -31.68 -41.53 -36.35
N SER SB 61 -32.27 -40.34 -36.44
CA SER SB 61 -32.38 -39.54 -37.65
C SER SB 61 -32.08 -38.08 -37.32
N GLY SB 62 -31.89 -37.24 -38.35
CA GLY SB 62 -31.46 -35.86 -38.10
C GLY SB 62 -29.94 -35.76 -37.92
N ASN SB 63 -29.48 -34.61 -37.40
CA ASN SB 63 -28.08 -34.24 -37.49
C ASN SB 63 -27.52 -33.73 -36.16
N MET SB 64 -26.19 -33.84 -36.01
CA MET SB 64 -25.43 -33.18 -34.98
C MET SB 64 -24.27 -32.42 -35.63
N SER SB 65 -24.19 -31.10 -35.40
CA SER SB 65 -23.19 -30.24 -36.04
C SER SB 65 -23.15 -30.45 -37.56
N ARG SB 66 -24.33 -30.55 -38.21
CA ARG SB 66 -24.49 -30.80 -39.63
C ARG SB 66 -24.11 -32.22 -40.07
N LEU SB 67 -23.48 -33.03 -39.21
CA LEU SB 67 -23.19 -34.44 -39.47
C LEU SB 67 -24.47 -35.25 -39.35
N PRO SB 68 -24.71 -36.30 -40.17
CA PRO SB 68 -25.88 -37.16 -39.96
C PRO SB 68 -25.68 -37.95 -38.66
N THR SB 69 -26.77 -38.19 -37.92
CA THR SB 69 -26.65 -38.93 -36.67
C THR SB 69 -26.40 -40.42 -36.93
N LEU SB 70 -27.03 -40.99 -37.97
CA LEU SB 70 -26.72 -42.35 -38.39
C LEU SB 70 -25.49 -42.32 -39.30
N ASP SB 71 -24.31 -42.32 -38.66
CA ASP SB 71 -23.00 -42.19 -39.30
C ASP SB 71 -22.61 -43.44 -40.08
N GLY SB 72 -22.94 -44.63 -39.56
CA GLY SB 72 -22.60 -45.90 -40.20
C GLY SB 72 -23.52 -46.25 -41.36
N ASP SB 73 -23.35 -47.48 -41.89
CA ASP SB 73 -24.25 -48.02 -42.91
C ASP SB 73 -25.66 -48.21 -42.34
N ALA SB 74 -26.66 -47.53 -42.94
CA ALA SB 74 -28.04 -47.60 -42.49
C ALA SB 74 -28.66 -48.99 -42.65
N GLU SB 75 -28.20 -49.79 -43.61
CA GLU SB 75 -28.69 -51.17 -43.78
C GLU SB 75 -28.36 -51.98 -42.53
N TYR SB 76 -27.07 -52.11 -42.22
CA TYR SB 76 -26.62 -52.92 -41.10
C TYR SB 76 -27.07 -52.34 -39.77
N PHE SB 77 -27.13 -51.02 -39.62
CA PHE SB 77 -27.72 -50.45 -38.41
C PHE SB 77 -29.14 -50.97 -38.18
N THR SB 78 -29.99 -50.91 -39.20
CA THR SB 78 -31.37 -51.34 -39.03
C THR SB 78 -31.46 -52.84 -38.79
N LEU SB 79 -30.59 -53.65 -39.41
CA LEU SB 79 -30.56 -55.08 -39.17
C LEU SB 79 -30.14 -55.39 -37.73
N TYR SB 80 -29.06 -54.79 -37.23
CA TYR SB 80 -28.63 -54.98 -35.85
C TYR SB 80 -29.68 -54.51 -34.85
N LEU SB 81 -30.35 -53.40 -35.15
CA LEU SB 81 -31.44 -52.91 -34.31
C LEU SB 81 -32.63 -53.86 -34.30
N SER SB 82 -32.90 -54.54 -35.42
CA SER SB 82 -33.91 -55.59 -35.53
C SER SB 82 -33.52 -56.82 -34.71
N ALA SB 83 -32.27 -57.27 -34.84
CA ALA SB 83 -31.72 -58.39 -34.10
C ALA SB 83 -31.73 -58.13 -32.59
N HIS SB 84 -31.40 -56.90 -32.19
CA HIS SB 84 -31.48 -56.45 -30.80
C HIS SB 84 -32.89 -56.63 -30.28
N LYS SB 85 -33.90 -56.16 -31.03
CA LYS SB 85 -35.30 -56.30 -30.66
C LYS SB 85 -35.74 -57.76 -30.58
N ILE SB 86 -35.37 -58.63 -31.54
CA ILE SB 86 -35.74 -60.03 -31.47
C ILE SB 86 -35.15 -60.70 -30.23
N GLN SB 87 -33.88 -60.42 -29.93
CA GLN SB 87 -33.23 -60.98 -28.76
C GLN SB 87 -33.90 -60.51 -27.45
N LEU SB 88 -34.37 -59.25 -27.40
CA LEU SB 88 -35.16 -58.79 -26.26
C LEU SB 88 -36.52 -59.47 -26.18
N PHE SB 89 -37.18 -59.77 -27.31
CA PHE SB 89 -38.45 -60.50 -27.31
C PHE SB 89 -38.27 -61.95 -26.82
N GLU SB 90 -37.05 -62.49 -26.91
CA GLU SB 90 -36.71 -63.81 -26.38
C GLU SB 90 -36.25 -63.78 -24.91
N GLY SB 91 -36.24 -62.61 -24.25
CA GLY SB 91 -35.95 -62.51 -22.83
C GLY SB 91 -34.62 -61.82 -22.47
N GLY SB 92 -33.81 -61.45 -23.49
CA GLY SB 92 -32.50 -60.85 -23.29
C GLY SB 92 -31.38 -61.79 -23.73
N GLU SB 93 -30.12 -61.42 -23.43
CA GLU SB 93 -29.02 -62.35 -23.68
C GLU SB 93 -28.96 -63.40 -22.58
N ALA SB 94 -28.79 -64.67 -22.97
CA ALA SB 94 -28.35 -65.65 -22.00
C ALA SB 94 -26.92 -65.34 -21.58
N GLN SB 95 -26.71 -65.14 -20.26
CA GLN SB 95 -25.39 -65.09 -19.68
C GLN SB 95 -24.84 -66.52 -19.53
N SER SB 96 -25.71 -67.49 -19.22
CA SER SB 96 -25.31 -68.88 -19.12
C SER SB 96 -26.47 -69.80 -19.52
N GLU SB 97 -26.14 -70.94 -20.12
CA GLU SB 97 -27.09 -71.95 -20.55
C GLU SB 97 -26.60 -73.31 -20.06
N SER SB 98 -27.49 -74.13 -19.49
CA SER SB 98 -27.12 -75.44 -18.98
C SER SB 98 -28.22 -76.46 -19.31
N GLY SB 99 -27.81 -77.62 -19.82
CA GLY SB 99 -28.72 -78.64 -20.31
C GLY SB 99 -28.49 -79.99 -19.62
N GLU SB 100 -28.47 -81.07 -20.42
CA GLU SB 100 -28.19 -82.41 -19.94
C GLU SB 100 -26.68 -82.54 -19.67
N GLY SB 101 -26.25 -82.06 -18.50
CA GLY SB 101 -24.84 -81.99 -18.12
C GLY SB 101 -24.11 -80.81 -18.77
N GLY SB 102 -24.19 -80.72 -20.12
CA GLY SB 102 -23.50 -79.71 -20.91
C GLY SB 102 -23.86 -78.29 -20.46
N SER SB 103 -22.84 -77.43 -20.30
CA SER SB 103 -23.02 -76.07 -19.81
C SER SB 103 -22.07 -75.10 -20.50
N VAL SB 104 -22.51 -73.84 -20.65
CA VAL SB 104 -21.68 -72.76 -21.18
C VAL SB 104 -22.02 -71.46 -20.46
N SER SB 105 -21.02 -70.58 -20.36
CA SER SB 105 -21.20 -69.24 -19.80
C SER SB 105 -20.51 -68.25 -20.75
N TYR SB 106 -21.13 -67.08 -20.96
CA TYR SB 106 -20.67 -66.14 -21.97
C TYR SB 106 -20.14 -64.84 -21.34
N SER SB 107 -19.17 -64.23 -22.03
CA SER SB 107 -18.57 -62.95 -21.61
C SER SB 107 -19.48 -61.78 -21.99
N THR SB 108 -20.77 -61.83 -21.57
CA THR SB 108 -21.79 -60.85 -21.93
C THR SB 108 -22.24 -59.97 -20.75
N GLY SB 109 -21.53 -60.08 -19.61
CA GLY SB 109 -21.83 -59.31 -18.41
C GLY SB 109 -21.47 -57.83 -18.52
N GLY SB 110 -21.96 -57.02 -17.57
CA GLY SB 110 -21.70 -55.59 -17.52
C GLY SB 110 -22.36 -54.81 -18.66
N GLY SB 111 -21.56 -53.98 -19.35
CA GLY SB 111 -22.06 -53.12 -20.43
C GLY SB 111 -22.61 -51.79 -19.89
N GLY SB 112 -23.87 -51.79 -19.45
CA GLY SB 112 -24.52 -50.62 -18.86
C GLY SB 112 -26.02 -50.80 -18.67
N GLU SB 113 -26.68 -49.71 -18.25
CA GLU SB 113 -28.10 -49.71 -17.88
C GLU SB 113 -29.05 -49.39 -19.05
N LYS SB 114 -28.54 -48.80 -20.16
CA LYS SB 114 -29.40 -48.37 -21.26
C LYS SB 114 -29.67 -49.53 -22.23
N ASP SB 115 -30.80 -49.51 -22.94
CA ASP SB 115 -31.26 -50.67 -23.71
C ASP SB 115 -30.24 -51.23 -24.69
N LEU SB 116 -29.66 -50.40 -25.58
CA LEU SB 116 -28.73 -50.90 -26.59
C LEU SB 116 -27.50 -51.55 -25.95
N GLN SB 117 -27.12 -51.14 -24.74
CA GLN SB 117 -25.99 -51.75 -24.05
C GLN SB 117 -26.28 -53.18 -23.60
N LYS SB 118 -27.56 -53.59 -23.53
CA LYS SB 118 -27.99 -54.83 -22.89
C LYS SB 118 -27.98 -56.06 -23.79
N THR SB 119 -27.71 -55.93 -25.11
CA THR SB 119 -27.40 -57.10 -25.93
C THR SB 119 -26.28 -56.80 -26.94
N ARG SB 120 -25.60 -57.85 -27.44
CA ARG SB 120 -24.50 -57.74 -28.39
C ARG SB 120 -24.88 -57.00 -29.68
N TYR SB 121 -26.07 -57.28 -30.20
CA TYR SB 121 -26.58 -56.59 -31.37
C TYR SB 121 -26.77 -55.11 -31.09
N GLY SB 122 -27.27 -54.76 -29.91
CA GLY SB 122 -27.44 -53.38 -29.51
C GLY SB 122 -26.09 -52.68 -29.35
N ARG SB 123 -25.09 -53.36 -28.77
CA ARG SB 123 -23.74 -52.83 -28.63
C ARG SB 123 -23.07 -52.60 -29.98
N MET SB 124 -23.37 -53.42 -30.99
CA MET SB 124 -22.94 -53.16 -32.36
C MET SB 124 -23.68 -51.95 -32.95
N ALA SB 125 -25.02 -51.94 -32.87
CA ALA SB 125 -25.85 -50.87 -33.43
C ALA SB 125 -25.42 -49.51 -32.89
N LEU SB 126 -25.04 -49.47 -31.61
CA LEU SB 126 -24.61 -48.28 -30.90
C LEU SB 126 -23.35 -47.63 -31.52
N GLU SB 127 -22.44 -48.38 -32.16
CA GLU SB 127 -21.29 -47.79 -32.85
C GLU SB 127 -21.68 -47.02 -34.12
N TYR SB 128 -22.81 -47.36 -34.75
CA TYR SB 128 -23.25 -46.72 -35.98
C TYR SB 128 -23.80 -45.31 -35.74
N VAL SB 129 -24.09 -44.97 -34.48
CA VAL SB 129 -24.82 -43.76 -34.12
C VAL SB 129 -24.05 -43.01 -33.02
N TRP SB 130 -22.76 -42.78 -33.26
CA TRP SB 130 -21.88 -42.00 -32.39
C TRP SB 130 -21.84 -42.50 -30.94
N GLU SB 131 -22.18 -43.77 -30.68
CA GLU SB 131 -22.27 -44.35 -29.34
C GLU SB 131 -23.26 -43.58 -28.44
N ASP SB 132 -24.29 -42.95 -29.03
CA ASP SB 132 -25.30 -42.12 -28.38
C ASP SB 132 -24.73 -40.84 -27.73
N ASN SB 133 -23.57 -40.34 -28.19
CA ASN SB 133 -22.96 -39.09 -27.73
C ASN SB 133 -23.63 -37.83 -28.33
N SER SB 134 -23.41 -36.66 -27.69
CA SER SB 134 -24.13 -35.43 -27.93
C SER SB 134 -23.27 -34.33 -28.58
N ILE SB 135 -22.75 -34.58 -29.80
CA ILE SB 135 -21.82 -33.65 -30.44
C ILE SB 135 -22.52 -32.58 -31.30
N ALA SB 136 -23.78 -32.25 -31.00
CA ALA SB 136 -24.48 -31.18 -31.73
C ALA SB 136 -23.97 -29.80 -31.30
N ALA SB 137 -23.87 -28.86 -32.27
CA ALA SB 137 -23.49 -27.48 -32.00
C ALA SB 137 -24.16 -26.52 -32.98
N LEU SB 138 -24.55 -25.33 -32.49
CA LEU SB 138 -25.16 -24.27 -33.28
C LEU SB 138 -24.64 -22.90 -32.86
N ARG SB 139 -24.69 -21.95 -33.80
CA ARG SB 139 -24.33 -20.55 -33.62
C ARG SB 139 -25.58 -19.68 -33.49
N THR SB 140 -25.39 -18.45 -33.00
CA THR SB 140 -26.30 -17.35 -33.29
C THR SB 140 -25.69 -16.45 -34.37
N TYR SB 141 -26.51 -15.53 -34.89
CA TYR SB 141 -26.18 -14.71 -36.05
C TYR SB 141 -26.62 -13.25 -35.86
N PRO TB 2 -6.52 -64.85 -51.19
CA PRO TB 2 -7.65 -64.81 -52.13
C PRO TB 2 -7.38 -63.90 -53.34
N ASP TB 3 -8.05 -64.21 -54.46
CA ASP TB 3 -7.82 -63.56 -55.76
C ASP TB 3 -8.07 -62.05 -55.65
N PRO TB 4 -9.32 -61.55 -55.47
CA PRO TB 4 -9.53 -60.26 -54.82
C PRO TB 4 -9.40 -60.44 -53.31
N SER TB 5 -8.59 -59.61 -52.67
CA SER TB 5 -8.42 -59.63 -51.22
C SER TB 5 -9.57 -58.89 -50.52
N ILE TB 6 -9.86 -59.21 -49.26
CA ILE TB 6 -10.96 -58.61 -48.52
C ILE TB 6 -10.82 -57.08 -48.36
N ASP TB 7 -9.59 -56.54 -48.44
CA ASP TB 7 -9.37 -55.10 -48.39
C ASP TB 7 -9.58 -54.41 -49.76
N GLU TB 8 -9.64 -55.20 -50.84
CA GLU TB 8 -9.80 -54.68 -52.19
C GLU TB 8 -11.28 -54.56 -52.61
N VAL TB 9 -12.19 -55.14 -51.81
CA VAL TB 9 -13.63 -55.14 -52.10
C VAL TB 9 -14.38 -54.22 -51.13
N SER TB 10 -15.26 -53.38 -51.69
CA SER TB 10 -16.32 -52.70 -50.95
C SER TB 10 -17.62 -53.53 -50.96
N LYS TB 11 -18.68 -53.07 -50.29
CA LYS TB 11 -19.92 -53.82 -50.13
C LYS TB 11 -20.53 -54.23 -51.47
N SER TB 12 -20.59 -53.28 -52.42
CA SER TB 12 -21.12 -53.53 -53.75
C SER TB 12 -20.23 -54.47 -54.56
N ASP TB 13 -18.92 -54.45 -54.32
CA ASP TB 13 -18.00 -55.39 -54.95
C ASP TB 13 -18.22 -56.80 -54.42
N TRP TB 14 -18.36 -56.95 -53.10
CA TRP TB 14 -18.64 -58.23 -52.46
C TRP TB 14 -19.88 -58.88 -53.04
N ASP TB 15 -20.95 -58.11 -53.25
CA ASP TB 15 -22.18 -58.58 -53.88
C ASP TB 15 -21.96 -59.04 -55.33
N ALA TB 16 -21.02 -58.42 -56.04
CA ALA TB 16 -20.70 -58.72 -57.43
C ALA TB 16 -19.74 -59.91 -57.61
N LEU TB 17 -19.00 -60.31 -56.56
CA LEU TB 17 -18.09 -61.45 -56.63
C LEU TB 17 -18.81 -62.75 -57.01
N THR TB 18 -18.09 -63.67 -57.66
CA THR TB 18 -18.54 -65.04 -57.83
C THR TB 18 -18.62 -65.75 -56.49
N THR TB 19 -19.35 -66.86 -56.44
CA THR TB 19 -19.41 -67.69 -55.24
C THR TB 19 -18.03 -68.19 -54.82
N GLN TB 20 -17.18 -68.58 -55.78
CA GLN TB 20 -15.85 -69.04 -55.46
C GLN TB 20 -14.98 -67.94 -54.83
N GLU TB 21 -15.01 -66.72 -55.38
CA GLU TB 21 -14.25 -65.62 -54.83
C GLU TB 21 -14.68 -65.30 -53.39
N GLN TB 22 -15.98 -65.34 -53.11
CA GLN TB 22 -16.48 -65.19 -51.75
C GLN TB 22 -16.04 -66.34 -50.86
N ASP TB 23 -16.08 -67.58 -51.36
CA ASP TB 23 -15.69 -68.76 -50.60
C ASP TB 23 -14.20 -68.75 -50.24
N ASP TB 24 -13.34 -68.21 -51.10
CA ASP TB 24 -11.93 -68.03 -50.77
C ASP TB 24 -11.78 -67.09 -49.57
N ILE TB 25 -12.50 -65.97 -49.56
CA ILE TB 25 -12.46 -65.03 -48.44
C ILE TB 25 -13.07 -65.65 -47.18
N ILE TB 26 -14.21 -66.35 -47.29
CA ILE TB 26 -14.82 -67.07 -46.17
C ILE TB 26 -13.82 -68.05 -45.57
N SER TB 27 -13.14 -68.83 -46.42
CA SER TB 27 -12.13 -69.79 -45.99
C SER TB 27 -10.99 -69.11 -45.23
N GLN TB 28 -10.59 -67.91 -45.66
CA GLN TB 28 -9.58 -67.15 -44.95
C GLN TB 28 -10.07 -66.71 -43.56
N VAL TB 29 -11.31 -66.23 -43.46
CA VAL TB 29 -11.89 -65.88 -42.16
C VAL TB 29 -11.97 -67.11 -41.25
N GLU TB 30 -12.38 -68.26 -41.79
CA GLU TB 30 -12.48 -69.50 -41.02
C GLU TB 30 -11.13 -69.96 -40.45
N ASN TB 31 -10.00 -69.50 -40.99
CA ASN TB 31 -8.71 -69.84 -40.42
C ASN TB 31 -8.49 -69.20 -39.05
N LEU TB 32 -9.19 -68.10 -38.75
CA LEU TB 32 -8.99 -67.35 -37.51
C LEU TB 32 -9.61 -68.05 -36.29
N SER TB 33 -10.29 -69.18 -36.47
CA SER TB 33 -10.74 -69.98 -35.34
C SER TB 33 -10.34 -71.44 -35.57
N SER TB 34 -9.81 -72.07 -34.52
CA SER TB 34 -9.51 -73.50 -34.51
C SER TB 34 -10.74 -74.35 -34.80
N THR TB 35 -11.93 -73.86 -34.40
CA THR TB 35 -13.19 -74.55 -34.66
C THR TB 35 -13.69 -74.31 -36.10
N GLY TB 36 -13.24 -73.24 -36.76
CA GLY TB 36 -13.72 -72.82 -38.07
C GLY TB 36 -15.18 -72.37 -38.12
N TRP TB 37 -15.87 -72.32 -36.96
CA TRP TB 37 -17.32 -72.13 -36.87
C TRP TB 37 -18.09 -73.01 -37.86
N VAL TB 38 -17.73 -74.31 -37.94
CA VAL TB 38 -18.26 -75.22 -38.96
C VAL TB 38 -19.75 -75.55 -38.78
N ASN TB 39 -20.28 -75.37 -37.57
CA ASN TB 39 -21.70 -75.56 -37.31
C ASN TB 39 -22.55 -74.32 -37.61
N THR TB 40 -21.93 -73.19 -37.99
CA THR TB 40 -22.62 -71.98 -38.45
C THR TB 40 -22.60 -71.96 -39.98
N SER TB 41 -23.75 -71.71 -40.60
CA SER TB 41 -23.95 -71.89 -42.04
C SER TB 41 -23.23 -70.83 -42.90
N ARG TB 42 -23.10 -71.11 -44.21
CA ARG TB 42 -22.44 -70.21 -45.15
C ARG TB 42 -23.07 -68.81 -45.16
N GLU TB 43 -24.41 -68.73 -45.21
CA GLU TB 43 -25.12 -67.44 -45.28
C GLU TB 43 -24.72 -66.52 -44.12
N ARG TB 44 -24.56 -67.10 -42.93
CA ARG TB 44 -24.22 -66.34 -41.73
C ARG TB 44 -22.79 -65.83 -41.79
N LYS TB 45 -21.85 -66.63 -42.28
CA LYS TB 45 -20.48 -66.20 -42.48
C LYS TB 45 -20.37 -65.15 -43.58
N ALA TB 46 -21.13 -65.28 -44.67
CA ALA TB 46 -21.20 -64.28 -45.72
C ALA TB 46 -21.79 -62.95 -45.20
N GLU TB 47 -22.86 -63.00 -44.39
CA GLU TB 47 -23.45 -61.81 -43.79
C GLU TB 47 -22.46 -61.09 -42.88
N ALA TB 48 -21.72 -61.84 -42.05
CA ALA TB 48 -20.71 -61.28 -41.16
C ALA TB 48 -19.62 -60.55 -41.95
N ILE TB 49 -19.12 -61.15 -43.04
CA ILE TB 49 -18.09 -60.56 -43.88
C ILE TB 49 -18.62 -59.32 -44.59
N ARG TB 50 -19.79 -59.42 -45.22
CA ARG TB 50 -20.41 -58.29 -45.90
C ARG TB 50 -20.58 -57.12 -44.93
N SER TB 51 -21.04 -57.41 -43.72
CA SER TB 51 -21.20 -56.41 -42.67
C SER TB 51 -19.85 -55.82 -42.25
N ALA TB 52 -18.80 -56.64 -42.09
CA ALA TB 52 -17.47 -56.15 -41.76
C ALA TB 52 -16.92 -55.21 -42.84
N ILE TB 53 -17.10 -55.54 -44.13
CA ILE TB 53 -16.70 -54.68 -45.23
C ILE TB 53 -17.42 -53.33 -45.15
N ALA TB 54 -18.74 -53.36 -44.99
CA ALA TB 54 -19.57 -52.16 -44.88
C ALA TB 54 -19.15 -51.30 -43.69
N GLU TB 55 -18.92 -51.94 -42.55
CA GLU TB 55 -18.60 -51.26 -41.31
C GLU TB 55 -17.18 -50.68 -41.35
N ARG TB 56 -16.22 -51.37 -41.97
CA ARG TB 56 -14.91 -50.81 -42.26
C ARG TB 56 -15.06 -49.53 -43.09
N ASP TB 57 -15.75 -49.62 -44.23
CA ASP TB 57 -15.82 -48.51 -45.17
C ASP TB 57 -16.57 -47.30 -44.61
N THR TB 58 -17.50 -47.49 -43.67
CA THR TB 58 -18.31 -46.41 -43.12
C THR TB 58 -17.83 -45.90 -41.75
N LEU TB 59 -17.46 -46.78 -40.80
CA LEU TB 59 -17.09 -46.37 -39.46
C LEU TB 59 -15.57 -46.27 -39.24
N TYR TB 60 -14.78 -47.02 -40.00
CA TYR TB 60 -13.34 -47.12 -39.79
C TYR TB 60 -12.57 -46.67 -41.02
N SER TB 61 -13.00 -45.53 -41.58
CA SER TB 61 -12.44 -44.93 -42.79
C SER TB 61 -12.27 -43.42 -42.60
N GLY TB 62 -11.53 -42.79 -43.53
CA GLY TB 62 -11.27 -41.35 -43.43
C GLY TB 62 -10.06 -41.04 -42.56
N ASN TB 63 -9.72 -39.75 -42.51
CA ASN TB 63 -8.50 -39.33 -41.83
C ASN TB 63 -8.77 -38.88 -40.38
N MET TB 64 -7.74 -39.01 -39.54
CA MET TB 64 -7.64 -38.24 -38.31
C MET TB 64 -6.37 -37.40 -38.39
N SER TB 65 -6.50 -36.08 -38.24
CA SER TB 65 -5.47 -35.17 -38.75
C SER TB 65 -5.29 -35.51 -40.23
N ARG TB 66 -4.06 -35.81 -40.71
CA ARG TB 66 -3.90 -36.31 -42.07
C ARG TB 66 -3.46 -37.78 -42.10
N LEU TB 67 -3.63 -38.50 -40.98
CA LEU TB 67 -3.33 -39.91 -40.81
C LEU TB 67 -4.54 -40.73 -41.23
N PRO TB 68 -4.39 -41.91 -41.87
CA PRO TB 68 -5.54 -42.77 -42.12
C PRO TB 68 -6.05 -43.30 -40.77
N THR TB 69 -7.38 -43.36 -40.58
CA THR TB 69 -7.90 -43.90 -39.33
C THR TB 69 -7.65 -45.41 -39.20
N LEU TB 70 -7.53 -46.11 -40.33
CA LEU TB 70 -7.15 -47.51 -40.33
C LEU TB 70 -5.62 -47.58 -40.53
N ASP TB 71 -4.90 -47.60 -39.41
CA ASP TB 71 -3.44 -47.52 -39.37
C ASP TB 71 -2.80 -48.84 -39.80
N GLY TB 72 -3.34 -49.97 -39.30
CA GLY TB 72 -2.80 -51.30 -39.57
C GLY TB 72 -3.13 -51.84 -40.96
N ASP TB 73 -2.76 -53.10 -41.20
CA ASP TB 73 -3.12 -53.79 -42.43
C ASP TB 73 -4.64 -53.92 -42.56
N ALA TB 74 -5.22 -53.32 -43.61
CA ALA TB 74 -6.66 -53.35 -43.86
C ALA TB 74 -7.20 -54.76 -44.12
N GLU TB 75 -6.37 -55.67 -44.65
CA GLU TB 75 -6.79 -57.05 -44.86
C GLU TB 75 -7.13 -57.71 -43.52
N TYR TB 76 -6.14 -57.77 -42.63
CA TYR TB 76 -6.30 -58.41 -41.33
C TYR TB 76 -7.29 -57.66 -40.44
N PHE TB 77 -7.35 -56.33 -40.53
CA PHE TB 77 -8.43 -55.63 -39.85
C PHE TB 77 -9.80 -56.16 -40.28
N THR TB 78 -10.06 -56.25 -41.59
CA THR TB 78 -11.36 -56.70 -42.05
C THR TB 78 -11.62 -58.16 -41.68
N LEU TB 79 -10.58 -59.01 -41.69
CA LEU TB 79 -10.74 -60.40 -41.26
C LEU TB 79 -11.06 -60.49 -39.77
N TYR TB 80 -10.38 -59.75 -38.90
CA TYR TB 80 -10.68 -59.75 -37.47
C TYR TB 80 -12.06 -59.19 -37.19
N LEU TB 81 -12.47 -58.14 -37.89
CA LEU TB 81 -13.81 -57.59 -37.78
C LEU TB 81 -14.88 -58.59 -38.22
N SER TB 82 -14.58 -59.41 -39.22
CA SER TB 82 -15.45 -60.50 -39.68
C SER TB 82 -15.56 -61.59 -38.62
N ALA TB 83 -14.42 -62.07 -38.10
CA ALA TB 83 -14.37 -63.08 -37.05
C ALA TB 83 -15.09 -62.60 -35.78
N HIS TB 84 -14.94 -61.32 -35.44
CA HIS TB 84 -15.65 -60.70 -34.33
C HIS TB 84 -17.16 -60.84 -34.50
N LYS TB 85 -17.67 -60.48 -35.68
CA LYS TB 85 -19.08 -60.59 -36.01
C LYS TB 85 -19.57 -62.04 -35.95
N ILE TB 86 -18.84 -62.99 -36.55
CA ILE TB 86 -19.23 -64.40 -36.47
C ILE TB 86 -19.33 -64.85 -35.03
N GLN TB 87 -18.34 -64.51 -34.19
CA GLN TB 87 -18.34 -64.89 -32.80
C GLN TB 87 -19.53 -64.29 -32.02
N LEU TB 88 -19.96 -63.07 -32.37
CA LEU TB 88 -21.19 -62.51 -31.82
C LEU TB 88 -22.45 -63.20 -32.35
N PHE TB 89 -22.47 -63.66 -33.61
CA PHE TB 89 -23.61 -64.41 -34.13
C PHE TB 89 -23.74 -65.78 -33.46
N GLU TB 90 -22.61 -66.35 -33.01
CA GLU TB 90 -22.56 -67.55 -32.20
C GLU TB 90 -22.94 -67.32 -30.72
N GLY TB 91 -23.15 -66.06 -30.29
CA GLY TB 91 -23.63 -65.76 -28.95
C GLY TB 91 -22.66 -65.00 -28.04
N GLY TB 92 -21.43 -64.73 -28.51
CA GLY TB 92 -20.39 -64.07 -27.71
C GLY TB 92 -19.22 -65.00 -27.41
N GLU TB 93 -18.24 -64.53 -26.62
CA GLU TB 93 -17.17 -65.42 -26.18
C GLU TB 93 -17.68 -66.35 -25.10
N ALA TB 94 -17.38 -67.66 -25.24
CA ALA TB 94 -17.50 -68.55 -24.09
C ALA TB 94 -16.46 -68.16 -23.05
N GLN TB 95 -16.92 -67.86 -21.84
CA GLN TB 95 -16.06 -67.65 -20.68
C GLN TB 95 -15.71 -69.00 -20.04
N SER TB 96 -16.66 -69.94 -20.06
CA SER TB 96 -16.48 -71.26 -19.48
C SER TB 96 -17.32 -72.28 -20.24
N GLU TB 97 -16.80 -73.51 -20.38
CA GLU TB 97 -17.46 -74.60 -21.10
C GLU TB 97 -17.32 -75.88 -20.29
N SER TB 98 -18.36 -76.72 -20.26
CA SER TB 98 -18.35 -77.93 -19.45
C SER TB 98 -19.25 -79.02 -20.07
N GLY TB 99 -18.88 -80.29 -19.87
CA GLY TB 99 -19.67 -81.43 -20.30
C GLY TB 99 -19.06 -82.76 -19.84
N GLU TB 100 -19.40 -83.85 -20.54
CA GLU TB 100 -18.86 -85.17 -20.26
C GLU TB 100 -17.33 -85.20 -20.45
N GLY TB 101 -16.82 -84.40 -21.40
CA GLY TB 101 -15.41 -84.41 -21.78
C GLY TB 101 -14.51 -83.51 -20.94
N GLY TB 102 -15.05 -82.98 -19.82
CA GLY TB 102 -14.32 -82.13 -18.88
C GLY TB 102 -14.86 -80.70 -18.83
N SER TB 103 -14.07 -79.79 -18.22
CA SER TB 103 -14.41 -78.37 -18.13
C SER TB 103 -13.19 -77.50 -18.41
N VAL TB 104 -13.42 -76.31 -18.99
CA VAL TB 104 -12.40 -75.30 -19.16
C VAL TB 104 -12.98 -73.91 -18.89
N SER TB 105 -12.22 -73.06 -18.21
CA SER TB 105 -12.57 -71.65 -18.07
C SER TB 105 -11.48 -70.81 -18.74
N TYR TB 106 -11.89 -69.86 -19.57
CA TYR TB 106 -10.98 -68.99 -20.30
C TYR TB 106 -10.76 -67.67 -19.57
N SER TB 107 -9.61 -67.03 -19.86
CA SER TB 107 -9.25 -65.76 -19.23
C SER TB 107 -9.91 -64.57 -19.92
N THR TB 108 -11.11 -64.77 -20.52
CA THR TB 108 -11.81 -63.78 -21.35
C THR TB 108 -12.75 -62.87 -20.53
N GLY TB 109 -12.52 -62.81 -19.21
CA GLY TB 109 -13.29 -61.98 -18.28
C GLY TB 109 -13.14 -60.48 -18.52
N GLY TB 110 -14.16 -59.71 -18.08
CA GLY TB 110 -14.25 -58.29 -18.36
C GLY TB 110 -14.70 -58.02 -19.80
N GLY TB 111 -13.75 -57.64 -20.66
CA GLY TB 111 -14.00 -57.31 -22.05
C GLY TB 111 -14.67 -55.93 -22.22
N GLY TB 112 -14.44 -55.03 -21.25
CA GLY TB 112 -14.98 -53.67 -21.30
C GLY TB 112 -16.49 -53.62 -21.52
N GLU TB 113 -16.95 -52.60 -22.25
CA GLU TB 113 -18.38 -52.32 -22.42
C GLU TB 113 -18.76 -52.11 -23.89
N LYS TB 114 -17.80 -51.66 -24.71
CA LYS TB 114 -18.02 -51.38 -26.13
C LYS TB 114 -17.87 -52.67 -26.93
N ASP TB 115 -18.54 -52.78 -28.07
CA ASP TB 115 -18.63 -54.04 -28.81
C ASP TB 115 -17.27 -54.67 -29.12
N LEU TB 116 -16.31 -53.92 -29.70
CA LEU TB 116 -15.03 -54.49 -30.08
C LEU TB 116 -14.24 -54.99 -28.86
N GLN TB 117 -14.41 -54.38 -27.69
CA GLN TB 117 -13.75 -54.88 -26.49
C GLN TB 117 -14.26 -56.26 -26.08
N LYS TB 118 -15.47 -56.63 -26.53
CA LYS TB 118 -16.25 -57.73 -26.00
C LYS TB 118 -15.92 -59.10 -26.58
N THR TB 119 -15.02 -59.20 -27.57
CA THR TB 119 -14.43 -60.49 -27.96
C THR TB 119 -12.96 -60.35 -28.34
N ARG TB 120 -12.19 -61.45 -28.30
CA ARG TB 120 -10.76 -61.45 -28.63
C ARG TB 120 -10.46 -60.93 -30.04
N TYR TB 121 -11.29 -61.30 -31.02
CA TYR TB 121 -11.15 -60.79 -32.37
C TYR TB 121 -11.40 -59.29 -32.45
N GLY TB 122 -12.38 -58.80 -31.68
CA GLY TB 122 -12.64 -57.37 -31.59
C GLY TB 122 -11.47 -56.63 -30.94
N ARG TB 123 -10.89 -57.19 -29.88
CA ARG TB 123 -9.71 -56.63 -29.21
C ARG TB 123 -8.51 -56.56 -30.16
N MET TB 124 -8.30 -57.59 -30.99
CA MET TB 124 -7.29 -57.54 -32.03
C MET TB 124 -7.58 -56.46 -33.06
N ALA TB 125 -8.79 -56.43 -33.61
CA ALA TB 125 -9.20 -55.45 -34.60
C ALA TB 125 -8.98 -54.01 -34.10
N LEU TB 126 -9.27 -53.76 -32.83
CA LEU TB 126 -9.21 -52.46 -32.20
C LEU TB 126 -7.81 -51.84 -32.23
N GLU TB 127 -6.74 -52.65 -32.16
CA GLU TB 127 -5.37 -52.17 -32.26
C GLU TB 127 -5.04 -51.59 -33.64
N TYR TB 128 -5.73 -52.03 -34.71
CA TYR TB 128 -5.47 -51.56 -36.06
C TYR TB 128 -5.99 -50.14 -36.31
N VAL TB 129 -6.79 -49.61 -35.38
CA VAL TB 129 -7.61 -48.42 -35.61
C VAL TB 129 -7.41 -47.41 -34.48
N TRP TB 130 -6.16 -47.21 -34.06
CA TRP TB 130 -5.79 -46.32 -32.96
C TRP TB 130 -6.53 -46.60 -31.66
N GLU TB 131 -7.03 -47.83 -31.46
CA GLU TB 131 -7.81 -48.22 -30.28
C GLU TB 131 -9.06 -47.35 -30.09
N ASP TB 132 -9.65 -46.84 -31.18
CA ASP TB 132 -10.84 -45.97 -31.20
C ASP TB 132 -10.60 -44.62 -30.50
N ASN TB 133 -9.34 -44.15 -30.42
CA ASN TB 133 -8.98 -42.84 -29.87
C ASN TB 133 -9.17 -41.69 -30.87
N SER TB 134 -9.30 -40.45 -30.33
CA SER TB 134 -9.71 -39.25 -31.06
C SER TB 134 -8.54 -38.28 -31.30
N ILE TB 135 -7.57 -38.68 -32.12
CA ILE TB 135 -6.34 -37.89 -32.30
C ILE TB 135 -6.46 -36.86 -33.43
N ALA TB 136 -7.67 -36.58 -33.92
CA ALA TB 136 -7.85 -35.64 -35.02
C ALA TB 136 -7.62 -34.19 -34.59
N ALA TB 137 -6.89 -33.43 -35.40
CA ALA TB 137 -6.70 -31.99 -35.25
C ALA TB 137 -6.90 -31.29 -36.59
N LEU TB 138 -7.37 -30.04 -36.51
CA LEU TB 138 -7.73 -29.24 -37.67
C LEU TB 138 -7.58 -27.76 -37.32
N ARG TB 139 -7.50 -26.90 -38.35
CA ARG TB 139 -7.09 -25.51 -38.19
C ARG TB 139 -7.96 -24.56 -39.01
N THR TB 140 -7.91 -23.28 -38.64
CA THR TB 140 -8.31 -22.20 -39.54
C THR TB 140 -7.11 -21.71 -40.37
N TYR TB 141 -7.39 -21.01 -41.48
CA TYR TB 141 -6.38 -20.34 -42.28
C TYR TB 141 -6.83 -18.92 -42.63
N PRO UB 2 -65.18 -50.02 -13.71
CA PRO UB 2 -66.21 -50.08 -12.66
C PRO UB 2 -67.11 -48.85 -12.69
N ASP UB 3 -68.37 -49.02 -12.24
CA ASP UB 3 -69.43 -48.02 -12.37
C ASP UB 3 -69.05 -46.73 -11.63
N PRO UB 4 -68.94 -46.72 -10.28
CA PRO UB 4 -68.07 -45.75 -9.61
C PRO UB 4 -66.62 -46.22 -9.72
N SER UB 5 -65.77 -45.40 -10.34
CA SER UB 5 -64.33 -45.70 -10.45
C SER UB 5 -63.60 -45.41 -9.14
N ILE UB 6 -62.45 -46.06 -8.91
CA ILE UB 6 -61.68 -45.95 -7.67
C ILE UB 6 -61.21 -44.51 -7.36
N ASP UB 7 -61.08 -43.67 -8.39
CA ASP UB 7 -60.73 -42.26 -8.24
C ASP UB 7 -61.93 -41.38 -7.89
N GLU UB 8 -63.16 -41.90 -8.07
CA GLU UB 8 -64.37 -41.15 -7.75
C GLU UB 8 -64.74 -41.24 -6.27
N VAL UB 9 -64.16 -42.20 -5.53
CA VAL UB 9 -64.56 -42.52 -4.16
C VAL UB 9 -63.47 -42.11 -3.16
N SER UB 10 -63.87 -41.43 -2.07
CA SER UB 10 -63.06 -41.20 -0.88
C SER UB 10 -63.30 -42.31 0.16
N LYS UB 11 -62.60 -42.28 1.31
CA LYS UB 11 -62.69 -43.34 2.32
C LYS UB 11 -64.13 -43.56 2.80
N SER UB 12 -64.85 -42.47 3.07
CA SER UB 12 -66.24 -42.51 3.49
C SER UB 12 -67.18 -43.00 2.37
N ASP UB 13 -66.86 -42.70 1.11
CA ASP UB 13 -67.64 -43.18 -0.02
C ASP UB 13 -67.49 -44.70 -0.18
N TRP UB 14 -66.26 -45.22 -0.08
CA TRP UB 14 -65.97 -46.65 -0.19
C TRP UB 14 -66.79 -47.44 0.83
N ASP UB 15 -66.88 -46.95 2.06
CA ASP UB 15 -67.68 -47.55 3.12
C ASP UB 15 -69.18 -47.54 2.81
N ALA UB 16 -69.64 -46.58 1.99
CA ALA UB 16 -71.04 -46.41 1.62
C ALA UB 16 -71.46 -47.22 0.39
N LEU UB 17 -70.50 -47.67 -0.45
CA LEU UB 17 -70.77 -48.47 -1.63
C LEU UB 17 -71.49 -49.79 -1.29
N THR UB 18 -72.20 -50.37 -2.27
CA THR UB 18 -72.69 -51.75 -2.14
C THR UB 18 -71.53 -52.74 -2.24
N THR UB 19 -71.73 -53.98 -1.79
CA THR UB 19 -70.73 -55.01 -1.96
C THR UB 19 -70.37 -55.24 -3.42
N GLN UB 20 -71.34 -55.15 -4.34
CA GLN UB 20 -71.06 -55.32 -5.76
C GLN UB 20 -70.19 -54.19 -6.33
N GLU UB 21 -70.45 -52.93 -5.93
CA GLU UB 21 -69.63 -51.80 -6.37
C GLU UB 21 -68.19 -51.94 -5.87
N GLN UB 22 -68.00 -52.41 -4.63
CA GLN UB 22 -66.69 -52.73 -4.11
C GLN UB 22 -66.07 -53.90 -4.88
N ASP UB 23 -66.83 -54.97 -5.15
CA ASP UB 23 -66.34 -56.15 -5.85
C ASP UB 23 -65.89 -55.84 -7.27
N ASP UB 24 -66.56 -54.90 -7.96
CA ASP UB 24 -66.13 -54.42 -9.26
C ASP UB 24 -64.74 -53.77 -9.19
N ILE UB 25 -64.52 -52.89 -8.21
CA ILE UB 25 -63.22 -52.26 -8.01
C ILE UB 25 -62.16 -53.28 -7.60
N ILE UB 26 -62.49 -54.21 -6.69
CA ILE UB 26 -61.58 -55.28 -6.30
C ILE UB 26 -61.15 -56.08 -7.52
N SER UB 27 -62.11 -56.47 -8.37
CA SER UB 27 -61.84 -57.21 -9.60
C SER UB 27 -60.91 -56.44 -10.53
N GLN UB 28 -61.05 -55.12 -10.61
CA GLN UB 28 -60.13 -54.32 -11.40
C GLN UB 28 -58.72 -54.36 -10.81
N VAL UB 29 -58.58 -54.26 -9.48
CA VAL UB 29 -57.26 -54.35 -8.84
C VAL UB 29 -56.63 -55.71 -9.10
N GLU UB 30 -57.40 -56.79 -9.02
CA GLU UB 30 -56.91 -58.15 -9.28
C GLU UB 30 -56.38 -58.34 -10.71
N ASN UB 31 -56.72 -57.46 -11.65
CA ASN UB 31 -56.14 -57.54 -12.98
C ASN UB 31 -54.64 -57.23 -12.97
N LEU UB 32 -54.13 -56.53 -11.95
CA LEU UB 32 -52.75 -56.08 -11.94
C LEU UB 32 -51.75 -57.18 -11.55
N SER UB 33 -52.21 -58.34 -11.08
CA SER UB 33 -51.35 -59.49 -10.92
C SER UB 33 -51.89 -60.66 -11.75
N SER UB 34 -50.99 -61.36 -12.46
CA SER UB 34 -51.33 -62.58 -13.19
C SER UB 34 -51.88 -63.69 -12.27
N THR UB 35 -51.53 -63.65 -10.98
CA THR UB 35 -52.06 -64.59 -10.00
C THR UB 35 -53.38 -64.13 -9.39
N GLY UB 36 -53.72 -62.84 -9.52
CA GLY UB 36 -54.90 -62.24 -8.91
C GLY UB 36 -54.92 -62.25 -7.37
N TRP UB 37 -53.80 -62.64 -6.73
CA TRP UB 37 -53.74 -62.87 -5.28
C TRP UB 37 -54.95 -63.68 -4.77
N VAL UB 38 -55.26 -64.80 -5.43
CA VAL UB 38 -56.48 -65.58 -5.17
C VAL UB 38 -56.52 -66.23 -3.78
N ASN UB 39 -55.36 -66.40 -3.14
CA ASN UB 39 -55.27 -66.97 -1.80
C ASN UB 39 -55.38 -65.92 -0.68
N THR UB 40 -55.44 -64.63 -1.04
CA THR UB 40 -55.74 -63.55 -0.08
C THR UB 40 -57.24 -63.29 -0.09
N SER UB 41 -57.86 -63.23 1.10
CA SER UB 41 -59.32 -63.13 1.23
C SER UB 41 -59.86 -61.74 0.88
N ARG UB 42 -61.17 -61.64 0.64
CA ARG UB 42 -61.83 -60.41 0.24
C ARG UB 42 -61.56 -59.26 1.20
N GLU UB 43 -61.66 -59.50 2.53
CA GLU UB 43 -61.55 -58.45 3.54
C GLU UB 43 -60.20 -57.72 3.45
N ARG UB 44 -59.16 -58.44 3.04
CA ARG UB 44 -57.80 -57.94 2.95
C ARG UB 44 -57.61 -57.08 1.71
N LYS UB 45 -58.20 -57.49 0.58
CA LYS UB 45 -58.24 -56.68 -0.62
C LYS UB 45 -59.07 -55.41 -0.41
N ALA UB 46 -60.21 -55.53 0.28
CA ALA UB 46 -61.00 -54.37 0.68
C ALA UB 46 -60.20 -53.43 1.59
N GLU UB 47 -59.49 -53.96 2.59
CA GLU UB 47 -58.66 -53.15 3.50
C GLU UB 47 -57.55 -52.42 2.73
N ALA UB 48 -56.89 -53.11 1.80
CA ALA UB 48 -55.83 -52.53 0.98
C ALA UB 48 -56.36 -51.38 0.12
N ILE UB 49 -57.52 -51.55 -0.52
CA ILE UB 49 -58.11 -50.54 -1.39
C ILE UB 49 -58.59 -49.34 -0.56
N ARG UB 50 -59.27 -49.59 0.55
CA ARG UB 50 -59.69 -48.54 1.46
C ARG UB 50 -58.49 -47.74 1.95
N SER UB 51 -57.41 -48.42 2.29
CA SER UB 51 -56.16 -47.80 2.70
C SER UB 51 -55.51 -46.99 1.58
N ALA UB 52 -55.48 -47.51 0.35
CA ALA UB 52 -54.95 -46.79 -0.80
C ALA UB 52 -55.75 -45.51 -1.07
N ILE UB 53 -57.09 -45.59 -1.05
CA ILE UB 53 -57.95 -44.42 -1.17
C ILE UB 53 -57.62 -43.38 -0.10
N ALA UB 54 -57.58 -43.80 1.17
CA ALA UB 54 -57.29 -42.92 2.30
C ALA UB 54 -55.91 -42.27 2.19
N GLU UB 55 -54.92 -43.04 1.73
CA GLU UB 55 -53.55 -42.61 1.60
C GLU UB 55 -53.39 -41.64 0.42
N ARG UB 56 -54.06 -41.89 -0.70
CA ARG UB 56 -54.11 -40.95 -1.81
C ARG UB 56 -54.63 -39.59 -1.33
N ASP UB 57 -55.79 -39.60 -0.67
CA ASP UB 57 -56.47 -38.38 -0.27
C ASP UB 57 -55.69 -37.58 0.78
N THR UB 58 -54.80 -38.22 1.56
CA THR UB 58 -54.08 -37.57 2.66
C THR UB 58 -52.60 -37.31 2.38
N LEU UB 59 -51.88 -38.26 1.74
CA LEU UB 59 -50.44 -38.13 1.50
C LEU UB 59 -50.08 -37.68 0.08
N TYR UB 60 -50.97 -37.92 -0.90
CA TYR UB 60 -50.68 -37.67 -2.30
C TYR UB 60 -51.72 -36.71 -2.90
N SER UB 61 -52.02 -35.65 -2.14
CA SER UB 61 -53.00 -34.62 -2.48
C SER UB 61 -52.41 -33.24 -2.19
N GLY UB 62 -53.03 -32.20 -2.75
CA GLY UB 62 -52.48 -30.85 -2.67
C GLY UB 62 -51.60 -30.52 -3.87
N ASN UB 63 -50.91 -29.37 -3.78
CA ASN UB 63 -50.24 -28.78 -4.93
C ASN UB 63 -48.77 -28.50 -4.63
N MET UB 64 -47.97 -28.39 -5.69
CA MET UB 64 -46.57 -27.99 -5.60
C MET UB 64 -46.36 -26.89 -6.62
N SER UB 65 -45.84 -25.73 -6.19
CA SER UB 65 -46.12 -24.50 -6.92
C SER UB 65 -47.66 -24.40 -7.00
N ARG UB 66 -48.26 -24.42 -8.21
CA ARG UB 66 -49.71 -24.61 -8.33
C ARG UB 66 -50.10 -25.88 -9.10
N LEU UB 67 -49.11 -26.72 -9.42
CA LEU UB 67 -49.28 -28.01 -10.10
C LEU UB 67 -49.90 -29.01 -9.14
N PRO UB 68 -50.75 -29.96 -9.61
CA PRO UB 68 -51.26 -31.01 -8.72
C PRO UB 68 -50.12 -31.94 -8.33
N THR UB 69 -50.12 -32.42 -7.09
CA THR UB 69 -49.09 -33.38 -6.70
C THR UB 69 -49.32 -34.74 -7.35
N LEU UB 70 -50.57 -35.18 -7.44
CA LEU UB 70 -50.92 -36.35 -8.25
C LEU UB 70 -51.05 -35.92 -9.71
N ASP UB 71 -49.94 -36.00 -10.45
CA ASP UB 71 -49.84 -35.53 -11.82
C ASP UB 71 -50.36 -36.55 -12.84
N GLY UB 72 -50.17 -37.85 -12.57
CA GLY UB 72 -50.66 -38.92 -13.43
C GLY UB 72 -52.16 -39.17 -13.31
N ASP UB 73 -52.67 -40.19 -14.01
CA ASP UB 73 -54.07 -40.59 -13.90
C ASP UB 73 -54.39 -41.09 -12.48
N ALA UB 74 -55.34 -40.44 -11.80
CA ALA UB 74 -55.74 -40.79 -10.45
C ALA UB 74 -56.32 -42.20 -10.33
N GLU UB 75 -56.95 -42.72 -11.38
CA GLU UB 75 -57.49 -44.08 -11.35
C GLU UB 75 -56.33 -45.07 -11.19
N TYR UB 76 -55.39 -45.06 -12.14
CA TYR UB 76 -54.28 -46.00 -12.15
C TYR UB 76 -53.32 -45.78 -10.99
N PHE UB 77 -53.11 -44.55 -10.55
CA PHE UB 77 -52.39 -44.34 -9.31
C PHE UB 77 -53.04 -45.10 -8.16
N THR UB 78 -54.35 -44.96 -7.96
CA THR UB 78 -54.99 -45.62 -6.84
C THR UB 78 -54.95 -47.15 -6.98
N LEU UB 79 -55.09 -47.67 -8.20
CA LEU UB 79 -54.99 -49.11 -8.42
C LEU UB 79 -53.59 -49.63 -8.13
N TYR UB 80 -52.53 -48.96 -8.62
CA TYR UB 80 -51.16 -49.37 -8.31
C TYR UB 80 -50.86 -49.24 -6.82
N LEU UB 81 -51.35 -48.20 -6.17
CA LEU UB 81 -51.21 -48.05 -4.73
C LEU UB 81 -51.92 -49.18 -3.97
N SER UB 82 -53.07 -49.65 -4.48
CA SER UB 82 -53.80 -50.78 -3.94
C SER UB 82 -53.02 -52.09 -4.12
N ALA UB 83 -52.52 -52.36 -5.34
CA ALA UB 83 -51.72 -53.53 -5.64
C ALA UB 83 -50.43 -53.57 -4.80
N HIS UB 84 -49.81 -52.41 -4.57
CA HIS UB 84 -48.66 -52.28 -3.68
C HIS UB 84 -49.00 -52.80 -2.28
N LYS UB 85 -50.10 -52.32 -1.70
CA LYS UB 85 -50.57 -52.77 -0.40
C LYS UB 85 -50.90 -54.26 -0.38
N ILE UB 86 -51.66 -54.79 -1.34
CA ILE UB 86 -51.98 -56.21 -1.36
C ILE UB 86 -50.70 -57.07 -1.39
N GLN UB 87 -49.72 -56.69 -2.22
CA GLN UB 87 -48.45 -57.39 -2.32
C GLN UB 87 -47.65 -57.34 -1.01
N LEU UB 88 -47.71 -56.24 -0.24
CA LEU UB 88 -47.11 -56.21 1.09
C LEU UB 88 -47.90 -57.02 2.12
N PHE UB 89 -49.24 -57.14 1.99
CA PHE UB 89 -50.01 -58.02 2.86
C PHE UB 89 -49.68 -59.49 2.58
N GLU UB 90 -49.28 -59.82 1.35
CA GLU UB 90 -48.76 -61.12 0.95
C GLU UB 90 -47.31 -61.38 1.41
N GLY UB 91 -46.66 -60.41 2.07
CA GLY UB 91 -45.32 -60.60 2.63
C GLY UB 91 -44.19 -59.90 1.87
N GLY UB 92 -44.49 -59.23 0.74
CA GLY UB 92 -43.50 -58.51 -0.04
C GLY UB 92 -43.36 -59.05 -1.47
N GLU UB 93 -42.42 -58.48 -2.23
CA GLU UB 93 -41.99 -59.05 -3.49
C GLU UB 93 -41.28 -60.37 -3.25
N ALA UB 94 -41.68 -61.45 -3.95
CA ALA UB 94 -40.81 -62.59 -4.04
C ALA UB 94 -39.63 -62.25 -4.95
N GLN UB 95 -38.41 -62.24 -4.40
CA GLN UB 95 -37.19 -62.14 -5.18
C GLN UB 95 -36.91 -63.46 -5.90
N SER UB 96 -37.22 -64.59 -5.26
CA SER UB 96 -37.03 -65.89 -5.87
C SER UB 96 -38.03 -66.90 -5.30
N GLU UB 97 -38.45 -67.85 -6.13
CA GLU UB 97 -39.40 -68.89 -5.77
C GLU UB 97 -38.86 -70.24 -6.27
N SER UB 98 -38.95 -71.26 -5.41
CA SER UB 98 -38.45 -72.59 -5.74
C SER UB 98 -39.45 -73.65 -5.28
N GLY UB 99 -39.68 -74.67 -6.10
CA GLY UB 99 -40.71 -75.66 -5.89
C GLY UB 99 -40.20 -77.07 -6.11
N GLU UB 100 -40.99 -77.89 -6.82
CA GLU UB 100 -40.65 -79.27 -7.11
C GLU UB 100 -39.63 -79.34 -8.25
N GLY UB 101 -38.38 -78.98 -7.94
CA GLY UB 101 -37.30 -78.91 -8.93
C GLY UB 101 -37.27 -77.61 -9.74
N GLY UB 102 -38.47 -77.06 -10.03
CA GLY UB 102 -38.60 -75.79 -10.75
C GLY UB 102 -38.19 -74.60 -9.89
N SER UB 103 -37.55 -73.61 -10.51
CA SER UB 103 -37.04 -72.45 -9.79
C SER UB 103 -37.00 -71.21 -10.67
N VAL UB 104 -37.22 -70.04 -10.07
CA VAL UB 104 -37.12 -68.76 -10.76
C VAL UB 104 -36.57 -67.68 -9.81
N SER UB 105 -35.87 -66.71 -10.40
CA SER UB 105 -35.34 -65.56 -9.69
C SER UB 105 -35.67 -64.32 -10.51
N TYR UB 106 -36.06 -63.21 -9.86
CA TYR UB 106 -36.53 -62.02 -10.56
C TYR UB 106 -35.60 -60.84 -10.31
N SER UB 107 -35.53 -59.94 -11.31
CA SER UB 107 -34.73 -58.71 -11.22
C SER UB 107 -35.41 -57.64 -10.36
N THR UB 108 -35.58 -57.91 -9.05
CA THR UB 108 -36.07 -56.93 -8.10
C THR UB 108 -34.93 -56.03 -7.63
N GLY UB 109 -33.83 -56.66 -7.17
CA GLY UB 109 -32.58 -56.00 -6.79
C GLY UB 109 -32.69 -55.01 -5.62
N GLY UB 110 -31.65 -54.19 -5.45
CA GLY UB 110 -31.61 -53.13 -4.44
C GLY UB 110 -32.36 -51.87 -4.90
N GLY UB 111 -33.67 -52.02 -5.15
CA GLY UB 111 -34.53 -50.98 -5.75
C GLY UB 111 -34.72 -49.71 -4.90
N GLY UB 112 -34.44 -49.80 -3.59
CA GLY UB 112 -34.52 -48.67 -2.68
C GLY UB 112 -34.97 -49.06 -1.27
N GLU UB 113 -34.93 -48.10 -0.34
CA GLU UB 113 -35.22 -48.33 1.08
C GLU UB 113 -36.67 -47.94 1.45
N LYS UB 114 -37.27 -46.99 0.72
CA LYS UB 114 -38.53 -46.35 1.11
C LYS UB 114 -39.74 -47.15 0.63
N ASP UB 115 -40.89 -46.96 1.27
CA ASP UB 115 -42.13 -47.71 1.05
C ASP UB 115 -42.42 -48.06 -0.42
N LEU UB 116 -42.68 -47.05 -1.26
CA LEU UB 116 -43.09 -47.32 -2.64
C LEU UB 116 -41.99 -47.98 -3.47
N GLN UB 117 -40.72 -47.75 -3.14
CA GLN UB 117 -39.61 -48.36 -3.88
C GLN UB 117 -39.56 -49.89 -3.72
N LYS UB 118 -40.20 -50.43 -2.69
CA LYS UB 118 -40.02 -51.82 -2.26
C LYS UB 118 -40.82 -52.85 -3.07
N THR UB 119 -41.75 -52.43 -3.95
CA THR UB 119 -42.40 -53.35 -4.88
C THR UB 119 -42.61 -52.70 -6.25
N ARG UB 120 -42.82 -53.52 -7.30
CA ARG UB 120 -43.02 -53.11 -8.68
C ARG UB 120 -44.23 -52.18 -8.84
N TYR UB 121 -45.33 -52.48 -8.16
CA TYR UB 121 -46.51 -51.64 -8.16
C TYR UB 121 -46.24 -50.29 -7.50
N GLY UB 122 -45.46 -50.27 -6.43
CA GLY UB 122 -45.09 -49.03 -5.77
C GLY UB 122 -44.22 -48.16 -6.66
N ARG UB 123 -43.23 -48.78 -7.34
CA ARG UB 123 -42.37 -48.09 -8.29
C ARG UB 123 -43.14 -47.51 -9.47
N MET UB 124 -44.16 -48.21 -9.97
CA MET UB 124 -45.08 -47.63 -10.94
C MET UB 124 -45.85 -46.44 -10.36
N ALA UB 125 -46.50 -46.61 -9.21
CA ALA UB 125 -47.28 -45.57 -8.57
C ALA UB 125 -46.45 -44.30 -8.33
N LEU UB 126 -45.18 -44.48 -8.01
CA LEU UB 126 -44.24 -43.42 -7.68
C LEU UB 126 -44.02 -42.45 -8.83
N GLU UB 127 -44.06 -42.91 -10.09
CA GLU UB 127 -43.97 -42.04 -11.25
C GLU UB 127 -45.19 -41.11 -11.41
N TYR UB 128 -46.35 -41.46 -10.85
CA TYR UB 128 -47.55 -40.64 -10.95
C TYR UB 128 -47.48 -39.39 -10.07
N VAL UB 129 -46.56 -39.35 -9.10
CA VAL UB 129 -46.54 -38.34 -8.05
C VAL UB 129 -45.15 -37.71 -7.95
N TRP UB 130 -44.61 -37.26 -9.09
CA TRP UB 130 -43.31 -36.62 -9.20
C TRP UB 130 -42.16 -37.43 -8.60
N GLU UB 131 -42.30 -38.76 -8.47
CA GLU UB 131 -41.29 -39.60 -7.85
C GLU UB 131 -40.94 -39.17 -6.40
N ASP UB 132 -41.93 -38.58 -5.69
CA ASP UB 132 -41.82 -38.03 -4.34
C ASP UB 132 -40.87 -36.82 -4.23
N ASN UB 133 -40.56 -36.14 -5.35
CA ASN UB 133 -39.72 -34.94 -5.36
C ASN UB 133 -40.42 -33.68 -4.83
N SER UB 134 -39.61 -32.72 -4.33
CA SER UB 134 -40.07 -31.54 -3.59
C SER UB 134 -40.01 -30.24 -4.41
N ILE UB 135 -40.75 -30.16 -5.52
CA ILE UB 135 -40.66 -29.02 -6.43
C ILE UB 135 -41.56 -27.84 -6.05
N ALA UB 136 -41.94 -27.73 -4.77
CA ALA UB 136 -42.84 -26.68 -4.31
C ALA UB 136 -42.09 -25.35 -4.14
N ALA UB 137 -42.75 -24.24 -4.52
CA ALA UB 137 -42.20 -22.89 -4.37
C ALA UB 137 -43.33 -21.92 -4.03
N LEU UB 138 -43.00 -20.87 -3.28
CA LEU UB 138 -43.96 -19.91 -2.76
C LEU UB 138 -43.27 -18.57 -2.52
N ARG UB 139 -44.06 -17.48 -2.42
CA ARG UB 139 -43.51 -16.13 -2.41
C ARG UB 139 -44.21 -15.21 -1.42
N THR UB 140 -43.50 -14.16 -0.98
CA THR UB 140 -44.11 -12.98 -0.37
C THR UB 140 -44.62 -12.01 -1.44
N TYR UB 141 -45.68 -11.25 -1.11
CA TYR UB 141 -46.03 -10.04 -1.85
C TYR UB 141 -46.24 -8.87 -0.85
N PRO VB 2 -53.30 -52.39 -36.80
CA PRO VB 2 -54.70 -52.37 -36.33
C PRO VB 2 -55.48 -51.18 -36.92
N ASP VB 3 -56.82 -51.32 -36.98
CA ASP VB 3 -57.69 -50.38 -37.68
C ASP VB 3 -57.58 -48.98 -37.08
N PRO VB 4 -57.98 -48.74 -35.80
CA PRO VB 4 -57.40 -47.66 -35.00
C PRO VB 4 -56.08 -48.15 -34.39
N SER VB 5 -55.03 -47.34 -34.52
CA SER VB 5 -53.73 -47.63 -33.92
C SER VB 5 -53.68 -47.22 -32.45
N ILE VB 6 -52.80 -47.84 -31.65
CA ILE VB 6 -52.71 -47.59 -30.22
C ILE VB 6 -52.36 -46.13 -29.90
N ASP VB 7 -51.69 -45.42 -30.80
CA ASP VB 7 -51.36 -44.00 -30.64
C ASP VB 7 -52.54 -43.08 -30.97
N GLU VB 8 -53.56 -43.59 -31.67
CA GLU VB 8 -54.73 -42.82 -32.07
C GLU VB 8 -55.84 -42.82 -31.00
N VAL VB 9 -55.72 -43.67 -29.98
CA VAL VB 9 -56.75 -43.85 -28.95
C VAL VB 9 -56.26 -43.31 -27.60
N SER VB 10 -57.13 -42.52 -26.94
CA SER VB 10 -57.00 -42.16 -25.54
C SER VB 10 -57.77 -43.14 -24.65
N LYS VB 11 -57.72 -42.97 -23.31
CA LYS VB 11 -58.33 -43.91 -22.37
C LYS VB 11 -59.84 -44.07 -22.62
N SER VB 12 -60.54 -42.97 -22.89
CA SER VB 12 -61.97 -42.99 -23.20
C SER VB 12 -62.27 -43.64 -24.56
N ASP VB 13 -61.39 -43.43 -25.56
CA ASP VB 13 -61.51 -44.07 -26.86
C ASP VB 13 -61.36 -45.59 -26.74
N TRP VB 14 -60.37 -46.06 -25.98
CA TRP VB 14 -60.14 -47.49 -25.75
C TRP VB 14 -61.39 -48.16 -25.17
N ASP VB 15 -62.04 -47.50 -24.20
CA ASP VB 15 -63.28 -48.00 -23.60
C ASP VB 15 -64.42 -48.07 -24.61
N ALA VB 16 -64.43 -47.17 -25.61
CA ALA VB 16 -65.44 -47.10 -26.66
C ALA VB 16 -65.18 -48.04 -27.85
N LEU VB 17 -63.95 -48.56 -28.02
CA LEU VB 17 -63.63 -49.54 -29.06
C LEU VB 17 -64.48 -50.80 -28.94
N THR VB 18 -64.70 -51.48 -30.08
CA THR VB 18 -65.23 -52.84 -30.08
C THR VB 18 -64.21 -53.83 -29.50
N THR VB 19 -64.67 -55.01 -29.10
CA THR VB 19 -63.77 -56.06 -28.65
C THR VB 19 -62.76 -56.43 -29.74
N GLN VB 20 -63.19 -56.49 -31.00
CA GLN VB 20 -62.28 -56.80 -32.09
C GLN VB 20 -61.18 -55.74 -32.24
N GLU VB 21 -61.51 -54.45 -32.15
CA GLU VB 21 -60.51 -53.40 -32.27
C GLU VB 21 -59.49 -53.47 -31.13
N GLN VB 22 -59.95 -53.76 -29.91
CA GLN VB 22 -59.07 -53.98 -28.77
C GLN VB 22 -58.21 -55.24 -28.98
N ASP VB 23 -58.79 -56.32 -29.51
CA ASP VB 23 -58.09 -57.59 -29.71
C ASP VB 23 -56.98 -57.47 -30.75
N ASP VB 24 -57.16 -56.64 -31.78
CA ASP VB 24 -56.09 -56.34 -32.73
C ASP VB 24 -54.91 -55.67 -32.03
N ILE VB 25 -55.19 -54.69 -31.16
CA ILE VB 25 -54.14 -54.02 -30.39
C ILE VB 25 -53.49 -54.99 -29.39
N ILE VB 26 -54.28 -55.83 -28.70
CA ILE VB 26 -53.76 -56.84 -27.79
C ILE VB 26 -52.82 -57.79 -28.54
N SER VB 27 -53.24 -58.26 -29.71
CA SER VB 27 -52.44 -59.12 -30.57
C SER VB 27 -51.12 -58.44 -30.94
N GLN VB 28 -51.15 -57.14 -31.25
CA GLN VB 28 -49.94 -56.41 -31.56
C GLN VB 28 -48.99 -56.35 -30.36
N VAL VB 29 -49.51 -56.14 -29.15
CA VAL VB 29 -48.68 -56.18 -27.94
C VAL VB 29 -48.08 -57.57 -27.73
N GLU VB 30 -48.86 -58.63 -27.92
CA GLU VB 30 -48.37 -60.00 -27.75
C GLU VB 30 -47.24 -60.35 -28.71
N ASN VB 31 -47.08 -59.62 -29.82
CA ASN VB 31 -45.94 -59.84 -30.70
C ASN VB 31 -44.61 -59.46 -30.05
N LEU VB 32 -44.63 -58.67 -28.97
CA LEU VB 32 -43.41 -58.20 -28.31
C LEU VB 32 -42.82 -59.21 -27.32
N SER VB 33 -43.41 -60.39 -27.17
CA SER VB 33 -42.76 -61.47 -26.45
C SER VB 33 -42.88 -62.77 -27.23
N SER VB 34 -41.79 -63.54 -27.27
CA SER VB 34 -41.78 -64.88 -27.85
C SER VB 34 -42.80 -65.82 -27.17
N THR VB 35 -43.10 -65.58 -25.89
CA THR VB 35 -44.10 -66.35 -25.15
C THR VB 35 -45.52 -65.84 -25.38
N GLY VB 36 -45.68 -64.60 -25.86
CA GLY VB 36 -46.96 -63.94 -26.01
C GLY VB 36 -47.75 -63.75 -24.70
N TRP VB 37 -47.14 -64.03 -23.54
CA TRP VB 37 -47.83 -64.09 -22.25
C TRP VB 37 -49.14 -64.86 -22.32
N VAL VB 38 -49.14 -66.06 -22.92
CA VAL VB 38 -50.36 -66.83 -23.19
C VAL VB 38 -51.08 -67.32 -21.92
N ASN VB 39 -50.34 -67.45 -20.81
CA ASN VB 39 -50.91 -67.85 -19.53
C ASN VB 39 -51.47 -66.67 -18.70
N THR VB 40 -51.36 -65.43 -19.20
CA THR VB 40 -52.01 -64.27 -18.60
C THR VB 40 -53.27 -63.94 -19.41
N SER VB 41 -54.40 -63.77 -18.73
CA SER VB 41 -55.71 -63.67 -19.37
C SER VB 41 -55.94 -62.33 -20.08
N ARG VB 42 -56.97 -62.27 -20.94
CA ARG VB 42 -57.29 -61.08 -21.72
C ARG VB 42 -57.53 -59.84 -20.85
N GLU VB 43 -58.27 -59.96 -19.74
CA GLU VB 43 -58.58 -58.84 -18.87
C GLU VB 43 -57.32 -58.11 -18.40
N ARG VB 44 -56.26 -58.88 -18.13
CA ARG VB 44 -55.00 -58.37 -17.62
C ARG VB 44 -54.20 -57.65 -18.72
N LYS VB 45 -54.18 -58.20 -19.93
CA LYS VB 45 -53.58 -57.55 -21.08
C LYS VB 45 -54.33 -56.28 -21.46
N ALA VB 46 -55.66 -56.30 -21.42
CA ALA VB 46 -56.48 -55.12 -21.65
C ALA VB 46 -56.20 -54.04 -20.59
N GLU VB 47 -56.15 -54.42 -19.30
CA GLU VB 47 -55.84 -53.51 -18.21
C GLU VB 47 -54.47 -52.85 -18.42
N ALA VB 48 -53.46 -53.65 -18.78
CA ALA VB 48 -52.11 -53.16 -19.05
C ALA VB 48 -52.09 -52.14 -20.18
N ILE VB 49 -52.83 -52.38 -21.28
CA ILE VB 49 -52.88 -51.48 -22.41
C ILE VB 49 -53.62 -50.19 -22.03
N ARG VB 50 -54.79 -50.31 -21.40
CA ARG VB 50 -55.56 -49.17 -20.96
C ARG VB 50 -54.74 -48.28 -20.03
N SER VB 51 -54.01 -48.90 -19.10
CA SER VB 51 -53.08 -48.20 -18.23
C SER VB 51 -51.94 -47.55 -19.01
N ALA VB 52 -51.34 -48.23 -19.99
CA ALA VB 52 -50.28 -47.66 -20.81
C ALA VB 52 -50.76 -46.42 -21.57
N ILE VB 53 -51.98 -46.47 -22.13
CA ILE VB 53 -52.60 -45.35 -22.83
C ILE VB 53 -52.79 -44.17 -21.87
N ALA VB 54 -53.37 -44.43 -20.70
CA ALA VB 54 -53.62 -43.41 -19.70
C ALA VB 54 -52.31 -42.76 -19.25
N GLU VB 55 -51.29 -43.59 -19.04
CA GLU VB 55 -50.00 -43.16 -18.54
C GLU VB 55 -49.23 -42.37 -19.60
N ARG VB 56 -49.29 -42.78 -20.87
CA ARG VB 56 -48.78 -41.99 -21.98
C ARG VB 56 -49.40 -40.59 -21.96
N ASP VB 57 -50.73 -40.51 -21.96
CA ASP VB 57 -51.43 -39.24 -22.09
C ASP VB 57 -51.23 -38.31 -20.89
N THR VB 58 -50.92 -38.84 -19.70
CA THR VB 58 -50.78 -38.04 -18.49
C THR VB 58 -49.33 -37.78 -18.07
N LEU VB 59 -48.42 -38.76 -18.22
CA LEU VB 59 -47.03 -38.62 -17.77
C LEU VB 59 -46.06 -38.33 -18.90
N TYR VB 60 -46.37 -38.75 -20.14
CA TYR VB 60 -45.47 -38.65 -21.28
C TYR VB 60 -46.08 -37.80 -22.39
N SER VB 61 -46.60 -36.64 -21.98
CA SER VB 61 -47.27 -35.69 -22.87
C SER VB 61 -46.80 -34.27 -22.55
N GLY VB 62 -47.13 -33.32 -23.43
CA GLY VB 62 -46.61 -31.96 -23.28
C GLY VB 62 -45.19 -31.82 -23.85
N ASN VB 63 -44.50 -30.74 -23.45
CA ASN VB 63 -43.33 -30.30 -24.19
C ASN VB 63 -42.16 -29.95 -23.25
N MET VB 64 -40.95 -30.00 -23.80
CA MET VB 64 -39.76 -29.47 -23.14
C MET VB 64 -39.01 -28.60 -24.16
N SER VB 65 -38.79 -27.31 -23.84
CA SER VB 65 -38.21 -26.37 -24.79
C SER VB 65 -38.93 -26.39 -26.14
N ARG VB 66 -40.26 -26.57 -26.13
CA ARG VB 66 -41.12 -26.70 -27.31
C ARG VB 66 -40.88 -27.96 -28.15
N LEU VB 67 -39.96 -28.84 -27.74
CA LEU VB 67 -39.86 -30.20 -28.27
C LEU VB 67 -40.99 -31.01 -27.65
N PRO VB 68 -41.61 -31.98 -28.37
CA PRO VB 68 -42.56 -32.90 -27.72
C PRO VB 68 -41.80 -33.80 -26.74
N THR VB 69 -42.41 -34.10 -25.58
CA THR VB 69 -41.74 -34.97 -24.62
C THR VB 69 -41.70 -36.44 -25.08
N LEU VB 70 -42.58 -36.83 -26.00
CA LEU VB 70 -42.53 -38.14 -26.65
C LEU VB 70 -41.91 -37.95 -28.04
N ASP VB 71 -40.58 -38.10 -28.11
CA ASP VB 71 -39.79 -37.83 -29.31
C ASP VB 71 -39.82 -38.99 -30.31
N GLY VB 72 -39.93 -40.24 -29.82
CA GLY VB 72 -39.99 -41.42 -30.66
C GLY VB 72 -41.37 -41.67 -31.27
N ASP VB 73 -41.52 -42.80 -31.98
CA ASP VB 73 -42.82 -43.22 -32.49
C ASP VB 73 -43.78 -43.53 -31.34
N ALA VB 74 -44.89 -42.78 -31.27
CA ALA VB 74 -45.89 -42.95 -30.23
C ALA VB 74 -46.54 -44.34 -30.24
N GLU VB 75 -46.64 -44.97 -31.42
CA GLU VB 75 -47.21 -46.32 -31.51
C GLU VB 75 -46.36 -47.30 -30.72
N TYR VB 76 -45.08 -47.41 -31.07
CA TYR VB 76 -44.18 -48.35 -30.44
C TYR VB 76 -43.90 -48.00 -28.98
N PHE VB 77 -43.80 -46.71 -28.65
CA PHE VB 77 -43.76 -46.31 -27.25
C PHE VB 77 -44.92 -46.90 -26.45
N THR VB 78 -46.16 -46.74 -26.92
CA THR VB 78 -47.30 -47.25 -26.18
C THR VB 78 -47.31 -48.77 -26.10
N LEU VB 79 -46.87 -49.46 -27.16
CA LEU VB 79 -46.75 -50.92 -27.12
C LEU VB 79 -45.70 -51.37 -26.10
N TYR VB 80 -44.51 -50.76 -26.11
CA TYR VB 80 -43.47 -51.10 -25.15
C TYR VB 80 -43.90 -50.80 -23.73
N LEU VB 81 -44.60 -49.70 -23.50
CA LEU VB 81 -45.14 -49.36 -22.20
C LEU VB 81 -46.17 -50.40 -21.73
N SER VB 82 -46.98 -50.92 -22.67
CA SER VB 82 -47.92 -52.02 -22.40
C SER VB 82 -47.19 -53.31 -22.06
N ALA VB 83 -46.18 -53.69 -22.84
CA ALA VB 83 -45.36 -54.88 -22.60
C ALA VB 83 -44.65 -54.80 -21.25
N HIS VB 84 -44.13 -53.62 -20.88
CA HIS VB 84 -43.55 -53.38 -19.56
C HIS VB 84 -44.56 -53.70 -18.46
N LYS VB 85 -45.78 -53.19 -18.57
CA LYS VB 85 -46.84 -53.43 -17.61
C LYS VB 85 -47.20 -54.92 -17.53
N ILE VB 86 -47.40 -55.62 -18.65
CA ILE VB 86 -47.73 -57.03 -18.61
C ILE VB 86 -46.63 -57.82 -17.91
N GLN VB 87 -45.36 -57.54 -18.22
CA GLN VB 87 -44.25 -58.24 -17.59
C GLN VB 87 -44.20 -57.99 -16.08
N LEU VB 88 -44.55 -56.79 -15.60
CA LEU VB 88 -44.70 -56.54 -14.18
C LEU VB 88 -45.90 -57.26 -13.57
N PHE VB 89 -47.01 -57.44 -14.30
CA PHE VB 89 -48.14 -58.22 -13.81
C PHE VB 89 -47.77 -59.71 -13.68
N GLU VB 90 -46.80 -60.18 -14.47
CA GLU VB 90 -46.20 -61.51 -14.33
C GLU VB 90 -45.08 -61.59 -13.29
N GLY VB 91 -44.79 -60.52 -12.54
CA GLY VB 91 -43.84 -60.56 -11.43
C GLY VB 91 -42.49 -59.90 -11.68
N GLY VB 92 -42.25 -59.38 -12.89
CA GLY VB 92 -40.99 -58.74 -13.26
C GLY VB 92 -40.17 -59.58 -14.25
N GLU VB 93 -38.95 -59.15 -14.56
CA GLU VB 93 -38.08 -59.97 -15.40
C GLU VB 93 -37.55 -61.16 -14.62
N ALA VB 94 -37.68 -62.36 -15.21
CA ALA VB 94 -36.91 -63.48 -14.74
C ALA VB 94 -35.43 -63.20 -15.02
N GLN VB 95 -34.62 -63.22 -13.95
CA GLN VB 95 -33.17 -63.15 -14.06
C GLN VB 95 -32.60 -64.55 -14.34
N SER VB 96 -33.23 -65.57 -13.77
CA SER VB 96 -32.78 -66.96 -13.91
C SER VB 96 -33.99 -67.88 -13.86
N GLU VB 97 -33.97 -68.94 -14.68
CA GLU VB 97 -35.03 -69.93 -14.76
C GLU VB 97 -34.39 -71.32 -14.77
N SER VB 98 -34.99 -72.28 -14.05
CA SER VB 98 -34.41 -73.61 -13.91
C SER VB 98 -35.49 -74.67 -13.72
N GLY VB 99 -35.25 -75.90 -14.24
CA GLY VB 99 -36.16 -77.02 -14.10
C GLY VB 99 -35.65 -78.29 -14.76
N GLU VB 100 -36.56 -79.24 -15.02
CA GLU VB 100 -36.24 -80.51 -15.67
C GLU VB 100 -35.80 -80.33 -17.12
N GLY VB 101 -36.13 -79.18 -17.74
CA GLY VB 101 -35.78 -78.89 -19.12
C GLY VB 101 -34.40 -78.26 -19.31
N GLY VB 102 -33.72 -77.93 -18.19
CA GLY VB 102 -32.43 -77.23 -18.17
C GLY VB 102 -32.49 -75.95 -17.34
N SER VB 103 -31.44 -75.12 -17.44
CA SER VB 103 -31.36 -73.84 -16.74
C SER VB 103 -30.79 -72.74 -17.64
N VAL VB 104 -31.31 -71.51 -17.50
CA VAL VB 104 -30.79 -70.36 -18.21
C VAL VB 104 -30.73 -69.16 -17.26
N SER VB 105 -29.68 -68.35 -17.40
CA SER VB 105 -29.51 -67.11 -16.66
C SER VB 105 -29.37 -65.97 -17.66
N TYR VB 106 -30.11 -64.86 -17.46
CA TYR VB 106 -30.15 -63.76 -18.41
C TYR VB 106 -29.33 -62.57 -17.94
N SER VB 107 -28.79 -61.82 -18.91
CA SER VB 107 -27.98 -60.63 -18.65
C SER VB 107 -28.85 -59.40 -18.38
N THR VB 108 -29.90 -59.55 -17.56
CA THR VB 108 -30.76 -58.44 -17.12
C THR VB 108 -29.98 -57.56 -16.14
N GLY VB 109 -29.46 -58.18 -15.07
CA GLY VB 109 -28.54 -57.58 -14.12
C GLY VB 109 -29.10 -56.40 -13.32
N GLY VB 110 -28.18 -55.56 -12.79
CA GLY VB 110 -28.51 -54.36 -12.05
C GLY VB 110 -28.94 -53.22 -12.98
N GLY VB 111 -30.12 -53.39 -13.61
CA GLY VB 111 -30.63 -52.52 -14.68
C GLY VB 111 -30.94 -51.07 -14.27
N GLY VB 112 -31.14 -50.80 -12.97
CA GLY VB 112 -31.50 -49.48 -12.43
C GLY VB 112 -32.64 -49.55 -11.41
N GLU VB 113 -32.91 -48.43 -10.72
CA GLU VB 113 -33.81 -48.41 -9.56
C GLU VB 113 -35.24 -47.93 -9.88
N LYS VB 114 -35.44 -47.12 -10.93
CA LYS VB 114 -36.74 -46.54 -11.24
C LYS VB 114 -37.57 -47.46 -12.13
N ASP VB 115 -38.90 -47.27 -12.14
CA ASP VB 115 -39.90 -48.07 -12.83
C ASP VB 115 -39.47 -48.64 -14.19
N LEU VB 116 -39.24 -47.77 -15.18
CA LEU VB 116 -38.97 -48.20 -16.55
C LEU VB 116 -37.63 -48.92 -16.69
N GLN VB 117 -36.67 -48.66 -15.80
CA GLN VB 117 -35.39 -49.34 -15.85
C GLN VB 117 -35.50 -50.83 -15.51
N LYS VB 118 -36.57 -51.25 -14.83
CA LYS VB 118 -36.71 -52.59 -14.25
C LYS VB 118 -37.19 -53.66 -15.24
N THR VB 119 -37.29 -53.37 -16.54
CA THR VB 119 -37.66 -54.37 -17.55
C THR VB 119 -37.08 -53.99 -18.90
N ARG VB 120 -36.77 -54.96 -19.78
CA ARG VB 120 -36.29 -54.69 -21.14
C ARG VB 120 -37.24 -53.81 -21.96
N TYR VB 121 -38.55 -54.04 -21.87
CA TYR VB 121 -39.54 -53.22 -22.54
C TYR VB 121 -39.56 -51.78 -22.03
N GLY VB 122 -39.35 -51.62 -20.73
CA GLY VB 122 -39.29 -50.30 -20.11
C GLY VB 122 -38.03 -49.55 -20.54
N ARG VB 123 -36.88 -50.24 -20.54
CA ARG VB 123 -35.61 -49.71 -21.03
C ARG VB 123 -35.70 -49.29 -22.49
N MET VB 124 -36.47 -50.01 -23.32
CA MET VB 124 -36.77 -49.56 -24.67
C MET VB 124 -37.66 -48.33 -24.68
N ALA VB 125 -38.83 -48.37 -24.02
CA ALA VB 125 -39.78 -47.27 -23.98
C ALA VB 125 -39.10 -45.96 -23.55
N LEU VB 126 -38.19 -46.06 -22.59
CA LEU VB 126 -37.44 -44.97 -22.00
C LEU VB 126 -36.62 -44.17 -23.03
N GLU VB 127 -36.13 -44.79 -24.11
CA GLU VB 127 -35.43 -44.05 -25.15
C GLU VB 127 -36.36 -43.14 -25.97
N TYR VB 128 -37.66 -43.45 -26.06
CA TYR VB 128 -38.62 -42.66 -26.82
C TYR VB 128 -38.94 -41.32 -26.12
N VAL VB 129 -38.57 -41.20 -24.84
CA VAL VB 129 -38.98 -40.11 -23.98
C VAL VB 129 -37.74 -39.47 -23.34
N TRP VB 130 -36.73 -39.16 -24.17
CA TRP VB 130 -35.51 -38.48 -23.74
C TRP VB 130 -34.81 -39.17 -22.56
N GLU VB 131 -34.99 -40.49 -22.36
CA GLU VB 131 -34.45 -41.23 -21.23
C GLU VB 131 -34.87 -40.64 -19.87
N ASP VB 132 -36.05 -40.00 -19.81
CA ASP VB 132 -36.61 -39.29 -18.65
C ASP VB 132 -35.76 -38.07 -18.21
N ASN VB 133 -34.91 -37.53 -19.09
CA ASN VB 133 -34.16 -36.30 -18.84
C ASN VB 133 -35.04 -35.05 -18.93
N SER VB 134 -34.57 -33.96 -18.31
CA SER VB 134 -35.35 -32.77 -18.00
C SER VB 134 -34.76 -31.54 -18.70
N ILE VB 135 -34.95 -31.47 -20.04
CA ILE VB 135 -34.34 -30.45 -20.88
C ILE VB 135 -35.29 -29.27 -21.18
N ALA VB 136 -36.32 -29.07 -20.35
CA ALA VB 136 -37.24 -27.95 -20.53
C ALA VB 136 -36.54 -26.62 -20.24
N ALA VB 137 -36.89 -25.60 -21.00
CA ALA VB 137 -36.40 -24.25 -20.79
C ALA VB 137 -37.45 -23.24 -21.19
N LEU VB 138 -37.45 -22.11 -20.47
CA LEU VB 138 -38.49 -21.10 -20.59
C LEU VB 138 -37.91 -19.74 -20.19
N ARG VB 139 -38.52 -18.66 -20.67
CA ARG VB 139 -37.98 -17.31 -20.48
C ARG VB 139 -39.07 -16.34 -20.02
N THR VB 140 -38.66 -15.27 -19.32
CA THR VB 140 -39.50 -14.08 -19.22
C THR VB 140 -39.45 -13.33 -20.55
N TYR VB 141 -40.58 -12.73 -20.96
CA TYR VB 141 -40.65 -11.99 -22.21
C TYR VB 141 -39.76 -10.74 -22.17
MG MG WB . -66.34 -2.90 -23.97
MG MG XB . -58.58 2.09 -60.34
MG MG YB . -60.60 -0.86 -42.13
MG MG ZB . -63.37 4.00 -38.77
MG MG AC . -48.33 22.50 -63.95
MG MG BC . -36.83 25.57 -82.23
MG MG CC . -8.86 4.96 -95.34
MG MG DC . -14.24 -17.18 -66.03
MG MG EC . -34.91 3.19 -88.05
MG MG FC . -22.71 -5.96 -77.45
MG MG GC . -31.79 43.09 -132.94
MG MG HC . -42.89 40.36 -97.51
MG MG IC . -5.65 16.68 -124.21
MG MG JC . -61.10 51.97 -94.48
MG MG KC . -41.38 25.79 -115.20
MG MG LC . -22.63 23.31 -120.22
MG MG MC . -82.80 69.04 -120.41
MG MG NC . -55.72 60.44 -145.20
MG MG OC . -70.72 46.64 -114.79
MG MG PC . -63.36 55.48 -129.17
MG MG QC . -58.55 53.26 -129.53
MG MG RC . -108.62 59.50 -68.76
MG MG SC . -73.11 49.11 -75.84
MG MG TC . -109.89 72.01 -104.04
MG MG UC . -93.63 46.02 -86.30
MG MG VC . -101.27 60.57 -92.77
MG MG WC . -99.59 61.50 -96.49
MG MG XC . -66.41 34.66 -61.01
MG MG YC . -84.67 22.42 -31.34
MG MG ZC . -112.44 44.89 -39.99
MG MG AD . -86.93 24.12 -58.01
MG MG BD . -98.74 35.46 -47.27
MG MG CD . -9.45 -24.80 -67.08
K K DD . -16.84 -33.51 -92.70
MG MG ED . -2.82 -19.19 -68.11
K K FD . -28.15 -46.22 -65.00
K K GD . 3.94 -49.03 -72.02
MG MG HD . 66.72 -3.95 -65.11
MG MG ID . 33.90 -22.79 -72.70
MG MG JD . 15.22 -20.02 -68.57
MG MG KD . 13.96 -17.13 -72.63
MG MG LD . 45.67 -3.20 -69.32
MG MG MD . 85.66 -24.51 -26.51
MG MG ND . 84.47 -23.48 -39.01
MG MG OD . 51.25 -36.47 -29.23
MG MG PD . 67.93 -26.41 -59.92
MG MG QD . 61.09 -30.33 -43.14
MG MG RD . 118.71 -1.58 -80.43
MG MG SD . 81.86 4.49 -79.25
MG MG TD . 114.38 -20.23 -47.67
MG MG UD . 95.35 -13.92 -79.63
MG MG VD . 106.28 -15.19 -63.33
MG MG WD . 75.11 14.00 -97.96
MG MG XD . 95.01 19.04 -129.12
MG MG YD . 125.17 7.76 -110.16
MG MG ZD . 88.78 1.17 -111.57
MG MG AE . 106.74 6.85 -111.31
MG MG BE . 108.45 7.26 -106.44
MG MG CE . 36.38 21.15 -135.09
MG MG DE . 53.43 14.56 -102.26
MG MG EE . 70.57 23.08 -150.30
MG MG FE . 54.88 5.65 -123.48
MG MG GE . 61.26 16.69 -135.99
MG MG HE . 66.53 16.79 -134.68
MG MG IE . 39.02 6.71 -87.92
MG MG JE . 3.15 0.02 -92.87
MG MG KE . 5.83 14.92 -126.69
MG MG LE . 27.02 -5.82 -103.60
MG MG ME . 15.08 6.19 -113.69
MG MG NE . 52.81 -43.73 -23.96
K K OE . 70.92 -59.76 -36.85
K K PE . 38.95 -65.60 -35.41
K K QE . 56.61 -66.39 -7.35
MG MG RE . -45.93 -11.62 52.11
MG MG SE . -84.27 35.98 15.47
MG MG TE . -75.29 3.81 35.31
MG MG UE . -59.98 -3.64 41.73
MG MG VE . -57.30 -0.49 46.63
MG MG WE . -72.24 26.19 30.71
MG MG XE . -90.02 25.25 -19.79
MG MG YE . -99.01 51.49 20.54
MG MG ZE . -92.61 16.33 5.64
MG MG AF . -79.83 7.82 -5.02
MG MG BF . -127.60 64.89 0.28
MG MG CF . -114.07 43.60 -27.97
MG MG DF . -116.84 42.64 9.40
MG MG EF . -115.29 45.32 -9.84
MG MG FF . -130.76 75.57 57.60
MG MG GF . -101.31 58.32 41.67
MG MG HF . -145.04 78.99 22.95
MG MG IF . -88.85 48.84 56.83
MG MG JF . -124.25 55.60 42.08
MG MG KF . -133.54 69.05 33.54
MG MG LF . -132.40 68.06 28.52
MG MG MF . -93.66 48.69 94.40
MG MG NF . -124.53 68.70 88.45
MG MG OF . -106.35 43.50 71.43
MG MG PF . -112.99 57.16 80.62
MG MG QF . -115.88 59.78 76.53
MG MG RF . -55.86 9.94 73.46
MG MG SF . -74.74 32.80 51.35
MG MG TF . -70.66 27.26 102.59
MG MG UF . -81.06 17.82 67.81
MG MG VF . -73.81 23.02 85.19
MG MG WF . -68.80 -9.80 -19.07
K K XF . -96.62 -13.60 -21.85
MG MG YF . -69.48 -4.26 -12.52
K K ZF . -76.64 -34.46 -7.45
K K AG . -72.90 -28.79 -39.51
MG MG BG . 29.86 -33.31 54.86
MG MG CG . -10.99 11.42 92.28
MG MG DG . 6.00 -21.26 80.79
MG MG EG . 17.69 -26.14 66.10
MG MG FG . 22.29 -25.19 68.24
MG MG GG . -46.98 8.83 83.29
MG MG HG . 6.04 1.57 83.27
MG MG IG . -36.44 -15.48 57.78
MG MG JG . -9.32 22.13 111.36
MG MG KG . -25.89 -6.29 91.01
MG MG LG . -32.16 -8.96 73.76
MG MG MG . -36.62 33.52 134.77
MG MG NG . -60.78 23.07 107.53
MG MG OG . -27.34 12.33 121.62
MG MG PG . -44.10 19.92 114.91
MG MG QG . 10.20 22.51 122.12
MG MG RG . 16.66 29.61 158.29
MG MG SG . -19.86 37.38 161.69
MG MG TG . 27.29 12.94 113.00
MG MG UG . 2.00 15.35 142.18
MG MG VG . -7.44 28.20 151.90
MG MG WG . -11.71 28.79 149.00
MG MG XG . 60.27 3.30 128.64
MG MG YG . 46.36 16.79 160.94
MG MG ZG . 33.63 0.90 131.36
MG MG AH . 41.69 10.18 144.24
MG MG BH . 38.81 11.95 146.52
MG MG CH . 25.53 2.58 93.60
MG MG DH . 49.12 -20.10 76.93
MG MG EH . 73.19 -13.89 104.17
MG MG FH . 35.85 -17.03 100.17
MG MG GH . 55.35 -14.46 100.56
MG MG HH . -42.97 -19.37 53.56
K K IH . -57.73 -28.81 76.38
K K JH . -42.46 -43.98 43.29
K K KH . -38.88 -47.53 57.37
K K LH . -65.89 -33.86 44.95
MG MG MH . 56.66 -37.62 -18.98
MG MG NH . 73.62 -37.76 13.95
MG MG OH . 63.48 -36.31 -2.49
MG MG PH . 67.68 -35.08 -5.67
MG MG QH . 79.14 -16.52 21.42
MG MG RH . 82.95 -13.36 42.68
MG MG SH . 61.12 -21.66 71.42
MG MG TH . 37.11 -36.04 46.40
MG MG UH . 73.58 -32.95 50.39
MG MG VH . 54.99 -32.77 49.94
MG MG WH . 115.95 -7.96 84.86
MG MG XH . 102.91 -7.33 49.98
MG MG YH . 80.50 -16.90 95.39
MG MG ZH . 104.43 -23.11 66.69
MG MG AI . 92.96 -17.86 81.87
MG MG BI . 156.57 -5.61 42.95
MG MG CI . 119.45 -4.96 35.64
MG MG DI . 147.31 -6.47 79.32
MG MG EI . 115.68 -7.49 14.58
MG MG FI . 134.23 -18.51 46.93
MG MG GI . 141.32 -10.44 62.28
MG MG HI . 137.30 -10.14 65.47
MG MG II . 140.90 -13.66 -13.29
MG MG JI . 167.36 -11.37 13.14
MG MG KI . 133.45 -22.43 10.91
MG MG LI . 149.61 -14.63 10.31
MG MG MI . 150.32 -13.38 15.59
MG MG NI . 95.84 -13.60 7.18
MG MG OI . 120.37 -21.08 -37.41
MG MG PI . 102.76 -31.42 -5.86
MG MG QI . 110.41 -24.76 -22.58
MG MG RI . 31.19 -40.74 50.00
K K SI . 45.68 -57.83 67.41
K K TI . 31.90 -66.91 39.30
K K UI . 12.61 -57.27 64.35
K K VI . 14.83 -21.63 -37.82
MG MG WI . -11.72 -49.42 27.31
MG MG XI . -6.86 -45.36 36.70
MG MG YI . -26.08 -45.51 24.43
MG MG ZI . -26.22 -40.01 34.96
MG MG AJ . -37.50 -42.13 15.07
MG MG BJ . -42.28 -40.65 0.74
MG MG CJ . -50.01 -33.18 4.43
MG MG DJ . 11.49 -55.29 10.39
MG MG EJ . 22.44 -52.84 12.00
MG MG FJ . 2.05 -52.89 21.94
MG MG GJ . 8.88 -54.28 -18.61
MG MG HJ . 14.29 -55.75 -4.58
MG MG IJ . -16.48 -46.95 -30.89
MG MG JJ . -2.16 -50.95 -28.32
MG MG KJ . -39.65 -41.02 -14.12
MG MG LJ . -48.06 -33.32 -15.49
MG MG MJ . -30.20 -43.28 -25.65
MG MG NJ . -36.22 -36.17 -31.85
#